data_9BDL
#
_entry.id   9BDL
#
loop_
_entity.id
_entity.type
_entity.pdbx_description
1 polymer '18S rRNA'
2 polymer '28S rRNA'
3 polymer '5.8S rRNA'
4 polymer '5S rRNA'
5 polymer '60S ribosomal protein L8'
6 polymer '60S ribosomal protein L3'
7 polymer '60S ribosomal protein L4'
8 polymer 'Large ribosomal subunit protein uL18'
9 polymer '60S ribosomal protein L6'
10 polymer '60S ribosomal protein L7'
11 polymer 'Large ribosomal subunit protein eL8'
12 polymer '60S ribosomal protein L9'
13 polymer 'Ribosomal protein L10'
14 polymer '60S ribosomal protein L11'
15 polymer 'Large ribosomal subunit protein eL13'
16 polymer 'Large ribosomal subunit protein eL14'
17 polymer '60S ribosomal protein L15'
18 polymer 'Large ribosomal subunit protein uL13'
19 polymer '60S ribosomal protein L17'
20 polymer 'Large ribosomal subunit protein eL18'
21 polymer '60S ribosomal protein L19'
22 polymer '60S ribosomal protein L18a'
23 polymer '60S ribosomal protein L21'
24 polymer 'Large ribosomal subunit protein eL22'
25 polymer '60S ribosomal protein L23'
26 polymer 'Ribosomal protein L24'
27 polymer 'Large ribosomal subunit protein uL23'
28 polymer '60S ribosomal protein L26'
29 polymer '60S ribosomal protein L27'
30 polymer '60S ribosomal protein L27a'
31 polymer 'Large ribosomal subunit protein eL29'
32 polymer '60S ribosomal protein L30'
33 polymer '60S ribosomal protein L31'
34 polymer 'Large ribosomal subunit protein eL32'
35 polymer '60S ribosomal protein L35a'
36 polymer '60S ribosomal protein L34'
37 polymer '60S ribosomal protein L35'
38 polymer '60S ribosomal protein L36'
39 polymer '60S ribosomal protein L37'
40 polymer 'Large ribosomal subunit protein eL38'
41 polymer '60S ribosomal protein L39'
42 polymer 'Large ribosomal subunit protein eL40'
43 polymer eL41
44 polymer eL42
45 polymer '60S ribosomal protein L37a'
46 polymer '60S ribosomal protein L28'
47 polymer Angiogenin
48 polymer 'Receptor of activated protein C kinase 1'
49 polymer '40S_SA_C domain-containing protein'
50 polymer '40S ribosomal protein S3a'
51 polymer '40S ribosomal protein S2'
52 polymer '40S ribosomal protein S3'
53 polymer '40S ribosomal protein S4'
54 polymer 'Ribosomal protein S5'
55 polymer '40S ribosomal protein S6'
56 polymer 'Small ribosomal subunit protein eS7'
57 polymer '40S ribosomal protein S8'
58 polymer '40S ribosomal protein S9'
59 polymer '40S ribosomal protein S10'
60 polymer '40S ribosomal protein S11'
61 polymer '40S ribosomal protein S12'
62 polymer '40S ribosomal protein S13'
63 polymer 'Small ribosomal subunit protein uS11'
64 polymer '40S ribosomal protein S15'
65 polymer 'Small ribosomal subunit protein uS9'
66 polymer '40S ribosomal protein S17'
67 polymer '40S ribosomal protein S18'
68 polymer 'Small ribosomal subunit protein eS19'
69 polymer '40S ribosomal protein S20'
70 polymer eS21
71 polymer '40S ribosomal protein S15a'
72 polymer '40S ribosomal protein S23'
73 polymer '40S ribosomal protein S24'
74 polymer '40S ribosomal protein S25'
75 polymer eS26
76 polymer '40S ribosomal protein S27'
77 polymer '40S ribosomal protein S28'
78 polymer '40S ribosomal protein S29'
79 polymer '40S ribosomal protein S30'
80 polymer tRNAfMet
81 polymer 'Model mRNA'
#
loop_
_entity_poly.entity_id
_entity_poly.type
_entity_poly.pdbx_seq_one_letter_code
_entity_poly.pdbx_strand_id
1 'polyribonucleotide'
;UACCUGGUUGAUCCUGCCAGUAGCAUAUGCUUGUCUCAAAGAUUAAGCCAUGCAUGUCUAAGUACGCACGGCCGGUACAG
UGAAACUGCGAAUGGCUCAUUAAAUCAGUUAUGGUUCCUUUGGUCGCUCGCUCCUCUCCCACUUGGAUAACUGUGGUAAU
UCUAGAGCUAAUACAUGCCGACGGGCGCUGACCCCCUUCGCGGGGGGGAUGCGUGCAUUUAUCAGAUCAAAACCAACCCG
GUCAGCCCCUCUCCGGCCCCGGCCGGGGGGCGGGCGCCGGCGGCUUUGGUGACUCUAGAUAACCUCGGGCCGAUCGCACG
CCCCCCGUGGCGGCGACGACCCAUUCGAACGUCUGCCCUAUCAACUUUCGAUGGUAGUCGCCGUGCCUACCAUGGUGACC
ACGGGUGACGGGGAAUCAGGGUUCGAUUCCGGAGAGGGAGCCUGAGAAACGGCUACCACAUCCAAGGAAGGCAGCAGGCG
CGCAAAUUACCCACUCCCGACCCGGGGAGGUAGUGACGAAAAAUAACAAUACAGGACUCUUUCGAGGCCCUGUAAUUGGA
AUGAGUCCACUUUAAAUCCUUUAACGAGGAUCCAUUGGAGGGCAAGUCUGGUGCCAGCAGCCGCGGUAAUUCCAGCUCCA
AUAGCGUAUAUUAAAGUUGCUGCAGUUAAAAAGCUCGUAGUUGGAUCUUGGGAGCGGGCGGGCGGUCCGCCGCGAGGCGA
GCCACCGCCCGUCCCCGCCCCUUGCCUCUCGGCGCCCCCUCGAUGCUCUUAGCUGAGUGUCCCGCGGGGCCCGAAGCGUU
UACUUUGAAAAAAUUAGAGUGUUCAAAGCAGGCCCGAGCCGCCUGGAUACCGCAGCUAGGAAUAAUGGAAUAGGACCGCG
GUUCUAUUUUGUUGGUUUUCGGAACUGAGGCCAUGAUUAAGAGGGACGGCCGGGGGCAUUCGUAUUGCGCCGCUAGAGGU
GAAAUUCUUGGACCGGCGCAAGACGGACCAGAGCGAAAGCAUUUGCCAAGAAUGUUUUCAUUAAUCAAGAACGAAAGUCG
GAGGUUCGAAGACGAUCAGAUACCGUCGUAGUUCCGACCAUAAACGAUGCCGACUGGCGAUGCGGCGGCGUUAUUCCCAU
GACCCGCCGGGCAGCUUCCGGGAAACCAAAGUCUUUGGGUUCCGGGGGGAGUAUGGUUGCAAAGCUGAAACUUAAAGGAA
UUGACGGAAGGGCACCACCAGGAGUGGAGCCUGCGGCUUAAUUUGACUCAACACGGGAAACCUCACCCGGCCCGGACACG
GACAGGAUUGACAGAUUGAUAGCUCUUUCUCGAUUCCGUGGGUGGUGGUGCAUGGCCGUUCUUAGUUGGUGGAGCGAUUU
GUCUGGUUAAUUCCGAUAACGAACGAGACUCUGGCAUGCUAACUAGUUACGCGACCCCCGAGCGGUCGGCGUCCCCCAAC
UUCUUAGAGGGACAAGUGGCGUUCAGCCACCCGAGAUUGAGCAAUAACAGGUCUGUGAUGCCCUUAGAUGUCCGGGGCUG
CACGCGCGCUACACUGACUGGCUCAGCGUGUGCCUACCCUACGCCGGCAGGCGCGGGUAACCCGUUGAACCCCAUUCGUG
AUGGGGAUCGGGGAUUGCAAUUAUUCCCCAUGAACGAGGAAUUCCCAGUAAGUGCGGGUCAUAAGCUUGCGUUGAUUAAG
UCCCUGCCCUUUGUACACACCGCCCGUCGCUACUACCGAUUGGAUGGUUUAGUGAGGCCCUCGGAUCGGCCCCGCCGGGG
UCGGCCCACGGCCCUGGCGGAGCGCUGAGAAGACGGUCGAACUUGACUAUCUAGAGGAAGUAAAAGUCGUAACAAGGUUU
CCGUAGGUGAACCUGCGGAAGGAUCAUUA
;
A18S
2 'polyribonucleotide'
;CGCGACCUCAGAUCAGACGUGGCGACCCGCUGAAUUUAAGCAUAUUAGUCAGCGGAGGAAAAGAAACUAACCAGGAUUCC
CUCAGUAACGGCGAGUGAACAGGGAAGAGCCCAGCGCCGAAUCCCCGCCCCGCGGCGGGGCGCGGGAAAUGUGGCGUACG
GAAGACCCACUCCCCGGCGCCGGGGGGCCCAAGUCCUUCUGAUCGAGGCCCAGCCCGUGGACGGUGUGAGGCCGGUAGCG
GCCCCCGGCGCGCCGGGCCCGGGUCUUCCCGGAGUCGGGUUGCUUGGGAAUGCAGCCCAAAGCGGGUGGUAAACUCCAUC
UAAGGCUAAAUACCGGCACGAGACCGAUAGUCAACAAGUACCGUAAGGGAAAGUUGAAAAGAACUUUGAAGAGAGAGUUC
AAGAGGGCGUGAAACCGUUAAGAGGUAAACGGGUGGGGUCCGCGCAGUCCGCCCGGAGGAUUCAACCCGGCGGCGCGGUC
CGGCCGUGCCGGCGGGGCGGAUCUCCCGCUCCCGUCGGCGGGGGACCGCCCCCCGGCCGGCGACCGGCCGCCGCCGGGCG
CAUUUCCACCGCGGCGGUGCGCCGCGACCGGCUCCGGGACGGCUGGGAAGGCCCCGGCGGGGAAGGUGGCCCGGGGGCCC
CGGGUGUUACAGCCCCGCCCCGGCAGCAGCAGCUCGCCGAAUCCCGGGGCCGAGGGAGCGAGACCCGUGCGCCGCGCUCU
CCCCCCUCGGGGGGGCCGGGCCACCCCUCCCACGGCGCGACCGCUGGGGCGGACUGUCCAGUGCGCCCCGGGCGGGUCGC
GCCGUCGGGCCCGGGGGGCCACGCGUCCCCCGCGAGCGCACGGGGUCGGCGGCGAUGUCGGCUACCCACCCGACCCGUCU
UGAAACACGGACCAAGGAGUCUAACACGUGCGCGAGUCGGGGGCUACGAAAGCCGCCGUGGCGCAAUGAAGGUGAAGGCC
GGCGGCGCGCCGCCGGCCGAGGUGGGAUCCCGAGGCCUUCCAGUCCGCCGAGGGCGCACCACCGGCCCGUCUCGCCCGCC
GCGCCGGGGAGGUGGAGCACGAGCGCACGUGUUAGGACCCGAAAGAUGGUGAACUAUGCCUGGGCAGGGCGAAGCCAGAG
GAAACUCUGGUGGAGGUCCGUAGCGGUCCUGACGUGCGAAUCGGUCGUCCGACCUGGGUAUAGGGGCGAAAGACUAAUCG
AACCAUCUAGUAGCUGGUUCCCUCCAAAGUUUCCCUCAGGAUAGCUGGCGCUCUCCGCAGUUUUAUCCGGUAAAGCGAAU
GAUUAGAGGUCUUGGGGCCGAAACGAUCUCAACCUAUUCUCAAACUUUAAAUGGGUAAGAAGCCCGGCUCGCUGGUGUGG
AGCCGGGCGUGGAAUGCGAGUGCCUAGUGGGCCACUUUUGGUAAGCAGAACUGGCGCUGCGGGAUGAACCGAACGCCGGG
UUAAGGCGCCCGAUGCCGACGCUCAUCAGACCCCAGAAAAGGUGUUGGUUGAUAUAGACAGCAGGAUGGUGGCCAUGGAA
GUCGGAAUCCGCUAAGGAGUGUGUAACAACUCACCUGCCGAAUCAACUAGCCCUGAAAAUGGAUGGCGCUGGAGCGUCGG
GCCCAUACCCGGCCGUCGCUGGCAGUCGGCAGAGCGAGAAAGAGAGUGGCGCGGACGCUACGCCGCGACGAGUAGGAGGG
CCGCUGCGGUGAGCCUUGAAGCCUAGGGCGCGGGCCCGGGUGGAGCCGCCGCAGGUGCAGAUCUUGGUGGUAGUAGCAAA
UAUUCAAACGAGAACUUUGAAGGCCGAAGUGGAGAAGGGUUCCAUGUGAACAGCAGUUGAACAUGGGUCAGUCGGUCCUG
AGAGAUGGGCGAGCGCCGUUCCGAAGGGACGGGCGAUGGCCUCCGUUGCCCUCAGCCGAUCGAAAGGGAGUCGGGUUCAG
AUCCCCGAAUCCGGAGUGGCGGAGAUGGGCGCCGCGAGGCGUCCAGUGCGGUAACGCGACCGAUCCCGGAGAAGCCGGCG
GGAGCCCCGGGGAGAGUUCUCUUUUCUUUGUGAAGGGCAGGGCGCCCUGGAAUGGGUUCGCCCCGAGAGAGGGGCCCGUG
CCUUGGAAAGCGUCGCGGUUCCGGCGGCGUCCGGUGAGCUCUCGCUGGCCCUUGAAAAUCCGGGGGAGAGGGUGUAAAUC
UCGCGCCGGGCCGUACCCAUAUCCGCAGCAGGUCUCCAAGGUGAACAGCCUCUGGCAUGUUGGAACAAUGUAGGUAAGGG
AAGUCGGCAAGCCGGAUCCGUAACUUCGGGAUAAGGAUUGGCUCUAAGGGCUGGCAGCCGACUUAGAACUGGUGCGGACC
AGGGGAAUCCGACUGUUUAAUUAAAACAAAGCAUCGCGAAGGCCCGCGGCGGGUGUUGACGCGAUGUGAUUUCUGCCCAG
UGCUCUGAAUGUCAAAGUGAAGAAAUUCAAUGAAGCGCGGGUAAACGGCGGGAGUAACUAUGACUCUCUUAAGGUAGCCA
AAUGCCUCGUCAUCUAAUUAGUGACGCGCAUGAAUGGAUGAACGAGAUUCCCACUGUCCCUACCUACUAUCCAGCGAAAC
CACAGCCAAGGGAACGGGCUUGGCGGAAUCAGCGGGGAAAGAAGACCCUGUUGAGCUUGACUCUAGUCUGGCACGGUGAA
GAGACAUGAGAGGUGUAGAAUAAGUGGGAGGCCGGCCGCCGGUGAAAUACCACUACUCUGAUCGUUUUUUCACUGACCCG
GUGAGGCGGGGGGGCGAGCCGGGCUCUCGCUUCUGGCGCCAAGCGCCCGGCCGGCCGGGCGCGACCCGCUCCGGGGACAG
UGCCAGGUGGGGAGUUUGACUGGGGCGGUACACCUGUCAAACGGUAACGCAGGUGUCCUAAGGCGAGCUCAGGGAGGACA
GAAACCUCCCGUGGAGCAGAAGGGCAAAAGCUCGCUUGAUCUUGAUUUUCAGUACGAAUACAGACCGUGAAAGCGGGGCC
UCACGAUCCUUCUGACCUUUUGGGUUUUAAGCAGGAGGUGUCAGAAAAGUUACCACAGGGAUAACUGGCUUGUGGCGGCC
AAGCGUUCAUAGCGACGUCGCUUUUUGAUCCUUCGAUGUCGGCUCUUCCUAUCAUUGUGAAGCAGAAUUCACCAAGCGUU
GGAUUGUUCACCCACUAAUAGGGAACGUGAGCUGGGUUUAGACCGUCGUGAGACAGGUUAGUUUUACCCUACUGAUGAUG
UGUUGUUGCCAUGGUAAUCCUGCUCAGUACGAGAGGAACCGCAGGUUCAGACAUUUGGUGUAUGUGCUUGGCUGAGGAGC
CAAUGGGGCGAAGCUACCAUCUGUGGGAUUAUGACUGAACGCCUCUAAGUCAGAAUCCCGCCCAGGCGGAACGAUAGCGC
CGGAGCCUCGGUUGGCCUCGGAUAGCCGGUCCCCCGCCGGGGUCCGGUGCGGAGAGCCCUUCGUCCCGGGAAACGGGGCG
GCCGGAAAGGGGGCCGCCCUCUCGCCCGUCACGCACCGCACGUUCGUGGGGAACCUGGCGCUAAACCAUUCGUAGACGAC
CUGCUUCUGGGUCGGGGUUUCGUACGUAGCAGAGCAGCUGCUGCGAUCUAUUGAAAGUCAGCCCUCGACACAAGGGUUUG
U
;
A28S
3 'polyribonucleotide'
;CGACUCUUAGCGGUGGAUCACUCGGCUCGUGCGUCGAUGAAGAACGCAGCUAGCUGCGAGAAUUAAUGUGAAUUGCAGGA
CACAUUGAUCAUCGACACUUCGAACGCACUUGCGGCCCCGGGUUCCUCCCGGGGCUACGCCUGUCUGAGCGUCGCU
;
A58S
4 'polyribonucleotide'
;GUCUACGGCCAUACCACCCUGAACGCGCCCGAUCUCGUCUGAUCUCGGAAGCUAAGCAGGGUCGGGCCUGGUUAGUACUU
GGAUGGGAGACCGCCUGGGAAUACCGGGUGCUGUAGGCUU
;
A5S
5 'polypeptide(L)'
;GRVIRGQRKGAGSVFRAHVKHRKGAARLRAVDFAERHGYIKGIVKDIIHDPGRGAPLAKVVFRDPYRFKKRTELFIAAEG
IHTGQFVYCGKKAQLNIGNVLPVGTMPEGTIVCCLEEKPGDRGKLARASGNYATVISHNPETKKTRVKLPSGSKKVISSA
NRAVVGVVAGGGRIDKPILKAGRAYHKYKAKRNCWPRVRGVAMNPVEHPFGGGNHQHIGKPSTIRRDAPAGRKVGLIAAR
RTGRLRGT
;
AL02
6 'polypeptide(L)'
;SHRKFSAPRHGSLGFLPRKRSSRHRGKVKSFPKDDPSKPVHLTAFLGYKAGMTHIVREVDRPGSKVNKKEVVEAVTIVET
PPMVVVGIVGYVETPRGLRTFKTVFAEHISDECKRRFYKNWHKSKKKAFTKYCKKWQDDAGKRQLDKDFSSMKKYCQVIR
VLAHTQMRLLPLRQKKAHLMEIQVNGGTVAEKLDWARERLEQQVPVSQVFGQDEMIDVIGVTKGKGYKGVTSRWHTKKLP
RKTHRGLRKVACIGAWHPARVAFSVARAGQKGYHHRTEINKKIYKIGQGYLIKDGKLIKNNASTDYDLSDKSINPLGGFV
HYGEVTNDFVMLKGCVVGTKKRVLTLRKSLLVQTKRRALEKIDLKFIDTTSKFGHGRFQTVEEKKAFMGPLKKD
;
AL03
7 'polypeptide(L)'
;ACARPLISVYSEKGESSGKNVTLPAVFKAPIRPDIVNFVHTNLRKNNRQPYAVSELAGHQTSAESWGTGRAVARIPRVRG
GGTHRSGQGAFGNMCRGGRMFAPTKTWRRWHRRVNTTQKRYAICSALAASALPALVMSKGHRIEEVPELPLVVEDKVEGY
KKTKEAVLLLKKLKAWNDIKKVYASQRMRAGKGKMRNRRRIQRRGPCVIYNEDNGIVKAFRNIPGITLLNVTKLNILKLA
PGGHVGRFCIWTESAFRKLDDLYGTWRKAASLKSNYNLPMHKMLNTDLSRILKSPEIQRALRAPRKKIHRRVLKKNPLKN
LRIMLKLNPYAKTMRRNTILRQARNHKLRVERAAAALAAKSD
;
AL04
8 'polypeptide(L)'
;FVKVVKNKAYFKRYQVKFRRRREGKTDYYARKRLVIQDKNKYNTPKYRMIVRVTNRDIICQIAYARIEGDMIVCAAYAHE
LPKYGVKVGLTNYAAAYCTGLLLARRLLNRFGMDKIYEGQVEVTGDEYNVESIDGQPGAFTCYLDAGLARTTTGNKVFGA
LKGAVDGGLSIPHSTKRFPGYDSESKEFNAEVHRKHIMGQNVADYMRYLMEEDEDAYKKQFSQYIKNNVTPDMMEEMYKK
AHAAIRENPVYEKKPKREVKKKRWNRPKMSLAQKKDRVAQKKASFLRAQERAA
;
AL05
9 'polypeptide(L)'
;KGKPHCSRNPVLVRGIGRYSRSAMYSRKALYKRKYAAPKSRIERKKKREKVLATVTKPVGGDKNGGTRVVKLRKMPRYYP
TEDVPRKLLSHGKKPFSQHVRKLRASITPGTILIILTGRHRGKRVVFLKQLSSGLLLVTGPLSLNRVPLRRTHQKFVIAT
STKIDISGVKIPKHLTDAYFKKKKLRKPRHQEGEIFDTEKEKYEITEQRKVDQKAVDSQILPKIKAVPQLQGYLRSVFAL
TNGVYPHKLVF
;
AL06
10 'polypeptide(L)'
;NFAELKIKRLRKKFAQKMLRKARRKLIYEKAKHYHKEYRQMYRTEIRMARMARKAGNFYVPAEPKLAFVIRIRGINGVSP
KVRKVLQLLRLRQIFNGTFVKLNKASINMLRIVEPYIAWGYPNLKSVNELIYKRGYGKINKKRIALTDNTLIARSLGKYN
IICMEDLIHEIYTVGKHFKEANNFLWPFKLSSPRGGMKKKTTHFVEGGDAGNREDQINRLIRRMN
;
AL07
11 'polypeptide(L)'
;VVNPLFEKRPKNFGIGQDIQPKRDLTRFVKWPRYIRLQRQRAILYKRLKVPPAINQFTQVLDRQTATQLLKLAHKYRPET
KQEKKQRLLARAEKKAAGKGDVPTKRPPVLRAGVNTVTTLVENKKAQLVVIAHDVDPIELVVFLPALCRKMGVPYCILKG
KARLGRLVHRKTCTTVAFTQVNSEDKGALAKLVEAIRTNYNDRYDEIRRHWGGNVLGPKSVARIAKLEKAKAKELATKLG
;
AL08
12 'polypeptide(L)'
;MKTILSNQTVDIPENVDISLKGRTVIVKGPRGTLRRDFNHINVELSLLGKKKKRLRVDKWWGNRKELATVRTICSHVQNM
IKGVTLGFRYKMRSVYAHFPINVVIQENGSLVEIRNFLGEKYIRRVRMRPGVACSVSQAQKDELVLEGNDIELVSNSAAL
IQQATTVKNKDIRKFLDGIYVSEKGTVQQA
;
AL09
13 'polypeptide(L)'
;GRRPARCYRYCKNKPYPKSRFCRGVPDAKIRIFDLGRKKAKVDEFPLCGHMVSDEYEQLSSEALEAARICANKYMVKSCG
KDGFHIRVRLHPFHVIRINKMLSCAGADRLQTGMRGAFGKPQGTVARVHIGQVIMSIRTKLQNKEHVVEALRRAKFKFPG
RQKIHISKKWGFTKFNADEFEDMVAEKRLIPDGCGVKYIPNRGPLDKWRALHS
;
AL10
14 'polypeptide(L)'
;KENPMRELRIRKLCLNICVGESGDRLTRAAKVLEQLTGQTPVFSKARYTVRSFGIRRNEKIAVHCTVRGAKAEEILEKGL
KVREYELRKNNFSDTGNFGFGIQEHIDLGIKYDPSIGIYGLDFYVVLGRPGFSIADKKRRTGCIGAKHRISKEEAMRWFQ
QKYDGIILPG
;
AL11
15 'polypeptide(L)'
;APSRNGMILKPHFHKDWQRRVATWFNQPARKIRRRKARQARARRIAPRPAAGPIRPIVRCPTVRYHTKVRAGRGFSLEEL
RVAGIHKKVARTIGISVDPRRRNKSTESLQANVQRLKEYRSKLVLFPRKPSAPKKGDSSAEELKLATQLTGPVMPIRNVF
KKEKARVITEEEKNFKAFASLRMARANARLFGIRAKRAKEAAEQDVEKKK
;
AL13
16 'polypeptide(L)'
;VFRRFVEVGRVAYVSFGPHAGKLVAIVDVIDQNRALVDGPCTRVRRQAMPFKCMQLTDFILKFPHSARQKYVRKAWEKAD
INTKWAATRWAKKIEARERKAKMTDFDRYKVMKAKKMRNRIIKNEVKKLQRAALLKAS
;
AL14
17 'polypeptide(L)'
;GAYKYIQELWRKKQSDVMRFLLRVRCWQYRQLSALHRAPRPTRPDKARRLGYKAKQGYVIYRIRVRRGGRKRPVPKGATY
GKPVHHGVNQLKFARSLQSVAEERAGRHCGALRVLNSYWVGEDSTYKFFEVILIDPFHKAIRRNPDTQWITKPVHKHREM
RGLTSAGRKSRGLGKGHKFHHTIGGSRRAAWRRRNTLQLHRYR
;
AL15
18 'polypeptide(L)'
;QVLVLDGRGHLLGRLAAIVAKQVLLGRKVVVVRCEGINISGNFYRNKLKYLAFLRKRMNTNPSRGPYHFRAPSRIFWRTV
RGMLPHKTKRGQAALDRLKVFDGIPPPYDKKKRMVVPAALKVVRLKPTRKFAYLGRLAHEVGWKYQAVTATLEEKRKEKA
KIHYRKKKQLMRLRKQAEKNVEKKISKFTDVLKTHGLLV
;
AL16
19 'polypeptide(L)'
;VRYSLDPENPTKSCKSRGSNLRVHFKNTRETAQAIKGMHIRKATKYLKDVTLKKQCVPFRRYNGGVGRCAQAKQWGWTQG
RWPKKSAEFLLHMLKNAESNAELKGLDVDSLVIEHIQVNKAPKMRRRTYRAHGRINPYMSSPCHIEMILTEKE
;
AL17
20 'polypeptide(L)'
;GVDIRHNKDRKVRRKEPKSQDIYLRLLVKLYRFLARRTNSTFNQVVLKRLFMSRTNRPPLSLSRMIRKMKLPGRENKTAV
VVGTVTDDVRVQEVPKLKVCALRVTSRARSRILKAGGKILTFDQLALDSPKGRGTVLLSGPRKGREVYRHFGKAPGTPHS
HTKPYVRSKGRKFERARGRRASRGYKN
;
AL18
21 'polypeptide(L)'
;SMLRLQKRLASSVLRCGKKKVWLDPNETNEIANANSRQQIRKLIKDGLIIRKPVTVHSRARCRKNTLARRKGRHMGIGKR
KGTANARMPEKVTWMRRMRILRRLLRRYRESKKIDRHMYHSLYLKVKGNVFKNKRILMEHIHKLKADKARKKLLADQAEA
RRSKTKEARKRREERLQAKK
;
AL19
22 'polypeptide(L)'
;MKASGTLREYKVVGRCLPTPKCRTPPLYRMRIFAPNHVVAKSRFWYFVSQLKKMKKSSGEIVYCGQVFEKSPLRVKNFGI
WLRYDSRSGTHNMYREYRDLTTAGAVTQCYRDMGARHRARAHSIQIMKVEEIAASKCRRPAVKQFHDSKIKFPLPHRVLR
RQHKPRFTTKRPNTFF
;
AL20
23 'polypeptide(L)'
;TNTKGKRRGTRYMFSRPFRKHGVVPLATYMRIYKKGDIVDIKGMGTVQKGMPHKCYHGKTGRVYNVTQHAVGIVVNKQVK
GKILAKRINVRIEHIKHSKSRDSFLKRVKENDQKKKEAKEKGTWVQLKRQPAPPREAHFVRTNGKEPELLEPIPYEFMA
;
AL21
24 'polypeptide(L)'
;QLLKFTLDCTHPVEDGIMDAANFEQFLQERIKVNGKAGNLGGGVVSLERSKSKITVTSEVPFSKRYLKYLTKKYLKKNNL
RDWLRVVANTKESYELRYF
;
AL22
25 'polypeptide(L)'
;SGAKFRISLGLPVGAVINCADNTGAKNLYIISVKGIKGRLNRLPAAGVGDMVMATVKKGKPELRKKVHPAVVIRQRKSYR
RKDGVFLYFEDNAGVIVNNKGEMKGSAITGPVAKECADLWPRIASNAGSIA
;
AL23
26 'polypeptide(L)'
;MKVELCSFSGYKIYPGHGRRYARTDGKVFQFLNAKCESAFLSKRNPRQINWTVLYRRKHKKGQSEEIQKKRTRRAVKFQR
AITGASLADIMAKRNQKPEVRKAQREQAIRAAKEAKKAKQA
;
AL24
27 'polypeptide(L)'
;KIRTSPTFRRPKTLRLRRQPKYPRKSAPRRNKLDHYAIIKFPLTTESAMKKIEDNNTLVFIVDVKANKHQIKQAVKKLYD
IDVAKVNTLIRPDGEKKAYVRLAPDYDALDVANKIGII
;
AL25
28 'polypeptide(L)'
;MKFNPFVTSDRSKNRKRHFNAPSHIRRKIMSSPLSKELRQKYNVRSMPIRKDDEVQVVRGHYKGQQIGKVVQVYRKKYVI
YIERVQREKANGTTVHVGIHPSKVVITRLKLDKDRKKILERKAKSRQVGKEKGK
;
AL26
29 'polypeptide(L)'
;GKFMKPGKVVLVLAGRYSGRKAVIVKNIDDGTSDRPYSHALVAGIDRYPRKVTAAMGKKKIAKRSKIKSFVKVYNYNHLM
PTRYSVDIPLDKTVVNKDVFRDPALKRKARREAKVKFEERYKTGKNKWFFQKLRF
;
AL27
30 'polypeptide(L)'
;PSRLRKTRKLRGHVSHGHGRIGKHRKHPGGRGNAGGMHHHRINFDKYHPGYFGKVGMRHYHLKRNQSFCPTVNLDKLWTL
VSEQTRVNAAKNKTGAAPIIDVVRSGYYKVLGKGKLPKQPVIVKAKFFSRRAEEKIKGVGGACVLVA
;
AL28
31 'polypeptide(L)'
;MAKSKNHTTHNQSRKWHRNGIKKPRSQRYESLKGVDPKFLRNMRFAKKHNKKGLKKMQANNAKAMAARAEAIKALVKPKE
VKPTIPKGVSRKLHRLAYIAHPKLGRRARARIARGLRLSRPQTKAKAKTEPQIKGKVKAQIKAQAQAQIKSKGKGKAQAE
TKPKAQAETKPKAQAQAKPKAQAQGKPKAQAQGKPKAQAQAKPKAQAQAKPKAQAQTKPKAQATPAAPVPAQAPPKGAQP
PAKAP
;
AL29
32 'polypeptide(L)'
;SLESINSRLQLVMKSGKYVLGYKQSLKMIRQGKAKLVILANNCPALRKSEIEYYAMLAKTGVHHYSGNNIELGTACGKYY
RVCTLSIIDPGDSDIIRS
;
AL30
33 'polypeptide(L)'
;NEVVTREYTINIHKRIHGVGFKKRAPRALKEIRKFAMKEMGTPDVRIDTRLNKAVWAKGIRNVPYRIRVRLSRKRNEDED
SPNKLYTLVTYVPVTTFKNLQTVNVDE
;
AL31
34 'polypeptide(L)'
;AALRPLVKPKIVKKRTKKFIRHQSDRYVKIKRNWRKPRGIDNRVRRRFKGQILMPNIGYGSNKKTKHMLPSGFRKFLVHN
VKELEVLLMCNKSYCAEIAHNVSSKNRKAIVERAAQLAIRVTNPNARL
;
AL32
35 'polypeptide(L)'
;SGRLWCKAIFAGYKRGLRNQREHTALLKIEGVYARDETEFYLGKRCAYVYKAKNNTVTPGGKPNKTRVIWGKVTRAHGNS
GMVRAKFRSNLPAKAIGHRIRVMLYPSRI
;
AL33
36 'polypeptide(L)'
;VQRLTYRRRLSYNTASNKTRLSRTPGNRIVYLYTKKVGKAPKSACGVCPGRLRGVRAVRPKVLMRLSKTKKHVSRAYGGS
MCAKCVRDRIKRAFLIEEQKIVVKVLKAQAQSQK
;
AL34
37 'polypeptide(L)'
;AKIKARDLRGKKKEELLKQLDDLKVELSQLRVAKVTGGAASKLSKIRVVRKSIARVLTVINQTQKENLRKFYKGKKYKPL
DLRPKKTRAMRRRLNKHEESLKTKKQQRKERLYPLRKYAVKA
;
AL35
38 'polypeptide(L)'
;ALRYPMAVGLNKGHKVTKNVSKPRHSRRRGRLTKHTKFVRDMIREVCGFAPYERRAMELLKVSKDKRALKFIKKRVGTHI
RAKRKREELSSVLAAMRKAAAK
;
AL36
39 'polypeptide(L)'
;TKGTSSFGKRRNKTHTLCRRCGSKAYHLQKSTCGKCGYPAKRKRKYNWSAKAKRRNTTGTGRMRHLKIVYRRFRHGFREG
TTPKPK
;
AL37
40 'polypeptide(L)' PRKIEEIKDFLLTARRKDAKSVKIKKNKDNVKFKVRCSRYLYTLVITDKEKAEKLKQSLPPGLAVKELK AL38
41 'polypeptide(L)' SSHKTFRIKRFLAKKQKQNRPIPQWIWMKTGNKIRYNSKRRHWRRTKLGL AL39
42 'polypeptide(L)' IIEPSLRQLAQKYNCDKMICRKCYARLHPRAVNCRKKKCGHTNNLRPKKKVK AL40
43 'polypeptide(L)' MRAKWRKKRMRRLKRKRRKMRQRSK AL41
44 'polypeptide(L)'
;VNVPKTRRTFCKKCGKHQPHKVTQYKKGKDSLYAQGKRRYDRKQSGYGGQTKPIFRKKAKTTKKIVLRLECVEPNCRSKR
MLAIKRCKHFELGGDKKRKGQVIQ
;
AL42
45 'polypeptide(L)'
;AKRTKKVGIVGKYGTRYGASLRKMVKKIEISQHAKYTCSFCGKTKMKRRAVGIWHCGSCMKTVAGGAWTYNTTSAVTVKS
AIRRLKELKDQ
;
AL43
46 'polypeptide(L)'
;SAHLQWMVVRNCSSFLIKRNKQTYSTEPNNLKARNSFRYNGLIHRKTVGVEPAADGKGVVVVMKRRSGQRKPATSYVRTT
INKNARATLSSIRHMIRKNKYHPDLRMAAIRRASAILRSQKPVM
;
ALNW
47 'polypeptide(L)'
;MVMGLGVLLLVFVLGLGLTPPTLAQDNSRYTHFLTQHYDAKPQGRDDRYCESIMRRRGLTSPCKDINTFIHGNKRSIKAI
CENKNGNPHRENLRISKSSFQVTTCKLHGGSPWPPCQYRATAGFRNVVVACENGLPVHLDQSIFRRP
;
ANG
48 'polypeptide(L)'
;TEQMTLRGTLKGHNGWVTQIATTPQFPDMILSASRDKTIIMWKLTRDETNYGIPQRALRGHSHFVSDVVISSDGQFALSG
SWDGTLRLWDLTTGTTTRRFVGHTKDVLSVAFSSDNRQIVSGSRDKTIKLWNTLGVCKYTVQDESHSEWVSCVRFSPNSS
NPIIVSCGWDKLVKVWNLANCKLKTNHIGHTGYLNTVTVSPDGSLCASGGKDGQAMLWDLNEGKHLYTLDGGDIINALCF
SPNRYWLCAATGPSIKIWDLEGKIIVDELKQEVISTSSKAEPPQCTSLAWSADGQTLFAGYTDNLVRVWQVTI
;
ARAC
49 'polypeptide(L)'
;SGALDVLQMKEEDVLKFLAAGTHLGGTNLDFQMEQYIYKRKSDGIYIINLKRTWEKLLLAARAIVAIENPADVSVISSRN
TGQRAVLKFAAATGATPIAGRFTPGTFTNQIQTAFREPRLLVVTDPRADHQPLTEASYVNLPTIALCNTDSPLRYVDIAI
PCNNKGAHSVGLMWWMLAREVLRMRGTISREHPWEVMPDLYFYRDPEEIEKEEQAAA
;
AS00
50 'polypeptide(L)'
;VVDPFSKKDWYDVKAPAMFNIRNIGKTLVTRTQGTKIASDGLKGRVFEVSLADLQNDEVAFRKFKLITEDVQGKNCLTNF
HGMDLTRDKMCSMVKKWQTMIEAHVDVKTTDGYLLRLFCVGFTKKRNNQIRKTSYAQHQQVRQIRKKMMEIMTREVQTND
LKEVVNKLIPDSIGKDIEKACQSIYPLHDVFVRKVKMLKKPKFELGKLMELHG
;
AS01
51 'polypeptide(L)'
;KEWLPVTKLGRLVKDMKIKSLEEIYLFSLPIKESEIIDFFLGASLKDEVLKIMPVQKQTRAGQRTRFKAFVAIGDYNGHV
GLGVKCSKEVATAIRGAIILAKLSIVPVRRGYWGNKIGKPHTVPCKVTGRCGSVLVRLIPAPRGTGIVSAPVPKKLLMMA
GIDDCYTSARGCTATLGNFAKATFDAISKTYSYLTPDLWKETVFTKSPYQEFTDHLVKTHT
;
AS02
52 'polypeptide(L)'
;MAVQISKKRKFVADGIFKAELNEFLTRELAEDGYSGVEVRVTPTRTEIIILATRTQNVLGEKGRRIRELTAVVQKRFGFP
EGSVELYAEKVATRGLCAIAQAESLRYKLLGGLAVRRACYGVLRFIMESGAKGCEVVVSGKLRGQRAKSMKFVDGLMIHS
GDPVNYYVDTAVRHVLLRQGVLGIKVKIMLPWDPSGKIGPKKPLPDHVSIVEPKDEILPTTPISEQKG
;
AS03
53 'polypeptide(L)'
;ARGPKKHLKRVAAPKHWMLDKLTGVFAPRPSTGPHKLRECLPLIIFLRNRLKYALTGDEVKKICMQRFIKIDGKVRTDIT
YPAGFMDVISIDKTGENFRLIYDTKGRFAVHRITPEEAKYKLCKVRKIFVGTKGIPHLVTHDARTIRYPDPLIKVNDTIQ
IDLETGKITDFIKFDTGNLCMVTGGANLGRIGVITNRERHPGSFDVVHVKDANGNSFATRLSNIFVIGKGNKPWISLPRG
KGIRLTIAEERDKRLAAKQSSG
;
AS04
54 'polypeptide(L)'
;TPDIKLFGKWSTDDVQINDISLQDYIAVKEKYAKYLPHSAGRYAAKRFRKAQCPIVERLTNSMMMHGRNNGKKLMTVRIV
KHAFEIIHLLTGENPLQVLVNAIINSGPREDSTRIGRAGTVRRQAVDVSPLRRVNQAIWLLCTGAREAAFRNIKTIAECL
ADELINAAKGSSNSYAIKKKDELERVAKSNR
;
AS05
55 'polypeptide(L)'
;MKLNISFPATGCQKLIEVDDERKLRTFYEKRMATEVAADALGEEWKGYVVRISGGNDKQGFPMKQGVLTHGRVRLLLSKG
HSCYRPRRTGERKRKSVRGCIVDANLSVLNLVIVKKGEKDIPGLTDTTVPRRLGPKRASRIRKLFNLSKEDDVRQYVVRK
PLNKEGKKPRTKAPKIQRLVTPRVLQHKRRRIALKKQRTKKNKEEAAEYAKLLAKRMKEAKEKRQEQIAKRRRLSSL
;
AS06
56 'polypeptide(L)'
;AKIVKPNGEKPDEFESGISQALLELEMNSDLKAQLRELNITAAKEIEVGGGRKAIIIFVPVPQLKSFQKIQVRLVRELEK
KFSGKHVVFIAQRRILPKPTRKSRTKNKQKRPRSRTLTAVHDAILEDLVFPSEIVGKRIRVKLDGSRLIKVHLDKAQQNN
VEHKVETFSGVYKKLTGKDVNFEFPEFQL
;
AS07
57 'polypeptide(L)'
;GISRDNWHKRRKTGGKRKPYHKKRKYELGRPAANTKIGPRRIHTVRVRGGNKKYRALRLDVGNFSWGSECCTRKTRIIDV
VYNASNNELVRTKTLVKNCIVLIDSTPYRQWYESHYALPLGRKKGAKLTPEEEEILNKKRSKKIQKKYDERKKNAKISSL
LEEQFQQGKLLACIASRPGQCGRADGYVLEGKELEFYLRKIKARKG
;
AS08
58 'polypeptide(L)'
;PVARSWVCRKTYVTPRRPFEKSRLDQELKLIGEYGLRNKREVWRVKFTLAKIRKAARELLTLDEKDPRRLFEGNALLRRL
VRIGVLDEGKMKLDYILGLKIEDFLERRLQTQVFKLGLAKSIHHARVLIRQRHIRVRKQVVNIPSFIVRLDSQKHIDFSL
RSPYGGGRPGRVKRKNAKKGQGGAG
;
AS09
59 'polypeptide(L)'
;MLMPKKNRIAIYELLFKEGVMVAKKDVHMPKHPELADKNVPNLHVMKAMQSLKSRGYVKEQFAWRHFYWYLTNEGIQYLR
DYLHLPPEIVPATLRR
;
AS10
60 'polypeptide(L)'
;DIQTERAYQKQPTIFQNKKRVLLGETGKEKLPRYYKNIGLGFKTPKEAIEGTYIDKKCPFTGNVSIRGRILSGVVTKMKM
QRTIVIRRDYLHYIRKYNRFEKRHKNMSVHLSPCFRDVQIGDIVTVGECRPLSKTVRFNVLKVTKAAGTKK
;
AS11
61 'polypeptide(L)'
;VNTALQEVLKTALIHDGLARGIREAAKALDKRQAHLCVLASNCDEPMYVKLVEALCAEHQINLIKVDDNKKLGEWVGLCK
IDREGKPRKVVGCSCVVVKDYGKESQAKDVIEEYFKC
;
AS12
62 'polypeptide(L)'
;GRMHAPGKGLSQSALPYRRSVPTWLKLTSDDVKEQIYKLAKKGLTPSQIGVILRDSHGVAQVRFVTGNKILRILKSKGLA
PDLPEDLYHLIKKAVAVRKHLERNRKDKDAKFRLILIESRIHRLARYYKTKRVLPPNWKYESSTASALV
;
AS13
63 'polypeptide(L)'
;SLGPQVAEGENVFGVCHIFASFNDTFVHVTDLSGKETICRVTGGMKVKADRDESSPYAAMLAAQDVAQRCKELGITALHI
KLRATGGNRTKTPGPGAQSALRALARSGMKIGRIEDVTPIPSDSTRRKGGRRGRR
;
AS14
64 'polypeptide(L)'
;FRKFTYRGVDLDQLLDMSYEQLMQLYSARQRRRLSRGLRRKQHSLLKRLRKAKKEAPPMEKPEVVKTHLRDMIILPEMVG
SMVGVYNGKTFNQVEIKPEMIGHYLGEFSITYKPVKHGRP
;
AS15
65 'polypeptide(L)'
;GPLQSVQVFGRKKTATAVAHCKRGNGLIKVNGRPLEMIEPRTLQYKLLEPVLLLGKERFAGVDIRVRVKGGGHVAQIYAI
RQSISKALVAYYQKYVDEASKKEIKDILIQYDRTLLVADPRRCESKKFGGPGARARYQKSYR
;
AS16
66 'polypeptide(L)'
;GRVRTKTVKKAARVIIEKYYTRLGNDFHTNKRVCEEIAIIPSKKLRNKIAGYVTHLMKRIQRGPVRGISIKLQEEERERR
DNYVPEVSALDQEIIEVDPDTKEMLKLLDFGSLSNLQVTQPTVGMNFKTPRG
;
AS17
67 'polypeptide(L)'
;SLVIPEKFQHILRVLNTNIDGRRKIAFAITAIKGVGRRYAHVVLRKADIDLTKRAGELTEDEVERVITIMQNPRQYKIPD
WFLNRQKDVKDGKYSQVLANGLDNKLREDLERLKKIRAHRGLRHFWGLRVRGQHTKTTGRRGRT
;
AS18
68 'polypeptide(L)'
;GVTVKDVNQQEFVRALAAFLKKSGKLKVPEWVDTVKLAKHKELAPYDENWFYTRAASTARHLYLRGGAGVGSMTKIYGGR
QRNGVMPSHFSRGSKSVARRVLQALEGLKMVEKDQDGGRKLTPQGQRDLDRIAGQVAAAKK
;
AS19
69 'polypeptide(L)'
;HRIRITLTSRNVKSLEKVCADLIRGAKEKNLKVKGPVRMPTKTLRITTRKTPCGEGSKTWDRFQMRIHKRLIDLHSPSEI
VKQITSISIEPGVEVEVTIA
;
AS20
70 'polypeptide(L)'
;MQNDAGEFVDLYVPRKCSASNRIIGAKDHASIQMNVAEVDKVTGRFNGQFKTYAICGAIRRMGESDDSILRLAKADGIVS
KNF
;
AS21
71 'polypeptide(L)'
;VRMNVLADALKSINNAEKRGKRQVLIRPCSKVIVRFLTVMMKHGYIGEFEIIDDHRAGKIVVNLTGRLNKCGVISPRFDV
QLKDLEKWQNNLLPSRQFGFIVLTTSAGIMDHEEARRKHTGGKILGFFF
;
AS22
72 'polypeptide(L)'
;GKCRGLRTARKLRSHRRDQKWHDKQYKKAHLGTALKANPFGGASHAKGIVLEKVGVEAKQPNSAIRKCVRVQLIKNGKKI
TAFVPNDGCLNFIEENDEVLVAGFGRKGHAVGDIPGVRFKVVKVANVSLLALYKGKKERPR
;
AS23
73 'polypeptide(L)'
;TVTIRTRKFMTNRLLQRKQMVIDVLHPGKATVPKTEIREKLAKMYKTTPDVIFVFGFRTHFGGGKTTGFGMIYDSLDYAK
KNEPKHRLARHGLYEKKKTSRKQRKERKNRMKKVRGTAKANVGA
;
AS24
74 'polypeptide(L)' RDKLNNLVLFDKATYDKLCKEVPNYKLITPAVVSERLKIRGSLARAALQELLSKGLIKLVSKHRAQVIYTRNTKG AS25
75 'polypeptide(L)'
;TKKRRNNGRAKKGRGHVQPIRCTNCARCVPKDKAIKKFVIRNIVEAAAVRDISEASVFDAYVLPKLYVKLHYCVSCAIHS
KVVRNRSREARKDRTPPPRFR
;
AS26
76 'polypeptide(L)'
;PLAKDLLHPSPEEEKRKHKKKRLVQSPNSYFMDVKCPGCYKITTVFSHAQTVVLCVGCSTVLCQPTGGKARLTEGCSFRR
KQH
;
AS27
77 'polypeptide(L)' QPIKLARVTKVLGRTGSQGQCTQVRVEFMDDTSRSIIRNVKGPVREGDVLTLLESEREARRL AS28
78 'polypeptide(L)' GHQQLYWSHPRKFGQGSRSCRVCSNRHGLIRKYGLNMCRQCFRQYAKDIGFIKLD AS29
79 'polypeptide(L)' SLARVGKVRGQTLKVAKQEKKKKRTGRAKRRMQYNRRFVNVVPTFGKKKGPNANS AS30
80 'polyribonucleotide' CGCGGGGUGGAGCAGCCUGGUAGCUCGUCGGGCUCAUAACCCGAAGGUCGUCGGUUCAAAUCCGGCCCCCGCAACCA ETRN,PTRN
81 'polyribonucleotide' CCACAUGUUCCCCCCCCCCCCCCCCCCC MRNA
#
# COMPACT_ATOMS: atom_id res chain seq x y z
N GLY E 1 22.66 -25.65 -1.39
CA GLY E 1 23.70 -26.65 -1.51
C GLY E 1 23.25 -27.99 -0.99
N ARG E 2 22.06 -28.01 -0.39
CA ARG E 2 21.54 -29.21 0.24
C ARG E 2 20.52 -29.87 -0.66
N VAL E 3 20.48 -31.20 -0.63
CA VAL E 3 19.57 -31.96 -1.48
C VAL E 3 18.14 -31.74 -1.02
N ILE E 4 17.28 -31.30 -1.94
CA ILE E 4 15.91 -30.90 -1.61
C ILE E 4 15.04 -32.12 -1.40
N ARG E 5 13.84 -31.91 -0.85
CA ARG E 5 12.97 -33.02 -0.47
C ARG E 5 12.59 -33.87 -1.65
N GLY E 6 12.27 -33.24 -2.78
CA GLY E 6 11.86 -34.00 -3.94
C GLY E 6 12.91 -34.95 -4.44
N GLN E 7 14.19 -34.62 -4.21
CA GLN E 7 15.27 -35.49 -4.63
C GLN E 7 15.50 -36.64 -3.69
N ARG E 8 15.17 -36.48 -2.41
CA ARG E 8 15.42 -37.56 -1.47
C ARG E 8 14.43 -38.70 -1.60
N LYS E 9 13.33 -38.50 -2.31
CA LYS E 9 12.33 -39.54 -2.42
C LYS E 9 12.73 -40.66 -3.35
N GLY E 10 13.69 -40.41 -4.25
CA GLY E 10 14.11 -41.45 -5.16
C GLY E 10 15.01 -42.49 -4.56
N ALA E 11 15.68 -42.16 -3.46
CA ALA E 11 16.51 -43.15 -2.78
C ALA E 11 15.70 -44.07 -1.90
N GLY E 12 14.49 -43.67 -1.51
CA GLY E 12 13.66 -44.48 -0.66
C GLY E 12 14.13 -44.50 0.77
N SER E 13 13.89 -45.62 1.45
CA SER E 13 14.41 -45.94 2.78
C SER E 13 13.71 -45.14 3.87
N VAL E 14 13.02 -44.08 3.50
CA VAL E 14 11.98 -43.49 4.34
C VAL E 14 10.71 -43.24 3.54
N PHE E 15 10.81 -43.05 2.23
CA PHE E 15 9.67 -42.79 1.38
C PHE E 15 9.22 -44.02 0.63
N ARG E 16 9.59 -45.20 1.12
CA ARG E 16 9.10 -46.43 0.55
C ARG E 16 7.66 -46.67 0.98
N ALA E 17 6.94 -47.44 0.18
CA ALA E 17 5.54 -47.71 0.47
C ALA E 17 5.41 -48.59 1.72
N HIS E 18 4.31 -48.41 2.42
CA HIS E 18 4.00 -49.20 3.61
C HIS E 18 3.20 -50.41 3.15
N VAL E 19 3.88 -51.53 2.96
CA VAL E 19 3.25 -52.69 2.36
C VAL E 19 3.19 -53.85 3.33
N LYS E 20 3.14 -53.57 4.63
CA LYS E 20 3.07 -54.66 5.59
C LYS E 20 1.73 -55.38 5.51
N HIS E 21 0.64 -54.62 5.55
CA HIS E 21 -0.69 -55.20 5.64
C HIS E 21 -1.41 -55.22 4.30
N ARG E 22 -0.72 -55.03 3.20
CA ARG E 22 -1.36 -55.09 1.90
C ARG E 22 -1.62 -56.54 1.53
N LYS E 23 -2.84 -56.80 1.05
CA LYS E 23 -3.30 -58.17 0.88
C LYS E 23 -2.55 -58.88 -0.24
N GLY E 24 -2.17 -58.14 -1.27
CA GLY E 24 -1.47 -58.73 -2.38
C GLY E 24 -1.52 -57.81 -3.57
N ALA E 25 -0.93 -58.27 -4.67
CA ALA E 25 -1.00 -57.55 -5.92
C ALA E 25 -2.31 -57.90 -6.62
N ALA E 26 -3.13 -56.89 -6.89
CA ALA E 26 -4.43 -57.10 -7.50
C ALA E 26 -4.25 -57.20 -9.01
N ARG E 27 -4.31 -58.42 -9.54
CA ARG E 27 -4.06 -58.67 -10.94
C ARG E 27 -5.18 -59.52 -11.51
N LEU E 28 -5.13 -59.72 -12.82
CA LEU E 28 -6.03 -60.63 -13.50
C LEU E 28 -5.42 -62.03 -13.55
N ARG E 29 -6.23 -62.98 -13.97
CA ARG E 29 -5.75 -64.34 -14.15
C ARG E 29 -4.85 -64.40 -15.37
N ALA E 30 -3.73 -65.11 -15.26
CA ALA E 30 -2.79 -65.22 -16.36
C ALA E 30 -3.45 -65.91 -17.55
N VAL E 31 -2.98 -65.57 -18.74
CA VAL E 31 -3.57 -66.13 -19.95
C VAL E 31 -3.16 -67.59 -20.10
N ASP E 32 -4.12 -68.42 -20.48
CA ASP E 32 -3.85 -69.82 -20.75
C ASP E 32 -4.87 -70.29 -21.77
N PHE E 33 -4.87 -71.60 -22.04
CA PHE E 33 -5.71 -72.15 -23.10
C PHE E 33 -7.19 -71.87 -22.84
N ALA E 34 -7.63 -72.09 -21.61
CA ALA E 34 -9.05 -71.91 -21.29
C ALA E 34 -9.49 -70.49 -21.55
N GLU E 35 -8.73 -69.52 -21.05
CA GLU E 35 -9.11 -68.12 -21.21
C GLU E 35 -8.95 -67.67 -22.66
N ARG E 36 -8.21 -68.41 -23.46
CA ARG E 36 -7.96 -68.02 -24.83
C ARG E 36 -8.91 -68.64 -25.83
N HIS E 37 -9.50 -69.79 -25.50
CA HIS E 37 -10.37 -70.49 -26.44
C HIS E 37 -11.78 -70.67 -25.93
N GLY E 38 -12.00 -70.65 -24.63
CA GLY E 38 -13.34 -70.79 -24.10
C GLY E 38 -13.58 -69.84 -22.95
N TYR E 39 -14.07 -70.35 -21.84
CA TYR E 39 -14.18 -69.58 -20.62
C TYR E 39 -13.91 -70.51 -19.45
N ILE E 40 -13.70 -69.92 -18.28
CA ILE E 40 -13.46 -70.68 -17.07
C ILE E 40 -14.29 -70.06 -15.96
N LYS E 41 -14.95 -70.90 -15.15
CA LYS E 41 -15.84 -70.42 -14.12
C LYS E 41 -15.10 -70.24 -12.81
N GLY E 42 -15.30 -69.10 -12.16
CA GLY E 42 -14.72 -68.86 -10.87
C GLY E 42 -15.76 -68.33 -9.90
N ILE E 43 -15.50 -68.54 -8.63
CA ILE E 43 -16.41 -68.15 -7.55
C ILE E 43 -15.78 -67.01 -6.78
N VAL E 44 -16.59 -66.01 -6.44
CA VAL E 44 -16.12 -64.91 -5.61
C VAL E 44 -16.13 -65.40 -4.17
N LYS E 45 -14.95 -65.67 -3.63
CA LYS E 45 -14.85 -66.26 -2.30
C LYS E 45 -15.13 -65.23 -1.22
N ASP E 46 -14.55 -64.04 -1.34
CA ASP E 46 -14.77 -62.99 -0.35
C ASP E 46 -14.31 -61.67 -0.93
N ILE E 47 -14.83 -60.59 -0.38
CA ILE E 47 -14.48 -59.22 -0.78
C ILE E 47 -13.82 -58.54 0.41
N ILE E 48 -12.61 -58.06 0.22
CA ILE E 48 -11.78 -57.59 1.32
C ILE E 48 -11.30 -56.18 1.03
N HIS E 49 -10.90 -55.50 2.10
CA HIS E 49 -10.43 -54.13 2.01
C HIS E 49 -8.91 -54.12 2.04
N ASP E 50 -8.30 -53.57 1.01
CA ASP E 50 -6.85 -53.54 0.93
C ASP E 50 -6.36 -52.20 1.44
N PRO E 51 -5.48 -52.18 2.44
CA PRO E 51 -5.01 -50.90 2.97
C PRO E 51 -4.29 -50.10 1.91
N GLY E 52 -4.49 -48.78 1.95
CA GLY E 52 -3.84 -47.91 1.00
C GLY E 52 -4.47 -47.90 -0.38
N ARG E 53 -5.57 -48.60 -0.57
CA ARG E 53 -6.24 -48.65 -1.86
C ARG E 53 -7.73 -48.44 -1.65
N GLY E 54 -8.31 -47.50 -2.39
CA GLY E 54 -9.73 -47.24 -2.23
C GLY E 54 -10.60 -48.37 -2.71
N ALA E 55 -10.26 -48.96 -3.83
CA ALA E 55 -11.10 -50.01 -4.39
C ALA E 55 -10.94 -51.30 -3.60
N PRO E 56 -12.03 -51.98 -3.28
CA PRO E 56 -11.92 -53.27 -2.60
C PRO E 56 -11.48 -54.37 -3.55
N LEU E 57 -10.87 -55.40 -2.99
CA LEU E 57 -10.45 -56.55 -3.76
C LEU E 57 -11.43 -57.69 -3.58
N ALA E 58 -11.25 -58.73 -4.39
CA ALA E 58 -12.16 -59.86 -4.39
C ALA E 58 -11.37 -61.13 -4.61
N LYS E 59 -11.33 -61.99 -3.60
CA LYS E 59 -10.70 -63.29 -3.75
C LYS E 59 -11.59 -64.18 -4.60
N VAL E 60 -11.13 -64.51 -5.80
CA VAL E 60 -11.87 -65.37 -6.72
C VAL E 60 -11.13 -66.68 -6.84
N VAL E 61 -11.83 -67.79 -6.63
CA VAL E 61 -11.22 -69.11 -6.60
C VAL E 61 -11.55 -69.85 -7.87
N PHE E 62 -10.54 -70.31 -8.58
CA PHE E 62 -10.72 -71.06 -9.80
C PHE E 62 -10.29 -72.51 -9.59
N ARG E 63 -10.60 -73.33 -10.57
CA ARG E 63 -10.26 -74.75 -10.55
C ARG E 63 -9.20 -74.97 -11.62
N ASP E 64 -7.97 -75.21 -11.19
CA ASP E 64 -6.84 -75.33 -12.08
C ASP E 64 -7.10 -76.43 -13.11
N PRO E 65 -6.95 -76.14 -14.41
CA PRO E 65 -7.34 -77.11 -15.44
C PRO E 65 -6.35 -78.24 -15.67
N TYR E 66 -5.17 -78.20 -15.08
CA TYR E 66 -4.15 -79.21 -15.33
C TYR E 66 -3.82 -80.05 -14.12
N ARG E 67 -3.91 -79.49 -12.93
CA ARG E 67 -3.64 -80.20 -11.69
C ARG E 67 -4.88 -80.18 -10.83
N PHE E 68 -5.00 -81.17 -9.95
CA PHE E 68 -6.06 -81.15 -8.97
C PHE E 68 -5.74 -80.11 -7.91
N LYS E 69 -6.31 -78.92 -8.05
CA LYS E 69 -5.92 -77.81 -7.19
C LYS E 69 -6.96 -76.71 -7.36
N LYS E 70 -6.91 -75.73 -6.48
CA LYS E 70 -7.80 -74.58 -6.56
C LYS E 70 -6.96 -73.32 -6.51
N ARG E 71 -6.76 -72.69 -7.66
CA ARG E 71 -6.01 -71.45 -7.74
C ARG E 71 -6.89 -70.29 -7.31
N THR E 72 -6.35 -69.41 -6.48
CA THR E 72 -7.06 -68.24 -6.01
C THR E 72 -6.42 -66.97 -6.56
N GLU E 73 -7.24 -65.97 -6.83
CA GLU E 73 -6.78 -64.72 -7.40
C GLU E 73 -7.24 -63.54 -6.55
N LEU E 74 -6.75 -62.37 -6.89
CA LEU E 74 -7.18 -61.10 -6.28
C LEU E 74 -7.57 -60.17 -7.41
N PHE E 75 -8.83 -60.22 -7.81
CA PHE E 75 -9.29 -59.25 -8.78
C PHE E 75 -9.54 -57.91 -8.11
N ILE E 76 -9.82 -56.92 -8.92
CA ILE E 76 -10.29 -55.63 -8.44
C ILE E 76 -11.80 -55.64 -8.62
N ALA E 77 -12.52 -55.65 -7.50
CA ALA E 77 -13.96 -55.84 -7.50
C ALA E 77 -14.66 -54.79 -8.35
N ALA E 78 -15.46 -55.24 -9.30
CA ALA E 78 -16.34 -54.37 -10.06
C ALA E 78 -17.60 -54.16 -9.24
N GLU E 79 -18.08 -52.92 -9.20
CA GLU E 79 -19.22 -52.60 -8.36
C GLU E 79 -20.44 -53.41 -8.76
N GLY E 80 -21.03 -54.09 -7.78
CA GLY E 80 -22.11 -55.03 -8.03
C GLY E 80 -21.73 -56.46 -7.80
N ILE E 81 -20.44 -56.77 -7.67
CA ILE E 81 -19.99 -58.11 -7.37
C ILE E 81 -20.41 -58.47 -5.95
N HIS E 82 -20.85 -59.71 -5.75
CA HIS E 82 -21.19 -60.17 -4.42
C HIS E 82 -20.59 -61.54 -4.21
N THR E 83 -20.39 -61.91 -2.95
CA THR E 83 -19.82 -63.21 -2.65
C THR E 83 -20.77 -64.32 -3.07
N GLY E 84 -20.19 -65.45 -3.45
CA GLY E 84 -20.99 -66.54 -3.95
C GLY E 84 -21.48 -66.35 -5.36
N GLN E 85 -20.95 -65.37 -6.07
CA GLN E 85 -21.30 -65.12 -7.46
C GLN E 85 -20.27 -65.80 -8.35
N PHE E 86 -20.74 -66.35 -9.46
CA PHE E 86 -19.86 -67.01 -10.41
C PHE E 86 -19.30 -65.98 -11.37
N VAL E 87 -17.98 -65.92 -11.46
CA VAL E 87 -17.29 -65.05 -12.40
C VAL E 87 -16.74 -65.93 -13.52
N TYR E 88 -16.95 -65.50 -14.76
CA TYR E 88 -16.48 -66.23 -15.93
C TYR E 88 -15.42 -65.41 -16.64
N CYS E 89 -14.35 -66.09 -17.06
CA CYS E 89 -13.20 -65.45 -17.66
C CYS E 89 -12.84 -66.17 -18.94
N GLY E 90 -12.75 -65.43 -20.04
CA GLY E 90 -12.28 -66.02 -21.27
C GLY E 90 -12.95 -65.41 -22.48
N LYS E 91 -12.63 -65.98 -23.63
CA LYS E 91 -13.14 -65.44 -24.89
C LYS E 91 -14.61 -65.72 -25.08
N LYS E 92 -15.10 -66.86 -24.62
CA LYS E 92 -16.51 -67.20 -24.74
C LYS E 92 -17.34 -66.71 -23.57
N ALA E 93 -16.74 -66.01 -22.63
CA ALA E 93 -17.49 -65.53 -21.47
C ALA E 93 -18.56 -64.55 -21.88
N GLN E 94 -19.73 -64.65 -21.24
CA GLN E 94 -20.82 -63.75 -21.54
C GLN E 94 -20.51 -62.37 -21.00
N LEU E 95 -21.32 -61.39 -21.41
CA LEU E 95 -21.07 -59.99 -21.10
C LEU E 95 -21.98 -59.60 -19.93
N ASN E 96 -21.50 -59.82 -18.71
CA ASN E 96 -22.17 -59.33 -17.52
C ASN E 96 -21.12 -58.69 -16.64
N ILE E 97 -21.58 -57.92 -15.66
CA ILE E 97 -20.69 -57.24 -14.72
C ILE E 97 -19.83 -58.27 -14.01
N GLY E 98 -18.52 -58.02 -13.96
CA GLY E 98 -17.60 -58.93 -13.32
C GLY E 98 -17.30 -60.14 -14.16
N ASN E 99 -17.07 -59.93 -15.45
CA ASN E 99 -16.64 -61.01 -16.35
C ASN E 99 -15.51 -60.42 -17.18
N VAL E 100 -14.31 -60.92 -16.99
CA VAL E 100 -13.19 -60.47 -17.80
C VAL E 100 -13.16 -61.25 -19.11
N LEU E 101 -13.14 -60.53 -20.21
CA LEU E 101 -13.12 -61.11 -21.54
C LEU E 101 -12.39 -60.16 -22.47
N PRO E 102 -11.84 -60.65 -23.58
CA PRO E 102 -11.05 -59.77 -24.45
C PRO E 102 -11.88 -58.63 -25.01
N VAL E 103 -11.22 -57.49 -25.16
CA VAL E 103 -11.93 -56.26 -25.53
C VAL E 103 -12.55 -56.37 -26.91
N GLY E 104 -11.84 -56.99 -27.84
CA GLY E 104 -12.34 -57.14 -29.19
C GLY E 104 -13.67 -57.85 -29.31
N THR E 105 -14.03 -58.65 -28.32
CA THR E 105 -15.31 -59.32 -28.30
C THR E 105 -16.44 -58.45 -27.79
N MET E 106 -16.13 -57.35 -27.13
CA MET E 106 -17.16 -56.50 -26.58
C MET E 106 -17.69 -55.55 -27.64
N PRO E 107 -18.94 -55.14 -27.54
CA PRO E 107 -19.45 -54.12 -28.45
C PRO E 107 -18.91 -52.75 -28.11
N GLU E 108 -19.24 -51.74 -28.89
CA GLU E 108 -18.78 -50.39 -28.62
C GLU E 108 -19.52 -49.80 -27.45
N GLY E 109 -18.85 -48.88 -26.76
CA GLY E 109 -19.44 -48.25 -25.58
C GLY E 109 -19.52 -49.16 -24.39
N THR E 110 -18.82 -50.29 -24.41
CA THR E 110 -18.81 -51.17 -23.26
C THR E 110 -17.97 -50.57 -22.15
N ILE E 111 -18.52 -50.51 -20.95
CA ILE E 111 -17.83 -49.94 -19.81
C ILE E 111 -17.00 -51.04 -19.15
N VAL E 112 -15.68 -50.89 -19.19
CA VAL E 112 -14.77 -51.89 -18.66
C VAL E 112 -13.89 -51.25 -17.59
N CYS E 113 -13.15 -52.09 -16.89
CA CYS E 113 -12.20 -51.63 -15.90
C CYS E 113 -11.13 -52.71 -15.72
N CYS E 114 -10.08 -52.35 -14.98
CA CYS E 114 -8.91 -53.21 -14.83
C CYS E 114 -8.39 -53.66 -16.18
N LEU E 115 -8.35 -52.74 -17.12
CA LEU E 115 -8.00 -53.05 -18.49
C LEU E 115 -6.50 -53.31 -18.63
N GLU E 116 -6.16 -54.24 -19.51
CA GLU E 116 -4.77 -54.54 -19.84
C GLU E 116 -4.29 -53.58 -20.90
N GLU E 117 -3.13 -52.97 -20.67
CA GLU E 117 -2.54 -52.07 -21.64
C GLU E 117 -1.71 -52.80 -22.69
N LYS E 118 -1.34 -54.05 -22.42
CA LYS E 118 -0.65 -54.90 -23.36
C LYS E 118 -1.15 -56.31 -23.16
N PRO E 119 -1.33 -57.09 -24.22
CA PRO E 119 -1.97 -58.40 -24.08
C PRO E 119 -1.23 -59.32 -23.12
N GLY E 120 -1.85 -59.60 -21.99
CA GLY E 120 -1.33 -60.55 -21.04
C GLY E 120 -0.52 -59.98 -19.90
N ASP E 121 -0.73 -58.71 -19.52
CA ASP E 121 -0.02 -58.13 -18.40
C ASP E 121 -0.88 -58.03 -17.15
N ARG E 122 -2.01 -58.73 -17.12
CA ARG E 122 -2.83 -58.89 -15.92
C ARG E 122 -3.39 -57.56 -15.43
N GLY E 123 -3.72 -56.68 -16.36
CA GLY E 123 -4.50 -55.49 -16.06
C GLY E 123 -3.67 -54.36 -15.51
N LYS E 124 -3.76 -53.18 -16.13
CA LYS E 124 -2.98 -52.05 -15.66
C LYS E 124 -3.78 -50.76 -15.66
N LEU E 125 -4.82 -50.69 -16.48
CA LEU E 125 -5.50 -49.42 -16.70
C LEU E 125 -6.87 -49.40 -16.06
N ALA E 126 -7.28 -48.20 -15.64
CA ALA E 126 -8.60 -47.97 -15.07
C ALA E 126 -8.89 -48.90 -13.91
N ARG E 127 -8.15 -48.79 -12.82
CA ARG E 127 -8.33 -49.69 -11.70
C ARG E 127 -8.32 -48.96 -10.37
N ALA E 128 -8.53 -47.66 -10.38
CA ALA E 128 -8.77 -46.94 -9.14
C ALA E 128 -10.26 -46.94 -8.85
N SER E 129 -10.61 -46.51 -7.64
CA SER E 129 -11.99 -46.61 -7.19
C SER E 129 -12.90 -45.74 -8.05
N GLY E 130 -13.88 -46.36 -8.69
CA GLY E 130 -14.89 -45.64 -9.42
C GLY E 130 -14.53 -45.29 -10.85
N ASN E 131 -13.35 -45.68 -11.32
CA ASN E 131 -12.94 -45.37 -12.68
C ASN E 131 -13.39 -46.46 -13.64
N TYR E 132 -13.29 -46.15 -14.94
CA TYR E 132 -13.66 -47.10 -15.97
C TYR E 132 -13.13 -46.57 -17.30
N ALA E 133 -13.10 -47.46 -18.28
CA ALA E 133 -12.78 -47.11 -19.65
C ALA E 133 -13.90 -47.61 -20.55
N THR E 134 -14.05 -46.96 -21.70
CA THR E 134 -15.09 -47.32 -22.66
C THR E 134 -14.45 -47.81 -23.94
N VAL E 135 -14.94 -48.92 -24.46
CA VAL E 135 -14.50 -49.40 -25.77
C VAL E 135 -15.12 -48.50 -26.82
N ILE E 136 -14.30 -47.66 -27.45
CA ILE E 136 -14.83 -46.67 -28.39
C ILE E 136 -15.16 -47.32 -29.72
N SER E 137 -14.20 -48.05 -30.29
CA SER E 137 -14.39 -48.60 -31.62
C SER E 137 -13.37 -49.71 -31.85
N HIS E 138 -13.74 -50.65 -32.70
CA HIS E 138 -12.89 -51.77 -33.04
C HIS E 138 -12.24 -51.52 -34.40
N ASN E 139 -11.44 -52.50 -34.81
CA ASN E 139 -10.83 -52.56 -36.13
C ASN E 139 -10.47 -54.01 -36.41
N PRO E 140 -11.34 -54.76 -37.09
CA PRO E 140 -11.14 -56.21 -37.24
C PRO E 140 -9.77 -56.59 -37.77
N GLU E 141 -9.37 -56.05 -38.91
CA GLU E 141 -8.00 -56.26 -39.34
C GLU E 141 -7.05 -55.46 -38.45
N THR E 142 -5.82 -55.95 -38.35
CA THR E 142 -4.76 -55.40 -37.49
C THR E 142 -5.08 -55.57 -36.02
N LYS E 143 -6.27 -56.08 -35.69
CA LYS E 143 -6.64 -56.49 -34.34
C LYS E 143 -6.38 -55.39 -33.31
N LYS E 144 -6.95 -54.22 -33.56
CA LYS E 144 -6.71 -53.09 -32.68
C LYS E 144 -8.03 -52.44 -32.30
N THR E 145 -8.00 -51.73 -31.17
CA THR E 145 -9.21 -51.21 -30.55
C THR E 145 -8.91 -49.88 -29.90
N ARG E 146 -9.79 -48.92 -30.07
CA ARG E 146 -9.66 -47.63 -29.41
C ARG E 146 -10.51 -47.58 -28.15
N VAL E 147 -9.92 -47.16 -27.05
CA VAL E 147 -10.61 -47.01 -25.77
C VAL E 147 -10.23 -45.66 -25.20
N LYS E 148 -11.18 -44.99 -24.56
CA LYS E 148 -10.80 -43.78 -23.85
C LYS E 148 -10.60 -44.09 -22.37
N LEU E 149 -9.62 -43.41 -21.79
CA LEU E 149 -9.19 -43.68 -20.44
C LEU E 149 -9.80 -42.68 -19.49
N PRO E 150 -9.81 -42.97 -18.19
CA PRO E 150 -10.42 -42.04 -17.23
C PRO E 150 -9.80 -40.66 -17.24
N SER E 151 -8.65 -40.47 -17.87
CA SER E 151 -8.09 -39.15 -18.05
C SER E 151 -8.67 -38.42 -19.25
N GLY E 152 -9.45 -39.10 -20.07
CA GLY E 152 -9.95 -38.54 -21.30
C GLY E 152 -9.11 -38.86 -22.51
N SER E 153 -7.91 -39.36 -22.31
CA SER E 153 -7.06 -39.74 -23.44
C SER E 153 -7.61 -40.98 -24.11
N LYS E 154 -7.65 -40.98 -25.43
CA LYS E 154 -8.02 -42.17 -26.18
C LYS E 154 -6.75 -42.89 -26.63
N LYS E 155 -6.78 -44.21 -26.56
CA LYS E 155 -5.60 -45.02 -26.79
C LYS E 155 -5.95 -46.20 -27.69
N VAL E 156 -5.02 -46.55 -28.56
CA VAL E 156 -5.19 -47.67 -29.47
C VAL E 156 -4.47 -48.87 -28.86
N ILE E 157 -5.23 -49.84 -28.38
CA ILE E 157 -4.67 -51.02 -27.76
C ILE E 157 -4.97 -52.23 -28.63
N SER E 158 -4.25 -53.31 -28.38
CA SER E 158 -4.50 -54.54 -29.10
C SER E 158 -5.85 -55.11 -28.73
N SER E 159 -6.43 -55.84 -29.67
CA SER E 159 -7.73 -56.47 -29.45
C SER E 159 -7.66 -57.66 -28.52
N ALA E 160 -6.47 -58.21 -28.30
CA ALA E 160 -6.36 -59.44 -27.51
C ALA E 160 -6.49 -59.15 -26.03
N ASN E 161 -5.92 -58.05 -25.56
CA ASN E 161 -5.91 -57.76 -24.13
C ASN E 161 -7.34 -57.58 -23.63
N ARG E 162 -7.53 -57.90 -22.37
CA ARG E 162 -8.86 -58.10 -21.81
C ARG E 162 -9.06 -57.21 -20.59
N ALA E 163 -10.30 -57.20 -20.09
CA ALA E 163 -10.70 -56.29 -19.03
C ALA E 163 -11.98 -56.82 -18.42
N VAL E 164 -12.19 -56.52 -17.14
CA VAL E 164 -13.41 -56.95 -16.47
C VAL E 164 -14.51 -55.93 -16.70
N VAL E 165 -15.72 -56.41 -16.97
CA VAL E 165 -16.83 -55.54 -17.33
C VAL E 165 -17.38 -54.84 -16.09
N GLY E 166 -17.64 -53.56 -16.20
CA GLY E 166 -18.21 -52.78 -15.12
C GLY E 166 -17.19 -51.81 -14.52
N VAL E 167 -17.73 -50.86 -13.77
CA VAL E 167 -16.89 -49.84 -13.15
C VAL E 167 -16.26 -50.40 -11.89
N VAL E 168 -15.26 -49.71 -11.35
CA VAL E 168 -14.56 -50.20 -10.18
C VAL E 168 -15.35 -49.81 -8.94
N ALA E 169 -15.50 -50.75 -8.01
CA ALA E 169 -16.25 -50.50 -6.80
C ALA E 169 -15.60 -49.42 -5.96
N GLY E 170 -16.36 -48.89 -5.02
CA GLY E 170 -15.83 -47.86 -4.14
C GLY E 170 -15.82 -46.48 -4.73
N GLY E 171 -16.71 -46.20 -5.68
CA GLY E 171 -16.71 -44.91 -6.32
C GLY E 171 -17.27 -43.81 -5.43
N GLY E 172 -16.94 -42.58 -5.79
CA GLY E 172 -17.42 -41.43 -5.04
C GLY E 172 -16.67 -41.17 -3.76
N ARG E 173 -15.47 -41.75 -3.62
CA ARG E 173 -14.74 -41.62 -2.36
C ARG E 173 -14.24 -40.21 -2.15
N ILE E 174 -13.87 -39.52 -3.23
CA ILE E 174 -13.25 -38.21 -3.11
C ILE E 174 -14.28 -37.12 -2.87
N ASP E 175 -15.54 -37.49 -2.72
CA ASP E 175 -16.58 -36.48 -2.52
C ASP E 175 -16.67 -36.07 -1.06
N LYS E 176 -16.49 -37.01 -0.15
CA LYS E 176 -16.51 -36.68 1.26
C LYS E 176 -15.28 -35.87 1.62
N PRO E 177 -15.44 -34.70 2.24
CA PRO E 177 -14.27 -33.89 2.60
C PRO E 177 -13.53 -34.52 3.77
N ILE E 178 -12.22 -34.69 3.60
CA ILE E 178 -11.37 -34.86 4.77
C ILE E 178 -11.61 -33.67 5.68
N LEU E 179 -12.10 -33.90 6.88
CA LEU E 179 -12.44 -32.75 7.69
C LEU E 179 -11.29 -32.32 8.59
N LYS E 180 -10.58 -33.27 9.14
CA LYS E 180 -9.54 -33.02 10.12
C LYS E 180 -8.19 -33.25 9.50
N ALA E 181 -7.18 -32.56 10.01
CA ALA E 181 -5.81 -32.93 9.68
C ALA E 181 -5.51 -34.36 10.12
N GLY E 182 -6.25 -34.86 11.11
CA GLY E 182 -6.03 -36.21 11.58
C GLY E 182 -6.45 -37.25 10.56
N ARG E 183 -7.59 -37.03 9.90
CA ARG E 183 -8.04 -37.98 8.90
C ARG E 183 -7.04 -38.09 7.77
N ALA E 184 -6.42 -36.98 7.40
CA ALA E 184 -5.38 -37.02 6.37
C ALA E 184 -4.17 -37.78 6.86
N TYR E 185 -3.85 -37.64 8.14
CA TYR E 185 -2.71 -38.35 8.69
C TYR E 185 -2.90 -39.85 8.58
N HIS E 186 -4.10 -40.33 8.89
CA HIS E 186 -4.36 -41.76 8.82
C HIS E 186 -4.43 -42.25 7.38
N LYS E 187 -4.84 -41.39 6.45
CA LYS E 187 -4.92 -41.82 5.07
C LYS E 187 -3.54 -42.15 4.53
N TYR E 188 -2.58 -41.25 4.74
CA TYR E 188 -1.26 -41.44 4.17
C TYR E 188 -0.39 -42.35 5.03
N LYS E 189 -0.70 -42.49 6.31
CA LYS E 189 0.03 -43.45 7.12
C LYS E 189 -0.12 -44.87 6.63
N ALA E 190 -1.16 -45.14 5.84
CA ALA E 190 -1.35 -46.44 5.25
C ALA E 190 -0.75 -46.56 3.87
N LYS E 191 -0.24 -45.47 3.29
CA LYS E 191 0.31 -45.52 1.94
C LYS E 191 1.79 -45.26 1.90
N ARG E 192 2.26 -44.11 2.36
CA ARG E 192 3.67 -43.78 2.32
C ARG E 192 3.89 -42.47 3.05
N ASN E 193 5.15 -42.24 3.42
CA ASN E 193 5.51 -41.04 4.17
C ASN E 193 5.58 -39.86 3.23
N CYS E 194 4.45 -39.20 3.01
CA CYS E 194 4.47 -38.04 2.13
C CYS E 194 3.56 -36.92 2.62
N TRP E 195 2.91 -37.09 3.76
CA TRP E 195 1.76 -36.20 3.93
C TRP E 195 2.12 -34.77 4.31
N PRO E 196 2.66 -34.48 5.51
CA PRO E 196 2.74 -33.08 5.91
C PRO E 196 3.69 -32.36 4.98
N ARG E 197 3.14 -31.50 4.14
CA ARG E 197 3.85 -30.96 3.00
C ARG E 197 4.25 -29.52 3.29
N VAL E 198 5.49 -29.33 3.73
CA VAL E 198 6.02 -28.00 3.93
C VAL E 198 6.23 -27.38 2.56
N ARG E 199 5.75 -26.17 2.38
CA ARG E 199 5.86 -25.53 1.08
C ARG E 199 7.22 -24.87 0.94
N GLY E 200 7.79 -24.94 -0.26
CA GLY E 200 9.12 -24.47 -0.53
C GLY E 200 9.39 -23.04 -0.13
N VAL E 201 8.37 -22.19 -0.22
CA VAL E 201 8.51 -20.78 0.12
C VAL E 201 8.89 -20.64 1.58
N ALA E 202 8.44 -21.56 2.42
CA ALA E 202 8.72 -21.48 3.84
C ALA E 202 10.13 -21.93 4.18
N MET E 203 10.75 -22.71 3.30
CA MET E 203 12.07 -23.25 3.58
C MET E 203 13.14 -22.19 3.38
N ASN E 204 14.37 -22.58 3.63
CA ASN E 204 15.52 -21.70 3.45
C ASN E 204 16.10 -21.90 2.07
N PRO E 205 16.84 -20.92 1.54
CA PRO E 205 17.35 -21.05 0.17
C PRO E 205 18.33 -22.17 0.00
N VAL E 206 18.87 -22.72 1.09
CA VAL E 206 19.80 -23.82 0.99
C VAL E 206 19.11 -25.12 0.56
N GLU E 207 17.80 -25.20 0.72
CA GLU E 207 17.10 -26.47 0.58
C GLU E 207 15.92 -26.41 -0.37
N HIS E 208 15.71 -25.28 -1.04
CA HIS E 208 14.67 -25.19 -2.05
C HIS E 208 14.92 -23.96 -2.91
N PRO E 209 14.77 -24.07 -4.23
CA PRO E 209 14.98 -22.89 -5.08
C PRO E 209 14.00 -21.77 -4.85
N PHE E 210 12.95 -21.97 -4.06
CA PHE E 210 12.03 -20.89 -3.72
C PHE E 210 12.30 -20.26 -2.38
N GLY E 211 12.96 -20.96 -1.48
CA GLY E 211 13.12 -20.51 -0.13
C GLY E 211 13.92 -19.23 0.00
N GLY E 212 13.83 -18.61 1.17
CA GLY E 212 14.62 -17.43 1.48
C GLY E 212 13.91 -16.14 1.16
N GLY E 213 14.48 -15.07 1.66
CA GLY E 213 13.95 -13.75 1.42
C GLY E 213 13.32 -13.18 2.68
N ASN E 214 13.30 -11.86 2.75
CA ASN E 214 12.62 -11.21 3.86
C ASN E 214 11.12 -11.15 3.67
N HIS E 215 10.61 -11.71 2.59
CA HIS E 215 9.20 -11.91 2.40
C HIS E 215 9.00 -13.29 1.83
N GLN E 216 7.91 -13.94 2.21
CA GLN E 216 7.61 -15.26 1.67
C GLN E 216 7.11 -15.09 0.25
N HIS E 217 8.04 -15.14 -0.70
CA HIS E 217 7.69 -14.99 -2.10
C HIS E 217 8.59 -15.89 -2.93
N ILE E 218 8.14 -16.17 -4.15
CA ILE E 218 8.86 -17.10 -5.01
C ILE E 218 10.06 -16.41 -5.65
N GLY E 219 9.85 -15.23 -6.22
CA GLY E 219 10.96 -14.46 -6.74
C GLY E 219 11.31 -14.74 -8.17
N LYS E 220 11.14 -15.97 -8.60
CA LYS E 220 11.41 -16.40 -9.95
C LYS E 220 10.15 -16.98 -10.54
N PRO E 221 10.01 -17.03 -11.85
CA PRO E 221 8.83 -17.64 -12.45
C PRO E 221 8.62 -19.07 -12.00
N SER E 222 7.42 -19.38 -11.54
CA SER E 222 7.16 -20.69 -10.95
C SER E 222 7.11 -21.79 -12.00
N THR E 223 6.78 -21.46 -13.23
CA THR E 223 6.82 -22.45 -14.29
C THR E 223 8.25 -22.65 -14.73
N ILE E 224 8.66 -23.90 -14.86
CA ILE E 224 10.04 -24.22 -15.21
C ILE E 224 10.05 -25.20 -16.37
N ARG E 225 11.11 -25.15 -17.17
CA ARG E 225 11.21 -25.98 -18.35
C ARG E 225 11.31 -27.45 -17.97
N ARG E 226 11.18 -28.30 -18.98
CA ARG E 226 11.16 -29.73 -18.79
C ARG E 226 12.53 -30.33 -18.60
N ASP E 227 13.54 -29.79 -19.26
CA ASP E 227 14.88 -30.35 -19.16
C ASP E 227 15.69 -29.79 -18.00
N ALA E 228 15.06 -29.06 -17.09
CA ALA E 228 15.78 -28.55 -15.94
C ALA E 228 16.34 -29.71 -15.13
N PRO E 229 17.50 -29.54 -14.52
CA PRO E 229 18.08 -30.61 -13.73
C PRO E 229 17.31 -30.87 -12.46
N ALA E 230 17.34 -32.12 -12.01
CA ALA E 230 16.71 -32.48 -10.75
C ALA E 230 17.37 -31.70 -9.62
N GLY E 231 16.55 -31.18 -8.72
CA GLY E 231 16.97 -30.22 -7.73
C GLY E 231 16.58 -28.82 -8.07
N ARG E 232 16.22 -28.57 -9.32
CA ARG E 232 15.68 -27.32 -9.77
C ARG E 232 14.28 -27.46 -10.34
N LYS E 233 13.92 -28.65 -10.83
CA LYS E 233 12.63 -28.88 -11.46
C LYS E 233 11.56 -28.95 -10.37
N VAL E 234 11.21 -27.78 -9.85
CA VAL E 234 10.13 -27.65 -8.88
C VAL E 234 9.21 -26.56 -9.37
N GLY E 235 7.99 -26.56 -8.84
CA GLY E 235 7.01 -25.59 -9.29
C GLY E 235 6.06 -26.23 -10.26
N LEU E 236 5.72 -25.52 -11.33
CA LEU E 236 4.83 -26.05 -12.35
C LEU E 236 5.69 -26.59 -13.49
N ILE E 237 5.81 -27.91 -13.56
CA ILE E 237 6.74 -28.53 -14.49
C ILE E 237 6.21 -28.42 -15.90
N ALA E 238 6.91 -27.67 -16.75
CA ALA E 238 6.64 -27.60 -18.18
C ALA E 238 5.17 -27.30 -18.46
N ALA E 239 4.68 -26.28 -17.75
CA ALA E 239 3.27 -25.93 -17.82
C ALA E 239 2.95 -25.35 -19.18
N ARG E 240 2.11 -26.06 -19.95
CA ARG E 240 1.66 -25.49 -21.22
C ARG E 240 0.85 -24.24 -21.00
N ARG E 241 0.12 -24.18 -19.90
CA ARG E 241 -0.91 -23.17 -19.72
C ARG E 241 -1.16 -23.05 -18.22
N THR E 242 -0.80 -21.93 -17.63
CA THR E 242 -0.99 -21.73 -16.20
C THR E 242 -2.16 -20.79 -15.97
N GLY E 243 -2.81 -20.92 -14.83
CA GLY E 243 -3.81 -19.95 -14.43
C GLY E 243 -5.15 -20.61 -14.20
N ARG E 244 -6.08 -19.81 -13.68
CA ARG E 244 -7.44 -20.26 -13.44
C ARG E 244 -8.10 -20.64 -14.75
N LEU E 245 -8.49 -21.91 -14.88
CA LEU E 245 -8.89 -22.43 -16.17
C LEU E 245 -10.28 -21.94 -16.55
N ARG E 246 -10.38 -21.23 -17.67
CA ARG E 246 -11.63 -20.64 -18.14
C ARG E 246 -12.06 -21.35 -19.40
N GLY E 247 -13.19 -22.03 -19.34
CA GLY E 247 -13.69 -22.78 -20.47
C GLY E 247 -13.25 -24.23 -20.44
N THR E 248 -13.15 -24.81 -21.62
CA THR E 248 -12.71 -26.20 -21.75
C THR E 248 -11.29 -26.31 -22.31
N SER F 1 25.12 14.59 35.32
CA SER F 1 23.79 15.13 35.09
C SER F 1 23.09 15.28 36.41
N HIS F 2 22.27 16.32 36.52
CA HIS F 2 21.63 16.65 37.78
C HIS F 2 20.54 15.65 38.12
N ARG F 3 20.02 15.78 39.32
CA ARG F 3 18.89 14.98 39.74
C ARG F 3 17.61 15.59 39.18
N LYS F 4 16.73 14.74 38.65
CA LYS F 4 15.53 15.23 37.98
C LYS F 4 14.64 16.01 38.92
N PHE F 5 14.18 15.38 39.99
CA PHE F 5 13.29 15.99 40.95
C PHE F 5 14.02 16.16 42.26
N SER F 6 13.99 17.37 42.81
CA SER F 6 14.70 17.62 44.07
C SER F 6 14.03 16.88 45.21
N ALA F 7 14.81 16.62 46.24
CA ALA F 7 14.33 15.98 47.45
C ALA F 7 15.32 16.28 48.57
N PRO F 8 14.85 16.64 49.76
CA PRO F 8 15.75 16.85 50.88
C PRO F 8 16.45 15.55 51.25
N ARG F 9 17.68 15.67 51.75
CA ARG F 9 18.45 14.48 52.07
C ARG F 9 17.82 13.74 53.24
N HIS F 10 18.25 12.49 53.43
CA HIS F 10 17.72 11.63 54.47
C HIS F 10 18.59 11.72 55.70
N GLY F 11 17.99 12.05 56.83
CA GLY F 11 18.72 12.10 58.07
C GLY F 11 19.64 13.30 58.19
N SER F 12 19.93 13.71 59.41
CA SER F 12 20.80 14.84 59.65
C SER F 12 22.24 14.36 59.81
N LEU F 13 23.16 15.14 59.25
CA LEU F 13 24.57 14.92 59.50
C LEU F 13 25.05 15.59 60.77
N GLY F 14 24.18 16.34 61.46
CA GLY F 14 24.57 16.94 62.71
C GLY F 14 24.70 15.97 63.85
N PHE F 15 24.17 14.75 63.68
CA PHE F 15 24.30 13.68 64.66
C PHE F 15 25.16 12.56 64.13
N LEU F 16 26.18 12.87 63.37
CA LEU F 16 26.66 11.94 62.37
C LEU F 16 27.35 10.69 62.90
N PRO F 17 28.33 10.76 63.80
CA PRO F 17 29.00 9.52 64.18
C PRO F 17 28.05 8.63 64.94
N ARG F 18 27.12 8.02 64.20
CA ARG F 18 26.08 7.21 64.82
C ARG F 18 26.67 5.92 65.33
N LYS F 19 27.36 6.02 66.46
CA LYS F 19 28.04 4.89 67.07
C LYS F 19 27.47 4.69 68.47
N ARG F 20 27.73 3.53 69.03
CA ARG F 20 27.37 3.29 70.41
C ARG F 20 28.02 4.34 71.29
N SER F 21 27.22 4.99 72.13
CA SER F 21 27.75 6.01 73.02
C SER F 21 28.84 5.42 73.91
N SER F 22 29.94 6.16 74.03
CA SER F 22 30.99 5.72 74.93
C SER F 22 30.58 5.81 76.39
N ARG F 23 29.47 6.46 76.69
CA ARG F 23 28.98 6.61 78.04
C ARG F 23 27.62 5.96 78.15
N HIS F 24 27.32 5.41 79.32
CA HIS F 24 25.98 4.93 79.60
C HIS F 24 25.13 5.96 80.31
N ARG F 25 25.75 6.82 81.09
CA ARG F 25 25.04 7.90 81.77
C ARG F 25 25.15 9.17 80.93
N GLY F 26 24.04 9.87 80.80
CA GLY F 26 24.03 11.11 80.04
C GLY F 26 24.99 12.15 80.58
N LYS F 27 25.79 12.72 79.70
CA LYS F 27 26.79 13.73 80.06
C LYS F 27 26.27 15.11 79.75
N VAL F 28 26.37 16.03 80.71
CA VAL F 28 26.02 17.41 80.47
C VAL F 28 27.17 18.06 79.70
N LYS F 29 26.98 18.26 78.40
CA LYS F 29 28.03 18.86 77.60
C LYS F 29 28.25 20.33 77.96
N SER F 30 27.21 21.00 78.44
CA SER F 30 27.32 22.41 78.78
C SER F 30 26.33 22.75 79.88
N PHE F 31 26.80 23.36 80.90
CA PHE F 31 25.98 23.86 81.98
C PHE F 31 25.55 25.29 81.71
N PRO F 32 24.45 25.75 82.30
CA PRO F 32 24.03 27.14 82.11
C PRO F 32 25.08 28.09 82.64
N LYS F 33 25.35 29.14 81.88
CA LYS F 33 26.29 30.15 82.33
C LYS F 33 25.74 30.86 83.56
N ASP F 34 26.62 31.14 84.51
CA ASP F 34 26.18 31.65 85.79
C ASP F 34 26.39 33.15 85.89
N ASP F 35 25.74 33.74 86.88
CA ASP F 35 25.90 35.16 87.19
C ASP F 35 25.83 35.36 88.70
N PRO F 36 26.77 36.09 89.27
CA PRO F 36 26.79 36.29 90.72
C PRO F 36 25.56 36.96 91.30
N SER F 37 24.65 37.40 90.45
CA SER F 37 23.43 38.05 90.94
C SER F 37 22.52 37.05 91.66
N LYS F 38 22.41 35.84 91.13
CA LYS F 38 21.45 34.89 91.66
C LYS F 38 21.99 34.21 92.90
N PRO F 39 21.12 33.63 93.72
CA PRO F 39 21.59 32.79 94.82
C PRO F 39 22.15 31.48 94.32
N VAL F 40 23.07 30.91 95.10
CA VAL F 40 23.70 29.66 94.70
C VAL F 40 22.66 28.56 94.60
N HIS F 41 22.83 27.68 93.62
CA HIS F 41 21.86 26.63 93.35
C HIS F 41 22.52 25.62 92.44
N LEU F 42 22.10 24.36 92.57
CA LEU F 42 22.55 23.35 91.63
C LEU F 42 21.88 23.56 90.28
N THR F 43 22.44 22.94 89.26
CA THR F 43 21.99 23.14 87.90
C THR F 43 21.58 21.86 87.20
N ALA F 44 21.71 20.71 87.85
CA ALA F 44 21.32 19.46 87.21
C ALA F 44 20.99 18.44 88.27
N PHE F 45 20.27 17.41 87.86
CA PHE F 45 19.89 16.31 88.72
C PHE F 45 19.98 15.03 87.91
N LEU F 46 19.71 13.91 88.54
CA LEU F 46 19.97 12.61 87.93
C LEU F 46 18.83 11.67 88.33
N GLY F 47 18.04 11.25 87.35
CA GLY F 47 16.88 10.42 87.62
C GLY F 47 16.82 9.18 86.76
N TYR F 48 15.74 8.40 86.90
CA TYR F 48 15.62 7.12 86.22
C TYR F 48 14.25 7.01 85.58
N LYS F 49 14.21 6.69 84.29
CA LYS F 49 12.97 6.61 83.55
C LYS F 49 12.10 5.47 84.07
N ALA F 50 10.97 5.81 84.68
CA ALA F 50 10.06 4.80 85.21
C ALA F 50 9.07 4.32 84.16
N GLY F 51 8.29 5.22 83.60
CA GLY F 51 7.31 4.84 82.61
C GLY F 51 6.55 6.04 82.11
N MET F 52 5.45 5.79 81.44
CA MET F 52 4.61 6.83 80.86
C MET F 52 3.17 6.58 81.26
N THR F 53 2.36 7.64 81.16
CA THR F 53 0.94 7.57 81.46
C THR F 53 0.24 8.83 80.97
N HIS F 54 -1.09 8.88 81.09
CA HIS F 54 -1.82 10.05 80.63
C HIS F 54 -1.77 11.19 81.63
N ILE F 55 -2.53 12.23 81.34
CA ILE F 55 -2.78 13.32 82.26
C ILE F 55 -3.98 14.05 81.70
N VAL F 56 -4.73 14.75 82.55
CA VAL F 56 -5.83 15.58 82.10
C VAL F 56 -5.70 16.94 82.77
N ARG F 57 -5.74 17.99 81.97
CA ARG F 57 -5.62 19.34 82.49
C ARG F 57 -6.40 20.27 81.58
N GLU F 58 -6.73 21.43 82.11
CA GLU F 58 -7.51 22.43 81.37
C GLU F 58 -6.56 23.48 80.83
N VAL F 59 -6.39 23.50 79.50
CA VAL F 59 -5.45 24.42 78.87
C VAL F 59 -5.94 25.84 79.05
N ASP F 60 -5.01 26.76 79.30
CA ASP F 60 -5.32 28.16 79.52
C ASP F 60 -4.52 29.06 78.60
N ARG F 61 -4.47 28.74 77.31
CA ARG F 61 -3.85 29.66 76.36
C ARG F 61 -4.95 30.41 75.62
N PRO F 62 -5.05 31.73 75.79
CA PRO F 62 -6.12 32.47 75.12
C PRO F 62 -5.95 32.46 73.61
N GLY F 63 -7.06 32.70 72.93
CA GLY F 63 -7.03 32.79 71.48
C GLY F 63 -6.81 31.48 70.77
N SER F 64 -6.87 30.37 71.48
CA SER F 64 -6.67 29.06 70.88
C SER F 64 -7.99 28.30 70.84
N LYS F 65 -8.04 27.31 69.95
CA LYS F 65 -9.22 26.47 69.83
C LYS F 65 -9.42 25.57 71.03
N VAL F 66 -8.40 25.40 71.86
CA VAL F 66 -8.45 24.48 72.98
C VAL F 66 -8.44 25.24 74.30
N ASN F 67 -8.66 26.54 74.26
CA ASN F 67 -8.64 27.35 75.47
C ASN F 67 -9.81 26.98 76.37
N LYS F 68 -9.51 26.79 77.65
CA LYS F 68 -10.51 26.41 78.66
C LYS F 68 -11.21 25.11 78.30
N LYS F 69 -10.46 24.19 77.70
CA LYS F 69 -10.92 22.83 77.48
C LYS F 69 -9.94 21.88 78.15
N GLU F 70 -10.34 20.63 78.30
CA GLU F 70 -9.49 19.63 78.91
C GLU F 70 -8.82 18.82 77.81
N VAL F 71 -7.55 18.46 78.02
CA VAL F 71 -6.78 17.70 77.05
C VAL F 71 -6.13 16.52 77.75
N VAL F 72 -5.84 15.50 76.97
CA VAL F 72 -5.09 14.34 77.43
C VAL F 72 -3.67 14.45 76.89
N GLU F 73 -2.70 14.38 77.80
CA GLU F 73 -1.31 14.55 77.44
C GLU F 73 -0.49 13.40 77.99
N ALA F 74 0.46 12.94 77.20
CA ALA F 74 1.33 11.85 77.59
C ALA F 74 2.47 12.40 78.42
N VAL F 75 2.64 11.87 79.61
CA VAL F 75 3.69 12.33 80.52
C VAL F 75 4.62 11.18 80.81
N THR F 76 5.84 11.51 81.24
CA THR F 76 6.86 10.53 81.56
C THR F 76 7.24 10.68 83.02
N ILE F 77 7.23 9.58 83.76
CA ILE F 77 7.58 9.59 85.17
C ILE F 77 9.06 9.25 85.29
N VAL F 78 9.79 10.09 86.00
CA VAL F 78 11.22 9.90 86.23
C VAL F 78 11.41 9.84 87.74
N GLU F 79 11.74 8.66 88.25
CA GLU F 79 11.95 8.50 89.69
C GLU F 79 13.27 9.12 90.08
N THR F 80 13.23 10.15 90.94
CA THR F 80 14.41 10.90 91.35
C THR F 80 14.50 10.90 92.87
N PRO F 81 15.07 9.85 93.46
CA PRO F 81 15.42 9.92 94.87
C PRO F 81 16.47 10.97 95.11
N PRO F 82 16.54 11.54 96.31
CA PRO F 82 17.51 12.61 96.56
C PRO F 82 18.94 12.13 96.36
N MET F 83 19.81 13.05 95.98
CA MET F 83 21.23 12.77 95.79
C MET F 83 22.01 13.27 96.98
N VAL F 84 23.26 12.81 97.09
CA VAL F 84 24.11 13.14 98.22
C VAL F 84 25.44 13.66 97.69
N VAL F 85 25.83 14.83 98.18
CA VAL F 85 27.11 15.42 97.78
C VAL F 85 28.23 14.68 98.48
N VAL F 86 29.18 14.17 97.71
CA VAL F 86 30.33 13.45 98.25
C VAL F 86 31.65 14.08 97.87
N GLY F 87 31.63 15.33 97.45
CA GLY F 87 32.87 16.00 97.11
C GLY F 87 32.64 17.13 96.15
N ILE F 88 33.59 18.05 96.11
CA ILE F 88 33.55 19.20 95.22
C ILE F 88 34.83 19.20 94.40
N VAL F 89 34.82 20.01 93.35
CA VAL F 89 35.95 20.05 92.42
C VAL F 89 36.00 21.44 91.80
N GLY F 90 37.20 22.01 91.75
CA GLY F 90 37.37 23.32 91.16
C GLY F 90 38.00 23.27 89.79
N TYR F 91 37.79 24.33 89.03
CA TYR F 91 38.25 24.38 87.65
C TYR F 91 38.86 25.76 87.42
N VAL F 92 40.12 25.79 87.08
CA VAL F 92 40.78 27.05 86.71
C VAL F 92 40.50 27.32 85.24
N GLU F 93 40.47 28.59 84.87
CA GLU F 93 40.19 29.01 83.50
C GLU F 93 41.50 29.22 82.78
N THR F 94 41.79 28.39 81.79
CA THR F 94 43.05 28.45 81.07
C THR F 94 42.82 28.85 79.62
N PRO F 95 43.84 29.38 78.94
CA PRO F 95 43.72 29.60 77.49
C PRO F 95 43.62 28.33 76.68
N ARG F 96 43.87 27.18 77.28
CA ARG F 96 43.66 25.91 76.62
C ARG F 96 42.32 25.28 76.96
N GLY F 97 41.50 25.97 77.75
CA GLY F 97 40.20 25.44 78.10
C GLY F 97 39.92 25.54 79.58
N LEU F 98 39.31 24.50 80.12
CA LEU F 98 38.96 24.41 81.53
C LEU F 98 39.74 23.25 82.13
N ARG F 99 40.72 23.55 82.96
CA ARG F 99 41.54 22.53 83.59
C ARG F 99 41.05 22.32 85.01
N THR F 100 40.81 21.07 85.38
CA THR F 100 40.40 20.76 86.73
C THR F 100 41.54 21.06 87.69
N PHE F 101 41.25 21.86 88.71
CA PHE F 101 42.30 22.37 89.58
C PHE F 101 42.55 21.41 90.75
N LYS F 102 41.50 21.09 91.50
CA LYS F 102 41.68 20.30 92.70
C LYS F 102 40.37 19.64 93.08
N THR F 103 40.44 18.39 93.53
CA THR F 103 39.28 17.62 93.95
C THR F 103 39.38 17.36 95.44
N VAL F 104 38.27 17.50 96.15
CA VAL F 104 38.19 17.19 97.56
C VAL F 104 36.94 16.37 97.80
N PHE F 105 37.11 15.15 98.31
CA PHE F 105 35.98 14.28 98.59
C PHE F 105 35.56 14.45 100.06
N ALA F 106 34.40 13.90 100.38
CA ALA F 106 33.90 13.91 101.73
C ALA F 106 34.65 12.91 102.59
N GLU F 107 34.48 13.02 103.89
CA GLU F 107 35.19 12.14 104.81
C GLU F 107 34.71 10.71 104.68
N HIS F 108 33.40 10.49 104.80
CA HIS F 108 32.82 9.16 104.82
C HIS F 108 31.91 8.98 103.62
N ILE F 109 32.30 8.14 102.70
CA ILE F 109 31.54 7.88 101.50
C ILE F 109 30.74 6.59 101.67
N SER F 110 29.51 6.60 101.19
CA SER F 110 28.67 5.42 101.27
C SER F 110 29.22 4.30 100.38
N ASP F 111 28.96 3.06 100.78
CA ASP F 111 29.45 1.93 100.01
C ASP F 111 28.86 1.89 98.61
N GLU F 112 27.60 2.32 98.46
CA GLU F 112 26.99 2.31 97.13
C GLU F 112 27.73 3.22 96.17
N CYS F 113 28.32 4.30 96.69
CA CYS F 113 29.16 5.14 95.86
C CYS F 113 30.54 4.52 95.66
N LYS F 114 31.04 3.81 96.68
CA LYS F 114 32.33 3.13 96.52
C LYS F 114 32.24 2.03 95.49
N ARG F 115 31.04 1.48 95.26
CA ARG F 115 30.86 0.50 94.20
C ARG F 115 31.32 1.03 92.86
N ARG F 116 31.16 2.33 92.63
CA ARG F 116 31.49 2.91 91.34
C ARG F 116 32.98 2.80 91.04
N PHE F 117 33.81 2.77 92.07
CA PHE F 117 35.25 2.73 91.89
C PHE F 117 35.79 1.33 91.69
N TYR F 118 34.96 0.36 91.34
CA TYR F 118 35.42 -1.01 91.17
C TYR F 118 34.73 -1.65 89.99
N LYS F 119 35.45 -2.54 89.32
CA LYS F 119 34.85 -3.36 88.30
C LYS F 119 34.33 -4.68 88.84
N ASN F 120 34.85 -5.13 89.98
CA ASN F 120 34.42 -6.37 90.62
C ASN F 120 34.37 -6.12 92.12
N TRP F 121 33.19 -5.77 92.63
CA TRP F 121 33.02 -5.54 94.05
C TRP F 121 33.14 -6.83 94.85
N HIS F 122 32.82 -7.97 94.25
CA HIS F 122 32.85 -9.23 94.97
C HIS F 122 34.28 -9.68 95.26
N LYS F 123 35.19 -9.45 94.32
CA LYS F 123 36.57 -9.86 94.49
C LYS F 123 37.40 -8.84 95.24
N SER F 124 37.02 -7.57 95.22
CA SER F 124 37.84 -6.53 95.79
C SER F 124 37.91 -6.63 97.31
N LYS F 125 38.87 -5.93 97.89
CA LYS F 125 38.96 -5.78 99.33
C LYS F 125 38.31 -4.51 99.83
N LYS F 126 37.74 -3.70 98.93
CA LYS F 126 37.02 -2.48 99.28
C LYS F 126 37.92 -1.54 100.08
N LYS F 127 39.02 -1.16 99.46
CA LYS F 127 40.02 -0.33 100.10
C LYS F 127 40.01 1.11 99.62
N ALA F 128 39.08 1.46 98.74
CA ALA F 128 39.08 2.80 98.16
C ALA F 128 38.78 3.84 99.22
N PHE F 129 39.52 4.95 99.17
CA PHE F 129 39.38 6.08 100.09
C PHE F 129 39.62 5.69 101.54
N THR F 130 40.22 4.53 101.80
CA THR F 130 40.46 4.15 103.19
C THR F 130 41.61 4.94 103.79
N LYS F 131 42.66 5.19 103.02
CA LYS F 131 43.73 6.04 103.49
C LYS F 131 43.46 7.51 103.26
N TYR F 132 42.50 7.84 102.39
CA TYR F 132 42.06 9.22 102.27
C TYR F 132 41.20 9.62 103.46
N CYS F 133 40.40 8.69 103.95
CA CYS F 133 39.56 8.92 105.11
C CYS F 133 40.34 9.32 106.34
N LYS F 134 41.63 8.98 106.40
CA LYS F 134 42.46 9.28 107.56
C LYS F 134 42.92 10.74 107.59
N LYS F 135 42.49 11.56 106.63
CA LYS F 135 42.91 12.95 106.56
C LYS F 135 41.92 13.89 107.24
N TRP F 136 41.04 13.38 108.09
CA TRP F 136 40.08 14.21 108.78
C TRP F 136 40.08 14.03 110.29
N GLN F 137 40.90 13.13 110.81
CA GLN F 137 41.02 12.95 112.25
C GLN F 137 42.38 13.37 112.78
N ASP F 138 43.30 13.79 111.91
CA ASP F 138 44.58 14.32 112.31
C ASP F 138 44.63 15.80 111.95
N ASP F 139 45.20 16.61 112.83
CA ASP F 139 45.29 18.04 112.58
C ASP F 139 46.15 18.34 111.36
N ALA F 140 47.22 17.57 111.16
CA ALA F 140 48.07 17.77 109.99
C ALA F 140 47.29 17.57 108.70
N GLY F 141 46.39 16.60 108.68
CA GLY F 141 45.57 16.41 107.50
C GLY F 141 44.57 17.54 107.30
N LYS F 142 43.80 17.85 108.34
CA LYS F 142 42.80 18.90 108.22
C LYS F 142 43.45 20.25 107.93
N ARG F 143 44.64 20.51 108.49
CA ARG F 143 45.35 21.72 108.14
C ARG F 143 45.78 21.73 106.69
N GLN F 144 45.75 20.59 106.01
CA GLN F 144 45.96 20.58 104.57
C GLN F 144 44.66 20.79 103.80
N LEU F 145 43.55 20.29 104.34
CA LEU F 145 42.27 20.39 103.65
C LEU F 145 41.87 21.84 103.44
N ASP F 146 41.90 22.65 104.51
CA ASP F 146 41.52 24.04 104.36
C ASP F 146 42.49 24.79 103.46
N LYS F 147 43.76 24.36 103.43
CA LYS F 147 44.67 24.97 102.46
C LYS F 147 44.29 24.62 101.03
N ASP F 148 43.57 23.51 100.84
CA ASP F 148 43.02 23.22 99.53
C ASP F 148 41.77 24.05 99.25
N PHE F 149 40.93 24.26 100.27
CA PHE F 149 39.74 25.07 100.07
C PHE F 149 40.11 26.53 99.88
N SER F 150 41.00 27.05 100.73
CA SER F 150 41.46 28.42 100.56
C SER F 150 42.11 28.62 99.20
N SER F 151 42.82 27.63 98.69
CA SER F 151 43.42 27.76 97.37
C SER F 151 42.36 27.81 96.28
N MET F 152 41.30 27.02 96.41
CA MET F 152 40.21 27.09 95.45
C MET F 152 39.42 28.39 95.57
N LYS F 153 39.49 29.06 96.73
CA LYS F 153 38.89 30.38 96.85
C LYS F 153 39.65 31.42 96.04
N LYS F 154 40.89 31.15 95.68
CA LYS F 154 41.72 32.11 94.96
C LYS F 154 41.75 31.84 93.46
N TYR F 155 41.94 30.60 93.05
CA TYR F 155 42.28 30.32 91.67
C TYR F 155 41.17 29.66 90.88
N CYS F 156 40.16 29.10 91.53
CA CYS F 156 39.12 28.39 90.82
C CYS F 156 38.06 29.36 90.31
N GLN F 157 37.60 29.12 89.09
CA GLN F 157 36.59 29.98 88.46
C GLN F 157 35.20 29.37 88.54
N VAL F 158 35.05 28.13 88.10
CA VAL F 158 33.78 27.42 88.16
C VAL F 158 33.95 26.23 89.08
N ILE F 159 32.94 25.98 89.90
CA ILE F 159 33.01 25.00 90.97
C ILE F 159 31.86 24.02 90.78
N ARG F 160 32.18 22.73 90.75
CA ARG F 160 31.19 21.69 90.64
C ARG F 160 31.20 20.85 91.89
N VAL F 161 30.14 20.07 92.08
CA VAL F 161 30.04 19.17 93.22
C VAL F 161 29.87 17.76 92.69
N LEU F 162 30.44 16.81 93.42
CA LEU F 162 30.30 15.40 93.09
C LEU F 162 29.14 14.84 93.90
N ALA F 163 28.05 14.53 93.23
CA ALA F 163 26.89 13.94 93.87
C ALA F 163 26.64 12.57 93.26
N HIS F 164 25.94 11.72 93.98
CA HIS F 164 25.59 10.41 93.45
C HIS F 164 24.21 10.00 93.93
N THR F 165 23.58 9.15 93.14
CA THR F 165 22.27 8.64 93.47
C THR F 165 22.36 7.61 94.58
N GLN F 166 21.20 7.22 95.10
CA GLN F 166 21.10 6.21 96.15
C GLN F 166 20.39 5.00 95.57
N MET F 167 21.18 4.02 95.13
CA MET F 167 20.64 2.86 94.44
C MET F 167 19.78 2.01 95.38
N ARG F 168 20.07 2.06 96.68
CA ARG F 168 19.35 1.27 97.67
C ARG F 168 17.85 1.57 97.62
N LEU F 169 17.48 2.82 97.37
CA LEU F 169 16.08 3.19 97.34
C LEU F 169 15.39 2.85 96.02
N LEU F 170 16.09 2.36 95.10
CA LEU F 170 15.44 2.08 93.83
C LEU F 170 15.08 0.60 93.72
N PRO F 171 14.01 0.27 92.99
CA PRO F 171 13.69 -1.13 92.73
C PRO F 171 14.58 -1.79 91.70
N LEU F 172 15.66 -1.13 91.28
CA LEU F 172 16.51 -1.67 90.22
C LEU F 172 17.36 -2.81 90.76
N ARG F 173 17.90 -3.59 89.82
CA ARG F 173 18.74 -4.71 90.18
C ARG F 173 20.09 -4.26 90.70
N GLN F 174 20.70 -3.27 90.04
CA GLN F 174 22.05 -2.91 90.39
C GLN F 174 22.09 -2.10 91.69
N LYS F 175 23.27 -2.09 92.29
CA LYS F 175 23.51 -1.34 93.51
C LYS F 175 24.63 -0.32 93.35
N LYS F 176 25.36 -0.36 92.26
CA LYS F 176 26.44 0.59 92.01
C LYS F 176 25.84 1.95 91.66
N ALA F 177 26.14 2.96 92.48
CA ALA F 177 25.55 4.27 92.29
C ALA F 177 26.14 4.95 91.05
N HIS F 178 25.54 6.08 90.68
CA HIS F 178 25.97 6.88 89.54
C HIS F 178 26.56 8.17 90.05
N LEU F 179 27.86 8.36 89.86
CA LEU F 179 28.49 9.62 90.22
C LEU F 179 28.27 10.66 89.12
N MET F 180 28.40 11.93 89.49
CA MET F 180 28.13 13.01 88.56
C MET F 180 28.70 14.30 89.12
N GLU F 181 29.10 15.19 88.22
CA GLU F 181 29.52 16.54 88.58
C GLU F 181 28.40 17.50 88.22
N ILE F 182 27.91 18.23 89.21
CA ILE F 182 26.84 19.21 89.03
C ILE F 182 27.43 20.59 89.30
N GLN F 183 27.45 21.43 88.26
CA GLN F 183 27.99 22.77 88.41
C GLN F 183 27.11 23.61 89.32
N VAL F 184 27.74 24.38 90.18
CA VAL F 184 27.04 25.25 91.12
C VAL F 184 27.04 26.65 90.50
N ASN F 185 25.91 27.05 89.94
CA ASN F 185 25.73 28.41 89.46
C ASN F 185 25.17 29.26 90.58
N GLY F 186 25.77 30.43 90.79
CA GLY F 186 25.33 31.29 91.86
C GLY F 186 26.21 32.50 92.07
N GLY F 187 26.44 32.86 93.33
CA GLY F 187 27.19 34.05 93.65
C GLY F 187 28.68 33.91 93.42
N THR F 188 29.48 34.72 94.11
CA THR F 188 30.92 34.66 93.94
C THR F 188 31.45 33.31 94.42
N VAL F 189 32.63 32.95 93.91
CA VAL F 189 33.23 31.65 94.19
C VAL F 189 33.36 31.40 95.68
N ALA F 190 33.66 32.45 96.45
CA ALA F 190 33.77 32.32 97.90
C ALA F 190 32.48 31.78 98.49
N GLU F 191 31.37 32.51 98.35
CA GLU F 191 30.10 32.02 98.85
C GLU F 191 29.61 30.81 98.06
N LYS F 192 30.10 30.62 96.83
CA LYS F 192 29.73 29.45 96.07
C LYS F 192 30.37 28.20 96.65
N LEU F 193 31.58 28.34 97.19
CA LEU F 193 32.32 27.19 97.68
C LEU F 193 31.88 26.79 99.08
N ASP F 194 31.66 27.76 99.97
CA ASP F 194 31.27 27.41 101.33
C ASP F 194 29.87 26.84 101.39
N TRP F 195 29.01 27.22 100.44
CA TRP F 195 27.70 26.59 100.36
C TRP F 195 27.81 25.10 100.12
N ALA F 196 28.72 24.69 99.24
CA ALA F 196 28.92 23.27 98.98
C ALA F 196 29.69 22.62 100.13
N ARG F 197 30.56 23.37 100.78
CA ARG F 197 31.35 22.81 101.87
C ARG F 197 30.48 22.30 103.00
N GLU F 198 29.35 22.96 103.27
CA GLU F 198 28.45 22.52 104.31
C GLU F 198 27.39 21.55 103.80
N ARG F 199 27.09 21.59 102.51
CA ARG F 199 26.21 20.58 101.92
C ARG F 199 26.85 19.25 101.76
N LEU F 200 28.10 19.10 102.20
CA LEU F 200 28.84 17.88 101.96
C LEU F 200 28.26 16.74 102.80
N GLU F 201 28.14 15.56 102.21
CA GLU F 201 27.54 14.38 102.84
C GLU F 201 26.08 14.57 103.19
N GLN F 202 25.38 15.51 102.56
CA GLN F 202 23.99 15.76 102.86
C GLN F 202 23.11 15.33 101.69
N GLN F 203 21.82 15.18 101.98
CA GLN F 203 20.84 14.87 100.96
C GLN F 203 20.54 16.12 100.14
N VAL F 204 20.19 15.93 98.88
CA VAL F 204 19.68 17.03 98.06
C VAL F 204 18.45 16.53 97.32
N PRO F 205 17.26 16.84 97.80
CA PRO F 205 16.05 16.43 97.07
C PRO F 205 15.88 17.22 95.79
N VAL F 206 15.13 16.65 94.85
CA VAL F 206 14.95 17.27 93.56
C VAL F 206 14.18 18.57 93.68
N SER F 207 13.35 18.69 94.71
CA SER F 207 12.61 19.93 94.91
C SER F 207 13.52 21.12 95.15
N GLN F 208 14.78 20.90 95.55
CA GLN F 208 15.73 21.99 95.66
C GLN F 208 16.22 22.46 94.31
N VAL F 209 16.31 21.57 93.34
CA VAL F 209 16.92 21.89 92.05
C VAL F 209 15.88 22.50 91.14
N PHE F 210 14.79 21.79 90.93
CA PHE F 210 13.73 22.24 90.04
C PHE F 210 12.49 22.66 90.81
N GLY F 211 11.62 23.39 90.12
CA GLY F 211 10.30 23.67 90.61
C GLY F 211 9.27 23.24 89.59
N GLN F 212 8.01 23.36 89.97
CA GLN F 212 6.96 22.98 89.04
C GLN F 212 6.89 23.96 87.88
N ASP F 213 6.35 23.48 86.77
CA ASP F 213 6.06 24.30 85.60
C ASP F 213 7.31 24.96 85.06
N GLU F 214 8.41 24.22 85.03
CA GLU F 214 9.71 24.71 84.63
C GLU F 214 10.21 23.91 83.44
N MET F 215 10.78 24.62 82.46
CA MET F 215 11.34 23.97 81.29
C MET F 215 12.73 23.45 81.61
N ILE F 216 12.96 22.17 81.31
CA ILE F 216 14.25 21.54 81.59
C ILE F 216 14.70 20.76 80.36
N ASP F 217 15.96 20.37 80.39
CA ASP F 217 16.56 19.59 79.32
C ASP F 217 16.78 18.18 79.82
N VAL F 218 16.58 17.19 78.96
CA VAL F 218 16.76 15.79 79.32
C VAL F 218 17.92 15.24 78.51
N ILE F 219 18.91 14.71 79.21
CA ILE F 219 20.12 14.17 78.58
C ILE F 219 20.24 12.71 78.95
N GLY F 220 20.28 11.85 77.95
CA GLY F 220 20.40 10.44 78.20
C GLY F 220 20.83 9.71 76.95
N VAL F 221 20.86 8.40 77.03
CA VAL F 221 21.28 7.56 75.92
C VAL F 221 20.05 6.91 75.31
N THR F 222 19.93 7.02 74.00
CA THR F 222 18.80 6.49 73.26
C THR F 222 18.68 4.98 73.48
N LYS F 223 17.45 4.48 73.33
CA LYS F 223 17.22 3.05 73.39
C LYS F 223 17.90 2.36 72.21
N GLY F 224 18.80 1.43 72.51
CA GLY F 224 19.60 0.83 71.47
C GLY F 224 18.85 -0.20 70.66
N LYS F 225 19.23 -0.32 69.38
CA LYS F 225 18.56 -1.24 68.48
C LYS F 225 19.52 -2.07 67.65
N GLY F 226 20.81 -2.05 67.94
CA GLY F 226 21.70 -2.97 67.27
C GLY F 226 22.02 -2.57 65.83
N TYR F 227 22.49 -3.55 65.10
CA TYR F 227 22.88 -3.35 63.71
C TYR F 227 21.65 -3.23 62.83
N LYS F 228 21.57 -2.16 62.05
CA LYS F 228 20.39 -1.90 61.24
C LYS F 228 20.79 -1.47 59.85
N GLY F 229 19.99 -1.85 58.87
CA GLY F 229 20.21 -1.46 57.49
C GLY F 229 19.85 -0.02 57.24
N VAL F 230 20.04 0.41 55.99
CA VAL F 230 19.84 1.80 55.67
C VAL F 230 18.36 2.18 55.76
N THR F 231 17.47 1.23 55.49
CA THR F 231 16.05 1.55 55.50
C THR F 231 15.58 1.86 56.91
N SER F 232 16.16 1.23 57.92
CA SER F 232 15.76 1.51 59.29
C SER F 232 16.62 2.58 59.93
N ARG F 233 17.87 2.69 59.53
CA ARG F 233 18.80 3.62 60.16
C ARG F 233 18.69 5.01 59.58
N TRP F 234 18.34 5.15 58.31
CA TRP F 234 18.22 6.43 57.67
C TRP F 234 16.87 6.68 57.01
N HIS F 235 16.01 5.68 56.93
CA HIS F 235 14.68 5.81 56.33
C HIS F 235 14.77 6.28 54.88
N THR F 236 15.41 5.45 54.07
CA THR F 236 15.43 5.65 52.63
C THR F 236 14.26 4.89 52.01
N LYS F 237 14.11 5.03 50.70
CA LYS F 237 13.06 4.30 50.01
C LYS F 237 13.43 2.84 49.89
N LYS F 238 12.45 1.98 50.06
CA LYS F 238 12.61 0.59 49.65
C LYS F 238 12.56 0.53 48.14
N LEU F 239 13.54 -0.10 47.53
CA LEU F 239 13.55 -0.26 46.09
C LEU F 239 12.38 -1.15 45.67
N PRO F 240 11.96 -1.09 44.41
CA PRO F 240 10.81 -1.87 43.98
C PRO F 240 11.03 -3.37 44.13
N ARG F 241 9.93 -4.10 44.05
CA ARG F 241 9.94 -5.53 44.35
C ARG F 241 10.83 -6.32 43.39
N LYS F 242 11.01 -5.84 42.17
CA LYS F 242 11.75 -6.61 41.17
C LYS F 242 13.25 -6.61 41.41
N THR F 243 13.75 -5.83 42.37
CA THR F 243 15.18 -5.68 42.57
C THR F 243 15.83 -7.03 42.85
N HIS F 244 17.03 -7.23 42.31
CA HIS F 244 17.68 -8.54 42.32
C HIS F 244 18.51 -8.76 43.58
N ARG F 245 19.46 -7.90 43.86
CA ARG F 245 20.32 -8.10 45.01
C ARG F 245 19.69 -7.65 46.30
N GLY F 246 18.38 -7.48 46.35
CA GLY F 246 17.74 -7.02 47.56
C GLY F 246 17.33 -5.57 47.45
N LEU F 247 16.22 -5.26 48.11
CA LEU F 247 15.58 -3.96 47.92
C LEU F 247 15.68 -3.03 49.12
N ARG F 248 16.18 -3.50 50.25
CA ARG F 248 16.35 -2.61 51.40
C ARG F 248 17.75 -2.00 51.43
N LYS F 249 18.16 -1.43 50.30
CA LYS F 249 19.49 -0.87 50.15
C LYS F 249 19.38 0.52 49.57
N VAL F 250 20.52 1.17 49.43
CA VAL F 250 20.63 2.43 48.70
C VAL F 250 21.21 2.07 47.34
N ALA F 251 20.47 2.39 46.28
CA ALA F 251 20.85 1.97 44.95
C ALA F 251 22.19 2.56 44.53
N CYS F 252 22.28 3.87 44.45
CA CYS F 252 23.52 4.53 44.05
C CYS F 252 24.19 5.12 45.27
N ILE F 253 25.40 4.66 45.54
CA ILE F 253 26.15 5.17 46.69
C ILE F 253 26.68 6.56 46.36
N GLY F 254 27.49 6.65 45.32
CA GLY F 254 28.05 7.92 44.90
C GLY F 254 28.24 7.94 43.40
N ALA F 255 28.74 9.08 42.92
CA ALA F 255 29.06 9.21 41.51
C ALA F 255 30.36 8.49 41.22
N TRP F 256 30.88 8.64 40.01
CA TRP F 256 32.14 8.02 39.64
C TRP F 256 33.33 8.85 40.10
N HIS F 257 33.43 10.09 39.66
CA HIS F 257 34.76 10.68 39.71
C HIS F 257 35.22 11.16 41.07
N PRO F 258 34.36 11.56 41.99
CA PRO F 258 34.82 11.59 43.38
C PRO F 258 34.99 10.15 43.82
N ALA F 259 36.12 9.55 43.43
CA ALA F 259 36.34 8.12 43.41
C ALA F 259 36.16 7.44 44.77
N ARG F 260 35.94 8.22 45.82
CA ARG F 260 35.66 7.68 47.13
C ARG F 260 34.16 7.76 47.41
N VAL F 261 33.66 6.86 48.23
CA VAL F 261 32.32 7.03 48.78
C VAL F 261 32.36 8.07 49.89
N ALA F 262 31.46 9.05 49.82
CA ALA F 262 31.50 10.16 50.75
C ALA F 262 30.94 9.77 52.11
N PHE F 263 31.21 10.62 53.10
CA PHE F 263 30.74 10.39 54.45
C PHE F 263 29.27 10.72 54.62
N SER F 264 28.65 11.36 53.63
CA SER F 264 27.27 11.78 53.74
C SER F 264 26.31 10.79 53.08
N VAL F 265 26.77 9.62 52.71
CA VAL F 265 25.94 8.60 52.11
C VAL F 265 25.47 7.64 53.19
N ALA F 266 24.22 7.22 53.11
CA ALA F 266 23.64 6.35 54.12
C ALA F 266 24.20 4.94 54.02
N ARG F 267 24.74 4.44 55.13
CA ARG F 267 25.26 3.08 55.18
C ARG F 267 24.67 2.36 56.38
N ALA F 268 24.71 1.04 56.33
CA ALA F 268 24.19 0.24 57.43
C ALA F 268 25.15 0.25 58.60
N GLY F 269 24.60 0.11 59.80
CA GLY F 269 25.44 0.10 60.98
C GLY F 269 24.61 0.21 62.23
N GLN F 270 25.24 0.65 63.30
CA GLN F 270 24.58 0.72 64.60
C GLN F 270 23.45 1.72 64.57
N LYS F 271 22.32 1.36 65.18
CA LYS F 271 21.19 2.25 65.34
C LYS F 271 20.78 2.25 66.80
N GLY F 272 20.61 3.44 67.36
CA GLY F 272 20.23 3.56 68.75
C GLY F 272 21.43 3.54 69.67
N TYR F 273 21.14 3.68 70.95
CA TYR F 273 22.16 3.81 71.99
C TYR F 273 23.08 4.99 71.69
N HIS F 274 22.51 6.07 71.18
CA HIS F 274 23.23 7.30 70.95
C HIS F 274 22.97 8.26 72.10
N HIS F 275 23.88 9.20 72.28
CA HIS F 275 23.74 10.23 73.30
C HIS F 275 22.94 11.38 72.70
N ARG F 276 21.83 11.72 73.32
CA ARG F 276 20.97 12.77 72.80
C ARG F 276 20.61 13.75 73.89
N THR F 277 20.28 14.96 73.47
CA THR F 277 19.89 16.05 74.36
C THR F 277 18.73 16.78 73.72
N GLU F 278 17.52 16.56 74.22
CA GLU F 278 16.37 17.32 73.74
C GLU F 278 15.90 18.27 74.84
N ILE F 279 15.44 19.44 74.43
CA ILE F 279 15.26 20.57 75.32
C ILE F 279 13.78 20.88 75.46
N ASN F 280 13.48 21.73 76.43
CA ASN F 280 12.14 22.28 76.66
C ASN F 280 11.12 21.16 76.91
N LYS F 281 11.40 20.40 77.95
CA LYS F 281 10.48 19.42 78.49
C LYS F 281 9.90 20.02 79.76
N LYS F 282 8.60 20.29 79.76
CA LYS F 282 7.99 21.00 80.87
C LYS F 282 7.75 20.05 82.03
N ILE F 283 7.93 20.56 83.25
CA ILE F 283 7.72 19.76 84.45
C ILE F 283 6.28 19.99 84.90
N TYR F 284 5.45 18.95 84.80
CA TYR F 284 4.06 19.09 85.21
C TYR F 284 3.91 18.95 86.71
N LYS F 285 4.66 18.05 87.33
CA LYS F 285 4.44 17.77 88.73
C LYS F 285 5.71 17.21 89.32
N ILE F 286 6.16 17.77 90.43
CA ILE F 286 7.23 17.18 91.20
C ILE F 286 6.60 16.38 92.33
N GLY F 287 6.47 15.08 92.13
CA GLY F 287 5.80 14.25 93.10
C GLY F 287 6.60 14.05 94.35
N GLN F 288 5.91 13.57 95.38
CA GLN F 288 6.49 13.32 96.69
C GLN F 288 6.42 11.84 96.99
N GLY F 289 7.50 11.31 97.53
CA GLY F 289 7.59 9.88 97.74
C GLY F 289 6.71 9.40 98.86
N TYR F 290 6.69 8.07 99.02
CA TYR F 290 6.00 7.48 100.14
C TYR F 290 6.68 7.91 101.42
N LEU F 291 5.89 8.29 102.42
CA LEU F 291 6.45 8.64 103.71
C LEU F 291 5.55 8.11 104.81
N ILE F 292 6.16 7.82 105.95
CA ILE F 292 5.45 7.29 107.11
C ILE F 292 5.03 8.48 107.97
N LYS F 293 3.81 8.42 108.50
CA LYS F 293 3.34 9.50 109.36
C LYS F 293 2.28 8.96 110.32
N ASP F 294 2.57 9.07 111.62
CA ASP F 294 1.68 8.58 112.67
C ASP F 294 1.36 7.10 112.51
N GLY F 295 2.32 6.31 112.05
CA GLY F 295 2.10 4.89 111.89
C GLY F 295 1.59 4.53 110.50
N LYS F 296 0.63 5.29 110.01
CA LYS F 296 0.15 5.10 108.65
C LYS F 296 1.11 5.76 107.67
N LEU F 297 1.18 5.20 106.47
CA LEU F 297 2.00 5.77 105.41
C LEU F 297 1.11 6.58 104.47
N ILE F 298 1.74 7.50 103.75
CA ILE F 298 1.05 8.38 102.82
C ILE F 298 1.55 8.05 101.42
N LYS F 299 0.63 7.73 100.52
CA LYS F 299 1.00 7.36 99.17
C LYS F 299 0.21 8.08 98.09
N ASN F 300 -0.74 8.94 98.45
CA ASN F 300 -1.62 9.56 97.46
C ASN F 300 -0.84 10.56 96.61
N ASN F 301 0.09 10.03 95.82
CA ASN F 301 0.88 10.87 94.93
C ASN F 301 0.04 11.39 93.76
N ALA F 302 -0.64 10.49 93.05
CA ALA F 302 -1.42 10.86 91.89
C ALA F 302 -2.71 11.58 92.25
N SER F 303 -2.91 11.91 93.52
CA SER F 303 -4.09 12.66 93.93
C SER F 303 -3.96 14.10 93.45
N THR F 304 -5.03 14.62 92.90
CA THR F 304 -5.09 16.01 92.47
C THR F 304 -6.03 16.78 93.39
N ASP F 305 -6.24 18.06 93.05
CA ASP F 305 -7.26 18.83 93.73
C ASP F 305 -8.65 18.52 93.22
N TYR F 306 -8.76 17.73 92.16
CA TYR F 306 -10.04 17.32 91.60
C TYR F 306 -10.30 15.84 91.72
N ASP F 307 -9.27 15.01 91.91
CA ASP F 307 -9.45 13.58 92.07
C ASP F 307 -9.57 13.18 93.53
N LEU F 308 -8.71 13.74 94.38
CA LEU F 308 -8.69 13.49 95.83
C LEU F 308 -8.84 12.01 96.20
N SER F 309 -8.26 11.13 95.40
CA SER F 309 -8.26 9.71 95.69
C SER F 309 -6.93 9.31 96.31
N ASP F 310 -6.96 8.21 97.06
CA ASP F 310 -5.78 7.72 97.78
C ASP F 310 -4.83 6.94 96.88
N LYS F 311 -5.01 7.00 95.56
CA LYS F 311 -4.18 6.23 94.66
C LYS F 311 -2.84 6.92 94.46
N SER F 312 -1.79 6.11 94.34
CA SER F 312 -0.45 6.61 94.12
C SER F 312 -0.17 6.75 92.62
N ILE F 313 1.04 7.20 92.31
CA ILE F 313 1.42 7.34 90.91
C ILE F 313 1.57 5.98 90.25
N ASN F 314 1.76 4.92 91.04
CA ASN F 314 1.95 3.58 90.52
C ASN F 314 0.67 3.03 89.89
N PRO F 315 0.71 2.65 88.62
CA PRO F 315 -0.44 1.98 88.02
C PRO F 315 -0.63 0.60 88.61
N LEU F 316 -1.78 0.00 88.29
CA LEU F 316 -2.06 -1.36 88.73
C LEU F 316 -1.01 -2.30 88.18
N GLY F 317 -0.41 -3.09 89.07
CA GLY F 317 0.63 -4.01 88.67
C GLY F 317 2.00 -3.42 88.51
N GLY F 318 2.21 -2.19 88.98
CA GLY F 318 3.52 -1.56 88.87
C GLY F 318 3.90 -1.18 87.46
N PHE F 319 4.90 -0.34 87.31
CA PHE F 319 5.37 0.04 85.98
C PHE F 319 6.00 -1.16 85.30
N VAL F 320 5.56 -1.43 84.07
CA VAL F 320 6.03 -2.61 83.36
C VAL F 320 7.52 -2.51 83.13
N HIS F 321 8.24 -3.59 83.44
CA HIS F 321 9.69 -3.69 83.30
C HIS F 321 10.44 -2.72 84.19
N TYR F 322 9.77 -2.01 85.09
CA TYR F 322 10.51 -1.13 85.99
C TYR F 322 10.36 -1.51 87.45
N GLY F 323 9.13 -1.52 87.95
CA GLY F 323 8.91 -1.67 89.38
C GLY F 323 7.91 -0.66 89.92
N GLU F 324 8.03 -0.33 91.21
CA GLU F 324 7.14 0.63 91.84
C GLU F 324 7.94 1.83 92.33
N VAL F 325 7.39 3.02 92.12
CA VAL F 325 8.07 4.26 92.43
C VAL F 325 7.65 4.70 93.84
N THR F 326 8.53 4.45 94.80
CA THR F 326 8.26 4.84 96.18
C THR F 326 9.02 6.08 96.62
N ASN F 327 9.78 6.70 95.73
CA ASN F 327 10.53 7.91 96.03
C ASN F 327 9.88 9.11 95.37
N ASP F 328 10.55 10.25 95.50
CA ASP F 328 10.14 11.43 94.77
C ASP F 328 10.29 11.20 93.28
N PHE F 329 9.45 11.85 92.50
CA PHE F 329 9.52 11.71 91.06
C PHE F 329 9.23 13.06 90.44
N VAL F 330 9.49 13.15 89.14
CA VAL F 330 9.16 14.34 88.35
C VAL F 330 8.32 13.87 87.18
N MET F 331 7.34 14.68 86.80
CA MET F 331 6.42 14.34 85.72
C MET F 331 6.69 15.27 84.55
N LEU F 332 7.22 14.72 83.47
CA LEU F 332 7.62 15.49 82.30
C LEU F 332 6.63 15.28 81.17
N LYS F 333 6.29 16.36 80.48
CA LYS F 333 5.40 16.24 79.35
C LYS F 333 6.10 15.55 78.18
N GLY F 334 5.36 14.69 77.50
CA GLY F 334 5.87 14.01 76.34
C GLY F 334 6.90 12.94 76.67
N CYS F 335 7.43 12.34 75.62
CA CYS F 335 8.39 11.26 75.74
C CYS F 335 9.80 11.81 75.93
N VAL F 336 10.60 11.06 76.68
CA VAL F 336 12.01 11.38 76.86
C VAL F 336 12.84 10.20 76.38
N VAL F 337 14.10 10.48 76.08
CA VAL F 337 14.95 9.48 75.46
C VAL F 337 15.25 8.35 76.42
N GLY F 338 15.53 7.17 75.88
CA GLY F 338 16.01 6.05 76.67
C GLY F 338 14.91 5.03 76.94
N THR F 339 15.35 3.87 77.39
CA THR F 339 14.48 2.76 77.73
C THR F 339 14.06 2.85 79.19
N LYS F 340 13.33 1.86 79.66
CA LYS F 340 12.99 1.81 81.08
C LYS F 340 14.24 1.53 81.90
N LYS F 341 14.25 2.09 83.11
CA LYS F 341 15.35 2.01 84.07
C LYS F 341 16.56 2.83 83.62
N ARG F 342 16.51 3.40 82.43
CA ARG F 342 17.64 4.15 81.91
C ARG F 342 17.84 5.42 82.71
N VAL F 343 19.06 5.63 83.19
CA VAL F 343 19.36 6.82 83.98
C VAL F 343 19.33 8.05 83.09
N LEU F 344 18.61 9.06 83.52
CA LEU F 344 18.47 10.30 82.77
C LEU F 344 19.09 11.45 83.55
N THR F 345 19.57 12.43 82.82
CA THR F 345 20.14 13.64 83.40
C THR F 345 19.19 14.80 83.14
N LEU F 346 18.82 15.50 84.19
CA LEU F 346 17.89 16.61 84.10
C LEU F 346 18.64 17.92 84.30
N ARG F 347 18.76 18.70 83.24
CA ARG F 347 19.54 19.92 83.26
C ARG F 347 18.62 21.12 83.11
N LYS F 348 18.93 22.18 83.84
CA LYS F 348 18.18 23.41 83.68
C LYS F 348 18.37 23.97 82.27
N SER F 349 17.37 24.70 81.81
CA SER F 349 17.39 25.18 80.43
C SER F 349 18.49 26.20 80.23
N LEU F 350 19.13 26.11 79.08
CA LEU F 350 20.19 27.04 78.69
C LEU F 350 19.66 28.38 78.21
N LEU F 351 18.36 28.49 77.96
CA LEU F 351 17.79 29.65 77.31
C LEU F 351 16.78 30.33 78.23
N VAL F 352 16.55 31.61 77.99
CA VAL F 352 15.53 32.34 78.72
C VAL F 352 14.16 31.92 78.17
N GLN F 353 13.29 31.48 79.07
CA GLN F 353 11.96 31.02 78.67
C GLN F 353 11.00 32.19 78.76
N THR F 354 10.71 32.83 77.62
CA THR F 354 9.85 34.00 77.58
C THR F 354 8.79 33.83 76.49
N LYS F 355 8.28 32.61 76.38
CA LYS F 355 7.10 32.34 75.56
C LYS F 355 5.97 31.95 76.49
N ARG F 356 4.74 32.24 76.07
CA ARG F 356 3.60 31.89 76.90
C ARG F 356 3.40 30.39 76.97
N ARG F 357 3.92 29.65 76.00
CA ARG F 357 3.97 28.20 76.13
C ARG F 357 4.87 27.78 77.28
N ALA F 358 6.02 28.43 77.43
CA ALA F 358 6.94 28.08 78.50
C ALA F 358 6.54 28.67 79.83
N LEU F 359 5.69 29.70 79.83
CA LEU F 359 5.26 30.35 81.06
C LEU F 359 3.86 29.91 81.47
N GLU F 360 3.39 28.81 80.93
CA GLU F 360 2.02 28.35 81.14
C GLU F 360 1.92 27.67 82.50
N LYS F 361 0.90 28.02 83.26
CA LYS F 361 0.65 27.36 84.53
C LYS F 361 -0.12 26.07 84.33
N ILE F 362 0.28 25.03 85.05
CA ILE F 362 -0.31 23.70 84.94
C ILE F 362 -1.00 23.34 86.25
N ASP F 363 -2.25 22.90 86.13
CA ASP F 363 -3.00 22.31 87.24
C ASP F 363 -3.62 21.01 86.73
N LEU F 364 -3.06 19.89 87.15
CA LEU F 364 -3.55 18.60 86.69
C LEU F 364 -4.95 18.35 87.23
N LYS F 365 -5.77 17.69 86.43
CA LYS F 365 -7.10 17.29 86.85
C LYS F 365 -7.26 15.80 87.05
N PHE F 366 -6.44 14.99 86.40
CA PHE F 366 -6.58 13.55 86.48
C PHE F 366 -5.29 12.89 86.03
N ILE F 367 -4.81 11.94 86.82
CA ILE F 367 -3.62 11.16 86.48
C ILE F 367 -4.06 9.73 86.27
N ASP F 368 -3.86 9.22 85.06
CA ASP F 368 -4.34 7.90 84.71
C ASP F 368 -3.41 6.83 85.25
N THR F 369 -3.90 6.06 86.23
CA THR F 369 -3.12 5.00 86.84
C THR F 369 -3.68 3.63 86.49
N THR F 370 -4.34 3.49 85.35
CA THR F 370 -4.78 2.17 84.92
C THR F 370 -3.57 1.32 84.57
N SER F 371 -3.79 0.02 84.51
CA SER F 371 -2.69 -0.91 84.29
C SER F 371 -2.15 -0.75 82.88
N LYS F 372 -0.83 -0.63 82.77
CA LYS F 372 -0.16 -0.57 81.49
C LYS F 372 0.25 -1.94 80.98
N PHE F 373 0.09 -2.96 81.80
CA PHE F 373 0.41 -4.34 81.43
C PHE F 373 -0.77 -5.02 80.76
N GLY F 374 -1.32 -4.37 79.75
CA GLY F 374 -2.51 -4.83 79.08
C GLY F 374 -3.45 -3.67 78.87
N HIS F 375 -4.67 -3.98 78.43
CA HIS F 375 -5.69 -2.95 78.26
C HIS F 375 -6.44 -2.76 79.57
N GLY F 376 -5.74 -2.16 80.52
CA GLY F 376 -6.32 -1.97 81.84
C GLY F 376 -7.56 -1.09 81.79
N ARG F 377 -8.46 -1.32 82.74
CA ARG F 377 -9.70 -0.56 82.76
C ARG F 377 -10.12 -0.16 84.18
N PHE F 378 -9.20 -0.14 85.13
CA PHE F 378 -9.51 0.28 86.49
C PHE F 378 -8.39 1.15 87.02
N GLN F 379 -8.75 2.20 87.74
CA GLN F 379 -7.75 3.11 88.28
C GLN F 379 -7.11 2.53 89.52
N THR F 380 -7.92 2.00 90.43
CA THR F 380 -7.44 1.43 91.68
C THR F 380 -7.91 -0.01 91.81
N VAL F 381 -7.47 -0.66 92.87
CA VAL F 381 -8.01 -1.97 93.21
C VAL F 381 -9.33 -1.83 93.95
N GLU F 382 -9.45 -0.78 94.77
CA GLU F 382 -10.70 -0.55 95.47
C GLU F 382 -11.85 -0.32 94.50
N GLU F 383 -11.59 0.40 93.42
CA GLU F 383 -12.59 0.57 92.38
C GLU F 383 -12.85 -0.73 91.63
N LYS F 384 -11.81 -1.53 91.42
CA LYS F 384 -11.95 -2.74 90.63
C LYS F 384 -12.83 -3.78 91.32
N LYS F 385 -12.51 -4.10 92.58
CA LYS F 385 -13.31 -5.10 93.28
C LYS F 385 -14.69 -4.58 93.62
N ALA F 386 -14.87 -3.26 93.71
CA ALA F 386 -16.20 -2.72 93.88
C ALA F 386 -17.05 -2.94 92.65
N PHE F 387 -16.44 -3.11 91.48
CA PHE F 387 -17.14 -3.39 90.24
C PHE F 387 -17.27 -4.88 89.98
N MET F 388 -16.18 -5.62 90.08
CA MET F 388 -16.23 -7.07 89.88
C MET F 388 -17.14 -7.73 90.91
N GLY F 389 -17.19 -7.18 92.11
CA GLY F 389 -17.81 -7.86 93.21
C GLY F 389 -16.89 -8.94 93.74
N PRO F 390 -17.42 -9.85 94.55
CA PRO F 390 -16.59 -10.94 95.06
C PRO F 390 -16.32 -11.98 93.98
N LEU F 391 -15.16 -12.61 94.09
CA LEU F 391 -14.74 -13.62 93.12
C LEU F 391 -14.81 -15.00 93.77
N LYS F 392 -14.40 -16.01 93.00
CA LYS F 392 -14.45 -17.38 93.52
C LYS F 392 -13.47 -17.59 94.65
N LYS F 393 -12.30 -16.98 94.56
CA LYS F 393 -11.26 -17.20 95.55
C LYS F 393 -11.55 -16.42 96.82
N ASP F 394 -12.71 -16.68 97.42
CA ASP F 394 -13.13 -16.00 98.64
C ASP F 394 -14.05 -16.90 99.45
N ALA G 1 118.68 -26.21 2.11
CA ALA G 1 120.02 -26.16 2.66
C ALA G 1 121.07 -26.36 1.58
N CYS G 2 122.21 -25.66 1.72
CA CYS G 2 123.29 -25.79 0.75
C CYS G 2 123.94 -27.17 0.82
N ALA G 3 124.18 -27.66 2.03
CA ALA G 3 124.79 -28.96 2.24
C ALA G 3 123.93 -29.77 3.19
N ARG G 4 123.77 -31.05 2.89
CA ARG G 4 122.97 -31.85 3.80
C ARG G 4 123.87 -32.75 4.64
N PRO G 5 123.61 -32.85 5.94
CA PRO G 5 124.49 -33.62 6.82
C PRO G 5 124.37 -35.10 6.57
N LEU G 6 125.16 -35.85 7.33
CA LEU G 6 125.27 -37.30 7.18
C LEU G 6 124.76 -37.95 8.46
N ILE G 7 123.54 -38.49 8.40
CA ILE G 7 122.97 -39.16 9.57
C ILE G 7 123.59 -40.54 9.72
N SER G 8 123.81 -40.94 10.97
CA SER G 8 124.42 -42.22 11.26
C SER G 8 123.35 -43.24 11.67
N VAL G 9 123.50 -44.45 11.19
CA VAL G 9 122.57 -45.53 11.55
C VAL G 9 123.06 -46.23 12.81
N TYR G 10 122.14 -46.58 13.68
CA TYR G 10 122.46 -47.20 14.94
C TYR G 10 122.10 -48.68 14.92
N SER G 11 122.95 -49.47 15.55
CA SER G 11 122.69 -50.90 15.64
C SER G 11 121.53 -51.16 16.61
N GLU G 12 121.09 -52.41 16.63
CA GLU G 12 119.96 -52.78 17.49
C GLU G 12 120.28 -52.63 18.96
N LYS G 13 121.55 -52.50 19.34
CA LYS G 13 121.96 -52.38 20.73
C LYS G 13 122.52 -51.00 21.05
N GLY G 14 122.11 -49.97 20.32
CA GLY G 14 122.34 -48.61 20.73
C GLY G 14 123.54 -47.90 20.15
N GLU G 15 124.69 -48.57 20.08
CA GLU G 15 125.89 -47.89 19.62
C GLU G 15 125.80 -47.62 18.12
N SER G 16 126.56 -46.62 17.67
CA SER G 16 126.50 -46.19 16.29
C SER G 16 127.16 -47.21 15.37
N SER G 17 126.41 -47.70 14.39
CA SER G 17 126.99 -48.55 13.37
C SER G 17 127.86 -47.71 12.44
N GLY G 18 128.67 -48.40 11.63
CA GLY G 18 129.52 -47.70 10.69
C GLY G 18 128.76 -47.06 9.55
N LYS G 19 127.57 -47.58 9.24
CA LYS G 19 126.81 -47.08 8.10
C LYS G 19 126.27 -45.68 8.37
N ASN G 20 126.24 -44.87 7.32
CA ASN G 20 125.69 -43.53 7.38
C ASN G 20 124.74 -43.33 6.21
N VAL G 21 123.73 -42.48 6.41
CA VAL G 21 122.82 -42.09 5.35
C VAL G 21 122.85 -40.58 5.24
N THR G 22 122.80 -40.09 4.01
CA THR G 22 122.64 -38.66 3.80
C THR G 22 121.23 -38.25 4.21
N LEU G 23 121.12 -37.13 4.93
CA LEU G 23 119.82 -36.64 5.33
C LEU G 23 118.97 -36.36 4.11
N PRO G 24 117.81 -36.99 3.97
CA PRO G 24 116.99 -36.79 2.77
C PRO G 24 116.55 -35.35 2.64
N ALA G 25 116.23 -34.96 1.41
CA ALA G 25 115.88 -33.58 1.15
C ALA G 25 114.59 -33.16 1.80
N VAL G 26 113.68 -34.11 2.07
CA VAL G 26 112.38 -33.74 2.63
C VAL G 26 112.53 -33.11 4.00
N PHE G 27 113.57 -33.48 4.74
CA PHE G 27 113.79 -32.91 6.06
C PHE G 27 114.25 -31.46 6.00
N LYS G 28 114.40 -30.88 4.82
CA LYS G 28 114.71 -29.48 4.66
C LYS G 28 113.56 -28.70 4.02
N ALA G 29 112.42 -29.34 3.83
CA ALA G 29 111.26 -28.67 3.30
C ALA G 29 110.80 -27.57 4.25
N PRO G 30 110.03 -26.60 3.76
CA PRO G 30 109.57 -25.53 4.65
C PRO G 30 108.59 -26.05 5.68
N ILE G 31 108.72 -25.56 6.91
CA ILE G 31 107.82 -25.90 8.00
C ILE G 31 106.63 -24.95 7.91
N ARG G 32 105.44 -25.51 7.70
CA ARG G 32 104.22 -24.71 7.57
C ARG G 32 103.20 -25.20 8.59
N PRO G 33 103.22 -24.66 9.80
CA PRO G 33 102.21 -25.07 10.79
C PRO G 33 100.79 -24.77 10.37
N ASP G 34 100.56 -23.64 9.71
CA ASP G 34 99.22 -23.30 9.26
C ASP G 34 98.72 -24.29 8.22
N ILE G 35 99.61 -24.83 7.40
CA ILE G 35 99.18 -25.83 6.44
C ILE G 35 98.96 -27.17 7.12
N VAL G 36 99.88 -27.56 8.01
CA VAL G 36 99.71 -28.82 8.73
C VAL G 36 98.44 -28.78 9.56
N ASN G 37 98.16 -27.64 10.18
CA ASN G 37 96.94 -27.51 10.96
C ASN G 37 95.72 -27.55 10.07
N PHE G 38 95.74 -26.84 8.95
CA PHE G 38 94.58 -26.82 8.06
C PHE G 38 94.31 -28.19 7.49
N VAL G 39 95.34 -28.90 7.06
CA VAL G 39 95.14 -30.24 6.52
C VAL G 39 94.66 -31.19 7.61
N HIS G 40 95.15 -31.01 8.83
CA HIS G 40 94.75 -31.91 9.91
C HIS G 40 93.28 -31.72 10.25
N THR G 41 92.84 -30.50 10.46
CA THR G 41 91.46 -30.30 10.90
C THR G 41 90.45 -30.57 9.80
N ASN G 42 90.90 -30.70 8.56
CA ASN G 42 90.00 -31.09 7.49
C ASN G 42 90.03 -32.57 7.20
N LEU G 43 91.20 -33.19 7.20
CA LEU G 43 91.27 -34.63 7.00
C LEU G 43 90.75 -35.41 8.18
N ARG G 44 90.76 -34.81 9.37
CA ARG G 44 90.31 -35.52 10.54
C ARG G 44 88.80 -35.58 10.64
N LYS G 45 88.09 -34.79 9.85
CA LYS G 45 86.64 -34.92 9.80
C LYS G 45 86.19 -36.11 8.98
N ASN G 46 87.07 -36.69 8.19
CA ASN G 46 86.64 -37.71 7.24
C ASN G 46 86.39 -39.05 7.90
N ASN G 47 86.85 -39.27 9.12
CA ASN G 47 86.58 -40.52 9.82
C ASN G 47 85.35 -40.43 10.69
N ARG G 48 84.55 -39.38 10.56
CA ARG G 48 83.39 -39.20 11.39
C ARG G 48 82.25 -40.06 10.88
N GLN G 49 81.48 -40.57 11.80
CA GLN G 49 80.30 -41.38 11.58
C GLN G 49 79.06 -40.53 11.84
N PRO G 50 78.06 -40.58 10.97
CA PRO G 50 76.96 -39.63 11.06
C PRO G 50 76.05 -39.88 12.25
N TYR G 51 75.42 -38.81 12.71
CA TYR G 51 74.43 -38.90 13.77
C TYR G 51 73.30 -37.95 13.47
N ALA G 52 72.10 -38.31 13.90
CA ALA G 52 70.94 -37.48 13.64
C ALA G 52 69.79 -37.91 14.52
N VAL G 53 68.98 -36.94 14.90
CA VAL G 53 67.71 -37.23 15.55
C VAL G 53 66.76 -37.87 14.54
N SER G 54 65.92 -38.78 15.03
CA SER G 54 65.00 -39.48 14.14
C SER G 54 64.04 -38.53 13.47
N GLU G 55 63.61 -38.89 12.27
CA GLU G 55 62.75 -38.02 11.47
C GLU G 55 61.35 -37.88 12.06
N LEU G 56 60.95 -38.78 12.96
CA LEU G 56 59.60 -38.80 13.49
C LEU G 56 59.52 -38.24 14.89
N ALA G 57 60.64 -37.87 15.48
CA ALA G 57 60.67 -37.46 16.88
C ALA G 57 59.79 -36.25 17.10
N GLY G 58 58.85 -36.37 18.03
CA GLY G 58 58.02 -35.25 18.39
C GLY G 58 56.85 -35.00 17.48
N HIS G 59 56.68 -35.83 16.45
CA HIS G 59 55.58 -35.65 15.52
C HIS G 59 54.64 -36.83 15.47
N GLN G 60 54.91 -37.90 16.20
CA GLN G 60 54.04 -39.06 16.16
C GLN G 60 52.70 -38.79 16.81
N THR G 61 52.55 -37.67 17.51
CA THR G 61 51.26 -37.31 18.08
C THR G 61 50.38 -36.64 17.06
N SER G 62 49.10 -36.58 17.37
CA SER G 62 48.10 -35.86 16.58
C SER G 62 47.61 -34.73 17.47
N ALA G 63 48.15 -33.55 17.27
CA ALA G 63 47.84 -32.41 18.11
C ALA G 63 47.22 -31.31 17.27
N GLU G 64 46.64 -30.34 17.96
CA GLU G 64 45.99 -29.22 17.29
C GLU G 64 45.77 -28.08 18.29
N SER G 65 46.04 -26.85 17.85
CA SER G 65 45.83 -25.71 18.71
C SER G 65 44.36 -25.59 19.10
N TRP G 66 44.12 -25.12 20.32
CA TRP G 66 42.76 -24.81 20.74
C TRP G 66 42.26 -23.50 20.14
N GLY G 67 43.10 -22.79 19.41
CA GLY G 67 42.72 -21.49 18.91
C GLY G 67 42.70 -20.47 20.03
N THR G 68 42.41 -19.24 19.64
CA THR G 68 42.27 -18.19 20.63
C THR G 68 41.00 -18.40 21.43
N GLY G 69 40.80 -17.63 22.49
CA GLY G 69 39.85 -17.98 23.50
C GLY G 69 40.44 -19.06 24.39
N ARG G 70 39.64 -19.50 25.36
CA ARG G 70 40.01 -20.55 26.31
C ARG G 70 41.23 -20.21 27.15
N ALA G 71 41.77 -19.00 27.01
CA ALA G 71 42.78 -18.45 27.90
C ALA G 71 43.99 -19.36 28.06
N VAL G 72 44.47 -19.89 26.94
CA VAL G 72 45.70 -20.66 26.92
C VAL G 72 46.58 -20.11 25.82
N ALA G 73 47.77 -20.67 25.65
CA ALA G 73 48.81 -20.00 24.89
C ALA G 73 48.93 -20.38 23.43
N ARG G 74 47.88 -20.90 22.80
CA ARG G 74 47.78 -20.94 21.34
C ARG G 74 48.84 -21.83 20.71
N ILE G 75 49.28 -22.85 21.44
CA ILE G 75 50.28 -23.82 20.98
C ILE G 75 49.53 -25.12 20.71
N PRO G 76 49.92 -25.92 19.73
CA PRO G 76 49.21 -27.18 19.48
C PRO G 76 49.23 -28.10 20.70
N ARG G 77 48.07 -28.63 21.05
CA ARG G 77 47.92 -29.42 22.25
C ARG G 77 47.41 -30.82 21.91
N VAL G 78 47.66 -31.75 22.82
CA VAL G 78 47.31 -33.14 22.57
C VAL G 78 45.80 -33.32 22.65
N ARG G 79 45.26 -34.17 21.78
CA ARG G 79 43.82 -34.27 21.58
C ARG G 79 43.17 -35.08 22.69
N GLY G 80 42.32 -34.43 23.47
CA GLY G 80 41.41 -35.08 24.40
C GLY G 80 42.03 -36.11 25.31
N GLY G 81 41.22 -37.03 25.80
CA GLY G 81 41.72 -38.15 26.58
C GLY G 81 41.57 -37.91 28.07
N GLY G 82 41.80 -38.99 28.81
CA GLY G 82 41.72 -38.95 30.25
C GLY G 82 43.05 -39.33 30.86
N THR G 83 44.11 -38.77 30.31
CA THR G 83 45.47 -39.00 30.77
C THR G 83 46.13 -37.66 31.08
N HIS G 84 47.32 -37.72 31.66
CA HIS G 84 48.06 -36.49 31.94
C HIS G 84 48.39 -35.76 30.65
N ARG G 85 48.88 -36.49 29.65
CA ARG G 85 49.21 -35.90 28.37
C ARG G 85 47.92 -35.67 27.60
N SER G 86 47.22 -34.61 28.00
CA SER G 86 45.94 -34.24 27.39
C SER G 86 45.85 -32.72 27.43
N GLY G 87 46.04 -32.10 26.28
CA GLY G 87 46.06 -30.66 26.23
C GLY G 87 47.34 -30.12 26.85
N GLN G 88 48.48 -30.65 26.41
CA GLN G 88 49.75 -30.36 27.05
C GLN G 88 50.71 -29.58 26.16
N GLY G 89 50.45 -29.50 24.88
CA GLY G 89 51.39 -28.78 24.03
C GLY G 89 52.36 -29.74 23.42
N ALA G 90 52.17 -30.08 22.15
CA ALA G 90 52.93 -31.20 21.60
C ALA G 90 54.06 -30.78 20.69
N PHE G 91 53.76 -30.09 19.60
CA PHE G 91 54.82 -29.77 18.66
C PHE G 91 55.60 -28.56 19.16
N GLY G 92 56.67 -28.24 18.45
CA GLY G 92 57.38 -27.03 18.75
C GLY G 92 58.54 -27.26 19.68
N ASN G 93 59.64 -26.59 19.43
CA ASN G 93 60.85 -26.83 20.21
C ASN G 93 60.72 -26.44 21.66
N MET G 94 59.76 -25.60 22.02
CA MET G 94 59.66 -25.12 23.39
C MET G 94 58.81 -26.02 24.27
N CYS G 95 58.12 -27.00 23.70
CA CYS G 95 57.26 -27.87 24.48
C CYS G 95 58.04 -29.06 25.02
N ARG G 96 57.58 -29.61 26.13
CA ARG G 96 58.12 -30.86 26.62
C ARG G 96 57.68 -31.99 25.70
N GLY G 97 58.63 -32.74 25.19
CA GLY G 97 58.36 -33.56 24.04
C GLY G 97 58.44 -32.70 22.80
N GLY G 98 57.94 -33.23 21.70
CA GLY G 98 57.95 -32.43 20.50
C GLY G 98 59.33 -32.23 19.92
N ARG G 99 59.40 -31.55 18.78
CA ARG G 99 60.64 -31.40 18.04
C ARG G 99 61.69 -30.69 18.84
N MET G 100 62.93 -30.82 18.38
CA MET G 100 63.98 -29.86 18.66
C MET G 100 64.15 -29.01 17.42
N PHE G 101 64.62 -27.79 17.61
CA PHE G 101 64.71 -26.86 16.50
C PHE G 101 65.69 -27.36 15.46
N ALA G 102 65.25 -27.39 14.20
CA ALA G 102 66.06 -27.84 13.08
C ALA G 102 66.64 -29.21 13.36
N PRO G 103 65.84 -30.26 13.27
CA PRO G 103 66.36 -31.62 13.48
C PRO G 103 67.61 -31.90 12.68
N THR G 104 68.68 -32.28 13.36
CA THR G 104 69.92 -32.64 12.70
C THR G 104 69.67 -33.75 11.71
N LYS G 105 70.16 -33.58 10.49
CA LYS G 105 69.97 -34.55 9.42
C LYS G 105 71.25 -35.34 9.20
N THR G 106 71.10 -36.50 8.57
CA THR G 106 72.27 -37.29 8.24
C THR G 106 73.02 -36.73 7.05
N TRP G 107 72.34 -35.99 6.18
CA TRP G 107 73.02 -35.48 5.00
C TRP G 107 73.72 -34.18 5.26
N ARG G 108 74.03 -33.88 6.50
CA ARG G 108 75.01 -32.84 6.79
C ARG G 108 76.32 -33.18 6.12
N ARG G 109 77.07 -32.17 5.73
CA ARG G 109 78.34 -32.40 5.05
C ARG G 109 79.36 -32.81 6.09
N TRP G 110 79.54 -34.12 6.25
CA TRP G 110 80.47 -34.62 7.26
C TRP G 110 81.90 -34.56 6.77
N HIS G 111 82.15 -35.01 5.55
CA HIS G 111 83.50 -35.19 5.07
C HIS G 111 84.00 -33.96 4.33
N ARG G 112 85.32 -33.83 4.26
CA ARG G 112 85.99 -32.73 3.60
C ARG G 112 87.02 -33.30 2.65
N ARG G 113 87.33 -32.58 1.58
CA ARG G 113 88.37 -32.97 0.67
C ARG G 113 89.44 -31.89 0.63
N VAL G 114 90.70 -32.32 0.62
CA VAL G 114 91.85 -31.42 0.59
C VAL G 114 92.60 -31.70 -0.69
N ASN G 115 93.16 -30.66 -1.30
CA ASN G 115 93.95 -30.81 -2.51
C ASN G 115 95.09 -31.79 -2.27
N THR G 116 95.34 -32.64 -3.26
CA THR G 116 96.38 -33.65 -3.12
C THR G 116 97.75 -33.03 -2.91
N THR G 117 98.03 -31.90 -3.57
CA THR G 117 99.31 -31.25 -3.36
C THR G 117 99.39 -30.62 -1.98
N GLN G 118 98.25 -30.23 -1.41
CA GLN G 118 98.27 -29.69 -0.06
C GLN G 118 98.47 -30.80 0.96
N LYS G 119 97.90 -31.98 0.71
CA LYS G 119 98.17 -33.12 1.58
C LYS G 119 99.65 -33.46 1.58
N ARG G 120 100.25 -33.53 0.39
CA ARG G 120 101.65 -33.86 0.29
C ARG G 120 102.52 -32.76 0.89
N TYR G 121 102.04 -31.51 0.82
CA TYR G 121 102.75 -30.42 1.47
C TYR G 121 102.86 -30.65 2.97
N ALA G 122 101.74 -31.04 3.59
CA ALA G 122 101.71 -31.16 5.04
C ALA G 122 102.60 -32.30 5.52
N ILE G 123 102.67 -33.39 4.76
CA ILE G 123 103.54 -34.49 5.16
C ILE G 123 105.00 -34.07 5.06
N CYS G 124 105.33 -33.21 4.09
CA CYS G 124 106.70 -32.70 4.03
C CYS G 124 106.99 -31.79 5.20
N SER G 125 106.03 -30.95 5.60
CA SER G 125 106.26 -30.10 6.75
C SER G 125 106.27 -30.89 8.04
N ALA G 126 105.54 -32.01 8.10
CA ALA G 126 105.53 -32.82 9.30
C ALA G 126 106.87 -33.52 9.48
N LEU G 127 107.38 -34.13 8.41
CA LEU G 127 108.66 -34.82 8.50
C LEU G 127 109.78 -33.84 8.77
N ALA G 128 109.75 -32.68 8.11
CA ALA G 128 110.84 -31.73 8.26
C ALA G 128 110.91 -31.15 9.67
N ALA G 129 109.79 -31.15 10.39
CA ALA G 129 109.81 -30.70 11.78
C ALA G 129 110.22 -31.81 12.73
N SER G 130 110.17 -33.07 12.30
CA SER G 130 110.64 -34.16 13.12
C SER G 130 112.15 -34.23 13.20
N ALA G 131 112.86 -33.39 12.47
CA ALA G 131 114.31 -33.36 12.52
C ALA G 131 114.85 -32.23 13.37
N LEU G 132 113.98 -31.38 13.93
CA LEU G 132 114.42 -30.29 14.78
C LEU G 132 114.18 -30.67 16.23
N PRO G 133 115.22 -30.80 17.05
CA PRO G 133 115.01 -31.22 18.44
C PRO G 133 114.19 -30.24 19.25
N ALA G 134 114.26 -28.94 18.94
CA ALA G 134 113.47 -27.99 19.70
C ALA G 134 111.98 -28.18 19.46
N LEU G 135 111.60 -28.65 18.27
CA LEU G 135 110.19 -28.87 18.01
C LEU G 135 109.71 -30.18 18.61
N VAL G 136 110.57 -31.19 18.72
CA VAL G 136 110.14 -32.45 19.29
C VAL G 136 110.08 -32.35 20.80
N MET G 137 111.00 -31.62 21.43
CA MET G 137 110.87 -31.33 22.85
C MET G 137 109.58 -30.60 23.13
N SER G 138 109.29 -29.57 22.33
CA SER G 138 108.09 -28.78 22.54
C SER G 138 106.81 -29.60 22.40
N LYS G 139 106.87 -30.71 21.66
CA LYS G 139 105.76 -31.64 21.63
C LYS G 139 105.68 -32.47 22.90
N GLY G 140 106.63 -32.33 23.81
CA GLY G 140 106.61 -33.04 25.07
C GLY G 140 107.30 -34.38 25.08
N HIS G 141 107.91 -34.78 23.97
CA HIS G 141 108.58 -36.08 23.91
C HIS G 141 109.87 -36.03 24.70
N ARG G 142 109.99 -36.88 25.71
CA ARG G 142 111.19 -36.94 26.52
C ARG G 142 112.31 -37.59 25.72
N ILE G 143 113.09 -36.78 25.01
CA ILE G 143 114.08 -37.31 24.08
C ILE G 143 115.46 -36.73 24.37
N GLU G 144 115.71 -36.38 25.63
CA GLU G 144 116.95 -35.71 25.99
C GLU G 144 118.17 -36.62 25.97
N GLU G 145 117.98 -37.93 25.80
CA GLU G 145 119.11 -38.86 25.71
C GLU G 145 119.18 -39.60 24.39
N VAL G 146 118.32 -39.28 23.44
CA VAL G 146 118.38 -39.93 22.13
C VAL G 146 119.70 -39.57 21.45
N PRO G 147 120.41 -40.53 20.87
CA PRO G 147 121.74 -40.21 20.32
C PRO G 147 121.70 -39.20 19.19
N GLU G 148 120.77 -39.35 18.24
CA GLU G 148 120.64 -38.39 17.15
C GLU G 148 119.17 -38.32 16.77
N LEU G 149 118.68 -37.11 16.53
CA LEU G 149 117.24 -36.92 16.45
C LEU G 149 116.61 -37.66 15.26
N PRO G 150 117.09 -37.51 14.02
CA PRO G 150 116.53 -38.34 12.94
C PRO G 150 116.95 -39.78 13.16
N LEU G 151 116.35 -40.41 14.18
CA LEU G 151 116.82 -41.70 14.65
C LEU G 151 116.60 -42.78 13.61
N VAL G 152 117.69 -43.44 13.22
CA VAL G 152 117.67 -44.48 12.20
C VAL G 152 118.30 -45.72 12.78
N VAL G 153 117.62 -46.85 12.67
CA VAL G 153 118.13 -48.12 13.14
C VAL G 153 118.23 -49.08 11.96
N GLU G 154 119.12 -50.06 12.09
CA GLU G 154 119.34 -50.99 11.00
C GLU G 154 118.09 -51.82 10.74
N ASP G 155 118.03 -52.43 9.56
CA ASP G 155 116.83 -53.15 9.14
C ASP G 155 116.62 -54.44 9.91
N LYS G 156 117.51 -54.77 10.85
CA LYS G 156 117.34 -55.98 11.63
C LYS G 156 116.09 -55.96 12.50
N VAL G 157 115.58 -54.77 12.81
CA VAL G 157 114.47 -54.68 13.75
C VAL G 157 113.16 -55.12 13.11
N GLU G 158 113.09 -55.11 11.78
CA GLU G 158 111.88 -55.63 11.14
C GLU G 158 111.72 -57.12 11.34
N GLY G 159 112.81 -57.84 11.59
CA GLY G 159 112.72 -59.26 11.86
C GLY G 159 112.24 -59.58 13.25
N TYR G 160 112.07 -58.57 14.11
CA TYR G 160 111.64 -58.81 15.48
C TYR G 160 110.26 -59.43 15.51
N LYS G 161 110.04 -60.32 16.46
CA LYS G 161 108.76 -60.98 16.59
C LYS G 161 108.27 -61.12 18.01
N LYS G 162 108.96 -60.56 19.00
CA LYS G 162 108.54 -60.64 20.39
C LYS G 162 108.64 -59.26 21.01
N THR G 163 107.62 -58.88 21.78
CA THR G 163 107.63 -57.58 22.44
C THR G 163 108.82 -57.44 23.37
N LYS G 164 109.30 -58.55 23.93
CA LYS G 164 110.48 -58.49 24.78
C LYS G 164 111.68 -57.93 24.03
N GLU G 165 111.79 -58.23 22.73
CA GLU G 165 112.87 -57.68 21.93
C GLU G 165 112.66 -56.19 21.69
N ALA G 166 111.43 -55.78 21.41
CA ALA G 166 111.17 -54.40 21.06
C ALA G 166 111.40 -53.47 22.25
N VAL G 167 110.94 -53.87 23.43
CA VAL G 167 111.14 -53.01 24.60
C VAL G 167 112.62 -52.90 24.92
N LEU G 168 113.38 -53.98 24.71
CA LEU G 168 114.81 -53.93 24.94
C LEU G 168 115.47 -52.96 23.97
N LEU G 169 114.97 -52.88 22.74
CA LEU G 169 115.53 -51.94 21.77
C LEU G 169 115.30 -50.51 22.23
N LEU G 170 114.09 -50.19 22.67
CA LEU G 170 113.79 -48.82 23.10
C LEU G 170 114.61 -48.41 24.29
N LYS G 171 115.02 -49.37 25.13
CA LYS G 171 115.92 -49.05 26.23
C LYS G 171 117.29 -48.68 25.71
N LYS G 172 117.78 -49.41 24.71
CA LYS G 172 119.11 -49.13 24.18
C LYS G 172 119.14 -47.80 23.44
N LEU G 173 118.05 -47.46 22.77
CA LEU G 173 117.96 -46.19 22.06
C LEU G 173 117.62 -45.03 22.96
N LYS G 174 117.56 -45.25 24.26
CA LYS G 174 117.24 -44.20 25.24
C LYS G 174 115.92 -43.53 24.91
N ALA G 175 115.03 -44.27 24.26
CA ALA G 175 113.70 -43.77 23.96
C ALA G 175 112.65 -44.36 24.87
N TRP G 176 113.05 -45.18 25.84
CA TRP G 176 112.08 -45.79 26.74
C TRP G 176 111.40 -44.75 27.61
N ASN G 177 112.13 -43.70 27.99
CA ASN G 177 111.55 -42.68 28.86
C ASN G 177 110.33 -42.03 28.25
N ASP G 178 110.23 -42.03 26.92
CA ASP G 178 109.02 -41.53 26.28
C ASP G 178 107.87 -42.49 26.53
N ILE G 179 108.09 -43.79 26.39
CA ILE G 179 107.05 -44.76 26.69
C ILE G 179 106.74 -44.75 28.18
N LYS G 180 107.78 -44.65 29.01
CA LYS G 180 107.57 -44.53 30.44
C LYS G 180 106.75 -43.30 30.78
N LYS G 181 106.78 -42.27 29.94
CA LYS G 181 105.94 -41.11 30.11
C LYS G 181 104.51 -41.36 29.66
N VAL G 182 104.31 -42.30 28.74
CA VAL G 182 102.96 -42.63 28.31
C VAL G 182 102.22 -43.38 29.40
N TYR G 183 102.92 -44.24 30.14
CA TYR G 183 102.30 -44.93 31.26
C TYR G 183 101.82 -43.95 32.32
N ALA G 184 102.58 -42.89 32.55
CA ALA G 184 102.22 -41.94 33.58
C ALA G 184 101.03 -41.08 33.20
N SER G 185 100.60 -41.13 31.94
CA SER G 185 99.48 -40.32 31.48
C SER G 185 98.24 -41.15 31.25
N GLN G 186 98.21 -42.37 31.75
CA GLN G 186 97.06 -43.25 31.57
C GLN G 186 96.07 -42.94 32.66
N ARG G 187 95.07 -42.13 32.33
CA ARG G 187 93.99 -41.81 33.24
C ARG G 187 92.68 -41.87 32.45
N MET G 188 91.58 -41.78 33.17
CA MET G 188 90.29 -41.87 32.51
C MET G 188 89.82 -40.48 32.09
N ARG G 189 89.10 -40.44 30.97
CA ARG G 189 88.61 -39.22 30.36
C ARG G 189 87.65 -38.49 31.30
N ALA G 190 87.40 -37.21 31.04
CA ALA G 190 86.45 -36.43 31.80
C ALA G 190 85.23 -36.15 30.92
N GLY G 191 84.08 -36.63 31.34
CA GLY G 191 82.83 -36.26 30.71
C GLY G 191 82.10 -37.45 30.14
N LYS G 192 81.10 -37.15 29.32
CA LYS G 192 80.23 -38.17 28.76
C LYS G 192 80.95 -39.11 27.81
N GLY G 193 82.20 -38.82 27.46
CA GLY G 193 82.93 -39.74 26.62
C GLY G 193 83.14 -41.09 27.28
N LYS G 194 83.08 -41.12 28.61
CA LYS G 194 83.31 -42.38 29.33
C LYS G 194 82.22 -43.38 29.04
N MET G 195 80.98 -42.92 28.90
CA MET G 195 79.86 -43.80 28.60
C MET G 195 79.65 -43.94 27.09
N ARG G 196 80.67 -43.66 26.30
CA ARG G 196 80.58 -43.81 24.86
C ARG G 196 81.81 -44.50 24.30
N ASN G 197 82.36 -45.46 25.04
CA ASN G 197 83.45 -46.31 24.57
C ASN G 197 84.72 -45.50 24.35
N ARG G 198 84.92 -44.48 25.18
CA ARG G 198 86.13 -43.67 25.12
C ARG G 198 86.65 -43.47 26.54
N ARG G 199 86.74 -44.56 27.28
CA ARG G 199 86.95 -44.49 28.72
C ARG G 199 88.34 -43.97 29.07
N ARG G 200 89.38 -44.67 28.63
CA ARG G 200 90.74 -44.35 29.03
C ARG G 200 91.42 -43.53 27.94
N ILE G 201 92.19 -42.54 28.36
CA ILE G 201 92.96 -41.70 27.45
C ILE G 201 94.40 -41.73 27.90
N GLN G 202 95.30 -41.38 26.98
CA GLN G 202 96.72 -41.40 27.28
C GLN G 202 97.45 -40.52 26.29
N ARG G 203 98.77 -40.56 26.36
CA ARG G 203 99.62 -39.73 25.54
C ARG G 203 100.08 -40.48 24.30
N ARG G 204 100.39 -39.73 23.25
CA ARG G 204 101.03 -40.31 22.08
C ARG G 204 102.49 -40.59 22.39
N GLY G 205 103.00 -41.68 21.85
CA GLY G 205 104.39 -42.03 22.03
C GLY G 205 105.17 -41.85 20.75
N PRO G 206 106.36 -42.43 20.68
CA PRO G 206 107.13 -42.36 19.45
C PRO G 206 106.47 -43.13 18.33
N CYS G 207 106.67 -42.66 17.11
CA CYS G 207 106.14 -43.31 15.92
C CYS G 207 107.26 -44.05 15.23
N VAL G 208 107.03 -45.32 14.92
CA VAL G 208 108.03 -46.15 14.26
C VAL G 208 107.66 -46.27 12.80
N ILE G 209 108.58 -45.90 11.91
CA ILE G 209 108.37 -45.97 10.48
C ILE G 209 109.25 -47.08 9.93
N TYR G 210 108.61 -48.08 9.34
CA TYR G 210 109.29 -49.21 8.71
C TYR G 210 109.00 -49.20 7.22
N ASN G 211 109.91 -49.80 6.46
CA ASN G 211 109.73 -49.89 5.02
C ASN G 211 108.85 -51.07 4.66
N GLU G 212 109.27 -52.27 5.02
CA GLU G 212 108.48 -53.46 4.82
C GLU G 212 108.35 -54.20 6.13
N ASP G 213 107.30 -55.00 6.25
CA ASP G 213 106.89 -55.63 7.50
C ASP G 213 107.27 -57.12 7.48
N ASN G 214 108.08 -57.55 8.45
CA ASN G 214 108.30 -58.96 8.72
C ASN G 214 108.00 -59.36 10.17
N GLY G 215 107.18 -58.59 10.87
CA GLY G 215 106.84 -58.95 12.22
C GLY G 215 107.05 -57.80 13.18
N ILE G 216 107.58 -56.69 12.68
CA ILE G 216 107.83 -55.55 13.54
C ILE G 216 106.54 -55.01 14.10
N VAL G 217 105.45 -55.12 13.34
CA VAL G 217 104.17 -54.59 13.82
C VAL G 217 103.67 -55.42 14.98
N LYS G 218 103.83 -56.75 14.91
CA LYS G 218 103.40 -57.58 16.02
C LYS G 218 104.27 -57.35 17.25
N ALA G 219 105.54 -57.05 17.04
CA ALA G 219 106.48 -56.88 18.14
C ALA G 219 106.31 -55.55 18.85
N PHE G 220 105.58 -54.60 18.27
CA PHE G 220 105.45 -53.28 18.85
C PHE G 220 104.04 -52.88 19.20
N ARG G 221 103.02 -53.56 18.66
CA ARG G 221 101.66 -53.09 18.85
C ARG G 221 101.18 -53.20 20.29
N ASN G 222 101.87 -53.96 21.12
CA ASN G 222 101.45 -54.10 22.51
C ASN G 222 101.99 -53.00 23.40
N ILE G 223 103.02 -52.28 22.96
CA ILE G 223 103.57 -51.19 23.76
C ILE G 223 102.67 -49.98 23.61
N PRO G 224 102.21 -49.39 24.70
CA PRO G 224 101.29 -48.25 24.59
C PRO G 224 101.99 -47.03 24.00
N GLY G 225 101.27 -46.31 23.15
CA GLY G 225 101.80 -45.09 22.59
C GLY G 225 102.41 -45.27 21.23
N ILE G 226 103.08 -46.41 21.03
CA ILE G 226 103.75 -46.69 19.76
C ILE G 226 102.74 -46.79 18.64
N THR G 227 103.03 -46.12 17.53
CA THR G 227 102.22 -46.24 16.32
C THR G 227 103.14 -46.61 15.17
N LEU G 228 102.79 -47.67 14.46
CA LEU G 228 103.60 -48.16 13.36
C LEU G 228 103.13 -47.53 12.05
N LEU G 229 104.07 -47.14 11.21
CA LEU G 229 103.75 -46.52 9.93
C LEU G 229 104.58 -47.14 8.81
N ASN G 230 103.91 -47.50 7.73
CA ASN G 230 104.61 -47.94 6.53
C ASN G 230 105.01 -46.71 5.74
N VAL G 231 106.30 -46.62 5.41
CA VAL G 231 106.88 -45.39 4.87
C VAL G 231 106.16 -44.97 3.60
N THR G 232 105.74 -45.93 2.78
CA THR G 232 105.01 -45.60 1.56
C THR G 232 103.67 -44.96 1.87
N LYS G 233 102.93 -45.54 2.80
CA LYS G 233 101.59 -45.09 3.16
C LYS G 233 101.65 -44.21 4.40
N LEU G 234 102.24 -43.03 4.26
CA LEU G 234 102.39 -42.12 5.38
C LEU G 234 101.08 -41.40 5.66
N ASN G 235 100.85 -41.06 6.92
CA ASN G 235 99.59 -40.49 7.37
C ASN G 235 99.86 -39.22 8.15
N ILE G 236 99.16 -38.13 7.78
CA ILE G 236 99.36 -36.88 8.49
C ILE G 236 98.64 -36.89 9.83
N LEU G 237 97.57 -37.68 9.96
CA LEU G 237 96.87 -37.74 11.22
C LEU G 237 97.69 -38.43 12.31
N LYS G 238 98.75 -39.13 11.95
CA LYS G 238 99.61 -39.79 12.91
C LYS G 238 101.00 -39.18 13.00
N LEU G 239 101.42 -38.42 11.99
CA LEU G 239 102.68 -37.72 12.06
C LEU G 239 102.57 -36.39 12.77
N ALA G 240 101.37 -35.83 12.86
CA ALA G 240 101.14 -34.55 13.53
C ALA G 240 99.88 -34.67 14.35
N PRO G 241 99.93 -35.41 15.46
CA PRO G 241 98.73 -35.63 16.26
C PRO G 241 98.28 -34.34 16.91
N GLY G 242 96.97 -34.11 16.91
CA GLY G 242 96.43 -32.87 17.41
C GLY G 242 96.63 -31.70 16.49
N GLY G 243 97.16 -31.92 15.29
CA GLY G 243 97.48 -30.85 14.38
C GLY G 243 98.82 -30.20 14.64
N HIS G 244 99.33 -30.31 15.86
CA HIS G 244 100.64 -29.77 16.17
C HIS G 244 101.71 -30.66 15.56
N VAL G 245 102.79 -30.03 15.13
CA VAL G 245 103.83 -30.72 14.37
C VAL G 245 104.98 -31.02 15.30
N GLY G 246 105.72 -32.09 15.01
CA GLY G 246 106.89 -32.39 15.82
C GLY G 246 106.84 -33.69 16.58
N ARG G 247 106.19 -34.71 16.04
CA ARG G 247 106.13 -36.00 16.70
C ARG G 247 107.46 -36.73 16.57
N PHE G 248 107.90 -37.34 17.67
CA PHE G 248 109.14 -38.08 17.67
C PHE G 248 109.00 -39.37 16.87
N CYS G 249 109.88 -39.56 15.89
CA CYS G 249 109.78 -40.70 14.99
C CYS G 249 111.06 -41.53 15.06
N ILE G 250 110.92 -42.81 14.75
CA ILE G 250 112.03 -43.74 14.70
C ILE G 250 112.00 -44.42 13.34
N TRP G 251 113.07 -44.26 12.58
CA TRP G 251 113.13 -44.79 11.22
C TRP G 251 113.99 -46.04 11.18
N THR G 252 113.68 -46.90 10.22
CA THR G 252 114.56 -48.00 9.87
C THR G 252 115.35 -47.60 8.64
N GLU G 253 116.54 -48.20 8.50
CA GLU G 253 117.47 -47.76 7.47
C GLU G 253 116.87 -47.97 6.07
N SER G 254 116.15 -49.06 5.88
CA SER G 254 115.51 -49.28 4.59
C SER G 254 114.40 -48.25 4.34
N ALA G 255 113.73 -47.78 5.39
CA ALA G 255 112.71 -46.77 5.19
C ALA G 255 113.32 -45.39 4.99
N PHE G 256 114.47 -45.12 5.61
CA PHE G 256 115.08 -43.81 5.48
C PHE G 256 115.61 -43.57 4.09
N ARG G 257 116.13 -44.61 3.43
CA ARG G 257 116.68 -44.46 2.10
C ARG G 257 115.60 -44.43 1.02
N LYS G 258 114.33 -44.53 1.41
CA LYS G 258 113.24 -44.51 0.46
C LYS G 258 112.54 -43.16 0.41
N LEU G 259 113.00 -42.19 1.20
CA LEU G 259 112.36 -40.88 1.23
C LEU G 259 112.76 -40.01 0.05
N ASP G 260 113.94 -40.22 -0.52
CA ASP G 260 114.34 -39.46 -1.69
C ASP G 260 113.65 -39.92 -2.96
N ASP G 261 112.87 -40.99 -2.90
CA ASP G 261 112.07 -41.43 -4.03
C ASP G 261 110.59 -41.22 -3.81
N LEU G 262 110.16 -41.02 -2.57
CA LEU G 262 108.77 -40.69 -2.29
C LEU G 262 108.51 -39.20 -2.42
N TYR G 263 109.54 -38.37 -2.25
CA TYR G 263 109.37 -36.93 -2.40
C TYR G 263 110.46 -36.28 -3.24
N GLY G 264 111.59 -36.95 -3.46
CA GLY G 264 112.62 -36.41 -4.33
C GLY G 264 113.36 -35.24 -3.74
N THR G 265 114.54 -34.98 -4.26
CA THR G 265 115.27 -33.77 -3.93
C THR G 265 114.65 -32.62 -4.70
N TRP G 266 115.22 -31.42 -4.60
CA TRP G 266 114.73 -30.33 -5.41
C TRP G 266 115.22 -30.42 -6.85
N ARG G 267 116.34 -31.08 -7.09
CA ARG G 267 116.87 -31.23 -8.42
C ARG G 267 116.47 -32.56 -9.06
N LYS G 268 115.65 -33.35 -8.39
CA LYS G 268 115.21 -34.63 -8.91
C LYS G 268 113.81 -34.89 -8.38
N ALA G 269 112.83 -34.93 -9.28
CA ALA G 269 111.46 -35.17 -8.87
C ALA G 269 111.31 -36.56 -8.28
N ALA G 270 110.19 -36.76 -7.59
CA ALA G 270 109.95 -38.04 -6.93
C ALA G 270 109.80 -39.15 -7.94
N SER G 271 110.33 -40.32 -7.60
CA SER G 271 110.24 -41.48 -8.46
C SER G 271 109.01 -42.33 -8.19
N LEU G 272 108.41 -42.19 -7.01
CA LEU G 272 107.26 -43.01 -6.63
C LEU G 272 105.95 -42.24 -6.70
N LYS G 273 106.00 -40.94 -6.89
CA LYS G 273 104.83 -40.14 -7.22
C LYS G 273 104.89 -39.78 -8.69
N SER G 274 103.71 -39.63 -9.30
CA SER G 274 103.65 -39.43 -10.74
C SER G 274 104.34 -38.12 -11.13
N ASN G 275 103.83 -36.99 -10.67
CA ASN G 275 104.46 -35.72 -10.91
C ASN G 275 104.48 -34.93 -9.60
N TYR G 276 105.51 -35.13 -8.81
CA TYR G 276 105.64 -34.42 -7.55
C TYR G 276 107.08 -34.03 -7.30
N ASN G 277 107.24 -32.87 -6.65
CA ASN G 277 108.54 -32.41 -6.22
C ASN G 277 108.32 -31.54 -5.00
N LEU G 278 109.32 -31.50 -4.12
CA LEU G 278 109.26 -30.76 -2.87
C LEU G 278 108.85 -29.31 -3.11
N PRO G 279 108.08 -28.72 -2.20
CA PRO G 279 107.70 -27.32 -2.36
C PRO G 279 108.90 -26.41 -2.23
N MET G 280 108.84 -25.26 -2.88
CA MET G 280 109.94 -24.32 -2.85
C MET G 280 109.84 -23.41 -1.64
N HIS G 281 111.01 -23.00 -1.13
CA HIS G 281 111.06 -22.11 0.01
C HIS G 281 110.72 -20.69 -0.41
N LYS G 282 110.04 -19.98 0.49
CA LYS G 282 109.75 -18.57 0.24
C LYS G 282 110.91 -17.66 0.61
N MET G 283 111.82 -18.13 1.46
CA MET G 283 113.04 -17.40 1.76
C MET G 283 114.09 -18.40 2.17
N LEU G 284 115.31 -18.21 1.68
CA LEU G 284 116.36 -19.19 1.93
C LEU G 284 116.92 -19.05 3.33
N ASN G 285 117.50 -17.90 3.62
CA ASN G 285 118.10 -17.68 4.92
C ASN G 285 117.06 -17.18 5.91
N THR G 286 116.45 -18.09 6.66
CA THR G 286 115.44 -17.72 7.63
C THR G 286 116.03 -17.13 8.90
N ASP G 287 117.35 -17.17 9.05
CA ASP G 287 118.01 -16.68 10.26
C ASP G 287 118.12 -15.16 10.13
N LEU G 288 117.05 -14.45 10.49
CA LEU G 288 117.09 -13.01 10.33
C LEU G 288 117.93 -12.33 11.40
N SER G 289 118.36 -13.05 12.42
CA SER G 289 119.33 -12.48 13.35
C SER G 289 120.68 -12.30 12.67
N ARG G 290 121.16 -13.35 12.00
CA ARG G 290 122.40 -13.26 11.25
C ARG G 290 122.29 -12.32 10.06
N ILE G 291 121.08 -12.03 9.60
CA ILE G 291 120.90 -11.12 8.47
C ILE G 291 121.00 -9.67 8.91
N LEU G 292 120.33 -9.33 10.02
CA LEU G 292 120.24 -7.93 10.41
C LEU G 292 121.60 -7.36 10.79
N LYS G 293 122.39 -8.10 11.55
CA LYS G 293 123.70 -7.61 11.95
C LYS G 293 124.78 -7.93 10.93
N SER G 294 124.40 -8.25 9.72
CA SER G 294 125.39 -8.41 8.66
C SER G 294 125.86 -7.03 8.18
N PRO G 295 127.13 -6.90 7.81
CA PRO G 295 127.64 -5.58 7.44
C PRO G 295 126.88 -4.92 6.31
N GLU G 296 126.46 -5.70 5.31
CA GLU G 296 125.79 -5.18 4.13
C GLU G 296 124.58 -4.33 4.51
N ILE G 297 123.92 -4.71 5.60
CA ILE G 297 122.72 -3.99 6.04
C ILE G 297 123.12 -2.83 6.96
N GLN G 298 124.08 -3.07 7.85
CA GLN G 298 124.43 -2.05 8.84
C GLN G 298 124.97 -0.78 8.19
N ARG G 299 125.59 -0.90 7.02
CA ARG G 299 126.07 0.30 6.34
C ARG G 299 124.92 1.14 5.82
N ALA G 300 123.76 0.54 5.60
CA ALA G 300 122.62 1.22 4.99
C ALA G 300 121.56 1.59 6.01
N LEU G 301 121.96 1.95 7.21
CA LEU G 301 121.00 2.22 8.27
C LEU G 301 121.26 3.58 8.89
N ARG G 302 120.20 4.32 9.19
CA ARG G 302 120.35 5.56 9.92
C ARG G 302 120.66 5.24 11.38
N ALA G 303 120.98 6.29 12.13
CA ALA G 303 121.34 6.10 13.52
C ALA G 303 120.11 5.75 14.34
N PRO G 304 120.21 4.83 15.28
CA PRO G 304 119.04 4.49 16.10
C PRO G 304 118.69 5.60 17.08
N ARG G 305 117.54 6.24 16.88
CA ARG G 305 117.10 7.30 17.77
C ARG G 305 116.43 6.67 18.97
N LYS G 306 117.16 6.53 20.06
CA LYS G 306 116.67 5.82 21.24
C LYS G 306 116.67 6.69 22.49
N LYS G 307 116.45 7.99 22.34
CA LYS G 307 116.28 8.89 23.48
C LYS G 307 114.78 9.13 23.67
N ILE G 308 114.28 8.74 24.84
CA ILE G 308 112.86 8.91 25.15
C ILE G 308 112.62 10.38 25.45
N HIS G 309 111.58 10.95 24.83
CA HIS G 309 111.17 12.33 25.07
C HIS G 309 109.77 12.31 25.65
N ARG G 310 109.68 12.25 26.97
CA ARG G 310 108.39 12.30 27.63
C ARG G 310 107.84 13.71 27.58
N ARG G 311 106.59 13.86 27.99
CA ARG G 311 105.94 15.16 27.93
C ARG G 311 106.59 16.12 28.91
N VAL G 312 106.60 17.39 28.53
CA VAL G 312 107.20 18.44 29.34
C VAL G 312 106.08 19.25 29.98
N LEU G 313 106.09 19.31 31.31
CA LEU G 313 105.10 20.07 32.03
C LEU G 313 105.26 21.55 31.69
N LYS G 314 104.23 22.13 31.09
CA LYS G 314 104.30 23.52 30.68
C LYS G 314 104.22 24.42 31.89
N LYS G 315 105.32 25.11 32.20
CA LYS G 315 105.34 26.08 33.29
C LYS G 315 105.00 27.45 32.73
N ASN G 316 104.22 28.21 33.47
CA ASN G 316 103.78 29.52 33.00
C ASN G 316 104.96 30.48 32.93
N PRO G 317 105.31 30.99 31.75
CA PRO G 317 106.43 31.94 31.67
C PRO G 317 106.13 33.24 32.36
N LEU G 318 104.86 33.59 32.53
CA LEU G 318 104.54 34.83 33.21
C LEU G 318 104.82 34.74 34.70
N LYS G 319 104.36 33.66 35.34
CA LYS G 319 104.70 33.44 36.75
C LYS G 319 106.17 33.12 36.90
N ASN G 320 106.60 32.03 36.26
CA ASN G 320 107.94 31.50 36.48
C ASN G 320 108.95 32.36 35.74
N LEU G 321 109.92 32.92 36.48
CA LEU G 321 110.83 33.88 35.89
C LEU G 321 111.77 33.23 34.88
N ARG G 322 112.47 32.17 35.30
CA ARG G 322 113.52 31.62 34.47
C ARG G 322 112.99 30.84 33.28
N ILE G 323 111.71 30.45 33.33
CA ILE G 323 111.11 29.90 32.13
C ILE G 323 110.97 30.99 31.08
N MET G 324 110.68 32.22 31.50
CA MET G 324 110.57 33.31 30.54
C MET G 324 111.91 33.65 29.93
N LEU G 325 112.98 33.67 30.74
CA LEU G 325 114.31 33.93 30.21
C LEU G 325 114.76 32.83 29.27
N LYS G 326 114.24 31.61 29.43
CA LYS G 326 114.54 30.54 28.50
C LYS G 326 113.89 30.78 27.15
N LEU G 327 112.81 31.54 27.10
CA LEU G 327 112.13 31.90 25.88
C LEU G 327 112.50 33.28 25.38
N ASN G 328 112.69 34.23 26.29
CA ASN G 328 112.97 35.61 25.92
C ASN G 328 114.02 36.15 26.88
N PRO G 329 115.30 36.01 26.54
CA PRO G 329 116.36 36.46 27.47
C PRO G 329 116.35 37.95 27.70
N TYR G 330 115.70 38.73 26.84
CA TYR G 330 115.65 40.17 27.06
C TYR G 330 114.73 40.54 28.20
N ALA G 331 113.84 39.64 28.61
CA ALA G 331 112.93 39.94 29.71
C ALA G 331 113.68 40.19 31.02
N LYS G 332 114.90 39.71 31.14
CA LYS G 332 115.71 40.00 32.32
C LYS G 332 115.98 41.49 32.44
N THR G 333 116.46 42.10 31.35
CA THR G 333 116.76 43.53 31.40
C THR G 333 115.51 44.38 31.36
N MET G 334 114.46 43.89 30.70
CA MET G 334 113.16 44.54 30.85
C MET G 334 112.77 44.63 32.31
N ARG G 335 112.98 43.56 33.06
CA ARG G 335 112.62 43.54 34.46
C ARG G 335 113.73 44.02 35.37
N ARG G 336 114.98 44.11 34.89
CA ARG G 336 115.97 44.82 35.68
C ARG G 336 115.63 46.29 35.77
N ASN G 337 115.30 46.89 34.64
CA ASN G 337 114.60 48.17 34.66
C ASN G 337 113.18 47.91 35.11
N THR G 338 112.36 48.94 35.27
CA THR G 338 111.05 48.84 35.90
C THR G 338 111.16 48.31 37.33
N ILE G 339 112.39 48.15 37.81
CA ILE G 339 112.69 48.06 39.23
C ILE G 339 113.54 49.22 39.67
N LEU G 340 114.70 49.40 39.02
CA LEU G 340 115.49 50.59 39.25
C LEU G 340 114.71 51.84 38.90
N ARG G 341 113.86 51.78 37.88
CA ARG G 341 113.08 52.93 37.49
C ARG G 341 112.01 53.25 38.53
N GLN G 342 111.27 52.23 38.96
CA GLN G 342 110.21 52.46 39.93
C GLN G 342 110.77 52.91 41.26
N ALA G 343 111.85 52.28 41.72
CA ALA G 343 112.48 52.72 42.96
C ALA G 343 113.00 54.13 42.83
N ARG G 344 113.56 54.48 41.67
CA ARG G 344 114.03 55.83 41.46
C ARG G 344 112.88 56.82 41.41
N ASN G 345 111.79 56.45 40.72
CA ASN G 345 110.61 57.32 40.73
C ASN G 345 109.98 57.40 42.10
N HIS G 346 110.13 56.34 42.91
CA HIS G 346 109.52 56.35 44.23
C HIS G 346 110.25 57.29 45.19
N LYS G 347 111.57 57.38 45.08
CA LYS G 347 112.27 58.30 45.98
C LYS G 347 112.10 59.74 45.53
N LEU G 348 112.00 59.98 44.22
CA LEU G 348 111.68 61.33 43.78
C LEU G 348 110.27 61.72 44.19
N ARG G 349 109.41 60.74 44.45
CA ARG G 349 108.09 61.04 44.97
C ARG G 349 108.15 61.54 46.40
N VAL G 350 108.93 60.86 47.26
CA VAL G 350 108.98 61.26 48.66
C VAL G 350 109.83 62.51 48.83
N GLU G 351 110.79 62.73 47.95
CA GLU G 351 111.59 63.95 48.05
C GLU G 351 110.76 65.20 47.83
N ARG G 352 109.66 65.10 47.08
CA ARG G 352 108.75 66.23 46.96
C ARG G 352 107.88 66.38 48.20
N ALA G 353 107.35 65.27 48.70
CA ALA G 353 106.56 65.34 49.93
C ALA G 353 107.40 65.79 51.11
N ALA G 354 108.70 65.47 51.10
CA ALA G 354 109.59 66.03 52.11
C ALA G 354 109.89 67.48 51.85
N ALA G 355 109.91 67.90 50.59
CA ALA G 355 110.07 69.31 50.26
C ALA G 355 108.76 70.07 50.32
N ALA G 356 107.61 69.38 50.22
CA ALA G 356 106.33 70.05 50.39
C ALA G 356 106.14 70.47 51.84
N LEU G 357 106.52 69.62 52.79
CA LEU G 357 106.45 70.03 54.20
C LEU G 357 107.39 71.19 54.48
N ALA G 358 108.54 71.22 53.81
CA ALA G 358 109.43 72.37 53.90
C ALA G 358 108.85 73.61 53.23
N ALA G 359 107.74 73.46 52.50
CA ALA G 359 106.96 74.59 52.03
C ALA G 359 105.77 74.91 52.92
N LYS G 360 105.36 73.95 53.76
CA LYS G 360 104.24 74.21 54.67
C LYS G 360 104.64 75.14 55.79
N SER G 361 105.73 74.84 56.49
CA SER G 361 106.18 75.70 57.57
C SER G 361 106.82 76.99 57.06
N ASP G 362 107.31 76.99 55.83
CA ASP G 362 107.91 78.18 55.24
C ASP G 362 106.83 79.05 54.59
N PHE H 1 31.78 62.41 -29.24
CA PHE H 1 33.15 62.31 -29.73
C PHE H 1 33.58 60.85 -29.75
N VAL H 2 34.86 60.63 -30.07
CA VAL H 2 35.42 59.29 -30.10
C VAL H 2 36.73 59.30 -29.32
N LYS H 3 37.02 58.18 -28.66
CA LYS H 3 38.22 58.08 -27.86
C LYS H 3 39.47 58.28 -28.71
N VAL H 4 40.41 59.06 -28.18
CA VAL H 4 41.66 59.30 -28.88
C VAL H 4 42.54 58.06 -28.78
N VAL H 5 43.05 57.60 -29.91
CA VAL H 5 43.95 56.44 -29.92
C VAL H 5 45.33 56.84 -29.46
N LYS H 6 45.94 57.80 -30.15
CA LYS H 6 47.31 58.20 -29.86
C LYS H 6 47.30 59.17 -28.68
N ASN H 7 47.25 58.59 -27.48
CA ASN H 7 47.28 59.31 -26.23
C ASN H 7 48.61 59.04 -25.53
N LYS H 8 48.74 59.49 -24.29
CA LYS H 8 49.92 59.17 -23.51
C LYS H 8 50.17 57.67 -23.46
N ALA H 9 49.12 56.91 -23.22
CA ALA H 9 49.26 55.46 -23.07
C ALA H 9 49.79 54.82 -24.34
N TYR H 10 49.33 55.31 -25.49
CA TYR H 10 49.74 54.72 -26.77
C TYR H 10 51.25 54.77 -26.94
N PHE H 11 51.85 55.90 -26.58
CA PHE H 11 53.29 56.03 -26.79
C PHE H 11 54.09 55.36 -25.69
N LYS H 12 53.51 55.19 -24.51
CA LYS H 12 54.22 54.50 -23.44
C LYS H 12 54.44 53.04 -23.79
N ARG H 13 53.53 52.44 -24.56
CA ARG H 13 53.62 51.05 -24.93
C ARG H 13 54.14 50.83 -26.33
N TYR H 14 54.37 51.88 -27.09
CA TYR H 14 54.77 51.72 -28.48
C TYR H 14 56.22 51.29 -28.59
N GLN H 15 56.46 50.27 -29.40
CA GLN H 15 57.80 49.77 -29.66
C GLN H 15 58.13 49.98 -31.12
N VAL H 16 59.09 50.87 -31.40
CA VAL H 16 59.44 51.18 -32.77
C VAL H 16 60.13 49.98 -33.41
N LYS H 17 60.00 49.86 -34.72
CA LYS H 17 60.73 48.84 -35.43
C LYS H 17 62.15 49.32 -35.70
N PHE H 18 62.96 48.45 -36.30
CA PHE H 18 64.34 48.79 -36.57
C PHE H 18 64.42 49.99 -37.49
N ARG H 19 65.49 50.77 -37.34
CA ARG H 19 65.63 52.00 -38.11
C ARG H 19 65.56 51.73 -39.60
N ARG H 20 66.29 50.74 -40.07
CA ARG H 20 66.23 50.38 -41.48
C ARG H 20 64.87 49.85 -41.89
N ARG H 21 64.04 49.43 -40.94
CA ARG H 21 62.70 48.98 -41.27
C ARG H 21 61.69 50.12 -41.23
N ARG H 22 61.79 51.00 -40.23
CA ARG H 22 60.96 52.19 -40.21
C ARG H 22 61.18 53.04 -41.46
N GLU H 23 62.40 53.09 -41.96
CA GLU H 23 62.68 53.81 -43.19
C GLU H 23 62.27 53.03 -44.42
N GLY H 24 62.17 51.72 -44.32
CA GLY H 24 61.74 50.92 -45.45
C GLY H 24 62.87 50.68 -46.43
N LYS H 25 63.97 50.13 -45.94
CA LYS H 25 65.09 49.79 -46.79
C LYS H 25 65.56 48.35 -46.65
N THR H 26 65.35 47.73 -45.50
CA THR H 26 65.87 46.39 -45.22
C THR H 26 64.70 45.47 -44.88
N ASP H 27 64.70 44.28 -45.46
CA ASP H 27 63.77 43.23 -45.09
C ASP H 27 64.54 42.28 -44.19
N TYR H 28 64.39 42.48 -42.89
CA TYR H 28 65.19 41.71 -41.93
C TYR H 28 64.81 40.25 -41.92
N TYR H 29 63.66 39.90 -42.49
CA TYR H 29 63.32 38.49 -42.64
C TYR H 29 64.29 37.80 -43.58
N ALA H 30 64.53 38.41 -44.74
CA ALA H 30 65.43 37.83 -45.71
C ALA H 30 66.89 38.09 -45.37
N ARG H 31 67.19 39.18 -44.68
CA ARG H 31 68.58 39.44 -44.31
C ARG H 31 69.08 38.38 -43.36
N LYS H 32 68.25 37.97 -42.41
CA LYS H 32 68.65 36.92 -41.47
C LYS H 32 69.06 35.65 -42.19
N ARG H 33 68.41 35.36 -43.31
CA ARG H 33 68.75 34.17 -44.10
C ARG H 33 69.92 34.41 -45.03
N LEU H 34 70.29 35.66 -45.30
CA LEU H 34 71.35 35.95 -46.26
C LEU H 34 72.71 36.04 -45.60
N VAL H 35 72.87 36.99 -44.69
CA VAL H 35 74.19 37.39 -44.21
C VAL H 35 74.81 36.38 -43.27
N ILE H 36 74.00 35.75 -42.40
CA ILE H 36 74.59 34.98 -41.32
C ILE H 36 75.23 33.71 -41.86
N GLN H 37 76.35 33.34 -41.26
CA GLN H 37 77.13 32.20 -41.67
C GLN H 37 76.92 31.06 -40.68
N ASP H 38 77.10 29.83 -41.16
CA ASP H 38 76.98 28.68 -40.29
C ASP H 38 77.98 28.77 -39.15
N LYS H 39 77.59 28.25 -37.99
CA LYS H 39 78.41 28.42 -36.80
C LYS H 39 79.68 27.60 -36.87
N ASN H 40 79.69 26.52 -37.64
CA ASN H 40 80.91 25.74 -37.82
C ASN H 40 81.75 26.26 -38.98
N LYS H 41 81.64 27.54 -39.32
CA LYS H 41 82.51 28.16 -40.30
C LYS H 41 83.50 29.14 -39.68
N TYR H 42 83.14 29.78 -38.57
CA TYR H 42 84.08 30.56 -37.77
C TYR H 42 84.78 31.67 -38.54
N ASN H 43 84.03 32.72 -38.90
CA ASN H 43 84.59 33.92 -39.53
C ASN H 43 84.92 33.70 -40.99
N THR H 44 84.52 32.57 -41.53
CA THR H 44 84.56 32.45 -42.98
C THR H 44 83.50 33.40 -43.53
N PRO H 45 83.91 34.45 -44.25
CA PRO H 45 82.93 35.45 -44.68
C PRO H 45 81.94 34.86 -45.66
N LYS H 46 80.70 35.36 -45.61
CA LYS H 46 79.66 34.95 -46.53
C LYS H 46 79.36 36.14 -47.43
N TYR H 47 80.10 36.25 -48.51
CA TYR H 47 79.94 37.38 -49.42
C TYR H 47 78.56 37.34 -50.07
N ARG H 48 78.06 38.52 -50.41
CA ARG H 48 76.80 38.61 -51.12
C ARG H 48 76.84 39.80 -52.05
N MET H 49 76.21 39.66 -53.21
CA MET H 49 76.17 40.73 -54.19
C MET H 49 74.94 41.58 -53.97
N ILE H 50 75.14 42.86 -53.74
CA ILE H 50 74.04 43.79 -53.47
C ILE H 50 73.77 44.58 -54.75
N VAL H 51 72.56 44.44 -55.28
CA VAL H 51 72.14 45.17 -56.47
C VAL H 51 70.97 46.06 -56.07
N ARG H 52 71.13 47.36 -56.25
CA ARG H 52 70.09 48.33 -55.93
C ARG H 52 69.96 49.28 -57.11
N VAL H 53 68.90 49.15 -57.88
CA VAL H 53 68.64 50.01 -59.02
C VAL H 53 67.76 51.16 -58.56
N THR H 54 68.23 52.38 -58.75
CA THR H 54 67.49 53.57 -58.40
C THR H 54 67.05 54.31 -59.65
N ASN H 55 66.48 55.50 -59.44
CA ASN H 55 65.83 56.21 -60.54
C ASN H 55 66.83 56.60 -61.62
N ARG H 56 68.05 56.97 -61.24
CA ARG H 56 69.03 57.46 -62.21
C ARG H 56 70.36 56.73 -62.13
N ASP H 57 70.41 55.58 -61.45
CA ASP H 57 71.68 54.91 -61.29
C ASP H 57 71.42 53.44 -60.96
N ILE H 58 72.50 52.66 -60.99
CA ILE H 58 72.47 51.25 -60.60
C ILE H 58 73.69 51.00 -59.74
N ILE H 59 73.47 50.54 -58.52
CA ILE H 59 74.53 50.33 -57.56
C ILE H 59 74.72 48.83 -57.38
N CYS H 60 75.93 48.35 -57.66
CA CYS H 60 76.28 46.96 -57.45
C CYS H 60 77.43 46.91 -56.45
N GLN H 61 77.22 46.24 -55.32
CA GLN H 61 78.24 46.12 -54.30
C GLN H 61 78.41 44.66 -53.93
N ILE H 62 79.53 44.36 -53.28
CA ILE H 62 79.79 43.04 -52.74
C ILE H 62 80.22 43.23 -51.30
N ALA H 63 79.51 42.61 -50.37
CA ALA H 63 79.75 42.82 -48.96
C ALA H 63 79.61 41.52 -48.20
N TYR H 64 80.27 41.45 -47.06
CA TYR H 64 80.09 40.39 -46.09
C TYR H 64 79.76 41.02 -44.75
N ALA H 65 78.91 40.36 -43.98
CA ALA H 65 78.40 40.95 -42.76
C ALA H 65 79.41 40.79 -41.62
N ARG H 66 79.62 41.87 -40.88
CA ARG H 66 80.42 41.87 -39.67
C ARG H 66 79.56 42.38 -38.52
N ILE H 67 80.10 42.27 -37.30
CA ILE H 67 79.32 42.65 -36.13
C ILE H 67 79.06 44.14 -36.11
N GLU H 68 80.03 44.93 -36.55
CA GLU H 68 79.91 46.38 -36.50
C GLU H 68 79.25 46.96 -37.73
N GLY H 69 78.92 46.14 -38.71
CA GLY H 69 78.34 46.62 -39.94
C GLY H 69 78.93 45.93 -41.16
N ASP H 70 78.14 45.81 -42.22
CA ASP H 70 78.61 45.23 -43.46
C ASP H 70 79.85 45.95 -43.97
N MET H 71 80.74 45.19 -44.60
CA MET H 71 81.97 45.74 -45.16
C MET H 71 81.99 45.51 -46.66
N ILE H 72 82.14 46.59 -47.42
CA ILE H 72 82.12 46.54 -48.88
C ILE H 72 83.53 46.22 -49.35
N VAL H 73 83.70 45.09 -50.03
CA VAL H 73 85.02 44.79 -50.57
C VAL H 73 85.27 45.56 -51.87
N CYS H 74 84.24 45.76 -52.69
CA CYS H 74 84.35 46.56 -53.89
C CYS H 74 82.97 46.89 -54.39
N ALA H 75 82.85 48.00 -55.11
CA ALA H 75 81.57 48.48 -55.59
C ALA H 75 81.73 49.05 -56.99
N ALA H 76 80.66 48.94 -57.78
CA ALA H 76 80.62 49.48 -59.12
C ALA H 76 79.31 50.20 -59.32
N TYR H 77 79.37 51.44 -59.77
CA TYR H 77 78.18 52.26 -59.97
C TYR H 77 77.95 52.47 -61.46
N ALA H 78 76.70 52.79 -61.80
CA ALA H 78 76.35 53.02 -63.18
C ALA H 78 76.90 54.32 -63.72
N HIS H 79 77.10 55.32 -62.87
CA HIS H 79 77.59 56.61 -63.33
C HIS H 79 79.04 56.59 -63.74
N GLU H 80 79.70 55.44 -63.65
CA GLU H 80 81.06 55.29 -64.17
C GLU H 80 81.09 54.88 -65.63
N LEU H 81 79.97 54.37 -66.14
CA LEU H 81 79.92 53.89 -67.52
C LEU H 81 80.29 54.92 -68.58
N PRO H 82 80.00 56.22 -68.42
CA PRO H 82 80.50 57.19 -69.41
C PRO H 82 81.99 57.08 -69.69
N LYS H 83 82.79 56.67 -68.72
CA LYS H 83 84.20 56.40 -69.00
C LYS H 83 84.37 55.33 -70.06
N TYR H 84 83.57 54.27 -70.03
CA TYR H 84 83.76 53.15 -70.91
C TYR H 84 82.90 53.25 -72.18
N GLY H 85 82.28 54.39 -72.42
CA GLY H 85 81.61 54.64 -73.68
C GLY H 85 80.10 54.65 -73.61
N VAL H 86 79.49 54.13 -72.54
CA VAL H 86 78.04 54.15 -72.40
C VAL H 86 77.66 55.56 -71.94
N LYS H 87 77.25 56.39 -72.90
CA LYS H 87 76.99 57.80 -72.60
C LYS H 87 75.68 57.97 -71.86
N VAL H 88 74.58 57.46 -72.43
CA VAL H 88 73.26 57.72 -71.90
C VAL H 88 72.57 56.39 -71.65
N GLY H 89 71.45 56.41 -70.92
CA GLY H 89 70.73 55.20 -70.61
C GLY H 89 71.44 54.40 -69.54
N LEU H 90 71.76 55.07 -68.43
CA LEU H 90 72.55 54.49 -67.36
C LEU H 90 71.70 53.74 -66.35
N THR H 91 70.48 53.40 -66.72
CA THR H 91 69.64 52.62 -65.82
C THR H 91 68.84 51.53 -66.53
N ASN H 92 69.06 51.30 -67.82
CA ASN H 92 68.33 50.27 -68.53
C ASN H 92 69.01 48.92 -68.31
N TYR H 93 68.39 47.88 -68.86
CA TYR H 93 68.87 46.52 -68.65
C TYR H 93 70.30 46.35 -69.15
N ALA H 94 70.57 46.85 -70.36
CA ALA H 94 71.90 46.70 -70.92
C ALA H 94 72.95 47.39 -70.05
N ALA H 95 72.57 48.47 -69.39
CA ALA H 95 73.49 49.11 -68.46
C ALA H 95 73.71 48.25 -67.23
N ALA H 96 72.67 47.52 -66.80
CA ALA H 96 72.81 46.68 -65.62
C ALA H 96 73.83 45.57 -65.86
N TYR H 97 73.85 45.01 -67.07
CA TYR H 97 74.82 44.00 -67.41
C TYR H 97 76.24 44.56 -67.31
N CYS H 98 76.45 45.77 -67.81
CA CYS H 98 77.77 46.37 -67.75
C CYS H 98 78.22 46.61 -66.31
N THR H 99 77.33 47.14 -65.48
CA THR H 99 77.68 47.39 -64.09
C THR H 99 78.03 46.10 -63.37
N GLY H 100 77.31 45.02 -63.68
CA GLY H 100 77.66 43.74 -63.11
C GLY H 100 78.98 43.21 -63.63
N LEU H 101 79.22 43.34 -64.94
CA LEU H 101 80.49 42.93 -65.50
C LEU H 101 81.64 43.75 -64.96
N LEU H 102 81.41 45.04 -64.73
CA LEU H 102 82.46 45.88 -64.17
C LEU H 102 82.79 45.47 -62.74
N LEU H 103 81.75 45.22 -61.94
CA LEU H 103 81.97 44.81 -60.56
C LEU H 103 82.75 43.50 -60.49
N ALA H 104 82.44 42.56 -61.38
CA ALA H 104 83.15 41.29 -61.38
C ALA H 104 84.62 41.49 -61.68
N ARG H 105 84.93 42.06 -62.85
CA ARG H 105 86.32 42.22 -63.25
C ARG H 105 87.09 43.11 -62.29
N ARG H 106 86.43 44.06 -61.65
CA ARG H 106 87.11 44.89 -60.67
C ARG H 106 87.47 44.09 -59.43
N LEU H 107 86.59 43.18 -59.02
CA LEU H 107 86.85 42.38 -57.84
C LEU H 107 87.97 41.39 -58.10
N LEU H 108 87.90 40.66 -59.21
CA LEU H 108 88.94 39.69 -59.54
C LEU H 108 90.30 40.38 -59.69
N ASN H 109 90.31 41.59 -60.22
CA ASN H 109 91.57 42.28 -60.40
C ASN H 109 92.20 42.66 -59.07
N ARG H 110 91.39 42.83 -58.02
CA ARG H 110 91.94 43.05 -56.69
C ARG H 110 92.33 41.76 -55.99
N PHE H 111 92.09 40.60 -56.61
CA PHE H 111 92.46 39.33 -56.04
C PHE H 111 93.51 38.62 -56.88
N GLY H 112 94.05 39.27 -57.89
CA GLY H 112 94.99 38.62 -58.77
C GLY H 112 94.39 37.46 -59.54
N MET H 113 93.07 37.44 -59.69
CA MET H 113 92.39 36.34 -60.35
C MET H 113 91.72 36.79 -61.64
N ASP H 114 92.28 37.79 -62.32
CA ASP H 114 91.71 38.24 -63.57
C ASP H 114 92.17 37.38 -64.74
N LYS H 115 93.44 36.97 -64.72
CA LYS H 115 93.95 36.07 -65.76
C LYS H 115 93.17 34.77 -65.78
N ILE H 116 93.02 34.15 -64.63
CA ILE H 116 92.16 32.98 -64.50
C ILE H 116 90.73 33.48 -64.52
N TYR H 117 89.78 32.58 -64.80
CA TYR H 117 88.37 32.88 -64.68
C TYR H 117 87.98 34.08 -65.54
N GLU H 118 88.10 33.95 -66.86
CA GLU H 118 87.68 35.02 -67.75
C GLU H 118 86.16 35.14 -67.78
N GLY H 119 85.48 34.02 -67.96
CA GLY H 119 84.03 34.03 -68.08
C GLY H 119 83.58 33.92 -69.51
N GLN H 120 82.52 34.62 -69.87
CA GLN H 120 82.01 34.66 -71.24
C GLN H 120 82.44 35.98 -71.86
N VAL H 121 83.49 35.94 -72.66
CA VAL H 121 83.93 37.15 -73.35
C VAL H 121 83.02 37.44 -74.53
N GLU H 122 82.63 36.41 -75.26
CA GLU H 122 81.68 36.51 -76.36
C GLU H 122 80.28 36.27 -75.79
N VAL H 123 79.58 37.37 -75.50
CA VAL H 123 78.30 37.29 -74.81
C VAL H 123 77.28 36.55 -75.66
N THR H 124 76.63 35.57 -75.06
CA THR H 124 75.57 34.81 -75.71
C THR H 124 74.22 34.94 -75.02
N GLY H 125 74.21 34.92 -73.69
CA GLY H 125 72.99 34.95 -72.94
C GLY H 125 72.48 33.60 -72.49
N ASP H 126 73.29 32.55 -72.58
CA ASP H 126 72.85 31.21 -72.25
C ASP H 126 73.10 30.93 -70.76
N GLU H 127 72.89 29.69 -70.34
CA GLU H 127 73.05 29.31 -68.94
C GLU H 127 74.51 28.96 -68.72
N TYR H 128 75.27 29.94 -68.24
CA TYR H 128 76.70 29.79 -68.00
C TYR H 128 76.99 29.81 -66.51
N ASN H 129 77.90 28.93 -66.08
CA ASN H 129 78.36 28.91 -64.69
C ASN H 129 79.83 28.56 -64.65
N VAL H 130 80.63 29.43 -64.04
CA VAL H 130 82.06 29.18 -63.94
C VAL H 130 82.30 28.16 -62.83
N GLU H 131 83.14 27.18 -63.10
CA GLU H 131 83.53 26.21 -62.11
C GLU H 131 85.01 26.36 -61.80
N SER H 132 85.39 26.04 -60.56
CA SER H 132 86.75 26.26 -60.11
C SER H 132 87.73 25.39 -60.88
N ILE H 133 88.94 25.90 -61.03
CA ILE H 133 90.02 25.20 -61.70
C ILE H 133 90.88 24.53 -60.64
N ASP H 134 91.10 23.23 -60.78
CA ASP H 134 91.95 22.51 -59.84
C ASP H 134 93.37 23.02 -59.93
N GLY H 135 94.04 23.10 -58.79
CA GLY H 135 95.39 23.61 -58.74
C GLY H 135 95.49 25.12 -58.79
N GLN H 136 94.39 25.82 -58.94
CA GLN H 136 94.32 27.27 -58.95
C GLN H 136 93.49 27.76 -57.78
N PRO H 137 93.63 29.02 -57.40
CA PRO H 137 92.74 29.58 -56.37
C PRO H 137 91.28 29.42 -56.77
N GLY H 138 90.48 28.92 -55.84
CA GLY H 138 89.08 28.66 -56.10
C GLY H 138 88.32 29.88 -56.60
N ALA H 139 87.33 29.66 -57.45
CA ALA H 139 86.56 30.77 -57.99
C ALA H 139 85.77 31.45 -56.88
N PHE H 140 85.67 32.77 -56.99
CA PHE H 140 84.94 33.54 -55.99
C PHE H 140 83.46 33.21 -56.05
N THR H 141 82.81 33.25 -54.90
CA THR H 141 81.40 32.88 -54.82
C THR H 141 80.66 33.83 -53.89
N CYS H 142 79.53 34.34 -54.37
CA CYS H 142 78.68 35.23 -53.62
C CYS H 142 77.24 34.93 -53.96
N TYR H 143 76.32 35.61 -53.29
CA TYR H 143 74.90 35.40 -53.50
C TYR H 143 74.24 36.73 -53.80
N LEU H 144 73.11 36.68 -54.48
CA LEU H 144 72.44 37.90 -54.91
C LEU H 144 71.50 38.40 -53.82
N ASP H 145 71.67 39.66 -53.45
CA ASP H 145 70.82 40.33 -52.47
C ASP H 145 69.88 41.24 -53.26
N ALA H 146 68.74 40.68 -53.67
CA ALA H 146 67.78 41.46 -54.45
C ALA H 146 67.19 42.58 -53.62
N GLY H 147 67.19 42.44 -52.31
CA GLY H 147 66.63 43.46 -51.45
C GLY H 147 65.12 43.39 -51.42
N LEU H 148 64.48 44.52 -51.71
CA LEU H 148 63.02 44.59 -51.72
C LEU H 148 62.44 44.55 -53.12
N ALA H 149 63.27 44.39 -54.14
CA ALA H 149 62.78 44.39 -55.51
C ALA H 149 61.97 43.12 -55.78
N ARG H 150 60.77 43.29 -56.30
CA ARG H 150 59.95 42.17 -56.76
C ARG H 150 60.68 41.44 -57.87
N THR H 151 61.11 40.21 -57.62
CA THR H 151 61.92 39.48 -58.58
C THR H 151 61.02 38.70 -59.51
N THR H 152 60.59 39.34 -60.58
CA THR H 152 59.87 38.69 -61.65
C THR H 152 60.81 38.49 -62.83
N THR H 153 60.31 37.86 -63.88
CA THR H 153 61.14 37.59 -65.04
C THR H 153 61.51 38.89 -65.73
N GLY H 154 62.80 39.10 -65.94
CA GLY H 154 63.26 40.29 -66.61
C GLY H 154 63.57 41.45 -65.69
N ASN H 155 63.65 41.22 -64.39
CA ASN H 155 64.03 42.26 -63.46
C ASN H 155 65.49 42.62 -63.67
N LYS H 156 65.78 43.92 -63.62
CA LYS H 156 67.13 44.39 -63.95
C LYS H 156 68.18 43.88 -62.99
N VAL H 157 67.78 43.47 -61.78
CA VAL H 157 68.76 42.95 -60.83
C VAL H 157 69.38 41.66 -61.37
N PHE H 158 68.64 40.92 -62.19
CA PHE H 158 69.20 39.74 -62.83
C PHE H 158 70.04 40.08 -64.04
N GLY H 159 69.91 41.29 -64.59
CA GLY H 159 70.82 41.71 -65.62
C GLY H 159 72.23 41.90 -65.09
N ALA H 160 72.34 42.52 -63.91
CA ALA H 160 73.64 42.61 -63.27
C ALA H 160 74.14 41.26 -62.82
N LEU H 161 73.23 40.36 -62.46
CA LEU H 161 73.62 38.99 -62.15
C LEU H 161 74.28 38.33 -63.34
N LYS H 162 73.66 38.43 -64.51
CA LYS H 162 74.25 37.87 -65.71
C LYS H 162 75.57 38.54 -66.05
N GLY H 163 75.67 39.84 -65.78
CA GLY H 163 76.94 40.51 -65.98
C GLY H 163 78.02 40.00 -65.05
N ALA H 164 77.65 39.63 -63.83
CA ALA H 164 78.64 39.16 -62.88
C ALA H 164 79.13 37.76 -63.22
N VAL H 165 78.22 36.85 -63.55
CA VAL H 165 78.62 35.47 -63.85
C VAL H 165 79.42 35.43 -65.14
N ASP H 166 79.07 36.28 -66.11
CA ASP H 166 79.89 36.41 -67.30
C ASP H 166 81.21 37.10 -67.01
N GLY H 167 81.33 37.77 -65.86
CA GLY H 167 82.60 38.35 -65.49
C GLY H 167 83.51 37.38 -64.79
N GLY H 168 82.95 36.33 -64.20
CA GLY H 168 83.76 35.35 -63.52
C GLY H 168 83.42 35.14 -62.06
N LEU H 169 82.17 35.42 -61.70
CA LEU H 169 81.68 35.20 -60.34
C LEU H 169 80.82 33.96 -60.31
N SER H 170 81.07 33.08 -59.34
CA SER H 170 80.29 31.86 -59.17
C SER H 170 79.10 32.20 -58.29
N ILE H 171 78.01 32.62 -58.91
CA ILE H 171 76.78 32.95 -58.21
C ILE H 171 75.75 31.88 -58.55
N PRO H 172 75.16 31.21 -57.58
CA PRO H 172 74.12 30.22 -57.89
C PRO H 172 72.86 30.92 -58.36
N HIS H 173 72.32 30.45 -59.49
CA HIS H 173 71.14 31.07 -60.05
C HIS H 173 70.46 30.06 -60.98
N SER H 174 69.27 30.44 -61.43
CA SER H 174 68.52 29.65 -62.39
C SER H 174 68.14 30.55 -63.54
N THR H 175 68.15 30.00 -64.75
CA THR H 175 67.81 30.78 -65.93
C THR H 175 66.31 30.91 -66.13
N LYS H 176 65.59 31.30 -65.08
CA LYS H 176 64.15 31.41 -65.13
C LYS H 176 63.67 32.86 -65.02
N ARG H 177 64.40 33.70 -64.29
CA ARG H 177 64.06 35.10 -64.17
C ARG H 177 64.77 35.96 -65.19
N PHE H 178 65.53 35.36 -66.10
CA PHE H 178 66.15 36.14 -67.15
C PHE H 178 65.10 36.56 -68.18
N PRO H 179 65.27 37.71 -68.81
CA PRO H 179 64.34 38.06 -69.89
C PRO H 179 64.52 37.15 -71.08
N GLY H 180 63.59 36.22 -71.28
CA GLY H 180 63.71 35.26 -72.34
C GLY H 180 63.18 33.91 -71.95
N TYR H 181 62.83 33.76 -70.67
CA TYR H 181 62.22 32.53 -70.19
C TYR H 181 60.73 32.59 -70.50
N ASP H 182 60.29 31.84 -71.51
CA ASP H 182 58.89 31.85 -71.88
C ASP H 182 58.09 31.15 -70.79
N SER H 183 57.14 31.88 -70.20
CA SER H 183 56.47 31.38 -69.02
C SER H 183 55.46 30.29 -69.34
N GLU H 184 54.67 30.47 -70.39
CA GLU H 184 53.59 29.51 -70.63
C GLU H 184 54.14 28.18 -71.14
N SER H 185 55.33 28.18 -71.75
CA SER H 185 55.87 26.94 -72.28
C SER H 185 57.11 26.47 -71.55
N LYS H 186 57.66 27.26 -70.62
CA LYS H 186 58.69 26.83 -69.69
C LYS H 186 60.00 26.47 -70.37
N GLU H 187 60.46 27.28 -71.32
CA GLU H 187 61.79 27.14 -71.88
C GLU H 187 62.51 28.49 -71.87
N PHE H 188 63.78 28.46 -72.26
CA PHE H 188 64.61 29.66 -72.30
C PHE H 188 65.36 29.67 -73.62
N ASN H 189 65.16 30.71 -74.42
CA ASN H 189 65.93 30.93 -75.63
C ASN H 189 66.92 32.06 -75.36
N ALA H 190 68.21 31.75 -75.46
CA ALA H 190 69.22 32.73 -75.07
C ALA H 190 69.29 33.90 -76.04
N GLU H 191 68.65 33.80 -77.21
CA GLU H 191 68.83 34.84 -78.22
C GLU H 191 68.13 36.13 -77.82
N VAL H 192 66.88 36.04 -77.38
CA VAL H 192 66.17 37.25 -76.98
C VAL H 192 66.82 37.84 -75.73
N HIS H 193 67.38 36.99 -74.87
CA HIS H 193 68.15 37.52 -73.74
C HIS H 193 69.35 38.30 -74.24
N ARG H 194 69.98 37.81 -75.31
CA ARG H 194 71.10 38.51 -75.89
C ARG H 194 70.67 39.86 -76.47
N LYS H 195 69.39 39.98 -76.85
CA LYS H 195 68.89 41.26 -77.31
C LYS H 195 68.87 42.28 -76.18
N HIS H 196 68.28 41.91 -75.05
CA HIS H 196 68.20 42.83 -73.92
C HIS H 196 69.58 43.18 -73.39
N ILE H 197 70.53 42.25 -73.49
CA ILE H 197 71.88 42.52 -72.98
C ILE H 197 72.58 43.56 -73.85
N MET H 198 72.46 43.45 -75.16
CA MET H 198 73.04 44.43 -76.06
C MET H 198 72.13 45.61 -76.29
N GLY H 199 71.09 45.77 -75.49
CA GLY H 199 70.23 46.93 -75.60
C GLY H 199 69.45 47.02 -76.88
N GLN H 200 69.04 45.88 -77.43
CA GLN H 200 68.25 45.91 -78.65
C GLN H 200 66.78 46.21 -78.40
N ASN H 201 66.26 45.83 -77.23
CA ASN H 201 64.85 46.05 -76.94
C ASN H 201 64.48 47.53 -76.96
N VAL H 202 65.40 48.40 -76.56
CA VAL H 202 65.16 49.83 -76.62
C VAL H 202 65.52 50.39 -77.99
N ALA H 203 66.46 49.76 -78.68
CA ALA H 203 66.84 50.22 -80.01
C ALA H 203 65.64 50.19 -80.96
N ASP H 204 64.87 49.11 -80.94
CA ASP H 204 63.68 49.07 -81.79
C ASP H 204 62.62 50.06 -81.34
N TYR H 205 62.58 50.39 -80.05
CA TYR H 205 61.60 51.36 -79.59
C TYR H 205 61.90 52.75 -80.12
N MET H 206 63.18 53.07 -80.27
CA MET H 206 63.53 54.28 -81.02
C MET H 206 63.12 54.14 -82.48
N ARG H 207 63.34 52.96 -83.06
CA ARG H 207 62.89 52.70 -84.41
C ARG H 207 61.37 52.68 -84.51
N TYR H 208 60.69 52.26 -83.45
CA TYR H 208 59.23 52.26 -83.49
C TYR H 208 58.69 53.67 -83.51
N LEU H 209 59.29 54.57 -82.74
CA LEU H 209 58.90 55.97 -82.73
C LEU H 209 59.42 56.74 -83.93
N MET H 210 60.13 56.08 -84.85
CA MET H 210 60.61 56.77 -86.04
C MET H 210 59.47 57.15 -86.98
N GLU H 211 58.69 56.16 -87.43
CA GLU H 211 57.62 56.46 -88.37
C GLU H 211 56.31 56.78 -87.68
N GLU H 212 56.16 56.41 -86.42
CA GLU H 212 54.92 56.69 -85.72
C GLU H 212 54.78 58.18 -85.42
N ASP H 213 55.69 58.73 -84.62
CA ASP H 213 55.70 60.14 -84.28
C ASP H 213 57.09 60.53 -83.82
N GLU H 214 57.71 61.46 -84.54
CA GLU H 214 59.06 61.88 -84.19
C GLU H 214 59.08 62.86 -83.03
N ASP H 215 58.09 63.76 -82.95
CA ASP H 215 58.05 64.70 -81.85
C ASP H 215 57.90 63.99 -80.51
N ALA H 216 57.08 62.96 -80.45
CA ALA H 216 57.04 62.13 -79.26
C ALA H 216 58.34 61.35 -79.07
N TYR H 217 58.98 60.96 -80.17
CA TYR H 217 60.30 60.34 -80.07
C TYR H 217 61.30 61.29 -79.45
N LYS H 218 61.29 62.55 -79.85
CA LYS H 218 62.19 63.54 -79.25
C LYS H 218 61.88 63.74 -77.78
N LYS H 219 60.65 63.45 -77.37
CA LYS H 219 60.25 63.61 -75.98
C LYS H 219 60.63 62.41 -75.13
N GLN H 220 60.65 61.21 -75.72
CA GLN H 220 61.07 60.03 -74.98
C GLN H 220 62.59 59.87 -74.97
N PHE H 221 63.25 60.27 -76.04
CA PHE H 221 64.71 60.25 -76.10
C PHE H 221 65.17 61.65 -76.48
N SER H 222 65.74 62.37 -75.52
CA SER H 222 66.33 63.67 -75.80
C SER H 222 67.86 63.62 -75.74
N GLN H 223 68.42 63.03 -74.69
CA GLN H 223 69.86 62.89 -74.60
C GLN H 223 70.40 61.82 -75.55
N TYR H 224 69.56 60.87 -75.97
CA TYR H 224 69.95 60.00 -77.05
C TYR H 224 70.20 60.80 -78.33
N ILE H 225 69.33 61.75 -78.63
CA ILE H 225 69.56 62.64 -79.75
C ILE H 225 70.72 63.60 -79.48
N LYS H 226 70.94 63.96 -78.22
CA LYS H 226 72.00 64.89 -77.87
C LYS H 226 73.38 64.24 -77.96
N ASN H 227 73.46 62.94 -77.66
CA ASN H 227 74.72 62.22 -77.71
C ASN H 227 74.90 61.45 -79.00
N ASN H 228 73.95 61.58 -79.94
CA ASN H 228 74.04 60.96 -81.25
C ASN H 228 74.28 59.45 -81.14
N VAL H 229 73.36 58.80 -80.44
CA VAL H 229 73.37 57.35 -80.30
C VAL H 229 72.09 56.84 -80.95
N THR H 230 72.18 56.56 -82.19
CA THR H 230 71.06 56.05 -82.96
C THR H 230 70.97 54.53 -82.79
N PRO H 231 69.82 53.91 -83.10
CA PRO H 231 69.70 52.45 -82.95
C PRO H 231 70.69 51.67 -83.79
N ASP H 232 71.39 52.36 -84.68
CA ASP H 232 72.36 51.69 -85.54
C ASP H 232 73.60 51.28 -84.75
N MET H 233 74.18 52.22 -84.00
CA MET H 233 75.43 51.98 -83.29
C MET H 233 75.24 51.62 -81.84
N MET H 234 74.04 51.25 -81.42
CA MET H 234 73.85 50.89 -80.02
C MET H 234 74.47 49.53 -79.70
N GLU H 235 74.21 48.52 -80.54
CA GLU H 235 74.70 47.18 -80.26
C GLU H 235 76.22 47.12 -80.25
N GLU H 236 76.88 47.89 -81.10
CA GLU H 236 78.33 47.90 -81.12
C GLU H 236 78.91 48.77 -80.01
N MET H 237 78.11 49.72 -79.51
CA MET H 237 78.58 50.56 -78.40
C MET H 237 78.80 49.73 -77.15
N TYR H 238 77.87 48.84 -76.84
CA TYR H 238 78.02 47.99 -75.67
C TYR H 238 79.16 47.01 -75.83
N LYS H 239 79.31 46.44 -77.04
CA LYS H 239 80.43 45.54 -77.29
C LYS H 239 81.76 46.28 -77.12
N LYS H 240 81.82 47.54 -77.53
CA LYS H 240 83.01 48.33 -77.24
C LYS H 240 83.11 48.63 -75.75
N ALA H 241 81.98 48.80 -75.08
CA ALA H 241 81.99 49.06 -73.64
C ALA H 241 82.49 47.85 -72.87
N HIS H 242 81.94 46.67 -73.19
CA HIS H 242 82.38 45.45 -72.52
C HIS H 242 83.87 45.24 -72.66
N ALA H 243 84.39 45.37 -73.87
CA ALA H 243 85.81 45.19 -74.08
C ALA H 243 86.63 46.22 -73.34
N ALA H 244 86.15 47.46 -73.25
CA ALA H 244 86.86 48.48 -72.49
C ALA H 244 86.80 48.21 -71.00
N ILE H 245 85.80 47.48 -70.53
CA ILE H 245 85.72 47.16 -69.12
C ILE H 245 86.69 46.04 -68.77
N ARG H 246 86.68 44.96 -69.54
CA ARG H 246 87.51 43.80 -69.23
C ARG H 246 89.00 44.11 -69.35
N GLU H 247 89.37 45.19 -70.04
CA GLU H 247 90.78 45.51 -70.20
C GLU H 247 91.29 46.49 -69.16
N ASN H 248 90.41 47.16 -68.44
CA ASN H 248 90.85 48.12 -67.44
C ASN H 248 89.78 48.30 -66.36
N PRO H 249 89.53 47.27 -65.55
CA PRO H 249 88.47 47.39 -64.55
C PRO H 249 88.88 48.16 -63.32
N VAL H 250 90.17 48.47 -63.17
CA VAL H 250 90.65 49.16 -61.98
C VAL H 250 89.93 50.48 -61.83
N TYR H 251 89.72 50.88 -60.58
CA TYR H 251 89.06 52.13 -60.27
C TYR H 251 90.05 53.08 -59.63
N GLU H 252 90.08 54.31 -60.13
CA GLU H 252 90.94 55.36 -59.60
C GLU H 252 90.02 56.42 -59.00
N LYS H 253 90.09 56.59 -57.69
CA LYS H 253 89.19 57.50 -56.99
C LYS H 253 89.41 58.93 -57.47
N LYS H 254 88.37 59.74 -57.31
CA LYS H 254 88.54 61.13 -57.70
C LYS H 254 89.42 61.84 -56.67
N PRO H 255 90.30 62.73 -57.13
CA PRO H 255 91.18 63.43 -56.19
C PRO H 255 90.39 64.25 -55.20
N LYS H 256 90.74 64.12 -53.92
CA LYS H 256 90.02 64.78 -52.84
C LYS H 256 90.64 66.14 -52.60
N ARG H 257 89.91 67.20 -52.95
CA ARG H 257 90.38 68.56 -52.71
C ARG H 257 89.89 69.04 -51.36
N GLU H 258 90.73 69.80 -50.67
CA GLU H 258 90.32 70.43 -49.42
C GLU H 258 89.28 71.50 -49.68
N VAL H 259 88.26 71.54 -48.84
CA VAL H 259 87.13 72.43 -49.05
C VAL H 259 87.17 73.56 -48.02
N LYS H 260 86.45 74.65 -48.32
CA LYS H 260 86.47 75.87 -47.53
C LYS H 260 85.98 75.65 -46.09
N LYS H 261 85.39 74.49 -45.79
CA LYS H 261 84.93 74.15 -44.44
C LYS H 261 83.90 75.16 -43.94
N LYS H 262 82.75 75.16 -44.60
CA LYS H 262 81.62 75.98 -44.20
C LYS H 262 80.48 75.08 -43.74
N ARG H 263 79.37 75.71 -43.35
CA ARG H 263 78.24 75.00 -42.78
C ARG H 263 76.97 75.45 -43.49
N TRP H 264 76.30 74.52 -44.17
CA TRP H 264 75.01 74.79 -44.78
C TRP H 264 73.85 74.46 -43.87
N ASN H 265 74.07 73.64 -42.86
CA ASN H 265 73.01 73.19 -41.98
C ASN H 265 72.81 74.18 -40.84
N ARG H 266 71.68 74.05 -40.16
CA ARG H 266 71.35 74.91 -39.04
C ARG H 266 71.81 74.26 -37.75
N PRO H 267 72.70 74.88 -36.98
CA PRO H 267 73.15 74.28 -35.74
C PRO H 267 72.04 74.21 -34.70
N LYS H 268 72.15 73.23 -33.81
CA LYS H 268 71.12 73.01 -32.83
C LYS H 268 71.13 74.11 -31.77
N MET H 269 69.95 74.62 -31.44
CA MET H 269 69.84 75.70 -30.48
C MET H 269 70.22 75.20 -29.08
N SER H 270 70.83 76.09 -28.30
CA SER H 270 71.30 75.69 -26.97
C SER H 270 70.19 75.87 -25.95
N LEU H 271 70.47 75.44 -24.72
CA LEU H 271 69.45 75.52 -23.67
C LEU H 271 69.22 76.95 -23.22
N ALA H 272 70.30 77.71 -23.06
CA ALA H 272 70.16 79.11 -22.64
C ALA H 272 69.30 79.89 -23.61
N GLN H 273 69.49 79.66 -24.91
CA GLN H 273 68.62 80.29 -25.90
C GLN H 273 67.21 79.75 -25.83
N LYS H 274 67.07 78.42 -25.74
CA LYS H 274 65.74 77.82 -25.66
C LYS H 274 65.01 78.29 -24.41
N LYS H 275 65.73 78.47 -23.32
CA LYS H 275 65.12 78.91 -22.08
C LYS H 275 64.83 80.40 -22.07
N ASP H 276 65.64 81.19 -22.78
CA ASP H 276 65.43 82.63 -22.80
C ASP H 276 64.30 83.03 -23.73
N ARG H 277 64.09 82.27 -24.81
CA ARG H 277 62.99 82.58 -25.72
C ARG H 277 61.65 82.52 -25.00
N VAL H 278 61.51 81.56 -24.08
CA VAL H 278 60.27 81.45 -23.32
C VAL H 278 60.06 82.67 -22.44
N ALA H 279 61.15 83.23 -21.90
CA ALA H 279 61.02 84.44 -21.11
C ALA H 279 60.59 85.62 -21.97
N GLN H 280 61.09 85.69 -23.20
CA GLN H 280 60.66 86.75 -24.11
C GLN H 280 59.25 86.55 -24.59
N LYS H 281 58.87 85.30 -24.89
CA LYS H 281 57.51 85.05 -25.36
C LYS H 281 56.49 85.39 -24.29
N LYS H 282 56.79 85.06 -23.03
CA LYS H 282 55.86 85.41 -21.96
C LYS H 282 55.84 86.90 -21.70
N ALA H 283 57.02 87.53 -21.67
CA ALA H 283 57.08 88.97 -21.44
C ALA H 283 56.40 89.74 -22.56
N SER H 284 56.66 89.35 -23.81
CA SER H 284 56.01 90.03 -24.92
C SER H 284 54.50 89.80 -24.90
N PHE H 285 54.06 88.64 -24.44
CA PHE H 285 52.63 88.38 -24.33
C PHE H 285 51.99 89.31 -23.30
N LEU H 286 52.71 89.65 -22.25
CA LEU H 286 52.17 90.59 -21.28
C LEU H 286 52.24 92.01 -21.80
N ARG H 287 53.43 92.44 -22.22
CA ARG H 287 53.59 93.82 -22.70
C ARG H 287 52.74 94.10 -23.93
N ALA H 288 52.19 93.07 -24.56
CA ALA H 288 51.18 93.25 -25.58
C ALA H 288 49.78 93.23 -25.00
N GLN H 289 49.63 92.73 -23.77
CA GLN H 289 48.30 92.64 -23.17
C GLN H 289 47.88 93.94 -22.48
N GLU H 290 48.80 94.65 -21.84
CA GLU H 290 48.44 95.93 -21.25
C GLU H 290 48.28 97.02 -22.31
N ARG H 291 48.86 96.83 -23.49
CA ARG H 291 48.54 97.74 -24.59
C ARG H 291 47.07 97.65 -24.96
N ALA H 292 46.50 96.44 -24.89
CA ALA H 292 45.05 96.31 -25.06
C ALA H 292 44.31 96.79 -23.81
N ALA H 293 45.01 96.88 -22.68
CA ALA H 293 44.40 97.38 -21.46
C ALA H 293 44.72 98.85 -21.25
N LYS I 1 144.63 30.72 44.57
CA LYS I 1 145.24 31.65 45.52
C LYS I 1 144.41 32.93 45.67
N GLY I 2 144.00 33.21 46.89
CA GLY I 2 143.34 34.46 47.20
C GLY I 2 142.16 34.24 48.12
N LYS I 3 141.91 35.24 48.95
CA LYS I 3 140.66 35.28 49.71
C LYS I 3 139.55 35.75 48.78
N PRO I 4 138.43 35.02 48.69
CA PRO I 4 137.38 35.40 47.74
C PRO I 4 136.63 36.64 48.21
N HIS I 5 136.36 37.54 47.27
CA HIS I 5 135.53 38.69 47.56
C HIS I 5 134.07 38.27 47.55
N CYS I 6 133.26 38.93 48.36
CA CYS I 6 131.83 38.70 48.34
C CYS I 6 131.27 38.98 46.95
N SER I 7 130.07 38.49 46.71
CA SER I 7 129.42 38.69 45.42
C SER I 7 129.26 40.17 45.15
N ARG I 8 129.85 40.64 44.05
CA ARG I 8 129.98 42.07 43.82
C ARG I 8 128.61 42.73 43.66
N ASN I 9 127.77 42.18 42.80
CA ASN I 9 126.47 42.81 42.60
C ASN I 9 125.48 42.35 43.67
N PRO I 10 124.72 43.26 44.25
CA PRO I 10 123.73 42.85 45.24
C PRO I 10 122.46 42.37 44.56
N VAL I 11 121.76 41.47 45.23
CA VAL I 11 120.49 40.99 44.70
C VAL I 11 119.49 42.13 44.74
N LEU I 12 118.75 42.29 43.65
CA LEU I 12 117.73 43.33 43.57
C LEU I 12 116.37 42.77 43.94
N VAL I 13 115.90 41.80 43.19
CA VAL I 13 114.79 40.93 43.56
C VAL I 13 115.30 39.52 43.35
N ARG I 14 114.62 38.55 43.96
CA ARG I 14 115.08 37.16 43.90
C ARG I 14 115.32 36.74 42.46
N GLY I 15 116.56 36.40 42.15
CA GLY I 15 116.94 35.94 40.83
C GLY I 15 117.36 37.02 39.86
N ILE I 16 117.34 38.29 40.27
CA ILE I 16 117.71 39.38 39.39
C ILE I 16 118.77 40.23 40.08
N GLY I 17 119.99 40.19 39.57
CA GLY I 17 121.04 41.02 40.11
C GLY I 17 120.86 42.48 39.71
N ARG I 18 121.57 43.34 40.43
CA ARG I 18 121.38 44.77 40.25
C ARG I 18 122.13 45.30 39.04
N TYR I 19 123.17 44.61 38.59
CA TYR I 19 124.02 45.08 37.50
C TYR I 19 123.93 44.15 36.31
N SER I 20 123.88 44.73 35.12
CA SER I 20 123.85 43.96 33.90
C SER I 20 125.20 43.28 33.67
N ARG I 21 125.21 42.30 32.78
CA ARG I 21 126.40 41.47 32.60
C ARG I 21 127.56 42.25 32.00
N SER I 22 127.30 43.35 31.32
CA SER I 22 128.40 44.17 30.85
C SER I 22 128.98 45.03 31.97
N ALA I 23 128.10 45.64 32.77
CA ALA I 23 128.57 46.30 33.98
C ALA I 23 129.19 45.32 34.95
N MET I 24 128.70 44.09 34.98
CA MET I 24 129.33 43.04 35.77
C MET I 24 130.71 42.70 35.22
N TYR I 25 130.87 42.77 33.90
CA TYR I 25 132.14 42.46 33.27
C TYR I 25 133.22 43.46 33.68
N SER I 26 132.90 44.75 33.63
CA SER I 26 133.88 45.75 34.04
C SER I 26 134.04 45.79 35.54
N ARG I 27 133.03 45.35 36.29
CA ARG I 27 133.12 45.37 37.74
C ARG I 27 134.07 44.30 38.24
N LYS I 28 134.08 43.13 37.62
CA LYS I 28 135.05 42.10 37.96
C LYS I 28 136.44 42.42 37.42
N ALA I 29 136.58 43.52 36.68
CA ALA I 29 137.84 43.86 36.01
C ALA I 29 138.31 42.74 35.10
N LEU I 30 137.37 41.99 34.53
CA LEU I 30 137.72 40.85 33.70
C LEU I 30 138.36 41.28 32.39
N TYR I 31 138.16 42.53 31.98
CA TYR I 31 138.73 43.02 30.74
C TYR I 31 140.26 42.92 30.73
N LYS I 32 140.88 43.01 31.90
CA LYS I 32 142.34 42.94 32.01
C LYS I 32 142.82 41.58 32.50
N ARG I 33 141.93 40.59 32.58
CA ARG I 33 142.31 39.30 33.15
C ARG I 33 141.94 38.16 32.22
N LYS I 34 142.30 38.29 30.95
CA LYS I 34 142.02 37.25 29.98
C LYS I 34 142.95 36.06 30.22
N TYR I 35 142.36 34.88 30.37
CA TYR I 35 143.10 33.65 30.66
C TYR I 35 143.16 32.80 29.39
N ALA I 36 144.38 32.53 28.93
CA ALA I 36 144.60 31.72 27.75
C ALA I 36 145.48 30.52 28.13
N ALA I 37 145.20 29.39 27.50
CA ALA I 37 145.91 28.16 27.80
C ALA I 37 146.20 27.35 26.54
N LEU I 52 143.67 2.61 42.71
CA LEU I 52 143.01 3.09 43.92
C LEU I 52 142.29 1.95 44.63
N ALA I 53 141.96 0.90 43.88
CA ALA I 53 141.24 -0.24 44.42
C ALA I 53 142.18 -1.38 44.81
N THR I 54 143.33 -1.48 44.16
CA THR I 54 144.27 -2.56 44.43
C THR I 54 145.18 -2.20 45.59
N VAL I 55 145.37 -3.13 46.51
CA VAL I 55 146.26 -2.96 47.66
C VAL I 55 147.05 -4.25 47.85
N THR I 56 148.37 -4.12 47.92
CA THR I 56 149.25 -5.27 48.04
C THR I 56 149.64 -5.46 49.50
N LYS I 57 149.36 -6.64 50.04
CA LYS I 57 149.63 -6.93 51.43
C LYS I 57 150.61 -8.09 51.56
N PRO I 58 151.48 -8.08 52.56
CA PRO I 58 152.39 -9.21 52.78
C PRO I 58 151.77 -10.26 53.69
N VAL I 59 152.10 -11.52 53.41
CA VAL I 59 151.62 -12.66 54.17
C VAL I 59 152.76 -13.66 54.35
N GLY I 60 152.74 -14.38 55.46
CA GLY I 60 153.75 -15.38 55.73
C GLY I 60 153.43 -16.74 55.14
N GLY I 65 153.97 -18.95 50.38
CA GLY I 65 153.07 -17.83 50.25
C GLY I 65 153.60 -16.75 49.33
N GLY I 66 153.83 -15.57 49.90
CA GLY I 66 154.33 -14.43 49.15
C GLY I 66 153.70 -13.14 49.60
N THR I 67 153.19 -12.34 48.65
CA THR I 67 152.48 -11.11 48.94
C THR I 67 151.22 -11.07 48.10
N ARG I 68 150.07 -10.92 48.75
CA ARG I 68 148.79 -10.94 48.07
C ARG I 68 148.30 -9.53 47.77
N VAL I 69 147.49 -9.42 46.72
CA VAL I 69 146.92 -8.13 46.34
C VAL I 69 145.41 -8.14 46.57
N VAL I 70 144.98 -7.50 47.66
CA VAL I 70 143.56 -7.47 47.98
C VAL I 70 142.87 -6.41 47.12
N LYS I 71 141.69 -6.75 46.62
CA LYS I 71 140.85 -5.82 45.88
C LYS I 71 139.74 -5.35 46.80
N LEU I 72 139.86 -4.13 47.28
CA LEU I 72 138.90 -3.61 48.25
C LEU I 72 137.56 -3.37 47.57
N ARG I 73 136.49 -3.42 48.39
CA ARG I 73 135.11 -3.37 47.90
C ARG I 73 134.87 -4.45 46.84
N LYS I 74 134.94 -5.70 47.29
CA LYS I 74 134.75 -6.83 46.41
C LYS I 74 133.31 -6.90 45.91
N MET I 75 133.11 -7.68 44.84
CA MET I 75 131.83 -7.87 44.18
C MET I 75 130.78 -8.35 45.17
N PRO I 76 129.51 -7.99 44.97
CA PRO I 76 128.48 -8.44 45.89
C PRO I 76 128.25 -9.95 45.79
N ARG I 77 128.06 -10.57 46.93
CA ARG I 77 127.88 -12.02 46.97
C ARG I 77 126.43 -12.46 46.86
N TYR I 78 125.52 -11.55 46.57
CA TYR I 78 124.12 -11.90 46.39
C TYR I 78 123.46 -10.92 45.45
N TYR I 79 122.50 -11.41 44.68
CA TYR I 79 121.80 -10.58 43.73
C TYR I 79 120.30 -10.83 43.83
N PRO I 80 119.52 -9.81 44.16
CA PRO I 80 118.07 -10.02 44.27
C PRO I 80 117.46 -10.35 42.92
N THR I 81 116.40 -11.15 42.95
CA THR I 81 115.77 -11.61 41.71
C THR I 81 115.36 -10.44 40.82
N GLU I 82 114.91 -9.34 41.42
CA GLU I 82 114.47 -8.18 40.67
C GLU I 82 114.91 -6.92 41.39
N ASP I 83 115.23 -5.89 40.63
CA ASP I 83 115.55 -4.57 41.17
C ASP I 83 114.67 -3.51 40.57
N VAL I 84 114.70 -2.34 41.19
CA VAL I 84 113.93 -1.18 40.76
C VAL I 84 114.88 -0.29 39.96
N PRO I 85 114.40 0.41 38.93
CA PRO I 85 115.28 1.33 38.22
C PRO I 85 115.46 2.63 38.99
N ARG I 86 116.54 3.33 38.67
CA ARG I 86 116.83 4.58 39.34
C ARG I 86 115.88 5.67 38.88
N LYS I 87 115.47 6.52 39.81
CA LYS I 87 114.53 7.57 39.48
C LYS I 87 115.22 8.68 38.71
N LEU I 88 114.41 9.56 38.12
CA LEU I 88 114.93 10.70 37.38
C LEU I 88 115.44 11.76 38.34
N LEU I 89 116.03 12.81 37.79
CA LEU I 89 116.68 13.85 38.58
C LEU I 89 115.81 15.08 38.66
N SER I 90 115.53 15.53 39.88
CA SER I 90 114.82 16.76 40.15
C SER I 90 115.82 17.75 40.73
N HIS I 91 115.40 18.99 40.94
CA HIS I 91 116.38 19.98 41.36
C HIS I 91 115.97 20.79 42.58
N GLY I 92 114.70 21.15 42.69
CA GLY I 92 114.33 22.07 43.75
C GLY I 92 114.04 21.44 45.10
N LYS I 93 114.43 20.18 45.28
CA LYS I 93 114.02 19.40 46.44
C LYS I 93 115.23 19.23 47.35
N LYS I 94 115.24 19.97 48.45
CA LYS I 94 116.30 19.92 49.44
C LYS I 94 115.82 19.20 50.69
N PRO I 95 116.73 18.61 51.47
CA PRO I 95 116.33 18.01 52.74
C PRO I 95 115.90 19.06 53.74
N PHE I 96 115.20 18.61 54.78
CA PHE I 96 114.58 19.53 55.73
C PHE I 96 115.61 20.40 56.42
N SER I 97 116.82 19.89 56.62
CA SER I 97 117.84 20.67 57.31
C SER I 97 118.30 21.87 56.50
N GLN I 98 118.07 21.86 55.20
CA GLN I 98 118.52 22.93 54.32
C GLN I 98 117.42 23.87 53.90
N HIS I 99 116.21 23.71 54.44
CA HIS I 99 115.13 24.61 54.10
C HIS I 99 115.37 25.99 54.71
N VAL I 100 114.65 26.97 54.18
CA VAL I 100 114.68 28.33 54.72
C VAL I 100 113.59 28.43 55.77
N ARG I 101 113.90 29.09 56.89
CA ARG I 101 113.01 29.10 58.04
C ARG I 101 112.31 30.45 58.10
N LYS I 102 111.00 30.44 57.86
CA LYS I 102 110.22 31.67 57.90
C LYS I 102 109.87 31.99 59.35
N LEU I 103 109.22 33.12 59.55
CA LEU I 103 108.72 33.53 60.86
C LEU I 103 107.75 34.68 60.68
N ARG I 104 106.63 34.66 61.39
CA ARG I 104 105.67 35.74 61.28
C ARG I 104 106.29 37.05 61.77
N ALA I 105 105.91 38.14 61.11
CA ALA I 105 106.44 39.43 61.51
C ALA I 105 105.90 39.86 62.86
N SER I 106 104.77 39.30 63.28
CA SER I 106 104.23 39.64 64.58
C SER I 106 105.07 39.03 65.70
N ILE I 107 105.62 37.84 65.47
CA ILE I 107 106.42 37.17 66.48
C ILE I 107 107.84 37.73 66.44
N THR I 108 108.21 38.45 67.49
CA THR I 108 109.54 39.00 67.67
C THR I 108 110.00 38.69 69.09
N PRO I 109 111.31 38.46 69.29
CA PRO I 109 111.80 38.05 70.62
C PRO I 109 111.38 38.98 71.74
N GLY I 110 110.58 38.46 72.66
CA GLY I 110 110.02 39.26 73.73
C GLY I 110 108.52 39.24 73.70
N THR I 111 107.98 38.67 72.62
CA THR I 111 106.54 38.57 72.46
C THR I 111 105.97 37.52 73.40
N ILE I 112 104.72 37.73 73.80
CA ILE I 112 103.98 36.76 74.58
C ILE I 112 103.09 35.99 73.62
N LEU I 113 103.13 34.67 73.71
CA LEU I 113 102.35 33.81 72.83
C LEU I 113 101.25 33.13 73.63
N ILE I 114 100.45 32.34 72.92
CA ILE I 114 99.39 31.56 73.53
C ILE I 114 99.44 30.15 72.94
N ILE I 115 99.82 29.17 73.74
CA ILE I 115 99.91 27.81 73.24
C ILE I 115 98.52 27.28 72.96
N LEU I 116 98.39 26.53 71.87
CA LEU I 116 97.09 26.06 71.42
C LEU I 116 96.95 24.55 71.45
N THR I 117 98.02 23.80 71.16
CA THR I 117 97.86 22.37 70.96
C THR I 117 98.36 21.55 72.13
N GLY I 118 99.63 21.73 72.52
CA GLY I 118 100.23 20.88 73.53
C GLY I 118 99.51 20.93 74.85
N ARG I 119 99.85 20.02 75.77
CA ARG I 119 99.11 19.91 77.02
C ARG I 119 99.09 21.20 77.82
N HIS I 120 99.88 22.20 77.43
CA HIS I 120 99.77 23.55 77.97
C HIS I 120 98.84 24.40 77.13
N ARG I 121 97.63 23.92 76.88
CA ARG I 121 96.61 24.71 76.21
C ARG I 121 96.40 26.05 76.90
N GLY I 122 96.25 27.10 76.12
CA GLY I 122 95.84 28.39 76.64
C GLY I 122 96.87 29.12 77.46
N LYS I 123 97.93 28.45 77.90
CA LYS I 123 98.92 29.11 78.74
C LYS I 123 99.66 30.19 77.96
N ARG I 124 99.82 31.35 78.59
CA ARG I 124 100.47 32.48 77.96
C ARG I 124 101.95 32.44 78.32
N VAL I 125 102.79 32.23 77.32
CA VAL I 125 104.21 32.02 77.52
C VAL I 125 104.99 33.12 76.80
N VAL I 126 106.25 33.25 77.16
CA VAL I 126 107.11 34.29 76.62
C VAL I 126 108.05 33.68 75.58
N PHE I 127 108.14 34.32 74.43
CA PHE I 127 108.96 33.83 73.34
C PHE I 127 110.38 34.39 73.43
N LEU I 128 111.37 33.53 73.21
CA LEU I 128 112.77 33.93 73.34
C LEU I 128 113.46 33.98 71.98
N LYS I 129 113.49 32.88 71.25
CA LYS I 129 114.25 32.81 70.01
C LYS I 129 113.67 31.69 69.15
N GLN I 130 114.02 31.73 67.87
CA GLN I 130 113.63 30.69 66.94
C GLN I 130 114.81 29.77 66.71
N LEU I 131 114.57 28.47 66.84
CA LEU I 131 115.62 27.49 66.67
C LEU I 131 115.87 27.22 65.20
N SER I 132 117.04 26.64 64.91
CA SER I 132 117.42 26.36 63.54
C SER I 132 116.43 25.40 62.88
N SER I 133 115.95 24.43 63.66
CA SER I 133 114.97 23.48 63.13
C SER I 133 113.69 24.17 62.70
N GLY I 134 113.44 25.39 63.16
CA GLY I 134 112.25 26.14 62.81
C GLY I 134 111.29 26.35 63.95
N LEU I 135 111.39 25.57 65.01
CA LEU I 135 110.49 25.72 66.14
C LEU I 135 110.95 26.90 67.01
N LEU I 136 110.02 27.38 67.83
CA LEU I 136 110.27 28.54 68.68
C LEU I 136 110.71 28.06 70.06
N LEU I 137 111.83 28.60 70.53
CA LEU I 137 112.27 28.36 71.90
C LEU I 137 111.49 29.30 72.82
N VAL I 138 110.36 28.81 73.25
CA VAL I 138 109.47 29.59 74.09
C VAL I 138 109.63 29.14 75.53
N THR I 139 109.34 30.04 76.45
CA THR I 139 109.24 29.67 77.86
C THR I 139 108.38 30.69 78.58
N GLY I 140 107.25 30.24 79.09
CA GLY I 140 106.60 30.98 80.15
C GLY I 140 107.47 30.76 81.35
N PRO I 141 107.55 31.74 82.23
CA PRO I 141 108.29 31.50 83.47
C PRO I 141 107.73 30.31 84.22
N LEU I 142 108.53 29.25 84.35
CA LEU I 142 108.07 28.06 85.06
C LEU I 142 107.55 28.39 86.45
N SER I 143 108.04 29.46 87.06
CA SER I 143 107.53 29.94 88.32
C SER I 143 106.11 30.48 88.22
N LEU I 144 105.59 30.73 87.02
CA LEU I 144 104.26 31.32 86.89
C LEU I 144 103.26 30.39 86.21
N ASN I 145 103.54 29.94 85.00
CA ASN I 145 102.58 29.13 84.26
C ASN I 145 103.00 27.68 84.16
N ARG I 146 104.07 27.27 84.83
CA ARG I 146 104.49 25.88 84.88
C ARG I 146 104.90 25.36 83.51
N VAL I 147 105.54 26.20 82.71
CA VAL I 147 106.04 25.80 81.40
C VAL I 147 107.55 25.99 81.34
N PRO I 148 108.32 24.93 81.15
CA PRO I 148 109.77 25.05 81.13
C PRO I 148 110.26 25.62 79.80
N LEU I 149 111.58 25.63 79.63
CA LEU I 149 112.15 25.84 78.32
C LEU I 149 111.65 24.76 77.38
N ARG I 150 110.89 25.13 76.37
CA ARG I 150 110.17 24.17 75.55
C ARG I 150 110.12 24.65 74.12
N ARG I 151 110.32 23.72 73.19
CA ARG I 151 110.15 24.03 71.78
C ARG I 151 108.67 24.10 71.44
N THR I 152 108.33 24.91 70.44
CA THR I 152 106.94 25.02 70.03
C THR I 152 106.90 25.45 68.57
N HIS I 153 105.99 24.85 67.81
CA HIS I 153 105.86 25.20 66.40
C HIS I 153 105.11 26.51 66.26
N GLN I 154 105.62 27.40 65.39
CA GLN I 154 105.07 28.73 65.29
C GLN I 154 103.67 28.72 64.71
N LYS I 155 103.31 27.66 63.99
CA LYS I 155 101.99 27.61 63.40
C LYS I 155 100.92 27.51 64.47
N PHE I 156 101.14 26.68 65.49
CA PHE I 156 100.17 26.47 66.54
C PHE I 156 100.34 27.42 67.73
N VAL I 157 100.52 28.72 67.49
CA VAL I 157 100.58 29.72 68.54
C VAL I 157 99.90 30.99 68.03
N ILE I 158 99.32 31.74 68.95
CA ILE I 158 98.76 33.05 68.65
C ILE I 158 99.73 34.10 69.16
N ALA I 159 100.06 35.08 68.31
CA ALA I 159 100.99 36.12 68.69
C ALA I 159 100.22 37.27 69.33
N THR I 160 100.33 37.42 70.63
CA THR I 160 99.73 38.52 71.35
C THR I 160 100.55 39.78 71.12
N SER I 161 99.88 40.93 71.11
CA SER I 161 100.53 42.19 70.81
C SER I 161 101.14 42.86 72.04
N THR I 162 101.54 42.08 73.04
CA THR I 162 102.19 42.59 74.24
C THR I 162 103.61 42.08 74.27
N LYS I 163 104.57 42.99 74.31
CA LYS I 163 105.97 42.64 74.26
C LYS I 163 106.68 43.08 75.53
N ILE I 164 107.76 42.37 75.84
CA ILE I 164 108.72 42.80 76.86
C ILE I 164 110.08 42.83 76.17
N ASP I 165 110.99 43.60 76.73
CA ASP I 165 112.29 43.80 76.10
C ASP I 165 113.28 42.82 76.71
N ILE I 166 113.67 41.83 75.92
CA ILE I 166 114.63 40.82 76.37
C ILE I 166 115.92 40.95 75.56
N SER I 167 116.26 42.17 75.17
CA SER I 167 117.53 42.39 74.50
C SER I 167 118.72 42.35 75.45
N GLY I 168 118.48 42.16 76.75
CA GLY I 168 119.57 42.10 77.70
C GLY I 168 119.73 40.74 78.36
N VAL I 169 119.09 39.71 77.82
CA VAL I 169 119.18 38.37 78.37
C VAL I 169 120.17 37.56 77.53
N LYS I 170 121.04 36.83 78.22
CA LYS I 170 122.04 35.99 77.56
C LYS I 170 121.60 34.55 77.70
N ILE I 171 120.77 34.10 76.77
CA ILE I 171 120.31 32.71 76.77
C ILE I 171 121.49 31.81 76.39
N PRO I 172 121.64 30.66 77.02
CA PRO I 172 122.78 29.80 76.72
C PRO I 172 122.78 29.34 75.27
N LYS I 173 123.97 29.27 74.68
CA LYS I 173 124.07 28.73 73.33
C LYS I 173 124.29 27.23 73.30
N HIS I 174 124.61 26.61 74.45
CA HIS I 174 124.75 25.16 74.48
C HIS I 174 123.44 24.45 74.24
N LEU I 175 122.31 25.12 74.49
CA LEU I 175 121.01 24.54 74.22
C LEU I 175 120.58 24.87 72.80
N THR I 176 119.97 23.88 72.14
CA THR I 176 119.57 24.00 70.76
C THR I 176 118.49 22.97 70.49
N ASP I 177 118.10 22.82 69.22
CA ASP I 177 117.09 21.84 68.86
C ASP I 177 117.53 20.43 69.21
N ALA I 178 118.84 20.17 69.18
CA ALA I 178 119.34 18.88 69.62
C ALA I 178 119.22 18.70 71.12
N TYR I 179 119.20 19.81 71.87
CA TYR I 179 119.11 19.71 73.32
C TYR I 179 117.71 19.30 73.76
N PHE I 180 116.69 19.67 73.00
CA PHE I 180 115.31 19.35 73.34
C PHE I 180 114.78 18.14 72.61
N LYS I 181 115.57 17.52 71.74
CA LYS I 181 115.14 16.33 71.02
C LYS I 181 114.81 15.22 72.00
N LYS I 182 113.68 14.54 71.77
CA LYS I 182 113.28 13.44 72.64
C LYS I 182 114.29 12.31 72.52
N LYS I 183 114.76 11.82 73.67
CA LYS I 183 115.87 10.88 73.68
C LYS I 183 115.47 9.50 73.19
N LYS I 184 114.62 8.80 73.94
CA LYS I 184 114.28 7.42 73.60
C LYS I 184 112.82 7.12 73.89
N LYS I 202 109.73 6.16 80.98
CA LYS I 202 109.56 7.15 82.05
C LYS I 202 110.58 8.27 81.87
N TYR I 203 110.11 9.50 81.97
CA TYR I 203 110.95 10.67 81.74
C TYR I 203 111.25 11.33 83.07
N GLU I 204 112.53 11.53 83.35
CA GLU I 204 112.97 12.25 84.54
C GLU I 204 113.70 13.51 84.11
N ILE I 205 113.45 14.60 84.82
CA ILE I 205 114.09 15.87 84.49
C ILE I 205 115.56 15.81 84.89
N THR I 206 116.44 16.06 83.93
CA THR I 206 117.86 16.08 84.20
C THR I 206 118.23 17.30 85.02
N GLU I 207 119.36 17.21 85.73
CA GLU I 207 119.87 18.37 86.44
C GLU I 207 120.25 19.49 85.49
N GLN I 208 120.62 19.14 84.26
CA GLN I 208 120.93 20.17 83.28
C GLN I 208 119.69 20.97 82.90
N ARG I 209 118.56 20.28 82.77
CA ARG I 209 117.31 20.99 82.48
C ARG I 209 116.96 21.96 83.59
N LYS I 210 117.27 21.61 84.83
CA LYS I 210 116.89 22.47 85.95
C LYS I 210 117.79 23.70 86.04
N VAL I 211 119.10 23.52 85.85
CA VAL I 211 120.03 24.61 86.13
C VAL I 211 119.85 25.76 85.14
N ASP I 212 119.77 25.43 83.85
CA ASP I 212 119.58 26.48 82.85
C ASP I 212 118.19 27.08 82.90
N GLN I 213 117.22 26.32 83.41
CA GLN I 213 115.88 26.86 83.62
C GLN I 213 115.92 28.12 84.47
N LYS I 214 116.42 27.98 85.70
CA LYS I 214 116.51 29.14 86.58
C LYS I 214 117.49 30.18 86.05
N ALA I 215 118.38 29.80 85.14
CA ALA I 215 119.35 30.76 84.62
C ALA I 215 118.67 31.84 83.80
N VAL I 216 117.81 31.44 82.87
CA VAL I 216 117.10 32.42 82.05
C VAL I 216 115.87 32.96 82.75
N ASP I 217 115.28 32.17 83.65
CA ASP I 217 114.16 32.66 84.42
C ASP I 217 114.57 33.76 85.40
N SER I 218 115.81 33.73 85.88
CA SER I 218 116.31 34.77 86.76
C SER I 218 116.64 36.06 86.04
N GLN I 219 116.47 36.09 84.72
CA GLN I 219 116.71 37.29 83.94
C GLN I 219 115.47 37.88 83.32
N ILE I 220 114.41 37.09 83.16
CA ILE I 220 113.14 37.58 82.62
C ILE I 220 112.18 37.99 83.73
N LEU I 221 112.14 37.23 84.82
CA LEU I 221 111.30 37.59 85.96
C LEU I 221 111.55 39.00 86.48
N PRO I 222 112.78 39.49 86.61
CA PRO I 222 112.95 40.91 86.97
C PRO I 222 112.44 41.84 85.90
N LYS I 223 112.27 41.38 84.67
CA LYS I 223 111.78 42.24 83.60
C LYS I 223 110.26 42.22 83.49
N ILE I 224 109.64 41.05 83.68
CA ILE I 224 108.19 40.99 83.60
C ILE I 224 107.56 41.68 84.80
N LYS I 225 108.22 41.68 85.95
CA LYS I 225 107.68 42.37 87.12
C LYS I 225 107.73 43.87 86.98
N ALA I 226 108.50 44.40 86.02
CA ALA I 226 108.49 45.84 85.78
C ALA I 226 107.18 46.30 85.19
N VAL I 227 106.46 45.42 84.50
CA VAL I 227 105.18 45.74 83.89
C VAL I 227 104.08 45.39 84.88
N PRO I 228 103.22 46.33 85.26
CA PRO I 228 102.19 46.03 86.26
C PRO I 228 101.21 44.99 85.75
N GLN I 229 100.79 44.11 86.66
CA GLN I 229 99.81 43.05 86.40
C GLN I 229 100.25 42.09 85.30
N LEU I 230 101.52 42.12 84.90
CA LEU I 230 101.94 41.23 83.84
C LEU I 230 102.13 39.81 84.36
N GLN I 231 102.74 39.66 85.53
CA GLN I 231 102.93 38.32 86.08
C GLN I 231 101.58 37.65 86.35
N GLY I 232 100.58 38.44 86.76
CA GLY I 232 99.24 37.89 86.88
C GLY I 232 98.60 37.56 85.56
N TYR I 233 99.02 38.23 84.49
CA TYR I 233 98.51 37.93 83.16
C TYR I 233 99.08 36.63 82.64
N LEU I 234 100.31 36.27 83.05
CA LEU I 234 100.92 35.04 82.59
C LEU I 234 100.39 33.83 83.34
N ARG I 235 99.92 34.03 84.57
CA ARG I 235 99.32 32.92 85.30
C ARG I 235 97.96 32.54 84.74
N SER I 236 97.22 33.49 84.19
CA SER I 236 95.90 33.20 83.68
C SER I 236 95.98 32.53 82.31
N VAL I 237 95.02 31.66 82.04
CA VAL I 237 94.97 30.91 80.79
C VAL I 237 93.99 31.58 79.86
N PHE I 238 94.20 31.35 78.56
CA PHE I 238 93.32 31.92 77.56
C PHE I 238 92.13 30.99 77.31
N ALA I 239 90.96 31.58 77.10
CA ALA I 239 89.76 30.81 76.88
C ALA I 239 88.73 31.67 76.16
N LEU I 240 87.80 31.00 75.49
CA LEU I 240 86.75 31.66 74.74
C LEU I 240 85.44 31.55 75.52
N THR I 241 84.79 32.67 75.72
CA THR I 241 83.52 32.71 76.43
C THR I 241 82.41 33.09 75.47
N ASN I 242 81.20 33.21 76.01
CA ASN I 242 80.04 33.52 75.18
C ASN I 242 80.17 34.91 74.60
N GLY I 243 79.92 35.04 73.30
CA GLY I 243 80.00 36.31 72.62
C GLY I 243 81.39 36.73 72.23
N VAL I 244 82.42 35.99 72.63
CA VAL I 244 83.79 36.30 72.29
C VAL I 244 84.11 35.65 70.95
N TYR I 245 84.45 36.46 69.95
CA TYR I 245 84.66 35.99 68.60
C TYR I 245 86.09 36.31 68.17
N PRO I 246 86.88 35.30 67.81
CA PRO I 246 88.30 35.56 67.51
C PRO I 246 88.53 36.51 66.36
N HIS I 247 87.74 36.37 65.29
CA HIS I 247 87.86 37.29 64.17
C HIS I 247 87.53 38.71 64.59
N LYS I 248 86.65 38.87 65.58
CA LYS I 248 86.22 40.20 65.98
C LYS I 248 87.23 40.87 66.90
N LEU I 249 87.96 40.11 67.69
CA LEU I 249 88.81 40.68 68.71
C LEU I 249 90.25 40.75 68.24
N VAL I 250 90.97 41.73 68.78
CA VAL I 250 92.40 41.87 68.56
C VAL I 250 93.11 41.47 69.85
N PHE I 251 94.34 41.00 69.72
CA PHE I 251 95.14 40.62 70.87
C PHE I 251 96.58 41.09 70.68
N ASN J 1 145.45 4.23 18.81
CA ASN J 1 144.55 5.15 18.13
C ASN J 1 143.82 6.03 19.14
N PHE J 2 142.71 6.63 18.68
CA PHE J 2 141.84 7.46 19.52
C PHE J 2 142.60 8.64 20.15
N ALA J 3 143.59 9.16 19.44
CA ALA J 3 144.26 10.37 19.92
C ALA J 3 143.52 11.61 19.44
N GLU J 4 143.18 11.65 18.16
CA GLU J 4 142.50 12.83 17.60
C GLU J 4 140.99 12.70 17.70
N LEU J 5 140.48 11.46 17.75
CA LEU J 5 139.03 11.27 17.67
C LEU J 5 138.29 11.91 18.84
N LYS J 6 138.93 12.01 20.00
CA LYS J 6 138.25 12.66 21.12
C LYS J 6 138.44 14.17 21.11
N ILE J 7 139.62 14.67 20.71
CA ILE J 7 139.78 16.11 20.61
C ILE J 7 138.92 16.66 19.47
N LYS J 8 138.66 15.84 18.45
CA LYS J 8 137.68 16.19 17.44
C LYS J 8 136.27 16.07 17.96
N ARG J 9 136.02 15.19 18.93
CA ARG J 9 134.72 15.14 19.57
C ARG J 9 134.48 16.38 20.42
N LEU J 10 135.52 16.85 21.10
CA LEU J 10 135.39 18.07 21.89
C LEU J 10 135.07 19.27 21.01
N ARG J 11 135.84 19.46 19.94
CA ARG J 11 135.72 20.67 19.14
C ARG J 11 134.39 20.75 18.42
N LYS J 12 133.76 19.62 18.11
CA LYS J 12 132.46 19.70 17.44
C LYS J 12 131.35 20.01 18.43
N LYS J 13 131.47 19.55 19.68
CA LYS J 13 130.54 20.00 20.70
C LYS J 13 130.85 21.41 21.17
N PHE J 14 132.11 21.83 21.10
CA PHE J 14 132.40 23.23 21.35
C PHE J 14 131.86 24.11 20.24
N ALA J 15 131.75 23.58 19.03
CA ALA J 15 131.18 24.35 17.93
C ALA J 15 129.71 24.64 18.18
N GLN J 16 128.94 23.61 18.55
CA GLN J 16 127.52 23.84 18.82
C GLN J 16 127.33 24.72 20.04
N LYS J 17 128.24 24.67 21.01
CA LYS J 17 128.12 25.54 22.17
C LYS J 17 128.25 26.99 21.77
N MET J 18 129.21 27.31 20.89
CA MET J 18 129.35 28.68 20.42
C MET J 18 128.19 29.07 19.51
N LEU J 19 127.73 28.13 18.70
CA LEU J 19 126.58 28.42 17.84
C LEU J 19 125.34 28.70 18.66
N ARG J 20 125.14 27.94 19.75
CA ARG J 20 123.99 28.19 20.61
C ARG J 20 124.12 29.54 21.29
N LYS J 21 125.32 29.89 21.75
CA LYS J 21 125.51 31.18 22.40
C LYS J 21 125.32 32.34 21.44
N ALA J 22 125.63 32.14 20.16
CA ALA J 22 125.38 33.20 19.18
C ALA J 22 123.90 33.36 18.90
N ARG J 23 123.13 32.28 18.99
CA ARG J 23 121.70 32.40 18.75
C ARG J 23 120.99 33.08 19.91
N ARG J 24 121.48 32.91 21.14
CA ARG J 24 120.88 33.64 22.24
C ARG J 24 121.09 35.14 22.09
N LYS J 25 122.26 35.55 21.60
CA LYS J 25 122.49 36.97 21.39
C LYS J 25 121.64 37.52 20.27
N LEU J 26 121.37 36.72 19.25
CA LEU J 26 120.46 37.17 18.21
C LEU J 26 119.04 37.32 18.73
N ILE J 27 118.60 36.37 19.55
CA ILE J 27 117.27 36.46 20.14
C ILE J 27 117.18 37.65 21.08
N TYR J 28 118.24 37.89 21.84
CA TYR J 28 118.25 39.01 22.77
C TYR J 28 118.13 40.34 22.01
N GLU J 29 119.02 40.57 21.07
CA GLU J 29 119.03 41.85 20.36
C GLU J 29 117.75 42.04 19.54
N LYS J 30 117.18 40.94 19.04
CA LYS J 30 115.91 41.04 18.33
C LYS J 30 114.83 41.61 19.22
N ALA J 31 114.70 41.07 20.43
CA ALA J 31 113.65 41.53 21.33
C ALA J 31 113.88 42.98 21.75
N LYS J 32 115.14 43.37 21.90
CA LYS J 32 115.41 44.77 22.22
C LYS J 32 114.99 45.69 21.08
N HIS J 33 115.13 45.23 19.85
CA HIS J 33 114.65 46.03 18.72
C HIS J 33 113.14 46.08 18.69
N TYR J 34 112.48 44.95 18.94
CA TYR J 34 111.03 44.94 19.00
C TYR J 34 110.51 45.83 20.12
N HIS J 35 111.18 45.79 21.27
CA HIS J 35 110.78 46.66 22.37
C HIS J 35 110.87 48.12 21.99
N LYS J 36 111.79 48.49 21.13
CA LYS J 36 111.88 49.86 20.64
C LYS J 36 110.83 50.15 19.58
N GLU J 37 110.53 49.18 18.71
CA GLU J 37 109.51 49.39 17.70
C GLU J 37 108.14 49.59 18.33
N TYR J 38 107.82 48.80 19.35
CA TYR J 38 106.52 48.95 20.01
C TYR J 38 106.39 50.30 20.69
N ARG J 39 107.47 50.78 21.32
CA ARG J 39 107.40 52.09 21.94
C ARG J 39 107.20 53.19 20.92
N GLN J 40 107.77 53.05 19.73
CA GLN J 40 107.59 54.08 18.71
C GLN J 40 106.17 54.11 18.20
N MET J 41 105.67 52.98 17.71
CA MET J 41 104.34 52.98 17.10
C MET J 41 103.26 53.27 18.12
N TYR J 42 103.53 53.06 19.39
CA TYR J 42 102.57 53.51 20.41
C TYR J 42 102.70 54.99 20.66
N ARG J 43 103.92 55.49 20.79
CA ARG J 43 104.13 56.91 21.05
C ARG J 43 103.82 57.75 19.83
N THR J 44 103.93 57.16 18.63
CA THR J 44 103.64 57.93 17.41
C THR J 44 102.16 58.23 17.27
N GLU J 45 101.29 57.29 17.65
CA GLU J 45 99.86 57.54 17.53
C GLU J 45 99.40 58.63 18.48
N ILE J 46 100.08 58.79 19.60
CA ILE J 46 99.79 59.92 20.47
C ILE J 46 100.28 61.22 19.88
N ARG J 47 101.44 61.20 19.22
CA ARG J 47 101.96 62.40 18.59
C ARG J 47 101.07 62.84 17.43
N MET J 48 100.68 61.90 16.59
CA MET J 48 99.84 62.22 15.44
C MET J 48 98.53 62.87 15.88
N ALA J 49 97.97 62.40 16.99
CA ALA J 49 96.72 62.98 17.47
C ALA J 49 96.96 64.37 18.02
N ARG J 50 98.10 64.59 18.67
CA ARG J 50 98.36 65.88 19.29
C ARG J 50 98.52 66.98 18.25
N MET J 51 99.29 66.71 17.20
CA MET J 51 99.49 67.71 16.17
C MET J 51 98.21 68.04 15.43
N ALA J 52 97.26 67.12 15.38
CA ALA J 52 95.97 67.43 14.76
C ALA J 52 95.15 68.34 15.66
N ARG J 53 95.27 68.18 16.97
CA ARG J 53 94.50 69.02 17.88
C ARG J 53 95.09 70.43 17.93
N LYS J 54 96.42 70.55 17.95
CA LYS J 54 97.04 71.87 17.88
C LYS J 54 96.63 72.61 16.62
N ALA J 55 96.56 71.92 15.49
CA ALA J 55 96.08 72.53 14.26
C ALA J 55 94.57 72.73 14.26
N GLY J 56 93.85 72.03 15.14
CA GLY J 56 92.42 72.12 15.20
C GLY J 56 91.68 71.08 14.40
N ASN J 57 92.39 70.23 13.67
CA ASN J 57 91.78 69.20 12.84
C ASN J 57 91.60 67.91 13.64
N PHE J 58 91.18 66.85 12.96
CA PHE J 58 91.04 65.53 13.55
C PHE J 58 92.06 64.58 12.94
N TYR J 59 92.49 63.60 13.72
CA TYR J 59 93.39 62.56 13.25
C TYR J 59 92.67 61.22 13.36
N VAL J 60 92.23 60.70 12.22
CA VAL J 60 91.57 59.40 12.19
C VAL J 60 92.65 58.32 12.22
N PRO J 61 92.74 57.54 13.29
CA PRO J 61 93.75 56.48 13.32
C PRO J 61 93.42 55.38 12.33
N ALA J 62 94.44 54.62 11.96
CA ALA J 62 94.26 53.53 11.03
C ALA J 62 93.37 52.46 11.67
N GLU J 63 92.30 52.10 10.97
CA GLU J 63 91.42 51.09 11.50
C GLU J 63 92.18 49.77 11.62
N PRO J 64 91.91 48.97 12.65
CA PRO J 64 92.86 47.93 13.06
C PRO J 64 92.95 46.80 12.06
N LYS J 65 94.11 46.17 12.02
CA LYS J 65 94.36 45.06 11.12
C LYS J 65 94.16 43.71 11.78
N LEU J 66 94.14 43.65 13.10
CA LEU J 66 94.12 42.39 13.83
C LEU J 66 92.88 42.31 14.70
N ALA J 67 92.34 41.11 14.82
CA ALA J 67 91.19 40.87 15.67
C ALA J 67 91.34 39.53 16.36
N PHE J 68 90.86 39.45 17.59
CA PHE J 68 90.83 38.22 18.35
C PHE J 68 89.39 37.77 18.50
N VAL J 69 89.09 36.56 18.05
CA VAL J 69 87.73 36.06 18.00
C VAL J 69 87.57 34.91 19.01
N ILE J 70 86.46 34.91 19.72
CA ILE J 70 86.18 33.90 20.74
C ILE J 70 84.79 33.35 20.48
N ARG J 71 84.66 32.02 20.45
CA ARG J 71 83.36 31.40 20.31
C ARG J 71 82.66 31.38 21.65
N ILE J 72 81.50 31.99 21.75
CA ILE J 72 80.79 32.10 23.01
C ILE J 72 79.54 31.25 23.09
N ARG J 73 79.12 30.63 22.00
CA ARG J 73 77.96 29.75 22.05
C ARG J 73 78.37 28.31 21.78
N GLY J 74 77.54 27.40 22.25
CA GLY J 74 77.85 25.98 22.16
C GLY J 74 77.73 25.41 20.77
N ILE J 75 77.64 24.09 20.67
CA ILE J 75 77.65 23.40 19.39
C ILE J 75 76.32 22.73 19.08
N ASN J 76 75.29 23.01 19.87
CA ASN J 76 73.99 22.38 19.67
C ASN J 76 73.07 23.28 18.87
N GLY J 77 72.45 22.71 17.84
CA GLY J 77 71.49 23.43 17.04
C GLY J 77 72.04 24.69 16.40
N VAL J 78 72.95 24.54 15.45
CA VAL J 78 73.59 25.66 14.80
C VAL J 78 73.40 25.53 13.30
N SER J 79 73.09 26.65 12.64
CA SER J 79 72.85 26.75 11.20
C SER J 79 73.98 26.14 10.40
N PRO J 80 73.71 25.57 9.23
CA PRO J 80 74.79 24.96 8.44
C PRO J 80 75.77 25.98 7.90
N LYS J 81 75.30 27.17 7.52
CA LYS J 81 76.20 28.19 7.03
C LYS J 81 77.06 28.74 8.15
N VAL J 82 76.46 28.96 9.32
CA VAL J 82 77.22 29.46 10.46
C VAL J 82 78.23 28.42 10.92
N ARG J 83 77.83 27.15 10.91
CA ARG J 83 78.72 26.10 11.37
C ARG J 83 79.93 25.96 10.45
N LYS J 84 79.73 26.17 9.15
CA LYS J 84 80.85 26.07 8.22
C LYS J 84 81.86 27.19 8.44
N VAL J 85 81.36 28.40 8.66
CA VAL J 85 82.28 29.53 8.88
C VAL J 85 83.03 29.36 10.18
N LEU J 86 82.36 28.88 11.22
CA LEU J 86 82.99 28.77 12.53
C LEU J 86 84.15 27.80 12.50
N GLN J 87 84.09 26.79 11.64
CA GLN J 87 85.24 25.89 11.55
C GLN J 87 86.26 26.36 10.52
N LEU J 88 85.92 27.32 9.68
CA LEU J 88 86.94 27.98 8.89
C LEU J 88 87.77 28.94 9.72
N LEU J 89 87.24 29.38 10.85
CA LEU J 89 88.00 30.14 11.82
C LEU J 89 88.64 29.26 12.88
N ARG J 90 88.52 27.95 12.74
CA ARG J 90 89.06 26.96 13.67
C ARG J 90 88.42 27.04 15.05
N LEU J 91 87.23 27.59 15.15
CA LEU J 91 86.53 27.71 16.42
C LEU J 91 85.48 26.61 16.51
N ARG J 92 85.91 25.44 16.99
CA ARG J 92 85.01 24.30 17.08
C ARG J 92 84.50 24.05 18.48
N GLN J 93 85.20 24.51 19.50
CA GLN J 93 84.74 24.44 20.87
C GLN J 93 84.28 25.80 21.35
N ILE J 94 83.44 25.80 22.37
CA ILE J 94 83.04 27.04 23.00
C ILE J 94 84.24 27.58 23.77
N PHE J 95 84.37 28.91 23.82
CA PHE J 95 85.47 29.61 24.45
C PHE J 95 86.81 29.31 23.80
N ASN J 96 86.81 28.85 22.56
CA ASN J 96 88.03 28.74 21.77
C ASN J 96 88.32 30.09 21.14
N GLY J 97 89.58 30.50 21.19
CA GLY J 97 90.00 31.76 20.63
C GLY J 97 90.94 31.60 19.46
N THR J 98 91.05 32.67 18.67
CA THR J 98 91.97 32.68 17.54
C THR J 98 92.18 34.11 17.05
N PHE J 99 93.28 34.34 16.35
CA PHE J 99 93.55 35.63 15.75
C PHE J 99 93.09 35.63 14.30
N VAL J 100 92.57 36.77 13.86
CA VAL J 100 92.08 36.93 12.50
C VAL J 100 92.56 38.27 11.98
N LYS J 101 93.26 38.26 10.85
CA LYS J 101 93.64 39.52 10.23
C LYS J 101 92.43 40.06 9.47
N LEU J 102 92.17 41.34 9.62
CA LEU J 102 90.94 41.90 9.11
C LEU J 102 91.13 42.42 7.69
N ASN J 103 90.09 42.22 6.88
CA ASN J 103 89.99 42.76 5.54
C ASN J 103 88.55 42.62 5.09
N LYS J 104 88.24 43.03 3.88
CA LYS J 104 86.86 42.92 3.40
C LYS J 104 86.37 41.49 3.41
N ALA J 105 87.25 40.53 3.11
CA ALA J 105 86.83 39.14 3.03
C ALA J 105 86.55 38.56 4.41
N SER J 106 87.48 38.75 5.34
CA SER J 106 87.34 38.14 6.65
C SER J 106 86.23 38.80 7.46
N ILE J 107 86.11 40.13 7.37
CA ILE J 107 85.10 40.83 8.15
C ILE J 107 83.71 40.35 7.79
N ASN J 108 83.44 40.15 6.49
CA ASN J 108 82.14 39.67 6.09
C ASN J 108 81.89 38.24 6.54
N MET J 109 82.93 37.47 6.85
CA MET J 109 82.71 36.19 7.49
C MET J 109 82.31 36.35 8.95
N LEU J 110 82.87 37.36 9.62
CA LEU J 110 82.48 37.62 11.00
C LEU J 110 81.07 38.14 11.12
N ARG J 111 80.54 38.75 10.06
CA ARG J 111 79.16 39.23 10.12
C ARG J 111 78.18 38.09 10.05
N ILE J 112 78.59 36.93 9.52
CA ILE J 112 77.72 35.77 9.45
C ILE J 112 77.57 35.08 10.79
N VAL J 113 78.56 35.19 11.66
CA VAL J 113 78.58 34.40 12.89
C VAL J 113 78.59 35.33 14.08
N GLU J 114 78.18 36.58 13.87
CA GLU J 114 78.19 37.55 14.97
C GLU J 114 77.30 37.19 16.15
N PRO J 115 76.25 36.36 16.03
CA PRO J 115 75.59 35.89 17.26
C PRO J 115 76.38 34.83 18.00
N TYR J 116 77.40 34.25 17.39
CA TYR J 116 78.11 33.12 18.00
C TYR J 116 79.48 33.48 18.52
N ILE J 117 80.02 34.64 18.18
CA ILE J 117 81.38 35.00 18.56
C ILE J 117 81.34 36.32 19.32
N ALA J 118 82.48 36.62 19.93
CA ALA J 118 82.67 37.91 20.59
C ALA J 118 84.10 38.33 20.30
N TRP J 119 84.28 39.18 19.31
CA TRP J 119 85.60 39.57 18.87
C TRP J 119 85.87 41.03 19.19
N GLY J 120 87.09 41.44 18.92
CA GLY J 120 87.52 42.79 19.24
C GLY J 120 88.93 43.00 18.74
N TYR J 121 89.57 44.05 19.25
CA TYR J 121 90.90 44.39 18.78
C TYR J 121 91.91 44.12 19.89
N PRO J 122 92.74 43.10 19.79
CA PRO J 122 93.58 42.72 20.92
C PRO J 122 94.68 43.74 21.15
N ASN J 123 94.91 44.02 22.43
CA ASN J 123 95.98 44.85 22.90
C ASN J 123 97.31 44.11 22.79
N LEU J 124 98.41 44.85 22.90
CA LEU J 124 99.72 44.22 22.86
C LEU J 124 99.90 43.27 24.04
N LYS J 125 99.53 43.73 25.23
CA LYS J 125 99.64 42.88 26.41
C LYS J 125 98.77 41.65 26.29
N SER J 126 97.61 41.79 25.66
CA SER J 126 96.73 40.63 25.47
C SER J 126 97.35 39.61 24.54
N VAL J 127 98.14 40.06 23.57
CA VAL J 127 98.84 39.12 22.70
C VAL J 127 99.96 38.43 23.46
N ASN J 128 100.64 39.16 24.34
CA ASN J 128 101.71 38.58 25.14
C ASN J 128 101.20 37.44 26.00
N GLU J 129 100.18 37.71 26.83
CA GLU J 129 99.70 36.72 27.76
C GLU J 129 99.13 35.50 27.05
N LEU J 130 98.44 35.72 25.93
CA LEU J 130 97.87 34.61 25.20
C LEU J 130 98.95 33.68 24.66
N ILE J 131 99.93 34.24 23.96
CA ILE J 131 100.98 33.41 23.38
C ILE J 131 101.80 32.74 24.47
N TYR J 132 102.05 33.44 25.57
CA TYR J 132 102.92 32.87 26.59
C TYR J 132 102.20 31.84 27.43
N LYS J 133 101.01 32.17 27.93
CA LYS J 133 100.34 31.26 28.85
C LYS J 133 99.61 30.15 28.12
N ARG J 134 98.89 30.49 27.06
CA ARG J 134 98.03 29.54 26.36
C ARG J 134 98.53 29.22 24.96
N GLY J 135 99.82 29.40 24.71
CA GLY J 135 100.34 29.19 23.39
C GLY J 135 100.81 27.77 23.11
N TYR J 136 100.12 27.08 22.21
CA TYR J 136 100.47 25.73 21.81
C TYR J 136 100.65 25.71 20.30
N GLY J 137 101.70 25.06 19.84
CA GLY J 137 102.00 24.99 18.43
C GLY J 137 101.49 23.72 17.79
N LYS J 138 101.13 23.81 16.52
CA LYS J 138 100.70 22.65 15.75
C LYS J 138 101.90 22.10 15.00
N ILE J 139 102.60 21.19 15.66
CA ILE J 139 103.79 20.57 15.10
C ILE J 139 103.45 19.14 14.72
N ASN J 140 103.52 18.83 13.43
CA ASN J 140 103.22 17.49 12.93
C ASN J 140 101.80 17.08 13.30
N LYS J 141 100.88 18.03 13.23
CA LYS J 141 99.48 17.81 13.57
C LYS J 141 99.31 17.35 15.00
N LYS J 142 100.15 17.88 15.89
CA LYS J 142 100.10 17.53 17.30
C LYS J 142 100.16 18.81 18.11
N ARG J 143 99.22 18.98 19.03
CA ARG J 143 99.19 20.16 19.89
C ARG J 143 100.31 20.08 20.90
N ILE J 144 101.41 20.77 20.65
CA ILE J 144 102.59 20.70 21.49
C ILE J 144 102.83 22.06 22.13
N ALA J 145 103.08 22.04 23.44
CA ALA J 145 103.25 23.28 24.17
C ALA J 145 104.57 23.96 23.80
N LEU J 146 104.51 25.27 23.57
CA LEU J 146 105.68 26.05 23.20
C LEU J 146 106.52 26.26 24.44
N THR J 147 107.40 25.32 24.72
CA THR J 147 108.23 25.38 25.92
C THR J 147 109.61 25.96 25.66
N ASP J 148 110.09 25.92 24.43
CA ASP J 148 111.39 26.52 24.12
C ASP J 148 111.40 26.95 22.67
N ASN J 149 112.32 27.85 22.35
CA ASN J 149 112.34 28.49 21.04
C ASN J 149 112.58 27.51 19.90
N THR J 150 113.29 26.42 20.15
CA THR J 150 113.61 25.49 19.07
C THR J 150 112.35 24.89 18.47
N LEU J 151 111.27 24.80 19.24
CA LEU J 151 110.01 24.32 18.69
C LEU J 151 109.48 25.28 17.62
N ILE J 152 109.70 26.57 17.79
CA ILE J 152 109.21 27.53 16.81
C ILE J 152 110.13 27.57 15.61
N ALA J 153 111.44 27.69 15.85
CA ALA J 153 112.40 27.74 14.75
C ALA J 153 112.37 26.48 13.90
N ARG J 154 112.03 25.33 14.51
CA ARG J 154 111.94 24.09 13.75
C ARG J 154 110.85 24.13 12.71
N SER J 155 109.86 24.99 12.88
CA SER J 155 108.72 25.08 11.96
C SER J 155 108.60 26.43 11.29
N LEU J 156 108.87 27.51 12.01
CA LEU J 156 108.75 28.85 11.47
C LEU J 156 110.11 29.47 11.16
N GLY J 157 111.14 28.65 11.05
CA GLY J 157 112.46 29.18 10.76
C GLY J 157 112.57 29.73 9.36
N LYS J 158 111.85 29.15 8.40
CA LYS J 158 111.90 29.62 7.03
C LYS J 158 111.24 30.97 6.84
N TYR J 159 110.77 31.60 7.92
CA TYR J 159 110.24 32.96 7.86
C TYR J 159 110.95 33.87 8.84
N ASN J 160 112.15 33.50 9.28
CA ASN J 160 112.95 34.21 10.25
C ASN J 160 112.27 34.35 11.60
N ILE J 161 111.28 33.51 11.90
CA ILE J 161 110.61 33.49 13.19
C ILE J 161 111.27 32.39 14.00
N ILE J 162 112.17 32.77 14.91
CA ILE J 162 112.99 31.82 15.63
C ILE J 162 112.87 31.98 17.14
N CYS J 163 111.85 32.70 17.60
CA CYS J 163 111.65 32.87 19.04
C CYS J 163 110.19 33.24 19.27
N MET J 164 109.83 33.33 20.55
CA MET J 164 108.47 33.77 20.89
C MET J 164 108.26 35.23 20.51
N GLU J 165 109.28 36.06 20.73
CA GLU J 165 109.15 37.47 20.39
C GLU J 165 108.95 37.66 18.90
N ASP J 166 109.68 36.89 18.09
CA ASP J 166 109.46 36.93 16.65
C ASP J 166 108.03 36.57 16.30
N LEU J 167 107.48 35.56 16.98
CA LEU J 167 106.12 35.14 16.70
C LEU J 167 105.12 36.19 17.17
N ILE J 168 105.35 36.75 18.36
CA ILE J 168 104.46 37.79 18.87
C ILE J 168 104.51 39.01 17.96
N HIS J 169 105.69 39.36 17.47
CA HIS J 169 105.80 40.51 16.59
C HIS J 169 105.11 40.25 15.25
N GLU J 170 105.20 39.03 14.75
CA GLU J 170 104.54 38.71 13.49
C GLU J 170 103.03 38.67 13.65
N ILE J 171 102.55 38.44 14.86
CA ILE J 171 101.12 38.39 15.12
C ILE J 171 100.59 39.79 15.35
N TYR J 172 101.17 40.50 16.31
CA TYR J 172 100.69 41.81 16.68
C TYR J 172 100.69 42.77 15.50
N THR J 173 101.87 43.10 14.99
CA THR J 173 101.97 43.86 13.76
C THR J 173 101.85 42.86 12.62
N VAL J 174 100.64 42.78 12.06
CA VAL J 174 100.31 41.75 11.09
C VAL J 174 101.32 41.79 9.97
N GLY J 175 102.12 40.73 9.86
CA GLY J 175 103.30 40.73 9.04
C GLY J 175 103.08 40.03 7.71
N LYS J 176 104.16 39.94 6.95
CA LYS J 176 104.12 39.27 5.66
C LYS J 176 103.83 37.78 5.80
N HIS J 177 104.11 37.21 6.95
CA HIS J 177 103.93 35.78 7.21
C HIS J 177 102.95 35.54 8.33
N PHE J 178 101.93 36.39 8.45
CA PHE J 178 100.94 36.21 9.50
C PHE J 178 100.21 34.89 9.33
N LYS J 179 99.86 34.54 8.10
CA LYS J 179 99.08 33.34 7.85
C LYS J 179 99.79 32.09 8.37
N GLU J 180 101.03 31.90 7.95
CA GLU J 180 101.77 30.72 8.40
C GLU J 180 102.02 30.77 9.90
N ALA J 181 102.31 31.94 10.43
CA ALA J 181 102.54 32.07 11.86
C ALA J 181 101.26 31.81 12.65
N ASN J 182 100.15 32.42 12.22
CA ASN J 182 98.90 32.24 12.94
C ASN J 182 98.37 30.83 12.79
N ASN J 183 98.56 30.21 11.63
CA ASN J 183 98.15 28.83 11.46
C ASN J 183 99.07 27.87 12.20
N PHE J 184 100.22 28.33 12.67
CA PHE J 184 101.07 27.48 13.48
C PHE J 184 100.51 27.33 14.88
N LEU J 185 99.85 28.36 15.38
CA LEU J 185 99.28 28.31 16.71
C LEU J 185 98.03 27.45 16.71
N TRP J 186 97.96 26.54 17.63
CA TRP J 186 96.72 25.84 17.90
C TRP J 186 95.69 26.83 18.43
N PRO J 187 94.41 26.66 18.09
CA PRO J 187 93.38 27.55 18.63
C PRO J 187 93.41 27.62 20.15
N PHE J 188 93.43 28.84 20.69
CA PHE J 188 93.57 29.02 22.12
C PHE J 188 92.36 28.47 22.85
N LYS J 189 92.62 27.63 23.84
CA LYS J 189 91.56 27.05 24.66
C LYS J 189 91.49 27.85 25.95
N LEU J 190 90.65 28.87 25.94
CA LEU J 190 90.48 29.73 27.10
C LEU J 190 89.50 29.09 28.08
N SER J 191 89.56 29.54 29.32
CA SER J 191 88.62 29.07 30.32
C SER J 191 87.36 29.91 30.27
N SER J 192 86.36 29.51 31.04
CA SER J 192 85.15 30.30 31.12
C SER J 192 85.46 31.63 31.79
N PRO J 193 84.76 32.69 31.42
CA PRO J 193 85.14 34.02 31.89
C PRO J 193 84.86 34.22 33.37
N ARG J 194 85.92 34.32 34.17
CA ARG J 194 85.76 34.57 35.59
C ARG J 194 85.11 35.92 35.80
N GLY J 195 84.00 35.93 36.54
CA GLY J 195 83.21 37.13 36.72
C GLY J 195 81.91 37.11 35.98
N GLY J 196 81.68 36.11 35.13
CA GLY J 196 80.44 36.00 34.41
C GLY J 196 80.41 36.79 33.13
N MET J 197 79.25 36.72 32.48
CA MET J 197 79.00 37.47 31.26
C MET J 197 77.73 38.29 31.47
N LYS J 198 77.61 39.37 30.70
CA LYS J 198 76.38 40.16 30.77
C LYS J 198 75.21 39.38 30.22
N LYS J 199 75.28 38.98 28.96
CA LYS J 199 74.26 38.13 28.35
C LYS J 199 74.81 37.50 27.09
N LYS J 200 74.85 36.17 27.06
CA LYS J 200 75.49 35.49 25.94
C LYS J 200 74.66 35.59 24.67
N THR J 201 73.35 35.74 24.79
CA THR J 201 72.49 35.58 23.64
C THR J 201 72.35 36.83 22.78
N THR J 202 72.58 38.02 23.32
CA THR J 202 72.36 39.24 22.57
C THR J 202 73.66 39.94 22.26
N HIS J 203 73.58 40.93 21.38
CA HIS J 203 74.74 41.65 20.90
C HIS J 203 75.30 42.55 22.00
N PHE J 204 76.59 42.87 21.87
CA PHE J 204 77.26 43.65 22.90
C PHE J 204 76.64 45.02 23.08
N VAL J 205 76.26 45.66 21.97
CA VAL J 205 75.77 47.03 22.05
C VAL J 205 74.44 47.10 22.77
N GLU J 206 73.64 46.04 22.71
CA GLU J 206 72.36 46.01 23.39
C GLU J 206 72.44 45.33 24.74
N GLY J 207 73.60 45.40 25.39
CA GLY J 207 73.76 44.87 26.72
C GLY J 207 74.13 43.42 26.82
N GLY J 208 74.50 42.78 25.71
CA GLY J 208 74.87 41.38 25.69
C GLY J 208 76.36 41.17 25.68
N ASP J 209 76.78 40.12 25.01
CA ASP J 209 78.19 39.77 24.91
C ASP J 209 78.66 39.44 23.52
N ALA J 210 77.77 39.11 22.59
CA ALA J 210 78.20 38.75 21.25
C ALA J 210 78.54 39.99 20.44
N GLY J 211 79.21 39.78 19.31
CA GLY J 211 79.50 40.84 18.39
C GLY J 211 80.87 41.45 18.59
N ASN J 212 81.02 42.68 18.18
CA ASN J 212 82.29 43.38 18.17
C ASN J 212 82.33 44.31 19.35
N ARG J 213 83.19 44.05 20.30
CA ARG J 213 83.30 44.90 21.46
C ARG J 213 84.61 45.64 21.41
N GLU J 214 84.99 46.03 20.20
CA GLU J 214 86.23 46.66 19.77
C GLU J 214 87.41 46.59 20.70
N ASP J 215 87.55 47.50 21.64
CA ASP J 215 88.72 47.45 22.49
C ASP J 215 88.44 46.80 23.83
N GLN J 216 87.17 46.60 24.16
CA GLN J 216 86.79 45.92 25.40
C GLN J 216 87.07 44.43 25.35
N ILE J 217 87.57 43.92 24.23
CA ILE J 217 87.92 42.50 24.18
C ILE J 217 89.05 42.20 25.14
N ASN J 218 89.85 43.21 25.49
CA ASN J 218 90.98 42.99 26.38
C ASN J 218 90.50 42.64 27.78
N ARG J 219 89.52 43.37 28.29
CA ARG J 219 88.97 43.04 29.60
C ARG J 219 88.42 41.62 29.62
N LEU J 220 87.86 41.17 28.51
CA LEU J 220 87.35 39.81 28.45
C LEU J 220 88.48 38.80 28.40
N ILE J 221 89.62 39.17 27.81
CA ILE J 221 90.73 38.23 27.73
C ILE J 221 91.38 38.08 29.10
N ARG J 222 91.52 39.16 29.85
CA ARG J 222 92.11 39.07 31.17
C ARG J 222 91.35 38.13 32.09
N ARG J 223 90.04 37.99 31.87
CA ARG J 223 89.21 37.10 32.68
C ARG J 223 89.18 35.68 32.14
N MET J 224 89.19 35.52 30.82
CA MET J 224 89.20 34.18 30.25
C MET J 224 90.57 33.54 30.32
N ASN J 225 91.63 34.30 30.07
CA ASN J 225 92.97 33.78 30.12
C ASN J 225 93.34 33.39 31.54
N VAL K 1 -22.28 -113.70 -19.69
CA VAL K 1 -20.88 -114.08 -19.83
C VAL K 1 -19.98 -112.98 -19.25
N VAL K 2 -20.38 -111.72 -19.44
CA VAL K 2 -19.62 -110.60 -18.91
C VAL K 2 -20.18 -110.20 -17.55
N ASN K 3 -19.34 -109.63 -16.71
CA ASN K 3 -19.80 -109.06 -15.46
C ASN K 3 -20.49 -107.75 -15.74
N PRO K 4 -21.78 -107.59 -15.40
CA PRO K 4 -22.46 -106.32 -15.68
C PRO K 4 -21.94 -105.16 -14.86
N LEU K 5 -21.08 -105.39 -13.88
CA LEU K 5 -20.53 -104.31 -13.09
C LEU K 5 -19.50 -103.50 -13.86
N PHE K 6 -18.88 -104.09 -14.87
CA PHE K 6 -17.82 -103.43 -15.63
C PHE K 6 -18.44 -102.40 -16.55
N GLU K 7 -18.30 -101.14 -16.18
CA GLU K 7 -18.86 -100.04 -16.95
C GLU K 7 -17.75 -99.09 -17.36
N LYS K 8 -17.92 -98.48 -18.53
CA LYS K 8 -16.91 -97.62 -19.10
C LYS K 8 -17.20 -96.17 -18.70
N ARG K 9 -16.25 -95.54 -18.02
CA ARG K 9 -16.42 -94.18 -17.52
C ARG K 9 -15.61 -93.22 -18.38
N PRO K 10 -16.17 -92.69 -19.46
CA PRO K 10 -15.39 -91.81 -20.32
C PRO K 10 -15.15 -90.47 -19.64
N LYS K 11 -14.14 -89.77 -20.14
CA LYS K 11 -13.77 -88.46 -19.62
C LYS K 11 -13.90 -87.43 -20.73
N ASN K 12 -14.49 -86.29 -20.39
CA ASN K 12 -14.71 -85.21 -21.34
C ASN K 12 -13.68 -84.12 -21.06
N PHE K 13 -12.58 -84.13 -21.80
CA PHE K 13 -11.53 -83.14 -21.57
C PHE K 13 -11.86 -81.84 -22.28
N GLY K 14 -13.07 -81.34 -22.11
CA GLY K 14 -13.41 -80.03 -22.63
C GLY K 14 -12.87 -78.95 -21.73
N ILE K 15 -12.96 -77.72 -22.23
CA ILE K 15 -12.46 -76.57 -21.46
C ILE K 15 -13.27 -76.45 -20.18
N GLY K 16 -12.60 -76.56 -19.05
CA GLY K 16 -13.26 -76.48 -17.76
C GLY K 16 -14.23 -77.62 -17.50
N GLN K 17 -14.15 -78.68 -18.28
CA GLN K 17 -15.05 -79.82 -18.14
C GLN K 17 -14.45 -80.92 -17.30
N ASP K 18 -13.16 -81.18 -17.46
CA ASP K 18 -12.48 -82.21 -16.71
C ASP K 18 -10.99 -81.92 -16.77
N ILE K 19 -10.27 -82.42 -15.78
CA ILE K 19 -8.84 -82.13 -15.68
C ILE K 19 -8.13 -82.70 -16.90
N GLN K 20 -7.15 -81.95 -17.41
CA GLN K 20 -6.46 -82.36 -18.61
C GLN K 20 -5.56 -83.55 -18.32
N PRO K 21 -5.35 -84.43 -19.29
CA PRO K 21 -4.48 -85.58 -19.08
C PRO K 21 -3.03 -85.21 -19.33
N LYS K 22 -2.14 -86.04 -18.81
CA LYS K 22 -0.72 -85.77 -18.96
C LYS K 22 -0.27 -86.10 -20.38
N ARG K 23 -0.44 -85.14 -21.29
CA ARG K 23 0.00 -85.29 -22.66
C ARG K 23 1.42 -84.74 -22.81
N ASP K 24 2.06 -85.10 -23.91
CA ASP K 24 3.46 -84.74 -24.09
C ASP K 24 3.62 -83.25 -24.31
N LEU K 25 4.65 -82.68 -23.67
CA LEU K 25 4.86 -81.24 -23.70
C LEU K 25 6.26 -80.88 -24.19
N THR K 26 6.88 -81.73 -25.01
CA THR K 26 8.26 -81.52 -25.41
C THR K 26 8.44 -80.25 -26.23
N ARG K 27 7.34 -79.64 -26.66
CA ARG K 27 7.40 -78.43 -27.45
C ARG K 27 7.26 -77.18 -26.60
N PHE K 28 7.05 -77.32 -25.30
CA PHE K 28 6.88 -76.17 -24.43
C PHE K 28 7.77 -76.21 -23.20
N VAL K 29 8.68 -77.18 -23.11
CA VAL K 29 9.57 -77.26 -21.96
C VAL K 29 10.47 -76.04 -21.93
N LYS K 30 10.76 -75.55 -20.73
CA LYS K 30 11.76 -74.50 -20.55
C LYS K 30 13.14 -75.15 -20.45
N TRP K 31 13.75 -75.32 -21.61
CA TRP K 31 15.01 -76.04 -21.69
C TRP K 31 16.13 -75.25 -21.03
N PRO K 32 17.19 -75.92 -20.59
CA PRO K 32 18.35 -75.21 -20.03
C PRO K 32 18.99 -74.29 -21.05
N ARG K 33 19.81 -73.36 -20.58
CA ARG K 33 20.44 -72.42 -21.50
C ARG K 33 21.36 -73.10 -22.49
N TYR K 34 22.02 -74.18 -22.08
CA TYR K 34 22.95 -74.84 -23.00
C TYR K 34 22.22 -75.58 -24.10
N ILE K 35 20.93 -75.84 -23.92
CA ILE K 35 20.17 -76.49 -24.98
C ILE K 35 19.55 -75.44 -25.91
N ARG K 36 18.98 -74.38 -25.34
CA ARG K 36 18.46 -73.30 -26.16
C ARG K 36 19.54 -72.73 -27.07
N LEU K 37 20.70 -72.40 -26.50
CA LEU K 37 21.81 -71.94 -27.31
C LEU K 37 22.20 -72.99 -28.34
N GLN K 38 22.15 -74.26 -27.95
CA GLN K 38 22.52 -75.33 -28.86
C GLN K 38 21.58 -75.42 -30.05
N ARG K 39 20.29 -75.13 -29.83
CA ARG K 39 19.28 -75.27 -30.86
C ARG K 39 19.15 -74.03 -31.70
N GLN K 40 19.00 -72.87 -31.07
CA GLN K 40 18.76 -71.68 -31.88
C GLN K 40 19.99 -71.16 -32.58
N ARG K 41 21.10 -71.89 -32.53
CA ARG K 41 22.18 -71.60 -33.47
C ARG K 41 22.05 -72.44 -34.73
N ALA K 42 21.46 -73.64 -34.62
CA ALA K 42 21.11 -74.38 -35.82
C ALA K 42 19.98 -73.72 -36.58
N ILE K 43 19.23 -72.85 -35.92
CA ILE K 43 18.22 -72.05 -36.60
C ILE K 43 18.88 -70.87 -37.30
N LEU K 44 19.87 -70.26 -36.66
CA LEU K 44 20.59 -69.15 -37.29
C LEU K 44 21.23 -69.58 -38.59
N TYR K 45 21.71 -70.81 -38.67
CA TYR K 45 22.28 -71.30 -39.92
C TYR K 45 21.23 -71.55 -40.98
N LYS K 46 19.96 -71.27 -40.70
CA LYS K 46 18.92 -71.27 -41.72
C LYS K 46 18.38 -69.88 -42.02
N ARG K 47 18.34 -68.99 -41.04
CA ARG K 47 17.87 -67.62 -41.29
C ARG K 47 18.91 -66.81 -42.04
N LEU K 48 20.13 -66.74 -41.52
CA LEU K 48 21.13 -65.90 -42.11
C LEU K 48 21.57 -66.44 -43.46
N LYS K 49 22.06 -65.55 -44.31
CA LYS K 49 22.58 -65.94 -45.61
C LYS K 49 23.98 -66.49 -45.40
N VAL K 50 24.10 -67.81 -45.44
CA VAL K 50 25.43 -68.41 -45.26
C VAL K 50 26.25 -68.20 -46.54
N PRO K 51 27.48 -67.69 -46.43
CA PRO K 51 28.32 -67.57 -47.60
C PRO K 51 28.65 -68.93 -48.18
N PRO K 52 28.91 -68.98 -49.48
CA PRO K 52 29.17 -70.26 -50.16
C PRO K 52 30.35 -71.04 -49.62
N ALA K 53 31.35 -70.34 -49.10
CA ALA K 53 32.53 -71.03 -48.61
C ALA K 53 32.21 -71.89 -47.39
N ILE K 54 31.16 -71.53 -46.66
CA ILE K 54 30.77 -72.31 -45.49
C ILE K 54 29.64 -73.24 -45.89
N ASN K 55 28.78 -72.77 -46.80
CA ASN K 55 27.64 -73.57 -47.20
C ASN K 55 28.03 -74.78 -48.02
N GLN K 56 29.23 -74.79 -48.60
CA GLN K 56 29.67 -75.91 -49.40
C GLN K 56 29.86 -77.18 -48.59
N PHE K 57 29.76 -77.12 -47.27
CA PHE K 57 29.90 -78.29 -46.43
C PHE K 57 28.58 -78.95 -46.10
N THR K 58 27.47 -78.38 -46.57
CA THR K 58 26.18 -79.07 -46.44
C THR K 58 25.93 -79.99 -47.61
N GLN K 59 26.44 -79.65 -48.79
CA GLN K 59 26.38 -80.53 -49.96
C GLN K 59 27.36 -81.66 -49.71
N VAL K 60 26.86 -82.74 -49.14
CA VAL K 60 27.70 -83.76 -48.57
C VAL K 60 27.62 -85.02 -49.42
N LEU K 61 28.54 -85.95 -49.18
CA LEU K 61 28.51 -87.23 -49.84
C LEU K 61 27.34 -88.06 -49.33
N ASP K 62 26.69 -88.77 -50.25
CA ASP K 62 25.50 -89.55 -49.90
C ASP K 62 25.84 -90.75 -49.03
N ARG K 63 24.83 -91.57 -48.75
CA ARG K 63 24.97 -92.65 -47.76
C ARG K 63 25.87 -93.78 -48.25
N GLN K 64 25.49 -94.44 -49.34
CA GLN K 64 26.17 -95.67 -49.71
C GLN K 64 27.56 -95.43 -50.29
N THR K 65 27.78 -94.31 -51.00
CA THR K 65 29.12 -93.99 -51.44
C THR K 65 30.06 -93.75 -50.26
N ALA K 66 29.52 -93.25 -49.15
CA ALA K 66 30.32 -93.11 -47.94
C ALA K 66 30.79 -94.47 -47.43
N THR K 67 29.87 -95.44 -47.35
CA THR K 67 30.21 -96.73 -46.77
C THR K 67 31.31 -97.42 -47.57
N GLN K 68 31.12 -97.51 -48.89
CA GLN K 68 32.12 -98.15 -49.73
C GLN K 68 33.44 -97.39 -49.70
N LEU K 69 33.38 -96.07 -49.50
CA LEU K 69 34.59 -95.30 -49.26
C LEU K 69 35.27 -95.74 -47.98
N LEU K 70 34.50 -95.95 -46.92
CA LEU K 70 35.06 -96.38 -45.65
C LEU K 70 35.54 -97.83 -45.70
N LYS K 71 34.82 -98.69 -46.42
CA LYS K 71 35.29 -100.07 -46.58
C LYS K 71 36.61 -100.09 -47.32
N LEU K 72 36.85 -99.14 -48.21
CA LEU K 72 38.16 -99.02 -48.83
C LEU K 72 39.20 -98.53 -47.84
N ALA K 73 38.93 -97.43 -47.16
CA ALA K 73 39.91 -96.84 -46.26
C ALA K 73 40.17 -97.70 -45.03
N HIS K 74 39.32 -98.69 -44.76
CA HIS K 74 39.48 -99.52 -43.59
C HIS K 74 40.67 -100.46 -43.67
N LYS K 75 41.28 -100.61 -44.84
CA LYS K 75 42.46 -101.45 -44.99
C LYS K 75 43.74 -100.64 -45.03
N TYR K 76 43.64 -99.32 -45.05
CA TYR K 76 44.80 -98.43 -44.97
C TYR K 76 44.83 -97.70 -43.64
N ARG K 77 44.25 -98.31 -42.60
CA ARG K 77 44.27 -97.70 -41.29
C ARG K 77 45.70 -97.70 -40.75
N PRO K 78 46.18 -96.57 -40.25
CA PRO K 78 47.56 -96.53 -39.74
C PRO K 78 47.71 -97.46 -38.55
N GLU K 79 48.93 -97.96 -38.38
CA GLU K 79 49.18 -98.97 -37.35
C GLU K 79 48.91 -98.41 -35.96
N THR K 80 48.03 -99.07 -35.23
CA THR K 80 47.88 -98.72 -33.83
C THR K 80 49.15 -99.09 -33.08
N LYS K 81 49.34 -98.44 -31.93
CA LYS K 81 50.65 -98.47 -31.29
C LYS K 81 50.99 -99.84 -30.71
N GLN K 82 50.02 -100.74 -30.63
CA GLN K 82 50.37 -102.14 -30.35
C GLN K 82 51.22 -102.71 -31.48
N GLU K 83 50.74 -102.61 -32.71
CA GLU K 83 51.50 -103.08 -33.86
C GLU K 83 52.72 -102.24 -34.15
N LYS K 84 52.73 -100.98 -33.73
CA LYS K 84 53.98 -100.22 -33.78
C LYS K 84 55.04 -100.88 -32.92
N LYS K 85 54.65 -101.42 -31.76
CA LYS K 85 55.55 -102.27 -31.00
C LYS K 85 55.83 -103.56 -31.74
N GLN K 86 54.79 -104.21 -32.26
CA GLN K 86 54.97 -105.48 -32.97
C GLN K 86 55.78 -105.33 -34.23
N ARG K 87 55.92 -104.12 -34.76
CA ARG K 87 56.65 -103.92 -36.00
C ARG K 87 58.15 -103.85 -35.80
N LEU K 88 58.60 -103.21 -34.71
CA LEU K 88 60.03 -103.06 -34.48
C LEU K 88 60.63 -104.25 -33.76
N LEU K 89 59.82 -105.03 -33.03
CA LEU K 89 60.35 -106.27 -32.48
C LEU K 89 60.56 -107.32 -33.56
N ALA K 90 59.83 -107.21 -34.66
CA ALA K 90 60.15 -107.99 -35.85
C ALA K 90 61.31 -107.38 -36.63
N ARG K 91 61.63 -106.12 -36.36
CA ARG K 91 62.85 -105.50 -36.85
C ARG K 91 64.05 -105.85 -35.98
N ALA K 92 63.82 -106.16 -34.70
CA ALA K 92 64.89 -106.57 -33.82
C ALA K 92 65.43 -107.96 -34.18
N GLU K 93 64.55 -108.92 -34.38
CA GLU K 93 64.97 -110.31 -34.58
C GLU K 93 65.68 -110.55 -35.90
N LYS K 94 65.71 -109.58 -36.80
CA LYS K 94 66.47 -109.75 -38.04
C LYS K 94 67.89 -109.23 -37.93
N LYS K 95 68.11 -108.14 -37.21
CA LYS K 95 69.47 -107.64 -36.99
C LYS K 95 70.26 -108.60 -36.11
N ALA K 96 69.63 -109.19 -35.10
CA ALA K 96 70.27 -110.22 -34.28
C ALA K 96 70.42 -111.55 -35.02
N ALA K 97 69.79 -111.69 -36.18
CA ALA K 97 69.93 -112.90 -36.99
C ALA K 97 70.72 -112.58 -38.25
N LYS K 105 59.70 -102.70 -47.42
CA LYS K 105 59.48 -101.27 -47.30
C LYS K 105 58.09 -100.98 -46.76
N ARG K 106 57.87 -99.72 -46.37
CA ARG K 106 56.64 -99.37 -45.66
C ARG K 106 55.45 -99.43 -46.60
N PRO K 107 54.34 -100.07 -46.18
CA PRO K 107 53.17 -100.12 -47.04
C PRO K 107 52.53 -98.76 -47.15
N PRO K 108 51.67 -98.55 -48.14
CA PRO K 108 50.93 -97.29 -48.22
C PRO K 108 49.92 -97.19 -47.10
N VAL K 109 49.89 -96.04 -46.42
CA VAL K 109 49.01 -95.83 -45.29
C VAL K 109 48.12 -94.63 -45.57
N LEU K 110 47.20 -94.35 -44.67
CA LEU K 110 46.38 -93.15 -44.77
C LEU K 110 47.20 -91.95 -44.26
N ARG K 111 46.59 -90.78 -44.28
CA ARG K 111 47.27 -89.56 -43.84
C ARG K 111 46.23 -88.67 -43.18
N ALA K 112 46.37 -88.46 -41.89
CA ALA K 112 45.38 -87.73 -41.12
C ALA K 112 45.92 -86.37 -40.70
N GLY K 113 44.99 -85.43 -40.52
CA GLY K 113 45.35 -84.10 -40.05
C GLY K 113 45.47 -83.11 -41.19
N VAL K 114 44.89 -81.92 -41.01
CA VAL K 114 45.01 -80.90 -42.05
C VAL K 114 46.46 -80.55 -42.29
N ASN K 115 47.25 -80.45 -41.23
CA ASN K 115 48.63 -79.99 -41.40
C ASN K 115 49.45 -80.97 -42.21
N THR K 116 49.14 -82.26 -42.15
CA THR K 116 49.78 -83.20 -43.05
C THR K 116 49.12 -83.23 -44.41
N VAL K 117 47.82 -82.99 -44.49
CA VAL K 117 47.11 -83.15 -45.74
C VAL K 117 47.43 -82.00 -46.70
N THR K 118 47.29 -80.76 -46.23
CA THR K 118 47.48 -79.62 -47.10
C THR K 118 48.87 -79.60 -47.73
N THR K 119 49.89 -80.04 -47.00
CA THR K 119 51.21 -80.14 -47.58
C THR K 119 51.23 -81.13 -48.74
N LEU K 120 50.72 -82.34 -48.51
CA LEU K 120 50.76 -83.33 -49.59
C LEU K 120 49.67 -83.07 -50.62
N VAL K 121 48.80 -82.09 -50.40
CA VAL K 121 47.99 -81.58 -51.49
C VAL K 121 48.75 -80.51 -52.26
N GLU K 122 49.48 -79.65 -51.55
CA GLU K 122 50.32 -78.66 -52.21
C GLU K 122 51.46 -79.28 -53.00
N ASN K 123 51.78 -80.54 -52.74
CA ASN K 123 52.79 -81.26 -53.50
C ASN K 123 52.21 -82.26 -54.47
N LYS K 124 50.88 -82.36 -54.53
CA LYS K 124 50.18 -83.23 -55.48
C LYS K 124 50.60 -84.69 -55.31
N LYS K 125 50.81 -85.09 -54.06
CA LYS K 125 51.02 -86.50 -53.76
C LYS K 125 49.74 -87.19 -53.32
N ALA K 126 48.63 -86.47 -53.22
CA ALA K 126 47.37 -87.04 -52.81
C ALA K 126 46.56 -87.46 -54.04
N GLN K 127 45.88 -88.60 -53.91
CA GLN K 127 44.95 -89.04 -54.93
C GLN K 127 43.49 -88.83 -54.54
N LEU K 128 43.21 -88.73 -53.25
CA LEU K 128 41.87 -88.44 -52.77
C LEU K 128 41.97 -87.93 -51.35
N VAL K 129 41.18 -86.92 -51.03
CA VAL K 129 41.18 -86.32 -49.71
C VAL K 129 39.73 -86.20 -49.24
N VAL K 130 39.47 -86.65 -48.02
CA VAL K 130 38.15 -86.60 -47.43
C VAL K 130 38.14 -85.52 -46.37
N ILE K 131 37.06 -84.75 -46.30
CA ILE K 131 36.92 -83.68 -45.33
C ILE K 131 35.65 -83.90 -44.55
N ALA K 132 35.68 -83.55 -43.28
CA ALA K 132 34.52 -83.67 -42.40
C ALA K 132 33.76 -82.36 -42.41
N HIS K 133 32.43 -82.45 -42.45
CA HIS K 133 31.62 -81.24 -42.57
C HIS K 133 31.44 -80.51 -41.25
N ASP K 134 31.45 -81.23 -40.14
CA ASP K 134 31.20 -80.62 -38.84
C ASP K 134 32.45 -80.30 -38.05
N VAL K 135 33.30 -79.42 -38.53
CA VAL K 135 34.48 -78.98 -37.80
C VAL K 135 34.10 -77.77 -36.96
N ASP K 136 34.49 -77.79 -35.68
CA ASP K 136 33.96 -76.79 -34.76
C ASP K 136 34.47 -75.39 -35.16
N PRO K 137 35.78 -75.10 -35.13
CA PRO K 137 36.17 -73.83 -35.74
C PRO K 137 36.38 -74.03 -37.24
N ILE K 138 35.29 -73.87 -38.00
CA ILE K 138 35.22 -74.20 -39.42
C ILE K 138 36.38 -73.61 -40.22
N GLU K 139 37.00 -72.55 -39.70
CA GLU K 139 38.15 -71.93 -40.36
C GLU K 139 39.28 -72.91 -40.63
N LEU K 140 39.31 -74.06 -39.95
CA LEU K 140 40.36 -75.03 -40.17
C LEU K 140 40.28 -75.71 -41.52
N VAL K 141 39.15 -75.65 -42.21
CA VAL K 141 38.98 -76.43 -43.43
C VAL K 141 38.40 -75.61 -44.57
N VAL K 142 37.95 -74.39 -44.28
CA VAL K 142 37.28 -73.54 -45.27
C VAL K 142 38.08 -73.46 -46.56
N PHE K 143 39.38 -73.22 -46.44
CA PHE K 143 40.21 -73.03 -47.63
C PHE K 143 40.36 -74.31 -48.41
N LEU K 144 40.25 -75.45 -47.73
CA LEU K 144 40.71 -76.73 -48.27
C LEU K 144 39.97 -77.20 -49.52
N PRO K 145 38.65 -77.07 -49.66
CA PRO K 145 38.03 -77.42 -50.94
C PRO K 145 38.54 -76.58 -52.09
N ALA K 146 38.64 -75.26 -51.89
CA ALA K 146 39.15 -74.39 -52.94
C ALA K 146 40.59 -74.71 -53.30
N LEU K 147 41.35 -75.29 -52.38
CA LEU K 147 42.74 -75.62 -52.68
C LEU K 147 42.83 -76.90 -53.49
N CYS K 148 42.09 -77.93 -53.09
CA CYS K 148 42.14 -79.20 -53.80
C CYS K 148 41.67 -79.04 -55.23
N ARG K 149 40.67 -78.18 -55.45
CA ARG K 149 40.23 -77.91 -56.81
C ARG K 149 41.32 -77.20 -57.59
N LYS K 150 41.99 -76.23 -56.98
CA LYS K 150 43.02 -75.46 -57.67
C LYS K 150 44.18 -76.33 -58.10
N MET K 151 44.50 -77.37 -57.35
CA MET K 151 45.62 -78.24 -57.69
C MET K 151 45.16 -79.60 -58.19
N GLY K 152 43.92 -79.69 -58.65
CA GLY K 152 43.44 -80.89 -59.32
C GLY K 152 43.47 -82.14 -58.48
N VAL K 153 43.02 -82.04 -57.23
CA VAL K 153 42.99 -83.18 -56.32
C VAL K 153 41.51 -83.50 -56.06
N PRO K 154 41.08 -84.74 -56.24
CA PRO K 154 39.70 -85.09 -55.94
C PRO K 154 39.43 -85.02 -54.46
N TYR K 155 38.40 -84.26 -54.09
CA TYR K 155 38.03 -84.11 -52.69
C TYR K 155 36.56 -84.41 -52.51
N CYS K 156 36.23 -84.99 -51.38
CA CYS K 156 34.84 -85.25 -51.01
C CYS K 156 34.63 -84.82 -49.58
N ILE K 157 33.37 -84.76 -49.17
CA ILE K 157 33.01 -84.32 -47.84
C ILE K 157 32.14 -85.39 -47.19
N LEU K 158 32.62 -85.93 -46.08
CA LEU K 158 31.88 -86.94 -45.33
C LEU K 158 31.19 -86.31 -44.13
N LYS K 159 29.99 -86.78 -43.85
CA LYS K 159 29.27 -86.34 -42.68
C LYS K 159 29.89 -86.98 -41.44
N GLY K 160 30.33 -86.13 -40.51
CA GLY K 160 30.83 -86.60 -39.24
C GLY K 160 32.32 -86.79 -39.18
N LYS K 161 32.99 -85.94 -38.39
CA LYS K 161 34.39 -86.15 -38.08
C LYS K 161 34.60 -87.30 -37.12
N ALA K 162 33.55 -87.76 -36.45
CA ALA K 162 33.67 -88.90 -35.55
C ALA K 162 33.95 -90.18 -36.33
N ARG K 163 33.08 -90.50 -37.29
CA ARG K 163 33.33 -91.71 -38.09
C ARG K 163 34.60 -91.57 -38.90
N LEU K 164 35.01 -90.34 -39.21
CA LEU K 164 36.31 -90.12 -39.81
C LEU K 164 37.43 -90.22 -38.79
N GLY K 165 37.16 -89.89 -37.54
CA GLY K 165 38.09 -90.10 -36.46
C GLY K 165 38.07 -91.49 -35.90
N ARG K 166 37.26 -92.38 -36.45
CA ARG K 166 37.29 -93.79 -36.09
C ARG K 166 38.17 -94.60 -37.03
N LEU K 167 38.33 -94.14 -38.26
CA LEU K 167 39.31 -94.75 -39.15
C LEU K 167 40.68 -94.78 -38.52
N VAL K 168 41.18 -93.63 -38.11
CA VAL K 168 42.31 -93.55 -37.21
C VAL K 168 41.76 -93.83 -35.82
N HIS K 169 42.62 -94.28 -34.92
CA HIS K 169 42.13 -94.58 -33.60
C HIS K 169 42.22 -93.38 -32.67
N ARG K 170 41.60 -92.28 -33.08
CA ARG K 170 41.49 -91.07 -32.27
C ARG K 170 40.03 -90.85 -31.96
N LYS K 171 39.73 -89.71 -31.36
CA LYS K 171 38.33 -89.34 -31.16
C LYS K 171 37.76 -88.74 -32.44
N THR K 172 38.35 -87.66 -32.92
CA THR K 172 37.92 -87.02 -34.14
C THR K 172 39.09 -86.89 -35.10
N CYS K 173 38.78 -86.48 -36.33
CA CYS K 173 39.79 -86.17 -37.33
C CYS K 173 39.13 -85.33 -38.39
N THR K 174 39.79 -84.24 -38.79
CA THR K 174 39.18 -83.36 -39.77
C THR K 174 39.31 -83.92 -41.17
N THR K 175 40.52 -84.26 -41.60
CA THR K 175 40.75 -84.65 -42.97
C THR K 175 41.58 -85.93 -43.02
N VAL K 176 41.36 -86.68 -44.09
CA VAL K 176 42.08 -87.92 -44.35
C VAL K 176 42.37 -87.97 -45.84
N ALA K 177 43.62 -88.24 -46.19
CA ALA K 177 44.05 -88.22 -47.58
C ALA K 177 44.56 -89.58 -48.01
N PHE K 178 44.39 -89.88 -49.29
CA PHE K 178 44.93 -91.07 -49.93
C PHE K 178 46.12 -90.67 -50.78
N THR K 179 47.31 -91.14 -50.41
CA THR K 179 48.51 -90.89 -51.19
C THR K 179 48.81 -92.02 -52.16
N GLN K 180 48.93 -93.24 -51.67
CA GLN K 180 49.13 -94.41 -52.51
C GLN K 180 48.21 -95.51 -52.00
N VAL K 181 47.84 -96.42 -52.90
CA VAL K 181 47.06 -97.58 -52.55
C VAL K 181 47.75 -98.82 -53.12
N ASN K 182 47.37 -99.98 -52.62
CA ASN K 182 47.92 -101.21 -53.13
C ASN K 182 47.36 -101.50 -54.51
N SER K 183 48.03 -102.40 -55.23
CA SER K 183 47.67 -102.68 -56.62
C SER K 183 46.26 -103.24 -56.74
N GLU K 184 45.81 -103.96 -55.72
CA GLU K 184 44.51 -104.63 -55.79
C GLU K 184 43.37 -103.62 -55.88
N ASP K 185 43.24 -102.77 -54.88
CA ASP K 185 42.18 -101.76 -54.86
C ASP K 185 42.62 -100.45 -55.50
N LYS K 186 43.18 -100.54 -56.68
CA LYS K 186 43.41 -99.35 -57.50
C LYS K 186 42.20 -99.02 -58.36
N GLY K 187 41.47 -100.03 -58.83
CA GLY K 187 40.23 -99.77 -59.54
C GLY K 187 39.11 -99.33 -58.63
N ALA K 188 39.07 -99.85 -57.40
CA ALA K 188 38.08 -99.38 -56.44
C ALA K 188 38.29 -97.90 -56.11
N LEU K 189 39.55 -97.49 -55.96
CA LEU K 189 39.82 -96.07 -55.76
C LEU K 189 39.49 -95.27 -57.01
N ALA K 190 39.87 -95.79 -58.18
CA ALA K 190 39.68 -95.06 -59.43
C ALA K 190 38.20 -94.78 -59.68
N LYS K 191 37.35 -95.77 -59.42
CA LYS K 191 35.93 -95.58 -59.68
C LYS K 191 35.31 -94.60 -58.71
N LEU K 192 35.79 -94.57 -57.47
CA LEU K 192 35.26 -93.63 -56.51
C LEU K 192 35.72 -92.21 -56.85
N VAL K 193 36.93 -92.07 -57.36
CA VAL K 193 37.43 -90.75 -57.75
C VAL K 193 36.53 -90.12 -58.79
N GLU K 194 36.25 -90.83 -59.88
CA GLU K 194 35.40 -90.24 -60.91
C GLU K 194 33.98 -90.12 -60.43
N ALA K 195 33.59 -90.94 -59.45
CA ALA K 195 32.29 -90.78 -58.80
C ALA K 195 32.25 -89.59 -57.84
N ILE K 196 33.39 -89.02 -57.51
CA ILE K 196 33.47 -87.95 -56.53
C ILE K 196 33.73 -86.61 -57.20
N ARG K 197 34.74 -86.55 -58.07
CA ARG K 197 35.05 -85.30 -58.75
C ARG K 197 33.92 -84.86 -59.66
N THR K 198 33.06 -85.80 -60.09
CA THR K 198 31.91 -85.45 -60.90
C THR K 198 30.89 -84.61 -60.13
N ASN K 199 30.96 -84.60 -58.80
CA ASN K 199 30.05 -83.79 -57.99
C ASN K 199 30.71 -82.59 -57.37
N TYR K 200 31.97 -82.70 -56.95
CA TYR K 200 32.63 -81.62 -56.24
C TYR K 200 33.56 -80.82 -57.13
N ASN K 201 34.55 -81.48 -57.74
CA ASN K 201 35.61 -80.77 -58.44
C ASN K 201 35.07 -80.05 -59.68
N ASP K 202 34.44 -80.79 -60.58
CA ASP K 202 34.00 -80.17 -61.82
C ASP K 202 32.81 -79.24 -61.61
N ARG K 203 32.11 -79.38 -60.50
CA ARG K 203 30.97 -78.51 -60.19
C ARG K 203 31.40 -77.33 -59.32
N TYR K 204 32.67 -76.94 -59.44
CA TYR K 204 33.24 -75.98 -58.49
C TYR K 204 32.60 -74.61 -58.63
N ASP K 205 32.67 -74.03 -59.83
CA ASP K 205 32.06 -72.72 -60.05
C ASP K 205 30.56 -72.74 -59.79
N GLU K 206 29.93 -73.92 -59.90
CA GLU K 206 28.54 -74.01 -59.50
C GLU K 206 28.37 -73.84 -57.99
N ILE K 207 29.37 -74.22 -57.20
CA ILE K 207 29.27 -74.08 -55.76
C ILE K 207 29.54 -72.64 -55.33
N ARG K 208 30.46 -71.96 -56.00
CA ARG K 208 30.91 -70.65 -55.53
C ARG K 208 29.78 -69.62 -55.56
N ARG K 209 28.76 -69.85 -56.38
CA ARG K 209 27.61 -68.98 -56.44
C ARG K 209 26.41 -69.53 -55.68
N HIS K 210 26.64 -70.36 -54.67
CA HIS K 210 25.56 -71.03 -53.95
C HIS K 210 25.58 -70.58 -52.50
N TRP K 211 24.75 -69.59 -52.17
CA TRP K 211 24.56 -69.17 -50.80
C TRP K 211 23.57 -70.08 -50.12
N GLY K 212 23.73 -70.23 -48.81
CA GLY K 212 22.88 -71.09 -48.01
C GLY K 212 22.01 -70.32 -47.04
N GLY K 213 21.25 -71.08 -46.26
CA GLY K 213 20.36 -70.47 -45.31
C GLY K 213 19.26 -69.69 -45.99
N ASN K 214 18.95 -68.52 -45.42
CA ASN K 214 17.97 -67.60 -45.97
C ASN K 214 16.59 -68.23 -46.08
N VAL K 215 16.25 -69.10 -45.13
CA VAL K 215 14.97 -69.80 -45.09
C VAL K 215 14.19 -69.28 -43.89
N LEU K 216 12.99 -68.79 -44.13
CA LEU K 216 12.16 -68.33 -43.03
C LEU K 216 11.59 -69.54 -42.29
N GLY K 217 11.09 -69.28 -41.08
CA GLY K 217 10.54 -70.33 -40.26
C GLY K 217 9.24 -70.87 -40.81
N PRO K 218 8.94 -72.13 -40.51
CA PRO K 218 7.70 -72.72 -41.02
C PRO K 218 6.46 -72.02 -40.52
N LYS K 219 6.53 -71.35 -39.37
CA LYS K 219 5.40 -70.58 -38.88
C LYS K 219 5.24 -69.27 -39.61
N SER K 220 6.31 -68.73 -40.19
CA SER K 220 6.22 -67.46 -40.90
C SER K 220 5.95 -67.64 -42.38
N VAL K 221 6.48 -68.69 -43.00
CA VAL K 221 6.18 -68.93 -44.39
C VAL K 221 4.71 -69.27 -44.58
N ALA K 222 4.11 -69.95 -43.59
CA ALA K 222 2.69 -70.25 -43.67
C ALA K 222 1.86 -68.98 -43.60
N ARG K 223 2.40 -67.92 -43.02
CA ARG K 223 1.64 -66.68 -42.89
C ARG K 223 1.62 -65.92 -44.22
N ILE K 224 2.76 -65.85 -44.90
CA ILE K 224 2.78 -65.15 -46.19
C ILE K 224 2.13 -66.00 -47.26
N ALA K 225 2.29 -67.33 -47.19
CA ALA K 225 1.64 -68.19 -48.16
C ALA K 225 0.13 -68.20 -47.97
N LYS K 226 -0.36 -67.92 -46.78
CA LYS K 226 -1.79 -67.73 -46.61
C LYS K 226 -2.24 -66.42 -47.23
N LEU K 227 -1.45 -65.36 -47.07
CA LEU K 227 -1.81 -64.08 -47.65
C LEU K 227 -1.67 -64.07 -49.17
N GLU K 228 -0.80 -64.90 -49.72
CA GLU K 228 -0.65 -64.95 -51.18
C GLU K 228 -1.61 -65.93 -51.84
N LYS K 229 -1.91 -67.04 -51.17
CA LYS K 229 -2.94 -67.94 -51.67
C LYS K 229 -4.32 -67.31 -51.57
N ALA K 230 -4.51 -66.42 -50.59
CA ALA K 230 -5.72 -65.61 -50.56
C ALA K 230 -5.62 -64.42 -51.51
N LYS K 231 -4.39 -64.03 -51.87
CA LYS K 231 -4.20 -63.06 -52.93
C LYS K 231 -4.42 -63.67 -54.31
N ALA K 232 -4.01 -64.93 -54.50
CA ALA K 232 -4.25 -65.60 -55.77
C ALA K 232 -5.69 -66.10 -55.86
N LYS K 233 -6.36 -66.29 -54.73
CA LYS K 233 -7.73 -66.79 -54.73
C LYS K 233 -8.74 -65.77 -55.24
N GLU K 234 -8.58 -64.49 -54.90
CA GLU K 234 -9.50 -63.47 -55.38
C GLU K 234 -9.16 -63.03 -56.80
N LEU K 235 -7.87 -63.02 -57.14
CA LEU K 235 -7.48 -62.86 -58.53
C LEU K 235 -7.84 -64.07 -59.39
N ALA K 236 -8.07 -65.23 -58.76
CA ALA K 236 -8.55 -66.38 -59.51
C ALA K 236 -9.94 -66.13 -60.08
N THR K 237 -10.75 -65.35 -59.36
CA THR K 237 -12.08 -64.98 -59.80
C THR K 237 -12.17 -63.54 -60.32
N LYS K 238 -11.04 -62.88 -60.54
CA LYS K 238 -11.07 -61.47 -60.92
C LYS K 238 -11.47 -61.28 -62.37
N LEU K 239 -10.89 -62.08 -63.28
CA LEU K 239 -11.20 -61.95 -64.70
C LEU K 239 -12.27 -62.93 -65.15
N GLY K 240 -12.43 -64.06 -64.48
CA GLY K 240 -13.38 -65.08 -64.89
C GLY K 240 -13.37 -66.30 -63.98
N MET L 1 54.11 63.58 42.74
CA MET L 1 55.25 64.16 43.44
C MET L 1 55.01 64.13 44.93
N LYS L 2 56.00 64.60 45.68
CA LYS L 2 55.91 64.71 47.13
C LYS L 2 56.10 66.16 47.49
N THR L 3 55.04 66.80 48.00
CA THR L 3 55.15 68.17 48.47
C THR L 3 56.02 68.21 49.71
N ILE L 4 57.01 69.11 49.74
CA ILE L 4 57.91 69.20 50.86
C ILE L 4 57.17 69.51 52.15
N LEU L 5 56.22 70.43 52.12
CA LEU L 5 55.56 70.84 53.34
C LEU L 5 54.19 71.41 53.00
N SER L 6 53.18 71.00 53.76
CA SER L 6 51.86 71.59 53.68
C SER L 6 51.36 71.73 55.10
N ASN L 7 50.79 72.89 55.41
CA ASN L 7 50.42 73.18 56.79
C ASN L 7 49.12 73.96 56.81
N GLN L 8 48.56 74.08 58.01
CA GLN L 8 47.37 74.91 58.23
C GLN L 8 47.20 75.25 59.69
N THR L 9 47.33 76.53 60.04
CA THR L 9 47.13 76.94 61.42
C THR L 9 45.64 77.10 61.74
N VAL L 10 45.31 76.96 63.00
CA VAL L 10 43.93 77.00 63.49
C VAL L 10 43.88 77.97 64.66
N ASP L 11 43.28 79.13 64.45
CA ASP L 11 43.13 80.09 65.53
C ASP L 11 42.14 79.55 66.57
N ILE L 12 42.49 79.72 67.85
CA ILE L 12 41.63 79.27 68.95
C ILE L 12 41.28 80.48 69.80
N PRO L 13 40.02 80.65 70.20
CA PRO L 13 39.67 81.79 71.05
C PRO L 13 40.25 81.67 72.45
N GLU L 14 39.99 82.67 73.28
CA GLU L 14 40.66 82.72 74.58
C GLU L 14 39.93 81.93 75.66
N ASN L 15 38.60 81.83 75.56
CA ASN L 15 37.86 81.08 76.58
C ASN L 15 38.22 79.61 76.56
N VAL L 16 38.52 79.08 75.37
CA VAL L 16 38.95 77.69 75.24
C VAL L 16 40.44 77.61 75.49
N ASP L 17 40.88 76.55 76.15
CA ASP L 17 42.28 76.35 76.53
C ASP L 17 42.67 74.94 76.08
N ILE L 18 43.31 74.86 74.94
CA ILE L 18 43.61 73.58 74.31
C ILE L 18 44.96 73.08 74.81
N SER L 19 45.13 71.77 74.77
CA SER L 19 46.40 71.12 75.05
C SER L 19 46.40 69.77 74.38
N LEU L 20 47.58 69.30 74.00
CA LEU L 20 47.69 68.07 73.25
C LEU L 20 48.77 67.17 73.83
N LYS L 21 48.47 65.88 73.86
CA LYS L 21 49.41 64.85 74.29
C LYS L 21 49.86 64.09 73.06
N GLY L 22 50.95 64.54 72.46
CA GLY L 22 51.40 63.91 71.23
C GLY L 22 50.43 64.20 70.12
N ARG L 23 49.80 63.15 69.60
CA ARG L 23 48.91 63.29 68.45
C ARG L 23 47.45 63.23 68.88
N THR L 24 47.19 63.26 70.18
CA THR L 24 45.84 63.36 70.72
C THR L 24 45.64 64.77 71.23
N VAL L 25 44.45 65.32 71.01
CA VAL L 25 44.14 66.69 71.36
C VAL L 25 42.96 66.70 72.32
N ILE L 26 43.11 67.42 73.43
CA ILE L 26 42.01 67.64 74.37
C ILE L 26 41.67 69.12 74.36
N VAL L 27 40.37 69.42 74.37
CA VAL L 27 39.87 70.76 74.17
C VAL L 27 38.93 71.06 75.34
N LYS L 28 39.35 71.95 76.22
CA LYS L 28 38.58 72.30 77.41
C LYS L 28 38.05 73.73 77.30
N GLY L 29 36.90 73.97 77.93
CA GLY L 29 36.32 75.29 77.95
C GLY L 29 35.00 75.35 78.67
N PRO L 30 34.12 76.25 78.22
CA PRO L 30 32.89 76.54 78.97
C PRO L 30 31.94 75.36 79.07
N ARG L 31 31.58 74.77 77.92
CA ARG L 31 30.55 73.74 77.91
C ARG L 31 31.08 72.37 78.30
N GLY L 32 32.37 72.24 78.56
CA GLY L 32 32.91 70.97 79.00
C GLY L 32 34.31 70.77 78.46
N THR L 33 34.63 69.52 78.18
CA THR L 33 35.91 69.14 77.60
C THR L 33 35.70 68.07 76.55
N LEU L 34 36.45 68.16 75.47
CA LEU L 34 36.41 67.17 74.40
C LEU L 34 37.81 66.61 74.20
N ARG L 35 37.88 65.33 73.85
CA ARG L 35 39.14 64.65 73.63
C ARG L 35 39.01 63.79 72.38
N ARG L 36 39.86 64.04 71.40
CA ARG L 36 39.87 63.25 70.18
C ARG L 36 41.28 62.75 69.93
N ASP L 37 41.38 61.53 69.43
CA ASP L 37 42.65 60.91 69.08
C ASP L 37 42.91 61.05 67.60
N PHE L 38 44.18 61.17 67.24
CA PHE L 38 44.55 61.21 65.82
C PHE L 38 45.72 60.30 65.50
N ASN L 39 45.92 59.24 66.27
CA ASN L 39 47.12 58.43 66.12
C ASN L 39 47.12 57.64 64.82
N HIS L 40 46.09 57.82 63.99
CA HIS L 40 46.01 57.15 62.71
C HIS L 40 46.37 58.04 61.54
N ILE L 41 46.71 59.30 61.80
CA ILE L 41 46.74 60.32 60.76
C ILE L 41 48.17 60.74 60.44
N ASN L 42 49.11 60.49 61.35
CA ASN L 42 50.53 60.62 61.07
C ASN L 42 50.95 62.02 60.63
N VAL L 43 50.78 63.01 61.51
CA VAL L 43 51.19 64.39 61.23
C VAL L 43 51.87 64.96 62.45
N GLU L 44 52.41 66.16 62.29
CA GLU L 44 53.02 66.88 63.39
C GLU L 44 52.09 67.98 63.89
N LEU L 45 51.69 67.88 65.15
CA LEU L 45 50.81 68.85 65.79
C LEU L 45 51.63 69.65 66.79
N SER L 46 51.92 70.91 66.45
CA SER L 46 52.66 71.79 67.34
C SER L 46 51.75 72.94 67.73
N LEU L 47 51.76 73.27 69.01
CA LEU L 47 50.93 74.33 69.57
C LEU L 47 51.86 75.50 69.91
N LEU L 48 52.03 76.39 68.96
CA LEU L 48 53.07 77.40 69.06
C LEU L 48 52.50 78.70 69.62
N GLY L 49 53.41 79.58 70.02
CA GLY L 49 53.05 80.91 70.49
C GLY L 49 52.70 80.90 71.96
N LYS L 50 53.42 81.66 72.77
CA LYS L 50 52.96 81.91 74.12
C LYS L 50 51.67 82.71 74.05
N LYS L 51 50.84 82.55 75.09
CA LYS L 51 49.39 82.75 75.10
C LYS L 51 48.65 81.58 74.47
N LYS L 52 49.34 80.73 73.71
CA LYS L 52 48.74 79.62 72.98
C LYS L 52 47.49 80.05 72.22
N LYS L 53 47.65 80.93 71.24
CA LYS L 53 46.51 81.43 70.50
C LYS L 53 46.22 80.65 69.23
N ARG L 54 47.08 79.73 68.81
CA ARG L 54 46.83 79.06 67.55
C ARG L 54 47.53 77.72 67.51
N LEU L 55 46.99 76.84 66.67
CA LEU L 55 47.46 75.46 66.51
C LEU L 55 47.68 75.20 65.04
N ARG L 56 48.83 74.65 64.69
CA ARG L 56 49.15 74.33 63.31
C ARG L 56 49.27 72.82 63.14
N VAL L 57 49.05 72.38 61.91
CA VAL L 57 49.26 70.99 61.53
C VAL L 57 50.31 70.98 60.44
N ASP L 58 51.18 69.97 60.48
CA ASP L 58 52.27 69.88 59.53
C ASP L 58 52.27 68.51 58.88
N LYS L 59 52.75 68.47 57.64
CA LYS L 59 52.85 67.21 56.90
C LYS L 59 54.03 67.37 55.96
N TRP L 60 55.13 66.69 56.26
CA TRP L 60 56.31 66.72 55.43
C TRP L 60 56.33 65.53 54.50
N TRP L 61 56.64 65.79 53.22
CA TRP L 61 56.77 64.74 52.21
C TRP L 61 55.50 63.90 52.11
N GLY L 62 54.41 64.58 51.75
CA GLY L 62 53.13 63.92 51.59
C GLY L 62 52.71 63.89 50.13
N ASN L 63 52.14 62.77 49.72
CA ASN L 63 51.55 62.67 48.39
C ASN L 63 50.12 63.18 48.42
N ARG L 64 49.43 63.04 47.29
CA ARG L 64 48.12 63.63 47.11
C ARG L 64 47.12 63.16 48.16
N LYS L 65 47.13 61.86 48.46
CA LYS L 65 46.15 61.33 49.41
C LYS L 65 46.45 61.81 50.83
N GLU L 66 47.67 61.61 51.30
CA GLU L 66 47.95 62.00 52.68
C GLU L 66 48.08 63.51 52.84
N LEU L 67 48.08 64.28 51.77
CA LEU L 67 47.94 65.72 51.91
C LEU L 67 46.51 66.13 52.18
N ALA L 68 45.54 65.29 51.83
CA ALA L 68 44.14 65.60 52.07
C ALA L 68 43.78 65.53 53.54
N THR L 69 44.61 64.90 54.35
CA THR L 69 44.32 64.72 55.76
C THR L 69 44.77 65.89 56.62
N VAL L 70 45.50 66.84 56.06
CA VAL L 70 45.98 67.95 56.86
C VAL L 70 44.85 68.91 57.20
N ARG L 71 43.84 68.99 56.33
CA ARG L 71 42.74 69.89 56.59
C ARG L 71 41.63 69.24 57.40
N THR L 72 41.41 67.94 57.23
CA THR L 72 40.40 67.24 58.01
C THR L 72 40.65 67.41 59.50
N ILE L 73 41.92 67.43 59.89
CA ILE L 73 42.24 67.65 61.30
C ILE L 73 41.89 69.07 61.71
N CYS L 74 42.23 70.05 60.88
CA CYS L 74 41.81 71.42 61.15
C CYS L 74 40.30 71.56 61.15
N SER L 75 39.61 70.76 60.34
CA SER L 75 38.15 70.78 60.37
C SER L 75 37.63 70.10 61.62
N HIS L 76 38.28 69.01 62.05
CA HIS L 76 37.83 68.30 63.23
C HIS L 76 38.05 69.11 64.49
N VAL L 77 39.23 69.73 64.63
CA VAL L 77 39.53 70.46 65.84
C VAL L 77 38.64 71.69 65.95
N GLN L 78 38.29 72.29 64.82
CA GLN L 78 37.39 73.43 64.86
C GLN L 78 36.00 73.01 65.31
N ASN L 79 35.53 71.84 64.88
CA ASN L 79 34.28 71.33 65.38
C ASN L 79 34.38 70.97 66.85
N MET L 80 35.56 70.59 67.33
CA MET L 80 35.73 70.39 68.76
C MET L 80 35.73 71.70 69.52
N ILE L 81 36.10 72.80 68.86
CA ILE L 81 36.04 74.09 69.51
C ILE L 81 34.60 74.58 69.61
N LYS L 82 33.84 74.45 68.53
CA LYS L 82 32.45 74.89 68.56
C LYS L 82 31.64 74.11 69.59
N GLY L 83 31.94 72.83 69.76
CA GLY L 83 31.18 72.03 70.71
C GLY L 83 31.42 72.43 72.14
N VAL L 84 32.62 72.90 72.45
CA VAL L 84 32.92 73.32 73.81
C VAL L 84 32.54 74.77 74.06
N THR L 85 32.44 75.59 73.02
CA THR L 85 32.06 76.97 73.18
C THR L 85 30.57 77.19 72.98
N LEU L 86 29.98 76.57 71.95
CA LEU L 86 28.59 76.81 71.61
C LEU L 86 27.73 75.55 71.54
N GLY L 87 28.33 74.37 71.63
CA GLY L 87 27.54 73.16 71.53
C GLY L 87 26.93 72.98 70.15
N PHE L 88 26.20 71.88 69.99
CA PHE L 88 25.59 71.54 68.72
C PHE L 88 24.12 71.24 68.92
N ARG L 89 23.28 71.90 68.14
CA ARG L 89 21.83 71.81 68.25
C ARG L 89 21.26 71.33 66.92
N TYR L 90 20.73 70.12 66.91
CA TYR L 90 20.13 69.54 65.70
C TYR L 90 18.62 69.45 65.91
N LYS L 91 17.87 70.24 65.16
CA LYS L 91 16.42 70.21 65.22
C LYS L 91 15.90 69.27 64.15
N MET L 92 15.00 68.37 64.54
CA MET L 92 14.43 67.42 63.61
C MET L 92 12.91 67.57 63.58
N ARG L 93 12.34 67.46 62.39
CA ARG L 93 10.91 67.63 62.18
C ARG L 93 10.27 66.27 61.96
N SER L 94 9.03 66.13 62.42
CA SER L 94 8.27 64.90 62.26
C SER L 94 7.22 65.14 61.20
N VAL L 95 7.53 64.77 59.96
CA VAL L 95 6.60 64.98 58.86
C VAL L 95 5.74 63.73 58.68
N TYR L 96 4.44 63.91 58.75
CA TYR L 96 3.50 62.80 58.67
C TYR L 96 2.27 63.25 57.87
N ALA L 97 1.74 62.33 57.08
CA ALA L 97 0.58 62.65 56.25
C ALA L 97 -0.71 62.41 57.01
N HIS L 98 -0.94 61.17 57.47
CA HIS L 98 -2.19 60.80 58.11
C HIS L 98 -2.02 60.33 59.54
N PHE L 99 -0.94 59.62 59.85
CA PHE L 99 -0.74 59.10 61.19
C PHE L 99 0.21 59.99 61.96
N PRO L 100 -0.25 60.66 63.02
CA PRO L 100 0.67 61.49 63.81
C PRO L 100 1.73 60.66 64.51
N ILE L 101 3.00 61.02 64.31
CA ILE L 101 4.10 60.33 64.97
C ILE L 101 4.32 60.93 66.36
N ASN L 102 3.72 60.31 67.37
CA ASN L 102 3.96 60.75 68.74
C ASN L 102 5.30 60.23 69.23
N VAL L 103 6.03 61.07 69.95
CA VAL L 103 7.38 60.75 70.40
C VAL L 103 7.49 61.11 71.87
N VAL L 104 8.02 60.18 72.66
CA VAL L 104 8.24 60.39 74.09
C VAL L 104 9.67 59.99 74.40
N ILE L 105 10.25 60.61 75.42
CA ILE L 105 11.66 60.44 75.74
C ILE L 105 11.81 59.88 77.15
N GLN L 106 12.68 58.88 77.30
CA GLN L 106 12.97 58.25 78.57
C GLN L 106 14.45 58.44 78.92
N GLU L 107 14.79 58.06 80.15
CA GLU L 107 16.13 58.20 80.72
C GLU L 107 16.69 59.59 80.46
N ASN L 108 16.04 60.59 81.05
CA ASN L 108 16.40 62.01 81.04
C ASN L 108 17.04 62.46 79.73
N GLY L 109 16.40 62.13 78.62
CA GLY L 109 16.87 62.59 77.33
C GLY L 109 17.95 61.76 76.72
N SER L 110 17.88 60.43 76.84
CA SER L 110 18.86 59.57 76.20
C SER L 110 18.23 58.40 75.46
N LEU L 111 16.91 58.28 75.47
CA LEU L 111 16.25 57.22 74.71
C LEU L 111 14.95 57.78 74.15
N VAL L 112 14.69 57.45 72.89
CA VAL L 112 13.56 57.98 72.15
C VAL L 112 12.65 56.82 71.78
N GLU L 113 11.37 56.94 72.12
CA GLU L 113 10.37 55.96 71.75
C GLU L 113 9.46 56.58 70.70
N ILE L 114 9.36 55.92 69.56
CA ILE L 114 8.62 56.41 68.41
C ILE L 114 7.45 55.47 68.18
N ARG L 115 6.24 55.95 68.44
CA ARG L 115 5.05 55.14 68.30
C ARG L 115 4.21 55.62 67.12
N ASN L 116 3.31 54.74 66.70
CA ASN L 116 2.27 55.05 65.72
C ASN L 116 2.85 55.51 64.40
N PHE L 117 4.11 55.20 64.15
CA PHE L 117 4.72 55.59 62.88
C PHE L 117 4.08 54.78 61.77
N LEU L 118 3.47 55.48 60.80
CA LEU L 118 2.70 54.84 59.72
C LEU L 118 1.57 53.99 60.25
N GLY L 119 1.09 54.28 61.47
CA GLY L 119 0.07 53.45 62.07
C GLY L 119 0.50 52.02 62.29
N GLU L 120 1.78 51.82 62.61
CA GLU L 120 2.31 50.50 62.91
C GLU L 120 2.27 50.23 64.40
N LYS L 121 1.96 48.99 64.74
CA LYS L 121 1.84 48.57 66.12
C LYS L 121 3.19 48.33 66.79
N TYR L 122 4.28 48.44 66.05
CA TYR L 122 5.62 48.17 66.54
C TYR L 122 6.24 49.46 67.00
N ILE L 123 6.54 49.56 68.30
CA ILE L 123 7.12 50.76 68.88
C ILE L 123 8.61 50.76 68.59
N ARG L 124 9.12 51.90 68.13
CA ARG L 124 10.51 52.03 67.71
C ARG L 124 11.31 52.65 68.83
N ARG L 125 12.33 51.96 69.28
CA ARG L 125 13.13 52.38 70.42
C ARG L 125 14.56 52.64 69.96
N VAL L 126 15.03 53.88 70.14
CA VAL L 126 16.36 54.27 69.69
C VAL L 126 17.14 54.80 70.88
N ARG L 127 18.36 54.30 71.06
CA ARG L 127 19.23 54.70 72.14
C ARG L 127 20.16 55.81 71.65
N MET L 128 20.16 56.94 72.33
CA MET L 128 21.04 58.03 71.95
C MET L 128 22.50 57.68 72.26
N ARG L 129 23.39 58.51 71.76
CA ARG L 129 24.80 58.29 72.05
C ARG L 129 25.18 58.93 73.37
N PRO L 130 26.20 58.40 74.04
CA PRO L 130 26.62 58.99 75.33
C PRO L 130 27.07 60.42 75.14
N GLY L 131 26.53 61.32 75.97
CA GLY L 131 26.83 62.72 75.89
C GLY L 131 25.86 63.54 75.07
N VAL L 132 24.84 62.91 74.49
CA VAL L 132 23.84 63.58 73.68
C VAL L 132 22.52 63.57 74.44
N ALA L 133 21.87 64.73 74.51
CA ALA L 133 20.60 64.87 75.20
C ALA L 133 19.53 65.22 74.18
N CYS L 134 18.50 64.39 74.11
CA CYS L 134 17.37 64.60 73.21
C CYS L 134 16.26 65.31 73.97
N SER L 135 15.43 66.05 73.23
CA SER L 135 14.33 66.77 73.85
C SER L 135 13.33 67.14 72.77
N VAL L 136 12.06 67.15 73.15
CA VAL L 136 11.00 67.73 72.33
C VAL L 136 10.91 69.21 72.65
N SER L 137 10.79 70.03 71.61
CA SER L 137 10.75 71.47 71.82
C SER L 137 9.37 71.89 72.28
N GLN L 138 9.31 73.06 72.88
CA GLN L 138 8.05 73.71 73.22
C GLN L 138 7.80 74.84 72.23
N ALA L 139 6.58 75.38 72.29
CA ALA L 139 6.07 76.37 71.35
C ALA L 139 6.13 75.89 69.91
N GLN L 140 6.27 74.60 69.68
CA GLN L 140 6.33 74.04 68.34
C GLN L 140 5.99 72.56 68.43
N LYS L 141 5.19 72.07 67.48
CA LYS L 141 4.52 70.79 67.67
C LYS L 141 5.47 69.60 67.50
N ASP L 142 5.94 69.39 66.27
CA ASP L 142 6.75 68.21 65.96
C ASP L 142 8.19 68.63 65.67
N GLU L 143 8.92 68.93 66.73
CA GLU L 143 10.35 69.13 66.63
C GLU L 143 11.05 68.38 67.75
N LEU L 144 12.23 67.88 67.46
CA LEU L 144 12.96 66.99 68.34
C LEU L 144 14.39 67.51 68.39
N VAL L 145 14.68 68.30 69.40
CA VAL L 145 15.97 68.97 69.48
C VAL L 145 17.01 68.01 70.03
N LEU L 146 18.24 68.16 69.57
CA LEU L 146 19.35 67.32 70.00
C LEU L 146 20.50 68.22 70.39
N GLU L 147 20.94 68.12 71.63
CA GLU L 147 22.06 68.92 72.13
C GLU L 147 23.25 68.01 72.43
N GLY L 148 24.42 68.63 72.50
CA GLY L 148 25.64 67.91 72.77
C GLY L 148 26.83 68.68 72.26
N ASN L 149 28.00 68.30 72.78
CA ASN L 149 29.24 69.00 72.44
C ASN L 149 30.04 68.32 71.36
N ASP L 150 29.84 67.03 71.12
CA ASP L 150 30.56 66.31 70.09
C ASP L 150 29.68 66.24 68.85
N ILE L 151 30.15 66.80 67.75
CA ILE L 151 29.34 66.87 66.53
C ILE L 151 29.10 65.47 65.99
N GLU L 152 30.06 64.57 66.19
CA GLU L 152 29.89 63.21 65.68
C GLU L 152 28.75 62.52 66.39
N LEU L 153 28.75 62.55 67.73
CA LEU L 153 27.73 61.85 68.50
C LEU L 153 26.36 62.48 68.30
N VAL L 154 26.28 63.80 68.15
CA VAL L 154 25.00 64.44 67.92
C VAL L 154 24.46 64.08 66.55
N SER L 155 25.27 64.29 65.51
CA SER L 155 24.80 64.06 64.16
C SER L 155 24.56 62.60 63.87
N ASN L 156 25.33 61.70 64.48
CA ASN L 156 25.07 60.27 64.26
C ASN L 156 23.79 59.83 64.95
N SER L 157 23.60 60.25 66.21
CA SER L 157 22.37 59.94 66.90
C SER L 157 21.16 60.56 66.22
N ALA L 158 21.35 61.64 65.48
CA ALA L 158 20.26 62.17 64.68
C ALA L 158 19.97 61.26 63.49
N ALA L 159 21.00 60.71 62.87
CA ALA L 159 20.78 59.80 61.75
C ALA L 159 20.25 58.47 62.23
N LEU L 160 20.45 58.15 63.51
CA LEU L 160 19.87 56.94 64.07
C LEU L 160 18.35 56.97 63.99
N ILE L 161 17.74 58.01 64.58
CA ILE L 161 16.30 58.15 64.50
C ILE L 161 15.84 58.58 63.13
N GLN L 162 16.73 59.06 62.28
CA GLN L 162 16.34 59.41 60.92
C GLN L 162 16.26 58.18 60.04
N GLN L 163 17.04 57.14 60.36
CA GLN L 163 16.96 55.87 59.68
C GLN L 163 16.03 54.88 60.37
N ALA L 164 15.72 55.11 61.65
CA ALA L 164 14.81 54.23 62.35
C ALA L 164 13.37 54.41 61.91
N THR L 165 13.07 55.46 61.14
CA THR L 165 11.72 55.69 60.63
C THR L 165 11.84 55.78 59.12
N THR L 166 11.85 54.62 58.47
CA THR L 166 11.88 54.53 57.02
C THR L 166 10.73 53.65 56.56
N VAL L 167 10.25 53.93 55.35
CA VAL L 167 9.09 53.25 54.81
C VAL L 167 9.59 52.07 53.99
N LYS L 168 9.20 50.87 54.40
CA LYS L 168 9.60 49.68 53.67
C LYS L 168 8.60 49.38 52.57
N ASN L 169 9.12 48.81 51.48
CA ASN L 169 8.41 48.30 50.31
C ASN L 169 7.18 49.13 49.94
N LYS L 170 7.36 50.44 49.87
CA LYS L 170 6.36 51.38 49.41
C LYS L 170 7.03 52.38 48.50
N ASP L 171 6.23 53.25 47.89
CA ASP L 171 6.76 54.31 47.04
C ASP L 171 7.11 55.49 47.93
N ILE L 172 8.41 55.65 48.22
CA ILE L 172 8.87 56.65 49.17
C ILE L 172 8.64 58.05 48.62
N ARG L 173 8.37 58.15 47.31
CA ARG L 173 7.99 59.45 46.76
C ARG L 173 6.58 59.83 47.16
N LYS L 174 5.72 58.85 47.47
CA LYS L 174 4.38 59.10 47.96
C LYS L 174 4.31 59.15 49.48
N PHE L 175 5.05 58.31 50.17
CA PHE L 175 5.00 58.24 51.63
C PHE L 175 6.21 58.99 52.16
N LEU L 176 6.10 60.31 52.21
CA LEU L 176 7.16 61.17 52.69
C LEU L 176 7.03 61.32 54.20
N ASP L 177 7.23 60.22 54.88
CA ASP L 177 7.01 60.13 56.32
C ASP L 177 8.34 59.97 57.01
N GLY L 178 8.38 60.33 58.28
CA GLY L 178 9.56 60.08 59.08
C GLY L 178 9.98 61.33 59.81
N ILE L 179 11.08 61.20 60.55
CA ILE L 179 11.69 62.33 61.25
C ILE L 179 12.94 62.68 60.48
N TYR L 180 12.99 63.89 59.96
CA TYR L 180 14.14 64.35 59.19
C TYR L 180 14.85 65.49 59.91
N VAL L 181 16.14 65.59 59.68
CA VAL L 181 16.95 66.67 60.23
C VAL L 181 16.64 67.94 59.46
N SER L 182 16.36 69.01 60.19
CA SER L 182 15.92 70.24 59.54
C SER L 182 16.98 71.31 59.61
N GLU L 183 17.46 71.61 60.82
CA GLU L 183 18.42 72.67 61.03
C GLU L 183 19.55 72.13 61.90
N LYS L 184 20.77 72.55 61.59
CA LYS L 184 21.97 72.16 62.35
C LYS L 184 22.62 73.44 62.84
N GLY L 185 22.46 73.74 64.13
CA GLY L 185 23.09 74.91 64.70
C GLY L 185 23.78 74.66 66.02
N THR L 186 23.77 75.66 66.89
CA THR L 186 24.45 75.59 68.17
C THR L 186 23.46 75.93 69.28
N VAL L 187 23.79 75.52 70.49
CA VAL L 187 22.87 75.72 71.61
C VAL L 187 22.84 77.19 72.01
N GLN L 188 23.96 77.88 71.84
CA GLN L 188 24.04 79.30 72.11
C GLN L 188 24.83 79.99 71.01
N GLN L 189 24.57 81.29 70.83
CA GLN L 189 25.26 82.09 69.84
C GLN L 189 25.85 83.33 70.51
N ALA L 190 26.68 84.04 69.75
CA ALA L 190 27.30 85.26 70.24
C ALA L 190 26.96 86.44 69.34
N GLY M 1 22.10 34.34 10.55
CA GLY M 1 22.50 35.08 9.37
C GLY M 1 23.94 34.84 8.99
N ARG M 2 24.80 35.82 9.29
CA ARG M 2 26.21 35.72 8.99
C ARG M 2 27.00 35.60 10.28
N ARG M 3 28.21 35.07 10.16
CA ARG M 3 29.05 34.80 11.30
C ARG M 3 29.46 36.10 11.98
N PRO M 4 29.87 36.02 13.25
CA PRO M 4 30.43 37.20 13.91
C PRO M 4 31.68 37.68 13.18
N ALA M 5 32.01 38.94 13.40
CA ALA M 5 33.18 39.51 12.73
C ALA M 5 34.49 38.99 13.31
N ARG M 6 34.46 38.27 14.43
CA ARG M 6 35.69 37.68 14.92
C ARG M 6 36.22 36.63 13.95
N CYS M 7 35.33 35.97 13.23
CA CYS M 7 35.74 34.93 12.31
C CYS M 7 36.58 35.51 11.18
N TYR M 8 36.23 36.72 10.72
CA TYR M 8 36.93 37.36 9.63
C TYR M 8 37.41 38.72 10.12
N ARG M 9 38.56 38.73 10.79
CA ARG M 9 39.06 40.01 11.28
C ARG M 9 40.49 40.23 10.85
N TYR M 10 41.28 39.17 10.83
CA TYR M 10 42.69 39.26 10.56
C TYR M 10 42.96 38.98 9.08
N CYS M 11 43.91 39.71 8.51
CA CYS M 11 44.22 39.53 7.10
C CYS M 11 44.93 38.20 6.92
N LYS M 12 44.13 37.14 6.81
CA LYS M 12 44.66 35.79 6.91
C LYS M 12 45.09 35.27 5.56
N ASN M 13 44.28 35.48 4.52
CA ASN M 13 44.52 34.94 3.20
C ASN M 13 45.05 36.01 2.25
N LYS M 14 45.52 35.55 1.09
CA LYS M 14 45.86 36.47 0.02
C LYS M 14 44.59 37.19 -0.44
N PRO M 15 44.73 38.39 -0.97
CA PRO M 15 43.54 39.10 -1.48
C PRO M 15 42.83 38.30 -2.56
N TYR M 16 41.53 38.13 -2.37
CA TYR M 16 40.70 37.24 -3.17
C TYR M 16 39.59 38.03 -3.83
N PRO M 17 39.89 38.84 -4.83
CA PRO M 17 38.88 39.77 -5.36
C PRO M 17 37.89 39.06 -6.26
N LYS M 18 36.73 39.69 -6.40
CA LYS M 18 35.69 39.19 -7.29
C LYS M 18 36.16 39.36 -8.72
N SER M 19 36.34 38.25 -9.43
CA SER M 19 36.99 38.29 -10.72
C SER M 19 36.46 37.12 -11.55
N ARG M 20 37.16 36.83 -12.65
CA ARG M 20 36.76 35.74 -13.53
C ARG M 20 36.72 34.41 -12.80
N PHE M 21 37.63 34.20 -11.86
CA PHE M 21 37.73 32.94 -11.15
C PHE M 21 36.78 32.87 -9.97
N CYS M 22 36.60 33.96 -9.25
CA CYS M 22 35.67 34.02 -8.12
C CYS M 22 34.44 34.75 -8.59
N ARG M 23 33.48 34.02 -9.14
CA ARG M 23 32.22 34.58 -9.58
C ARG M 23 31.09 34.00 -8.73
N GLY M 24 29.99 34.74 -8.66
CA GLY M 24 28.92 34.40 -7.77
C GLY M 24 28.98 35.09 -6.43
N VAL M 25 29.66 36.22 -6.35
CA VAL M 25 29.84 36.94 -5.09
C VAL M 25 28.64 37.85 -4.86
N PRO M 26 28.01 37.81 -3.70
CA PRO M 26 26.92 38.74 -3.43
C PRO M 26 27.44 40.16 -3.30
N ASP M 27 26.60 41.10 -3.70
CA ASP M 27 27.00 42.51 -3.70
C ASP M 27 27.33 42.97 -2.29
N ALA M 28 28.24 43.92 -2.19
CA ALA M 28 28.58 44.49 -0.90
C ALA M 28 27.41 45.30 -0.35
N LYS M 29 27.38 45.44 0.98
CA LYS M 29 26.26 46.15 1.59
C LYS M 29 26.42 47.66 1.42
N ILE M 30 27.64 48.13 1.26
CA ILE M 30 27.87 49.55 1.02
C ILE M 30 27.91 49.81 -0.48
N ARG M 31 27.15 50.78 -0.92
CA ARG M 31 27.09 51.14 -2.33
C ARG M 31 27.39 52.62 -2.55
N ILE M 32 27.14 53.45 -1.56
CA ILE M 32 27.34 54.89 -1.66
C ILE M 32 28.58 55.24 -0.85
N PHE M 33 29.58 55.81 -1.51
CA PHE M 33 30.82 56.14 -0.83
C PHE M 33 30.99 57.63 -0.56
N ASP M 34 30.21 58.47 -1.23
CA ASP M 34 30.26 59.91 -1.00
C ASP M 34 28.85 60.40 -0.70
N LEU M 35 28.72 61.26 0.30
CA LEU M 35 27.44 61.86 0.61
C LEU M 35 27.68 63.20 1.29
N GLY M 36 26.59 63.89 1.57
CA GLY M 36 26.66 65.28 1.93
C GLY M 36 26.54 66.15 0.70
N ARG M 37 27.03 67.37 0.80
CA ARG M 37 27.06 68.27 -0.35
C ARG M 37 28.32 68.01 -1.17
N LYS M 38 28.38 66.81 -1.76
CA LYS M 38 29.53 66.44 -2.55
C LYS M 38 29.68 67.28 -3.81
N LYS M 39 28.67 68.04 -4.17
CA LYS M 39 28.75 68.95 -5.31
C LYS M 39 29.17 70.35 -4.87
N ALA M 40 30.25 70.42 -4.10
CA ALA M 40 30.72 71.67 -3.54
C ALA M 40 32.16 71.94 -3.96
N LYS M 41 32.51 73.21 -3.99
CA LYS M 41 33.82 73.62 -4.47
C LYS M 41 34.86 73.43 -3.37
N VAL M 42 36.11 73.78 -3.69
CA VAL M 42 37.21 73.55 -2.75
C VAL M 42 37.42 74.69 -1.76
N ASP M 43 36.75 75.81 -1.94
CA ASP M 43 37.03 76.98 -1.12
C ASP M 43 36.08 77.16 0.04
N GLU M 44 35.06 76.31 0.17
CA GLU M 44 34.12 76.43 1.28
C GLU M 44 34.29 75.37 2.34
N PHE M 45 35.02 74.30 2.06
CA PHE M 45 35.24 73.26 3.06
C PHE M 45 36.73 73.10 3.32
N PRO M 46 37.34 73.99 4.09
CA PRO M 46 38.78 73.86 4.32
C PRO M 46 39.16 72.73 5.25
N LEU M 47 38.45 72.56 6.36
CA LEU M 47 38.80 71.57 7.35
C LEU M 47 38.55 70.17 6.82
N CYS M 48 39.41 69.23 7.21
CA CYS M 48 39.26 67.84 6.79
C CYS M 48 39.66 66.94 7.95
N GLY M 49 38.72 66.11 8.40
CA GLY M 49 38.98 65.18 9.48
C GLY M 49 39.10 63.75 8.97
N HIS M 50 39.98 63.00 9.60
CA HIS M 50 40.27 61.63 9.20
C HIS M 50 39.87 60.67 10.32
N MET M 51 39.70 59.40 9.94
CA MET M 51 39.61 58.31 10.88
C MET M 51 40.68 57.30 10.47
N VAL M 52 41.88 57.46 11.04
CA VAL M 52 43.01 56.66 10.63
C VAL M 52 42.98 55.33 11.36
N SER M 53 43.26 54.26 10.63
CA SER M 53 43.36 52.95 11.26
C SER M 53 44.68 52.80 11.99
N ASP M 54 44.70 51.92 12.98
CA ASP M 54 45.91 51.57 13.71
C ASP M 54 46.18 50.08 13.74
N GLU M 55 45.42 49.29 13.02
CA GLU M 55 45.60 47.85 13.04
C GLU M 55 45.53 47.32 11.62
N TYR M 56 46.33 46.30 11.35
CA TYR M 56 46.31 45.64 10.04
C TYR M 56 45.24 44.56 10.08
N GLU M 57 44.00 45.00 9.87
CA GLU M 57 42.87 44.09 9.99
C GLU M 57 41.92 44.23 8.82
N GLN M 58 40.80 43.52 8.87
CA GLN M 58 39.79 43.56 7.84
C GLN M 58 38.52 44.22 8.38
N LEU M 59 37.97 45.15 7.62
CA LEU M 59 36.75 45.85 7.99
C LEU M 59 35.64 45.37 7.06
N SER M 60 34.61 44.75 7.62
CA SER M 60 33.52 44.20 6.83
C SER M 60 32.80 45.28 6.04
N SER M 61 32.11 44.88 4.98
CA SER M 61 31.31 45.85 4.24
C SER M 61 30.11 46.30 5.02
N GLU M 62 29.67 45.54 6.03
CA GLU M 62 28.57 45.94 6.87
C GLU M 62 28.98 46.98 7.89
N ALA M 63 30.19 46.88 8.43
CA ALA M 63 30.68 47.92 9.32
C ALA M 63 30.91 49.22 8.58
N LEU M 64 31.42 49.14 7.34
CA LEU M 64 31.59 50.36 6.55
C LEU M 64 30.24 51.01 6.26
N GLU M 65 29.23 50.21 5.98
CA GLU M 65 27.92 50.76 5.70
C GLU M 65 27.30 51.34 6.97
N ALA M 66 27.48 50.67 8.10
CA ALA M 66 26.91 51.17 9.34
C ALA M 66 27.60 52.44 9.79
N ALA M 67 28.93 52.49 9.69
CA ALA M 67 29.65 53.67 10.14
C ALA M 67 29.40 54.86 9.23
N ARG M 68 29.14 54.61 7.95
CA ARG M 68 28.77 55.70 7.06
C ARG M 68 27.46 56.34 7.49
N ILE M 69 26.49 55.52 7.88
CA ILE M 69 25.19 56.04 8.28
C ILE M 69 25.31 56.80 9.59
N CYS M 70 25.97 56.21 10.58
CA CYS M 70 26.05 56.86 11.89
C CYS M 70 26.79 58.19 11.82
N ALA M 71 27.80 58.29 10.96
CA ALA M 71 28.49 59.56 10.80
C ALA M 71 27.68 60.53 9.95
N ASN M 72 26.91 60.00 8.99
CA ASN M 72 26.01 60.86 8.23
C ASN M 72 24.92 61.42 9.13
N LYS M 73 24.35 60.58 9.98
CA LYS M 73 23.23 61.01 10.81
C LYS M 73 23.63 62.15 11.73
N TYR M 74 24.82 62.07 12.31
CA TYR M 74 25.22 63.08 13.29
C TYR M 74 25.54 64.40 12.60
N MET M 75 26.15 64.35 11.42
CA MET M 75 26.48 65.60 10.74
C MET M 75 25.23 66.32 10.27
N VAL M 76 24.20 65.57 9.88
CA VAL M 76 22.96 66.18 9.43
C VAL M 76 22.31 66.96 10.57
N LYS M 77 22.24 66.35 11.75
CA LYS M 77 21.75 67.08 12.92
C LYS M 77 22.64 68.25 13.29
N SER M 78 23.94 68.13 13.09
CA SER M 78 24.88 69.14 13.58
C SER M 78 25.07 70.26 12.58
N CYS M 79 25.59 69.94 11.40
CA CYS M 79 25.98 70.93 10.41
C CYS M 79 24.95 71.06 9.29
N GLY M 80 23.69 70.80 9.60
CA GLY M 80 22.68 70.86 8.58
C GLY M 80 22.86 69.75 7.56
N LYS M 81 22.13 69.87 6.47
CA LYS M 81 22.09 68.84 5.44
C LYS M 81 23.16 69.05 4.37
N ASP M 82 23.75 70.24 4.29
CA ASP M 82 24.66 70.58 3.21
C ASP M 82 25.90 71.31 3.71
N GLY M 83 26.31 71.05 4.95
CA GLY M 83 27.46 71.74 5.49
C GLY M 83 28.67 70.85 5.67
N PHE M 84 28.73 69.76 4.91
CA PHE M 84 29.83 68.81 5.06
C PHE M 84 29.88 67.95 3.81
N HIS M 85 30.84 67.03 3.77
CA HIS M 85 30.98 66.09 2.68
C HIS M 85 31.76 64.88 3.18
N ILE M 86 31.10 63.73 3.23
CA ILE M 86 31.68 62.52 3.77
C ILE M 86 32.19 61.65 2.64
N ARG M 87 33.36 61.05 2.82
CA ARG M 87 34.02 60.26 1.80
C ARG M 87 34.60 59.02 2.45
N VAL M 88 34.04 57.86 2.12
CA VAL M 88 34.54 56.58 2.64
C VAL M 88 35.66 56.12 1.73
N ARG M 89 36.89 56.13 2.24
CA ARG M 89 38.04 55.86 1.40
C ARG M 89 38.52 54.43 1.53
N LEU M 90 37.60 53.50 1.77
CA LEU M 90 37.90 52.07 1.75
C LEU M 90 36.81 51.38 0.95
N HIS M 91 37.22 50.65 -0.08
CA HIS M 91 36.26 49.90 -0.87
C HIS M 91 36.44 48.42 -0.61
N PRO M 92 35.40 47.71 -0.26
CA PRO M 92 35.53 46.29 0.03
C PRO M 92 35.76 45.50 -1.25
N PHE M 93 36.95 44.95 -1.39
CA PHE M 93 37.30 44.17 -2.56
C PHE M 93 37.67 42.74 -2.24
N HIS M 94 38.03 42.45 -1.00
CA HIS M 94 38.41 41.09 -0.61
C HIS M 94 37.15 40.29 -0.33
N VAL M 95 37.05 39.11 -0.90
CA VAL M 95 35.89 38.24 -0.69
C VAL M 95 36.25 37.20 0.36
N ILE M 96 35.40 37.06 1.35
CA ILE M 96 35.59 36.04 2.37
C ILE M 96 34.71 34.85 2.03
N ARG M 97 35.14 33.67 2.46
CA ARG M 97 34.48 32.43 2.12
C ARG M 97 33.88 31.80 3.37
N ILE M 98 32.94 30.89 3.17
CA ILE M 98 32.32 30.15 4.26
C ILE M 98 32.11 28.72 3.84
N ASN M 99 32.52 27.78 4.69
CA ASN M 99 32.33 26.36 4.44
C ASN M 99 31.11 25.85 5.19
N LYS M 100 29.94 26.29 4.74
CA LYS M 100 28.69 26.00 5.44
C LYS M 100 28.41 24.50 5.46
N MET M 101 27.87 24.03 6.59
CA MET M 101 27.54 22.63 6.79
C MET M 101 26.02 22.47 6.71
N LEU M 102 25.59 21.52 5.88
CA LEU M 102 24.16 21.29 5.59
C LEU M 102 23.52 22.54 5.01
N GLN M 111 27.00 14.15 6.77
CA GLN M 111 28.17 14.92 7.18
C GLN M 111 29.37 14.66 6.28
N THR M 112 30.15 15.69 6.02
CA THR M 112 31.32 15.55 5.17
C THR M 112 32.58 15.99 5.91
N GLY M 113 32.42 16.89 6.87
CA GLY M 113 33.56 17.38 7.62
C GLY M 113 34.43 18.29 6.79
N MET M 114 35.70 17.93 6.65
CA MET M 114 36.66 18.77 5.95
C MET M 114 36.98 18.28 4.56
N ARG M 115 36.34 17.21 4.09
CA ARG M 115 36.59 16.73 2.74
C ARG M 115 36.12 17.75 1.71
N GLY M 116 37.05 18.26 0.91
CA GLY M 116 36.71 19.24 -0.10
C GLY M 116 36.12 20.49 0.50
N ALA M 117 36.81 21.03 1.50
CA ALA M 117 36.30 22.17 2.25
C ALA M 117 36.92 23.46 1.75
N PHE M 118 36.53 23.84 0.55
CA PHE M 118 36.85 25.17 0.03
C PHE M 118 35.55 25.95 -0.03
N GLY M 119 35.45 26.97 0.81
CA GLY M 119 34.20 27.67 0.99
C GLY M 119 33.64 28.35 -0.23
N LYS M 120 32.39 28.78 -0.14
CA LYS M 120 31.71 29.60 -1.12
C LYS M 120 31.79 31.06 -0.70
N PRO M 121 31.73 31.99 -1.63
CA PRO M 121 31.79 33.40 -1.26
C PRO M 121 30.67 33.80 -0.32
N GLN M 122 31.02 34.32 0.85
CA GLN M 122 30.01 34.76 1.80
C GLN M 122 29.72 36.25 1.68
N GLY M 123 30.73 37.07 1.87
CA GLY M 123 30.56 38.51 1.81
C GLY M 123 31.86 39.15 1.38
N THR M 124 31.89 40.47 1.46
CA THR M 124 33.03 41.24 1.04
C THR M 124 33.57 42.03 2.21
N VAL M 125 34.86 42.38 2.16
CA VAL M 125 35.55 42.97 3.29
C VAL M 125 36.69 43.79 2.75
N ALA M 126 37.09 44.82 3.49
CA ALA M 126 38.15 45.71 3.07
C ALA M 126 39.38 45.53 3.95
N ARG M 127 40.53 45.26 3.31
CA ARG M 127 41.78 45.08 4.03
C ARG M 127 42.38 46.46 4.28
N VAL M 128 42.44 46.86 5.54
CA VAL M 128 42.98 48.15 5.92
C VAL M 128 44.37 47.94 6.52
N HIS M 129 45.23 48.95 6.39
CA HIS M 129 46.57 48.89 6.90
C HIS M 129 46.73 49.82 8.09
N ILE M 130 47.93 49.87 8.65
CA ILE M 130 48.22 50.76 9.75
C ILE M 130 48.54 52.14 9.20
N GLY M 131 47.85 53.15 9.70
CA GLY M 131 48.04 54.50 9.20
C GLY M 131 47.27 54.82 7.95
N GLN M 132 46.29 54.01 7.60
CA GLN M 132 45.51 54.18 6.37
C GLN M 132 44.20 54.87 6.71
N VAL M 133 43.83 55.86 5.91
CA VAL M 133 42.59 56.60 6.16
C VAL M 133 41.40 55.72 5.82
N ILE M 134 40.48 55.59 6.77
CA ILE M 134 39.26 54.83 6.55
C ILE M 134 38.16 55.71 6.00
N MET M 135 37.93 56.85 6.62
CA MET M 135 36.83 57.73 6.27
C MET M 135 37.27 59.17 6.49
N SER M 136 36.88 60.06 5.60
CA SER M 136 37.27 61.45 5.67
C SER M 136 36.06 62.35 5.51
N ILE M 137 36.12 63.51 6.15
CA ILE M 137 35.00 64.45 6.19
C ILE M 137 35.55 65.86 6.04
N ARG M 138 35.07 66.60 5.05
CA ARG M 138 35.45 67.98 4.88
C ARG M 138 34.26 68.87 5.20
N THR M 139 34.52 70.00 5.85
CA THR M 139 33.48 70.94 6.20
C THR M 139 34.12 72.29 6.48
N LYS M 140 33.30 73.26 6.87
CA LYS M 140 33.81 74.55 7.26
C LYS M 140 34.63 74.43 8.53
N LEU M 141 35.72 75.20 8.61
CA LEU M 141 36.62 75.08 9.75
C LEU M 141 35.93 75.52 11.04
N GLN M 142 34.84 76.26 10.92
CA GLN M 142 34.00 76.57 12.08
C GLN M 142 33.55 75.31 12.78
N ASN M 143 32.97 74.38 12.03
CA ASN M 143 32.41 73.16 12.60
C ASN M 143 33.51 72.12 12.85
N LYS M 144 34.49 72.52 13.64
CA LYS M 144 35.63 71.63 13.90
C LYS M 144 35.26 70.55 14.91
N GLU M 145 34.69 70.95 16.04
CA GLU M 145 34.33 70.01 17.09
C GLU M 145 33.13 69.16 16.68
N HIS M 146 32.52 69.45 15.54
CA HIS M 146 31.38 68.68 15.09
C HIS M 146 31.78 67.44 14.31
N VAL M 147 32.94 67.45 13.66
CA VAL M 147 33.36 66.26 12.92
C VAL M 147 34.08 65.29 13.85
N VAL M 148 34.81 65.80 14.83
CA VAL M 148 35.50 64.91 15.77
C VAL M 148 34.49 64.10 16.56
N GLU M 149 33.31 64.65 16.77
CA GLU M 149 32.25 63.87 17.42
C GLU M 149 31.57 62.92 16.45
N ALA M 150 31.51 63.30 15.17
CA ALA M 150 30.92 62.40 14.19
C ALA M 150 31.81 61.19 13.97
N LEU M 151 33.13 61.39 13.92
CA LEU M 151 34.05 60.27 13.79
C LEU M 151 34.18 59.48 15.07
N ARG M 152 34.05 60.12 16.23
CA ARG M 152 34.07 59.39 17.48
C ARG M 152 32.88 58.46 17.59
N ARG M 153 31.73 58.88 17.09
CA ARG M 153 30.58 58.00 17.06
C ARG M 153 30.70 56.89 16.05
N ALA M 154 31.55 57.04 15.04
CA ALA M 154 31.68 56.02 14.02
C ALA M 154 32.69 54.95 14.38
N LYS M 155 33.57 55.21 15.34
CA LYS M 155 34.55 54.20 15.73
C LYS M 155 33.87 53.00 16.36
N PHE M 156 32.77 53.21 17.07
CA PHE M 156 32.14 52.10 17.78
C PHE M 156 31.51 51.09 16.85
N LYS M 157 31.40 51.39 15.56
CA LYS M 157 30.95 50.42 14.59
C LYS M 157 32.09 49.63 13.97
N PHE M 158 33.32 49.88 14.39
CA PHE M 158 34.49 49.27 13.80
C PHE M 158 35.27 48.45 14.82
N PRO M 159 35.73 47.27 14.46
CA PRO M 159 36.64 46.53 15.32
C PRO M 159 38.01 47.18 15.33
N GLY M 160 38.82 46.80 16.31
CA GLY M 160 40.13 47.39 16.44
C GLY M 160 40.02 48.82 16.94
N ARG M 161 41.14 49.53 16.88
CA ARG M 161 41.18 50.90 17.34
C ARG M 161 41.56 51.82 16.20
N GLN M 162 41.05 53.04 16.25
CA GLN M 162 41.28 54.03 15.21
C GLN M 162 41.56 55.37 15.87
N LYS M 163 42.35 56.20 15.20
CA LYS M 163 42.62 57.54 15.65
C LYS M 163 41.91 58.54 14.77
N ILE M 164 41.43 59.61 15.39
CA ILE M 164 40.78 60.71 14.68
C ILE M 164 41.79 61.84 14.54
N HIS M 165 42.12 62.17 13.30
CA HIS M 165 43.15 63.13 13.00
C HIS M 165 42.61 64.19 12.08
N ILE M 166 42.91 65.45 12.38
CA ILE M 166 42.47 66.57 11.56
C ILE M 166 43.63 66.94 10.65
N SER M 167 43.45 66.70 9.36
CA SER M 167 44.54 66.84 8.41
C SER M 167 45.01 68.28 8.30
N LYS M 168 46.25 68.45 7.89
CA LYS M 168 46.79 69.75 7.54
C LYS M 168 46.57 70.09 6.07
N LYS M 169 46.08 69.14 5.28
CA LYS M 169 45.74 69.42 3.90
C LYS M 169 44.49 70.27 3.82
N TRP M 170 44.32 70.93 2.68
CA TRP M 170 43.14 71.73 2.44
C TRP M 170 42.06 70.83 1.84
N GLY M 171 41.06 70.50 2.65
CA GLY M 171 39.97 69.68 2.14
C GLY M 171 40.44 68.29 1.77
N PHE M 172 40.00 67.82 0.62
CA PHE M 172 40.37 66.50 0.12
C PHE M 172 41.57 66.54 -0.80
N THR M 173 42.14 67.72 -1.02
CA THR M 173 43.29 67.85 -1.90
C THR M 173 44.55 67.36 -1.19
N LYS M 174 45.66 67.36 -1.93
CA LYS M 174 46.94 66.94 -1.40
C LYS M 174 47.89 68.10 -1.15
N PHE M 175 47.36 69.26 -0.79
CA PHE M 175 48.16 70.46 -0.57
C PHE M 175 47.87 71.03 0.81
N ASN M 176 48.92 71.49 1.48
CA ASN M 176 48.79 71.94 2.85
C ASN M 176 47.96 73.22 2.93
N ALA M 177 47.18 73.34 4.00
CA ALA M 177 46.29 74.48 4.16
C ALA M 177 47.07 75.78 4.29
N ASP M 178 48.33 75.72 4.70
CA ASP M 178 49.16 76.91 4.79
C ASP M 178 49.63 77.40 3.43
N GLU M 179 49.61 76.55 2.41
CA GLU M 179 50.09 76.92 1.08
C GLU M 179 48.99 76.95 0.04
N PHE M 180 47.75 76.70 0.42
CA PHE M 180 46.70 76.56 -0.58
C PHE M 180 46.34 77.89 -1.23
N GLU M 181 46.07 78.90 -0.41
CA GLU M 181 45.50 80.14 -0.93
C GLU M 181 46.44 80.83 -1.90
N ASP M 182 47.72 80.86 -1.58
CA ASP M 182 48.66 81.55 -2.46
C ASP M 182 48.81 80.79 -3.78
N MET M 183 49.00 79.47 -3.72
CA MET M 183 49.12 78.66 -4.93
C MET M 183 47.91 78.77 -5.84
N VAL M 184 46.81 79.34 -5.38
CA VAL M 184 45.73 79.76 -6.25
C VAL M 184 45.95 81.17 -6.78
N ALA M 185 46.64 82.03 -6.01
CA ALA M 185 46.91 83.38 -6.49
C ALA M 185 47.85 83.36 -7.70
N GLU M 186 49.04 82.73 -7.56
CA GLU M 186 49.92 82.67 -8.72
C GLU M 186 49.53 81.58 -9.70
N LYS M 187 48.35 80.98 -9.52
CA LYS M 187 47.73 80.09 -10.49
C LYS M 187 48.61 78.85 -10.76
N ARG M 188 49.01 78.23 -9.65
CA ARG M 188 49.49 76.85 -9.70
C ARG M 188 48.36 75.86 -9.47
N LEU M 189 47.20 76.33 -9.04
CA LEU M 189 46.06 75.48 -8.71
C LEU M 189 44.81 76.14 -9.25
N ILE M 190 44.09 75.44 -10.10
CA ILE M 190 42.84 75.95 -10.67
C ILE M 190 41.70 75.11 -10.10
N PRO M 191 40.71 75.73 -9.45
CA PRO M 191 39.62 74.95 -8.86
C PRO M 191 38.86 74.13 -9.88
N ASP M 192 38.83 72.82 -9.68
CA ASP M 192 38.15 71.90 -10.58
C ASP M 192 37.11 71.11 -9.79
N GLY M 193 35.93 71.69 -9.65
CA GLY M 193 34.83 71.03 -8.96
C GLY M 193 35.13 70.72 -7.51
N CYS M 194 35.00 69.45 -7.15
CA CYS M 194 35.30 69.01 -5.79
C CYS M 194 36.78 69.10 -5.47
N GLY M 195 37.65 69.09 -6.48
CA GLY M 195 39.07 69.13 -6.24
C GLY M 195 39.75 70.27 -6.94
N VAL M 196 41.04 70.11 -7.21
CA VAL M 196 41.84 71.17 -7.83
C VAL M 196 42.85 70.51 -8.75
N LYS M 197 43.22 71.23 -9.81
CA LYS M 197 44.20 70.75 -10.78
C LYS M 197 45.51 71.48 -10.59
N TYR M 198 46.56 70.74 -10.30
CA TYR M 198 47.90 71.32 -10.25
C TYR M 198 48.35 71.59 -11.68
N ILE M 199 48.98 72.73 -11.88
CA ILE M 199 49.43 73.15 -13.20
C ILE M 199 50.93 73.39 -13.15
N PRO M 200 51.72 72.55 -13.80
CA PRO M 200 53.17 72.69 -13.78
C PRO M 200 53.62 73.74 -14.80
N ASN M 201 54.94 73.84 -14.94
CA ASN M 201 55.57 74.71 -15.91
C ASN M 201 56.20 73.91 -17.04
N ARG M 202 55.52 72.86 -17.47
CA ARG M 202 56.08 71.93 -18.43
C ARG M 202 55.28 71.81 -19.72
N GLY M 203 54.01 72.19 -19.73
CA GLY M 203 53.21 72.05 -20.91
C GLY M 203 53.65 72.98 -22.03
N PRO M 204 52.92 72.99 -23.13
CA PRO M 204 53.19 73.99 -24.17
C PRO M 204 52.85 75.37 -23.65
N LEU M 205 53.56 76.36 -24.19
CA LEU M 205 53.38 77.72 -23.71
C LEU M 205 52.01 78.28 -24.04
N ASP M 206 51.33 77.73 -25.04
CA ASP M 206 50.03 78.26 -25.42
C ASP M 206 48.99 78.02 -24.33
N LYS M 207 49.17 76.98 -23.52
CA LYS M 207 48.27 76.77 -22.39
C LYS M 207 48.51 77.79 -21.29
N TRP M 208 49.75 78.26 -21.13
CA TRP M 208 50.03 79.30 -20.15
C TRP M 208 49.33 80.59 -20.53
N ARG M 209 49.22 80.87 -21.82
CA ARG M 209 48.50 82.06 -22.28
C ARG M 209 47.02 81.97 -21.92
N ALA M 210 46.45 80.77 -22.02
CA ALA M 210 45.02 80.62 -21.79
C ALA M 210 44.64 80.92 -20.35
N LEU M 211 45.58 80.80 -19.42
CA LEU M 211 45.27 81.07 -18.02
C LEU M 211 45.54 82.51 -17.64
N HIS M 212 46.67 83.05 -18.08
CA HIS M 212 47.04 84.41 -17.72
C HIS M 212 46.30 85.46 -18.54
N SER M 213 45.25 85.07 -19.23
CA SER M 213 44.43 86.01 -19.99
C SER M 213 43.11 85.39 -20.36
N LYS N 1 52.29 82.53 -57.64
CA LYS N 1 53.57 81.84 -57.63
C LYS N 1 53.45 80.46 -56.99
N GLU N 2 52.30 79.84 -57.19
CA GLU N 2 52.03 78.50 -56.67
C GLU N 2 53.01 77.50 -57.25
N ASN N 3 53.17 76.39 -56.55
CA ASN N 3 54.10 75.37 -57.01
C ASN N 3 53.44 74.50 -58.07
N PRO N 4 54.12 74.17 -59.15
CA PRO N 4 53.49 73.35 -60.21
C PRO N 4 53.19 71.93 -59.79
N MET N 5 53.76 71.45 -58.69
CA MET N 5 53.51 70.09 -58.24
C MET N 5 52.40 70.02 -57.20
N ARG N 6 51.65 71.10 -57.02
CA ARG N 6 50.55 71.10 -56.06
C ARG N 6 49.18 71.09 -56.74
N GLU N 7 49.13 71.12 -58.06
CA GLU N 7 47.86 71.10 -58.76
C GLU N 7 47.08 69.83 -58.46
N LEU N 8 45.85 70.00 -58.00
CA LEU N 8 45.05 68.88 -57.55
C LEU N 8 44.53 68.11 -58.77
N ARG N 9 44.80 66.81 -58.80
CA ARG N 9 44.40 65.93 -59.89
C ARG N 9 43.40 64.89 -59.39
N ILE N 10 43.03 63.98 -60.27
CA ILE N 10 42.11 62.89 -59.96
C ILE N 10 42.91 61.60 -59.93
N ARG N 11 43.05 60.99 -58.75
CA ARG N 11 43.73 59.70 -58.67
C ARG N 11 42.90 58.60 -59.33
N LYS N 12 41.69 58.37 -58.82
CA LYS N 12 40.89 57.29 -59.36
C LYS N 12 39.42 57.58 -59.16
N LEU N 13 38.59 56.87 -59.93
CA LEU N 13 37.14 56.99 -59.90
C LEU N 13 36.59 55.58 -59.73
N CYS N 14 35.96 55.32 -58.59
CA CYS N 14 35.53 53.98 -58.25
C CYS N 14 34.02 53.87 -58.43
N LEU N 15 33.59 52.90 -59.22
CA LEU N 15 32.19 52.69 -59.54
C LEU N 15 31.80 51.30 -59.09
N ASN N 16 30.76 51.19 -58.25
CA ASN N 16 30.27 49.87 -57.89
C ASN N 16 28.75 49.83 -58.05
N ILE N 17 28.25 48.62 -58.28
CA ILE N 17 26.83 48.34 -58.32
C ILE N 17 26.60 47.22 -57.34
N CYS N 18 25.98 47.53 -56.21
CA CYS N 18 25.69 46.51 -55.21
C CYS N 18 24.30 45.96 -55.49
N VAL N 19 24.25 44.82 -56.19
CA VAL N 19 22.99 44.15 -56.44
C VAL N 19 22.49 43.43 -55.19
N GLY N 20 23.39 43.06 -54.30
CA GLY N 20 23.01 42.40 -53.07
C GLY N 20 22.47 41.01 -53.26
N GLU N 21 22.54 40.47 -54.49
CA GLU N 21 22.08 39.12 -54.78
C GLU N 21 22.91 38.53 -55.90
N SER N 22 23.20 37.24 -55.83
CA SER N 22 23.93 36.58 -56.91
C SER N 22 22.99 36.27 -58.07
N GLY N 23 23.53 35.61 -59.09
CA GLY N 23 22.74 35.17 -60.22
C GLY N 23 22.90 36.01 -61.46
N ASP N 24 21.91 35.97 -62.35
CA ASP N 24 21.98 36.75 -63.58
C ASP N 24 21.77 38.24 -63.30
N ARG N 25 21.01 38.56 -62.27
CA ARG N 25 20.82 39.95 -61.85
C ARG N 25 22.12 40.68 -61.62
N LEU N 26 23.20 39.96 -61.36
CA LEU N 26 24.51 40.53 -61.13
C LEU N 26 25.40 40.47 -62.35
N THR N 27 25.41 39.34 -63.06
CA THR N 27 26.25 39.24 -64.24
C THR N 27 25.76 40.16 -65.35
N ARG N 28 24.50 40.57 -65.30
CA ARG N 28 24.04 41.62 -66.19
C ARG N 28 24.54 42.98 -65.72
N ALA N 29 24.50 43.23 -64.41
CA ALA N 29 25.12 44.44 -63.88
C ALA N 29 26.63 44.41 -64.06
N ALA N 30 27.20 43.24 -64.33
CA ALA N 30 28.62 43.18 -64.64
C ALA N 30 28.91 43.84 -65.97
N LYS N 31 28.06 43.60 -66.98
CA LYS N 31 28.40 44.07 -68.32
C LYS N 31 28.01 45.53 -68.56
N VAL N 32 27.24 46.15 -67.68
CA VAL N 32 27.02 47.59 -67.83
C VAL N 32 28.29 48.35 -67.48
N LEU N 33 28.99 47.93 -66.43
CA LEU N 33 30.29 48.52 -66.13
C LEU N 33 31.29 48.21 -67.24
N GLU N 34 31.07 47.12 -67.96
CA GLU N 34 31.95 46.76 -69.07
C GLU N 34 31.88 47.79 -70.18
N GLN N 35 30.72 47.91 -70.82
CA GLN N 35 30.60 48.80 -71.96
C GLN N 35 30.48 50.26 -71.58
N LEU N 36 30.57 50.59 -70.29
CA LEU N 36 30.69 51.99 -69.88
C LEU N 36 32.14 52.40 -69.72
N THR N 37 32.88 51.68 -68.87
CA THR N 37 34.28 52.02 -68.65
C THR N 37 35.17 51.49 -69.77
N GLY N 38 34.91 50.29 -70.24
CA GLY N 38 35.78 49.67 -71.22
C GLY N 38 36.71 48.61 -70.67
N GLN N 39 36.56 48.23 -69.41
CA GLN N 39 37.42 47.24 -68.81
C GLN N 39 36.58 46.27 -67.99
N THR N 40 37.04 45.03 -67.94
CA THR N 40 36.31 43.99 -67.22
C THR N 40 36.26 44.30 -65.73
N PRO N 41 35.09 44.38 -65.13
CA PRO N 41 34.99 44.68 -63.70
C PRO N 41 35.22 43.46 -62.85
N VAL N 42 35.38 43.69 -61.55
CA VAL N 42 35.67 42.64 -60.59
C VAL N 42 34.49 42.52 -59.63
N PHE N 43 34.22 41.30 -59.20
CA PHE N 43 33.16 41.04 -58.25
C PHE N 43 33.67 41.16 -56.82
N SER N 44 32.75 41.39 -55.89
CA SER N 44 33.06 41.46 -54.48
C SER N 44 32.01 40.68 -53.72
N LYS N 45 32.44 39.72 -52.92
CA LYS N 45 31.53 38.84 -52.21
C LYS N 45 31.28 39.37 -50.80
N ALA N 46 30.27 38.81 -50.15
CA ALA N 46 29.82 39.28 -48.85
C ALA N 46 30.74 38.80 -47.76
N ARG N 47 30.94 39.63 -46.74
CA ARG N 47 31.86 39.29 -45.67
C ARG N 47 31.27 38.23 -44.75
N TYR N 48 30.00 38.37 -44.40
CA TYR N 48 29.32 37.39 -43.56
C TYR N 48 27.85 37.35 -43.97
N THR N 49 27.11 36.46 -43.33
CA THR N 49 25.73 36.18 -43.70
C THR N 49 24.77 36.98 -42.83
N VAL N 50 23.81 37.64 -43.46
CA VAL N 50 22.75 38.34 -42.73
C VAL N 50 21.39 37.91 -43.28
N ARG N 51 20.53 37.42 -42.40
CA ARG N 51 19.25 36.87 -42.83
C ARG N 51 18.35 37.93 -43.42
N SER N 52 18.30 39.12 -42.81
CA SER N 52 17.35 40.14 -43.24
C SER N 52 17.60 40.56 -44.68
N PHE N 53 18.87 40.78 -45.04
CA PHE N 53 19.18 41.22 -46.38
C PHE N 53 19.13 40.09 -47.40
N GLY N 54 19.17 38.85 -46.95
CA GLY N 54 19.13 37.72 -47.87
C GLY N 54 20.45 37.36 -48.49
N ILE N 55 21.55 37.86 -47.96
CA ILE N 55 22.87 37.54 -48.49
C ILE N 55 23.51 36.52 -47.57
N ARG N 56 24.44 35.75 -48.12
CA ARG N 56 25.16 34.74 -47.36
C ARG N 56 26.65 35.04 -47.40
N ARG N 57 27.40 34.35 -46.54
CA ARG N 57 28.85 34.49 -46.50
C ARG N 57 29.46 34.05 -47.82
N ASN N 58 30.42 34.83 -48.30
CA ASN N 58 31.16 34.54 -49.52
C ASN N 58 30.27 34.52 -50.75
N GLU N 59 29.05 35.03 -50.64
CA GLU N 59 28.16 35.08 -51.80
C GLU N 59 28.46 36.33 -52.60
N LYS N 60 28.61 36.15 -53.91
CA LYS N 60 28.89 37.26 -54.81
C LYS N 60 27.66 38.15 -54.92
N ILE N 61 27.75 39.38 -54.39
CA ILE N 61 26.58 40.25 -54.30
C ILE N 61 26.79 41.60 -54.97
N ALA N 62 28.00 41.93 -55.40
CA ALA N 62 28.23 43.24 -55.99
C ALA N 62 29.31 43.13 -57.04
N VAL N 63 29.60 44.25 -57.68
CA VAL N 63 30.63 44.33 -58.71
C VAL N 63 31.11 45.77 -58.80
N HIS N 64 32.42 45.97 -58.83
CA HIS N 64 32.97 47.31 -58.89
C HIS N 64 34.07 47.38 -59.93
N CYS N 65 34.60 48.60 -60.11
CA CYS N 65 35.60 48.86 -61.12
C CYS N 65 36.22 50.24 -60.92
N THR N 66 37.54 50.34 -61.06
CA THR N 66 38.25 51.59 -60.90
C THR N 66 38.74 52.09 -62.24
N VAL N 67 38.72 53.41 -62.42
CA VAL N 67 39.14 54.05 -63.66
C VAL N 67 40.17 55.12 -63.34
N ARG N 68 41.25 55.16 -64.11
CA ARG N 68 42.28 56.17 -63.97
C ARG N 68 42.36 56.99 -65.26
N GLY N 69 43.30 57.93 -65.28
CA GLY N 69 43.62 58.70 -66.47
C GLY N 69 42.46 59.55 -66.96
N ALA N 70 42.53 59.90 -68.24
CA ALA N 70 41.47 60.67 -68.87
C ALA N 70 40.20 59.87 -69.08
N LYS N 71 40.27 58.54 -69.04
CA LYS N 71 39.06 57.76 -69.09
C LYS N 71 38.20 58.01 -67.86
N ALA N 72 38.85 58.25 -66.72
CA ALA N 72 38.12 58.60 -65.52
C ALA N 72 37.51 59.99 -65.63
N GLU N 73 38.24 60.95 -66.19
CA GLU N 73 37.77 62.32 -66.21
C GLU N 73 36.52 62.48 -67.07
N GLU N 74 36.41 61.76 -68.18
CA GLU N 74 35.26 61.93 -69.05
C GLU N 74 34.03 61.24 -68.48
N ILE N 75 34.20 60.17 -67.72
CA ILE N 75 33.06 59.55 -67.07
C ILE N 75 32.53 60.43 -65.95
N LEU N 76 33.43 61.09 -65.22
CA LEU N 76 32.99 62.05 -64.22
C LEU N 76 32.23 63.21 -64.86
N GLU N 77 32.69 63.67 -66.02
CA GLU N 77 31.95 64.70 -66.75
C GLU N 77 30.59 64.19 -67.18
N LYS N 78 30.48 62.90 -67.49
CA LYS N 78 29.19 62.33 -67.85
C LYS N 78 28.28 62.22 -66.64
N GLY N 79 28.81 61.80 -65.49
CA GLY N 79 27.97 61.61 -64.33
C GLY N 79 27.45 62.90 -63.76
N LEU N 80 28.28 63.94 -63.73
CA LEU N 80 27.84 65.22 -63.20
C LEU N 80 26.83 65.90 -64.12
N LYS N 81 26.90 65.62 -65.42
CA LYS N 81 25.86 66.06 -66.34
C LYS N 81 24.49 65.57 -65.93
N VAL N 82 24.42 64.39 -65.31
CA VAL N 82 23.16 63.90 -64.79
C VAL N 82 22.77 64.64 -63.52
N ARG N 83 23.77 65.12 -62.77
CA ARG N 83 23.52 65.84 -61.53
C ARG N 83 23.51 67.35 -61.74
N GLU N 84 23.39 67.81 -62.98
CA GLU N 84 23.34 69.23 -63.30
C GLU N 84 24.49 70.02 -62.71
N TYR N 85 25.63 69.37 -62.51
CA TYR N 85 26.81 69.99 -61.88
C TYR N 85 26.43 70.65 -60.56
N GLU N 86 25.80 69.87 -59.67
CA GLU N 86 25.53 70.38 -58.34
C GLU N 86 25.67 69.24 -57.34
N LEU N 87 26.25 69.55 -56.18
CA LEU N 87 26.37 68.59 -55.10
C LEU N 87 26.01 69.27 -53.78
N ARG N 88 26.16 68.55 -52.68
CA ARG N 88 25.92 69.12 -51.36
C ARG N 88 27.20 69.06 -50.54
N LYS N 89 27.22 69.85 -49.47
CA LYS N 89 28.44 69.96 -48.67
C LYS N 89 28.73 68.66 -47.93
N ASN N 90 27.73 67.84 -47.70
CA ASN N 90 27.97 66.55 -47.04
C ASN N 90 28.47 65.50 -48.00
N ASN N 91 28.32 65.70 -49.31
CA ASN N 91 28.85 64.75 -50.27
C ASN N 91 30.36 64.65 -50.22
N PHE N 92 31.03 65.70 -49.76
CA PHE N 92 32.48 65.73 -49.70
C PHE N 92 32.95 65.17 -48.38
N SER N 93 33.88 64.23 -48.44
CA SER N 93 34.46 63.68 -47.22
C SER N 93 35.56 64.59 -46.73
N ASP N 94 35.85 64.51 -45.44
CA ASP N 94 36.88 65.34 -44.85
C ASP N 94 38.29 64.90 -45.24
N THR N 95 38.42 63.80 -45.98
CA THR N 95 39.71 63.37 -46.48
C THR N 95 40.04 63.95 -47.85
N GLY N 96 39.15 64.79 -48.40
CA GLY N 96 39.39 65.38 -49.69
C GLY N 96 38.66 64.74 -50.84
N ASN N 97 37.97 63.62 -50.62
CA ASN N 97 37.24 62.94 -51.66
C ASN N 97 35.75 63.27 -51.57
N PHE N 98 35.03 62.89 -52.61
CA PHE N 98 33.58 63.08 -52.64
C PHE N 98 32.97 62.01 -53.52
N GLY N 99 31.64 61.89 -53.43
CA GLY N 99 30.93 60.90 -54.21
C GLY N 99 29.47 61.27 -54.32
N PHE N 100 28.77 60.53 -55.17
CA PHE N 100 27.37 60.78 -55.46
C PHE N 100 26.80 59.57 -56.17
N GLY N 101 25.52 59.29 -55.94
CA GLY N 101 24.86 58.16 -56.57
C GLY N 101 23.92 58.61 -57.66
N ILE N 102 23.87 57.83 -58.73
CA ILE N 102 22.93 58.05 -59.81
C ILE N 102 21.81 57.02 -59.69
N GLN N 103 20.68 57.30 -60.34
CA GLN N 103 19.52 56.43 -60.19
C GLN N 103 19.46 55.37 -61.29
N GLU N 104 19.88 55.73 -62.50
CA GLU N 104 19.86 54.78 -63.61
C GLU N 104 21.07 55.05 -64.49
N HIS N 105 21.60 53.98 -65.08
CA HIS N 105 22.84 54.09 -65.82
C HIS N 105 22.63 54.62 -67.22
N ILE N 106 21.44 54.45 -67.79
CA ILE N 106 21.17 54.89 -69.16
C ILE N 106 21.20 56.40 -69.22
N ASP N 107 21.11 57.06 -68.06
CA ASP N 107 21.23 58.52 -68.01
C ASP N 107 22.57 59.00 -68.54
N LEU N 108 23.59 58.14 -68.51
CA LEU N 108 24.90 58.53 -68.99
C LEU N 108 24.93 58.69 -70.50
N GLY N 109 23.93 58.17 -71.20
CA GLY N 109 23.88 58.21 -72.65
C GLY N 109 24.11 56.87 -73.30
N ILE N 110 24.55 55.86 -72.56
CA ILE N 110 24.74 54.55 -73.14
C ILE N 110 23.39 53.91 -73.43
N LYS N 111 23.35 53.13 -74.51
CA LYS N 111 22.10 52.63 -75.07
C LYS N 111 21.55 51.48 -74.24
N TYR N 112 20.28 51.58 -73.87
CA TYR N 112 19.61 50.50 -73.15
C TYR N 112 19.36 49.32 -74.09
N ASP N 113 19.23 48.13 -73.50
CA ASP N 113 18.74 46.97 -74.23
C ASP N 113 17.99 46.06 -73.27
N PRO N 114 16.91 45.44 -73.70
CA PRO N 114 16.04 44.69 -72.78
C PRO N 114 16.72 43.46 -72.18
N SER N 115 17.77 42.97 -72.84
CA SER N 115 18.45 41.78 -72.37
C SER N 115 19.25 42.05 -71.10
N ILE N 116 19.49 43.32 -70.78
CA ILE N 116 20.30 43.72 -69.62
C ILE N 116 19.42 44.32 -68.53
N GLY N 117 18.69 45.37 -68.85
CA GLY N 117 17.85 46.03 -67.87
C GLY N 117 18.40 47.40 -67.50
N ILE N 118 18.10 47.87 -66.28
CA ILE N 118 18.61 49.15 -65.82
C ILE N 118 19.13 49.00 -64.40
N TYR N 119 20.27 49.63 -64.12
CA TYR N 119 20.90 49.54 -62.81
C TYR N 119 21.34 50.93 -62.39
N GLY N 120 21.09 51.27 -61.13
CA GLY N 120 21.64 52.48 -60.58
C GLY N 120 23.00 52.18 -59.97
N LEU N 121 24.04 52.87 -60.43
CA LEU N 121 25.36 52.61 -59.89
C LEU N 121 25.76 53.73 -58.94
N ASP N 122 27.03 53.71 -58.53
CA ASP N 122 27.53 54.62 -57.52
C ASP N 122 28.85 55.21 -57.97
N PHE N 123 29.04 56.50 -57.70
CA PHE N 123 30.26 57.21 -58.06
C PHE N 123 31.04 57.58 -56.80
N TYR N 124 32.36 57.55 -56.92
CA TYR N 124 33.20 58.10 -55.85
C TYR N 124 34.54 58.56 -56.41
N VAL N 125 34.76 59.86 -56.42
CA VAL N 125 36.00 60.42 -56.93
C VAL N 125 37.01 60.51 -55.81
N VAL N 126 38.24 60.13 -56.11
CA VAL N 126 39.33 60.18 -55.14
C VAL N 126 40.32 61.23 -55.67
N LEU N 127 40.21 62.44 -55.15
CA LEU N 127 41.10 63.50 -55.57
C LEU N 127 42.51 63.22 -55.10
N GLY N 128 43.47 63.70 -55.86
CA GLY N 128 44.86 63.43 -55.55
C GLY N 128 45.76 64.63 -55.75
N ARG N 129 47.04 64.37 -55.78
CA ARG N 129 48.05 65.41 -55.91
C ARG N 129 49.35 64.74 -56.34
N PRO N 130 50.13 65.36 -57.21
CA PRO N 130 51.40 64.75 -57.63
C PRO N 130 52.29 64.42 -56.44
N GLY N 131 52.42 63.14 -56.13
CA GLY N 131 53.17 62.75 -54.96
C GLY N 131 52.43 61.85 -53.99
N PHE N 132 51.17 61.51 -54.27
CA PHE N 132 50.47 60.58 -53.40
C PHE N 132 50.89 59.14 -53.63
N SER N 133 51.67 58.85 -54.66
CA SER N 133 52.12 57.49 -54.90
C SER N 133 53.13 57.03 -53.85
N ILE N 134 53.55 57.90 -52.95
CA ILE N 134 54.52 57.53 -51.94
C ILE N 134 53.91 56.58 -50.93
N ALA N 135 52.67 56.83 -50.51
CA ALA N 135 52.05 56.06 -49.43
C ALA N 135 51.67 54.65 -49.84
N ASP N 136 51.94 54.24 -51.07
CA ASP N 136 51.60 52.88 -51.48
C ASP N 136 52.66 52.24 -52.36
N LYS N 137 53.81 52.89 -52.51
CA LYS N 137 54.93 52.25 -53.18
C LYS N 137 55.62 51.33 -52.20
N LYS N 138 56.24 50.26 -52.71
CA LYS N 138 56.73 49.21 -51.84
C LYS N 138 57.92 49.67 -51.03
N ARG N 139 58.97 50.12 -51.71
CA ARG N 139 60.28 50.23 -51.08
C ARG N 139 60.33 51.24 -49.93
N ARG N 140 60.34 52.54 -50.24
CA ARG N 140 60.49 53.56 -49.20
C ARG N 140 59.14 54.22 -48.90
N THR N 141 58.22 53.41 -48.40
CA THR N 141 56.87 53.89 -48.12
C THR N 141 56.93 54.99 -47.07
N GLY N 142 55.97 55.91 -47.13
CA GLY N 142 55.91 56.99 -46.18
C GLY N 142 54.66 57.82 -46.38
N CYS N 143 54.36 58.62 -45.37
CA CYS N 143 53.15 59.45 -45.39
C CYS N 143 53.37 60.63 -46.32
N ILE N 144 52.42 61.57 -46.31
CA ILE N 144 52.49 62.70 -47.23
C ILE N 144 52.71 64.04 -46.54
N GLY N 145 52.39 64.18 -45.26
CA GLY N 145 52.59 65.45 -44.59
C GLY N 145 51.36 66.34 -44.69
N ALA N 146 51.23 67.21 -43.68
CA ALA N 146 50.02 68.00 -43.54
C ALA N 146 49.82 68.95 -44.72
N LYS N 147 50.87 69.67 -45.09
CA LYS N 147 50.76 70.66 -46.16
C LYS N 147 50.28 70.03 -47.46
N HIS N 148 50.70 68.80 -47.74
CA HIS N 148 50.40 68.20 -49.03
C HIS N 148 49.03 67.52 -49.05
N ARG N 149 48.40 67.37 -47.89
CA ARG N 149 47.09 66.73 -47.81
C ARG N 149 46.03 67.58 -48.49
N ILE N 150 44.89 66.96 -48.76
CA ILE N 150 43.76 67.61 -49.39
C ILE N 150 42.66 67.76 -48.34
N SER N 151 42.35 68.99 -47.98
CA SER N 151 41.25 69.23 -47.05
C SER N 151 39.92 69.21 -47.78
N LYS N 152 38.85 69.33 -47.00
CA LYS N 152 37.51 69.26 -47.55
C LYS N 152 37.20 70.45 -48.45
N GLU N 153 37.54 71.66 -48.01
CA GLU N 153 37.14 72.85 -48.74
C GLU N 153 37.97 73.05 -50.01
N GLU N 154 39.27 72.81 -49.93
CA GLU N 154 40.07 72.92 -51.14
C GLU N 154 39.74 71.82 -52.13
N ALA N 155 39.01 70.80 -51.72
CA ALA N 155 38.42 69.86 -52.65
C ALA N 155 37.14 70.39 -53.25
N MET N 156 36.32 71.07 -52.44
CA MET N 156 35.09 71.65 -52.96
C MET N 156 35.36 72.81 -53.90
N ARG N 157 36.30 73.69 -53.53
CA ARG N 157 36.64 74.79 -54.42
C ARG N 157 37.28 74.30 -55.69
N TRP N 158 37.96 73.15 -55.64
CA TRP N 158 38.45 72.54 -56.86
C TRP N 158 37.29 72.16 -57.77
N PHE N 159 36.26 71.54 -57.20
CA PHE N 159 35.05 71.25 -57.94
C PHE N 159 34.38 72.51 -58.47
N GLN N 160 34.61 73.65 -57.84
CA GLN N 160 34.07 74.91 -58.34
C GLN N 160 34.79 75.33 -59.62
N GLN N 161 36.10 75.55 -59.53
CA GLN N 161 36.84 76.05 -60.69
C GLN N 161 36.98 75.02 -61.80
N LYS N 162 36.66 73.75 -61.53
CA LYS N 162 36.82 72.74 -62.58
C LYS N 162 35.59 72.68 -63.49
N TYR N 163 34.43 72.39 -62.93
CA TYR N 163 33.22 72.17 -63.70
C TYR N 163 32.18 73.26 -63.51
N ASP N 164 32.53 74.34 -62.82
CA ASP N 164 31.58 75.39 -62.45
C ASP N 164 30.38 74.81 -61.70
N GLY N 165 30.64 73.80 -60.89
CA GLY N 165 29.57 73.15 -60.14
C GLY N 165 29.20 73.97 -58.92
N ILE N 166 27.92 74.03 -58.64
CA ILE N 166 27.42 74.72 -57.45
C ILE N 166 27.25 73.70 -56.34
N ILE N 167 27.48 74.12 -55.11
CA ILE N 167 27.40 73.22 -53.97
C ILE N 167 26.33 73.77 -53.03
N LEU N 168 25.17 73.14 -53.05
CA LEU N 168 24.09 73.68 -52.22
C LEU N 168 24.08 73.01 -50.86
N PRO N 169 23.87 73.78 -49.79
CA PRO N 169 23.81 73.19 -48.46
C PRO N 169 22.51 72.42 -48.28
N GLY N 170 22.57 71.33 -47.52
CA GLY N 170 21.40 70.51 -47.25
C GLY N 170 21.72 69.05 -47.02
N ALA O 1 62.77 -12.26 -2.79
CA ALA O 1 63.04 -10.85 -3.00
C ALA O 1 64.49 -10.64 -3.36
N PRO O 2 64.76 -10.38 -4.63
CA PRO O 2 66.14 -10.22 -5.07
C PRO O 2 66.78 -8.98 -4.46
N SER O 3 68.01 -9.14 -4.00
CA SER O 3 68.78 -8.03 -3.47
C SER O 3 69.35 -7.24 -4.63
N ARG O 4 70.38 -6.44 -4.37
CA ARG O 4 70.88 -5.53 -5.39
C ARG O 4 71.25 -6.24 -6.68
N ASN O 5 72.30 -7.04 -6.69
CA ASN O 5 72.80 -7.63 -7.91
C ASN O 5 73.16 -9.08 -7.68
N GLY O 6 72.65 -9.96 -8.52
CA GLY O 6 72.99 -11.35 -8.43
C GLY O 6 72.48 -12.09 -9.64
N MET O 7 72.51 -13.41 -9.54
CA MET O 7 71.98 -14.26 -10.59
C MET O 7 70.52 -14.58 -10.31
N ILE O 8 69.81 -14.96 -11.37
CA ILE O 8 68.44 -15.44 -11.25
C ILE O 8 68.57 -16.94 -11.07
N LEU O 9 68.45 -17.38 -9.83
CA LEU O 9 68.63 -18.79 -9.51
C LEU O 9 67.30 -19.51 -9.55
N LYS O 10 67.34 -20.75 -10.04
CA LYS O 10 66.17 -21.61 -10.13
C LYS O 10 66.49 -22.95 -9.47
N PRO O 11 66.46 -23.00 -8.14
CA PRO O 11 66.73 -24.27 -7.45
C PRO O 11 65.54 -25.19 -7.55
N HIS O 12 65.78 -26.41 -8.02
CA HIS O 12 64.71 -27.38 -8.20
C HIS O 12 64.43 -28.09 -6.89
N PHE O 13 63.91 -27.32 -5.94
CA PHE O 13 63.62 -27.85 -4.60
C PHE O 13 62.17 -27.62 -4.24
N HIS O 14 61.29 -27.62 -5.22
CA HIS O 14 59.88 -27.37 -4.94
C HIS O 14 59.09 -28.65 -4.70
N LYS O 15 59.65 -29.81 -5.01
CA LYS O 15 59.01 -31.06 -4.69
C LYS O 15 59.37 -31.46 -3.26
N ASP O 16 59.06 -32.70 -2.90
CA ASP O 16 59.38 -33.20 -1.56
C ASP O 16 60.71 -33.96 -1.63
N TRP O 17 61.76 -33.19 -1.91
CA TRP O 17 63.07 -33.79 -2.17
C TRP O 17 63.63 -34.46 -0.93
N GLN O 18 63.31 -33.95 0.25
CA GLN O 18 63.89 -34.48 1.47
C GLN O 18 63.52 -35.92 1.71
N ARG O 19 62.43 -36.38 1.14
CA ARG O 19 62.00 -37.77 1.28
C ARG O 19 62.79 -38.71 0.38
N ARG O 20 63.52 -38.18 -0.59
CA ARG O 20 64.24 -38.98 -1.57
C ARG O 20 65.68 -38.52 -1.70
N VAL O 21 66.35 -38.36 -0.56
CA VAL O 21 67.75 -37.99 -0.54
C VAL O 21 68.56 -39.26 -0.39
N ALA O 22 69.42 -39.54 -1.36
CA ALA O 22 70.27 -40.72 -1.32
C ALA O 22 71.64 -40.32 -0.82
N THR O 23 71.99 -40.79 0.37
CA THR O 23 73.29 -40.51 0.94
C THR O 23 74.24 -41.66 0.65
N TRP O 24 75.52 -41.35 0.65
CA TRP O 24 76.55 -42.26 0.16
C TRP O 24 77.43 -42.81 1.26
N PHE O 25 76.88 -43.01 2.45
CA PHE O 25 77.71 -43.50 3.54
C PHE O 25 78.11 -44.95 3.38
N ASN O 26 77.45 -45.70 2.51
CA ASN O 26 77.84 -47.06 2.22
C ASN O 26 78.92 -47.15 1.17
N GLN O 27 79.31 -46.03 0.57
CA GLN O 27 80.31 -45.99 -0.48
C GLN O 27 81.58 -46.74 -0.14
N PRO O 28 82.21 -46.55 1.03
CA PRO O 28 83.41 -47.34 1.30
C PRO O 28 83.10 -48.80 1.52
N ALA O 29 81.93 -49.12 2.04
CA ALA O 29 81.52 -50.52 2.16
C ALA O 29 81.25 -51.12 0.80
N ARG O 30 80.73 -50.34 -0.12
CA ARG O 30 80.46 -50.84 -1.46
C ARG O 30 81.77 -51.10 -2.21
N LYS O 31 82.75 -50.22 -2.03
CA LYS O 31 84.04 -50.43 -2.67
C LYS O 31 84.71 -51.69 -2.14
N ILE O 32 84.47 -52.03 -0.88
CA ILE O 32 85.03 -53.24 -0.31
C ILE O 32 84.30 -54.46 -0.86
N ARG O 33 82.97 -54.42 -0.86
CA ARG O 33 82.19 -55.53 -1.35
C ARG O 33 82.50 -55.81 -2.81
N ARG O 34 82.69 -54.77 -3.61
CA ARG O 34 83.02 -54.94 -5.01
C ARG O 34 84.37 -55.64 -5.17
N ARG O 35 85.38 -55.17 -4.44
CA ARG O 35 86.71 -55.75 -4.56
C ARG O 35 86.72 -57.20 -4.11
N LYS O 36 86.06 -57.51 -3.00
CA LYS O 36 86.01 -58.88 -2.53
C LYS O 36 85.32 -59.78 -3.54
N ALA O 37 84.25 -59.29 -4.16
CA ALA O 37 83.59 -60.07 -5.20
C ALA O 37 84.46 -60.19 -6.45
N ARG O 38 85.30 -59.19 -6.71
CA ARG O 38 86.18 -59.24 -7.85
C ARG O 38 87.31 -60.24 -7.64
N GLN O 39 87.83 -60.31 -6.43
CA GLN O 39 88.88 -61.29 -6.15
C GLN O 39 88.30 -62.69 -6.05
N ALA O 40 87.10 -62.82 -5.48
CA ALA O 40 86.46 -64.12 -5.41
C ALA O 40 86.20 -64.68 -6.79
N ARG O 41 85.90 -63.81 -7.75
CA ARG O 41 85.67 -64.26 -9.12
C ARG O 41 86.98 -64.67 -9.77
N ALA O 42 88.05 -63.93 -9.51
CA ALA O 42 89.33 -64.25 -10.11
C ALA O 42 89.84 -65.60 -9.62
N ARG O 43 89.60 -65.93 -8.36
CA ARG O 43 90.00 -67.24 -7.86
C ARG O 43 89.16 -68.36 -8.44
N ARG O 44 87.92 -68.08 -8.82
CA ARG O 44 87.05 -69.14 -9.32
C ARG O 44 87.46 -69.58 -10.71
N ILE O 45 88.04 -68.67 -11.50
CA ILE O 45 88.40 -68.95 -12.88
C ILE O 45 89.90 -68.87 -13.01
N ALA O 46 90.61 -69.25 -11.95
CA ALA O 46 91.99 -68.93 -11.63
C ALA O 46 92.93 -68.81 -12.84
N PRO O 47 93.08 -69.81 -13.71
CA PRO O 47 94.06 -69.64 -14.79
C PRO O 47 93.60 -68.66 -15.85
N ARG O 48 92.30 -68.54 -16.06
CA ARG O 48 91.76 -67.61 -17.06
C ARG O 48 92.03 -66.17 -16.63
N PRO O 49 92.04 -65.24 -17.58
CA PRO O 49 92.31 -63.84 -17.22
C PRO O 49 91.25 -63.28 -16.32
N ALA O 50 91.66 -62.33 -15.48
CA ALA O 50 90.74 -61.75 -14.51
C ALA O 50 89.79 -60.76 -15.16
N ALA O 51 90.25 -60.04 -16.18
CA ALA O 51 89.42 -59.00 -16.80
C ALA O 51 88.25 -59.60 -17.55
N GLY O 52 88.45 -60.76 -18.17
CA GLY O 52 87.42 -61.36 -18.98
C GLY O 52 87.89 -61.58 -20.40
N PRO O 53 86.95 -61.78 -21.33
CA PRO O 53 87.34 -62.02 -22.71
C PRO O 53 87.94 -60.78 -23.36
N ILE O 54 88.66 -60.99 -24.46
CA ILE O 54 89.19 -59.86 -25.20
C ILE O 54 88.04 -59.11 -25.86
N ARG O 55 88.17 -57.81 -25.92
CA ARG O 55 87.25 -56.98 -26.64
C ARG O 55 87.91 -56.50 -27.93
N PRO O 56 87.13 -56.13 -28.94
CA PRO O 56 87.73 -55.67 -30.19
C PRO O 56 88.09 -54.20 -30.13
N ILE O 57 88.87 -53.78 -31.12
CA ILE O 57 89.18 -52.36 -31.30
C ILE O 57 88.03 -51.70 -32.06
N VAL O 58 87.65 -50.51 -31.60
CA VAL O 58 86.40 -49.88 -32.01
C VAL O 58 86.59 -48.37 -32.05
N ARG O 59 86.06 -47.74 -33.10
CA ARG O 59 86.10 -46.28 -33.22
C ARG O 59 84.98 -45.65 -32.41
N CYS O 60 85.10 -44.36 -32.18
CA CYS O 60 83.93 -43.81 -31.52
C CYS O 60 83.07 -43.07 -32.54
N PRO O 61 81.76 -43.07 -32.36
CA PRO O 61 80.90 -42.28 -33.25
C PRO O 61 80.97 -40.80 -32.92
N THR O 62 80.11 -39.98 -33.54
CA THR O 62 79.88 -38.62 -33.06
C THR O 62 81.12 -37.75 -33.08
N VAL O 63 81.38 -37.11 -34.23
CA VAL O 63 82.65 -36.51 -34.65
C VAL O 63 83.50 -35.94 -33.53
N ARG O 64 82.89 -35.58 -32.40
CA ARG O 64 83.68 -35.20 -31.23
C ARG O 64 84.70 -36.26 -30.83
N TYR O 65 84.40 -37.54 -31.06
CA TYR O 65 85.23 -38.61 -30.54
C TYR O 65 85.79 -39.55 -31.61
N HIS O 66 85.57 -39.27 -32.89
CA HIS O 66 85.99 -40.34 -33.79
C HIS O 66 87.47 -40.43 -33.96
N THR O 67 88.29 -39.63 -33.30
CA THR O 67 89.73 -39.80 -33.38
C THR O 67 90.25 -40.76 -32.33
N LYS O 68 89.39 -41.28 -31.47
CA LYS O 68 89.79 -42.18 -30.40
C LYS O 68 89.31 -43.58 -30.67
N VAL O 69 89.80 -44.51 -29.86
CA VAL O 69 89.52 -45.93 -30.04
C VAL O 69 89.13 -46.53 -28.70
N ARG O 70 88.06 -47.32 -28.71
CA ARG O 70 87.57 -47.94 -27.49
C ARG O 70 87.77 -49.44 -27.53
N ALA O 71 87.23 -50.12 -26.53
CA ALA O 71 87.10 -51.57 -26.53
C ALA O 71 85.62 -51.87 -26.76
N GLY O 72 85.32 -52.55 -27.86
CA GLY O 72 83.95 -52.83 -28.21
C GLY O 72 83.32 -53.88 -27.32
N ARG O 73 82.06 -54.18 -27.63
CA ARG O 73 81.37 -55.23 -26.89
C ARG O 73 81.90 -56.61 -27.26
N GLY O 74 82.09 -56.86 -28.54
CA GLY O 74 82.55 -58.16 -28.98
C GLY O 74 82.95 -58.10 -30.43
N PHE O 75 83.61 -59.16 -30.87
CA PHE O 75 84.06 -59.23 -32.24
C PHE O 75 82.89 -59.54 -33.16
N SER O 76 82.88 -58.90 -34.32
CA SER O 76 81.83 -59.14 -35.29
C SER O 76 81.99 -60.51 -35.92
N LEU O 77 80.92 -60.98 -36.58
CA LEU O 77 80.94 -62.33 -37.12
C LEU O 77 81.87 -62.46 -38.31
N GLU O 78 82.04 -61.39 -39.09
CA GLU O 78 82.95 -61.49 -40.22
C GLU O 78 84.41 -61.40 -39.76
N GLU O 79 84.67 -60.68 -38.67
CA GLU O 79 86.00 -60.72 -38.08
C GLU O 79 86.36 -62.12 -37.62
N LEU O 80 85.39 -62.86 -37.10
CA LEU O 80 85.62 -64.25 -36.70
C LEU O 80 85.73 -65.16 -37.92
N ARG O 81 84.94 -64.87 -38.95
CA ARG O 81 84.98 -65.69 -40.15
C ARG O 81 86.34 -65.65 -40.82
N VAL O 82 86.92 -64.45 -40.94
CA VAL O 82 88.24 -64.35 -41.56
C VAL O 82 89.30 -64.94 -40.65
N ALA O 83 89.13 -64.82 -39.33
CA ALA O 83 90.11 -65.37 -38.40
C ALA O 83 90.01 -66.87 -38.26
N GLY O 84 89.02 -67.50 -38.90
CA GLY O 84 88.89 -68.94 -38.84
C GLY O 84 88.50 -69.45 -37.47
N ILE O 85 87.48 -68.83 -36.87
CA ILE O 85 87.00 -69.22 -35.55
C ILE O 85 85.49 -69.37 -35.62
N HIS O 86 84.99 -70.54 -35.26
CA HIS O 86 83.56 -70.77 -35.25
C HIS O 86 82.89 -69.90 -34.19
N LYS O 87 81.74 -69.32 -34.55
CA LYS O 87 81.14 -68.30 -33.69
C LYS O 87 80.61 -68.87 -32.39
N LYS O 88 80.41 -70.18 -32.30
CA LYS O 88 79.96 -70.81 -31.08
C LYS O 88 81.10 -71.40 -30.27
N VAL O 89 82.33 -71.28 -30.74
CA VAL O 89 83.51 -71.70 -30.00
C VAL O 89 84.24 -70.53 -29.37
N ALA O 90 84.10 -69.32 -29.93
CA ALA O 90 84.91 -68.20 -29.48
C ALA O 90 84.60 -67.81 -28.04
N ARG O 91 83.37 -68.01 -27.58
CA ARG O 91 83.07 -67.71 -26.19
C ARG O 91 83.72 -68.72 -25.25
N THR O 92 83.94 -69.95 -25.72
CA THR O 92 84.51 -70.98 -24.88
C THR O 92 86.00 -70.80 -24.68
N ILE O 93 86.66 -69.98 -25.48
CA ILE O 93 88.08 -69.71 -25.31
C ILE O 93 88.32 -68.24 -24.97
N GLY O 94 87.27 -67.52 -24.60
CA GLY O 94 87.43 -66.16 -24.14
C GLY O 94 87.58 -65.16 -25.25
N ILE O 95 86.62 -65.12 -26.17
CA ILE O 95 86.57 -64.13 -27.23
C ILE O 95 85.16 -63.57 -27.24
N SER O 96 85.01 -62.31 -26.85
CA SER O 96 83.69 -61.71 -26.83
C SER O 96 83.14 -61.60 -28.25
N VAL O 97 81.89 -62.01 -28.42
CA VAL O 97 81.25 -62.02 -29.73
C VAL O 97 79.93 -61.29 -29.63
N ASP O 98 79.68 -60.38 -30.55
CA ASP O 98 78.32 -59.86 -30.66
C ASP O 98 77.92 -59.83 -32.12
N PRO O 99 76.80 -60.46 -32.48
CA PRO O 99 76.41 -60.53 -33.89
C PRO O 99 75.84 -59.25 -34.43
N ARG O 100 75.68 -58.22 -33.61
CA ARG O 100 75.05 -57.00 -34.09
C ARG O 100 76.00 -56.15 -34.91
N ARG O 101 77.30 -56.22 -34.63
CA ARG O 101 78.24 -55.34 -35.31
C ARG O 101 78.34 -55.68 -36.79
N ARG O 102 78.44 -54.62 -37.59
CA ARG O 102 78.76 -54.70 -39.00
C ARG O 102 80.17 -54.16 -39.20
N ASN O 103 80.71 -54.33 -40.40
CA ASN O 103 82.00 -53.74 -40.71
C ASN O 103 81.86 -53.00 -42.03
N LYS O 104 81.82 -51.68 -41.96
CA LYS O 104 81.75 -50.87 -43.17
C LYS O 104 83.11 -50.70 -43.83
N SER O 105 84.16 -50.64 -43.03
CA SER O 105 85.52 -50.43 -43.52
C SER O 105 86.26 -51.76 -43.60
N THR O 106 87.48 -51.69 -44.14
CA THR O 106 88.35 -52.87 -44.13
C THR O 106 89.44 -52.80 -43.09
N GLU O 107 89.92 -51.60 -42.76
CA GLU O 107 91.00 -51.48 -41.77
C GLU O 107 90.50 -51.80 -40.37
N SER O 108 89.30 -51.33 -40.03
CA SER O 108 88.70 -51.75 -38.77
C SER O 108 88.50 -53.25 -38.74
N LEU O 109 88.04 -53.82 -39.86
CA LEU O 109 87.92 -55.26 -39.97
C LEU O 109 89.31 -55.91 -39.89
N GLN O 110 90.27 -55.36 -40.61
CA GLN O 110 91.60 -55.97 -40.61
C GLN O 110 92.32 -55.75 -39.29
N ALA O 111 92.02 -54.66 -38.58
CA ALA O 111 92.68 -54.43 -37.31
C ALA O 111 92.23 -55.43 -36.26
N ASN O 112 90.98 -55.86 -36.31
CA ASN O 112 90.49 -56.86 -35.36
C ASN O 112 90.87 -58.27 -35.76
N VAL O 113 90.86 -58.58 -37.06
CA VAL O 113 91.36 -59.87 -37.50
C VAL O 113 92.82 -60.02 -37.13
N GLN O 114 93.61 -58.96 -37.30
CA GLN O 114 94.99 -59.01 -36.84
C GLN O 114 95.08 -59.15 -35.33
N ARG O 115 94.06 -58.68 -34.61
CA ARG O 115 94.10 -58.78 -33.16
C ARG O 115 93.79 -60.19 -32.69
N LEU O 116 92.86 -60.88 -33.35
CA LEU O 116 92.56 -62.26 -32.98
C LEU O 116 93.69 -63.20 -33.29
N LYS O 117 94.48 -62.91 -34.34
CA LYS O 117 95.66 -63.71 -34.61
C LYS O 117 96.67 -63.58 -33.48
N GLU O 118 96.83 -62.38 -32.94
CA GLU O 118 97.77 -62.15 -31.85
C GLU O 118 97.31 -62.78 -30.55
N TYR O 119 96.00 -62.97 -30.36
CA TYR O 119 95.45 -63.56 -29.16
C TYR O 119 95.47 -65.08 -29.25
N ARG O 120 95.00 -65.62 -30.38
CA ARG O 120 95.04 -67.05 -30.59
C ARG O 120 96.45 -67.62 -30.49
N SER O 121 97.46 -66.79 -30.72
CA SER O 121 98.85 -67.23 -30.56
C SER O 121 99.29 -67.17 -29.11
N LYS O 122 98.80 -66.19 -28.35
CA LYS O 122 99.15 -66.06 -26.95
C LYS O 122 98.29 -66.90 -26.02
N LEU O 123 97.39 -67.71 -26.56
CA LEU O 123 96.44 -68.45 -25.74
C LEU O 123 97.02 -69.80 -25.39
N VAL O 124 97.06 -70.10 -24.09
CA VAL O 124 97.50 -71.39 -23.58
C VAL O 124 96.24 -72.21 -23.31
N LEU O 125 95.97 -73.18 -24.17
CA LEU O 125 94.76 -73.99 -24.06
C LEU O 125 95.06 -75.27 -23.31
N PHE O 126 94.25 -75.57 -22.32
CA PHE O 126 94.44 -76.80 -21.56
C PHE O 126 93.70 -77.95 -22.24
N PRO O 127 94.18 -79.17 -22.12
CA PRO O 127 93.44 -80.31 -22.66
C PRO O 127 92.12 -80.49 -21.95
N ARG O 128 91.14 -81.00 -22.70
CA ARG O 128 89.84 -81.31 -22.11
C ARG O 128 89.97 -82.25 -20.92
N LYS O 129 90.81 -83.27 -21.06
CA LYS O 129 91.16 -84.17 -19.98
C LYS O 129 92.68 -84.30 -19.98
N PRO O 130 93.33 -84.15 -18.83
CA PRO O 130 94.80 -84.17 -18.82
C PRO O 130 95.37 -85.49 -19.31
N SER O 131 94.57 -86.55 -19.30
CA SER O 131 95.06 -87.84 -19.75
C SER O 131 95.33 -87.83 -21.26
N ALA O 132 94.47 -87.17 -22.04
CA ALA O 132 94.54 -87.22 -23.50
C ALA O 132 94.65 -85.82 -24.08
N PRO O 133 95.87 -85.31 -24.28
CA PRO O 133 96.04 -84.03 -24.96
C PRO O 133 95.56 -84.10 -26.39
N LYS O 134 94.56 -83.29 -26.71
CA LYS O 134 93.97 -83.27 -28.05
C LYS O 134 94.77 -82.36 -28.97
N LYS O 135 94.18 -82.04 -30.12
CA LYS O 135 94.93 -81.42 -31.21
C LYS O 135 95.31 -79.98 -30.92
N GLY O 136 94.33 -79.11 -30.74
CA GLY O 136 94.60 -77.69 -30.63
C GLY O 136 95.19 -77.26 -29.32
N ASP O 137 95.34 -78.20 -28.39
CA ASP O 137 95.78 -77.91 -27.04
C ASP O 137 97.26 -77.54 -27.03
N SER O 138 97.68 -76.93 -25.93
CA SER O 138 99.04 -76.44 -25.83
C SER O 138 99.99 -77.58 -25.48
N SER O 139 101.29 -77.34 -25.71
CA SER O 139 102.30 -78.32 -25.35
C SER O 139 102.44 -78.38 -23.83
N ALA O 140 102.90 -79.53 -23.34
CA ALA O 140 102.78 -79.84 -21.93
C ALA O 140 103.56 -78.87 -21.05
N GLU O 141 104.64 -78.28 -21.58
CA GLU O 141 105.51 -77.49 -20.72
C GLU O 141 104.95 -76.11 -20.41
N GLU O 142 104.28 -75.47 -21.37
CA GLU O 142 103.82 -74.11 -21.14
C GLU O 142 102.61 -74.06 -20.22
N LEU O 143 101.94 -75.19 -20.01
CA LEU O 143 100.90 -75.21 -18.98
C LEU O 143 101.49 -74.95 -17.61
N LYS O 144 102.76 -75.30 -17.40
CA LYS O 144 103.40 -74.99 -16.13
C LYS O 144 103.66 -73.50 -15.96
N LEU O 145 103.70 -72.73 -17.04
CA LEU O 145 103.93 -71.30 -16.96
C LEU O 145 102.66 -70.48 -17.08
N ALA O 146 101.50 -71.14 -17.12
CA ALA O 146 100.24 -70.44 -17.31
C ALA O 146 99.75 -69.88 -15.99
N THR O 147 99.70 -68.56 -15.89
CA THR O 147 99.23 -67.88 -14.70
C THR O 147 98.16 -66.86 -15.09
N GLN O 148 97.41 -66.42 -14.09
CA GLN O 148 96.33 -65.48 -14.35
C GLN O 148 96.86 -64.13 -14.78
N LEU O 149 96.23 -63.55 -15.79
CA LEU O 149 96.62 -62.24 -16.28
C LEU O 149 95.71 -61.18 -15.69
N THR O 150 96.30 -60.13 -15.14
CA THR O 150 95.54 -59.04 -14.55
C THR O 150 95.41 -57.89 -15.54
N GLY O 151 94.43 -57.03 -15.29
CA GLY O 151 94.16 -55.91 -16.16
C GLY O 151 93.53 -56.33 -17.47
N PRO O 152 93.06 -55.37 -18.25
CA PRO O 152 92.42 -55.71 -19.53
C PRO O 152 93.40 -56.41 -20.45
N VAL O 153 92.96 -57.54 -20.99
CA VAL O 153 93.83 -58.39 -21.80
C VAL O 153 94.11 -57.72 -23.13
N MET O 154 95.40 -57.60 -23.47
CA MET O 154 95.89 -56.89 -24.63
C MET O 154 95.27 -55.49 -24.67
N PRO O 155 95.70 -54.60 -23.77
CA PRO O 155 95.01 -53.32 -23.62
C PRO O 155 95.08 -52.47 -24.88
N ILE O 156 94.03 -51.67 -25.09
CA ILE O 156 93.89 -50.88 -26.30
C ILE O 156 94.52 -49.52 -26.05
N ARG O 157 95.68 -49.29 -26.64
CA ARG O 157 96.41 -48.03 -26.47
C ARG O 157 96.19 -47.19 -27.72
N ASN O 158 95.58 -46.02 -27.54
CA ASN O 158 95.29 -45.13 -28.65
C ASN O 158 96.56 -44.46 -29.14
N VAL O 159 97.19 -45.01 -30.17
CA VAL O 159 98.53 -44.62 -30.58
C VAL O 159 98.45 -43.75 -31.84
N PHE O 160 99.45 -42.89 -32.01
CA PHE O 160 99.54 -42.00 -33.16
C PHE O 160 100.75 -42.33 -34.01
N LYS O 161 100.77 -41.76 -35.21
CA LYS O 161 101.86 -41.93 -36.15
C LYS O 161 102.61 -40.62 -36.32
N LYS O 162 103.84 -40.57 -35.85
CA LYS O 162 104.64 -39.36 -35.96
C LYS O 162 105.08 -39.19 -37.41
N GLU O 163 105.19 -37.94 -37.85
CA GLU O 163 105.59 -37.63 -39.21
C GLU O 163 106.92 -36.88 -39.19
N LYS O 164 107.86 -37.36 -39.99
CA LYS O 164 109.17 -36.72 -40.09
C LYS O 164 109.04 -35.32 -40.67
N ALA O 165 109.90 -34.42 -40.22
CA ALA O 165 109.94 -33.08 -40.78
C ALA O 165 110.25 -33.13 -42.26
N ARG O 166 109.41 -32.48 -43.05
CA ARG O 166 109.55 -32.46 -44.49
C ARG O 166 109.95 -31.06 -44.94
N VAL O 167 110.54 -30.99 -46.12
CA VAL O 167 110.76 -29.72 -46.78
C VAL O 167 109.52 -29.41 -47.61
N ILE O 168 108.93 -28.24 -47.38
CA ILE O 168 107.66 -27.89 -48.01
C ILE O 168 107.87 -27.70 -49.50
N THR O 169 107.02 -28.36 -50.29
CA THR O 169 107.07 -28.24 -51.74
C THR O 169 106.30 -26.98 -52.16
N GLU O 170 106.02 -26.83 -53.45
CA GLU O 170 105.43 -25.59 -53.93
C GLU O 170 103.91 -25.67 -53.98
N GLU O 171 103.36 -26.81 -54.33
CA GLU O 171 101.91 -26.94 -54.38
C GLU O 171 101.29 -26.75 -52.99
N GLU O 172 101.80 -27.47 -51.99
CA GLU O 172 101.32 -27.27 -50.63
C GLU O 172 101.72 -25.89 -50.11
N LYS O 173 102.76 -25.29 -50.69
CA LYS O 173 103.06 -23.90 -50.37
C LYS O 173 101.96 -22.98 -50.89
N ASN O 174 101.44 -23.25 -52.08
CA ASN O 174 100.48 -22.38 -52.75
C ASN O 174 99.04 -22.86 -52.60
N PHE O 175 98.78 -23.82 -51.73
CA PHE O 175 97.42 -24.28 -51.50
C PHE O 175 96.67 -23.29 -50.63
N LYS O 176 95.50 -22.86 -51.12
CA LYS O 176 94.70 -21.85 -50.43
C LYS O 176 93.68 -22.59 -49.56
N ALA O 177 94.03 -22.75 -48.28
CA ALA O 177 93.21 -23.56 -47.39
C ALA O 177 91.88 -22.89 -47.09
N PHE O 178 91.91 -21.62 -46.70
CA PHE O 178 90.66 -20.95 -46.34
C PHE O 178 89.74 -20.80 -47.53
N ALA O 179 90.30 -20.42 -48.68
CA ALA O 179 89.48 -20.29 -49.87
C ALA O 179 88.88 -21.62 -50.28
N SER O 180 89.62 -22.71 -50.15
CA SER O 180 89.07 -24.00 -50.52
C SER O 180 88.01 -24.47 -49.52
N LEU O 181 88.11 -24.05 -48.25
CA LEU O 181 87.06 -24.39 -47.31
C LEU O 181 85.77 -23.66 -47.64
N ARG O 182 85.84 -22.35 -47.84
CA ARG O 182 84.64 -21.59 -48.17
C ARG O 182 84.05 -22.04 -49.48
N MET O 183 84.88 -22.39 -50.45
CA MET O 183 84.39 -22.82 -51.75
C MET O 183 83.66 -24.15 -51.63
N ALA O 184 84.31 -25.15 -51.02
CA ALA O 184 83.68 -26.45 -50.85
C ALA O 184 82.47 -26.39 -49.95
N ARG O 185 82.47 -25.47 -48.98
CA ARG O 185 81.29 -25.28 -48.15
C ARG O 185 80.13 -24.72 -48.96
N ALA O 186 80.42 -23.91 -49.97
CA ALA O 186 79.35 -23.38 -50.82
C ALA O 186 78.88 -24.38 -51.86
N ASN O 187 79.79 -25.21 -52.37
CA ASN O 187 79.39 -26.19 -53.38
C ASN O 187 78.40 -27.18 -52.83
N ALA O 188 78.60 -27.62 -51.59
CA ALA O 188 77.64 -28.53 -50.97
C ALA O 188 76.31 -27.85 -50.72
N ARG O 189 76.33 -26.54 -50.52
CA ARG O 189 75.10 -25.82 -50.22
C ARG O 189 74.28 -25.55 -51.47
N LEU O 190 74.93 -25.17 -52.57
CA LEU O 190 74.24 -24.85 -53.81
C LEU O 190 74.30 -26.02 -54.79
N PHE O 191 74.37 -27.24 -54.28
CA PHE O 191 74.47 -28.37 -55.18
C PHE O 191 73.13 -28.78 -55.75
N GLY O 192 72.08 -28.81 -54.91
CA GLY O 192 70.78 -29.23 -55.38
C GLY O 192 70.11 -28.20 -56.26
N ILE O 193 70.23 -26.92 -55.91
CA ILE O 193 69.58 -25.89 -56.70
C ILE O 193 70.27 -25.72 -58.05
N ARG O 194 71.58 -25.94 -58.10
CA ARG O 194 72.28 -25.86 -59.37
C ARG O 194 71.89 -27.01 -60.29
N ALA O 195 71.80 -28.22 -59.74
CA ALA O 195 71.39 -29.36 -60.55
C ALA O 195 69.97 -29.20 -61.05
N LYS O 196 69.13 -28.47 -60.32
CA LYS O 196 67.76 -28.27 -60.75
C LYS O 196 67.69 -27.28 -61.92
N ARG O 197 68.29 -26.11 -61.76
CA ARG O 197 68.29 -25.13 -62.85
C ARG O 197 68.97 -25.66 -64.09
N ALA O 198 70.04 -26.43 -63.92
CA ALA O 198 70.69 -27.05 -65.07
C ALA O 198 69.81 -28.08 -65.75
N LYS O 199 69.07 -28.87 -64.99
CA LYS O 199 68.09 -29.76 -65.60
C LYS O 199 66.94 -28.95 -66.19
N GLU O 200 66.55 -27.87 -65.51
CA GLU O 200 65.53 -26.98 -66.04
C GLU O 200 65.96 -26.37 -67.37
N ALA O 201 67.24 -26.03 -67.52
CA ALA O 201 67.73 -25.45 -68.76
C ALA O 201 67.53 -26.38 -69.95
N ALA O 202 67.42 -27.69 -69.72
CA ALA O 202 67.11 -28.61 -70.81
C ALA O 202 65.66 -28.49 -71.26
N GLU O 203 64.80 -27.89 -70.41
CA GLU O 203 63.39 -27.81 -70.75
C GLU O 203 63.12 -26.82 -71.88
N GLN O 204 63.90 -25.73 -71.98
CA GLN O 204 63.61 -24.72 -72.97
C GLN O 204 64.35 -24.93 -74.28
N ASP O 205 65.50 -25.62 -74.26
CA ASP O 205 66.21 -25.89 -75.50
C ASP O 205 65.40 -26.76 -76.44
N VAL O 206 64.72 -27.78 -75.88
CA VAL O 206 63.88 -28.65 -76.70
C VAL O 206 62.70 -27.88 -77.26
N GLU O 207 62.21 -26.89 -76.51
CA GLU O 207 61.17 -26.00 -77.01
C GLU O 207 61.71 -25.03 -78.04
N LYS O 208 62.99 -24.66 -77.94
CA LYS O 208 63.55 -23.66 -78.85
C LYS O 208 63.84 -24.26 -80.21
N LYS O 209 64.38 -25.48 -80.24
CA LYS O 209 64.67 -26.15 -81.51
C LYS O 209 63.39 -26.47 -82.26
N LYS O 210 62.49 -27.25 -81.65
CA LYS O 210 61.27 -27.67 -82.30
C LYS O 210 60.29 -26.52 -82.45
N VAL P 1 57.01 66.13 67.03
CA VAL P 1 57.69 67.38 66.70
C VAL P 1 59.16 67.07 66.42
N PHE P 2 59.76 67.84 65.52
CA PHE P 2 61.12 67.61 65.10
C PHE P 2 62.04 68.71 65.61
N ARG P 3 63.32 68.37 65.74
CA ARG P 3 64.32 69.30 66.22
C ARG P 3 65.43 69.48 65.20
N ARG P 4 65.82 68.40 64.54
CA ARG P 4 66.87 68.43 63.55
C ARG P 4 66.25 68.58 62.16
N PHE P 5 66.60 69.63 61.45
CA PHE P 5 66.05 69.92 60.14
C PHE P 5 67.17 69.95 59.12
N VAL P 6 66.97 69.24 58.01
CA VAL P 6 67.93 69.27 56.91
C VAL P 6 67.85 70.62 56.25
N GLU P 7 68.84 71.47 56.52
CA GLU P 7 68.87 72.81 55.98
C GLU P 7 70.30 73.19 55.65
N VAL P 8 70.44 74.28 54.90
CA VAL P 8 71.74 74.75 54.47
C VAL P 8 72.58 75.14 55.67
N GLY P 9 73.70 74.44 55.86
CA GLY P 9 74.63 74.76 56.92
C GLY P 9 74.58 73.82 58.10
N ARG P 10 73.68 72.85 58.11
CA ARG P 10 73.59 71.93 59.23
C ARG P 10 74.70 70.90 59.14
N VAL P 11 75.42 70.74 60.23
CA VAL P 11 76.49 69.75 60.30
C VAL P 11 75.89 68.36 60.49
N ALA P 12 76.29 67.43 59.64
CA ALA P 12 75.80 66.06 59.71
C ALA P 12 76.98 65.11 59.88
N TYR P 13 76.68 63.90 60.34
CA TYR P 13 77.66 62.87 60.61
C TYR P 13 77.33 61.67 59.75
N VAL P 14 78.31 61.20 58.97
CA VAL P 14 78.03 60.18 57.97
C VAL P 14 78.09 58.80 58.62
N SER P 15 77.04 58.00 58.41
CA SER P 15 76.97 56.67 59.00
C SER P 15 77.79 55.66 58.22
N PHE P 16 77.43 55.39 56.97
CA PHE P 16 78.14 54.41 56.16
C PHE P 16 78.75 55.08 54.94
N GLY P 17 79.44 54.28 54.14
CA GLY P 17 80.10 54.78 52.96
C GLY P 17 81.58 54.89 53.20
N PRO P 18 82.34 55.26 52.16
CA PRO P 18 83.80 55.34 52.31
C PRO P 18 84.26 56.38 53.31
N HIS P 19 83.39 57.29 53.73
CA HIS P 19 83.75 58.35 54.65
C HIS P 19 83.19 58.12 56.05
N ALA P 20 82.75 56.91 56.36
CA ALA P 20 82.04 56.64 57.60
C ALA P 20 82.82 57.13 58.81
N GLY P 21 82.18 57.97 59.61
CA GLY P 21 82.80 58.52 60.80
C GLY P 21 83.38 59.91 60.65
N LYS P 22 82.86 60.71 59.72
CA LYS P 22 83.37 62.05 59.50
C LYS P 22 82.23 63.05 59.59
N LEU P 23 82.54 64.25 60.06
CA LEU P 23 81.56 65.31 60.01
C LEU P 23 81.49 65.88 58.60
N VAL P 24 80.38 66.55 58.31
CA VAL P 24 80.21 67.13 56.99
C VAL P 24 79.08 68.16 57.05
N ALA P 25 79.15 69.20 56.22
CA ALA P 25 78.23 70.31 56.26
C ALA P 25 77.37 70.34 55.01
N ILE P 26 76.06 70.36 55.19
CA ILE P 26 75.13 70.43 54.07
C ILE P 26 75.13 71.84 53.51
N VAL P 27 75.53 71.97 52.25
CA VAL P 27 75.55 73.29 51.62
C VAL P 27 74.38 73.47 50.67
N ASP P 28 73.82 72.39 50.14
CA ASP P 28 72.69 72.51 49.23
C ASP P 28 71.93 71.19 49.17
N VAL P 29 70.69 71.28 48.71
CA VAL P 29 69.80 70.13 48.57
C VAL P 29 69.52 69.94 47.11
N ILE P 30 69.98 68.83 46.54
CA ILE P 30 69.80 68.58 45.12
C ILE P 30 68.35 68.23 44.84
N ASP P 31 67.91 67.09 45.34
CA ASP P 31 66.53 66.65 45.26
C ASP P 31 66.10 66.11 46.62
N GLN P 32 64.97 65.41 46.63
CA GLN P 32 64.36 65.00 47.90
C GLN P 32 65.28 64.09 48.70
N ASN P 33 66.02 63.19 48.05
CA ASN P 33 66.76 62.17 48.78
C ASN P 33 68.25 62.21 48.47
N ARG P 34 68.81 63.40 48.28
CA ARG P 34 70.21 63.55 47.94
C ARG P 34 70.59 65.01 48.11
N ALA P 35 71.71 65.25 48.79
CA ALA P 35 72.13 66.62 49.08
C ALA P 35 73.56 66.82 48.62
N LEU P 36 73.88 68.08 48.28
CA LEU P 36 75.25 68.46 47.98
C LEU P 36 75.91 68.86 49.29
N VAL P 37 76.91 68.10 49.71
CA VAL P 37 77.46 68.24 51.04
C VAL P 37 78.97 68.45 50.93
N ASP P 38 79.56 69.01 51.98
CA ASP P 38 80.97 69.35 51.95
C ASP P 38 81.50 69.48 53.36
N GLY P 39 82.52 68.69 53.69
CA GLY P 39 83.30 68.93 54.88
C GLY P 39 84.71 69.33 54.50
N PRO P 40 85.02 70.63 54.60
CA PRO P 40 86.35 71.08 54.19
C PRO P 40 87.43 70.74 55.19
N CYS P 41 87.16 70.94 56.49
CA CYS P 41 88.13 70.68 57.53
C CYS P 41 88.06 69.27 58.05
N THR P 42 87.34 68.38 57.37
CA THR P 42 87.21 67.00 57.80
C THR P 42 87.57 66.03 56.68
N ARG P 43 88.37 66.47 55.72
CA ARG P 43 88.88 65.62 54.66
C ARG P 43 87.76 64.97 53.86
N VAL P 44 86.75 65.77 53.52
CA VAL P 44 85.63 65.30 52.71
C VAL P 44 85.44 66.25 51.54
N ARG P 45 85.88 65.82 50.35
CA ARG P 45 85.71 66.63 49.15
C ARG P 45 84.23 66.88 48.89
N ARG P 46 83.91 68.09 48.44
CA ARG P 46 82.53 68.47 48.16
C ARG P 46 81.93 67.54 47.12
N GLN P 47 80.78 66.96 47.44
CA GLN P 47 80.20 65.94 46.58
C GLN P 47 78.73 65.81 46.89
N ALA P 48 78.06 64.94 46.12
CA ALA P 48 76.64 64.66 46.30
C ALA P 48 76.53 63.40 47.14
N MET P 49 75.74 63.47 48.19
CA MET P 49 75.65 62.37 49.11
C MET P 49 74.20 62.15 49.50
N PRO P 50 73.69 60.92 49.40
CA PRO P 50 72.29 60.66 49.75
C PRO P 50 72.06 60.87 51.25
N PHE P 51 70.78 61.04 51.60
CA PHE P 51 70.43 61.31 52.97
C PHE P 51 70.50 60.08 53.86
N LYS P 52 70.65 58.89 53.29
CA LYS P 52 70.85 57.70 54.11
C LYS P 52 72.13 57.82 54.91
N CYS P 53 73.26 57.94 54.22
CA CYS P 53 74.57 57.90 54.86
C CYS P 53 74.88 59.25 55.50
N MET P 54 73.99 59.67 56.39
CA MET P 54 74.24 60.85 57.21
C MET P 54 73.27 60.92 58.38
N GLN P 55 73.75 61.35 59.53
CA GLN P 55 72.94 61.53 60.73
C GLN P 55 73.12 62.99 61.14
N LEU P 56 72.11 63.80 60.84
CA LEU P 56 72.22 65.24 61.05
C LEU P 56 72.27 65.57 62.53
N THR P 57 73.28 66.36 62.90
CA THR P 57 73.57 66.67 64.30
C THR P 57 72.89 67.97 64.70
N ASP P 58 73.28 68.49 65.86
CA ASP P 58 72.67 69.70 66.44
C ASP P 58 73.51 70.93 66.20
N PHE P 59 74.23 71.00 65.08
CA PHE P 59 75.11 72.13 64.79
C PHE P 59 74.69 72.77 63.48
N ILE P 60 74.38 74.05 63.52
CA ILE P 60 74.05 74.82 62.33
C ILE P 60 75.05 75.95 62.24
N LEU P 61 75.73 76.07 61.10
CA LEU P 61 76.62 77.18 60.85
C LEU P 61 76.17 77.87 59.58
N LYS P 62 76.13 79.20 59.60
CA LYS P 62 75.47 79.96 58.56
C LYS P 62 76.43 80.32 57.42
N PHE P 63 75.93 80.20 56.19
CA PHE P 63 76.61 80.64 54.98
C PHE P 63 75.61 80.55 53.82
N PRO P 64 75.81 81.32 52.75
CA PRO P 64 74.86 81.29 51.63
C PRO P 64 74.68 79.92 51.03
N HIS P 65 73.55 79.68 50.36
CA HIS P 65 73.16 78.33 50.00
C HIS P 65 73.99 77.71 48.89
N SER P 66 75.00 78.40 48.36
CA SER P 66 75.87 77.76 47.38
C SER P 66 77.32 78.22 47.50
N ALA P 67 77.71 78.82 48.61
CA ALA P 67 79.03 79.43 48.72
C ALA P 67 80.12 78.38 48.53
N ARG P 68 81.20 78.77 47.85
CA ARG P 68 82.26 77.84 47.54
C ARG P 68 83.01 77.47 48.81
N GLN P 69 83.74 76.35 48.73
CA GLN P 69 84.36 75.70 49.88
C GLN P 69 85.14 76.66 50.76
N LYS P 70 85.69 77.73 50.16
CA LYS P 70 86.45 78.70 50.94
C LYS P 70 85.61 79.31 52.05
N TYR P 71 84.36 79.67 51.75
CA TYR P 71 83.53 80.31 52.75
C TYR P 71 82.96 79.29 53.72
N VAL P 72 82.73 78.07 53.26
CA VAL P 72 82.32 77.01 54.16
C VAL P 72 83.43 76.73 55.17
N ARG P 73 84.68 76.75 54.72
CA ARG P 73 85.79 76.49 55.61
C ARG P 73 85.88 77.55 56.70
N LYS P 74 85.67 78.81 56.34
CA LYS P 74 85.76 79.88 57.33
C LYS P 74 84.63 79.80 58.34
N ALA P 75 83.41 79.54 57.87
CA ALA P 75 82.30 79.38 58.80
C ALA P 75 82.46 78.15 59.67
N TRP P 76 83.11 77.11 59.15
CA TRP P 76 83.39 75.94 59.96
C TRP P 76 84.42 76.24 61.03
N GLU P 77 85.47 76.99 60.70
CA GLU P 77 86.46 77.34 61.69
C GLU P 77 85.99 78.47 62.59
N LYS P 78 85.04 79.28 62.11
CA LYS P 78 84.48 80.32 62.97
C LYS P 78 83.72 79.72 64.14
N ALA P 79 82.81 78.79 63.85
CA ALA P 79 82.08 78.09 64.91
C ALA P 79 82.96 77.12 65.66
N ASP P 80 84.11 76.74 65.11
CA ASP P 80 85.02 75.76 65.70
C ASP P 80 84.29 74.46 65.99
N ILE P 81 83.79 73.86 64.91
CA ILE P 81 82.99 72.66 65.02
C ILE P 81 83.81 71.49 65.54
N ASN P 82 85.07 71.40 65.10
CA ASN P 82 85.88 70.24 65.45
C ASN P 82 86.05 70.08 66.94
N THR P 83 86.27 71.19 67.67
CA THR P 83 86.38 71.08 69.11
C THR P 83 85.01 70.95 69.76
N LYS P 84 84.03 71.70 69.28
CA LYS P 84 82.69 71.59 69.84
C LYS P 84 82.11 70.19 69.63
N TRP P 85 82.45 69.55 68.52
CA TRP P 85 81.97 68.19 68.27
C TRP P 85 82.58 67.22 69.27
N ALA P 86 83.88 67.35 69.53
CA ALA P 86 84.55 66.42 70.43
C ALA P 86 84.06 66.52 71.86
N ALA P 87 83.36 67.60 72.20
CA ALA P 87 82.86 67.78 73.56
C ALA P 87 81.45 67.22 73.76
N THR P 88 80.76 66.87 72.68
CA THR P 88 79.42 66.32 72.82
C THR P 88 79.50 64.90 73.36
N ARG P 89 78.47 64.51 74.11
CA ARG P 89 78.40 63.13 74.60
C ARG P 89 78.24 62.13 73.48
N TRP P 90 77.84 62.58 72.28
CA TRP P 90 77.74 61.69 71.13
C TRP P 90 79.12 61.26 70.66
N ALA P 91 80.01 62.24 70.42
CA ALA P 91 81.35 61.90 69.97
C ALA P 91 82.09 61.11 71.03
N LYS P 92 81.86 61.42 72.30
CA LYS P 92 82.61 60.77 73.37
C LYS P 92 82.29 59.29 73.48
N LYS P 93 81.07 58.88 73.15
CA LYS P 93 80.76 57.46 73.11
C LYS P 93 81.04 56.85 71.75
N ILE P 94 81.33 57.65 70.75
CA ILE P 94 81.86 57.12 69.50
C ILE P 94 83.31 56.70 69.67
N GLU P 95 84.15 57.61 70.14
CA GLU P 95 85.55 57.30 70.39
C GLU P 95 85.73 56.30 71.52
N ALA P 96 84.78 56.22 72.45
CA ALA P 96 84.83 55.19 73.48
C ALA P 96 84.43 53.83 72.94
N ARG P 97 83.90 53.76 71.72
CA ARG P 97 83.54 52.47 71.17
C ARG P 97 84.73 51.75 70.55
N GLU P 98 85.54 52.44 69.74
CA GLU P 98 86.70 51.76 69.19
C GLU P 98 87.78 51.55 70.24
N ARG P 99 87.77 52.35 71.31
CA ARG P 99 88.63 52.05 72.44
C ARG P 99 88.36 50.66 72.97
N LYS P 100 87.10 50.25 73.00
CA LYS P 100 86.75 48.89 73.35
C LYS P 100 87.03 47.90 72.22
N ALA P 101 87.21 48.39 71.00
CA ALA P 101 87.53 47.50 69.89
C ALA P 101 89.03 47.29 69.75
N LYS P 102 89.82 48.33 69.98
CA LYS P 102 91.27 48.23 69.96
C LYS P 102 91.82 47.65 71.25
N MET P 103 90.97 47.11 72.11
CA MET P 103 91.45 46.56 73.38
C MET P 103 92.27 45.30 73.14
N THR P 104 93.54 45.37 73.50
CA THR P 104 94.44 44.22 73.45
C THR P 104 93.98 43.18 74.47
N ASP P 105 94.37 41.93 74.25
CA ASP P 105 94.00 40.86 75.16
C ASP P 105 94.50 41.14 76.57
N PHE P 106 95.73 41.63 76.70
CA PHE P 106 96.24 41.99 78.02
C PHE P 106 95.43 43.12 78.61
N ASP P 107 95.10 44.13 77.80
CA ASP P 107 94.20 45.18 78.27
C ASP P 107 92.83 44.60 78.60
N ARG P 108 92.41 43.58 77.87
CA ARG P 108 91.17 42.89 78.22
C ARG P 108 91.30 42.14 79.53
N TYR P 109 92.51 41.73 79.90
CA TYR P 109 92.72 41.11 81.19
C TYR P 109 92.72 42.14 82.32
N LYS P 110 93.42 43.24 82.11
CA LYS P 110 93.46 44.29 83.12
C LYS P 110 92.08 44.85 83.42
N VAL P 111 91.20 44.86 82.41
CA VAL P 111 89.82 45.25 82.65
C VAL P 111 89.12 44.23 83.54
N MET P 112 89.31 42.94 83.23
CA MET P 112 88.65 41.89 84.00
C MET P 112 89.01 41.97 85.48
N LYS P 113 90.26 42.32 85.78
CA LYS P 113 90.65 42.48 87.16
C LYS P 113 90.16 43.79 87.77
N ALA P 114 90.04 44.84 86.97
CA ALA P 114 89.51 46.09 87.49
C ALA P 114 88.00 46.04 87.63
N LYS P 115 87.32 45.38 86.69
CA LYS P 115 85.87 45.25 86.78
C LYS P 115 85.47 44.40 87.98
N LYS P 116 86.21 43.33 88.22
CA LYS P 116 85.90 42.42 89.32
C LYS P 116 85.89 43.15 90.66
N MET P 117 87.00 43.80 90.99
CA MET P 117 87.07 44.52 92.25
C MET P 117 86.11 45.69 92.32
N ARG P 118 85.89 46.39 91.22
CA ARG P 118 84.97 47.52 91.25
C ARG P 118 83.55 47.08 91.56
N ASN P 119 83.09 46.00 90.92
CA ASN P 119 81.74 45.53 91.18
C ASN P 119 81.58 45.02 92.60
N ARG P 120 82.65 44.50 93.20
CA ARG P 120 82.56 44.07 94.59
C ARG P 120 82.28 45.25 95.51
N ILE P 121 83.01 46.35 95.33
CA ILE P 121 82.82 47.50 96.21
C ILE P 121 81.47 48.16 95.93
N ILE P 122 80.90 47.94 94.75
CA ILE P 122 79.57 48.45 94.47
C ILE P 122 78.52 47.59 95.16
N LYS P 123 78.61 46.28 95.01
CA LYS P 123 77.53 45.41 95.49
C LYS P 123 77.45 45.38 97.01
N ASN P 124 78.60 45.41 97.70
CA ASN P 124 78.53 45.45 99.15
C ASN P 124 78.05 46.80 99.64
N GLU P 125 78.25 47.85 98.85
CA GLU P 125 77.71 49.14 99.21
C GLU P 125 76.19 49.14 99.19
N VAL P 126 75.60 48.71 98.09
CA VAL P 126 74.13 48.67 98.01
C VAL P 126 73.58 47.65 98.99
N LYS P 127 74.38 46.63 99.32
CA LYS P 127 74.02 45.73 100.41
C LYS P 127 73.89 46.50 101.70
N LYS P 128 74.84 47.41 101.97
CA LYS P 128 74.76 48.23 103.17
C LYS P 128 73.70 49.31 103.04
N LEU P 129 73.15 49.55 101.85
CA LEU P 129 72.08 50.52 101.71
C LEU P 129 70.71 49.89 101.90
N GLN P 130 70.57 48.60 101.58
CA GLN P 130 69.29 47.93 101.83
C GLN P 130 69.10 47.67 103.31
N ARG P 131 70.14 47.18 104.00
CA ARG P 131 70.04 47.03 105.44
C ARG P 131 69.92 48.38 106.13
N ALA P 132 70.27 49.46 105.45
CA ALA P 132 70.07 50.82 105.95
C ALA P 132 68.66 51.33 105.68
N ALA P 133 67.90 50.63 104.84
CA ALA P 133 66.52 51.01 104.56
C ALA P 133 65.51 50.20 105.36
N LEU P 134 65.92 49.03 105.87
CA LEU P 134 64.98 48.18 106.59
C LEU P 134 64.84 48.55 108.06
N LEU P 135 65.90 49.07 108.69
CA LEU P 135 65.72 49.65 110.01
C LEU P 135 65.14 51.07 109.88
N LYS P 136 65.25 51.65 108.70
CA LYS P 136 64.55 52.88 108.39
C LYS P 136 63.04 52.68 108.28
N ALA P 137 62.59 51.46 107.98
CA ALA P 137 61.18 51.19 107.79
C ALA P 137 60.45 50.82 109.07
N SER P 138 61.17 50.58 110.17
CA SER P 138 60.54 50.16 111.42
C SER P 138 61.37 50.55 112.63
N GLY Q 1 51.87 -76.09 -44.55
CA GLY Q 1 50.94 -76.41 -43.49
C GLY Q 1 49.70 -75.55 -43.53
N ALA Q 2 48.65 -76.01 -42.85
CA ALA Q 2 47.38 -75.31 -42.89
C ALA Q 2 47.37 -74.06 -42.02
N TYR Q 3 48.28 -73.96 -41.05
CA TYR Q 3 48.25 -72.83 -40.15
C TYR Q 3 48.53 -71.52 -40.86
N LYS Q 4 49.28 -71.56 -41.96
CA LYS Q 4 49.50 -70.33 -42.71
C LYS Q 4 48.23 -69.87 -43.40
N TYR Q 5 47.43 -70.80 -43.90
CA TYR Q 5 46.15 -70.43 -44.48
C TYR Q 5 45.22 -69.85 -43.44
N ILE Q 6 45.11 -70.52 -42.30
CA ILE Q 6 44.22 -70.05 -41.24
C ILE Q 6 44.68 -68.68 -40.74
N GLN Q 7 45.98 -68.47 -40.65
CA GLN Q 7 46.49 -67.17 -40.25
C GLN Q 7 46.09 -66.11 -41.25
N GLU Q 8 46.45 -66.31 -42.51
CA GLU Q 8 46.15 -65.32 -43.53
C GLU Q 8 44.65 -65.18 -43.77
N LEU Q 9 43.86 -66.19 -43.42
CA LEU Q 9 42.42 -66.07 -43.54
C LEU Q 9 41.85 -65.15 -42.47
N TRP Q 10 42.36 -65.24 -41.25
CA TRP Q 10 41.92 -64.36 -40.19
C TRP Q 10 42.38 -62.93 -40.37
N ARG Q 11 43.20 -62.66 -41.38
CA ARG Q 11 43.54 -61.30 -41.74
C ARG Q 11 42.53 -60.68 -42.69
N LYS Q 12 41.39 -61.33 -42.89
CA LYS Q 12 40.38 -60.86 -43.81
C LYS Q 12 39.08 -60.64 -43.06
N LYS Q 13 39.14 -59.99 -41.91
CA LYS Q 13 37.99 -59.84 -41.04
C LYS Q 13 36.86 -59.02 -41.65
N GLN Q 14 37.02 -58.51 -42.87
CA GLN Q 14 35.94 -57.82 -43.55
C GLN Q 14 35.26 -58.67 -44.60
N SER Q 15 35.91 -59.73 -45.07
CA SER Q 15 35.33 -60.58 -46.09
C SER Q 15 34.02 -61.19 -45.60
N ASP Q 16 33.24 -61.70 -46.55
CA ASP Q 16 31.91 -62.20 -46.22
C ASP Q 16 32.00 -63.44 -45.33
N VAL Q 17 32.94 -64.33 -45.61
CA VAL Q 17 33.06 -65.55 -44.82
C VAL Q 17 33.47 -65.21 -43.39
N MET Q 18 34.36 -64.24 -43.22
CA MET Q 18 34.77 -63.87 -41.87
C MET Q 18 33.69 -63.07 -41.16
N ARG Q 19 33.06 -62.14 -41.87
CA ARG Q 19 32.01 -61.35 -41.24
C ARG Q 19 30.85 -62.21 -40.77
N PHE Q 20 30.64 -63.34 -41.43
CA PHE Q 20 29.60 -64.26 -40.99
C PHE Q 20 30.01 -64.96 -39.70
N LEU Q 21 31.17 -65.60 -39.71
CA LEU Q 21 31.62 -66.34 -38.54
C LEU Q 21 31.73 -65.44 -37.32
N LEU Q 22 32.24 -64.24 -37.49
CA LEU Q 22 32.40 -63.35 -36.34
C LEU Q 22 31.06 -62.99 -35.74
N ARG Q 23 30.08 -62.64 -36.57
CA ARG Q 23 28.79 -62.28 -36.01
C ARG Q 23 28.07 -63.49 -35.43
N VAL Q 24 28.36 -64.68 -35.94
CA VAL Q 24 27.74 -65.87 -35.38
C VAL Q 24 28.35 -66.21 -34.03
N ARG Q 25 29.68 -66.23 -33.94
CA ARG Q 25 30.34 -66.42 -32.66
C ARG Q 25 29.93 -65.35 -31.67
N CYS Q 26 30.05 -64.08 -32.05
CA CYS Q 26 29.75 -63.01 -31.12
C CYS Q 26 28.32 -63.08 -30.61
N TRP Q 27 27.42 -63.65 -31.41
CA TRP Q 27 26.08 -63.92 -30.91
C TRP Q 27 26.12 -64.99 -29.83
N GLN Q 28 26.79 -66.10 -30.12
CA GLN Q 28 26.81 -67.22 -29.19
C GLN Q 28 27.55 -66.87 -27.91
N TYR Q 29 28.68 -66.17 -28.03
CA TYR Q 29 29.41 -65.79 -26.83
C TYR Q 29 28.62 -64.85 -25.96
N ARG Q 30 27.68 -64.11 -26.54
CA ARG Q 30 26.88 -63.18 -25.77
C ARG Q 30 25.84 -63.88 -24.91
N GLN Q 31 25.56 -65.14 -25.17
CA GLN Q 31 24.55 -65.86 -24.41
C GLN Q 31 25.11 -66.59 -23.21
N LEU Q 32 26.43 -66.66 -23.07
CA LEU Q 32 27.05 -67.38 -21.98
C LEU Q 32 27.38 -66.41 -20.84
N SER Q 33 28.03 -66.93 -19.80
CA SER Q 33 28.43 -66.08 -18.69
C SER Q 33 29.63 -65.23 -19.08
N ALA Q 34 29.89 -64.21 -18.28
CA ALA Q 34 30.97 -63.29 -18.57
C ALA Q 34 32.34 -63.93 -18.49
N LEU Q 35 32.44 -65.11 -17.90
CA LEU Q 35 33.74 -65.76 -17.69
C LEU Q 35 33.47 -67.24 -17.59
N HIS Q 36 33.84 -67.98 -18.63
CA HIS Q 36 33.60 -69.41 -18.63
C HIS Q 36 34.69 -70.10 -19.45
N ARG Q 37 35.00 -71.32 -19.06
CA ARG Q 37 36.07 -72.07 -19.69
C ARG Q 37 35.65 -72.54 -21.07
N ALA Q 38 36.55 -72.40 -22.02
CA ALA Q 38 36.34 -72.93 -23.35
C ALA Q 38 37.04 -74.28 -23.46
N PRO Q 39 36.45 -75.25 -24.14
CA PRO Q 39 37.09 -76.56 -24.24
C PRO Q 39 38.40 -76.54 -25.00
N ARG Q 40 38.43 -75.89 -26.15
CA ARG Q 40 39.59 -75.78 -27.01
C ARG Q 40 39.70 -74.35 -27.49
N PRO Q 41 40.88 -73.94 -27.98
CA PRO Q 41 40.98 -72.59 -28.55
C PRO Q 41 40.09 -72.43 -29.76
N THR Q 42 39.43 -71.28 -29.85
CA THR Q 42 38.66 -71.00 -31.06
C THR Q 42 39.57 -70.58 -32.19
N ARG Q 43 40.77 -70.08 -31.88
CA ARG Q 43 41.78 -69.72 -32.86
C ARG Q 43 43.00 -70.59 -32.59
N PRO Q 44 43.06 -71.79 -33.17
CA PRO Q 44 44.23 -72.65 -32.93
C PRO Q 44 45.54 -72.03 -33.38
N ASP Q 45 45.53 -71.28 -34.48
CA ASP Q 45 46.78 -70.69 -34.97
C ASP Q 45 47.29 -69.64 -34.00
N LYS Q 46 46.44 -68.68 -33.62
CA LYS Q 46 46.87 -67.62 -32.73
C LYS Q 46 47.34 -68.17 -31.41
N ALA Q 47 46.72 -69.25 -30.95
CA ALA Q 47 47.11 -69.84 -29.67
C ALA Q 47 48.54 -70.35 -29.72
N ARG Q 48 48.91 -71.01 -30.80
CA ARG Q 48 50.27 -71.53 -30.91
C ARG Q 48 51.29 -70.40 -31.02
N ARG Q 49 50.97 -69.35 -31.76
CA ARG Q 49 51.84 -68.20 -31.82
C ARG Q 49 52.13 -67.63 -30.45
N LEU Q 50 51.17 -67.69 -29.53
CA LEU Q 50 51.33 -67.04 -28.25
C LEU Q 50 51.88 -67.95 -27.16
N GLY Q 51 52.05 -69.24 -27.45
CA GLY Q 51 52.66 -70.16 -26.50
C GLY Q 51 51.80 -71.35 -26.14
N TYR Q 52 50.56 -71.41 -26.59
CA TYR Q 52 49.72 -72.56 -26.29
C TYR Q 52 50.23 -73.80 -26.99
N LYS Q 53 50.20 -74.93 -26.29
CA LYS Q 53 50.53 -76.22 -26.86
C LYS Q 53 49.45 -77.18 -26.41
N ALA Q 54 48.89 -77.95 -27.33
CA ALA Q 54 47.82 -78.86 -26.96
C ALA Q 54 48.36 -80.00 -26.12
N LYS Q 55 48.24 -79.86 -24.80
CA LYS Q 55 48.69 -80.89 -23.87
C LYS Q 55 48.09 -80.58 -22.51
N GLN Q 56 47.96 -81.63 -21.69
CA GLN Q 56 47.34 -81.48 -20.38
C GLN Q 56 48.08 -80.45 -19.55
N GLY Q 57 47.35 -79.46 -19.06
CA GLY Q 57 47.92 -78.37 -18.27
C GLY Q 57 47.64 -77.01 -18.86
N TYR Q 58 47.30 -76.94 -20.13
CA TYR Q 58 46.95 -75.69 -20.78
C TYR Q 58 45.45 -75.51 -20.78
N VAL Q 59 44.99 -74.39 -20.25
CA VAL Q 59 43.58 -74.10 -20.09
C VAL Q 59 43.28 -72.82 -20.82
N ILE Q 60 42.08 -72.71 -21.38
CA ILE Q 60 41.69 -71.54 -22.14
C ILE Q 60 40.35 -71.05 -21.64
N TYR Q 61 40.33 -69.84 -21.09
CA TYR Q 61 39.11 -69.19 -20.65
C TYR Q 61 38.76 -68.09 -21.64
N ARG Q 62 37.49 -68.04 -22.02
CA ARG Q 62 36.97 -66.99 -22.88
C ARG Q 62 36.13 -66.07 -22.01
N ILE Q 63 36.54 -64.81 -21.89
CA ILE Q 63 35.81 -63.91 -21.01
C ILE Q 63 35.40 -62.66 -21.78
N ARG Q 64 34.43 -61.96 -21.22
CA ARG Q 64 33.72 -60.87 -21.85
C ARG Q 64 33.94 -59.58 -21.09
N VAL Q 65 34.27 -58.51 -21.82
CA VAL Q 65 34.61 -57.23 -21.22
C VAL Q 65 33.72 -56.17 -21.82
N ARG Q 66 33.16 -55.32 -20.97
CA ARG Q 66 32.28 -54.26 -21.44
C ARG Q 66 33.10 -53.13 -22.04
N ARG Q 67 32.84 -52.82 -23.30
CA ARG Q 67 33.60 -51.80 -24.01
C ARG Q 67 33.34 -50.41 -23.46
N GLY Q 68 34.01 -49.42 -24.03
CA GLY Q 68 33.82 -48.04 -23.63
C GLY Q 68 34.94 -47.54 -22.75
N GLY Q 69 34.87 -46.24 -22.47
CA GLY Q 69 35.85 -45.60 -21.64
C GLY Q 69 35.58 -45.84 -20.17
N ARG Q 70 36.22 -45.02 -19.35
CA ARG Q 70 36.10 -45.10 -17.91
C ARG Q 70 35.64 -43.75 -17.39
N LYS Q 71 34.47 -43.70 -16.76
CA LYS Q 71 34.00 -42.45 -16.19
C LYS Q 71 34.40 -42.40 -14.72
N ARG Q 72 34.74 -41.21 -14.26
CA ARG Q 72 35.28 -41.04 -12.92
C ARG Q 72 34.20 -41.36 -11.88
N PRO Q 73 34.40 -42.34 -11.05
CA PRO Q 73 33.36 -42.72 -10.08
C PRO Q 73 33.24 -41.73 -8.94
N VAL Q 74 32.57 -40.61 -9.18
CA VAL Q 74 32.33 -39.61 -8.14
C VAL Q 74 30.84 -39.29 -8.12
N PRO Q 75 30.25 -39.03 -6.97
CA PRO Q 75 28.80 -38.89 -6.89
C PRO Q 75 28.27 -37.61 -7.52
N LYS Q 76 27.52 -37.75 -8.60
CA LYS Q 76 26.88 -36.70 -9.36
C LYS Q 76 27.87 -35.76 -10.00
N GLY Q 77 29.09 -36.16 -10.25
CA GLY Q 77 29.95 -35.28 -10.98
C GLY Q 77 30.98 -34.62 -10.11
N ALA Q 78 30.51 -34.05 -9.01
CA ALA Q 78 31.26 -33.42 -7.94
C ALA Q 78 32.71 -33.81 -7.71
N THR Q 79 33.59 -33.25 -8.50
CA THR Q 79 35.03 -33.32 -8.36
C THR Q 79 35.52 -32.03 -7.73
N TYR Q 80 35.49 -32.01 -6.40
CA TYR Q 80 35.71 -30.77 -5.68
C TYR Q 80 37.16 -30.34 -5.77
N GLY Q 81 37.60 -29.94 -6.96
CA GLY Q 81 38.97 -29.53 -7.12
C GLY Q 81 39.09 -28.36 -8.07
N LYS Q 82 40.11 -28.29 -8.71
CA LYS Q 82 40.25 -27.21 -9.65
C LYS Q 82 39.69 -27.60 -11.01
N PRO Q 83 39.26 -26.64 -11.81
CA PRO Q 83 38.61 -26.95 -13.09
C PRO Q 83 39.36 -27.90 -14.00
N VAL Q 84 40.68 -27.99 -13.84
CA VAL Q 84 41.45 -28.92 -14.66
C VAL Q 84 41.04 -30.35 -14.39
N HIS Q 85 40.46 -30.62 -13.23
CA HIS Q 85 40.10 -31.97 -12.86
C HIS Q 85 38.60 -32.23 -12.88
N HIS Q 86 37.78 -31.33 -13.42
CA HIS Q 86 36.35 -31.57 -13.40
C HIS Q 86 35.90 -32.67 -14.34
N GLY Q 87 36.80 -33.24 -15.12
CA GLY Q 87 36.40 -34.23 -16.11
C GLY Q 87 35.74 -35.44 -15.50
N VAL Q 88 34.60 -35.85 -16.05
CA VAL Q 88 33.92 -37.03 -15.54
C VAL Q 88 33.68 -38.03 -16.65
N ASN Q 89 33.57 -37.57 -17.89
CA ASN Q 89 33.07 -38.43 -18.95
C ASN Q 89 34.14 -38.92 -19.92
N GLN Q 90 34.85 -38.04 -20.58
CA GLN Q 90 35.77 -38.51 -21.61
C GLN Q 90 37.12 -38.90 -21.05
N LEU Q 91 37.15 -39.70 -20.00
CA LEU Q 91 38.39 -40.18 -19.43
C LEU Q 91 38.63 -41.60 -19.89
N LYS Q 92 39.88 -41.93 -20.13
CA LYS Q 92 40.23 -43.24 -20.65
C LYS Q 92 41.10 -43.98 -19.66
N PHE Q 93 40.86 -45.28 -19.54
CA PHE Q 93 41.64 -46.11 -18.67
C PHE Q 93 43.05 -46.25 -19.22
N ALA Q 94 44.03 -46.40 -18.32
CA ALA Q 94 45.41 -46.46 -18.75
C ALA Q 94 45.77 -47.81 -19.32
N ARG Q 95 44.97 -48.84 -19.06
CA ARG Q 95 45.25 -50.17 -19.53
C ARG Q 95 44.21 -50.62 -20.55
N SER Q 96 44.65 -51.46 -21.48
CA SER Q 96 43.78 -51.91 -22.54
C SER Q 96 42.64 -52.75 -22.00
N LEU Q 97 41.58 -52.86 -22.79
CA LEU Q 97 40.49 -53.76 -22.42
C LEU Q 97 40.94 -55.21 -22.46
N GLN Q 98 41.95 -55.52 -23.27
CA GLN Q 98 42.49 -56.87 -23.26
C GLN Q 98 43.24 -57.15 -21.98
N SER Q 99 43.93 -56.14 -21.45
CA SER Q 99 44.62 -56.32 -20.19
C SER Q 99 43.66 -56.45 -19.03
N VAL Q 100 42.51 -55.78 -19.10
CA VAL Q 100 41.49 -55.98 -18.08
C VAL Q 100 40.96 -57.40 -18.16
N ALA Q 101 40.87 -57.95 -19.36
CA ALA Q 101 40.41 -59.32 -19.51
C ALA Q 101 41.39 -60.29 -18.86
N GLU Q 102 42.67 -60.17 -19.17
CA GLU Q 102 43.66 -61.05 -18.59
C GLU Q 102 43.62 -60.99 -17.07
N GLU Q 103 43.31 -59.83 -16.51
CA GLU Q 103 43.26 -59.70 -15.06
C GLU Q 103 42.07 -60.45 -14.49
N ARG Q 104 40.91 -60.31 -15.11
CA ARG Q 104 39.71 -60.95 -14.57
C ARG Q 104 39.78 -62.46 -14.69
N ALA Q 105 40.42 -62.97 -15.73
CA ALA Q 105 40.56 -64.41 -15.85
C ALA Q 105 41.60 -64.95 -14.89
N GLY Q 106 42.56 -64.12 -14.50
CA GLY Q 106 43.60 -64.56 -13.60
C GLY Q 106 43.18 -64.42 -12.15
N ARG Q 107 42.33 -63.44 -11.86
CA ARG Q 107 41.86 -63.29 -10.50
C ARG Q 107 40.87 -64.38 -10.12
N HIS Q 108 40.10 -64.88 -11.08
CA HIS Q 108 39.16 -65.94 -10.78
C HIS Q 108 39.87 -67.26 -10.54
N CYS Q 109 40.75 -67.64 -11.45
CA CYS Q 109 41.52 -68.87 -11.31
C CYS Q 109 42.90 -68.54 -10.78
N GLY Q 110 42.95 -68.34 -9.46
CA GLY Q 110 44.20 -67.98 -8.83
C GLY Q 110 45.24 -69.08 -8.88
N ALA Q 111 44.79 -70.32 -9.00
CA ALA Q 111 45.74 -71.42 -9.02
C ALA Q 111 46.52 -71.49 -10.33
N LEU Q 112 46.01 -70.88 -11.38
CA LEU Q 112 46.62 -70.95 -12.69
C LEU Q 112 47.48 -69.72 -12.95
N ARG Q 113 48.20 -69.76 -14.07
CA ARG Q 113 49.12 -68.71 -14.46
C ARG Q 113 48.72 -68.20 -15.84
N VAL Q 114 48.44 -66.91 -15.94
CA VAL Q 114 48.08 -66.33 -17.23
C VAL Q 114 49.29 -66.31 -18.13
N LEU Q 115 49.13 -66.78 -19.36
CA LEU Q 115 50.21 -66.78 -20.33
C LEU Q 115 50.06 -65.70 -21.39
N ASN Q 116 48.93 -65.66 -22.08
CA ASN Q 116 48.64 -64.65 -23.08
C ASN Q 116 47.15 -64.70 -23.37
N SER Q 117 46.70 -63.81 -24.24
CA SER Q 117 45.31 -63.72 -24.63
C SER Q 117 45.23 -63.26 -26.06
N TYR Q 118 44.05 -63.37 -26.66
CA TYR Q 118 43.87 -62.91 -28.02
C TYR Q 118 42.41 -62.55 -28.25
N TRP Q 119 42.19 -61.75 -29.29
CA TRP Q 119 40.89 -61.25 -29.64
C TRP Q 119 40.11 -62.28 -30.43
N VAL Q 120 38.84 -62.49 -30.08
CA VAL Q 120 38.04 -63.49 -30.76
C VAL Q 120 36.72 -62.93 -31.26
N GLY Q 121 36.48 -61.66 -31.04
CA GLY Q 121 35.25 -61.07 -31.52
C GLY Q 121 34.78 -59.95 -30.62
N GLU Q 122 34.00 -59.05 -31.20
CA GLU Q 122 33.47 -57.91 -30.48
C GLU Q 122 32.12 -57.51 -31.04
N ASP Q 123 31.48 -56.57 -30.36
CA ASP Q 123 30.25 -55.94 -30.82
C ASP Q 123 30.25 -54.53 -30.28
N SER Q 124 29.08 -53.89 -30.25
CA SER Q 124 28.99 -52.53 -29.77
C SER Q 124 29.18 -52.40 -28.27
N THR Q 125 28.94 -53.46 -27.50
CA THR Q 125 29.06 -53.34 -26.05
C THR Q 125 30.04 -54.33 -25.44
N TYR Q 126 30.55 -55.31 -26.17
CA TYR Q 126 31.40 -56.32 -25.57
C TYR Q 126 32.59 -56.60 -26.47
N LYS Q 127 33.72 -56.87 -25.83
CA LYS Q 127 34.89 -57.43 -26.50
C LYS Q 127 35.14 -58.79 -25.86
N PHE Q 128 35.41 -59.79 -26.68
CA PHE Q 128 35.62 -61.14 -26.20
C PHE Q 128 37.07 -61.53 -26.41
N PHE Q 129 37.71 -62.01 -25.35
CA PHE Q 129 39.09 -62.45 -25.41
C PHE Q 129 39.19 -63.86 -24.87
N GLU Q 130 40.15 -64.61 -25.37
CA GLU Q 130 40.42 -65.96 -24.90
C GLU Q 130 41.79 -65.96 -24.24
N VAL Q 131 41.80 -66.14 -22.94
CA VAL Q 131 43.06 -66.14 -22.18
C VAL Q 131 43.61 -67.55 -22.11
N ILE Q 132 44.94 -67.66 -22.20
CA ILE Q 132 45.62 -68.94 -22.15
C ILE Q 132 46.20 -69.10 -20.76
N LEU Q 133 45.70 -70.06 -20.01
CA LEU Q 133 46.17 -70.33 -18.66
C LEU Q 133 47.03 -71.58 -18.64
N ILE Q 134 47.88 -71.67 -17.64
CA ILE Q 134 48.69 -72.87 -17.41
C ILE Q 134 48.59 -73.25 -15.94
N ASP Q 135 48.39 -74.53 -15.67
CA ASP Q 135 48.33 -75.05 -14.31
C ASP Q 135 49.73 -75.44 -13.89
N PRO Q 136 50.42 -74.64 -13.09
CA PRO Q 136 51.85 -74.84 -12.89
C PRO Q 136 52.21 -76.04 -12.05
N PHE Q 137 51.22 -76.83 -11.64
CA PHE Q 137 51.48 -77.99 -10.81
C PHE Q 137 51.14 -79.30 -11.50
N HIS Q 138 50.86 -79.26 -12.80
CA HIS Q 138 50.67 -80.46 -13.57
C HIS Q 138 52.03 -80.98 -14.00
N LYS Q 139 52.25 -82.28 -13.84
CA LYS Q 139 53.54 -82.85 -14.17
C LYS Q 139 53.92 -82.66 -15.63
N ALA Q 140 52.94 -82.55 -16.51
CA ALA Q 140 53.26 -82.27 -17.91
C ALA Q 140 53.86 -80.89 -18.06
N ILE Q 141 53.50 -79.94 -17.21
CA ILE Q 141 54.11 -78.63 -17.18
C ILE Q 141 55.34 -78.61 -16.29
N ARG Q 142 55.28 -79.35 -15.18
CA ARG Q 142 56.34 -79.31 -14.19
C ARG Q 142 57.61 -79.96 -14.70
N ARG Q 143 57.50 -81.06 -15.43
CA ARG Q 143 58.66 -81.82 -15.87
C ARG Q 143 59.20 -81.38 -17.22
N ASN Q 144 58.58 -80.40 -17.86
CA ASN Q 144 59.03 -79.97 -19.18
C ASN Q 144 60.00 -78.82 -19.02
N PRO Q 145 61.27 -78.97 -19.39
CA PRO Q 145 62.24 -77.89 -19.17
C PRO Q 145 61.94 -76.63 -19.94
N ASP Q 146 61.20 -76.72 -21.04
CA ASP Q 146 60.94 -75.53 -21.84
C ASP Q 146 59.92 -74.61 -21.18
N THR Q 147 59.02 -75.15 -20.37
CA THR Q 147 57.94 -74.38 -19.80
C THR Q 147 57.99 -74.30 -18.28
N GLN Q 148 59.01 -74.87 -17.65
CA GLN Q 148 59.02 -74.86 -16.20
C GLN Q 148 59.44 -73.53 -15.62
N TRP Q 149 59.64 -72.52 -16.45
CA TRP Q 149 59.85 -71.17 -15.93
C TRP Q 149 58.58 -70.58 -15.35
N ILE Q 150 57.42 -70.96 -15.90
CA ILE Q 150 56.16 -70.44 -15.41
C ILE Q 150 55.88 -70.95 -14.01
N THR Q 151 56.58 -72.00 -13.59
CA THR Q 151 56.33 -72.58 -12.28
C THR Q 151 57.03 -71.81 -11.17
N LYS Q 152 58.05 -71.04 -11.51
CA LYS Q 152 58.77 -70.29 -10.49
C LYS Q 152 57.83 -69.33 -9.77
N PRO Q 153 58.07 -69.04 -8.49
CA PRO Q 153 57.15 -68.16 -7.76
C PRO Q 153 57.20 -66.72 -8.19
N VAL Q 154 58.20 -66.30 -8.96
CA VAL Q 154 58.27 -64.90 -9.35
C VAL Q 154 57.24 -64.58 -10.41
N HIS Q 155 56.67 -65.59 -11.07
CA HIS Q 155 55.65 -65.38 -12.07
C HIS Q 155 54.25 -65.60 -11.54
N LYS Q 156 54.06 -65.43 -10.23
CA LYS Q 156 52.73 -65.43 -9.67
C LYS Q 156 52.00 -64.18 -10.15
N HIS Q 157 50.87 -64.37 -10.82
CA HIS Q 157 49.99 -63.28 -11.23
C HIS Q 157 50.73 -62.27 -12.10
N ARG Q 158 51.16 -62.76 -13.27
CA ARG Q 158 51.82 -61.88 -14.22
C ARG Q 158 50.89 -60.76 -14.66
N GLU Q 159 49.60 -61.04 -14.76
CA GLU Q 159 48.66 -60.04 -15.26
C GLU Q 159 48.40 -58.93 -14.26
N MET Q 160 48.53 -59.19 -12.96
CA MET Q 160 48.28 -58.15 -11.98
C MET Q 160 49.41 -57.14 -11.95
N ARG Q 161 50.61 -57.57 -12.31
CA ARG Q 161 51.76 -56.68 -12.33
C ARG Q 161 52.09 -56.18 -13.73
N GLY Q 162 51.29 -56.54 -14.73
CA GLY Q 162 51.50 -56.03 -16.06
C GLY Q 162 52.72 -56.60 -16.73
N LEU Q 163 52.84 -57.92 -16.77
CA LEU Q 163 53.96 -58.56 -17.41
C LEU Q 163 53.58 -59.37 -18.63
N THR Q 164 52.30 -59.59 -18.86
CA THR Q 164 51.87 -60.28 -20.07
C THR Q 164 52.05 -59.37 -21.28
N SER Q 165 51.93 -59.97 -22.47
CA SER Q 165 52.13 -59.20 -23.69
C SER Q 165 51.13 -58.06 -23.79
N ALA Q 166 49.87 -58.33 -23.45
CA ALA Q 166 48.87 -57.28 -23.51
C ALA Q 166 49.08 -56.24 -22.42
N GLY Q 167 49.59 -56.67 -21.27
CA GLY Q 167 49.79 -55.77 -20.16
C GLY Q 167 51.01 -54.89 -20.34
N ARG Q 168 52.04 -55.41 -21.00
CA ARG Q 168 53.27 -54.65 -21.17
C ARG Q 168 53.05 -53.40 -22.00
N LYS Q 169 52.12 -53.46 -22.94
CA LYS Q 169 51.97 -52.36 -23.88
C LYS Q 169 51.48 -51.09 -23.20
N SER Q 170 50.74 -51.22 -22.11
CA SER Q 170 50.26 -50.04 -21.41
C SER Q 170 51.33 -49.39 -20.56
N ARG Q 171 52.47 -50.04 -20.36
CA ARG Q 171 53.53 -49.46 -19.54
C ARG Q 171 54.43 -48.54 -20.33
N GLY Q 172 54.34 -48.56 -21.66
CA GLY Q 172 55.10 -47.64 -22.48
C GLY Q 172 56.59 -47.81 -22.36
N LEU Q 173 57.07 -49.03 -22.52
CA LEU Q 173 58.49 -49.31 -22.43
C LEU Q 173 59.00 -49.89 -23.75
N GLY Q 174 60.26 -49.61 -24.03
CA GLY Q 174 60.88 -50.03 -25.26
C GLY Q 174 62.15 -49.24 -25.47
N LYS Q 175 62.93 -49.69 -26.45
CA LYS Q 175 64.18 -49.04 -26.76
C LYS Q 175 63.95 -47.88 -27.72
N GLY Q 176 64.63 -46.78 -27.47
CA GLY Q 176 64.67 -45.71 -28.43
C GLY Q 176 64.30 -44.37 -27.83
N HIS Q 177 64.32 -43.35 -28.69
CA HIS Q 177 64.03 -42.00 -28.28
C HIS Q 177 62.56 -41.78 -27.98
N LYS Q 178 61.71 -42.71 -28.38
CA LYS Q 178 60.29 -42.57 -28.12
C LYS Q 178 59.91 -42.94 -26.70
N PHE Q 179 60.79 -43.64 -25.99
CA PHE Q 179 60.46 -44.23 -24.70
C PHE Q 179 61.46 -43.80 -23.65
N HIS Q 180 61.71 -42.49 -23.58
CA HIS Q 180 62.69 -41.98 -22.63
C HIS Q 180 62.15 -41.97 -21.21
N HIS Q 181 60.85 -41.83 -21.05
CA HIS Q 181 60.29 -41.66 -19.72
C HIS Q 181 60.14 -42.99 -18.98
N THR Q 182 60.67 -44.07 -19.54
CA THR Q 182 60.75 -45.33 -18.81
C THR Q 182 62.15 -45.93 -18.82
N ILE Q 183 63.18 -45.15 -19.06
CA ILE Q 183 64.54 -45.66 -18.90
C ILE Q 183 64.74 -46.07 -17.46
N GLY Q 184 65.30 -47.25 -17.27
CA GLY Q 184 65.25 -47.88 -15.97
C GLY Q 184 64.24 -48.99 -16.04
N GLY Q 185 63.77 -49.47 -14.91
CA GLY Q 185 62.78 -50.51 -14.94
C GLY Q 185 61.48 -50.08 -15.58
N SER Q 186 60.95 -48.94 -15.14
CA SER Q 186 59.58 -48.60 -15.46
C SER Q 186 59.44 -47.09 -15.39
N ARG Q 187 58.20 -46.60 -15.45
CA ARG Q 187 57.95 -45.18 -15.36
C ARG Q 187 58.22 -44.63 -13.97
N ARG Q 188 58.05 -45.44 -12.93
CA ARG Q 188 58.39 -45.03 -11.58
C ARG Q 188 59.89 -45.13 -11.33
N ALA Q 189 60.55 -46.07 -11.99
CA ALA Q 189 62.00 -46.18 -11.83
C ALA Q 189 62.70 -44.95 -12.38
N ALA Q 190 62.26 -44.46 -13.53
CA ALA Q 190 62.85 -43.27 -14.09
C ALA Q 190 62.59 -42.06 -13.19
N TRP Q 191 61.37 -41.95 -12.68
CA TRP Q 191 61.01 -40.78 -11.89
C TRP Q 191 61.85 -40.70 -10.61
N ARG Q 192 62.10 -41.84 -9.98
CA ARG Q 192 62.90 -41.86 -8.77
C ARG Q 192 64.33 -41.40 -9.06
N ARG Q 193 64.98 -42.05 -10.03
CA ARG Q 193 66.35 -41.72 -10.35
C ARG Q 193 66.51 -40.27 -10.77
N ARG Q 194 65.47 -39.65 -11.31
CA ARG Q 194 65.54 -38.28 -11.76
C ARG Q 194 65.15 -37.27 -10.70
N ASN Q 195 64.52 -37.71 -9.62
CA ASN Q 195 64.11 -36.83 -8.54
C ASN Q 195 64.74 -37.26 -7.23
N THR Q 196 66.00 -37.67 -7.29
CA THR Q 196 66.75 -38.11 -6.13
C THR Q 196 68.04 -37.32 -6.06
N LEU Q 197 68.23 -36.56 -4.99
CA LEU Q 197 69.52 -35.93 -4.74
C LEU Q 197 70.57 -36.98 -4.43
N GLN Q 198 71.60 -37.04 -5.25
CA GLN Q 198 72.76 -37.88 -4.95
C GLN Q 198 73.74 -37.06 -4.12
N LEU Q 199 73.48 -37.01 -2.83
CA LEU Q 199 74.34 -36.28 -1.92
C LEU Q 199 75.56 -37.13 -1.57
N HIS Q 200 76.63 -36.95 -2.33
CA HIS Q 200 77.84 -37.73 -2.13
C HIS Q 200 78.49 -37.36 -0.80
N ARG Q 201 79.48 -38.16 -0.41
CA ARG Q 201 80.18 -37.91 0.84
C ARG Q 201 80.93 -36.61 0.79
N TYR Q 202 81.69 -36.38 -0.27
CA TYR Q 202 82.51 -35.19 -0.41
C TYR Q 202 81.84 -34.09 -1.21
N ARG Q 203 80.64 -34.32 -1.72
CA ARG Q 203 79.96 -33.40 -2.60
C ARG Q 203 80.84 -33.03 -3.78
N GLN R 1 70.55 29.34 75.49
CA GLN R 1 70.59 28.39 74.38
C GLN R 1 69.22 28.22 73.74
N VAL R 2 68.21 28.89 74.31
CA VAL R 2 66.86 28.87 73.78
C VAL R 2 66.47 30.29 73.42
N LEU R 3 65.99 30.48 72.20
CA LEU R 3 65.64 31.80 71.69
C LEU R 3 64.15 32.03 71.95
N VAL R 4 63.85 32.97 72.85
CA VAL R 4 62.47 33.29 73.20
C VAL R 4 62.11 34.58 72.48
N LEU R 5 61.28 34.46 71.44
CA LEU R 5 60.88 35.61 70.64
C LEU R 5 59.51 36.10 71.07
N ASP R 6 59.37 37.42 71.12
CA ASP R 6 58.10 38.05 71.40
C ASP R 6 57.37 38.31 70.09
N GLY R 7 56.11 37.92 70.01
CA GLY R 7 55.40 38.07 68.76
C GLY R 7 54.66 39.38 68.56
N ARG R 8 54.72 40.28 69.53
CA ARG R 8 53.94 41.51 69.43
C ARG R 8 54.63 42.46 68.45
N GLY R 9 53.93 42.80 67.38
CA GLY R 9 54.44 43.76 66.42
C GLY R 9 55.22 43.16 65.28
N HIS R 10 55.24 41.85 65.15
CA HIS R 10 55.97 41.21 64.07
C HIS R 10 55.02 40.85 62.93
N LEU R 11 55.55 40.87 61.71
CA LEU R 11 54.78 40.45 60.56
C LEU R 11 54.89 38.95 60.41
N LEU R 12 53.75 38.30 60.20
CA LEU R 12 53.63 36.85 60.23
C LEU R 12 54.66 36.15 59.35
N GLY R 13 54.63 36.43 58.05
CA GLY R 13 55.53 35.73 57.14
C GLY R 13 56.99 36.11 57.34
N ARG R 14 57.23 37.39 57.62
CA ARG R 14 58.61 37.83 57.85
C ARG R 14 59.20 37.17 59.07
N LEU R 15 58.40 36.94 60.10
CA LEU R 15 58.91 36.30 61.30
C LEU R 15 59.05 34.80 61.09
N ALA R 16 58.11 34.19 60.37
CA ALA R 16 58.15 32.76 60.15
C ALA R 16 59.37 32.35 59.33
N ALA R 17 59.80 33.21 58.41
CA ALA R 17 60.95 32.87 57.59
C ALA R 17 62.22 32.79 58.43
N ILE R 18 62.38 33.73 59.37
CA ILE R 18 63.59 33.76 60.18
C ILE R 18 63.54 32.66 61.23
N VAL R 19 62.36 32.35 61.73
CA VAL R 19 62.23 31.26 62.69
C VAL R 19 62.50 29.92 62.00
N ALA R 20 62.00 29.75 60.78
CA ALA R 20 62.17 28.48 60.09
C ALA R 20 63.64 28.21 59.80
N LYS R 21 64.41 29.24 59.48
CA LYS R 21 65.82 29.03 59.19
C LYS R 21 66.60 28.71 60.46
N GLN R 22 66.30 29.40 61.55
CA GLN R 22 66.99 29.13 62.81
C GLN R 22 66.69 27.72 63.30
N VAL R 23 65.45 27.30 63.17
CA VAL R 23 65.07 25.97 63.65
C VAL R 23 65.77 24.89 62.86
N LEU R 24 65.98 25.10 61.56
CA LEU R 24 66.71 24.15 60.75
C LEU R 24 68.18 24.08 61.10
N LEU R 25 68.69 25.02 61.88
CA LEU R 25 70.08 25.01 62.32
C LEU R 25 70.22 24.50 63.75
N GLY R 26 69.30 23.66 64.20
CA GLY R 26 69.40 23.10 65.53
C GLY R 26 69.16 24.07 66.65
N ARG R 27 68.58 25.22 66.37
CA ARG R 27 68.30 26.22 67.38
C ARG R 27 66.90 26.01 67.93
N LYS R 28 66.77 25.92 69.25
CA LYS R 28 65.46 25.81 69.86
C LYS R 28 64.84 27.19 70.01
N VAL R 29 63.67 27.39 69.42
CA VAL R 29 63.02 28.69 69.39
C VAL R 29 61.67 28.60 70.09
N VAL R 30 61.31 29.66 70.80
CA VAL R 30 60.03 29.74 71.47
C VAL R 30 59.38 31.06 71.13
N VAL R 31 58.36 31.02 70.29
CA VAL R 31 57.62 32.23 69.93
C VAL R 31 56.49 32.42 70.94
N VAL R 32 56.46 33.57 71.56
CA VAL R 32 55.49 33.85 72.60
C VAL R 32 54.63 35.02 72.14
N ARG R 33 53.44 35.15 72.71
CA ARG R 33 52.46 36.17 72.35
C ARG R 33 52.15 36.13 70.85
N CYS R 34 51.66 34.97 70.42
CA CYS R 34 51.34 34.80 69.01
C CYS R 34 50.13 35.63 68.59
N GLU R 35 49.29 36.03 69.53
CA GLU R 35 48.14 36.86 69.18
C GLU R 35 48.54 38.29 68.88
N GLY R 36 49.76 38.69 69.23
CA GLY R 36 50.22 40.03 68.90
C GLY R 36 50.74 40.18 67.50
N ILE R 37 50.93 39.08 66.78
CA ILE R 37 51.45 39.13 65.42
C ILE R 37 50.50 39.90 64.53
N ASN R 38 51.05 40.66 63.60
CA ASN R 38 50.28 41.44 62.64
C ASN R 38 50.46 40.87 61.24
N ILE R 39 49.43 40.98 60.44
CA ILE R 39 49.51 40.61 59.04
C ILE R 39 49.25 41.86 58.22
N SER R 40 49.99 42.00 57.12
CA SER R 40 49.84 43.18 56.30
C SER R 40 48.56 43.12 55.47
N GLY R 41 48.08 44.28 55.07
CA GLY R 41 46.79 44.33 54.42
C GLY R 41 45.67 44.53 55.42
N ASN R 42 44.59 45.16 54.96
CA ASN R 42 43.48 45.48 55.83
C ASN R 42 42.87 44.21 56.41
N PHE R 43 42.14 44.37 57.50
CA PHE R 43 41.64 43.23 58.25
C PHE R 43 40.70 42.39 57.41
N TYR R 44 39.72 43.03 56.77
CA TYR R 44 38.72 42.30 56.00
C TYR R 44 39.36 41.47 54.91
N ARG R 45 40.42 41.99 54.30
CA ARG R 45 41.14 41.24 53.27
C ARG R 45 41.74 39.98 53.85
N ASN R 46 42.37 40.08 55.02
CA ASN R 46 42.99 38.91 55.63
C ASN R 46 41.96 37.91 56.11
N LYS R 47 40.80 38.39 56.54
CA LYS R 47 39.76 37.48 57.00
C LYS R 47 39.22 36.65 55.86
N LEU R 48 38.93 37.29 54.72
CA LEU R 48 38.51 36.54 53.54
C LEU R 48 39.59 35.58 53.08
N LYS R 49 40.85 35.96 53.24
CA LYS R 49 41.93 35.05 52.89
C LYS R 49 41.95 33.83 53.77
N TYR R 50 41.44 33.93 55.00
CA TYR R 50 41.36 32.79 55.88
C TYR R 50 40.04 32.04 55.74
N LEU R 51 38.93 32.74 55.48
CA LEU R 51 37.68 32.04 55.26
C LEU R 51 37.76 31.17 54.02
N ALA R 52 38.53 31.59 53.02
CA ALA R 52 38.76 30.74 51.86
C ALA R 52 39.59 29.51 52.22
N PHE R 53 40.30 29.55 53.34
CA PHE R 53 41.01 28.38 53.80
C PHE R 53 40.07 27.41 54.51
N LEU R 54 39.07 27.93 55.22
CA LEU R 54 38.12 27.05 55.87
C LEU R 54 37.27 26.28 54.87
N ARG R 55 37.06 26.84 53.68
CA ARG R 55 36.23 26.16 52.70
C ARG R 55 36.93 25.02 52.02
N LYS R 56 38.21 24.77 52.29
CA LYS R 56 38.96 23.72 51.64
C LYS R 56 38.98 22.51 52.58
N ARG R 57 38.15 21.53 52.28
CA ARG R 57 38.11 20.32 53.09
C ARG R 57 37.86 19.14 52.17
N MET R 58 38.40 17.99 52.54
CA MET R 58 38.23 16.79 51.73
C MET R 58 36.76 16.48 51.57
N ASN R 59 36.28 16.49 50.33
CA ASN R 59 34.86 16.45 50.06
C ASN R 59 34.23 15.17 50.61
N THR R 60 34.86 14.04 50.37
CA THR R 60 34.28 12.76 50.77
C THR R 60 34.35 12.57 52.28
N ASN R 61 35.36 13.13 52.91
CA ASN R 61 35.52 12.93 54.34
C ASN R 61 36.30 14.09 54.95
N PRO R 62 35.63 15.05 55.56
CA PRO R 62 36.35 16.19 56.13
C PRO R 62 37.24 15.82 57.28
N SER R 63 37.01 14.68 57.94
CA SER R 63 37.83 14.30 59.07
C SER R 63 39.26 14.00 58.68
N ARG R 64 39.50 13.69 57.41
CA ARG R 64 40.86 13.53 56.93
C ARG R 64 41.43 14.85 56.40
N GLY R 65 40.56 15.77 56.04
CA GLY R 65 40.94 16.94 55.28
C GLY R 65 41.84 17.88 56.03
N PRO R 66 42.14 19.02 55.43
CA PRO R 66 43.02 20.00 56.08
C PRO R 66 42.46 20.41 57.43
N TYR R 67 43.33 20.42 58.42
CA TYR R 67 42.95 20.75 59.79
C TYR R 67 43.18 22.24 59.97
N HIS R 68 42.11 23.01 59.95
CA HIS R 68 42.16 24.45 60.10
C HIS R 68 42.23 24.78 61.58
N PHE R 69 43.41 25.06 62.09
CA PHE R 69 43.55 25.41 63.49
C PHE R 69 43.16 26.87 63.70
N ARG R 70 42.50 27.16 64.81
CA ARG R 70 41.96 28.49 65.05
C ARG R 70 42.73 29.28 66.09
N ALA R 71 43.62 28.65 66.84
CA ALA R 71 44.41 29.38 67.80
C ALA R 71 45.47 30.17 67.06
N PRO R 72 45.76 31.40 67.45
CA PRO R 72 46.81 32.18 66.77
C PRO R 72 48.14 31.46 66.79
N SER R 73 48.47 30.83 67.91
CA SER R 73 49.71 30.10 68.02
C SER R 73 49.76 28.97 67.00
N ARG R 74 48.65 28.29 66.79
CA ARG R 74 48.63 27.23 65.80
C ARG R 74 48.53 27.75 64.39
N ILE R 75 47.99 28.96 64.19
CA ILE R 75 48.03 29.57 62.88
C ILE R 75 49.46 29.95 62.51
N PHE R 76 50.19 30.54 63.45
CA PHE R 76 51.59 30.83 63.20
C PHE R 76 52.40 29.57 63.07
N TRP R 77 52.09 28.54 63.86
CA TRP R 77 52.81 27.30 63.78
C TRP R 77 52.64 26.65 62.40
N ARG R 78 51.47 26.80 61.80
CA ARG R 78 51.26 26.23 60.48
C ARG R 78 52.00 27.01 59.42
N THR R 79 52.15 28.31 59.61
CA THR R 79 52.91 29.11 58.66
C THR R 79 54.36 28.67 58.61
N VAL R 80 54.98 28.47 59.77
CA VAL R 80 56.34 27.94 59.80
C VAL R 80 56.37 26.54 59.23
N ARG R 81 55.28 25.78 59.40
CA ARG R 81 55.26 24.42 58.89
C ARG R 81 55.39 24.40 57.38
N GLY R 82 54.87 25.42 56.71
CA GLY R 82 54.99 25.52 55.26
C GLY R 82 56.35 25.93 54.76
N MET R 83 57.20 26.46 55.64
CA MET R 83 58.55 26.85 55.29
C MET R 83 59.57 25.83 55.75
N LEU R 84 59.16 24.59 55.97
CA LEU R 84 60.04 23.53 56.41
C LEU R 84 59.76 22.29 55.57
N PRO R 85 60.76 21.45 55.36
CA PRO R 85 60.53 20.18 54.68
C PRO R 85 59.90 19.15 55.61
N HIS R 86 58.69 19.43 56.08
CA HIS R 86 58.09 18.65 57.16
C HIS R 86 57.76 17.22 56.77
N LYS R 87 57.86 16.86 55.50
CA LYS R 87 57.63 15.49 55.12
C LYS R 87 58.84 14.59 55.33
N THR R 88 59.96 15.15 55.76
CA THR R 88 61.17 14.39 55.98
C THR R 88 61.47 14.32 57.47
N LYS R 89 62.52 13.57 57.80
CA LYS R 89 62.90 13.43 59.20
C LYS R 89 63.52 14.71 59.74
N ARG R 90 64.40 15.34 58.96
CA ARG R 90 64.99 16.58 59.43
C ARG R 90 63.99 17.72 59.44
N GLY R 91 62.89 17.59 58.73
CA GLY R 91 61.85 18.59 58.79
C GLY R 91 61.01 18.40 60.02
N GLN R 92 60.71 17.14 60.36
CA GLN R 92 59.93 16.88 61.56
C GLN R 92 60.76 17.06 62.81
N ALA R 93 62.04 16.69 62.76
CA ALA R 93 62.93 16.97 63.88
C ALA R 93 63.09 18.46 64.10
N ALA R 94 62.91 19.26 63.05
CA ALA R 94 62.99 20.70 63.19
C ALA R 94 61.76 21.24 63.93
N LEU R 95 60.58 20.87 63.47
CA LEU R 95 59.34 21.37 64.07
C LEU R 95 59.27 21.10 65.55
N ASP R 96 59.93 20.05 66.03
CA ASP R 96 59.93 19.78 67.45
C ASP R 96 60.77 20.79 68.23
N ARG R 97 61.68 21.49 67.57
CA ARG R 97 62.44 22.54 68.25
C ARG R 97 61.60 23.81 68.39
N LEU R 98 60.56 23.96 67.60
CA LEU R 98 59.69 25.11 67.69
C LEU R 98 58.61 24.88 68.74
N LYS R 99 58.26 25.94 69.45
CA LYS R 99 57.30 25.84 70.54
C LYS R 99 56.59 27.18 70.66
N VAL R 100 55.39 27.27 70.15
CA VAL R 100 54.66 28.52 70.09
C VAL R 100 53.61 28.56 71.19
N PHE R 101 53.23 29.78 71.58
CA PHE R 101 52.27 29.95 72.66
C PHE R 101 51.45 31.22 72.41
N ASP R 102 50.24 31.23 72.95
CA ASP R 102 49.41 32.42 73.00
C ASP R 102 49.56 33.02 74.39
N GLY R 103 49.81 34.31 74.46
CA GLY R 103 50.15 34.90 75.73
C GLY R 103 51.55 34.50 76.12
N ILE R 104 51.86 34.58 77.41
CA ILE R 104 53.17 34.17 77.89
C ILE R 104 53.01 33.18 79.04
N PRO R 105 53.21 31.90 78.79
CA PRO R 105 53.09 30.90 79.84
C PRO R 105 54.14 31.09 80.92
N PRO R 106 53.99 30.41 82.06
CA PRO R 106 54.86 30.66 83.21
C PRO R 106 56.35 30.44 82.93
N PRO R 107 56.75 29.39 82.19
CA PRO R 107 58.20 29.19 82.01
C PRO R 107 58.91 30.34 81.33
N TYR R 108 58.17 31.24 80.69
CA TYR R 108 58.79 32.33 79.94
C TYR R 108 58.29 33.71 80.31
N ASP R 109 57.41 33.84 81.30
CA ASP R 109 56.97 35.17 81.69
C ASP R 109 58.04 35.91 82.48
N LYS R 110 59.06 35.21 82.96
CA LYS R 110 60.15 35.81 83.70
C LYS R 110 61.46 35.67 82.94
N LYS R 111 61.41 35.85 81.63
CA LYS R 111 62.58 35.81 80.78
C LYS R 111 62.53 36.98 79.81
N LYS R 112 63.70 37.49 79.45
CA LYS R 112 63.80 38.63 78.55
C LYS R 112 63.59 38.14 77.12
N ARG R 113 62.44 38.47 76.55
CA ARG R 113 62.12 38.05 75.20
C ARG R 113 62.92 38.86 74.19
N MET R 114 63.41 38.19 73.16
CA MET R 114 64.09 38.88 72.08
C MET R 114 63.09 39.43 71.09
N VAL R 115 63.59 40.15 70.11
CA VAL R 115 62.76 40.77 69.07
C VAL R 115 63.55 40.76 67.77
N VAL R 116 62.85 40.49 66.67
CA VAL R 116 63.50 40.43 65.37
C VAL R 116 63.18 41.70 64.60
N PRO R 117 64.08 42.68 64.56
CA PRO R 117 63.75 43.94 63.89
C PRO R 117 63.59 43.80 62.40
N ALA R 118 64.13 42.76 61.79
CA ALA R 118 63.95 42.55 60.36
C ALA R 118 62.55 42.08 60.03
N ALA R 119 61.75 41.73 61.02
CA ALA R 119 60.41 41.22 60.78
C ALA R 119 59.40 42.01 61.58
N LEU R 120 59.65 43.30 61.76
CA LEU R 120 58.89 44.13 62.68
C LEU R 120 58.05 45.10 61.89
N LYS R 121 56.78 45.24 62.28
CA LYS R 121 55.84 46.03 61.48
C LYS R 121 56.28 47.47 61.37
N VAL R 122 56.83 48.03 62.45
CA VAL R 122 57.27 49.42 62.44
C VAL R 122 58.39 49.65 61.44
N VAL R 123 59.03 48.59 60.96
CA VAL R 123 60.14 48.71 60.02
C VAL R 123 59.73 48.30 58.62
N ARG R 124 58.99 47.22 58.48
CA ARG R 124 58.74 46.61 57.18
C ARG R 124 57.50 47.15 56.47
N LEU R 125 56.74 48.04 57.08
CA LEU R 125 55.54 48.54 56.45
C LEU R 125 55.56 50.06 56.42
N LYS R 126 55.03 50.61 55.35
CA LYS R 126 54.83 52.04 55.32
C LYS R 126 53.74 52.42 56.31
N PRO R 127 53.87 53.56 57.00
CA PRO R 127 52.93 53.88 58.07
C PRO R 127 51.50 54.10 57.57
N THR R 128 51.27 54.21 56.28
CA THR R 128 49.93 54.42 55.76
C THR R 128 49.22 53.13 55.39
N ARG R 129 49.93 52.01 55.37
CA ARG R 129 49.28 50.74 55.05
C ARG R 129 48.46 50.25 56.23
N LYS R 130 47.45 49.45 55.93
CA LYS R 130 46.61 48.85 56.95
C LYS R 130 47.10 47.44 57.25
N PHE R 131 46.88 47.01 58.49
CA PHE R 131 47.30 45.69 58.92
C PHE R 131 46.24 45.08 59.81
N ALA R 132 46.40 43.79 60.10
CA ALA R 132 45.43 43.04 60.86
C ALA R 132 46.12 42.30 62.00
N TYR R 133 45.56 42.42 63.20
CA TYR R 133 46.09 41.68 64.34
C TYR R 133 45.68 40.22 64.23
N LEU R 134 46.65 39.32 64.39
CA LEU R 134 46.34 37.91 64.33
C LEU R 134 45.38 37.50 65.43
N GLY R 135 45.45 38.18 66.57
CA GLY R 135 44.54 37.86 67.66
C GLY R 135 43.09 38.09 67.29
N ARG R 136 42.78 39.26 66.77
CA ARG R 136 41.41 39.56 66.39
C ARG R 136 40.95 38.67 65.25
N LEU R 137 41.82 38.49 64.25
CA LEU R 137 41.47 37.64 63.12
C LEU R 137 41.16 36.22 63.56
N ALA R 138 41.92 35.69 64.51
CA ALA R 138 41.66 34.34 64.98
C ALA R 138 40.38 34.27 65.78
N HIS R 139 40.08 35.31 66.55
CA HIS R 139 38.87 35.31 67.35
C HIS R 139 37.62 35.25 66.48
N GLU R 140 37.62 35.97 65.37
CA GLU R 140 36.46 36.03 64.50
C GLU R 140 36.41 34.88 63.52
N VAL R 141 37.20 33.83 63.73
CA VAL R 141 37.19 32.71 62.81
C VAL R 141 37.13 31.41 63.60
N GLY R 142 36.96 31.52 64.91
CA GLY R 142 36.72 30.31 65.68
C GLY R 142 37.40 30.23 67.03
N TRP R 143 38.48 30.96 67.21
CA TRP R 143 39.21 30.92 68.47
C TRP R 143 38.32 31.37 69.62
N LYS R 144 38.29 30.56 70.68
CA LYS R 144 37.34 30.77 71.77
C LYS R 144 37.96 31.44 72.98
N TYR R 145 39.28 31.48 73.08
CA TYR R 145 39.93 31.86 74.31
C TYR R 145 40.62 33.20 74.19
N GLN R 146 40.03 34.11 73.41
CA GLN R 146 40.58 35.46 73.37
C GLN R 146 40.29 36.21 74.65
N ALA R 147 39.05 36.11 75.15
CA ALA R 147 38.66 36.87 76.33
C ALA R 147 39.48 36.46 77.55
N VAL R 148 39.70 35.16 77.74
CA VAL R 148 40.43 34.70 78.91
C VAL R 148 41.90 35.09 78.81
N THR R 149 42.53 34.79 77.66
CA THR R 149 43.96 35.09 77.52
C THR R 149 44.20 36.59 77.58
N ALA R 150 43.18 37.40 77.32
CA ALA R 150 43.31 38.83 77.55
C ALA R 150 43.37 39.13 79.04
N THR R 151 42.58 38.43 79.84
CA THR R 151 42.59 38.67 81.28
C THR R 151 43.82 38.08 81.93
N LEU R 152 44.23 36.89 81.50
CA LEU R 152 45.45 36.31 82.05
C LEU R 152 46.66 37.14 81.69
N GLU R 153 46.74 37.62 80.45
CA GLU R 153 47.85 38.47 80.07
C GLU R 153 47.80 39.79 80.81
N GLU R 154 46.62 40.26 81.16
CA GLU R 154 46.52 41.49 81.94
C GLU R 154 47.06 41.29 83.35
N LYS R 155 46.87 40.09 83.91
CA LYS R 155 47.40 39.81 85.24
C LYS R 155 48.91 39.93 85.26
N ARG R 156 49.60 39.27 84.33
CA ARG R 156 51.06 39.28 84.35
C ARG R 156 51.63 40.62 83.95
N LYS R 157 50.85 41.50 83.33
CA LYS R 157 51.35 42.81 82.97
C LYS R 157 51.60 43.65 84.22
N GLU R 158 50.64 43.67 85.14
CA GLU R 158 50.89 44.37 86.40
C GLU R 158 51.76 43.56 87.34
N LYS R 159 51.85 42.24 87.15
CA LYS R 159 52.79 41.47 87.94
C LYS R 159 54.22 41.75 87.51
N ALA R 160 54.42 42.18 86.27
CA ALA R 160 55.73 42.61 85.81
C ALA R 160 56.00 44.06 86.14
N LYS R 161 54.97 44.90 86.15
CA LYS R 161 55.14 46.29 86.54
C LYS R 161 55.62 46.39 87.99
N ILE R 162 55.16 45.48 88.85
CA ILE R 162 55.69 45.42 90.21
C ILE R 162 57.18 45.13 90.18
N HIS R 163 57.59 44.13 89.40
CA HIS R 163 58.99 43.75 89.34
C HIS R 163 59.84 44.87 88.76
N TYR R 164 59.34 45.53 87.71
CA TYR R 164 60.08 46.61 87.09
C TYR R 164 60.30 47.77 88.03
N ARG R 165 59.21 48.24 88.66
CA ARG R 165 59.33 49.29 89.66
C ARG R 165 60.25 48.87 90.78
N LYS R 166 60.29 47.57 91.09
CA LYS R 166 61.24 47.04 92.06
C LYS R 166 62.65 47.05 91.51
N LYS R 167 62.80 47.01 90.19
CA LYS R 167 64.12 46.93 89.58
C LYS R 167 64.74 48.30 89.39
N LYS R 168 63.93 49.31 89.09
CA LYS R 168 64.45 50.67 89.00
C LYS R 168 64.99 51.13 90.34
N GLN R 169 64.17 51.03 91.39
CA GLN R 169 64.62 51.40 92.72
C GLN R 169 65.79 50.54 93.16
N LEU R 170 65.89 49.32 92.63
CA LEU R 170 67.02 48.46 92.98
C LEU R 170 68.32 49.03 92.45
N MET R 171 68.33 49.47 91.20
CA MET R 171 69.55 50.05 90.65
C MET R 171 69.60 51.56 90.80
N ARG R 172 68.53 52.18 91.28
CA ARG R 172 68.65 53.56 91.73
C ARG R 172 69.53 53.64 92.95
N LEU R 173 69.53 52.60 93.77
CA LEU R 173 70.51 52.45 94.83
C LEU R 173 71.91 52.24 94.27
N ARG R 174 72.02 51.55 93.13
CA ARG R 174 73.32 51.33 92.54
C ARG R 174 73.93 52.64 92.07
N LYS R 175 73.16 53.43 91.34
CA LYS R 175 73.66 54.73 90.89
C LYS R 175 73.97 55.64 92.07
N GLN R 176 73.24 55.48 93.17
CA GLN R 176 73.57 56.19 94.40
C GLN R 176 74.81 55.64 95.07
N ALA R 177 75.24 54.42 94.71
CA ALA R 177 76.40 53.84 95.37
C ALA R 177 77.68 54.50 94.93
N GLU R 178 77.87 54.67 93.62
CA GLU R 178 79.14 55.22 93.12
C GLU R 178 79.43 56.57 93.73
N LYS R 179 78.44 57.45 93.77
CA LYS R 179 78.66 58.76 94.36
C LYS R 179 78.81 58.70 95.87
N ASN R 180 78.81 57.50 96.45
CA ASN R 180 79.26 57.30 97.83
C ASN R 180 80.60 56.60 97.88
N VAL R 181 81.07 56.05 96.76
CA VAL R 181 82.21 55.15 96.73
C VAL R 181 83.24 55.69 95.73
N GLU R 182 82.92 56.86 95.16
CA GLU R 182 83.73 57.39 94.07
C GLU R 182 85.19 57.60 94.48
N LYS R 183 85.44 57.77 95.78
CA LYS R 183 86.81 58.04 96.22
C LYS R 183 87.63 56.76 96.35
N LYS R 184 86.99 55.60 96.43
CA LYS R 184 87.73 54.36 96.61
C LYS R 184 87.59 53.39 95.45
N ILE R 185 86.95 53.80 94.35
CA ILE R 185 86.97 53.06 93.11
C ILE R 185 87.50 53.91 91.96
N SER R 186 88.04 55.08 92.25
CA SER R 186 88.54 55.96 91.20
C SER R 186 89.65 55.29 90.41
N LYS R 187 90.53 54.57 91.10
CA LYS R 187 91.61 53.87 90.43
C LYS R 187 91.12 52.68 89.60
N PHE R 188 89.83 52.36 89.66
CA PHE R 188 89.27 51.30 88.85
C PHE R 188 88.38 51.80 87.72
N THR R 189 87.77 52.97 87.85
CA THR R 189 86.94 53.49 86.77
C THR R 189 87.80 54.03 85.63
N ASP R 190 88.88 54.73 85.97
CA ASP R 190 89.77 55.25 84.94
C ASP R 190 90.34 54.14 84.07
N VAL R 191 90.52 52.95 84.65
CA VAL R 191 90.91 51.81 83.84
C VAL R 191 89.78 51.38 82.92
N LEU R 192 88.54 51.58 83.31
CA LEU R 192 87.42 51.25 82.45
C LEU R 192 87.09 52.35 81.47
N LYS R 193 87.50 53.59 81.74
CA LYS R 193 87.39 54.67 80.78
C LYS R 193 88.56 54.71 79.81
N THR R 194 89.73 54.23 80.24
CA THR R 194 90.86 54.15 79.34
C THR R 194 90.58 53.24 78.17
N HIS R 195 89.77 52.20 78.38
CA HIS R 195 89.43 51.26 77.33
C HIS R 195 87.98 51.38 76.90
N GLY R 196 87.31 52.47 77.25
CA GLY R 196 85.98 52.73 76.77
C GLY R 196 84.95 51.72 77.25
N LEU R 197 84.65 51.75 78.55
CA LEU R 197 83.60 50.89 79.08
C LEU R 197 82.63 51.73 79.90
N LEU R 198 83.09 52.88 80.37
CA LEU R 198 82.26 53.76 81.17
C LEU R 198 82.06 55.13 80.55
N VAL R 199 82.74 55.44 79.46
CA VAL R 199 82.59 56.76 78.84
C VAL R 199 81.31 56.81 78.03
N VAL S 1 66.99 -38.37 65.29
CA VAL S 1 67.29 -37.77 64.00
C VAL S 1 67.79 -36.35 64.17
N ARG S 2 67.73 -35.59 63.08
CA ARG S 2 68.26 -34.23 63.06
C ARG S 2 67.16 -33.26 63.50
N TYR S 3 67.32 -32.68 64.68
CA TYR S 3 66.38 -31.68 65.17
C TYR S 3 66.80 -30.29 64.72
N SER S 4 65.82 -29.41 64.60
CA SER S 4 66.08 -28.05 64.15
C SER S 4 66.97 -27.28 65.12
N LEU S 5 66.98 -27.66 66.38
CA LEU S 5 67.74 -26.93 67.39
C LEU S 5 68.27 -27.92 68.40
N ASP S 6 69.54 -27.79 68.73
CA ASP S 6 70.09 -28.77 69.66
C ASP S 6 70.14 -28.19 71.06
N PRO S 7 69.75 -28.96 72.08
CA PRO S 7 69.76 -28.45 73.44
C PRO S 7 71.17 -28.17 73.91
N GLU S 8 71.32 -27.09 74.68
CA GLU S 8 72.63 -26.68 75.16
C GLU S 8 73.24 -27.74 76.06
N ASN S 9 72.42 -28.37 76.90
CA ASN S 9 72.87 -29.44 77.79
C ASN S 9 71.94 -30.63 77.60
N PRO S 10 72.30 -31.55 76.71
CA PRO S 10 71.40 -32.68 76.39
C PRO S 10 71.15 -33.58 77.58
N THR S 11 72.02 -33.48 78.59
CA THR S 11 71.86 -34.28 79.78
C THR S 11 70.65 -33.82 80.59
N LYS S 12 70.25 -32.56 80.44
CA LYS S 12 69.14 -31.98 81.19
C LYS S 12 67.92 -31.75 80.30
N SER S 13 67.73 -32.54 79.25
CA SER S 13 66.68 -32.27 78.30
C SER S 13 66.20 -33.55 77.64
N CYS S 14 64.95 -33.52 77.20
CA CYS S 14 64.34 -34.63 76.48
C CYS S 14 63.59 -34.08 75.27
N LYS S 15 63.45 -34.90 74.23
CA LYS S 15 62.82 -34.48 73.00
C LYS S 15 61.60 -35.35 72.72
N SER S 16 60.83 -34.91 71.72
CA SER S 16 59.73 -35.68 71.18
C SER S 16 59.36 -35.16 69.81
N ARG S 17 59.08 -36.04 68.86
CA ARG S 17 58.87 -35.68 67.48
C ARG S 17 57.60 -36.34 66.97
N GLY S 18 56.92 -35.65 66.05
CA GLY S 18 55.80 -36.23 65.35
C GLY S 18 55.84 -35.91 63.87
N SER S 19 55.56 -36.90 63.02
CA SER S 19 55.63 -36.72 61.59
C SER S 19 54.30 -37.05 60.94
N ASN S 20 53.93 -36.25 59.94
CA ASN S 20 52.74 -36.46 59.13
C ASN S 20 51.49 -36.59 59.99
N LEU S 21 51.33 -35.66 60.93
CA LEU S 21 50.18 -35.63 61.80
C LEU S 21 49.04 -34.95 61.07
N ARG S 22 47.96 -35.68 60.85
CA ARG S 22 46.83 -35.15 60.09
C ARG S 22 46.06 -34.17 60.98
N VAL S 23 46.63 -32.98 61.12
CA VAL S 23 46.02 -31.90 61.87
C VAL S 23 46.44 -30.59 61.21
N HIS S 24 45.54 -29.62 61.19
CA HIS S 24 45.77 -28.39 60.47
C HIS S 24 47.02 -27.69 60.94
N PHE S 25 47.90 -27.38 59.98
CA PHE S 25 49.16 -26.72 60.30
C PHE S 25 48.92 -25.36 60.92
N LYS S 26 48.06 -24.55 60.30
CA LYS S 26 47.84 -23.18 60.76
C LYS S 26 47.28 -23.16 62.16
N ASN S 27 46.37 -24.08 62.48
CA ASN S 27 45.85 -24.14 63.84
C ASN S 27 46.91 -24.61 64.82
N THR S 28 47.79 -25.51 64.38
CA THR S 28 48.76 -26.07 65.29
C THR S 28 49.91 -25.12 65.55
N ARG S 29 50.30 -24.34 64.55
CA ARG S 29 51.37 -23.37 64.76
C ARG S 29 50.94 -22.32 65.78
N GLU S 30 49.67 -21.97 65.80
CA GLU S 30 49.19 -20.96 66.74
C GLU S 30 49.13 -21.53 68.14
N THR S 31 48.65 -22.75 68.30
CA THR S 31 48.58 -23.33 69.63
C THR S 31 49.96 -23.69 70.15
N ALA S 32 50.92 -23.91 69.26
CA ALA S 32 52.28 -24.20 69.70
C ALA S 32 52.97 -22.94 70.18
N GLN S 33 52.69 -21.81 69.55
CA GLN S 33 53.30 -20.56 69.96
C GLN S 33 52.83 -20.11 71.33
N ALA S 34 51.60 -20.44 71.71
CA ALA S 34 51.11 -20.09 73.04
C ALA S 34 51.67 -20.99 74.12
N ILE S 35 52.00 -22.23 73.78
CA ILE S 35 52.49 -23.20 74.74
C ILE S 35 53.99 -23.10 74.94
N LYS S 36 54.65 -22.15 74.27
CA LYS S 36 56.08 -22.24 74.05
C LYS S 36 56.87 -22.15 75.34
N GLY S 37 56.79 -21.03 76.04
CA GLY S 37 57.69 -20.85 77.16
C GLY S 37 57.21 -21.40 78.49
N MET S 38 55.99 -21.91 78.56
CA MET S 38 55.42 -22.19 79.86
C MET S 38 55.88 -23.54 80.40
N HIS S 39 55.81 -23.65 81.73
CA HIS S 39 56.14 -24.89 82.42
C HIS S 39 55.22 -26.01 81.96
N ILE S 40 55.71 -27.24 82.08
CA ILE S 40 55.02 -28.37 81.46
C ILE S 40 53.68 -28.62 82.15
N ARG S 41 53.65 -28.54 83.47
CA ARG S 41 52.38 -28.73 84.16
C ARG S 41 51.41 -27.60 83.85
N LYS S 42 51.91 -26.39 83.67
CA LYS S 42 51.08 -25.30 83.21
C LYS S 42 50.63 -25.52 81.78
N ALA S 43 51.41 -26.24 80.98
CA ALA S 43 51.03 -26.49 79.60
C ALA S 43 49.85 -27.44 79.51
N THR S 44 49.96 -28.61 80.15
CA THR S 44 48.89 -29.59 80.09
C THR S 44 47.58 -29.01 80.62
N LYS S 45 47.66 -28.25 81.70
CA LYS S 45 46.45 -27.64 82.24
C LYS S 45 45.86 -26.64 81.25
N TYR S 46 46.71 -25.91 80.55
CA TYR S 46 46.23 -24.95 79.56
C TYR S 46 45.59 -25.66 78.39
N LEU S 47 46.28 -26.66 77.84
CA LEU S 47 45.77 -27.37 76.68
C LEU S 47 44.45 -28.07 76.99
N LYS S 48 44.28 -28.53 78.22
CA LYS S 48 43.01 -29.14 78.57
C LYS S 48 41.88 -28.12 78.61
N ASP S 49 42.20 -26.87 78.97
CA ASP S 49 41.19 -25.82 78.97
C ASP S 49 40.82 -25.38 77.57
N VAL S 50 41.75 -25.47 76.62
CA VAL S 50 41.43 -25.13 75.25
C VAL S 50 40.38 -26.10 74.72
N THR S 51 40.46 -27.37 75.11
CA THR S 51 39.44 -28.33 74.70
C THR S 51 38.11 -28.08 75.37
N LEU S 52 38.09 -27.40 76.51
CA LEU S 52 36.86 -27.08 77.20
C LEU S 52 36.40 -25.65 76.97
N LYS S 53 37.13 -24.88 76.16
CA LYS S 53 36.80 -23.49 75.84
C LYS S 53 36.78 -22.62 77.09
N LYS S 54 37.68 -22.90 78.03
CA LYS S 54 37.88 -22.03 79.17
C LYS S 54 39.09 -21.13 79.00
N GLN S 55 39.92 -21.39 78.00
CA GLN S 55 41.05 -20.54 77.67
C GLN S 55 41.29 -20.68 76.17
N CYS S 56 41.56 -19.57 75.51
CA CYS S 56 41.66 -19.57 74.06
C CYS S 56 43.12 -19.59 73.62
N VAL S 57 43.30 -19.76 72.32
CA VAL S 57 44.60 -19.70 71.68
C VAL S 57 44.62 -18.43 70.82
N PRO S 58 45.45 -17.45 71.13
CA PRO S 58 45.49 -16.22 70.33
C PRO S 58 46.05 -16.49 68.95
N PHE S 59 45.26 -16.20 67.92
CA PHE S 59 45.67 -16.42 66.54
C PHE S 59 46.38 -15.15 66.07
N ARG S 60 47.71 -15.17 66.17
CA ARG S 60 48.52 -14.00 65.88
C ARG S 60 48.76 -13.81 64.40
N ARG S 61 49.32 -14.83 63.74
CA ARG S 61 49.72 -14.67 62.35
C ARG S 61 48.59 -15.08 61.41
N TYR S 62 48.08 -16.29 61.57
CA TYR S 62 47.02 -16.80 60.71
C TYR S 62 45.68 -16.43 61.34
N ASN S 63 45.27 -15.19 61.11
CA ASN S 63 44.09 -14.64 61.76
C ASN S 63 43.07 -14.07 60.80
N GLY S 64 43.23 -14.28 59.50
CA GLY S 64 42.28 -13.74 58.56
C GLY S 64 40.94 -14.42 58.69
N GLY S 65 39.92 -13.66 59.10
CA GLY S 65 38.61 -14.21 59.31
C GLY S 65 38.36 -14.80 60.68
N VAL S 66 39.42 -15.02 61.46
CA VAL S 66 39.25 -15.59 62.79
C VAL S 66 38.50 -14.60 63.68
N GLY S 67 37.48 -15.10 64.36
CA GLY S 67 36.61 -14.22 65.11
C GLY S 67 37.26 -13.73 66.39
N ARG S 68 36.59 -12.77 67.02
CA ARG S 68 37.05 -12.18 68.25
C ARG S 68 36.43 -12.89 69.44
N CYS S 69 37.20 -13.06 70.49
CA CYS S 69 36.71 -13.70 71.71
C CYS S 69 37.10 -12.85 72.90
N ALA S 70 36.42 -13.08 74.02
CA ALA S 70 36.70 -12.33 75.23
C ALA S 70 37.90 -12.87 75.98
N GLN S 71 38.29 -14.10 75.73
CA GLN S 71 39.43 -14.68 76.43
C GLN S 71 40.76 -14.31 75.81
N ALA S 72 40.76 -13.71 74.63
CA ALA S 72 42.01 -13.29 74.01
C ALA S 72 42.63 -12.09 74.71
N LYS S 73 41.88 -11.41 75.56
CA LYS S 73 42.45 -10.28 76.28
C LYS S 73 43.53 -10.70 77.27
N GLN S 74 43.54 -11.97 77.67
CA GLN S 74 44.60 -12.46 78.53
C GLN S 74 45.94 -12.52 77.82
N TRP S 75 45.96 -12.47 76.50
CA TRP S 75 47.19 -12.50 75.72
C TRP S 75 47.51 -11.14 75.11
N GLY S 76 46.77 -10.09 75.46
CA GLY S 76 46.96 -8.82 74.81
C GLY S 76 46.62 -8.88 73.34
N TRP S 77 45.57 -9.62 72.99
CA TRP S 77 45.17 -9.81 71.62
C TRP S 77 43.66 -9.72 71.53
N THR S 78 43.14 -9.69 70.32
CA THR S 78 41.70 -9.61 70.11
C THR S 78 41.10 -10.89 69.55
N GLN S 79 41.82 -11.58 68.66
CA GLN S 79 41.28 -12.77 68.02
C GLN S 79 41.81 -14.02 68.70
N GLY S 80 40.92 -14.97 68.94
CA GLY S 80 41.31 -16.24 69.51
C GLY S 80 40.32 -17.31 69.11
N ARG S 81 40.76 -18.55 69.28
CA ARG S 81 39.93 -19.71 68.98
C ARG S 81 40.32 -20.81 69.94
N TRP S 82 39.59 -21.92 69.87
CA TRP S 82 39.81 -23.06 70.75
C TRP S 82 40.03 -24.30 69.90
N PRO S 83 41.19 -24.42 69.28
CA PRO S 83 41.41 -25.57 68.40
C PRO S 83 41.51 -26.87 69.18
N LYS S 84 40.44 -27.66 69.14
CA LYS S 84 40.34 -28.87 69.93
C LYS S 84 41.32 -29.94 69.46
N LYS S 85 41.26 -30.29 68.18
CA LYS S 85 42.15 -31.33 67.66
C LYS S 85 43.60 -30.94 67.81
N SER S 86 43.93 -29.69 67.49
CA SER S 86 45.31 -29.26 67.51
C SER S 86 45.86 -29.31 68.92
N ALA S 87 45.01 -29.00 69.91
CA ALA S 87 45.44 -29.09 71.29
C ALA S 87 45.65 -30.53 71.72
N GLU S 88 44.80 -31.46 71.28
CA GLU S 88 44.88 -32.82 71.80
C GLU S 88 45.99 -33.62 71.13
N PHE S 89 46.37 -33.24 69.91
CA PHE S 89 47.56 -33.82 69.31
C PHE S 89 48.80 -33.50 70.13
N LEU S 90 49.11 -32.23 70.28
CA LEU S 90 50.31 -31.95 71.05
C LEU S 90 50.06 -32.01 72.54
N LEU S 91 48.88 -32.42 72.98
CA LEU S 91 48.71 -32.90 74.34
C LEU S 91 49.23 -34.31 74.51
N HIS S 92 49.17 -35.10 73.43
CA HIS S 92 49.80 -36.41 73.43
C HIS S 92 51.31 -36.31 73.32
N MET S 93 51.82 -35.35 72.57
CA MET S 93 53.26 -35.25 72.40
C MET S 93 53.92 -34.82 73.69
N LEU S 94 53.26 -33.96 74.48
CA LEU S 94 53.74 -33.71 75.83
C LEU S 94 53.73 -34.99 76.66
N LYS S 95 52.67 -35.79 76.52
CA LYS S 95 52.62 -37.05 77.25
C LYS S 95 53.77 -37.96 76.86
N ASN S 96 54.11 -37.98 75.58
CA ASN S 96 55.23 -38.79 75.11
C ASN S 96 56.56 -38.19 75.54
N ALA S 97 56.63 -36.85 75.58
CA ALA S 97 57.89 -36.21 75.94
C ALA S 97 58.23 -36.42 77.40
N GLU S 98 57.28 -36.17 78.29
CA GLU S 98 57.57 -36.36 79.71
C GLU S 98 57.78 -37.84 80.02
N SER S 99 57.22 -38.72 79.20
CA SER S 99 57.54 -40.13 79.32
C SER S 99 59.02 -40.39 79.03
N ASN S 100 59.60 -39.63 78.11
CA ASN S 100 61.03 -39.74 77.87
C ASN S 100 61.85 -39.19 79.03
N ALA S 101 61.34 -38.16 79.71
CA ALA S 101 62.05 -37.65 80.87
C ALA S 101 62.07 -38.67 81.99
N GLU S 102 60.95 -39.37 82.19
CA GLU S 102 60.93 -40.48 83.13
C GLU S 102 61.95 -41.54 82.78
N LEU S 103 62.06 -41.89 81.50
CA LEU S 103 63.03 -42.91 81.10
C LEU S 103 64.45 -42.41 81.23
N LYS S 104 64.71 -41.16 80.88
CA LYS S 104 66.03 -40.59 81.03
C LYS S 104 66.35 -40.27 82.48
N GLY S 105 65.34 -40.20 83.35
CA GLY S 105 65.59 -39.99 84.75
C GLY S 105 65.64 -38.52 85.11
N LEU S 106 64.68 -37.76 84.62
CA LEU S 106 64.63 -36.33 84.84
C LEU S 106 63.53 -35.96 85.82
N ASP S 107 63.70 -34.83 86.49
CA ASP S 107 62.67 -34.31 87.38
C ASP S 107 61.59 -33.66 86.52
N VAL S 108 60.47 -34.37 86.36
CA VAL S 108 59.45 -33.99 85.38
C VAL S 108 58.78 -32.68 85.78
N ASP S 109 58.64 -32.43 87.07
CA ASP S 109 57.96 -31.23 87.52
C ASP S 109 58.88 -30.02 87.52
N SER S 110 59.98 -30.09 86.77
CA SER S 110 60.79 -28.91 86.54
C SER S 110 61.07 -28.72 85.05
N LEU S 111 60.39 -29.44 84.17
CA LEU S 111 60.60 -29.30 82.74
C LEU S 111 59.91 -28.05 82.23
N VAL S 112 60.55 -27.39 81.27
CA VAL S 112 60.00 -26.20 80.65
C VAL S 112 60.19 -26.36 79.15
N ILE S 113 59.10 -26.30 78.39
CA ILE S 113 59.20 -26.25 76.95
C ILE S 113 60.01 -25.02 76.56
N GLU S 114 61.05 -25.22 75.76
CA GLU S 114 61.77 -24.07 75.25
C GLU S 114 61.94 -24.08 73.75
N HIS S 115 61.79 -25.24 73.11
CA HIS S 115 61.77 -25.30 71.67
C HIS S 115 60.57 -26.13 71.23
N ILE S 116 59.73 -25.53 70.41
CA ILE S 116 58.57 -26.21 69.85
C ILE S 116 58.41 -25.71 68.43
N GLN S 117 58.46 -26.61 67.47
CA GLN S 117 58.46 -26.24 66.07
C GLN S 117 57.41 -27.03 65.32
N VAL S 118 56.71 -26.35 64.42
CA VAL S 118 55.67 -26.96 63.60
C VAL S 118 56.02 -26.70 62.15
N ASN S 119 56.32 -27.76 61.41
CA ASN S 119 56.63 -27.66 59.99
C ASN S 119 55.49 -28.26 59.18
N LYS S 120 55.40 -27.85 57.93
CA LYS S 120 54.40 -28.43 57.03
C LYS S 120 54.85 -29.80 56.57
N ALA S 121 53.91 -30.69 56.40
CA ALA S 121 54.13 -32.03 55.87
C ALA S 121 53.69 -32.09 54.42
N PRO S 122 54.02 -33.16 53.70
CA PRO S 122 53.48 -33.33 52.35
C PRO S 122 51.97 -33.36 52.36
N LYS S 123 51.38 -32.68 51.38
CA LYS S 123 49.93 -32.52 51.35
C LYS S 123 49.25 -33.75 50.76
N MET S 124 48.07 -34.07 51.29
CA MET S 124 47.28 -35.17 50.78
C MET S 124 46.34 -34.70 49.68
N ARG S 125 45.84 -35.65 48.90
CA ARG S 125 45.13 -35.38 47.66
C ARG S 125 43.70 -35.90 47.75
N ARG S 126 42.74 -34.99 47.82
CA ARG S 126 41.34 -35.30 47.59
C ARG S 126 40.82 -34.31 46.57
N ARG S 127 39.57 -34.49 46.15
CA ARG S 127 39.04 -33.59 45.15
C ARG S 127 37.58 -33.27 45.45
N THR S 128 37.18 -32.06 45.08
CA THR S 128 35.81 -31.61 45.17
C THR S 128 35.29 -31.32 43.77
N TYR S 129 33.98 -31.22 43.65
CA TYR S 129 33.33 -31.06 42.35
C TYR S 129 32.62 -29.72 42.32
N ARG S 130 32.97 -28.90 41.34
CA ARG S 130 32.46 -27.55 41.20
C ARG S 130 31.48 -27.49 40.05
N ALA S 131 30.92 -26.30 39.84
CA ALA S 131 29.95 -26.10 38.79
C ALA S 131 30.60 -26.28 37.42
N HIS S 132 29.75 -26.50 36.43
CA HIS S 132 30.18 -26.63 35.04
C HIS S 132 31.21 -27.74 34.87
N GLY S 133 31.02 -28.83 35.60
CA GLY S 133 31.82 -30.02 35.43
C GLY S 133 33.31 -29.82 35.62
N ARG S 134 33.69 -29.08 36.65
CA ARG S 134 35.08 -28.88 36.97
C ARG S 134 35.41 -29.62 38.25
N ILE S 135 36.69 -29.88 38.45
CA ILE S 135 37.17 -30.60 39.63
C ILE S 135 38.29 -29.79 40.25
N ASN S 136 38.16 -29.49 41.52
CA ASN S 136 39.16 -28.68 42.18
C ASN S 136 39.85 -29.47 43.28
N PRO S 137 41.10 -29.15 43.59
CA PRO S 137 41.81 -29.90 44.62
C PRO S 137 41.23 -29.62 46.00
N TYR S 138 41.42 -30.58 46.88
CA TYR S 138 40.85 -30.55 48.23
C TYR S 138 41.91 -30.96 49.24
N MET S 139 43.09 -30.34 49.14
CA MET S 139 44.27 -30.74 49.88
C MET S 139 44.12 -30.62 51.38
N SER S 140 44.75 -31.53 52.12
CA SER S 140 44.88 -31.41 53.56
C SER S 140 46.28 -30.90 53.86
N SER S 141 46.41 -30.17 54.94
CA SER S 141 47.71 -29.63 55.27
C SER S 141 48.17 -30.19 56.61
N PRO S 142 48.73 -31.40 56.62
CA PRO S 142 49.21 -31.97 57.88
C PRO S 142 50.50 -31.30 58.32
N CYS S 143 51.11 -31.74 59.40
CA CYS S 143 52.27 -31.03 59.91
C CYS S 143 53.22 -31.99 60.61
N HIS S 144 54.48 -31.58 60.68
CA HIS S 144 55.48 -32.21 61.53
C HIS S 144 55.63 -31.36 62.78
N ILE S 145 55.63 -31.99 63.94
CA ILE S 145 55.84 -31.30 65.20
C ILE S 145 57.01 -31.95 65.91
N GLU S 146 57.94 -31.13 66.39
CA GLU S 146 59.01 -31.61 67.23
C GLU S 146 59.29 -30.58 68.31
N MET S 147 59.31 -31.04 69.56
CA MET S 147 59.49 -30.17 70.71
C MET S 147 60.65 -30.67 71.56
N ILE S 148 61.15 -29.80 72.41
CA ILE S 148 62.28 -30.11 73.28
C ILE S 148 62.02 -29.49 74.64
N LEU S 149 61.99 -30.32 75.67
CA LEU S 149 61.82 -29.87 77.04
C LEU S 149 63.16 -29.87 77.75
N THR S 150 63.30 -29.00 78.73
CA THR S 150 64.51 -28.96 79.52
C THR S 150 64.17 -28.69 80.97
N GLU S 151 64.97 -29.26 81.87
CA GLU S 151 64.82 -28.95 83.29
C GLU S 151 65.28 -27.52 83.55
N LYS S 152 64.46 -26.74 84.24
CA LYS S 152 64.87 -25.42 84.68
C LYS S 152 64.28 -25.19 86.06
N GLU S 153 65.15 -25.09 87.06
CA GLU S 153 64.74 -24.89 88.44
C GLU S 153 64.05 -23.55 88.63
N GLY T 1 82.08 19.97 24.49
CA GLY T 1 81.68 19.41 23.22
C GLY T 1 82.52 19.94 22.09
N VAL T 2 82.84 19.09 21.13
CA VAL T 2 83.69 19.44 20.00
C VAL T 2 82.90 19.20 18.73
N ASP T 3 83.00 20.14 17.80
CA ASP T 3 82.21 20.09 16.56
C ASP T 3 83.03 19.41 15.46
N ILE T 4 83.21 18.11 15.62
CA ILE T 4 83.90 17.28 14.64
C ILE T 4 83.03 16.08 14.30
N ARG T 5 83.52 15.27 13.37
CA ARG T 5 82.86 14.03 12.99
C ARG T 5 83.87 12.89 13.08
N HIS T 6 83.59 11.93 13.93
CA HIS T 6 84.42 10.75 14.07
C HIS T 6 84.07 9.69 13.08
N ASN T 7 83.42 10.07 11.99
CA ASN T 7 82.90 9.11 11.03
C ASN T 7 84.03 8.34 10.36
N LYS T 8 85.13 9.01 10.06
CA LYS T 8 86.21 8.39 9.31
C LYS T 8 87.56 8.79 9.88
N ASP T 9 87.67 8.76 11.20
CA ASP T 9 88.96 8.99 11.83
C ASP T 9 89.77 7.72 11.99
N ARG T 10 89.20 6.57 11.69
CA ARG T 10 89.90 5.30 11.74
C ARG T 10 90.23 4.89 10.31
N LYS T 11 91.46 5.13 9.90
CA LYS T 11 91.87 4.79 8.54
C LYS T 11 91.86 3.28 8.36
N VAL T 12 91.28 2.84 7.24
CA VAL T 12 91.17 1.42 6.94
C VAL T 12 92.34 1.04 6.05
N ARG T 13 93.27 0.27 6.59
CA ARG T 13 94.43 -0.19 5.84
C ARG T 13 95.06 -1.33 6.61
N ARG T 14 95.81 -2.15 5.90
CA ARG T 14 96.47 -3.28 6.52
C ARG T 14 97.71 -2.82 7.25
N LYS T 15 97.87 -3.27 8.50
CA LYS T 15 99.08 -3.03 9.25
C LYS T 15 99.88 -4.28 9.50
N GLU T 16 99.36 -5.44 9.09
CA GLU T 16 100.03 -6.72 9.20
C GLU T 16 99.35 -7.68 8.25
N PRO T 17 100.05 -8.70 7.77
CA PRO T 17 99.38 -9.67 6.89
C PRO T 17 98.36 -10.47 7.67
N LYS T 18 97.18 -10.61 7.09
CA LYS T 18 96.17 -11.47 7.70
C LYS T 18 96.59 -12.92 7.68
N SER T 19 97.57 -13.27 6.86
CA SER T 19 98.07 -14.63 6.82
C SER T 19 98.84 -14.97 8.08
N GLN T 20 98.81 -16.25 8.44
CA GLN T 20 99.62 -16.77 9.53
C GLN T 20 100.82 -17.55 9.01
N ASP T 21 101.16 -17.39 7.74
CA ASP T 21 102.34 -18.03 7.18
C ASP T 21 103.58 -17.48 7.86
N ILE T 22 104.37 -18.37 8.46
CA ILE T 22 105.48 -17.92 9.28
C ILE T 22 106.63 -17.42 8.40
N TYR T 23 106.79 -17.97 7.21
CA TYR T 23 107.84 -17.47 6.32
C TYR T 23 107.49 -16.08 5.81
N LEU T 24 106.22 -15.80 5.60
CA LEU T 24 105.82 -14.45 5.24
C LEU T 24 106.02 -13.51 6.42
N ARG T 25 105.69 -13.95 7.63
CA ARG T 25 105.83 -13.09 8.78
C ARG T 25 107.28 -12.86 9.14
N LEU T 26 108.19 -13.77 8.76
CA LEU T 26 109.60 -13.51 8.95
C LEU T 26 110.07 -12.41 8.01
N LEU T 27 109.61 -12.44 6.76
CA LEU T 27 109.95 -11.38 5.83
C LEU T 27 109.41 -10.04 6.29
N VAL T 28 108.23 -10.05 6.90
CA VAL T 28 107.67 -8.80 7.40
C VAL T 28 108.51 -8.27 8.55
N LYS T 29 109.00 -9.15 9.41
CA LYS T 29 109.92 -8.73 10.46
C LYS T 29 111.16 -8.08 9.87
N LEU T 30 111.64 -8.60 8.74
CA LEU T 30 112.85 -8.07 8.13
C LEU T 30 112.61 -6.69 7.53
N TYR T 31 111.46 -6.50 6.88
CA TYR T 31 111.21 -5.25 6.19
C TYR T 31 110.57 -4.20 7.08
N ARG T 32 109.92 -4.60 8.17
CA ARG T 32 109.55 -3.61 9.17
C ARG T 32 110.77 -2.91 9.71
N PHE T 33 111.86 -3.65 9.87
CA PHE T 33 113.10 -3.05 10.34
C PHE T 33 113.74 -2.18 9.26
N LEU T 34 113.74 -2.66 8.03
CA LEU T 34 114.36 -1.91 6.95
C LEU T 34 113.58 -0.64 6.64
N ALA T 35 112.26 -0.74 6.53
CA ALA T 35 111.46 0.44 6.23
C ALA T 35 111.58 1.48 7.33
N ARG T 36 111.74 1.04 8.58
CA ARG T 36 111.83 1.97 9.68
C ARG T 36 113.17 2.69 9.74
N ARG T 37 114.28 1.97 9.59
CA ARG T 37 115.59 2.54 9.85
C ARG T 37 116.37 2.88 8.59
N THR T 38 115.76 2.81 7.41
CA THR T 38 116.35 3.38 6.22
C THR T 38 115.42 4.45 5.67
N ASN T 39 116.02 5.50 5.12
CA ASN T 39 115.24 6.52 4.45
C ASN T 39 114.76 6.07 3.07
N SER T 40 115.18 4.89 2.63
CA SER T 40 114.76 4.38 1.33
C SER T 40 113.26 4.15 1.32
N THR T 41 112.56 4.94 0.52
CA THR T 41 111.12 4.77 0.36
C THR T 41 110.76 3.54 -0.46
N PHE T 42 111.73 2.90 -1.10
CA PHE T 42 111.47 1.62 -1.76
C PHE T 42 111.00 0.58 -0.77
N ASN T 43 111.67 0.51 0.39
CA ASN T 43 111.32 -0.49 1.38
C ASN T 43 109.91 -0.31 1.90
N GLN T 44 109.42 0.93 1.94
CA GLN T 44 108.06 1.16 2.41
C GLN T 44 107.04 0.68 1.39
N VAL T 45 107.41 0.65 0.11
CA VAL T 45 106.50 0.10 -0.89
C VAL T 45 106.44 -1.40 -0.78
N VAL T 46 107.60 -2.05 -0.65
CA VAL T 46 107.63 -3.50 -0.55
C VAL T 46 106.96 -3.97 0.73
N LEU T 47 107.18 -3.25 1.82
CA LEU T 47 106.53 -3.61 3.07
C LEU T 47 105.03 -3.50 2.96
N LYS T 48 104.55 -2.40 2.38
CA LYS T 48 103.11 -2.19 2.25
C LYS T 48 102.48 -3.25 1.37
N ARG T 49 103.22 -3.79 0.41
CA ARG T 49 102.66 -4.81 -0.46
C ARG T 49 102.71 -6.21 0.14
N LEU T 50 103.60 -6.44 1.11
CA LEU T 50 103.61 -7.74 1.76
C LEU T 50 102.35 -7.98 2.57
N PHE T 51 101.71 -6.91 3.05
CA PHE T 51 100.48 -7.08 3.80
C PHE T 51 99.31 -7.42 2.91
N MET T 52 99.35 -7.00 1.64
CA MET T 52 98.18 -7.02 0.79
C MET T 52 97.65 -8.43 0.59
N SER T 53 96.35 -8.51 0.34
CA SER T 53 95.70 -9.79 0.13
C SER T 53 96.12 -10.39 -1.21
N ARG T 54 95.74 -11.65 -1.41
CA ARG T 54 96.14 -12.36 -2.61
C ARG T 54 95.59 -11.69 -3.86
N THR T 55 94.37 -11.16 -3.80
CA THR T 55 93.79 -10.49 -4.95
C THR T 55 94.39 -9.12 -5.21
N ASN T 56 95.14 -8.57 -4.25
CA ASN T 56 95.78 -7.29 -4.46
C ASN T 56 97.21 -7.42 -4.95
N ARG T 57 97.82 -8.58 -4.81
CA ARG T 57 99.09 -8.81 -5.48
C ARG T 57 98.90 -9.91 -6.52
N PRO T 58 98.44 -9.56 -7.70
CA PRO T 58 98.11 -10.55 -8.71
C PRO T 58 99.37 -11.14 -9.30
N PRO T 59 99.27 -12.25 -10.03
CA PRO T 59 100.47 -12.83 -10.64
C PRO T 59 101.01 -11.95 -11.75
N LEU T 60 102.33 -11.98 -11.90
CA LEU T 60 102.99 -11.26 -12.98
C LEU T 60 103.42 -12.27 -14.03
N SER T 61 102.89 -12.13 -15.23
CA SER T 61 103.28 -13.03 -16.31
C SER T 61 104.76 -12.89 -16.62
N LEU T 62 105.33 -13.94 -17.17
CA LEU T 62 106.73 -13.87 -17.56
C LEU T 62 106.92 -12.95 -18.75
N SER T 63 105.95 -12.90 -19.65
CA SER T 63 106.08 -12.01 -20.80
C SER T 63 105.95 -10.55 -20.39
N ARG T 64 105.14 -10.27 -19.38
CA ARG T 64 104.95 -8.88 -18.96
C ARG T 64 106.21 -8.33 -18.33
N MET T 65 107.02 -9.16 -17.71
CA MET T 65 108.26 -8.65 -17.14
C MET T 65 109.39 -8.66 -18.16
N ILE T 66 109.38 -9.58 -19.11
CA ILE T 66 110.26 -9.47 -20.27
C ILE T 66 110.00 -8.16 -20.98
N ARG T 67 108.73 -7.80 -21.12
CA ARG T 67 108.35 -6.64 -21.89
C ARG T 67 108.68 -5.35 -21.14
N LYS T 68 108.42 -5.32 -19.84
CA LYS T 68 108.73 -4.14 -19.03
C LYS T 68 110.21 -4.06 -18.68
N MET T 69 111.03 -4.97 -19.19
CA MET T 69 112.46 -4.90 -18.99
C MET T 69 113.20 -4.52 -20.26
N LYS T 70 112.56 -4.56 -21.43
CA LYS T 70 113.18 -4.15 -22.67
C LYS T 70 113.16 -2.64 -22.83
N LEU T 71 112.74 -1.92 -21.80
CA LEU T 71 112.65 -0.47 -21.89
C LEU T 71 114.06 0.09 -21.79
N PRO T 72 114.33 1.28 -22.33
CA PRO T 72 115.73 1.72 -22.52
C PRO T 72 116.54 1.88 -21.24
N GLY T 73 116.05 2.65 -20.28
CA GLY T 73 116.85 2.97 -19.10
C GLY T 73 117.00 1.82 -18.14
N ARG T 74 117.32 0.65 -18.67
CA ARG T 74 117.23 -0.63 -17.96
C ARG T 74 118.26 -1.59 -18.51
N GLU T 75 117.96 -2.88 -18.42
CA GLU T 75 118.75 -4.01 -18.92
C GLU T 75 119.84 -4.39 -17.93
N ASN T 76 119.84 -3.79 -16.76
CA ASN T 76 120.81 -4.19 -15.76
C ASN T 76 120.16 -4.33 -14.39
N LYS T 77 119.09 -3.58 -14.18
CA LYS T 77 118.43 -3.54 -12.88
C LYS T 77 117.75 -4.86 -12.56
N THR T 78 117.41 -5.03 -11.29
CA THR T 78 116.73 -6.21 -10.79
C THR T 78 115.22 -6.03 -10.88
N ALA T 79 114.54 -7.12 -11.20
CA ALA T 79 113.08 -7.13 -11.32
C ALA T 79 112.49 -7.64 -10.02
N VAL T 80 111.75 -6.77 -9.33
CA VAL T 80 111.16 -7.09 -8.05
C VAL T 80 109.65 -7.10 -8.20
N VAL T 81 109.02 -8.21 -7.81
CA VAL T 81 107.58 -8.34 -7.80
C VAL T 81 107.17 -9.03 -6.52
N VAL T 82 106.26 -8.41 -5.76
CA VAL T 82 105.87 -8.98 -4.50
C VAL T 82 104.93 -10.17 -4.66
N GLY T 83 104.27 -10.29 -5.80
CA GLY T 83 103.41 -11.43 -6.03
C GLY T 83 104.17 -12.65 -6.51
N THR T 84 103.67 -13.28 -7.56
CA THR T 84 104.26 -14.48 -8.11
C THR T 84 104.53 -14.31 -9.59
N VAL T 85 105.54 -15.02 -10.08
CA VAL T 85 105.92 -14.95 -11.49
C VAL T 85 105.48 -16.22 -12.19
N THR T 86 104.32 -16.16 -12.85
CA THR T 86 103.89 -17.30 -13.65
C THR T 86 104.64 -17.31 -14.97
N ASP T 87 104.65 -18.47 -15.59
CA ASP T 87 105.26 -18.64 -16.89
C ASP T 87 104.27 -18.28 -17.98
N ASP T 88 104.77 -17.73 -19.08
CA ASP T 88 103.97 -17.45 -20.25
C ASP T 88 104.45 -18.34 -21.39
N VAL T 89 103.53 -19.11 -21.96
CA VAL T 89 103.91 -20.02 -23.03
C VAL T 89 103.92 -19.34 -24.38
N ARG T 90 103.23 -18.21 -24.54
CA ARG T 90 103.19 -17.52 -25.82
C ARG T 90 104.39 -16.62 -26.02
N VAL T 91 105.42 -16.73 -25.20
CA VAL T 91 106.68 -16.04 -25.43
C VAL T 91 107.73 -17.08 -25.78
N GLN T 92 108.57 -16.76 -26.76
CA GLN T 92 109.52 -17.74 -27.27
C GLN T 92 110.91 -17.54 -26.69
N GLU T 93 111.40 -16.31 -26.70
CA GLU T 93 112.75 -16.03 -26.24
C GLU T 93 112.74 -15.47 -24.83
N VAL T 94 113.78 -15.82 -24.07
CA VAL T 94 113.91 -15.36 -22.70
C VAL T 94 115.30 -14.79 -22.51
N PRO T 95 115.44 -13.48 -22.33
CA PRO T 95 116.73 -12.91 -21.96
C PRO T 95 117.07 -13.26 -20.52
N LYS T 96 118.34 -13.06 -20.18
CA LYS T 96 118.78 -13.35 -18.82
C LYS T 96 118.27 -12.26 -17.88
N LEU T 97 117.53 -12.68 -16.86
CA LEU T 97 116.89 -11.76 -15.94
C LEU T 97 117.48 -11.92 -14.55
N LYS T 98 117.22 -10.92 -13.71
CA LYS T 98 117.58 -10.94 -12.30
C LYS T 98 116.28 -10.64 -11.56
N VAL T 99 115.65 -11.67 -11.03
CA VAL T 99 114.28 -11.61 -10.55
C VAL T 99 114.25 -11.87 -9.05
N CYS T 100 113.45 -11.10 -8.34
CA CYS T 100 113.21 -11.30 -6.91
C CYS T 100 111.71 -11.33 -6.69
N ALA T 101 111.14 -12.51 -6.48
CA ALA T 101 109.72 -12.68 -6.31
C ALA T 101 109.44 -13.51 -5.07
N LEU T 102 108.21 -13.41 -4.57
CA LEU T 102 107.82 -14.23 -3.44
C LEU T 102 107.67 -15.68 -3.85
N ARG T 103 107.23 -15.93 -5.07
CA ARG T 103 106.89 -17.27 -5.49
C ARG T 103 107.04 -17.35 -7.00
N VAL T 104 107.71 -18.38 -7.48
CA VAL T 104 107.92 -18.58 -8.90
C VAL T 104 107.44 -19.97 -9.26
N THR T 105 106.61 -20.07 -10.30
CA THR T 105 106.09 -21.35 -10.69
C THR T 105 107.18 -22.25 -11.23
N SER T 106 106.89 -23.55 -11.26
CA SER T 106 107.92 -24.53 -11.59
C SER T 106 108.44 -24.34 -13.01
N ARG T 107 107.55 -24.11 -13.97
CA ARG T 107 108.01 -23.97 -15.34
C ARG T 107 108.70 -22.64 -15.57
N ALA T 108 108.40 -21.63 -14.75
CA ALA T 108 109.08 -20.35 -14.92
C ALA T 108 110.51 -20.42 -14.40
N ARG T 109 110.73 -21.12 -13.30
CA ARG T 109 112.09 -21.28 -12.80
C ARG T 109 112.96 -21.98 -13.83
N SER T 110 112.49 -23.12 -14.34
CA SER T 110 113.28 -23.86 -15.31
C SER T 110 113.54 -23.04 -16.56
N ARG T 111 112.61 -22.16 -16.92
CA ARG T 111 112.77 -21.34 -18.11
C ARG T 111 113.65 -20.14 -17.86
N ILE T 112 113.63 -19.57 -16.66
CA ILE T 112 114.45 -18.41 -16.38
C ILE T 112 115.91 -18.83 -16.21
N LEU T 113 116.15 -19.84 -15.39
CA LEU T 113 117.52 -20.28 -15.13
C LEU T 113 118.17 -20.87 -16.37
N LYS T 114 117.36 -21.44 -17.27
CA LYS T 114 117.91 -21.97 -18.52
C LYS T 114 118.57 -20.87 -19.34
N ALA T 115 118.04 -19.65 -19.26
CA ALA T 115 118.55 -18.51 -20.00
C ALA T 115 119.68 -17.80 -19.26
N GLY T 116 120.33 -18.49 -18.33
CA GLY T 116 121.39 -17.84 -17.56
C GLY T 116 120.89 -16.76 -16.64
N GLY T 117 119.63 -16.83 -16.23
CA GLY T 117 119.07 -15.85 -15.33
C GLY T 117 119.41 -16.17 -13.89
N LYS T 118 118.76 -15.45 -12.99
CA LYS T 118 118.99 -15.63 -11.56
C LYS T 118 117.73 -15.24 -10.81
N ILE T 119 117.26 -16.14 -9.95
CA ILE T 119 116.06 -15.92 -9.16
C ILE T 119 116.47 -15.65 -7.73
N LEU T 120 115.99 -14.56 -7.17
CA LEU T 120 116.25 -14.21 -5.79
C LEU T 120 114.97 -14.27 -4.97
N THR T 121 115.15 -14.39 -3.67
CA THR T 121 114.06 -14.24 -2.71
C THR T 121 114.33 -12.99 -1.87
N PHE T 122 113.27 -12.52 -1.20
CA PHE T 122 113.37 -11.22 -0.56
C PHE T 122 114.36 -11.19 0.59
N ASP T 123 114.74 -12.35 1.12
CA ASP T 123 115.82 -12.35 2.11
C ASP T 123 117.17 -12.16 1.45
N GLN T 124 117.31 -12.55 0.18
CA GLN T 124 118.53 -12.29 -0.56
C GLN T 124 118.57 -10.87 -1.10
N LEU T 125 117.42 -10.36 -1.51
CA LEU T 125 117.36 -8.98 -2.01
C LEU T 125 117.83 -8.00 -0.95
N ALA T 126 117.45 -8.23 0.30
CA ALA T 126 117.83 -7.31 1.37
C ALA T 126 119.34 -7.24 1.53
N LEU T 127 120.03 -8.35 1.31
CA LEU T 127 121.48 -8.36 1.42
C LEU T 127 122.13 -7.69 0.21
N ASP T 128 121.61 -7.96 -0.98
CA ASP T 128 122.21 -7.41 -2.18
C ASP T 128 121.89 -5.93 -2.34
N SER T 129 120.65 -5.55 -2.07
CA SER T 129 120.19 -4.17 -2.23
C SER T 129 119.33 -3.80 -1.03
N PRO T 130 119.93 -3.37 0.07
CA PRO T 130 119.13 -3.00 1.24
C PRO T 130 118.19 -1.84 0.99
N LYS T 131 118.65 -0.82 0.27
CA LYS T 131 117.83 0.34 -0.02
C LYS T 131 117.08 0.21 -1.34
N GLY T 132 117.14 -0.96 -1.97
CA GLY T 132 116.43 -1.15 -3.23
C GLY T 132 117.05 -0.42 -4.39
N ARG T 133 118.34 -0.13 -4.34
CA ARG T 133 118.99 0.61 -5.41
C ARG T 133 119.32 -0.30 -6.57
N GLY T 134 118.96 0.13 -7.78
CA GLY T 134 119.18 -0.70 -8.94
C GLY T 134 118.11 -1.74 -9.16
N THR T 135 116.86 -1.42 -8.84
CA THR T 135 115.76 -2.35 -8.96
C THR T 135 114.66 -1.74 -9.80
N VAL T 136 113.80 -2.60 -10.32
CA VAL T 136 112.61 -2.21 -11.06
C VAL T 136 111.44 -2.89 -10.40
N LEU T 137 110.63 -2.12 -9.68
CA LEU T 137 109.50 -2.69 -8.96
C LEU T 137 108.33 -2.84 -9.92
N LEU T 138 107.89 -4.08 -10.13
CA LEU T 138 106.82 -4.38 -11.06
C LEU T 138 105.60 -4.90 -10.31
N SER T 139 104.47 -4.92 -11.00
CA SER T 139 103.23 -5.39 -10.43
C SER T 139 102.40 -6.03 -11.52
N GLY T 140 101.65 -7.05 -11.15
CA GLY T 140 100.77 -7.71 -12.09
C GLY T 140 99.56 -6.86 -12.39
N PRO T 141 98.79 -7.24 -13.38
CA PRO T 141 97.58 -6.47 -13.70
C PRO T 141 96.53 -6.64 -12.62
N ARG T 142 96.32 -5.61 -11.82
CA ARG T 142 95.47 -5.77 -10.65
C ARG T 142 94.01 -5.92 -11.03
N LYS T 143 93.56 -5.19 -12.05
CA LYS T 143 92.18 -5.33 -12.52
C LYS T 143 92.05 -6.37 -13.61
N GLY T 144 92.92 -7.38 -13.61
CA GLY T 144 92.80 -8.46 -14.57
C GLY T 144 91.85 -9.55 -14.18
N ARG T 145 91.36 -9.53 -12.95
CA ARG T 145 90.44 -10.58 -12.51
C ARG T 145 89.12 -10.49 -13.24
N GLU T 146 88.48 -11.64 -13.41
CA GLU T 146 87.23 -11.70 -14.15
C GLU T 146 86.12 -10.95 -13.43
N VAL T 147 86.32 -10.62 -12.17
CA VAL T 147 85.28 -9.98 -11.37
C VAL T 147 85.03 -8.57 -11.87
N TYR T 148 86.08 -7.84 -12.24
CA TYR T 148 85.94 -6.44 -12.58
C TYR T 148 85.12 -6.22 -13.84
N ARG T 149 84.81 -7.26 -14.58
CA ARG T 149 83.90 -7.10 -15.71
C ARG T 149 82.46 -6.93 -15.25
N HIS T 150 82.13 -7.41 -14.07
CA HIS T 150 80.80 -7.25 -13.51
C HIS T 150 80.63 -5.94 -12.77
N PHE T 151 81.70 -5.21 -12.52
CA PHE T 151 81.64 -4.03 -11.70
C PHE T 151 81.29 -2.81 -12.55
N GLY T 152 81.10 -1.68 -11.89
CA GLY T 152 80.75 -0.46 -12.57
C GLY T 152 79.26 -0.22 -12.60
N LYS T 153 78.85 0.61 -13.55
CA LYS T 153 77.43 0.86 -13.73
C LYS T 153 76.72 -0.42 -14.07
N ALA T 154 75.52 -0.59 -13.55
CA ALA T 154 74.77 -1.82 -13.76
C ALA T 154 74.48 -2.00 -15.24
N PRO T 155 74.31 -3.23 -15.70
CA PRO T 155 73.83 -3.43 -17.06
C PRO T 155 72.42 -2.89 -17.20
N GLY T 156 71.84 -2.91 -18.39
CA GLY T 156 70.53 -2.30 -18.53
C GLY T 156 70.55 -0.83 -18.21
N THR T 157 71.69 -0.18 -18.37
CA THR T 157 71.89 1.24 -18.22
C THR T 157 72.55 1.73 -19.49
N PRO T 158 72.17 2.89 -20.00
CA PRO T 158 72.78 3.41 -21.23
C PRO T 158 74.30 3.44 -21.20
N HIS T 159 74.91 2.74 -22.15
CA HIS T 159 76.36 2.70 -22.32
C HIS T 159 77.05 2.29 -21.03
N SER T 160 76.75 1.07 -20.62
CA SER T 160 77.19 0.51 -19.35
C SER T 160 77.72 -0.89 -19.61
N HIS T 161 78.67 -1.03 -20.51
CA HIS T 161 79.01 -2.33 -21.07
C HIS T 161 79.61 -3.18 -19.95
N THR T 162 78.73 -3.70 -19.11
CA THR T 162 79.06 -4.41 -17.89
C THR T 162 78.50 -5.82 -18.00
N LYS T 163 79.34 -6.81 -17.75
CA LYS T 163 78.91 -8.18 -17.91
C LYS T 163 77.90 -8.55 -16.83
N PRO T 164 76.74 -9.05 -17.20
CA PRO T 164 75.74 -9.44 -16.20
C PRO T 164 76.06 -10.79 -15.59
N TYR T 165 75.30 -11.12 -14.55
CA TYR T 165 75.43 -12.42 -13.86
C TYR T 165 74.37 -13.34 -14.42
N VAL T 166 74.78 -14.27 -15.28
CA VAL T 166 73.86 -15.24 -15.87
C VAL T 166 74.39 -16.63 -15.57
N ARG T 167 73.46 -17.57 -15.35
CA ARG T 167 73.87 -18.92 -15.01
C ARG T 167 74.42 -19.67 -16.21
N SER T 168 74.10 -19.23 -17.42
CA SER T 168 74.63 -19.81 -18.64
C SER T 168 74.35 -18.85 -19.77
N LYS T 169 75.20 -18.86 -20.78
CA LYS T 169 75.03 -17.98 -21.93
C LYS T 169 74.48 -18.77 -23.10
N GLY T 170 73.54 -18.16 -23.82
CA GLY T 170 72.88 -18.80 -24.92
C GLY T 170 71.83 -17.87 -25.47
N ARG T 171 71.11 -18.33 -26.49
CA ARG T 171 70.16 -17.46 -27.15
C ARG T 171 68.98 -17.11 -26.25
N LYS T 172 68.71 -17.89 -25.22
CA LYS T 172 67.56 -17.64 -24.37
C LYS T 172 67.98 -17.36 -22.94
N PHE T 173 69.05 -16.59 -22.76
CA PHE T 173 69.50 -16.15 -21.45
C PHE T 173 69.88 -14.68 -21.59
N GLU T 174 68.90 -13.81 -21.35
CA GLU T 174 69.10 -12.36 -21.37
C GLU T 174 69.58 -11.87 -22.73
N ARG T 175 68.85 -12.28 -23.78
CA ARG T 175 69.00 -11.70 -25.10
C ARG T 175 67.74 -10.99 -25.55
N ALA T 176 66.71 -11.01 -24.73
CA ALA T 176 65.37 -10.53 -25.02
C ALA T 176 65.19 -9.07 -24.59
N ARG T 177 63.97 -8.72 -24.20
CA ARG T 177 63.43 -7.38 -24.03
C ARG T 177 64.41 -6.28 -23.64
N GLY T 178 65.24 -6.49 -22.66
CA GLY T 178 66.13 -5.40 -22.35
C GLY T 178 67.24 -5.16 -23.35
N ARG T 179 67.38 -5.98 -24.38
CA ARG T 179 68.56 -5.94 -25.23
C ARG T 179 68.24 -5.67 -26.69
N ARG T 180 67.12 -6.12 -27.19
CA ARG T 180 66.76 -5.91 -28.58
C ARG T 180 65.88 -4.68 -28.70
N ALA T 181 66.09 -3.90 -29.75
CA ALA T 181 65.13 -2.85 -30.05
C ALA T 181 63.80 -3.43 -30.49
N SER T 182 63.82 -4.66 -31.02
CA SER T 182 62.60 -5.31 -31.45
C SER T 182 61.69 -5.61 -30.28
N ARG T 183 62.26 -5.83 -29.10
CA ARG T 183 61.50 -6.24 -27.94
C ARG T 183 61.57 -5.12 -26.90
N GLY T 184 60.67 -4.17 -27.03
CA GLY T 184 60.61 -3.10 -26.05
C GLY T 184 61.60 -2.00 -26.28
N TYR T 185 62.86 -2.23 -25.94
CA TYR T 185 63.86 -1.17 -25.92
C TYR T 185 65.23 -1.80 -25.77
N LYS T 186 66.26 -0.97 -25.81
CA LYS T 186 67.60 -1.43 -25.52
C LYS T 186 68.43 -0.29 -24.98
N ASN T 187 69.59 -0.64 -24.44
CA ASN T 187 70.54 0.34 -23.91
C ASN T 187 71.95 0.10 -24.45
N SER U 1 27.36 -55.21 71.18
CA SER U 1 27.82 -55.56 69.85
C SER U 1 26.93 -54.94 68.79
N MET U 2 26.94 -55.54 67.60
CA MET U 2 26.09 -55.09 66.50
C MET U 2 25.23 -56.26 66.06
N LEU U 3 23.92 -56.06 66.10
CA LEU U 3 22.96 -57.11 65.78
C LEU U 3 22.09 -56.64 64.62
N ARG U 4 22.61 -56.79 63.41
CA ARG U 4 21.80 -56.56 62.23
C ARG U 4 21.72 -57.80 61.36
N LEU U 5 22.63 -58.74 61.54
CA LEU U 5 22.45 -60.06 60.97
C LEU U 5 21.25 -60.75 61.62
N GLN U 6 21.17 -60.68 62.95
CA GLN U 6 20.12 -61.39 63.67
C GLN U 6 18.76 -60.78 63.39
N LYS U 7 18.67 -59.45 63.40
CA LYS U 7 17.38 -58.80 63.18
C LYS U 7 16.88 -59.06 61.76
N ARG U 8 17.79 -59.23 60.80
CA ARG U 8 17.36 -59.63 59.47
C ARG U 8 16.92 -61.08 59.44
N LEU U 9 17.71 -61.96 60.05
CA LEU U 9 17.34 -63.38 60.10
C LEU U 9 16.05 -63.60 60.87
N ALA U 10 15.90 -62.91 62.00
CA ALA U 10 14.69 -63.07 62.79
C ALA U 10 13.46 -62.68 62.01
N SER U 11 13.56 -61.57 61.25
CA SER U 11 12.42 -61.13 60.46
C SER U 11 12.03 -62.15 59.42
N SER U 12 13.02 -62.88 58.88
CA SER U 12 12.74 -63.87 57.86
C SER U 12 12.17 -65.15 58.43
N VAL U 13 12.52 -65.49 59.67
CA VAL U 13 11.96 -66.69 60.28
C VAL U 13 10.54 -66.44 60.74
N LEU U 14 10.26 -65.25 61.25
CA LEU U 14 8.95 -64.90 61.77
C LEU U 14 7.98 -64.49 60.67
N ARG U 15 8.43 -64.37 59.44
CA ARG U 15 7.62 -63.88 58.33
C ARG U 15 6.97 -62.55 58.69
N CYS U 16 7.80 -61.63 59.16
CA CYS U 16 7.34 -60.28 59.50
C CYS U 16 8.51 -59.34 59.26
N GLY U 17 8.18 -58.09 58.95
CA GLY U 17 9.22 -57.12 58.72
C GLY U 17 10.06 -56.88 59.96
N LYS U 18 11.29 -56.45 59.75
CA LYS U 18 12.16 -56.16 60.89
C LYS U 18 11.68 -54.99 61.71
N LYS U 19 10.62 -54.32 61.27
CA LYS U 19 9.92 -53.33 62.07
C LYS U 19 9.24 -53.96 63.27
N LYS U 20 8.90 -55.25 63.21
CA LYS U 20 8.14 -55.91 64.25
C LYS U 20 8.98 -56.87 65.08
N VAL U 21 10.28 -56.94 64.83
CA VAL U 21 11.15 -57.87 65.54
C VAL U 21 11.65 -57.20 66.81
N TRP U 22 11.49 -57.87 67.93
CA TRP U 22 11.92 -57.36 69.22
C TRP U 22 13.05 -58.23 69.74
N LEU U 23 14.24 -57.66 69.86
CA LEU U 23 15.38 -58.34 70.46
C LEU U 23 15.52 -57.86 71.89
N ASP U 24 15.56 -58.79 72.83
CA ASP U 24 15.61 -58.44 74.24
C ASP U 24 16.87 -57.64 74.54
N PRO U 25 16.74 -56.40 74.99
CA PRO U 25 17.94 -55.57 75.19
C PRO U 25 18.78 -56.01 76.35
N ASN U 26 18.24 -56.77 77.30
CA ASN U 26 19.02 -57.21 78.43
C ASN U 26 19.91 -58.40 78.12
N GLU U 27 19.64 -59.10 77.02
CA GLU U 27 20.33 -60.36 76.76
C GLU U 27 20.99 -60.30 75.39
N THR U 28 21.67 -59.19 75.10
CA THR U 28 22.33 -59.02 73.81
C THR U 28 23.40 -60.08 73.60
N ASN U 29 24.19 -60.37 74.63
CA ASN U 29 25.33 -61.27 74.48
C ASN U 29 24.92 -62.68 74.12
N GLU U 30 23.67 -63.07 74.37
CA GLU U 30 23.21 -64.38 73.93
C GLU U 30 22.69 -64.37 72.50
N ILE U 31 22.09 -63.26 72.07
CA ILE U 31 21.67 -63.15 70.68
C ILE U 31 22.83 -62.84 69.76
N ALA U 32 23.94 -62.33 70.29
CA ALA U 32 25.06 -61.97 69.43
C ALA U 32 25.64 -63.19 68.73
N ASN U 33 25.72 -64.31 69.43
CA ASN U 33 26.22 -65.54 68.81
C ASN U 33 25.07 -66.41 68.29
N ALA U 34 24.27 -65.87 67.39
CA ALA U 34 23.23 -66.66 66.74
C ALA U 34 23.75 -67.21 65.42
N ASN U 35 24.08 -66.32 64.49
CA ASN U 35 24.82 -66.67 63.27
C ASN U 35 24.11 -67.66 62.37
N SER U 36 22.91 -68.10 62.74
CA SER U 36 22.26 -69.19 62.03
C SER U 36 20.76 -69.14 62.28
N ARG U 37 20.00 -69.51 61.25
CA ARG U 37 18.55 -69.52 61.42
C ARG U 37 18.12 -70.63 62.37
N GLN U 38 18.89 -71.71 62.44
CA GLN U 38 18.58 -72.76 63.40
C GLN U 38 18.71 -72.25 64.82
N GLN U 39 19.78 -71.49 65.10
CA GLN U 39 19.92 -70.91 66.42
C GLN U 39 18.95 -69.77 66.65
N ILE U 40 18.45 -69.15 65.59
CA ILE U 40 17.45 -68.10 65.76
C ILE U 40 16.15 -68.70 66.22
N ARG U 41 15.75 -69.83 65.62
CA ARG U 41 14.51 -70.48 66.03
C ARG U 41 14.56 -70.91 67.49
N LYS U 42 15.76 -71.21 68.01
CA LYS U 42 15.87 -71.53 69.42
C LYS U 42 15.62 -70.30 70.28
N LEU U 43 16.03 -69.13 69.79
CA LEU U 43 15.73 -67.90 70.52
C LEU U 43 14.27 -67.52 70.42
N ILE U 44 13.54 -68.07 69.45
CA ILE U 44 12.11 -67.86 69.41
C ILE U 44 11.43 -68.60 70.56
N LYS U 45 11.76 -69.88 70.73
CA LYS U 45 11.14 -70.67 71.78
C LYS U 45 11.48 -70.13 73.15
N ASP U 46 12.75 -69.77 73.38
CA ASP U 46 13.15 -69.22 74.66
C ASP U 46 12.59 -67.84 74.91
N GLY U 47 11.87 -67.25 73.96
CA GLY U 47 11.29 -65.95 74.17
C GLY U 47 12.29 -64.83 74.24
N LEU U 48 13.50 -65.03 73.70
CA LEU U 48 14.48 -63.96 73.71
C LEU U 48 14.21 -62.94 72.62
N ILE U 49 13.64 -63.36 71.50
CA ILE U 49 13.22 -62.44 70.46
C ILE U 49 11.75 -62.69 70.17
N ILE U 50 10.99 -61.61 70.06
CA ILE U 50 9.54 -61.66 69.98
C ILE U 50 9.08 -60.92 68.74
N ARG U 51 7.95 -61.36 68.20
CA ARG U 51 7.28 -60.66 67.12
C ARG U 51 6.30 -59.67 67.74
N LYS U 52 6.61 -58.39 67.64
CA LYS U 52 5.79 -57.37 68.26
C LYS U 52 4.39 -57.36 67.66
N PRO U 53 3.37 -56.95 68.41
CA PRO U 53 2.03 -56.91 67.85
C PRO U 53 1.87 -55.78 66.86
N VAL U 54 0.85 -55.92 66.00
CA VAL U 54 0.57 -54.88 65.00
C VAL U 54 0.14 -53.60 65.69
N THR U 55 0.61 -52.46 65.18
CA THR U 55 0.14 -51.18 65.66
C THR U 55 -1.37 -51.07 65.43
N VAL U 56 -2.07 -50.52 66.42
CA VAL U 56 -3.52 -50.48 66.36
C VAL U 56 -3.97 -49.43 65.36
N HIS U 57 -4.94 -49.80 64.51
CA HIS U 57 -5.57 -48.90 63.58
C HIS U 57 -7.08 -49.11 63.69
N SER U 58 -7.58 -48.98 64.92
CA SER U 58 -9.00 -49.14 65.21
C SER U 58 -9.87 -48.43 64.20
N ARG U 59 -10.91 -49.15 63.76
CA ARG U 59 -11.88 -48.63 62.81
C ARG U 59 -13.16 -48.17 63.48
N ALA U 60 -13.21 -48.17 64.81
CA ALA U 60 -14.43 -47.86 65.55
C ALA U 60 -15.00 -46.49 65.20
N ARG U 61 -14.14 -45.48 65.18
CA ARG U 61 -14.59 -44.12 64.93
C ARG U 61 -15.23 -44.00 63.56
N CYS U 62 -14.67 -44.68 62.56
CA CYS U 62 -15.31 -44.73 61.25
C CYS U 62 -16.65 -45.42 61.32
N ARG U 63 -16.73 -46.53 62.07
CA ARG U 63 -17.99 -47.24 62.21
C ARG U 63 -19.04 -46.34 62.85
N LYS U 64 -18.63 -45.50 63.79
CA LYS U 64 -19.58 -44.60 64.43
C LYS U 64 -20.11 -43.55 63.46
N ASN U 65 -19.33 -43.20 62.45
CA ASN U 65 -19.79 -42.19 61.50
C ASN U 65 -20.65 -42.78 60.40
N THR U 66 -20.28 -43.95 59.87
CA THR U 66 -21.12 -44.57 58.85
C THR U 66 -22.48 -44.95 59.42
N LEU U 67 -22.53 -45.27 60.72
CA LEU U 67 -23.82 -45.48 61.34
C LEU U 67 -24.65 -44.20 61.38
N ALA U 68 -24.00 -43.05 61.39
CA ALA U 68 -24.72 -41.79 61.32
C ALA U 68 -25.09 -41.41 59.90
N ARG U 69 -24.29 -41.80 58.91
CA ARG U 69 -24.68 -41.58 57.52
C ARG U 69 -25.90 -42.41 57.15
N ARG U 70 -26.04 -43.60 57.73
CA ARG U 70 -27.23 -44.40 57.47
C ARG U 70 -28.48 -43.67 57.91
N LYS U 71 -28.39 -42.89 58.98
CA LYS U 71 -29.51 -42.07 59.41
C LYS U 71 -29.56 -40.73 58.70
N GLY U 72 -28.63 -40.48 57.78
CA GLY U 72 -28.67 -39.27 56.99
C GLY U 72 -27.90 -38.11 57.57
N ARG U 73 -27.05 -38.34 58.55
CA ARG U 73 -26.28 -37.29 59.17
C ARG U 73 -24.97 -37.13 58.42
N HIS U 74 -24.44 -35.90 58.41
CA HIS U 74 -23.23 -35.49 57.71
C HIS U 74 -23.37 -35.56 56.19
N MET U 75 -24.58 -35.63 55.65
CA MET U 75 -24.76 -35.67 54.20
C MET U 75 -25.61 -34.51 53.68
N GLY U 76 -25.56 -33.36 54.34
CA GLY U 76 -26.28 -32.20 53.87
C GLY U 76 -25.67 -31.62 52.61
N ILE U 77 -26.10 -30.41 52.29
CA ILE U 77 -25.58 -29.73 51.12
C ILE U 77 -24.11 -29.38 51.31
N GLY U 78 -23.75 -28.90 52.49
CA GLY U 78 -22.39 -28.47 52.75
C GLY U 78 -21.38 -29.58 52.89
N LYS U 79 -21.75 -30.82 52.57
CA LYS U 79 -20.82 -31.92 52.67
C LYS U 79 -20.86 -32.77 51.41
N ARG U 80 -21.14 -32.15 50.28
CA ARG U 80 -21.20 -32.83 48.99
C ARG U 80 -20.31 -32.09 48.02
N LYS U 81 -19.27 -32.76 47.53
CA LYS U 81 -18.32 -32.13 46.63
C LYS U 81 -18.49 -32.53 45.19
N GLY U 82 -18.99 -33.73 44.92
CA GLY U 82 -19.22 -34.19 43.57
C GLY U 82 -20.64 -33.92 43.12
N THR U 83 -20.82 -33.76 41.82
CA THR U 83 -22.14 -33.49 41.28
C THR U 83 -23.07 -34.65 41.59
N ALA U 84 -24.38 -34.37 41.52
CA ALA U 84 -25.38 -35.38 41.82
C ALA U 84 -25.19 -36.61 40.93
N ASN U 85 -24.84 -36.41 39.67
CA ASN U 85 -24.60 -37.54 38.78
C ASN U 85 -23.34 -38.29 39.17
N ALA U 86 -22.37 -37.62 39.79
CA ALA U 86 -21.17 -38.32 40.20
C ALA U 86 -21.40 -39.14 41.45
N ARG U 87 -22.22 -38.62 42.37
CA ARG U 87 -22.53 -39.38 43.58
C ARG U 87 -23.46 -40.54 43.30
N MET U 88 -24.38 -40.36 42.38
CA MET U 88 -25.36 -41.38 42.05
C MET U 88 -25.65 -41.28 40.56
N PRO U 89 -24.95 -42.04 39.72
CA PRO U 89 -25.12 -41.90 38.27
C PRO U 89 -26.56 -42.16 37.86
N GLU U 90 -27.12 -41.23 37.09
CA GLU U 90 -28.51 -41.35 36.70
C GLU U 90 -28.73 -42.52 35.77
N LYS U 91 -27.67 -43.02 35.13
CA LYS U 91 -27.82 -44.19 34.29
C LYS U 91 -28.13 -45.42 35.12
N VAL U 92 -27.44 -45.62 36.23
CA VAL U 92 -27.70 -46.79 37.04
C VAL U 92 -29.02 -46.62 37.80
N THR U 93 -29.40 -45.38 38.08
CA THR U 93 -30.73 -45.14 38.64
C THR U 93 -31.80 -45.55 37.63
N TRP U 94 -31.62 -45.18 36.37
CA TRP U 94 -32.54 -45.63 35.34
C TRP U 94 -32.43 -47.13 35.11
N MET U 95 -31.22 -47.69 35.29
CA MET U 95 -31.06 -49.12 35.15
C MET U 95 -31.82 -49.87 36.22
N ARG U 96 -31.64 -49.48 37.49
CA ARG U 96 -32.38 -50.11 38.56
C ARG U 96 -33.87 -50.05 38.30
N ARG U 97 -34.36 -48.91 37.83
CA ARG U 97 -35.79 -48.74 37.65
C ARG U 97 -36.32 -49.64 36.55
N MET U 98 -35.60 -49.74 35.44
CA MET U 98 -36.05 -50.58 34.34
C MET U 98 -36.08 -52.04 34.75
N ARG U 99 -34.98 -52.53 35.31
CA ARG U 99 -34.92 -53.94 35.69
C ARG U 99 -36.01 -54.28 36.70
N ILE U 100 -36.35 -53.35 37.57
CA ILE U 100 -37.39 -53.57 38.56
C ILE U 100 -38.73 -53.65 37.87
N LEU U 101 -39.06 -52.65 37.07
CA LEU U 101 -40.38 -52.58 36.47
C LEU U 101 -40.59 -53.68 35.45
N ARG U 102 -39.59 -53.92 34.58
CA ARG U 102 -39.72 -55.01 33.63
C ARG U 102 -39.91 -56.33 34.33
N ARG U 103 -39.24 -56.53 35.47
CA ARG U 103 -39.43 -57.75 36.24
C ARG U 103 -40.83 -57.82 36.82
N LEU U 104 -41.39 -56.69 37.25
CA LEU U 104 -42.74 -56.69 37.78
C LEU U 104 -43.74 -57.10 36.71
N LEU U 105 -43.66 -56.48 35.54
CA LEU U 105 -44.54 -56.86 34.44
C LEU U 105 -44.35 -58.32 34.05
N ARG U 106 -43.13 -58.83 34.16
CA ARG U 106 -42.88 -60.21 33.76
C ARG U 106 -43.47 -61.20 34.75
N ARG U 107 -43.73 -60.78 35.98
CA ARG U 107 -44.42 -61.64 36.93
C ARG U 107 -45.92 -61.60 36.71
N TYR U 108 -46.45 -60.44 36.35
CA TYR U 108 -47.88 -60.29 36.16
C TYR U 108 -48.36 -61.05 34.94
N ARG U 109 -47.57 -61.05 33.86
CA ARG U 109 -47.91 -61.86 32.70
C ARG U 109 -47.78 -63.34 33.04
N GLU U 110 -46.82 -63.69 33.89
CA GLU U 110 -46.65 -65.05 34.35
C GLU U 110 -47.79 -65.54 35.22
N SER U 111 -48.34 -64.69 36.07
CA SER U 111 -49.43 -65.06 36.96
C SER U 111 -50.79 -64.76 36.38
N LYS U 112 -50.87 -64.54 35.06
CA LYS U 112 -52.13 -64.40 34.33
C LYS U 112 -52.90 -63.15 34.74
N LYS U 113 -52.31 -62.30 35.58
CA LYS U 113 -52.99 -61.06 35.94
C LYS U 113 -53.18 -60.16 34.73
N ILE U 114 -52.19 -60.11 33.84
CA ILE U 114 -52.31 -59.36 32.60
C ILE U 114 -51.98 -60.29 31.44
N ASP U 115 -52.45 -59.92 30.26
CA ASP U 115 -52.26 -60.71 29.06
C ASP U 115 -51.09 -60.17 28.24
N ARG U 116 -50.77 -60.87 27.17
CA ARG U 116 -49.71 -60.42 26.27
C ARG U 116 -49.98 -59.02 25.77
N HIS U 117 -51.22 -58.75 25.38
CA HIS U 117 -51.54 -57.50 24.72
C HIS U 117 -51.42 -56.33 25.67
N MET U 118 -51.83 -56.51 26.92
CA MET U 118 -51.61 -55.44 27.89
C MET U 118 -50.16 -55.35 28.30
N TYR U 119 -49.47 -56.49 28.38
CA TYR U 119 -48.07 -56.48 28.76
C TYR U 119 -47.25 -55.70 27.75
N HIS U 120 -47.44 -55.96 26.46
CA HIS U 120 -46.63 -55.30 25.45
C HIS U 120 -46.83 -53.80 25.45
N SER U 121 -48.08 -53.35 25.48
CA SER U 121 -48.33 -51.90 25.49
C SER U 121 -47.83 -51.28 26.79
N LEU U 122 -47.90 -52.02 27.88
CA LEU U 122 -47.46 -51.48 29.16
C LEU U 122 -45.95 -51.51 29.26
N TYR U 123 -45.32 -52.46 28.57
CA TYR U 123 -43.86 -52.53 28.50
C TYR U 123 -43.28 -51.26 27.92
N LEU U 124 -43.85 -50.78 26.81
CA LEU U 124 -43.28 -49.62 26.15
C LEU U 124 -43.50 -48.35 26.95
N LYS U 125 -44.61 -48.26 27.68
CA LYS U 125 -44.82 -47.10 28.52
C LYS U 125 -43.83 -47.05 29.67
N VAL U 126 -43.36 -48.21 30.13
CA VAL U 126 -42.25 -48.24 31.07
C VAL U 126 -41.01 -47.67 30.42
N LYS U 127 -40.69 -48.11 29.21
CA LYS U 127 -39.54 -47.59 28.50
C LYS U 127 -39.71 -46.11 28.18
N GLY U 128 -40.94 -45.65 28.04
CA GLY U 128 -41.20 -44.26 27.75
C GLY U 128 -41.14 -43.34 28.94
N ASN U 129 -40.76 -43.86 30.12
CA ASN U 129 -40.64 -43.07 31.34
C ASN U 129 -41.99 -42.41 31.67
N VAL U 130 -42.97 -43.27 31.92
CA VAL U 130 -44.28 -42.85 32.34
C VAL U 130 -44.51 -43.13 33.81
N PHE U 131 -44.04 -44.27 34.29
CA PHE U 131 -44.22 -44.68 35.67
C PHE U 131 -42.95 -44.42 36.46
N LYS U 132 -43.12 -43.80 37.62
CA LYS U 132 -41.99 -43.34 38.42
C LYS U 132 -41.42 -44.40 39.33
N ASN U 133 -42.21 -45.37 39.75
CA ASN U 133 -41.73 -46.41 40.65
C ASN U 133 -42.69 -47.59 40.57
N LYS U 134 -42.47 -48.58 41.43
CA LYS U 134 -43.24 -49.81 41.36
C LYS U 134 -44.67 -49.63 41.84
N ARG U 135 -44.88 -48.79 42.85
CA ARG U 135 -46.23 -48.61 43.36
C ARG U 135 -47.11 -47.86 42.37
N ILE U 136 -46.56 -46.82 41.74
CA ILE U 136 -47.32 -46.06 40.75
C ILE U 136 -47.71 -46.94 39.57
N LEU U 137 -46.84 -47.85 39.18
CA LEU U 137 -47.19 -48.76 38.10
C LEU U 137 -48.23 -49.75 38.56
N MET U 138 -48.04 -50.33 39.75
CA MET U 138 -48.93 -51.38 40.21
C MET U 138 -50.36 -50.88 40.37
N GLU U 139 -50.53 -49.61 40.72
CA GLU U 139 -51.88 -49.07 40.84
C GLU U 139 -52.44 -48.70 39.48
N HIS U 140 -51.59 -48.32 38.54
CA HIS U 140 -52.06 -48.04 37.18
C HIS U 140 -52.59 -49.31 36.54
N ILE U 141 -52.03 -50.46 36.89
CA ILE U 141 -52.54 -51.72 36.36
C ILE U 141 -53.93 -51.99 36.90
N HIS U 142 -54.14 -51.70 38.19
CA HIS U 142 -55.45 -51.92 38.79
C HIS U 142 -56.53 -51.15 38.07
N LYS U 143 -56.23 -49.94 37.60
CA LYS U 143 -57.25 -49.17 36.89
C LYS U 143 -57.45 -49.71 35.48
N LEU U 144 -56.42 -50.32 34.90
CA LEU U 144 -56.61 -50.94 33.60
C LEU U 144 -57.36 -52.26 33.72
N LYS U 145 -57.08 -53.05 34.76
CA LYS U 145 -57.83 -54.26 34.99
C LYS U 145 -59.29 -53.96 35.29
N ALA U 146 -59.56 -52.84 35.96
CA ALA U 146 -60.94 -52.53 36.33
C ALA U 146 -61.76 -52.15 35.10
N ASP U 147 -61.27 -51.18 34.33
CA ASP U 147 -62.07 -50.65 33.24
C ASP U 147 -62.33 -51.69 32.17
N LYS U 148 -61.35 -52.52 31.84
CA LYS U 148 -61.61 -53.55 30.85
C LYS U 148 -62.53 -54.64 31.38
N ALA U 149 -62.55 -54.86 32.69
CA ALA U 149 -63.50 -55.81 33.25
C ALA U 149 -64.92 -55.27 33.15
N ARG U 150 -65.08 -53.95 33.29
CA ARG U 150 -66.36 -53.33 32.99
C ARG U 150 -66.73 -53.53 31.53
N LYS U 151 -65.79 -53.23 30.63
CA LYS U 151 -66.05 -53.44 29.21
C LYS U 151 -66.29 -54.91 28.90
N LYS U 152 -65.65 -55.80 29.66
CA LYS U 152 -65.90 -57.23 29.47
C LYS U 152 -67.29 -57.62 29.95
N LEU U 153 -67.78 -56.99 31.01
CA LEU U 153 -69.14 -57.25 31.46
C LEU U 153 -70.16 -56.55 30.56
N LEU U 154 -69.84 -55.35 30.10
CA LEU U 154 -70.76 -54.59 29.27
C LEU U 154 -70.91 -55.16 27.88
N ALA U 155 -69.90 -55.85 27.37
CA ALA U 155 -69.95 -56.40 26.04
C ALA U 155 -70.43 -57.84 26.02
N ASP U 156 -70.65 -58.44 27.18
CA ASP U 156 -71.21 -59.79 27.27
C ASP U 156 -72.68 -59.79 27.66
N GLN U 157 -73.08 -58.90 28.57
CA GLN U 157 -74.51 -58.76 28.83
C GLN U 157 -75.22 -58.19 27.62
N ALA U 158 -74.54 -57.36 26.83
CA ALA U 158 -75.11 -56.87 25.59
C ALA U 158 -75.08 -57.93 24.50
N GLU U 159 -74.10 -58.83 24.54
CA GLU U 159 -74.10 -59.94 23.61
C GLU U 159 -75.13 -60.98 24.01
N ALA U 160 -75.37 -61.17 25.31
CA ALA U 160 -76.43 -62.06 25.75
C ALA U 160 -77.79 -61.54 25.32
N ARG U 161 -77.98 -60.21 25.39
CA ARG U 161 -79.22 -59.61 24.87
C ARG U 161 -79.34 -59.81 23.37
N ARG U 162 -78.21 -59.91 22.67
CA ARG U 162 -78.23 -60.03 21.22
C ARG U 162 -78.47 -61.47 20.79
N SER U 163 -77.71 -62.42 21.36
CA SER U 163 -77.83 -63.81 20.94
C SER U 163 -79.15 -64.42 21.41
N LYS U 164 -79.74 -63.86 22.47
CA LYS U 164 -81.03 -64.37 22.93
C LYS U 164 -82.12 -64.06 21.92
N THR U 165 -82.20 -62.82 21.45
CA THR U 165 -83.17 -62.48 20.41
C THR U 165 -82.83 -63.10 19.08
N LYS U 166 -81.60 -63.61 18.91
CA LYS U 166 -81.25 -64.31 17.69
C LYS U 166 -82.05 -65.60 17.54
N GLU U 167 -81.96 -66.48 18.54
CA GLU U 167 -82.71 -67.73 18.46
C GLU U 167 -84.17 -67.52 18.81
N ALA U 168 -84.48 -66.52 19.64
CA ALA U 168 -85.89 -66.17 19.87
C ALA U 168 -86.55 -65.74 18.57
N ARG U 169 -85.77 -65.19 17.64
CA ARG U 169 -86.28 -64.98 16.28
C ARG U 169 -86.37 -66.30 15.54
N LYS U 170 -85.35 -67.14 15.64
CA LYS U 170 -85.36 -68.40 14.91
C LYS U 170 -86.51 -69.30 15.39
N ARG U 171 -86.86 -69.21 16.67
CA ARG U 171 -88.02 -69.94 17.18
C ARG U 171 -89.30 -69.48 16.46
N ARG U 172 -89.36 -68.20 16.08
CA ARG U 172 -90.54 -67.69 15.41
C ARG U 172 -90.70 -68.24 13.99
N GLU U 173 -89.63 -68.31 13.20
CA GLU U 173 -89.75 -68.92 11.88
C GLU U 173 -89.96 -70.41 11.99
N GLU U 174 -89.48 -71.03 13.07
CA GLU U 174 -89.73 -72.44 13.31
C GLU U 174 -91.22 -72.77 13.34
N ARG U 175 -92.06 -71.79 13.68
CA ARG U 175 -93.50 -71.98 13.60
C ARG U 175 -94.04 -71.76 12.20
N LEU U 176 -93.24 -71.21 11.29
CA LEU U 176 -93.68 -70.97 9.93
C LEU U 176 -93.43 -72.17 9.02
N GLN U 177 -92.27 -72.81 9.16
CA GLN U 177 -91.95 -73.97 8.33
C GLN U 177 -92.76 -75.20 8.72
N ALA U 178 -93.28 -75.25 9.95
CA ALA U 178 -94.06 -76.38 10.41
C ALA U 178 -95.53 -76.28 10.02
N LYS U 179 -96.09 -75.07 9.98
CA LYS U 179 -97.47 -74.90 9.58
C LYS U 179 -97.66 -74.86 8.07
N LYS U 180 -96.61 -74.50 7.33
CA LYS U 180 -96.70 -74.48 5.88
C LYS U 180 -96.34 -75.85 5.30
N MET V 1 69.99 49.73 22.87
CA MET V 1 70.90 50.30 23.87
C MET V 1 70.35 50.14 25.26
N LYS V 2 70.97 49.30 26.07
CA LYS V 2 70.59 49.13 27.46
C LYS V 2 71.18 50.27 28.28
N ALA V 3 70.34 50.94 29.06
CA ALA V 3 70.78 52.05 29.90
C ALA V 3 71.46 51.52 31.16
N SER V 4 72.49 50.71 30.95
CA SER V 4 73.17 50.03 32.04
C SER V 4 74.08 51.00 32.79
N GLY V 5 74.03 50.94 34.11
CA GLY V 5 74.84 51.80 34.95
C GLY V 5 74.52 53.25 34.73
N THR V 6 75.49 54.10 35.01
CA THR V 6 75.35 55.53 34.75
C THR V 6 75.82 55.85 33.34
N LEU V 7 74.99 56.56 32.60
CA LEU V 7 75.35 56.91 31.23
C LEU V 7 76.43 57.98 31.22
N ARG V 8 77.11 58.10 30.08
CA ARG V 8 78.12 59.11 29.87
C ARG V 8 77.82 59.82 28.56
N GLU V 9 78.22 61.08 28.46
CA GLU V 9 77.98 61.86 27.27
C GLU V 9 79.22 61.82 26.38
N TYR V 10 79.05 61.41 25.15
CA TYR V 10 80.13 61.34 24.17
C TYR V 10 79.88 62.34 23.05
N LYS V 11 80.95 62.92 22.54
CA LYS V 11 80.89 63.76 21.35
C LYS V 11 81.41 62.94 20.19
N VAL V 12 80.53 62.53 19.30
CA VAL V 12 80.88 61.71 18.15
C VAL V 12 80.70 62.54 16.90
N VAL V 13 81.76 62.67 16.11
CA VAL V 13 81.71 63.39 14.85
C VAL V 13 82.17 62.48 13.73
N GLY V 14 81.43 62.44 12.63
CA GLY V 14 81.71 61.54 11.55
C GLY V 14 81.29 62.13 10.21
N ARG V 15 81.63 61.43 9.14
CA ARG V 15 81.39 61.92 7.79
C ARG V 15 81.34 60.77 6.82
N CYS V 16 80.86 61.05 5.62
CA CYS V 16 80.91 60.09 4.54
C CYS V 16 82.35 59.88 4.09
N LEU V 17 82.63 58.69 3.57
CA LEU V 17 83.95 58.47 3.01
C LEU V 17 84.14 59.37 1.78
N PRO V 18 85.32 59.87 1.56
CA PRO V 18 85.57 60.70 0.38
C PRO V 18 85.43 59.92 -0.92
N THR V 19 84.60 60.42 -1.83
CA THR V 19 84.46 59.85 -3.16
C THR V 19 85.15 60.77 -4.16
N PRO V 20 85.46 60.29 -5.36
CA PRO V 20 85.98 61.19 -6.40
C PRO V 20 85.02 62.30 -6.77
N LYS V 21 83.73 62.14 -6.49
CA LYS V 21 82.76 63.18 -6.77
C LYS V 21 82.82 64.30 -5.74
N CYS V 22 82.72 63.97 -4.45
CA CYS V 22 82.85 64.94 -3.38
C CYS V 22 84.11 64.58 -2.59
N ARG V 23 85.13 65.42 -2.72
CA ARG V 23 86.42 65.07 -2.14
C ARG V 23 86.38 65.09 -0.62
N THR V 24 85.84 66.15 -0.03
CA THR V 24 85.72 66.25 1.42
C THR V 24 84.27 66.45 1.83
N PRO V 25 83.59 65.41 2.30
CA PRO V 25 82.23 65.57 2.76
C PRO V 25 82.18 66.40 4.04
N PRO V 26 81.04 66.98 4.37
CA PRO V 26 80.94 67.78 5.59
C PRO V 26 80.89 66.90 6.83
N LEU V 27 81.28 67.49 7.95
CA LEU V 27 81.35 66.75 9.20
C LEU V 27 80.01 66.85 9.93
N TYR V 28 79.71 65.81 10.71
CA TYR V 28 78.44 65.73 11.43
C TYR V 28 78.72 65.35 12.87
N ARG V 29 78.26 66.18 13.80
CA ARG V 29 78.53 66.03 15.22
C ARG V 29 77.25 65.70 15.97
N MET V 30 77.36 64.85 16.99
CA MET V 30 76.20 64.49 17.80
C MET V 30 76.62 64.41 19.26
N ARG V 31 75.63 64.53 20.14
CA ARG V 31 75.80 64.30 21.57
C ARG V 31 75.07 63.01 21.92
N ILE V 32 75.82 61.96 22.22
CA ILE V 32 75.26 60.65 22.50
C ILE V 32 75.42 60.34 23.97
N PHE V 33 74.37 59.83 24.59
CA PHE V 33 74.39 59.41 25.98
C PHE V 33 74.34 57.90 26.01
N ALA V 34 75.41 57.28 26.48
CA ALA V 34 75.58 55.85 26.31
C ALA V 34 76.41 55.30 27.45
N PRO V 35 76.32 54.01 27.73
CA PRO V 35 77.17 53.41 28.77
C PRO V 35 78.66 53.47 28.46
N ASN V 36 79.05 53.03 27.26
CA ASN V 36 80.43 53.05 26.85
C ASN V 36 80.53 53.58 25.43
N HIS V 37 81.74 53.88 24.99
CA HIS V 37 81.89 54.53 23.70
C HIS V 37 81.64 53.60 22.54
N VAL V 38 81.67 52.29 22.78
CA VAL V 38 81.39 51.35 21.69
C VAL V 38 79.92 51.41 21.30
N VAL V 39 79.03 51.42 22.29
CA VAL V 39 77.63 51.56 21.98
C VAL V 39 77.29 52.99 21.59
N ALA V 40 78.14 53.96 21.93
CA ALA V 40 77.92 55.32 21.48
C ALA V 40 78.10 55.42 19.97
N LYS V 41 79.14 54.78 19.43
CA LYS V 41 79.36 54.81 18.00
C LYS V 41 78.23 54.15 17.24
N SER V 42 77.67 53.06 17.76
CA SER V 42 76.56 52.42 17.08
C SER V 42 75.31 53.27 17.18
N ARG V 43 75.04 53.82 18.36
CA ARG V 43 73.90 54.70 18.52
C ARG V 43 74.06 55.98 17.73
N PHE V 44 75.30 56.37 17.42
CA PHE V 44 75.52 57.51 16.52
C PHE V 44 75.02 57.19 15.13
N TRP V 45 75.42 56.04 14.59
CA TRP V 45 74.99 55.65 13.26
C TRP V 45 73.49 55.45 13.17
N TYR V 46 72.85 55.11 14.29
CA TYR V 46 71.40 54.98 14.29
C TYR V 46 70.74 56.30 13.96
N PHE V 47 71.24 57.38 14.52
CA PHE V 47 70.61 58.68 14.29
C PHE V 47 71.01 59.26 12.95
N VAL V 48 72.28 59.13 12.59
CA VAL V 48 72.74 59.66 11.31
C VAL V 48 72.01 58.98 10.17
N SER V 49 71.80 57.68 10.26
CA SER V 49 71.04 56.97 9.25
C SER V 49 69.60 57.44 9.16
N GLN V 50 69.07 58.08 10.19
CA GLN V 50 67.72 58.63 10.14
C GLN V 50 67.67 60.02 9.56
N LEU V 51 68.67 60.84 9.82
CA LEU V 51 68.64 62.21 9.33
C LEU V 51 69.32 62.34 7.98
N LYS V 52 70.35 61.53 7.74
CA LYS V 52 71.06 61.52 6.47
C LYS V 52 70.98 60.14 5.85
N LYS V 53 71.29 60.07 4.56
CA LYS V 53 71.35 58.78 3.88
C LYS V 53 72.71 58.14 4.07
N MET V 54 73.15 58.05 5.31
CA MET V 54 74.48 57.53 5.62
C MET V 54 74.38 56.25 6.42
N LYS V 55 75.37 55.39 6.22
CA LYS V 55 75.45 54.13 6.95
C LYS V 55 76.87 53.95 7.42
N LYS V 56 77.07 53.00 8.33
CA LYS V 56 78.41 52.74 8.83
C LYS V 56 79.35 52.28 7.74
N SER V 57 78.82 51.67 6.68
CA SER V 57 79.66 51.17 5.60
C SER V 57 80.14 52.28 4.68
N SER V 58 79.40 53.38 4.60
CA SER V 58 79.78 54.49 3.75
C SER V 58 80.35 55.67 4.53
N GLY V 59 80.53 55.53 5.85
CA GLY V 59 80.98 56.62 6.68
C GLY V 59 82.13 56.20 7.58
N GLU V 60 82.60 57.17 8.36
CA GLU V 60 83.66 56.90 9.32
C GLU V 60 83.53 57.86 10.49
N ILE V 61 84.00 57.41 11.64
CA ILE V 61 84.01 58.23 12.85
C ILE V 61 85.35 58.96 12.89
N VAL V 62 85.31 60.28 12.85
CA VAL V 62 86.57 61.00 12.84
C VAL V 62 87.03 61.34 14.25
N TYR V 63 86.15 61.26 15.24
CA TYR V 63 86.53 61.55 16.62
C TYR V 63 85.47 61.02 17.57
N CYS V 64 85.88 60.14 18.48
CA CYS V 64 85.02 59.57 19.51
C CYS V 64 85.58 60.00 20.85
N GLY V 65 85.12 61.13 21.36
CA GLY V 65 85.59 61.61 22.64
C GLY V 65 84.48 61.76 23.64
N GLN V 66 84.80 61.66 24.92
CA GLN V 66 83.83 61.83 25.99
C GLN V 66 83.89 63.26 26.49
N VAL V 67 82.74 63.89 26.63
CA VAL V 67 82.68 65.26 27.10
C VAL V 67 82.33 65.27 28.58
N PHE V 68 83.13 65.98 29.36
CA PHE V 68 83.00 66.01 30.80
C PHE V 68 82.14 67.19 31.23
N GLU V 69 81.70 67.16 32.48
CA GLU V 69 80.83 68.20 33.00
C GLU V 69 81.64 69.43 33.38
N LYS V 70 81.20 70.59 32.90
CA LYS V 70 81.94 71.82 33.18
C LYS V 70 81.71 72.32 34.60
N SER V 71 80.77 71.73 35.33
CA SER V 71 80.47 72.14 36.71
C SER V 71 79.83 70.98 37.44
N PRO V 72 80.62 69.98 37.83
CA PRO V 72 80.07 68.84 38.57
C PRO V 72 79.79 69.13 40.03
N LEU V 73 79.97 70.36 40.48
CA LEU V 73 79.71 70.72 41.87
C LEU V 73 78.65 71.81 41.99
N ARG V 74 77.81 71.99 40.99
CA ARG V 74 76.72 72.95 41.03
C ARG V 74 75.43 72.22 40.73
N VAL V 75 74.43 72.38 41.59
CA VAL V 75 73.12 71.83 41.31
C VAL V 75 72.52 72.58 40.13
N LYS V 76 72.03 71.84 39.15
CA LYS V 76 71.52 72.44 37.93
C LYS V 76 70.15 71.86 37.62
N ASN V 77 69.39 72.59 36.82
CA ASN V 77 68.08 72.16 36.38
C ASN V 77 68.15 71.82 34.91
N PHE V 78 67.80 70.59 34.57
CA PHE V 78 67.95 70.10 33.21
C PHE V 78 66.61 69.90 32.55
N GLY V 79 66.51 70.32 31.30
CA GLY V 79 65.33 70.05 30.51
C GLY V 79 65.66 69.02 29.45
N ILE V 80 64.80 68.04 29.27
CA ILE V 80 65.04 66.94 28.35
C ILE V 80 63.84 66.78 27.44
N TRP V 81 64.10 66.66 26.14
CA TRP V 81 63.06 66.43 25.15
C TRP V 81 63.22 65.01 24.61
N LEU V 82 62.18 64.19 24.77
CA LEU V 82 62.24 62.78 24.43
C LEU V 82 61.36 62.48 23.23
N ARG V 83 61.42 61.25 22.74
CA ARG V 83 60.59 60.78 21.64
C ARG V 83 60.19 59.33 21.86
N TYR V 84 59.74 58.98 23.05
CA TYR V 84 59.57 57.57 23.38
C TYR V 84 58.39 56.97 22.63
N ASP V 85 58.25 55.64 22.74
CA ASP V 85 57.21 54.88 22.07
C ASP V 85 56.40 54.12 23.10
N SER V 86 55.08 54.25 23.04
CA SER V 86 54.21 53.48 23.91
C SER V 86 53.76 52.22 23.20
N ARG V 87 52.93 51.42 23.89
CA ARG V 87 52.33 50.27 23.24
C ARG V 87 51.42 50.66 22.10
N SER V 88 51.00 51.92 22.05
CA SER V 88 50.14 52.43 21.00
C SER V 88 50.60 53.84 20.65
N GLY V 89 51.32 53.97 19.55
CA GLY V 89 51.77 55.27 19.09
C GLY V 89 52.95 55.80 19.88
N THR V 90 53.55 56.85 19.34
CA THR V 90 54.72 57.48 19.92
C THR V 90 54.37 58.89 20.38
N HIS V 91 55.20 59.43 21.27
CA HIS V 91 54.91 60.73 21.87
C HIS V 91 56.20 61.51 22.05
N ASN V 92 56.05 62.83 22.03
CA ASN V 92 57.11 63.74 22.43
C ASN V 92 56.81 64.24 23.84
N MET V 93 57.84 64.26 24.68
CA MET V 93 57.68 64.73 26.04
C MET V 93 58.78 65.73 26.34
N TYR V 94 58.54 66.54 27.37
CA TYR V 94 59.55 67.46 27.89
C TYR V 94 59.61 67.19 29.39
N ARG V 95 60.72 66.62 29.84
CA ARG V 95 60.87 66.22 31.22
C ARG V 95 61.96 67.08 31.87
N GLU V 96 61.78 67.41 33.13
CA GLU V 96 62.76 68.18 33.88
C GLU V 96 63.34 67.36 35.01
N TYR V 97 64.63 67.54 35.27
CA TYR V 97 65.29 66.88 36.38
C TYR V 97 66.23 67.88 37.02
N ARG V 98 66.86 67.45 38.11
CA ARG V 98 67.67 68.34 38.93
C ARG V 98 68.88 67.54 39.40
N ASP V 99 70.00 67.70 38.71
CA ASP V 99 71.18 66.92 39.04
C ASP V 99 72.45 67.75 38.96
N LEU V 100 73.60 67.09 39.04
CA LEU V 100 74.90 67.75 38.97
C LEU V 100 75.53 67.62 37.59
N THR V 101 75.27 66.54 36.88
CA THR V 101 75.85 66.31 35.57
C THR V 101 74.74 66.04 34.55
N THR V 102 74.96 66.48 33.32
CA THR V 102 73.99 66.19 32.26
C THR V 102 73.83 64.70 32.08
N ALA V 103 74.94 63.96 32.14
CA ALA V 103 74.86 62.51 32.02
C ALA V 103 74.09 61.91 33.18
N GLY V 104 74.22 62.49 34.38
CA GLY V 104 73.46 62.02 35.51
C GLY V 104 71.99 62.35 35.41
N ALA V 105 71.66 63.47 34.76
CA ALA V 105 70.26 63.80 34.59
C ALA V 105 69.62 62.93 33.53
N VAL V 106 70.38 62.56 32.49
CA VAL V 106 69.81 61.72 31.44
C VAL V 106 69.53 60.32 31.97
N THR V 107 70.47 59.74 32.71
CA THR V 107 70.22 58.43 33.30
C THR V 107 69.10 58.50 34.32
N GLN V 108 68.97 59.64 35.00
CA GLN V 108 67.81 59.86 35.85
C GLN V 108 66.52 59.83 35.06
N CYS V 109 66.58 60.11 33.76
CA CYS V 109 65.39 60.13 32.94
C CYS V 109 65.03 58.74 32.45
N TYR V 110 66.03 57.96 32.06
CA TYR V 110 65.76 56.61 31.59
C TYR V 110 65.11 55.77 32.67
N ARG V 111 65.60 55.88 33.89
CA ARG V 111 64.98 55.15 34.99
C ARG V 111 63.57 55.68 35.27
N ASP V 112 63.39 56.99 35.18
CA ASP V 112 62.07 57.56 35.41
C ASP V 112 61.12 57.23 34.28
N MET V 113 61.59 57.27 33.04
CA MET V 113 60.75 56.87 31.93
C MET V 113 60.42 55.38 32.00
N GLY V 114 61.35 54.58 32.51
CA GLY V 114 61.07 53.18 32.69
C GLY V 114 60.12 52.90 33.82
N ALA V 115 60.06 53.77 34.82
CA ALA V 115 59.18 53.56 35.95
C ALA V 115 57.79 54.12 35.73
N ARG V 116 57.69 55.28 35.09
CA ARG V 116 56.40 55.93 34.92
C ARG V 116 55.62 55.35 33.75
N HIS V 117 56.28 55.03 32.65
CA HIS V 117 55.60 54.63 31.43
C HIS V 117 56.02 53.24 30.94
N ARG V 118 56.81 52.53 31.74
CA ARG V 118 57.30 51.20 31.35
C ARG V 118 57.97 51.23 29.99
N ALA V 119 58.61 52.33 29.67
CA ALA V 119 59.30 52.47 28.39
C ALA V 119 60.72 51.98 28.55
N ARG V 120 61.12 51.05 27.69
CA ARG V 120 62.47 50.51 27.77
C ARG V 120 63.40 51.37 26.94
N ALA V 121 64.69 51.30 27.27
CA ALA V 121 65.64 52.29 26.77
C ALA V 121 65.76 52.27 25.26
N HIS V 122 65.46 51.16 24.61
CA HIS V 122 65.62 51.09 23.17
C HIS V 122 64.51 51.81 22.43
N SER V 123 63.47 52.25 23.10
CA SER V 123 62.37 52.96 22.46
C SER V 123 62.42 54.46 22.69
N ILE V 124 63.43 54.96 23.39
CA ILE V 124 63.54 56.37 23.70
C ILE V 124 64.60 57.01 22.81
N GLN V 125 64.26 58.16 22.23
CA GLN V 125 65.21 58.96 21.44
C GLN V 125 65.30 60.32 22.08
N ILE V 126 66.18 60.45 23.07
CA ILE V 126 66.43 61.74 23.68
C ILE V 126 67.03 62.68 22.65
N MET V 127 66.41 63.83 22.46
CA MET V 127 66.73 64.67 21.31
C MET V 127 67.38 65.99 21.68
N LYS V 128 67.19 66.48 22.90
CA LYS V 128 67.77 67.74 23.31
C LYS V 128 67.87 67.78 24.83
N VAL V 129 69.04 68.17 25.32
CA VAL V 129 69.27 68.33 26.75
C VAL V 129 69.73 69.77 26.96
N GLU V 130 68.90 70.57 27.61
CA GLU V 130 69.20 71.96 27.87
C GLU V 130 69.17 72.19 29.37
N GLU V 131 70.26 72.72 29.92
CA GLU V 131 70.25 73.06 31.33
C GLU V 131 69.61 74.44 31.46
N ILE V 132 68.49 74.50 32.14
CA ILE V 132 67.66 75.69 32.17
C ILE V 132 67.84 76.39 33.50
N ALA V 133 67.59 77.70 33.50
CA ALA V 133 67.65 78.47 34.72
C ALA V 133 66.44 78.16 35.59
N ALA V 134 66.60 78.36 36.90
CA ALA V 134 65.56 77.97 37.85
C ALA V 134 64.25 78.72 37.61
N SER V 135 64.33 79.94 37.09
CA SER V 135 63.12 80.72 36.86
C SER V 135 62.31 80.19 35.68
N LYS V 136 62.92 79.40 34.81
CA LYS V 136 62.29 78.96 33.58
C LYS V 136 61.80 77.52 33.65
N CYS V 137 61.92 76.87 34.80
CA CYS V 137 61.40 75.51 34.94
C CYS V 137 59.87 75.52 34.92
N ARG V 138 59.31 74.34 34.63
CA ARG V 138 57.86 74.22 34.52
C ARG V 138 57.31 73.20 35.51
N ARG V 139 57.95 72.03 35.60
CA ARG V 139 57.43 70.97 36.44
C ARG V 139 57.54 71.36 37.91
N PRO V 140 56.49 71.16 38.71
CA PRO V 140 56.53 71.67 40.09
C PRO V 140 57.39 70.84 41.01
N ALA V 141 57.57 69.55 40.73
CA ALA V 141 58.39 68.72 41.61
C ALA V 141 59.84 69.16 41.61
N VAL V 142 60.24 69.98 40.66
CA VAL V 142 61.57 70.54 40.60
C VAL V 142 61.53 71.96 41.14
N LYS V 143 60.43 72.66 40.87
CA LYS V 143 60.32 74.05 41.28
C LYS V 143 60.28 74.21 42.79
N GLN V 144 59.93 73.17 43.53
CA GLN V 144 59.82 73.32 44.97
C GLN V 144 61.16 73.32 45.68
N PHE V 145 62.24 73.04 44.97
CA PHE V 145 63.57 73.11 45.56
C PHE V 145 64.24 74.44 45.32
N HIS V 146 63.57 75.37 44.63
CA HIS V 146 64.10 76.71 44.41
C HIS V 146 63.69 77.56 45.61
N ASP V 147 64.45 77.42 46.68
CA ASP V 147 64.17 78.14 47.92
C ASP V 147 65.50 78.43 48.59
N SER V 148 65.78 79.70 48.84
CA SER V 148 67.02 80.06 49.51
C SER V 148 67.06 79.55 50.94
N LYS V 149 65.90 79.36 51.56
CA LYS V 149 65.80 78.88 52.93
C LYS V 149 65.06 77.57 53.01
N ILE V 150 65.37 76.63 52.12
CA ILE V 150 64.75 75.31 52.17
C ILE V 150 65.12 74.63 53.48
N LYS V 151 64.16 73.92 54.06
CA LYS V 151 64.33 73.36 55.39
C LYS V 151 63.26 72.31 55.61
N PHE V 152 63.67 71.10 56.00
CA PHE V 152 62.72 70.02 56.24
C PHE V 152 63.40 68.94 57.07
N PRO V 153 62.63 68.16 57.81
CA PRO V 153 63.23 67.04 58.55
C PRO V 153 63.23 65.75 57.75
N LEU V 154 63.74 64.67 58.36
CA LEU V 154 63.64 63.32 57.82
C LEU V 154 62.71 62.53 58.72
N PRO V 155 61.40 62.59 58.51
CA PRO V 155 60.44 62.17 59.54
C PRO V 155 60.53 60.71 59.96
N HIS V 156 60.31 59.78 59.04
CA HIS V 156 60.21 58.36 59.40
C HIS V 156 61.46 57.66 58.90
N ARG V 157 62.50 57.68 59.72
CA ARG V 157 63.79 57.12 59.35
C ARG V 157 63.68 55.62 59.32
N VAL V 158 63.58 55.05 58.13
CA VAL V 158 63.49 53.60 57.99
C VAL V 158 64.79 52.98 58.45
N LEU V 159 64.69 51.99 59.32
CA LEU V 159 65.88 51.33 59.84
C LEU V 159 66.61 50.60 58.73
N ARG V 160 67.87 50.95 58.54
CA ARG V 160 68.79 50.15 57.76
C ARG V 160 69.59 49.31 58.75
N ARG V 161 70.54 48.52 58.23
CA ARG V 161 71.29 47.54 59.01
C ARG V 161 70.40 46.79 60.00
N GLN V 162 69.20 46.42 59.54
CA GLN V 162 68.25 45.70 60.37
C GLN V 162 68.59 44.23 60.51
N HIS V 163 69.75 43.82 60.02
CA HIS V 163 70.18 42.44 60.17
C HIS V 163 71.48 42.29 60.92
N LYS V 164 72.12 43.38 61.32
CA LYS V 164 73.35 43.23 62.10
C LYS V 164 73.04 42.56 63.44
N PRO V 165 72.19 43.12 64.30
CA PRO V 165 71.76 42.36 65.47
C PRO V 165 70.48 41.59 65.21
N ARG V 166 70.50 40.63 64.28
CA ARG V 166 69.28 39.98 63.79
C ARG V 166 68.28 39.64 64.88
N PHE V 167 68.76 39.20 66.03
CA PHE V 167 67.91 38.96 67.20
C PHE V 167 68.34 39.91 68.30
N THR V 168 67.76 41.10 68.33
CA THR V 168 68.12 42.08 69.32
C THR V 168 67.16 42.02 70.50
N THR V 169 67.42 42.87 71.49
CA THR V 169 66.62 42.94 72.70
C THR V 169 65.65 44.12 72.65
N LYS V 170 66.14 45.31 72.37
CA LYS V 170 65.30 46.48 72.39
C LYS V 170 64.58 46.67 71.06
N ARG V 171 63.40 47.26 71.11
CA ARG V 171 62.72 47.66 69.90
C ARG V 171 63.49 48.82 69.25
N PRO V 172 63.53 48.88 67.93
CA PRO V 172 64.28 49.95 67.26
C PRO V 172 63.55 51.28 67.37
N ASN V 173 64.32 52.36 67.38
CA ASN V 173 63.79 53.71 67.44
C ASN V 173 63.78 54.30 66.04
N THR V 174 62.66 54.88 65.63
CA THR V 174 62.55 55.49 64.32
C THR V 174 62.41 57.00 64.41
N PHE V 175 62.98 57.59 65.45
CA PHE V 175 62.90 59.04 65.61
C PHE V 175 64.27 59.55 66.00
N PHE V 176 64.78 60.52 65.25
CA PHE V 176 66.09 61.08 65.53
C PHE V 176 66.10 62.59 65.34
N THR W 1 49.20 17.26 -7.39
CA THR W 1 50.59 17.48 -7.72
C THR W 1 50.71 18.23 -9.03
N ASN W 2 51.86 18.84 -9.27
CA ASN W 2 52.05 19.62 -10.47
C ASN W 2 52.16 18.72 -11.69
N THR W 3 52.03 19.33 -12.85
CA THR W 3 52.28 18.65 -14.09
C THR W 3 53.78 18.63 -14.37
N LYS W 4 54.17 17.81 -15.33
CA LYS W 4 55.57 17.68 -15.71
C LYS W 4 55.78 18.18 -17.12
N GLY W 5 55.00 19.18 -17.50
CA GLY W 5 55.17 19.78 -18.81
C GLY W 5 56.52 20.45 -18.94
N LYS W 6 56.99 20.50 -20.18
CA LYS W 6 58.34 21.01 -20.43
C LYS W 6 58.42 22.49 -20.13
N ARG W 7 57.50 23.29 -20.67
CA ARG W 7 57.52 24.71 -20.39
C ARG W 7 56.54 25.07 -19.28
N ARG W 8 56.68 24.45 -18.12
CA ARG W 8 55.76 24.70 -17.02
C ARG W 8 56.36 25.77 -16.11
N GLY W 9 55.58 26.79 -15.82
CA GLY W 9 56.03 27.86 -14.95
C GLY W 9 57.00 28.81 -15.59
N THR W 10 57.08 28.83 -16.91
CA THR W 10 57.97 29.72 -17.64
C THR W 10 57.21 30.88 -18.25
N ARG W 11 56.17 31.34 -17.56
CA ARG W 11 55.37 32.43 -18.07
C ARG W 11 56.20 33.70 -18.24
N TYR W 12 57.06 33.99 -17.27
CA TYR W 12 57.90 35.17 -17.34
C TYR W 12 59.32 34.86 -17.77
N MET W 13 59.77 33.62 -17.60
CA MET W 13 61.16 33.30 -17.89
C MET W 13 61.45 33.39 -19.38
N PHE W 14 60.54 32.88 -20.20
CA PHE W 14 60.72 32.89 -21.64
C PHE W 14 60.00 34.04 -22.32
N SER W 15 59.41 34.95 -21.56
CA SER W 15 58.74 36.09 -22.15
C SER W 15 59.78 37.12 -22.60
N ARG W 16 59.43 37.89 -23.59
CA ARG W 16 60.34 38.91 -24.06
C ARG W 16 60.28 40.12 -23.12
N PRO W 17 61.38 40.83 -22.94
CA PRO W 17 61.34 42.06 -22.13
C PRO W 17 60.37 43.08 -22.67
N PHE W 18 60.02 44.06 -21.85
CA PHE W 18 59.02 45.04 -22.26
C PHE W 18 59.54 45.89 -23.41
N ARG W 19 58.69 46.05 -24.43
CA ARG W 19 59.04 46.81 -25.63
C ARG W 19 60.31 46.29 -26.28
N LYS W 20 60.51 44.99 -26.22
CA LYS W 20 61.64 44.36 -26.88
C LYS W 20 61.21 43.11 -27.62
N HIS W 21 59.97 43.09 -28.12
CA HIS W 21 59.48 41.97 -28.88
C HIS W 21 59.91 42.12 -30.33
N GLY W 22 59.34 41.31 -31.20
CA GLY W 22 59.65 41.49 -32.60
C GLY W 22 60.88 40.71 -33.03
N VAL W 23 61.43 41.13 -34.17
CA VAL W 23 62.52 40.43 -34.82
C VAL W 23 63.76 40.47 -33.95
N VAL W 24 64.62 39.48 -34.09
CA VAL W 24 65.81 39.31 -33.25
C VAL W 24 66.94 40.13 -33.85
N PRO W 25 67.66 40.91 -33.06
CA PRO W 25 68.83 41.63 -33.58
C PRO W 25 69.86 40.69 -34.17
N LEU W 26 70.34 40.98 -35.37
CA LEU W 26 71.17 40.03 -36.10
C LEU W 26 72.57 39.85 -35.51
N ALA W 27 73.00 40.74 -34.61
CA ALA W 27 74.33 40.56 -34.03
C ALA W 27 74.44 39.29 -33.22
N THR W 28 73.32 38.82 -32.66
CA THR W 28 73.35 37.55 -31.95
C THR W 28 73.71 36.41 -32.87
N TYR W 29 73.22 36.45 -34.12
CA TYR W 29 73.51 35.37 -35.04
C TYR W 29 74.94 35.41 -35.53
N MET W 30 75.48 36.60 -35.78
CA MET W 30 76.86 36.71 -36.27
C MET W 30 77.85 36.82 -35.12
N ARG W 31 77.88 35.79 -34.29
CA ARG W 31 78.71 35.74 -33.09
C ARG W 31 79.37 34.37 -33.04
N ILE W 32 80.70 34.35 -33.13
CA ILE W 32 81.41 33.07 -33.22
C ILE W 32 81.53 32.42 -31.86
N TYR W 33 81.58 31.09 -31.86
CA TYR W 33 81.68 30.30 -30.63
C TYR W 33 82.69 29.18 -30.87
N LYS W 34 83.88 29.33 -30.31
CA LYS W 34 84.89 28.28 -30.39
C LYS W 34 84.59 27.21 -29.35
N LYS W 35 85.29 26.09 -29.45
CA LYS W 35 85.22 25.08 -28.42
C LYS W 35 85.84 25.59 -27.14
N GLY W 36 85.30 25.15 -26.02
CA GLY W 36 85.81 25.60 -24.74
C GLY W 36 85.47 27.02 -24.38
N ASP W 37 84.52 27.63 -25.07
CA ASP W 37 84.07 28.99 -24.75
C ASP W 37 83.09 28.94 -23.60
N ILE W 38 83.33 29.77 -22.58
CA ILE W 38 82.39 29.86 -21.48
C ILE W 38 81.17 30.64 -21.96
N VAL W 39 79.99 30.06 -21.75
CA VAL W 39 78.76 30.54 -22.35
C VAL W 39 77.65 30.43 -21.31
N ASP W 40 76.87 31.50 -21.17
CA ASP W 40 75.72 31.48 -20.27
C ASP W 40 74.42 31.40 -21.06
N ILE W 41 73.50 30.62 -20.54
CA ILE W 41 72.29 30.22 -21.25
C ILE W 41 71.13 31.09 -20.79
N LYS W 42 70.34 31.55 -21.75
CA LYS W 42 69.19 32.40 -21.43
C LYS W 42 68.16 32.19 -22.52
N GLY W 43 67.15 31.38 -22.22
CA GLY W 43 66.11 31.08 -23.18
C GLY W 43 65.35 32.29 -23.68
N MET W 44 65.16 32.37 -24.99
CA MET W 44 64.40 33.44 -25.62
C MET W 44 63.14 32.83 -26.23
N GLY W 45 62.00 33.43 -25.91
CA GLY W 45 60.74 32.87 -26.36
C GLY W 45 60.41 33.11 -27.81
N THR W 46 61.08 34.07 -28.45
CA THR W 46 60.80 34.38 -29.85
C THR W 46 61.11 33.19 -30.75
N VAL W 47 62.14 32.43 -30.43
CA VAL W 47 62.57 31.29 -31.22
C VAL W 47 62.26 30.03 -30.44
N GLN W 48 61.31 29.23 -30.94
CA GLN W 48 60.87 28.06 -30.20
C GLN W 48 61.71 26.83 -30.51
N LYS W 49 62.55 26.87 -31.53
CA LYS W 49 63.39 25.74 -31.85
C LYS W 49 64.64 25.74 -30.99
N GLY W 50 65.00 24.57 -30.49
CA GLY W 50 66.24 24.44 -29.75
C GLY W 50 66.29 25.15 -28.43
N MET W 51 65.15 25.46 -27.84
CA MET W 51 65.15 26.11 -26.55
C MET W 51 65.74 25.18 -25.51
N PRO W 52 66.55 25.68 -24.59
CA PRO W 52 66.99 24.85 -23.46
C PRO W 52 65.82 24.60 -22.54
N HIS W 53 65.92 23.52 -21.78
CA HIS W 53 64.93 23.29 -20.73
C HIS W 53 65.07 24.35 -19.65
N LYS W 54 63.98 24.61 -18.95
CA LYS W 54 63.93 25.73 -18.04
C LYS W 54 64.91 25.62 -16.88
N CYS W 55 65.43 24.43 -16.62
CA CYS W 55 66.37 24.23 -15.53
C CYS W 55 67.78 24.65 -15.90
N TYR W 56 67.99 25.20 -17.10
CA TYR W 56 69.27 25.71 -17.50
C TYR W 56 69.27 27.20 -17.76
N HIS W 57 68.11 27.83 -17.80
CA HIS W 57 68.03 29.26 -17.95
C HIS W 57 68.75 29.94 -16.79
N GLY W 58 69.81 30.67 -17.08
CA GLY W 58 70.61 31.30 -16.07
C GLY W 58 71.86 30.54 -15.69
N LYS W 59 71.99 29.29 -16.12
CA LYS W 59 73.21 28.55 -15.85
C LYS W 59 74.27 28.87 -16.90
N THR W 60 75.51 28.55 -16.58
CA THR W 60 76.64 28.86 -17.43
C THR W 60 77.44 27.59 -17.68
N GLY W 61 77.77 27.33 -18.93
CA GLY W 61 78.54 26.15 -19.27
C GLY W 61 79.62 26.45 -20.29
N ARG W 62 80.22 25.41 -20.87
CA ARG W 62 81.27 25.59 -21.86
C ARG W 62 80.92 24.82 -23.12
N VAL W 63 81.26 25.41 -24.26
CA VAL W 63 80.96 24.80 -25.55
C VAL W 63 81.90 23.63 -25.81
N TYR W 64 81.36 22.53 -26.31
CA TYR W 64 82.18 21.40 -26.71
C TYR W 64 81.90 20.94 -28.13
N ASN W 65 80.83 21.39 -28.76
CA ASN W 65 80.48 20.96 -30.11
C ASN W 65 79.73 22.08 -30.80
N VAL W 66 80.03 22.31 -32.07
CA VAL W 66 79.46 23.40 -32.84
C VAL W 66 78.90 22.85 -34.14
N THR W 67 77.58 22.97 -34.32
CA THR W 67 76.89 22.58 -35.53
C THR W 67 76.54 23.83 -36.33
N GLN W 68 75.70 23.67 -37.35
CA GLN W 68 75.34 24.79 -38.21
C GLN W 68 74.62 25.89 -37.44
N HIS W 69 73.59 25.55 -36.70
CA HIS W 69 72.76 26.54 -36.03
C HIS W 69 72.86 26.52 -34.52
N ALA W 70 73.43 25.49 -33.92
CA ALA W 70 73.41 25.34 -32.48
C ALA W 70 74.80 24.97 -31.99
N VAL W 71 74.96 24.91 -30.68
CA VAL W 71 76.21 24.50 -30.05
C VAL W 71 75.88 23.48 -28.97
N GLY W 72 76.84 22.61 -28.68
CA GLY W 72 76.71 21.73 -27.54
C GLY W 72 77.43 22.31 -26.34
N ILE W 73 76.75 22.31 -25.21
CA ILE W 73 77.28 22.88 -23.98
C ILE W 73 77.31 21.81 -22.91
N VAL W 74 78.28 21.92 -22.01
CA VAL W 74 78.40 21.03 -20.86
C VAL W 74 78.09 21.86 -19.64
N VAL W 75 76.92 21.63 -19.05
CA VAL W 75 76.44 22.41 -17.93
C VAL W 75 76.35 21.51 -16.71
N ASN W 76 76.58 22.09 -15.53
CA ASN W 76 76.46 21.38 -14.28
C ASN W 76 75.05 21.55 -13.75
N LYS W 77 74.35 20.43 -13.56
CA LYS W 77 72.99 20.44 -13.04
C LYS W 77 72.98 19.67 -11.73
N GLN W 78 72.48 20.29 -10.68
CA GLN W 78 72.42 19.63 -9.38
C GLN W 78 71.16 18.78 -9.29
N VAL W 79 71.34 17.50 -9.04
CA VAL W 79 70.22 16.56 -8.98
C VAL W 79 70.26 15.83 -7.66
N LYS W 80 69.55 16.34 -6.66
CA LYS W 80 69.38 15.67 -5.38
C LYS W 80 70.69 15.19 -4.78
N GLY W 81 71.60 16.10 -4.48
CA GLY W 81 72.80 15.71 -3.77
C GLY W 81 73.91 15.15 -4.63
N LYS W 82 73.81 15.34 -5.93
CA LYS W 82 74.94 15.05 -6.82
C LYS W 82 74.87 15.99 -8.01
N ILE W 83 76.02 16.42 -8.47
CA ILE W 83 76.11 17.31 -9.62
C ILE W 83 76.35 16.48 -10.85
N LEU W 84 75.71 16.85 -11.95
CA LEU W 84 75.85 16.13 -13.22
C LEU W 84 76.28 17.12 -14.28
N ALA W 85 77.44 16.87 -14.89
CA ALA W 85 77.89 17.65 -16.03
C ALA W 85 77.26 17.02 -17.27
N LYS W 86 76.16 17.61 -17.71
CA LYS W 86 75.38 17.03 -18.79
C LYS W 86 75.35 17.94 -20.01
N ARG W 87 75.13 17.33 -21.16
CA ARG W 87 75.29 17.98 -22.46
C ARG W 87 73.93 18.36 -23.02
N ILE W 88 73.82 19.59 -23.52
CA ILE W 88 72.60 20.05 -24.15
C ILE W 88 72.95 20.71 -25.47
N ASN W 89 72.02 20.63 -26.41
CA ASN W 89 72.16 21.24 -27.72
C ASN W 89 71.16 22.39 -27.81
N VAL W 90 71.66 23.61 -27.72
CA VAL W 90 70.81 24.80 -27.73
C VAL W 90 71.17 25.66 -28.93
N ARG W 91 70.14 26.18 -29.57
CA ARG W 91 70.32 27.03 -30.74
C ARG W 91 70.84 28.40 -30.30
N ILE W 92 71.59 29.05 -31.20
CA ILE W 92 72.39 30.23 -30.88
C ILE W 92 71.62 31.34 -30.18
N GLU W 93 70.34 31.51 -30.52
CA GLU W 93 69.58 32.64 -29.99
C GLU W 93 69.53 32.66 -28.46
N HIS W 94 69.61 31.50 -27.82
CA HIS W 94 69.51 31.41 -26.37
C HIS W 94 70.88 31.43 -25.71
N ILE W 95 71.85 32.11 -26.31
CA ILE W 95 73.25 31.99 -25.93
C ILE W 95 73.90 33.36 -25.89
N LYS W 96 74.76 33.55 -24.90
CA LYS W 96 75.58 34.74 -24.80
C LYS W 96 77.00 34.32 -24.46
N HIS W 97 77.94 35.17 -24.82
CA HIS W 97 79.31 35.00 -24.35
C HIS W 97 79.38 35.46 -22.91
N SER W 98 79.94 34.62 -22.04
CA SER W 98 80.04 34.95 -20.63
C SER W 98 81.20 35.90 -20.43
N LYS W 99 80.93 37.03 -19.78
CA LYS W 99 81.99 37.97 -19.42
C LYS W 99 82.54 37.71 -18.04
N SER W 100 82.30 36.54 -17.48
CA SER W 100 82.87 36.21 -16.19
C SER W 100 84.31 35.77 -16.29
N ARG W 101 84.70 35.20 -17.42
CA ARG W 101 86.06 34.71 -17.59
C ARG W 101 87.01 35.80 -18.06
N ASP W 102 86.48 36.84 -18.71
CA ASP W 102 87.34 37.80 -19.39
C ASP W 102 88.15 38.63 -18.39
N SER W 103 87.53 39.01 -17.28
CA SER W 103 88.23 39.79 -16.27
C SER W 103 89.41 39.04 -15.71
N PHE W 104 89.38 37.71 -15.78
CA PHE W 104 90.56 36.92 -15.49
C PHE W 104 91.54 37.00 -16.64
N LEU W 105 91.06 36.83 -17.87
CA LEU W 105 91.90 36.94 -19.05
C LEU W 105 92.55 38.30 -19.13
N LYS W 106 91.84 39.36 -18.76
CA LYS W 106 92.43 40.68 -18.75
C LYS W 106 93.52 40.76 -17.69
N ARG W 107 93.23 40.27 -16.48
CA ARG W 107 94.20 40.29 -15.40
C ARG W 107 95.44 39.47 -15.72
N VAL W 108 95.31 38.45 -16.56
CA VAL W 108 96.49 37.68 -16.96
C VAL W 108 97.44 38.55 -17.78
N LYS W 109 96.89 39.46 -18.58
CA LYS W 109 97.75 40.28 -19.44
C LYS W 109 98.68 41.17 -18.63
N GLU W 110 98.13 41.96 -17.69
CA GLU W 110 98.99 42.80 -16.87
C GLU W 110 99.94 41.97 -16.04
N ASN W 111 99.50 40.80 -15.57
CA ASN W 111 100.42 39.91 -14.88
C ASN W 111 101.54 39.46 -15.79
N ASP W 112 101.20 39.08 -17.02
CA ASP W 112 102.25 38.75 -17.98
C ASP W 112 102.96 39.99 -18.48
N GLN W 113 102.31 41.15 -18.42
CA GLN W 113 102.99 42.39 -18.79
C GLN W 113 103.94 42.84 -17.69
N LYS W 114 103.43 42.98 -16.47
CA LYS W 114 104.23 43.45 -15.35
C LYS W 114 105.19 42.40 -14.81
N LYS W 115 105.32 41.27 -15.48
CA LYS W 115 106.35 40.30 -15.12
C LYS W 115 107.59 40.49 -15.98
N LYS W 116 107.42 40.44 -17.31
CA LYS W 116 108.54 40.78 -18.19
C LYS W 116 108.97 42.23 -18.00
N GLU W 117 108.02 43.13 -17.73
CA GLU W 117 108.35 44.46 -17.23
C GLU W 117 108.66 44.36 -15.75
N ALA W 118 109.54 45.24 -15.28
CA ALA W 118 110.05 45.30 -13.92
C ALA W 118 110.85 44.06 -13.55
N LYS W 119 111.06 43.13 -14.47
CA LYS W 119 112.06 42.09 -14.24
C LYS W 119 113.46 42.60 -14.49
N GLU W 120 113.68 43.21 -15.66
CA GLU W 120 114.96 43.86 -15.92
C GLU W 120 115.17 45.09 -15.05
N LYS W 121 114.09 45.73 -14.61
CA LYS W 121 114.20 46.78 -13.61
C LYS W 121 114.43 46.22 -12.22
N GLY W 122 114.09 44.95 -12.00
CA GLY W 122 114.29 44.31 -10.73
C GLY W 122 113.21 44.57 -9.70
N THR W 123 112.41 45.61 -9.90
CA THR W 123 111.39 45.99 -8.93
C THR W 123 110.33 44.90 -8.83
N TRP W 124 110.18 44.35 -7.64
CA TRP W 124 109.22 43.27 -7.39
C TRP W 124 107.84 43.91 -7.26
N VAL W 125 107.00 43.70 -8.26
CA VAL W 125 105.68 44.31 -8.30
C VAL W 125 104.63 43.29 -7.91
N GLN W 126 103.76 43.67 -6.99
CA GLN W 126 102.73 42.77 -6.49
C GLN W 126 101.83 42.31 -7.62
N LEU W 127 101.56 41.00 -7.67
CA LEU W 127 100.71 40.43 -8.70
C LEU W 127 99.38 39.93 -8.18
N LYS W 128 99.37 39.19 -7.07
CA LYS W 128 98.14 38.64 -6.55
C LYS W 128 97.21 39.77 -6.11
N ARG W 129 95.91 39.57 -6.34
CA ARG W 129 94.92 40.47 -5.77
C ARG W 129 94.92 40.31 -4.26
N GLN W 130 94.55 41.38 -3.56
CA GLN W 130 94.45 41.34 -2.12
C GLN W 130 93.12 41.94 -1.72
N PRO W 131 92.47 41.42 -0.68
CA PRO W 131 91.19 41.98 -0.26
C PRO W 131 91.34 43.44 0.15
N ALA W 132 90.22 44.13 0.19
CA ALA W 132 90.21 45.53 0.60
C ALA W 132 90.82 45.64 1.99
N PRO W 133 91.99 46.26 2.11
CA PRO W 133 92.65 46.34 3.40
C PRO W 133 91.97 47.34 4.30
N PRO W 134 92.24 47.29 5.60
CA PRO W 134 91.79 48.37 6.50
C PRO W 134 92.42 49.68 6.08
N ARG W 135 91.59 50.72 5.97
CA ARG W 135 92.06 51.99 5.44
C ARG W 135 93.07 52.63 6.38
N GLU W 136 93.97 53.42 5.79
CA GLU W 136 95.11 53.96 6.50
C GLU W 136 94.67 55.03 7.49
N ALA W 137 95.64 55.53 8.25
CA ALA W 137 95.43 56.67 9.14
C ALA W 137 95.61 57.95 8.36
N HIS W 138 94.70 58.89 8.53
CA HIS W 138 94.73 60.14 7.81
C HIS W 138 94.26 61.27 8.72
N PHE W 139 94.46 62.50 8.25
CA PHE W 139 94.03 63.70 8.94
C PHE W 139 92.79 64.22 8.23
N VAL W 140 91.79 64.63 8.99
CA VAL W 140 90.59 65.25 8.45
C VAL W 140 90.62 66.72 8.82
N ARG W 141 90.69 67.57 7.81
CA ARG W 141 90.79 69.00 8.03
C ARG W 141 89.40 69.60 8.22
N THR W 142 89.24 70.39 9.27
CA THR W 142 88.01 71.13 9.52
C THR W 142 88.25 72.62 9.36
N ASN W 143 88.99 72.99 8.33
CA ASN W 143 89.38 74.38 8.12
C ASN W 143 88.17 75.29 8.09
N GLY W 144 88.11 76.21 9.05
CA GLY W 144 87.03 77.16 9.09
C GLY W 144 85.83 76.63 9.85
N LYS W 145 84.90 76.05 9.09
CA LYS W 145 83.67 75.48 9.61
C LYS W 145 83.93 74.57 10.80
N GLU W 146 82.92 74.44 11.63
CA GLU W 146 82.88 73.48 12.72
C GLU W 146 81.73 72.51 12.50
N PRO W 147 81.88 71.24 12.89
CA PRO W 147 80.87 70.23 12.56
C PRO W 147 79.48 70.59 13.05
N GLU W 148 78.50 70.62 12.17
CA GLU W 148 77.16 71.03 12.56
C GLU W 148 76.50 69.93 13.39
N LEU W 149 75.67 70.37 14.32
CA LEU W 149 75.04 69.48 15.28
C LEU W 149 73.87 68.76 14.66
N LEU W 150 73.70 67.50 15.01
CA LEU W 150 72.54 66.70 14.61
C LEU W 150 71.76 66.31 15.84
N GLU W 151 70.44 66.47 15.77
CA GLU W 151 69.55 66.10 16.86
C GLU W 151 68.33 65.43 16.26
N PRO W 152 67.81 64.38 16.85
CA PRO W 152 66.60 63.73 16.31
C PRO W 152 65.41 64.67 16.27
N ILE W 153 64.74 64.73 15.12
CA ILE W 153 63.57 65.59 14.96
C ILE W 153 62.44 65.06 15.83
N PRO W 154 61.54 65.92 16.30
CA PRO W 154 60.41 65.43 17.10
C PRO W 154 59.39 64.73 16.22
N TYR W 155 58.67 63.80 16.84
CA TYR W 155 57.64 63.06 16.13
C TYR W 155 56.43 63.93 15.87
N GLU W 156 55.74 63.65 14.76
CA GLU W 156 54.47 64.31 14.46
C GLU W 156 53.67 63.35 13.58
N PHE W 157 52.44 63.07 14.01
CA PHE W 157 51.59 62.08 13.36
C PHE W 157 51.35 62.40 11.90
N MET W 158 51.75 61.48 11.02
CA MET W 158 51.71 61.78 9.59
C MET W 158 50.29 61.72 9.06
N ALA W 159 49.60 60.61 9.28
CA ALA W 159 48.25 60.44 8.75
C ALA W 159 47.27 61.30 9.51
N GLN X 1 -31.88 -75.59 73.86
CA GLN X 1 -30.42 -75.72 73.91
C GLN X 1 -29.85 -74.81 74.99
N LEU X 2 -28.80 -75.28 75.67
CA LEU X 2 -28.19 -74.55 76.78
C LEU X 2 -26.68 -74.55 76.62
N LEU X 3 -26.04 -73.48 77.07
CA LEU X 3 -24.61 -73.28 76.92
C LEU X 3 -23.99 -73.17 78.30
N LYS X 4 -22.90 -73.92 78.51
CA LYS X 4 -22.28 -74.05 79.83
C LYS X 4 -20.82 -73.64 79.70
N PHE X 5 -20.42 -72.61 80.44
CA PHE X 5 -19.03 -72.20 80.55
C PHE X 5 -18.63 -72.18 82.02
N THR X 6 -17.34 -72.41 82.28
CA THR X 6 -16.79 -72.45 83.62
C THR X 6 -15.57 -71.55 83.72
N LEU X 7 -15.18 -71.23 84.96
CA LEU X 7 -14.00 -70.43 85.25
C LEU X 7 -13.20 -71.16 86.32
N ASP X 8 -12.16 -71.87 85.90
CA ASP X 8 -11.32 -72.62 86.81
C ASP X 8 -10.39 -71.69 87.56
N CYS X 9 -10.94 -70.91 88.49
CA CYS X 9 -10.14 -69.95 89.27
C CYS X 9 -9.74 -70.55 90.62
N THR X 10 -9.08 -71.70 90.57
CA THR X 10 -8.56 -72.29 91.80
C THR X 10 -7.22 -71.71 92.19
N HIS X 11 -6.24 -71.77 91.29
CA HIS X 11 -4.87 -71.31 91.48
C HIS X 11 -4.76 -69.95 92.17
N PRO X 12 -5.63 -68.98 91.89
CA PRO X 12 -5.60 -67.75 92.69
C PRO X 12 -6.09 -67.93 94.11
N VAL X 13 -7.19 -68.67 94.33
CA VAL X 13 -7.73 -68.77 95.67
C VAL X 13 -6.91 -69.73 96.53
N GLU X 14 -6.23 -70.68 95.90
CA GLU X 14 -5.31 -71.53 96.65
C GLU X 14 -4.20 -70.70 97.30
N ASP X 15 -3.71 -69.69 96.59
CA ASP X 15 -2.78 -68.73 97.17
C ASP X 15 -3.52 -67.60 97.89
N GLY X 16 -4.84 -67.64 97.92
CA GLY X 16 -5.63 -66.64 98.62
C GLY X 16 -5.38 -65.23 98.16
N ILE X 17 -5.38 -65.02 96.85
CA ILE X 17 -5.12 -63.69 96.31
C ILE X 17 -6.44 -63.05 95.92
N MET X 18 -7.48 -63.87 95.79
CA MET X 18 -8.83 -63.38 95.55
C MET X 18 -9.81 -64.37 96.17
N ASP X 19 -11.10 -64.17 95.90
CA ASP X 19 -12.14 -65.05 96.42
C ASP X 19 -13.23 -65.20 95.38
N ALA X 20 -13.72 -66.43 95.23
CA ALA X 20 -14.77 -66.68 94.25
C ALA X 20 -16.11 -66.08 94.66
N ALA X 21 -16.31 -65.80 95.94
CA ALA X 21 -17.56 -65.21 96.38
C ALA X 21 -17.72 -63.79 95.86
N ASN X 22 -16.71 -62.95 96.09
CA ASN X 22 -16.75 -61.60 95.53
C ASN X 22 -16.86 -61.65 94.02
N PHE X 23 -16.13 -62.55 93.37
CA PHE X 23 -16.09 -62.54 91.91
C PHE X 23 -17.42 -62.98 91.31
N GLU X 24 -18.08 -63.98 91.90
CA GLU X 24 -19.33 -64.45 91.34
C GLU X 24 -20.41 -63.39 91.43
N GLN X 25 -20.57 -62.79 92.62
CA GLN X 25 -21.60 -61.77 92.78
C GLN X 25 -21.28 -60.56 91.93
N PHE X 26 -19.99 -60.32 91.67
CA PHE X 26 -19.57 -59.30 90.72
C PHE X 26 -20.24 -59.48 89.38
N LEU X 27 -20.14 -60.69 88.82
CA LEU X 27 -20.78 -60.96 87.54
C LEU X 27 -22.28 -60.74 87.61
N GLN X 28 -22.87 -60.88 88.79
CA GLN X 28 -24.32 -60.84 88.91
C GLN X 28 -24.92 -59.49 88.53
N GLU X 29 -24.16 -58.39 88.62
CA GLU X 29 -24.67 -57.12 88.15
C GLU X 29 -23.96 -56.62 86.90
N ARG X 30 -22.92 -57.31 86.45
CA ARG X 30 -22.19 -56.88 85.27
C ARG X 30 -22.52 -57.67 84.01
N ILE X 31 -23.06 -58.88 84.15
CA ILE X 31 -23.43 -59.65 82.97
C ILE X 31 -24.61 -58.96 82.32
N LYS X 32 -24.36 -58.37 81.16
CA LYS X 32 -25.35 -57.56 80.46
C LYS X 32 -26.06 -58.43 79.43
N VAL X 33 -27.38 -58.50 79.53
CA VAL X 33 -28.19 -59.26 78.60
C VAL X 33 -29.16 -58.29 77.94
N ASN X 34 -29.13 -58.23 76.61
CA ASN X 34 -29.96 -57.31 75.83
C ASN X 34 -29.75 -55.86 76.25
N GLY X 35 -28.53 -55.53 76.67
CA GLY X 35 -28.25 -54.16 77.08
C GLY X 35 -28.69 -53.83 78.49
N LYS X 36 -29.07 -54.82 79.28
CA LYS X 36 -29.50 -54.63 80.66
C LYS X 36 -28.64 -55.50 81.55
N ALA X 37 -27.81 -54.88 82.37
CA ALA X 37 -26.85 -55.60 83.19
C ALA X 37 -27.41 -56.07 84.52
N GLY X 38 -28.65 -55.72 84.84
CA GLY X 38 -29.23 -56.07 86.12
C GLY X 38 -29.98 -57.39 86.07
N ASN X 39 -30.20 -57.96 87.27
CA ASN X 39 -31.02 -59.15 87.50
C ASN X 39 -30.75 -60.27 86.51
N LEU X 40 -29.51 -60.40 86.04
CA LEU X 40 -29.14 -61.40 85.05
C LEU X 40 -30.06 -61.39 83.84
N GLY X 41 -30.54 -60.20 83.48
CA GLY X 41 -31.48 -60.06 82.38
C GLY X 41 -32.74 -60.87 82.58
N GLY X 42 -33.20 -60.98 83.82
CA GLY X 42 -34.31 -61.86 84.14
C GLY X 42 -33.82 -63.26 84.45
N GLY X 43 -34.77 -64.10 84.84
CA GLY X 43 -34.44 -65.46 85.19
C GLY X 43 -34.15 -66.34 83.99
N VAL X 44 -33.22 -65.90 83.15
CA VAL X 44 -32.86 -66.65 81.95
C VAL X 44 -31.47 -67.28 82.11
N VAL X 45 -30.46 -66.45 82.36
CA VAL X 45 -29.13 -66.97 82.65
C VAL X 45 -29.00 -67.16 84.15
N SER X 46 -28.31 -68.22 84.57
CA SER X 46 -28.10 -68.50 85.97
C SER X 46 -26.62 -68.78 86.22
N LEU X 47 -26.16 -68.42 87.40
CA LEU X 47 -24.75 -68.49 87.75
C LEU X 47 -24.61 -69.37 89.00
N GLU X 48 -23.83 -70.43 88.87
CA GLU X 48 -23.55 -71.34 89.97
C GLU X 48 -22.09 -71.18 90.40
N ARG X 49 -21.87 -71.15 91.72
CA ARG X 49 -20.53 -71.08 92.28
C ARG X 49 -20.27 -72.35 93.08
N SER X 50 -19.20 -73.04 92.73
CA SER X 50 -18.73 -74.19 93.48
C SER X 50 -17.44 -73.82 94.16
N LYS X 51 -16.79 -74.80 94.76
CA LYS X 51 -15.53 -74.56 95.46
C LYS X 51 -14.49 -74.13 94.43
N SER X 52 -14.26 -72.82 94.34
CA SER X 52 -13.26 -72.25 93.44
C SER X 52 -13.55 -72.58 91.98
N LYS X 53 -14.82 -72.46 91.60
CA LYS X 53 -15.23 -72.70 90.22
C LYS X 53 -16.53 -71.97 89.97
N ILE X 54 -16.56 -71.19 88.89
CA ILE X 54 -17.72 -70.37 88.55
C ILE X 54 -18.26 -70.86 87.22
N THR X 55 -19.43 -71.48 87.24
CA THR X 55 -20.05 -72.01 86.04
C THR X 55 -21.27 -71.18 85.70
N VAL X 56 -21.37 -70.77 84.43
CA VAL X 56 -22.48 -69.98 83.92
C VAL X 56 -23.19 -70.80 82.88
N THR X 57 -24.49 -71.04 83.09
CA THR X 57 -25.33 -71.68 82.09
C THR X 57 -26.37 -70.69 81.59
N SER X 58 -26.76 -70.84 80.33
CA SER X 58 -27.81 -70.02 79.76
C SER X 58 -28.40 -70.72 78.55
N GLU X 59 -29.69 -70.52 78.34
CA GLU X 59 -30.38 -71.08 77.19
C GLU X 59 -30.58 -70.09 76.07
N VAL X 60 -30.06 -68.87 76.19
CA VAL X 60 -30.10 -67.88 75.12
C VAL X 60 -28.67 -67.79 74.59
N PRO X 61 -28.47 -67.55 73.28
CA PRO X 61 -27.10 -67.42 72.76
C PRO X 61 -26.23 -66.46 73.55
N PHE X 62 -25.16 -66.99 74.13
CA PHE X 62 -24.28 -66.26 75.03
C PHE X 62 -22.83 -66.56 74.65
N SER X 63 -22.04 -65.51 74.49
CA SER X 63 -20.68 -65.66 73.96
C SER X 63 -19.69 -65.91 75.08
N LYS X 64 -18.78 -66.85 74.85
CA LYS X 64 -17.82 -67.24 75.89
C LYS X 64 -16.80 -66.14 76.13
N ARG X 65 -16.24 -65.57 75.07
CA ARG X 65 -15.18 -64.60 75.27
C ARG X 65 -15.70 -63.29 75.84
N TYR X 66 -17.02 -63.10 75.89
CA TYR X 66 -17.57 -62.07 76.76
C TYR X 66 -17.28 -62.40 78.21
N LEU X 67 -17.45 -63.65 78.58
CA LEU X 67 -17.15 -64.07 79.94
C LEU X 67 -15.66 -63.95 80.25
N LYS X 68 -14.82 -63.86 79.22
CA LYS X 68 -13.44 -63.48 79.39
C LYS X 68 -13.25 -61.98 79.47
N TYR X 69 -14.09 -61.21 78.79
CA TYR X 69 -13.99 -59.76 78.88
C TYR X 69 -14.39 -59.27 80.26
N LEU X 70 -15.27 -59.99 80.93
CA LEU X 70 -15.68 -59.58 82.27
C LEU X 70 -14.62 -59.91 83.31
N THR X 71 -14.03 -61.10 83.23
CA THR X 71 -13.03 -61.46 84.23
C THR X 71 -11.77 -60.63 84.08
N LYS X 72 -11.41 -60.27 82.85
CA LYS X 72 -10.29 -59.35 82.68
C LYS X 72 -10.63 -57.98 83.26
N LYS X 73 -11.90 -57.59 83.19
CA LYS X 73 -12.32 -56.36 83.83
C LYS X 73 -12.27 -56.49 85.35
N TYR X 74 -12.46 -57.69 85.87
CA TYR X 74 -12.46 -57.88 87.31
C TYR X 74 -11.06 -57.79 87.89
N LEU X 75 -10.08 -58.41 87.24
CA LEU X 75 -8.72 -58.38 87.75
C LEU X 75 -8.16 -56.97 87.72
N LYS X 76 -8.54 -56.18 86.71
CA LYS X 76 -8.09 -54.81 86.66
C LYS X 76 -8.68 -53.97 87.79
N LYS X 77 -9.91 -54.28 88.20
CA LYS X 77 -10.48 -53.59 89.34
C LYS X 77 -9.83 -54.01 90.65
N ASN X 78 -9.25 -55.21 90.69
CA ASN X 78 -8.57 -55.70 91.89
C ASN X 78 -7.07 -55.78 91.70
N ASN X 79 -6.54 -55.18 90.63
CA ASN X 79 -5.11 -55.02 90.42
C ASN X 79 -4.39 -56.36 90.39
N LEU X 80 -4.98 -57.29 89.65
CA LEU X 80 -4.39 -58.60 89.46
C LEU X 80 -4.01 -58.85 88.01
N ARG X 81 -4.23 -57.88 87.13
CA ARG X 81 -3.91 -58.04 85.72
C ARG X 81 -2.43 -58.26 85.49
N ASP X 82 -1.58 -57.74 86.37
CA ASP X 82 -0.15 -57.97 86.28
C ASP X 82 0.28 -59.27 86.93
N TRP X 83 -0.65 -60.03 87.48
CA TRP X 83 -0.34 -61.28 88.14
C TRP X 83 -1.00 -62.48 87.51
N LEU X 84 -2.29 -62.40 87.23
CA LEU X 84 -3.00 -63.52 86.64
C LEU X 84 -3.12 -63.34 85.13
N ARG X 85 -3.70 -64.35 84.49
CA ARG X 85 -3.81 -64.36 83.04
C ARG X 85 -4.90 -65.35 82.65
N VAL X 86 -5.99 -64.86 82.07
CA VAL X 86 -7.11 -65.72 81.70
C VAL X 86 -6.71 -66.55 80.49
N VAL X 87 -6.76 -67.87 80.64
CA VAL X 87 -6.38 -68.79 79.58
C VAL X 87 -7.44 -69.85 79.43
N ALA X 88 -7.77 -70.18 78.19
CA ALA X 88 -8.78 -71.18 77.87
C ALA X 88 -8.08 -72.53 77.78
N ASN X 89 -8.33 -73.39 78.78
CA ASN X 89 -7.84 -74.76 78.71
C ASN X 89 -8.57 -75.56 77.66
N THR X 90 -9.88 -75.39 77.56
CA THR X 90 -10.67 -76.04 76.53
C THR X 90 -11.82 -75.10 76.24
N LYS X 91 -12.60 -75.41 75.21
CA LYS X 91 -13.94 -74.86 75.13
C LYS X 91 -14.64 -75.07 76.47
N GLU X 92 -15.67 -74.26 76.70
CA GLU X 92 -16.46 -74.21 77.93
C GLU X 92 -15.68 -73.78 79.16
N SER X 93 -14.39 -73.47 79.05
CA SER X 93 -13.60 -73.27 80.26
C SER X 93 -12.49 -72.25 80.08
N TYR X 94 -12.23 -71.52 81.16
CA TYR X 94 -11.07 -70.64 81.31
C TYR X 94 -10.46 -70.96 82.66
N GLU X 95 -9.15 -70.76 82.82
CA GLU X 95 -8.53 -70.82 84.14
C GLU X 95 -7.57 -69.65 84.27
N LEU X 96 -7.54 -69.06 85.46
CA LEU X 96 -6.54 -68.04 85.78
C LEU X 96 -5.21 -68.74 86.06
N ARG X 97 -4.17 -68.30 85.38
CA ARG X 97 -2.83 -68.83 85.61
C ARG X 97 -1.89 -67.69 85.97
N TYR X 98 -0.69 -68.05 86.39
CA TYR X 98 0.33 -67.07 86.74
C TYR X 98 1.33 -66.94 85.59
N PHE X 99 2.37 -66.16 85.81
CA PHE X 99 3.43 -66.01 84.83
C PHE X 99 4.70 -66.70 85.29
N SER Y 1 -10.94 32.60 64.70
CA SER Y 1 -9.54 32.98 64.82
C SER Y 1 -8.70 31.84 65.35
N GLY Y 2 -9.34 30.91 66.06
CA GLY Y 2 -8.64 29.74 66.56
C GLY Y 2 -8.31 28.78 65.42
N ALA Y 3 -7.08 28.31 65.39
CA ALA Y 3 -6.63 27.52 64.26
C ALA Y 3 -6.94 26.04 64.47
N LYS Y 4 -6.94 25.30 63.37
CA LYS Y 4 -7.32 23.90 63.34
C LYS Y 4 -6.09 23.03 63.54
N PHE Y 5 -6.16 22.09 64.47
CA PHE Y 5 -5.04 21.19 64.71
C PHE Y 5 -4.98 20.14 63.61
N ARG Y 6 -3.82 19.50 63.50
CA ARG Y 6 -3.67 18.45 62.50
C ARG Y 6 -4.33 17.17 62.99
N ILE Y 7 -4.80 16.39 62.04
CA ILE Y 7 -5.46 15.12 62.31
C ILE Y 7 -4.87 14.09 61.37
N SER Y 8 -4.96 12.82 61.76
CA SER Y 8 -4.45 11.78 60.88
C SER Y 8 -5.30 11.71 59.62
N LEU Y 9 -4.80 12.26 58.54
CA LEU Y 9 -5.50 12.26 57.26
C LEU Y 9 -5.36 10.92 56.57
N GLY Y 10 -6.46 10.44 56.01
CA GLY Y 10 -6.48 9.12 55.43
C GLY Y 10 -7.23 9.02 54.12
N LEU Y 11 -7.17 10.07 53.31
CA LEU Y 11 -7.84 10.10 52.01
C LEU Y 11 -6.84 10.59 50.97
N PRO Y 12 -6.03 9.70 50.43
CA PRO Y 12 -5.05 10.12 49.41
C PRO Y 12 -5.74 10.51 48.12
N VAL Y 13 -4.95 11.04 47.19
CA VAL Y 13 -5.45 11.33 45.87
C VAL Y 13 -5.87 10.04 45.20
N GLY Y 14 -7.02 10.05 44.55
CA GLY Y 14 -7.53 8.86 43.92
C GLY Y 14 -8.56 8.12 44.72
N ALA Y 15 -9.02 8.68 45.84
CA ALA Y 15 -10.04 8.05 46.65
C ALA Y 15 -11.41 8.56 46.21
N VAL Y 16 -12.34 7.64 46.02
CA VAL Y 16 -13.72 8.00 45.70
C VAL Y 16 -14.54 7.95 46.97
N ILE Y 17 -15.11 9.08 47.34
CA ILE Y 17 -15.93 9.20 48.52
C ILE Y 17 -17.35 9.55 48.07
N ASN Y 18 -18.32 9.17 48.88
CA ASN Y 18 -19.71 9.41 48.50
C ASN Y 18 -20.13 10.82 48.88
N CYS Y 19 -20.91 11.44 48.01
CA CYS Y 19 -21.37 12.80 48.22
C CYS Y 19 -22.56 12.81 49.15
N ALA Y 20 -22.44 13.47 50.29
CA ALA Y 20 -23.51 13.56 51.25
C ALA Y 20 -24.19 14.93 51.14
N ASP Y 21 -24.92 15.12 50.05
CA ASP Y 21 -25.81 16.26 49.92
C ASP Y 21 -26.70 16.03 48.71
N ASN Y 22 -27.68 16.90 48.54
CA ASN Y 22 -28.66 16.78 47.47
C ASN Y 22 -28.26 17.58 46.23
N THR Y 23 -27.06 17.36 45.73
CA THR Y 23 -26.61 17.97 44.50
C THR Y 23 -26.84 17.07 43.29
N GLY Y 24 -26.98 15.77 43.51
CA GLY Y 24 -27.12 14.82 42.43
C GLY Y 24 -25.87 14.05 42.12
N ALA Y 25 -24.84 14.15 42.95
CA ALA Y 25 -23.61 13.40 42.78
C ALA Y 25 -23.59 12.21 43.73
N LYS Y 26 -23.12 11.08 43.24
CA LYS Y 26 -22.98 9.88 44.08
C LYS Y 26 -21.55 9.67 44.55
N ASN Y 27 -20.57 9.91 43.69
CA ASN Y 27 -19.18 9.77 44.05
C ASN Y 27 -18.45 11.11 43.94
N LEU Y 28 -17.33 11.20 44.64
CA LEU Y 28 -16.37 12.29 44.51
C LEU Y 28 -14.98 11.69 44.39
N TYR Y 29 -14.45 11.67 43.17
CA TYR Y 29 -13.11 11.16 42.93
C TYR Y 29 -12.13 12.27 43.23
N ILE Y 30 -11.42 12.15 44.35
CA ILE Y 30 -10.50 13.20 44.79
C ILE Y 30 -9.29 13.23 43.87
N ILE Y 31 -9.02 14.40 43.30
CA ILE Y 31 -7.86 14.56 42.43
C ILE Y 31 -6.75 15.38 43.07
N SER Y 32 -7.07 16.23 44.05
CA SER Y 32 -6.04 17.04 44.69
C SER Y 32 -6.50 17.69 45.98
N VAL Y 33 -5.65 17.66 47.00
CA VAL Y 33 -5.94 18.40 48.21
C VAL Y 33 -5.46 19.84 48.04
N LYS Y 34 -6.19 20.77 48.64
CA LYS Y 34 -5.89 22.18 48.50
C LYS Y 34 -5.01 22.62 49.67
N GLY Y 35 -3.84 23.14 49.36
CA GLY Y 35 -2.91 23.59 50.35
C GLY Y 35 -1.74 22.68 50.63
N ILE Y 36 -1.47 21.71 49.77
CA ILE Y 36 -0.42 20.73 49.97
C ILE Y 36 0.78 21.13 49.13
N LYS Y 37 1.84 21.58 49.78
CA LYS Y 37 3.11 21.78 49.08
C LYS Y 37 3.56 20.48 48.45
N GLY Y 38 3.83 19.48 49.29
CA GLY Y 38 4.13 18.15 48.83
C GLY Y 38 5.55 17.74 49.16
N ARG Y 39 5.95 16.62 48.58
CA ARG Y 39 7.24 16.01 48.78
C ARG Y 39 7.39 14.92 47.73
N LEU Y 40 8.62 14.60 47.40
CA LEU Y 40 8.88 13.63 46.33
C LEU Y 40 8.21 12.31 46.63
N ASN Y 41 7.38 11.86 45.69
CA ASN Y 41 6.73 10.56 45.74
C ASN Y 41 5.82 10.42 46.96
N ARG Y 42 5.05 11.45 47.26
CA ARG Y 42 4.10 11.42 48.37
C ARG Y 42 2.76 11.93 47.88
N LEU Y 43 1.75 11.08 47.92
CA LEU Y 43 0.43 11.45 47.48
C LEU Y 43 -0.15 12.53 48.37
N PRO Y 44 -0.73 13.58 47.83
CA PRO Y 44 -1.45 14.53 48.67
C PRO Y 44 -2.65 13.86 49.29
N ALA Y 45 -2.75 13.89 50.62
CA ALA Y 45 -3.86 13.26 51.32
C ALA Y 45 -4.64 14.31 52.10
N ALA Y 46 -5.94 14.10 52.22
CA ALA Y 46 -6.84 15.03 52.88
C ALA Y 46 -7.47 14.38 54.11
N GLY Y 47 -7.74 15.21 55.11
CA GLY Y 47 -8.44 14.73 56.29
C GLY Y 47 -9.85 15.29 56.31
N VAL Y 48 -10.38 15.57 57.47
CA VAL Y 48 -11.71 16.14 57.59
C VAL Y 48 -11.59 17.65 57.63
N GLY Y 49 -12.51 18.32 56.96
CA GLY Y 49 -12.45 19.77 56.86
C GLY Y 49 -11.43 20.29 55.88
N ASP Y 50 -10.92 19.44 55.00
CA ASP Y 50 -9.91 19.83 54.03
C ASP Y 50 -10.62 20.11 52.71
N MET Y 51 -10.50 21.34 52.22
CA MET Y 51 -11.02 21.65 50.91
C MET Y 51 -10.23 20.88 49.87
N VAL Y 52 -10.94 20.23 48.96
CA VAL Y 52 -10.35 19.29 48.02
C VAL Y 52 -10.91 19.59 46.64
N MET Y 53 -10.08 19.38 45.63
CA MET Y 53 -10.54 19.41 44.24
C MET Y 53 -10.99 18.00 43.90
N ALA Y 54 -12.28 17.84 43.65
CA ALA Y 54 -12.85 16.53 43.41
C ALA Y 54 -13.46 16.47 42.02
N THR Y 55 -14.07 15.33 41.74
CA THR Y 55 -14.68 15.08 40.43
C THR Y 55 -15.75 14.02 40.61
N VAL Y 56 -16.99 14.36 40.30
CA VAL Y 56 -18.07 13.39 40.44
C VAL Y 56 -17.91 12.30 39.39
N LYS Y 57 -17.78 11.05 39.86
CA LYS Y 57 -17.54 9.93 38.97
C LYS Y 57 -18.83 9.30 38.49
N LYS Y 58 -19.94 9.48 39.22
CA LYS Y 58 -21.23 9.01 38.77
C LYS Y 58 -22.31 9.85 39.44
N GLY Y 59 -23.27 10.29 38.66
CA GLY Y 59 -24.27 11.20 39.13
C GLY Y 59 -24.95 11.87 37.93
N LYS Y 60 -25.48 13.05 38.16
CA LYS Y 60 -26.17 13.76 37.10
C LYS Y 60 -25.18 14.17 36.02
N PRO Y 61 -25.48 13.95 34.75
CA PRO Y 61 -24.54 14.33 33.68
C PRO Y 61 -24.20 15.81 33.67
N GLU Y 62 -25.03 16.64 34.28
CA GLU Y 62 -24.70 18.05 34.41
C GLU Y 62 -23.53 18.29 35.35
N LEU Y 63 -23.11 17.27 36.08
CA LEU Y 63 -22.02 17.39 37.04
C LEU Y 63 -20.74 16.72 36.59
N ARG Y 64 -20.83 15.64 35.82
CA ARG Y 64 -19.66 14.83 35.53
C ARG Y 64 -18.71 15.57 34.59
N LYS Y 65 -17.48 15.06 34.52
CA LYS Y 65 -16.47 15.52 33.58
C LYS Y 65 -16.14 17.00 33.78
N LYS Y 66 -15.98 17.38 35.03
CA LYS Y 66 -15.48 18.71 35.36
C LYS Y 66 -15.03 18.75 36.81
N VAL Y 67 -14.04 19.59 37.11
CA VAL Y 67 -13.46 19.64 38.45
C VAL Y 67 -14.36 20.48 39.36
N HIS Y 68 -14.56 19.98 40.59
CA HIS Y 68 -15.38 20.65 41.57
C HIS Y 68 -14.56 20.78 42.84
N PRO Y 69 -14.58 21.93 43.50
CA PRO Y 69 -14.00 22.02 44.84
C PRO Y 69 -14.94 21.43 45.87
N ALA Y 70 -14.43 20.53 46.70
CA ALA Y 70 -15.25 19.83 47.67
C ALA Y 70 -14.64 19.99 49.05
N VAL Y 71 -15.34 19.48 50.06
CA VAL Y 71 -14.89 19.51 51.44
C VAL Y 71 -15.25 18.19 52.08
N VAL Y 72 -14.26 17.53 52.67
CA VAL Y 72 -14.48 16.25 53.32
C VAL Y 72 -15.10 16.48 54.68
N ILE Y 73 -16.19 15.75 54.96
CA ILE Y 73 -16.90 15.91 56.22
C ILE Y 73 -16.85 14.65 57.08
N ARG Y 74 -16.53 13.50 56.52
CA ARG Y 74 -16.47 12.26 57.27
C ARG Y 74 -15.34 11.42 56.73
N GLN Y 75 -14.71 10.65 57.60
CA GLN Y 75 -13.63 9.78 57.17
C GLN Y 75 -13.61 8.53 58.05
N ARG Y 76 -13.16 7.43 57.46
CA ARG Y 76 -13.09 6.18 58.20
C ARG Y 76 -11.78 6.01 58.96
N LYS Y 77 -10.74 6.74 58.57
CA LYS Y 77 -9.50 6.69 59.31
C LYS Y 77 -9.66 7.41 60.64
N SER Y 78 -9.39 6.72 61.74
CA SER Y 78 -9.60 7.29 63.06
C SER Y 78 -8.58 8.36 63.35
N TYR Y 79 -9.05 9.51 63.82
CA TYR Y 79 -8.19 10.62 64.15
C TYR Y 79 -8.44 11.05 65.58
N ARG Y 80 -7.41 11.62 66.21
CA ARG Y 80 -7.40 11.93 67.62
C ARG Y 80 -7.68 13.41 67.82
N ARG Y 81 -8.70 13.72 68.59
CA ARG Y 81 -8.93 15.10 68.98
C ARG Y 81 -8.05 15.44 70.17
N LYS Y 82 -7.90 16.74 70.41
CA LYS Y 82 -7.01 17.17 71.48
C LYS Y 82 -7.49 16.70 72.84
N ASP Y 83 -8.79 16.43 72.99
CA ASP Y 83 -9.29 15.90 74.26
C ASP Y 83 -8.92 14.45 74.45
N GLY Y 84 -8.41 13.78 73.42
CA GLY Y 84 -7.89 12.45 73.58
C GLY Y 84 -8.85 11.34 73.22
N VAL Y 85 -9.73 11.58 72.25
CA VAL Y 85 -10.64 10.55 71.77
C VAL Y 85 -10.30 10.27 70.32
N PHE Y 86 -10.39 9.00 69.93
CA PHE Y 86 -10.11 8.58 68.57
C PHE Y 86 -11.45 8.33 67.89
N LEU Y 87 -11.93 9.34 67.17
CA LEU Y 87 -13.20 9.24 66.49
C LEU Y 87 -13.00 8.81 65.06
N TYR Y 88 -13.93 8.01 64.55
CA TYR Y 88 -13.92 7.64 63.15
C TYR Y 88 -15.33 7.30 62.71
N PHE Y 89 -15.61 7.50 61.43
CA PHE Y 89 -16.95 7.36 60.92
C PHE Y 89 -17.11 6.07 60.13
N GLU Y 90 -18.34 5.82 59.71
CA GLU Y 90 -18.65 4.59 58.99
C GLU Y 90 -18.27 4.68 57.52
N ASP Y 91 -18.10 5.88 56.99
CA ASP Y 91 -17.85 6.03 55.56
C ASP Y 91 -17.15 7.35 55.32
N ASN Y 92 -16.52 7.46 54.15
CA ASN Y 92 -15.87 8.68 53.71
C ASN Y 92 -16.88 9.50 52.93
N ALA Y 93 -17.03 10.77 53.28
CA ALA Y 93 -18.05 11.58 52.64
C ALA Y 93 -17.55 13.01 52.48
N GLY Y 94 -18.14 13.69 51.51
CA GLY Y 94 -17.80 15.08 51.24
C GLY Y 94 -18.97 15.79 50.61
N VAL Y 95 -18.82 17.10 50.47
CA VAL Y 95 -19.87 17.94 49.89
C VAL Y 95 -19.25 18.85 48.84
N ILE Y 96 -20.01 19.13 47.79
CA ILE Y 96 -19.54 20.01 46.73
C ILE Y 96 -19.77 21.45 47.17
N VAL Y 97 -18.73 22.26 47.09
CA VAL Y 97 -18.72 23.63 47.60
C VAL Y 97 -18.20 24.52 46.48
N ASN Y 98 -18.58 25.79 46.52
CA ASN Y 98 -17.95 26.73 45.60
C ASN Y 98 -16.56 27.05 46.13
N ASN Y 99 -15.85 27.95 45.44
CA ASN Y 99 -14.48 28.23 45.81
C ASN Y 99 -14.37 28.90 47.18
N LYS Y 100 -15.35 29.72 47.56
CA LYS Y 100 -15.24 30.53 48.76
C LYS Y 100 -16.01 29.94 49.95
N GLY Y 101 -16.38 28.68 49.89
CA GLY Y 101 -16.88 28.00 51.08
C GLY Y 101 -18.37 27.93 51.25
N GLU Y 102 -19.14 28.12 50.20
CA GLU Y 102 -20.59 28.01 50.27
C GLU Y 102 -21.03 26.76 49.51
N MET Y 103 -21.90 25.97 50.14
CA MET Y 103 -22.32 24.70 49.58
C MET Y 103 -23.05 24.90 48.26
N LYS Y 104 -22.96 23.89 47.41
CA LYS Y 104 -23.75 23.85 46.19
C LYS Y 104 -25.09 23.17 46.40
N GLY Y 105 -25.19 22.27 47.36
CA GLY Y 105 -26.42 21.59 47.67
C GLY Y 105 -27.23 22.30 48.73
N SER Y 106 -28.18 21.58 49.32
CA SER Y 106 -29.06 22.16 50.32
C SER Y 106 -28.94 21.48 51.68
N ALA Y 107 -29.07 20.16 51.73
CA ALA Y 107 -29.05 19.44 52.99
C ALA Y 107 -27.87 18.48 53.03
N ILE Y 108 -27.59 17.97 54.23
CA ILE Y 108 -26.48 17.06 54.46
C ILE Y 108 -27.04 15.77 55.02
N THR Y 109 -26.69 14.65 54.39
CA THR Y 109 -27.11 13.34 54.85
C THR Y 109 -26.07 12.77 55.80
N GLY Y 110 -26.44 12.62 57.06
CA GLY Y 110 -25.55 12.00 58.02
C GLY Y 110 -24.88 13.02 58.91
N PRO Y 111 -24.02 12.55 59.80
CA PRO Y 111 -23.30 13.47 60.69
C PRO Y 111 -22.19 14.19 59.96
N VAL Y 112 -21.65 15.20 60.63
CA VAL Y 112 -20.56 16.02 60.13
C VAL Y 112 -19.57 16.21 61.26
N ALA Y 113 -18.31 15.86 61.04
CA ALA Y 113 -17.30 15.97 62.07
C ALA Y 113 -17.12 17.43 62.48
N LYS Y 114 -17.01 17.65 63.80
CA LYS Y 114 -16.96 19.01 64.31
C LYS Y 114 -15.66 19.70 63.90
N GLU Y 115 -14.64 18.94 63.53
CA GLU Y 115 -13.43 19.55 63.00
C GLU Y 115 -13.70 20.21 61.65
N CYS Y 116 -14.72 19.75 60.94
CA CYS Y 116 -15.12 20.35 59.68
C CYS Y 116 -16.17 21.42 59.84
N ALA Y 117 -16.97 21.37 60.91
CA ALA Y 117 -18.03 22.34 61.11
C ALA Y 117 -17.54 23.67 61.64
N ASP Y 118 -16.38 23.67 62.31
CA ASP Y 118 -15.84 24.92 62.81
C ASP Y 118 -15.07 25.68 61.75
N LEU Y 119 -14.62 25.00 60.70
CA LEU Y 119 -13.91 25.67 59.63
C LEU Y 119 -14.84 26.23 58.57
N TRP Y 120 -16.00 25.62 58.38
CA TRP Y 120 -16.92 26.01 57.31
C TRP Y 120 -18.30 26.27 57.90
N PRO Y 121 -18.59 27.52 58.25
CA PRO Y 121 -19.91 27.81 58.85
C PRO Y 121 -21.07 27.53 57.93
N ARG Y 122 -20.87 27.69 56.62
CA ARG Y 122 -21.96 27.42 55.69
C ARG Y 122 -22.29 25.94 55.64
N ILE Y 123 -21.32 25.08 55.95
CA ILE Y 123 -21.59 23.66 56.02
C ILE Y 123 -22.23 23.30 57.36
N ALA Y 124 -21.75 23.91 58.44
CA ALA Y 124 -22.35 23.67 59.73
C ALA Y 124 -23.81 24.11 59.76
N SER Y 125 -24.17 25.10 58.95
CA SER Y 125 -25.55 25.55 58.91
C SER Y 125 -26.47 24.49 58.33
N ASN Y 126 -25.99 23.71 57.36
CA ASN Y 126 -26.80 22.66 56.76
C ASN Y 126 -26.59 21.31 57.41
N ALA Y 127 -25.73 21.23 58.42
CA ALA Y 127 -25.42 19.95 59.03
C ALA Y 127 -26.63 19.40 59.78
N GLY Y 128 -26.85 18.10 59.64
CA GLY Y 128 -27.88 17.44 60.41
C GLY Y 128 -27.46 17.28 61.85
N SER Y 129 -26.40 16.51 62.07
CA SER Y 129 -25.84 16.29 63.39
C SER Y 129 -24.34 16.52 63.35
N ILE Y 130 -23.80 17.08 64.42
CA ILE Y 130 -22.38 17.43 64.48
C ILE Y 130 -21.65 16.29 65.15
N ALA Y 131 -20.55 15.86 64.53
CA ALA Y 131 -19.65 14.84 65.06
C ALA Y 131 -20.35 13.50 65.26
N MET Z 1 -14.51 16.24 82.98
CA MET Z 1 -14.18 14.96 82.38
C MET Z 1 -15.37 14.00 82.49
N LYS Z 2 -15.94 13.65 81.34
CA LYS Z 2 -17.14 12.83 81.28
C LYS Z 2 -16.72 11.41 80.95
N VAL Z 3 -16.84 10.51 81.92
CA VAL Z 3 -16.56 9.11 81.66
C VAL Z 3 -17.73 8.51 80.90
N GLU Z 4 -17.42 7.84 79.80
CA GLU Z 4 -18.45 7.18 79.02
C GLU Z 4 -18.63 5.75 79.47
N LEU Z 5 -19.58 5.06 78.85
CA LEU Z 5 -19.78 3.64 79.06
C LEU Z 5 -19.62 2.95 77.72
N CYS Z 6 -18.83 1.87 77.70
CA CYS Z 6 -18.65 1.10 76.49
C CYS Z 6 -20.00 0.64 75.97
N SER Z 7 -20.30 1.02 74.72
CA SER Z 7 -21.61 0.73 74.17
C SER Z 7 -21.89 -0.77 74.13
N PHE Z 8 -20.84 -1.58 74.03
CA PHE Z 8 -21.03 -3.03 73.94
C PHE Z 8 -20.94 -3.68 75.32
N SER Z 9 -19.79 -3.53 75.98
CA SER Z 9 -19.59 -4.18 77.27
C SER Z 9 -20.41 -3.52 78.35
N GLY Z 10 -20.24 -2.22 78.53
CA GLY Z 10 -20.89 -1.53 79.62
C GLY Z 10 -19.87 -1.04 80.61
N TYR Z 11 -18.60 -1.28 80.29
CA TYR Z 11 -17.53 -0.86 81.17
C TYR Z 11 -17.35 0.65 81.14
N LYS Z 12 -16.74 1.18 82.18
CA LYS Z 12 -16.52 2.61 82.33
C LYS Z 12 -15.28 3.01 81.54
N ILE Z 13 -15.45 3.84 80.52
CA ILE Z 13 -14.33 4.29 79.70
C ILE Z 13 -13.71 5.54 80.30
N TYR Z 14 -12.41 5.54 80.45
CA TYR Z 14 -11.67 6.67 80.97
C TYR Z 14 -11.08 7.50 79.84
N PRO Z 15 -10.78 8.80 80.09
CA PRO Z 15 -10.56 9.76 79.00
C PRO Z 15 -9.68 9.32 77.84
N GLY Z 16 -8.47 8.87 78.11
CA GLY Z 16 -7.58 8.58 77.01
C GLY Z 16 -7.70 7.18 76.42
N HIS Z 17 -8.86 6.55 76.53
CA HIS Z 17 -8.97 5.14 76.17
C HIS Z 17 -10.07 4.94 75.13
N GLY Z 18 -9.92 3.86 74.38
CA GLY Z 18 -10.97 3.43 73.48
C GLY Z 18 -11.06 4.27 72.22
N ARG Z 19 -12.15 4.05 71.49
CA ARG Z 19 -12.38 4.75 70.24
C ARG Z 19 -13.86 5.08 70.17
N ARG Z 20 -14.18 6.29 69.69
CA ARG Z 20 -15.56 6.67 69.47
C ARG Z 20 -15.94 6.39 68.03
N TYR Z 21 -17.13 5.84 67.84
CA TYR Z 21 -17.58 5.42 66.52
C TYR Z 21 -18.92 6.09 66.23
N ALA Z 22 -19.02 6.69 65.05
CA ALA Z 22 -20.21 7.43 64.64
C ALA Z 22 -20.72 6.86 63.34
N ARG Z 23 -21.96 6.39 63.34
CA ARG Z 23 -22.53 5.81 62.14
C ARG Z 23 -23.17 6.90 61.28
N THR Z 24 -23.55 6.50 60.07
CA THR Z 24 -24.07 7.47 59.10
C THR Z 24 -25.45 7.98 59.50
N ASP Z 25 -26.09 7.32 60.46
CA ASP Z 25 -27.41 7.73 60.93
C ASP Z 25 -27.34 8.32 62.34
N GLY Z 26 -26.30 9.06 62.65
CA GLY Z 26 -26.07 9.47 64.02
C GLY Z 26 -25.51 8.31 64.80
N LYS Z 27 -26.11 8.03 65.96
CA LYS Z 27 -25.76 6.86 66.75
C LYS Z 27 -24.28 6.80 67.08
N VAL Z 28 -23.79 7.72 67.89
CA VAL Z 28 -22.38 7.74 68.30
C VAL Z 28 -22.18 6.67 69.37
N PHE Z 29 -21.22 5.77 69.13
CA PHE Z 29 -20.90 4.70 70.06
C PHE Z 29 -19.50 4.88 70.63
N GLN Z 30 -19.35 4.51 71.90
CA GLN Z 30 -18.04 4.44 72.54
C GLN Z 30 -17.69 2.97 72.74
N PHE Z 31 -16.44 2.62 72.46
CA PHE Z 31 -15.96 1.28 72.67
C PHE Z 31 -14.76 1.31 73.59
N LEU Z 32 -14.70 0.34 74.50
CA LEU Z 32 -13.60 0.30 75.45
C LEU Z 32 -12.29 -0.06 74.78
N ASN Z 33 -12.31 -1.04 73.90
CA ASN Z 33 -11.11 -1.46 73.20
C ASN Z 33 -11.52 -2.16 71.91
N ALA Z 34 -10.56 -2.75 71.22
CA ALA Z 34 -10.86 -3.41 69.96
C ALA Z 34 -11.64 -4.70 70.17
N LYS Z 35 -11.44 -5.36 71.31
CA LYS Z 35 -12.21 -6.57 71.60
C LYS Z 35 -13.69 -6.28 71.64
N CYS Z 36 -14.07 -5.20 72.31
CA CYS Z 36 -15.48 -4.79 72.32
C CYS Z 36 -15.93 -4.35 70.94
N GLU Z 37 -15.09 -3.57 70.25
CA GLU Z 37 -15.49 -3.02 68.96
C GLU Z 37 -15.63 -4.11 67.91
N SER Z 38 -14.74 -5.10 67.92
CA SER Z 38 -14.80 -6.15 66.92
C SER Z 38 -16.05 -7.00 67.07
N ALA Z 39 -16.51 -7.19 68.31
CA ALA Z 39 -17.75 -7.92 68.50
C ALA Z 39 -18.95 -7.10 68.10
N PHE Z 40 -18.88 -5.78 68.26
CA PHE Z 40 -19.99 -4.92 67.86
C PHE Z 40 -20.10 -4.84 66.35
N LEU Z 41 -18.97 -4.71 65.66
CA LEU Z 41 -19.01 -4.61 64.21
C LEU Z 41 -19.43 -5.92 63.57
N SER Z 42 -19.16 -7.03 64.23
CA SER Z 42 -19.62 -8.34 63.75
C SER Z 42 -21.02 -8.66 64.19
N LYS Z 43 -21.74 -7.70 64.77
CA LYS Z 43 -23.16 -7.85 65.10
C LYS Z 43 -23.38 -8.97 66.11
N ARG Z 44 -22.61 -8.94 67.19
CA ARG Z 44 -22.81 -9.83 68.32
C ARG Z 44 -23.67 -9.11 69.34
N ASN Z 45 -24.76 -9.75 69.75
CA ASN Z 45 -25.56 -9.16 70.80
C ASN Z 45 -24.83 -9.34 72.13
N PRO Z 46 -24.71 -8.29 72.92
CA PRO Z 46 -23.97 -8.43 74.19
C PRO Z 46 -24.61 -9.40 75.16
N ARG Z 47 -25.92 -9.62 75.05
CA ARG Z 47 -26.60 -10.47 76.02
C ARG Z 47 -26.23 -11.95 75.88
N GLN Z 48 -25.51 -12.33 74.83
CA GLN Z 48 -24.98 -13.68 74.72
C GLN Z 48 -23.51 -13.76 75.08
N ILE Z 49 -22.87 -12.65 75.42
CA ILE Z 49 -21.45 -12.62 75.73
C ILE Z 49 -21.30 -12.60 77.24
N ASN Z 50 -20.68 -13.65 77.79
CA ASN Z 50 -20.75 -13.90 79.23
C ASN Z 50 -20.13 -12.77 80.05
N TRP Z 51 -19.14 -12.09 79.51
CA TRP Z 51 -18.38 -11.14 80.30
C TRP Z 51 -18.87 -9.71 80.19
N THR Z 52 -19.99 -9.48 79.50
CA THR Z 52 -20.51 -8.13 79.39
C THR Z 52 -21.34 -7.78 80.61
N VAL Z 53 -21.56 -6.48 80.80
CA VAL Z 53 -22.41 -6.04 81.90
C VAL Z 53 -23.86 -6.38 81.61
N LEU Z 54 -24.25 -6.33 80.34
CA LEU Z 54 -25.63 -6.65 79.98
C LEU Z 54 -25.97 -8.10 80.30
N TYR Z 55 -25.13 -9.03 79.86
CA TYR Z 55 -25.37 -10.44 80.16
C TYR Z 55 -25.38 -10.67 81.66
N ARG Z 56 -24.34 -10.17 82.34
CA ARG Z 56 -24.22 -10.37 83.77
C ARG Z 56 -25.41 -9.79 84.52
N ARG Z 57 -25.98 -8.69 84.02
CA ARG Z 57 -27.14 -8.11 84.67
C ARG Z 57 -28.41 -8.88 84.34
N LYS Z 58 -28.54 -9.35 83.09
CA LYS Z 58 -29.73 -10.06 82.69
C LYS Z 58 -29.87 -11.37 83.45
N HIS Z 59 -28.78 -12.11 83.58
CA HIS Z 59 -28.80 -13.41 84.26
C HIS Z 59 -28.74 -13.28 85.77
N LYS Z 60 -28.92 -12.08 86.31
CA LYS Z 60 -28.91 -11.85 87.75
C LYS Z 60 -27.62 -12.34 88.39
N LYS Z 61 -26.52 -12.22 87.65
CA LYS Z 61 -25.21 -12.59 88.19
C LYS Z 61 -24.75 -11.54 89.18
N GLY Z 62 -24.11 -11.98 90.25
CA GLY Z 62 -23.65 -11.06 91.27
C GLY Z 62 -24.71 -10.87 92.34
N GLN Z 63 -24.95 -9.61 92.71
CA GLN Z 63 -25.95 -9.25 93.71
C GLN Z 63 -25.72 -9.97 95.04
N LYS AA 1 9.33 -92.09 -24.75
CA LYS AA 1 9.66 -91.23 -23.61
C LYS AA 1 9.19 -89.81 -23.84
N ILE AA 2 8.34 -89.31 -22.94
CA ILE AA 2 7.71 -88.00 -23.11
C ILE AA 2 7.97 -87.16 -21.87
N ARG AA 3 7.83 -85.85 -22.05
CA ARG AA 3 7.93 -84.88 -20.98
C ARG AA 3 6.51 -84.54 -20.54
N THR AA 4 6.10 -85.03 -19.37
CA THR AA 4 4.78 -84.69 -18.87
C THR AA 4 4.77 -83.29 -18.26
N SER AA 5 5.87 -82.89 -17.68
CA SER AA 5 5.94 -81.58 -17.06
C SER AA 5 6.66 -80.59 -17.96
N PRO AA 6 6.27 -79.31 -17.91
CA PRO AA 6 6.96 -78.32 -18.74
C PRO AA 6 8.30 -77.86 -18.19
N THR AA 7 8.70 -78.34 -17.02
CA THR AA 7 9.97 -77.92 -16.44
C THR AA 7 11.03 -78.97 -16.66
N PHE AA 8 12.27 -78.50 -16.77
CA PHE AA 8 13.43 -79.37 -16.87
C PHE AA 8 14.17 -79.33 -15.56
N ARG AA 9 14.39 -80.50 -14.97
CA ARG AA 9 15.07 -80.61 -13.70
C ARG AA 9 16.36 -81.39 -13.88
N ARG AA 10 17.40 -80.94 -13.18
CA ARG AA 10 18.70 -81.58 -13.25
C ARG AA 10 18.59 -83.04 -12.85
N PRO AA 11 18.92 -83.98 -13.73
CA PRO AA 11 18.73 -85.39 -13.39
C PRO AA 11 19.67 -85.84 -12.28
N LYS AA 12 19.19 -86.80 -11.50
CA LYS AA 12 19.98 -87.35 -10.41
C LYS AA 12 21.12 -88.18 -10.96
N THR AA 13 22.35 -87.79 -10.65
CA THR AA 13 23.53 -88.49 -11.12
C THR AA 13 24.12 -89.30 -9.98
N LEU AA 14 24.80 -90.39 -10.32
CA LEU AA 14 25.45 -91.20 -9.30
C LEU AA 14 26.60 -90.42 -8.67
N ARG AA 15 26.68 -90.49 -7.35
CA ARG AA 15 27.74 -89.84 -6.60
C ARG AA 15 28.37 -90.85 -5.65
N LEU AA 16 29.68 -91.02 -5.75
CA LEU AA 16 30.38 -92.05 -5.01
C LEU AA 16 30.68 -91.58 -3.60
N ARG AA 17 31.34 -92.44 -2.84
CA ARG AA 17 31.80 -92.15 -1.50
C ARG AA 17 33.30 -91.95 -1.51
N ARG AA 18 33.81 -91.35 -0.44
CA ARG AA 18 35.24 -91.11 -0.32
C ARG AA 18 35.98 -92.44 -0.21
N GLN AA 19 37.00 -92.61 -1.04
CA GLN AA 19 37.90 -93.76 -0.96
C GLN AA 19 39.34 -93.25 -0.97
N PRO AA 20 39.75 -92.54 0.07
CA PRO AA 20 41.04 -91.85 0.02
C PRO AA 20 42.20 -92.83 -0.05
N LYS AA 21 43.18 -92.48 -0.88
CA LYS AA 21 44.38 -93.30 -0.99
C LYS AA 21 45.29 -93.19 0.20
N TYR AA 22 45.00 -92.28 1.13
CA TYR AA 22 45.76 -92.15 2.35
C TYR AA 22 44.93 -91.38 3.38
N PRO AA 23 45.04 -91.71 4.65
CA PRO AA 23 44.34 -90.92 5.67
C PRO AA 23 44.97 -89.54 5.77
N ARG AA 24 44.11 -88.52 5.85
CA ARG AA 24 44.61 -87.14 5.87
C ARG AA 24 45.52 -86.89 7.06
N LYS AA 25 45.23 -87.50 8.20
CA LYS AA 25 46.10 -87.43 9.36
C LYS AA 25 46.47 -88.83 9.80
N SER AA 26 47.70 -88.98 10.29
CA SER AA 26 48.32 -90.28 10.56
C SER AA 26 47.50 -91.16 11.47
N ALA AA 27 47.26 -90.70 12.69
CA ALA AA 27 46.58 -91.48 13.72
C ALA AA 27 45.49 -90.65 14.37
N PRO AA 28 44.44 -91.28 14.86
CA PRO AA 28 43.37 -90.52 15.52
C PRO AA 28 43.87 -89.82 16.77
N ARG AA 29 43.42 -88.59 16.96
CA ARG AA 29 43.81 -87.81 18.11
C ARG AA 29 43.25 -88.42 19.38
N ARG AA 30 44.11 -88.60 20.38
CA ARG AA 30 43.69 -89.21 21.63
C ARG AA 30 42.79 -88.28 22.41
N ASN AA 31 41.80 -88.86 23.09
CA ASN AA 31 40.81 -88.07 23.82
C ASN AA 31 41.43 -87.36 25.01
N LYS AA 32 41.49 -86.03 24.94
CA LYS AA 32 42.02 -85.23 26.03
C LYS AA 32 40.96 -84.85 27.04
N LEU AA 33 39.82 -85.53 27.04
CA LEU AA 33 38.80 -85.31 28.05
C LEU AA 33 38.38 -86.66 28.63
N ASP AA 34 39.35 -87.45 29.07
CA ASP AA 34 39.05 -88.73 29.68
C ASP AA 34 38.57 -88.50 31.11
N HIS AA 35 38.35 -89.58 31.85
CA HIS AA 35 37.73 -89.47 33.16
C HIS AA 35 38.57 -88.70 34.15
N TYR AA 36 39.90 -88.71 34.01
CA TYR AA 36 40.73 -88.00 34.95
C TYR AA 36 40.82 -86.53 34.64
N ALA AA 37 40.66 -86.15 33.37
CA ALA AA 37 40.66 -84.74 33.01
C ALA AA 37 39.32 -84.07 33.30
N ILE AA 38 38.27 -84.85 33.47
CA ILE AA 38 36.95 -84.26 33.71
C ILE AA 38 36.84 -83.76 35.14
N ILE AA 39 37.18 -84.60 36.11
CA ILE AA 39 37.02 -84.29 37.51
C ILE AA 39 38.35 -83.73 38.01
N LYS AA 40 38.38 -82.44 38.30
CA LYS AA 40 39.61 -81.83 38.80
C LYS AA 40 39.81 -82.15 40.27
N PHE AA 41 38.90 -81.68 41.12
CA PHE AA 41 39.01 -81.92 42.55
C PHE AA 41 37.67 -81.64 43.21
N PRO AA 42 37.37 -82.30 44.32
CA PRO AA 42 36.14 -82.02 45.05
C PRO AA 42 36.29 -80.76 45.90
N LEU AA 43 35.16 -80.31 46.46
CA LEU AA 43 35.13 -79.13 47.30
C LEU AA 43 35.07 -79.53 48.77
N THR AA 44 35.69 -78.72 49.61
CA THR AA 44 35.69 -78.92 51.06
C THR AA 44 35.16 -77.68 51.76
N THR AA 45 34.17 -77.03 51.17
CA THR AA 45 33.61 -75.85 51.77
C THR AA 45 32.55 -76.23 52.79
N GLU AA 46 32.24 -75.28 53.69
CA GLU AA 46 31.24 -75.54 54.72
C GLU AA 46 29.90 -75.88 54.12
N SER AA 47 29.56 -75.29 52.97
CA SER AA 47 28.32 -75.66 52.30
C SER AA 47 28.45 -76.99 51.57
N ALA AA 48 29.67 -77.34 51.17
CA ALA AA 48 29.87 -78.61 50.48
C ALA AA 48 29.66 -79.79 51.42
N MET AA 49 30.25 -79.74 52.60
CA MET AA 49 30.00 -80.78 53.58
C MET AA 49 28.53 -80.80 53.98
N LYS AA 50 27.95 -79.63 54.22
CA LYS AA 50 26.53 -79.54 54.50
C LYS AA 50 25.70 -80.20 53.40
N LYS AA 51 26.20 -80.15 52.17
CA LYS AA 51 25.53 -80.80 51.05
C LYS AA 51 25.75 -82.30 51.04
N ILE AA 52 26.75 -82.79 51.75
CA ILE AA 52 27.04 -84.22 51.76
C ILE AA 52 26.14 -84.96 52.72
N GLU AA 53 26.12 -84.53 53.99
CA GLU AA 53 25.33 -85.23 54.99
C GLU AA 53 23.84 -85.15 54.71
N ASP AA 54 23.37 -83.97 54.32
CA ASP AA 54 21.92 -83.80 54.15
C ASP AA 54 21.41 -84.46 52.89
N ASN AA 55 21.88 -84.00 51.73
CA ASN AA 55 21.29 -84.44 50.48
C ASN AA 55 21.97 -85.66 49.89
N ASN AA 56 23.01 -86.18 50.53
CA ASN AA 56 23.71 -87.36 50.07
C ASN AA 56 24.26 -87.15 48.66
N THR AA 57 24.97 -86.04 48.48
CA THR AA 57 25.56 -85.69 47.21
C THR AA 57 27.04 -85.38 47.40
N LEU AA 58 27.77 -85.34 46.29
CA LEU AA 58 29.16 -84.93 46.27
C LEU AA 58 29.31 -83.73 45.37
N VAL AA 59 30.21 -82.82 45.74
CA VAL AA 59 30.44 -81.59 44.99
C VAL AA 59 31.83 -81.67 44.37
N PHE AA 60 31.90 -81.46 43.06
CA PHE AA 60 33.14 -81.55 42.33
C PHE AA 60 33.35 -80.27 41.52
N ILE AA 61 34.62 -79.97 41.26
CA ILE AA 61 34.95 -78.97 40.26
C ILE AA 61 35.33 -79.71 38.99
N VAL AA 62 34.38 -79.86 38.09
CA VAL AA 62 34.62 -80.56 36.85
C VAL AA 62 35.21 -79.60 35.83
N ASP AA 63 35.69 -80.14 34.72
CA ASP AA 63 36.14 -79.29 33.61
C ASP AA 63 34.94 -78.60 32.99
N VAL AA 64 35.17 -77.40 32.46
CA VAL AA 64 34.08 -76.58 31.96
C VAL AA 64 33.47 -77.17 30.69
N LYS AA 65 34.16 -78.08 30.03
CA LYS AA 65 33.66 -78.65 28.79
C LYS AA 65 32.75 -79.85 28.98
N ALA AA 66 32.77 -80.47 30.16
CA ALA AA 66 32.07 -81.73 30.34
C ALA AA 66 30.57 -81.54 30.45
N ASN AA 67 29.82 -82.53 29.99
CA ASN AA 67 28.38 -82.57 30.09
C ASN AA 67 27.96 -83.24 31.38
N LYS AA 68 26.66 -83.20 31.67
CA LYS AA 68 26.15 -84.00 32.76
C LYS AA 68 26.31 -85.48 32.45
N HIS AA 69 26.30 -85.85 31.18
CA HIS AA 69 26.47 -87.24 30.81
C HIS AA 69 27.90 -87.69 31.04
N GLN AA 70 28.88 -86.86 30.67
CA GLN AA 70 30.27 -87.21 30.90
C GLN AA 70 30.61 -87.21 32.37
N ILE AA 71 30.06 -86.25 33.12
CA ILE AA 71 30.30 -86.22 34.56
C ILE AA 71 29.72 -87.44 35.23
N LYS AA 72 28.53 -87.86 34.80
CA LYS AA 72 27.87 -89.00 35.43
C LYS AA 72 28.70 -90.27 35.25
N GLN AA 73 29.21 -90.51 34.05
CA GLN AA 73 29.96 -91.74 33.83
C GLN AA 73 31.39 -91.63 34.35
N ALA AA 74 31.86 -90.42 34.63
CA ALA AA 74 33.19 -90.27 35.21
C ALA AA 74 33.21 -90.72 36.66
N VAL AA 75 32.39 -90.08 37.50
CA VAL AA 75 32.32 -90.46 38.91
C VAL AA 75 31.88 -91.91 39.05
N LYS AA 76 31.06 -92.38 38.13
CA LYS AA 76 30.64 -93.77 38.16
C LYS AA 76 31.81 -94.70 37.91
N LYS AA 77 32.82 -94.22 37.20
CA LYS AA 77 33.97 -95.05 36.87
C LYS AA 77 35.18 -94.79 37.76
N LEU AA 78 35.34 -93.58 38.28
CA LEU AA 78 36.47 -93.28 39.14
C LEU AA 78 36.29 -93.79 40.56
N TYR AA 79 35.04 -93.87 41.04
CA TYR AA 79 34.80 -94.20 42.44
C TYR AA 79 33.89 -95.40 42.61
N ASP AA 80 33.52 -96.06 41.50
CA ASP AA 80 32.77 -97.31 41.54
C ASP AA 80 31.46 -97.13 42.33
N ILE AA 81 30.66 -96.17 41.90
CA ILE AA 81 29.41 -95.83 42.56
C ILE AA 81 28.35 -95.50 41.53
N ASP AA 82 27.10 -95.45 41.97
CA ASP AA 82 25.98 -95.17 41.09
C ASP AA 82 25.40 -93.81 41.42
N VAL AA 83 24.92 -93.13 40.38
CA VAL AA 83 24.52 -91.73 40.48
C VAL AA 83 23.04 -91.59 40.16
N ALA AA 84 22.35 -90.76 40.94
CA ALA AA 84 20.96 -90.46 40.68
C ALA AA 84 20.81 -89.35 39.65
N LYS AA 85 21.41 -88.20 39.90
CA LYS AA 85 21.35 -87.10 38.96
C LYS AA 85 22.51 -86.16 39.24
N VAL AA 86 22.84 -85.35 38.26
CA VAL AA 86 23.94 -84.40 38.34
C VAL AA 86 23.43 -83.02 37.98
N ASN AA 87 23.67 -82.06 38.85
CA ASN AA 87 23.36 -80.66 38.58
C ASN AA 87 24.67 -79.90 38.47
N THR AA 88 24.79 -79.08 37.43
CA THR AA 88 26.02 -78.34 37.19
C THR AA 88 25.73 -76.86 37.06
N LEU AA 89 26.69 -76.06 37.50
CA LEU AA 89 26.65 -74.63 37.30
C LEU AA 89 28.06 -74.16 37.06
N ILE AA 90 28.20 -72.99 36.44
CA ILE AA 90 29.49 -72.43 36.12
C ILE AA 90 29.76 -71.30 37.10
N ARG AA 91 30.74 -71.49 37.97
CA ARG AA 91 31.05 -70.52 39.01
C ARG AA 91 31.44 -69.18 38.39
N PRO AA 92 31.32 -68.09 39.15
CA PRO AA 92 31.71 -66.79 38.60
C PRO AA 92 33.18 -66.70 38.26
N ASP AA 93 34.03 -67.46 38.94
CA ASP AA 93 35.45 -67.44 38.61
C ASP AA 93 35.76 -68.18 37.32
N GLY AA 94 34.87 -69.03 36.86
CA GLY AA 94 35.07 -69.65 35.56
C GLY AA 94 34.93 -71.15 35.53
N GLU AA 95 35.32 -71.84 36.59
CA GLU AA 95 35.27 -73.29 36.55
C GLU AA 95 33.86 -73.78 36.81
N LYS AA 96 33.60 -75.02 36.41
CA LYS AA 96 32.27 -75.59 36.47
C LYS AA 96 32.14 -76.49 37.69
N LYS AA 97 31.12 -76.24 38.50
CA LYS AA 97 30.84 -77.00 39.70
C LYS AA 97 29.70 -77.96 39.43
N ALA AA 98 29.80 -79.17 39.94
CA ALA AA 98 28.82 -80.22 39.68
C ALA AA 98 28.38 -80.84 40.99
N TYR AA 99 27.08 -80.78 41.28
CA TYR AA 99 26.50 -81.47 42.42
C TYR AA 99 26.05 -82.84 41.96
N VAL AA 100 26.69 -83.88 42.48
CA VAL AA 100 26.43 -85.24 42.06
C VAL AA 100 25.64 -85.95 43.16
N ARG AA 101 24.36 -86.21 42.92
CA ARG AA 101 23.51 -86.87 43.89
C ARG AA 101 23.65 -88.38 43.74
N LEU AA 102 24.14 -89.04 44.76
CA LEU AA 102 24.34 -90.47 44.70
C LEU AA 102 23.02 -91.21 44.83
N ALA AA 103 22.98 -92.41 44.27
CA ALA AA 103 21.82 -93.26 44.41
C ALA AA 103 21.64 -93.65 45.86
N PRO AA 104 20.40 -93.89 46.30
CA PRO AA 104 20.16 -94.08 47.74
C PRO AA 104 20.89 -95.27 48.33
N ASP AA 105 21.30 -96.24 47.52
CA ASP AA 105 22.03 -97.39 48.03
C ASP AA 105 23.48 -97.07 48.38
N TYR AA 106 23.96 -95.87 48.05
CA TYR AA 106 25.32 -95.46 48.41
C TYR AA 106 25.23 -94.29 49.38
N ASP AA 107 26.03 -94.33 50.43
CA ASP AA 107 26.05 -93.25 51.42
C ASP AA 107 27.22 -92.34 51.09
N ALA AA 108 26.92 -91.10 50.72
CA ALA AA 108 27.97 -90.18 50.26
C ALA AA 108 28.94 -89.84 51.36
N LEU AA 109 28.54 -89.98 52.62
CA LEU AA 109 29.41 -89.59 53.72
C LEU AA 109 30.63 -90.49 53.80
N ASP AA 110 30.44 -91.79 53.62
CA ASP AA 110 31.59 -92.69 53.62
C ASP AA 110 32.37 -92.59 52.33
N VAL AA 111 31.68 -92.42 51.20
CA VAL AA 111 32.36 -92.25 49.91
C VAL AA 111 33.30 -91.07 49.98
N ALA AA 112 32.95 -90.03 50.71
CA ALA AA 112 33.84 -88.89 50.86
C ALA AA 112 35.10 -89.26 51.61
N ASN AA 113 35.02 -90.26 52.50
CA ASN AA 113 36.19 -90.65 53.28
C ASN AA 113 37.16 -91.48 52.44
N LYS AA 114 36.66 -92.29 51.53
CA LYS AA 114 37.55 -93.03 50.63
C LYS AA 114 38.37 -92.08 49.78
N ILE AA 115 37.76 -91.03 49.26
CA ILE AA 115 38.48 -90.12 48.40
C ILE AA 115 39.24 -89.06 49.19
N GLY AA 116 38.93 -88.88 50.47
CA GLY AA 116 39.77 -88.11 51.36
C GLY AA 116 39.13 -86.87 51.94
N ILE AA 117 38.07 -86.38 51.34
CA ILE AA 117 37.45 -85.14 51.81
C ILE AA 117 36.58 -85.44 53.01
N ILE AA 118 36.73 -84.63 54.07
CA ILE AA 118 35.90 -84.75 55.24
C ILE AA 118 36.13 -83.54 56.15
N MET BA 1 95.11 -55.10 22.29
CA MET BA 1 93.99 -54.68 21.46
C MET BA 1 93.32 -55.90 20.87
N LYS BA 2 92.02 -55.81 20.61
CA LYS BA 2 91.26 -56.90 20.02
C LYS BA 2 90.96 -56.56 18.57
N PHE BA 3 91.07 -57.56 17.70
CA PHE BA 3 90.86 -57.37 16.27
C PHE BA 3 89.68 -58.17 15.72
N ASN BA 4 89.16 -59.12 16.48
CA ASN BA 4 88.00 -59.87 16.04
C ASN BA 4 86.83 -58.92 15.84
N PRO BA 5 86.34 -58.74 14.62
CA PRO BA 5 85.24 -57.78 14.41
C PRO BA 5 83.92 -58.23 14.98
N PHE BA 6 83.78 -59.50 15.33
CA PHE BA 6 82.53 -60.03 15.86
C PHE BA 6 82.51 -60.08 17.37
N VAL BA 7 83.58 -59.67 18.04
CA VAL BA 7 83.62 -59.55 19.48
C VAL BA 7 83.45 -58.09 19.84
N THR BA 8 82.43 -57.77 20.61
CA THR BA 8 82.19 -56.38 20.94
C THR BA 8 83.14 -55.92 22.04
N SER BA 9 83.35 -54.61 22.06
CA SER BA 9 84.02 -53.97 23.17
C SER BA 9 83.16 -52.87 23.77
N ASP BA 10 81.87 -52.83 23.45
CA ASP BA 10 80.98 -51.83 24.00
C ASP BA 10 80.78 -52.05 25.48
N ARG BA 11 80.81 -50.96 26.24
CA ARG BA 11 80.62 -51.07 27.69
C ARG BA 11 79.21 -51.56 28.02
N SER BA 12 78.21 -50.98 27.37
CA SER BA 12 76.83 -51.34 27.67
C SER BA 12 76.51 -52.76 27.22
N LYS BA 13 77.15 -53.22 26.15
CA LYS BA 13 76.88 -54.57 25.69
C LYS BA 13 77.56 -55.61 26.58
N ASN BA 14 78.76 -55.32 27.04
CA ASN BA 14 79.45 -56.27 27.92
C ASN BA 14 78.77 -56.34 29.28
N ARG BA 15 78.26 -55.22 29.78
CA ARG BA 15 77.56 -55.25 31.06
C ARG BA 15 76.22 -55.94 30.94
N LYS BA 16 75.56 -55.83 29.79
CA LYS BA 16 74.29 -56.50 29.61
C LYS BA 16 74.46 -58.00 29.50
N ARG BA 17 75.49 -58.44 28.77
CA ARG BA 17 75.75 -59.86 28.67
C ARG BA 17 76.23 -60.44 29.99
N HIS BA 18 76.82 -59.60 30.85
CA HIS BA 18 77.30 -60.08 32.13
C HIS BA 18 76.16 -60.25 33.12
N PHE BA 19 75.28 -59.26 33.20
CA PHE BA 19 74.21 -59.28 34.18
C PHE BA 19 73.01 -60.11 33.74
N ASN BA 20 73.01 -60.60 32.51
CA ASN BA 20 71.92 -61.44 32.03
C ASN BA 20 72.41 -62.80 31.55
N ALA BA 21 73.63 -63.18 31.92
CA ALA BA 21 74.17 -64.45 31.47
C ALA BA 21 73.35 -65.59 32.04
N PRO BA 22 73.08 -66.63 31.25
CA PRO BA 22 72.35 -67.78 31.78
C PRO BA 22 73.19 -68.52 32.80
N SER BA 23 72.56 -69.50 33.44
CA SER BA 23 73.19 -70.18 34.58
C SER BA 23 74.49 -70.84 34.18
N HIS BA 24 74.51 -71.54 33.05
CA HIS BA 24 75.70 -72.29 32.68
C HIS BA 24 76.84 -71.37 32.29
N ILE BA 25 76.54 -70.09 32.07
CA ILE BA 25 77.55 -69.07 31.85
C ILE BA 25 77.92 -68.36 33.14
N ARG BA 26 76.96 -68.19 34.05
CA ARG BA 26 77.28 -67.74 35.40
C ARG BA 26 78.36 -68.61 36.03
N ARG BA 27 78.31 -69.92 35.79
CA ARG BA 27 79.28 -70.82 36.36
C ARG BA 27 80.69 -70.45 35.94
N LYS BA 28 80.86 -70.10 34.66
CA LYS BA 28 82.20 -69.80 34.17
C LYS BA 28 82.72 -68.48 34.72
N ILE BA 29 81.87 -67.47 34.74
CA ILE BA 29 82.27 -66.17 35.26
C ILE BA 29 82.65 -66.25 36.72
N MET BA 30 82.03 -67.14 37.48
CA MET BA 30 82.33 -67.33 38.89
C MET BA 30 83.46 -68.33 39.08
N SER BA 31 84.61 -68.07 38.46
CA SER BA 31 85.78 -68.90 38.62
C SER BA 31 86.71 -68.27 39.63
N SER BA 32 87.53 -69.09 40.27
CA SER BA 32 88.48 -68.63 41.28
C SER BA 32 89.85 -69.18 40.99
N PRO BA 33 90.90 -68.47 41.40
CA PRO BA 33 92.25 -69.01 41.24
C PRO BA 33 92.52 -70.13 42.21
N LEU BA 34 93.46 -70.99 41.86
CA LEU BA 34 93.90 -72.03 42.75
C LEU BA 34 95.08 -71.53 43.58
N SER BA 35 95.33 -72.20 44.69
CA SER BA 35 96.49 -71.87 45.50
C SER BA 35 97.76 -72.23 44.76
N LYS BA 36 98.88 -71.64 45.21
CA LYS BA 36 100.16 -71.94 44.59
C LYS BA 36 100.50 -73.42 44.70
N GLU BA 37 100.18 -74.06 45.81
CA GLU BA 37 100.45 -75.49 45.97
C GLU BA 37 99.63 -76.34 45.02
N LEU BA 38 98.47 -75.86 44.59
CA LEU BA 38 97.67 -76.57 43.60
C LEU BA 38 97.96 -76.13 42.19
N ARG BA 39 98.56 -74.95 42.00
CA ARG BA 39 98.72 -74.45 40.65
C ARG BA 39 99.81 -75.19 39.90
N GLN BA 40 100.88 -75.61 40.58
CA GLN BA 40 101.88 -76.42 39.92
C GLN BA 40 101.62 -77.91 40.06
N LYS BA 41 100.61 -78.31 40.80
CA LYS BA 41 100.24 -79.72 40.86
C LYS BA 41 99.38 -80.14 39.68
N TYR BA 42 98.45 -79.30 39.26
CA TYR BA 42 97.62 -79.58 38.10
C TYR BA 42 98.02 -78.78 36.87
N ASN BA 43 98.93 -77.82 37.02
CA ASN BA 43 99.32 -76.92 35.94
C ASN BA 43 98.09 -76.22 35.37
N VAL BA 44 97.26 -75.68 36.26
CA VAL BA 44 96.02 -75.01 35.90
C VAL BA 44 95.92 -73.73 36.71
N ARG BA 45 95.58 -72.64 36.03
CA ARG BA 45 95.53 -71.34 36.68
C ARG BA 45 94.31 -71.20 37.58
N SER BA 46 93.12 -71.28 37.00
CA SER BA 46 91.88 -71.03 37.71
C SER BA 46 90.85 -72.12 37.38
N MET BA 47 89.72 -72.06 38.07
CA MET BA 47 88.72 -73.11 37.97
C MET BA 47 87.38 -72.62 38.50
N PRO BA 48 86.27 -72.99 37.84
CA PRO BA 48 84.96 -72.66 38.40
C PRO BA 48 84.76 -73.33 39.74
N ILE BA 49 84.10 -72.63 40.64
CA ILE BA 49 84.03 -73.04 42.03
C ILE BA 49 82.76 -73.84 42.28
N ARG BA 50 82.90 -74.97 42.98
CA ARG BA 50 81.76 -75.84 43.26
C ARG BA 50 81.19 -75.60 44.64
N LYS BA 51 80.29 -76.47 45.08
CA LYS BA 51 79.59 -76.28 46.32
C LYS BA 51 80.44 -76.61 47.54
N ASP BA 52 81.35 -77.56 47.45
CA ASP BA 52 82.15 -77.99 48.60
C ASP BA 52 83.63 -77.90 48.25
N ASP BA 53 84.19 -76.70 48.35
CA ASP BA 53 85.59 -76.46 48.05
C ASP BA 53 86.20 -75.62 49.16
N GLU BA 54 87.33 -76.07 49.67
CA GLU BA 54 88.05 -75.29 50.66
C GLU BA 54 88.55 -73.99 50.05
N VAL BA 55 88.59 -72.94 50.87
CA VAL BA 55 88.61 -71.58 50.37
C VAL BA 55 89.31 -70.67 51.38
N GLN BA 56 90.10 -69.74 50.87
CA GLN BA 56 90.66 -68.64 51.66
C GLN BA 56 90.18 -67.34 51.06
N VAL BA 57 89.72 -66.43 51.90
CA VAL BA 57 89.39 -65.09 51.45
C VAL BA 57 90.64 -64.23 51.47
N VAL BA 58 90.93 -63.57 50.36
CA VAL BA 58 92.16 -62.78 50.27
C VAL BA 58 91.89 -61.29 50.40
N ARG BA 59 90.75 -60.80 49.92
CA ARG BA 59 90.43 -59.39 49.99
C ARG BA 59 89.21 -59.17 50.86
N GLY BA 60 89.10 -57.97 51.39
CA GLY BA 60 87.91 -57.57 52.11
C GLY BA 60 88.10 -57.65 53.61
N HIS BA 61 86.98 -57.46 54.31
CA HIS BA 61 87.00 -57.44 55.76
C HIS BA 61 87.22 -58.82 56.36
N TYR BA 62 86.97 -59.89 55.60
CA TYR BA 62 87.08 -61.24 56.11
C TYR BA 62 88.33 -61.95 55.62
N LYS BA 63 89.30 -61.21 55.10
CA LYS BA 63 90.52 -61.84 54.64
C LYS BA 63 91.30 -62.41 55.80
N GLY BA 64 92.08 -63.44 55.52
CA GLY BA 64 92.84 -64.11 56.56
C GLY BA 64 93.38 -65.42 56.03
N GLN BA 65 93.95 -66.19 56.95
CA GLN BA 65 94.55 -67.47 56.62
C GLN BA 65 93.68 -68.66 56.98
N GLN BA 66 92.39 -68.43 57.26
CA GLN BA 66 91.51 -69.51 57.64
C GLN BA 66 91.01 -70.24 56.41
N ILE BA 67 90.88 -71.55 56.52
CA ILE BA 67 90.32 -72.39 55.46
C ILE BA 67 88.86 -72.62 55.77
N GLY BA 68 88.00 -72.50 54.78
CA GLY BA 68 86.59 -72.76 54.97
C GLY BA 68 85.94 -73.27 53.71
N LYS BA 69 85.12 -74.30 53.83
CA LYS BA 69 84.48 -74.82 52.63
C LYS BA 69 83.30 -73.95 52.23
N VAL BA 70 83.00 -73.98 50.94
CA VAL BA 70 81.82 -73.30 50.44
C VAL BA 70 80.59 -74.04 50.91
N VAL BA 71 79.49 -73.31 51.11
CA VAL BA 71 78.25 -73.96 51.52
C VAL BA 71 77.21 -73.84 50.42
N GLN BA 72 77.21 -72.72 49.70
CA GLN BA 72 76.35 -72.61 48.54
C GLN BA 72 76.92 -71.58 47.58
N VAL BA 73 76.62 -71.76 46.30
CA VAL BA 73 77.07 -70.86 45.25
C VAL BA 73 75.82 -70.16 44.73
N TYR BA 74 75.60 -68.95 45.20
CA TYR BA 74 74.38 -68.21 44.88
C TYR BA 74 74.60 -67.53 43.52
N ARG BA 75 74.46 -68.31 42.46
CA ARG BA 75 74.80 -67.84 41.13
C ARG BA 75 73.96 -66.65 40.69
N LYS BA 76 72.74 -66.50 41.22
CA LYS BA 76 71.92 -65.38 40.82
C LYS BA 76 72.48 -64.06 41.30
N LYS BA 77 73.19 -64.07 42.43
CA LYS BA 77 73.80 -62.87 42.98
C LYS BA 77 75.28 -62.75 42.67
N TYR BA 78 75.83 -63.66 41.87
CA TYR BA 78 77.25 -63.68 41.54
C TYR BA 78 78.10 -63.72 42.81
N VAL BA 79 77.83 -64.69 43.67
CA VAL BA 79 78.41 -64.65 45.00
C VAL BA 79 78.38 -66.05 45.59
N ILE BA 80 79.29 -66.31 46.53
CA ILE BA 80 79.38 -67.60 47.20
C ILE BA 80 79.33 -67.38 48.69
N TYR BA 81 78.88 -68.41 49.41
CA TYR BA 81 78.80 -68.38 50.87
C TYR BA 81 79.82 -69.34 51.45
N ILE BA 82 80.71 -68.83 52.24
CA ILE BA 82 81.76 -69.63 52.86
C ILE BA 82 81.39 -69.87 54.32
N GLU BA 83 81.68 -71.07 54.81
CA GLU BA 83 81.11 -71.58 56.05
C GLU BA 83 81.31 -70.66 57.25
N ARG BA 84 82.53 -70.22 57.51
CA ARG BA 84 82.77 -69.39 58.69
C ARG BA 84 82.70 -67.90 58.41
N VAL BA 85 82.49 -67.51 57.15
CA VAL BA 85 82.43 -66.10 56.81
C VAL BA 85 81.00 -65.63 56.98
N GLN BA 86 80.67 -65.17 58.19
CA GLN BA 86 79.31 -64.77 58.50
C GLN BA 86 79.34 -63.58 59.44
N ARG BA 87 78.21 -62.91 59.55
CA ARG BA 87 78.07 -61.76 60.43
C ARG BA 87 76.81 -61.90 61.25
N GLU BA 88 76.77 -61.17 62.36
CA GLU BA 88 75.64 -61.22 63.27
C GLU BA 88 74.55 -60.27 62.78
N LYS BA 89 73.32 -60.77 62.72
CA LYS BA 89 72.19 -59.90 62.39
C LYS BA 89 71.76 -59.19 63.67
N ALA BA 90 70.67 -58.43 63.58
CA ALA BA 90 70.22 -57.67 64.75
C ALA BA 90 69.65 -58.58 65.82
N ASN BA 91 68.80 -59.53 65.43
CA ASN BA 91 68.09 -60.38 66.38
C ASN BA 91 68.91 -61.58 66.83
N GLY BA 92 70.23 -61.55 66.67
CA GLY BA 92 71.08 -62.58 67.21
C GLY BA 92 71.33 -63.76 66.31
N THR BA 93 70.63 -63.86 65.19
CA THR BA 93 70.92 -64.91 64.22
C THR BA 93 72.06 -64.49 63.31
N THR BA 94 72.83 -65.46 62.85
CA THR BA 94 73.91 -65.17 61.92
C THR BA 94 73.42 -65.35 60.49
N VAL BA 95 74.06 -64.63 59.58
CA VAL BA 95 73.77 -64.72 58.15
C VAL BA 95 75.08 -64.82 57.40
N HIS BA 96 75.12 -65.66 56.38
CA HIS BA 96 76.32 -65.82 55.58
C HIS BA 96 76.56 -64.55 54.78
N VAL BA 97 77.68 -63.89 55.03
CA VAL BA 97 78.07 -62.78 54.17
C VAL BA 97 78.58 -63.34 52.85
N GLY BA 98 78.16 -62.71 51.75
CA GLY BA 98 78.54 -63.16 50.43
C GLY BA 98 79.87 -62.60 50.00
N ILE BA 99 80.70 -63.45 49.40
CA ILE BA 99 82.00 -63.08 48.90
C ILE BA 99 82.05 -63.35 47.41
N HIS BA 100 82.70 -62.49 46.68
CA HIS BA 100 82.81 -62.71 45.25
C HIS BA 100 83.93 -63.70 44.96
N PRO BA 101 83.75 -64.65 44.07
CA PRO BA 101 84.73 -65.72 43.88
C PRO BA 101 86.09 -65.23 43.42
N SER BA 102 86.11 -64.13 42.66
CA SER BA 102 87.38 -63.57 42.21
C SER BA 102 88.26 -63.16 43.38
N LYS BA 103 87.66 -62.87 44.53
CA LYS BA 103 88.39 -62.48 45.74
C LYS BA 103 88.61 -63.65 46.67
N VAL BA 104 88.79 -64.82 46.09
CA VAL BA 104 88.87 -66.07 46.83
C VAL BA 104 89.86 -66.99 46.13
N VAL BA 105 90.71 -67.63 46.92
CA VAL BA 105 91.67 -68.58 46.37
C VAL BA 105 91.28 -69.98 46.85
N ILE BA 106 91.31 -70.93 45.92
CA ILE BA 106 90.92 -72.30 46.25
C ILE BA 106 92.11 -73.04 46.83
N THR BA 107 91.94 -73.62 48.01
CA THR BA 107 92.99 -74.37 48.65
C THR BA 107 92.83 -75.88 48.53
N ARG BA 108 91.63 -76.36 48.24
CA ARG BA 108 91.42 -77.78 48.02
C ARG BA 108 90.18 -77.97 47.17
N LEU BA 109 90.25 -78.85 46.19
CA LEU BA 109 89.20 -79.03 45.21
C LEU BA 109 88.30 -80.20 45.58
N LYS BA 110 87.09 -80.18 45.02
CA LYS BA 110 86.10 -81.24 45.18
C LYS BA 110 86.17 -82.10 43.93
N LEU BA 111 87.07 -83.07 43.94
CA LEU BA 111 87.31 -83.87 42.75
C LEU BA 111 86.17 -84.85 42.51
N ASP BA 112 85.88 -85.08 41.23
CA ASP BA 112 84.99 -86.16 40.81
C ASP BA 112 85.27 -86.43 39.34
N LYS BA 113 84.53 -87.38 38.78
CA LYS BA 113 84.76 -87.78 37.39
C LYS BA 113 84.72 -86.59 36.44
N ASP BA 114 83.69 -85.76 36.55
CA ASP BA 114 83.56 -84.63 35.64
C ASP BA 114 84.59 -83.55 35.95
N ARG BA 115 84.94 -83.39 37.24
CA ARG BA 115 85.88 -82.34 37.61
C ARG BA 115 87.28 -82.67 37.10
N LYS BA 116 87.72 -83.93 37.25
CA LYS BA 116 89.06 -84.30 36.81
C LYS BA 116 89.25 -84.10 35.32
N LYS BA 117 88.23 -84.44 34.52
CA LYS BA 117 88.38 -84.32 33.08
C LYS BA 117 88.50 -82.86 32.67
N ILE BA 118 88.01 -81.94 33.50
CA ILE BA 118 88.22 -80.52 33.22
C ILE BA 118 89.66 -80.13 33.51
N LEU BA 119 90.20 -80.58 34.64
CA LEU BA 119 91.55 -80.20 35.03
C LEU BA 119 92.57 -80.66 34.00
N GLU BA 120 92.41 -81.88 33.49
CA GLU BA 120 93.36 -82.38 32.52
C GLU BA 120 93.28 -81.61 31.22
N ARG BA 121 92.08 -81.20 30.82
CA ARG BA 121 91.94 -80.44 29.57
C ARG BA 121 92.56 -79.06 29.70
N LYS BA 122 92.30 -78.39 30.82
CA LYS BA 122 92.95 -77.11 31.07
C LYS BA 122 94.45 -77.26 31.15
N ALA BA 123 94.93 -78.45 31.48
CA ALA BA 123 96.37 -78.70 31.48
C ALA BA 123 96.86 -79.17 30.12
N LYS BA 124 96.01 -79.85 29.35
CA LYS BA 124 96.45 -80.34 28.05
C LYS BA 124 96.67 -79.18 27.09
N SER BA 125 95.69 -78.28 26.99
CA SER BA 125 95.83 -77.14 26.12
C SER BA 125 96.85 -76.13 26.64
N ARG BA 126 97.14 -76.15 27.93
CA ARG BA 126 98.18 -75.29 28.45
C ARG BA 126 99.56 -75.69 27.93
N GLN BA 127 99.79 -76.99 27.76
CA GLN BA 127 101.07 -77.45 27.24
C GLN BA 127 101.22 -77.12 25.76
N VAL BA 128 100.13 -77.16 25.01
CA VAL BA 128 100.19 -76.79 23.60
C VAL BA 128 100.75 -75.39 23.42
N GLY BA 129 100.39 -74.47 24.31
CA GLY BA 129 100.95 -73.13 24.27
C GLY BA 129 102.44 -73.07 24.52
N LYS BA 130 102.99 -74.06 25.22
CA LYS BA 130 104.42 -74.12 25.45
C LYS BA 130 105.16 -75.02 24.48
N GLU BA 131 104.46 -75.92 23.78
CA GLU BA 131 105.10 -76.74 22.77
C GLU BA 131 105.02 -76.11 21.38
N LYS BA 132 104.06 -75.22 21.16
CA LYS BA 132 103.98 -74.48 19.91
C LYS BA 132 104.83 -73.22 19.92
N GLY BA 133 104.95 -72.55 21.06
CA GLY BA 133 105.73 -71.35 21.16
C GLY BA 133 107.22 -71.63 21.19
N LYS BA 134 107.62 -72.64 21.94
CA LYS BA 134 109.02 -73.02 22.03
C LYS BA 134 109.40 -73.97 20.91
N GLY CA 1 -49.74 -86.30 -5.02
CA GLY CA 1 -50.13 -86.99 -3.81
C GLY CA 1 -48.94 -87.40 -2.98
N LYS CA 2 -49.20 -88.21 -1.95
CA LYS CA 2 -48.14 -88.68 -1.08
C LYS CA 2 -47.16 -89.55 -1.87
N PHE CA 3 -45.87 -89.25 -1.74
CA PHE CA 3 -44.84 -89.97 -2.48
C PHE CA 3 -43.86 -90.69 -1.58
N MET CA 4 -44.05 -90.64 -0.27
CA MET CA 4 -43.18 -91.37 0.66
C MET CA 4 -43.68 -92.81 0.80
N LYS CA 5 -43.48 -93.54 -0.23
CA LYS CA 5 -43.96 -94.92 -0.34
C LYS CA 5 -42.89 -95.89 0.15
N PRO CA 6 -43.25 -97.14 0.40
CA PRO CA 6 -42.26 -98.10 0.90
C PRO CA 6 -41.30 -98.59 -0.17
N GLY CA 7 -41.19 -97.89 -1.30
CA GLY CA 7 -40.23 -98.29 -2.31
C GLY CA 7 -39.25 -97.20 -2.68
N LYS CA 8 -39.50 -95.98 -2.21
CA LYS CA 8 -38.71 -94.84 -2.63
C LYS CA 8 -37.32 -94.87 -2.03
N VAL CA 9 -36.33 -94.55 -2.85
CA VAL CA 9 -34.99 -94.30 -2.35
C VAL CA 9 -34.89 -92.84 -1.93
N VAL CA 10 -34.22 -92.59 -0.80
CA VAL CA 10 -34.11 -91.25 -0.24
C VAL CA 10 -32.69 -91.03 0.24
N LEU CA 11 -32.34 -89.77 0.43
CA LEU CA 11 -31.03 -89.37 0.91
C LEU CA 11 -31.13 -88.99 2.37
N VAL CA 12 -30.28 -89.59 3.20
CA VAL CA 12 -30.23 -89.22 4.61
C VAL CA 12 -29.50 -87.89 4.73
N LEU CA 13 -30.17 -86.90 5.31
CA LEU CA 13 -29.64 -85.54 5.33
C LEU CA 13 -28.97 -85.16 6.64
N ALA CA 14 -29.08 -85.96 7.69
CA ALA CA 14 -28.52 -85.62 8.98
C ALA CA 14 -28.04 -86.87 9.68
N GLY CA 15 -27.36 -86.67 10.80
CA GLY CA 15 -26.90 -87.78 11.59
C GLY CA 15 -25.62 -88.40 11.06
N ARG CA 16 -25.24 -89.50 11.69
CA ARG CA 16 -24.02 -90.20 11.33
C ARG CA 16 -24.03 -90.71 9.89
N TYR CA 17 -25.20 -90.97 9.32
CA TYR CA 17 -25.31 -91.49 7.98
C TYR CA 17 -25.68 -90.41 6.97
N SER CA 18 -25.22 -89.19 7.21
CA SER CA 18 -25.53 -88.09 6.29
C SER CA 18 -24.97 -88.38 4.91
N GLY CA 19 -25.81 -88.19 3.90
CA GLY CA 19 -25.36 -88.36 2.55
C GLY CA 19 -25.41 -89.78 2.03
N ARG CA 20 -25.91 -90.72 2.81
CA ARG CA 20 -26.06 -92.08 2.34
C ARG CA 20 -27.42 -92.24 1.67
N LYS CA 21 -27.51 -93.24 0.81
CA LYS CA 21 -28.72 -93.53 0.07
C LYS CA 21 -29.47 -94.66 0.74
N ALA CA 22 -30.70 -94.40 1.15
CA ALA CA 22 -31.53 -95.37 1.84
C ALA CA 22 -32.81 -95.59 1.06
N VAL CA 23 -33.52 -96.65 1.41
CA VAL CA 23 -34.81 -96.96 0.80
C VAL CA 23 -35.83 -97.13 1.91
N ILE CA 24 -37.01 -96.52 1.74
CA ILE CA 24 -38.05 -96.64 2.74
C ILE CA 24 -38.60 -98.06 2.74
N VAL CA 25 -38.87 -98.58 3.94
CA VAL CA 25 -39.57 -99.85 4.07
C VAL CA 25 -40.88 -99.74 4.82
N LYS CA 26 -41.11 -98.68 5.58
CA LYS CA 26 -42.38 -98.45 6.25
C LYS CA 26 -42.49 -96.98 6.58
N ASN CA 27 -43.44 -96.30 5.97
CA ASN CA 27 -43.65 -94.89 6.23
C ASN CA 27 -44.78 -94.71 7.24
N ILE CA 28 -44.60 -93.72 8.12
CA ILE CA 28 -45.63 -93.39 9.09
C ILE CA 28 -45.90 -91.90 8.97
N ASP CA 29 -46.91 -91.55 8.16
CA ASP CA 29 -47.26 -90.15 7.95
C ASP CA 29 -47.93 -89.57 9.18
N ASP CA 30 -48.75 -90.37 9.84
CA ASP CA 30 -49.45 -89.96 11.05
C ASP CA 30 -48.59 -90.34 12.25
N GLY CA 31 -47.85 -89.37 12.77
CA GLY CA 31 -46.94 -89.61 13.86
C GLY CA 31 -47.57 -90.33 15.03
N THR CA 32 -46.83 -91.25 15.63
CA THR CA 32 -47.41 -92.12 16.63
C THR CA 32 -47.25 -91.48 18.02
N SER CA 33 -47.64 -92.20 19.07
CA SER CA 33 -47.55 -91.67 20.42
C SER CA 33 -46.10 -91.58 20.87
N ASP CA 34 -45.24 -92.45 20.34
CA ASP CA 34 -43.83 -92.39 20.69
C ASP CA 34 -43.10 -91.35 19.87
N ARG CA 35 -43.54 -91.11 18.63
CA ARG CA 35 -42.92 -90.14 17.74
C ARG CA 35 -44.02 -89.24 17.19
N PRO CA 36 -44.22 -88.07 17.78
CA PRO CA 36 -45.25 -87.15 17.28
C PRO CA 36 -45.07 -86.77 15.82
N TYR CA 37 -43.83 -86.54 15.39
CA TYR CA 37 -43.57 -86.14 14.03
C TYR CA 37 -43.84 -87.29 13.07
N SER CA 38 -43.86 -86.97 11.78
CA SER CA 38 -44.09 -87.94 10.72
C SER CA 38 -42.76 -88.57 10.35
N HIS CA 39 -42.57 -89.83 10.70
CA HIS CA 39 -41.29 -90.50 10.53
C HIS CA 39 -41.39 -91.61 9.51
N ALA CA 40 -40.31 -92.35 9.34
CA ALA CA 40 -40.26 -93.49 8.43
C ALA CA 40 -39.10 -94.40 8.82
N LEU CA 41 -39.27 -95.69 8.55
CA LEU CA 41 -38.21 -96.67 8.77
C LEU CA 41 -37.51 -96.94 7.45
N VAL CA 42 -36.19 -96.78 7.41
CA VAL CA 42 -35.43 -96.96 6.19
C VAL CA 42 -34.32 -97.97 6.43
N ALA CA 43 -33.85 -98.58 5.35
CA ALA CA 43 -32.73 -99.51 5.36
C ALA CA 43 -31.78 -99.07 4.26
N GLY CA 44 -30.64 -98.50 4.63
CA GLY CA 44 -29.74 -97.87 3.69
C GLY CA 44 -28.41 -98.59 3.55
N ILE CA 45 -27.45 -97.86 3.00
CA ILE CA 45 -26.10 -98.37 2.76
C ILE CA 45 -25.13 -97.50 3.54
N ASP CA 46 -24.40 -98.12 4.47
CA ASP CA 46 -23.37 -97.40 5.20
C ASP CA 46 -22.11 -97.27 4.37
N ARG CA 47 -21.59 -98.40 3.89
CA ARG CA 47 -20.35 -98.44 3.11
C ARG CA 47 -20.68 -98.94 1.71
N TYR CA 48 -20.47 -98.11 0.72
CA TYR CA 48 -20.78 -98.52 -0.63
C TYR CA 48 -19.73 -99.50 -1.13
N PRO CA 49 -20.09 -100.40 -2.04
CA PRO CA 49 -19.08 -101.28 -2.64
C PRO CA 49 -18.13 -100.47 -3.50
N ARG CA 50 -16.83 -100.71 -3.33
CA ARG CA 50 -15.83 -99.96 -4.07
C ARG CA 50 -15.92 -100.18 -5.56
N LYS CA 51 -15.31 -99.31 -6.34
CA LYS CA 51 -15.32 -99.45 -7.78
C LYS CA 51 -14.61 -100.72 -8.20
N VAL CA 52 -15.31 -101.59 -8.86
CA VAL CA 52 -14.75 -102.83 -9.41
C VAL CA 52 -14.46 -102.60 -10.87
N THR CA 53 -13.37 -103.21 -11.34
CA THR CA 53 -12.97 -103.08 -12.73
C THR CA 53 -12.46 -104.42 -13.22
N ALA CA 54 -12.42 -104.58 -14.54
CA ALA CA 54 -11.85 -105.76 -15.14
C ALA CA 54 -10.36 -105.81 -14.82
N ALA CA 55 -9.71 -106.91 -15.22
CA ALA CA 55 -8.33 -107.19 -14.86
C ALA CA 55 -8.14 -107.18 -13.34
N MET CA 56 -9.13 -107.71 -12.63
CA MET CA 56 -9.05 -107.95 -11.19
C MET CA 56 -9.55 -109.35 -10.92
N GLY CA 57 -8.99 -109.98 -9.88
CA GLY CA 57 -9.34 -111.35 -9.54
C GLY CA 57 -10.74 -111.43 -8.98
N LYS CA 58 -11.47 -112.47 -9.37
CA LYS CA 58 -12.87 -112.59 -8.95
C LYS CA 58 -13.00 -112.73 -7.44
N LYS CA 59 -12.02 -113.34 -6.77
CA LYS CA 59 -12.06 -113.36 -5.31
C LYS CA 59 -11.76 -111.98 -4.76
N LYS CA 60 -10.90 -111.21 -5.43
CA LYS CA 60 -10.73 -109.81 -5.07
C LYS CA 60 -11.98 -109.01 -5.40
N ILE CA 61 -12.61 -109.31 -6.53
CA ILE CA 61 -13.81 -108.58 -6.93
C ILE CA 61 -14.93 -108.82 -5.93
N ALA CA 62 -15.17 -110.08 -5.56
CA ALA CA 62 -16.19 -110.36 -4.56
C ALA CA 62 -15.84 -109.73 -3.23
N LYS CA 63 -14.57 -109.76 -2.84
CA LYS CA 63 -14.15 -109.07 -1.62
C LYS CA 63 -14.30 -107.56 -1.77
N ARG CA 64 -14.11 -107.06 -2.99
CA ARG CA 64 -14.23 -105.62 -3.21
C ARG CA 64 -15.69 -105.18 -3.16
N SER CA 65 -16.56 -105.87 -3.87
CA SER CA 65 -17.96 -105.48 -3.99
C SER CA 65 -18.75 -105.93 -2.77
N LYS CA 66 -18.40 -105.40 -1.60
CA LYS CA 66 -19.04 -105.77 -0.35
C LYS CA 66 -19.77 -104.56 0.23
N ILE CA 67 -20.91 -104.80 0.87
CA ILE CA 67 -21.78 -103.73 1.33
C ILE CA 67 -21.98 -103.85 2.83
N LYS CA 68 -22.02 -102.70 3.51
CA LYS CA 68 -22.35 -102.59 4.92
C LYS CA 68 -23.64 -101.78 5.03
N SER CA 69 -24.69 -102.40 5.55
CA SER CA 69 -25.99 -101.78 5.58
C SER CA 69 -26.29 -101.18 6.95
N PHE CA 70 -27.41 -100.46 7.02
CA PHE CA 70 -27.90 -99.92 8.27
C PHE CA 70 -29.41 -99.85 8.22
N VAL CA 71 -30.02 -99.81 9.39
CA VAL CA 71 -31.46 -99.59 9.53
C VAL CA 71 -31.66 -98.49 10.55
N LYS CA 72 -32.67 -97.65 10.31
CA LYS CA 72 -32.83 -96.44 11.09
C LYS CA 72 -34.22 -95.90 10.87
N VAL CA 73 -34.78 -95.28 11.91
CA VAL CA 73 -36.05 -94.57 11.81
C VAL CA 73 -35.74 -93.09 11.73
N TYR CA 74 -36.17 -92.45 10.65
CA TYR CA 74 -35.85 -91.06 10.41
C TYR CA 74 -37.12 -90.22 10.41
N ASN CA 75 -36.94 -88.96 10.79
CA ASN CA 75 -37.96 -87.94 10.60
C ASN CA 75 -37.92 -87.50 9.15
N TYR CA 76 -39.11 -87.22 8.59
CA TYR CA 76 -39.19 -86.91 7.17
C TYR CA 76 -38.29 -85.76 6.75
N ASN CA 77 -38.29 -84.66 7.50
CA ASN CA 77 -37.46 -83.54 7.11
C ASN CA 77 -35.98 -83.76 7.43
N HIS CA 78 -35.59 -85.01 7.68
CA HIS CA 78 -34.19 -85.41 7.63
C HIS CA 78 -33.93 -86.33 6.46
N LEU CA 79 -34.86 -86.43 5.52
CA LEU CA 79 -34.73 -87.27 4.35
C LEU CA 79 -35.01 -86.43 3.10
N MET CA 80 -34.24 -86.70 2.05
CA MET CA 80 -34.42 -86.02 0.78
C MET CA 80 -35.00 -87.01 -0.22
N PRO CA 81 -36.29 -86.93 -0.54
CA PRO CA 81 -36.88 -87.89 -1.47
C PRO CA 81 -36.36 -87.67 -2.88
N THR CA 82 -36.32 -88.76 -3.64
CA THR CA 82 -35.83 -88.73 -5.01
C THR CA 82 -36.88 -89.36 -5.92
N ARG CA 83 -36.61 -89.35 -7.22
CA ARG CA 83 -37.53 -89.93 -8.18
C ARG CA 83 -37.33 -91.43 -8.31
N TYR CA 84 -36.12 -91.93 -8.07
CA TYR CA 84 -35.83 -93.33 -8.30
C TYR CA 84 -36.57 -94.21 -7.29
N SER CA 85 -36.48 -95.52 -7.51
CA SER CA 85 -37.14 -96.48 -6.64
C SER CA 85 -36.49 -97.84 -6.83
N VAL CA 86 -36.30 -98.56 -5.74
CA VAL CA 86 -35.75 -99.91 -5.76
C VAL CA 86 -36.73 -100.83 -5.03
N ASP CA 87 -37.19 -101.85 -5.74
CA ASP CA 87 -38.18 -102.76 -5.17
C ASP CA 87 -37.55 -104.04 -4.64
N ILE CA 88 -36.62 -103.90 -3.70
CA ILE CA 88 -36.03 -105.06 -3.04
C ILE CA 88 -36.99 -105.55 -1.97
N PRO CA 89 -37.24 -106.87 -1.86
CA PRO CA 89 -38.30 -107.36 -0.96
C PRO CA 89 -38.23 -106.87 0.48
N LEU CA 90 -37.14 -107.15 1.19
CA LEU CA 90 -36.99 -106.72 2.58
C LEU CA 90 -38.15 -107.18 3.46
N ASP CA 91 -38.27 -108.48 3.69
CA ASP CA 91 -39.37 -109.01 4.48
C ASP CA 91 -39.47 -108.29 5.82
N LYS CA 92 -40.69 -107.84 6.15
CA LYS CA 92 -40.91 -107.03 7.33
C LYS CA 92 -40.89 -107.84 8.62
N THR CA 93 -40.91 -109.18 8.52
CA THR CA 93 -40.81 -109.98 9.73
C THR CA 93 -39.45 -109.82 10.41
N VAL CA 94 -38.45 -109.41 9.64
CA VAL CA 94 -37.11 -109.16 10.18
C VAL CA 94 -36.82 -107.68 10.33
N VAL CA 95 -37.09 -106.90 9.29
CA VAL CA 95 -36.86 -105.46 9.31
C VAL CA 95 -38.16 -104.79 9.70
N ASN CA 96 -38.23 -104.31 10.94
CA ASN CA 96 -39.46 -103.73 11.46
C ASN CA 96 -39.10 -102.76 12.57
N LYS CA 97 -40.11 -102.05 13.09
CA LYS CA 97 -39.86 -101.04 14.09
C LYS CA 97 -39.62 -101.62 15.47
N ASP CA 98 -40.07 -102.86 15.71
CA ASP CA 98 -39.84 -103.51 16.99
C ASP CA 98 -38.42 -103.99 17.15
N VAL CA 99 -37.51 -103.55 16.28
CA VAL CA 99 -36.16 -104.07 16.26
C VAL CA 99 -35.19 -103.17 17.01
N PHE CA 100 -35.59 -101.94 17.32
CA PHE CA 100 -34.67 -100.99 17.95
C PHE CA 100 -34.57 -101.19 19.45
N ARG CA 101 -35.49 -101.95 20.04
CA ARG CA 101 -35.39 -102.26 21.46
C ARG CA 101 -34.41 -103.39 21.75
N ASP CA 102 -34.22 -104.31 20.81
CA ASP CA 102 -33.35 -105.45 21.02
C ASP CA 102 -32.14 -105.34 20.10
N PRO CA 103 -30.93 -105.18 20.64
CA PRO CA 103 -29.75 -105.11 19.77
C PRO CA 103 -29.47 -106.42 19.06
N ALA CA 104 -29.87 -107.55 19.64
CA ALA CA 104 -29.66 -108.83 18.96
C ALA CA 104 -30.53 -108.95 17.72
N LEU CA 105 -31.78 -108.49 17.81
CA LEU CA 105 -32.63 -108.47 16.64
C LEU CA 105 -32.15 -107.49 15.60
N LYS CA 106 -31.57 -106.37 16.04
CA LYS CA 106 -31.12 -105.35 15.11
C LYS CA 106 -29.99 -105.84 14.22
N ARG CA 107 -29.23 -106.82 14.67
CA ARG CA 107 -28.21 -107.40 13.80
C ARG CA 107 -28.83 -108.22 12.70
N LYS CA 108 -29.91 -108.94 12.99
CA LYS CA 108 -30.57 -109.73 11.96
C LYS CA 108 -31.23 -108.85 10.91
N ALA CA 109 -31.70 -107.67 11.31
CA ALA CA 109 -32.22 -106.74 10.32
C ALA CA 109 -31.11 -106.20 9.44
N ARG CA 110 -30.02 -105.76 10.05
CA ARG CA 110 -28.88 -105.26 9.29
C ARG CA 110 -28.26 -106.37 8.45
N ARG CA 111 -28.30 -107.61 8.92
CA ARG CA 111 -27.78 -108.73 8.14
C ARG CA 111 -28.69 -109.03 6.96
N GLU CA 112 -30.01 -108.97 7.17
CA GLU CA 112 -30.94 -109.30 6.10
C GLU CA 112 -30.88 -108.24 5.00
N ALA CA 113 -30.89 -106.97 5.38
CA ALA CA 113 -30.82 -105.90 4.39
C ALA CA 113 -29.53 -105.98 3.59
N LYS CA 114 -28.45 -106.48 4.20
CA LYS CA 114 -27.18 -106.55 3.51
C LYS CA 114 -27.22 -107.56 2.38
N VAL CA 115 -27.71 -108.77 2.66
CA VAL CA 115 -27.67 -109.82 1.66
C VAL CA 115 -28.65 -109.53 0.53
N LYS CA 116 -29.76 -108.86 0.83
CA LYS CA 116 -30.68 -108.47 -0.22
C LYS CA 116 -30.07 -107.40 -1.12
N PHE CA 117 -29.28 -106.51 -0.54
CA PHE CA 117 -28.60 -105.51 -1.34
C PHE CA 117 -27.56 -106.16 -2.26
N GLU CA 118 -26.78 -107.08 -1.71
CA GLU CA 118 -25.68 -107.65 -2.48
C GLU CA 118 -26.19 -108.54 -3.61
N GLU CA 119 -27.31 -109.22 -3.39
CA GLU CA 119 -27.82 -110.07 -4.46
C GLU CA 119 -28.43 -109.26 -5.60
N ARG CA 120 -28.77 -108.00 -5.35
CA ARG CA 120 -29.25 -107.14 -6.42
C ARG CA 120 -28.18 -106.21 -6.94
N TYR CA 121 -27.16 -105.91 -6.14
CA TYR CA 121 -26.08 -105.08 -6.65
C TYR CA 121 -25.27 -105.81 -7.71
N LYS CA 122 -25.09 -107.12 -7.55
CA LYS CA 122 -24.29 -107.88 -8.49
C LYS CA 122 -24.98 -108.03 -9.84
N THR CA 123 -26.29 -107.88 -9.90
CA THR CA 123 -26.99 -107.98 -11.18
C THR CA 123 -26.86 -106.74 -12.02
N GLY CA 124 -26.23 -105.69 -11.50
CA GLY CA 124 -26.05 -104.48 -12.28
C GLY CA 124 -27.28 -103.62 -12.42
N LYS CA 125 -28.33 -103.88 -11.65
CA LYS CA 125 -29.52 -103.06 -11.68
C LYS CA 125 -29.46 -101.99 -10.59
N ASN CA 126 -30.16 -100.89 -10.83
CA ASN CA 126 -30.26 -99.79 -9.87
C ASN CA 126 -28.88 -99.30 -9.45
N LYS CA 127 -27.96 -99.24 -10.41
CA LYS CA 127 -26.59 -98.91 -10.08
C LYS CA 127 -26.46 -97.52 -9.49
N TRP CA 128 -27.39 -96.62 -9.80
CA TRP CA 128 -27.37 -95.30 -9.20
C TRP CA 128 -27.53 -95.39 -7.69
N PHE CA 129 -28.34 -96.34 -7.23
CA PHE CA 129 -28.54 -96.48 -5.79
C PHE CA 129 -27.27 -96.91 -5.09
N PHE CA 130 -26.40 -97.63 -5.80
CA PHE CA 130 -25.17 -98.12 -5.19
C PHE CA 130 -23.96 -97.24 -5.49
N GLN CA 131 -24.15 -96.12 -6.20
CA GLN CA 131 -23.11 -95.12 -6.34
C GLN CA 131 -23.14 -94.22 -5.12
N LYS CA 132 -21.98 -94.01 -4.50
CA LYS CA 132 -21.93 -93.06 -3.41
C LYS CA 132 -22.16 -91.66 -3.95
N LEU CA 133 -22.67 -90.78 -3.09
CA LEU CA 133 -23.00 -89.43 -3.50
C LEU CA 133 -21.78 -88.54 -3.34
N ARG CA 134 -21.32 -87.94 -4.44
CA ARG CA 134 -20.15 -87.08 -4.43
C ARG CA 134 -20.59 -85.68 -4.05
N PHE CA 135 -20.42 -85.33 -2.79
CA PHE CA 135 -20.76 -84.00 -2.31
C PHE CA 135 -19.63 -83.40 -1.50
N PRO DA 1 81.91 -23.66 11.29
CA PRO DA 1 82.23 -23.31 12.68
C PRO DA 1 81.28 -22.28 13.23
N SER DA 2 80.28 -22.74 13.98
CA SER DA 2 79.27 -21.83 14.51
C SER DA 2 79.84 -20.86 15.52
N ARG DA 3 80.98 -21.17 16.14
CA ARG DA 3 81.54 -20.26 17.12
C ARG DA 3 82.05 -18.97 16.49
N LEU DA 4 82.21 -18.93 15.18
CA LEU DA 4 82.64 -17.73 14.49
C LEU DA 4 81.49 -16.98 13.83
N ARG DA 5 80.30 -17.57 13.79
CA ARG DA 5 79.22 -16.98 13.05
C ARG DA 5 78.66 -15.76 13.79
N LYS DA 6 77.74 -15.08 13.12
CA LYS DA 6 77.21 -13.83 13.61
C LYS DA 6 76.17 -14.04 14.70
N THR DA 7 75.51 -15.19 14.71
CA THR DA 7 74.48 -15.44 15.70
C THR DA 7 75.03 -15.53 17.10
N ARG DA 8 76.31 -15.89 17.24
CA ARG DA 8 76.91 -15.95 18.56
C ARG DA 8 77.01 -14.56 19.17
N LYS DA 9 77.16 -13.54 18.35
CA LYS DA 9 77.25 -12.18 18.84
C LYS DA 9 75.90 -11.52 19.03
N LEU DA 10 74.85 -12.09 18.46
CA LEU DA 10 73.53 -11.47 18.51
C LEU DA 10 72.71 -11.96 19.68
N ARG DA 11 73.23 -12.86 20.50
CA ARG DA 11 72.52 -13.31 21.67
C ARG DA 11 72.41 -12.17 22.67
N GLY DA 12 71.19 -11.83 23.06
CA GLY DA 12 70.93 -10.75 23.97
C GLY DA 12 70.34 -9.52 23.31
N HIS DA 13 70.51 -9.39 22.01
CA HIS DA 13 69.91 -8.29 21.26
C HIS DA 13 68.60 -8.80 20.71
N VAL DA 14 67.50 -8.12 21.05
CA VAL DA 14 66.15 -8.63 20.88
C VAL DA 14 65.86 -9.05 19.45
N SER DA 15 65.95 -8.11 18.51
CA SER DA 15 65.48 -8.37 17.16
C SER DA 15 66.39 -9.30 16.39
N HIS DA 16 67.54 -9.64 16.95
CA HIS DA 16 68.49 -10.57 16.33
C HIS DA 16 68.96 -10.06 14.97
N GLY DA 17 69.15 -8.75 14.88
CA GLY DA 17 69.74 -8.18 13.68
C GLY DA 17 68.78 -7.97 12.53
N HIS DA 18 67.48 -7.94 12.80
CA HIS DA 18 66.49 -7.76 11.74
C HIS DA 18 65.57 -6.59 12.03
N GLY DA 19 65.90 -5.76 13.02
CA GLY DA 19 65.18 -4.54 13.26
C GLY DA 19 63.86 -4.77 13.97
N ARG DA 20 63.41 -3.72 14.65
CA ARG DA 20 62.18 -3.76 15.42
C ARG DA 20 60.97 -3.31 14.62
N ILE DA 21 61.11 -2.31 13.77
CA ILE DA 21 60.00 -1.79 13.00
C ILE DA 21 59.59 -2.81 11.94
N GLY DA 22 60.50 -3.07 11.02
CA GLY DA 22 60.27 -4.03 9.97
C GLY DA 22 60.69 -5.42 10.39
N LYS DA 23 59.85 -6.09 11.17
CA LYS DA 23 60.16 -7.41 11.71
C LYS DA 23 60.63 -8.37 10.62
N HIS DA 24 61.35 -9.41 11.02
CA HIS DA 24 61.74 -10.45 10.07
C HIS DA 24 60.54 -11.37 9.86
N ARG DA 25 59.75 -11.07 8.85
CA ARG DA 25 58.58 -11.85 8.54
C ARG DA 25 58.91 -12.97 7.56
N LYS DA 26 57.90 -13.71 7.14
CA LYS DA 26 58.12 -14.93 6.38
C LYS DA 26 58.64 -14.67 4.98
N HIS DA 27 57.81 -14.04 4.14
CA HIS DA 27 58.13 -13.79 2.73
C HIS DA 27 57.50 -12.48 2.34
N PRO DA 28 58.10 -11.36 2.73
CA PRO DA 28 57.43 -10.06 2.53
C PRO DA 28 57.28 -9.67 1.08
N GLY DA 29 58.11 -10.19 0.18
CA GLY DA 29 58.02 -9.82 -1.21
C GLY DA 29 57.55 -10.89 -2.16
N GLY DA 30 57.13 -12.04 -1.66
CA GLY DA 30 56.84 -13.18 -2.51
C GLY DA 30 57.99 -14.15 -2.52
N ARG DA 31 57.70 -15.36 -2.98
CA ARG DA 31 58.71 -16.41 -2.96
C ARG DA 31 59.46 -16.45 -4.28
N GLY DA 32 60.77 -16.67 -4.18
CA GLY DA 32 61.58 -16.87 -5.36
C GLY DA 32 61.57 -15.65 -6.26
N ASN DA 33 61.54 -15.90 -7.55
CA ASN DA 33 61.58 -14.82 -8.54
C ASN DA 33 60.21 -14.26 -8.81
N ALA DA 34 59.45 -13.98 -7.76
CA ALA DA 34 58.10 -13.46 -7.95
C ALA DA 34 58.14 -11.97 -8.23
N GLY DA 35 57.08 -11.48 -8.85
CA GLY DA 35 56.98 -10.06 -9.12
C GLY DA 35 58.03 -9.54 -10.07
N GLY DA 36 58.57 -10.39 -10.93
CA GLY DA 36 59.61 -9.95 -11.84
C GLY DA 36 59.13 -8.86 -12.78
N MET DA 37 57.84 -8.81 -13.05
CA MET DA 37 57.26 -7.81 -13.92
C MET DA 37 56.44 -6.77 -13.16
N HIS DA 38 56.20 -6.98 -11.87
CA HIS DA 38 55.24 -6.13 -11.19
C HIS DA 38 55.85 -5.29 -10.08
N HIS DA 39 56.41 -5.90 -9.05
CA HIS DA 39 56.95 -5.05 -8.01
C HIS DA 39 58.46 -5.21 -7.86
N HIS DA 40 59.06 -6.16 -8.57
CA HIS DA 40 60.50 -6.23 -8.69
C HIS DA 40 60.94 -5.84 -10.09
N ARG DA 41 60.14 -5.02 -10.76
CA ARG DA 41 60.41 -4.65 -12.14
C ARG DA 41 61.73 -3.93 -12.26
N ILE DA 42 62.03 -3.03 -11.32
CA ILE DA 42 63.24 -2.23 -11.42
C ILE DA 42 64.47 -3.09 -11.30
N ASN DA 43 64.46 -4.04 -10.36
CA ASN DA 43 65.62 -4.90 -10.18
C ASN DA 43 65.90 -5.73 -11.41
N PHE DA 44 64.85 -6.31 -12.00
CA PHE DA 44 65.04 -7.14 -13.18
C PHE DA 44 65.48 -6.34 -14.39
N ASP DA 45 65.09 -5.07 -14.49
CA ASP DA 45 65.49 -4.25 -15.62
C ASP DA 45 66.81 -3.55 -15.42
N LYS DA 46 67.30 -3.47 -14.20
CA LYS DA 46 68.56 -2.83 -13.91
C LYS DA 46 69.71 -3.81 -13.82
N TYR DA 47 69.45 -5.07 -13.56
CA TYR DA 47 70.51 -6.04 -13.39
C TYR DA 47 70.37 -7.26 -14.26
N HIS DA 48 69.22 -7.48 -14.88
CA HIS DA 48 69.04 -8.62 -15.78
C HIS DA 48 68.27 -8.16 -17.02
N PRO DA 49 68.83 -7.24 -17.79
CA PRO DA 49 68.14 -6.79 -18.99
C PRO DA 49 68.13 -7.90 -20.03
N GLY DA 50 66.97 -8.07 -20.66
CA GLY DA 50 66.80 -9.16 -21.60
C GLY DA 50 66.22 -10.40 -21.01
N TYR DA 51 65.75 -10.36 -19.77
CA TYR DA 51 65.31 -11.57 -19.11
C TYR DA 51 64.00 -12.08 -19.69
N PHE DA 52 63.07 -11.19 -19.99
CA PHE DA 52 61.74 -11.57 -20.43
C PHE DA 52 61.65 -11.49 -21.95
N GLY DA 53 61.16 -12.55 -22.56
CA GLY DA 53 60.90 -12.56 -23.99
C GLY DA 53 61.53 -13.75 -24.69
N LYS DA 54 61.20 -13.86 -25.96
CA LYS DA 54 61.70 -14.92 -26.83
C LYS DA 54 62.55 -14.31 -27.94
N VAL DA 55 63.63 -15.03 -28.27
CA VAL DA 55 64.55 -14.61 -29.32
C VAL DA 55 65.09 -15.83 -30.04
N GLY DA 56 64.97 -15.85 -31.36
CA GLY DA 56 65.68 -16.81 -32.17
C GLY DA 56 64.89 -18.06 -32.46
N MET DA 57 65.52 -18.94 -33.22
CA MET DA 57 64.93 -20.20 -33.64
C MET DA 57 65.15 -21.26 -32.58
N ARG DA 58 64.29 -22.27 -32.62
CA ARG DA 58 64.39 -23.42 -31.72
C ARG DA 58 65.04 -24.58 -32.45
N HIS DA 59 65.91 -25.29 -31.76
CA HIS DA 59 66.53 -26.50 -32.29
C HIS DA 59 66.08 -27.64 -31.39
N TYR DA 60 65.24 -28.53 -31.94
CA TYR DA 60 64.50 -29.47 -31.11
C TYR DA 60 65.41 -30.49 -30.45
N HIS DA 61 66.13 -31.26 -31.25
CA HIS DA 61 66.95 -32.34 -30.74
C HIS DA 61 68.40 -31.93 -30.94
N LEU DA 62 68.94 -31.18 -29.98
CA LEU DA 62 70.29 -30.66 -30.10
C LEU DA 62 71.29 -31.67 -29.53
N LYS DA 63 72.28 -32.02 -30.33
CA LYS DA 63 73.37 -32.89 -29.90
C LYS DA 63 74.63 -32.04 -29.95
N ARG DA 64 75.22 -31.80 -28.78
CA ARG DA 64 76.39 -30.94 -28.70
C ARG DA 64 77.58 -31.50 -29.44
N ASN DA 65 77.59 -32.80 -29.72
CA ASN DA 65 78.75 -33.41 -30.37
C ASN DA 65 78.89 -33.02 -31.83
N GLN DA 66 77.81 -32.55 -32.46
CA GLN DA 66 77.93 -32.12 -33.84
C GLN DA 66 78.62 -30.77 -33.97
N SER DA 67 78.33 -29.84 -33.08
CA SER DA 67 78.95 -28.53 -33.09
C SER DA 67 80.25 -28.49 -32.31
N PHE DA 68 80.86 -29.64 -32.06
CA PHE DA 68 82.11 -29.68 -31.33
C PHE DA 68 83.25 -29.23 -32.23
N CYS DA 69 83.93 -28.17 -31.84
CA CYS DA 69 85.03 -27.66 -32.65
C CYS DA 69 85.94 -26.80 -31.76
N PRO DA 70 86.82 -27.42 -30.98
CA PRO DA 70 87.72 -26.65 -30.14
C PRO DA 70 88.79 -25.97 -30.97
N THR DA 71 89.09 -24.73 -30.61
CA THR DA 71 89.98 -23.87 -31.38
C THR DA 71 91.28 -23.63 -30.62
N VAL DA 72 92.31 -23.28 -31.37
CA VAL DA 72 93.61 -22.97 -30.81
C VAL DA 72 94.19 -21.79 -31.57
N ASN DA 73 94.76 -20.86 -30.83
CA ASN DA 73 95.34 -19.68 -31.47
C ASN DA 73 96.78 -19.94 -31.86
N LEU DA 74 97.26 -19.16 -32.83
CA LEU DA 74 98.61 -19.33 -33.32
C LEU DA 74 99.68 -19.00 -32.29
N ASP DA 75 99.34 -18.23 -31.25
CA ASP DA 75 100.33 -17.83 -30.27
C ASP DA 75 100.87 -19.05 -29.53
N LYS DA 76 100.02 -20.02 -29.23
CA LYS DA 76 100.42 -21.23 -28.54
C LYS DA 76 100.38 -22.45 -29.46
N LEU DA 77 100.52 -22.23 -30.76
CA LEU DA 77 100.59 -23.36 -31.68
C LEU DA 77 101.84 -24.19 -31.46
N TRP DA 78 102.94 -23.56 -31.08
CA TRP DA 78 104.19 -24.25 -30.85
C TRP DA 78 104.24 -24.97 -29.51
N THR DA 79 103.24 -24.78 -28.66
CA THR DA 79 103.20 -25.48 -27.39
C THR DA 79 102.65 -26.89 -27.51
N LEU DA 80 102.16 -27.27 -28.68
CA LEU DA 80 101.64 -28.62 -28.84
C LEU DA 80 102.77 -29.63 -28.97
N VAL DA 81 103.82 -29.28 -29.70
CA VAL DA 81 104.95 -30.16 -29.85
C VAL DA 81 106.00 -29.86 -28.80
N SER DA 82 106.89 -30.82 -28.54
CA SER DA 82 107.94 -30.62 -27.56
C SER DA 82 108.93 -29.56 -28.04
N GLU DA 83 109.63 -28.98 -27.07
CA GLU DA 83 110.59 -27.92 -27.37
C GLU DA 83 111.76 -28.43 -28.21
N GLN DA 84 112.07 -29.72 -28.11
CA GLN DA 84 113.16 -30.30 -28.88
C GLN DA 84 112.90 -30.16 -30.37
N THR DA 85 111.64 -30.28 -30.79
CA THR DA 85 111.33 -30.11 -32.20
C THR DA 85 111.51 -28.67 -32.62
N ARG DA 86 111.05 -27.73 -31.79
CA ARG DA 86 111.11 -26.32 -32.15
C ARG DA 86 112.54 -25.82 -32.26
N VAL DA 87 113.47 -26.37 -31.49
CA VAL DA 87 114.85 -25.92 -31.58
C VAL DA 87 115.61 -26.65 -32.69
N ASN DA 88 115.25 -27.91 -32.97
CA ASN DA 88 115.89 -28.60 -34.08
C ASN DA 88 115.42 -28.08 -35.43
N ALA DA 89 114.28 -27.40 -35.48
CA ALA DA 89 113.81 -26.85 -36.74
C ALA DA 89 114.61 -25.62 -37.15
N ALA DA 90 114.90 -24.74 -36.19
CA ALA DA 90 115.72 -23.57 -36.49
C ALA DA 90 117.18 -23.96 -36.65
N LYS DA 91 117.66 -24.92 -35.86
CA LYS DA 91 119.02 -25.40 -36.01
C LYS DA 91 119.22 -26.06 -37.36
N ASN DA 92 118.18 -26.73 -37.87
CA ASN DA 92 118.29 -27.41 -39.15
C ASN DA 92 118.56 -26.41 -40.27
N LYS DA 93 119.49 -26.76 -41.16
CA LYS DA 93 119.78 -25.96 -42.32
C LYS DA 93 119.16 -26.49 -43.60
N THR DA 94 118.62 -27.71 -43.58
CA THR DA 94 117.97 -28.25 -44.76
C THR DA 94 116.74 -27.45 -45.12
N GLY DA 95 116.06 -26.88 -44.13
CA GLY DA 95 114.81 -26.20 -44.35
C GLY DA 95 113.59 -27.05 -44.14
N ALA DA 96 113.75 -28.26 -43.60
CA ALA DA 96 112.62 -29.16 -43.38
C ALA DA 96 111.76 -28.62 -42.26
N ALA DA 97 110.48 -28.46 -42.53
CA ALA DA 97 109.57 -27.94 -41.53
C ALA DA 97 109.01 -29.07 -40.68
N PRO DA 98 108.93 -28.91 -39.37
CA PRO DA 98 108.26 -29.92 -38.55
C PRO DA 98 106.76 -29.87 -38.80
N ILE DA 99 106.10 -30.98 -38.49
CA ILE DA 99 104.66 -31.09 -38.69
C ILE DA 99 103.97 -31.00 -37.35
N ILE DA 100 102.95 -30.15 -37.27
CA ILE DA 100 102.21 -29.91 -36.04
C ILE DA 100 100.78 -30.32 -36.31
N ASP DA 101 100.39 -31.50 -35.85
CA ASP DA 101 99.05 -32.02 -36.09
C ASP DA 101 98.19 -31.64 -34.89
N VAL DA 102 97.30 -30.66 -35.08
CA VAL DA 102 96.54 -30.15 -33.95
C VAL DA 102 95.44 -31.12 -33.55
N VAL DA 103 94.87 -31.86 -34.51
CA VAL DA 103 93.75 -32.72 -34.16
C VAL DA 103 94.22 -33.87 -33.29
N ARG DA 104 95.49 -34.24 -33.41
CA ARG DA 104 96.07 -35.18 -32.47
C ARG DA 104 96.17 -34.58 -31.08
N SER DA 105 96.44 -33.28 -30.98
CA SER DA 105 96.53 -32.63 -29.68
C SER DA 105 95.16 -32.39 -29.08
N GLY DA 106 94.15 -32.20 -29.91
CA GLY DA 106 92.79 -32.08 -29.39
C GLY DA 106 92.01 -30.89 -29.88
N TYR DA 107 92.52 -30.19 -30.90
CA TYR DA 107 91.84 -29.04 -31.46
C TYR DA 107 91.49 -29.30 -32.91
N TYR DA 108 90.50 -28.57 -33.40
CA TYR DA 108 90.05 -28.74 -34.77
C TYR DA 108 90.35 -27.52 -35.63
N LYS DA 109 89.99 -26.33 -35.17
CA LYS DA 109 90.18 -25.11 -35.93
C LYS DA 109 91.38 -24.36 -35.39
N VAL DA 110 92.08 -23.66 -36.27
CA VAL DA 110 93.24 -22.86 -35.91
C VAL DA 110 92.90 -21.39 -36.17
N LEU DA 111 93.02 -20.56 -35.15
CA LEU DA 111 92.75 -19.14 -35.27
C LEU DA 111 94.06 -18.38 -35.17
N GLY DA 112 94.18 -17.31 -35.95
CA GLY DA 112 95.42 -16.56 -35.98
C GLY DA 112 95.51 -15.39 -35.04
N LYS DA 113 95.57 -15.64 -33.73
CA LYS DA 113 95.58 -14.52 -32.80
C LYS DA 113 96.97 -13.93 -32.59
N GLY DA 114 97.97 -14.77 -32.33
CA GLY DA 114 99.27 -14.29 -31.92
C GLY DA 114 100.21 -14.06 -33.07
N LYS DA 115 101.47 -13.82 -32.71
CA LYS DA 115 102.57 -13.74 -33.67
C LYS DA 115 103.33 -15.06 -33.66
N LEU DA 116 103.85 -15.44 -34.82
CA LEU DA 116 104.56 -16.69 -34.91
C LEU DA 116 106.06 -16.45 -34.99
N PRO DA 117 106.86 -17.34 -34.43
CA PRO DA 117 108.31 -17.25 -34.64
C PRO DA 117 108.66 -17.58 -36.08
N LYS DA 118 109.67 -16.90 -36.60
CA LYS DA 118 110.01 -17.02 -38.02
C LYS DA 118 110.72 -18.33 -38.30
N GLN DA 119 109.97 -19.41 -38.49
CA GLN DA 119 110.49 -20.69 -38.95
C GLN DA 119 109.34 -21.53 -39.47
N PRO DA 120 109.54 -22.23 -40.59
CA PRO DA 120 108.39 -22.86 -41.27
C PRO DA 120 107.77 -23.98 -40.44
N VAL DA 121 106.49 -24.23 -40.70
CA VAL DA 121 105.73 -25.29 -40.04
C VAL DA 121 104.89 -25.99 -41.08
N ILE DA 122 104.33 -27.13 -40.70
CA ILE DA 122 103.30 -27.77 -41.49
C ILE DA 122 102.14 -28.08 -40.57
N VAL DA 123 101.13 -27.22 -40.57
CA VAL DA 123 100.02 -27.34 -39.63
C VAL DA 123 98.95 -28.22 -40.23
N LYS DA 124 98.71 -29.37 -39.61
CA LYS DA 124 97.64 -30.27 -40.01
C LYS DA 124 96.44 -29.97 -39.12
N ALA DA 125 95.39 -29.42 -39.71
CA ALA DA 125 94.19 -29.07 -38.96
C ALA DA 125 92.96 -29.48 -39.76
N LYS DA 126 91.81 -29.34 -39.12
CA LYS DA 126 90.55 -29.62 -39.77
C LYS DA 126 89.94 -28.38 -40.40
N PHE DA 127 90.11 -27.23 -39.77
CA PHE DA 127 89.65 -25.96 -40.31
C PHE DA 127 90.73 -24.91 -40.09
N PHE DA 128 90.60 -23.80 -40.79
CA PHE DA 128 91.50 -22.68 -40.62
C PHE DA 128 90.70 -21.40 -40.71
N SER DA 129 91.25 -20.34 -40.12
CA SER DA 129 90.74 -19.00 -40.32
C SER DA 129 91.59 -18.33 -41.38
N ARG DA 130 91.05 -17.26 -41.96
CA ARG DA 130 91.77 -16.58 -43.04
C ARG DA 130 93.07 -15.98 -42.52
N ARG DA 131 93.02 -15.33 -41.36
CA ARG DA 131 94.23 -14.76 -40.79
C ARG DA 131 95.21 -15.84 -40.39
N ALA DA 132 94.72 -16.97 -39.88
CA ALA DA 132 95.62 -18.04 -39.47
C ALA DA 132 96.41 -18.57 -40.65
N GLU DA 133 95.76 -18.73 -41.80
CA GLU DA 133 96.46 -19.14 -43.00
C GLU DA 133 97.45 -18.07 -43.43
N GLU DA 134 97.02 -16.82 -43.47
CA GLU DA 134 97.88 -15.73 -43.94
C GLU DA 134 99.13 -15.60 -43.09
N LYS DA 135 99.03 -15.87 -41.79
CA LYS DA 135 100.21 -15.77 -40.94
C LYS DA 135 101.14 -16.95 -41.14
N ILE DA 136 100.57 -18.14 -41.31
CA ILE DA 136 101.40 -19.33 -41.52
C ILE DA 136 102.20 -19.21 -42.81
N LYS DA 137 101.55 -18.74 -43.88
CA LYS DA 137 102.26 -18.54 -45.13
C LYS DA 137 103.36 -17.51 -44.97
N GLY DA 138 103.07 -16.40 -44.27
CA GLY DA 138 104.07 -15.36 -44.11
C GLY DA 138 105.32 -15.84 -43.40
N VAL DA 139 105.17 -16.77 -42.47
CA VAL DA 139 106.32 -17.39 -41.84
C VAL DA 139 107.02 -18.35 -42.79
N GLY DA 140 106.30 -18.90 -43.75
CA GLY DA 140 106.85 -19.82 -44.71
C GLY DA 140 106.35 -21.24 -44.58
N GLY DA 141 105.26 -21.46 -43.85
CA GLY DA 141 104.72 -22.78 -43.67
C GLY DA 141 103.68 -23.14 -44.69
N ALA DA 142 102.87 -24.14 -44.36
CA ALA DA 142 101.84 -24.63 -45.25
C ALA DA 142 100.66 -25.11 -44.41
N CYS DA 143 99.46 -24.91 -44.93
CA CYS DA 143 98.23 -25.31 -44.26
C CYS DA 143 97.73 -26.59 -44.90
N VAL DA 144 97.74 -27.67 -44.15
CA VAL DA 144 97.34 -28.99 -44.65
C VAL DA 144 96.02 -29.36 -43.98
N LEU DA 145 94.98 -29.53 -44.78
CA LEU DA 145 93.68 -29.92 -44.26
C LEU DA 145 93.62 -31.42 -44.04
N VAL DA 146 92.83 -31.82 -43.04
CA VAL DA 146 92.54 -33.22 -42.80
C VAL DA 146 91.06 -33.34 -42.51
N ALA DA 147 90.54 -34.56 -42.54
CA ALA DA 147 89.14 -34.79 -42.26
C ALA DA 147 88.94 -35.66 -41.03
N ALA EA 2 42.99 6.35 7.21
CA ALA EA 2 44.34 5.82 7.18
C ALA EA 2 45.20 6.59 6.19
N LYS EA 3 45.10 7.91 6.24
CA LYS EA 3 45.92 8.75 5.38
C LYS EA 3 47.34 8.78 5.93
N SER EA 4 48.20 9.56 5.29
CA SER EA 4 49.60 9.60 5.65
C SER EA 4 50.20 10.86 5.05
N LYS EA 5 51.47 11.09 5.36
CA LYS EA 5 52.19 12.20 4.75
C LYS EA 5 52.32 11.96 3.25
N ASN EA 6 52.21 13.03 2.47
CA ASN EA 6 52.19 12.93 1.02
C ASN EA 6 53.59 13.06 0.43
N HIS EA 7 54.32 14.11 0.80
CA HIS EA 7 55.64 14.34 0.27
C HIS EA 7 56.34 15.37 1.14
N THR EA 8 57.65 15.18 1.31
CA THR EA 8 58.45 16.19 1.96
C THR EA 8 59.91 16.05 1.57
N THR EA 9 60.66 17.13 1.68
CA THR EA 9 62.10 17.11 1.49
C THR EA 9 62.79 17.59 2.74
N HIS EA 10 62.25 17.22 3.90
CA HIS EA 10 62.69 17.79 5.16
C HIS EA 10 64.14 17.46 5.46
N ASN EA 11 64.44 16.18 5.59
CA ASN EA 11 65.78 15.78 5.97
C ASN EA 11 66.73 15.63 4.79
N GLN EA 12 66.29 15.96 3.58
CA GLN EA 12 67.03 15.58 2.39
C GLN EA 12 68.31 16.38 2.26
N SER EA 13 68.24 17.69 2.49
CA SER EA 13 69.44 18.51 2.35
C SER EA 13 70.52 18.09 3.33
N ARG EA 14 70.12 17.61 4.51
CA ARG EA 14 71.08 17.11 5.47
C ARG EA 14 71.66 15.78 5.00
N LYS EA 15 70.85 14.94 4.37
CA LYS EA 15 71.36 13.67 3.87
C LYS EA 15 72.33 13.87 2.71
N TRP EA 16 72.09 14.89 1.88
CA TRP EA 16 72.94 15.09 0.71
C TRP EA 16 74.34 15.53 1.09
N HIS EA 17 74.48 16.25 2.18
CA HIS EA 17 75.75 16.83 2.55
C HIS EA 17 76.57 15.97 3.50
N ARG EA 18 76.08 14.78 3.85
CA ARG EA 18 76.88 13.90 4.69
C ARG EA 18 78.12 13.43 3.96
N ASN EA 19 77.95 12.93 2.74
CA ASN EA 19 79.07 12.58 1.88
C ASN EA 19 79.38 13.67 0.87
N GLY EA 20 78.93 14.89 1.14
CA GLY EA 20 79.22 16.02 0.29
C GLY EA 20 78.50 16.00 -1.03
N ILE EA 21 78.27 17.17 -1.61
CA ILE EA 21 77.75 17.26 -2.98
C ILE EA 21 78.97 17.55 -3.86
N LYS EA 22 79.56 16.48 -4.37
CA LYS EA 22 80.81 16.61 -5.09
C LYS EA 22 80.57 16.95 -6.57
N LYS EA 23 81.30 17.93 -7.06
CA LYS EA 23 81.27 18.30 -8.46
C LYS EA 23 81.81 17.15 -9.29
N PRO EA 24 81.34 17.00 -10.54
CA PRO EA 24 81.76 15.85 -11.34
C PRO EA 24 83.26 15.82 -11.53
N ARG EA 25 83.79 14.61 -11.70
CA ARG EA 25 85.23 14.42 -11.79
C ARG EA 25 85.79 15.17 -12.98
N SER EA 26 86.56 16.22 -12.70
CA SER EA 26 87.22 16.95 -13.77
C SER EA 26 88.37 16.13 -14.32
N GLN EA 27 88.62 16.25 -15.62
CA GLN EA 27 89.63 15.43 -16.27
C GLN EA 27 89.97 16.08 -17.60
N ARG EA 28 91.24 16.36 -17.82
CA ARG EA 28 91.65 16.81 -19.15
C ARG EA 28 91.45 15.67 -20.13
N TYR EA 29 91.45 16.02 -21.42
CA TYR EA 29 91.12 15.07 -22.48
C TYR EA 29 89.75 14.47 -22.25
N GLU EA 30 88.71 15.29 -22.37
CA GLU EA 30 87.35 14.79 -22.26
C GLU EA 30 86.95 14.07 -23.54
N SER EA 31 86.00 13.14 -23.41
CA SER EA 31 85.61 12.28 -24.51
C SER EA 31 85.04 13.09 -25.66
N LEU EA 32 85.00 12.47 -26.83
CA LEU EA 32 84.49 13.08 -28.05
C LEU EA 32 83.18 12.45 -28.50
N LYS EA 33 82.35 12.04 -27.55
CA LYS EA 33 81.05 11.48 -27.87
C LYS EA 33 80.03 12.61 -27.96
N GLY EA 34 79.29 12.65 -29.05
CA GLY EA 34 78.31 13.69 -29.28
C GLY EA 34 78.75 14.77 -30.23
N VAL EA 35 79.97 14.69 -30.72
CA VAL EA 35 80.51 15.71 -31.62
C VAL EA 35 79.97 15.45 -33.01
N ASP EA 36 79.91 16.49 -33.83
CA ASP EA 36 79.38 16.39 -35.18
C ASP EA 36 80.11 15.30 -35.94
N PRO EA 37 79.40 14.32 -36.50
CA PRO EA 37 80.09 13.24 -37.22
C PRO EA 37 80.93 13.71 -38.38
N LYS EA 38 80.50 14.73 -39.11
CA LYS EA 38 81.31 15.23 -40.21
C LYS EA 38 82.61 15.83 -39.71
N PHE EA 39 82.55 16.58 -38.60
CA PHE EA 39 83.77 17.12 -38.03
C PHE EA 39 84.65 16.01 -37.48
N LEU EA 40 84.04 15.01 -36.85
CA LEU EA 40 84.81 13.93 -36.26
C LEU EA 40 85.43 13.05 -37.33
N ARG EA 41 84.68 12.77 -38.39
CA ARG EA 41 85.18 11.93 -39.47
C ARG EA 41 86.44 12.50 -40.09
N ASN EA 42 86.44 13.82 -40.34
CA ASN EA 42 87.62 14.45 -40.89
C ASN EA 42 88.76 14.48 -39.87
N MET EA 43 88.43 14.79 -38.61
CA MET EA 43 89.45 14.84 -37.57
C MET EA 43 90.19 13.53 -37.46
N ARG EA 44 89.51 12.42 -37.71
CA ARG EA 44 90.20 11.13 -37.71
C ARG EA 44 91.10 10.97 -38.92
N PHE EA 45 90.80 11.63 -40.03
CA PHE EA 45 91.71 11.60 -41.17
C PHE EA 45 92.95 12.41 -40.90
N ALA EA 46 92.82 13.52 -40.18
CA ALA EA 46 93.99 14.32 -39.84
C ALA EA 46 94.98 13.55 -38.99
N LYS EA 47 94.49 12.65 -38.16
CA LYS EA 47 95.37 11.78 -37.38
C LYS EA 47 95.90 10.63 -38.20
N LYS EA 48 95.10 10.12 -39.12
CA LYS EA 48 95.51 8.99 -39.95
C LYS EA 48 96.73 9.32 -40.81
N HIS EA 49 96.91 10.60 -41.17
CA HIS EA 49 98.00 10.99 -42.03
C HIS EA 49 99.00 11.90 -41.33
N ASN EA 50 99.00 11.92 -40.00
CA ASN EA 50 99.97 12.77 -39.30
C ASN EA 50 101.40 12.32 -39.52
N LYS EA 51 101.65 11.03 -39.75
CA LYS EA 51 103.02 10.58 -39.91
C LYS EA 51 103.58 10.96 -41.27
N LYS EA 52 102.72 11.36 -42.22
CA LYS EA 52 103.19 11.70 -43.55
C LYS EA 52 104.16 12.87 -43.52
N GLY EA 53 103.97 13.80 -42.58
CA GLY EA 53 104.85 14.94 -42.50
C GLY EA 53 105.83 14.82 -41.35
N LEU EA 54 106.26 13.59 -41.05
CA LEU EA 54 107.15 13.40 -39.91
C LEU EA 54 108.56 13.85 -40.22
N LYS EA 55 109.08 13.51 -41.40
CA LYS EA 55 110.43 13.93 -41.77
C LYS EA 55 110.51 15.45 -41.86
N LYS EA 56 109.43 16.10 -42.30
CA LYS EA 56 109.40 17.56 -42.27
C LYS EA 56 109.44 18.07 -40.84
N MET EA 57 108.84 17.33 -39.91
CA MET EA 57 108.77 17.79 -38.53
C MET EA 57 110.16 17.81 -37.90
N GLN EA 58 110.83 16.66 -37.84
CA GLN EA 58 112.12 16.58 -37.18
C GLN EA 58 113.15 17.45 -37.87
N ALA EA 59 113.02 17.65 -39.18
CA ALA EA 59 113.95 18.53 -39.88
C ALA EA 59 113.74 19.99 -39.50
N ASN EA 60 112.49 20.44 -39.41
CA ASN EA 60 112.24 21.81 -39.00
C ASN EA 60 112.41 21.97 -37.49
N ASN EA 61 112.30 20.89 -36.73
CA ASN EA 61 112.55 20.96 -35.29
C ASN EA 61 114.03 20.98 -34.97
N ALA EA 62 114.86 20.31 -35.77
CA ALA EA 62 116.30 20.33 -35.52
C ALA EA 62 116.87 21.73 -35.69
N LYS EA 63 116.45 22.43 -36.75
CA LYS EA 63 116.90 23.80 -36.93
C LYS EA 63 116.28 24.75 -35.92
N ALA EA 64 115.12 24.41 -35.35
CA ALA EA 64 114.45 25.30 -34.42
C ALA EA 64 115.11 25.32 -33.05
N MET EA 65 115.68 24.20 -32.60
CA MET EA 65 116.49 24.21 -31.40
C MET EA 65 117.86 24.83 -31.67
N ALA EA 66 118.38 24.67 -32.89
CA ALA EA 66 119.62 25.35 -33.25
C ALA EA 66 119.42 26.85 -33.40
N ALA EA 67 118.21 27.29 -33.78
CA ALA EA 67 117.96 28.72 -33.93
C ALA EA 67 118.19 29.46 -32.63
N ARG EA 68 117.60 28.97 -31.54
CA ARG EA 68 117.87 29.54 -30.22
C ARG EA 68 119.22 29.10 -29.68
N ALA EA 69 119.86 28.10 -30.29
CA ALA EA 69 121.20 27.71 -29.87
C ALA EA 69 122.22 28.81 -30.13
N GLU EA 70 122.35 29.23 -31.40
CA GLU EA 70 123.23 30.35 -31.68
C GLU EA 70 122.69 31.66 -31.13
N ALA EA 71 121.43 31.68 -30.66
CA ALA EA 71 120.88 32.91 -30.13
C ALA EA 71 121.41 33.22 -28.73
N ILE EA 72 121.28 32.28 -27.78
CA ILE EA 72 121.74 32.52 -26.42
C ILE EA 72 123.26 32.49 -26.30
N LYS EA 73 123.94 31.78 -27.19
CA LYS EA 73 125.40 31.80 -27.19
C LYS EA 73 125.93 33.09 -27.78
N ALA EA 74 125.15 33.74 -28.64
CA ALA EA 74 125.48 35.11 -29.04
C ALA EA 74 125.37 36.07 -27.87
N LEU EA 75 124.58 35.73 -26.85
CA LEU EA 75 124.53 36.48 -25.60
C LEU EA 75 125.43 35.91 -24.53
N VAL EA 76 125.62 34.60 -24.51
CA VAL EA 76 126.50 33.95 -23.55
C VAL EA 76 127.65 33.26 -24.27
N VAL EA 89 116.06 45.18 9.55
CA VAL EA 89 116.11 46.37 8.71
C VAL EA 89 117.33 47.19 9.07
N SER EA 90 117.96 46.84 10.19
CA SER EA 90 119.15 47.53 10.67
C SER EA 90 120.36 46.61 10.51
N ARG EA 91 121.50 47.21 10.19
CA ARG EA 91 122.70 46.44 9.94
C ARG EA 91 123.23 45.73 11.18
N LYS EA 92 122.75 46.11 12.36
CA LYS EA 92 123.16 45.41 13.57
C LYS EA 92 122.55 44.02 13.66
N LEU EA 93 121.27 43.88 13.35
CA LEU EA 93 120.61 42.59 13.44
C LEU EA 93 121.02 41.66 12.32
N HIS EA 94 121.24 42.17 11.11
CA HIS EA 94 121.70 41.31 10.04
C HIS EA 94 123.14 40.88 10.26
N ARG EA 95 123.94 41.71 10.94
CA ARG EA 95 125.29 41.29 11.29
C ARG EA 95 125.26 40.10 12.23
N LEU EA 96 124.38 40.13 13.24
CA LEU EA 96 124.26 39.00 14.16
C LEU EA 96 123.62 37.79 13.49
N ALA EA 97 122.67 38.00 12.58
CA ALA EA 97 122.10 36.87 11.86
C ALA EA 97 123.13 36.22 10.96
N TYR EA 98 124.10 36.99 10.47
CA TYR EA 98 125.19 36.41 9.70
C TYR EA 98 126.12 35.59 10.56
N ILE EA 99 126.33 36.00 11.81
CA ILE EA 99 127.13 35.19 12.73
C ILE EA 99 126.36 33.95 13.16
N ALA EA 100 125.07 34.11 13.42
CA ALA EA 100 124.25 33.00 13.92
C ALA EA 100 123.95 31.97 12.86
N HIS EA 101 124.37 32.16 11.62
CA HIS EA 101 124.12 31.18 10.60
C HIS EA 101 125.01 29.97 10.81
N PRO EA 102 124.47 28.75 10.73
CA PRO EA 102 125.31 27.58 11.04
C PRO EA 102 126.41 27.33 10.04
N LYS EA 103 126.11 27.43 8.74
CA LYS EA 103 127.13 27.11 7.73
C LYS EA 103 128.02 28.32 7.43
N LEU EA 104 127.43 29.40 6.94
CA LEU EA 104 128.22 30.55 6.50
C LEU EA 104 128.57 31.49 7.64
N GLY EA 105 128.51 31.03 8.89
CA GLY EA 105 128.95 31.82 10.00
C GLY EA 105 130.13 31.20 10.72
N ARG EA 106 130.59 30.06 10.23
CA ARG EA 106 131.68 29.34 10.89
C ARG EA 106 132.93 30.19 10.99
N ARG EA 107 133.35 30.81 9.89
CA ARG EA 107 134.50 31.69 9.91
C ARG EA 107 134.22 32.99 10.64
N ALA EA 108 132.96 33.28 10.95
CA ALA EA 108 132.60 34.50 11.66
C ALA EA 108 132.68 34.35 13.17
N ARG EA 109 132.13 33.27 13.72
CA ARG EA 109 132.26 33.00 15.15
C ARG EA 109 133.52 32.22 15.48
N ALA EA 110 134.67 32.69 14.97
CA ALA EA 110 135.96 32.17 15.37
C ALA EA 110 136.78 33.19 16.14
N ARG EA 111 136.50 34.48 15.94
CA ARG EA 111 137.08 35.52 16.79
C ARG EA 111 136.62 35.35 18.23
N ILE EA 112 135.44 34.75 18.42
CA ILE EA 112 134.94 34.49 19.76
C ILE EA 112 135.80 33.48 20.50
N ALA EA 113 136.43 32.55 19.76
CA ALA EA 113 137.34 31.60 20.39
C ALA EA 113 138.53 32.33 21.01
N ARG EA 114 139.02 33.37 20.34
CA ARG EA 114 140.06 34.22 20.89
C ARG EA 114 139.53 35.29 21.82
N GLY EA 115 138.21 35.44 21.93
CA GLY EA 115 137.66 36.48 22.77
C GLY EA 115 137.80 36.22 24.25
N LEU EA 116 137.50 34.99 24.68
CA LEU EA 116 137.69 34.68 26.10
C LEU EA 116 139.16 34.47 26.43
N ARG EA 117 139.96 34.05 25.45
CA ARG EA 117 141.39 33.89 25.65
C ARG EA 117 142.08 35.26 25.79
N SER FA 1 -51.62 -58.90 -15.99
CA SER FA 1 -51.63 -60.30 -15.60
C SER FA 1 -51.17 -60.47 -14.16
N LEU FA 2 -50.24 -59.61 -13.74
CA LEU FA 2 -49.74 -59.67 -12.38
C LEU FA 2 -50.82 -59.27 -11.39
N GLU FA 3 -51.52 -58.17 -11.66
CA GLU FA 3 -52.57 -57.71 -10.75
C GLU FA 3 -53.69 -58.73 -10.60
N SER FA 4 -53.85 -59.59 -11.61
CA SER FA 4 -54.78 -60.71 -11.45
C SER FA 4 -54.36 -61.61 -10.31
N ILE FA 5 -53.05 -61.78 -10.12
CA ILE FA 5 -52.56 -62.69 -9.09
C ILE FA 5 -52.80 -62.09 -7.72
N ASN FA 6 -52.46 -60.81 -7.53
CA ASN FA 6 -52.76 -60.15 -6.26
C ASN FA 6 -54.25 -60.19 -5.98
N SER FA 7 -55.06 -59.99 -7.01
CA SER FA 7 -56.50 -60.13 -6.84
C SER FA 7 -56.87 -61.54 -6.46
N ARG FA 8 -56.21 -62.53 -7.07
CA ARG FA 8 -56.45 -63.92 -6.70
C ARG FA 8 -55.92 -64.22 -5.31
N LEU FA 9 -54.70 -63.79 -5.02
CA LEU FA 9 -54.09 -64.06 -3.72
C LEU FA 9 -54.93 -63.46 -2.59
N GLN FA 10 -55.37 -62.21 -2.77
CA GLN FA 10 -56.20 -61.56 -1.77
C GLN FA 10 -57.48 -62.33 -1.55
N LEU FA 11 -58.06 -62.88 -2.63
CA LEU FA 11 -59.24 -63.70 -2.49
C LEU FA 11 -58.95 -65.00 -1.78
N VAL FA 12 -57.72 -65.50 -1.85
CA VAL FA 12 -57.37 -66.72 -1.14
C VAL FA 12 -57.19 -66.45 0.35
N MET FA 13 -56.50 -65.35 0.68
CA MET FA 13 -56.19 -65.08 2.08
C MET FA 13 -57.45 -64.88 2.91
N LYS FA 14 -58.53 -64.41 2.30
CA LYS FA 14 -59.77 -64.23 3.04
C LYS FA 14 -60.65 -65.48 3.06
N SER FA 15 -60.51 -66.37 2.08
CA SER FA 15 -61.41 -67.50 1.99
C SER FA 15 -60.71 -68.84 2.13
N GLY FA 16 -59.65 -69.04 1.37
CA GLY FA 16 -59.07 -70.36 1.27
C GLY FA 16 -58.17 -70.72 2.44
N LYS FA 17 -57.77 -71.98 2.46
CA LYS FA 17 -56.74 -72.44 3.37
C LYS FA 17 -55.38 -72.32 2.71
N TYR FA 18 -54.41 -71.77 3.44
CA TYR FA 18 -53.08 -71.55 2.91
C TYR FA 18 -52.08 -71.74 4.03
N VAL FA 19 -50.81 -71.80 3.65
CA VAL FA 19 -49.71 -72.06 4.57
C VAL FA 19 -48.55 -71.18 4.15
N LEU FA 20 -48.19 -70.22 5.01
CA LEU FA 20 -47.04 -69.37 4.73
C LEU FA 20 -45.78 -70.02 5.26
N GLY FA 21 -44.66 -69.64 4.67
CA GLY FA 21 -43.37 -70.13 5.12
C GLY FA 21 -42.93 -71.37 4.38
N TYR FA 22 -41.71 -71.81 4.69
CA TYR FA 22 -41.06 -72.88 3.95
C TYR FA 22 -41.15 -74.22 4.67
N LYS FA 23 -40.78 -74.25 5.95
CA LYS FA 23 -40.85 -75.51 6.68
C LYS FA 23 -42.27 -76.03 6.74
N GLN FA 24 -43.24 -75.13 6.82
CA GLN FA 24 -44.63 -75.54 6.93
C GLN FA 24 -45.17 -75.95 5.56
N SER FA 25 -44.86 -75.19 4.51
CA SER FA 25 -45.37 -75.53 3.19
C SER FA 25 -44.66 -76.75 2.62
N LEU FA 26 -43.44 -77.03 3.08
CA LEU FA 26 -42.76 -78.24 2.63
C LEU FA 26 -43.45 -79.48 3.15
N LYS FA 27 -44.06 -79.41 4.34
CA LYS FA 27 -44.82 -80.54 4.83
C LYS FA 27 -46.08 -80.76 4.00
N MET FA 28 -46.74 -79.66 3.59
CA MET FA 28 -47.98 -79.80 2.83
C MET FA 28 -47.71 -80.44 1.48
N ILE FA 29 -46.58 -80.11 0.86
CA ILE FA 29 -46.17 -80.82 -0.34
C ILE FA 29 -45.98 -82.30 -0.02
N ARG FA 30 -45.34 -82.58 1.11
CA ARG FA 30 -45.09 -83.97 1.48
C ARG FA 30 -46.39 -84.70 1.79
N GLN FA 31 -47.32 -84.03 2.46
CA GLN FA 31 -48.62 -84.62 2.72
C GLN FA 31 -49.47 -84.73 1.47
N GLY FA 32 -49.07 -84.11 0.36
CA GLY FA 32 -49.87 -84.05 -0.83
C GLY FA 32 -51.02 -83.07 -0.77
N LYS FA 33 -51.17 -82.33 0.32
CA LYS FA 33 -52.31 -81.43 0.45
C LYS FA 33 -52.16 -80.18 -0.40
N ALA FA 34 -50.93 -79.81 -0.73
CA ALA FA 34 -50.71 -78.60 -1.49
C ALA FA 34 -51.22 -78.76 -2.92
N LYS FA 35 -51.56 -77.63 -3.54
CA LYS FA 35 -52.07 -77.65 -4.90
C LYS FA 35 -51.31 -76.65 -5.76
N LEU FA 36 -50.85 -75.57 -5.15
CA LEU FA 36 -50.08 -74.55 -5.86
C LEU FA 36 -49.09 -73.94 -4.90
N VAL FA 37 -47.86 -73.75 -5.36
CA VAL FA 37 -46.78 -73.21 -4.55
C VAL FA 37 -46.29 -71.93 -5.20
N ILE FA 38 -46.20 -70.87 -4.44
CA ILE FA 38 -45.74 -69.57 -4.92
C ILE FA 38 -44.34 -69.36 -4.37
N LEU FA 39 -43.45 -68.82 -5.21
CA LEU FA 39 -42.07 -68.60 -4.81
C LEU FA 39 -41.66 -67.17 -5.12
N ALA FA 40 -41.19 -66.46 -4.09
CA ALA FA 40 -40.62 -65.15 -4.32
C ALA FA 40 -39.40 -65.24 -5.20
N ASN FA 41 -39.19 -64.22 -6.03
CA ASN FA 41 -38.11 -64.28 -7.00
C ASN FA 41 -36.73 -64.28 -6.37
N ASN FA 42 -36.59 -63.72 -5.17
CA ASN FA 42 -35.31 -63.72 -4.47
C ASN FA 42 -35.17 -64.88 -3.51
N CYS FA 43 -35.94 -65.94 -3.71
CA CYS FA 43 -35.74 -67.16 -2.93
C CYS FA 43 -34.31 -67.67 -3.18
N PRO FA 44 -33.68 -68.23 -2.16
CA PRO FA 44 -32.35 -68.82 -2.36
C PRO FA 44 -32.41 -69.91 -3.43
N ALA FA 45 -31.44 -69.89 -4.33
CA ALA FA 45 -31.50 -70.75 -5.50
C ALA FA 45 -31.52 -72.22 -5.13
N LEU FA 46 -30.87 -72.58 -4.02
CA LEU FA 46 -30.92 -73.96 -3.58
C LEU FA 46 -32.32 -74.32 -3.10
N ARG FA 47 -32.94 -73.42 -2.34
CA ARG FA 47 -34.25 -73.74 -1.80
C ARG FA 47 -35.32 -73.69 -2.87
N LYS FA 48 -35.22 -72.75 -3.81
CA LYS FA 48 -36.11 -72.75 -4.96
C LYS FA 48 -36.02 -74.05 -5.73
N SER FA 49 -34.80 -74.52 -5.97
CA SER FA 49 -34.61 -75.76 -6.71
C SER FA 49 -35.18 -76.94 -5.95
N GLU FA 50 -35.06 -76.92 -4.62
CA GLU FA 50 -35.58 -78.03 -3.83
C GLU FA 50 -37.11 -78.05 -3.86
N ILE FA 51 -37.73 -76.89 -3.70
CA ILE FA 51 -39.19 -76.82 -3.76
C ILE FA 51 -39.70 -77.33 -5.11
N GLU FA 52 -39.05 -76.90 -6.19
CA GLU FA 52 -39.50 -77.33 -7.51
C GLU FA 52 -39.35 -78.83 -7.69
N TYR FA 53 -38.31 -79.41 -7.11
CA TYR FA 53 -38.16 -80.86 -7.19
C TYR FA 53 -39.23 -81.56 -6.38
N TYR FA 54 -39.48 -81.08 -5.16
CA TYR FA 54 -40.54 -81.65 -4.34
C TYR FA 54 -41.87 -81.63 -5.07
N ALA FA 55 -42.20 -80.49 -5.69
CA ALA FA 55 -43.47 -80.38 -6.39
C ALA FA 55 -43.53 -81.30 -7.58
N MET FA 56 -42.40 -81.57 -8.22
CA MET FA 56 -42.38 -82.51 -9.32
C MET FA 56 -42.69 -83.91 -8.84
N LEU FA 57 -42.31 -84.24 -7.60
CA LEU FA 57 -42.67 -85.54 -7.04
C LEU FA 57 -44.14 -85.60 -6.67
N ALA FA 58 -44.72 -84.49 -6.24
CA ALA FA 58 -46.11 -84.46 -5.85
C ALA FA 58 -47.02 -83.99 -6.98
N LYS FA 59 -46.46 -83.64 -8.13
CA LYS FA 59 -47.23 -83.26 -9.32
C LYS FA 59 -48.10 -82.04 -9.05
N THR FA 60 -47.66 -81.14 -8.18
CA THR FA 60 -48.34 -79.87 -7.96
C THR FA 60 -47.56 -78.77 -8.67
N GLY FA 61 -48.27 -77.92 -9.39
CA GLY FA 61 -47.59 -76.85 -10.11
C GLY FA 61 -47.03 -75.80 -9.17
N VAL FA 62 -45.98 -75.13 -9.63
CA VAL FA 62 -45.37 -74.01 -8.92
C VAL FA 62 -45.56 -72.77 -9.76
N HIS FA 63 -45.75 -71.63 -9.10
CA HIS FA 63 -45.86 -70.35 -9.79
C HIS FA 63 -44.77 -69.45 -9.26
N HIS FA 64 -43.69 -69.32 -10.00
CA HIS FA 64 -42.61 -68.45 -9.59
C HIS FA 64 -43.06 -66.99 -9.63
N TYR FA 65 -43.30 -66.42 -8.46
CA TYR FA 65 -43.80 -65.06 -8.33
C TYR FA 65 -42.78 -64.06 -8.86
N SER FA 66 -43.27 -62.85 -9.13
CA SER FA 66 -42.43 -61.81 -9.73
C SER FA 66 -41.73 -61.00 -8.65
N GLY FA 67 -42.47 -60.57 -7.63
CA GLY FA 67 -41.89 -59.76 -6.58
C GLY FA 67 -40.96 -60.56 -5.70
N ASN FA 68 -40.29 -59.86 -4.79
CA ASN FA 68 -39.45 -60.56 -3.83
C ASN FA 68 -40.27 -60.98 -2.63
N ASN FA 69 -39.62 -61.49 -1.60
CA ASN FA 69 -40.33 -61.92 -0.42
C ASN FA 69 -40.93 -60.77 0.37
N ILE FA 70 -40.47 -59.53 0.12
CA ILE FA 70 -41.07 -58.39 0.80
C ILE FA 70 -42.47 -58.15 0.27
N GLU FA 71 -42.58 -57.91 -1.04
CA GLU FA 71 -43.86 -57.58 -1.63
C GLU FA 71 -44.75 -58.78 -1.87
N LEU FA 72 -44.19 -60.00 -1.86
CA LEU FA 72 -45.06 -61.16 -1.77
C LEU FA 72 -45.78 -61.22 -0.44
N GLY FA 73 -45.12 -60.78 0.64
CA GLY FA 73 -45.80 -60.73 1.92
C GLY FA 73 -46.93 -59.73 1.94
N THR FA 74 -46.72 -58.55 1.37
CA THR FA 74 -47.78 -57.57 1.30
C THR FA 74 -48.89 -58.02 0.37
N ALA FA 75 -48.56 -58.83 -0.63
CA ALA FA 75 -49.59 -59.38 -1.49
C ALA FA 75 -50.49 -60.33 -0.72
N CYS FA 76 -49.95 -61.04 0.26
CA CYS FA 76 -50.74 -61.89 1.12
C CYS FA 76 -51.43 -61.11 2.23
N GLY FA 77 -51.24 -59.80 2.29
CA GLY FA 77 -51.84 -59.01 3.33
C GLY FA 77 -51.14 -59.08 4.67
N LYS FA 78 -49.90 -59.53 4.69
CA LYS FA 78 -49.14 -59.68 5.92
C LYS FA 78 -48.12 -58.57 6.05
N TYR FA 79 -47.67 -58.34 7.29
CA TYR FA 79 -46.68 -57.33 7.58
C TYR FA 79 -45.29 -57.91 7.74
N TYR FA 80 -45.12 -59.19 7.47
CA TYR FA 80 -43.83 -59.84 7.46
C TYR FA 80 -43.54 -60.30 6.05
N ARG FA 81 -42.30 -60.65 5.78
CA ARG FA 81 -41.93 -61.10 4.45
C ARG FA 81 -42.20 -62.59 4.31
N VAL FA 82 -42.72 -62.98 3.16
CA VAL FA 82 -42.99 -64.36 2.86
C VAL FA 82 -42.21 -64.75 1.62
N CYS FA 83 -41.42 -65.80 1.72
CA CYS FA 83 -40.59 -66.24 0.60
C CYS FA 83 -41.28 -67.32 -0.23
N THR FA 84 -41.82 -68.34 0.42
CA THR FA 84 -42.61 -69.36 -0.26
C THR FA 84 -43.96 -69.53 0.43
N LEU FA 85 -44.90 -70.11 -0.29
CA LEU FA 85 -46.30 -70.14 0.14
C LEU FA 85 -47.00 -71.26 -0.60
N SER FA 86 -47.89 -71.97 0.09
CA SER FA 86 -48.68 -73.03 -0.50
C SER FA 86 -50.15 -72.75 -0.28
N ILE FA 87 -50.94 -72.99 -1.31
CA ILE FA 87 -52.40 -72.90 -1.24
C ILE FA 87 -52.92 -74.31 -1.03
N ILE FA 88 -53.50 -74.56 0.15
CA ILE FA 88 -54.05 -75.88 0.43
C ILE FA 88 -55.36 -76.06 -0.31
N ASP FA 89 -56.24 -75.09 -0.25
CA ASP FA 89 -57.52 -75.13 -0.93
C ASP FA 89 -57.95 -73.69 -1.22
N PRO FA 90 -58.13 -73.32 -2.49
CA PRO FA 90 -58.47 -71.92 -2.79
C PRO FA 90 -59.79 -71.48 -2.22
N GLY FA 91 -60.72 -72.41 -2.00
CA GLY FA 91 -62.01 -72.04 -1.49
C GLY FA 91 -62.94 -71.51 -2.56
N ASP FA 92 -62.75 -70.23 -2.94
CA ASP FA 92 -63.56 -69.66 -4.00
C ASP FA 92 -62.74 -68.76 -4.93
N SER FA 93 -61.47 -69.09 -5.13
CA SER FA 93 -60.61 -68.33 -6.02
C SER FA 93 -60.32 -69.15 -7.27
N ASP FA 94 -60.03 -68.43 -8.36
CA ASP FA 94 -59.70 -69.05 -9.63
C ASP FA 94 -58.20 -69.14 -9.85
N ILE FA 95 -57.41 -69.13 -8.77
CA ILE FA 95 -55.97 -69.04 -8.92
C ILE FA 95 -55.39 -70.34 -9.45
N ILE FA 96 -56.00 -71.47 -9.13
CA ILE FA 96 -55.45 -72.74 -9.56
C ILE FA 96 -55.80 -73.07 -11.00
N ARG FA 97 -56.75 -72.34 -11.61
CA ARG FA 97 -57.14 -72.57 -12.99
C ARG FA 97 -56.36 -71.71 -13.97
N SER FA 98 -55.16 -71.28 -13.59
CA SER FA 98 -54.39 -70.38 -14.44
C SER FA 98 -52.90 -70.66 -14.34
N ASN GA 1 23.97 -36.43 103.91
CA ASN GA 1 24.87 -35.28 103.82
C ASN GA 1 25.11 -34.90 102.37
N GLU GA 2 25.65 -35.83 101.58
CA GLU GA 2 25.88 -35.60 100.17
C GLU GA 2 25.10 -36.54 99.26
N VAL GA 3 24.58 -37.65 99.78
CA VAL GA 3 23.68 -38.50 99.02
C VAL GA 3 22.26 -38.08 99.39
N VAL GA 4 21.67 -37.18 98.61
CA VAL GA 4 20.39 -36.56 98.93
C VAL GA 4 19.44 -36.75 97.77
N THR GA 5 18.15 -36.75 98.07
CA THR GA 5 17.11 -36.78 97.06
C THR GA 5 16.02 -35.79 97.44
N ARG GA 6 15.44 -35.14 96.45
CA ARG GA 6 14.45 -34.11 96.72
C ARG GA 6 13.63 -33.87 95.47
N GLU GA 7 12.37 -33.50 95.68
CA GLU GA 7 11.48 -33.21 94.57
C GLU GA 7 11.65 -31.77 94.12
N TYR GA 8 11.42 -31.55 92.84
CA TYR GA 8 11.47 -30.20 92.28
C TYR GA 8 10.35 -30.06 91.27
N THR GA 9 9.90 -28.84 91.07
CA THR GA 9 8.96 -28.51 90.00
C THR GA 9 9.69 -27.61 89.04
N ILE GA 10 9.98 -28.10 87.85
CA ILE GA 10 10.68 -27.31 86.85
C ILE GA 10 9.65 -26.61 85.98
N ASN GA 11 9.81 -25.30 85.82
CA ASN GA 11 8.94 -24.52 84.94
C ASN GA 11 9.55 -24.52 83.55
N ILE GA 12 9.22 -25.58 82.80
CA ILE GA 12 9.73 -25.74 81.44
C ILE GA 12 9.32 -24.56 80.57
N HIS GA 13 8.14 -24.01 80.84
CA HIS GA 13 7.59 -22.95 80.01
C HIS GA 13 8.52 -21.75 79.93
N LYS GA 14 9.06 -21.32 81.07
CA LYS GA 14 9.90 -20.14 81.09
C LYS GA 14 11.34 -20.43 80.72
N ARG GA 15 11.68 -21.69 80.44
CA ARG GA 15 12.99 -22.04 79.94
C ARG GA 15 12.95 -22.46 78.48
N ILE GA 16 11.77 -22.61 77.92
CA ILE GA 16 11.61 -22.91 76.51
C ILE GA 16 11.19 -21.69 75.70
N HIS GA 17 10.60 -20.69 76.34
CA HIS GA 17 10.01 -19.53 75.69
C HIS GA 17 10.95 -18.92 74.66
N GLY GA 18 10.51 -18.94 73.40
CA GLY GA 18 11.23 -18.32 72.30
C GLY GA 18 11.72 -19.31 71.26
N VAL GA 19 12.09 -20.51 71.68
CA VAL GA 19 12.76 -21.43 70.78
C VAL GA 19 11.77 -21.96 69.76
N GLY GA 20 12.30 -22.40 68.61
CA GLY GA 20 11.45 -22.79 67.51
C GLY GA 20 10.76 -24.12 67.73
N PHE GA 21 9.81 -24.43 66.86
CA PHE GA 21 8.96 -25.59 67.02
C PHE GA 21 9.78 -26.88 67.03
N LYS GA 22 10.63 -27.07 66.04
CA LYS GA 22 11.33 -28.33 65.90
C LYS GA 22 12.45 -28.47 66.92
N LYS GA 23 12.51 -27.58 67.90
CA LYS GA 23 13.55 -27.66 68.92
C LYS GA 23 13.02 -27.48 70.33
N ARG GA 24 11.71 -27.37 70.53
CA ARG GA 24 11.20 -27.09 71.86
C ARG GA 24 11.41 -28.27 72.80
N ALA GA 25 11.04 -29.47 72.36
CA ALA GA 25 11.25 -30.63 73.23
C ALA GA 25 12.72 -30.95 73.45
N PRO GA 26 13.60 -30.96 72.43
CA PRO GA 26 15.01 -31.21 72.71
C PRO GA 26 15.65 -30.18 73.63
N ARG GA 27 15.26 -28.92 73.51
CA ARG GA 27 15.78 -27.91 74.42
C ARG GA 27 15.31 -28.16 75.84
N ALA GA 28 14.11 -28.73 75.99
CA ALA GA 28 13.60 -29.03 77.32
C ALA GA 28 14.49 -30.05 78.01
N LEU GA 29 15.02 -31.02 77.26
CA LEU GA 29 15.90 -31.99 77.87
C LEU GA 29 17.26 -31.40 78.21
N LYS GA 30 17.64 -30.30 77.56
CA LYS GA 30 18.88 -29.62 77.92
C LYS GA 30 18.67 -28.73 79.12
N GLU GA 31 17.55 -28.02 79.18
CA GLU GA 31 17.28 -27.15 80.31
C GLU GA 31 17.05 -27.95 81.58
N ILE GA 32 16.51 -29.16 81.46
CA ILE GA 32 16.43 -30.06 82.61
C ILE GA 32 17.83 -30.45 83.04
N ARG GA 33 18.67 -30.84 82.09
CA ARG GA 33 20.04 -31.22 82.41
C ARG GA 33 20.82 -30.06 83.00
N LYS GA 34 20.56 -28.84 82.55
CA LYS GA 34 21.21 -27.69 83.15
C LYS GA 34 20.65 -27.42 84.54
N PHE GA 35 19.36 -27.65 84.73
CA PHE GA 35 18.75 -27.47 86.03
C PHE GA 35 19.39 -28.37 87.08
N ALA GA 36 19.64 -29.63 86.72
CA ALA GA 36 20.24 -30.55 87.68
C ALA GA 36 21.65 -30.14 88.04
N MET GA 37 22.44 -29.72 87.06
CA MET GA 37 23.81 -29.29 87.32
C MET GA 37 23.89 -28.02 88.14
N LYS GA 38 22.76 -27.35 88.39
CA LYS GA 38 22.75 -26.20 89.27
C LYS GA 38 22.45 -26.60 90.72
N GLU GA 39 21.36 -27.33 90.92
CA GLU GA 39 21.00 -27.80 92.25
C GLU GA 39 22.01 -28.81 92.78
N MET GA 40 22.11 -29.96 92.12
CA MET GA 40 23.11 -30.96 92.48
C MET GA 40 24.34 -30.65 91.65
N GLY GA 41 25.36 -30.08 92.27
CA GLY GA 41 26.50 -29.62 91.51
C GLY GA 41 27.33 -30.76 90.96
N THR GA 42 26.75 -31.53 90.05
CA THR GA 42 27.40 -32.68 89.45
C THR GA 42 27.31 -32.61 87.93
N PRO GA 43 28.44 -32.65 87.23
CA PRO GA 43 28.37 -32.65 85.76
C PRO GA 43 27.65 -33.85 85.19
N ASP GA 44 27.81 -35.02 85.81
CA ASP GA 44 27.18 -36.25 85.31
C ASP GA 44 25.71 -36.23 85.73
N VAL GA 45 24.83 -36.03 84.77
CA VAL GA 45 23.39 -36.04 85.02
C VAL GA 45 22.76 -37.07 84.10
N ARG GA 46 22.08 -38.05 84.68
CA ARG GA 46 21.44 -39.12 83.94
C ARG GA 46 19.94 -39.01 84.15
N ILE GA 47 19.22 -38.68 83.09
CA ILE GA 47 17.78 -38.50 83.19
C ILE GA 47 17.09 -39.79 82.79
N ASP GA 48 16.06 -40.15 83.54
CA ASP GA 48 15.41 -41.44 83.36
C ASP GA 48 14.61 -41.47 82.05
N THR GA 49 14.49 -42.65 81.48
CA THR GA 49 13.76 -42.79 80.22
C THR GA 49 12.31 -42.42 80.37
N ARG GA 50 11.70 -42.75 81.51
CA ARG GA 50 10.30 -42.39 81.71
C ARG GA 50 10.13 -40.88 81.83
N LEU GA 51 11.18 -40.17 82.20
CA LEU GA 51 11.12 -38.72 82.17
C LEU GA 51 11.24 -38.20 80.74
N ASN GA 52 12.13 -38.80 79.95
CA ASN GA 52 12.17 -38.50 78.53
C ASN GA 52 10.81 -38.68 77.89
N LYS GA 53 10.17 -39.81 78.18
CA LYS GA 53 8.85 -40.08 77.61
C LYS GA 53 7.83 -39.06 78.07
N ALA GA 54 7.99 -38.51 79.27
CA ALA GA 54 7.04 -37.53 79.77
C ALA GA 54 7.19 -36.19 79.08
N VAL GA 55 8.39 -35.86 78.63
CA VAL GA 55 8.58 -34.58 77.95
C VAL GA 55 8.08 -34.67 76.51
N TRP GA 56 8.31 -35.79 75.85
CA TRP GA 56 7.83 -35.99 74.49
C TRP GA 56 6.40 -36.48 74.43
N ALA GA 57 5.65 -36.38 75.52
CA ALA GA 57 4.30 -36.92 75.54
C ALA GA 57 3.40 -36.19 74.56
N LYS GA 58 3.56 -34.88 74.45
CA LYS GA 58 2.73 -34.06 73.58
C LYS GA 58 3.40 -33.74 72.26
N GLY GA 59 4.38 -34.53 71.85
CA GLY GA 59 5.06 -34.23 70.60
C GLY GA 59 6.24 -33.32 70.81
N ILE GA 60 6.68 -32.64 69.75
CA ILE GA 60 7.91 -31.88 69.79
C ILE GA 60 7.61 -30.40 70.00
N ARG GA 61 6.45 -29.95 69.53
CA ARG GA 61 6.15 -28.52 69.66
C ARG GA 61 5.60 -28.21 71.04
N ASN GA 62 4.46 -28.79 71.39
CA ASN GA 62 3.81 -28.48 72.65
C ASN GA 62 4.47 -29.31 73.74
N VAL GA 63 5.08 -28.64 74.70
CA VAL GA 63 5.84 -29.29 75.77
C VAL GA 63 5.19 -28.89 77.08
N PRO GA 64 4.97 -29.82 78.02
CA PRO GA 64 4.31 -29.48 79.28
C PRO GA 64 4.90 -28.27 79.97
N TYR GA 65 4.05 -27.42 80.53
CA TYR GA 65 4.53 -26.17 81.12
C TYR GA 65 5.35 -26.44 82.37
N ARG GA 66 4.77 -27.11 83.35
CA ARG GA 66 5.47 -27.53 84.54
C ARG GA 66 5.70 -29.02 84.50
N ILE GA 67 6.61 -29.49 85.33
CA ILE GA 67 6.89 -30.91 85.42
C ILE GA 67 7.52 -31.19 86.77
N ARG GA 68 7.07 -32.25 87.44
CA ARG GA 68 7.61 -32.61 88.74
C ARG GA 68 8.66 -33.68 88.58
N VAL GA 69 9.81 -33.47 89.21
CA VAL GA 69 10.95 -34.37 89.03
C VAL GA 69 11.58 -34.65 90.38
N ARG GA 70 12.23 -35.79 90.50
CA ARG GA 70 12.92 -36.20 91.71
C ARG GA 70 14.40 -36.27 91.41
N LEU GA 71 15.14 -35.25 91.82
CA LEU GA 71 16.59 -35.24 91.68
C LEU GA 71 17.20 -36.04 92.83
N SER GA 72 17.85 -37.14 92.51
CA SER GA 72 18.53 -37.96 93.51
C SER GA 72 20.00 -38.07 93.15
N ARG GA 73 20.86 -37.62 94.04
CA ARG GA 73 22.30 -37.63 93.82
C ARG GA 73 22.91 -38.83 94.51
N LYS GA 74 23.61 -39.66 93.73
CA LYS GA 74 24.12 -40.93 94.21
C LYS GA 74 25.63 -40.96 94.08
N ARG GA 75 26.23 -42.02 94.61
CA ARG GA 75 27.65 -42.25 94.49
C ARG GA 75 27.94 -42.90 93.15
N ASN GA 76 28.85 -42.31 92.40
CA ASN GA 76 29.26 -42.93 91.14
C ASN GA 76 30.00 -44.22 91.43
N GLU GA 77 29.47 -45.32 90.92
CA GLU GA 77 30.04 -46.65 91.13
C GLU GA 77 31.23 -46.86 90.23
N ASP GA 78 31.58 -48.11 89.97
CA ASP GA 78 32.64 -48.46 89.04
C ASP GA 78 32.37 -47.86 87.65
N GLU GA 79 33.25 -48.12 86.70
CA GLU GA 79 33.54 -47.20 85.59
C GLU GA 79 34.13 -45.91 86.16
N ASP GA 80 35.32 -46.05 86.74
CA ASP GA 80 36.06 -44.95 87.36
C ASP GA 80 36.14 -43.73 86.46
N SER GA 81 35.75 -42.59 87.01
CA SER GA 81 35.77 -41.31 86.35
C SER GA 81 36.09 -40.25 87.39
N PRO GA 82 36.56 -39.07 86.97
CA PRO GA 82 36.63 -37.92 87.88
C PRO GA 82 35.31 -37.67 88.58
N ASN GA 83 34.22 -37.99 87.90
CA ASN GA 83 32.88 -37.83 88.46
C ASN GA 83 32.68 -38.89 89.54
N LYS GA 84 32.81 -38.48 90.80
CA LYS GA 84 32.54 -39.38 91.91
C LYS GA 84 31.06 -39.40 92.28
N LEU GA 85 30.28 -38.44 91.81
CA LEU GA 85 28.85 -38.38 92.06
C LEU GA 85 28.12 -38.12 90.76
N TYR GA 86 26.93 -38.67 90.63
CA TYR GA 86 26.07 -38.39 89.50
C TYR GA 86 24.65 -38.21 89.98
N THR GA 87 23.87 -37.47 89.20
CA THR GA 87 22.51 -37.12 89.55
C THR GA 87 21.55 -37.85 88.62
N LEU GA 88 20.61 -38.58 89.20
CA LEU GA 88 19.60 -39.29 88.45
C LEU GA 88 18.30 -38.52 88.57
N VAL GA 89 17.84 -37.95 87.46
CA VAL GA 89 16.59 -37.21 87.44
C VAL GA 89 15.46 -38.15 87.06
N THR GA 90 14.43 -38.20 87.89
CA THR GA 90 13.33 -39.12 87.72
C THR GA 90 12.03 -38.35 87.64
N TYR GA 91 11.09 -38.89 86.88
CA TYR GA 91 9.81 -38.24 86.66
C TYR GA 91 8.85 -38.57 87.79
N VAL GA 92 8.03 -37.60 88.16
CA VAL GA 92 7.06 -37.74 89.23
C VAL GA 92 5.69 -37.38 88.68
N PRO GA 93 4.82 -38.36 88.46
CA PRO GA 93 3.48 -38.05 87.98
C PRO GA 93 2.68 -37.36 89.08
N VAL GA 94 2.14 -36.20 88.76
CA VAL GA 94 1.39 -35.40 89.72
C VAL GA 94 0.15 -34.86 89.02
N THR GA 95 -0.95 -34.74 89.78
CA THR GA 95 -2.20 -34.28 89.18
C THR GA 95 -2.18 -32.78 88.93
N THR GA 96 -1.91 -31.99 89.96
CA THR GA 96 -1.88 -30.54 89.85
C THR GA 96 -0.54 -30.02 90.38
N PHE GA 97 -0.29 -28.74 90.15
CA PHE GA 97 0.96 -28.13 90.57
C PHE GA 97 0.79 -27.04 91.61
N LYS GA 98 -0.43 -26.77 92.06
CA LYS GA 98 -0.66 -25.65 92.96
C LYS GA 98 -0.07 -25.96 94.33
N ASN GA 99 0.70 -25.03 94.86
CA ASN GA 99 1.30 -25.13 96.20
C ASN GA 99 2.26 -26.31 96.29
N LEU GA 100 3.06 -26.49 95.26
CA LEU GA 100 4.05 -27.57 95.21
C LEU GA 100 5.42 -26.96 95.47
N GLN GA 101 5.89 -27.07 96.71
CA GLN GA 101 7.21 -26.60 97.06
C GLN GA 101 8.25 -27.62 96.63
N THR GA 102 9.52 -27.34 96.94
CA THR GA 102 10.60 -28.30 96.70
C THR GA 102 10.83 -29.07 97.99
N VAL GA 103 10.00 -30.09 98.20
CA VAL GA 103 10.10 -30.87 99.42
C VAL GA 103 11.38 -31.67 99.42
N ASN GA 104 11.88 -31.96 100.61
CA ASN GA 104 13.11 -32.74 100.77
C ASN GA 104 12.72 -34.16 101.21
N VAL GA 105 12.52 -35.03 100.23
CA VAL GA 105 12.20 -36.42 100.51
C VAL GA 105 13.41 -37.07 101.15
N ASP GA 106 13.23 -38.24 101.75
CA ASP GA 106 14.31 -38.98 102.37
C ASP GA 106 14.13 -40.46 102.09
N GLU GA 107 15.12 -41.25 102.51
CA GLU GA 107 15.10 -42.68 102.30
C GLU GA 107 15.40 -43.44 103.58
N ALA HA 1 106.27 -10.01 59.46
CA ALA HA 1 107.52 -10.68 59.07
C ALA HA 1 107.30 -11.57 57.85
N ALA HA 2 106.44 -11.10 56.94
CA ALA HA 2 106.13 -11.86 55.75
C ALA HA 2 107.04 -11.45 54.60
N LEU HA 3 106.78 -12.00 53.41
CA LEU HA 3 107.55 -11.66 52.24
C LEU HA 3 107.09 -10.32 51.71
N ARG HA 4 108.03 -9.39 51.54
CA ARG HA 4 107.49 -8.12 51.06
C ARG HA 4 107.65 -8.01 49.55
N PRO HA 5 106.71 -7.37 48.87
CA PRO HA 5 106.82 -7.22 47.42
C PRO HA 5 107.95 -6.28 47.05
N LEU HA 6 108.22 -6.21 45.75
CA LEU HA 6 109.26 -5.32 45.26
C LEU HA 6 108.93 -3.88 45.55
N VAL HA 7 107.79 -3.40 45.06
CA VAL HA 7 107.32 -2.06 45.32
C VAL HA 7 105.89 -2.13 45.85
N LYS HA 8 105.52 -1.18 46.67
CA LYS HA 8 104.19 -1.15 47.23
C LYS HA 8 103.48 0.12 46.80
N PRO HA 9 103.01 0.20 45.57
CA PRO HA 9 102.31 1.40 45.13
C PRO HA 9 100.94 1.50 45.78
N LYS HA 10 100.41 2.71 45.79
CA LYS HA 10 99.10 2.95 46.39
C LYS HA 10 98.03 2.53 45.40
N ILE HA 11 97.31 1.46 45.72
CA ILE HA 11 96.25 0.99 44.85
C ILE HA 11 95.08 1.95 44.93
N VAL HA 12 94.71 2.54 43.79
CA VAL HA 12 93.55 3.40 43.69
C VAL HA 12 92.54 2.72 42.79
N LYS HA 13 91.30 2.64 43.26
CA LYS HA 13 90.23 1.97 42.53
C LYS HA 13 89.15 2.99 42.23
N LYS HA 14 88.78 3.12 40.95
CA LYS HA 14 87.79 4.10 40.57
C LYS HA 14 86.42 3.76 41.14
N ARG HA 15 86.18 2.49 41.42
CA ARG HA 15 84.92 2.07 42.02
C ARG HA 15 85.15 0.76 42.76
N THR HA 16 84.43 0.59 43.83
CA THR HA 16 84.63 -0.62 44.63
C THR HA 16 83.39 -1.48 44.72
N LYS HA 17 82.21 -0.89 44.63
CA LYS HA 17 80.99 -1.69 44.64
C LYS HA 17 80.88 -2.50 43.36
N LYS HA 18 80.11 -3.58 43.42
CA LYS HA 18 79.82 -4.35 42.23
C LYS HA 18 78.85 -3.58 41.34
N PHE HA 19 78.80 -3.98 40.07
CA PHE HA 19 77.74 -3.52 39.17
C PHE HA 19 76.66 -4.58 39.17
N ILE HA 20 75.49 -4.24 39.66
CA ILE HA 20 74.40 -5.21 39.75
C ILE HA 20 73.48 -5.04 38.56
N ARG HA 21 72.91 -6.14 38.11
CA ARG HA 21 71.95 -6.11 37.01
C ARG HA 21 70.75 -5.26 37.41
N HIS HA 22 70.14 -4.62 36.42
CA HIS HA 22 68.98 -3.81 36.67
C HIS HA 22 67.81 -4.69 37.11
N GLN HA 23 67.17 -4.29 38.21
CA GLN HA 23 66.03 -5.01 38.78
C GLN HA 23 66.44 -6.38 39.30
N SER HA 24 67.70 -6.56 39.66
CA SER HA 24 68.13 -7.81 40.25
C SER HA 24 67.69 -7.94 41.69
N ASP HA 25 67.33 -6.83 42.32
CA ASP HA 25 66.80 -6.81 43.67
C ASP HA 25 65.33 -7.12 43.73
N ARG HA 26 64.58 -6.73 42.70
CA ARG HA 26 63.14 -6.87 42.72
C ARG HA 26 62.72 -8.31 42.50
N TYR HA 27 63.53 -9.08 41.80
CA TYR HA 27 63.23 -10.46 41.50
C TYR HA 27 64.30 -11.39 42.02
N VAL HA 28 63.94 -12.67 42.13
CA VAL HA 28 64.91 -13.72 42.40
C VAL HA 28 65.39 -14.39 41.13
N LYS HA 29 64.55 -14.50 40.10
CA LYS HA 29 64.97 -15.08 38.84
C LYS HA 29 66.04 -14.24 38.16
N ILE HA 30 66.15 -12.97 38.53
CA ILE HA 30 67.10 -12.07 37.93
C ILE HA 30 68.35 -12.08 38.81
N LYS HA 31 69.39 -12.77 38.34
CA LYS HA 31 70.59 -12.89 39.14
C LYS HA 31 71.41 -11.62 39.08
N ARG HA 32 72.44 -11.55 39.93
CA ARG HA 32 73.16 -10.31 40.14
C ARG HA 32 74.10 -9.98 38.98
N ASN HA 33 74.46 -10.98 38.18
CA ASN HA 33 75.42 -10.78 37.08
C ASN HA 33 74.95 -9.69 36.14
N TRP HA 34 75.88 -8.85 35.71
CA TRP HA 34 75.52 -7.69 34.91
C TRP HA 34 75.09 -8.11 33.50
N ARG HA 35 73.99 -7.51 33.04
CA ARG HA 35 73.57 -7.63 31.65
C ARG HA 35 73.21 -6.22 31.20
N LYS HA 36 73.71 -5.79 30.06
CA LYS HA 36 73.36 -4.47 29.57
C LYS HA 36 71.88 -4.44 29.23
N PRO HA 37 71.10 -3.54 29.84
CA PRO HA 37 69.69 -3.44 29.46
C PRO HA 37 69.54 -2.93 28.05
N ARG HA 38 68.63 -3.52 27.29
CA ARG HA 38 68.42 -3.15 25.91
C ARG HA 38 66.97 -2.79 25.62
N GLY HA 39 66.15 -2.62 26.64
CA GLY HA 39 64.78 -2.20 26.42
C GLY HA 39 64.74 -0.81 25.83
N ILE HA 40 63.69 -0.55 25.06
CA ILE HA 40 63.61 0.72 24.36
C ILE HA 40 63.33 1.87 25.33
N ASP HA 41 62.69 1.59 26.45
CA ASP HA 41 62.29 2.62 27.39
C ASP HA 41 63.12 2.63 28.66
N ASN HA 42 64.16 1.81 28.74
CA ASN HA 42 64.81 1.56 30.01
C ASN HA 42 65.49 2.80 30.56
N ARG HA 43 65.24 3.08 31.85
CA ARG HA 43 65.87 4.22 32.51
C ARG HA 43 67.37 4.04 32.59
N VAL HA 44 67.81 2.87 33.04
CA VAL HA 44 69.24 2.62 33.20
C VAL HA 44 69.96 2.70 31.87
N ARG HA 45 69.31 2.25 30.81
CA ARG HA 45 69.96 2.24 29.50
C ARG HA 45 70.26 3.64 29.02
N ARG HA 46 69.45 4.62 29.39
CA ARG HA 46 69.72 5.97 28.92
C ARG HA 46 70.08 6.90 30.07
N ARG HA 47 70.87 6.41 31.01
CA ARG HA 47 71.58 7.24 31.97
C ARG HA 47 70.71 8.26 32.70
N PHE HA 48 69.52 7.86 33.13
CA PHE HA 48 68.72 8.79 33.92
C PHE HA 48 69.36 9.03 35.27
N LYS HA 49 69.13 10.20 35.83
CA LYS HA 49 69.76 10.58 37.08
C LYS HA 49 69.24 9.70 38.22
N GLY HA 50 70.16 9.14 38.99
CA GLY HA 50 69.78 8.39 40.17
C GLY HA 50 69.50 6.92 39.95
N GLN HA 51 70.01 6.34 38.89
CA GLN HA 51 69.74 4.95 38.56
C GLN HA 51 70.98 4.10 38.76
N ILE HA 52 70.87 2.82 38.41
CA ILE HA 52 72.00 1.92 38.44
C ILE HA 52 73.01 2.37 37.39
N LEU HA 53 74.29 2.36 37.76
CA LEU HA 53 75.32 2.80 36.84
C LEU HA 53 75.61 1.71 35.82
N MET HA 54 76.13 2.13 34.67
CA MET HA 54 76.51 1.09 33.74
C MET HA 54 78.02 1.00 33.65
N PRO HA 55 78.58 -0.20 33.58
CA PRO HA 55 80.03 -0.34 33.49
C PRO HA 55 80.62 0.19 32.20
N ASN HA 56 81.44 1.22 32.29
CA ASN HA 56 82.16 1.77 31.15
C ASN HA 56 83.61 1.34 31.20
N ILE HA 57 84.32 1.60 30.11
CA ILE HA 57 85.76 1.44 30.12
C ILE HA 57 86.44 2.53 30.91
N GLY HA 58 85.73 3.60 31.26
CA GLY HA 58 86.31 4.64 32.06
C GLY HA 58 86.66 4.19 33.46
N TYR HA 59 85.94 3.20 33.97
CA TYR HA 59 86.24 2.67 35.29
C TYR HA 59 87.46 1.79 35.33
N GLY HA 60 88.14 1.60 34.20
CA GLY HA 60 89.29 0.74 34.14
C GLY HA 60 90.36 1.11 35.14
N SER HA 61 90.99 0.11 35.73
CA SER HA 61 92.00 0.33 36.75
C SER HA 61 93.33 0.70 36.11
N ASN HA 62 94.15 1.40 36.88
CA ASN HA 62 95.46 1.81 36.42
C ASN HA 62 96.29 0.60 36.02
N LYS HA 63 96.85 0.65 34.82
CA LYS HA 63 97.56 -0.50 34.28
C LYS HA 63 98.72 -0.92 35.16
N LYS HA 64 99.30 0.01 35.89
CA LYS HA 64 100.47 -0.30 36.70
C LYS HA 64 100.09 -1.14 37.91
N THR HA 65 98.86 -1.01 38.42
CA THR HA 65 98.43 -1.73 39.59
C THR HA 65 97.28 -2.69 39.30
N LYS HA 66 97.03 -3.02 38.04
CA LYS HA 66 95.95 -3.92 37.70
C LYS HA 66 96.27 -5.33 38.17
N HIS HA 67 95.23 -6.05 38.58
CA HIS HA 67 95.33 -7.44 39.04
C HIS HA 67 96.21 -7.59 40.26
N MET HA 68 96.49 -6.50 40.96
CA MET HA 68 97.39 -6.52 42.09
C MET HA 68 96.60 -6.72 43.37
N LEU HA 69 97.03 -7.68 44.19
CA LEU HA 69 96.39 -7.93 45.47
C LEU HA 69 96.64 -6.75 46.40
N PRO HA 70 95.91 -6.65 47.51
CA PRO HA 70 96.23 -5.63 48.50
C PRO HA 70 97.62 -5.79 49.07
N SER HA 71 98.15 -7.01 49.05
CA SER HA 71 99.49 -7.26 49.55
C SER HA 71 100.54 -6.62 48.66
N GLY HA 72 100.24 -6.41 47.39
CA GLY HA 72 101.19 -5.90 46.44
C GLY HA 72 101.69 -6.93 45.44
N PHE HA 73 101.19 -8.16 45.50
CA PHE HA 73 101.60 -9.21 44.59
C PHE HA 73 100.50 -9.44 43.56
N ARG HA 74 100.76 -10.38 42.66
CA ARG HA 74 99.78 -10.82 41.68
C ARG HA 74 99.71 -12.34 41.74
N LYS HA 75 98.50 -12.86 41.85
CA LYS HA 75 98.30 -14.30 42.07
C LYS HA 75 98.82 -15.14 40.93
N PHE HA 76 99.10 -16.41 41.21
CA PHE HA 76 99.39 -17.38 40.16
C PHE HA 76 99.02 -18.74 40.71
N LEU HA 77 97.99 -19.36 40.14
CA LEU HA 77 97.53 -20.65 40.60
C LEU HA 77 98.55 -21.74 40.28
N VAL HA 78 98.84 -22.58 41.26
CA VAL HA 78 99.76 -23.70 41.07
C VAL HA 78 99.07 -24.98 41.50
N HIS HA 79 99.40 -26.08 40.84
CA HIS HA 79 98.79 -27.36 41.12
C HIS HA 79 99.73 -28.37 41.75
N ASN HA 80 101.03 -28.22 41.56
CA ASN HA 80 101.99 -29.14 42.14
C ASN HA 80 103.27 -28.38 42.44
N VAL HA 81 104.25 -29.11 42.98
CA VAL HA 81 105.52 -28.49 43.33
C VAL HA 81 106.26 -28.05 42.08
N LYS HA 82 106.07 -28.75 40.96
CA LYS HA 82 106.80 -28.40 39.75
C LYS HA 82 106.42 -27.03 39.23
N GLU HA 83 105.18 -26.62 39.42
CA GLU HA 83 104.72 -25.31 38.96
C GLU HA 83 105.17 -24.17 39.87
N LEU HA 84 105.96 -24.45 40.89
CA LEU HA 84 106.55 -23.37 41.68
C LEU HA 84 107.87 -22.89 41.12
N GLU HA 85 108.68 -23.80 40.60
CA GLU HA 85 110.02 -23.46 40.13
C GLU HA 85 109.98 -22.49 38.96
N VAL HA 86 108.78 -22.20 38.46
CA VAL HA 86 108.64 -21.17 37.46
C VAL HA 86 108.54 -19.78 38.10
N LEU HA 87 108.22 -19.71 39.39
CA LEU HA 87 108.14 -18.44 40.10
C LEU HA 87 109.45 -18.09 40.79
N LEU HA 88 110.50 -18.86 40.54
CA LEU HA 88 111.77 -18.67 41.20
C LEU HA 88 112.40 -17.32 40.88
N MET HA 89 112.08 -16.73 39.73
CA MET HA 89 112.62 -15.44 39.35
C MET HA 89 111.59 -14.33 39.39
N CYS HA 90 110.30 -14.67 39.42
CA CYS HA 90 109.24 -13.69 39.64
C CYS HA 90 108.92 -13.54 41.11
N ASN HA 91 109.92 -13.74 41.95
CA ASN HA 91 109.80 -13.81 43.39
C ASN HA 91 109.13 -12.58 43.99
N LYS HA 92 109.72 -11.42 43.79
CA LYS HA 92 109.25 -10.22 44.46
C LYS HA 92 108.00 -9.65 43.89
N SER HA 93 107.36 -10.23 42.91
CA SER HA 93 106.18 -9.57 42.37
C SER HA 93 104.98 -10.48 42.24
N TYR HA 94 105.18 -11.78 42.09
CA TYR HA 94 104.09 -12.73 41.95
C TYR HA 94 104.08 -13.70 43.12
N CYS HA 95 102.90 -13.93 43.68
CA CYS HA 95 102.70 -14.90 44.74
C CYS HA 95 101.98 -16.12 44.20
N ALA HA 96 102.16 -17.24 44.88
CA ALA HA 96 101.55 -18.49 44.47
C ALA HA 96 100.29 -18.75 45.29
N GLU HA 97 99.30 -19.34 44.63
CA GLU HA 97 98.08 -19.77 45.31
C GLU HA 97 97.82 -21.22 44.94
N ILE HA 98 97.79 -22.09 45.94
CA ILE HA 98 97.55 -23.50 45.70
C ILE HA 98 96.10 -23.72 45.32
N ALA HA 99 95.88 -24.54 44.31
CA ALA HA 99 94.53 -24.75 43.80
C ALA HA 99 93.65 -25.41 44.84
N HIS HA 100 92.34 -25.33 44.61
CA HIS HA 100 91.39 -25.82 45.60
C HIS HA 100 91.52 -27.32 45.78
N ASN HA 101 91.48 -28.06 44.67
CA ASN HA 101 91.36 -29.51 44.74
C ASN HA 101 92.68 -30.22 45.01
N VAL HA 102 93.77 -29.50 45.22
CA VAL HA 102 95.03 -30.14 45.58
C VAL HA 102 94.91 -30.75 46.97
N SER HA 103 95.26 -32.02 47.10
CA SER HA 103 95.09 -32.77 48.34
C SER HA 103 95.83 -32.14 49.51
N SER HA 104 95.42 -32.49 50.72
CA SER HA 104 96.04 -31.90 51.91
C SER HA 104 97.44 -32.43 52.14
N LYS HA 105 97.73 -33.66 51.73
CA LYS HA 105 99.08 -34.17 51.89
C LYS HA 105 100.06 -33.53 50.91
N ASN HA 106 99.57 -33.01 49.79
CA ASN HA 106 100.47 -32.36 48.84
C ASN HA 106 100.65 -30.89 49.16
N ARG HA 107 99.72 -30.28 49.88
CA ARG HA 107 99.89 -28.88 50.27
C ARG HA 107 101.08 -28.73 51.19
N LYS HA 108 101.23 -29.63 52.17
CA LYS HA 108 102.39 -29.60 53.02
C LYS HA 108 103.64 -30.08 52.33
N ALA HA 109 103.56 -30.32 51.02
CA ALA HA 109 104.74 -30.47 50.19
C ALA HA 109 105.00 -29.26 49.32
N ILE HA 110 104.06 -28.32 49.27
CA ILE HA 110 104.22 -27.08 48.52
C ILE HA 110 104.55 -25.91 49.43
N VAL HA 111 103.88 -25.80 50.57
CA VAL HA 111 104.07 -24.64 51.44
C VAL HA 111 105.50 -24.57 51.94
N GLU HA 112 106.11 -25.72 52.23
CA GLU HA 112 107.49 -25.68 52.70
C GLU HA 112 108.47 -25.61 51.54
N ARG HA 113 108.08 -26.09 50.37
CA ARG HA 113 108.92 -25.87 49.20
C ARG HA 113 108.93 -24.40 48.81
N ALA HA 114 107.77 -23.75 48.87
CA ALA HA 114 107.72 -22.32 48.56
C ALA HA 114 108.42 -21.50 49.62
N ALA HA 115 108.55 -22.02 50.83
CA ALA HA 115 109.29 -21.29 51.85
C ALA HA 115 110.79 -21.32 51.59
N GLN HA 116 111.27 -22.34 50.87
CA GLN HA 116 112.68 -22.37 50.52
C GLN HA 116 113.00 -21.41 49.39
N LEU HA 117 112.14 -21.31 48.40
CA LEU HA 117 112.33 -20.38 47.29
C LEU HA 117 111.84 -18.99 47.62
N ALA HA 118 111.43 -18.75 48.87
CA ALA HA 118 110.97 -17.43 49.32
C ALA HA 118 109.80 -16.94 48.50
N ILE HA 119 108.97 -17.84 48.01
CA ILE HA 119 107.78 -17.49 47.26
C ILE HA 119 106.63 -17.34 48.24
N ARG HA 120 106.00 -16.18 48.24
CA ARG HA 120 104.85 -15.97 49.11
C ARG HA 120 103.66 -16.77 48.64
N VAL HA 121 102.95 -17.37 49.58
CA VAL HA 121 101.77 -18.18 49.31
C VAL HA 121 100.58 -17.50 49.94
N THR HA 122 99.50 -17.34 49.16
CA THR HA 122 98.34 -16.61 49.66
C THR HA 122 97.57 -17.42 50.68
N ASN HA 123 97.41 -18.72 50.44
CA ASN HA 123 96.63 -19.60 51.33
C ASN HA 123 97.53 -20.72 51.86
N PRO HA 124 98.50 -20.39 52.69
CA PRO HA 124 99.44 -21.42 53.15
C PRO HA 124 98.78 -22.48 54.01
N ASN HA 125 98.13 -22.06 55.10
CA ASN HA 125 97.57 -23.00 56.06
C ASN HA 125 96.10 -23.21 55.73
N ALA HA 126 95.86 -23.87 54.59
CA ALA HA 126 94.48 -24.06 54.17
C ALA HA 126 93.85 -25.25 54.88
N ARG HA 127 94.31 -26.46 54.59
CA ARG HA 127 93.62 -27.64 55.11
C ARG HA 127 93.92 -27.85 56.58
N LEU HA 128 95.18 -28.13 56.89
CA LEU HA 128 95.61 -28.45 58.25
C LEU HA 128 94.77 -29.57 58.85
N SER IA 1 91.66 25.19 80.56
CA SER IA 1 90.66 25.52 81.57
C SER IA 1 89.45 26.17 80.94
N GLY IA 2 89.42 26.24 79.61
CA GLY IA 2 88.31 26.84 78.91
C GLY IA 2 88.16 26.33 77.50
N ARG IA 3 87.22 26.91 76.76
CA ARG IA 3 86.98 26.50 75.38
C ARG IA 3 88.00 27.16 74.47
N LEU IA 4 88.56 26.37 73.55
CA LEU IA 4 89.55 26.88 72.62
C LEU IA 4 89.17 26.60 71.17
N TRP IA 5 87.89 26.48 70.88
CA TRP IA 5 87.43 26.32 69.52
C TRP IA 5 86.22 27.21 69.28
N CYS IA 6 86.04 27.58 68.03
CA CYS IA 6 84.88 28.37 67.65
C CYS IA 6 83.69 27.46 67.42
N LYS IA 7 82.50 27.99 67.63
CA LYS IA 7 81.27 27.23 67.45
C LYS IA 7 80.81 27.37 66.01
N ALA IA 8 80.51 26.25 65.37
CA ALA IA 8 80.02 26.25 64.00
C ALA IA 8 78.92 25.21 63.86
N ILE IA 9 78.06 25.41 62.87
CA ILE IA 9 76.95 24.53 62.60
C ILE IA 9 77.15 23.89 61.23
N PHE IA 10 76.95 22.59 61.15
CA PHE IA 10 76.95 21.90 59.87
C PHE IA 10 75.64 22.22 59.19
N ALA IA 11 75.66 23.25 58.34
CA ALA IA 11 74.43 23.70 57.69
C ALA IA 11 73.93 22.67 56.69
N GLY IA 12 74.80 22.24 55.78
CA GLY IA 12 74.41 21.26 54.80
C GLY IA 12 75.54 20.99 53.85
N TYR IA 13 75.28 20.12 52.88
CA TYR IA 13 76.26 19.81 51.87
C TYR IA 13 76.26 20.87 50.78
N LYS IA 14 77.40 21.04 50.14
CA LYS IA 14 77.43 21.87 48.95
C LYS IA 14 76.55 21.23 47.89
N ARG IA 15 75.55 21.98 47.43
CA ARG IA 15 74.55 21.41 46.56
C ARG IA 15 74.12 22.46 45.54
N GLY IA 16 73.41 22.00 44.53
CA GLY IA 16 72.70 22.91 43.66
C GLY IA 16 71.31 23.05 44.20
N LEU IA 17 70.33 22.53 43.49
CA LEU IA 17 69.01 22.33 44.07
C LEU IA 17 68.55 20.89 44.01
N ARG IA 18 68.89 20.15 42.96
CA ARG IA 18 68.52 18.75 42.83
C ARG IA 18 69.75 17.86 42.71
N ASN IA 19 70.90 18.37 43.12
CA ASN IA 19 72.12 17.58 43.19
C ASN IA 19 72.91 18.09 44.38
N GLN IA 20 73.46 17.16 45.16
CA GLN IA 20 74.29 17.56 46.28
C GLN IA 20 75.64 16.88 46.16
N ARG IA 21 76.69 17.61 46.53
CA ARG IA 21 78.06 17.15 46.45
C ARG IA 21 78.54 16.93 47.87
N GLU IA 22 78.45 15.70 48.33
CA GLU IA 22 78.67 15.40 49.74
C GLU IA 22 80.13 15.52 50.14
N HIS IA 23 81.02 15.70 49.17
CA HIS IA 23 82.42 15.82 49.51
C HIS IA 23 82.79 17.19 50.06
N THR IA 24 81.84 18.10 50.15
CA THR IA 24 82.09 19.44 50.66
C THR IA 24 80.94 19.85 51.56
N ALA IA 25 81.27 20.39 52.73
CA ALA IA 25 80.28 20.78 53.71
C ALA IA 25 80.19 22.29 53.80
N LEU IA 26 79.01 22.79 54.15
CA LEU IA 26 78.77 24.21 54.34
C LEU IA 26 78.63 24.48 55.83
N LEU IA 27 79.45 25.38 56.34
CA LEU IA 27 79.47 25.68 57.76
C LEU IA 27 78.87 27.06 58.01
N LYS IA 28 78.37 27.24 59.23
CA LYS IA 28 77.83 28.52 59.67
C LYS IA 28 78.48 28.86 60.99
N ILE IA 29 79.64 29.52 60.93
CA ILE IA 29 80.36 29.85 62.13
C ILE IA 29 79.62 30.92 62.89
N GLU IA 30 79.46 30.72 64.20
CA GLU IA 30 78.71 31.67 65.01
C GLU IA 30 79.50 32.95 65.17
N GLY IA 31 78.86 34.07 64.86
CA GLY IA 31 79.49 35.37 65.04
C GLY IA 31 79.78 36.07 63.74
N VAL IA 32 80.21 35.32 62.74
CA VAL IA 32 80.57 35.88 61.44
C VAL IA 32 79.39 35.81 60.50
N TYR IA 33 79.02 36.96 59.92
CA TYR IA 33 77.84 37.04 59.07
C TYR IA 33 78.10 37.89 57.85
N ALA IA 34 79.29 37.76 57.25
CA ALA IA 34 79.64 38.47 56.04
C ALA IA 34 80.96 37.92 55.53
N ARG IA 35 81.16 37.99 54.21
CA ARG IA 35 82.40 37.46 53.64
C ARG IA 35 83.62 38.16 54.18
N ASP IA 36 83.59 39.49 54.27
CA ASP IA 36 84.78 40.26 54.59
C ASP IA 36 85.33 39.96 55.98
N GLU IA 37 84.66 39.12 56.76
CA GLU IA 37 85.17 38.70 58.06
C GLU IA 37 85.33 37.19 58.17
N THR IA 38 85.23 36.46 57.06
CA THR IA 38 85.50 35.03 57.08
C THR IA 38 86.96 34.69 56.85
N GLU IA 39 87.76 35.64 56.36
CA GLU IA 39 89.12 35.29 55.96
C GLU IA 39 89.97 34.90 57.15
N PHE IA 40 89.52 35.21 58.36
CA PHE IA 40 90.25 34.73 59.54
C PHE IA 40 90.17 33.22 59.66
N TYR IA 41 89.06 32.64 59.20
CA TYR IA 41 88.81 31.22 59.41
C TYR IA 41 89.28 30.36 58.26
N LEU IA 42 89.77 30.94 57.18
CA LEU IA 42 90.22 30.18 56.03
C LEU IA 42 91.46 29.38 56.41
N GLY IA 43 91.44 28.09 56.11
CA GLY IA 43 92.54 27.22 56.43
C GLY IA 43 92.52 26.65 57.83
N LYS IA 44 91.66 27.17 58.70
CA LYS IA 44 91.59 26.66 60.05
C LYS IA 44 91.08 25.23 60.04
N ARG IA 45 91.51 24.46 61.03
CA ARG IA 45 91.16 23.04 61.12
C ARG IA 45 89.87 22.90 61.90
N CYS IA 46 88.90 22.20 61.32
CA CYS IA 46 87.61 22.00 61.94
C CYS IA 46 87.37 20.51 62.16
N ALA IA 47 86.66 20.19 63.24
CA ALA IA 47 86.44 18.80 63.62
C ALA IA 47 84.96 18.58 63.94
N TYR IA 48 84.49 17.40 63.60
CA TYR IA 48 83.15 16.96 63.97
C TYR IA 48 83.30 15.88 65.03
N VAL IA 49 83.09 16.26 66.29
CA VAL IA 49 83.27 15.35 67.41
C VAL IA 49 81.94 14.69 67.73
N TYR IA 50 81.95 13.36 67.79
CA TYR IA 50 80.76 12.62 68.15
C TYR IA 50 81.19 11.42 68.98
N LYS IA 51 80.23 10.77 69.61
CA LYS IA 51 80.50 9.61 70.43
C LYS IA 51 79.66 8.44 69.95
N ALA IA 52 80.27 7.26 69.94
CA ALA IA 52 79.67 6.05 69.43
C ALA IA 52 79.57 5.01 70.55
N LYS IA 53 79.20 3.79 70.18
CA LYS IA 53 78.98 2.75 71.18
C LYS IA 53 80.30 2.13 71.65
N ASN IA 54 81.09 1.62 70.70
CA ASN IA 54 82.33 0.93 71.07
C ASN IA 54 83.40 1.94 71.45
N ASN IA 55 84.33 1.48 72.29
CA ASN IA 55 85.43 2.31 72.73
C ASN IA 55 86.50 2.39 71.65
N THR IA 56 87.06 3.57 71.47
CA THR IA 56 88.15 3.79 70.52
C THR IA 56 89.35 4.36 71.26
N VAL IA 57 90.53 4.08 70.71
CA VAL IA 57 91.77 4.58 71.28
C VAL IA 57 91.74 6.10 71.18
N THR IA 58 92.47 6.77 72.07
CA THR IA 58 92.46 8.21 72.11
C THR IA 58 93.91 8.68 72.19
N PRO IA 59 94.34 9.54 71.27
CA PRO IA 59 95.71 10.07 71.36
C PRO IA 59 95.97 10.79 72.67
N GLY IA 60 96.92 10.30 73.45
CA GLY IA 60 97.23 10.90 74.73
C GLY IA 60 96.12 10.68 75.72
N GLY IA 61 95.67 9.44 75.86
CA GLY IA 61 94.60 9.12 76.76
C GLY IA 61 94.16 7.69 76.60
N LYS IA 62 93.30 7.27 77.52
CA LYS IA 62 92.80 5.90 77.49
C LYS IA 62 91.49 5.84 76.69
N PRO IA 63 91.14 4.68 76.14
CA PRO IA 63 89.96 4.58 75.26
C PRO IA 63 88.67 5.08 75.86
N ASN IA 64 88.09 6.09 75.22
CA ASN IA 64 86.74 6.55 75.51
C ASN IA 64 85.84 6.24 74.32
N LYS IA 65 84.64 6.79 74.34
CA LYS IA 65 83.66 6.54 73.29
C LYS IA 65 83.62 7.62 72.22
N THR IA 66 84.42 8.67 72.34
CA THR IA 66 84.35 9.80 71.42
C THR IA 66 85.23 9.58 70.21
N ARG IA 67 84.72 9.93 69.04
CA ARG IA 67 85.45 9.88 67.79
C ARG IA 67 85.34 11.22 67.09
N VAL IA 68 86.18 11.43 66.07
CA VAL IA 68 86.17 12.68 65.33
C VAL IA 68 86.27 12.41 63.84
N ILE IA 69 85.96 13.45 63.06
CA ILE IA 69 86.22 13.49 61.63
C ILE IA 69 86.88 14.82 61.38
N TRP IA 70 88.16 14.80 61.04
CA TRP IA 70 88.90 16.05 60.89
C TRP IA 70 88.63 16.67 59.53
N GLY IA 71 88.69 17.99 59.49
CA GLY IA 71 88.53 18.71 58.25
C GLY IA 71 89.24 20.04 58.29
N LYS IA 72 89.02 20.87 57.27
CA LYS IA 72 89.63 22.19 57.24
C LYS IA 72 88.71 23.13 56.47
N VAL IA 73 88.68 24.39 56.88
CA VAL IA 73 87.89 25.39 56.19
C VAL IA 73 88.61 25.78 54.92
N THR IA 74 88.01 25.48 53.77
CA THR IA 74 88.68 25.70 52.50
C THR IA 74 88.51 27.14 52.01
N ARG IA 75 87.28 27.58 51.81
CA ARG IA 75 87.05 28.91 51.24
C ARG IA 75 85.70 29.43 51.70
N ALA IA 76 85.54 30.73 51.56
CA ALA IA 76 84.28 31.37 51.93
C ALA IA 76 83.18 30.92 50.97
N HIS IA 77 81.96 30.86 51.49
CA HIS IA 77 80.81 30.46 50.71
C HIS IA 77 79.75 31.54 50.79
N GLY IA 78 79.07 31.75 49.67
CA GLY IA 78 77.98 32.70 49.69
C GLY IA 78 78.47 34.10 49.94
N ASN IA 79 77.65 34.88 50.64
CA ASN IA 79 77.90 36.30 50.76
C ASN IA 79 77.60 36.80 52.17
N SER IA 80 77.25 35.89 53.07
CA SER IA 80 76.77 36.27 54.39
C SER IA 80 77.41 35.45 55.50
N GLY IA 81 78.66 35.05 55.34
CA GLY IA 81 79.43 34.49 56.41
C GLY IA 81 79.61 32.99 56.36
N MET IA 82 78.78 32.28 55.62
CA MET IA 82 78.93 30.84 55.49
C MET IA 82 80.30 30.51 54.93
N VAL IA 83 80.75 29.27 55.09
CA VAL IA 83 82.09 28.92 54.66
C VAL IA 83 82.11 27.44 54.31
N ARG IA 84 82.93 27.09 53.32
CA ARG IA 84 83.02 25.70 52.91
C ARG IA 84 84.11 24.99 53.68
N ALA IA 85 83.90 23.70 53.89
CA ALA IA 85 84.84 22.90 54.65
C ALA IA 85 84.89 21.52 54.04
N LYS IA 86 86.08 20.96 53.98
CA LYS IA 86 86.31 19.64 53.41
C LYS IA 86 86.87 18.74 54.50
N PHE IA 87 86.25 17.58 54.68
CA PHE IA 87 86.64 16.65 55.73
C PHE IA 87 87.27 15.41 55.12
N ARG IA 88 88.08 14.72 55.91
CA ARG IA 88 88.76 13.54 55.43
C ARG IA 88 87.77 12.43 55.09
N SER IA 89 86.58 12.48 55.65
CA SER IA 89 85.49 11.60 55.27
C SER IA 89 84.24 12.46 55.21
N ASN IA 90 83.48 12.35 54.13
CA ASN IA 90 82.24 13.09 53.98
C ASN IA 90 81.39 12.98 55.24
N LEU IA 91 80.96 14.13 55.75
CA LEU IA 91 80.22 14.14 57.00
C LEU IA 91 78.94 13.32 56.86
N PRO IA 92 78.57 12.59 57.91
CA PRO IA 92 77.31 11.87 57.88
C PRO IA 92 76.14 12.83 57.95
N ALA IA 93 75.05 12.44 57.29
CA ALA IA 93 73.90 13.33 57.19
C ALA IA 93 73.22 13.52 58.53
N LYS IA 94 73.46 12.64 59.48
CA LYS IA 94 72.86 12.86 60.79
C LYS IA 94 73.50 13.96 61.54
N ALA IA 95 74.49 14.63 60.97
CA ALA IA 95 75.15 15.76 61.60
C ALA IA 95 74.57 17.10 61.17
N ILE IA 96 73.66 17.12 60.20
CA ILE IA 96 73.05 18.35 59.73
C ILE IA 96 72.42 19.08 60.90
N GLY IA 97 72.91 20.27 61.21
CA GLY IA 97 72.37 21.05 62.30
C GLY IA 97 73.02 20.82 63.64
N HIS IA 98 74.14 20.13 63.70
CA HIS IA 98 74.82 19.87 64.95
C HIS IA 98 76.14 20.61 65.00
N ARG IA 99 76.71 20.67 66.20
CA ARG IA 99 77.89 21.47 66.46
C ARG IA 99 79.12 20.78 65.92
N ILE IA 100 79.93 21.52 65.17
CA ILE IA 100 81.28 21.07 64.84
C ILE IA 100 82.23 22.18 65.24
N ARG IA 101 83.39 21.80 65.75
CA ARG IA 101 84.32 22.77 66.29
C ARG IA 101 85.22 23.30 65.20
N VAL IA 102 85.57 24.58 65.32
CA VAL IA 102 86.53 25.23 64.42
C VAL IA 102 87.69 25.67 65.31
N MET IA 103 88.76 24.90 65.30
CA MET IA 103 89.91 25.22 66.14
C MET IA 103 90.62 26.46 65.63
N LEU IA 104 91.73 26.82 66.26
CA LEU IA 104 92.48 27.99 65.86
C LEU IA 104 93.90 27.68 65.44
N TYR IA 105 94.40 26.48 65.70
CA TYR IA 105 95.84 26.26 65.67
C TYR IA 105 96.52 26.34 64.30
N PRO IA 106 95.86 26.19 63.14
CA PRO IA 106 96.58 26.46 61.90
C PRO IA 106 96.81 27.94 61.69
N SER IA 107 96.75 28.70 62.79
CA SER IA 107 96.73 30.15 62.87
C SER IA 107 97.72 30.87 61.96
N ARG IA 108 97.31 32.06 61.51
CA ARG IA 108 98.12 32.91 60.65
C ARG IA 108 98.37 34.26 61.30
N ILE IA 109 98.34 34.32 62.62
CA ILE IA 109 98.57 35.58 63.31
C ILE IA 109 99.78 35.47 64.23
N VAL JA 1 -3.22 -55.30 53.10
CA VAL JA 1 -3.37 -56.36 52.12
C VAL JA 1 -2.00 -56.75 51.60
N GLN JA 2 -1.85 -58.00 51.18
CA GLN JA 2 -0.56 -58.49 50.70
C GLN JA 2 -0.42 -58.21 49.22
N ARG JA 3 0.56 -57.38 48.87
CA ARG JA 3 0.89 -57.15 47.47
C ARG JA 3 1.87 -58.19 46.99
N LEU JA 4 1.67 -58.69 45.78
CA LEU JA 4 2.48 -59.77 45.28
C LEU JA 4 3.11 -59.40 43.96
N THR JA 5 4.16 -60.13 43.60
CA THR JA 5 5.02 -59.84 42.47
C THR JA 5 4.95 -60.96 41.44
N TYR JA 6 5.68 -60.78 40.35
CA TYR JA 6 5.79 -61.81 39.32
C TYR JA 6 6.68 -62.94 39.82
N ARG JA 7 6.71 -64.02 39.05
CA ARG JA 7 7.56 -65.15 39.39
C ARG JA 7 8.53 -65.53 38.29
N ARG JA 8 8.32 -65.06 37.06
CA ARG JA 8 9.27 -65.21 35.99
C ARG JA 8 10.13 -63.96 35.91
N ARG JA 9 10.96 -63.87 34.89
CA ARG JA 9 11.77 -62.67 34.68
C ARG JA 9 11.14 -61.71 33.69
N LEU JA 10 9.96 -62.02 33.18
CA LEU JA 10 9.25 -61.13 32.27
C LEU JA 10 8.42 -60.18 33.12
N SER JA 11 8.77 -58.90 33.07
CA SER JA 11 8.13 -57.92 33.93
C SER JA 11 7.15 -57.03 33.17
N TYR JA 12 6.67 -57.46 32.02
CA TYR JA 12 5.76 -56.67 31.22
C TYR JA 12 4.43 -57.40 31.07
N ASN JA 13 3.38 -56.62 30.84
CA ASN JA 13 2.03 -57.16 30.80
C ASN JA 13 1.69 -57.61 29.39
N THR JA 14 2.56 -58.44 28.84
CA THR JA 14 2.37 -58.92 27.48
C THR JA 14 1.32 -60.02 27.45
N ALA JA 15 0.98 -60.48 26.26
CA ALA JA 15 -0.07 -61.48 26.11
C ALA JA 15 0.37 -62.86 26.56
N SER JA 16 1.68 -63.11 26.64
CA SER JA 16 2.18 -64.36 27.14
C SER JA 16 2.56 -64.28 28.61
N ASN JA 17 2.05 -63.28 29.32
CA ASN JA 17 2.42 -63.03 30.70
C ASN JA 17 1.18 -62.75 31.53
N LYS JA 18 0.10 -63.45 31.23
CA LYS JA 18 -1.16 -63.25 31.92
C LYS JA 18 -1.26 -64.20 33.11
N THR JA 19 -1.84 -63.70 34.20
CA THR JA 19 -1.82 -64.39 35.48
C THR JA 19 -3.21 -64.46 36.05
N ARG JA 20 -3.35 -65.24 37.13
CA ARG JA 20 -4.57 -65.28 37.92
C ARG JA 20 -4.17 -65.59 39.35
N LEU JA 21 -4.97 -65.13 40.31
CA LEU JA 21 -4.60 -65.30 41.70
C LEU JA 21 -4.93 -66.71 42.16
N SER JA 22 -4.27 -67.14 43.23
CA SER JA 22 -4.50 -68.47 43.77
C SER JA 22 -4.08 -68.50 45.23
N ARG JA 23 -4.95 -68.99 46.09
CA ARG JA 23 -4.63 -69.16 47.50
C ARG JA 23 -4.09 -70.55 47.73
N THR JA 24 -2.83 -70.62 48.14
CA THR JA 24 -2.16 -71.90 48.34
C THR JA 24 -2.57 -72.48 49.68
N PRO JA 25 -2.29 -73.78 49.90
CA PRO JA 25 -2.49 -74.35 51.23
C PRO JA 25 -1.61 -73.73 52.31
N GLY JA 26 -0.62 -72.95 51.94
CA GLY JA 26 0.18 -72.26 52.92
C GLY JA 26 -0.36 -70.91 53.35
N ASN JA 27 -1.61 -70.59 53.02
CA ASN JA 27 -2.23 -69.33 53.41
C ASN JA 27 -1.53 -68.13 52.79
N ARG JA 28 -1.32 -68.17 51.49
CA ARG JA 28 -0.74 -67.02 50.80
C ARG JA 28 -1.27 -66.99 49.39
N ILE JA 29 -1.44 -65.79 48.86
CA ILE JA 29 -1.87 -65.62 47.48
C ILE JA 29 -0.64 -65.53 46.59
N VAL JA 30 -0.70 -66.18 45.44
CA VAL JA 30 0.41 -66.18 44.50
C VAL JA 30 -0.18 -66.05 43.10
N TYR JA 31 0.67 -65.73 42.14
CA TYR JA 31 0.28 -65.76 40.75
C TYR JA 31 0.37 -67.16 40.18
N LEU JA 32 -0.45 -67.43 39.17
CA LEU JA 32 -0.45 -68.69 38.45
C LEU JA 32 -0.59 -68.33 36.98
N TYR JA 33 0.49 -68.50 36.22
CA TYR JA 33 0.49 -68.06 34.84
C TYR JA 33 -0.48 -68.90 34.02
N THR JA 34 -1.53 -68.26 33.52
CA THR JA 34 -2.59 -68.94 32.82
C THR JA 34 -2.15 -69.33 31.42
N LYS JA 35 -2.88 -70.26 30.83
CA LYS JA 35 -2.72 -70.60 29.42
C LYS JA 35 -3.62 -69.69 28.60
N LYS JA 36 -3.19 -69.38 27.39
CA LYS JA 36 -4.03 -68.62 26.49
C LYS JA 36 -5.29 -69.42 26.18
N VAL JA 37 -6.42 -68.74 26.07
CA VAL JA 37 -7.68 -69.44 25.87
C VAL JA 37 -7.78 -69.90 24.42
N GLY JA 38 -8.20 -71.14 24.23
CA GLY JA 38 -8.31 -71.67 22.90
C GLY JA 38 -9.59 -71.27 22.19
N LYS JA 39 -9.67 -71.63 20.92
CA LYS JA 39 -10.84 -71.38 20.11
C LYS JA 39 -11.21 -72.63 19.34
N ALA JA 40 -12.50 -72.94 19.31
CA ALA JA 40 -12.97 -74.06 18.52
C ALA JA 40 -12.86 -73.74 17.03
N PRO JA 41 -12.80 -74.77 16.19
CA PRO JA 41 -12.67 -74.52 14.76
C PRO JA 41 -13.86 -73.77 14.19
N LYS JA 42 -13.56 -72.87 13.26
CA LYS JA 42 -14.56 -72.15 12.48
C LYS JA 42 -14.99 -73.03 11.31
N SER JA 43 -16.23 -72.87 10.89
CA SER JA 43 -16.76 -73.69 9.82
C SER JA 43 -16.05 -73.41 8.50
N ALA JA 44 -15.87 -74.46 7.71
CA ALA JA 44 -15.26 -74.31 6.40
C ALA JA 44 -16.19 -73.63 5.40
N CYS JA 45 -17.48 -73.53 5.72
CA CYS JA 45 -18.39 -72.81 4.84
C CYS JA 45 -18.02 -71.34 4.73
N GLY JA 46 -17.24 -70.83 5.68
CA GLY JA 46 -16.79 -69.46 5.63
C GLY JA 46 -17.88 -68.43 5.77
N VAL JA 47 -19.11 -68.86 6.03
CA VAL JA 47 -20.25 -67.94 6.14
C VAL JA 47 -20.95 -68.04 7.48
N CYS JA 48 -20.85 -69.13 8.17
CA CYS JA 48 -21.50 -69.16 9.46
C CYS JA 48 -20.63 -68.44 10.47
N PRO JA 49 -21.18 -67.50 11.24
CA PRO JA 49 -20.35 -66.72 12.15
C PRO JA 49 -19.94 -67.47 13.40
N GLY JA 50 -20.67 -68.51 13.78
CA GLY JA 50 -20.36 -69.26 14.98
C GLY JA 50 -19.19 -70.20 14.77
N ARG JA 51 -19.04 -71.11 15.72
CA ARG JA 51 -17.99 -72.10 15.66
C ARG JA 51 -18.59 -73.48 15.85
N LEU JA 52 -17.78 -74.50 15.57
CA LEU JA 52 -18.28 -75.87 15.56
C LEU JA 52 -18.60 -76.34 16.95
N ARG JA 53 -19.49 -77.32 17.03
CA ARG JA 53 -19.86 -77.96 18.28
C ARG JA 53 -19.23 -79.34 18.36
N GLY JA 54 -19.16 -79.87 19.58
CA GLY JA 54 -18.64 -81.20 19.79
C GLY JA 54 -17.14 -81.31 19.74
N VAL JA 55 -16.42 -80.21 19.58
CA VAL JA 55 -14.96 -80.22 19.54
C VAL JA 55 -14.46 -79.26 20.62
N ARG JA 56 -13.34 -79.61 21.23
CA ARG JA 56 -12.83 -78.83 22.36
C ARG JA 56 -12.10 -77.58 21.87
N ALA JA 57 -12.31 -76.47 22.57
CA ALA JA 57 -11.70 -75.19 22.21
C ALA JA 57 -10.36 -75.11 22.92
N VAL JA 58 -9.31 -75.56 22.24
CA VAL JA 58 -8.01 -75.79 22.84
C VAL JA 58 -6.95 -75.22 21.91
N ARG JA 59 -5.81 -74.83 22.50
CA ARG JA 59 -4.71 -74.29 21.72
C ARG JA 59 -4.20 -75.36 20.75
N PRO JA 60 -3.65 -74.96 19.60
CA PRO JA 60 -3.40 -75.94 18.53
C PRO JA 60 -2.45 -77.06 18.88
N LYS JA 61 -1.29 -76.75 19.45
CA LYS JA 61 -0.31 -77.81 19.70
C LYS JA 61 -0.78 -78.80 20.75
N VAL JA 62 -1.85 -78.48 21.48
CA VAL JA 62 -2.38 -79.42 22.45
C VAL JA 62 -3.18 -80.53 21.80
N LEU JA 63 -3.72 -80.28 20.60
CA LEU JA 63 -4.54 -81.28 19.92
C LEU JA 63 -3.78 -82.58 19.64
N MET JA 64 -2.46 -82.58 19.82
CA MET JA 64 -1.72 -83.83 19.77
C MET JA 64 -2.22 -84.80 20.84
N ARG JA 65 -2.42 -84.31 22.06
CA ARG JA 65 -2.74 -85.19 23.17
C ARG JA 65 -4.13 -85.80 23.02
N LEU JA 66 -5.12 -84.98 22.69
CA LEU JA 66 -6.51 -85.39 22.73
C LEU JA 66 -6.75 -86.58 21.81
N SER JA 67 -7.67 -87.45 22.22
CA SER JA 67 -8.03 -88.56 21.38
C SER JA 67 -8.83 -88.08 20.19
N LYS JA 68 -9.14 -89.02 19.30
CA LYS JA 68 -9.81 -88.66 18.05
C LYS JA 68 -11.19 -88.07 18.31
N THR JA 69 -11.95 -88.69 19.21
CA THR JA 69 -13.34 -88.30 19.38
C THR JA 69 -13.49 -86.91 19.96
N LYS JA 70 -12.49 -86.42 20.69
CA LYS JA 70 -12.54 -85.06 21.19
C LYS JA 70 -12.36 -84.02 20.11
N LYS JA 71 -11.94 -84.42 18.92
CA LYS JA 71 -11.59 -83.46 17.88
C LYS JA 71 -12.52 -83.48 16.69
N HIS JA 72 -13.53 -84.35 16.67
CA HIS JA 72 -14.41 -84.41 15.51
C HIS JA 72 -15.78 -84.89 15.96
N VAL JA 73 -16.70 -84.93 15.00
CA VAL JA 73 -18.08 -85.32 15.23
C VAL JA 73 -18.41 -86.47 14.29
N SER JA 74 -19.18 -87.44 14.78
CA SER JA 74 -19.46 -88.62 13.98
C SER JA 74 -20.44 -88.28 12.86
N ARG JA 75 -19.91 -87.82 11.73
CA ARG JA 75 -20.70 -87.43 10.57
C ARG JA 75 -19.75 -87.07 9.44
N ALA JA 76 -20.21 -87.20 8.20
CA ALA JA 76 -19.41 -86.75 7.07
C ALA JA 76 -19.08 -85.28 7.22
N TYR JA 77 -17.82 -84.93 6.97
CA TYR JA 77 -17.25 -83.60 7.21
C TYR JA 77 -17.31 -83.21 8.68
N GLY JA 78 -17.60 -84.15 9.57
CA GLY JA 78 -17.75 -83.84 10.98
C GLY JA 78 -16.47 -83.30 11.57
N GLY JA 79 -16.59 -82.22 12.34
CA GLY JA 79 -15.40 -81.56 12.83
C GLY JA 79 -14.74 -80.67 11.81
N SER JA 80 -15.34 -80.50 10.63
CA SER JA 80 -14.79 -79.60 9.64
C SER JA 80 -15.86 -78.66 9.10
N MET JA 81 -17.11 -79.10 9.06
CA MET JA 81 -18.20 -78.26 8.58
C MET JA 81 -19.39 -78.40 9.52
N CYS JA 82 -20.17 -77.33 9.60
CA CYS JA 82 -21.37 -77.35 10.43
C CYS JA 82 -22.45 -78.15 9.75
N ALA JA 83 -23.30 -78.80 10.55
CA ALA JA 83 -24.31 -79.72 10.05
C ALA JA 83 -25.22 -79.07 9.02
N LYS JA 84 -25.71 -77.87 9.29
CA LYS JA 84 -26.66 -77.25 8.38
C LYS JA 84 -26.00 -76.94 7.04
N CYS JA 85 -24.72 -76.60 7.05
CA CYS JA 85 -24.04 -76.42 5.78
C CYS JA 85 -23.64 -77.74 5.14
N VAL JA 86 -23.77 -78.86 5.84
CA VAL JA 86 -23.57 -80.15 5.21
C VAL JA 86 -24.82 -80.57 4.47
N ARG JA 87 -25.98 -80.46 5.11
CA ARG JA 87 -27.21 -80.89 4.45
C ARG JA 87 -27.54 -79.99 3.27
N ASP JA 88 -27.17 -78.72 3.31
CA ASP JA 88 -27.31 -77.90 2.12
C ASP JA 88 -26.31 -78.28 1.06
N ARG JA 89 -25.19 -78.88 1.45
CA ARG JA 89 -24.24 -79.37 0.46
C ARG JA 89 -24.70 -80.67 -0.16
N ILE JA 90 -25.45 -81.48 0.58
CA ILE JA 90 -25.98 -82.72 0.03
C ILE JA 90 -27.13 -82.43 -0.92
N LYS JA 91 -28.06 -81.57 -0.50
CA LYS JA 91 -29.14 -81.17 -1.39
C LYS JA 91 -28.60 -80.57 -2.67
N ARG JA 92 -27.60 -79.70 -2.56
CA ARG JA 92 -27.04 -79.07 -3.75
C ARG JA 92 -26.44 -80.10 -4.68
N ALA JA 93 -25.58 -80.96 -4.14
CA ALA JA 93 -24.93 -81.95 -4.99
C ALA JA 93 -25.92 -82.90 -5.64
N PHE JA 94 -27.08 -83.11 -5.02
CA PHE JA 94 -28.07 -84.02 -5.58
C PHE JA 94 -28.90 -83.34 -6.65
N LEU JA 95 -29.41 -82.15 -6.36
CA LEU JA 95 -30.25 -81.45 -7.31
C LEU JA 95 -29.49 -81.07 -8.57
N ILE JA 96 -28.20 -80.76 -8.44
CA ILE JA 96 -27.41 -80.44 -9.62
C ILE JA 96 -27.33 -81.62 -10.55
N GLU JA 97 -26.98 -82.79 -10.01
CA GLU JA 97 -26.87 -83.99 -10.84
C GLU JA 97 -28.21 -84.33 -11.48
N GLU JA 98 -29.30 -84.20 -10.71
CA GLU JA 98 -30.62 -84.42 -11.27
C GLU JA 98 -30.93 -83.40 -12.35
N GLN JA 99 -30.39 -82.19 -12.24
CA GLN JA 99 -30.63 -81.20 -13.28
C GLN JA 99 -29.81 -81.50 -14.53
N LYS JA 100 -28.63 -82.10 -14.38
CA LYS JA 100 -27.86 -82.49 -15.55
C LYS JA 100 -28.57 -83.59 -16.31
N ILE JA 101 -29.27 -84.47 -15.59
CA ILE JA 101 -29.96 -85.58 -16.23
C ILE JA 101 -31.04 -85.08 -17.17
N VAL JA 102 -31.89 -84.17 -16.68
CA VAL JA 102 -33.00 -83.69 -17.50
C VAL JA 102 -32.49 -82.86 -18.67
N VAL JA 103 -31.28 -82.32 -18.57
CA VAL JA 103 -30.70 -81.63 -19.71
C VAL JA 103 -30.20 -82.64 -20.74
N LYS JA 104 -29.51 -83.68 -20.28
CA LYS JA 104 -28.93 -84.65 -21.20
C LYS JA 104 -30.00 -85.45 -21.93
N VAL JA 105 -31.09 -85.80 -21.25
CA VAL JA 105 -32.14 -86.55 -21.92
C VAL JA 105 -33.00 -85.65 -22.79
N LEU JA 106 -33.04 -84.34 -22.50
CA LEU JA 106 -33.82 -83.43 -23.34
C LEU JA 106 -33.09 -83.11 -24.63
N LYS JA 107 -31.77 -82.95 -24.57
CA LYS JA 107 -31.03 -82.73 -25.80
C LYS JA 107 -30.89 -84.00 -26.62
N ALA JA 108 -31.08 -85.17 -26.00
CA ALA JA 108 -31.17 -86.41 -26.77
C ALA JA 108 -32.35 -86.36 -27.73
N GLN JA 109 -33.43 -85.70 -27.30
CA GLN JA 109 -34.57 -85.43 -28.16
C GLN JA 109 -34.23 -84.51 -29.32
N ALA JA 110 -33.25 -83.61 -29.16
CA ALA JA 110 -32.89 -82.68 -30.23
C ALA JA 110 -32.31 -83.41 -31.44
N GLN JA 111 -31.51 -84.45 -31.22
CA GLN JA 111 -30.88 -85.17 -32.32
C GLN JA 111 -31.84 -86.13 -33.00
N SER JA 112 -33.04 -86.32 -32.43
CA SER JA 112 -34.09 -87.06 -33.12
C SER JA 112 -34.94 -86.13 -33.98
N GLN JA 113 -35.08 -84.88 -33.54
CA GLN JA 113 -35.88 -83.91 -34.27
C GLN JA 113 -35.17 -83.37 -35.50
N LYS JA 114 -33.83 -83.44 -35.51
CA LYS JA 114 -33.05 -82.92 -36.63
C LYS JA 114 -31.83 -83.78 -36.89
N ALA KA 1 60.09 -93.42 42.65
CA ALA KA 1 60.98 -93.80 41.56
C ALA KA 1 60.99 -92.75 40.46
N LYS KA 2 62.15 -92.15 40.24
CA LYS KA 2 62.30 -91.10 39.23
C LYS KA 2 62.15 -91.74 37.87
N ILE KA 3 60.97 -91.56 37.27
CA ILE KA 3 60.69 -92.13 35.96
C ILE KA 3 61.55 -91.43 34.92
N LYS KA 4 62.44 -92.18 34.28
CA LYS KA 4 63.28 -91.67 33.23
C LYS KA 4 62.84 -92.25 31.89
N ALA KA 5 62.94 -91.43 30.84
CA ALA KA 5 62.48 -91.84 29.53
C ALA KA 5 63.38 -92.90 28.91
N ARG KA 6 64.61 -93.04 29.37
CA ARG KA 6 65.44 -94.14 28.92
C ARG KA 6 64.83 -95.47 29.32
N ASP KA 7 64.10 -95.49 30.43
CA ASP KA 7 63.55 -96.71 30.97
C ASP KA 7 62.20 -97.09 30.38
N LEU KA 8 61.55 -96.17 29.66
CA LEU KA 8 60.23 -96.44 29.12
C LEU KA 8 60.26 -97.00 27.71
N ARG KA 9 61.27 -96.65 26.92
CA ARG KA 9 61.21 -96.93 25.48
C ARG KA 9 61.31 -98.41 25.16
N GLY KA 10 61.81 -99.23 26.08
CA GLY KA 10 61.90 -100.64 25.82
C GLY KA 10 60.67 -101.43 26.19
N LYS KA 11 59.67 -100.78 26.76
CA LYS KA 11 58.51 -101.49 27.28
C LYS KA 11 57.43 -101.64 26.21
N LYS KA 12 56.59 -102.65 26.38
CA LYS KA 12 55.49 -102.84 25.45
C LYS KA 12 54.40 -101.81 25.70
N LYS KA 13 53.50 -101.69 24.73
CA LYS KA 13 52.61 -100.54 24.71
C LYS KA 13 51.62 -100.56 25.86
N GLU KA 14 50.82 -101.62 25.96
CA GLU KA 14 49.69 -101.58 26.89
C GLU KA 14 50.12 -101.63 28.35
N GLU KA 15 51.40 -101.87 28.64
CA GLU KA 15 51.85 -101.72 30.01
C GLU KA 15 52.32 -100.31 30.32
N LEU KA 16 52.66 -99.53 29.29
CA LEU KA 16 52.89 -98.10 29.51
C LEU KA 16 51.61 -97.41 29.91
N LEU KA 17 50.49 -97.76 29.27
CA LEU KA 17 49.20 -97.22 29.68
C LEU KA 17 48.88 -97.62 31.11
N LYS KA 18 49.22 -98.86 31.50
CA LYS KA 18 48.98 -99.29 32.87
C LYS KA 18 49.78 -98.48 33.85
N GLN KA 19 50.92 -97.95 33.43
CA GLN KA 19 51.68 -97.03 34.25
C GLN KA 19 51.20 -95.60 34.11
N LEU KA 20 50.59 -95.25 32.98
CA LEU KA 20 50.10 -93.90 32.79
C LEU KA 20 48.96 -93.59 33.76
N ASP KA 21 47.89 -94.38 33.73
CA ASP KA 21 46.77 -94.11 34.61
C ASP KA 21 47.14 -94.24 36.07
N ASP KA 22 48.15 -95.07 36.37
CA ASP KA 22 48.65 -95.15 37.74
C ASP KA 22 49.12 -93.78 38.22
N LEU KA 23 49.82 -93.04 37.38
CA LEU KA 23 50.21 -91.69 37.76
C LEU KA 23 49.02 -90.75 37.71
N LYS KA 24 48.08 -90.99 36.79
CA LYS KA 24 46.85 -90.21 36.76
C LYS KA 24 46.11 -90.34 38.08
N VAL KA 25 46.01 -91.56 38.59
CA VAL KA 25 45.36 -91.78 39.89
C VAL KA 25 46.08 -91.01 40.98
N GLU KA 26 47.41 -91.12 41.03
CA GLU KA 26 48.16 -90.49 42.09
C GLU KA 26 48.09 -88.97 42.01
N LEU KA 27 47.95 -88.44 40.80
CA LEU KA 27 47.79 -86.99 40.68
C LEU KA 27 46.45 -86.53 41.21
N SER KA 28 45.40 -87.32 41.02
CA SER KA 28 44.07 -86.93 41.47
C SER KA 28 44.04 -86.77 42.98
N GLN KA 29 44.45 -87.81 43.69
CA GLN KA 29 44.43 -87.75 45.15
C GLN KA 29 45.44 -86.77 45.69
N LEU KA 30 46.47 -86.42 44.91
CA LEU KA 30 47.33 -85.30 45.30
C LEU KA 30 46.60 -83.99 45.16
N ARG KA 31 45.76 -83.84 44.13
CA ARG KA 31 44.94 -82.65 44.00
C ARG KA 31 43.94 -82.56 45.14
N VAL KA 32 43.40 -83.70 45.57
CA VAL KA 32 42.53 -83.72 46.73
C VAL KA 32 43.29 -83.26 47.97
N ALA KA 33 44.54 -83.66 48.11
CA ALA KA 33 45.34 -83.22 49.24
C ALA KA 33 45.62 -81.73 49.21
N LYS KA 34 45.48 -81.10 48.05
CA LYS KA 34 45.74 -79.66 47.96
C LYS KA 34 44.62 -78.83 48.54
N VAL KA 35 43.38 -79.33 48.52
CA VAL KA 35 42.25 -78.57 49.04
C VAL KA 35 41.94 -78.94 50.48
N THR KA 36 42.28 -80.17 50.89
CA THR KA 36 42.09 -80.58 52.26
C THR KA 36 43.22 -80.14 53.18
N GLY KA 37 43.99 -79.14 52.77
CA GLY KA 37 45.09 -78.64 53.58
C GLY KA 37 46.13 -79.70 53.88
N GLY KA 38 46.76 -80.22 52.82
CA GLY KA 38 47.72 -81.29 52.95
C GLY KA 38 49.11 -80.76 53.34
N ALA KA 39 49.99 -81.71 53.63
CA ALA KA 39 51.35 -81.36 54.01
C ALA KA 39 52.06 -80.67 52.86
N ALA KA 40 53.02 -79.82 53.20
CA ALA KA 40 53.80 -79.15 52.18
C ALA KA 40 54.59 -80.15 51.34
N SER KA 41 54.94 -81.29 51.91
CA SER KA 41 55.73 -82.27 51.17
C SER KA 41 54.94 -82.87 50.02
N LYS KA 42 53.66 -83.18 50.22
CA LYS KA 42 52.86 -83.74 49.14
C LYS KA 42 52.55 -82.68 48.08
N LEU KA 43 52.36 -81.43 48.50
CA LEU KA 43 52.05 -80.39 47.53
C LEU KA 43 53.19 -80.20 46.54
N SER KA 44 54.42 -80.34 47.00
CA SER KA 44 55.55 -80.24 46.09
C SER KA 44 55.67 -81.45 45.18
N LYS KA 45 54.93 -82.52 45.45
CA LYS KA 45 55.04 -83.73 44.65
C LYS KA 45 54.19 -83.68 43.39
N ILE KA 46 53.17 -82.83 43.34
CA ILE KA 46 52.28 -82.82 42.18
C ILE KA 46 53.01 -82.31 40.96
N ARG KA 47 54.05 -81.48 41.16
CA ARG KA 47 54.87 -81.09 40.04
C ARG KA 47 55.68 -82.26 39.51
N VAL KA 48 56.15 -83.13 40.41
CA VAL KA 48 56.87 -84.32 39.98
C VAL KA 48 55.95 -85.26 39.22
N VAL KA 49 54.71 -85.39 39.68
CA VAL KA 49 53.78 -86.28 39.00
C VAL KA 49 53.38 -85.71 37.66
N ARG KA 50 53.12 -84.40 37.59
CA ARG KA 50 52.73 -83.78 36.34
C ARG KA 50 53.79 -83.98 35.26
N LYS KA 51 55.05 -83.76 35.61
CA LYS KA 51 56.11 -83.94 34.63
C LYS KA 51 56.41 -85.39 34.34
N SER KA 52 56.02 -86.30 35.23
CA SER KA 52 56.20 -87.71 34.94
C SER KA 52 55.12 -88.23 34.01
N ILE KA 53 53.92 -87.66 34.09
CA ILE KA 53 52.87 -88.02 33.15
C ILE KA 53 53.22 -87.51 31.76
N ALA KA 54 53.83 -86.33 31.68
CA ALA KA 54 54.26 -85.82 30.39
C ALA KA 54 55.31 -86.70 29.77
N ARG KA 55 56.17 -87.30 30.60
CA ARG KA 55 57.24 -88.14 30.08
C ARG KA 55 56.68 -89.41 29.44
N VAL KA 56 55.80 -90.10 30.15
CA VAL KA 56 55.27 -91.35 29.62
C VAL KA 56 54.40 -91.09 28.40
N LEU KA 57 53.65 -89.99 28.41
CA LEU KA 57 52.89 -89.60 27.22
C LEU KA 57 53.82 -89.30 26.06
N THR KA 58 54.95 -88.67 26.33
CA THR KA 58 55.89 -88.35 25.26
C THR KA 58 56.45 -89.62 24.64
N VAL KA 59 56.81 -90.59 25.47
CA VAL KA 59 57.31 -91.86 24.95
C VAL KA 59 56.24 -92.56 24.12
N ILE KA 60 55.00 -92.55 24.61
CA ILE KA 60 53.91 -93.21 23.90
C ILE KA 60 53.71 -92.58 22.54
N ASN KA 61 53.66 -91.25 22.50
CA ASN KA 61 53.46 -90.56 21.23
C ASN KA 61 54.62 -90.82 20.28
N GLN KA 62 55.85 -90.75 20.77
CA GLN KA 62 57.01 -90.91 19.92
C GLN KA 62 57.09 -92.31 19.34
N THR KA 63 56.95 -93.34 20.19
CA THR KA 63 57.04 -94.70 19.68
C THR KA 63 55.92 -95.00 18.71
N GLN KA 64 54.74 -94.40 18.91
CA GLN KA 64 53.64 -94.64 17.98
C GLN KA 64 53.91 -93.98 16.64
N LYS KA 65 54.48 -92.79 16.65
CA LYS KA 65 54.75 -92.08 15.41
C LYS KA 65 55.79 -92.82 14.57
N GLU KA 66 56.89 -93.24 15.19
CA GLU KA 66 57.94 -93.88 14.41
C GLU KA 66 57.51 -95.25 13.93
N ASN KA 67 56.52 -95.87 14.56
CA ASN KA 67 55.91 -97.05 13.96
C ASN KA 67 55.11 -96.71 12.73
N LEU KA 68 54.48 -95.54 12.69
CA LEU KA 68 53.72 -95.12 11.53
C LEU KA 68 54.64 -94.79 10.36
N ARG KA 69 55.59 -93.88 10.56
CA ARG KA 69 56.45 -93.49 9.44
C ARG KA 69 57.41 -94.61 9.06
N LYS KA 70 57.44 -95.70 9.82
CA LYS KA 70 58.09 -96.91 9.33
C LYS KA 70 57.16 -97.76 8.50
N PHE KA 71 55.85 -97.65 8.74
CA PHE KA 71 54.85 -98.34 7.94
C PHE KA 71 54.57 -97.62 6.63
N TYR KA 72 54.74 -96.30 6.60
CA TYR KA 72 54.58 -95.51 5.40
C TYR KA 72 55.90 -95.19 4.72
N LYS KA 73 56.91 -96.05 4.89
CA LYS KA 73 58.23 -95.70 4.38
C LYS KA 73 58.28 -95.72 2.86
N GLY KA 74 57.90 -96.83 2.25
CA GLY KA 74 57.99 -96.99 0.82
C GLY KA 74 56.73 -96.69 0.04
N LYS KA 75 55.73 -96.11 0.68
CA LYS KA 75 54.45 -95.85 0.02
C LYS KA 75 54.46 -94.49 -0.64
N LYS KA 76 53.68 -94.36 -1.72
CA LYS KA 76 53.67 -93.12 -2.49
C LYS KA 76 53.01 -92.00 -1.70
N TYR KA 77 51.75 -92.21 -1.30
CA TYR KA 77 51.02 -91.21 -0.54
C TYR KA 77 51.11 -91.52 0.95
N LYS KA 78 51.36 -90.48 1.74
CA LYS KA 78 51.48 -90.65 3.18
C LYS KA 78 50.72 -89.52 3.85
N PRO KA 79 50.24 -89.71 5.07
CA PRO KA 79 49.46 -88.68 5.73
C PRO KA 79 50.24 -87.38 5.87
N LEU KA 80 49.50 -86.27 5.95
CA LEU KA 80 50.13 -84.96 6.03
C LEU KA 80 50.96 -84.79 7.28
N ASP KA 81 50.76 -85.62 8.30
CA ASP KA 81 51.61 -85.55 9.48
C ASP KA 81 53.03 -85.97 9.17
N LEU KA 82 53.19 -86.95 8.28
CA LEU KA 82 54.50 -87.54 8.03
C LEU KA 82 55.23 -86.91 6.86
N ARG KA 83 54.61 -86.00 6.16
CA ARG KA 83 55.34 -85.30 5.12
C ARG KA 83 56.19 -84.21 5.74
N PRO KA 84 57.35 -83.92 5.19
CA PRO KA 84 58.23 -82.92 5.78
C PRO KA 84 57.63 -81.52 5.77
N LYS KA 85 57.44 -80.93 6.95
CA LYS KA 85 56.87 -79.60 7.06
C LYS KA 85 58.01 -78.60 7.11
N LYS KA 86 58.19 -77.85 6.04
CA LYS KA 86 59.23 -76.81 5.97
C LYS KA 86 58.73 -75.69 5.08
N THR KA 87 58.21 -74.62 5.69
CA THR KA 87 57.98 -73.34 5.02
C THR KA 87 57.31 -73.48 3.67
N ARG KA 88 55.99 -73.63 3.68
CA ARG KA 88 55.13 -73.88 2.52
C ARG KA 88 55.70 -73.35 1.21
N ALA KA 89 56.35 -72.20 1.24
CA ALA KA 89 56.99 -71.67 0.04
C ALA KA 89 57.92 -72.70 -0.61
N MET KA 90 58.70 -73.45 0.17
CA MET KA 90 59.64 -74.39 -0.42
C MET KA 90 59.09 -75.80 -0.48
N ARG KA 91 57.85 -76.03 -0.06
CA ARG KA 91 57.15 -77.24 -0.43
C ARG KA 91 56.64 -77.17 -1.85
N ARG KA 92 56.65 -75.98 -2.45
CA ARG KA 92 56.15 -75.77 -3.79
C ARG KA 92 57.24 -75.78 -4.84
N ARG KA 93 58.50 -75.63 -4.44
CA ARG KA 93 59.59 -75.60 -5.41
C ARG KA 93 59.67 -76.91 -6.17
N LEU KA 94 60.37 -76.85 -7.30
CA LEU KA 94 60.58 -78.06 -8.08
C LEU KA 94 61.50 -79.01 -7.32
N ASN KA 95 61.51 -80.26 -7.75
CA ASN KA 95 62.23 -81.28 -7.00
C ASN KA 95 63.73 -81.09 -7.12
N LYS KA 96 64.49 -81.97 -6.48
CA LYS KA 96 65.93 -82.04 -6.69
C LYS KA 96 66.27 -82.65 -8.05
N HIS KA 97 65.28 -83.18 -8.75
CA HIS KA 97 65.47 -83.74 -10.08
C HIS KA 97 64.93 -82.86 -11.20
N GLU KA 98 63.76 -82.27 -11.01
CA GLU KA 98 63.14 -81.47 -12.06
C GLU KA 98 64.01 -80.27 -12.44
N GLU KA 99 64.53 -79.57 -11.45
CA GLU KA 99 65.36 -78.40 -11.72
C GLU KA 99 66.65 -78.76 -12.42
N SER KA 100 67.03 -80.04 -12.41
CA SER KA 100 68.21 -80.50 -13.12
C SER KA 100 67.90 -80.97 -14.54
N LEU KA 101 66.68 -80.80 -15.02
CA LEU KA 101 66.32 -81.27 -16.34
C LEU KA 101 66.75 -80.25 -17.39
N LYS KA 102 67.52 -80.70 -18.37
CA LYS KA 102 67.93 -79.89 -19.50
C LYS KA 102 67.32 -80.45 -20.77
N THR KA 103 66.99 -79.57 -21.71
CA THR KA 103 66.40 -80.01 -22.95
C THR KA 103 67.43 -80.77 -23.78
N LYS KA 104 66.94 -81.63 -24.66
CA LYS KA 104 67.83 -82.34 -25.57
C LYS KA 104 68.65 -81.36 -26.40
N LYS KA 105 68.07 -80.22 -26.74
CA LYS KA 105 68.82 -79.20 -27.46
C LYS KA 105 69.88 -78.57 -26.58
N GLN KA 106 69.55 -78.25 -25.33
CA GLN KA 106 70.51 -77.61 -24.45
C GLN KA 106 71.61 -78.58 -24.05
N GLN KA 107 71.29 -79.86 -23.92
CA GLN KA 107 72.31 -80.86 -23.65
C GLN KA 107 73.29 -80.97 -24.80
N ARG KA 108 72.81 -80.83 -26.03
CA ARG KA 108 73.68 -80.94 -27.20
C ARG KA 108 74.70 -79.83 -27.28
N LYS KA 109 74.42 -78.68 -26.68
CA LYS KA 109 75.38 -77.59 -26.65
C LYS KA 109 76.55 -77.90 -25.73
N GLU KA 110 76.25 -78.45 -24.55
CA GLU KA 110 77.28 -78.75 -23.58
C GLU KA 110 78.26 -79.79 -24.11
N ARG KA 111 77.75 -80.78 -24.83
CA ARG KA 111 78.64 -81.80 -25.40
C ARG KA 111 79.50 -81.20 -26.50
N LEU KA 112 78.95 -80.26 -27.26
CA LEU KA 112 79.69 -79.74 -28.41
C LEU KA 112 80.59 -78.58 -28.04
N TYR KA 113 80.10 -77.66 -27.20
CA TYR KA 113 80.85 -76.45 -26.85
C TYR KA 113 81.00 -76.35 -25.34
N PRO KA 114 81.82 -77.20 -24.75
CA PRO KA 114 82.08 -77.08 -23.32
C PRO KA 114 83.03 -75.92 -23.05
N LEU KA 115 82.84 -75.29 -21.90
CA LEU KA 115 83.67 -74.15 -21.54
C LEU KA 115 85.10 -74.61 -21.28
N ARG KA 116 86.04 -74.08 -22.04
CA ARG KA 116 87.42 -74.53 -21.97
C ARG KA 116 88.16 -73.85 -20.83
N LYS KA 117 89.28 -74.44 -20.45
CA LYS KA 117 90.16 -73.89 -19.43
C LYS KA 117 91.41 -73.40 -20.12
N TYR KA 118 91.67 -72.10 -20.04
CA TYR KA 118 92.72 -71.49 -20.84
C TYR KA 118 93.45 -70.46 -20.00
N ALA KA 119 94.47 -69.86 -20.60
CA ALA KA 119 95.25 -68.82 -19.95
C ALA KA 119 96.01 -68.06 -21.03
N VAL KA 120 96.09 -66.75 -20.88
CA VAL KA 120 96.76 -65.90 -21.85
C VAL KA 120 98.16 -65.59 -21.35
N LYS KA 121 99.12 -65.59 -22.27
CA LYS KA 121 100.48 -65.29 -21.91
C LYS KA 121 100.63 -63.79 -21.65
N ALA KA 122 101.78 -63.42 -21.08
CA ALA KA 122 102.04 -62.03 -20.73
C ALA KA 122 102.05 -61.17 -21.98
N ALA LA 1 97.57 -29.20 -58.21
CA ALA LA 1 96.25 -29.09 -57.60
C ALA LA 1 96.01 -30.25 -56.65
N LEU LA 2 96.66 -30.20 -55.49
CA LEU LA 2 96.51 -31.27 -54.51
C LEU LA 2 95.13 -31.20 -53.87
N ARG LA 3 94.59 -32.37 -53.53
CA ARG LA 3 93.22 -32.49 -53.02
C ARG LA 3 93.29 -32.93 -51.57
N TYR LA 4 92.96 -32.03 -50.67
CA TYR LA 4 93.04 -32.58 -49.32
C TYR LA 4 91.68 -33.13 -48.90
N PRO LA 5 91.67 -34.19 -48.10
CA PRO LA 5 90.39 -34.67 -47.56
C PRO LA 5 89.83 -33.69 -46.56
N MET LA 6 88.70 -33.07 -46.90
CA MET LA 6 88.17 -32.00 -46.07
C MET LA 6 87.03 -32.51 -45.20
N ALA LA 7 86.69 -31.72 -44.19
CA ALA LA 7 85.60 -32.06 -43.28
C ALA LA 7 84.28 -31.47 -43.72
N VAL LA 8 84.26 -30.80 -44.88
CA VAL LA 8 83.04 -30.22 -45.43
C VAL LA 8 83.13 -30.33 -46.94
N GLY LA 9 81.98 -30.47 -47.59
CA GLY LA 9 81.92 -30.54 -49.02
C GLY LA 9 80.99 -31.64 -49.45
N LEU LA 10 81.01 -31.94 -50.75
CA LEU LA 10 80.15 -32.99 -51.27
C LEU LA 10 80.62 -34.35 -50.81
N ASN LA 11 81.92 -34.52 -50.64
CA ASN LA 11 82.50 -35.81 -50.30
C ASN LA 11 83.41 -35.67 -49.09
N LYS LA 12 82.91 -35.03 -48.04
CA LYS LA 12 83.67 -34.84 -46.82
C LYS LA 12 83.95 -36.17 -46.14
N GLY LA 13 84.78 -36.13 -45.12
CA GLY LA 13 84.95 -37.30 -44.29
C GLY LA 13 86.30 -37.96 -44.50
N HIS LA 14 86.76 -38.67 -43.48
CA HIS LA 14 87.98 -39.45 -43.56
C HIS LA 14 87.86 -40.50 -44.66
N LYS LA 15 88.84 -40.52 -45.55
CA LYS LA 15 88.77 -41.44 -46.69
C LYS LA 15 89.14 -42.85 -46.26
N VAL LA 16 88.20 -43.77 -46.42
CA VAL LA 16 88.37 -45.15 -45.98
C VAL LA 16 87.78 -46.06 -47.04
N THR LA 17 88.50 -47.13 -47.39
CA THR LA 17 87.98 -48.07 -48.37
C THR LA 17 86.91 -48.95 -47.75
N LYS LA 18 85.73 -48.94 -48.37
CA LYS LA 18 84.58 -49.69 -47.91
C LYS LA 18 84.64 -51.11 -48.45
N ASN LA 19 84.22 -52.07 -47.62
CA ASN LA 19 84.10 -53.46 -48.03
C ASN LA 19 82.63 -53.80 -48.20
N VAL LA 20 82.32 -54.54 -49.23
CA VAL LA 20 80.96 -55.01 -49.46
C VAL LA 20 80.88 -56.47 -49.04
N SER LA 21 79.80 -56.81 -48.35
CA SER LA 21 79.51 -58.18 -47.97
C SER LA 21 78.04 -58.43 -48.25
N LYS LA 22 77.66 -59.69 -48.28
CA LYS LA 22 76.25 -59.99 -48.49
C LYS LA 22 75.46 -59.47 -47.30
N PRO LA 23 74.31 -58.84 -47.52
CA PRO LA 23 73.62 -58.16 -46.42
C PRO LA 23 73.12 -59.15 -45.39
N ARG LA 24 72.82 -58.62 -44.20
CA ARG LA 24 72.29 -59.45 -43.13
C ARG LA 24 71.00 -60.12 -43.57
N HIS LA 25 70.75 -61.31 -43.02
CA HIS LA 25 69.55 -62.03 -43.42
C HIS LA 25 68.28 -61.35 -42.93
N SER LA 26 68.38 -60.50 -41.91
CA SER LA 26 67.20 -59.80 -41.42
C SER LA 26 66.74 -58.70 -42.36
N ARG LA 27 67.63 -58.20 -43.23
CA ARG LA 27 67.22 -57.24 -44.23
C ARG LA 27 66.23 -57.84 -45.21
N ARG LA 28 66.24 -59.16 -45.34
CA ARG LA 28 65.46 -59.88 -46.34
C ARG LA 28 63.98 -59.96 -45.98
N ARG LA 29 63.59 -59.57 -44.76
CA ARG LA 29 62.21 -59.77 -44.34
C ARG LA 29 61.26 -58.97 -45.19
N GLY LA 30 60.05 -59.50 -45.36
CA GLY LA 30 59.06 -58.88 -46.19
C GLY LA 30 59.12 -59.26 -47.65
N ARG LA 31 60.22 -59.85 -48.11
CA ARG LA 31 60.33 -60.25 -49.50
C ARG LA 31 59.36 -61.38 -49.78
N LEU LA 32 58.62 -61.27 -50.88
CA LEU LA 32 57.57 -62.22 -51.19
C LEU LA 32 58.15 -63.55 -51.62
N THR LA 33 57.62 -64.63 -51.06
CA THR LA 33 58.02 -65.97 -51.43
C THR LA 33 57.02 -66.55 -52.41
N LYS LA 34 57.52 -67.35 -53.36
CA LYS LA 34 56.64 -67.93 -54.36
C LYS LA 34 55.62 -68.87 -53.76
N HIS LA 35 55.89 -69.39 -52.56
CA HIS LA 35 54.93 -70.23 -51.86
C HIS LA 35 53.96 -69.39 -51.04
N THR LA 36 54.45 -68.32 -50.42
CA THR LA 36 53.57 -67.40 -49.71
C THR LA 36 52.63 -66.68 -50.65
N LYS LA 37 53.08 -66.38 -51.87
CA LYS LA 37 52.20 -65.76 -52.84
C LYS LA 37 51.07 -66.70 -53.23
N PHE LA 38 51.37 -67.99 -53.34
CA PHE LA 38 50.34 -68.98 -53.62
C PHE LA 38 49.28 -69.06 -52.54
N VAL LA 39 49.57 -68.61 -51.33
CA VAL LA 39 48.58 -68.63 -50.27
C VAL LA 39 47.70 -67.39 -50.32
N ARG LA 40 48.31 -66.21 -50.44
CA ARG LA 40 47.54 -64.98 -50.35
C ARG LA 40 46.57 -64.83 -51.51
N ASP LA 41 46.90 -65.37 -52.68
CA ASP LA 41 45.94 -65.34 -53.77
C ASP LA 41 44.95 -66.49 -53.71
N MET LA 42 45.29 -67.57 -53.02
CA MET LA 42 44.33 -68.64 -52.80
C MET LA 42 43.22 -68.18 -51.86
N ILE LA 43 43.56 -67.40 -50.85
CA ILE LA 43 42.55 -66.90 -49.93
C ILE LA 43 41.72 -65.82 -50.60
N ARG LA 44 42.34 -65.01 -51.47
CA ARG LA 44 41.57 -64.07 -52.27
C ARG LA 44 40.41 -64.76 -52.98
N GLU LA 45 40.64 -65.99 -53.45
CA GLU LA 45 39.56 -66.75 -54.06
C GLU LA 45 38.48 -67.10 -53.05
N VAL LA 46 38.86 -67.42 -51.83
CA VAL LA 46 37.90 -67.85 -50.81
C VAL LA 46 37.24 -66.64 -50.19
N CYS LA 47 38.04 -65.76 -49.58
CA CYS LA 47 37.47 -64.67 -48.79
C CYS LA 47 36.77 -63.66 -49.67
N GLY LA 48 37.50 -63.00 -50.56
CA GLY LA 48 36.92 -61.98 -51.40
C GLY LA 48 37.54 -60.62 -51.17
N PHE LA 49 36.71 -59.57 -51.14
CA PHE LA 49 37.20 -58.21 -50.95
C PHE LA 49 36.39 -57.52 -49.87
N ALA LA 50 36.99 -56.54 -49.24
CA ALA LA 50 36.33 -55.75 -48.23
C ALA LA 50 35.36 -54.78 -48.88
N PRO LA 51 34.32 -54.36 -48.17
CA PRO LA 51 33.33 -53.46 -48.77
C PRO LA 51 33.93 -52.16 -49.30
N TYR LA 52 34.92 -51.60 -48.61
CA TYR LA 52 35.56 -50.41 -49.13
C TYR LA 52 36.41 -50.70 -50.36
N GLU LA 53 36.88 -51.93 -50.52
CA GLU LA 53 37.62 -52.27 -51.72
C GLU LA 53 36.69 -52.39 -52.92
N ARG LA 54 35.53 -53.02 -52.75
CA ARG LA 54 34.56 -53.07 -53.84
C ARG LA 54 34.12 -51.68 -54.23
N ARG LA 55 33.86 -50.83 -53.24
CA ARG LA 55 33.45 -49.46 -53.54
C ARG LA 55 34.53 -48.70 -54.27
N ALA LA 56 35.79 -48.94 -53.92
CA ALA LA 56 36.87 -48.27 -54.64
C ALA LA 56 36.96 -48.75 -56.08
N MET LA 57 36.75 -50.05 -56.31
CA MET LA 57 36.80 -50.56 -57.67
C MET LA 57 35.66 -50.00 -58.51
N GLU LA 58 34.53 -49.70 -57.89
CA GLU LA 58 33.47 -49.02 -58.62
C GLU LA 58 33.93 -47.66 -59.11
N LEU LA 59 34.67 -46.92 -58.28
CA LEU LA 59 35.25 -45.66 -58.69
C LEU LA 59 36.32 -45.83 -59.75
N LEU LA 60 36.86 -47.04 -59.90
CA LEU LA 60 37.92 -47.27 -60.86
C LEU LA 60 37.41 -47.68 -62.22
N LYS LA 61 36.25 -48.33 -62.29
CA LYS LA 61 35.68 -48.67 -63.59
C LYS LA 61 35.23 -47.43 -64.35
N VAL LA 62 34.82 -46.38 -63.63
CA VAL LA 62 34.34 -45.16 -64.27
C VAL LA 62 35.47 -44.16 -64.35
N SER LA 63 36.70 -44.63 -64.12
CA SER LA 63 37.90 -43.83 -64.26
C SER LA 63 37.84 -42.56 -63.41
N LYS LA 64 37.84 -42.77 -62.10
CA LYS LA 64 37.85 -41.68 -61.15
C LYS LA 64 39.04 -41.85 -60.22
N ASP LA 65 40.22 -42.06 -60.80
CA ASP LA 65 41.43 -42.37 -60.05
C ASP LA 65 41.70 -41.36 -58.94
N LYS LA 66 41.42 -40.08 -59.17
CA LYS LA 66 41.64 -39.11 -58.12
C LYS LA 66 40.67 -39.30 -56.98
N ARG LA 67 39.38 -39.47 -57.30
CA ARG LA 67 38.40 -39.73 -56.26
C ARG LA 67 38.61 -41.09 -55.63
N ALA LA 68 39.01 -42.09 -56.43
CA ALA LA 68 39.28 -43.40 -55.87
C ALA LA 68 40.41 -43.37 -54.86
N LEU LA 69 41.45 -42.58 -55.13
CA LEU LA 69 42.55 -42.50 -54.17
C LEU LA 69 42.16 -41.72 -52.94
N LYS LA 70 41.45 -40.60 -53.11
CA LYS LA 70 41.01 -39.84 -51.95
C LYS LA 70 40.08 -40.68 -51.08
N PHE LA 71 39.30 -41.56 -51.69
CA PHE LA 71 38.47 -42.46 -50.91
C PHE LA 71 39.32 -43.45 -50.14
N ILE LA 72 40.22 -44.16 -50.83
CA ILE LA 72 41.07 -45.14 -50.17
C ILE LA 72 41.92 -44.49 -49.11
N LYS LA 73 42.40 -43.27 -49.36
CA LYS LA 73 43.24 -42.59 -48.39
C LYS LA 73 42.51 -42.34 -47.09
N LYS LA 74 41.25 -41.94 -47.15
CA LYS LA 74 40.50 -41.74 -45.92
C LYS LA 74 40.18 -43.05 -45.22
N ARG LA 75 40.27 -44.17 -45.93
CA ARG LA 75 39.97 -45.47 -45.33
C ARG LA 75 41.24 -46.09 -44.74
N VAL LA 76 42.23 -46.34 -45.59
CA VAL LA 76 43.38 -47.10 -45.14
C VAL LA 76 44.34 -46.23 -44.34
N GLY LA 77 44.30 -44.92 -44.53
CA GLY LA 77 45.18 -44.06 -43.76
C GLY LA 77 46.10 -43.19 -44.58
N THR LA 78 47.39 -43.50 -44.55
CA THR LA 78 48.39 -42.66 -45.18
C THR LA 78 48.21 -42.61 -46.68
N HIS LA 79 49.01 -41.75 -47.32
CA HIS LA 79 48.98 -41.61 -48.76
C HIS LA 79 49.82 -42.69 -49.44
N ILE LA 80 50.89 -43.13 -48.77
CA ILE LA 80 51.74 -44.17 -49.35
C ILE LA 80 50.98 -45.48 -49.47
N ARG LA 81 50.33 -45.90 -48.39
CA ARG LA 81 49.56 -47.13 -48.44
C ARG LA 81 48.40 -47.00 -49.42
N ALA LA 82 47.78 -45.82 -49.48
CA ALA LA 82 46.65 -45.62 -50.38
C ALA LA 82 47.09 -45.77 -51.83
N LYS LA 83 48.24 -45.19 -52.19
CA LYS LA 83 48.72 -45.28 -53.55
C LYS LA 83 48.94 -46.73 -53.97
N ARG LA 84 49.70 -47.47 -53.15
CA ARG LA 84 49.98 -48.87 -53.46
C ARG LA 84 48.70 -49.69 -53.54
N LYS LA 85 47.75 -49.44 -52.63
CA LYS LA 85 46.50 -50.19 -52.68
C LYS LA 85 45.72 -49.88 -53.94
N ARG LA 86 45.90 -48.69 -54.51
CA ARG LA 86 45.17 -48.33 -55.71
C ARG LA 86 45.64 -49.17 -56.89
N GLU LA 87 46.94 -49.17 -57.18
CA GLU LA 87 47.42 -49.93 -58.32
C GLU LA 87 47.22 -51.42 -58.13
N GLU LA 88 47.12 -51.88 -56.89
CA GLU LA 88 46.84 -53.30 -56.69
C GLU LA 88 45.40 -53.60 -57.05
N LEU LA 89 44.48 -52.69 -56.73
CA LEU LA 89 43.08 -52.87 -57.07
C LEU LA 89 42.80 -52.69 -58.54
N SER LA 90 43.59 -51.88 -59.23
CA SER LA 90 43.41 -51.71 -60.66
C SER LA 90 44.01 -52.86 -61.44
N SER LA 91 45.12 -53.43 -60.97
CA SER LA 91 45.66 -54.62 -61.60
C SER LA 91 44.66 -55.76 -61.53
N VAL LA 92 43.91 -55.85 -60.42
CA VAL LA 92 42.83 -56.81 -60.35
C VAL LA 92 41.70 -56.44 -61.28
N LEU LA 93 41.43 -55.14 -61.47
CA LEU LA 93 40.39 -54.73 -62.40
C LEU LA 93 40.79 -54.98 -63.84
N ALA LA 94 42.09 -54.87 -64.15
CA ALA LA 94 42.56 -55.19 -65.48
C ALA LA 94 42.59 -56.70 -65.70
N ALA LA 95 43.05 -57.45 -64.70
CA ALA LA 95 43.15 -58.90 -64.85
C ALA LA 95 41.80 -59.57 -64.99
N MET LA 96 40.74 -58.96 -64.46
CA MET LA 96 39.42 -59.56 -64.62
C MET LA 96 38.79 -59.14 -65.95
N ARG LA 97 39.09 -57.92 -66.40
CA ARG LA 97 38.61 -57.49 -67.70
C ARG LA 97 39.29 -58.24 -68.83
N LYS LA 98 40.59 -58.50 -68.70
CA LYS LA 98 41.29 -59.30 -69.70
C LYS LA 98 40.72 -60.71 -69.78
N ALA LA 99 40.42 -61.30 -68.62
CA ALA LA 99 39.83 -62.63 -68.61
C ALA LA 99 38.39 -62.62 -69.10
N ALA LA 100 37.70 -61.48 -68.95
CA ALA LA 100 36.35 -61.38 -69.47
C ALA LA 100 36.34 -61.30 -71.00
N ALA LA 101 37.33 -60.60 -71.58
CA ALA LA 101 37.46 -60.58 -73.03
C ALA LA 101 37.73 -61.98 -73.57
N LYS LA 102 38.50 -62.77 -72.83
CA LYS LA 102 38.76 -64.15 -73.24
C LYS LA 102 38.04 -65.13 -72.31
N THR MA 1 18.73 -29.66 27.58
CA THR MA 1 18.41 -31.05 27.85
C THR MA 1 19.35 -31.92 27.03
N LYS MA 2 20.08 -31.29 26.13
CA LYS MA 2 21.02 -32.00 25.29
C LYS MA 2 22.25 -32.46 26.03
N GLY MA 3 22.43 -32.08 27.28
CA GLY MA 3 23.60 -32.45 28.04
C GLY MA 3 23.36 -33.51 29.08
N THR MA 4 23.45 -33.13 30.36
CA THR MA 4 23.38 -34.08 31.46
C THR MA 4 22.15 -34.96 31.42
N SER MA 5 20.99 -34.37 31.15
CA SER MA 5 19.75 -35.14 31.17
C SER MA 5 19.70 -36.20 30.09
N SER MA 6 20.37 -35.96 28.96
CA SER MA 6 20.28 -36.89 27.85
C SER MA 6 21.29 -38.02 27.97
N PHE MA 7 22.29 -37.87 28.84
CA PHE MA 7 23.19 -38.99 29.09
C PHE MA 7 22.54 -40.07 29.93
N GLY MA 8 21.36 -39.84 30.45
CA GLY MA 8 20.71 -40.87 31.24
C GLY MA 8 20.14 -42.00 30.42
N LYS MA 9 19.81 -41.76 29.16
CA LYS MA 9 19.13 -42.73 28.33
C LYS MA 9 20.09 -43.68 27.63
N ARG MA 10 21.35 -43.69 28.03
CA ARG MA 10 22.36 -44.51 27.37
C ARG MA 10 22.37 -45.89 28.01
N ARG MA 11 21.62 -46.82 27.44
CA ARG MA 11 21.64 -48.18 27.94
C ARG MA 11 21.58 -49.23 26.84
N ASN MA 12 22.02 -48.88 25.63
CA ASN MA 12 22.04 -49.81 24.51
C ASN MA 12 23.41 -49.73 23.86
N LYS MA 13 24.17 -50.81 23.91
CA LYS MA 13 25.48 -50.83 23.30
C LYS MA 13 25.35 -51.01 21.80
N THR MA 14 26.11 -50.23 21.02
CA THR MA 14 26.20 -50.49 19.59
C THR MA 14 27.28 -51.49 19.24
N HIS MA 15 28.37 -51.51 19.99
CA HIS MA 15 29.50 -52.36 19.70
C HIS MA 15 29.61 -53.47 20.73
N THR MA 16 30.28 -54.54 20.33
CA THR MA 16 30.60 -55.63 21.24
C THR MA 16 31.95 -56.19 20.83
N LEU MA 17 32.36 -57.26 21.49
CA LEU MA 17 33.69 -57.81 21.28
C LEU MA 17 33.77 -58.48 19.92
N CYS MA 18 34.64 -57.98 19.06
CA CYS MA 18 34.91 -58.67 17.81
C CYS MA 18 35.66 -59.95 18.09
N ARG MA 19 35.28 -61.01 17.39
CA ARG MA 19 35.88 -62.31 17.62
C ARG MA 19 37.06 -62.57 16.70
N ARG MA 20 37.55 -61.55 16.02
CA ARG MA 20 38.72 -61.69 15.18
C ARG MA 20 39.87 -60.83 15.67
N CYS MA 21 39.60 -59.61 16.10
CA CYS MA 21 40.62 -58.73 16.63
C CYS MA 21 40.51 -58.54 18.14
N GLY MA 22 39.46 -59.04 18.76
CA GLY MA 22 39.29 -58.91 20.18
C GLY MA 22 38.92 -57.53 20.67
N SER MA 23 38.98 -56.52 19.82
CA SER MA 23 38.59 -55.19 20.24
C SER MA 23 37.08 -55.11 20.38
N LYS MA 24 36.62 -54.15 21.18
CA LYS MA 24 35.20 -53.93 21.39
C LYS MA 24 34.72 -52.94 20.34
N ALA MA 25 34.72 -53.40 19.09
CA ALA MA 25 34.30 -52.53 18.00
C ALA MA 25 33.48 -53.26 16.96
N TYR MA 26 32.81 -54.34 17.35
CA TYR MA 26 31.97 -55.09 16.42
C TYR MA 26 30.58 -54.49 16.42
N HIS MA 27 30.30 -53.65 15.43
CA HIS MA 27 28.99 -53.01 15.35
C HIS MA 27 27.91 -54.05 15.16
N LEU MA 28 26.91 -54.02 16.04
CA LEU MA 28 25.91 -55.09 16.07
C LEU MA 28 24.92 -54.95 14.92
N GLN MA 29 24.40 -53.74 14.70
CA GLN MA 29 23.40 -53.57 13.66
C GLN MA 29 24.02 -53.76 12.27
N LYS MA 30 25.24 -53.29 12.07
CA LYS MA 30 25.90 -53.45 10.78
C LYS MA 30 26.63 -54.77 10.65
N SER MA 31 26.81 -55.50 11.74
CA SER MA 31 27.51 -56.79 11.73
C SER MA 31 28.89 -56.68 11.12
N THR MA 32 29.61 -55.62 11.44
CA THR MA 32 30.94 -55.39 10.90
C THR MA 32 31.83 -54.80 11.98
N CYS MA 33 33.06 -55.29 12.07
CA CYS MA 33 34.00 -54.74 13.04
C CYS MA 33 34.56 -53.44 12.51
N GLY MA 34 34.40 -52.36 13.27
CA GLY MA 34 34.97 -51.10 12.89
C GLY MA 34 36.45 -51.00 13.11
N LYS MA 35 37.11 -52.10 13.46
CA LYS MA 35 38.53 -52.13 13.76
C LYS MA 35 39.30 -53.07 12.87
N CYS MA 36 38.70 -54.17 12.46
CA CYS MA 36 39.34 -55.07 11.52
C CYS MA 36 38.43 -55.45 10.35
N GLY MA 37 37.20 -54.98 10.30
CA GLY MA 37 36.26 -55.37 9.28
C GLY MA 37 36.06 -56.87 9.25
N TYR MA 38 35.61 -57.45 10.35
CA TYR MA 38 35.69 -58.89 10.55
C TYR MA 38 35.07 -59.71 9.43
N PRO MA 39 33.82 -59.47 9.02
CA PRO MA 39 33.26 -60.34 7.97
C PRO MA 39 34.02 -60.25 6.67
N ALA MA 40 34.73 -59.16 6.43
CA ALA MA 40 35.61 -59.07 5.27
C ALA MA 40 36.80 -59.99 5.50
N LYS MA 41 37.19 -60.72 4.46
CA LYS MA 41 38.30 -61.66 4.59
C LYS MA 41 39.59 -60.94 4.92
N ARG MA 42 39.76 -59.72 4.44
CA ARG MA 42 41.02 -59.01 4.60
C ARG MA 42 40.98 -58.11 5.82
N LYS MA 43 42.12 -57.98 6.48
CA LYS MA 43 42.25 -57.15 7.65
C LYS MA 43 42.17 -55.68 7.27
N ARG MA 44 41.57 -54.87 8.14
CA ARG MA 44 41.41 -53.44 7.91
C ARG MA 44 42.68 -52.74 8.36
N LYS MA 45 43.42 -52.17 7.43
CA LYS MA 45 44.60 -51.39 7.76
C LYS MA 45 44.76 -50.29 6.74
N TYR MA 46 45.15 -49.10 7.23
CA TYR MA 46 45.27 -47.94 6.37
C TYR MA 46 46.58 -47.24 6.65
N ASN MA 47 47.18 -46.68 5.60
CA ASN MA 47 48.43 -45.97 5.77
C ASN MA 47 48.25 -44.61 6.38
N TRP MA 48 47.03 -44.09 6.42
CA TRP MA 48 46.86 -42.77 7.02
C TRP MA 48 46.93 -42.81 8.54
N SER MA 49 47.08 -43.98 9.14
CA SER MA 49 47.33 -44.09 10.56
C SER MA 49 48.49 -45.04 10.78
N ALA MA 50 49.70 -44.48 10.79
CA ALA MA 50 50.87 -45.30 11.06
C ALA MA 50 50.87 -45.81 12.50
N LYS MA 51 50.34 -45.01 13.42
CA LYS MA 51 50.33 -45.41 14.82
C LYS MA 51 49.37 -46.57 15.05
N ALA MA 52 48.25 -46.61 14.33
CA ALA MA 52 47.34 -47.74 14.47
C ALA MA 52 47.87 -49.00 13.82
N LYS MA 53 48.79 -48.88 12.87
CA LYS MA 53 49.42 -50.06 12.31
C LYS MA 53 50.28 -50.76 13.35
N ARG MA 54 51.24 -50.03 13.92
CA ARG MA 54 52.20 -50.65 14.81
C ARG MA 54 51.56 -51.16 16.10
N ARG MA 55 50.35 -50.73 16.42
CA ARG MA 55 49.65 -51.34 17.54
C ARG MA 55 49.30 -52.78 17.28
N ASN MA 56 49.10 -53.15 16.02
CA ASN MA 56 48.68 -54.51 15.70
C ASN MA 56 49.43 -54.93 14.44
N THR MA 57 50.62 -55.47 14.62
CA THR MA 57 51.42 -56.03 13.54
C THR MA 57 52.05 -57.34 14.00
N THR MA 58 52.95 -57.85 13.19
CA THR MA 58 53.53 -59.16 13.38
C THR MA 58 54.45 -59.25 14.57
N GLY MA 59 54.75 -58.19 15.30
CA GLY MA 59 55.66 -58.35 16.40
C GLY MA 59 55.00 -58.08 17.73
N THR MA 60 53.71 -57.77 17.68
CA THR MA 60 53.00 -57.39 18.90
C THR MA 60 52.45 -58.59 19.65
N GLY MA 61 52.15 -59.67 18.95
CA GLY MA 61 51.59 -60.85 19.57
C GLY MA 61 52.63 -61.83 20.04
N ARG MA 62 52.26 -63.10 20.10
CA ARG MA 62 53.16 -64.14 20.56
C ARG MA 62 54.09 -64.63 19.47
N MET MA 63 53.61 -64.66 18.23
CA MET MA 63 54.32 -65.28 17.12
C MET MA 63 54.65 -66.73 17.43
N ARG MA 64 53.68 -67.45 18.01
CA ARG MA 64 53.94 -68.77 18.52
C ARG MA 64 54.38 -69.75 17.46
N HIS MA 65 54.08 -69.49 16.19
CA HIS MA 65 54.52 -70.35 15.12
C HIS MA 65 55.53 -69.69 14.20
N LEU MA 66 55.73 -68.39 14.32
CA LEU MA 66 56.71 -67.68 13.50
C LEU MA 66 58.06 -67.58 14.18
N LYS MA 67 58.09 -67.43 15.51
CA LYS MA 67 59.36 -67.40 16.21
C LYS MA 67 60.07 -68.73 16.14
N ILE MA 68 59.35 -69.80 15.80
CA ILE MA 68 59.99 -71.09 15.58
C ILE MA 68 60.60 -71.16 14.20
N VAL MA 69 59.98 -70.50 13.22
CA VAL MA 69 60.55 -70.48 11.88
C VAL MA 69 61.87 -69.73 11.86
N TYR MA 70 61.94 -68.61 12.58
CA TYR MA 70 63.20 -67.89 12.70
C TYR MA 70 64.29 -68.76 13.29
N ARG MA 71 63.93 -69.69 14.17
CA ARG MA 71 64.92 -70.57 14.77
C ARG MA 71 65.28 -71.71 13.84
N ARG MA 72 64.30 -72.31 13.19
CA ARG MA 72 64.59 -73.41 12.28
C ARG MA 72 65.33 -72.94 11.04
N PHE MA 73 65.28 -71.64 10.74
CA PHE MA 73 65.92 -71.14 9.53
C PHE MA 73 67.43 -71.19 9.64
N ARG MA 74 67.96 -70.91 10.83
CA ARG MA 74 69.40 -70.79 10.98
C ARG MA 74 70.07 -72.16 10.96
N HIS MA 75 69.32 -73.20 10.61
CA HIS MA 75 69.89 -74.51 10.36
C HIS MA 75 69.41 -75.11 9.05
N GLY MA 76 68.75 -74.33 8.20
CA GLY MA 76 68.32 -74.82 6.90
C GLY MA 76 67.04 -75.62 6.92
N PHE MA 77 66.22 -75.45 7.95
CA PHE MA 77 64.98 -76.21 8.11
C PHE MA 77 65.24 -77.71 8.01
N ARG MA 78 66.19 -78.18 8.81
CA ARG MA 78 66.47 -79.60 8.84
C ARG MA 78 65.31 -80.34 9.47
N GLU MA 79 65.14 -81.59 9.06
CA GLU MA 79 63.96 -82.35 9.40
C GLU MA 79 64.33 -83.82 9.44
N GLY MA 80 63.66 -84.58 10.29
CA GLY MA 80 63.87 -86.01 10.38
C GLY MA 80 65.19 -86.43 10.98
N THR MA 81 66.03 -85.49 11.40
CA THR MA 81 67.32 -85.81 12.00
C THR MA 81 67.24 -85.64 13.51
N THR MA 82 68.14 -86.32 14.19
CA THR MA 82 68.34 -86.18 15.61
C THR MA 82 69.83 -86.11 15.90
N PRO MA 83 70.22 -85.39 16.95
CA PRO MA 83 71.62 -85.43 17.38
C PRO MA 83 72.05 -86.86 17.70
N LYS MA 84 73.31 -87.16 17.41
CA LYS MA 84 73.85 -88.49 17.65
C LYS MA 84 73.72 -88.85 19.13
N PRO MA 85 73.17 -90.02 19.46
CA PRO MA 85 72.97 -90.37 20.87
C PRO MA 85 74.30 -90.54 21.61
N LYS MA 86 74.19 -90.67 22.93
CA LYS MA 86 75.35 -90.85 23.77
C LYS MA 86 75.88 -92.27 23.68
N PRO NA 1 -3.57 -87.70 41.25
CA PRO NA 1 -4.32 -88.63 42.10
C PRO NA 1 -5.56 -89.16 41.41
N ARG NA 2 -6.00 -90.35 41.82
CA ARG NA 2 -7.16 -91.00 41.25
C ARG NA 2 -7.95 -91.63 42.37
N LYS NA 3 -9.23 -91.30 42.46
CA LYS NA 3 -10.08 -91.82 43.53
C LYS NA 3 -10.72 -93.11 43.07
N ILE NA 4 -10.35 -94.19 43.69
CA ILE NA 4 -11.02 -95.47 43.50
C ILE NA 4 -12.26 -95.51 44.39
N GLU NA 5 -13.41 -95.78 43.78
CA GLU NA 5 -14.64 -95.82 44.57
C GLU NA 5 -14.98 -97.23 45.02
N GLU NA 6 -15.16 -98.16 44.08
CA GLU NA 6 -15.61 -99.48 44.45
C GLU NA 6 -14.41 -100.27 44.98
N ILE NA 7 -14.66 -101.34 45.73
CA ILE NA 7 -13.63 -101.84 46.63
C ILE NA 7 -12.71 -102.85 45.92
N LYS NA 8 -13.20 -103.57 44.93
CA LYS NA 8 -12.44 -104.73 44.47
C LYS NA 8 -11.34 -104.38 43.48
N ASP NA 9 -11.45 -103.26 42.77
CA ASP NA 9 -10.37 -102.86 41.87
C ASP NA 9 -9.19 -102.31 42.64
N PHE NA 10 -9.43 -101.82 43.87
CA PHE NA 10 -8.32 -101.36 44.70
C PHE NA 10 -7.30 -102.47 44.91
N LEU NA 11 -7.75 -103.63 45.41
CA LEU NA 11 -6.83 -104.74 45.57
C LEU NA 11 -6.34 -105.25 44.22
N LEU NA 12 -7.09 -104.96 43.15
CA LEU NA 12 -6.57 -105.24 41.81
C LEU NA 12 -5.39 -104.32 41.49
N THR NA 13 -5.48 -103.05 41.88
CA THR NA 13 -4.33 -102.18 41.71
C THR NA 13 -3.26 -102.45 42.74
N ALA NA 14 -3.65 -102.88 43.94
CA ALA NA 14 -2.67 -103.16 44.98
C ALA NA 14 -1.76 -104.31 44.62
N ARG NA 15 -2.21 -105.21 43.75
CA ARG NA 15 -1.37 -106.33 43.33
C ARG NA 15 -0.63 -106.05 42.03
N ARG NA 16 -0.67 -104.82 41.53
CA ARG NA 16 0.16 -104.47 40.39
C ARG NA 16 1.63 -104.51 40.79
N LYS NA 17 2.50 -104.67 39.80
CA LYS NA 17 3.91 -104.79 40.10
C LYS NA 17 4.53 -103.44 40.41
N ASP NA 18 3.95 -102.36 39.88
CA ASP NA 18 4.46 -101.02 40.10
C ASP NA 18 3.90 -100.37 41.37
N ALA NA 19 3.00 -101.04 42.08
CA ALA NA 19 2.46 -100.54 43.34
C ALA NA 19 3.53 -100.67 44.41
N LYS NA 20 4.17 -99.55 44.76
CA LYS NA 20 5.32 -99.60 45.65
C LYS NA 20 4.89 -99.73 47.11
N SER NA 21 3.91 -98.94 47.53
CA SER NA 21 3.57 -98.91 48.95
C SER NA 21 2.10 -98.58 49.11
N VAL NA 22 1.55 -98.98 50.25
CA VAL NA 22 0.20 -98.61 50.65
C VAL NA 22 0.29 -97.92 52.01
N LYS NA 23 -0.60 -96.97 52.24
CA LYS NA 23 -0.66 -96.24 53.50
C LYS NA 23 -2.08 -96.21 54.01
N ILE NA 24 -2.23 -96.20 55.33
CA ILE NA 24 -3.54 -96.23 55.97
C ILE NA 24 -3.68 -94.90 56.71
N LYS NA 25 -4.45 -93.99 56.15
CA LYS NA 25 -4.77 -92.74 56.83
C LYS NA 25 -6.10 -92.92 57.55
N LYS NA 26 -6.04 -93.13 58.86
CA LYS NA 26 -7.24 -93.32 59.66
C LYS NA 26 -7.54 -92.01 60.37
N ASN NA 27 -8.31 -91.15 59.71
CA ASN NA 27 -8.84 -89.96 60.32
C ASN NA 27 -10.24 -90.24 60.82
N LYS NA 28 -10.87 -89.24 61.42
CA LYS NA 28 -12.26 -89.41 61.82
C LYS NA 28 -13.15 -89.47 60.59
N ASP NA 29 -14.21 -90.27 60.69
CA ASP NA 29 -15.29 -90.35 59.70
C ASP NA 29 -14.88 -91.07 58.43
N ASN NA 30 -13.60 -91.40 58.27
CA ASN NA 30 -13.12 -92.07 57.07
C ASN NA 30 -11.87 -92.87 57.39
N VAL NA 31 -11.59 -93.85 56.54
CA VAL NA 31 -10.30 -94.52 56.51
C VAL NA 31 -9.90 -94.61 55.05
N LYS NA 32 -8.90 -93.82 54.65
CA LYS NA 32 -8.44 -93.81 53.27
C LYS NA 32 -7.32 -94.82 53.09
N PHE NA 33 -7.28 -95.43 51.90
CA PHE NA 33 -6.27 -96.43 51.56
C PHE NA 33 -5.47 -95.89 50.38
N LYS NA 34 -4.42 -95.13 50.68
CA LYS NA 34 -3.58 -94.58 49.62
C LYS NA 34 -2.56 -95.63 49.20
N VAL NA 35 -2.54 -95.94 47.90
CA VAL NA 35 -1.59 -96.88 47.34
C VAL NA 35 -0.78 -96.15 46.27
N ARG NA 36 0.53 -96.09 46.47
CA ARG NA 36 1.41 -95.37 45.55
C ARG NA 36 1.83 -96.28 44.41
N CYS NA 37 1.33 -96.00 43.21
CA CYS NA 37 1.78 -96.66 42.00
C CYS NA 37 2.73 -95.72 41.26
N SER NA 38 3.12 -96.10 40.05
CA SER NA 38 4.13 -95.37 39.31
C SER NA 38 3.64 -94.01 38.84
N ARG NA 39 2.44 -93.92 38.31
CA ARG NA 39 1.94 -92.69 37.73
C ARG NA 39 0.99 -91.93 38.64
N TYR NA 40 0.18 -92.63 39.44
CA TYR NA 40 -0.79 -91.98 40.29
C TYR NA 40 -0.68 -92.52 41.71
N LEU NA 41 -1.44 -91.89 42.60
CA LEU NA 41 -1.61 -92.31 43.98
C LEU NA 41 -3.09 -92.61 44.15
N TYR NA 42 -3.46 -93.87 43.93
CA TYR NA 42 -4.86 -94.25 44.01
C TYR NA 42 -5.32 -94.26 45.46
N THR NA 43 -6.53 -93.74 45.68
CA THR NA 43 -7.09 -93.63 47.02
C THR NA 43 -8.42 -94.35 47.07
N LEU NA 44 -8.62 -95.10 48.15
CA LEU NA 44 -9.86 -95.80 48.40
C LEU NA 44 -10.39 -95.35 49.75
N VAL NA 45 -11.35 -94.44 49.74
CA VAL NA 45 -11.94 -93.90 50.97
C VAL NA 45 -13.23 -94.65 51.23
N ILE NA 46 -13.31 -95.28 52.40
CA ILE NA 46 -14.48 -96.04 52.82
C ILE NA 46 -14.98 -95.46 54.14
N THR NA 47 -16.28 -95.20 54.20
CA THR NA 47 -16.86 -94.57 55.38
C THR NA 47 -17.09 -95.56 56.51
N ASP NA 48 -17.25 -96.84 56.18
CA ASP NA 48 -17.41 -97.86 57.20
C ASP NA 48 -16.15 -97.95 58.05
N LYS NA 49 -16.33 -98.32 59.31
CA LYS NA 49 -15.18 -98.44 60.21
C LYS NA 49 -14.66 -99.87 60.26
N GLU NA 50 -15.54 -100.84 60.45
CA GLU NA 50 -15.07 -102.21 60.61
C GLU NA 50 -14.71 -102.86 59.28
N LYS NA 51 -15.32 -102.43 58.18
CA LYS NA 51 -14.96 -102.96 56.87
C LYS NA 51 -13.53 -102.58 56.48
N ALA NA 52 -12.96 -101.58 57.14
CA ALA NA 52 -11.57 -101.22 56.87
C ALA NA 52 -10.63 -102.35 57.28
N GLU NA 53 -10.70 -102.77 58.54
CA GLU NA 53 -9.94 -103.92 59.01
C GLU NA 53 -10.52 -105.24 58.51
N LYS NA 54 -11.61 -105.20 57.74
CA LYS NA 54 -11.99 -106.33 56.91
C LYS NA 54 -11.07 -106.49 55.71
N LEU NA 55 -10.42 -105.39 55.29
CA LEU NA 55 -9.53 -105.41 54.14
C LEU NA 55 -8.08 -105.14 54.51
N LYS NA 56 -7.83 -104.46 55.63
CA LYS NA 56 -6.47 -104.10 55.99
C LYS NA 56 -5.55 -105.31 56.05
N GLN NA 57 -6.11 -106.48 56.36
CA GLN NA 57 -5.38 -107.74 56.33
C GLN NA 57 -5.42 -108.40 54.96
N SER NA 58 -6.32 -107.97 54.09
CA SER NA 58 -6.48 -108.60 52.78
C SER NA 58 -5.40 -108.17 51.79
N LEU NA 59 -4.53 -107.25 52.17
CA LEU NA 59 -3.49 -106.78 51.27
C LEU NA 59 -2.50 -107.91 50.97
N PRO NA 60 -1.91 -107.91 49.79
CA PRO NA 60 -0.86 -108.88 49.49
C PRO NA 60 0.34 -108.64 50.39
N PRO NA 61 0.88 -109.70 50.99
CA PRO NA 61 1.92 -109.51 52.02
C PRO NA 61 3.23 -108.98 51.46
N GLY NA 62 3.46 -109.10 50.16
CA GLY NA 62 4.70 -108.58 49.60
C GLY NA 62 4.76 -107.07 49.66
N LEU NA 63 3.64 -106.41 49.41
CA LEU NA 63 3.59 -104.95 49.35
C LEU NA 63 3.71 -104.39 50.77
N ALA NA 64 4.53 -103.34 50.91
CA ALA NA 64 4.79 -102.76 52.22
C ALA NA 64 3.60 -101.93 52.69
N VAL NA 65 3.07 -102.27 53.86
CA VAL NA 65 1.99 -101.51 54.48
C VAL NA 65 2.62 -100.47 55.39
N LYS NA 66 1.86 -99.43 55.68
CA LYS NA 66 2.35 -98.30 56.46
C LYS NA 66 1.18 -97.65 57.16
N GLU NA 67 1.10 -97.81 58.49
CA GLU NA 67 0.05 -97.14 59.23
C GLU NA 67 0.38 -95.66 59.32
N LEU NA 68 -0.39 -94.84 58.62
CA LEU NA 68 -0.06 -93.42 58.50
C LEU NA 68 -0.81 -92.60 59.54
N LYS NA 69 -0.06 -91.86 60.35
CA LYS NA 69 -0.60 -90.85 61.26
C LYS NA 69 0.50 -89.98 61.81
N SER OA 1 23.94 -57.40 34.07
CA SER OA 1 22.69 -58.00 33.69
C SER OA 1 22.63 -59.44 34.13
N SER OA 2 21.45 -59.89 34.56
CA SER OA 2 21.32 -61.28 34.96
C SER OA 2 21.33 -62.21 33.75
N HIS OA 3 20.89 -61.72 32.60
CA HIS OA 3 20.96 -62.48 31.35
C HIS OA 3 22.31 -62.23 30.71
N LYS OA 4 23.20 -63.21 30.79
CA LYS OA 4 24.52 -63.10 30.22
C LYS OA 4 24.71 -64.15 29.14
N THR OA 5 25.73 -63.94 28.33
CA THR OA 5 26.19 -64.95 27.39
C THR OA 5 27.43 -65.62 27.96
N PHE OA 6 27.74 -66.80 27.41
CA PHE OA 6 28.91 -67.51 27.90
C PHE OA 6 30.21 -66.78 27.56
N ARG OA 7 30.23 -66.05 26.45
CA ARG OA 7 31.38 -65.20 26.14
C ARG OA 7 31.57 -64.17 27.22
N ILE OA 8 30.50 -63.46 27.57
CA ILE OA 8 30.60 -62.37 28.53
C ILE OA 8 30.95 -62.91 29.91
N LYS OA 9 30.26 -63.96 30.34
CA LYS OA 9 30.48 -64.49 31.68
C LYS OA 9 31.93 -64.94 31.84
N ARG OA 10 32.47 -65.60 30.83
CA ARG OA 10 33.87 -66.03 30.90
C ARG OA 10 34.81 -64.85 30.87
N PHE OA 11 34.39 -63.76 30.23
CA PHE OA 11 35.22 -62.56 30.20
C PHE OA 11 35.24 -61.89 31.57
N LEU OA 12 34.07 -61.73 32.18
CA LEU OA 12 34.01 -61.16 33.52
C LEU OA 12 34.73 -62.02 34.54
N ALA OA 13 34.83 -63.33 34.28
CA ALA OA 13 35.57 -64.19 35.19
C ALA OA 13 37.04 -63.84 35.21
N LYS OA 14 37.60 -63.51 34.05
CA LYS OA 14 39.02 -63.17 33.99
C LYS OA 14 39.29 -61.88 34.72
N LYS OA 15 38.52 -60.84 34.43
CA LYS OA 15 38.72 -59.54 35.05
C LYS OA 15 38.47 -59.57 36.54
N GLN OA 16 37.89 -60.64 37.06
CA GLN OA 16 37.68 -60.78 38.49
C GLN OA 16 38.84 -61.47 39.18
N LYS OA 17 39.47 -62.42 38.50
CA LYS OA 17 40.64 -63.09 39.06
C LYS OA 17 41.90 -62.26 38.96
N GLN OA 18 41.89 -61.20 38.17
CA GLN OA 18 43.03 -60.30 38.05
C GLN OA 18 43.01 -59.17 39.08
N ASN OA 19 41.93 -59.02 39.82
CA ASN OA 19 41.76 -57.89 40.71
C ASN OA 19 42.32 -58.15 42.09
N ARG OA 20 43.25 -59.02 42.22
CA ARG OA 20 43.73 -59.28 43.56
C ARG OA 20 45.07 -58.60 43.80
N PRO OA 21 45.40 -58.28 45.05
CA PRO OA 21 46.71 -57.69 45.31
C PRO OA 21 47.82 -58.68 45.08
N ILE OA 22 49.03 -58.16 44.94
CA ILE OA 22 50.19 -58.99 44.68
C ILE OA 22 50.50 -59.78 45.94
N PRO OA 23 51.01 -61.01 45.83
CA PRO OA 23 51.35 -61.77 47.03
C PRO OA 23 52.51 -61.12 47.76
N GLN OA 24 52.55 -61.35 49.07
CA GLN OA 24 53.50 -60.65 49.92
C GLN OA 24 54.94 -61.02 49.59
N TRP OA 25 55.18 -62.25 49.18
CA TRP OA 25 56.54 -62.78 49.09
C TRP OA 25 57.26 -62.40 47.81
N ILE OA 26 56.63 -61.68 46.89
CA ILE OA 26 57.31 -61.42 45.63
C ILE OA 26 58.33 -60.30 45.77
N TRP OA 27 58.06 -59.31 46.62
CA TRP OA 27 59.08 -58.29 46.78
C TRP OA 27 60.17 -58.70 47.73
N MET OA 28 60.25 -59.98 48.06
CA MET OA 28 61.44 -60.56 48.65
C MET OA 28 62.37 -61.14 47.59
N LYS OA 29 61.94 -61.17 46.34
CA LYS OA 29 62.80 -61.61 45.25
C LYS OA 29 63.92 -60.59 45.04
N THR OA 30 64.97 -61.02 44.34
CA THR OA 30 66.17 -60.20 44.25
C THR OA 30 65.94 -58.97 43.38
N GLY OA 31 65.68 -59.18 42.10
CA GLY OA 31 65.51 -58.06 41.21
C GLY OA 31 64.06 -57.63 41.12
N ASN OA 32 63.48 -57.26 42.25
CA ASN OA 32 62.07 -56.92 42.33
C ASN OA 32 61.92 -55.44 42.61
N LYS OA 33 61.26 -54.74 41.70
CA LYS OA 33 60.93 -53.33 41.89
C LYS OA 33 59.45 -53.11 42.14
N ILE OA 34 58.62 -54.13 41.93
CA ILE OA 34 57.18 -53.96 42.11
C ILE OA 34 56.86 -53.67 43.56
N ARG OA 35 56.13 -52.59 43.79
CA ARG OA 35 55.68 -52.20 45.12
C ARG OA 35 54.26 -52.65 45.42
N TYR OA 36 53.38 -52.60 44.43
CA TYR OA 36 51.99 -53.02 44.58
C TYR OA 36 51.40 -53.16 43.19
N ASN OA 37 50.18 -53.67 43.13
CA ASN OA 37 49.51 -53.89 41.85
C ASN OA 37 48.97 -52.58 41.34
N SER OA 38 49.46 -52.14 40.19
CA SER OA 38 49.03 -50.88 39.62
C SER OA 38 47.82 -51.03 38.71
N LYS OA 39 47.32 -52.25 38.50
CA LYS OA 39 46.16 -52.49 37.66
C LYS OA 39 44.95 -52.95 38.44
N ARG OA 40 44.78 -52.48 39.67
CA ARG OA 40 43.61 -52.83 40.46
C ARG OA 40 42.43 -52.01 39.98
N ARG OA 41 41.39 -52.68 39.55
CA ARG OA 41 40.19 -52.03 39.03
C ARG OA 41 39.10 -52.10 40.10
N HIS OA 42 38.50 -50.96 40.40
CA HIS OA 42 37.40 -50.91 41.34
C HIS OA 42 36.09 -50.78 40.58
N TRP OA 43 35.11 -51.60 40.94
CA TRP OA 43 33.90 -51.73 40.14
C TRP OA 43 33.12 -50.43 40.03
N ARG OA 44 33.34 -49.47 40.92
CA ARG OA 44 32.57 -48.25 40.85
C ARG OA 44 33.32 -47.15 40.11
N ARG OA 45 34.65 -47.13 40.18
CA ARG OA 45 35.41 -46.10 39.49
C ARG OA 45 35.61 -46.44 38.03
N THR OA 46 36.34 -47.53 37.75
CA THR OA 46 36.62 -47.88 36.37
C THR OA 46 35.60 -48.89 35.87
N LYS OA 47 35.04 -48.63 34.69
CA LYS OA 47 33.86 -49.36 34.25
C LYS OA 47 34.15 -50.38 33.17
N LEU OA 48 35.37 -50.90 33.10
CA LEU OA 48 35.64 -52.18 32.44
C LEU OA 48 35.31 -52.18 30.96
N GLY OA 49 34.87 -51.05 30.42
CA GLY OA 49 34.49 -51.01 29.03
C GLY OA 49 33.16 -51.68 28.82
N LEU OA 50 33.05 -52.47 27.74
CA LEU OA 50 31.83 -53.18 27.38
C LEU OA 50 30.65 -52.23 27.19
N ILE PA 1 -3.28 68.03 53.50
CA ILE PA 1 -2.83 66.79 54.13
C ILE PA 1 -1.44 66.98 54.72
N ILE PA 2 -0.61 67.76 54.04
CA ILE PA 2 0.78 67.94 54.42
C ILE PA 2 1.21 69.36 54.08
N GLU PA 3 1.89 69.99 55.03
CA GLU PA 3 2.34 71.36 54.83
C GLU PA 3 3.51 71.36 53.86
N PRO PA 4 3.50 72.22 52.83
CA PRO PA 4 4.52 72.10 51.78
C PRO PA 4 5.93 72.48 52.20
N SER PA 5 6.08 73.40 53.15
CA SER PA 5 7.44 73.82 53.52
C SER PA 5 8.23 72.67 54.12
N LEU PA 6 7.61 71.87 54.99
CA LEU PA 6 8.26 70.67 55.49
C LEU PA 6 8.08 69.49 54.56
N ARG PA 7 7.15 69.55 53.62
CA ARG PA 7 7.12 68.56 52.55
C ARG PA 7 8.40 68.62 51.73
N GLN PA 8 8.91 69.82 51.48
CA GLN PA 8 10.17 69.98 50.77
C GLN PA 8 11.33 69.38 51.55
N LEU PA 9 11.23 69.35 52.88
CA LEU PA 9 12.27 68.71 53.68
C LEU PA 9 12.37 67.23 53.39
N ALA PA 10 11.24 66.55 53.24
CA ALA PA 10 11.26 65.13 52.94
C ALA PA 10 11.70 64.85 51.51
N GLN PA 11 11.35 65.73 50.57
CA GLN PA 11 11.82 65.57 49.20
C GLN PA 11 13.34 65.58 49.14
N LYS PA 12 13.98 66.31 50.03
CA LYS PA 12 15.43 66.44 50.01
C LYS PA 12 16.10 65.11 50.28
N TYR PA 13 15.52 64.29 51.15
CA TYR PA 13 16.11 63.01 51.51
C TYR PA 13 15.56 61.86 50.69
N ASN PA 14 14.50 62.08 49.92
CA ASN PA 14 13.88 61.00 49.16
C ASN PA 14 13.94 61.24 47.66
N CYS PA 15 13.53 62.41 47.17
CA CYS PA 15 13.36 62.57 45.74
C CYS PA 15 14.57 63.21 45.07
N ASP PA 16 15.16 64.23 45.69
CA ASP PA 16 16.25 64.96 45.05
C ASP PA 16 17.54 64.15 45.08
N LYS PA 17 17.66 63.18 44.18
CA LYS PA 17 18.84 62.34 44.12
C LYS PA 17 19.17 62.02 42.68
N MET PA 18 20.43 61.75 42.41
CA MET PA 18 20.87 61.22 41.14
C MET PA 18 20.99 59.71 41.24
N ILE PA 19 20.64 59.02 40.17
CA ILE PA 19 20.67 57.57 40.13
C ILE PA 19 21.68 57.12 39.10
N CYS PA 20 22.53 56.18 39.48
CA CYS PA 20 23.50 55.61 38.56
C CYS PA 20 22.78 54.70 37.56
N ARG PA 21 23.05 54.94 36.27
CA ARG PA 21 22.44 54.12 35.24
C ARG PA 21 23.04 52.72 35.18
N LYS PA 22 24.12 52.47 35.92
CA LYS PA 22 24.80 51.19 35.90
C LYS PA 22 24.43 50.31 37.10
N CYS PA 23 24.46 50.86 38.30
CA CYS PA 23 24.21 50.08 39.51
C CYS PA 23 22.99 50.54 40.29
N TYR PA 24 22.22 51.50 39.77
CA TYR PA 24 20.99 51.97 40.40
C TYR PA 24 21.25 52.55 41.79
N ALA PA 25 22.47 53.00 42.04
CA ALA PA 25 22.81 53.56 43.34
C ALA PA 25 22.21 54.95 43.48
N ARG PA 26 21.95 55.34 44.71
CA ARG PA 26 21.31 56.61 45.01
C ARG PA 26 22.38 57.62 45.42
N LEU PA 27 22.57 58.64 44.59
CA LEU PA 27 23.64 59.61 44.80
C LEU PA 27 23.06 60.98 45.09
N HIS PA 28 23.88 61.83 45.70
CA HIS PA 28 23.50 63.19 45.98
C HIS PA 28 23.26 63.94 44.67
N PRO PA 29 22.47 65.02 44.70
CA PRO PA 29 22.07 65.66 43.44
C PRO PA 29 23.23 66.22 42.64
N ARG PA 30 24.26 66.76 43.30
CA ARG PA 30 25.40 67.34 42.59
C ARG PA 30 26.49 66.29 42.38
N ALA PA 31 26.09 65.17 41.80
CA ALA PA 31 26.99 64.05 41.56
C ALA PA 31 27.31 63.93 40.08
N VAL PA 32 28.53 63.53 39.78
CA VAL PA 32 28.95 63.33 38.41
C VAL PA 32 29.51 61.92 38.24
N ASN PA 33 29.88 61.29 39.34
CA ASN PA 33 30.40 59.93 39.32
C ASN PA 33 29.81 59.14 40.48
N CYS PA 34 29.52 57.87 40.23
CA CYS PA 34 28.96 57.03 41.28
C CYS PA 34 30.02 56.70 42.32
N ARG PA 35 29.56 56.42 43.54
CA ARG PA 35 30.44 55.98 44.60
C ARG PA 35 30.87 54.53 44.46
N LYS PA 36 30.00 53.67 43.97
CA LYS PA 36 30.23 52.25 44.05
C LYS PA 36 31.35 51.85 43.09
N LYS PA 37 32.17 50.90 43.55
CA LYS PA 37 33.20 50.34 42.70
C LYS PA 37 32.69 49.21 41.83
N LYS PA 38 31.51 48.67 42.14
CA LYS PA 38 30.94 47.63 41.29
C LYS PA 38 30.63 48.17 39.90
N CYS PA 39 30.39 49.48 39.77
CA CYS PA 39 30.20 50.08 38.46
C CYS PA 39 31.43 50.82 37.95
N GLY PA 40 32.47 50.96 38.78
CA GLY PA 40 33.68 51.61 38.34
C GLY PA 40 33.63 53.11 38.35
N HIS PA 41 32.82 53.70 39.23
CA HIS PA 41 32.67 55.15 39.32
C HIS PA 41 32.25 55.74 37.98
N THR PA 42 31.30 55.10 37.31
CA THR PA 42 30.87 55.57 36.01
C THR PA 42 30.21 56.93 36.13
N ASN PA 43 30.28 57.71 35.06
CA ASN PA 43 29.66 59.02 35.02
C ASN PA 43 28.33 59.01 34.29
N ASN PA 44 27.78 57.83 34.02
CA ASN PA 44 26.47 57.73 33.39
C ASN PA 44 25.41 57.81 34.47
N LEU PA 45 24.89 59.00 34.71
CA LEU PA 45 23.91 59.24 35.74
C LEU PA 45 22.61 59.72 35.12
N ARG PA 46 21.59 59.84 35.96
CA ARG PA 46 20.30 60.36 35.54
C ARG PA 46 19.64 60.88 36.81
N PRO PA 47 18.66 61.77 36.71
CA PRO PA 47 17.93 62.18 37.91
C PRO PA 47 16.98 61.08 38.35
N LYS PA 48 16.65 61.07 39.64
CA LYS PA 48 15.65 60.15 40.13
C LYS PA 48 14.28 60.60 39.64
N LYS PA 49 13.54 59.69 39.03
CA LYS PA 49 12.26 60.00 38.40
C LYS PA 49 11.32 60.66 39.39
N LYS PA 50 10.51 61.61 38.93
CA LYS PA 50 9.58 62.28 39.81
C LYS PA 50 8.21 61.61 39.75
N VAL PA 51 7.37 61.97 40.71
CA VAL PA 51 6.13 61.28 40.97
C VAL PA 51 4.98 62.03 40.29
N LYS PA 52 3.98 61.27 39.83
CA LYS PA 52 2.78 61.84 39.24
C LYS PA 52 1.58 60.97 39.61
N MET QA 1 -37.56 8.30 -15.33
CA MET QA 1 -36.91 7.28 -14.53
C MET QA 1 -37.76 6.01 -14.49
N ARG QA 2 -37.27 4.95 -15.14
CA ARG QA 2 -37.99 3.70 -15.16
C ARG QA 2 -38.25 3.20 -13.75
N ALA QA 3 -39.41 2.60 -13.55
CA ALA QA 3 -39.73 1.99 -12.28
C ALA QA 3 -38.87 0.76 -12.00
N LYS QA 4 -38.16 0.28 -13.01
CA LYS QA 4 -37.27 -0.85 -12.88
C LYS QA 4 -35.88 -0.45 -12.42
N TRP QA 5 -35.42 0.71 -12.86
CA TRP QA 5 -34.11 1.18 -12.42
C TRP QA 5 -34.16 1.85 -11.06
N ARG QA 6 -35.30 2.42 -10.68
CA ARG QA 6 -35.48 2.81 -9.30
C ARG QA 6 -35.53 1.61 -8.36
N LYS QA 7 -35.99 0.46 -8.84
CA LYS QA 7 -35.94 -0.75 -8.03
C LYS QA 7 -34.55 -1.34 -8.00
N LYS QA 8 -33.76 -1.12 -9.03
CA LYS QA 8 -32.37 -1.53 -9.01
C LYS QA 8 -31.50 -0.55 -8.25
N ARG QA 9 -31.80 0.74 -8.35
CA ARG QA 9 -31.06 1.74 -7.59
C ARG QA 9 -31.34 1.64 -6.11
N MET QA 10 -32.56 1.31 -5.73
CA MET QA 10 -32.88 1.22 -4.31
C MET QA 10 -32.41 -0.10 -3.73
N ARG QA 11 -32.25 -1.13 -4.55
CA ARG QA 11 -31.66 -2.36 -4.05
C ARG QA 11 -30.16 -2.21 -3.83
N ARG QA 12 -29.48 -1.45 -4.67
CA ARG QA 12 -28.07 -1.17 -4.44
C ARG QA 12 -27.86 -0.33 -3.20
N LEU QA 13 -28.77 0.59 -2.90
CA LEU QA 13 -28.67 1.41 -1.71
C LEU QA 13 -29.04 0.63 -0.46
N LYS QA 14 -30.11 -0.16 -0.54
CA LYS QA 14 -30.53 -1.00 0.57
C LYS QA 14 -29.50 -2.07 0.89
N ARG QA 15 -28.74 -2.51 -0.09
CA ARG QA 15 -27.66 -3.47 0.17
C ARG QA 15 -26.46 -2.77 0.79
N LYS QA 16 -26.20 -1.53 0.39
CA LYS QA 16 -25.10 -0.78 0.99
C LYS QA 16 -25.41 -0.45 2.45
N ARG QA 17 -26.67 -0.25 2.78
CA ARG QA 17 -27.03 0.03 4.17
C ARG QA 17 -26.87 -1.20 5.05
N ARG QA 18 -27.10 -2.39 4.50
CA ARG QA 18 -26.91 -3.61 5.28
C ARG QA 18 -25.46 -3.80 5.67
N LYS QA 19 -24.52 -3.30 4.88
CA LYS QA 19 -23.11 -3.47 5.21
C LYS QA 19 -22.64 -2.42 6.20
N MET QA 20 -23.04 -1.16 6.01
CA MET QA 20 -22.62 -0.13 6.96
C MET QA 20 -23.18 -0.40 8.34
N ARG QA 21 -24.34 -1.04 8.41
CA ARG QA 21 -24.96 -1.43 9.67
C ARG QA 21 -24.33 -2.69 10.23
N GLN QA 22 -23.88 -3.60 9.36
CA GLN QA 22 -23.33 -4.86 9.85
C GLN QA 22 -21.95 -4.67 10.46
N ARG QA 23 -21.18 -3.71 9.94
CA ARG QA 23 -19.85 -3.49 10.48
C ARG QA 23 -19.87 -2.84 11.86
N SER QA 24 -21.04 -2.52 12.38
CA SER QA 24 -21.16 -2.00 13.74
C SER QA 24 -21.57 -3.07 14.75
N LYS QA 25 -22.26 -4.11 14.31
CA LYS QA 25 -22.59 -5.23 15.19
C LYS QA 25 -21.34 -5.93 15.67
N VAL RA 1 39.91 12.62 -41.39
CA VAL RA 1 41.07 13.06 -42.12
C VAL RA 1 41.05 12.49 -43.52
N ASN RA 2 41.45 13.30 -44.49
CA ASN RA 2 41.36 12.95 -45.90
C ASN RA 2 42.77 12.81 -46.45
N VAL RA 3 43.01 11.74 -47.21
CA VAL RA 3 44.33 11.43 -47.73
C VAL RA 3 44.23 11.14 -49.22
N PRO RA 4 45.07 11.74 -50.07
CA PRO RA 4 44.99 11.44 -51.49
C PRO RA 4 45.40 10.01 -51.78
N LYS RA 5 44.80 9.43 -52.81
CA LYS RA 5 45.05 8.04 -53.15
C LYS RA 5 46.35 7.83 -53.86
N THR RA 6 47.21 8.84 -53.94
CA THR RA 6 48.49 8.70 -54.63
C THR RA 6 49.51 9.56 -53.91
N ARG RA 7 50.73 9.04 -53.77
CA ARG RA 7 51.76 9.76 -53.03
C ARG RA 7 53.10 9.48 -53.68
N ARG RA 8 53.83 10.53 -53.98
CA ARG RA 8 55.17 10.40 -54.54
C ARG RA 8 56.16 10.49 -53.38
N THR RA 9 56.56 9.34 -52.87
CA THR RA 9 57.46 9.27 -51.74
C THR RA 9 58.60 8.30 -52.02
N PHE RA 10 59.46 8.12 -51.03
CA PHE RA 10 60.63 7.28 -51.18
C PHE RA 10 60.23 5.81 -51.30
N CYS RA 11 60.87 5.11 -52.23
CA CYS RA 11 60.65 3.69 -52.41
C CYS RA 11 61.92 2.96 -52.04
N LYS RA 12 61.82 2.07 -51.05
CA LYS RA 12 62.99 1.32 -50.60
C LYS RA 12 63.60 0.52 -51.73
N LYS RA 13 62.76 -0.16 -52.51
CA LYS RA 13 63.29 -1.02 -53.56
C LYS RA 13 63.87 -0.22 -54.71
N CYS RA 14 63.19 0.84 -55.13
CA CYS RA 14 63.73 1.65 -56.21
C CYS RA 14 64.92 2.47 -55.75
N GLY RA 15 64.98 2.78 -54.47
CA GLY RA 15 66.05 3.58 -53.93
C GLY RA 15 65.88 5.08 -54.10
N LYS RA 16 64.70 5.53 -54.51
CA LYS RA 16 64.48 6.95 -54.76
C LYS RA 16 62.99 7.22 -54.69
N HIS RA 17 62.64 8.50 -54.78
CA HIS RA 17 61.25 8.89 -54.75
C HIS RA 17 60.53 8.40 -56.00
N GLN RA 18 59.35 7.85 -55.81
CA GLN RA 18 58.54 7.33 -56.91
C GLN RA 18 57.08 7.42 -56.52
N PRO RA 19 56.17 7.48 -57.48
CA PRO RA 19 54.74 7.55 -57.17
C PRO RA 19 54.23 6.22 -56.64
N HIS RA 20 53.55 6.26 -55.51
CA HIS RA 20 52.97 5.07 -54.90
C HIS RA 20 51.46 5.18 -54.89
N LYS RA 21 50.80 4.02 -54.91
CA LYS RA 21 49.36 3.94 -54.86
C LYS RA 21 48.93 3.64 -53.43
N VAL RA 22 48.21 4.55 -52.82
CA VAL RA 22 47.90 4.47 -51.40
C VAL RA 22 46.57 3.77 -51.22
N THR RA 23 46.53 2.83 -50.28
CA THR RA 23 45.30 2.15 -49.91
C THR RA 23 45.39 1.73 -48.46
N GLN RA 24 44.24 1.53 -47.84
CA GLN RA 24 44.20 1.25 -46.41
C GLN RA 24 44.48 -0.22 -46.14
N TYR RA 25 45.20 -0.47 -45.04
CA TYR RA 25 45.58 -1.82 -44.65
C TYR RA 25 44.57 -2.41 -43.68
N LYS RA 26 44.34 -3.70 -43.80
CA LYS RA 26 43.44 -4.40 -42.90
C LYS RA 26 44.06 -5.73 -42.50
N LYS RA 27 43.72 -6.18 -41.29
CA LYS RA 27 44.18 -7.46 -40.78
C LYS RA 27 43.80 -8.59 -41.74
N GLY RA 28 44.74 -9.48 -41.99
CA GLY RA 28 44.42 -10.71 -42.66
C GLY RA 28 43.74 -11.67 -41.71
N LYS RA 29 43.28 -12.79 -42.27
CA LYS RA 29 42.68 -13.82 -41.44
C LYS RA 29 43.74 -14.52 -40.59
N ASP RA 30 43.37 -14.82 -39.35
CA ASP RA 30 44.27 -15.52 -38.45
C ASP RA 30 44.50 -16.94 -38.95
N SER RA 31 45.74 -17.28 -39.23
CA SER RA 31 46.05 -18.61 -39.72
C SER RA 31 45.82 -19.65 -38.64
N LEU RA 32 45.31 -20.81 -39.04
CA LEU RA 32 45.06 -21.88 -38.10
C LEU RA 32 46.31 -22.67 -37.76
N TYR RA 33 47.44 -22.37 -38.39
CA TYR RA 33 48.66 -23.12 -38.17
C TYR RA 33 49.82 -22.25 -37.73
N ALA RA 34 49.54 -21.03 -37.28
CA ALA RA 34 50.57 -20.24 -36.64
C ALA RA 34 50.97 -20.91 -35.32
N GLN RA 35 52.25 -20.79 -34.98
CA GLN RA 35 52.77 -21.49 -33.81
C GLN RA 35 51.99 -21.13 -32.57
N GLY RA 36 51.66 -19.86 -32.40
CA GLY RA 36 50.87 -19.45 -31.26
C GLY RA 36 49.47 -20.01 -31.27
N LYS RA 37 48.91 -20.22 -32.47
CA LYS RA 37 47.58 -20.81 -32.55
C LYS RA 37 47.64 -22.31 -32.33
N ARG RA 38 48.69 -22.96 -32.83
CA ARG RA 38 48.88 -24.37 -32.57
C ARG RA 38 49.06 -24.63 -31.09
N ARG RA 39 49.91 -23.83 -30.43
CA ARG RA 39 50.13 -24.01 -29.01
C ARG RA 39 48.86 -23.73 -28.22
N TYR RA 40 48.06 -22.77 -28.68
CA TYR RA 40 46.84 -22.42 -27.96
C TYR RA 40 45.82 -23.53 -28.03
N ASP RA 41 45.58 -24.07 -29.21
CA ASP RA 41 44.57 -25.11 -29.36
C ASP RA 41 44.99 -26.40 -28.68
N ARG RA 42 46.29 -26.61 -28.48
CA ARG RA 42 46.70 -27.76 -27.69
C ARG RA 42 46.54 -27.52 -26.21
N LYS RA 43 46.67 -26.27 -25.77
CA LYS RA 43 46.46 -25.96 -24.38
C LYS RA 43 44.98 -25.94 -24.03
N GLN RA 44 44.14 -25.52 -24.96
CA GLN RA 44 42.71 -25.45 -24.72
C GLN RA 44 42.04 -26.81 -24.73
N SER RA 45 42.67 -27.82 -25.30
CA SER RA 45 42.05 -29.12 -25.39
C SER RA 45 41.87 -29.73 -24.01
N GLY RA 46 40.93 -30.66 -23.92
CA GLY RA 46 40.69 -31.34 -22.66
C GLY RA 46 39.93 -30.48 -21.68
N TYR RA 47 40.12 -30.78 -20.40
CA TYR RA 47 39.44 -30.06 -19.35
C TYR RA 47 40.33 -28.98 -18.78
N GLY RA 48 39.71 -28.00 -18.13
CA GLY RA 48 40.47 -26.92 -17.54
C GLY RA 48 39.88 -25.57 -17.85
N GLY RA 49 39.05 -25.50 -18.87
CA GLY RA 49 38.45 -24.22 -19.17
C GLY RA 49 39.39 -23.32 -19.95
N GLN RA 50 39.11 -22.03 -19.86
CA GLN RA 50 39.92 -21.04 -20.55
C GLN RA 50 41.28 -20.93 -19.90
N THR RA 51 42.33 -21.07 -20.70
CA THR RA 51 43.69 -21.12 -20.18
C THR RA 51 44.48 -19.83 -20.37
N LYS RA 52 44.09 -19.00 -21.32
CA LYS RA 52 44.76 -17.73 -21.57
C LYS RA 52 43.81 -16.58 -21.28
N PRO RA 53 44.31 -15.41 -20.92
CA PRO RA 53 43.42 -14.31 -20.56
C PRO RA 53 42.61 -13.82 -21.75
N ILE RA 54 41.44 -13.26 -21.46
CA ILE RA 54 40.54 -12.71 -22.46
C ILE RA 54 40.35 -11.25 -22.12
N PHE RA 55 40.84 -10.36 -22.97
CA PHE RA 55 40.80 -8.94 -22.65
C PHE RA 55 39.38 -8.40 -22.71
N ARG RA 56 39.01 -7.61 -21.71
CA ARG RA 56 37.63 -7.15 -21.60
C ARG RA 56 37.54 -5.64 -21.39
N LYS RA 57 38.53 -5.04 -20.74
CA LYS RA 57 38.47 -3.62 -20.39
C LYS RA 57 38.90 -2.73 -21.56
N LYS RA 58 38.12 -2.81 -22.63
CA LYS RA 58 38.37 -1.99 -23.81
C LYS RA 58 38.26 -0.51 -23.47
N ALA RA 59 39.27 0.27 -23.83
CA ALA RA 59 39.32 1.69 -23.51
C ALA RA 59 39.43 2.57 -24.75
N LYS RA 60 40.23 2.17 -25.74
CA LYS RA 60 40.38 2.97 -26.93
C LYS RA 60 39.11 2.96 -27.76
N THR RA 61 38.87 4.06 -28.46
CA THR RA 61 37.72 4.22 -29.33
C THR RA 61 38.15 4.50 -30.76
N THR RA 62 39.28 3.92 -31.16
CA THR RA 62 39.91 4.32 -32.41
C THR RA 62 41.01 3.32 -32.75
N LYS RA 63 41.61 3.52 -33.93
CA LYS RA 63 42.77 2.77 -34.36
C LYS RA 63 43.76 3.73 -34.98
N LYS RA 64 45.02 3.30 -35.06
CA LYS RA 64 46.00 4.01 -35.87
C LYS RA 64 45.85 3.53 -37.30
N ILE RA 65 45.53 4.44 -38.21
CA ILE RA 65 45.36 4.04 -39.60
C ILE RA 65 46.70 3.69 -40.20
N VAL RA 66 46.71 2.68 -41.06
CA VAL RA 66 47.92 2.22 -41.73
C VAL RA 66 47.65 2.19 -43.22
N LEU RA 67 48.51 2.87 -43.98
CA LEU RA 67 48.38 2.96 -45.42
C LEU RA 67 49.28 1.92 -46.06
N ARG RA 68 48.74 1.18 -47.01
CA ARG RA 68 49.49 0.17 -47.74
C ARG RA 68 49.97 0.82 -49.03
N LEU RA 69 51.14 1.44 -48.97
CA LEU RA 69 51.74 2.02 -50.16
C LEU RA 69 52.13 0.90 -51.12
N GLU RA 70 52.29 1.26 -52.39
CA GLU RA 70 52.53 0.25 -53.41
C GLU RA 70 53.20 0.90 -54.61
N CYS RA 71 54.43 0.50 -54.88
CA CYS RA 71 55.18 1.05 -56.00
C CYS RA 71 54.49 0.71 -57.32
N VAL RA 72 54.29 1.71 -58.16
CA VAL RA 72 53.61 1.50 -59.43
C VAL RA 72 54.56 1.31 -60.60
N GLU RA 73 55.87 1.38 -60.36
CA GLU RA 73 56.83 1.11 -61.43
C GLU RA 73 56.60 -0.29 -61.97
N PRO RA 74 56.61 -0.49 -63.29
CA PRO RA 74 56.10 -1.75 -63.85
C PRO RA 74 56.91 -2.98 -63.50
N ASN RA 75 58.06 -2.86 -62.84
CA ASN RA 75 58.86 -4.02 -62.52
C ASN RA 75 59.27 -4.14 -61.06
N CYS RA 76 59.03 -3.14 -60.22
CA CYS RA 76 59.44 -3.26 -58.83
C CYS RA 76 58.43 -4.06 -58.03
N ARG RA 77 57.18 -3.61 -58.00
CA ARG RA 77 56.10 -4.32 -57.32
C ARG RA 77 56.45 -4.61 -55.86
N SER RA 78 56.63 -3.53 -55.10
CA SER RA 78 56.88 -3.64 -53.68
C SER RA 78 55.83 -2.84 -52.93
N LYS RA 79 55.57 -3.24 -51.69
CA LYS RA 79 54.63 -2.55 -50.82
C LYS RA 79 55.31 -2.25 -49.50
N ARG RA 80 54.71 -1.35 -48.73
CA ARG RA 80 55.21 -1.11 -47.38
C ARG RA 80 54.13 -0.41 -46.57
N MET RA 81 54.23 -0.55 -45.26
CA MET RA 81 53.28 0.08 -44.36
C MET RA 81 53.67 1.52 -44.09
N LEU RA 82 52.70 2.30 -43.66
CA LEU RA 82 52.93 3.70 -43.30
C LEU RA 82 51.83 4.11 -42.35
N ALA RA 83 52.18 4.36 -41.10
CA ALA RA 83 51.19 4.67 -40.08
C ALA RA 83 50.98 6.17 -39.97
N ILE RA 84 49.82 6.53 -39.42
CA ILE RA 84 49.46 7.92 -39.17
C ILE RA 84 48.83 7.96 -37.78
N LYS RA 85 48.73 9.16 -37.21
CA LYS RA 85 48.09 9.33 -35.92
C LYS RA 85 46.64 8.86 -35.95
N ARG RA 86 46.06 8.71 -34.78
CA ARG RA 86 44.69 8.24 -34.67
C ARG RA 86 43.71 9.20 -35.30
N CYS RA 87 42.60 8.66 -35.77
CA CYS RA 87 41.50 9.45 -36.28
C CYS RA 87 40.24 8.60 -36.24
N LYS RA 88 39.11 9.25 -36.03
CA LYS RA 88 37.85 8.51 -36.00
C LYS RA 88 37.32 8.30 -37.41
N HIS RA 89 37.24 9.36 -38.20
CA HIS RA 89 36.83 9.24 -39.57
C HIS RA 89 38.05 9.29 -40.48
N PHE RA 90 37.92 8.66 -41.64
CA PHE RA 90 39.06 8.51 -42.54
C PHE RA 90 38.53 8.17 -43.92
N GLU RA 91 39.11 8.78 -44.95
CA GLU RA 91 38.68 8.55 -46.30
C GLU RA 91 39.85 8.81 -47.24
N LEU RA 92 39.77 8.22 -48.43
CA LEU RA 92 40.84 8.32 -49.42
C LEU RA 92 40.43 9.30 -50.51
N GLY RA 93 41.15 10.41 -50.59
CA GLY RA 93 41.06 11.35 -51.68
C GLY RA 93 39.66 11.74 -52.13
N GLY RA 94 38.86 12.29 -51.23
CA GLY RA 94 37.53 12.77 -51.57
C GLY RA 94 37.41 14.27 -51.35
N ASP RA 95 36.61 14.91 -52.20
CA ASP RA 95 36.16 16.29 -52.04
C ASP RA 95 37.28 17.22 -51.56
N LYS RA 96 38.32 17.39 -52.37
CA LYS RA 96 39.48 18.17 -51.96
C LYS RA 96 39.06 19.61 -51.77
N LYS RA 97 38.84 19.99 -50.50
CA LYS RA 97 38.13 21.19 -50.10
C LYS RA 97 38.66 22.48 -50.70
N ARG RA 98 37.75 23.42 -51.00
CA ARG RA 98 38.10 24.70 -51.58
C ARG RA 98 38.10 25.79 -50.51
N LYS RA 99 38.85 26.85 -50.79
CA LYS RA 99 39.09 27.94 -49.85
C LYS RA 99 38.28 29.15 -50.30
N GLY RA 100 37.09 29.29 -49.72
CA GLY RA 100 36.32 30.50 -49.88
C GLY RA 100 35.26 30.38 -50.94
N GLN RA 101 34.03 30.07 -50.52
CA GLN RA 101 32.90 29.94 -51.40
C GLN RA 101 31.67 29.64 -50.56
N VAL RA 102 30.50 30.01 -51.08
CA VAL RA 102 29.24 29.95 -50.36
C VAL RA 102 28.99 28.55 -49.82
N ILE RA 103 28.50 28.46 -48.58
CA ILE RA 103 28.15 27.20 -47.97
C ILE RA 103 26.63 27.15 -47.80
N GLN RA 104 26.09 25.94 -47.77
CA GLN RA 104 24.65 25.74 -47.63
C GLN RA 104 24.35 24.50 -46.80
N ALA SA 1 -37.53 -35.43 22.32
CA ALA SA 1 -37.62 -34.10 21.73
C ALA SA 1 -36.63 -33.95 20.59
N LYS SA 2 -36.85 -32.94 19.75
CA LYS SA 2 -35.89 -32.61 18.70
C LYS SA 2 -34.77 -31.80 19.31
N ARG SA 3 -33.58 -32.39 19.39
CA ARG SA 3 -32.51 -31.78 20.15
C ARG SA 3 -31.85 -30.65 19.37
N THR SA 4 -31.63 -30.84 18.08
CA THR SA 4 -31.01 -29.82 17.25
C THR SA 4 -32.02 -29.25 16.26
N LYS SA 5 -31.74 -28.04 15.80
CA LYS SA 5 -32.60 -27.36 14.85
C LYS SA 5 -32.33 -27.79 13.43
N LYS SA 6 -31.07 -27.66 12.97
CA LYS SA 6 -30.75 -28.03 11.60
C LYS SA 6 -29.38 -28.68 11.48
N VAL SA 7 -28.87 -29.27 12.54
CA VAL SA 7 -27.56 -29.91 12.54
C VAL SA 7 -27.80 -31.36 13.00
N GLY SA 8 -27.76 -32.28 12.07
CA GLY SA 8 -28.10 -33.64 12.39
C GLY SA 8 -26.93 -34.42 12.94
N ILE SA 9 -26.58 -35.49 12.24
CA ILE SA 9 -25.46 -36.35 12.64
C ILE SA 9 -24.18 -35.56 12.86
N VAL SA 10 -24.01 -34.45 12.13
CA VAL SA 10 -22.76 -33.70 12.17
C VAL SA 10 -22.72 -32.79 13.38
N GLY SA 11 -23.67 -32.94 14.29
CA GLY SA 11 -23.56 -32.22 15.54
C GLY SA 11 -22.37 -32.58 16.38
N LYS SA 12 -21.72 -33.70 16.07
CA LYS SA 12 -20.58 -34.13 16.84
C LYS SA 12 -19.35 -33.27 16.57
N TYR SA 13 -19.29 -32.60 15.43
CA TYR SA 13 -18.16 -31.78 15.09
C TYR SA 13 -18.18 -30.42 15.77
N GLY SA 14 -19.23 -30.13 16.52
CA GLY SA 14 -19.29 -28.87 17.24
C GLY SA 14 -19.26 -27.67 16.33
N THR SA 15 -18.33 -26.76 16.59
CA THR SA 15 -18.22 -25.53 15.82
C THR SA 15 -17.03 -25.54 14.88
N ARG SA 16 -16.59 -26.72 14.47
CA ARG SA 16 -15.39 -26.85 13.67
C ARG SA 16 -15.72 -26.98 12.18
N TYR SA 17 -14.71 -26.74 11.35
CA TYR SA 17 -14.65 -27.08 9.95
C TYR SA 17 -15.60 -26.27 9.08
N GLY SA 18 -16.27 -25.28 9.63
CA GLY SA 18 -17.09 -24.38 8.82
C GLY SA 18 -18.44 -24.97 8.46
N ALA SA 19 -19.34 -24.08 8.08
CA ALA SA 19 -20.74 -24.45 7.93
C ALA SA 19 -20.96 -25.27 6.67
N SER SA 20 -20.38 -24.86 5.55
CA SER SA 20 -20.62 -25.57 4.30
C SER SA 20 -19.99 -26.96 4.32
N LEU SA 21 -18.77 -27.07 4.88
CA LEU SA 21 -18.15 -28.38 4.96
C LEU SA 21 -18.88 -29.28 5.94
N ARG SA 22 -19.44 -28.70 7.00
CA ARG SA 22 -20.27 -29.47 7.90
C ARG SA 22 -21.62 -29.79 7.31
N LYS SA 23 -22.03 -29.11 6.25
CA LYS SA 23 -23.30 -29.36 5.60
C LYS SA 23 -23.20 -30.39 4.49
N MET SA 24 -22.14 -30.36 3.70
CA MET SA 24 -22.01 -31.35 2.63
C MET SA 24 -21.50 -32.69 3.14
N VAL SA 25 -20.98 -32.75 4.35
CA VAL SA 25 -20.61 -34.05 4.90
C VAL SA 25 -21.83 -34.71 5.53
N LYS SA 26 -22.85 -33.93 5.87
CA LYS SA 26 -24.03 -34.49 6.52
C LYS SA 26 -24.76 -35.45 5.59
N LYS SA 27 -24.97 -35.05 4.33
CA LYS SA 27 -25.66 -35.92 3.39
C LYS SA 27 -24.90 -37.21 3.16
N ILE SA 28 -23.57 -37.14 3.23
CA ILE SA 28 -22.77 -38.33 3.01
C ILE SA 28 -22.74 -39.19 4.26
N GLU SA 29 -22.58 -38.58 5.42
CA GLU SA 29 -22.40 -39.36 6.63
C GLU SA 29 -23.70 -40.01 7.07
N ILE SA 30 -24.83 -39.41 6.73
CA ILE SA 30 -26.10 -40.10 6.91
C ILE SA 30 -26.15 -41.36 6.06
N SER SA 31 -25.69 -41.25 4.82
CA SER SA 31 -25.78 -42.38 3.90
C SER SA 31 -24.85 -43.53 4.31
N GLN SA 32 -23.61 -43.22 4.64
CA GLN SA 32 -22.64 -44.28 4.90
C GLN SA 32 -22.90 -45.00 6.20
N HIS SA 33 -23.84 -44.53 7.01
CA HIS SA 33 -24.21 -45.23 8.24
C HIS SA 33 -25.60 -45.81 8.21
N ALA SA 34 -26.38 -45.53 7.17
CA ALA SA 34 -27.72 -46.06 7.07
C ALA SA 34 -27.68 -47.55 6.79
N LYS SA 35 -28.64 -48.28 7.33
CA LYS SA 35 -28.80 -49.69 7.02
C LYS SA 35 -29.77 -49.85 5.85
N TYR SA 36 -29.35 -50.58 4.84
CA TYR SA 36 -30.16 -50.80 3.65
C TYR SA 36 -30.80 -52.18 3.70
N THR SA 37 -31.82 -52.35 2.89
CA THR SA 37 -32.46 -53.65 2.78
C THR SA 37 -31.66 -54.53 1.83
N CYS SA 38 -31.22 -55.68 2.33
CA CYS SA 38 -30.46 -56.61 1.50
C CYS SA 38 -31.35 -57.15 0.40
N SER SA 39 -30.94 -56.97 -0.83
CA SER SA 39 -31.76 -57.45 -1.92
C SER SA 39 -31.74 -58.93 -2.06
N PHE SA 40 -31.01 -59.67 -1.23
CA PHE SA 40 -30.98 -61.12 -1.31
C PHE SA 40 -31.88 -61.76 -0.25
N CYS SA 41 -31.81 -61.28 0.98
CA CYS SA 41 -32.63 -61.84 2.04
C CYS SA 41 -33.84 -60.98 2.37
N GLY SA 42 -33.85 -59.72 1.97
CA GLY SA 42 -34.96 -58.84 2.21
C GLY SA 42 -34.90 -58.08 3.52
N LYS SA 43 -34.14 -58.57 4.49
CA LYS SA 43 -34.05 -57.89 5.77
C LYS SA 43 -33.24 -56.61 5.63
N THR SA 44 -33.59 -55.62 6.44
CA THR SA 44 -32.89 -54.33 6.44
C THR SA 44 -31.61 -54.49 7.24
N LYS SA 45 -30.59 -55.06 6.61
CA LYS SA 45 -29.35 -55.34 7.33
C LYS SA 45 -28.10 -55.00 6.53
N MET SA 46 -28.21 -54.51 5.31
CA MET SA 46 -27.03 -54.12 4.56
C MET SA 46 -26.35 -52.94 5.23
N LYS SA 47 -25.13 -53.14 5.73
CA LYS SA 47 -24.43 -52.13 6.49
C LYS SA 47 -22.98 -52.10 6.03
N ARG SA 48 -22.46 -50.89 5.82
CA ARG SA 48 -21.13 -50.72 5.25
C ARG SA 48 -20.08 -51.24 6.22
N ARG SA 49 -19.28 -52.21 5.77
CA ARG SA 49 -18.17 -52.68 6.58
C ARG SA 49 -16.97 -51.76 6.45
N ALA SA 50 -16.43 -51.65 5.24
CA ALA SA 50 -15.35 -50.71 4.95
C ALA SA 50 -15.76 -49.96 3.70
N VAL SA 51 -14.89 -49.06 3.26
CA VAL SA 51 -15.22 -48.21 2.10
C VAL SA 51 -15.33 -49.11 0.88
N GLY SA 52 -16.51 -49.10 0.25
CA GLY SA 52 -16.77 -49.90 -0.91
C GLY SA 52 -17.32 -51.27 -0.62
N ILE SA 53 -17.27 -51.73 0.63
CA ILE SA 53 -17.66 -53.08 1.00
C ILE SA 53 -18.90 -52.99 1.87
N TRP SA 54 -19.95 -53.70 1.47
CA TRP SA 54 -21.22 -53.69 2.18
C TRP SA 54 -21.60 -55.12 2.55
N HIS SA 55 -21.82 -55.35 3.83
CA HIS SA 55 -22.12 -56.66 4.36
C HIS SA 55 -23.52 -56.70 4.94
N CYS SA 56 -24.23 -57.79 4.66
CA CYS SA 56 -25.57 -58.00 5.21
C CYS SA 56 -25.44 -58.85 6.46
N GLY SA 57 -25.84 -58.29 7.59
CA GLY SA 57 -25.72 -58.99 8.85
C GLY SA 57 -26.63 -60.18 9.03
N SER SA 58 -27.49 -60.47 8.05
CA SER SA 58 -28.41 -61.60 8.18
C SER SA 58 -28.05 -62.76 7.29
N CYS SA 59 -27.97 -62.56 5.97
CA CYS SA 59 -27.57 -63.65 5.09
C CYS SA 59 -26.06 -63.77 4.96
N MET SA 60 -25.31 -62.90 5.63
CA MET SA 60 -23.85 -62.94 5.65
C MET SA 60 -23.28 -62.92 4.23
N LYS SA 61 -23.82 -62.03 3.41
CA LYS SA 61 -23.40 -61.90 2.02
C LYS SA 61 -22.79 -60.54 1.82
N THR SA 62 -21.57 -60.51 1.30
CA THR SA 62 -20.84 -59.26 1.11
C THR SA 62 -21.00 -58.78 -0.33
N VAL SA 63 -21.12 -57.47 -0.49
CA VAL SA 63 -21.38 -56.85 -1.78
C VAL SA 63 -20.40 -55.71 -1.98
N ALA SA 64 -19.79 -55.64 -3.16
CA ALA SA 64 -18.94 -54.50 -3.51
C ALA SA 64 -19.83 -53.36 -3.96
N GLY SA 65 -19.83 -52.26 -3.22
CA GLY SA 65 -20.70 -51.15 -3.55
C GLY SA 65 -19.96 -49.83 -3.59
N GLY SA 66 -20.70 -48.73 -3.53
CA GLY SA 66 -20.09 -47.42 -3.55
C GLY SA 66 -19.37 -47.11 -2.25
N ALA SA 67 -18.70 -45.97 -2.19
CA ALA SA 67 -17.95 -45.63 -0.99
C ALA SA 67 -18.86 -45.23 0.15
N TRP SA 68 -19.83 -44.34 -0.12
CA TRP SA 68 -20.72 -43.85 0.92
C TRP SA 68 -22.15 -44.31 0.74
N THR SA 69 -22.53 -44.72 -0.45
CA THR SA 69 -23.85 -45.27 -0.68
C THR SA 69 -23.72 -46.73 -1.07
N TYR SA 70 -24.84 -47.44 -0.98
CA TYR SA 70 -24.83 -48.85 -1.37
C TYR SA 70 -24.68 -48.98 -2.88
N ASN SA 71 -25.38 -48.15 -3.63
CA ASN SA 71 -25.31 -48.17 -5.09
C ASN SA 71 -24.93 -46.80 -5.59
N THR SA 72 -23.91 -46.75 -6.42
CA THR SA 72 -23.53 -45.51 -7.08
C THR SA 72 -24.41 -45.33 -8.30
N THR SA 73 -24.88 -44.09 -8.51
CA THR SA 73 -25.71 -43.82 -9.68
C THR SA 73 -24.95 -44.12 -10.96
N SER SA 74 -23.65 -43.86 -10.96
CA SER SA 74 -22.84 -44.18 -12.13
C SER SA 74 -22.81 -45.68 -12.37
N ALA SA 75 -22.94 -46.48 -11.31
CA ALA SA 75 -22.92 -47.92 -11.48
C ALA SA 75 -24.25 -48.44 -12.00
N VAL SA 76 -25.36 -47.92 -11.50
CA VAL SA 76 -26.65 -48.48 -11.88
C VAL SA 76 -26.98 -48.17 -13.33
N THR SA 77 -26.50 -47.04 -13.85
CA THR SA 77 -26.64 -46.78 -15.26
C THR SA 77 -25.73 -47.66 -16.10
N VAL SA 78 -24.60 -48.10 -15.53
CA VAL SA 78 -23.72 -48.98 -16.27
C VAL SA 78 -24.28 -50.40 -16.29
N LYS SA 79 -24.85 -50.84 -15.17
CA LYS SA 79 -25.46 -52.16 -15.15
C LYS SA 79 -26.62 -52.25 -16.13
N SER SA 80 -27.42 -51.20 -16.23
CA SER SA 80 -28.51 -51.19 -17.20
C SER SA 80 -28.01 -51.03 -18.62
N ALA SA 81 -26.89 -50.33 -18.81
CA ALA SA 81 -26.35 -50.18 -20.15
C ALA SA 81 -25.75 -51.49 -20.65
N ILE SA 82 -24.98 -52.16 -19.79
CA ILE SA 82 -24.42 -53.46 -20.16
C ILE SA 82 -25.54 -54.44 -20.47
N ARG SA 83 -26.61 -54.40 -19.68
CA ARG SA 83 -27.72 -55.32 -19.90
C ARG SA 83 -28.38 -55.10 -21.25
N ARG SA 84 -28.25 -53.91 -21.84
CA ARG SA 84 -28.81 -53.69 -23.16
C ARG SA 84 -27.86 -54.15 -24.26
N LEU SA 85 -26.56 -53.83 -24.14
CA LEU SA 85 -25.60 -54.32 -25.10
C LEU SA 85 -25.45 -55.83 -25.05
N LYS SA 86 -25.69 -56.44 -23.89
CA LYS SA 86 -25.60 -57.89 -23.79
C LYS SA 86 -26.63 -58.55 -24.68
N GLU SA 87 -27.89 -58.20 -24.51
CA GLU SA 87 -28.96 -58.79 -25.32
C GLU SA 87 -28.93 -58.30 -26.76
N LEU SA 88 -28.22 -57.21 -27.04
CA LEU SA 88 -28.12 -56.69 -28.40
C LEU SA 88 -27.04 -57.40 -29.21
N LYS SA 89 -25.98 -57.89 -28.56
CA LYS SA 89 -24.96 -58.64 -29.27
C LYS SA 89 -25.45 -60.05 -29.59
N ASP SA 90 -25.89 -60.79 -28.57
CA ASP SA 90 -26.39 -62.15 -28.80
C ASP SA 90 -27.74 -62.18 -29.48
N GLN SA 91 -28.44 -61.05 -29.54
CA GLN SA 91 -29.79 -60.93 -30.12
C GLN SA 91 -30.82 -61.74 -29.35
N SER TA 1 116.20 -23.04 11.87
CA SER TA 1 116.78 -21.79 12.36
C SER TA 1 116.13 -21.36 13.65
N ALA TA 2 116.77 -20.41 14.34
CA ALA TA 2 116.25 -19.93 15.61
C ALA TA 2 114.95 -19.18 15.42
N HIS TA 3 114.97 -18.14 14.57
CA HIS TA 3 113.76 -17.35 14.38
C HIS TA 3 112.64 -18.16 13.76
N LEU TA 4 112.97 -19.17 12.96
CA LEU TA 4 111.92 -20.00 12.39
C LEU TA 4 111.25 -20.83 13.46
N GLN TA 5 112.04 -21.50 14.30
CA GLN TA 5 111.47 -22.37 15.32
C GLN TA 5 110.67 -21.57 16.33
N TRP TA 6 111.01 -20.30 16.53
CA TRP TA 6 110.25 -19.49 17.47
C TRP TA 6 108.84 -19.25 16.96
N MET TA 7 108.71 -18.97 15.66
CA MET TA 7 107.39 -18.75 15.09
C MET TA 7 106.50 -19.99 15.17
N VAL TA 8 107.04 -21.13 15.56
CA VAL TA 8 106.28 -22.36 15.67
C VAL TA 8 105.88 -22.65 17.10
N VAL TA 9 106.75 -22.35 18.06
CA VAL TA 9 106.52 -22.72 19.45
C VAL TA 9 106.14 -21.53 20.31
N ARG TA 10 106.01 -20.34 19.74
CA ARG TA 10 105.69 -19.18 20.55
C ARG TA 10 104.31 -19.27 21.19
N ASN TA 11 103.43 -20.12 20.67
CA ASN TA 11 102.11 -20.24 21.25
C ASN TA 11 101.74 -21.70 21.49
N CYS TA 12 102.30 -22.60 20.70
CA CYS TA 12 101.97 -24.01 20.75
C CYS TA 12 103.20 -24.76 21.26
N SER TA 13 103.30 -24.90 22.58
CA SER TA 13 104.41 -25.60 23.19
C SER TA 13 103.94 -26.29 24.46
N SER TA 14 104.42 -27.51 24.69
CA SER TA 14 104.04 -28.22 25.90
C SER TA 14 104.63 -27.58 27.14
N PHE TA 15 105.71 -26.81 27.01
CA PHE TA 15 106.29 -26.15 28.16
C PHE TA 15 105.59 -24.85 28.50
N LEU TA 16 104.72 -24.39 27.61
CA LEU TA 16 104.03 -23.12 27.80
C LEU TA 16 102.87 -23.28 28.77
N ILE TA 17 102.77 -22.39 29.73
CA ILE TA 17 101.61 -22.34 30.63
C ILE TA 17 101.13 -20.90 30.73
N LYS TA 18 99.87 -20.68 30.35
CA LYS TA 18 99.29 -19.35 30.33
C LYS TA 18 98.07 -19.33 31.23
N ARG TA 19 98.14 -18.56 32.31
CA ARG TA 19 97.01 -18.41 33.20
C ARG TA 19 97.20 -17.22 34.10
N ASN TA 20 96.09 -16.68 34.62
CA ASN TA 20 96.12 -15.49 35.47
C ASN TA 20 96.79 -14.31 34.78
N LYS TA 21 96.56 -14.18 33.47
CA LYS TA 21 97.13 -13.11 32.67
C LYS TA 21 98.65 -13.11 32.71
N GLN TA 22 99.25 -14.28 32.88
CA GLN TA 22 100.69 -14.42 32.89
C GLN TA 22 101.08 -15.57 31.98
N THR TA 23 102.27 -15.48 31.41
CA THR TA 23 102.76 -16.49 30.49
C THR TA 23 104.10 -16.99 30.99
N TYR TA 24 104.25 -18.30 31.08
CA TYR TA 24 105.46 -18.90 31.60
C TYR TA 24 105.88 -20.06 30.72
N SER TA 25 107.17 -20.36 30.74
CA SER TA 25 107.73 -21.46 29.98
C SER TA 25 108.55 -22.31 30.93
N THR TA 26 108.19 -23.59 31.05
CA THR TA 26 108.84 -24.50 31.98
C THR TA 26 109.85 -25.41 31.30
N GLU TA 27 110.40 -24.99 30.17
CA GLU TA 27 111.36 -25.81 29.47
C GLU TA 27 112.66 -25.85 30.26
N PRO TA 28 113.49 -26.87 30.04
CA PRO TA 28 114.55 -27.17 31.02
C PRO TA 28 115.60 -26.08 31.17
N ASN TA 29 116.01 -25.39 30.11
CA ASN TA 29 117.12 -24.46 30.21
C ASN TA 29 116.69 -23.02 30.03
N ASN TA 30 115.51 -22.69 30.53
CA ASN TA 30 114.97 -21.34 30.44
C ASN TA 30 115.16 -20.67 31.79
N LEU TA 31 116.32 -20.05 31.98
CA LEU TA 31 116.49 -19.15 33.11
C LEU TA 31 115.59 -17.94 32.94
N LYS TA 32 115.00 -17.50 34.04
CA LYS TA 32 113.90 -16.54 34.14
C LYS TA 32 112.57 -17.13 33.71
N ALA TA 33 112.56 -18.32 33.12
CA ALA TA 33 111.36 -19.11 32.88
C ALA TA 33 110.21 -18.35 32.26
N ARG TA 34 110.50 -17.31 31.47
CA ARG TA 34 109.46 -16.57 30.78
C ARG TA 34 109.42 -16.99 29.33
N ASN TA 35 108.23 -16.92 28.73
CA ASN TA 35 108.08 -17.29 27.33
C ASN TA 35 108.59 -16.14 26.48
N SER TA 36 109.86 -16.20 26.11
CA SER TA 36 110.50 -15.12 25.39
C SER TA 36 111.39 -15.70 24.32
N PHE TA 37 111.86 -14.85 23.42
CA PHE TA 37 112.80 -15.32 22.41
C PHE TA 37 114.21 -15.37 22.95
N ARG TA 38 114.62 -14.38 23.76
CA ARG TA 38 115.96 -14.42 24.33
C ARG TA 38 116.13 -15.60 25.26
N TYR TA 39 115.21 -15.78 26.20
CA TYR TA 39 115.42 -16.73 27.28
C TYR TA 39 114.95 -18.13 26.93
N ASN TA 40 114.45 -18.36 25.73
CA ASN TA 40 114.04 -19.70 25.36
C ASN TA 40 115.25 -20.62 25.34
N GLY TA 41 115.10 -21.79 25.95
CA GLY TA 41 116.21 -22.70 26.16
C GLY TA 41 116.37 -23.81 25.15
N LEU TA 42 115.55 -23.87 24.12
CA LEU TA 42 115.66 -24.90 23.10
C LEU TA 42 115.95 -24.34 21.72
N ILE TA 43 115.72 -23.06 21.50
CA ILE TA 43 115.68 -22.53 20.15
C ILE TA 43 117.09 -22.31 19.61
N HIS TA 44 118.00 -21.84 20.44
CA HIS TA 44 119.25 -21.29 19.94
C HIS TA 44 120.34 -22.33 19.82
N ARG TA 45 121.46 -21.91 19.25
CA ARG TA 45 122.63 -22.76 19.19
C ARG TA 45 123.40 -22.72 20.49
N LYS TA 46 123.43 -21.57 21.15
CA LYS TA 46 124.17 -21.38 22.39
C LYS TA 46 123.21 -20.99 23.50
N THR TA 47 123.12 -21.83 24.52
CA THR TA 47 122.15 -21.68 25.60
C THR TA 47 122.85 -21.89 26.93
N VAL TA 48 122.38 -21.20 27.97
CA VAL TA 48 122.95 -21.29 29.30
C VAL TA 48 121.84 -21.69 30.26
N GLY TA 49 122.06 -22.75 31.03
CA GLY TA 49 121.12 -23.16 32.05
C GLY TA 49 121.80 -23.24 33.40
N VAL TA 50 121.04 -22.90 34.44
CA VAL TA 50 121.53 -22.95 35.81
C VAL TA 50 120.46 -23.61 36.66
N GLU TA 51 120.74 -24.81 37.15
CA GLU TA 51 119.81 -25.58 37.96
C GLU TA 51 120.49 -26.03 39.24
N PRO TA 52 119.72 -26.30 40.29
CA PRO TA 52 120.34 -26.72 41.55
C PRO TA 52 121.02 -28.07 41.43
N ALA TA 53 122.10 -28.23 42.18
CA ALA TA 53 122.85 -29.48 42.15
C ALA TA 53 122.00 -30.63 42.68
N ALA TA 54 122.35 -31.83 42.23
CA ALA TA 54 121.59 -33.01 42.64
C ALA TA 54 121.73 -33.28 44.14
N ASP TA 55 122.92 -33.04 44.70
CA ASP TA 55 123.13 -33.30 46.11
C ASP TA 55 122.49 -32.25 47.00
N GLY TA 56 121.95 -31.18 46.43
CA GLY TA 56 121.38 -30.10 47.21
C GLY TA 56 122.35 -29.01 47.58
N LYS TA 57 123.64 -29.17 47.27
CA LYS TA 57 124.65 -28.19 47.60
C LYS TA 57 125.34 -27.76 46.32
N GLY TA 58 125.17 -26.50 45.96
CA GLY TA 58 125.79 -25.96 44.78
C GLY TA 58 124.82 -25.85 43.63
N VAL TA 59 125.34 -25.37 42.50
CA VAL TA 59 124.57 -25.18 41.29
C VAL TA 59 125.23 -25.94 40.16
N VAL TA 60 124.43 -26.23 39.13
CA VAL TA 60 124.90 -26.89 37.92
C VAL TA 60 124.74 -25.92 36.77
N VAL TA 61 125.82 -25.62 36.08
CA VAL TA 61 125.78 -24.77 34.91
C VAL TA 61 125.77 -25.65 33.68
N VAL TA 62 124.82 -25.39 32.78
CA VAL TA 62 124.63 -26.19 31.58
C VAL TA 62 124.85 -25.30 30.37
N MET TA 63 125.97 -25.50 29.69
CA MET TA 63 126.23 -24.85 28.43
C MET TA 63 125.94 -25.81 27.29
N LYS TA 64 125.55 -25.26 26.16
CA LYS TA 64 125.17 -26.06 24.99
C LYS TA 64 126.33 -26.00 24.01
N ARG TA 65 127.00 -27.13 23.81
CA ARG TA 65 128.10 -27.16 22.86
C ARG TA 65 127.57 -26.95 21.45
N ARG TA 66 128.46 -26.54 20.56
CA ARG TA 66 128.02 -26.14 19.23
C ARG TA 66 128.19 -27.23 18.17
N SER TA 67 129.00 -28.24 18.44
CA SER TA 67 129.27 -29.27 17.44
C SER TA 67 128.01 -30.06 17.10
N GLY TA 68 127.50 -30.84 18.03
CA GLY TA 68 126.37 -31.70 17.74
C GLY TA 68 125.06 -31.03 18.02
N GLN TA 69 124.44 -30.48 16.97
CA GLN TA 69 123.25 -29.67 17.17
C GLN TA 69 121.98 -30.52 17.13
N ARG TA 70 121.95 -31.55 16.29
CA ARG TA 70 120.82 -32.46 16.24
C ARG TA 70 121.08 -33.76 17.01
N LYS TA 71 122.11 -33.77 17.85
CA LYS TA 71 122.41 -34.91 18.72
C LYS TA 71 122.14 -34.50 20.14
N PRO TA 72 120.93 -34.74 20.66
CA PRO TA 72 120.59 -34.23 21.98
C PRO TA 72 121.28 -34.95 23.12
N ALA TA 73 121.74 -36.18 22.90
CA ALA TA 73 122.39 -36.92 23.97
C ALA TA 73 123.75 -36.35 24.34
N THR TA 74 124.35 -35.53 23.49
CA THR TA 74 125.64 -34.92 23.75
C THR TA 74 125.65 -33.42 23.58
N SER TA 75 124.50 -32.78 23.42
CA SER TA 75 124.47 -31.37 23.07
C SER TA 75 124.84 -30.50 24.26
N TYR TA 76 124.48 -30.91 25.47
CA TYR TA 76 124.62 -30.08 26.66
C TYR TA 76 125.79 -30.57 27.51
N VAL TA 77 126.56 -29.60 28.03
CA VAL TA 77 127.69 -29.88 28.90
C VAL TA 77 127.36 -29.34 30.28
N ARG TA 78 127.41 -30.22 31.28
CA ARG TA 78 127.01 -29.87 32.64
C ARG TA 78 128.22 -29.86 33.55
N THR TA 79 128.39 -28.76 34.28
CA THR TA 79 129.47 -28.62 35.25
C THR TA 79 128.89 -28.17 36.57
N THR TA 80 129.36 -28.76 37.66
CA THR TA 80 128.87 -28.46 39.00
C THR TA 80 129.83 -27.49 39.68
N ILE TA 81 129.28 -26.48 40.35
CA ILE TA 81 130.06 -25.47 41.04
C ILE TA 81 129.60 -25.44 42.49
N ASN TA 82 130.48 -25.89 43.39
CA ASN TA 82 130.10 -25.99 44.80
C ASN TA 82 131.03 -25.17 45.68
N LYS TA 83 131.32 -23.94 45.28
CA LYS TA 83 132.17 -23.05 46.04
C LYS TA 83 131.29 -22.12 46.88
N ASN TA 84 131.91 -21.13 47.51
CA ASN TA 84 131.15 -20.15 48.27
C ASN TA 84 130.34 -19.27 47.32
N ALA TA 85 129.58 -18.34 47.91
CA ALA TA 85 128.64 -17.56 47.11
C ALA TA 85 129.37 -16.64 46.13
N ARG TA 86 130.37 -15.91 46.61
CA ARG TA 86 130.99 -14.90 45.76
C ARG TA 86 131.77 -15.52 44.62
N ALA TA 87 132.48 -16.61 44.88
CA ALA TA 87 133.25 -17.24 43.80
C ALA TA 87 132.38 -18.00 42.84
N THR TA 88 131.26 -18.55 43.32
CA THR TA 88 130.33 -19.23 42.41
C THR TA 88 129.78 -18.25 41.37
N LEU TA 89 129.40 -17.06 41.81
CA LEU TA 89 128.95 -16.06 40.86
C LEU TA 89 130.10 -15.58 39.97
N SER TA 90 131.30 -15.50 40.53
CA SER TA 90 132.46 -15.05 39.76
C SER TA 90 132.84 -16.06 38.69
N SER TA 91 132.53 -17.33 38.91
CA SER TA 91 132.86 -18.34 37.90
C SER TA 91 131.93 -18.25 36.71
N ILE TA 92 130.61 -18.28 36.97
CA ILE TA 92 129.66 -18.24 35.87
C ILE TA 92 129.72 -16.90 35.17
N ARG TA 93 130.17 -15.86 35.85
CA ARG TA 93 130.38 -14.58 35.17
C ARG TA 93 131.51 -14.71 34.15
N HIS TA 94 132.56 -15.44 34.50
CA HIS TA 94 133.64 -15.64 33.54
C HIS TA 94 133.24 -16.59 32.44
N MET TA 95 132.46 -17.63 32.76
CA MET TA 95 132.07 -18.61 31.77
C MET TA 95 131.20 -18.03 30.68
N ILE TA 96 130.54 -16.91 30.93
CA ILE TA 96 129.68 -16.27 29.97
C ILE TA 96 130.34 -15.07 29.31
N ARG TA 97 130.99 -14.22 30.10
CA ARG TA 97 131.59 -13.02 29.56
C ARG TA 97 132.86 -13.34 28.78
N LYS TA 98 133.84 -13.94 29.45
CA LYS TA 98 135.12 -14.18 28.80
C LYS TA 98 135.07 -15.26 27.74
N ASN TA 99 133.93 -15.95 27.60
CA ASN TA 99 133.74 -16.89 26.51
C ASN TA 99 132.92 -16.31 25.37
N LYS TA 100 132.41 -15.08 25.54
CA LYS TA 100 131.51 -14.46 24.58
C LYS TA 100 130.32 -15.37 24.26
N TYR TA 101 129.90 -16.14 25.26
CA TYR TA 101 128.90 -17.18 25.07
C TYR TA 101 127.55 -16.63 25.52
N HIS TA 102 126.78 -16.13 24.56
CA HIS TA 102 125.44 -15.60 24.80
C HIS TA 102 125.49 -14.52 25.88
N PRO TA 103 126.22 -13.42 25.63
CA PRO TA 103 126.50 -12.46 26.70
C PRO TA 103 125.28 -11.72 27.19
N ASP TA 104 124.17 -11.74 26.46
CA ASP TA 104 122.96 -11.07 26.91
C ASP TA 104 122.27 -11.81 28.05
N LEU TA 105 122.86 -12.88 28.55
CA LEU TA 105 122.25 -13.68 29.60
C LEU TA 105 123.13 -13.80 30.82
N ARG TA 106 124.18 -12.99 30.95
CA ARG TA 106 125.08 -13.14 32.09
C ARG TA 106 124.38 -12.74 33.38
N MET TA 107 123.81 -11.54 33.42
CA MET TA 107 123.19 -11.07 34.64
C MET TA 107 121.98 -11.92 34.99
N ALA TA 108 121.23 -12.38 33.99
CA ALA TA 108 120.12 -13.30 34.25
C ALA TA 108 120.62 -14.59 34.87
N ALA TA 109 121.80 -15.06 34.46
CA ALA TA 109 122.34 -16.28 35.04
C ALA TA 109 122.88 -16.03 36.44
N ILE TA 110 123.43 -14.85 36.69
CA ILE TA 110 123.92 -14.53 38.02
C ILE TA 110 122.76 -14.37 38.98
N ARG TA 111 121.65 -13.79 38.52
CA ARG TA 111 120.47 -13.69 39.36
C ARG TA 111 119.95 -15.07 39.73
N ARG TA 112 119.88 -15.98 38.77
CA ARG TA 112 119.31 -17.29 39.04
C ARG TA 112 120.21 -18.10 39.96
N ALA TA 113 121.51 -18.12 39.68
CA ALA TA 113 122.43 -18.82 40.55
C ALA TA 113 122.41 -18.24 41.96
N SER TA 114 122.26 -16.92 42.08
CA SER TA 114 122.17 -16.31 43.39
C SER TA 114 120.89 -16.71 44.12
N ALA TA 115 119.82 -17.01 43.38
CA ALA TA 115 118.58 -17.42 44.03
C ALA TA 115 118.64 -18.88 44.44
N ILE TA 116 119.31 -19.71 43.66
CA ILE TA 116 119.45 -21.11 44.01
C ILE TA 116 120.36 -21.27 45.21
N LEU TA 117 121.47 -20.54 45.23
CA LEU TA 117 122.37 -20.60 46.37
C LEU TA 117 121.70 -20.10 47.64
N ARG TA 118 120.85 -19.09 47.53
CA ARG TA 118 120.15 -18.57 48.70
C ARG TA 118 119.11 -19.54 49.23
N SER TA 119 118.54 -20.38 48.36
CA SER TA 119 117.56 -21.35 48.83
C SER TA 119 118.24 -22.49 49.55
N GLN TA 120 119.40 -22.91 49.06
CA GLN TA 120 120.07 -24.07 49.62
C GLN TA 120 120.66 -23.83 51.00
N LYS TA 121 120.84 -22.58 51.42
CA LYS TA 121 121.39 -22.36 52.74
C LYS TA 121 120.34 -22.68 53.80
N PRO TA 122 120.75 -23.12 54.99
CA PRO TA 122 119.78 -23.59 55.99
C PRO TA 122 118.73 -22.55 56.35
N VAL TA 123 117.46 -22.90 56.15
CA VAL TA 123 116.37 -22.00 56.49
C VAL TA 123 116.27 -21.88 58.00
N MET TA 124 115.91 -20.69 58.48
CA MET TA 124 115.83 -20.44 59.90
C MET TA 124 114.40 -20.65 60.39
N SER UA 28 -21.90 41.13 -0.50
CA SER UA 28 -23.25 41.08 -1.04
C SER UA 28 -23.34 41.93 -2.29
N ARG UA 29 -22.53 42.97 -2.36
CA ARG UA 29 -22.49 43.79 -3.57
C ARG UA 29 -21.90 43.01 -4.73
N TYR UA 30 -20.87 42.20 -4.47
CA TYR UA 30 -20.29 41.39 -5.52
C TYR UA 30 -21.29 40.37 -6.04
N THR UA 31 -22.07 39.77 -5.14
CA THR UA 31 -23.14 38.89 -5.59
C THR UA 31 -24.19 39.66 -6.37
N HIS UA 32 -24.47 40.89 -5.97
CA HIS UA 32 -25.38 41.73 -6.74
C HIS UA 32 -24.81 42.08 -8.10
N PHE UA 33 -23.49 42.04 -8.24
CA PHE UA 33 -22.86 42.24 -9.54
C PHE UA 33 -23.06 41.02 -10.44
N LEU UA 34 -22.94 39.82 -9.87
CA LEU UA 34 -23.09 38.61 -10.67
C LEU UA 34 -24.50 38.46 -11.20
N THR UA 35 -25.51 38.89 -10.44
CA THR UA 35 -26.88 38.77 -10.91
C THR UA 35 -27.21 39.79 -11.99
N GLN UA 36 -26.40 40.82 -12.16
CA GLN UA 36 -26.67 41.86 -13.13
C GLN UA 36 -25.82 41.79 -14.38
N HIS UA 37 -24.55 41.42 -14.27
CA HIS UA 37 -23.64 41.54 -15.41
C HIS UA 37 -22.99 40.21 -15.79
N TYR UA 38 -23.46 39.10 -15.25
CA TYR UA 38 -22.78 37.84 -15.50
C TYR UA 38 -23.76 36.77 -15.94
N ASP UA 39 -23.34 36.00 -16.95
CA ASP UA 39 -24.09 34.84 -17.40
C ASP UA 39 -23.03 33.91 -18.01
N ALA UA 40 -22.72 32.84 -17.29
CA ALA UA 40 -21.64 31.92 -17.64
C ALA UA 40 -21.72 31.48 -19.10
N LYS UA 41 -22.80 30.79 -19.46
CA LYS UA 41 -22.99 30.31 -20.83
C LYS UA 41 -24.36 30.70 -21.31
N PRO UA 42 -24.49 31.73 -22.14
CA PRO UA 42 -25.82 32.12 -22.63
C PRO UA 42 -26.31 31.13 -23.66
N GLN UA 43 -27.61 31.18 -23.92
CA GLN UA 43 -28.28 30.35 -24.91
C GLN UA 43 -28.72 31.20 -26.09
N GLY UA 44 -28.56 32.51 -25.95
CA GLY UA 44 -29.15 33.46 -26.86
C GLY UA 44 -28.17 34.22 -27.71
N ARG UA 45 -27.82 35.42 -27.22
CA ARG UA 45 -26.97 36.42 -27.86
C ARG UA 45 -27.77 37.21 -28.88
N ASP UA 46 -29.03 36.82 -29.08
CA ASP UA 46 -29.94 37.57 -29.95
C ASP UA 46 -30.89 38.40 -29.08
N ASP UA 47 -31.88 39.04 -29.71
CA ASP UA 47 -32.78 39.93 -28.99
C ASP UA 47 -33.66 39.16 -28.01
N ARG UA 48 -34.11 37.97 -28.41
CA ARG UA 48 -34.92 37.15 -27.51
C ARG UA 48 -34.20 36.88 -26.20
N TYR UA 49 -32.87 36.71 -26.27
CA TYR UA 49 -32.08 36.48 -25.07
C TYR UA 49 -32.18 37.66 -24.12
N CYS UA 50 -32.24 38.87 -24.66
CA CYS UA 50 -32.32 40.06 -23.83
C CYS UA 50 -33.62 40.12 -23.04
N GLU UA 51 -34.76 40.11 -23.72
CA GLU UA 51 -36.03 40.23 -23.01
C GLU UA 51 -36.23 39.07 -22.04
N SER UA 52 -35.70 37.90 -22.35
CA SER UA 52 -35.81 36.78 -21.44
C SER UA 52 -34.95 36.96 -20.20
N ILE UA 53 -33.73 37.46 -20.36
CA ILE UA 53 -32.84 37.54 -19.22
C ILE UA 53 -33.08 38.82 -18.42
N MET UA 54 -33.66 39.84 -19.04
CA MET UA 54 -33.92 41.08 -18.31
C MET UA 54 -34.99 40.87 -17.25
N ARG UA 55 -36.05 40.14 -17.58
CA ARG UA 55 -37.04 39.78 -16.57
C ARG UA 55 -36.47 38.76 -15.59
N ARG UA 56 -35.73 37.79 -16.11
CA ARG UA 56 -35.22 36.70 -15.28
C ARG UA 56 -34.30 37.21 -14.18
N ARG UA 57 -33.54 38.27 -14.43
CA ARG UA 57 -32.63 38.81 -13.43
C ARG UA 57 -33.28 39.91 -12.59
N GLY UA 58 -34.49 40.32 -12.92
CA GLY UA 58 -35.16 41.36 -12.16
C GLY UA 58 -34.80 42.76 -12.56
N LEU UA 59 -34.49 42.98 -13.84
CA LEU UA 59 -34.06 44.29 -14.31
C LEU UA 59 -35.14 45.00 -15.11
N THR UA 60 -36.40 44.59 -14.93
CA THR UA 60 -37.52 45.20 -15.64
C THR UA 60 -38.54 45.77 -14.68
N SER UA 61 -38.08 46.30 -13.54
CA SER UA 61 -38.97 46.92 -12.55
C SER UA 61 -38.26 48.11 -11.92
N PRO UA 62 -38.22 49.25 -12.62
CA PRO UA 62 -38.73 49.46 -13.97
C PRO UA 62 -37.74 49.00 -15.02
N CYS UA 63 -37.98 49.35 -16.28
CA CYS UA 63 -37.08 48.95 -17.35
C CYS UA 63 -35.73 49.66 -17.19
N LYS UA 64 -34.66 48.90 -17.11
CA LYS UA 64 -33.33 49.47 -16.98
C LYS UA 64 -32.86 49.97 -18.33
N ASP UA 65 -32.36 51.21 -18.38
CA ASP UA 65 -31.99 51.88 -19.62
C ASP UA 65 -31.09 51.04 -20.51
N ILE UA 66 -30.00 50.51 -19.95
CA ILE UA 66 -29.07 49.68 -20.70
C ILE UA 66 -28.25 48.88 -19.70
N ASN UA 67 -27.95 47.64 -20.09
CA ASN UA 67 -27.11 46.79 -19.25
C ASN UA 67 -26.38 45.81 -20.15
N THR UA 68 -25.16 45.47 -19.75
CA THR UA 68 -24.31 44.57 -20.51
C THR UA 68 -23.92 43.38 -19.64
N PHE UA 69 -23.82 42.22 -20.28
CA PHE UA 69 -23.53 40.97 -19.60
C PHE UA 69 -22.18 40.43 -20.06
N ILE UA 70 -21.55 39.63 -19.21
CA ILE UA 70 -20.27 39.03 -19.51
C ILE UA 70 -20.44 37.52 -19.54
N HIS UA 71 -19.73 36.86 -20.45
CA HIS UA 71 -19.77 35.41 -20.59
C HIS UA 71 -18.38 34.84 -20.47
N GLY UA 72 -18.21 33.88 -19.58
CA GLY UA 72 -16.91 33.28 -19.33
C GLY UA 72 -16.86 32.74 -17.92
N ASN UA 73 -15.67 32.34 -17.51
CA ASN UA 73 -15.47 31.76 -16.19
C ASN UA 73 -15.26 32.85 -15.16
N LYS UA 74 -15.86 32.66 -13.98
CA LYS UA 74 -15.83 33.69 -12.95
C LYS UA 74 -14.40 33.98 -12.49
N ARG UA 75 -13.54 32.95 -12.49
CA ARG UA 75 -12.17 33.14 -12.04
C ARG UA 75 -11.46 34.20 -12.87
N SER UA 76 -11.78 34.30 -14.16
CA SER UA 76 -11.16 35.32 -14.99
C SER UA 76 -11.73 36.70 -14.71
N ILE UA 77 -13.03 36.79 -14.44
CA ILE UA 77 -13.62 38.10 -14.13
C ILE UA 77 -13.13 38.59 -12.78
N LYS UA 78 -13.07 37.71 -11.78
CA LYS UA 78 -12.57 38.13 -10.49
C LYS UA 78 -11.08 38.45 -10.53
N ALA UA 79 -10.36 37.94 -11.52
CA ALA UA 79 -8.94 38.28 -11.65
C ALA UA 79 -8.71 39.66 -12.23
N ILE UA 80 -9.76 40.35 -12.66
CA ILE UA 80 -9.58 41.73 -13.11
C ILE UA 80 -9.33 42.66 -11.94
N CYS UA 81 -9.78 42.29 -10.73
CA CYS UA 81 -9.63 43.17 -9.59
C CYS UA 81 -8.21 43.23 -9.05
N GLU UA 82 -7.28 42.50 -9.62
CA GLU UA 82 -5.86 42.67 -9.36
C GLU UA 82 -5.09 42.65 -10.69
N ASN UA 83 -3.77 42.65 -10.59
CA ASN UA 83 -2.92 42.83 -11.76
C ASN UA 83 -2.72 41.55 -12.56
N LYS UA 84 -3.31 40.43 -12.16
CA LYS UA 84 -3.20 39.22 -12.98
C LYS UA 84 -3.98 39.37 -14.28
N ASN UA 85 -5.21 39.87 -14.22
CA ASN UA 85 -6.01 40.08 -15.41
C ASN UA 85 -6.67 41.45 -15.35
N GLY UA 86 -5.99 42.42 -14.76
CA GLY UA 86 -6.55 43.75 -14.70
C GLY UA 86 -5.54 44.87 -14.61
N ASN UA 87 -5.69 45.89 -15.45
CA ASN UA 87 -4.84 47.06 -15.41
C ASN UA 87 -5.59 48.24 -14.82
N PRO UA 88 -4.96 49.04 -13.98
CA PRO UA 88 -5.70 50.06 -13.23
C PRO UA 88 -6.10 51.23 -14.10
N HIS UA 89 -7.12 51.96 -13.65
CA HIS UA 89 -7.75 52.96 -14.49
C HIS UA 89 -8.53 53.95 -13.64
N ARG UA 90 -8.13 55.21 -13.71
CA ARG UA 90 -8.73 56.36 -13.03
C ARG UA 90 -8.78 56.08 -11.53
N GLU UA 91 -9.80 56.58 -10.85
CA GLU UA 91 -10.04 56.18 -9.47
C GLU UA 91 -10.85 54.91 -9.46
N ASN UA 92 -10.37 53.91 -8.70
CA ASN UA 92 -10.94 52.58 -8.45
C ASN UA 92 -11.58 51.84 -9.61
N LEU UA 93 -11.25 52.17 -10.85
CA LEU UA 93 -11.71 51.34 -11.95
C LEU UA 93 -10.55 50.55 -12.53
N ARG UA 94 -10.86 49.45 -13.23
CA ARG UA 94 -9.79 48.61 -13.78
C ARG UA 94 -10.22 48.01 -15.10
N ILE UA 95 -9.40 48.12 -16.15
CA ILE UA 95 -9.69 47.47 -17.41
C ILE UA 95 -8.97 46.14 -17.45
N SER UA 96 -9.52 45.20 -18.21
CA SER UA 96 -9.02 43.83 -18.20
C SER UA 96 -8.00 43.60 -19.29
N LYS UA 97 -7.00 42.77 -18.99
CA LYS UA 97 -6.04 42.38 -20.01
C LYS UA 97 -6.71 41.58 -21.12
N SER UA 98 -7.52 40.59 -20.74
CA SER UA 98 -8.20 39.74 -21.70
C SER UA 98 -9.60 40.25 -21.98
N SER UA 99 -10.00 40.20 -23.25
CA SER UA 99 -11.32 40.62 -23.64
C SER UA 99 -12.31 39.47 -23.51
N PHE UA 100 -13.59 39.81 -23.47
CA PHE UA 100 -14.62 38.85 -23.12
C PHE UA 100 -15.74 38.89 -24.14
N GLN UA 101 -16.57 37.86 -24.11
CA GLN UA 101 -17.81 37.84 -24.88
C GLN UA 101 -18.86 38.59 -24.08
N VAL UA 102 -19.26 39.76 -24.58
CA VAL UA 102 -20.19 40.63 -23.88
C VAL UA 102 -21.47 40.74 -24.69
N THR UA 103 -22.58 40.99 -24.01
CA THR UA 103 -23.89 41.16 -24.63
C THR UA 103 -24.54 42.38 -23.96
N THR UA 104 -24.64 43.47 -24.69
CA THR UA 104 -25.26 44.68 -24.16
C THR UA 104 -26.69 44.78 -24.67
N CYS UA 105 -27.65 44.71 -23.74
CA CYS UA 105 -29.06 44.80 -24.08
C CYS UA 105 -29.50 46.24 -23.87
N LYS UA 106 -29.88 46.90 -24.96
CA LYS UA 106 -30.25 48.31 -24.93
C LYS UA 106 -31.76 48.45 -25.08
N LEU UA 107 -32.34 49.30 -24.23
CA LEU UA 107 -33.78 49.55 -24.25
C LEU UA 107 -34.12 50.51 -25.38
N HIS UA 108 -35.17 50.18 -26.13
CA HIS UA 108 -35.71 51.08 -27.14
C HIS UA 108 -37.18 51.31 -26.82
N GLY UA 109 -37.59 52.56 -26.80
CA GLY UA 109 -38.95 52.93 -26.44
C GLY UA 109 -38.93 54.09 -25.47
N GLY UA 110 -40.12 54.67 -25.26
CA GLY UA 110 -40.24 55.78 -24.35
C GLY UA 110 -40.82 55.41 -23.00
N SER UA 111 -41.45 54.25 -22.92
CA SER UA 111 -42.11 53.84 -21.69
C SER UA 111 -41.11 53.16 -20.77
N PRO UA 112 -40.93 53.66 -19.54
CA PRO UA 112 -40.07 52.98 -18.57
C PRO UA 112 -40.71 51.77 -17.91
N TRP UA 113 -41.85 51.31 -18.42
CA TRP UA 113 -42.61 50.26 -17.77
C TRP UA 113 -42.75 49.05 -18.69
N PRO UA 114 -42.96 47.85 -18.13
CA PRO UA 114 -43.09 46.67 -18.98
C PRO UA 114 -44.27 46.79 -19.92
N PRO UA 115 -44.22 46.12 -21.08
CA PRO UA 115 -43.14 45.26 -21.56
C PRO UA 115 -41.90 46.03 -21.99
N CYS UA 116 -40.75 45.66 -21.42
CA CYS UA 116 -39.48 46.31 -21.75
C CYS UA 116 -38.87 45.59 -22.96
N GLN UA 117 -38.67 46.34 -24.03
CA GLN UA 117 -38.15 45.78 -25.27
C GLN UA 117 -36.67 46.15 -25.41
N TYR UA 118 -35.84 45.16 -25.70
CA TYR UA 118 -34.41 45.34 -25.78
C TYR UA 118 -33.89 44.91 -27.14
N ARG UA 119 -32.68 45.33 -27.46
CA ARG UA 119 -32.00 44.97 -28.70
C ARG UA 119 -30.60 44.50 -28.34
N ALA UA 120 -30.26 43.27 -28.74
CA ALA UA 120 -28.99 42.71 -28.37
C ALA UA 120 -27.88 43.28 -29.24
N THR UA 121 -26.65 43.10 -28.75
CA THR UA 121 -25.46 43.44 -29.52
C THR UA 121 -24.33 42.56 -28.99
N ALA UA 122 -23.96 41.54 -29.76
CA ALA UA 122 -22.84 40.72 -29.39
C ALA UA 122 -21.55 41.51 -29.50
N GLY UA 123 -20.47 40.92 -29.00
CA GLY UA 123 -19.19 41.58 -29.10
C GLY UA 123 -18.11 40.89 -28.30
N PHE UA 124 -16.86 41.05 -28.74
CA PHE UA 124 -15.70 40.51 -28.05
C PHE UA 124 -14.87 41.70 -27.60
N ARG UA 125 -15.23 42.26 -26.45
CA ARG UA 125 -14.64 43.50 -25.98
C ARG UA 125 -13.93 43.27 -24.65
N ASN UA 126 -13.07 44.22 -24.31
CA ASN UA 126 -12.51 44.32 -22.98
C ASN UA 126 -13.47 45.09 -22.09
N VAL UA 127 -13.44 44.80 -20.80
CA VAL UA 127 -14.37 45.40 -19.86
C VAL UA 127 -13.60 46.22 -18.84
N VAL UA 128 -14.25 47.25 -18.34
CA VAL UA 128 -13.71 48.07 -17.28
C VAL UA 128 -14.62 47.97 -16.06
N VAL UA 129 -14.05 47.57 -14.94
CA VAL UA 129 -14.80 47.19 -13.75
C VAL UA 129 -14.37 48.08 -12.59
N ALA UA 130 -15.34 48.47 -11.76
CA ALA UA 130 -15.07 49.20 -10.52
C ALA UA 130 -14.90 48.17 -9.42
N CYS UA 131 -13.65 47.95 -9.00
CA CYS UA 131 -13.36 46.91 -8.03
C CYS UA 131 -13.59 47.38 -6.60
N GLU UA 132 -13.76 46.40 -5.72
CA GLU UA 132 -13.96 46.64 -4.30
C GLU UA 132 -13.59 45.37 -3.55
N ASN UA 133 -12.63 45.46 -2.65
CA ASN UA 133 -12.13 44.33 -1.86
C ASN UA 133 -11.69 43.15 -2.73
N GLY UA 134 -11.16 43.42 -3.92
CA GLY UA 134 -10.86 42.34 -4.83
C GLY UA 134 -12.06 41.72 -5.48
N LEU UA 135 -13.20 42.39 -5.46
CA LEU UA 135 -14.43 41.83 -6.01
C LEU UA 135 -15.14 42.84 -6.90
N PRO UA 136 -15.48 42.45 -8.11
CA PRO UA 136 -16.23 43.35 -9.00
C PRO UA 136 -17.60 43.66 -8.44
N VAL UA 137 -17.95 44.94 -8.40
CA VAL UA 137 -19.24 45.36 -7.88
C VAL UA 137 -20.07 46.15 -8.88
N HIS UA 138 -19.46 46.66 -9.95
CA HIS UA 138 -20.25 47.30 -11.00
C HIS UA 138 -19.50 47.33 -12.32
N LEU UA 139 -20.17 46.94 -13.39
CA LEU UA 139 -19.56 46.96 -14.72
C LEU UA 139 -19.78 48.32 -15.37
N ASP UA 140 -18.69 48.94 -15.82
CA ASP UA 140 -18.73 50.32 -16.30
C ASP UA 140 -18.95 50.41 -17.80
N GLN UA 141 -18.06 49.82 -18.59
CA GLN UA 141 -18.14 49.96 -20.05
C GLN UA 141 -17.45 48.76 -20.68
N SER UA 142 -17.67 48.57 -21.98
CA SER UA 142 -17.10 47.47 -22.75
C SER UA 142 -16.33 48.09 -23.91
N ILE UA 143 -15.01 47.96 -23.87
CA ILE UA 143 -14.13 48.73 -24.72
C ILE UA 143 -13.37 47.82 -25.68
N PHE UA 144 -13.22 48.29 -26.91
CA PHE UA 144 -12.28 47.69 -27.84
C PHE UA 144 -10.85 48.01 -27.42
N ARG UA 145 -9.95 47.04 -27.62
CA ARG UA 145 -8.61 47.13 -27.06
C ARG UA 145 -7.85 48.34 -27.58
N ARG UA 146 -7.55 48.36 -28.88
CA ARG UA 146 -6.79 49.44 -29.51
C ARG UA 146 -6.76 49.16 -31.00
N PRO UA 147 -6.62 50.18 -31.85
CA PRO UA 147 -6.47 49.94 -33.29
C PRO UA 147 -5.05 49.51 -33.65
N THR VA 1 -84.48 1.91 -112.69
CA THR VA 1 -84.20 2.10 -114.10
C THR VA 1 -82.81 2.70 -114.29
N GLU VA 2 -82.20 3.16 -113.19
CA GLU VA 2 -80.94 3.88 -113.28
C GLU VA 2 -80.03 3.40 -112.16
N GLN VA 3 -78.74 3.72 -112.30
CA GLN VA 3 -77.74 3.40 -111.30
C GLN VA 3 -76.84 4.62 -111.12
N MET VA 4 -76.79 5.15 -109.90
CA MET VA 4 -75.98 6.34 -109.63
C MET VA 4 -74.52 5.95 -109.41
N THR VA 5 -73.61 6.82 -109.85
CA THR VA 5 -72.18 6.59 -109.74
C THR VA 5 -71.48 7.87 -109.31
N LEU VA 6 -70.19 7.73 -109.00
CA LEU VA 6 -69.33 8.85 -108.64
C LEU VA 6 -68.40 9.18 -109.79
N ARG VA 7 -67.82 10.34 -109.71
CA ARG VA 7 -66.72 10.73 -110.59
C ARG VA 7 -65.50 11.19 -109.82
N GLY VA 8 -65.68 11.87 -108.69
CA GLY VA 8 -64.54 12.24 -107.88
C GLY VA 8 -64.94 13.11 -106.71
N THR VA 9 -63.95 13.79 -106.14
CA THR VA 9 -64.14 14.65 -104.99
C THR VA 9 -63.56 16.02 -105.29
N LEU VA 10 -64.01 17.02 -104.53
CA LEU VA 10 -63.57 18.40 -104.67
C LEU VA 10 -63.14 18.90 -103.30
N LYS VA 11 -61.84 19.03 -103.08
CA LYS VA 11 -61.31 19.52 -101.82
C LYS VA 11 -60.89 20.98 -101.96
N GLY VA 12 -61.71 21.88 -101.41
CA GLY VA 12 -61.38 23.29 -101.45
C GLY VA 12 -61.78 24.06 -100.21
N HIS VA 13 -62.16 23.35 -99.15
CA HIS VA 13 -62.63 24.00 -97.94
C HIS VA 13 -62.04 23.32 -96.71
N ASN VA 14 -61.97 24.07 -95.63
CA ASN VA 14 -61.66 23.54 -94.31
C ASN VA 14 -62.86 23.50 -93.39
N GLY VA 15 -63.89 24.30 -93.66
CA GLY VA 15 -65.17 24.17 -93.03
C GLY VA 15 -66.13 23.47 -93.97
N TRP VA 16 -67.18 22.90 -93.40
CA TRP VA 16 -68.08 22.07 -94.19
C TRP VA 16 -69.03 22.93 -95.01
N VAL VA 17 -69.18 22.58 -96.28
CA VAL VA 17 -69.98 23.37 -97.21
C VAL VA 17 -71.40 23.47 -96.70
N THR VA 18 -72.00 24.66 -96.83
CA THR VA 18 -73.33 24.90 -96.31
C THR VA 18 -74.39 24.99 -97.38
N GLN VA 19 -74.02 25.35 -98.61
CA GLN VA 19 -74.95 25.35 -99.74
C GLN VA 19 -74.13 25.41 -101.01
N ILE VA 20 -74.57 24.67 -102.01
CA ILE VA 20 -73.93 24.65 -103.33
C ILE VA 20 -74.93 25.22 -104.33
N ALA VA 21 -74.63 26.39 -104.88
CA ALA VA 21 -75.49 27.04 -105.85
C ALA VA 21 -75.05 26.66 -107.26
N THR VA 22 -76.02 26.63 -108.17
CA THR VA 22 -75.76 26.28 -109.55
C THR VA 22 -76.38 27.35 -110.45
N THR VA 23 -75.82 27.49 -111.65
CA THR VA 23 -76.35 28.43 -112.62
C THR VA 23 -76.73 27.71 -113.90
N PRO VA 24 -77.83 28.12 -114.55
CA PRO VA 24 -78.13 27.57 -115.87
C PRO VA 24 -77.25 28.15 -116.96
N GLN VA 25 -76.66 29.32 -116.71
CA GLN VA 25 -75.82 30.00 -117.68
C GLN VA 25 -74.61 29.14 -118.05
N PHE VA 26 -73.78 28.85 -117.08
CA PHE VA 26 -72.56 28.09 -117.32
C PHE VA 26 -72.72 26.67 -116.82
N PRO VA 27 -72.31 25.66 -117.59
CA PRO VA 27 -72.52 24.28 -117.16
C PRO VA 27 -71.40 23.79 -116.24
N ASP VA 28 -70.20 24.31 -116.44
CA ASP VA 28 -69.00 23.84 -115.76
C ASP VA 28 -68.42 24.84 -114.79
N MET VA 29 -69.17 25.88 -114.42
CA MET VA 29 -68.79 26.79 -113.35
C MET VA 29 -69.74 26.57 -112.18
N ILE VA 30 -69.21 26.11 -111.05
CA ILE VA 30 -70.03 25.82 -109.87
C ILE VA 30 -69.52 26.69 -108.72
N LEU VA 31 -70.43 27.13 -107.87
CA LEU VA 31 -70.10 27.94 -106.71
C LEU VA 31 -70.42 27.14 -105.45
N SER VA 32 -69.63 27.35 -104.40
CA SER VA 32 -69.76 26.52 -103.20
C SER VA 32 -69.43 27.34 -101.97
N ALA VA 33 -70.42 27.56 -101.13
CA ALA VA 33 -70.24 28.18 -99.83
C ALA VA 33 -69.68 27.17 -98.85
N SER VA 34 -69.35 27.63 -97.65
CA SER VA 34 -68.77 26.77 -96.63
C SER VA 34 -68.77 27.50 -95.29
N ARG VA 35 -68.42 26.76 -94.24
CA ARG VA 35 -68.28 27.36 -92.91
C ARG VA 35 -67.21 28.44 -92.92
N ASP VA 36 -65.98 28.07 -93.31
CA ASP VA 36 -64.96 29.09 -93.52
C ASP VA 36 -65.45 30.10 -94.55
N LYS VA 37 -65.15 31.37 -94.30
CA LYS VA 37 -65.83 32.48 -94.96
C LYS VA 37 -65.59 32.52 -96.46
N THR VA 38 -64.72 31.68 -96.99
CA THR VA 38 -64.39 31.70 -98.40
C THR VA 38 -65.48 30.99 -99.19
N ILE VA 39 -65.95 31.65 -100.24
CA ILE VA 39 -66.95 31.08 -101.14
C ILE VA 39 -66.22 30.61 -102.39
N ILE VA 40 -65.96 29.32 -102.46
CA ILE VA 40 -65.09 28.77 -103.51
C ILE VA 40 -65.86 28.65 -104.81
N MET VA 41 -65.32 29.25 -105.87
CA MET VA 41 -65.82 29.06 -107.22
C MET VA 41 -64.88 28.11 -107.95
N TRP VA 42 -65.45 27.07 -108.56
CA TRP VA 42 -64.68 26.00 -109.15
C TRP VA 42 -64.68 26.12 -110.67
N LYS VA 43 -63.74 25.41 -111.30
CA LYS VA 43 -63.69 25.23 -112.74
C LYS VA 43 -63.76 23.73 -112.99
N LEU VA 44 -64.96 23.25 -113.34
CA LEU VA 44 -65.15 21.83 -113.53
C LEU VA 44 -64.28 21.32 -114.68
N THR VA 45 -63.42 20.35 -114.40
CA THR VA 45 -62.45 19.90 -115.39
C THR VA 45 -62.81 18.59 -116.07
N ARG VA 46 -63.53 17.70 -115.38
CA ARG VA 46 -63.82 16.35 -115.87
C ARG VA 46 -62.53 15.61 -116.22
N ASP VA 47 -61.58 15.69 -115.30
CA ASP VA 47 -60.25 15.12 -115.48
C ASP VA 47 -60.09 13.91 -114.58
N GLU VA 48 -59.09 13.08 -114.91
CA GLU VA 48 -58.83 11.87 -114.14
C GLU VA 48 -58.37 12.19 -112.73
N THR VA 49 -57.47 13.16 -112.59
CA THR VA 49 -56.99 13.54 -111.26
C THR VA 49 -58.11 14.17 -110.45
N ASN VA 50 -58.60 15.32 -110.89
CA ASN VA 50 -59.62 16.06 -110.17
C ASN VA 50 -60.76 16.42 -111.09
N TYR VA 51 -61.97 16.49 -110.53
CA TYR VA 51 -63.14 16.85 -111.32
C TYR VA 51 -63.35 18.35 -111.41
N GLY VA 52 -62.81 19.11 -110.46
CA GLY VA 52 -63.01 20.55 -110.45
C GLY VA 52 -61.94 21.25 -109.67
N ILE VA 53 -61.59 22.44 -110.13
CA ILE VA 53 -60.51 23.21 -109.53
C ILE VA 53 -61.02 24.59 -109.14
N PRO VA 54 -60.73 25.07 -107.93
CA PRO VA 54 -61.15 26.42 -107.56
C PRO VA 54 -60.39 27.46 -108.36
N GLN VA 55 -61.12 28.46 -108.86
CA GLN VA 55 -60.50 29.58 -109.54
C GLN VA 55 -60.67 30.90 -108.79
N ARG VA 56 -61.77 31.07 -108.07
CA ARG VA 56 -61.97 32.25 -107.26
C ARG VA 56 -62.57 31.84 -105.93
N ALA VA 57 -62.18 32.56 -104.88
CA ALA VA 57 -62.73 32.36 -103.54
C ALA VA 57 -63.17 33.73 -103.05
N LEU VA 58 -64.47 33.93 -102.94
CA LEU VA 58 -64.98 35.21 -102.47
C LEU VA 58 -64.72 35.34 -100.98
N ARG VA 59 -63.93 36.32 -100.59
CA ARG VA 59 -63.66 36.61 -99.19
C ARG VA 59 -64.32 37.93 -98.85
N GLY VA 60 -64.58 38.13 -97.57
CA GLY VA 60 -65.15 39.39 -97.14
C GLY VA 60 -66.20 39.28 -96.05
N HIS VA 61 -66.52 38.05 -95.65
CA HIS VA 61 -67.49 37.80 -94.62
C HIS VA 61 -66.79 37.59 -93.27
N SER VA 62 -67.54 37.81 -92.19
CA SER VA 62 -66.97 37.66 -90.86
C SER VA 62 -67.24 36.27 -90.29
N HIS VA 63 -68.47 35.80 -90.40
CA HIS VA 63 -68.89 34.53 -89.82
C HIS VA 63 -69.20 33.55 -90.95
N PHE VA 64 -69.66 32.35 -90.58
CA PHE VA 64 -69.95 31.34 -91.59
C PHE VA 64 -71.00 31.84 -92.56
N VAL VA 65 -70.78 31.58 -93.85
CA VAL VA 65 -71.75 31.94 -94.87
C VAL VA 65 -72.78 30.82 -94.97
N SER VA 66 -74.05 31.18 -94.91
CA SER VA 66 -75.13 30.21 -94.75
C SER VA 66 -75.70 29.76 -96.08
N ASP VA 67 -76.18 30.70 -96.89
CA ASP VA 67 -76.72 30.34 -98.19
C ASP VA 67 -76.18 31.29 -99.26
N VAL VA 68 -76.25 30.85 -100.51
CA VAL VA 68 -75.72 31.61 -101.62
C VAL VA 68 -76.47 31.20 -102.88
N VAL VA 69 -76.75 32.17 -103.73
CA VAL VA 69 -77.54 31.92 -104.94
C VAL VA 69 -76.97 32.75 -106.07
N ILE VA 70 -76.95 32.16 -107.26
CA ILE VA 70 -76.41 32.78 -108.46
C ILE VA 70 -77.56 33.36 -109.27
N SER VA 71 -77.32 34.52 -109.87
CA SER VA 71 -78.38 35.16 -110.65
C SER VA 71 -78.63 34.40 -111.94
N SER VA 72 -79.81 34.66 -112.52
CA SER VA 72 -80.11 34.14 -113.85
C SER VA 72 -79.16 34.70 -114.90
N ASP VA 73 -78.49 35.81 -114.60
CA ASP VA 73 -77.60 36.43 -115.57
C ASP VA 73 -76.29 35.66 -115.69
N GLY VA 74 -75.82 35.06 -114.61
CA GLY VA 74 -74.50 34.48 -114.58
C GLY VA 74 -73.41 35.47 -114.23
N GLN VA 75 -73.77 36.66 -113.78
CA GLN VA 75 -72.83 37.73 -113.44
C GLN VA 75 -72.65 37.88 -111.94
N PHE VA 76 -73.76 37.86 -111.19
CA PHE VA 76 -73.73 38.13 -109.75
C PHE VA 76 -74.20 36.91 -108.98
N ALA VA 77 -73.53 36.63 -107.87
CA ALA VA 77 -73.96 35.62 -106.92
C ALA VA 77 -74.09 36.27 -105.56
N LEU VA 78 -75.28 36.19 -104.97
CA LEU VA 78 -75.56 36.80 -103.68
C LEU VA 78 -75.42 35.75 -102.59
N SER VA 79 -74.76 36.13 -101.50
CA SER VA 79 -74.51 35.22 -100.39
C SER VA 79 -74.92 35.89 -99.09
N GLY VA 80 -75.28 35.04 -98.12
CA GLY VA 80 -75.68 35.49 -96.80
C GLY VA 80 -74.94 34.75 -95.71
N SER VA 81 -74.30 35.48 -94.81
CA SER VA 81 -73.56 34.89 -93.70
C SER VA 81 -74.25 35.18 -92.38
N TRP VA 82 -73.64 34.67 -91.31
CA TRP VA 82 -74.22 34.85 -89.99
C TRP VA 82 -73.94 36.23 -89.42
N ASP VA 83 -73.15 37.04 -90.12
CA ASP VA 83 -72.91 38.40 -89.68
C ASP VA 83 -74.06 39.35 -89.97
N GLY VA 84 -75.13 38.84 -90.56
CA GLY VA 84 -76.26 39.70 -90.91
C GLY VA 84 -76.00 40.64 -92.06
N THR VA 85 -75.02 40.31 -92.91
CA THR VA 85 -74.66 41.16 -94.04
C THR VA 85 -74.80 40.33 -95.31
N LEU VA 86 -75.62 40.80 -96.24
CA LEU VA 86 -75.79 40.13 -97.52
C LEU VA 86 -74.83 40.75 -98.52
N ARG VA 87 -73.97 39.93 -99.11
CA ARG VA 87 -73.00 40.37 -100.10
C ARG VA 87 -73.44 39.94 -101.48
N LEU VA 88 -73.19 40.81 -102.47
CA LEU VA 88 -73.60 40.58 -103.85
C LEU VA 88 -72.32 40.60 -104.68
N TRP VA 89 -71.76 39.41 -104.91
CA TRP VA 89 -70.45 39.30 -105.52
C TRP VA 89 -70.53 39.41 -107.04
N ASP VA 90 -69.38 39.65 -107.64
CA ASP VA 90 -69.20 39.63 -109.10
C ASP VA 90 -68.19 38.54 -109.41
N LEU VA 91 -68.63 37.49 -110.10
CA LEU VA 91 -67.85 36.26 -110.23
C LEU VA 91 -66.52 36.46 -110.91
N THR VA 92 -66.39 37.48 -111.76
CA THR VA 92 -65.15 37.68 -112.53
C THR VA 92 -64.17 38.56 -111.76
N THR VA 93 -64.58 39.79 -111.45
CA THR VA 93 -63.69 40.72 -110.78
C THR VA 93 -63.44 40.34 -109.34
N GLY VA 94 -64.32 39.52 -108.75
CA GLY VA 94 -64.15 39.09 -107.38
C GLY VA 94 -64.30 40.23 -106.40
N THR VA 95 -65.49 40.82 -106.34
CA THR VA 95 -65.74 41.95 -105.46
C THR VA 95 -67.24 42.04 -105.18
N THR VA 96 -67.57 42.69 -104.07
CA THR VA 96 -68.96 42.97 -103.74
C THR VA 96 -69.38 44.27 -104.40
N THR VA 97 -70.52 44.23 -105.08
CA THR VA 97 -71.08 45.43 -105.65
C THR VA 97 -71.76 46.27 -104.57
N ARG VA 98 -72.53 45.61 -103.70
CA ARG VA 98 -73.23 46.32 -102.64
C ARG VA 98 -73.51 45.36 -101.49
N ARG VA 99 -73.53 45.92 -100.28
CA ARG VA 99 -73.77 45.18 -99.07
C ARG VA 99 -75.16 45.52 -98.54
N PHE VA 100 -75.86 44.52 -98.00
CA PHE VA 100 -77.21 44.71 -97.49
C PHE VA 100 -77.16 44.69 -95.96
N VAL VA 101 -77.61 45.77 -95.34
CA VAL VA 101 -77.57 45.94 -93.89
C VAL VA 101 -79.00 46.01 -93.37
N GLY VA 102 -79.20 45.54 -92.14
CA GLY VA 102 -80.51 45.57 -91.52
C GLY VA 102 -80.84 44.33 -90.71
N HIS VA 103 -80.29 43.18 -91.11
CA HIS VA 103 -80.46 41.98 -90.32
C HIS VA 103 -79.67 42.09 -89.02
N THR VA 104 -80.35 41.78 -87.92
CA THR VA 104 -79.72 41.85 -86.60
C THR VA 104 -78.98 40.57 -86.24
N LYS VA 105 -79.64 39.43 -86.32
CA LYS VA 105 -79.01 38.15 -86.03
C LYS VA 105 -78.68 37.40 -87.32
N ASP VA 106 -78.29 36.14 -87.14
CA ASP VA 106 -77.64 35.37 -88.19
C ASP VA 106 -78.58 35.14 -89.37
N VAL VA 107 -78.10 35.42 -90.58
CA VAL VA 107 -78.87 35.15 -91.78
C VAL VA 107 -78.69 33.70 -92.16
N LEU VA 108 -79.79 33.02 -92.47
CA LEU VA 108 -79.76 31.60 -92.80
C LEU VA 108 -79.94 31.31 -94.28
N SER VA 109 -80.89 31.94 -94.96
CA SER VA 109 -81.10 31.64 -96.37
C SER VA 109 -81.57 32.89 -97.11
N VAL VA 110 -81.39 32.86 -98.43
CA VAL VA 110 -81.76 33.95 -99.31
C VAL VA 110 -81.83 33.40 -100.73
N ALA VA 111 -82.74 33.94 -101.54
CA ALA VA 111 -82.89 33.48 -102.91
C ALA VA 111 -83.24 34.64 -103.83
N PHE VA 112 -83.03 34.42 -105.12
CA PHE VA 112 -83.30 35.41 -106.17
C PHE VA 112 -84.74 35.28 -106.65
N SER VA 113 -85.20 36.30 -107.36
CA SER VA 113 -86.45 36.19 -108.10
C SER VA 113 -86.18 35.79 -109.54
N SER VA 114 -87.21 35.81 -110.38
CA SER VA 114 -86.98 35.57 -111.80
C SER VA 114 -86.21 36.70 -112.45
N ASP VA 115 -86.42 37.92 -111.96
CA ASP VA 115 -85.83 39.12 -112.57
C ASP VA 115 -84.71 39.70 -111.72
N ASN VA 116 -84.30 39.01 -110.65
CA ASN VA 116 -83.22 39.45 -109.77
C ASN VA 116 -83.49 40.84 -109.18
N ARG VA 117 -84.76 41.25 -109.20
CA ARG VA 117 -85.19 42.51 -108.61
C ARG VA 117 -85.81 42.33 -107.23
N GLN VA 118 -86.31 41.13 -106.95
CA GLN VA 118 -86.80 40.76 -105.63
C GLN VA 118 -85.83 39.78 -105.01
N ILE VA 119 -85.37 40.09 -103.80
CA ILE VA 119 -84.48 39.20 -103.04
C ILE VA 119 -84.96 39.20 -101.59
N VAL VA 120 -85.32 38.02 -101.10
CA VAL VA 120 -85.88 37.83 -99.77
C VAL VA 120 -84.88 37.02 -98.97
N SER VA 121 -84.59 37.48 -97.75
CA SER VA 121 -83.60 36.86 -96.90
C SER VA 121 -84.21 36.57 -95.53
N GLY VA 122 -84.06 35.34 -95.08
CA GLY VA 122 -84.56 34.92 -93.78
C GLY VA 122 -83.45 34.70 -92.77
N SER VA 123 -83.40 35.55 -91.75
CA SER VA 123 -82.37 35.47 -90.73
C SER VA 123 -82.93 34.92 -89.42
N ARG VA 124 -82.04 34.72 -88.47
CA ARG VA 124 -82.43 34.20 -87.15
C ARG VA 124 -83.21 35.21 -86.33
N ASP VA 125 -83.38 36.44 -86.80
CA ASP VA 125 -84.40 37.32 -86.25
C ASP VA 125 -85.76 36.80 -86.67
N LYS VA 126 -86.80 37.29 -86.01
CA LYS VA 126 -88.15 36.79 -86.31
C LYS VA 126 -88.76 37.56 -87.47
N THR VA 127 -87.94 38.24 -88.25
CA THR VA 127 -88.42 39.00 -89.39
C THR VA 127 -87.84 38.40 -90.67
N ILE VA 128 -88.55 38.64 -91.77
CA ILE VA 128 -88.11 38.15 -93.08
C ILE VA 128 -88.04 39.34 -94.05
N LYS VA 129 -86.83 39.89 -94.21
CA LYS VA 129 -86.70 41.10 -95.01
C LYS VA 129 -86.51 40.78 -96.49
N LEU VA 130 -87.22 41.52 -97.33
CA LEU VA 130 -87.08 41.47 -98.77
C LEU VA 130 -86.38 42.75 -99.22
N TRP VA 131 -85.46 42.63 -100.16
CA TRP VA 131 -84.70 43.77 -100.64
C TRP VA 131 -84.83 43.90 -102.15
N ASN VA 132 -84.19 44.93 -102.68
CA ASN VA 132 -83.97 45.13 -104.10
C ASN VA 132 -82.49 45.44 -104.31
N THR VA 133 -82.07 45.51 -105.58
CA THR VA 133 -80.70 45.88 -105.89
C THR VA 133 -80.44 47.37 -105.67
N LEU VA 134 -81.49 48.15 -105.44
CA LEU VA 134 -81.38 49.57 -105.12
C LEU VA 134 -81.12 49.79 -103.64
N GLY VA 135 -81.25 48.75 -102.82
CA GLY VA 135 -81.02 48.89 -101.40
C GLY VA 135 -82.24 49.42 -100.68
N VAL VA 136 -83.39 48.80 -100.95
CA VAL VA 136 -84.66 49.21 -100.35
C VAL VA 136 -85.29 47.98 -99.71
N CYS VA 137 -85.36 47.99 -98.38
CA CYS VA 137 -86.25 47.08 -97.68
C CYS VA 137 -87.62 47.75 -97.52
N LYS VA 138 -88.42 47.74 -98.59
CA LYS VA 138 -89.73 48.39 -98.59
C LYS VA 138 -90.69 47.71 -97.61
N TYR VA 139 -90.84 46.39 -97.71
CA TYR VA 139 -91.76 45.65 -96.87
C TYR VA 139 -91.02 44.68 -95.97
N THR VA 140 -91.46 44.60 -94.71
CA THR VA 140 -90.93 43.65 -93.75
C THR VA 140 -91.96 43.50 -92.64
N VAL VA 141 -92.28 42.26 -92.31
CA VAL VA 141 -93.28 41.95 -91.29
C VAL VA 141 -92.54 41.52 -90.03
N GLN VA 142 -93.01 42.01 -88.87
CA GLN VA 142 -92.37 41.69 -87.60
C GLN VA 142 -93.25 40.79 -86.73
N ASP VA 143 -94.47 41.20 -86.40
CA ASP VA 143 -95.31 40.33 -85.59
C ASP VA 143 -96.13 39.41 -86.49
N GLU VA 144 -96.65 39.93 -87.61
CA GLU VA 144 -97.46 39.07 -88.49
C GLU VA 144 -96.46 38.22 -89.27
N SER VA 145 -95.82 37.30 -88.58
CA SER VA 145 -94.66 36.61 -89.13
C SER VA 145 -94.39 35.37 -88.29
N HIS VA 146 -93.26 34.73 -88.57
CA HIS VA 146 -92.82 33.54 -87.84
C HIS VA 146 -92.62 33.86 -86.36
N SER VA 147 -93.11 32.96 -85.50
CA SER VA 147 -92.89 33.11 -84.08
C SER VA 147 -91.41 32.96 -83.73
N GLU VA 148 -90.67 32.16 -84.50
CA GLU VA 148 -89.25 31.97 -84.28
C GLU VA 148 -88.47 31.81 -85.58
N TRP VA 149 -87.22 31.32 -85.49
CA TRP VA 149 -86.24 31.46 -86.57
C TRP VA 149 -86.80 31.10 -87.93
N VAL VA 150 -86.50 31.94 -88.91
CA VAL VA 150 -86.88 31.72 -90.30
C VAL VA 150 -85.74 30.94 -90.95
N SER VA 151 -85.98 29.65 -91.19
CA SER VA 151 -84.92 28.74 -91.57
C SER VA 151 -84.48 28.97 -93.01
N CYS VA 152 -85.38 28.77 -93.97
CA CYS VA 152 -85.04 28.95 -95.38
C CYS VA 152 -86.22 29.53 -96.13
N VAL VA 153 -85.90 30.34 -97.13
CA VAL VA 153 -86.90 31.04 -97.93
C VAL VA 153 -86.59 30.76 -99.40
N ARG VA 154 -87.63 30.67 -100.22
CA ARG VA 154 -87.48 30.33 -101.63
C ARG VA 154 -88.37 31.23 -102.48
N PHE VA 155 -88.15 31.14 -103.79
CA PHE VA 155 -88.99 31.76 -104.79
C PHE VA 155 -89.55 30.68 -105.71
N SER VA 156 -90.79 30.86 -106.15
CA SER VA 156 -91.43 29.94 -107.08
C SER VA 156 -91.03 30.32 -108.50
N PRO VA 157 -90.46 29.39 -109.30
CA PRO VA 157 -90.05 29.72 -110.66
C PRO VA 157 -91.20 30.12 -111.55
N ASN VA 158 -92.42 29.73 -111.15
CA ASN VA 158 -93.63 30.02 -111.91
C ASN VA 158 -93.88 31.51 -111.79
N SER VA 159 -93.59 32.23 -112.88
CA SER VA 159 -93.79 33.67 -112.89
C SER VA 159 -95.26 34.04 -112.67
N SER VA 160 -96.20 33.22 -113.17
CA SER VA 160 -97.61 33.53 -113.01
C SER VA 160 -98.02 33.54 -111.54
N ASN VA 161 -97.28 32.82 -110.69
CA ASN VA 161 -97.56 32.76 -109.27
C ASN VA 161 -96.68 33.75 -108.54
N PRO VA 162 -97.22 34.79 -107.94
CA PRO VA 162 -96.41 35.69 -107.10
C PRO VA 162 -96.18 35.10 -105.71
N ILE VA 163 -95.48 33.97 -105.66
CA ILE VA 163 -95.38 33.14 -104.45
C ILE VA 163 -93.95 33.10 -103.94
N ILE VA 164 -93.80 33.30 -102.63
CA ILE VA 164 -92.54 33.11 -101.94
C ILE VA 164 -92.76 32.27 -100.68
N VAL VA 165 -92.31 31.02 -100.72
CA VAL VA 165 -92.46 30.14 -99.57
C VAL VA 165 -91.50 30.58 -98.47
N SER VA 166 -91.92 30.40 -97.22
CA SER VA 166 -91.10 30.81 -96.08
C SER VA 166 -91.41 29.89 -94.90
N CYS VA 167 -90.68 28.77 -94.82
CA CYS VA 167 -90.77 27.92 -93.65
C CYS VA 167 -90.06 28.58 -92.47
N GLY VA 168 -90.04 27.90 -91.35
CA GLY VA 168 -89.46 28.48 -90.16
C GLY VA 168 -89.14 27.42 -89.13
N TRP VA 169 -88.61 27.88 -88.02
CA TRP VA 169 -88.38 27.04 -86.86
C TRP VA 169 -89.65 26.69 -86.11
N ASP VA 170 -90.74 27.42 -86.34
CA ASP VA 170 -91.97 27.20 -85.59
C ASP VA 170 -92.83 26.08 -86.14
N LYS VA 171 -92.26 25.17 -86.93
CA LYS VA 171 -92.98 24.04 -87.54
C LYS VA 171 -94.11 24.48 -88.47
N LEU VA 172 -94.01 25.68 -89.05
CA LEU VA 172 -95.07 26.23 -89.89
C LEU VA 172 -94.46 26.69 -91.21
N VAL VA 173 -95.12 26.37 -92.32
CA VAL VA 173 -94.73 26.85 -93.64
C VAL VA 173 -95.64 28.03 -93.96
N LYS VA 174 -95.19 29.23 -93.59
CA LYS VA 174 -95.93 30.44 -93.93
C LYS VA 174 -95.54 30.90 -95.33
N VAL VA 175 -96.47 30.81 -96.27
CA VAL VA 175 -96.24 31.23 -97.64
C VAL VA 175 -96.77 32.64 -97.82
N TRP VA 176 -96.09 33.43 -98.64
CA TRP VA 176 -96.37 34.85 -98.79
C TRP VA 176 -96.59 35.22 -100.25
N ASN VA 177 -97.53 36.13 -100.46
CA ASN VA 177 -97.87 36.63 -101.79
C ASN VA 177 -97.25 38.02 -101.93
N LEU VA 178 -96.47 38.21 -103.00
CA LEU VA 178 -95.79 39.49 -103.18
C LEU VA 178 -96.79 40.63 -103.38
N ALA VA 179 -97.89 40.37 -104.08
CA ALA VA 179 -98.85 41.41 -104.44
C ALA VA 179 -99.43 42.08 -103.21
N ASN VA 180 -100.17 41.32 -102.41
CA ASN VA 180 -100.82 41.89 -101.24
C ASN VA 180 -99.85 42.21 -100.12
N CYS VA 181 -98.59 41.79 -100.24
CA CYS VA 181 -97.57 41.94 -99.20
C CYS VA 181 -98.03 41.32 -97.89
N LYS VA 182 -98.70 40.17 -98.02
CA LYS VA 182 -99.26 39.44 -96.90
C LYS VA 182 -99.07 37.95 -97.14
N LEU VA 183 -99.45 37.15 -96.15
CA LEU VA 183 -99.35 35.69 -96.25
C LEU VA 183 -100.65 35.11 -96.79
N LYS VA 184 -100.54 33.99 -97.49
CA LYS VA 184 -101.71 33.32 -98.05
C LYS VA 184 -102.20 32.18 -97.18
N THR VA 185 -101.34 31.22 -96.88
CA THR VA 185 -101.76 30.08 -96.09
C THR VA 185 -100.60 29.60 -95.23
N ASN VA 186 -100.95 28.77 -94.25
CA ASN VA 186 -99.98 28.16 -93.35
C ASN VA 186 -100.09 26.65 -93.50
N HIS VA 187 -98.95 26.00 -93.69
CA HIS VA 187 -98.92 24.55 -93.86
C HIS VA 187 -98.46 23.94 -92.54
N ILE VA 188 -99.40 23.32 -91.83
CA ILE VA 188 -99.15 22.75 -90.52
C ILE VA 188 -99.11 21.24 -90.72
N GLY VA 189 -98.50 20.54 -89.76
CA GLY VA 189 -98.51 19.09 -89.83
C GLY VA 189 -97.14 18.46 -89.86
N HIS VA 190 -96.14 19.17 -89.33
CA HIS VA 190 -94.77 18.71 -89.32
C HIS VA 190 -94.23 18.84 -87.90
N THR VA 191 -93.76 17.73 -87.34
CA THR VA 191 -93.20 17.74 -86.00
C THR VA 191 -91.77 18.26 -86.04
N GLY VA 192 -91.40 19.07 -85.07
CA GLY VA 192 -90.07 19.66 -85.03
C GLY VA 192 -89.92 20.79 -86.04
N TYR VA 193 -88.95 21.67 -85.77
CA TYR VA 193 -88.66 22.77 -86.68
C TYR VA 193 -88.28 22.26 -88.06
N LEU VA 194 -88.57 23.08 -89.06
CA LEU VA 194 -88.26 22.75 -90.45
C LEU VA 194 -86.97 23.44 -90.86
N ASN VA 195 -86.20 22.76 -91.71
CA ASN VA 195 -84.91 23.30 -92.16
C ASN VA 195 -84.91 23.73 -93.62
N THR VA 196 -85.42 22.91 -94.52
CA THR VA 196 -85.23 23.10 -95.95
C THR VA 196 -86.56 23.19 -96.67
N VAL VA 197 -86.60 24.02 -97.72
CA VAL VA 197 -87.73 24.13 -98.63
C VAL VA 197 -87.20 24.23 -100.04
N THR VA 198 -87.77 23.42 -100.93
CA THR VA 198 -87.48 23.53 -102.36
C THR VA 198 -88.79 23.43 -103.13
N VAL VA 199 -88.87 24.16 -104.23
CA VAL VA 199 -90.04 24.17 -105.10
C VAL VA 199 -89.64 23.65 -106.46
N SER VA 200 -90.55 22.93 -107.11
CA SER VA 200 -90.26 22.41 -108.42
C SER VA 200 -90.20 23.55 -109.44
N PRO VA 201 -89.45 23.38 -110.52
CA PRO VA 201 -89.53 24.35 -111.62
C PRO VA 201 -90.93 24.49 -112.19
N ASP VA 202 -91.81 23.53 -111.94
CA ASP VA 202 -93.20 23.66 -112.35
C ASP VA 202 -93.91 24.78 -111.61
N GLY VA 203 -93.47 25.09 -110.39
CA GLY VA 203 -94.21 26.03 -109.57
C GLY VA 203 -95.56 25.49 -109.16
N SER VA 204 -95.65 24.18 -108.94
CA SER VA 204 -96.90 23.52 -108.60
C SER VA 204 -96.92 22.91 -107.22
N LEU VA 205 -95.84 22.24 -106.82
CA LEU VA 205 -95.76 21.60 -105.51
C LEU VA 205 -94.41 21.90 -104.87
N CYS VA 206 -94.43 22.12 -103.56
CA CYS VA 206 -93.25 22.47 -102.80
C CYS VA 206 -92.93 21.38 -101.78
N ALA VA 207 -91.68 21.34 -101.35
CA ALA VA 207 -91.22 20.35 -100.39
C ALA VA 207 -90.75 21.04 -99.12
N SER VA 208 -90.71 20.27 -98.02
CA SER VA 208 -90.31 20.81 -96.73
C SER VA 208 -89.87 19.67 -95.83
N GLY VA 209 -88.74 19.83 -95.16
CA GLY VA 209 -88.19 18.80 -94.30
C GLY VA 209 -87.74 19.32 -92.95
N GLY VA 210 -87.39 18.38 -92.08
CA GLY VA 210 -86.94 18.68 -90.73
C GLY VA 210 -86.19 17.52 -90.10
N LYS VA 211 -86.54 17.17 -88.87
CA LYS VA 211 -85.88 16.04 -88.20
C LYS VA 211 -86.52 14.71 -88.53
N ASP VA 212 -87.86 14.66 -88.54
CA ASP VA 212 -88.59 13.42 -88.59
C ASP VA 212 -88.37 12.63 -89.89
N GLY VA 213 -87.57 13.12 -90.82
CA GLY VA 213 -87.45 12.45 -92.10
C GLY VA 213 -88.70 12.46 -92.94
N GLN VA 214 -89.76 13.10 -92.47
CA GLN VA 214 -91.04 13.11 -93.16
C GLN VA 214 -91.14 14.37 -94.02
N ALA VA 215 -91.26 14.19 -95.32
CA ALA VA 215 -91.20 15.32 -96.27
C ALA VA 215 -92.62 15.74 -96.60
N MET VA 216 -92.98 16.95 -96.16
CA MET VA 216 -94.28 17.52 -96.48
C MET VA 216 -94.27 18.03 -97.91
N LEU VA 217 -95.07 17.44 -98.77
CA LEU VA 217 -95.30 17.97 -100.11
C LEU VA 217 -96.68 18.61 -100.17
N TRP VA 218 -96.71 19.91 -100.43
CA TRP VA 218 -97.94 20.69 -100.49
C TRP VA 218 -98.18 21.17 -101.91
N ASP VA 219 -99.41 21.58 -102.16
CA ASP VA 219 -99.78 22.20 -103.43
C ASP VA 219 -99.67 23.71 -103.27
N LEU VA 220 -99.26 24.38 -104.35
CA LEU VA 220 -99.20 25.84 -104.32
C LEU VA 220 -100.55 26.45 -104.68
N ASN VA 221 -101.28 25.83 -105.61
CA ASN VA 221 -102.58 26.34 -106.00
C ASN VA 221 -103.63 26.01 -104.95
N GLU VA 222 -103.38 24.99 -104.13
CA GLU VA 222 -104.38 24.46 -103.20
C GLU VA 222 -103.74 24.27 -101.85
N GLY VA 223 -104.44 24.64 -100.78
CA GLY VA 223 -103.95 24.40 -99.45
C GLY VA 223 -104.10 22.93 -99.08
N LYS VA 224 -103.33 22.07 -99.74
CA LYS VA 224 -103.50 20.64 -99.66
C LYS VA 224 -102.16 19.94 -99.53
N HIS VA 225 -102.01 19.14 -98.48
CA HIS VA 225 -100.87 18.27 -98.34
C HIS VA 225 -101.05 17.05 -99.22
N LEU VA 226 -100.09 16.76 -100.08
CA LEU VA 226 -100.24 15.67 -101.02
C LEU VA 226 -99.99 14.32 -100.33
N TYR VA 227 -98.76 14.11 -99.88
CA TYR VA 227 -98.38 12.88 -99.20
C TYR VA 227 -97.05 13.13 -98.50
N THR VA 228 -96.50 12.08 -97.89
CA THR VA 228 -95.27 12.22 -97.12
C THR VA 228 -94.61 10.85 -96.98
N LEU VA 229 -93.30 10.80 -97.22
CA LEU VA 229 -92.58 9.54 -97.27
C LEU VA 229 -91.47 9.50 -96.21
N ASP VA 230 -90.94 8.30 -96.00
CA ASP VA 230 -89.99 8.04 -94.91
C ASP VA 230 -88.59 8.47 -95.31
N GLY VA 231 -87.97 9.29 -94.47
CA GLY VA 231 -86.58 9.65 -94.62
C GLY VA 231 -85.74 9.16 -93.46
N GLY VA 232 -86.35 9.06 -92.29
CA GLY VA 232 -85.63 8.58 -91.13
C GLY VA 232 -84.79 9.62 -90.42
N ASP VA 233 -83.65 9.96 -91.03
CA ASP VA 233 -82.69 10.86 -90.41
C ASP VA 233 -83.15 12.30 -90.59
N ILE VA 234 -82.28 13.23 -90.21
CA ILE VA 234 -82.64 14.63 -90.27
C ILE VA 234 -82.66 15.07 -91.71
N ILE VA 235 -83.68 15.81 -92.10
CA ILE VA 235 -83.73 16.32 -93.46
C ILE VA 235 -82.95 17.62 -93.50
N ASN VA 236 -81.74 17.55 -94.05
CA ASN VA 236 -80.90 18.74 -94.11
C ASN VA 236 -81.14 19.54 -95.37
N ALA VA 237 -81.30 18.87 -96.52
CA ALA VA 237 -81.50 19.58 -97.77
C ALA VA 237 -82.47 18.81 -98.64
N LEU VA 238 -83.08 19.55 -99.57
CA LEU VA 238 -84.04 19.02 -100.52
C LEU VA 238 -83.87 19.78 -101.83
N CYS VA 239 -83.96 19.06 -102.95
CA CYS VA 239 -83.84 19.69 -104.25
C CYS VA 239 -84.70 18.95 -105.26
N PHE VA 240 -85.37 19.71 -106.12
CA PHE VA 240 -86.15 19.14 -107.22
C PHE VA 240 -85.28 19.06 -108.45
N SER VA 241 -85.25 17.88 -109.06
CA SER VA 241 -84.49 17.72 -110.30
C SER VA 241 -85.12 18.59 -111.39
N PRO VA 242 -84.31 19.32 -112.17
CA PRO VA 242 -84.92 20.22 -113.15
C PRO VA 242 -85.44 19.52 -114.38
N ASN VA 243 -84.84 18.41 -114.78
CA ASN VA 243 -85.32 17.68 -115.94
C ASN VA 243 -86.40 16.68 -115.56
N ARG VA 244 -86.16 15.91 -114.51
CA ARG VA 244 -87.08 14.86 -114.09
C ARG VA 244 -88.08 15.38 -113.09
N TYR VA 245 -89.05 14.54 -112.78
CA TYR VA 245 -90.01 14.81 -111.72
C TYR VA 245 -89.56 14.16 -110.42
N TRP VA 246 -88.36 14.52 -109.99
CA TRP VA 246 -87.67 13.86 -108.89
C TRP VA 246 -87.44 14.83 -107.73
N LEU VA 247 -87.08 14.27 -106.58
CA LEU VA 247 -86.83 15.04 -105.36
C LEU VA 247 -85.79 14.28 -104.54
N CYS VA 248 -84.55 14.78 -104.57
CA CYS VA 248 -83.48 14.25 -103.75
C CYS VA 248 -83.48 14.91 -102.38
N ALA VA 249 -83.14 14.14 -101.35
CA ALA VA 249 -83.21 14.60 -99.98
C ALA VA 249 -81.91 14.28 -99.25
N ALA VA 250 -81.41 15.25 -98.49
CA ALA VA 250 -80.18 15.08 -97.73
C ALA VA 250 -80.49 14.64 -96.30
N THR VA 251 -80.94 13.39 -96.20
CA THR VA 251 -81.33 12.80 -94.92
C THR VA 251 -80.10 12.18 -94.26
N GLY VA 252 -79.48 12.94 -93.38
CA GLY VA 252 -78.32 12.48 -92.65
C GLY VA 252 -77.13 12.22 -93.57
N PRO VA 253 -76.44 11.11 -93.31
CA PRO VA 253 -75.24 10.78 -94.10
C PRO VA 253 -75.54 10.21 -95.48
N SER VA 254 -76.80 10.10 -95.88
CA SER VA 254 -77.18 9.50 -97.15
C SER VA 254 -78.21 10.35 -97.85
N ILE VA 255 -78.43 10.07 -99.14
CA ILE VA 255 -79.32 10.87 -99.97
C ILE VA 255 -80.46 9.99 -100.43
N LYS VA 256 -81.68 10.51 -100.34
CA LYS VA 256 -82.88 9.80 -100.76
C LYS VA 256 -83.46 10.51 -101.99
N ILE VA 257 -83.42 9.85 -103.14
CA ILE VA 257 -84.07 10.36 -104.34
C ILE VA 257 -85.37 9.60 -104.56
N TRP VA 258 -86.42 10.33 -104.93
CA TRP VA 258 -87.73 9.74 -105.16
C TRP VA 258 -88.31 10.30 -106.46
N ASP VA 259 -89.24 9.54 -107.03
CA ASP VA 259 -90.12 10.04 -108.07
C ASP VA 259 -91.50 10.23 -107.46
N LEU VA 260 -92.09 11.40 -107.66
CA LEU VA 260 -93.26 11.76 -106.87
C LEU VA 260 -94.55 11.22 -107.50
N GLU VA 261 -94.47 10.73 -108.73
CA GLU VA 261 -95.57 9.95 -109.26
C GLU VA 261 -95.61 8.57 -108.60
N GLY VA 262 -94.60 7.76 -108.85
CA GLY VA 262 -94.45 6.49 -108.15
C GLY VA 262 -93.50 6.61 -106.98
N LYS VA 263 -94.03 6.74 -105.77
CA LYS VA 263 -93.19 7.00 -104.61
C LYS VA 263 -92.39 5.77 -104.21
N ILE VA 264 -91.21 5.62 -104.80
CA ILE VA 264 -90.27 4.54 -104.49
C ILE VA 264 -88.89 5.10 -104.81
N ILE VA 265 -87.93 4.86 -103.92
CA ILE VA 265 -86.56 5.31 -104.15
C ILE VA 265 -85.93 4.45 -105.23
N VAL VA 266 -85.34 5.12 -106.22
CA VAL VA 266 -84.69 4.44 -107.34
C VAL VA 266 -83.26 4.09 -106.97
N ASP VA 267 -82.54 5.03 -106.37
CA ASP VA 267 -81.13 4.83 -106.03
C ASP VA 267 -80.85 5.41 -104.65
N GLU VA 268 -80.06 4.68 -103.87
CA GLU VA 268 -79.70 5.07 -102.52
C GLU VA 268 -78.26 5.55 -102.49
N LEU VA 269 -78.07 6.84 -102.24
CA LEU VA 269 -76.74 7.45 -102.29
C LEU VA 269 -76.10 7.31 -100.92
N LYS VA 270 -75.19 6.35 -100.79
CA LYS VA 270 -74.43 6.14 -99.56
C LYS VA 270 -72.97 5.93 -99.94
N GLN VA 271 -72.07 6.61 -99.23
CA GLN VA 271 -70.66 6.27 -99.30
C GLN VA 271 -70.43 4.90 -98.68
N GLU VA 272 -69.41 4.19 -99.16
CA GLU VA 272 -68.99 2.94 -98.55
C GLU VA 272 -67.52 2.94 -98.17
N VAL VA 273 -66.97 4.11 -97.83
CA VAL VA 273 -65.56 4.23 -97.50
C VAL VA 273 -65.44 4.42 -95.99
N ILE VA 274 -66.43 3.94 -95.25
CA ILE VA 274 -66.51 4.16 -93.81
C ILE VA 274 -65.36 3.41 -93.14
N SER VA 275 -64.47 4.15 -92.50
CA SER VA 275 -63.40 3.61 -91.69
C SER VA 275 -63.54 4.00 -90.22
N THR VA 276 -64.21 5.11 -89.94
CA THR VA 276 -64.36 5.64 -88.59
C THR VA 276 -65.48 4.91 -87.84
N SER VA 277 -65.21 3.63 -87.56
CA SER VA 277 -66.16 2.80 -86.82
C SER VA 277 -65.98 2.88 -85.31
N SER VA 278 -64.98 3.61 -84.82
CA SER VA 278 -64.70 3.69 -83.40
C SER VA 278 -65.55 4.80 -82.78
N LYS VA 279 -66.77 4.44 -82.37
CA LYS VA 279 -67.71 5.33 -81.73
C LYS VA 279 -67.85 6.62 -82.55
N ALA VA 280 -68.04 6.48 -83.85
CA ALA VA 280 -68.14 7.63 -84.75
C ALA VA 280 -69.26 7.38 -85.73
N GLU VA 281 -69.57 8.40 -86.52
CA GLU VA 281 -70.68 8.37 -87.46
C GLU VA 281 -70.25 9.12 -88.71
N PRO VA 282 -70.63 8.64 -89.90
CA PRO VA 282 -70.11 9.21 -91.14
C PRO VA 282 -70.59 10.64 -91.33
N PRO VA 283 -69.87 11.44 -92.12
CA PRO VA 283 -70.30 12.83 -92.34
C PRO VA 283 -71.69 12.92 -92.94
N GLN VA 284 -72.44 13.91 -92.49
CA GLN VA 284 -73.78 14.18 -92.99
C GLN VA 284 -73.71 15.08 -94.21
N CYS VA 285 -74.46 14.72 -95.25
CA CYS VA 285 -74.61 15.65 -96.37
C CYS VA 285 -75.35 16.88 -95.87
N THR VA 286 -74.85 18.04 -96.27
CA THR VA 286 -75.35 19.29 -95.75
C THR VA 286 -76.20 20.07 -96.73
N SER VA 287 -75.85 20.05 -98.00
CA SER VA 287 -76.65 20.71 -99.03
C SER VA 287 -76.18 20.21 -100.38
N LEU VA 288 -77.07 20.29 -101.36
CA LEU VA 288 -76.77 19.78 -102.70
C LEU VA 288 -77.76 20.39 -103.67
N ALA VA 289 -77.46 20.22 -104.95
CA ALA VA 289 -78.35 20.67 -106.02
C ALA VA 289 -77.93 19.99 -107.31
N TRP VA 290 -78.88 19.88 -108.24
CA TRP VA 290 -78.56 19.34 -109.55
C TRP VA 290 -77.94 20.41 -110.43
N SER VA 291 -77.30 19.98 -111.50
CA SER VA 291 -76.69 20.92 -112.42
C SER VA 291 -77.77 21.58 -113.28
N ALA VA 292 -77.34 22.43 -114.20
CA ALA VA 292 -78.29 23.11 -115.09
C ALA VA 292 -79.11 22.11 -115.90
N ASP VA 293 -78.54 20.95 -116.23
CA ASP VA 293 -79.21 19.95 -117.04
C ASP VA 293 -79.85 18.83 -116.24
N GLY VA 294 -79.62 18.76 -114.93
CA GLY VA 294 -80.18 17.71 -114.11
C GLY VA 294 -79.55 16.36 -114.36
N GLN VA 295 -78.36 16.33 -114.93
CA GLN VA 295 -77.70 15.08 -115.25
C GLN VA 295 -76.57 14.78 -114.28
N THR VA 296 -76.10 15.77 -113.54
CA THR VA 296 -74.97 15.61 -112.63
C THR VA 296 -75.27 16.37 -111.34
N LEU VA 297 -75.13 15.71 -110.21
CA LEU VA 297 -75.44 16.29 -108.92
C LEU VA 297 -74.15 16.47 -108.13
N PHE VA 298 -74.06 17.57 -107.38
CA PHE VA 298 -72.95 17.85 -106.49
C PHE VA 298 -73.46 17.73 -105.06
N ALA VA 299 -72.97 16.72 -104.34
CA ALA VA 299 -73.39 16.46 -102.98
C ALA VA 299 -72.33 16.98 -102.02
N GLY VA 300 -72.74 17.87 -101.12
CA GLY VA 300 -71.82 18.45 -100.16
C GLY VA 300 -71.99 17.93 -98.75
N TYR VA 301 -70.95 17.25 -98.25
CA TYR VA 301 -71.02 16.59 -96.95
C TYR VA 301 -70.34 17.46 -95.90
N THR VA 302 -70.45 17.07 -94.64
CA THR VA 302 -69.95 17.89 -93.55
C THR VA 302 -68.48 17.64 -93.24
N ASP VA 303 -67.83 16.78 -94.02
CA ASP VA 303 -66.41 16.53 -93.87
C ASP VA 303 -65.56 17.52 -94.67
N ASN VA 304 -66.10 18.70 -94.96
CA ASN VA 304 -65.40 19.73 -95.72
C ASN VA 304 -65.13 19.25 -97.15
N LEU VA 305 -66.10 18.56 -97.73
CA LEU VA 305 -65.93 17.96 -99.03
C LEU VA 305 -67.24 18.02 -99.77
N VAL VA 306 -67.16 17.98 -101.10
CA VAL VA 306 -68.33 17.92 -101.96
C VAL VA 306 -68.07 16.86 -103.03
N ARG VA 307 -68.84 15.77 -102.97
CA ARG VA 307 -68.70 14.67 -103.91
C ARG VA 307 -69.70 14.82 -105.06
N VAL VA 308 -69.21 14.60 -106.27
CA VAL VA 308 -70.02 14.72 -107.48
C VAL VA 308 -70.64 13.36 -107.83
N TRP VA 309 -71.84 13.39 -108.40
CA TRP VA 309 -72.59 12.18 -108.73
C TRP VA 309 -73.06 12.22 -110.17
N GLN VA 310 -73.08 11.04 -110.80
CA GLN VA 310 -73.45 10.93 -112.20
C GLN VA 310 -74.44 9.80 -112.36
N VAL VA 311 -75.29 9.91 -113.38
CA VAL VA 311 -76.37 8.96 -113.64
C VAL VA 311 -76.00 8.18 -114.89
N THR VA 312 -76.19 6.86 -114.84
CA THR VA 312 -75.72 5.98 -115.91
C THR VA 312 -76.65 5.93 -117.11
N ILE VA 313 -77.85 5.38 -116.91
CA ILE VA 313 -78.75 5.05 -118.00
C ILE VA 313 -79.48 6.30 -118.50
N SER WA 1 -109.71 -15.01 -43.52
CA SER WA 1 -108.52 -15.82 -43.68
C SER WA 1 -108.64 -17.08 -42.84
N GLY WA 2 -109.40 -16.97 -41.77
CA GLY WA 2 -109.56 -18.04 -40.80
C GLY WA 2 -110.75 -18.94 -41.07
N ALA WA 3 -110.48 -20.09 -41.70
CA ALA WA 3 -111.46 -21.13 -41.99
C ALA WA 3 -112.64 -20.62 -42.81
N LEU WA 4 -112.48 -19.50 -43.51
CA LEU WA 4 -113.53 -18.96 -44.36
C LEU WA 4 -113.23 -19.39 -45.79
N ASP WA 5 -113.99 -20.36 -46.29
CA ASP WA 5 -113.67 -21.09 -47.50
C ASP WA 5 -113.56 -20.16 -48.70
N VAL WA 6 -114.08 -18.93 -48.58
CA VAL WA 6 -113.93 -17.98 -49.67
C VAL WA 6 -112.46 -17.54 -49.80
N LEU WA 7 -111.72 -17.50 -48.69
CA LEU WA 7 -110.38 -16.91 -48.67
C LEU WA 7 -109.27 -17.96 -48.62
N GLN WA 8 -109.60 -19.25 -48.65
CA GLN WA 8 -108.53 -20.23 -48.78
C GLN WA 8 -107.91 -20.17 -50.17
N MET WA 9 -106.60 -20.41 -50.20
CA MET WA 9 -105.86 -20.46 -51.44
C MET WA 9 -106.46 -21.50 -52.36
N LYS WA 10 -106.75 -21.09 -53.59
CA LYS WA 10 -107.37 -21.97 -54.56
C LYS WA 10 -106.30 -22.58 -55.47
N GLU WA 11 -106.73 -23.56 -56.24
CA GLU WA 11 -105.79 -24.43 -56.96
C GLU WA 11 -105.00 -23.67 -58.02
N GLU WA 12 -105.55 -22.60 -58.57
CA GLU WA 12 -104.80 -21.87 -59.60
C GLU WA 12 -103.62 -21.12 -58.98
N ASP WA 13 -103.75 -20.72 -57.71
CA ASP WA 13 -102.69 -19.97 -57.06
C ASP WA 13 -101.47 -20.85 -56.79
N VAL WA 14 -101.68 -22.09 -56.35
CA VAL WA 14 -100.56 -22.95 -55.99
C VAL WA 14 -99.74 -23.30 -57.23
N LEU WA 15 -100.40 -23.47 -58.37
CA LEU WA 15 -99.68 -23.68 -59.62
C LEU WA 15 -98.87 -22.46 -60.01
N LYS WA 16 -99.29 -21.27 -59.59
CA LYS WA 16 -98.46 -20.09 -59.77
C LYS WA 16 -97.28 -20.08 -58.80
N PHE WA 17 -97.52 -20.52 -57.55
CA PHE WA 17 -96.44 -20.55 -56.57
C PHE WA 17 -95.38 -21.58 -56.92
N LEU WA 18 -95.79 -22.71 -57.48
CA LEU WA 18 -94.82 -23.74 -57.84
C LEU WA 18 -94.05 -23.38 -59.09
N ALA WA 19 -94.73 -22.81 -60.09
CA ALA WA 19 -94.03 -22.41 -61.30
C ALA WA 19 -93.07 -21.26 -61.05
N ALA WA 20 -93.41 -20.32 -60.17
CA ALA WA 20 -92.54 -19.19 -59.91
C ALA WA 20 -91.44 -19.53 -58.92
N GLY WA 21 -91.61 -20.61 -58.15
CA GLY WA 21 -90.58 -21.04 -57.23
C GLY WA 21 -90.54 -20.28 -55.92
N THR WA 22 -91.70 -19.86 -55.42
CA THR WA 22 -91.77 -19.13 -54.16
C THR WA 22 -91.65 -20.04 -52.95
N HIS WA 23 -91.94 -21.33 -53.11
CA HIS WA 23 -91.76 -22.28 -52.02
C HIS WA 23 -90.29 -22.56 -51.75
N LEU WA 24 -89.43 -22.40 -52.74
CA LEU WA 24 -88.01 -22.68 -52.54
C LEU WA 24 -87.33 -21.50 -51.86
N GLY WA 25 -86.82 -21.72 -50.66
CA GLY WA 25 -86.18 -20.68 -49.87
C GLY WA 25 -84.68 -20.66 -50.03
N GLY WA 26 -84.03 -20.05 -49.03
CA GLY WA 26 -82.58 -19.90 -49.05
C GLY WA 26 -81.87 -21.16 -48.60
N THR WA 27 -80.54 -21.04 -48.52
CA THR WA 27 -79.72 -22.17 -48.11
C THR WA 27 -79.61 -22.26 -46.59
N ASN WA 28 -79.30 -21.15 -45.93
CA ASN WA 28 -79.30 -21.11 -44.47
C ASN WA 28 -80.69 -20.70 -43.99
N LEU WA 29 -80.80 -20.34 -42.71
CA LEU WA 29 -82.09 -20.14 -42.08
C LEU WA 29 -81.96 -19.10 -40.98
N ASP WA 30 -82.98 -18.28 -40.83
CA ASP WA 30 -83.07 -17.37 -39.70
C ASP WA 30 -83.84 -18.04 -38.59
N PHE WA 31 -83.41 -17.82 -37.34
CA PHE WA 31 -84.10 -18.45 -36.21
C PHE WA 31 -85.51 -17.92 -36.05
N GLN WA 32 -85.80 -16.72 -36.54
CA GLN WA 32 -87.14 -16.16 -36.54
C GLN WA 32 -88.02 -16.72 -37.64
N MET WA 33 -87.43 -17.32 -38.67
CA MET WA 33 -88.17 -17.77 -39.84
C MET WA 33 -88.46 -19.26 -39.81
N GLU WA 34 -88.19 -19.93 -38.69
CA GLU WA 34 -88.49 -21.35 -38.58
C GLU WA 34 -89.97 -21.61 -38.43
N GLN WA 35 -90.76 -20.57 -38.22
CA GLN WA 35 -92.20 -20.69 -38.06
C GLN WA 35 -92.92 -20.99 -39.37
N TYR WA 36 -92.28 -20.77 -40.51
CA TYR WA 36 -92.95 -20.82 -41.80
C TYR WA 36 -92.37 -21.85 -42.75
N ILE WA 37 -91.40 -22.65 -42.32
CA ILE WA 37 -90.70 -23.56 -43.22
C ILE WA 37 -91.23 -24.96 -42.99
N TYR WA 38 -91.34 -25.72 -44.08
CA TYR WA 38 -91.73 -27.11 -43.96
C TYR WA 38 -90.56 -27.98 -43.52
N LYS WA 39 -89.53 -28.06 -44.35
CA LYS WA 39 -88.37 -28.89 -44.04
C LYS WA 39 -87.26 -28.54 -45.00
N ARG WA 40 -86.01 -28.75 -44.55
CA ARG WA 40 -84.85 -28.52 -45.39
C ARG WA 40 -84.54 -29.78 -46.19
N LYS WA 41 -84.83 -29.74 -47.48
CA LYS WA 41 -84.56 -30.89 -48.34
C LYS WA 41 -83.05 -31.07 -48.52
N SER WA 42 -82.67 -32.19 -49.12
CA SER WA 42 -81.30 -32.41 -49.50
C SER WA 42 -80.96 -31.53 -50.69
N ASP WA 43 -79.67 -31.22 -50.83
CA ASP WA 43 -79.05 -30.11 -51.58
C ASP WA 43 -79.13 -28.83 -50.77
N GLY WA 44 -79.59 -28.94 -49.52
CA GLY WA 44 -79.55 -27.83 -48.60
C GLY WA 44 -80.40 -26.64 -48.99
N ILE WA 45 -81.66 -26.89 -49.32
CA ILE WA 45 -82.58 -25.80 -49.63
C ILE WA 45 -83.87 -26.01 -48.87
N TYR WA 46 -84.26 -25.01 -48.08
CA TYR WA 46 -85.48 -25.09 -47.30
C TYR WA 46 -86.71 -24.95 -48.19
N ILE WA 47 -87.83 -25.42 -47.68
CA ILE WA 47 -89.11 -25.34 -48.37
C ILE WA 47 -90.03 -24.48 -47.52
N ILE WA 48 -90.46 -23.35 -48.08
CA ILE WA 48 -91.40 -22.48 -47.38
C ILE WA 48 -92.79 -23.07 -47.52
N ASN WA 49 -93.46 -23.30 -46.38
CA ASN WA 49 -94.81 -23.85 -46.40
C ASN WA 49 -95.79 -22.84 -46.98
N LEU WA 50 -96.30 -23.14 -48.17
CA LEU WA 50 -97.12 -22.16 -48.89
C LEU WA 50 -98.43 -21.89 -48.18
N LYS WA 51 -98.98 -22.89 -47.48
CA LYS WA 51 -100.22 -22.68 -46.74
C LYS WA 51 -100.02 -21.63 -45.65
N ARG WA 52 -98.87 -21.65 -45.00
CA ARG WA 52 -98.54 -20.61 -44.04
C ARG WA 52 -98.06 -19.34 -44.70
N THR WA 53 -97.67 -19.41 -45.97
CA THR WA 53 -97.41 -18.21 -46.75
C THR WA 53 -98.68 -17.54 -47.20
N TRP WA 54 -99.71 -18.33 -47.49
CA TRP WA 54 -100.98 -17.76 -47.92
C TRP WA 54 -101.69 -17.07 -46.76
N GLU WA 55 -101.57 -17.60 -45.55
CA GLU WA 55 -102.24 -17.01 -44.41
C GLU WA 55 -101.65 -15.65 -44.06
N LYS WA 56 -100.33 -15.54 -44.12
CA LYS WA 56 -99.69 -14.24 -43.92
C LYS WA 56 -99.99 -13.29 -45.06
N LEU WA 57 -100.14 -13.82 -46.27
CA LEU WA 57 -100.44 -12.97 -47.42
C LEU WA 57 -101.78 -12.29 -47.25
N LEU WA 58 -102.79 -13.02 -46.76
CA LEU WA 58 -104.08 -12.39 -46.50
C LEU WA 58 -104.00 -11.47 -45.29
N LEU WA 59 -103.30 -11.90 -44.24
CA LEU WA 59 -103.18 -11.08 -43.04
C LEU WA 59 -102.57 -9.73 -43.36
N ALA WA 60 -101.55 -9.71 -44.22
CA ALA WA 60 -101.00 -8.44 -44.66
C ALA WA 60 -102.04 -7.64 -45.42
N ALA WA 61 -102.85 -8.31 -46.24
CA ALA WA 61 -103.88 -7.60 -46.99
C ALA WA 61 -104.96 -7.02 -46.09
N ARG WA 62 -105.19 -7.61 -44.92
CA ARG WA 62 -106.14 -7.02 -43.99
C ARG WA 62 -105.68 -5.65 -43.52
N ALA WA 63 -104.38 -5.49 -43.28
CA ALA WA 63 -103.87 -4.22 -42.75
C ALA WA 63 -104.01 -3.11 -43.77
N ILE WA 64 -103.74 -3.42 -45.04
CA ILE WA 64 -103.73 -2.37 -46.07
C ILE WA 64 -105.13 -1.82 -46.28
N VAL WA 65 -106.10 -2.71 -46.52
CA VAL WA 65 -107.46 -2.26 -46.79
C VAL WA 65 -108.06 -1.61 -45.55
N ALA WA 66 -107.50 -1.88 -44.38
CA ALA WA 66 -107.96 -1.19 -43.18
C ALA WA 66 -107.59 0.30 -43.22
N ILE WA 67 -106.52 0.64 -43.94
CA ILE WA 67 -106.11 2.02 -44.09
C ILE WA 67 -107.09 2.72 -45.03
N GLU WA 68 -107.73 3.78 -44.54
CA GLU WA 68 -108.77 4.45 -45.31
C GLU WA 68 -108.21 5.03 -46.62
N ASN WA 69 -107.32 6.00 -46.52
CA ASN WA 69 -106.80 6.67 -47.70
C ASN WA 69 -105.75 5.78 -48.35
N PRO WA 70 -105.98 5.28 -49.57
CA PRO WA 70 -105.02 4.34 -50.17
C PRO WA 70 -103.71 4.97 -50.58
N ALA WA 71 -103.57 6.29 -50.43
CA ALA WA 71 -102.33 6.93 -50.85
C ALA WA 71 -101.24 6.79 -49.78
N ASP WA 72 -101.59 6.94 -48.51
CA ASP WA 72 -100.58 7.04 -47.46
C ASP WA 72 -100.10 5.67 -47.00
N VAL WA 73 -99.78 4.82 -47.98
CA VAL WA 73 -99.15 3.54 -47.72
C VAL WA 73 -97.97 3.36 -48.68
N SER WA 74 -96.77 3.68 -48.20
CA SER WA 74 -95.60 3.67 -49.05
C SER WA 74 -95.20 2.26 -49.43
N VAL WA 75 -94.83 2.09 -50.70
CA VAL WA 75 -94.36 0.82 -51.24
C VAL WA 75 -92.98 1.09 -51.82
N ILE WA 76 -91.97 0.42 -51.28
CA ILE WA 76 -90.59 0.73 -51.59
C ILE WA 76 -89.87 -0.50 -52.12
N SER WA 77 -88.81 -0.26 -52.89
CA SER WA 77 -87.92 -1.31 -53.36
C SER WA 77 -86.63 -0.66 -53.84
N SER WA 78 -85.50 -1.18 -53.38
CA SER WA 78 -84.20 -0.72 -53.86
C SER WA 78 -83.54 -1.68 -54.81
N ARG WA 79 -83.69 -2.98 -54.57
CA ARG WA 79 -83.13 -3.98 -55.49
C ARG WA 79 -83.80 -3.85 -56.85
N ASN WA 80 -83.05 -4.19 -57.90
CA ASN WA 80 -83.52 -4.02 -59.26
C ASN WA 80 -84.70 -4.94 -59.55
N THR WA 81 -84.83 -6.01 -58.76
CA THR WA 81 -85.87 -7.01 -58.97
C THR WA 81 -87.26 -6.48 -58.65
N GLY WA 82 -87.36 -5.45 -57.82
CA GLY WA 82 -88.66 -5.08 -57.29
C GLY WA 82 -89.27 -3.79 -57.78
N GLN WA 83 -88.49 -2.91 -58.41
CA GLN WA 83 -89.03 -1.61 -58.81
C GLN WA 83 -90.21 -1.77 -59.75
N ARG WA 84 -90.05 -2.59 -60.79
CA ARG WA 84 -91.13 -2.73 -61.75
C ARG WA 84 -92.38 -3.35 -61.12
N ALA WA 85 -92.22 -4.12 -60.05
CA ALA WA 85 -93.37 -4.71 -59.40
C ALA WA 85 -94.09 -3.71 -58.49
N VAL WA 86 -93.36 -2.76 -57.91
CA VAL WA 86 -93.96 -1.88 -56.92
C VAL WA 86 -94.62 -0.65 -57.53
N LEU WA 87 -94.17 -0.21 -58.70
CA LEU WA 87 -94.87 0.91 -59.34
C LEU WA 87 -96.22 0.48 -59.91
N LYS WA 88 -96.35 -0.78 -60.34
CA LYS WA 88 -97.65 -1.23 -60.80
C LYS WA 88 -98.50 -1.83 -59.69
N PHE WA 89 -97.91 -2.08 -58.51
CA PHE WA 89 -98.73 -2.29 -57.34
C PHE WA 89 -99.36 -0.99 -56.89
N ALA WA 90 -98.55 0.06 -56.77
CA ALA WA 90 -99.04 1.35 -56.30
C ALA WA 90 -99.94 2.03 -57.31
N ALA WA 91 -99.84 1.66 -58.59
CA ALA WA 91 -100.77 2.15 -59.59
C ALA WA 91 -102.08 1.39 -59.58
N ALA WA 92 -102.07 0.11 -59.21
CA ALA WA 92 -103.28 -0.69 -59.16
C ALA WA 92 -104.10 -0.40 -57.91
N THR WA 93 -103.43 -0.15 -56.78
CA THR WA 93 -104.14 0.13 -55.54
C THR WA 93 -104.33 1.63 -55.34
N GLY WA 94 -103.28 2.41 -55.55
CA GLY WA 94 -103.35 3.84 -55.34
C GLY WA 94 -102.32 4.33 -54.34
N ALA WA 95 -101.32 3.50 -54.10
CA ALA WA 95 -100.27 3.82 -53.15
C ALA WA 95 -99.23 4.74 -53.78
N THR WA 96 -98.28 5.20 -52.98
CA THR WA 96 -97.18 6.01 -53.50
C THR WA 96 -95.92 5.17 -53.53
N PRO WA 97 -95.38 4.87 -54.71
CA PRO WA 97 -94.21 3.99 -54.79
C PRO WA 97 -92.90 4.74 -54.64
N ILE WA 98 -91.90 4.03 -54.13
CA ILE WA 98 -90.52 4.51 -54.05
C ILE WA 98 -89.64 3.47 -54.75
N ALA WA 99 -89.00 3.88 -55.83
CA ALA WA 99 -88.19 2.97 -56.64
C ALA WA 99 -86.73 3.35 -56.51
N GLY WA 100 -86.00 2.58 -55.69
CA GLY WA 100 -84.56 2.70 -55.60
C GLY WA 100 -84.05 3.95 -54.93
N ARG WA 101 -82.86 3.86 -54.33
CA ARG WA 101 -82.20 4.98 -53.67
C ARG WA 101 -83.12 5.68 -52.68
N PHE WA 102 -83.50 4.98 -51.63
CA PHE WA 102 -84.25 5.57 -50.53
C PHE WA 102 -83.33 6.54 -49.82
N THR WA 103 -83.54 7.84 -50.04
CA THR WA 103 -82.68 8.83 -49.40
C THR WA 103 -82.97 8.87 -47.91
N PRO WA 104 -81.99 8.68 -47.04
CA PRO WA 104 -82.26 8.66 -45.60
C PRO WA 104 -82.77 9.99 -45.09
N GLY WA 105 -83.94 9.98 -44.48
CA GLY WA 105 -84.50 11.20 -43.92
C GLY WA 105 -85.80 11.62 -44.56
N THR WA 106 -86.38 10.76 -45.40
CA THR WA 106 -87.66 11.07 -46.01
C THR WA 106 -88.82 10.90 -45.05
N PHE WA 107 -88.59 10.35 -43.86
CA PHE WA 107 -89.64 10.20 -42.88
C PHE WA 107 -89.44 11.07 -41.65
N THR WA 108 -88.25 11.62 -41.44
CA THR WA 108 -87.95 12.39 -40.24
C THR WA 108 -87.55 13.83 -40.49
N ASN WA 109 -87.32 14.22 -41.73
CA ASN WA 109 -86.84 15.56 -42.05
C ASN WA 109 -87.97 16.33 -42.72
N GLN WA 110 -88.34 17.47 -42.13
CA GLN WA 110 -89.49 18.22 -42.62
C GLN WA 110 -89.12 19.06 -43.82
N ILE WA 111 -87.97 19.73 -43.77
CA ILE WA 111 -87.56 20.69 -44.78
C ILE WA 111 -87.41 19.98 -46.12
N GLN WA 112 -87.24 18.67 -46.09
CA GLN WA 112 -87.19 17.86 -47.31
C GLN WA 112 -88.44 18.08 -48.14
N THR WA 113 -88.26 18.11 -49.45
CA THR WA 113 -89.40 18.05 -50.36
C THR WA 113 -89.90 16.63 -50.55
N ALA WA 114 -89.07 15.63 -50.26
CA ALA WA 114 -89.47 14.23 -50.33
C ALA WA 114 -89.97 13.72 -48.99
N PHE WA 115 -90.41 14.61 -48.11
CA PHE WA 115 -90.90 14.23 -46.79
C PHE WA 115 -92.25 13.55 -46.93
N ARG WA 116 -92.27 12.24 -46.69
CA ARG WA 116 -93.52 11.48 -46.70
C ARG WA 116 -93.90 11.05 -45.30
N GLU WA 117 -95.20 10.99 -45.05
CA GLU WA 117 -95.76 10.58 -43.75
C GLU WA 117 -96.80 9.49 -43.98
N PRO WA 118 -96.36 8.29 -44.34
CA PRO WA 118 -97.31 7.20 -44.61
C PRO WA 118 -97.84 6.61 -43.32
N ARG WA 119 -98.84 5.73 -43.47
CA ARG WA 119 -99.38 4.97 -42.36
C ARG WA 119 -98.89 3.54 -42.31
N LEU WA 120 -98.37 3.01 -43.42
CA LEU WA 120 -97.93 1.63 -43.46
C LEU WA 120 -96.92 1.50 -44.59
N LEU WA 121 -95.85 0.76 -44.31
CA LEU WA 121 -94.74 0.61 -45.25
C LEU WA 121 -94.56 -0.86 -45.55
N VAL WA 122 -94.74 -1.24 -46.81
CA VAL WA 122 -94.52 -2.61 -47.26
C VAL WA 122 -93.22 -2.64 -48.04
N VAL WA 123 -92.38 -3.63 -47.75
CA VAL WA 123 -91.03 -3.68 -48.29
C VAL WA 123 -90.83 -5.00 -49.04
N THR WA 124 -89.96 -4.97 -50.05
CA THR WA 124 -89.63 -6.18 -50.80
C THR WA 124 -88.62 -7.05 -50.06
N ASP WA 125 -87.67 -6.41 -49.38
CA ASP WA 125 -86.59 -7.15 -48.76
C ASP WA 125 -86.09 -6.39 -47.54
N PRO WA 126 -86.09 -7.03 -46.35
CA PRO WA 126 -85.55 -6.36 -45.16
C PRO WA 126 -84.06 -6.09 -45.25
N ARG WA 127 -83.30 -6.98 -45.88
CA ARG WA 127 -81.86 -6.76 -46.00
C ARG WA 127 -81.56 -5.60 -46.94
N ALA WA 128 -82.03 -5.70 -48.18
CA ALA WA 128 -81.71 -4.68 -49.18
C ALA WA 128 -82.27 -3.33 -48.78
N ASP WA 129 -83.51 -3.30 -48.32
CA ASP WA 129 -84.10 -2.08 -47.77
C ASP WA 129 -84.00 -2.07 -46.25
N HIS WA 130 -82.77 -2.10 -45.75
CA HIS WA 130 -82.56 -1.99 -44.33
C HIS WA 130 -82.73 -0.57 -43.84
N GLN WA 131 -82.48 0.43 -44.70
CA GLN WA 131 -82.58 1.81 -44.27
C GLN WA 131 -84.01 2.20 -43.89
N PRO WA 132 -85.03 2.04 -44.75
CA PRO WA 132 -86.34 2.59 -44.42
C PRO WA 132 -86.97 1.93 -43.21
N LEU WA 133 -86.62 0.66 -42.97
CA LEU WA 133 -87.09 0.00 -41.77
C LEU WA 133 -86.64 0.70 -40.50
N THR WA 134 -85.42 1.25 -40.50
CA THR WA 134 -84.95 1.99 -39.33
C THR WA 134 -85.75 3.27 -39.14
N GLU WA 135 -85.98 4.02 -40.23
CA GLU WA 135 -86.83 5.19 -40.13
C GLU WA 135 -88.24 4.86 -39.69
N ALA WA 136 -88.69 3.63 -39.92
CA ALA WA 136 -89.98 3.19 -39.42
C ALA WA 136 -90.00 3.05 -37.91
N SER WA 137 -88.87 3.28 -37.24
CA SER WA 137 -88.80 3.27 -35.78
C SER WA 137 -88.82 4.68 -35.18
N TYR WA 138 -88.38 5.68 -35.93
CA TYR WA 138 -88.44 7.05 -35.45
C TYR WA 138 -89.82 7.65 -35.60
N VAL WA 139 -90.67 7.04 -36.42
CA VAL WA 139 -92.07 7.42 -36.53
C VAL WA 139 -92.90 6.16 -36.39
N ASN WA 140 -94.08 6.27 -35.80
CA ASN WA 140 -94.90 5.10 -35.55
C ASN WA 140 -95.43 4.54 -36.86
N LEU WA 141 -94.79 3.51 -37.40
CA LEU WA 141 -95.05 3.05 -38.76
C LEU WA 141 -95.05 1.53 -38.83
N PRO WA 142 -96.21 0.88 -38.87
CA PRO WA 142 -96.24 -0.56 -39.10
C PRO WA 142 -95.59 -0.94 -40.42
N THR WA 143 -94.99 -2.12 -40.45
CA THR WA 143 -94.17 -2.56 -41.58
C THR WA 143 -94.56 -3.94 -42.06
N ILE WA 144 -94.56 -4.12 -43.38
CA ILE WA 144 -94.71 -5.41 -44.02
C ILE WA 144 -93.46 -5.66 -44.86
N ALA WA 145 -93.08 -6.92 -45.02
CA ALA WA 145 -91.88 -7.23 -45.77
C ALA WA 145 -91.96 -8.62 -46.36
N LEU WA 146 -91.60 -8.74 -47.64
CA LEU WA 146 -91.56 -10.04 -48.33
C LEU WA 146 -90.28 -10.75 -47.90
N CYS WA 147 -90.34 -11.36 -46.71
CA CYS WA 147 -89.16 -11.93 -46.11
C CYS WA 147 -88.85 -13.29 -46.73
N ASN WA 148 -87.57 -13.67 -46.65
CA ASN WA 148 -87.08 -14.97 -47.05
C ASN WA 148 -86.63 -15.73 -45.79
N THR WA 149 -86.18 -16.97 -45.97
CA THR WA 149 -85.74 -17.77 -44.85
C THR WA 149 -84.50 -17.21 -44.18
N ASP WA 150 -83.81 -16.27 -44.82
CA ASP WA 150 -82.61 -15.67 -44.25
C ASP WA 150 -82.84 -14.25 -43.76
N SER WA 151 -83.89 -13.59 -44.21
CA SER WA 151 -84.09 -12.18 -43.91
C SER WA 151 -84.29 -11.98 -42.41
N PRO WA 152 -83.63 -11.01 -41.81
CA PRO WA 152 -83.85 -10.72 -40.39
C PRO WA 152 -85.20 -10.06 -40.18
N LEU WA 153 -85.70 -10.06 -38.95
CA LEU WA 153 -87.05 -9.60 -38.65
C LEU WA 153 -87.00 -8.42 -37.67
N ARG WA 154 -85.97 -7.60 -37.81
CA ARG WA 154 -85.80 -6.43 -36.98
C ARG WA 154 -86.71 -5.34 -37.52
N TYR WA 155 -87.64 -4.87 -36.69
CA TYR WA 155 -88.60 -3.82 -36.99
C TYR WA 155 -89.65 -4.25 -38.00
N VAL WA 156 -89.68 -5.52 -38.37
CA VAL WA 156 -90.67 -6.04 -39.30
C VAL WA 156 -91.91 -6.40 -38.50
N ASP WA 157 -93.03 -5.77 -38.82
CA ASP WA 157 -94.21 -5.97 -37.98
C ASP WA 157 -95.13 -7.07 -38.48
N ILE WA 158 -95.05 -7.43 -39.77
CA ILE WA 158 -95.65 -8.65 -40.25
C ILE WA 158 -94.90 -9.09 -41.49
N ALA WA 159 -94.59 -10.38 -41.58
CA ALA WA 159 -93.73 -10.90 -42.63
C ALA WA 159 -94.51 -11.83 -43.55
N ILE WA 160 -94.01 -11.95 -44.77
CA ILE WA 160 -94.58 -12.84 -45.76
C ILE WA 160 -93.49 -13.80 -46.21
N PRO WA 161 -93.49 -15.03 -45.71
CA PRO WA 161 -92.40 -15.96 -46.04
C PRO WA 161 -92.40 -16.33 -47.51
N CYS WA 162 -91.40 -15.84 -48.24
CA CYS WA 162 -91.39 -15.94 -49.68
C CYS WA 162 -89.96 -16.17 -50.15
N ASN WA 163 -89.80 -16.28 -51.46
CA ASN WA 163 -88.50 -16.28 -52.10
C ASN WA 163 -88.35 -14.93 -52.80
N ASN WA 164 -87.63 -14.01 -52.17
CA ASN WA 164 -87.42 -12.68 -52.74
C ASN WA 164 -86.12 -12.60 -53.53
N LYS WA 165 -85.69 -13.71 -54.12
CA LYS WA 165 -84.51 -13.76 -54.96
C LYS WA 165 -84.87 -13.74 -56.45
N GLY WA 166 -85.74 -14.64 -56.89
CA GLY WA 166 -86.06 -14.74 -58.29
C GLY WA 166 -87.04 -13.68 -58.74
N ALA WA 167 -86.81 -13.16 -59.94
CA ALA WA 167 -87.71 -12.15 -60.50
C ALA WA 167 -89.11 -12.70 -60.70
N HIS WA 168 -89.21 -13.95 -61.16
CA HIS WA 168 -90.52 -14.55 -61.36
C HIS WA 168 -91.28 -14.70 -60.05
N SER WA 169 -90.57 -14.73 -58.92
CA SER WA 169 -91.22 -14.90 -57.64
C SER WA 169 -91.64 -13.57 -57.02
N VAL WA 170 -90.79 -12.57 -57.04
CA VAL WA 170 -91.09 -11.30 -56.39
C VAL WA 170 -92.33 -10.66 -57.01
N GLY WA 171 -92.36 -10.58 -58.33
CA GLY WA 171 -93.50 -10.01 -59.00
C GLY WA 171 -94.80 -10.76 -58.71
N LEU WA 172 -94.69 -12.04 -58.39
CA LEU WA 172 -95.90 -12.83 -58.17
C LEU WA 172 -96.66 -12.36 -56.93
N MET WA 173 -95.97 -12.21 -55.80
CA MET WA 173 -96.68 -11.75 -54.61
C MET WA 173 -96.99 -10.28 -54.65
N TRP WA 174 -96.27 -9.49 -55.45
CA TRP WA 174 -96.79 -8.17 -55.75
C TRP WA 174 -98.02 -8.24 -56.63
N TRP WA 175 -98.16 -9.31 -57.40
CA TRP WA 175 -99.42 -9.58 -58.10
C TRP WA 175 -100.43 -10.28 -57.19
N MET WA 176 -99.95 -11.06 -56.21
CA MET WA 176 -100.85 -11.74 -55.29
C MET WA 176 -101.55 -10.74 -54.37
N LEU WA 177 -100.78 -9.89 -53.70
CA LEU WA 177 -101.39 -8.87 -52.85
C LEU WA 177 -102.31 -7.97 -53.64
N ALA WA 178 -101.93 -7.65 -54.87
CA ALA WA 178 -102.73 -6.76 -55.71
C ALA WA 178 -104.15 -7.28 -55.87
N ARG WA 179 -104.31 -8.59 -56.00
CA ARG WA 179 -105.65 -9.15 -56.10
C ARG WA 179 -106.41 -8.99 -54.80
N GLU WA 180 -105.83 -9.44 -53.69
CA GLU WA 180 -106.57 -9.44 -52.43
C GLU WA 180 -106.84 -8.04 -51.93
N VAL WA 181 -105.88 -7.12 -52.09
CA VAL WA 181 -106.10 -5.76 -51.65
C VAL WA 181 -107.24 -5.12 -52.44
N LEU WA 182 -107.45 -5.57 -53.68
CA LEU WA 182 -108.57 -5.11 -54.48
C LEU WA 182 -109.76 -6.06 -54.41
N ARG WA 183 -109.63 -7.17 -53.69
CA ARG WA 183 -110.75 -8.07 -53.49
C ARG WA 183 -111.48 -7.80 -52.18
N MET WA 184 -110.78 -7.24 -51.20
CA MET WA 184 -111.44 -6.85 -49.95
C MET WA 184 -112.37 -5.67 -50.18
N ARG WA 185 -111.80 -4.53 -50.55
CA ARG WA 185 -112.60 -3.42 -51.04
C ARG WA 185 -113.14 -3.79 -52.42
N GLY WA 186 -114.39 -3.44 -52.68
CA GLY WA 186 -115.00 -3.86 -53.93
C GLY WA 186 -114.33 -3.26 -55.14
N THR WA 187 -113.50 -4.05 -55.82
CA THR WA 187 -112.94 -3.65 -57.10
C THR WA 187 -113.07 -4.80 -58.09
N ILE WA 188 -112.92 -6.03 -57.61
CA ILE WA 188 -112.86 -7.21 -58.46
C ILE WA 188 -113.81 -8.26 -57.90
N SER WA 189 -114.37 -9.07 -58.79
CA SER WA 189 -115.15 -10.24 -58.39
C SER WA 189 -114.23 -11.43 -58.21
N ARG WA 190 -114.47 -12.19 -57.13
CA ARG WA 190 -113.62 -13.34 -56.84
C ARG WA 190 -113.93 -14.54 -57.72
N GLU WA 191 -115.09 -14.56 -58.38
CA GLU WA 191 -115.44 -15.70 -59.23
C GLU WA 191 -114.59 -15.74 -60.49
N HIS WA 192 -114.69 -14.72 -61.32
CA HIS WA 192 -113.79 -14.79 -62.46
C HIS WA 192 -112.46 -14.13 -62.11
N PRO WA 193 -111.36 -14.64 -62.64
CA PRO WA 193 -110.04 -14.17 -62.19
C PRO WA 193 -109.76 -12.74 -62.64
N TRP WA 194 -108.60 -12.25 -62.21
CA TRP WA 194 -108.16 -10.91 -62.54
C TRP WA 194 -107.66 -10.86 -63.97
N GLU WA 195 -108.00 -9.78 -64.68
CA GLU WA 195 -107.54 -9.65 -66.07
C GLU WA 195 -106.06 -9.32 -66.13
N VAL WA 196 -105.53 -8.69 -65.07
CA VAL WA 196 -104.11 -8.33 -65.07
C VAL WA 196 -103.28 -9.60 -64.97
N MET WA 197 -102.26 -9.70 -65.80
CA MET WA 197 -101.47 -10.92 -65.92
C MET WA 197 -100.26 -10.85 -65.01
N PRO WA 198 -99.93 -11.92 -64.29
CA PRO WA 198 -98.79 -11.85 -63.36
C PRO WA 198 -97.45 -11.59 -64.03
N ASP WA 199 -97.34 -11.75 -65.34
CA ASP WA 199 -96.08 -11.44 -66.01
C ASP WA 199 -95.83 -9.94 -66.06
N LEU WA 200 -96.89 -9.15 -65.85
CA LEU WA 200 -96.76 -7.71 -65.91
C LEU WA 200 -95.87 -7.17 -64.81
N TYR WA 201 -95.89 -7.80 -63.64
CA TYR WA 201 -95.09 -7.36 -62.50
C TYR WA 201 -93.65 -7.84 -62.54
N PHE WA 202 -93.32 -8.79 -63.41
CA PHE WA 202 -92.00 -9.39 -63.40
C PHE WA 202 -90.94 -8.38 -63.82
N TYR WA 203 -89.74 -8.56 -63.30
CA TYR WA 203 -88.61 -7.72 -63.64
C TYR WA 203 -87.96 -8.25 -64.91
N ARG WA 204 -87.77 -7.38 -65.88
CA ARG WA 204 -87.25 -7.76 -67.19
C ARG WA 204 -85.76 -7.43 -67.22
N ASP WA 205 -84.95 -8.43 -67.55
CA ASP WA 205 -83.52 -8.22 -67.73
C ASP WA 205 -83.30 -7.38 -68.98
N PRO WA 206 -82.40 -6.37 -68.91
CA PRO WA 206 -82.04 -5.60 -70.11
C PRO WA 206 -81.61 -6.47 -71.27
N GLU WA 207 -81.06 -7.64 -70.97
CA GLU WA 207 -80.78 -8.62 -72.01
C GLU WA 207 -82.06 -9.12 -72.68
N GLU WA 208 -83.03 -9.60 -71.89
CA GLU WA 208 -84.28 -10.05 -72.48
C GLU WA 208 -85.15 -8.89 -72.95
N ILE WA 209 -84.81 -7.65 -72.56
CA ILE WA 209 -85.48 -6.49 -73.12
C ILE WA 209 -85.30 -6.45 -74.63
N GLU WA 210 -84.06 -6.56 -75.11
CA GLU WA 210 -83.78 -6.47 -76.53
C GLU WA 210 -83.64 -7.83 -77.20
N LYS WA 211 -83.88 -8.92 -76.50
CA LYS WA 211 -83.89 -10.24 -77.12
C LYS WA 211 -85.27 -10.65 -77.62
N GLU WA 212 -86.34 -10.10 -77.03
CA GLU WA 212 -87.70 -10.31 -77.52
C GLU WA 212 -88.11 -9.29 -78.58
N GLU WA 213 -87.38 -8.19 -78.70
CA GLU WA 213 -87.72 -7.19 -79.71
C GLU WA 213 -87.64 -7.76 -81.13
N GLN WA 214 -86.53 -8.41 -81.48
CA GLN WA 214 -86.43 -9.04 -82.80
C GLN WA 214 -87.39 -10.21 -82.94
N ALA WA 215 -87.81 -10.80 -81.81
CA ALA WA 215 -88.88 -11.78 -81.85
C ALA WA 215 -90.21 -11.12 -82.18
N ALA WA 216 -90.30 -9.82 -81.97
CA ALA WA 216 -91.45 -9.02 -82.37
C ALA WA 216 -91.24 -8.24 -83.66
N ALA WA 217 -89.98 -7.99 -84.03
CA ALA WA 217 -89.68 -7.29 -85.27
C ALA WA 217 -89.87 -8.22 -86.47
N VAL XA 1 3.56 -21.84 -61.47
CA VAL XA 1 4.06 -21.19 -62.68
C VAL XA 1 3.48 -21.88 -63.89
N VAL XA 2 3.41 -23.21 -63.83
CA VAL XA 2 2.92 -24.04 -64.93
C VAL XA 2 1.52 -24.53 -64.57
N ASP XA 3 0.63 -24.48 -65.54
CA ASP XA 3 -0.78 -24.82 -65.34
C ASP XA 3 -0.90 -26.24 -64.81
N PRO XA 4 -1.48 -26.44 -63.62
CA PRO XA 4 -1.66 -27.80 -63.11
C PRO XA 4 -2.66 -28.62 -63.90
N PHE XA 5 -3.39 -28.03 -64.84
CA PHE XA 5 -4.30 -28.79 -65.69
C PHE XA 5 -3.60 -29.50 -66.82
N SER XA 6 -2.28 -29.34 -66.95
CA SER XA 6 -1.51 -30.18 -67.85
C SER XA 6 -1.24 -31.55 -67.26
N LYS XA 7 -1.54 -31.75 -65.98
CA LYS XA 7 -1.28 -33.01 -65.31
C LYS XA 7 -2.57 -33.77 -64.99
N LYS XA 8 -3.64 -33.47 -65.71
CA LYS XA 8 -4.93 -34.09 -65.47
C LYS XA 8 -5.26 -35.06 -66.60
N ASP XA 9 -5.81 -36.21 -66.26
CA ASP XA 9 -6.27 -37.17 -67.23
C ASP XA 9 -7.75 -37.40 -67.01
N TRP XA 10 -8.52 -37.41 -68.10
CA TRP XA 10 -9.96 -37.56 -67.99
C TRP XA 10 -10.33 -39.04 -67.93
N TYR XA 11 -11.27 -39.34 -67.03
CA TYR XA 11 -11.78 -40.70 -66.85
C TYR XA 11 -13.29 -40.66 -66.99
N ASP XA 12 -13.84 -41.60 -67.76
CA ASP XA 12 -15.27 -41.69 -67.90
C ASP XA 12 -15.84 -42.56 -66.78
N VAL XA 13 -16.99 -42.17 -66.26
CA VAL XA 13 -17.62 -42.87 -65.14
C VAL XA 13 -18.81 -43.65 -65.66
N LYS XA 14 -18.91 -44.91 -65.25
CA LYS XA 14 -19.95 -45.82 -65.71
C LYS XA 14 -20.99 -46.01 -64.63
N ALA XA 15 -22.25 -46.00 -65.02
CA ALA XA 15 -23.34 -46.31 -64.12
C ALA XA 15 -23.55 -47.82 -64.05
N PRO XA 16 -24.05 -48.32 -62.92
CA PRO XA 16 -24.31 -49.77 -62.83
C PRO XA 16 -25.38 -50.20 -63.82
N ALA XA 17 -25.43 -51.52 -64.03
CA ALA XA 17 -26.24 -52.09 -65.11
C ALA XA 17 -27.72 -51.89 -64.85
N MET XA 18 -28.10 -51.64 -63.60
CA MET XA 18 -29.51 -51.50 -63.25
C MET XA 18 -30.15 -50.32 -63.97
N PHE XA 19 -29.36 -49.33 -64.36
CA PHE XA 19 -29.86 -48.15 -65.04
C PHE XA 19 -29.75 -48.33 -66.55
N ASN XA 20 -30.63 -47.65 -67.29
CA ASN XA 20 -30.61 -47.73 -68.74
C ASN XA 20 -29.38 -47.03 -69.30
N ILE XA 21 -29.24 -45.73 -69.04
CA ILE XA 21 -28.11 -44.97 -69.56
C ILE XA 21 -26.87 -45.33 -68.76
N ARG XA 22 -25.88 -45.90 -69.43
CA ARG XA 22 -24.75 -46.47 -68.72
C ARG XA 22 -23.65 -45.45 -68.45
N ASN XA 23 -23.38 -44.56 -69.38
CA ASN XA 23 -22.38 -43.53 -69.19
C ASN XA 23 -23.00 -42.30 -68.56
N ILE XA 24 -22.32 -41.76 -67.56
CA ILE XA 24 -22.81 -40.59 -66.84
C ILE XA 24 -22.12 -39.34 -67.36
N GLY XA 25 -20.81 -39.31 -67.25
CA GLY XA 25 -20.05 -38.15 -67.65
C GLY XA 25 -18.55 -38.39 -67.61
N LYS XA 26 -17.79 -37.38 -67.22
CA LYS XA 26 -16.35 -37.44 -67.24
C LYS XA 26 -15.79 -36.93 -65.93
N THR XA 27 -14.53 -37.27 -65.67
CA THR XA 27 -13.86 -36.91 -64.43
C THR XA 27 -12.37 -36.79 -64.69
N LEU XA 28 -11.76 -35.73 -64.19
CA LEU XA 28 -10.33 -35.50 -64.38
C LEU XA 28 -9.57 -35.79 -63.10
N VAL XA 29 -8.42 -36.44 -63.26
CA VAL XA 29 -7.59 -36.88 -62.14
C VAL XA 29 -6.15 -36.53 -62.46
N THR XA 30 -5.40 -36.12 -61.44
CA THR XA 30 -3.98 -35.86 -61.62
C THR XA 30 -3.26 -37.18 -61.91
N ARG XA 31 -2.22 -37.10 -62.74
CA ARG XA 31 -1.47 -38.29 -63.12
C ARG XA 31 -0.73 -38.86 -61.91
N THR XA 32 -0.35 -40.13 -62.01
CA THR XA 32 0.30 -40.86 -60.91
C THR XA 32 1.74 -40.39 -60.78
N GLN XA 33 1.92 -39.31 -60.02
CA GLN XA 33 3.23 -38.73 -59.81
C GLN XA 33 3.73 -39.06 -58.42
N GLY XA 34 4.85 -39.77 -58.35
CA GLY XA 34 5.40 -40.21 -57.08
C GLY XA 34 4.68 -41.42 -56.53
N THR XA 35 4.60 -41.52 -55.21
CA THR XA 35 3.86 -42.63 -54.60
C THR XA 35 2.37 -42.39 -54.63
N LYS XA 36 1.95 -41.15 -54.83
CA LYS XA 36 0.53 -40.86 -54.91
C LYS XA 36 -0.05 -41.45 -56.17
N ILE XA 37 -1.09 -42.26 -56.02
CA ILE XA 37 -1.68 -43.00 -57.12
C ILE XA 37 -2.89 -42.24 -57.64
N ALA XA 38 -3.04 -42.24 -58.96
CA ALA XA 38 -4.19 -41.58 -59.56
C ALA XA 38 -5.48 -42.32 -59.23
N SER XA 39 -5.47 -43.64 -59.34
CA SER XA 39 -6.68 -44.41 -59.13
C SER XA 39 -7.18 -44.35 -57.70
N ASP XA 40 -6.27 -44.32 -56.72
CA ASP XA 40 -6.68 -44.28 -55.33
C ASP XA 40 -7.28 -42.92 -54.98
N GLY XA 41 -6.77 -41.86 -55.59
CA GLY XA 41 -7.39 -40.56 -55.47
C GLY XA 41 -8.66 -40.42 -56.27
N LEU XA 42 -9.07 -41.47 -56.95
CA LEU XA 42 -10.28 -41.49 -57.76
C LEU XA 42 -11.38 -42.36 -57.17
N LYS XA 43 -11.02 -43.27 -56.25
CA LYS XA 43 -12.03 -44.18 -55.71
C LYS XA 43 -13.05 -43.45 -54.84
N GLY XA 44 -12.59 -42.75 -53.82
CA GLY XA 44 -13.50 -42.12 -52.89
C GLY XA 44 -14.23 -40.91 -53.45
N ARG XA 45 -14.96 -41.11 -54.54
CA ARG XA 45 -15.72 -40.05 -55.19
C ARG XA 45 -17.15 -40.53 -55.38
N VAL XA 46 -18.10 -39.77 -54.86
CA VAL XA 46 -19.52 -40.05 -55.05
C VAL XA 46 -20.03 -39.13 -56.15
N PHE XA 47 -20.86 -39.67 -57.04
CA PHE XA 47 -21.42 -38.92 -58.15
C PHE XA 47 -22.92 -38.82 -57.94
N GLU XA 48 -23.36 -37.68 -57.45
CA GLU XA 48 -24.79 -37.39 -57.27
C GLU XA 48 -25.37 -37.03 -58.63
N VAL XA 49 -26.31 -37.84 -59.11
CA VAL XA 49 -26.89 -37.67 -60.44
C VAL XA 49 -28.38 -37.92 -60.37
N SER XA 50 -29.15 -37.15 -61.13
CA SER XA 50 -30.58 -37.34 -61.17
C SER XA 50 -30.93 -38.68 -61.81
N LEU XA 51 -32.19 -39.07 -61.66
CA LEU XA 51 -32.66 -40.32 -62.23
C LEU XA 51 -33.01 -40.18 -63.70
N ALA XA 52 -33.49 -39.02 -64.12
CA ALA XA 52 -33.76 -38.78 -65.53
C ALA XA 52 -32.49 -38.76 -66.37
N ASP XA 53 -31.32 -38.69 -65.75
CA ASP XA 53 -30.06 -38.77 -66.46
C ASP XA 53 -29.48 -40.18 -66.47
N LEU XA 54 -30.14 -41.12 -65.80
CA LEU XA 54 -29.75 -42.52 -65.82
C LEU XA 54 -30.79 -43.42 -66.47
N GLN XA 55 -32.07 -43.06 -66.38
CA GLN XA 55 -33.13 -43.74 -67.07
C GLN XA 55 -33.63 -42.85 -68.20
N ASN XA 56 -34.08 -43.49 -69.29
CA ASN XA 56 -34.39 -42.78 -70.52
C ASN XA 56 -35.51 -41.77 -70.38
N ASP XA 57 -36.75 -42.23 -70.10
CA ASP XA 57 -37.92 -41.36 -70.05
C ASP XA 57 -38.65 -41.62 -68.73
N GLU XA 58 -38.17 -40.99 -67.65
CA GLU XA 58 -38.75 -41.17 -66.32
C GLU XA 58 -38.69 -39.84 -65.60
N VAL XA 59 -38.97 -39.87 -64.28
CA VAL XA 59 -39.06 -38.63 -63.52
C VAL XA 59 -37.67 -38.04 -63.29
N ALA XA 60 -37.65 -36.80 -62.80
CA ALA XA 60 -36.40 -36.09 -62.56
C ALA XA 60 -36.23 -35.59 -61.14
N PHE XA 61 -37.25 -35.72 -60.29
CA PHE XA 61 -37.17 -35.20 -58.94
C PHE XA 61 -36.50 -36.16 -57.96
N ARG XA 62 -36.00 -37.29 -58.45
CA ARG XA 62 -35.33 -38.27 -57.61
C ARG XA 62 -33.89 -38.41 -58.04
N LYS XA 63 -32.98 -38.27 -57.09
CA LYS XA 63 -31.55 -38.26 -57.37
C LYS XA 63 -30.88 -39.47 -56.77
N PHE XA 64 -29.79 -39.90 -57.41
CA PHE XA 64 -29.07 -41.10 -57.01
C PHE XA 64 -27.60 -40.78 -56.84
N LYS XA 65 -27.02 -41.23 -55.75
CA LYS XA 65 -25.60 -41.04 -55.49
C LYS XA 65 -24.86 -42.33 -55.81
N LEU XA 66 -23.90 -42.25 -56.72
CA LEU XA 66 -23.09 -43.39 -57.13
C LEU XA 66 -21.65 -43.13 -56.74
N ILE XA 67 -21.01 -44.14 -56.14
CA ILE XA 67 -19.64 -44.02 -55.67
C ILE XA 67 -18.78 -44.99 -56.47
N THR XA 68 -17.54 -44.60 -56.76
CA THR XA 68 -16.63 -45.40 -57.56
C THR XA 68 -15.90 -46.40 -56.66
N GLU XA 69 -16.05 -47.68 -56.95
CA GLU XA 69 -15.32 -48.71 -56.22
C GLU XA 69 -14.01 -49.09 -56.91
N ASP XA 70 -14.02 -49.21 -58.23
CA ASP XA 70 -12.83 -49.63 -58.96
C ASP XA 70 -12.79 -48.95 -60.32
N VAL XA 71 -11.62 -48.98 -60.93
CA VAL XA 71 -11.37 -48.37 -62.23
C VAL XA 71 -10.89 -49.46 -63.19
N GLN XA 72 -11.38 -49.41 -64.43
CA GLN XA 72 -10.94 -50.31 -65.48
C GLN XA 72 -9.80 -49.74 -66.32
N GLY XA 73 -9.43 -48.49 -66.10
CA GLY XA 73 -8.50 -47.82 -66.99
C GLY XA 73 -9.30 -46.98 -67.97
N LYS XA 74 -9.34 -45.68 -67.74
CA LYS XA 74 -10.20 -44.72 -68.43
C LYS XA 74 -11.68 -45.05 -68.24
N ASN XA 75 -12.02 -45.82 -67.22
CA ASN XA 75 -13.40 -46.10 -66.86
C ASN XA 75 -13.48 -46.22 -65.35
N CYS XA 76 -14.59 -45.74 -64.78
CA CYS XA 76 -14.81 -45.77 -63.34
C CYS XA 76 -16.12 -46.50 -63.09
N LEU XA 77 -16.04 -47.77 -62.69
CA LEU XA 77 -17.23 -48.53 -62.36
C LEU XA 77 -17.77 -48.08 -61.01
N THR XA 78 -19.04 -47.67 -60.99
CA THR XA 78 -19.67 -47.19 -59.77
C THR XA 78 -20.69 -48.21 -59.27
N ASN XA 79 -21.24 -47.91 -58.10
CA ASN XA 79 -22.27 -48.75 -57.49
C ASN XA 79 -23.13 -47.86 -56.61
N PHE XA 80 -24.37 -48.31 -56.38
CA PHE XA 80 -25.34 -47.53 -55.63
C PHE XA 80 -24.81 -47.15 -54.25
N HIS XA 81 -25.04 -45.90 -53.86
CA HIS XA 81 -24.54 -45.41 -52.58
C HIS XA 81 -25.63 -44.73 -51.77
N GLY XA 82 -26.68 -44.26 -52.44
CA GLY XA 82 -27.75 -43.59 -51.74
C GLY XA 82 -28.75 -43.04 -52.73
N MET XA 83 -29.89 -42.64 -52.19
CA MET XA 83 -30.96 -42.05 -52.99
C MET XA 83 -31.58 -40.91 -52.20
N ASP XA 84 -32.04 -39.89 -52.91
CA ASP XA 84 -32.57 -38.70 -52.26
C ASP XA 84 -33.41 -37.92 -53.27
N LEU XA 85 -34.34 -37.13 -52.74
CA LEU XA 85 -35.22 -36.30 -53.56
C LEU XA 85 -34.70 -34.87 -53.62
N THR XA 86 -35.06 -34.18 -54.71
CA THR XA 86 -34.67 -32.79 -54.84
C THR XA 86 -35.41 -31.93 -53.82
N ARG XA 87 -34.70 -30.93 -53.28
CA ARG XA 87 -35.28 -30.08 -52.25
C ARG XA 87 -36.52 -29.36 -52.74
N ASP XA 88 -36.55 -28.98 -54.02
CA ASP XA 88 -37.74 -28.34 -54.56
C ASP XA 88 -38.93 -29.29 -54.53
N LYS XA 89 -38.69 -30.57 -54.80
CA LYS XA 89 -39.77 -31.54 -54.70
C LYS XA 89 -40.23 -31.73 -53.26
N MET XA 90 -39.30 -31.77 -52.32
CA MET XA 90 -39.66 -31.98 -50.92
C MET XA 90 -40.40 -30.78 -50.36
N CYS XA 91 -39.89 -29.58 -50.61
CA CYS XA 91 -40.53 -28.36 -50.13
C CYS XA 91 -41.82 -28.07 -50.84
N SER XA 92 -42.21 -28.84 -51.86
CA SER XA 92 -43.44 -28.62 -52.58
C SER XA 92 -44.61 -29.41 -51.99
N MET XA 93 -44.36 -30.63 -51.53
CA MET XA 93 -45.43 -31.46 -51.02
C MET XA 93 -45.78 -31.15 -49.58
N VAL XA 94 -44.90 -30.50 -48.84
CA VAL XA 94 -45.21 -30.16 -47.46
C VAL XA 94 -46.05 -28.89 -47.42
N LYS XA 95 -47.35 -29.06 -47.30
CA LYS XA 95 -48.29 -27.95 -47.29
C LYS XA 95 -49.00 -27.90 -45.94
N LYS XA 96 -49.61 -26.76 -45.66
CA LYS XA 96 -50.30 -26.61 -44.40
C LYS XA 96 -51.65 -27.33 -44.44
N TRP XA 97 -52.16 -27.66 -43.26
CA TRP XA 97 -53.45 -28.33 -43.07
C TRP XA 97 -53.45 -29.71 -43.72
N GLN XA 98 -52.50 -30.52 -43.24
CA GLN XA 98 -52.43 -31.96 -43.51
C GLN XA 98 -51.32 -32.50 -42.64
N THR XA 99 -51.41 -33.75 -42.20
CA THR XA 99 -50.40 -34.30 -41.32
C THR XA 99 -49.26 -34.91 -42.13
N MET XA 100 -48.05 -34.72 -41.66
CA MET XA 100 -46.86 -35.29 -42.26
C MET XA 100 -46.45 -36.52 -41.45
N ILE XA 101 -46.28 -37.64 -42.14
CA ILE XA 101 -45.97 -38.91 -41.48
C ILE XA 101 -44.64 -39.42 -42.01
N GLU XA 102 -43.66 -39.55 -41.13
CA GLU XA 102 -42.36 -40.09 -41.50
C GLU XA 102 -42.09 -41.38 -40.73
N ALA XA 103 -41.21 -42.21 -41.29
CA ALA XA 103 -40.81 -43.44 -40.63
C ALA XA 103 -39.51 -43.92 -41.27
N HIS XA 104 -38.55 -44.29 -40.43
CA HIS XA 104 -37.26 -44.78 -40.91
C HIS XA 104 -36.98 -46.16 -40.33
N VAL XA 105 -36.24 -46.95 -41.09
CA VAL XA 105 -35.91 -48.32 -40.70
C VAL XA 105 -34.49 -48.66 -41.13
N ASP XA 106 -33.72 -49.24 -40.23
CA ASP XA 106 -32.38 -49.72 -40.54
C ASP XA 106 -32.50 -51.18 -40.96
N VAL XA 107 -32.41 -51.42 -42.27
CA VAL XA 107 -32.66 -52.76 -42.81
C VAL XA 107 -31.41 -53.21 -43.55
N LYS XA 108 -31.06 -54.48 -43.38
CA LYS XA 108 -29.90 -55.08 -44.01
C LYS XA 108 -30.34 -55.99 -45.15
N THR XA 109 -29.62 -55.94 -46.25
CA THR XA 109 -29.93 -56.79 -47.38
C THR XA 109 -29.39 -58.21 -47.13
N THR XA 110 -29.61 -59.11 -48.09
CA THR XA 110 -29.08 -60.46 -47.95
C THR XA 110 -27.56 -60.43 -47.95
N ASP XA 111 -26.96 -59.58 -48.77
CA ASP XA 111 -25.54 -59.30 -48.67
C ASP XA 111 -25.33 -58.20 -47.63
N GLY XA 112 -24.07 -57.81 -47.42
CA GLY XA 112 -23.72 -57.00 -46.27
C GLY XA 112 -24.13 -55.55 -46.31
N TYR XA 113 -25.07 -55.20 -47.18
CA TYR XA 113 -25.51 -53.82 -47.32
C TYR XA 113 -26.52 -53.51 -46.22
N LEU XA 114 -26.20 -52.54 -45.38
CA LEU XA 114 -27.08 -52.06 -44.33
C LEU XA 114 -27.61 -50.69 -44.75
N LEU XA 115 -28.92 -50.62 -45.00
CA LEU XA 115 -29.54 -49.40 -45.47
C LEU XA 115 -30.42 -48.79 -44.39
N ARG XA 116 -30.65 -47.48 -44.50
CA ARG XA 116 -31.53 -46.74 -43.61
C ARG XA 116 -32.50 -45.96 -44.49
N LEU XA 117 -33.66 -46.57 -44.77
CA LEU XA 117 -34.62 -45.96 -45.65
C LEU XA 117 -35.55 -45.03 -44.89
N PHE XA 118 -35.82 -43.87 -45.48
CA PHE XA 118 -36.77 -42.91 -44.91
C PHE XA 118 -37.98 -42.83 -45.82
N CYS XA 119 -39.17 -42.73 -45.23
CA CYS XA 119 -40.38 -42.62 -46.01
C CYS XA 119 -41.20 -41.47 -45.46
N VAL XA 120 -42.02 -40.88 -46.32
CA VAL XA 120 -42.82 -39.72 -45.97
C VAL XA 120 -44.15 -39.80 -46.69
N GLY XA 121 -45.22 -39.43 -45.99
CA GLY XA 121 -46.54 -39.40 -46.58
C GLY XA 121 -47.33 -38.23 -46.04
N PHE XA 122 -48.37 -37.86 -46.79
CA PHE XA 122 -49.21 -36.73 -46.42
C PHE XA 122 -50.66 -37.09 -46.66
N THR XA 123 -51.49 -36.89 -45.64
CA THR XA 123 -52.90 -37.19 -45.75
C THR XA 123 -53.54 -36.36 -46.85
N LYS XA 124 -54.44 -36.99 -47.61
CA LYS XA 124 -55.04 -36.36 -48.77
C LYS XA 124 -56.46 -35.91 -48.45
N LYS XA 125 -56.79 -34.72 -48.94
CA LYS XA 125 -58.12 -34.15 -48.79
C LYS XA 125 -59.05 -34.87 -49.76
N ARG XA 126 -60.20 -35.31 -49.27
CA ARG XA 126 -61.17 -35.96 -50.15
C ARG XA 126 -61.70 -34.98 -51.18
N ASN XA 127 -62.15 -35.53 -52.32
CA ASN XA 127 -62.62 -34.67 -53.41
C ASN XA 127 -63.91 -33.97 -53.03
N ASN XA 128 -64.76 -34.62 -52.25
CA ASN XA 128 -66.00 -34.00 -51.78
C ASN XA 128 -65.84 -33.36 -50.41
N GLN XA 129 -64.63 -33.29 -49.89
CA GLN XA 129 -64.41 -32.79 -48.55
C GLN XA 129 -64.71 -31.30 -48.46
N ILE XA 130 -65.33 -30.91 -47.35
CA ILE XA 130 -65.61 -29.50 -47.09
C ILE XA 130 -64.85 -28.98 -45.87
N ARG XA 131 -64.53 -29.82 -44.90
CA ARG XA 131 -63.69 -29.39 -43.79
C ARG XA 131 -62.30 -29.05 -44.30
N LYS XA 132 -61.72 -27.99 -43.74
CA LYS XA 132 -60.47 -27.47 -44.27
C LYS XA 132 -59.24 -28.25 -43.81
N THR XA 133 -59.22 -28.66 -42.55
CA THR XA 133 -58.00 -29.19 -41.92
C THR XA 133 -57.50 -30.48 -42.56
N SER XA 134 -58.31 -31.54 -42.48
CA SER XA 134 -57.93 -32.87 -42.97
C SER XA 134 -56.71 -33.42 -42.23
N TYR XA 135 -56.81 -33.47 -40.91
CA TYR XA 135 -55.77 -34.04 -40.08
C TYR XA 135 -56.07 -35.50 -39.80
N ALA XA 136 -55.24 -36.12 -38.98
CA ALA XA 136 -55.39 -37.51 -38.60
C ALA XA 136 -55.13 -37.66 -37.11
N GLN XA 137 -55.93 -38.49 -36.45
CA GLN XA 137 -55.73 -38.78 -35.04
C GLN XA 137 -54.35 -39.37 -34.81
N HIS XA 138 -53.81 -39.24 -33.61
CA HIS XA 138 -52.44 -39.69 -33.36
C HIS XA 138 -52.33 -41.20 -33.52
N GLN XA 139 -53.32 -41.95 -33.07
CA GLN XA 139 -53.27 -43.40 -33.22
C GLN XA 139 -53.27 -43.81 -34.68
N GLN XA 140 -53.96 -43.06 -35.53
CA GLN XA 140 -53.91 -43.35 -36.95
C GLN XA 140 -52.52 -43.12 -37.51
N VAL XA 141 -51.82 -42.11 -36.99
CA VAL XA 141 -50.44 -41.86 -37.41
C VAL XA 141 -49.54 -43.01 -37.00
N ARG XA 142 -49.64 -43.46 -35.76
CA ARG XA 142 -48.79 -44.53 -35.29
C ARG XA 142 -49.13 -45.87 -35.95
N GLN XA 143 -50.40 -46.06 -36.32
CA GLN XA 143 -50.76 -47.26 -37.07
C GLN XA 143 -50.23 -47.24 -38.48
N ILE XA 144 -50.20 -46.08 -39.12
CA ILE XA 144 -49.74 -45.99 -40.50
C ILE XA 144 -48.26 -46.24 -40.58
N ARG XA 145 -47.47 -45.56 -39.74
CA ARG XA 145 -46.02 -45.73 -39.85
C ARG XA 145 -45.61 -47.13 -39.39
N LYS XA 146 -46.45 -47.81 -38.61
CA LYS XA 146 -46.18 -49.20 -38.32
C LYS XA 146 -46.34 -50.07 -39.56
N LYS XA 147 -47.34 -49.77 -40.38
CA LYS XA 147 -47.44 -50.37 -41.70
C LYS XA 147 -46.41 -49.81 -42.66
N MET XA 148 -46.09 -48.53 -42.53
CA MET XA 148 -45.08 -47.91 -43.37
C MET XA 148 -43.69 -48.47 -43.12
N MET XA 149 -43.44 -48.99 -41.92
CA MET XA 149 -42.14 -49.58 -41.59
C MET XA 149 -42.04 -51.05 -41.94
N GLU XA 150 -43.08 -51.83 -41.61
CA GLU XA 150 -43.05 -53.26 -41.91
C GLU XA 150 -43.08 -53.54 -43.40
N ILE XA 151 -43.42 -52.55 -44.23
CA ILE XA 151 -43.35 -52.76 -45.67
C ILE XA 151 -41.93 -52.59 -46.17
N MET XA 152 -41.24 -51.54 -45.72
CA MET XA 152 -39.86 -51.34 -46.16
C MET XA 152 -38.97 -52.49 -45.75
N THR XA 153 -39.15 -53.02 -44.54
CA THR XA 153 -38.40 -54.20 -44.14
C THR XA 153 -38.80 -55.40 -44.96
N ARG XA 154 -40.09 -55.55 -45.26
CA ARG XA 154 -40.55 -56.68 -46.05
C ARG XA 154 -40.07 -56.60 -47.49
N GLU XA 155 -39.53 -55.47 -47.91
CA GLU XA 155 -39.04 -55.33 -49.27
C GLU XA 155 -37.53 -55.44 -49.39
N VAL XA 156 -36.79 -55.06 -48.35
CA VAL XA 156 -35.34 -55.06 -48.42
C VAL XA 156 -34.75 -56.37 -47.94
N GLN XA 157 -35.33 -56.98 -46.91
CA GLN XA 157 -34.75 -58.21 -46.37
C GLN XA 157 -34.84 -59.37 -47.36
N THR XA 158 -35.81 -59.32 -48.28
CA THR XA 158 -36.01 -60.46 -49.17
C THR XA 158 -34.92 -60.57 -50.22
N ASN XA 159 -34.18 -59.50 -50.50
CA ASN XA 159 -33.32 -59.46 -51.67
C ASN XA 159 -32.09 -58.60 -51.38
N ASP XA 160 -31.16 -58.58 -52.35
CA ASP XA 160 -29.91 -57.84 -52.23
C ASP XA 160 -29.97 -56.55 -53.05
N LEU XA 161 -28.83 -55.89 -53.20
CA LEU XA 161 -28.80 -54.51 -53.67
C LEU XA 161 -29.33 -54.36 -55.09
N LYS XA 162 -28.91 -55.24 -56.00
CA LYS XA 162 -29.08 -54.95 -57.42
C LYS XA 162 -30.55 -54.96 -57.82
N GLU XA 163 -31.37 -55.74 -57.13
CA GLU XA 163 -32.79 -55.67 -57.46
C GLU XA 163 -33.57 -54.79 -56.50
N VAL XA 164 -33.07 -54.58 -55.28
CA VAL XA 164 -33.78 -53.67 -54.39
C VAL XA 164 -33.72 -52.25 -54.95
N VAL XA 165 -32.66 -51.91 -55.67
CA VAL XA 165 -32.63 -50.62 -56.35
C VAL XA 165 -33.57 -50.65 -57.55
N ASN XA 166 -33.79 -51.83 -58.13
CA ASN XA 166 -34.78 -51.94 -59.20
C ASN XA 166 -36.19 -51.64 -58.72
N LYS XA 167 -36.43 -51.70 -57.41
CA LYS XA 167 -37.67 -51.19 -56.85
C LYS XA 167 -37.59 -49.70 -56.57
N LEU XA 168 -36.41 -49.09 -56.71
CA LEU XA 168 -36.26 -47.67 -56.41
C LEU XA 168 -36.36 -46.78 -57.64
N ILE XA 169 -35.98 -47.29 -58.81
CA ILE XA 169 -36.16 -46.51 -60.03
C ILE XA 169 -37.63 -46.18 -60.21
N PRO XA 170 -38.57 -47.14 -60.15
CA PRO XA 170 -39.96 -46.75 -59.94
C PRO XA 170 -40.26 -46.66 -58.46
N ASP XA 171 -41.50 -46.37 -58.10
CA ASP XA 171 -41.88 -46.23 -56.70
C ASP XA 171 -42.74 -47.40 -56.24
N SER XA 172 -42.41 -48.60 -56.70
CA SER XA 172 -43.15 -49.81 -56.33
C SER XA 172 -43.24 -49.96 -54.82
N ILE XA 173 -42.23 -49.47 -54.10
CA ILE XA 173 -42.34 -49.41 -52.65
C ILE XA 173 -43.35 -48.36 -52.22
N GLY XA 174 -43.25 -47.15 -52.78
CA GLY XA 174 -44.18 -46.10 -52.44
C GLY XA 174 -45.61 -46.46 -52.82
N LYS XA 175 -45.80 -47.04 -54.00
CA LYS XA 175 -47.15 -47.43 -54.41
C LYS XA 175 -47.72 -48.49 -53.47
N ASP XA 176 -46.84 -49.31 -52.90
CA ASP XA 176 -47.28 -50.32 -51.93
C ASP XA 176 -47.78 -49.67 -50.66
N ILE XA 177 -47.02 -48.71 -50.13
CA ILE XA 177 -47.37 -48.12 -48.84
C ILE XA 177 -48.65 -47.31 -48.92
N GLU XA 178 -48.80 -46.51 -49.98
CA GLU XA 178 -49.98 -45.68 -50.09
C GLU XA 178 -51.24 -46.52 -50.24
N LYS XA 179 -51.11 -47.67 -50.92
CA LYS XA 179 -52.25 -48.56 -51.06
C LYS XA 179 -52.54 -49.31 -49.77
N ALA XA 180 -51.50 -49.69 -49.02
CA ALA XA 180 -51.72 -50.48 -47.82
C ALA XA 180 -52.32 -49.64 -46.70
N CYS XA 181 -52.26 -48.32 -46.80
CA CYS XA 181 -52.74 -47.44 -45.75
C CYS XA 181 -54.05 -46.74 -46.14
N GLN XA 182 -54.67 -47.20 -47.22
CA GLN XA 182 -55.93 -46.62 -47.64
C GLN XA 182 -57.06 -46.90 -46.66
N SER XA 183 -56.99 -48.00 -45.92
CA SER XA 183 -58.04 -48.31 -44.96
C SER XA 183 -57.87 -47.56 -43.65
N ILE XA 184 -56.70 -46.99 -43.38
CA ILE XA 184 -56.49 -46.17 -42.20
C ILE XA 184 -56.75 -44.70 -42.48
N TYR XA 185 -56.01 -44.13 -43.41
CA TYR XA 185 -56.22 -42.74 -43.83
C TYR XA 185 -55.71 -42.56 -45.24
N PRO XA 186 -56.50 -42.00 -46.12
CA PRO XA 186 -56.08 -41.88 -47.52
C PRO XA 186 -55.01 -40.82 -47.72
N LEU XA 187 -53.75 -41.20 -47.54
CA LEU XA 187 -52.62 -40.32 -47.81
C LEU XA 187 -52.15 -40.53 -49.24
N HIS XA 188 -51.79 -39.43 -49.92
CA HIS XA 188 -51.64 -39.46 -51.37
C HIS XA 188 -50.20 -39.54 -51.87
N ASP XA 189 -49.37 -38.56 -51.54
CA ASP XA 189 -48.02 -38.52 -52.09
C ASP XA 189 -47.06 -39.20 -51.12
N VAL XA 190 -46.75 -40.46 -51.41
CA VAL XA 190 -45.95 -41.29 -50.52
C VAL XA 190 -44.69 -41.67 -51.25
N PHE XA 191 -43.53 -41.25 -50.74
CA PHE XA 191 -42.26 -41.52 -51.36
C PHE XA 191 -41.28 -42.05 -50.34
N VAL XA 192 -40.22 -42.67 -50.84
CA VAL XA 192 -39.04 -42.99 -50.04
C VAL XA 192 -38.11 -41.80 -50.21
N ARG XA 193 -38.20 -40.85 -49.27
CA ARG XA 193 -37.54 -39.56 -49.48
C ARG XA 193 -36.02 -39.69 -49.49
N LYS XA 194 -35.48 -40.65 -48.75
CA LYS XA 194 -34.03 -40.77 -48.66
C LYS XA 194 -33.65 -42.21 -48.37
N VAL XA 195 -32.55 -42.65 -48.97
CA VAL XA 195 -31.97 -43.96 -48.69
C VAL XA 195 -30.50 -43.72 -48.37
N LYS XA 196 -30.06 -44.17 -47.21
CA LYS XA 196 -28.71 -43.94 -46.73
C LYS XA 196 -27.98 -45.25 -46.54
N MET XA 197 -26.76 -45.33 -47.04
CA MET XA 197 -25.92 -46.51 -46.91
C MET XA 197 -25.13 -46.42 -45.61
N LEU XA 198 -25.29 -47.44 -44.76
CA LEU XA 198 -24.68 -47.43 -43.43
C LEU XA 198 -23.37 -48.19 -43.38
N LYS XA 199 -23.36 -49.44 -43.84
CA LYS XA 199 -22.15 -50.26 -43.85
C LYS XA 199 -22.16 -51.13 -45.09
N LYS XA 200 -21.06 -51.15 -45.82
CA LYS XA 200 -20.91 -51.99 -46.98
C LYS XA 200 -20.12 -53.24 -46.62
N PRO XA 201 -20.37 -54.35 -47.29
CA PRO XA 201 -19.56 -55.55 -47.01
C PRO XA 201 -18.15 -55.41 -47.55
N LYS XA 202 -17.33 -56.44 -47.38
CA LYS XA 202 -15.99 -56.44 -47.95
C LYS XA 202 -16.10 -56.32 -49.47
N PHE XA 203 -15.66 -55.19 -50.01
CA PHE XA 203 -15.69 -55.01 -51.45
C PHE XA 203 -14.76 -56.01 -52.12
N GLU XA 204 -15.31 -56.79 -53.04
CA GLU XA 204 -14.55 -57.73 -53.85
C GLU XA 204 -14.97 -57.56 -55.30
N LEU XA 205 -13.98 -57.46 -56.19
CA LEU XA 205 -14.21 -57.05 -57.58
C LEU XA 205 -15.24 -57.93 -58.30
N GLY XA 206 -15.32 -59.20 -57.90
CA GLY XA 206 -16.15 -60.15 -58.62
C GLY XA 206 -17.61 -59.79 -58.69
N LYS XA 207 -18.18 -59.27 -57.60
CA LYS XA 207 -19.58 -58.95 -57.55
C LYS XA 207 -19.91 -57.63 -58.23
N LEU XA 208 -18.90 -56.79 -58.42
CA LEU XA 208 -19.11 -55.53 -59.12
C LEU XA 208 -19.37 -55.71 -60.60
N MET XA 209 -18.92 -56.83 -61.19
CA MET XA 209 -18.93 -56.95 -62.64
C MET XA 209 -20.32 -57.24 -63.17
N GLU XA 210 -21.09 -58.08 -62.48
CA GLU XA 210 -22.45 -58.33 -62.94
C GLU XA 210 -23.29 -57.07 -62.90
N LEU XA 211 -22.95 -56.13 -62.02
CA LEU XA 211 -23.57 -54.81 -62.05
C LEU XA 211 -22.98 -53.92 -63.14
N HIS XA 212 -22.08 -54.46 -63.96
CA HIS XA 212 -21.56 -53.72 -65.10
C HIS XA 212 -21.48 -54.61 -66.34
N GLY XA 213 -22.34 -55.61 -66.43
CA GLY XA 213 -22.35 -56.52 -67.57
C GLY XA 213 -21.40 -57.68 -67.39
N LYS YA 1 -95.55 36.09 -39.09
CA LYS YA 1 -96.32 36.04 -37.86
C LYS YA 1 -97.01 34.70 -37.69
N GLU YA 2 -98.15 34.52 -38.36
CA GLU YA 2 -98.94 33.31 -38.21
C GLU YA 2 -98.21 32.10 -38.78
N TRP YA 3 -98.56 30.94 -38.26
CA TRP YA 3 -97.86 29.68 -38.52
C TRP YA 3 -98.60 28.85 -39.56
N LEU YA 4 -97.84 28.27 -40.48
CA LEU YA 4 -98.40 27.29 -41.42
C LEU YA 4 -97.78 25.93 -41.16
N PRO YA 5 -98.58 24.88 -40.98
CA PRO YA 5 -98.03 23.59 -40.57
C PRO YA 5 -97.26 22.90 -41.68
N VAL YA 6 -96.39 21.98 -41.28
CA VAL YA 6 -95.64 21.13 -42.19
C VAL YA 6 -95.97 19.66 -41.97
N THR YA 7 -95.91 19.21 -40.72
CA THR YA 7 -96.22 17.84 -40.37
C THR YA 7 -97.73 17.64 -40.38
N LYS YA 8 -98.16 16.46 -40.84
CA LYS YA 8 -99.58 16.16 -40.90
C LYS YA 8 -100.23 16.19 -39.53
N LEU YA 9 -99.45 15.97 -38.46
CA LEU YA 9 -99.97 16.21 -37.12
C LEU YA 9 -100.20 17.69 -36.89
N GLY YA 10 -99.28 18.54 -37.34
CA GLY YA 10 -99.44 19.97 -37.16
C GLY YA 10 -100.59 20.57 -37.94
N ARG YA 11 -101.02 19.90 -39.01
CA ARG YA 11 -102.20 20.38 -39.73
C ARG YA 11 -103.43 20.37 -38.83
N LEU YA 12 -103.62 19.27 -38.10
CA LEU YA 12 -104.85 19.07 -37.34
C LEU YA 12 -104.96 20.03 -36.16
N VAL YA 13 -103.86 20.29 -35.46
CA VAL YA 13 -103.95 21.12 -34.26
C VAL YA 13 -104.27 22.56 -34.63
N LYS YA 14 -104.00 22.95 -35.87
CA LYS YA 14 -104.43 24.25 -36.35
C LYS YA 14 -105.88 24.25 -36.80
N ASP YA 15 -106.51 23.08 -36.88
CA ASP YA 15 -107.92 22.97 -37.23
C ASP YA 15 -108.79 22.66 -36.03
N MET YA 16 -108.23 22.68 -34.83
CA MET YA 16 -108.92 22.33 -33.60
C MET YA 16 -109.54 20.93 -33.67
N LYS YA 17 -108.95 20.03 -34.45
CA LYS YA 17 -109.41 18.66 -34.49
C LYS YA 17 -108.93 17.87 -33.29
N ILE YA 18 -107.68 18.10 -32.87
CA ILE YA 18 -107.10 17.43 -31.72
C ILE YA 18 -107.57 18.20 -30.49
N LYS YA 19 -108.20 17.53 -29.54
CA LYS YA 19 -108.72 18.22 -28.35
C LYS YA 19 -107.58 18.75 -27.49
N SER YA 20 -106.72 17.85 -27.01
CA SER YA 20 -105.67 18.23 -26.09
C SER YA 20 -104.36 17.54 -26.47
N LEU YA 21 -103.34 17.76 -25.66
CA LEU YA 21 -102.03 17.21 -25.93
C LEU YA 21 -101.90 15.76 -25.47
N GLU YA 22 -102.85 15.25 -24.69
CA GLU YA 22 -102.67 13.92 -24.13
C GLU YA 22 -102.89 12.84 -25.18
N GLU YA 23 -103.81 13.06 -26.12
CA GLU YA 23 -104.03 12.06 -27.15
C GLU YA 23 -102.87 11.97 -28.13
N ILE YA 24 -101.96 12.94 -28.12
CA ILE YA 24 -100.70 12.77 -28.84
C ILE YA 24 -99.78 11.86 -28.05
N TYR YA 25 -99.77 12.02 -26.71
CA TYR YA 25 -99.00 11.12 -25.87
C TYR YA 25 -99.54 9.71 -25.91
N LEU YA 26 -100.86 9.56 -26.00
CA LEU YA 26 -101.47 8.24 -25.91
C LEU YA 26 -101.02 7.34 -27.04
N PHE YA 27 -100.70 7.92 -28.20
CA PHE YA 27 -100.22 7.16 -29.34
C PHE YA 27 -98.73 7.36 -29.58
N SER YA 28 -98.04 8.06 -28.68
CA SER YA 28 -96.60 8.24 -28.74
C SER YA 28 -96.15 8.90 -30.03
N LEU YA 29 -97.02 9.69 -30.64
CA LEU YA 29 -96.69 10.36 -31.89
C LEU YA 29 -95.55 11.35 -31.66
N PRO YA 30 -94.51 11.33 -32.48
CA PRO YA 30 -93.43 12.30 -32.30
C PRO YA 30 -93.86 13.68 -32.75
N ILE YA 31 -93.87 14.62 -31.82
CA ILE YA 31 -94.12 16.03 -32.12
C ILE YA 31 -92.82 16.62 -32.64
N LYS YA 32 -92.89 17.27 -33.79
CA LYS YA 32 -91.71 17.79 -34.45
C LYS YA 32 -91.87 19.25 -34.86
N GLU YA 33 -92.91 19.92 -34.37
CA GLU YA 33 -93.10 21.35 -34.59
C GLU YA 33 -93.37 21.98 -33.23
N SER YA 34 -92.57 22.98 -32.87
CA SER YA 34 -92.64 23.52 -31.52
C SER YA 34 -93.93 24.28 -31.27
N GLU YA 35 -94.54 24.81 -32.33
CA GLU YA 35 -95.78 25.58 -32.20
C GLU YA 35 -97.00 24.70 -31.97
N ILE YA 36 -96.84 23.38 -31.90
CA ILE YA 36 -97.95 22.57 -31.44
C ILE YA 36 -98.16 22.77 -29.94
N ILE YA 37 -97.07 22.88 -29.18
CA ILE YA 37 -97.18 22.91 -27.72
C ILE YA 37 -97.77 24.24 -27.25
N ASP YA 38 -97.27 25.36 -27.79
CA ASP YA 38 -97.78 26.67 -27.36
C ASP YA 38 -99.24 26.85 -27.71
N PHE YA 39 -99.77 26.02 -28.61
CA PHE YA 39 -101.19 26.06 -28.90
C PHE YA 39 -102.00 25.46 -27.75
N PHE YA 40 -101.57 24.32 -27.22
CA PHE YA 40 -102.25 23.73 -26.07
C PHE YA 40 -101.86 24.44 -24.78
N LEU YA 41 -100.57 24.43 -24.45
CA LEU YA 41 -100.04 25.03 -23.24
C LEU YA 41 -99.08 26.13 -23.65
N GLY YA 42 -99.61 27.34 -23.81
CA GLY YA 42 -98.76 28.44 -24.25
C GLY YA 42 -98.86 29.67 -23.39
N ALA YA 43 -99.72 29.63 -22.37
CA ALA YA 43 -99.90 30.81 -21.54
C ALA YA 43 -99.36 30.56 -20.13
N SER YA 44 -99.83 29.50 -19.48
CA SER YA 44 -99.37 29.19 -18.14
C SER YA 44 -98.02 28.50 -18.12
N LEU YA 45 -97.41 28.27 -19.27
CA LEU YA 45 -96.15 27.56 -19.37
C LEU YA 45 -95.00 28.56 -19.29
N LYS YA 46 -94.06 28.31 -18.37
CA LYS YA 46 -92.95 29.21 -18.11
C LYS YA 46 -91.64 28.53 -18.46
N ASP YA 47 -90.63 29.35 -18.75
CA ASP YA 47 -89.31 28.90 -19.14
C ASP YA 47 -88.31 29.13 -18.01
N GLU YA 48 -87.15 28.50 -18.15
CA GLU YA 48 -86.09 28.68 -17.15
C GLU YA 48 -84.74 28.30 -17.73
N VAL YA 49 -83.84 29.26 -17.85
CA VAL YA 49 -82.47 28.96 -18.26
C VAL YA 49 -81.72 28.42 -17.04
N LEU YA 50 -81.04 27.29 -17.22
CA LEU YA 50 -80.36 26.65 -16.11
C LEU YA 50 -78.91 27.11 -16.00
N LYS YA 51 -78.15 26.98 -17.09
CA LYS YA 51 -76.74 27.33 -17.05
C LYS YA 51 -76.25 27.53 -18.48
N ILE YA 52 -75.34 28.48 -18.66
CA ILE YA 52 -74.72 28.76 -19.94
C ILE YA 52 -73.32 28.16 -19.90
N MET YA 53 -73.12 27.08 -20.64
CA MET YA 53 -71.88 26.32 -20.59
C MET YA 53 -71.01 26.65 -21.80
N PRO YA 54 -69.90 27.34 -21.65
CA PRO YA 54 -69.06 27.67 -22.80
C PRO YA 54 -68.09 26.57 -23.19
N VAL YA 55 -68.52 25.64 -24.04
CA VAL YA 55 -67.62 24.60 -24.54
C VAL YA 55 -66.69 25.22 -25.57
N GLN YA 56 -65.63 24.50 -25.93
CA GLN YA 56 -64.60 25.01 -26.83
C GLN YA 56 -64.00 23.84 -27.60
N LYS YA 57 -63.61 24.10 -28.85
CA LYS YA 57 -62.81 23.16 -29.61
C LYS YA 57 -61.53 23.86 -30.06
N GLN YA 58 -60.48 23.08 -30.19
CA GLN YA 58 -59.18 23.63 -30.57
C GLN YA 58 -59.01 23.61 -32.08
N THR YA 59 -58.52 24.71 -32.62
CA THR YA 59 -58.20 24.80 -34.04
C THR YA 59 -56.78 25.33 -34.18
N ARG YA 60 -56.29 25.35 -35.43
CA ARG YA 60 -54.95 25.84 -35.67
C ARG YA 60 -54.79 27.31 -35.35
N ALA YA 61 -55.90 28.03 -35.17
CA ALA YA 61 -55.88 29.44 -34.79
C ALA YA 61 -56.75 29.59 -33.56
N GLY YA 62 -56.14 29.40 -32.38
CA GLY YA 62 -56.83 29.63 -31.13
C GLY YA 62 -57.94 28.62 -30.87
N GLN YA 63 -58.89 29.03 -30.06
CA GLN YA 63 -60.01 28.21 -29.62
C GLN YA 63 -61.29 28.73 -30.22
N ARG YA 64 -62.13 27.83 -30.73
CA ARG YA 64 -63.44 28.21 -31.24
C ARG YA 64 -64.46 27.94 -30.14
N THR YA 65 -64.90 29.00 -29.48
CA THR YA 65 -65.86 28.88 -28.41
C THR YA 65 -67.29 28.98 -28.94
N ARG YA 66 -68.17 28.17 -28.39
CA ARG YA 66 -69.59 28.26 -28.67
C ARG YA 66 -70.34 27.92 -27.38
N PHE YA 67 -71.40 28.66 -27.11
CA PHE YA 67 -72.08 28.54 -25.83
C PHE YA 67 -73.18 27.50 -25.88
N LYS YA 68 -73.40 26.87 -24.75
CA LYS YA 68 -74.39 25.79 -24.60
C LYS YA 68 -75.41 26.22 -23.56
N ALA YA 69 -76.68 26.12 -23.91
CA ALA YA 69 -77.75 26.59 -23.05
C ALA YA 69 -78.64 25.42 -22.63
N PHE YA 70 -78.82 25.28 -21.32
CA PHE YA 70 -79.71 24.27 -20.75
C PHE YA 70 -80.99 24.99 -20.35
N VAL YA 71 -82.10 24.60 -20.95
CA VAL YA 71 -83.38 25.24 -20.69
C VAL YA 71 -84.34 24.18 -20.17
N ALA YA 72 -84.83 24.38 -18.95
CA ALA YA 72 -85.93 23.62 -18.42
C ALA YA 72 -87.20 24.41 -18.62
N ILE YA 73 -88.25 23.73 -19.07
CA ILE YA 73 -89.47 24.39 -19.49
C ILE YA 73 -90.65 23.58 -18.99
N GLY YA 74 -91.82 24.21 -18.94
CA GLY YA 74 -93.02 23.50 -18.57
C GLY YA 74 -93.89 24.23 -17.57
N ASP YA 75 -95.21 24.16 -17.78
CA ASP YA 75 -96.15 24.72 -16.83
C ASP YA 75 -96.05 23.98 -15.51
N TYR YA 76 -96.46 24.65 -14.44
CA TYR YA 76 -96.29 24.02 -13.14
C TYR YA 76 -97.46 23.09 -12.87
N ASN YA 77 -97.81 22.26 -13.85
CA ASN YA 77 -98.84 21.24 -13.67
C ASN YA 77 -98.72 20.15 -14.72
N GLY YA 78 -98.12 19.01 -14.36
CA GLY YA 78 -98.21 17.80 -15.12
C GLY YA 78 -97.22 17.68 -16.27
N HIS YA 79 -96.71 18.79 -16.80
CA HIS YA 79 -95.85 18.75 -17.96
C HIS YA 79 -94.55 19.46 -17.67
N VAL YA 80 -93.47 18.93 -18.24
CA VAL YA 80 -92.14 19.52 -18.07
C VAL YA 80 -91.28 19.03 -19.23
N GLY YA 81 -90.39 19.90 -19.69
CA GLY YA 81 -89.46 19.56 -20.75
C GLY YA 81 -88.06 20.05 -20.43
N LEU YA 82 -87.12 19.66 -21.29
CA LEU YA 82 -85.73 20.05 -21.11
C LEU YA 82 -85.07 20.04 -22.48
N GLY YA 83 -84.59 21.18 -22.91
CA GLY YA 83 -83.88 21.31 -24.17
C GLY YA 83 -82.47 21.82 -23.96
N VAL YA 84 -81.54 21.33 -24.78
CA VAL YA 84 -80.17 21.80 -24.77
C VAL YA 84 -79.77 22.14 -26.19
N LYS YA 85 -79.14 23.29 -26.36
CA LYS YA 85 -78.71 23.77 -27.67
C LYS YA 85 -77.35 24.42 -27.54
N CYS YA 86 -76.51 24.22 -28.55
CA CYS YA 86 -75.15 24.77 -28.57
C CYS YA 86 -75.01 25.62 -29.82
N SER YA 87 -74.80 26.92 -29.63
CA SER YA 87 -74.58 27.83 -30.75
C SER YA 87 -73.43 28.78 -30.41
N LYS YA 88 -72.93 29.46 -31.44
CA LYS YA 88 -71.83 30.40 -31.23
C LYS YA 88 -72.29 31.61 -30.43
N GLU YA 89 -73.53 32.04 -30.63
CA GLU YA 89 -74.09 33.14 -29.87
C GLU YA 89 -74.95 32.62 -28.74
N VAL YA 90 -74.84 33.27 -27.58
CA VAL YA 90 -75.60 32.88 -26.41
C VAL YA 90 -77.08 33.14 -26.63
N ALA YA 91 -77.42 34.31 -27.19
CA ALA YA 91 -78.81 34.62 -27.47
C ALA YA 91 -79.41 33.63 -28.44
N THR YA 92 -78.63 33.16 -29.42
CA THR YA 92 -79.13 32.20 -30.38
C THR YA 92 -79.28 30.81 -29.75
N ALA YA 93 -78.47 30.50 -28.75
CA ALA YA 93 -78.57 29.18 -28.13
C ALA YA 93 -79.77 29.11 -27.19
N ILE YA 94 -80.01 30.17 -26.41
CA ILE YA 94 -81.15 30.17 -25.50
C ILE YA 94 -82.45 30.10 -26.29
N ARG YA 95 -82.58 30.96 -27.30
CA ARG YA 95 -83.77 30.91 -28.14
C ARG YA 95 -83.91 29.57 -28.83
N GLY YA 96 -82.80 28.92 -29.15
CA GLY YA 96 -82.87 27.61 -29.78
C GLY YA 96 -83.20 26.48 -28.84
N ALA YA 97 -82.67 26.53 -27.61
CA ALA YA 97 -82.95 25.48 -26.64
C ALA YA 97 -84.40 25.49 -26.19
N ILE YA 98 -85.00 26.67 -26.11
CA ILE YA 98 -86.42 26.76 -25.79
C ILE YA 98 -87.24 26.01 -26.83
N ILE YA 99 -86.82 26.04 -28.09
CA ILE YA 99 -87.55 25.32 -29.12
C ILE YA 99 -87.43 23.82 -28.93
N LEU YA 100 -86.23 23.33 -28.59
CA LEU YA 100 -86.07 21.91 -28.34
C LEU YA 100 -86.72 21.48 -27.03
N ALA YA 101 -86.76 22.38 -26.06
CA ALA YA 101 -87.36 22.03 -24.77
C ALA YA 101 -88.85 21.73 -24.93
N LYS YA 102 -89.54 22.50 -25.76
CA LYS YA 102 -90.96 22.26 -25.97
C LYS YA 102 -91.21 20.98 -26.74
N LEU YA 103 -90.33 20.62 -27.66
CA LEU YA 103 -90.48 19.39 -28.41
C LEU YA 103 -90.22 18.14 -27.58
N SER YA 104 -89.77 18.30 -26.34
CA SER YA 104 -89.44 17.17 -25.48
C SER YA 104 -90.24 17.15 -24.19
N ILE YA 105 -91.28 17.97 -24.07
CA ILE YA 105 -92.07 17.93 -22.84
C ILE YA 105 -92.79 16.60 -22.75
N VAL YA 106 -92.88 16.07 -21.54
CA VAL YA 106 -93.50 14.77 -21.30
C VAL YA 106 -94.47 14.89 -20.14
N PRO YA 107 -95.51 14.08 -20.08
CA PRO YA 107 -96.42 14.14 -18.92
C PRO YA 107 -95.82 13.40 -17.74
N VAL YA 108 -95.88 14.04 -16.57
CA VAL YA 108 -95.43 13.43 -15.32
C VAL YA 108 -96.64 12.86 -14.62
N ARG YA 109 -96.49 11.65 -14.08
CA ARG YA 109 -97.53 11.03 -13.29
C ARG YA 109 -97.30 11.42 -11.84
N ARG YA 110 -98.24 12.14 -11.26
CA ARG YA 110 -98.17 12.55 -9.86
C ARG YA 110 -99.05 11.63 -9.02
N GLY YA 111 -98.57 11.24 -7.85
CA GLY YA 111 -99.28 10.28 -7.03
C GLY YA 111 -99.53 10.71 -5.60
N TYR YA 112 -99.93 9.76 -4.76
CA TYR YA 112 -100.23 10.01 -3.36
C TYR YA 112 -99.25 9.27 -2.47
N TRP YA 113 -99.05 9.79 -1.26
CA TRP YA 113 -98.24 9.15 -0.24
C TRP YA 113 -99.19 8.57 0.82
N GLY YA 114 -99.51 7.29 0.67
CA GLY YA 114 -100.33 6.61 1.65
C GLY YA 114 -101.82 6.84 1.49
N ASN YA 115 -102.29 8.01 1.92
CA ASN YA 115 -103.72 8.30 1.88
C ASN YA 115 -104.07 9.07 0.62
N LYS YA 116 -105.00 8.53 -0.17
CA LYS YA 116 -105.38 9.12 -1.43
C LYS YA 116 -106.49 10.15 -1.23
N ILE YA 117 -106.18 11.23 -0.51
CA ILE YA 117 -107.12 12.32 -0.30
C ILE YA 117 -106.61 13.55 -1.04
N GLY YA 118 -107.53 14.33 -1.57
CA GLY YA 118 -107.18 15.56 -2.25
C GLY YA 118 -106.57 15.34 -3.61
N LYS YA 119 -105.61 16.18 -3.97
CA LYS YA 119 -104.95 16.09 -5.26
C LYS YA 119 -103.59 15.43 -5.11
N PRO YA 120 -103.09 14.74 -6.13
CA PRO YA 120 -101.78 14.10 -6.02
C PRO YA 120 -100.68 15.13 -5.83
N HIS YA 121 -99.74 14.80 -4.96
CA HIS YA 121 -98.72 15.77 -4.58
C HIS YA 121 -97.33 15.26 -4.92
N THR YA 122 -97.12 13.96 -4.86
CA THR YA 122 -95.79 13.40 -4.96
C THR YA 122 -95.69 12.40 -6.12
N VAL YA 123 -94.52 11.83 -6.26
CA VAL YA 123 -94.29 10.81 -7.30
C VAL YA 123 -95.03 9.53 -6.92
N PRO YA 124 -95.44 8.71 -7.88
CA PRO YA 124 -96.25 7.54 -7.52
C PRO YA 124 -95.43 6.39 -6.96
N CYS YA 125 -94.15 6.29 -7.30
CA CYS YA 125 -93.34 5.14 -6.93
C CYS YA 125 -91.93 5.63 -6.61
N LYS YA 126 -91.01 4.69 -6.44
CA LYS YA 126 -89.59 5.02 -6.38
C LYS YA 126 -89.04 4.85 -7.79
N VAL YA 127 -88.93 5.95 -8.52
CA VAL YA 127 -88.41 5.95 -9.87
C VAL YA 127 -87.06 6.64 -9.85
N THR YA 128 -86.15 6.17 -10.70
CA THR YA 128 -84.82 6.75 -10.77
C THR YA 128 -84.37 6.78 -12.23
N GLY YA 129 -83.66 7.85 -12.60
CA GLY YA 129 -83.13 7.97 -13.94
C GLY YA 129 -81.64 8.16 -13.88
N ARG YA 130 -80.95 7.99 -15.00
CA ARG YA 130 -79.51 8.17 -14.97
C ARG YA 130 -79.01 8.58 -16.34
N CYS YA 131 -78.11 9.56 -16.34
CA CYS YA 131 -77.46 10.02 -17.56
C CYS YA 131 -75.97 10.12 -17.27
N GLY YA 132 -75.16 9.43 -18.02
CA GLY YA 132 -73.73 9.39 -17.74
C GLY YA 132 -73.46 8.60 -16.45
N SER YA 133 -72.90 9.28 -15.45
CA SER YA 133 -72.67 8.67 -14.16
C SER YA 133 -73.69 9.11 -13.12
N VAL YA 134 -74.41 10.19 -13.35
CA VAL YA 134 -75.35 10.69 -12.36
C VAL YA 134 -76.50 9.73 -12.23
N LEU YA 135 -76.87 9.42 -10.99
CA LEU YA 135 -78.02 8.57 -10.69
C LEU YA 135 -78.85 9.29 -9.64
N VAL YA 136 -80.00 9.81 -10.05
CA VAL YA 136 -80.88 10.57 -9.19
C VAL YA 136 -82.12 9.74 -8.93
N ARG YA 137 -82.58 9.73 -7.68
CA ARG YA 137 -83.72 8.92 -7.27
C ARG YA 137 -84.85 9.83 -6.82
N LEU YA 138 -86.08 9.36 -6.98
CA LEU YA 138 -87.25 10.09 -6.53
C LEU YA 138 -88.05 9.22 -5.57
N ILE YA 139 -88.30 9.74 -4.37
CA ILE YA 139 -88.98 9.01 -3.31
C ILE YA 139 -90.27 9.74 -3.00
N PRO YA 140 -91.41 9.06 -2.92
CA PRO YA 140 -92.64 9.72 -2.51
C PRO YA 140 -92.53 10.27 -1.10
N ALA YA 141 -93.13 11.42 -0.87
CA ALA YA 141 -93.04 12.09 0.41
C ALA YA 141 -94.43 12.53 0.86
N PRO YA 142 -94.65 12.64 2.17
CA PRO YA 142 -95.95 13.14 2.66
C PRO YA 142 -96.18 14.58 2.23
N ARG YA 143 -97.41 15.04 2.44
CA ARG YA 143 -97.79 16.38 2.04
C ARG YA 143 -97.03 17.42 2.85
N GLY YA 144 -97.01 18.64 2.32
CA GLY YA 144 -96.39 19.76 3.00
C GLY YA 144 -94.92 19.58 3.30
N THR YA 145 -94.28 18.61 2.64
CA THR YA 145 -92.88 18.34 2.88
C THR YA 145 -91.95 19.19 2.03
N GLY YA 146 -92.38 19.58 0.83
CA GLY YA 146 -91.53 20.28 -0.08
C GLY YA 146 -90.63 19.35 -0.87
N ILE YA 147 -90.01 19.90 -1.90
CA ILE YA 147 -89.03 19.15 -2.68
C ILE YA 147 -87.72 19.19 -1.91
N VAL YA 148 -87.25 18.01 -1.50
CA VAL YA 148 -86.02 17.89 -0.74
C VAL YA 148 -84.95 17.45 -1.74
N SER YA 149 -84.24 18.42 -2.29
CA SER YA 149 -83.25 18.11 -3.30
C SER YA 149 -82.32 19.30 -3.49
N ALA YA 150 -81.31 19.11 -4.35
CA ALA YA 150 -80.39 20.17 -4.70
C ALA YA 150 -81.13 21.25 -5.49
N PRO YA 151 -80.58 22.46 -5.53
CA PRO YA 151 -81.24 23.54 -6.28
C PRO YA 151 -81.45 23.25 -7.75
N VAL YA 152 -80.59 22.46 -8.38
CA VAL YA 152 -80.69 22.20 -9.81
C VAL YA 152 -81.94 21.40 -10.14
N PRO YA 153 -82.13 20.18 -9.62
CA PRO YA 153 -83.35 19.44 -9.99
C PRO YA 153 -84.59 19.95 -9.29
N LYS YA 154 -84.42 20.78 -8.26
CA LYS YA 154 -85.58 21.36 -7.58
C LYS YA 154 -86.42 22.17 -8.55
N LYS YA 155 -85.78 22.90 -9.46
CA LYS YA 155 -86.55 23.67 -10.43
C LYS YA 155 -87.30 22.77 -11.40
N LEU YA 156 -86.64 21.71 -11.89
CA LEU YA 156 -87.35 20.78 -12.78
C LEU YA 156 -88.54 20.15 -12.07
N LEU YA 157 -88.40 19.86 -10.78
CA LEU YA 157 -89.52 19.27 -10.06
C LEU YA 157 -90.59 20.30 -9.75
N MET YA 158 -90.21 21.55 -9.48
CA MET YA 158 -91.23 22.58 -9.29
C MET YA 158 -91.94 22.89 -10.60
N MET YA 159 -91.25 22.81 -11.72
CA MET YA 159 -91.87 23.03 -13.02
C MET YA 159 -92.61 21.81 -13.52
N ALA YA 160 -92.58 20.71 -12.77
CA ALA YA 160 -93.31 19.51 -13.16
C ALA YA 160 -94.68 19.43 -12.51
N GLY YA 161 -94.90 20.21 -11.46
CA GLY YA 161 -96.13 20.15 -10.71
C GLY YA 161 -96.01 19.37 -9.42
N ILE YA 162 -94.87 18.78 -9.16
CA ILE YA 162 -94.64 18.02 -7.93
C ILE YA 162 -94.24 19.00 -6.84
N ASP YA 163 -94.88 18.88 -5.67
CA ASP YA 163 -94.58 19.78 -4.57
C ASP YA 163 -93.89 19.10 -3.39
N ASP YA 164 -93.90 17.77 -3.33
CA ASP YA 164 -93.28 17.03 -2.24
C ASP YA 164 -92.57 15.82 -2.82
N CYS YA 165 -91.27 15.70 -2.55
CA CYS YA 165 -90.48 14.58 -3.04
C CYS YA 165 -89.15 14.48 -2.33
N TYR YA 166 -88.70 13.27 -2.03
CA TYR YA 166 -87.36 13.02 -1.54
C TYR YA 166 -86.48 12.59 -2.71
N THR YA 167 -85.22 12.99 -2.69
CA THR YA 167 -84.27 12.61 -3.72
C THR YA 167 -82.99 12.07 -3.10
N SER YA 168 -82.23 11.36 -3.92
CA SER YA 168 -80.90 10.89 -3.55
C SER YA 168 -80.08 10.81 -4.82
N ALA YA 169 -78.93 11.49 -4.83
CA ALA YA 169 -78.09 11.57 -6.02
C ALA YA 169 -76.79 10.82 -5.79
N ARG YA 170 -76.38 10.08 -6.80
CA ARG YA 170 -75.10 9.37 -6.81
C ARG YA 170 -74.36 9.76 -8.07
N GLY YA 171 -73.04 9.89 -7.97
CA GLY YA 171 -72.23 10.22 -9.12
C GLY YA 171 -71.83 11.67 -9.14
N CYS YA 172 -71.22 12.06 -10.25
CA CYS YA 172 -70.70 13.41 -10.39
C CYS YA 172 -71.84 14.38 -10.71
N THR YA 173 -72.49 14.90 -9.68
CA THR YA 173 -73.59 15.82 -9.88
C THR YA 173 -73.14 17.23 -10.25
N ALA YA 174 -71.83 17.47 -10.33
CA ALA YA 174 -71.36 18.79 -10.70
C ALA YA 174 -71.64 19.10 -12.16
N THR YA 175 -71.77 18.07 -12.99
CA THR YA 175 -72.09 18.26 -14.40
C THR YA 175 -73.60 18.44 -14.52
N LEU YA 176 -74.03 19.70 -14.62
CA LEU YA 176 -75.46 19.98 -14.75
C LEU YA 176 -76.05 19.37 -16.00
N GLY YA 177 -75.25 19.13 -17.02
CA GLY YA 177 -75.76 18.49 -18.22
C GLY YA 177 -76.31 17.11 -17.96
N ASN YA 178 -75.59 16.31 -17.19
CA ASN YA 178 -76.07 14.99 -16.83
C ASN YA 178 -76.97 15.00 -15.62
N PHE YA 179 -76.77 15.93 -14.71
CA PHE YA 179 -77.58 16.00 -13.50
C PHE YA 179 -78.97 16.53 -13.77
N ALA YA 180 -79.16 17.32 -14.83
CA ALA YA 180 -80.49 17.74 -15.25
C ALA YA 180 -81.15 16.72 -16.16
N LYS YA 181 -80.38 16.10 -17.06
CA LYS YA 181 -80.93 15.05 -17.89
C LYS YA 181 -81.39 13.86 -17.05
N ALA YA 182 -80.64 13.54 -15.99
CA ALA YA 182 -80.96 12.36 -15.18
C ALA YA 182 -82.33 12.50 -14.54
N THR YA 183 -82.60 13.63 -13.89
CA THR YA 183 -83.90 13.82 -13.27
C THR YA 183 -85.01 13.84 -14.30
N PHE YA 184 -84.76 14.45 -15.46
CA PHE YA 184 -85.74 14.42 -16.52
C PHE YA 184 -86.03 13.00 -16.97
N ASP YA 185 -85.02 12.14 -16.93
CA ASP YA 185 -85.25 10.73 -17.24
C ASP YA 185 -86.09 10.06 -16.16
N ALA YA 186 -85.88 10.43 -14.90
CA ALA YA 186 -86.69 9.87 -13.83
C ALA YA 186 -88.14 10.33 -13.93
N ILE YA 187 -88.33 11.64 -14.13
CA ILE YA 187 -89.69 12.17 -14.30
C ILE YA 187 -90.37 11.54 -15.49
N SER YA 188 -89.62 11.20 -16.54
CA SER YA 188 -90.20 10.58 -17.71
C SER YA 188 -90.63 9.14 -17.48
N LYS YA 189 -90.16 8.50 -16.40
CA LYS YA 189 -90.46 7.10 -16.16
C LYS YA 189 -91.70 6.91 -15.30
N THR YA 190 -92.37 8.00 -14.92
CA THR YA 190 -93.53 7.84 -14.06
C THR YA 190 -94.70 7.25 -14.82
N TYR YA 191 -94.83 7.58 -16.10
CA TYR YA 191 -95.84 6.99 -16.98
C TYR YA 191 -95.31 5.80 -17.76
N SER YA 192 -94.14 5.27 -17.41
CA SER YA 192 -93.71 3.98 -17.94
C SER YA 192 -93.67 2.91 -16.89
N TYR YA 193 -93.85 3.26 -15.62
CA TYR YA 193 -93.78 2.30 -14.53
C TYR YA 193 -95.15 1.68 -14.33
N LEU YA 194 -95.23 0.37 -14.48
CA LEU YA 194 -96.50 -0.33 -14.36
C LEU YA 194 -96.93 -0.42 -12.91
N THR YA 195 -98.17 -0.06 -12.64
CA THR YA 195 -98.73 -0.06 -11.31
C THR YA 195 -99.96 -0.96 -11.28
N PRO YA 196 -100.19 -1.71 -10.18
CA PRO YA 196 -101.38 -2.55 -10.09
C PRO YA 196 -102.67 -1.83 -10.40
N ASP YA 197 -102.66 -0.50 -10.27
CA ASP YA 197 -103.78 0.29 -10.75
C ASP YA 197 -103.93 0.22 -12.26
N LEU YA 198 -102.82 0.24 -13.00
CA LEU YA 198 -102.86 0.27 -14.45
C LEU YA 198 -102.86 -1.15 -15.01
N TRP YA 199 -103.76 -1.98 -14.48
CA TRP YA 199 -103.84 -3.37 -14.86
C TRP YA 199 -105.04 -3.70 -15.74
N LYS YA 200 -106.07 -2.86 -15.74
CA LYS YA 200 -107.22 -3.08 -16.60
C LYS YA 200 -106.82 -3.09 -18.06
N GLU YA 201 -107.52 -3.91 -18.84
CA GLU YA 201 -107.22 -4.04 -20.26
C GLU YA 201 -107.48 -2.74 -20.99
N THR YA 202 -106.56 -2.37 -21.89
CA THR YA 202 -106.69 -1.13 -22.64
C THR YA 202 -107.76 -1.28 -23.70
N VAL YA 203 -108.79 -0.46 -23.63
CA VAL YA 203 -109.73 -0.30 -24.74
C VAL YA 203 -109.13 0.69 -25.72
N PHE YA 204 -108.77 0.19 -26.91
CA PHE YA 204 -108.02 0.99 -27.87
C PHE YA 204 -108.93 2.03 -28.52
N THR YA 205 -108.56 3.29 -28.37
CA THR YA 205 -109.20 4.37 -29.09
C THR YA 205 -108.57 4.46 -30.48
N LYS YA 206 -109.34 4.95 -31.45
CA LYS YA 206 -108.84 5.04 -32.81
C LYS YA 206 -107.90 6.24 -32.92
N SER YA 207 -106.80 6.03 -33.64
CA SER YA 207 -105.72 7.01 -33.77
C SER YA 207 -106.23 8.33 -34.32
N PRO YA 208 -105.70 9.46 -33.85
CA PRO YA 208 -106.16 10.75 -34.39
C PRO YA 208 -105.80 10.93 -35.85
N TYR YA 209 -104.72 10.29 -36.30
CA TYR YA 209 -104.39 10.30 -37.71
C TYR YA 209 -105.37 9.51 -38.55
N GLN YA 210 -106.00 8.49 -37.97
CA GLN YA 210 -107.00 7.72 -38.68
C GLN YA 210 -108.41 8.26 -38.47
N GLU YA 211 -108.70 8.77 -37.26
CA GLU YA 211 -110.01 9.30 -36.96
C GLU YA 211 -110.30 10.58 -37.73
N PHE YA 212 -109.26 11.24 -38.27
CA PHE YA 212 -109.38 12.44 -39.09
C PHE YA 212 -108.75 12.22 -40.45
N THR YA 213 -108.88 11.02 -41.00
CA THR YA 213 -108.24 10.71 -42.27
C THR YA 213 -108.91 11.38 -43.46
N ASP YA 214 -110.16 11.84 -43.32
CA ASP YA 214 -110.81 12.56 -44.39
C ASP YA 214 -110.48 14.05 -44.37
N HIS YA 215 -110.14 14.59 -43.20
CA HIS YA 215 -109.74 15.98 -43.10
C HIS YA 215 -108.34 16.23 -43.64
N LEU YA 216 -107.61 15.18 -43.98
CA LEU YA 216 -106.25 15.28 -44.47
C LEU YA 216 -106.16 15.16 -45.99
N VAL YA 217 -107.30 15.10 -46.68
CA VAL YA 217 -107.30 15.06 -48.14
C VAL YA 217 -108.30 16.10 -48.65
N LYS YA 218 -108.89 16.86 -47.74
CA LYS YA 218 -109.97 17.78 -48.06
C LYS YA 218 -109.49 19.19 -48.39
N THR YA 219 -108.44 19.68 -47.75
CA THR YA 219 -108.02 21.07 -47.92
C THR YA 219 -106.57 21.25 -48.34
N HIS YA 220 -105.69 20.33 -47.96
CA HIS YA 220 -104.25 20.53 -48.17
C HIS YA 220 -103.72 19.35 -48.98
N THR YA 221 -102.39 19.27 -49.07
CA THR YA 221 -101.72 18.19 -49.77
C THR YA 221 -102.07 16.83 -49.17
N MET ZA 1 -60.98 79.40 -70.76
CA MET ZA 1 -60.97 80.05 -69.46
C MET ZA 1 -59.71 80.87 -69.24
N ALA ZA 2 -59.43 81.19 -67.98
CA ALA ZA 2 -58.32 82.09 -67.67
C ALA ZA 2 -56.97 81.48 -67.98
N VAL ZA 3 -56.63 80.39 -67.27
CA VAL ZA 3 -55.28 79.82 -67.42
C VAL ZA 3 -55.31 78.62 -68.34
N GLN ZA 4 -56.51 78.03 -68.52
CA GLN ZA 4 -56.77 76.92 -69.42
C GLN ZA 4 -55.90 75.70 -69.10
N ILE ZA 5 -56.15 75.06 -67.96
CA ILE ZA 5 -55.43 73.85 -67.60
C ILE ZA 5 -55.85 72.71 -68.52
N SER ZA 6 -55.01 71.67 -68.57
CA SER ZA 6 -55.20 70.60 -69.55
C SER ZA 6 -56.39 69.72 -69.18
N LYS ZA 7 -56.71 68.80 -70.10
CA LYS ZA 7 -57.80 67.87 -69.87
C LYS ZA 7 -57.48 66.89 -68.75
N LYS ZA 8 -56.22 66.47 -68.62
CA LYS ZA 8 -55.89 65.52 -67.56
C LYS ZA 8 -56.07 66.14 -66.19
N ARG ZA 9 -55.71 67.41 -66.05
CA ARG ZA 9 -55.76 68.08 -64.75
C ARG ZA 9 -57.17 68.44 -64.33
N LYS ZA 10 -58.05 68.75 -65.28
CA LYS ZA 10 -59.41 69.12 -64.92
C LYS ZA 10 -60.17 67.93 -64.35
N PHE ZA 11 -60.08 66.77 -65.01
CA PHE ZA 11 -60.80 65.58 -64.54
C PHE ZA 11 -60.32 65.15 -63.17
N VAL ZA 12 -59.05 65.39 -62.87
CA VAL ZA 12 -58.55 65.16 -61.53
C VAL ZA 12 -59.08 66.22 -60.56
N ALA ZA 13 -59.29 67.44 -61.04
CA ALA ZA 13 -59.73 68.51 -60.15
C ALA ZA 13 -61.14 68.27 -59.63
N ASP ZA 14 -62.09 67.94 -60.51
CA ASP ZA 14 -63.45 67.71 -60.04
C ASP ZA 14 -63.54 66.48 -59.17
N GLY ZA 15 -62.63 65.51 -59.36
CA GLY ZA 15 -62.55 64.40 -58.44
C GLY ZA 15 -62.17 64.86 -57.04
N ILE ZA 16 -61.24 65.81 -56.95
CA ILE ZA 16 -60.92 66.42 -55.67
C ILE ZA 16 -62.09 67.26 -55.18
N PHE ZA 17 -62.82 67.88 -56.10
CA PHE ZA 17 -63.99 68.67 -55.72
C PHE ZA 17 -65.05 67.80 -55.08
N LYS ZA 18 -65.47 66.74 -55.77
CA LYS ZA 18 -66.49 65.85 -55.23
C LYS ZA 18 -66.04 65.21 -53.93
N ALA ZA 19 -64.74 64.97 -53.79
CA ALA ZA 19 -64.24 64.37 -52.56
C ALA ZA 19 -64.43 65.30 -51.36
N GLU ZA 20 -64.10 66.58 -51.53
CA GLU ZA 20 -64.15 67.47 -50.38
C GLU ZA 20 -65.58 67.79 -49.98
N LEU ZA 21 -66.52 67.71 -50.91
CA LEU ZA 21 -67.93 67.85 -50.53
C LEU ZA 21 -68.36 66.67 -49.66
N ASN ZA 22 -68.09 65.46 -50.12
CA ASN ZA 22 -68.55 64.27 -49.41
C ASN ZA 22 -68.07 64.28 -47.96
N GLU ZA 23 -66.80 64.62 -47.74
CA GLU ZA 23 -66.29 64.66 -46.37
C GLU ZA 23 -66.91 65.81 -45.58
N PHE ZA 24 -67.01 66.99 -46.19
CA PHE ZA 24 -67.60 68.13 -45.49
C PHE ZA 24 -69.05 67.86 -45.13
N LEU ZA 25 -69.79 67.23 -46.04
CA LEU ZA 25 -71.18 66.89 -45.74
C LEU ZA 25 -71.29 65.69 -44.80
N THR ZA 26 -70.35 64.74 -44.86
CA THR ZA 26 -70.38 63.63 -43.93
C THR ZA 26 -70.07 64.07 -42.50
N ARG ZA 27 -69.31 65.15 -42.34
CA ARG ZA 27 -69.03 65.69 -41.02
C ARG ZA 27 -70.08 66.70 -40.57
N GLU ZA 28 -71.06 67.00 -41.40
CA GLU ZA 28 -72.03 68.01 -41.00
C GLU ZA 28 -73.48 67.53 -41.09
N LEU ZA 29 -73.82 66.74 -42.10
CA LEU ZA 29 -75.20 66.31 -42.31
C LEU ZA 29 -75.42 64.86 -41.93
N ALA ZA 30 -74.51 64.25 -41.17
CA ALA ZA 30 -74.62 62.83 -40.85
C ALA ZA 30 -75.78 62.56 -39.91
N GLU ZA 31 -75.89 63.32 -38.83
CA GLU ZA 31 -76.99 63.18 -37.87
C GLU ZA 31 -78.34 63.49 -38.49
N ASP ZA 32 -78.38 64.15 -39.65
CA ASP ZA 32 -79.60 64.31 -40.41
C ASP ZA 32 -79.70 63.32 -41.55
N GLY ZA 33 -78.85 62.29 -41.55
CA GLY ZA 33 -78.92 61.22 -42.52
C GLY ZA 33 -78.38 61.56 -43.88
N TYR ZA 34 -77.09 61.92 -43.96
CA TYR ZA 34 -76.46 62.21 -45.24
C TYR ZA 34 -75.99 60.92 -45.87
N SER ZA 35 -76.19 60.79 -47.18
CA SER ZA 35 -75.95 59.52 -47.85
C SER ZA 35 -75.24 59.68 -49.19
N GLY ZA 36 -74.60 60.82 -49.42
CA GLY ZA 36 -73.85 61.05 -50.64
C GLY ZA 36 -74.44 62.21 -51.44
N VAL ZA 37 -73.67 62.62 -52.45
CA VAL ZA 37 -74.06 63.72 -53.32
C VAL ZA 37 -73.94 63.31 -54.78
N GLU ZA 38 -74.33 64.21 -55.68
CA GLU ZA 38 -74.08 64.03 -57.11
C GLU ZA 38 -74.13 65.39 -57.79
N VAL ZA 39 -73.19 65.64 -58.67
CA VAL ZA 39 -73.13 66.89 -59.41
C VAL ZA 39 -73.70 66.70 -60.80
N ARG ZA 40 -74.36 67.73 -61.32
CA ARG ZA 40 -74.92 67.73 -62.67
C ARG ZA 40 -74.42 68.96 -63.40
N VAL ZA 41 -73.73 68.74 -64.53
CA VAL ZA 41 -73.09 69.83 -65.25
C VAL ZA 41 -74.14 70.66 -65.98
N THR ZA 42 -73.86 71.95 -66.11
CA THR ZA 42 -74.67 72.89 -66.89
C THR ZA 42 -73.81 74.10 -67.14
N PRO ZA 43 -73.94 74.73 -68.31
CA PRO ZA 43 -73.18 75.97 -68.58
C PRO ZA 43 -73.46 77.01 -67.50
N THR ZA 44 -72.39 77.50 -66.89
CA THR ZA 44 -72.33 78.47 -65.79
C THR ZA 44 -73.19 78.08 -64.59
N ARG ZA 45 -73.66 76.84 -64.52
CA ARG ZA 45 -74.51 76.40 -63.43
C ARG ZA 45 -74.11 74.99 -63.03
N THR ZA 46 -73.77 74.80 -61.76
CA THR ZA 46 -73.49 73.46 -61.23
C THR ZA 46 -74.46 73.23 -60.08
N GLU ZA 47 -75.47 72.41 -60.32
CA GLU ZA 47 -76.40 71.97 -59.30
C GLU ZA 47 -75.86 70.70 -58.66
N ILE ZA 48 -75.85 70.66 -57.33
CA ILE ZA 48 -75.38 69.50 -56.57
C ILE ZA 48 -76.54 69.02 -55.72
N ILE ZA 49 -76.88 67.75 -55.85
CA ILE ZA 49 -77.98 67.18 -55.09
C ILE ZA 49 -77.42 66.49 -53.85
N ILE ZA 50 -78.02 66.78 -52.70
CA ILE ZA 50 -77.65 66.14 -51.44
C ILE ZA 50 -78.72 65.09 -51.17
N LEU ZA 51 -78.37 63.82 -51.41
CA LEU ZA 51 -79.27 62.71 -51.14
C LEU ZA 51 -79.25 62.42 -49.65
N ALA ZA 52 -80.34 62.76 -48.97
CA ALA ZA 52 -80.41 62.64 -47.53
C ALA ZA 52 -81.67 61.89 -47.14
N THR ZA 53 -81.61 61.24 -45.97
CA THR ZA 53 -82.73 60.44 -45.51
C THR ZA 53 -83.89 61.32 -45.08
N ARG ZA 54 -83.61 62.28 -44.20
CA ARG ZA 54 -84.60 63.22 -43.68
C ARG ZA 54 -84.40 64.57 -44.37
N THR ZA 55 -85.14 64.77 -45.47
CA THR ZA 55 -84.99 65.98 -46.25
C THR ZA 55 -85.50 67.21 -45.54
N GLN ZA 56 -86.51 67.06 -44.68
CA GLN ZA 56 -87.02 68.19 -43.93
C GLN ZA 56 -86.08 68.59 -42.80
N ASN ZA 57 -85.18 67.69 -42.40
CA ASN ZA 57 -84.23 67.97 -41.35
C ASN ZA 57 -82.94 68.60 -41.86
N VAL ZA 58 -82.74 68.66 -43.18
CA VAL ZA 58 -81.55 69.31 -43.70
C VAL ZA 58 -81.83 70.74 -44.15
N LEU ZA 59 -83.10 71.09 -44.40
CA LEU ZA 59 -83.43 72.48 -44.67
C LEU ZA 59 -83.45 73.32 -43.39
N GLY ZA 60 -83.75 72.72 -42.25
CA GLY ZA 60 -83.78 73.48 -41.02
C GLY ZA 60 -85.04 74.30 -40.91
N GLU ZA 61 -84.90 75.50 -40.37
CA GLU ZA 61 -86.03 76.43 -40.23
C GLU ZA 61 -86.09 77.30 -41.48
N LYS ZA 62 -87.17 77.14 -42.25
CA LYS ZA 62 -87.41 77.96 -43.44
C LYS ZA 62 -86.28 77.78 -44.46
N GLY ZA 63 -85.83 76.54 -44.63
CA GLY ZA 63 -84.81 76.25 -45.61
C GLY ZA 63 -83.49 76.95 -45.37
N ARG ZA 64 -83.20 77.32 -44.12
CA ARG ZA 64 -82.06 78.19 -43.84
C ARG ZA 64 -80.74 77.44 -44.02
N ARG ZA 65 -80.70 76.17 -43.61
CA ARG ZA 65 -79.44 75.44 -43.65
C ARG ZA 65 -78.96 75.23 -45.07
N ILE ZA 66 -79.87 74.95 -46.02
CA ILE ZA 66 -79.48 74.81 -47.41
C ILE ZA 66 -78.91 76.13 -47.93
N ARG ZA 67 -79.42 77.25 -47.44
CA ARG ZA 67 -78.84 78.54 -47.76
C ARG ZA 67 -77.53 78.77 -47.02
N GLU ZA 68 -77.36 78.15 -45.84
CA GLU ZA 68 -76.07 78.17 -45.15
C GLU ZA 68 -75.03 77.30 -45.82
N LEU ZA 69 -75.45 76.26 -46.53
CA LEU ZA 69 -74.50 75.38 -47.21
C LEU ZA 69 -74.12 75.93 -48.57
N THR ZA 70 -75.06 76.56 -49.27
CA THR ZA 70 -74.74 77.17 -50.55
C THR ZA 70 -73.78 78.34 -50.37
N ALA ZA 71 -73.74 78.91 -49.17
CA ALA ZA 71 -72.81 80.01 -48.91
C ALA ZA 71 -71.36 79.52 -48.85
N VAL ZA 72 -71.10 78.43 -48.11
CA VAL ZA 72 -69.72 78.00 -47.91
C VAL ZA 72 -69.13 77.49 -49.21
N VAL ZA 73 -69.92 76.79 -50.03
CA VAL ZA 73 -69.42 76.32 -51.30
C VAL ZA 73 -69.19 77.48 -52.26
N GLN ZA 74 -69.79 78.63 -51.96
CA GLN ZA 74 -69.60 79.83 -52.77
C GLN ZA 74 -68.33 80.56 -52.41
N LYS ZA 75 -67.85 80.42 -51.17
CA LYS ZA 75 -66.63 81.08 -50.71
C LYS ZA 75 -65.43 80.15 -50.69
N ARG ZA 76 -65.62 78.90 -50.25
CA ARG ZA 76 -64.51 77.97 -50.18
C ARG ZA 76 -63.96 77.66 -51.55
N PHE ZA 77 -64.85 77.42 -52.52
CA PHE ZA 77 -64.41 77.09 -53.86
C PHE ZA 77 -64.35 78.30 -54.79
N GLY ZA 78 -64.72 79.49 -54.31
CA GLY ZA 78 -64.64 80.67 -55.14
C GLY ZA 78 -65.56 80.67 -56.33
N PHE ZA 79 -66.70 79.99 -56.24
CA PHE ZA 79 -67.65 79.95 -57.33
C PHE ZA 79 -68.31 81.32 -57.50
N PRO ZA 80 -68.63 81.72 -58.73
CA PRO ZA 80 -69.22 83.04 -58.95
C PRO ZA 80 -70.57 83.16 -58.26
N GLU ZA 81 -70.97 84.41 -58.02
CA GLU ZA 81 -72.19 84.69 -57.29
C GLU ZA 81 -73.42 84.25 -58.09
N GLY ZA 82 -74.25 83.42 -57.49
CA GLY ZA 82 -75.43 82.91 -58.17
C GLY ZA 82 -75.14 81.93 -59.28
N SER ZA 83 -73.99 81.26 -59.21
CA SER ZA 83 -73.59 80.29 -60.23
C SER ZA 83 -73.93 78.85 -59.87
N VAL ZA 84 -73.98 78.52 -58.59
CA VAL ZA 84 -74.17 77.15 -58.14
C VAL ZA 84 -75.38 77.08 -57.20
N GLU ZA 85 -76.09 75.97 -57.25
CA GLU ZA 85 -77.28 75.78 -56.44
C GLU ZA 85 -77.24 74.42 -55.76
N LEU ZA 86 -77.96 74.31 -54.65
CA LEU ZA 86 -78.06 73.07 -53.88
C LEU ZA 86 -79.52 72.63 -53.83
N TYR ZA 87 -79.72 71.33 -53.67
CA TYR ZA 87 -81.04 70.75 -53.46
C TYR ZA 87 -80.95 69.67 -52.41
N ALA ZA 88 -82.12 69.17 -51.99
CA ALA ZA 88 -82.20 68.16 -50.93
C ALA ZA 88 -83.25 67.13 -51.31
N GLU ZA 89 -82.83 66.04 -51.95
CA GLU ZA 89 -83.73 65.00 -52.39
C GLU ZA 89 -83.69 63.80 -51.45
N LYS ZA 90 -84.75 63.00 -51.51
CA LYS ZA 90 -84.94 61.85 -50.62
C LYS ZA 90 -84.14 60.66 -51.13
N VAL ZA 91 -83.65 59.85 -50.20
CA VAL ZA 91 -82.95 58.62 -50.53
C VAL ZA 91 -83.97 57.51 -50.68
N ALA ZA 92 -84.08 56.98 -51.89
CA ALA ZA 92 -84.95 55.83 -52.11
C ALA ZA 92 -84.39 54.63 -51.40
N THR ZA 93 -85.30 53.78 -50.91
CA THR ZA 93 -85.03 52.55 -50.17
C THR ZA 93 -83.83 52.70 -49.24
N ARG ZA 94 -83.93 53.66 -48.31
CA ARG ZA 94 -82.81 54.04 -47.44
C ARG ZA 94 -82.24 52.85 -46.68
N GLY ZA 95 -82.98 51.77 -46.53
CA GLY ZA 95 -82.45 50.61 -45.83
C GLY ZA 95 -81.31 49.94 -46.56
N LEU ZA 96 -81.19 50.17 -47.87
CA LEU ZA 96 -80.15 49.51 -48.65
C LEU ZA 96 -78.85 50.30 -48.72
N CYS ZA 97 -78.89 51.63 -48.60
CA CYS ZA 97 -77.67 52.42 -48.69
C CYS ZA 97 -76.82 52.20 -47.45
N ALA ZA 98 -75.60 51.69 -47.64
CA ALA ZA 98 -74.77 51.28 -46.51
C ALA ZA 98 -74.42 52.45 -45.61
N ILE ZA 99 -73.91 53.54 -46.20
CA ILE ZA 99 -73.50 54.68 -45.40
C ILE ZA 99 -74.66 55.28 -44.63
N ALA ZA 100 -75.88 55.07 -45.11
CA ALA ZA 100 -77.05 55.48 -44.35
C ALA ZA 100 -77.28 54.58 -43.15
N GLN ZA 101 -76.97 53.29 -43.28
CA GLN ZA 101 -77.17 52.34 -42.18
C GLN ZA 101 -76.01 52.30 -41.20
N ALA ZA 102 -74.84 52.78 -41.59
CA ALA ZA 102 -73.72 52.81 -40.66
C ALA ZA 102 -73.85 53.98 -39.70
N GLU ZA 103 -74.16 55.17 -40.22
CA GLU ZA 103 -74.34 56.32 -39.35
C GLU ZA 103 -75.57 56.17 -38.47
N SER ZA 104 -76.63 55.53 -38.98
CA SER ZA 104 -77.79 55.26 -38.15
C SER ZA 104 -77.41 54.32 -37.02
N LEU ZA 105 -76.59 53.32 -37.29
CA LEU ZA 105 -76.06 52.47 -36.24
C LEU ZA 105 -75.09 53.23 -35.34
N ARG ZA 106 -74.31 54.15 -35.90
CA ARG ZA 106 -73.35 54.90 -35.11
C ARG ZA 106 -74.00 55.67 -33.97
N TYR ZA 107 -75.21 56.16 -34.17
CA TYR ZA 107 -75.89 56.96 -33.16
C TYR ZA 107 -76.61 56.11 -32.14
N LYS ZA 108 -76.83 54.82 -32.43
CA LYS ZA 108 -77.42 53.94 -31.43
C LYS ZA 108 -76.45 53.64 -30.30
N LEU ZA 109 -75.23 53.22 -30.63
CA LEU ZA 109 -74.25 52.97 -29.57
C LEU ZA 109 -73.85 54.26 -28.89
N LEU ZA 110 -73.79 55.36 -29.64
CA LEU ZA 110 -73.52 56.65 -29.03
C LEU ZA 110 -74.65 57.06 -28.09
N GLY ZA 111 -75.87 56.59 -28.33
CA GLY ZA 111 -76.93 56.77 -27.37
C GLY ZA 111 -76.77 55.95 -26.11
N GLY ZA 112 -75.79 55.06 -26.07
CA GLY ZA 112 -75.57 54.18 -24.94
C GLY ZA 112 -76.19 52.81 -25.10
N LEU ZA 113 -76.85 52.55 -26.22
CA LEU ZA 113 -77.51 51.28 -26.42
C LEU ZA 113 -76.47 50.16 -26.55
N ALA ZA 114 -76.89 48.96 -26.15
CA ALA ZA 114 -76.00 47.81 -26.12
C ALA ZA 114 -75.43 47.50 -27.49
N VAL ZA 115 -74.20 46.98 -27.50
CA VAL ZA 115 -73.51 46.72 -28.76
C VAL ZA 115 -74.16 45.57 -29.52
N ARG ZA 116 -74.62 44.55 -28.79
CA ARG ZA 116 -75.33 43.46 -29.42
C ARG ZA 116 -76.71 43.93 -29.90
N ARG ZA 117 -77.49 44.50 -28.97
CA ARG ZA 117 -78.84 44.95 -29.27
C ARG ZA 117 -78.89 45.87 -30.48
N ALA ZA 118 -77.88 46.72 -30.63
CA ALA ZA 118 -77.84 47.64 -31.77
C ALA ZA 118 -77.59 46.90 -33.08
N CYS ZA 119 -76.79 45.84 -33.04
CA CYS ZA 119 -76.42 45.17 -34.29
C CYS ZA 119 -77.61 44.43 -34.89
N TYR ZA 120 -78.39 43.75 -34.06
CA TYR ZA 120 -79.55 43.05 -34.59
C TYR ZA 120 -80.58 44.03 -35.13
N GLY ZA 121 -80.79 45.15 -34.43
CA GLY ZA 121 -81.78 46.11 -34.85
C GLY ZA 121 -81.52 46.71 -36.21
N VAL ZA 122 -80.26 46.85 -36.59
CA VAL ZA 122 -79.93 47.35 -37.92
C VAL ZA 122 -79.77 46.23 -38.94
N LEU ZA 123 -79.43 45.02 -38.51
CA LEU ZA 123 -79.21 43.97 -39.49
C LEU ZA 123 -80.53 43.41 -40.02
N ARG ZA 124 -81.50 43.17 -39.13
CA ARG ZA 124 -82.78 42.66 -39.62
C ARG ZA 124 -83.60 43.75 -40.27
N PHE ZA 125 -83.38 45.02 -39.91
CA PHE ZA 125 -84.08 46.13 -40.53
C PHE ZA 125 -83.77 46.23 -42.02
N ILE ZA 126 -82.51 46.06 -42.40
CA ILE ZA 126 -82.17 46.08 -43.81
C ILE ZA 126 -82.54 44.74 -44.44
N MET ZA 127 -82.91 43.75 -43.63
CA MET ZA 127 -83.47 42.53 -44.20
C MET ZA 127 -84.92 42.72 -44.63
N GLU ZA 128 -85.75 43.33 -43.78
CA GLU ZA 128 -87.09 43.64 -44.26
C GLU ZA 128 -87.07 44.71 -45.34
N SER ZA 129 -85.99 45.49 -45.42
CA SER ZA 129 -85.86 46.48 -46.47
C SER ZA 129 -85.59 45.84 -47.83
N GLY ZA 130 -85.30 44.55 -47.86
CA GLY ZA 130 -85.20 43.85 -49.14
C GLY ZA 130 -83.79 43.71 -49.65
N ALA ZA 131 -82.88 43.22 -48.81
CA ALA ZA 131 -81.50 43.00 -49.20
C ALA ZA 131 -81.30 41.55 -49.58
N LYS ZA 132 -80.12 41.26 -50.13
CA LYS ZA 132 -79.73 39.88 -50.42
C LYS ZA 132 -78.99 39.25 -49.26
N GLY ZA 133 -78.37 40.04 -48.40
CA GLY ZA 133 -77.60 39.55 -47.29
C GLY ZA 133 -76.65 40.64 -46.85
N CYS ZA 134 -76.12 40.57 -45.64
CA CYS ZA 134 -75.28 41.67 -45.17
C CYS ZA 134 -74.36 41.17 -44.08
N GLU ZA 135 -73.36 42.00 -43.76
CA GLU ZA 135 -72.38 41.70 -42.74
C GLU ZA 135 -72.12 43.00 -41.97
N VAL ZA 136 -72.42 42.99 -40.68
CA VAL ZA 136 -72.14 44.12 -39.81
C VAL ZA 136 -71.01 43.71 -38.88
N VAL ZA 137 -69.85 44.33 -39.06
CA VAL ZA 137 -68.66 44.01 -38.28
C VAL ZA 137 -68.36 45.21 -37.39
N VAL ZA 138 -68.39 44.97 -36.08
CA VAL ZA 138 -68.03 45.99 -35.11
C VAL ZA 138 -66.80 45.51 -34.35
N SER ZA 139 -65.69 46.21 -34.55
CA SER ZA 139 -64.44 45.92 -33.87
C SER ZA 139 -64.29 46.88 -32.69
N GLY ZA 140 -63.10 46.93 -32.12
CA GLY ZA 140 -62.79 47.85 -31.05
C GLY ZA 140 -62.83 47.18 -29.70
N LYS ZA 141 -62.49 47.96 -28.68
CA LYS ZA 141 -62.46 47.42 -27.33
C LYS ZA 141 -63.87 47.22 -26.79
N LEU ZA 142 -64.18 45.98 -26.40
CA LEU ZA 142 -65.48 45.62 -25.88
C LEU ZA 142 -65.29 44.73 -24.66
N ARG ZA 143 -66.10 44.95 -23.63
CA ARG ZA 143 -66.10 44.11 -22.43
C ARG ZA 143 -64.72 44.07 -21.77
N GLY ZA 144 -64.01 45.18 -21.81
CA GLY ZA 144 -62.75 45.28 -21.10
C GLY ZA 144 -61.72 46.04 -21.90
N GLN ZA 145 -60.45 45.76 -21.57
CA GLN ZA 145 -59.31 46.45 -22.17
C GLN ZA 145 -58.94 45.87 -23.54
N ARG ZA 146 -58.60 44.58 -23.58
CA ARG ZA 146 -58.20 43.96 -24.84
C ARG ZA 146 -59.34 44.01 -25.84
N ALA ZA 147 -59.02 44.40 -27.07
CA ALA ZA 147 -60.03 44.65 -28.10
C ALA ZA 147 -60.36 43.36 -28.83
N LYS ZA 148 -61.64 43.09 -28.96
CA LYS ZA 148 -62.16 41.97 -29.74
C LYS ZA 148 -62.98 42.52 -30.90
N SER ZA 149 -63.64 41.63 -31.62
CA SER ZA 149 -64.42 42.01 -32.79
C SER ZA 149 -65.64 41.12 -32.90
N MET ZA 150 -66.83 41.72 -32.87
CA MET ZA 150 -68.05 41.00 -33.20
C MET ZA 150 -68.27 41.07 -34.71
N LYS ZA 151 -68.76 39.98 -35.28
CA LYS ZA 151 -68.98 39.88 -36.73
C LYS ZA 151 -70.35 39.23 -36.92
N PHE ZA 152 -71.38 40.07 -37.03
CA PHE ZA 152 -72.76 39.59 -37.14
C PHE ZA 152 -73.19 39.66 -38.59
N VAL ZA 153 -73.36 38.50 -39.20
CA VAL ZA 153 -73.60 38.37 -40.63
C VAL ZA 153 -74.85 37.52 -40.85
N ASP ZA 154 -75.51 37.72 -41.99
CA ASP ZA 154 -76.59 36.84 -42.41
C ASP ZA 154 -76.74 36.91 -43.92
N GLY ZA 155 -77.41 35.91 -44.47
CA GLY ZA 155 -77.77 35.92 -45.86
C GLY ZA 155 -76.60 35.78 -46.80
N LEU ZA 156 -76.92 35.87 -48.08
CA LEU ZA 156 -75.93 35.75 -49.13
C LEU ZA 156 -75.06 37.01 -49.19
N MET ZA 157 -73.75 36.82 -49.20
CA MET ZA 157 -72.83 37.95 -49.34
C MET ZA 157 -71.50 37.50 -49.90
N ILE ZA 158 -71.07 38.12 -51.00
CA ILE ZA 158 -69.91 37.68 -51.74
C ILE ZA 158 -68.74 38.64 -51.48
N HIS ZA 159 -67.52 38.17 -51.75
CA HIS ZA 159 -66.34 38.98 -51.47
C HIS ZA 159 -65.48 39.22 -52.70
N SER ZA 160 -65.18 38.16 -53.45
CA SER ZA 160 -64.18 38.26 -54.50
C SER ZA 160 -64.82 38.63 -55.83
N GLY ZA 161 -64.00 38.67 -56.87
CA GLY ZA 161 -64.47 38.93 -58.21
C GLY ZA 161 -64.80 40.39 -58.45
N ASP ZA 162 -65.07 40.69 -59.71
CA ASP ZA 162 -65.51 42.02 -60.14
C ASP ZA 162 -66.90 42.40 -59.66
N PRO ZA 163 -67.88 41.48 -59.57
CA PRO ZA 163 -69.21 41.87 -59.10
C PRO ZA 163 -69.24 42.59 -57.76
N VAL ZA 164 -68.19 42.50 -56.95
CA VAL ZA 164 -68.15 43.15 -55.66
C VAL ZA 164 -68.22 44.65 -55.84
N ASN ZA 165 -67.86 45.14 -57.02
CA ASN ZA 165 -67.79 46.57 -57.26
C ASN ZA 165 -69.16 47.23 -57.31
N TYR ZA 166 -70.21 46.50 -57.71
CA TYR ZA 166 -71.51 47.11 -57.90
C TYR ZA 166 -72.65 46.36 -57.23
N TYR ZA 167 -72.44 45.15 -56.73
CA TYR ZA 167 -73.44 44.48 -55.92
C TYR ZA 167 -73.35 44.83 -54.44
N VAL ZA 168 -72.20 45.32 -54.00
CA VAL ZA 168 -71.97 45.57 -52.58
C VAL ZA 168 -71.57 47.03 -52.42
N ASP ZA 169 -72.09 47.66 -51.38
CA ASP ZA 169 -71.62 48.98 -50.96
C ASP ZA 169 -71.21 48.86 -49.49
N THR ZA 170 -70.01 49.33 -49.19
CA THR ZA 170 -69.47 49.22 -47.84
C THR ZA 170 -69.54 50.57 -47.15
N ALA ZA 171 -69.42 50.55 -45.83
CA ALA ZA 171 -69.41 51.78 -45.05
C ALA ZA 171 -68.55 51.56 -43.82
N VAL ZA 172 -67.42 52.25 -43.76
CA VAL ZA 172 -66.52 52.18 -42.61
C VAL ZA 172 -66.66 53.49 -41.86
N ARG ZA 173 -67.08 53.40 -40.60
CA ARG ZA 173 -67.32 54.57 -39.77
C ARG ZA 173 -66.66 54.38 -38.42
N HIS ZA 174 -66.27 55.49 -37.82
CA HIS ZA 174 -65.73 55.52 -36.47
C HIS ZA 174 -66.78 56.05 -35.51
N VAL ZA 175 -66.59 55.79 -34.22
CA VAL ZA 175 -67.41 56.41 -33.20
C VAL ZA 175 -66.63 56.41 -31.90
N LEU ZA 176 -66.63 57.55 -31.21
CA LEU ZA 176 -65.83 57.73 -30.01
C LEU ZA 176 -66.67 57.42 -28.78
N LEU ZA 177 -66.14 56.56 -27.91
CA LEU ZA 177 -66.80 56.28 -26.64
C LEU ZA 177 -65.93 56.73 -25.48
N ARG ZA 178 -66.36 56.49 -24.26
CA ARG ZA 178 -65.70 57.06 -23.09
C ARG ZA 178 -64.30 56.51 -22.90
N GLN ZA 179 -64.06 55.25 -23.27
CA GLN ZA 179 -62.74 54.66 -23.06
C GLN ZA 179 -61.96 54.47 -24.35
N GLY ZA 180 -62.61 54.55 -25.51
CA GLY ZA 180 -61.87 54.44 -26.76
C GLY ZA 180 -62.78 54.60 -27.96
N VAL ZA 181 -62.25 54.26 -29.13
CA VAL ZA 181 -62.96 54.36 -30.40
C VAL ZA 181 -63.11 52.95 -30.98
N LEU ZA 182 -64.30 52.65 -31.47
CA LEU ZA 182 -64.58 51.37 -32.09
C LEU ZA 182 -65.14 51.58 -33.48
N GLY ZA 183 -64.71 50.73 -34.40
CA GLY ZA 183 -65.03 50.87 -35.81
C GLY ZA 183 -66.23 50.03 -36.21
N ILE ZA 184 -66.94 50.51 -37.23
CA ILE ZA 184 -68.13 49.84 -37.74
C ILE ZA 184 -67.94 49.65 -39.22
N LYS ZA 185 -67.98 48.41 -39.68
CA LYS ZA 185 -67.94 48.08 -41.10
C LYS ZA 185 -69.29 47.49 -41.47
N VAL ZA 186 -70.01 48.17 -42.34
CA VAL ZA 186 -71.32 47.74 -42.78
C VAL ZA 186 -71.19 47.33 -44.24
N LYS ZA 187 -71.48 46.07 -44.52
CA LYS ZA 187 -71.36 45.50 -45.86
C LYS ZA 187 -72.73 44.96 -46.26
N ILE ZA 188 -73.31 45.51 -47.32
CA ILE ZA 188 -74.66 45.19 -47.75
C ILE ZA 188 -74.62 44.72 -49.19
N MET ZA 189 -75.14 43.52 -49.45
CA MET ZA 189 -75.22 42.99 -50.81
C MET ZA 189 -76.54 43.42 -51.42
N LEU ZA 190 -76.46 44.17 -52.52
CA LEU ZA 190 -77.67 44.67 -53.15
C LEU ZA 190 -78.40 43.51 -53.85
N PRO ZA 191 -79.72 43.56 -53.93
CA PRO ZA 191 -80.44 42.58 -54.73
C PRO ZA 191 -80.46 42.97 -56.20
N TRP ZA 192 -80.68 41.97 -57.04
CA TRP ZA 192 -80.73 42.18 -58.48
C TRP ZA 192 -82.10 42.66 -58.90
N ASP ZA 193 -82.14 43.61 -59.83
CA ASP ZA 193 -83.40 44.07 -60.37
C ASP ZA 193 -83.20 44.63 -61.76
N PRO ZA 194 -84.05 44.24 -62.72
CA PRO ZA 194 -83.97 44.85 -64.05
C PRO ZA 194 -84.30 46.32 -64.05
N SER ZA 195 -85.05 46.77 -63.03
CA SER ZA 195 -85.38 48.18 -62.93
C SER ZA 195 -84.12 49.02 -62.73
N GLY ZA 196 -83.30 48.64 -61.76
CA GLY ZA 196 -82.03 49.31 -61.54
C GLY ZA 196 -82.05 50.48 -60.60
N LYS ZA 197 -83.18 50.75 -59.96
CA LYS ZA 197 -83.26 51.83 -58.99
C LYS ZA 197 -83.05 51.36 -57.56
N ILE ZA 198 -83.05 50.05 -57.30
CA ILE ZA 198 -82.81 49.58 -55.95
C ILE ZA 198 -81.51 48.78 -55.93
N GLY ZA 199 -81.11 48.25 -57.07
CA GLY ZA 199 -79.86 47.54 -57.21
C GLY ZA 199 -79.35 47.62 -58.63
N PRO ZA 200 -78.31 46.87 -58.94
CA PRO ZA 200 -77.78 46.86 -60.31
C PRO ZA 200 -78.63 45.98 -61.22
N LYS ZA 201 -78.60 46.32 -62.50
CA LYS ZA 201 -79.41 45.60 -63.48
C LYS ZA 201 -78.77 44.29 -63.92
N LYS ZA 202 -77.46 44.27 -64.07
CA LYS ZA 202 -76.81 43.09 -64.64
C LYS ZA 202 -76.87 41.93 -63.65
N PRO ZA 203 -77.28 40.74 -64.09
CA PRO ZA 203 -77.36 39.58 -63.19
C PRO ZA 203 -75.95 39.07 -62.88
N LEU ZA 204 -75.89 38.21 -61.87
CA LEU ZA 204 -74.61 37.68 -61.41
C LEU ZA 204 -73.97 36.84 -62.51
N PRO ZA 205 -72.65 36.93 -62.68
CA PRO ZA 205 -72.01 36.24 -63.81
C PRO ZA 205 -72.19 34.73 -63.78
N ASP ZA 206 -72.36 34.15 -62.60
CA ASP ZA 206 -72.59 32.73 -62.48
C ASP ZA 206 -74.07 32.36 -62.52
N HIS ZA 207 -74.97 33.31 -62.29
CA HIS ZA 207 -76.40 33.01 -62.27
C HIS ZA 207 -76.93 33.01 -63.70
N VAL ZA 208 -77.45 31.87 -64.13
CA VAL ZA 208 -78.06 31.74 -65.45
C VAL ZA 208 -79.49 31.25 -65.27
N SER ZA 209 -80.45 32.13 -65.57
CA SER ZA 209 -81.87 31.80 -65.48
C SER ZA 209 -82.34 31.32 -66.84
N ILE ZA 210 -82.95 30.14 -66.88
CA ILE ZA 210 -83.36 29.51 -68.12
C ILE ZA 210 -84.86 29.67 -68.28
N VAL ZA 211 -85.27 30.27 -69.41
CA VAL ZA 211 -86.69 30.49 -69.66
C VAL ZA 211 -87.36 29.17 -69.98
N GLU ZA 212 -88.61 29.04 -69.57
CA GLU ZA 212 -89.25 27.73 -69.73
C GLU ZA 212 -89.90 27.62 -71.11
N PRO ZA 213 -89.85 26.43 -71.69
CA PRO ZA 213 -90.47 26.24 -73.01
C PRO ZA 213 -91.99 26.14 -72.89
N LYS ZA 214 -92.68 26.97 -73.66
CA LYS ZA 214 -94.13 26.95 -73.65
C LYS ZA 214 -94.66 25.63 -74.19
N ASP ZA 215 -95.74 25.14 -73.57
CA ASP ZA 215 -96.31 23.85 -73.95
C ASP ZA 215 -97.34 24.07 -75.06
N GLU ZA 216 -96.85 24.09 -76.29
CA GLU ZA 216 -97.73 24.03 -77.45
C GLU ZA 216 -97.76 22.60 -77.97
N ILE ZA 217 -98.89 22.23 -78.58
CA ILE ZA 217 -99.13 20.86 -79.02
C ILE ZA 217 -98.68 20.75 -80.48
N LEU ZA 218 -97.76 19.84 -80.73
CA LEU ZA 218 -97.30 19.61 -82.09
C LEU ZA 218 -98.36 18.82 -82.86
N PRO ZA 219 -98.52 19.08 -84.15
CA PRO ZA 219 -99.59 18.44 -84.92
C PRO ZA 219 -99.18 17.04 -85.36
N THR ZA 220 -100.18 16.16 -85.51
CA THR ZA 220 -99.98 14.82 -86.01
C THR ZA 220 -100.55 14.58 -87.40
N THR ZA 221 -101.41 15.47 -87.89
CA THR ZA 221 -102.01 15.35 -89.22
C THR ZA 221 -101.89 16.68 -89.96
N PRO ZA 222 -101.44 16.69 -91.23
CA PRO ZA 222 -101.23 17.98 -91.93
C PRO ZA 222 -102.48 18.83 -92.09
N ILE ZA 223 -102.39 20.09 -91.65
CA ILE ZA 223 -103.50 21.03 -91.64
C ILE ZA 223 -103.09 22.28 -92.43
N SER ZA 224 -104.09 22.92 -93.05
CA SER ZA 224 -103.90 24.19 -93.75
C SER ZA 224 -104.78 25.27 -93.14
N GLU ZA 225 -104.27 26.49 -93.10
CA GLU ZA 225 -104.96 27.63 -92.49
C GLU ZA 225 -105.00 28.80 -93.48
N GLN ZA 226 -105.44 28.50 -94.70
CA GLN ZA 226 -105.53 29.50 -95.75
C GLN ZA 226 -106.45 30.65 -95.38
N LYS ZA 227 -106.06 31.86 -95.78
CA LYS ZA 227 -106.76 33.08 -95.40
C LYS ZA 227 -106.54 34.18 -96.42
N GLY ZA 228 -107.57 34.98 -96.68
CA GLY ZA 228 -107.46 36.07 -97.62
C GLY ZA 228 -107.35 35.65 -99.07
N ALA AB 1 -69.74 1.59 50.48
CA ALA AB 1 -69.34 2.62 51.44
C ALA AB 1 -68.71 1.98 52.65
N ARG AB 2 -68.56 2.77 53.72
CA ARG AB 2 -67.98 2.29 54.96
C ARG AB 2 -69.04 2.01 56.01
N GLY AB 3 -70.30 1.90 55.60
CA GLY AB 3 -71.38 1.65 56.51
C GLY AB 3 -72.73 1.86 55.84
N PRO AB 4 -73.77 2.01 56.65
CA PRO AB 4 -75.11 2.20 56.08
C PRO AB 4 -75.34 3.63 55.63
N LYS AB 5 -76.26 3.79 54.70
CA LYS AB 5 -76.62 5.10 54.20
C LYS AB 5 -77.53 5.81 55.18
N LYS AB 6 -77.51 7.14 55.14
CA LYS AB 6 -78.35 7.93 56.02
C LYS AB 6 -79.11 9.05 55.32
N HIS AB 7 -78.73 9.43 54.12
CA HIS AB 7 -79.43 10.46 53.37
C HIS AB 7 -80.17 9.84 52.19
N LEU AB 8 -81.05 10.62 51.60
CA LEU AB 8 -81.75 10.23 50.38
C LEU AB 8 -81.93 11.47 49.52
N LYS AB 9 -81.45 11.41 48.29
CA LYS AB 9 -81.56 12.56 47.40
C LYS AB 9 -82.99 12.68 46.89
N ARG AB 10 -83.40 13.93 46.64
CA ARG AB 10 -84.77 14.19 46.21
C ARG AB 10 -85.13 13.46 44.93
N VAL AB 11 -84.16 13.20 44.06
CA VAL AB 11 -84.43 12.53 42.79
C VAL AB 11 -84.52 11.01 42.95
N ALA AB 12 -83.75 10.42 43.87
CA ALA AB 12 -83.75 8.98 44.02
C ALA AB 12 -84.88 8.46 44.88
N ALA AB 13 -85.74 9.33 45.39
CA ALA AB 13 -86.88 8.86 46.16
C ALA AB 13 -87.88 8.17 45.24
N PRO AB 14 -88.63 7.19 45.76
CA PRO AB 14 -89.65 6.54 44.94
C PRO AB 14 -90.65 7.54 44.39
N LYS AB 15 -91.12 7.30 43.17
CA LYS AB 15 -91.89 8.32 42.46
C LYS AB 15 -93.29 8.50 43.03
N HIS AB 16 -93.89 7.45 43.59
CA HIS AB 16 -95.25 7.56 44.09
C HIS AB 16 -95.35 8.49 45.29
N TRP AB 17 -94.24 8.95 45.85
CA TRP AB 17 -94.31 10.00 46.84
C TRP AB 17 -94.73 11.33 46.23
N MET AB 18 -94.47 11.50 44.93
CA MET AB 18 -94.83 12.71 44.19
C MET AB 18 -94.19 13.95 44.80
N LEU AB 19 -92.87 13.90 44.90
CA LEU AB 19 -92.08 15.00 45.42
C LEU AB 19 -91.59 15.85 44.26
N ASP AB 20 -91.84 17.15 44.32
CA ASP AB 20 -91.34 18.04 43.29
C ASP AB 20 -89.83 18.21 43.44
N LYS AB 21 -89.15 18.36 42.31
CA LYS AB 21 -87.69 18.34 42.28
C LYS AB 21 -87.09 19.74 42.26
N LEU AB 22 -87.78 20.74 42.78
CA LEU AB 22 -87.25 22.08 42.83
C LEU AB 22 -87.09 22.61 44.26
N THR AB 23 -87.62 21.91 45.25
CA THR AB 23 -87.63 22.44 46.61
C THR AB 23 -86.28 22.27 47.30
N GLY AB 24 -85.83 21.03 47.44
CA GLY AB 24 -84.57 20.75 48.09
C GLY AB 24 -83.81 19.63 47.42
N VAL AB 25 -82.52 19.55 47.77
CA VAL AB 25 -81.66 18.52 47.20
C VAL AB 25 -82.01 17.16 47.77
N PHE AB 26 -82.31 17.09 49.06
CA PHE AB 26 -82.53 15.82 49.70
C PHE AB 26 -84.01 15.46 49.73
N ALA AB 27 -84.29 14.30 50.30
CA ALA AB 27 -85.64 13.80 50.50
C ALA AB 27 -85.70 13.24 51.91
N PRO AB 28 -86.88 13.12 52.49
CA PRO AB 28 -86.97 12.55 53.83
C PRO AB 28 -86.58 11.08 53.84
N ARG AB 29 -85.45 10.78 54.46
CA ARG AB 29 -84.97 9.41 54.53
C ARG AB 29 -85.82 8.61 55.51
N PRO AB 30 -86.58 7.61 55.07
CA PRO AB 30 -87.40 6.85 56.01
C PRO AB 30 -86.53 6.06 56.97
N SER AB 31 -86.73 6.30 58.26
CA SER AB 31 -86.05 5.49 59.25
C SER AB 31 -86.52 4.05 59.15
N THR AB 32 -85.66 3.13 59.56
CA THR AB 32 -85.97 1.72 59.46
C THR AB 32 -87.22 1.39 60.27
N GLY AB 33 -88.07 0.53 59.73
CA GLY AB 33 -89.32 0.21 60.37
C GLY AB 33 -89.92 -1.07 59.84
N PRO AB 34 -91.24 -1.22 60.01
CA PRO AB 34 -91.90 -2.48 59.64
C PRO AB 34 -92.04 -2.69 58.14
N HIS AB 35 -91.86 -1.67 57.31
CA HIS AB 35 -92.00 -1.79 55.88
C HIS AB 35 -90.72 -1.34 55.18
N LYS AB 36 -90.55 -1.79 53.95
CA LYS AB 36 -89.35 -1.46 53.19
C LYS AB 36 -89.36 0.02 52.79
N LEU AB 37 -88.18 0.53 52.48
CA LEU AB 37 -88.04 1.94 52.16
C LEU AB 37 -88.83 2.33 50.93
N ARG AB 38 -89.01 1.40 49.99
CA ARG AB 38 -89.69 1.73 48.75
C ARG AB 38 -91.21 1.77 48.94
N GLU AB 39 -91.78 0.69 49.47
CA GLU AB 39 -93.23 0.64 49.63
C GLU AB 39 -93.74 1.51 50.77
N CYS AB 40 -92.85 2.12 51.55
CA CYS AB 40 -93.31 2.91 52.68
C CYS AB 40 -93.78 4.29 52.24
N LEU AB 41 -94.32 5.03 53.19
CA LEU AB 41 -94.65 6.43 53.03
C LEU AB 41 -94.32 7.14 54.32
N PRO AB 42 -93.23 7.90 54.37
CA PRO AB 42 -92.91 8.64 55.60
C PRO AB 42 -94.03 9.59 55.98
N LEU AB 43 -94.42 9.56 57.25
CA LEU AB 43 -95.53 10.37 57.70
C LEU AB 43 -95.24 11.87 57.60
N ILE AB 44 -93.97 12.24 57.43
CA ILE AB 44 -93.67 13.64 57.10
C ILE AB 44 -94.27 14.00 55.75
N ILE AB 45 -94.46 13.02 54.87
CA ILE AB 45 -95.09 13.29 53.59
C ILE AB 45 -96.59 13.24 53.71
N PHE AB 46 -97.11 12.34 54.54
CA PHE AB 46 -98.54 12.22 54.73
C PHE AB 46 -99.16 13.46 55.34
N LEU AB 47 -98.38 14.30 56.01
CA LEU AB 47 -98.91 15.48 56.68
C LEU AB 47 -98.55 16.77 55.97
N ARG AB 48 -97.45 16.80 55.23
CA ARG AB 48 -97.03 18.00 54.52
C ARG AB 48 -97.40 17.98 53.05
N ASN AB 49 -97.35 16.82 52.40
CA ASN AB 49 -97.57 16.73 50.97
C ASN AB 49 -98.85 15.99 50.59
N ARG AB 50 -99.59 15.46 51.56
CA ARG AB 50 -100.83 14.75 51.26
C ARG AB 50 -102.06 15.44 51.83
N LEU AB 51 -102.00 15.92 53.07
CA LEU AB 51 -103.13 16.59 53.70
C LEU AB 51 -103.00 18.09 53.72
N LYS AB 52 -101.82 18.63 53.39
CA LYS AB 52 -101.54 20.06 53.45
C LYS AB 52 -101.76 20.62 54.85
N TYR AB 53 -101.67 19.76 55.87
CA TYR AB 53 -101.82 20.23 57.24
C TYR AB 53 -100.63 21.09 57.64
N ALA AB 54 -99.45 20.72 57.18
CA ALA AB 54 -98.24 21.48 57.45
C ALA AB 54 -97.66 22.03 56.15
N LEU AB 55 -96.65 22.89 56.31
CA LEU AB 55 -95.96 23.48 55.17
C LEU AB 55 -94.47 23.16 55.15
N THR AB 56 -93.80 23.22 56.30
CA THR AB 56 -92.36 23.02 56.35
C THR AB 56 -92.01 21.76 57.12
N GLY AB 57 -90.71 21.51 57.24
CA GLY AB 57 -90.24 20.35 57.96
C GLY AB 57 -90.32 20.52 59.46
N ASP AB 58 -90.05 21.73 59.93
CA ASP AB 58 -90.22 22.02 61.35
C ASP AB 58 -91.67 21.88 61.80
N GLU AB 59 -92.62 22.04 60.88
CA GLU AB 59 -94.02 22.11 61.25
C GLU AB 59 -94.60 20.75 61.59
N VAL AB 60 -94.20 19.70 60.87
CA VAL AB 60 -94.66 18.35 61.21
C VAL AB 60 -93.99 17.85 62.48
N LYS AB 61 -92.76 18.31 62.75
CA LYS AB 61 -92.10 17.93 63.98
C LYS AB 61 -92.85 18.49 65.19
N LYS AB 62 -93.35 19.72 65.06
CA LYS AB 62 -94.15 20.28 66.13
C LYS AB 62 -95.47 19.53 66.29
N ILE AB 63 -96.01 19.01 65.19
CA ILE AB 63 -97.27 18.25 65.27
C ILE AB 63 -97.02 16.92 65.95
N CYS AB 64 -95.96 16.21 65.54
CA CYS AB 64 -95.75 14.85 66.02
C CYS AB 64 -95.37 14.82 67.49
N MET AB 65 -94.64 15.82 67.97
CA MET AB 65 -94.26 15.90 69.37
C MET AB 65 -95.42 16.31 70.26
N GLN AB 66 -96.58 16.64 69.68
CA GLN AB 66 -97.78 16.89 70.47
C GLN AB 66 -98.48 15.60 70.87
N ARG AB 67 -97.94 14.44 70.47
CA ARG AB 67 -98.56 13.15 70.73
C ARG AB 67 -99.95 13.10 70.10
N PHE AB 68 -100.02 13.44 68.81
CA PHE AB 68 -101.29 13.56 68.12
C PHE AB 68 -101.54 12.47 67.09
N ILE AB 69 -100.50 11.94 66.46
CA ILE AB 69 -100.66 10.94 65.42
C ILE AB 69 -100.52 9.57 66.06
N LYS AB 70 -101.59 8.79 65.99
CA LYS AB 70 -101.63 7.45 66.58
C LYS AB 70 -101.60 6.45 65.43
N ILE AB 71 -100.48 5.75 65.30
CA ILE AB 71 -100.31 4.77 64.24
C ILE AB 71 -100.53 3.37 64.81
N ASP AB 72 -101.56 2.70 64.30
CA ASP AB 72 -101.88 1.32 64.68
C ASP AB 72 -101.98 1.16 66.19
N GLY AB 73 -102.74 2.06 66.82
CA GLY AB 73 -102.92 2.01 68.25
C GLY AB 73 -101.75 2.53 69.05
N LYS AB 74 -100.65 2.86 68.39
CA LYS AB 74 -99.44 3.35 69.04
C LYS AB 74 -99.18 4.75 68.54
N VAL AB 75 -98.66 5.61 69.39
CA VAL AB 75 -98.35 6.99 69.02
C VAL AB 75 -96.85 7.07 68.77
N ARG AB 76 -96.47 7.48 67.57
CA ARG AB 76 -95.07 7.69 67.23
C ARG AB 76 -94.76 9.18 67.21
N THR AB 77 -93.49 9.50 67.43
CA THR AB 77 -93.02 10.87 67.43
C THR AB 77 -91.93 11.10 66.39
N ASP AB 78 -91.64 10.12 65.56
CA ASP AB 78 -90.63 10.23 64.51
C ASP AB 78 -91.33 10.60 63.22
N ILE AB 79 -90.86 11.68 62.58
CA ILE AB 79 -91.51 12.16 61.38
C ILE AB 79 -91.24 11.24 60.20
N THR AB 80 -90.11 10.54 60.21
CA THR AB 80 -89.75 9.69 59.08
C THR AB 80 -90.19 8.25 59.28
N TYR AB 81 -91.16 8.01 60.14
CA TYR AB 81 -91.61 6.66 60.39
C TYR AB 81 -92.25 6.09 59.12
N PRO AB 82 -91.90 4.87 58.74
CA PRO AB 82 -92.41 4.32 57.48
C PRO AB 82 -93.83 3.76 57.58
N ALA AB 83 -94.83 4.62 57.46
CA ALA AB 83 -96.22 4.17 57.48
C ALA AB 83 -96.49 3.40 56.19
N GLY AB 84 -96.52 2.08 56.27
CA GLY AB 84 -96.60 1.26 55.08
C GLY AB 84 -98.01 1.03 54.57
N PHE AB 85 -98.29 -0.21 54.17
CA PHE AB 85 -99.56 -0.58 53.57
C PHE AB 85 -100.54 -1.05 54.64
N MET AB 86 -101.77 -0.55 54.56
CA MET AB 86 -102.83 -0.90 55.49
C MET AB 86 -102.44 -0.58 56.93
N ASP AB 87 -101.72 0.52 57.09
CA ASP AB 87 -101.44 1.08 58.42
C ASP AB 87 -102.50 2.12 58.70
N VAL AB 88 -103.30 1.89 59.74
CA VAL AB 88 -104.37 2.80 60.10
C VAL AB 88 -103.79 4.02 60.80
N ILE AB 89 -103.88 5.19 60.17
CA ILE AB 89 -103.39 6.43 60.76
C ILE AB 89 -104.61 7.13 61.37
N SER AB 90 -104.76 7.02 62.68
CA SER AB 90 -105.86 7.68 63.37
C SER AB 90 -105.37 8.97 64.01
N ILE AB 91 -106.22 9.98 64.01
CA ILE AB 91 -105.92 11.27 64.63
C ILE AB 91 -107.03 11.56 65.64
N ASP AB 92 -106.63 11.83 66.88
CA ASP AB 92 -107.60 12.09 67.93
C ASP AB 92 -108.11 13.52 67.92
N LYS AB 93 -107.31 14.48 67.48
CA LYS AB 93 -107.72 15.88 67.52
C LYS AB 93 -108.88 16.15 66.58
N THR AB 94 -108.76 15.73 65.33
CA THR AB 94 -109.82 15.90 64.36
C THR AB 94 -110.78 14.71 64.33
N GLY AB 95 -110.57 13.71 65.18
CA GLY AB 95 -111.43 12.55 65.18
C GLY AB 95 -111.47 11.83 63.85
N GLU AB 96 -110.33 11.79 63.16
CA GLU AB 96 -110.27 11.25 61.80
C GLU AB 96 -109.37 10.03 61.77
N ASN AB 97 -109.77 9.04 60.99
CA ASN AB 97 -109.01 7.81 60.82
C ASN AB 97 -108.65 7.63 59.36
N PHE AB 98 -107.37 7.44 59.09
CA PHE AB 98 -106.85 7.23 57.74
C PHE AB 98 -106.31 5.82 57.63
N ARG AB 99 -106.49 5.20 56.47
CA ARG AB 99 -105.92 3.90 56.19
C ARG AB 99 -105.14 3.97 54.88
N LEU AB 100 -103.87 3.60 54.93
CA LEU AB 100 -102.99 3.71 53.76
C LEU AB 100 -103.18 2.50 52.87
N ILE AB 101 -104.00 2.64 51.84
CA ILE AB 101 -104.16 1.63 50.80
C ILE AB 101 -103.96 2.29 49.45
N TYR AB 102 -103.56 1.49 48.47
CA TYR AB 102 -103.08 2.03 47.20
C TYR AB 102 -104.22 2.52 46.32
N ASP AB 103 -103.95 3.61 45.62
CA ASP AB 103 -104.82 4.13 44.58
C ASP AB 103 -104.78 3.17 43.38
N THR AB 104 -105.67 3.42 42.41
CA THR AB 104 -105.62 2.65 41.18
C THR AB 104 -104.30 2.86 40.44
N LYS AB 105 -103.69 4.04 40.62
CA LYS AB 105 -102.33 4.27 40.14
C LYS AB 105 -101.33 3.66 41.11
N GLY AB 106 -100.06 4.02 40.99
CA GLY AB 106 -99.06 3.51 41.90
C GLY AB 106 -98.98 4.28 43.19
N ARG AB 107 -99.71 5.39 43.29
CA ARG AB 107 -99.60 6.25 44.44
C ARG AB 107 -100.44 5.74 45.61
N PHE AB 108 -100.15 6.26 46.78
CA PHE AB 108 -100.96 5.99 47.96
C PHE AB 108 -102.16 6.92 48.00
N ALA AB 109 -103.35 6.35 48.19
CA ALA AB 109 -104.57 7.13 48.27
C ALA AB 109 -104.84 7.54 49.71
N VAL AB 110 -105.44 8.72 49.87
CA VAL AB 110 -105.82 9.20 51.19
C VAL AB 110 -107.23 8.73 51.52
N HIS AB 111 -107.33 7.57 52.16
CA HIS AB 111 -108.63 6.96 52.44
C HIS AB 111 -109.10 7.36 53.82
N ARG AB 112 -110.35 7.81 53.90
CA ARG AB 112 -110.98 8.16 55.17
C ARG AB 112 -111.91 7.03 55.58
N ILE AB 113 -111.70 6.49 56.78
CA ILE AB 113 -112.47 5.34 57.25
C ILE AB 113 -113.26 5.72 58.48
N THR AB 114 -114.34 4.98 58.71
CA THR AB 114 -115.13 5.14 59.93
C THR AB 114 -114.33 4.63 61.13
N PRO AB 115 -114.56 5.21 62.32
CA PRO AB 115 -113.75 4.83 63.49
C PRO AB 115 -113.82 3.37 63.87
N GLU AB 116 -115.01 2.76 63.84
CA GLU AB 116 -115.13 1.36 64.26
C GLU AB 116 -114.47 0.39 63.28
N GLU AB 117 -114.19 0.82 62.06
CA GLU AB 117 -113.37 0.04 61.15
C GLU AB 117 -111.89 0.32 61.33
N ALA AB 118 -111.54 1.39 62.03
CA ALA AB 118 -110.16 1.76 62.28
C ALA AB 118 -109.55 0.97 63.43
N LYS AB 119 -110.32 0.14 64.13
CA LYS AB 119 -109.79 -0.67 65.21
C LYS AB 119 -109.35 -2.05 64.75
N TYR AB 120 -109.22 -2.27 63.45
CA TYR AB 120 -108.61 -3.50 62.96
C TYR AB 120 -107.94 -3.21 61.63
N LYS AB 121 -107.15 -4.17 61.17
CA LYS AB 121 -106.47 -4.05 59.88
C LYS AB 121 -106.08 -5.44 59.40
N LEU AB 122 -105.89 -5.57 58.10
CA LEU AB 122 -105.48 -6.83 57.53
C LEU AB 122 -103.97 -6.87 57.40
N CYS AB 123 -103.42 -8.08 57.47
CA CYS AB 123 -101.99 -8.27 57.33
C CYS AB 123 -101.75 -9.58 56.59
N LYS AB 124 -100.62 -9.65 55.91
CA LYS AB 124 -100.24 -10.81 55.13
C LYS AB 124 -99.16 -11.57 55.87
N VAL AB 125 -99.45 -12.80 56.24
CA VAL AB 125 -98.45 -13.65 56.86
C VAL AB 125 -97.34 -13.94 55.86
N ARG AB 126 -96.14 -14.16 56.39
CA ARG AB 126 -94.97 -14.39 55.55
C ARG AB 126 -94.36 -15.76 55.74
N LYS AB 127 -94.34 -16.29 56.96
CA LYS AB 127 -93.91 -17.66 57.18
C LYS AB 127 -94.47 -18.13 58.51
N ILE AB 128 -94.49 -19.45 58.68
CA ILE AB 128 -94.97 -20.05 59.92
C ILE AB 128 -93.78 -20.57 60.71
N PHE AB 129 -93.28 -19.73 61.62
CA PHE AB 129 -92.14 -20.09 62.45
C PHE AB 129 -92.60 -20.95 63.62
N VAL AB 130 -91.75 -21.87 64.04
CA VAL AB 130 -92.03 -22.75 65.17
C VAL AB 130 -91.06 -22.42 66.29
N GLY AB 131 -91.60 -21.99 67.43
CA GLY AB 131 -90.78 -21.46 68.51
C GLY AB 131 -90.00 -22.53 69.24
N THR AB 132 -89.15 -22.05 70.16
CA THR AB 132 -88.17 -22.90 70.82
C THR AB 132 -88.78 -23.92 71.77
N LYS AB 133 -90.09 -23.91 71.98
CA LYS AB 133 -90.74 -24.91 72.82
C LYS AB 133 -92.02 -25.40 72.17
N GLY AB 134 -91.98 -25.60 70.85
CA GLY AB 134 -93.16 -26.03 70.13
C GLY AB 134 -94.23 -24.96 70.04
N ILE AB 135 -93.83 -23.69 70.09
CA ILE AB 135 -94.75 -22.57 70.05
C ILE AB 135 -94.85 -22.11 68.61
N PRO AB 136 -96.01 -22.24 67.96
CA PRO AB 136 -96.12 -21.79 66.57
C PRO AB 136 -96.06 -20.28 66.49
N HIS AB 137 -95.50 -19.78 65.39
CA HIS AB 137 -95.41 -18.34 65.15
C HIS AB 137 -95.81 -18.05 63.72
N LEU AB 138 -96.25 -16.81 63.48
CA LEU AB 138 -96.39 -16.28 62.14
C LEU AB 138 -95.89 -14.85 62.15
N VAL AB 139 -95.33 -14.41 61.05
CA VAL AB 139 -94.86 -13.04 60.90
C VAL AB 139 -95.65 -12.39 59.77
N THR AB 140 -96.37 -11.32 60.10
CA THR AB 140 -97.14 -10.61 59.11
C THR AB 140 -96.21 -9.81 58.20
N HIS AB 141 -96.80 -9.19 57.18
CA HIS AB 141 -96.00 -8.38 56.27
C HIS AB 141 -95.48 -7.11 56.94
N ASP AB 142 -96.07 -6.68 58.05
CA ASP AB 142 -95.55 -5.55 58.81
C ASP AB 142 -94.76 -6.00 60.03
N ALA AB 143 -94.20 -7.22 59.98
CA ALA AB 143 -93.28 -7.71 61.00
C ALA AB 143 -93.92 -7.78 62.38
N ARG AB 144 -95.08 -8.42 62.45
CA ARG AB 144 -95.74 -8.68 63.73
C ARG AB 144 -95.66 -10.17 64.00
N THR AB 145 -94.71 -10.57 64.85
CA THR AB 145 -94.54 -11.98 65.20
C THR AB 145 -95.61 -12.30 66.24
N ILE AB 146 -96.66 -12.98 65.79
CA ILE AB 146 -97.77 -13.36 66.65
C ILE AB 146 -97.65 -14.84 66.97
N ARG AB 147 -97.53 -15.17 68.25
CA ARG AB 147 -97.41 -16.56 68.66
C ARG AB 147 -98.78 -17.17 68.90
N TYR AB 148 -98.80 -18.50 68.91
CA TYR AB 148 -100.02 -19.31 69.04
C TYR AB 148 -101.09 -18.90 68.05
N PRO AB 149 -100.85 -19.01 66.76
CA PRO AB 149 -101.92 -18.69 65.80
C PRO AB 149 -102.84 -19.87 65.58
N ASP AB 150 -103.83 -19.71 64.73
CA ASP AB 150 -104.68 -20.83 64.38
C ASP AB 150 -103.91 -21.79 63.49
N PRO AB 151 -104.03 -23.10 63.69
CA PRO AB 151 -103.23 -24.04 62.89
C PRO AB 151 -103.48 -23.97 61.40
N LEU AB 152 -104.66 -23.53 60.98
CA LEU AB 152 -104.99 -23.51 59.56
C LEU AB 152 -104.45 -22.30 58.83
N ILE AB 153 -103.95 -21.30 59.55
CA ILE AB 153 -103.44 -20.08 58.93
C ILE AB 153 -102.07 -20.38 58.34
N LYS AB 154 -102.03 -20.58 57.03
CA LYS AB 154 -100.78 -20.95 56.36
C LYS AB 154 -100.05 -19.73 55.82
N VAL AB 155 -99.07 -19.97 54.95
CA VAL AB 155 -98.03 -19.00 54.67
C VAL AB 155 -98.58 -17.78 53.92
N ASN AB 156 -99.44 -17.98 52.93
CA ASN AB 156 -99.82 -16.90 52.04
C ASN AB 156 -101.24 -16.42 52.26
N ASP AB 157 -101.73 -16.50 53.49
CA ASP AB 157 -103.08 -16.02 53.80
C ASP AB 157 -103.02 -14.57 54.27
N THR AB 158 -104.16 -14.07 54.73
CA THR AB 158 -104.22 -12.80 55.42
C THR AB 158 -105.02 -12.98 56.69
N ILE AB 159 -104.78 -12.13 57.68
CA ILE AB 159 -105.39 -12.23 58.99
C ILE AB 159 -105.94 -10.86 59.37
N GLN AB 160 -107.03 -10.87 60.15
CA GLN AB 160 -107.67 -9.62 60.58
C GLN AB 160 -107.35 -9.39 62.06
N ILE AB 161 -106.20 -8.75 62.31
CA ILE AB 161 -105.83 -8.48 63.69
C ILE AB 161 -106.56 -7.23 64.18
N ASP AB 162 -106.79 -7.18 65.50
CA ASP AB 162 -107.31 -6.00 66.16
C ASP AB 162 -106.17 -5.24 66.77
N LEU AB 163 -106.17 -3.91 66.57
CA LEU AB 163 -104.99 -3.11 66.89
C LEU AB 163 -104.75 -3.03 68.39
N GLU AB 164 -105.77 -2.64 69.16
CA GLU AB 164 -105.57 -2.40 70.58
C GLU AB 164 -105.21 -3.69 71.31
N THR AB 165 -105.73 -4.82 70.88
CA THR AB 165 -105.44 -6.07 71.55
C THR AB 165 -104.33 -6.87 70.88
N GLY AB 166 -104.04 -6.59 69.61
CA GLY AB 166 -102.98 -7.27 68.91
C GLY AB 166 -103.24 -8.74 68.62
N LYS AB 167 -104.50 -9.16 68.61
CA LYS AB 167 -104.86 -10.56 68.49
C LYS AB 167 -105.56 -10.83 67.17
N ILE AB 168 -105.38 -12.05 66.66
CA ILE AB 168 -106.09 -12.45 65.46
C ILE AB 168 -107.55 -12.67 65.77
N THR AB 169 -108.41 -12.26 64.83
CA THR AB 169 -109.84 -12.50 64.92
C THR AB 169 -110.34 -13.44 63.84
N ASP AB 170 -110.03 -13.14 62.58
CA ASP AB 170 -110.41 -14.00 61.47
C ASP AB 170 -109.35 -13.88 60.38
N PHE AB 171 -109.37 -14.85 59.46
CA PHE AB 171 -108.36 -14.95 58.43
C PHE AB 171 -109.00 -15.42 57.13
N ILE AB 172 -108.47 -14.96 56.01
CA ILE AB 172 -108.97 -15.35 54.69
C ILE AB 172 -107.96 -16.30 54.06
N LYS AB 173 -108.43 -17.49 53.73
CA LYS AB 173 -107.56 -18.46 53.07
C LYS AB 173 -107.29 -18.04 51.63
N PHE AB 174 -106.08 -18.33 51.16
CA PHE AB 174 -105.66 -17.98 49.81
C PHE AB 174 -106.05 -19.11 48.86
N ASP AB 175 -106.96 -18.80 47.95
CA ASP AB 175 -107.32 -19.72 46.87
C ASP AB 175 -108.11 -18.94 45.83
N THR AB 176 -108.38 -19.61 44.71
CA THR AB 176 -109.15 -18.99 43.64
C THR AB 176 -110.54 -18.61 44.13
N GLY AB 177 -110.98 -17.40 43.77
CA GLY AB 177 -112.29 -16.94 44.16
C GLY AB 177 -112.25 -15.76 45.11
N ASN AB 178 -111.23 -15.70 45.95
CA ASN AB 178 -111.10 -14.59 46.87
C ASN AB 178 -110.60 -13.34 46.15
N LEU AB 179 -110.97 -12.18 46.69
CA LEU AB 179 -110.44 -10.93 46.17
C LEU AB 179 -108.94 -10.83 46.47
N CYS AB 180 -108.29 -9.90 45.77
CA CYS AB 180 -106.88 -9.65 46.02
C CYS AB 180 -106.60 -8.18 45.77
N MET AB 181 -105.50 -7.72 46.35
CA MET AB 181 -105.07 -6.32 46.24
C MET AB 181 -103.59 -6.36 45.85
N VAL AB 182 -103.33 -6.20 44.55
CA VAL AB 182 -101.96 -6.31 44.05
C VAL AB 182 -101.13 -5.18 44.63
N THR AB 183 -100.02 -5.54 45.26
CA THR AB 183 -99.14 -4.58 45.93
C THR AB 183 -97.72 -4.71 45.37
N GLY AB 184 -97.44 -4.00 44.29
CA GLY AB 184 -96.10 -3.98 43.74
C GLY AB 184 -96.03 -4.34 42.27
N GLY AB 185 -95.36 -3.50 41.51
CA GLY AB 185 -95.13 -3.75 40.10
C GLY AB 185 -96.01 -2.91 39.20
N ALA AB 186 -96.31 -3.47 38.02
CA ALA AB 186 -97.12 -2.77 37.04
C ALA AB 186 -98.58 -2.70 37.44
N ASN AB 187 -99.12 -3.77 38.01
CA ASN AB 187 -100.50 -3.80 38.44
C ASN AB 187 -100.68 -3.31 39.86
N LEU AB 188 -99.73 -2.54 40.38
CA LEU AB 188 -99.83 -2.02 41.74
C LEU AB 188 -101.05 -1.11 41.85
N GLY AB 189 -102.06 -1.55 42.59
CA GLY AB 189 -103.28 -0.81 42.74
C GLY AB 189 -104.50 -1.44 42.11
N ARG AB 190 -104.37 -2.65 41.55
CA ARG AB 190 -105.51 -3.33 40.94
C ARG AB 190 -106.18 -4.23 41.97
N ILE AB 191 -107.50 -4.31 41.89
CA ILE AB 191 -108.29 -5.12 42.82
C ILE AB 191 -109.18 -6.02 41.98
N GLY AB 192 -109.00 -7.32 42.12
CA GLY AB 192 -109.78 -8.26 41.34
C GLY AB 192 -109.87 -9.60 42.02
N VAL AB 193 -110.53 -10.51 41.36
CA VAL AB 193 -110.69 -11.87 41.84
C VAL AB 193 -109.55 -12.73 41.28
N ILE AB 194 -109.12 -13.71 42.07
CA ILE AB 194 -108.05 -14.60 41.65
C ILE AB 194 -108.66 -15.78 40.90
N THR AB 195 -108.20 -16.01 39.68
CA THR AB 195 -108.78 -17.02 38.82
C THR AB 195 -107.90 -18.24 38.60
N ASN AB 196 -106.58 -18.12 38.74
CA ASN AB 196 -105.69 -19.23 38.43
C ASN AB 196 -104.39 -19.04 39.18
N ARG AB 197 -103.72 -20.16 39.47
CA ARG AB 197 -102.44 -20.16 40.17
C ARG AB 197 -101.48 -21.01 39.36
N GLU AB 198 -100.29 -20.48 39.09
CA GLU AB 198 -99.29 -21.17 38.30
C GLU AB 198 -98.08 -21.47 39.16
N ARG AB 199 -97.75 -22.76 39.29
CA ARG AB 199 -96.62 -23.20 40.08
C ARG AB 199 -95.34 -23.14 39.25
N HIS AB 200 -94.27 -22.66 39.87
CA HIS AB 200 -92.95 -22.64 39.23
C HIS AB 200 -91.92 -22.97 40.28
N PRO AB 201 -91.53 -24.25 40.37
CA PRO AB 201 -90.58 -24.66 41.40
C PRO AB 201 -89.25 -23.94 41.32
N GLY AB 202 -88.84 -23.34 42.41
CA GLY AB 202 -87.60 -22.59 42.44
C GLY AB 202 -87.76 -21.13 42.13
N SER AB 203 -88.44 -20.81 41.04
CA SER AB 203 -88.68 -19.43 40.67
C SER AB 203 -89.93 -18.93 41.37
N PHE AB 204 -90.44 -17.79 40.94
CA PHE AB 204 -91.60 -17.17 41.55
C PHE AB 204 -92.87 -17.68 40.90
N ASP AB 205 -93.87 -17.98 41.70
CA ASP AB 205 -95.15 -18.43 41.17
C ASP AB 205 -95.98 -17.22 40.74
N VAL AB 206 -96.49 -17.26 39.52
CA VAL AB 206 -97.31 -16.18 38.96
C VAL AB 206 -98.78 -16.57 39.09
N VAL AB 207 -99.61 -15.59 39.44
CA VAL AB 207 -101.03 -15.81 39.70
C VAL AB 207 -101.83 -14.90 38.79
N HIS AB 208 -102.84 -15.46 38.12
CA HIS AB 208 -103.68 -14.71 37.21
C HIS AB 208 -104.85 -14.11 37.98
N VAL AB 209 -105.07 -12.80 37.81
CA VAL AB 209 -106.11 -12.08 38.53
C VAL AB 209 -107.06 -11.46 37.52
N LYS AB 210 -108.35 -11.77 37.69
CA LYS AB 210 -109.39 -11.17 36.87
C LYS AB 210 -109.99 -9.98 37.60
N ASP AB 211 -110.04 -8.84 36.91
CA ASP AB 211 -110.64 -7.64 37.48
C ASP AB 211 -112.17 -7.77 37.47
N ALA AB 212 -112.84 -6.83 38.12
CA ALA AB 212 -114.29 -6.83 38.13
C ALA AB 212 -114.87 -6.52 36.76
N ASN AB 213 -114.08 -5.86 35.90
CA ASN AB 213 -114.54 -5.48 34.57
C ASN AB 213 -114.09 -6.45 33.49
N GLY AB 214 -113.37 -7.51 33.86
CA GLY AB 214 -113.06 -8.59 32.94
C GLY AB 214 -111.76 -8.48 32.18
N ASN AB 215 -110.94 -7.47 32.44
CA ASN AB 215 -109.62 -7.37 31.81
C ASN AB 215 -108.59 -8.01 32.71
N SER AB 216 -108.45 -9.33 32.56
CA SER AB 216 -107.64 -10.14 33.47
C SER AB 216 -106.15 -9.89 33.25
N PHE AB 217 -105.41 -9.83 34.35
CA PHE AB 217 -103.98 -9.57 34.34
C PHE AB 217 -103.28 -10.65 35.17
N ALA AB 218 -101.95 -10.58 35.23
CA ALA AB 218 -101.16 -11.57 35.93
C ALA AB 218 -100.10 -10.90 36.77
N THR AB 219 -99.79 -11.51 37.92
CA THR AB 219 -98.77 -10.99 38.82
C THR AB 219 -98.17 -12.14 39.59
N ARG AB 220 -96.91 -11.99 39.97
CA ARG AB 220 -96.25 -12.98 40.79
C ARG AB 220 -96.82 -12.98 42.21
N LEU AB 221 -96.79 -14.16 42.85
CA LEU AB 221 -97.47 -14.37 44.12
C LEU AB 221 -96.95 -13.46 45.22
N SER AB 222 -95.73 -12.94 45.10
CA SER AB 222 -95.18 -12.11 46.16
C SER AB 222 -95.93 -10.78 46.28
N ASN AB 223 -96.43 -10.25 45.16
CA ASN AB 223 -97.04 -8.93 45.13
C ASN AB 223 -98.55 -8.98 45.22
N ILE AB 224 -99.10 -10.04 45.81
CA ILE AB 224 -100.54 -10.21 45.91
C ILE AB 224 -100.94 -10.24 47.36
N PHE AB 225 -102.10 -9.67 47.66
CA PHE AB 225 -102.57 -9.52 49.04
C PHE AB 225 -104.09 -9.67 49.01
N VAL AB 226 -104.58 -10.82 49.44
CA VAL AB 226 -106.02 -11.04 49.46
C VAL AB 226 -106.66 -10.16 50.53
N ILE AB 227 -107.89 -9.70 50.27
CA ILE AB 227 -108.56 -8.75 51.15
C ILE AB 227 -109.98 -9.18 51.47
N GLY AB 228 -110.50 -10.18 50.76
CA GLY AB 228 -111.89 -10.52 51.01
C GLY AB 228 -112.28 -11.85 50.44
N LYS AB 229 -113.35 -12.39 51.01
CA LYS AB 229 -113.93 -13.64 50.56
C LYS AB 229 -114.83 -13.38 49.36
N GLY AB 230 -114.71 -14.22 48.33
CA GLY AB 230 -115.48 -14.04 47.13
C GLY AB 230 -115.18 -12.71 46.46
N ASN AB 231 -116.21 -11.91 46.23
CA ASN AB 231 -116.04 -10.59 45.62
C ASN AB 231 -116.41 -9.45 46.56
N LYS AB 232 -116.65 -9.74 47.83
CA LYS AB 232 -117.00 -8.71 48.80
C LYS AB 232 -115.83 -8.55 49.75
N PRO AB 233 -115.14 -7.42 49.74
CA PRO AB 233 -113.93 -7.26 50.55
C PRO AB 233 -114.27 -7.11 52.03
N TRP AB 234 -113.21 -7.02 52.83
CA TRP AB 234 -113.35 -6.77 54.26
C TRP AB 234 -112.94 -5.35 54.63
N ILE AB 235 -112.48 -4.56 53.66
CA ILE AB 235 -111.97 -3.22 53.88
C ILE AB 235 -112.76 -2.27 52.99
N SER AB 236 -112.91 -1.03 53.42
CA SER AB 236 -113.53 0.01 52.61
C SER AB 236 -112.53 0.50 51.58
N LEU AB 237 -112.82 0.27 50.31
CA LEU AB 237 -112.06 0.56 49.10
C LEU AB 237 -112.16 2.05 48.77
N PRO AB 238 -111.16 2.61 48.09
CA PRO AB 238 -111.22 4.00 47.67
C PRO AB 238 -112.01 4.12 46.37
N ARG AB 239 -112.04 5.33 45.84
CA ARG AB 239 -112.69 5.56 44.56
C ARG AB 239 -111.91 4.88 43.44
N GLY AB 240 -112.65 4.39 42.45
CA GLY AB 240 -112.09 3.63 41.36
C GLY AB 240 -112.10 2.14 41.60
N LYS AB 241 -112.06 1.71 42.86
CA LYS AB 241 -112.19 0.31 43.24
C LYS AB 241 -111.08 -0.55 42.61
N GLY AB 242 -109.94 0.07 42.32
CA GLY AB 242 -108.82 -0.64 41.74
C GLY AB 242 -109.12 -1.30 40.41
N ILE AB 243 -109.43 -0.50 39.40
CA ILE AB 243 -109.74 -1.04 38.08
C ILE AB 243 -108.74 -0.60 37.01
N ARG AB 244 -108.12 0.58 37.13
CA ARG AB 244 -107.18 1.09 36.15
C ARG AB 244 -107.81 1.17 34.76
N LEU AB 245 -108.82 2.02 34.65
CA LEU AB 245 -109.42 2.32 33.36
C LEU AB 245 -108.34 2.84 32.41
N THR AB 246 -108.40 2.39 31.16
CA THR AB 246 -107.36 2.72 30.19
C THR AB 246 -107.32 4.23 29.92
N ILE AB 247 -106.16 4.68 29.45
CA ILE AB 247 -105.86 6.11 29.34
C ILE AB 247 -106.86 6.79 28.40
N ALA AB 248 -107.53 6.00 27.56
CA ALA AB 248 -108.60 6.55 26.73
C ALA AB 248 -109.77 7.01 27.59
N GLU AB 249 -110.03 6.33 28.71
CA GLU AB 249 -111.17 6.65 29.54
C GLU AB 249 -110.88 7.71 30.59
N GLU AB 250 -109.64 7.87 31.04
CA GLU AB 250 -109.33 9.04 31.86
C GLU AB 250 -109.53 10.33 31.07
N ARG AB 251 -109.41 10.27 29.75
CA ARG AB 251 -109.65 11.47 28.94
C ARG AB 251 -111.13 11.78 28.82
N ASP AB 252 -111.98 10.79 28.60
CA ASP AB 252 -113.41 11.06 28.48
C ASP AB 252 -114.03 11.30 29.85
N LYS AB 253 -113.59 10.57 30.88
CA LYS AB 253 -114.09 10.82 32.23
C LYS AB 253 -113.78 12.24 32.68
N ARG AB 254 -112.54 12.68 32.46
CA ARG AB 254 -112.17 14.03 32.87
C ARG AB 254 -112.89 15.09 32.05
N LEU AB 255 -112.96 14.91 30.73
CA LEU AB 255 -113.62 15.90 29.89
C LEU AB 255 -115.13 15.93 30.08
N ALA AB 256 -115.74 14.80 30.44
CA ALA AB 256 -117.15 14.82 30.80
C ALA AB 256 -117.41 15.56 32.11
N ALA AB 257 -116.50 15.43 33.07
CA ALA AB 257 -116.62 16.16 34.33
C ALA AB 257 -116.39 17.66 34.15
N LYS AB 258 -115.76 18.07 33.07
CA LYS AB 258 -115.54 19.49 32.83
C LYS AB 258 -116.84 20.23 32.52
N GLN AB 259 -117.57 19.77 31.51
CA GLN AB 259 -118.80 20.45 31.11
C GLN AB 259 -120.03 19.95 31.87
N SER AB 260 -119.89 18.97 32.75
CA SER AB 260 -121.02 18.52 33.56
C SER AB 260 -121.30 19.51 34.70
N SER AB 261 -120.27 19.85 35.46
CA SER AB 261 -120.41 20.91 36.47
C SER AB 261 -120.27 22.28 35.83
N GLY AB 262 -119.32 22.41 34.90
CA GLY AB 262 -119.05 23.67 34.24
C GLY AB 262 -118.13 24.57 35.05
N THR BB 1 -33.80 29.60 -105.89
CA THR BB 1 -33.73 28.20 -106.26
C THR BB 1 -34.57 27.29 -105.35
N PRO BB 2 -35.70 26.82 -105.88
CA PRO BB 2 -36.53 25.86 -105.15
C PRO BB 2 -35.96 24.46 -105.12
N ASP BB 3 -34.75 24.26 -105.62
CA ASP BB 3 -34.17 22.93 -105.76
C ASP BB 3 -33.14 22.61 -104.68
N ILE BB 4 -32.16 23.49 -104.47
CA ILE BB 4 -31.09 23.25 -103.51
C ILE BB 4 -31.04 24.42 -102.53
N LYS BB 5 -30.53 24.13 -101.33
CA LYS BB 5 -30.29 25.14 -100.31
C LYS BB 5 -28.85 25.01 -99.83
N LEU BB 6 -28.14 26.12 -99.81
CA LEU BB 6 -26.76 26.16 -99.35
C LEU BB 6 -26.70 27.06 -98.13
N PHE BB 7 -26.02 26.61 -97.07
CA PHE BB 7 -25.94 27.35 -95.82
C PHE BB 7 -25.04 28.55 -96.06
N GLY BB 8 -25.61 29.57 -96.69
CA GLY BB 8 -24.79 30.65 -97.24
C GLY BB 8 -24.06 30.17 -98.47
N LYS BB 9 -23.12 29.23 -98.31
CA LYS BB 9 -22.45 28.62 -99.44
C LYS BB 9 -22.22 27.13 -99.21
N TRP BB 10 -22.73 26.59 -98.11
CA TRP BB 10 -22.47 25.20 -97.76
C TRP BB 10 -23.64 24.30 -98.10
N SER BB 11 -23.37 23.31 -98.94
CA SER BB 11 -24.40 22.40 -99.38
C SER BB 11 -24.81 21.46 -98.24
N THR BB 12 -26.12 21.33 -98.06
CA THR BB 12 -26.69 20.48 -97.01
C THR BB 12 -26.64 19.01 -97.38
N ASP BB 13 -26.38 18.71 -98.65
CA ASP BB 13 -26.41 17.32 -99.12
C ASP BB 13 -25.19 16.57 -98.64
N ASP BB 14 -25.04 15.33 -99.12
CA ASP BB 14 -23.90 14.43 -98.92
C ASP BB 14 -23.26 14.57 -97.53
N VAL BB 15 -24.10 14.61 -96.50
CA VAL BB 15 -23.66 14.61 -95.11
C VAL BB 15 -24.22 13.34 -94.49
N GLN BB 16 -23.36 12.35 -94.27
CA GLN BB 16 -23.79 11.09 -93.70
C GLN BB 16 -23.63 11.11 -92.18
N ILE BB 17 -24.68 10.66 -91.50
CA ILE BB 17 -24.64 10.48 -90.05
C ILE BB 17 -24.43 8.99 -89.82
N ASN BB 18 -23.19 8.63 -89.49
CA ASN BB 18 -22.84 7.21 -89.32
C ASN BB 18 -23.63 6.60 -88.18
N ASP BB 19 -23.61 7.25 -87.02
CA ASP BB 19 -24.22 6.69 -85.82
C ASP BB 19 -25.73 6.76 -85.95
N ILE BB 20 -26.38 5.60 -85.99
CA ILE BB 20 -27.81 5.52 -86.21
C ILE BB 20 -28.60 6.06 -85.03
N SER BB 21 -28.00 6.09 -83.84
CA SER BB 21 -28.75 6.48 -82.66
C SER BB 21 -29.11 7.95 -82.65
N LEU BB 22 -28.45 8.77 -83.47
CA LEU BB 22 -28.60 10.22 -83.39
C LEU BB 22 -29.15 10.83 -84.66
N GLN BB 23 -29.36 10.05 -85.72
CA GLN BB 23 -29.88 10.59 -86.96
C GLN BB 23 -31.37 10.90 -86.88
N ASP BB 24 -31.96 10.80 -85.70
CA ASP BB 24 -33.32 11.23 -85.47
C ASP BB 24 -33.42 12.52 -84.67
N TYR BB 25 -32.31 12.98 -84.10
CA TYR BB 25 -32.29 14.17 -83.26
C TYR BB 25 -31.32 15.22 -83.77
N ILE BB 26 -30.89 15.13 -85.02
CA ILE BB 26 -29.95 16.07 -85.62
C ILE BB 26 -30.60 16.62 -86.88
N ALA BB 27 -31.29 17.76 -86.74
CA ALA BB 27 -31.94 18.37 -87.89
C ALA BB 27 -30.91 19.04 -88.78
N VAL BB 28 -30.51 18.36 -89.85
CA VAL BB 28 -29.43 18.88 -90.68
C VAL BB 28 -29.78 18.81 -92.15
N LYS BB 29 -30.77 18.00 -92.51
CA LYS BB 29 -30.89 17.56 -93.90
C LYS BB 29 -32.34 17.53 -94.38
N GLU BB 30 -32.49 17.91 -95.65
CA GLU BB 30 -33.65 17.65 -96.51
C GLU BB 30 -34.99 18.24 -96.11
N LYS BB 31 -35.11 18.82 -94.92
CA LYS BB 31 -36.24 19.70 -94.69
C LYS BB 31 -35.81 20.85 -93.78
N TYR BB 32 -34.64 20.68 -93.16
CA TYR BB 32 -34.11 21.63 -92.20
C TYR BB 32 -32.97 22.46 -92.79
N ALA BB 33 -32.82 22.44 -94.10
CA ALA BB 33 -31.81 23.24 -94.76
C ALA BB 33 -32.25 24.71 -94.72
N LYS BB 34 -31.40 25.55 -94.16
CA LYS BB 34 -31.69 26.98 -94.06
C LYS BB 34 -30.47 27.74 -94.55
N TYR BB 35 -30.70 28.98 -94.98
CA TYR BB 35 -29.60 29.83 -95.37
C TYR BB 35 -28.93 30.47 -94.15
N LEU BB 36 -29.73 30.88 -93.18
CA LEU BB 36 -29.23 31.43 -91.93
C LEU BB 36 -29.53 30.47 -90.79
N PRO BB 37 -28.66 30.41 -89.78
CA PRO BB 37 -28.97 29.61 -88.60
C PRO BB 37 -29.75 30.42 -87.60
N HIS BB 38 -30.29 31.56 -88.04
CA HIS BB 38 -31.11 32.42 -87.20
C HIS BB 38 -32.55 32.32 -87.65
N SER BB 39 -33.42 31.82 -86.77
CA SER BB 39 -34.83 31.69 -87.08
C SER BB 39 -35.63 32.35 -85.98
N ALA BB 40 -36.93 32.47 -86.23
CA ALA BB 40 -37.83 33.11 -85.27
C ALA BB 40 -37.77 32.41 -83.91
N GLY BB 41 -37.75 31.09 -83.92
CA GLY BB 41 -37.62 30.33 -82.70
C GLY BB 41 -38.80 29.42 -82.44
N ARG BB 42 -39.40 29.57 -81.25
CA ARG BB 42 -40.57 28.82 -80.81
C ARG BB 42 -40.23 27.35 -80.59
N TYR BB 43 -38.97 26.97 -80.82
CA TYR BB 43 -38.57 25.58 -80.67
C TYR BB 43 -38.57 25.14 -79.21
N ALA BB 44 -38.67 26.08 -78.27
CA ALA BB 44 -38.75 25.76 -76.85
C ALA BB 44 -40.17 25.94 -76.31
N ALA BB 45 -41.17 25.59 -77.12
CA ALA BB 45 -42.56 25.68 -76.70
C ALA BB 45 -43.04 24.39 -76.05
N LYS BB 46 -43.02 23.30 -76.81
CA LYS BB 46 -43.36 21.99 -76.25
C LYS BB 46 -42.08 21.22 -75.92
N ARG BB 47 -42.26 19.95 -75.55
CA ARG BB 47 -41.17 19.20 -74.95
C ARG BB 47 -40.09 18.87 -75.97
N PHE BB 48 -40.44 18.10 -76.99
CA PHE BB 48 -39.46 17.61 -77.94
C PHE BB 48 -39.41 18.43 -79.23
N ARG BB 49 -39.97 19.63 -79.21
CA ARG BB 49 -39.89 20.51 -80.36
C ARG BB 49 -38.47 21.01 -80.61
N LYS BB 50 -37.57 20.79 -79.68
CA LYS BB 50 -36.17 21.17 -79.83
C LYS BB 50 -35.43 20.30 -80.82
N ALA BB 51 -35.99 19.14 -81.17
CA ALA BB 51 -35.30 18.22 -82.07
C ALA BB 51 -35.31 18.71 -83.50
N GLN BB 52 -36.42 19.29 -83.95
CA GLN BB 52 -36.53 19.76 -85.32
C GLN BB 52 -35.93 21.14 -85.51
N CYS BB 53 -35.09 21.58 -84.61
CA CYS BB 53 -34.33 22.80 -84.84
C CYS BB 53 -33.02 22.46 -85.54
N PRO BB 54 -32.65 23.16 -86.61
CA PRO BB 54 -31.36 22.90 -87.25
C PRO BB 54 -30.20 23.05 -86.27
N ILE BB 55 -29.27 22.09 -86.28
CA ILE BB 55 -28.23 22.07 -85.26
C ILE BB 55 -27.36 23.32 -85.33
N VAL BB 56 -27.16 23.85 -86.53
CA VAL BB 56 -26.36 25.06 -86.65
C VAL BB 56 -27.03 26.21 -85.91
N GLU BB 57 -28.37 26.18 -85.83
CA GLU BB 57 -29.06 27.13 -84.97
C GLU BB 57 -28.82 26.81 -83.51
N ARG BB 58 -28.84 25.52 -83.16
CA ARG BB 58 -28.60 25.13 -81.77
C ARG BB 58 -27.17 25.37 -81.36
N LEU BB 59 -26.24 25.26 -82.29
CA LEU BB 59 -24.88 25.71 -82.03
C LEU BB 59 -24.81 27.22 -81.88
N THR BB 60 -25.64 27.95 -82.60
CA THR BB 60 -25.64 29.39 -82.53
C THR BB 60 -26.24 29.89 -81.21
N ASN BB 61 -27.26 29.22 -80.70
CA ASN BB 61 -27.88 29.65 -79.46
C ASN BB 61 -26.99 29.41 -78.26
N SER BB 62 -26.27 28.28 -78.23
CA SER BB 62 -25.44 27.93 -77.09
C SER BB 62 -24.13 28.69 -77.08
N MET BB 63 -23.97 29.67 -77.96
CA MET BB 63 -22.79 30.52 -77.97
C MET BB 63 -23.00 31.80 -77.18
N MET BB 64 -24.25 32.23 -77.06
CA MET BB 64 -24.62 33.45 -76.35
C MET BB 64 -24.61 33.17 -74.85
N MET BB 65 -23.42 33.02 -74.30
CA MET BB 65 -23.29 32.62 -72.91
C MET BB 65 -22.53 33.65 -72.08
N HIS BB 66 -22.58 33.44 -70.76
CA HIS BB 66 -21.81 34.21 -69.80
C HIS BB 66 -22.12 35.71 -69.85
N GLY BB 67 -23.34 36.08 -69.49
CA GLY BB 67 -23.65 37.47 -69.27
C GLY BB 67 -23.57 38.32 -70.50
N ARG BB 68 -22.52 39.13 -70.61
CA ARG BB 68 -22.32 40.12 -71.65
C ARG BB 68 -22.75 39.66 -73.04
N ASN BB 69 -22.61 38.37 -73.33
CA ASN BB 69 -22.98 37.86 -74.64
C ASN BB 69 -24.43 37.42 -74.73
N ASN BB 70 -25.20 37.51 -73.65
CA ASN BB 70 -26.59 37.11 -73.68
C ASN BB 70 -27.37 37.99 -74.64
N GLY BB 71 -28.17 37.37 -75.50
CA GLY BB 71 -29.00 38.12 -76.42
C GLY BB 71 -28.22 38.80 -77.52
N LYS BB 72 -27.14 38.20 -77.98
CA LYS BB 72 -26.30 38.78 -79.03
C LYS BB 72 -26.15 37.79 -80.16
N LYS BB 73 -27.28 37.24 -80.63
CA LYS BB 73 -27.26 36.23 -81.66
C LYS BB 73 -26.65 36.73 -82.96
N LEU BB 74 -26.75 38.03 -83.24
CA LEU BB 74 -26.18 38.56 -84.47
C LEU BB 74 -24.66 38.50 -84.45
N MET BB 75 -24.06 38.48 -83.27
CA MET BB 75 -22.63 38.30 -83.14
C MET BB 75 -22.21 36.85 -83.28
N THR BB 76 -23.00 35.92 -82.74
CA THR BB 76 -22.61 34.52 -82.80
C THR BB 76 -22.88 33.92 -84.18
N VAL BB 77 -23.90 34.41 -84.88
CA VAL BB 77 -24.10 33.96 -86.26
C VAL BB 77 -22.90 34.37 -87.11
N ARG BB 78 -22.31 35.53 -86.83
CA ARG BB 78 -21.07 35.90 -87.48
C ARG BB 78 -19.93 34.97 -87.08
N ILE BB 79 -19.95 34.50 -85.84
CA ILE BB 79 -18.88 33.65 -85.34
C ILE BB 79 -18.91 32.28 -86.02
N VAL BB 80 -20.07 31.62 -86.01
CA VAL BB 80 -20.16 30.30 -86.62
C VAL BB 80 -20.03 30.39 -88.12
N LYS BB 81 -20.45 31.50 -88.73
CA LYS BB 81 -20.18 31.70 -90.15
C LYS BB 81 -18.68 31.71 -90.41
N HIS BB 82 -17.96 32.58 -89.71
CA HIS BB 82 -16.52 32.66 -89.91
C HIS BB 82 -15.83 31.36 -89.59
N ALA BB 83 -16.31 30.63 -88.57
CA ALA BB 83 -15.68 29.38 -88.21
C ALA BB 83 -15.80 28.34 -89.33
N PHE BB 84 -16.82 28.48 -90.17
CA PHE BB 84 -17.08 27.44 -91.15
C PHE BB 84 -16.10 27.47 -92.32
N GLU BB 85 -15.68 28.65 -92.77
CA GLU BB 85 -14.64 28.63 -93.79
C GLU BB 85 -13.28 28.33 -93.17
N ILE BB 86 -13.09 28.69 -91.90
CA ILE BB 86 -11.82 28.37 -91.25
C ILE BB 86 -11.59 26.87 -91.22
N ILE BB 87 -12.61 26.08 -90.87
CA ILE BB 87 -12.45 24.63 -90.88
C ILE BB 87 -12.29 24.14 -92.31
N HIS BB 88 -13.03 24.73 -93.24
CA HIS BB 88 -12.90 24.35 -94.64
C HIS BB 88 -11.52 24.68 -95.19
N LEU BB 89 -10.87 25.72 -94.68
CA LEU BB 89 -9.52 26.06 -95.09
C LEU BB 89 -8.48 25.44 -94.18
N LEU BB 90 -8.87 24.47 -93.36
CA LEU BB 90 -7.94 23.83 -92.44
C LEU BB 90 -8.12 22.32 -92.53
N THR BB 91 -9.24 21.89 -93.11
CA THR BB 91 -9.51 20.47 -93.33
C THR BB 91 -9.75 20.15 -94.79
N GLY BB 92 -10.44 21.02 -95.51
CA GLY BB 92 -10.89 20.73 -96.86
C GLY BB 92 -12.21 19.97 -96.92
N GLU BB 93 -12.67 19.44 -95.79
CA GLU BB 93 -13.93 18.72 -95.74
C GLU BB 93 -15.09 19.70 -95.71
N ASN BB 94 -16.30 19.16 -95.69
CA ASN BB 94 -17.49 19.99 -95.60
C ASN BB 94 -17.69 20.42 -94.15
N PRO BB 95 -17.93 21.70 -93.89
CA PRO BB 95 -18.14 22.15 -92.51
C PRO BB 95 -19.25 21.40 -91.80
N LEU BB 96 -20.37 21.18 -92.50
CA LEU BB 96 -21.50 20.48 -91.90
C LEU BB 96 -21.11 19.07 -91.48
N GLN BB 97 -20.30 18.39 -92.29
CA GLN BB 97 -19.90 17.03 -91.95
C GLN BB 97 -19.01 17.03 -90.71
N VAL BB 98 -18.11 18.00 -90.62
CA VAL BB 98 -17.21 18.06 -89.47
C VAL BB 98 -17.98 18.33 -88.19
N LEU BB 99 -18.98 19.20 -88.25
CA LEU BB 99 -19.79 19.48 -87.07
C LEU BB 99 -20.56 18.25 -86.64
N VAL BB 100 -21.07 17.47 -87.59
CA VAL BB 100 -21.81 16.26 -87.26
C VAL BB 100 -20.90 15.25 -86.59
N ASN BB 101 -19.71 15.03 -87.16
CA ASN BB 101 -18.77 14.08 -86.57
C ASN BB 101 -18.37 14.48 -85.16
N ALA BB 102 -18.32 15.77 -84.88
CA ALA BB 102 -17.89 16.21 -83.56
C ALA BB 102 -18.92 15.90 -82.50
N ILE BB 103 -20.19 16.20 -82.74
CA ILE BB 103 -21.21 15.99 -81.72
C ILE BB 103 -21.44 14.50 -81.51
N ILE BB 104 -21.17 13.69 -82.52
CA ILE BB 104 -21.24 12.25 -82.32
C ILE BB 104 -20.14 11.78 -81.39
N ASN BB 105 -18.91 12.21 -81.62
CA ASN BB 105 -17.77 11.74 -80.84
C ASN BB 105 -17.64 12.43 -79.50
N SER BB 106 -18.49 13.40 -79.19
CA SER BB 106 -18.40 14.13 -77.94
C SER BB 106 -19.60 13.92 -77.02
N GLY BB 107 -20.62 13.21 -77.47
CA GLY BB 107 -21.75 12.89 -76.63
C GLY BB 107 -21.50 11.64 -75.82
N PRO BB 108 -21.51 11.78 -74.49
CA PRO BB 108 -21.24 10.62 -73.63
C PRO BB 108 -22.39 9.62 -73.67
N ARG BB 109 -22.05 8.34 -73.64
CA ARG BB 109 -23.08 7.31 -73.71
C ARG BB 109 -23.64 6.97 -72.33
N GLU BB 110 -22.78 6.89 -71.32
CA GLU BB 110 -23.20 6.60 -69.97
C GLU BB 110 -23.08 7.83 -69.10
N ASP BB 111 -23.79 7.83 -67.98
CA ASP BB 111 -23.67 8.88 -66.99
C ASP BB 111 -24.18 8.36 -65.66
N SER BB 112 -23.43 8.62 -64.59
CA SER BB 112 -23.86 8.21 -63.27
C SER BB 112 -24.92 9.17 -62.74
N THR BB 113 -25.60 8.74 -61.68
CA THR BB 113 -26.65 9.55 -61.09
C THR BB 113 -26.93 9.08 -59.67
N ARG BB 114 -27.48 9.99 -58.87
CA ARG BB 114 -27.80 9.68 -57.47
C ARG BB 114 -29.12 8.93 -57.41
N ILE BB 115 -29.07 7.66 -57.04
CA ILE BB 115 -30.29 6.86 -56.87
C ILE BB 115 -30.43 6.47 -55.41
N ARG BB 122 -22.86 6.50 -53.16
CA ARG BB 122 -23.72 5.59 -53.90
C ARG BB 122 -24.36 6.28 -55.09
N ARG BB 123 -23.80 6.04 -56.27
CA ARG BB 123 -24.36 6.55 -57.52
C ARG BB 123 -24.44 5.40 -58.50
N GLN BB 124 -25.53 5.34 -59.26
CA GLN BB 124 -25.73 4.31 -60.25
C GLN BB 124 -25.44 4.87 -61.63
N ALA BB 125 -24.78 4.07 -62.46
CA ALA BB 125 -24.47 4.49 -63.82
C ALA BB 125 -25.62 4.10 -64.74
N VAL BB 126 -26.11 5.07 -65.51
CA VAL BB 126 -27.19 4.84 -66.47
C VAL BB 126 -26.79 5.46 -67.80
N ASP BB 127 -27.33 4.89 -68.88
CA ASP BB 127 -27.11 5.46 -70.20
C ASP BB 127 -27.98 6.69 -70.41
N VAL BB 128 -27.61 7.51 -71.36
CA VAL BB 128 -28.32 8.76 -71.58
C VAL BB 128 -29.21 8.62 -72.81
N SER BB 129 -30.21 9.48 -72.88
CA SER BB 129 -31.07 9.52 -74.05
C SER BB 129 -30.31 10.15 -75.22
N PRO BB 130 -30.74 9.89 -76.45
CA PRO BB 130 -30.10 10.53 -77.60
C PRO BB 130 -30.15 12.05 -77.55
N LEU BB 131 -31.28 12.63 -77.17
CA LEU BB 131 -31.40 14.08 -77.20
C LEU BB 131 -30.52 14.73 -76.14
N ARG BB 132 -30.55 14.21 -74.91
CA ARG BB 132 -29.63 14.68 -73.88
C ARG BB 132 -28.19 14.54 -74.34
N ARG BB 133 -27.87 13.45 -75.03
CA ARG BB 133 -26.53 13.27 -75.56
C ARG BB 133 -26.16 14.35 -76.56
N VAL BB 134 -27.11 14.78 -77.39
CA VAL BB 134 -26.82 15.84 -78.35
C VAL BB 134 -26.65 17.17 -77.63
N ASN BB 135 -27.53 17.48 -76.68
CA ASN BB 135 -27.40 18.73 -75.93
C ASN BB 135 -26.08 18.79 -75.18
N GLN BB 136 -25.68 17.68 -74.56
CA GLN BB 136 -24.39 17.63 -73.90
C GLN BB 136 -23.26 17.80 -74.90
N ALA BB 137 -23.43 17.26 -76.10
CA ALA BB 137 -22.38 17.39 -77.12
C ALA BB 137 -22.17 18.85 -77.50
N ILE BB 138 -23.26 19.53 -77.89
CA ILE BB 138 -23.18 20.95 -78.21
C ILE BB 138 -22.70 21.74 -77.00
N TRP BB 139 -22.99 21.27 -75.80
CA TRP BB 139 -22.51 21.92 -74.59
C TRP BB 139 -21.00 21.90 -74.52
N LEU BB 140 -20.41 20.71 -74.59
CA LEU BB 140 -18.99 20.56 -74.31
C LEU BB 140 -18.14 21.34 -75.30
N LEU BB 141 -18.47 21.25 -76.57
CA LEU BB 141 -17.66 21.91 -77.58
C LEU BB 141 -17.97 23.40 -77.72
N CYS BB 142 -18.92 23.93 -76.94
CA CYS BB 142 -19.11 25.38 -76.86
C CYS BB 142 -18.38 25.98 -75.68
N THR BB 143 -18.53 25.39 -74.49
CA THR BB 143 -17.77 25.87 -73.34
C THR BB 143 -16.28 25.67 -73.55
N GLY BB 144 -15.90 24.65 -74.32
CA GLY BB 144 -14.50 24.45 -74.61
C GLY BB 144 -13.89 25.62 -75.35
N ALA BB 145 -14.55 26.06 -76.43
CA ALA BB 145 -14.04 27.20 -77.18
C ALA BB 145 -14.10 28.48 -76.36
N ARG BB 146 -15.06 28.57 -75.45
CA ARG BB 146 -15.11 29.73 -74.57
C ARG BB 146 -13.92 29.75 -73.62
N GLU BB 147 -13.50 28.59 -73.15
CA GLU BB 147 -12.31 28.52 -72.31
C GLU BB 147 -11.03 28.78 -73.09
N ALA BB 148 -11.02 28.54 -74.40
CA ALA BB 148 -9.82 28.74 -75.18
C ALA BB 148 -9.64 30.21 -75.57
N ALA BB 149 -10.73 30.86 -76.00
CA ALA BB 149 -10.62 32.24 -76.45
C ALA BB 149 -10.46 33.23 -75.31
N PHE BB 150 -10.74 32.83 -74.08
CA PHE BB 150 -10.70 33.77 -72.96
C PHE BB 150 -9.26 34.12 -72.62
N ARG BB 151 -9.00 35.43 -72.54
CA ARG BB 151 -7.67 35.94 -72.25
C ARG BB 151 -6.63 35.34 -73.18
N ASN BB 152 -6.84 35.56 -74.47
CA ASN BB 152 -6.01 34.94 -75.49
C ASN BB 152 -6.17 35.72 -76.78
N ILE BB 153 -5.06 35.90 -77.50
CA ILE BB 153 -5.10 36.63 -78.76
C ILE BB 153 -5.93 35.87 -79.79
N LYS BB 154 -5.97 34.55 -79.67
CA LYS BB 154 -6.77 33.75 -80.58
C LYS BB 154 -8.24 34.11 -80.45
N THR BB 155 -8.88 34.39 -81.58
CA THR BB 155 -10.24 34.88 -81.53
C THR BB 155 -11.21 33.73 -81.32
N ILE BB 156 -12.46 34.10 -81.00
CA ILE BB 156 -13.48 33.12 -80.67
C ILE BB 156 -13.77 32.23 -81.88
N ALA BB 157 -13.51 32.73 -83.09
CA ALA BB 157 -13.81 31.95 -84.28
C ALA BB 157 -12.89 30.76 -84.43
N GLU BB 158 -11.59 30.95 -84.21
CA GLU BB 158 -10.63 29.87 -84.47
C GLU BB 158 -10.72 28.79 -83.40
N CYS BB 159 -10.80 29.19 -82.14
CA CYS BB 159 -10.90 28.22 -81.05
C CYS BB 159 -12.15 27.37 -81.18
N LEU BB 160 -13.23 27.96 -81.72
CA LEU BB 160 -14.39 27.16 -82.07
C LEU BB 160 -14.06 26.22 -83.22
N ALA BB 161 -13.27 26.70 -84.18
CA ALA BB 161 -13.03 25.93 -85.39
C ALA BB 161 -12.23 24.67 -85.11
N ASP BB 162 -11.11 24.80 -84.37
CA ASP BB 162 -10.20 23.69 -84.18
C ASP BB 162 -10.79 22.60 -83.27
N GLU BB 163 -11.57 23.01 -82.26
CA GLU BB 163 -12.12 22.02 -81.35
C GLU BB 163 -13.05 21.06 -82.07
N LEU BB 164 -13.98 21.59 -82.87
CA LEU BB 164 -14.81 20.69 -83.65
C LEU BB 164 -14.03 20.02 -84.77
N ILE BB 165 -12.86 20.54 -85.12
CA ILE BB 165 -11.93 19.78 -85.94
C ILE BB 165 -11.29 18.66 -85.13
N ASN BB 166 -10.78 18.99 -83.94
CA ASN BB 166 -10.15 17.98 -83.09
C ASN BB 166 -11.14 16.99 -82.53
N ALA BB 167 -12.38 17.40 -82.28
CA ALA BB 167 -13.39 16.48 -81.78
C ALA BB 167 -13.91 15.56 -82.87
N ALA BB 168 -13.94 16.03 -84.12
CA ALA BB 168 -14.38 15.17 -85.22
C ALA BB 168 -13.53 13.92 -85.32
N LYS BB 169 -12.25 14.02 -85.00
CA LYS BB 169 -11.37 12.86 -84.95
C LYS BB 169 -11.04 12.43 -83.53
N GLY BB 170 -11.63 13.07 -82.51
CA GLY BB 170 -11.40 12.72 -81.12
C GLY BB 170 -9.95 12.83 -80.72
N SER BB 171 -9.34 13.99 -80.96
CA SER BB 171 -7.92 14.19 -80.78
C SER BB 171 -7.49 14.18 -79.33
N SER BB 172 -8.43 14.00 -78.40
CA SER BB 172 -8.15 13.84 -76.98
C SER BB 172 -7.44 15.04 -76.37
N ASN BB 173 -7.29 16.12 -77.13
CA ASN BB 173 -6.92 17.41 -76.58
C ASN BB 173 -8.04 18.42 -76.72
N SER BB 174 -9.23 17.98 -77.13
CA SER BB 174 -10.42 18.81 -77.15
C SER BB 174 -11.00 18.86 -75.75
N TYR BB 175 -11.49 20.04 -75.37
CA TYR BB 175 -12.18 20.14 -74.09
C TYR BB 175 -13.39 19.23 -74.04
N ALA BB 176 -14.04 19.01 -75.18
CA ALA BB 176 -15.20 18.13 -75.22
C ALA BB 176 -14.80 16.69 -74.94
N ILE BB 177 -13.77 16.20 -75.63
CA ILE BB 177 -13.42 14.78 -75.52
C ILE BB 177 -12.87 14.47 -74.13
N LYS BB 178 -12.03 15.37 -73.60
CA LYS BB 178 -11.49 15.15 -72.26
C LYS BB 178 -12.60 15.11 -71.22
N LYS BB 179 -13.66 15.88 -71.43
CA LYS BB 179 -14.79 15.81 -70.52
C LYS BB 179 -15.70 14.63 -70.82
N LYS BB 180 -15.75 14.17 -72.07
CA LYS BB 180 -16.68 13.10 -72.40
C LYS BB 180 -16.23 11.78 -71.80
N ASP BB 181 -14.98 11.39 -72.05
CA ASP BB 181 -14.50 10.12 -71.53
C ASP BB 181 -14.40 10.15 -70.02
N GLU BB 182 -14.17 11.33 -69.44
CA GLU BB 182 -14.12 11.44 -67.98
C GLU BB 182 -15.48 11.13 -67.36
N LEU BB 183 -16.55 11.65 -67.96
CA LEU BB 183 -17.88 11.25 -67.52
C LEU BB 183 -18.15 9.79 -67.81
N GLU BB 184 -17.58 9.25 -68.89
CA GLU BB 184 -17.73 7.83 -69.15
C GLU BB 184 -16.79 6.98 -68.33
N ARG BB 185 -15.75 7.57 -67.75
CA ARG BB 185 -14.89 6.83 -66.83
C ARG BB 185 -15.46 6.78 -65.43
N VAL BB 186 -16.00 7.90 -64.94
CA VAL BB 186 -16.67 7.87 -63.65
C VAL BB 186 -17.89 6.95 -63.71
N ALA BB 187 -18.65 7.01 -64.79
CA ALA BB 187 -19.78 6.10 -64.95
C ALA BB 187 -19.34 4.65 -65.06
N LYS BB 188 -18.18 4.38 -65.66
CA LYS BB 188 -17.68 3.02 -65.68
C LYS BB 188 -17.24 2.55 -64.30
N SER BB 189 -16.92 3.48 -63.40
CA SER BB 189 -16.49 3.11 -62.06
C SER BB 189 -17.66 2.65 -61.20
N ASN BB 190 -18.62 3.53 -60.97
CA ASN BB 190 -19.76 3.20 -60.13
C ASN BB 190 -20.84 2.51 -60.97
N ARG BB 191 -20.48 1.35 -61.48
CA ARG BB 191 -21.39 0.53 -62.26
C ARG BB 191 -21.09 -0.94 -62.07
N MET CB 1 -33.12 22.83 91.10
CA MET CB 1 -33.76 21.53 91.32
C MET CB 1 -34.95 21.68 92.24
N LYS CB 2 -36.10 22.04 91.69
CA LYS CB 2 -37.29 22.22 92.50
C LYS CB 2 -37.81 20.87 92.97
N LEU CB 3 -38.31 20.82 94.20
CA LEU CB 3 -38.91 19.62 94.78
C LEU CB 3 -40.33 19.97 95.22
N ASN CB 4 -41.31 19.27 94.65
CA ASN CB 4 -42.71 19.49 94.98
C ASN CB 4 -43.14 18.47 96.03
N ILE CB 5 -42.96 18.83 97.29
CA ILE CB 5 -43.34 17.93 98.38
C ILE CB 5 -44.82 18.12 98.71
N SER CB 6 -45.45 17.03 99.15
CA SER CB 6 -46.88 17.06 99.46
C SER CB 6 -47.14 16.23 100.71
N PHE CB 7 -47.94 16.77 101.61
CA PHE CB 7 -48.31 16.05 102.83
C PHE CB 7 -49.79 15.71 102.79
N PRO CB 8 -50.16 14.46 102.50
CA PRO CB 8 -51.58 14.13 102.40
C PRO CB 8 -52.30 14.13 103.73
N ALA CB 9 -51.58 13.95 104.84
CA ALA CB 9 -52.24 13.93 106.14
C ALA CB 9 -52.87 15.27 106.47
N THR CB 10 -52.34 16.36 105.91
CA THR CB 10 -52.91 17.68 106.11
C THR CB 10 -53.65 18.21 104.90
N GLY CB 11 -53.16 17.93 103.70
CA GLY CB 11 -53.77 18.42 102.49
C GLY CB 11 -53.02 19.53 101.78
N CYS CB 12 -51.91 20.00 102.33
CA CYS CB 12 -51.13 21.08 101.74
C CYS CB 12 -49.82 20.58 101.17
N GLN CB 13 -49.26 21.38 100.27
CA GLN CB 13 -48.07 21.01 99.52
C GLN CB 13 -47.38 22.28 99.06
N LYS CB 14 -46.06 22.32 99.21
CA LYS CB 14 -45.28 23.48 98.84
C LYS CB 14 -44.10 23.06 97.97
N LEU CB 15 -43.47 24.04 97.34
CA LEU CB 15 -42.44 23.82 96.33
C LEU CB 15 -41.12 24.36 96.87
N ILE CB 16 -40.15 23.47 97.04
CA ILE CB 16 -38.86 23.82 97.62
C ILE CB 16 -37.77 23.49 96.60
N GLU CB 17 -36.91 24.46 96.33
CA GLU CB 17 -35.82 24.29 95.38
C GLU CB 17 -34.51 24.12 96.14
N VAL CB 18 -33.78 23.08 95.82
CA VAL CB 18 -32.50 22.78 96.45
C VAL CB 18 -31.40 23.16 95.48
N ASP CB 19 -30.27 23.62 96.02
CA ASP CB 19 -29.14 24.06 95.21
C ASP CB 19 -27.84 23.46 95.71
N ASP CB 20 -27.89 22.22 96.17
CA ASP CB 20 -26.68 21.47 96.50
C ASP CB 20 -26.97 20.00 96.30
N GLU CB 21 -26.00 19.30 95.70
CA GLU CB 21 -26.24 17.97 95.20
C GLU CB 21 -26.07 16.88 96.23
N ARG CB 22 -25.22 17.07 97.25
CA ARG CB 22 -24.96 16.00 98.20
C ARG CB 22 -26.14 15.78 99.14
N LYS CB 23 -27.15 16.64 99.07
CA LYS CB 23 -28.45 16.35 99.67
C LYS CB 23 -29.33 15.49 98.79
N LEU CB 24 -28.86 15.09 97.61
CA LEU CB 24 -29.69 14.36 96.66
C LEU CB 24 -29.18 12.97 96.31
N ARG CB 25 -27.99 12.58 96.80
CA ARG CB 25 -27.58 11.19 96.65
C ARG CB 25 -28.56 10.25 97.34
N THR CB 26 -29.29 10.75 98.32
CA THR CB 26 -30.42 10.02 98.91
C THR CB 26 -31.65 10.03 98.01
N PHE CB 27 -31.53 10.51 96.78
CA PHE CB 27 -32.63 10.44 95.82
C PHE CB 27 -32.14 9.85 94.51
N TYR CB 28 -30.87 10.06 94.18
CA TYR CB 28 -30.36 9.70 92.88
C TYR CB 28 -30.33 8.19 92.70
N GLU CB 29 -30.26 7.77 91.42
CA GLU CB 29 -30.29 6.37 90.97
C GLU CB 29 -31.35 5.54 91.70
N LYS CB 30 -32.40 6.19 92.17
CA LYS CB 30 -33.52 5.49 92.79
C LYS CB 30 -34.76 5.68 91.92
N ARG CB 31 -35.72 4.79 92.11
CA ARG CB 31 -36.91 4.67 91.31
C ARG CB 31 -37.99 5.55 91.93
N MET CB 32 -39.21 5.49 91.41
CA MET CB 32 -40.33 6.13 92.07
C MET CB 32 -41.10 5.12 92.89
N ALA CB 33 -42.05 5.62 93.68
CA ALA CB 33 -42.79 4.82 94.65
C ALA CB 33 -41.83 4.09 95.59
N THR CB 34 -40.87 4.84 96.12
CA THR CB 34 -39.84 4.32 97.01
C THR CB 34 -39.80 5.17 98.27
N GLU CB 35 -40.03 4.55 99.42
CA GLU CB 35 -39.98 5.27 100.68
C GLU CB 35 -38.51 5.51 101.04
N VAL CB 36 -38.09 6.78 101.00
CA VAL CB 36 -36.75 7.17 101.38
C VAL CB 36 -36.82 8.06 102.61
N ALA CB 37 -35.97 7.78 103.60
CA ALA CB 37 -35.88 8.60 104.79
C ALA CB 37 -35.11 9.87 104.47
N ALA CB 38 -35.83 10.97 104.25
CA ALA CB 38 -35.19 12.22 103.85
C ALA CB 38 -34.74 13.03 105.06
N ASP CB 39 -34.05 12.38 105.99
CA ASP CB 39 -33.45 13.10 107.11
C ASP CB 39 -32.27 13.94 106.68
N ALA CB 40 -31.62 13.57 105.57
CA ALA CB 40 -30.48 14.31 105.04
C ALA CB 40 -30.91 15.47 104.16
N LEU CB 41 -32.20 15.80 104.16
CA LEU CB 41 -32.65 16.98 103.44
C LEU CB 41 -32.43 18.23 104.28
N GLY CB 42 -32.26 18.07 105.58
CA GLY CB 42 -31.88 19.17 106.44
C GLY CB 42 -32.01 18.76 107.88
N GLU CB 43 -31.74 19.73 108.77
CA GLU CB 43 -32.02 19.51 110.18
C GLU CB 43 -33.49 19.66 110.48
N GLU CB 44 -34.21 20.41 109.64
CA GLU CB 44 -35.66 20.56 109.77
C GLU CB 44 -36.40 19.29 109.40
N TRP CB 45 -35.85 18.48 108.50
CA TRP CB 45 -36.43 17.20 108.14
C TRP CB 45 -35.59 16.11 108.80
N LYS CB 46 -36.13 15.52 109.86
CA LYS CB 46 -35.48 14.43 110.56
C LYS CB 46 -36.54 13.40 110.92
N GLY CB 47 -36.26 12.13 110.60
CA GLY CB 47 -37.25 11.08 110.78
C GLY CB 47 -38.40 11.14 109.80
N TYR CB 48 -38.26 11.89 108.71
CA TYR CB 48 -39.28 12.00 107.67
C TYR CB 48 -38.93 11.05 106.55
N VAL CB 49 -39.61 9.91 106.48
CA VAL CB 49 -39.41 8.97 105.38
C VAL CB 49 -40.43 9.33 104.30
N VAL CB 50 -39.92 9.79 103.16
CA VAL CB 50 -40.72 10.31 102.07
C VAL CB 50 -40.72 9.30 100.93
N ARG CB 51 -41.88 9.14 100.30
CA ARG CB 51 -41.98 8.31 99.11
C ARG CB 51 -41.90 9.18 97.88
N ILE CB 52 -41.07 8.78 96.92
CA ILE CB 52 -40.85 9.56 95.71
C ILE CB 52 -41.91 9.17 94.68
N SER CB 53 -42.53 10.18 94.09
CA SER CB 53 -43.65 9.97 93.18
C SER CB 53 -43.36 10.48 91.78
N GLY CB 54 -42.10 10.62 91.40
CA GLY CB 54 -41.75 11.03 90.06
C GLY CB 54 -41.99 12.50 89.78
N GLY CB 55 -41.33 13.03 88.76
CA GLY CB 55 -41.50 14.43 88.40
C GLY CB 55 -41.41 14.68 86.91
N ASN CB 56 -40.84 15.82 86.54
CA ASN CB 56 -40.71 16.20 85.14
C ASN CB 56 -39.24 16.27 84.75
N ASP CB 57 -39.00 16.10 83.45
CA ASP CB 57 -37.67 16.20 82.87
C ASP CB 57 -37.25 17.67 82.80
N LYS CB 58 -36.02 17.92 82.34
CA LYS CB 58 -35.62 19.28 82.00
C LYS CB 58 -36.44 19.86 80.86
N GLN CB 59 -37.12 19.05 80.08
CA GLN CB 59 -37.95 19.53 78.98
C GLN CB 59 -39.43 19.47 79.29
N GLY CB 60 -39.80 19.21 80.54
CA GLY CB 60 -41.20 19.10 80.89
C GLY CB 60 -41.83 17.77 80.58
N PHE CB 61 -41.04 16.78 80.18
CA PHE CB 61 -41.57 15.45 79.89
C PHE CB 61 -41.75 14.70 81.21
N PRO CB 62 -42.95 14.31 81.59
CA PRO CB 62 -43.12 13.57 82.84
C PRO CB 62 -42.49 12.19 82.74
N MET CB 63 -42.40 11.53 83.89
CA MET CB 63 -41.80 10.20 83.96
C MET CB 63 -42.87 9.15 84.21
N LYS CB 64 -42.87 8.12 83.38
CA LYS CB 64 -43.82 7.03 83.54
C LYS CB 64 -43.30 5.99 84.53
N GLN CB 65 -44.20 5.48 85.35
CA GLN CB 65 -43.83 4.49 86.35
C GLN CB 65 -43.48 3.18 85.69
N GLY CB 66 -42.39 2.56 86.14
CA GLY CB 66 -42.01 1.25 85.66
C GLY CB 66 -41.57 1.24 84.22
N VAL CB 67 -40.46 1.90 83.92
CA VAL CB 67 -39.90 1.91 82.58
C VAL CB 67 -38.45 1.45 82.67
N LEU CB 68 -37.89 1.49 83.88
CA LEU CB 68 -36.56 0.96 84.17
C LEU CB 68 -35.49 1.58 83.28
N THR CB 69 -35.41 2.90 83.36
CA THR CB 69 -34.35 3.67 82.72
C THR CB 69 -34.39 5.08 83.29
N HIS CB 70 -33.34 5.85 82.99
CA HIS CB 70 -33.31 7.26 83.34
C HIS CB 70 -33.27 8.17 82.13
N GLY CB 71 -33.12 7.64 80.94
CA GLY CB 71 -33.14 8.47 79.76
C GLY CB 71 -34.55 8.88 79.37
N ARG CB 72 -34.82 8.91 78.07
CA ARG CB 72 -36.14 9.26 77.57
C ARG CB 72 -36.47 8.36 76.40
N VAL CB 73 -37.71 7.86 76.36
CA VAL CB 73 -38.16 6.99 75.29
C VAL CB 73 -39.54 7.43 74.84
N ARG CB 74 -39.94 6.94 73.67
CA ARG CB 74 -41.25 7.19 73.11
C ARG CB 74 -42.06 5.92 73.17
N LEU CB 75 -43.32 6.02 73.61
CA LEU CB 75 -44.15 4.85 73.84
C LEU CB 75 -45.53 5.08 73.26
N LEU CB 76 -46.14 4.00 72.77
CA LEU CB 76 -47.54 4.03 72.40
C LEU CB 76 -48.38 3.99 73.66
N LEU CB 77 -49.07 5.08 73.94
CA LEU CB 77 -49.90 5.18 75.13
C LEU CB 77 -51.36 5.03 74.75
N SER CB 78 -52.12 4.32 75.58
CA SER CB 78 -53.50 4.00 75.26
C SER CB 78 -54.42 4.36 76.41
N LYS CB 79 -55.66 3.90 76.33
CA LYS CB 79 -56.64 4.14 77.38
C LYS CB 79 -56.22 3.41 78.64
N GLY CB 80 -55.73 4.16 79.63
CA GLY CB 80 -55.31 3.57 80.87
C GLY CB 80 -53.90 3.95 81.30
N HIS CB 81 -53.03 4.21 80.33
CA HIS CB 81 -51.67 4.58 80.66
C HIS CB 81 -51.63 5.96 81.31
N SER CB 82 -50.45 6.31 81.81
CA SER CB 82 -50.20 7.64 82.35
C SER CB 82 -49.60 8.54 81.28
N CYS CB 83 -49.49 9.82 81.61
CA CYS CB 83 -48.88 10.83 80.74
C CYS CB 83 -49.65 11.01 79.43
N TYR CB 84 -50.87 10.47 79.35
CA TYR CB 84 -51.62 10.52 78.11
C TYR CB 84 -53.11 10.58 78.40
N ARG CB 85 -53.83 11.34 77.58
CA ARG CB 85 -55.28 11.42 77.65
C ARG CB 85 -55.81 11.28 76.24
N PRO CB 86 -56.43 10.16 75.90
CA PRO CB 86 -56.94 9.98 74.54
C PRO CB 86 -58.07 10.95 74.24
N ARG CB 87 -58.11 11.42 73.00
CA ARG CB 87 -59.14 12.34 72.56
C ARG CB 87 -60.30 11.61 71.89
N ARG CB 88 -60.01 10.83 70.86
CA ARG CB 88 -61.03 9.95 70.31
C ARG CB 88 -60.99 8.61 71.04
N THR CB 89 -62.11 7.90 70.97
CA THR CB 89 -62.18 6.59 71.59
C THR CB 89 -61.28 5.61 70.85
N GLY CB 90 -60.55 4.80 71.60
CA GLY CB 90 -59.64 3.86 70.96
C GLY CB 90 -58.44 4.49 70.32
N GLU CB 91 -58.16 5.75 70.64
CA GLU CB 91 -57.01 6.43 70.09
C GLU CB 91 -55.74 6.01 70.82
N ARG CB 92 -54.65 5.90 70.07
CA ARG CB 92 -53.32 5.71 70.63
C ARG CB 92 -52.40 6.78 70.08
N LYS CB 93 -51.26 6.96 70.72
CA LYS CB 93 -50.33 7.98 70.28
C LYS CB 93 -48.96 7.70 70.87
N ARG CB 94 -47.93 8.21 70.21
CA ARG CB 94 -46.58 8.17 70.74
C ARG CB 94 -46.33 9.39 71.59
N LYS CB 95 -45.66 9.19 72.72
CA LYS CB 95 -45.32 10.29 73.61
C LYS CB 95 -43.94 10.03 74.17
N SER CB 96 -43.12 11.08 74.21
CA SER CB 96 -41.77 10.96 74.74
C SER CB 96 -41.85 11.15 76.25
N VAL CB 97 -41.85 10.04 76.99
CA VAL CB 97 -41.90 10.08 78.44
C VAL CB 97 -40.50 9.83 78.99
N ARG CB 98 -40.24 10.38 80.17
CA ARG CB 98 -38.95 10.27 80.80
C ARG CB 98 -38.89 9.03 81.68
N GLY CB 99 -37.69 8.51 81.87
CA GLY CB 99 -37.52 7.32 82.67
C GLY CB 99 -37.89 7.49 84.13
N CYS CB 100 -38.08 6.37 84.84
CA CYS CB 100 -38.45 6.41 86.25
C CYS CB 100 -37.26 6.57 87.17
N ILE CB 101 -36.06 6.22 86.72
CA ILE CB 101 -34.85 6.33 87.54
C ILE CB 101 -34.52 7.81 87.73
N VAL CB 102 -34.43 8.22 88.98
CA VAL CB 102 -34.16 9.62 89.30
C VAL CB 102 -32.70 9.93 89.02
N ASP CB 103 -32.43 11.13 88.50
CA ASP CB 103 -31.09 11.53 88.18
C ASP CB 103 -31.03 13.07 88.26
N ALA CB 104 -29.91 13.62 87.79
CA ALA CB 104 -29.73 15.07 87.82
C ALA CB 104 -30.48 15.75 86.69
N ASN CB 105 -30.94 14.98 85.71
CA ASN CB 105 -31.61 15.57 84.56
C ASN CB 105 -33.12 15.65 84.78
N LEU CB 106 -33.53 16.40 85.79
CA LEU CB 106 -34.95 16.63 86.06
C LEU CB 106 -35.14 18.07 86.51
N SER CB 107 -36.36 18.56 86.34
CA SER CB 107 -36.70 19.90 86.79
C SER CB 107 -37.43 19.91 88.12
N VAL CB 108 -38.27 18.90 88.37
CA VAL CB 108 -39.11 18.86 89.55
C VAL CB 108 -39.20 17.41 90.01
N LEU CB 109 -39.26 17.20 91.32
CA LEU CB 109 -39.60 15.91 91.89
C LEU CB 109 -40.80 16.07 92.81
N ASN CB 110 -41.83 15.27 92.59
CA ASN CB 110 -42.99 15.24 93.47
C ASN CB 110 -42.70 14.27 94.60
N LEU CB 111 -42.72 14.77 95.83
CA LEU CB 111 -42.48 13.97 97.02
C LEU CB 111 -43.73 13.96 97.88
N VAL CB 112 -44.00 12.82 98.50
CA VAL CB 112 -45.16 12.67 99.37
C VAL CB 112 -44.68 12.09 100.69
N ILE CB 113 -44.93 12.82 101.78
CA ILE CB 113 -44.46 12.41 103.10
C ILE CB 113 -45.28 11.22 103.56
N VAL CB 114 -44.59 10.14 103.94
CA VAL CB 114 -45.25 8.93 104.42
C VAL CB 114 -45.40 8.99 105.93
N LYS CB 115 -44.29 9.06 106.64
CA LYS CB 115 -44.28 9.13 108.08
C LYS CB 115 -43.75 10.48 108.52
N LYS CB 116 -44.55 11.20 109.30
CA LYS CB 116 -44.14 12.50 109.80
C LYS CB 116 -43.11 12.35 110.91
N GLY CB 117 -42.04 13.12 110.81
CA GLY CB 117 -40.97 13.08 111.80
C GLY CB 117 -41.34 13.80 113.08
N GLU CB 118 -40.32 14.00 113.93
CA GLU CB 118 -40.58 14.63 115.23
C GLU CB 118 -40.76 16.13 115.09
N LYS CB 119 -40.01 16.77 114.19
CA LYS CB 119 -40.11 18.20 114.00
C LYS CB 119 -41.35 18.52 113.17
N ASP CB 120 -41.66 19.81 113.05
CA ASP CB 120 -42.84 20.28 112.34
C ASP CB 120 -42.43 21.35 111.34
N ILE CB 121 -42.64 21.08 110.06
CA ILE CB 121 -42.30 22.02 108.99
C ILE CB 121 -43.39 23.09 108.93
N PRO CB 122 -43.02 24.37 108.91
CA PRO CB 122 -44.04 25.44 108.88
C PRO CB 122 -44.84 25.50 107.59
N GLY CB 123 -44.49 24.72 106.57
CA GLY CB 123 -45.20 24.76 105.31
C GLY CB 123 -46.27 23.69 105.15
N LEU CB 124 -45.97 22.46 105.52
CA LEU CB 124 -46.87 21.35 105.27
C LEU CB 124 -47.47 20.76 106.53
N THR CB 125 -46.73 20.77 107.64
CA THR CB 125 -47.27 20.24 108.89
C THR CB 125 -48.10 21.29 109.60
N ASP CB 126 -48.19 22.49 109.01
CA ASP CB 126 -48.89 23.61 109.62
C ASP CB 126 -50.29 23.80 109.07
N THR CB 127 -50.42 24.05 107.77
CA THR CB 127 -51.72 24.33 107.19
C THR CB 127 -52.47 23.06 106.87
N THR CB 128 -53.53 22.78 107.61
CA THR CB 128 -54.42 21.66 107.33
C THR CB 128 -55.68 22.19 106.65
N VAL CB 129 -55.98 21.64 105.48
CA VAL CB 129 -57.20 22.00 104.74
C VAL CB 129 -58.15 20.80 104.82
N PRO CB 130 -59.33 20.97 105.41
CA PRO CB 130 -60.23 19.83 105.61
C PRO CB 130 -60.69 19.25 104.28
N ARG CB 131 -61.34 18.09 104.38
CA ARG CB 131 -61.85 17.39 103.21
C ARG CB 131 -62.80 18.30 102.43
N ARG CB 132 -62.65 18.29 101.11
CA ARG CB 132 -63.43 19.19 100.28
C ARG CB 132 -64.91 18.86 100.35
N LEU CB 133 -65.27 17.59 100.12
CA LEU CB 133 -66.65 17.16 100.19
C LEU CB 133 -66.77 15.92 101.07
N GLY CB 134 -67.99 15.67 101.53
CA GLY CB 134 -68.28 14.50 102.31
C GLY CB 134 -68.76 13.37 101.43
N PRO CB 135 -68.98 12.20 102.03
CA PRO CB 135 -69.45 11.06 101.23
C PRO CB 135 -70.82 11.33 100.63
N LYS CB 136 -71.03 10.81 99.43
CA LYS CB 136 -72.26 11.02 98.68
C LYS CB 136 -73.11 9.76 98.56
N ARG CB 137 -72.48 8.61 98.40
CA ARG CB 137 -73.22 7.35 98.37
C ARG CB 137 -73.79 7.06 99.75
N ALA CB 138 -75.00 6.49 99.77
CA ALA CB 138 -75.70 6.26 101.02
C ALA CB 138 -74.95 5.26 101.90
N SER CB 139 -74.44 4.19 101.30
CA SER CB 139 -73.75 3.17 102.09
C SER CB 139 -72.46 3.72 102.70
N ARG CB 140 -71.79 4.63 102.00
CA ARG CB 140 -70.57 5.23 102.55
C ARG CB 140 -70.84 6.08 103.78
N ILE CB 141 -72.07 6.59 103.93
CA ILE CB 141 -72.40 7.33 105.14
C ILE CB 141 -72.45 6.40 106.35
N ARG CB 142 -73.04 5.21 106.16
CA ARG CB 142 -73.14 4.26 107.27
C ARG CB 142 -71.77 3.85 107.77
N LYS CB 143 -70.81 3.70 106.85
CA LYS CB 143 -69.46 3.32 107.24
C LYS CB 143 -68.71 4.45 107.92
N LEU CB 144 -69.11 5.71 107.67
CA LEU CB 144 -68.43 6.83 108.27
C LEU CB 144 -68.85 7.05 109.72
N PHE CB 145 -70.16 7.11 109.97
CA PHE CB 145 -70.69 7.43 111.29
C PHE CB 145 -71.09 6.20 112.08
N ASN CB 146 -70.62 5.02 111.68
CA ASN CB 146 -70.82 3.78 112.43
C ASN CB 146 -72.30 3.50 112.67
N LEU CB 147 -73.09 3.67 111.61
CA LEU CB 147 -74.53 3.56 111.70
C LEU CB 147 -75.01 2.16 111.34
N SER CB 148 -76.21 1.82 111.79
CA SER CB 148 -76.75 0.50 111.60
C SER CB 148 -77.38 0.36 110.22
N LYS CB 149 -77.84 -0.86 109.93
CA LYS CB 149 -78.52 -1.18 108.68
C LYS CB 149 -80.01 -0.78 108.72
N GLU CB 150 -80.47 -0.26 109.85
CA GLU CB 150 -81.88 0.07 110.05
C GLU CB 150 -82.13 1.54 110.37
N ASP CB 151 -81.20 2.20 111.06
CA ASP CB 151 -81.43 3.56 111.51
C ASP CB 151 -81.49 4.53 110.34
N ASP CB 152 -82.06 5.70 110.60
CA ASP CB 152 -82.11 6.73 109.57
C ASP CB 152 -80.70 7.25 109.30
N VAL CB 153 -80.49 7.66 108.06
CA VAL CB 153 -79.17 8.09 107.60
C VAL CB 153 -79.23 9.47 106.95
N ARG CB 154 -80.44 10.00 106.75
CA ARG CB 154 -80.57 11.22 105.98
C ARG CB 154 -80.12 12.45 106.76
N GLN CB 155 -80.33 12.46 108.07
CA GLN CB 155 -79.94 13.63 108.86
C GLN CB 155 -78.44 13.64 109.15
N TYR CB 156 -77.73 12.54 108.90
CA TYR CB 156 -76.31 12.44 109.17
C TYR CB 156 -75.46 12.91 107.99
N VAL CB 157 -76.03 13.65 107.06
CA VAL CB 157 -75.30 14.07 105.87
C VAL CB 157 -74.42 15.26 106.22
N VAL CB 158 -73.26 15.34 105.57
CA VAL CB 158 -72.31 16.42 105.78
C VAL CB 158 -72.74 17.54 104.84
N ARG CB 159 -73.46 18.51 105.38
CA ARG CB 159 -73.76 19.73 104.65
C ARG CB 159 -72.73 20.80 105.00
N LYS CB 160 -72.63 21.80 104.14
CA LYS CB 160 -71.66 22.86 104.32
C LYS CB 160 -72.35 24.21 104.21
N PRO CB 161 -72.14 25.12 105.15
CA PRO CB 161 -72.71 26.47 105.01
C PRO CB 161 -71.89 27.31 104.05
N LEU CB 162 -72.55 27.80 103.01
CA LEU CB 162 -71.90 28.63 102.01
C LEU CB 162 -72.23 30.09 102.26
N ASN CB 163 -71.19 30.93 102.32
CA ASN CB 163 -71.33 32.33 102.67
C ASN CB 163 -70.45 33.18 101.76
N LYS CB 164 -71.02 34.26 101.25
CA LYS CB 164 -70.32 35.15 100.33
C LYS CB 164 -71.03 36.49 100.32
N GLU CB 165 -70.49 37.42 99.56
CA GLU CB 165 -71.05 38.76 99.47
C GLU CB 165 -72.14 38.81 98.41
N GLY CB 166 -73.22 39.54 98.72
CA GLY CB 166 -74.31 39.75 97.80
C GLY CB 166 -75.46 38.78 97.97
N LYS CB 167 -75.23 37.63 98.59
CA LYS CB 167 -76.25 36.61 98.82
C LYS CB 167 -76.32 36.32 100.31
N LYS CB 168 -77.53 36.02 100.78
CA LYS CB 168 -77.67 35.64 102.18
C LYS CB 168 -77.22 34.19 102.36
N PRO CB 169 -76.68 33.84 103.53
CA PRO CB 169 -76.08 32.51 103.67
C PRO CB 169 -77.06 31.35 103.56
N ARG CB 170 -76.83 30.49 102.59
CA ARG CB 170 -77.52 29.22 102.45
C ARG CB 170 -76.60 28.09 102.87
N THR CB 171 -77.15 26.88 102.91
CA THR CB 171 -76.35 25.68 103.19
C THR CB 171 -76.71 24.62 102.16
N LYS CB 172 -75.70 24.11 101.46
CA LYS CB 172 -75.92 23.17 100.36
C LYS CB 172 -75.72 21.75 100.86
N ALA CB 173 -76.66 20.87 100.51
CA ALA CB 173 -76.57 19.47 100.84
C ALA CB 173 -76.57 18.63 99.57
N PRO CB 174 -75.61 17.72 99.41
CA PRO CB 174 -75.59 16.85 98.23
C PRO CB 174 -76.73 15.84 98.28
N LYS CB 175 -77.15 15.41 97.09
CA LYS CB 175 -78.23 14.44 96.95
C LYS CB 175 -77.69 13.05 97.21
N ILE CB 176 -78.25 12.38 98.22
CA ILE CB 176 -77.81 11.03 98.58
C ILE CB 176 -78.19 10.05 97.48
N GLN CB 177 -77.20 9.37 96.92
CA GLN CB 177 -77.43 8.36 95.90
C GLN CB 177 -77.37 6.97 96.50
N ARG CB 178 -78.05 6.03 95.85
CA ARG CB 178 -78.16 4.63 96.31
C ARG CB 178 -78.78 4.55 97.69
N LEU CB 179 -79.73 5.43 97.95
CA LEU CB 179 -80.53 5.40 99.16
C LEU CB 179 -81.90 4.79 98.88
N VAL CB 180 -82.37 3.97 99.80
CA VAL CB 180 -83.67 3.34 99.67
C VAL CB 180 -84.75 4.39 99.93
N THR CB 181 -85.59 4.63 98.93
CA THR CB 181 -86.74 5.50 99.05
C THR CB 181 -87.95 4.80 98.46
N PRO CB 182 -89.17 5.13 98.91
CA PRO CB 182 -90.36 4.50 98.33
C PRO CB 182 -90.45 4.59 96.82
N ARG CB 183 -89.81 5.57 96.19
CA ARG CB 183 -89.75 5.61 94.73
C ARG CB 183 -89.05 4.37 94.19
N VAL CB 184 -87.99 3.92 94.86
CA VAL CB 184 -87.30 2.71 94.44
C VAL CB 184 -88.20 1.49 94.62
N LEU CB 185 -88.83 1.36 95.79
CA LEU CB 185 -89.67 0.21 96.04
C LEU CB 185 -90.91 0.22 95.14
N GLN CB 186 -91.42 1.41 94.82
CA GLN CB 186 -92.47 1.50 93.81
C GLN CB 186 -91.95 1.05 92.46
N HIS CB 187 -90.70 1.38 92.15
CA HIS CB 187 -90.08 0.84 90.94
C HIS CB 187 -89.88 -0.66 91.04
N LYS CB 188 -89.46 -1.16 92.21
CA LYS CB 188 -89.23 -2.58 92.35
C LYS CB 188 -90.55 -3.35 92.34
N ARG CB 189 -91.60 -2.77 92.91
CA ARG CB 189 -92.91 -3.40 92.86
C ARG CB 189 -93.49 -3.48 91.46
N ARG CB 190 -93.04 -2.63 90.54
CA ARG CB 190 -93.59 -2.62 89.20
C ARG CB 190 -93.04 -3.73 88.33
N ARG CB 191 -91.73 -3.99 88.38
CA ARG CB 191 -91.18 -5.02 87.51
C ARG CB 191 -91.63 -6.41 87.93
N ILE CB 192 -91.80 -6.66 89.23
CA ILE CB 192 -92.31 -7.95 89.66
C ILE CB 192 -93.77 -8.11 89.28
N ALA CB 193 -94.51 -7.00 89.19
CA ALA CB 193 -95.86 -7.06 88.65
C ALA CB 193 -95.84 -7.37 87.16
N LEU CB 194 -94.85 -6.84 86.44
CA LEU CB 194 -94.69 -7.20 85.04
C LEU CB 194 -94.32 -8.68 84.89
N LYS CB 195 -93.50 -9.20 85.80
CA LYS CB 195 -93.22 -10.63 85.79
C LYS CB 195 -94.48 -11.44 86.05
N LYS CB 196 -95.40 -10.91 86.86
CA LYS CB 196 -96.66 -11.60 87.11
C LYS CB 196 -97.52 -11.72 85.86
N GLN CB 197 -97.66 -10.63 85.11
CA GLN CB 197 -98.58 -10.65 83.97
C GLN CB 197 -98.03 -11.52 82.85
N ARG CB 198 -96.71 -11.57 82.69
CA ARG CB 198 -96.12 -12.44 81.68
C ARG CB 198 -96.46 -13.89 81.94
N THR CB 199 -96.19 -14.36 83.17
CA THR CB 199 -96.59 -15.70 83.56
C THR CB 199 -98.08 -15.91 83.35
N LYS CB 200 -98.88 -14.92 83.72
CA LYS CB 200 -100.32 -14.98 83.48
C LYS CB 200 -100.62 -15.11 82.00
N LYS CB 201 -100.00 -14.26 81.18
CA LYS CB 201 -100.23 -14.31 79.74
C LYS CB 201 -99.82 -15.65 79.15
N ASN CB 202 -98.70 -16.21 79.61
CA ASN CB 202 -98.21 -17.45 79.02
C ASN CB 202 -99.13 -18.62 79.34
N LYS CB 203 -99.59 -18.73 80.59
CA LYS CB 203 -100.48 -19.85 80.94
C LYS CB 203 -101.86 -19.66 80.33
N GLU CB 204 -102.27 -18.42 80.11
CA GLU CB 204 -103.58 -18.18 79.49
C GLU CB 204 -103.55 -18.53 78.01
N GLU CB 205 -102.57 -18.01 77.27
CA GLU CB 205 -102.54 -18.22 75.83
C GLU CB 205 -102.27 -19.67 75.47
N ALA CB 206 -101.38 -20.33 76.20
CA ALA CB 206 -101.09 -21.73 75.90
C ALA CB 206 -102.30 -22.61 76.18
N ALA CB 207 -102.99 -22.37 77.29
CA ALA CB 207 -104.20 -23.11 77.58
C ALA CB 207 -105.32 -22.74 76.63
N GLU CB 208 -105.43 -21.47 76.25
CA GLU CB 208 -106.40 -21.08 75.23
C GLU CB 208 -106.09 -21.76 73.91
N TYR CB 209 -104.82 -21.75 73.52
CA TYR CB 209 -104.42 -22.50 72.34
C TYR CB 209 -104.62 -23.99 72.53
N ALA CB 210 -104.48 -24.48 73.77
CA ALA CB 210 -104.58 -25.90 74.03
C ALA CB 210 -105.97 -26.42 73.70
N LYS CB 211 -107.01 -25.73 74.14
CA LYS CB 211 -108.34 -26.11 73.74
C LYS CB 211 -108.60 -25.79 72.27
N LEU CB 212 -107.81 -24.89 71.67
CA LEU CB 212 -108.09 -24.48 70.30
C LEU CB 212 -107.59 -25.50 69.30
N LEU CB 213 -106.41 -26.08 69.50
CA LEU CB 213 -106.02 -27.18 68.63
C LEU CB 213 -106.80 -28.44 68.98
N ALA CB 214 -107.22 -28.55 70.24
CA ALA CB 214 -108.21 -29.55 70.60
C ALA CB 214 -109.57 -29.25 69.97
N LYS CB 215 -109.86 -27.98 69.68
CA LYS CB 215 -111.00 -27.66 68.84
C LYS CB 215 -110.81 -28.21 67.44
N ARG CB 216 -109.57 -28.27 66.97
CA ARG CB 216 -109.28 -28.89 65.69
C ARG CB 216 -108.96 -30.37 65.82
N MET CB 217 -108.79 -30.86 67.05
CA MET CB 217 -108.61 -32.30 67.23
C MET CB 217 -109.79 -33.07 66.68
N LYS CB 218 -110.95 -32.97 67.33
CA LYS CB 218 -112.16 -33.60 66.81
C LYS CB 218 -112.65 -32.97 65.52
N GLU CB 219 -111.99 -31.91 65.04
CA GLU CB 219 -112.29 -31.38 63.72
C GLU CB 219 -111.42 -31.99 62.64
N ALA CB 220 -110.22 -32.46 62.98
CA ALA CB 220 -109.36 -33.11 62.02
C ALA CB 220 -109.66 -34.60 61.88
N LYS CB 221 -110.01 -35.26 62.98
CA LYS CB 221 -110.30 -36.70 62.91
C LYS CB 221 -111.70 -36.98 62.38
N GLU CB 222 -112.67 -36.10 62.66
CA GLU CB 222 -114.03 -36.35 62.22
C GLU CB 222 -114.16 -36.27 60.70
N LYS CB 223 -113.24 -35.55 60.05
CA LYS CB 223 -113.20 -35.55 58.59
C LYS CB 223 -112.58 -36.83 58.05
N ARG CB 224 -111.57 -37.37 58.73
CA ARG CB 224 -111.01 -38.64 58.29
C ARG CB 224 -111.97 -39.78 58.61
N GLN CB 225 -112.85 -39.58 59.60
CA GLN CB 225 -113.98 -40.48 59.82
C GLN CB 225 -114.88 -40.56 58.60
N GLU CB 226 -114.85 -39.57 57.71
CA GLU CB 226 -115.59 -39.64 56.47
C GLU CB 226 -114.74 -40.14 55.30
N GLN CB 227 -113.42 -40.19 55.46
CA GLN CB 227 -112.54 -40.60 54.37
C GLN CB 227 -112.46 -42.10 54.19
N ILE CB 228 -112.25 -42.85 55.27
CA ILE CB 228 -112.19 -44.30 55.15
C ILE CB 228 -113.60 -44.90 55.11
N ALA CB 229 -114.58 -44.16 55.65
CA ALA CB 229 -115.96 -44.62 55.56
C ALA CB 229 -116.44 -44.71 54.12
N LYS CB 230 -115.92 -43.85 53.24
CA LYS CB 230 -116.18 -44.00 51.82
C LYS CB 230 -115.22 -45.01 51.19
N ARG CB 231 -114.02 -45.18 51.76
CA ARG CB 231 -113.07 -46.15 51.26
C ARG CB 231 -113.62 -47.58 51.31
N ARG CB 232 -114.50 -47.87 52.27
CA ARG CB 232 -115.25 -49.13 52.24
C ARG CB 232 -116.47 -49.05 51.34
N ARG CB 233 -117.04 -47.86 51.16
CA ARG CB 233 -118.13 -47.69 50.22
C ARG CB 233 -117.62 -47.66 48.78
N LEU CB 234 -116.38 -47.19 48.58
CA LEU CB 234 -115.77 -47.26 47.25
C LEU CB 234 -115.41 -48.69 46.87
N SER CB 235 -115.20 -49.57 47.85
CA SER CB 235 -114.90 -50.96 47.56
C SER CB 235 -116.13 -51.76 47.16
N SER CB 236 -117.32 -51.36 47.58
CA SER CB 236 -118.55 -52.07 47.27
C SER CB 236 -119.27 -51.53 46.04
N LEU CB 237 -118.70 -50.52 45.37
CA LEU CB 237 -119.28 -49.98 44.16
C LEU CB 237 -118.79 -50.78 42.95
N ALA DB 1 -116.75 -65.55 7.95
CA ALA DB 1 -116.50 -65.29 6.55
C ALA DB 1 -115.04 -64.92 6.31
N LYS DB 2 -114.76 -64.38 5.13
CA LYS DB 2 -113.43 -63.87 4.81
C LYS DB 2 -113.31 -62.36 5.00
N ILE DB 3 -114.39 -61.69 5.39
CA ILE DB 3 -114.30 -60.26 5.69
C ILE DB 3 -113.74 -60.08 7.10
N VAL DB 4 -112.47 -59.72 7.19
CA VAL DB 4 -111.78 -59.66 8.46
C VAL DB 4 -111.60 -58.19 8.82
N LYS DB 5 -112.55 -57.65 9.57
CA LYS DB 5 -112.39 -56.30 10.05
C LYS DB 5 -111.32 -56.27 11.14
N PRO DB 6 -110.52 -55.19 11.18
CA PRO DB 6 -109.42 -55.15 12.15
C PRO DB 6 -109.88 -55.02 13.59
N ASN DB 7 -111.13 -54.66 13.83
CA ASN DB 7 -111.62 -54.46 15.19
C ASN DB 7 -112.59 -55.58 15.56
N GLY DB 8 -112.84 -55.69 16.86
CA GLY DB 8 -113.80 -56.66 17.35
C GLY DB 8 -115.23 -56.22 17.08
N GLU DB 9 -115.61 -56.16 15.81
CA GLU DB 9 -116.93 -55.69 15.43
C GLU DB 9 -117.52 -56.61 14.37
N LYS DB 10 -118.80 -56.46 14.13
CA LYS DB 10 -119.45 -57.19 13.05
C LYS DB 10 -119.62 -56.30 11.85
N PRO DB 11 -119.20 -56.72 10.66
CA PRO DB 11 -119.53 -55.97 9.45
C PRO DB 11 -121.01 -56.09 9.13
N ASP DB 12 -121.53 -55.04 8.52
CA ASP DB 12 -122.94 -55.03 8.15
C ASP DB 12 -123.13 -55.90 6.92
N GLU DB 13 -124.36 -55.93 6.40
CA GLU DB 13 -124.73 -56.84 5.34
C GLU DB 13 -124.03 -56.58 4.02
N PHE DB 14 -123.39 -55.43 3.83
CA PHE DB 14 -122.86 -55.13 2.51
C PHE DB 14 -121.54 -55.83 2.24
N GLU DB 15 -120.49 -55.46 2.98
CA GLU DB 15 -119.20 -56.12 2.80
C GLU DB 15 -119.28 -57.57 3.23
N SER DB 16 -120.17 -57.88 4.17
CA SER DB 16 -120.56 -59.28 4.33
C SER DB 16 -121.20 -59.82 3.07
N GLY DB 17 -122.08 -59.05 2.45
CA GLY DB 17 -122.74 -59.52 1.25
C GLY DB 17 -121.86 -59.69 0.05
N ILE DB 18 -120.66 -59.10 0.06
CA ILE DB 18 -119.73 -59.38 -1.02
C ILE DB 18 -118.90 -60.58 -0.57
N SER DB 19 -118.84 -60.82 0.73
CA SER DB 19 -118.14 -62.00 1.21
C SER DB 19 -118.87 -63.26 0.81
N GLN DB 20 -120.18 -63.32 1.06
CA GLN DB 20 -120.96 -64.46 0.59
C GLN DB 20 -121.00 -64.52 -0.94
N ALA DB 21 -120.73 -63.39 -1.59
CA ALA DB 21 -120.53 -63.33 -3.03
C ALA DB 21 -119.09 -63.66 -3.43
N LEU DB 22 -118.22 -64.00 -2.47
CA LEU DB 22 -116.82 -64.25 -2.76
C LEU DB 22 -116.37 -65.65 -2.41
N LEU DB 23 -116.82 -66.23 -1.30
CA LEU DB 23 -116.45 -67.62 -1.03
C LEU DB 23 -117.23 -68.55 -1.95
N GLU DB 24 -118.30 -68.06 -2.56
CA GLU DB 24 -119.00 -68.85 -3.55
C GLU DB 24 -118.18 -69.04 -4.83
N LEU DB 25 -117.46 -68.01 -5.28
CA LEU DB 25 -116.53 -68.20 -6.38
C LEU DB 25 -115.25 -68.89 -5.92
N GLU DB 26 -115.02 -68.94 -4.61
CA GLU DB 26 -114.02 -69.84 -4.07
C GLU DB 26 -114.46 -71.29 -4.26
N MET DB 27 -115.76 -71.53 -4.44
CA MET DB 27 -116.23 -72.87 -4.74
C MET DB 27 -116.25 -73.12 -6.25
N ASN DB 28 -116.52 -72.08 -7.05
CA ASN DB 28 -116.79 -72.28 -8.46
C ASN DB 28 -115.60 -71.98 -9.37
N SER DB 29 -114.65 -71.15 -8.96
CA SER DB 29 -113.59 -70.75 -9.86
C SER DB 29 -112.44 -71.75 -9.85
N ASP DB 30 -111.56 -71.60 -10.83
CA ASP DB 30 -110.37 -72.45 -10.98
C ASP DB 30 -109.25 -72.08 -10.02
N LEU DB 31 -109.39 -70.98 -9.29
CA LEU DB 31 -108.36 -70.47 -8.39
C LEU DB 31 -108.74 -70.64 -6.93
N LYS DB 32 -109.47 -71.71 -6.60
CA LYS DB 32 -109.89 -71.93 -5.22
C LYS DB 32 -108.71 -72.18 -4.29
N ALA DB 33 -107.54 -72.53 -4.83
CA ALA DB 33 -106.34 -72.67 -4.02
C ALA DB 33 -105.59 -71.35 -3.89
N GLN DB 34 -105.80 -70.43 -4.83
CA GLN DB 34 -105.17 -69.11 -4.80
C GLN DB 34 -106.02 -68.08 -4.06
N LEU DB 35 -107.11 -68.49 -3.43
CA LEU DB 35 -107.98 -67.52 -2.78
C LEU DB 35 -108.33 -67.98 -1.36
N ARG DB 36 -108.18 -69.28 -1.10
CA ARG DB 36 -108.58 -69.82 0.20
C ARG DB 36 -107.79 -69.18 1.33
N GLU DB 37 -106.57 -68.73 1.06
CA GLU DB 37 -105.70 -68.14 2.07
C GLU DB 37 -105.78 -66.62 2.08
N LEU DB 38 -106.70 -66.01 1.34
CA LEU DB 38 -106.83 -64.56 1.27
C LEU DB 38 -108.10 -64.12 1.98
N ASN DB 39 -108.17 -62.82 2.29
CA ASN DB 39 -109.29 -62.26 3.04
C ASN DB 39 -109.37 -60.75 2.77
N ILE DB 40 -110.40 -60.11 3.31
CA ILE DB 40 -110.73 -58.72 3.01
C ILE DB 40 -110.98 -57.96 4.31
N THR DB 41 -110.48 -56.73 4.37
CA THR DB 41 -110.60 -55.91 5.58
C THR DB 41 -111.93 -55.19 5.67
N ALA DB 42 -112.30 -54.46 4.61
CA ALA DB 42 -113.51 -53.67 4.62
C ALA DB 42 -113.86 -53.30 3.19
N ALA DB 43 -115.10 -52.83 2.99
CA ALA DB 43 -115.57 -52.45 1.67
C ALA DB 43 -116.69 -51.44 1.80
N LYS DB 44 -116.58 -50.35 1.06
CA LYS DB 44 -117.58 -49.29 1.06
C LYS DB 44 -118.03 -49.02 -0.36
N GLU DB 45 -119.29 -48.59 -0.50
CA GLU DB 45 -119.92 -48.37 -1.79
C GLU DB 45 -120.31 -46.91 -1.87
N ILE DB 46 -119.72 -46.18 -2.81
CA ILE DB 46 -119.89 -44.73 -2.88
C ILE DB 46 -120.55 -44.37 -4.21
N GLU DB 47 -121.15 -43.17 -4.26
CA GLU DB 47 -121.81 -42.66 -5.45
C GLU DB 47 -120.83 -41.78 -6.21
N VAL DB 48 -120.58 -42.14 -7.47
CA VAL DB 48 -119.72 -41.38 -8.34
C VAL DB 48 -120.59 -40.58 -9.30
N GLY DB 49 -119.94 -39.69 -10.07
CA GLY DB 49 -120.62 -38.77 -10.98
C GLY DB 49 -121.65 -39.41 -11.88
N GLY DB 50 -122.76 -38.70 -12.10
CA GLY DB 50 -123.85 -39.22 -12.89
C GLY DB 50 -124.70 -40.19 -12.09
N GLY DB 51 -125.58 -40.90 -12.81
CA GLY DB 51 -126.36 -41.95 -12.19
C GLY DB 51 -125.60 -43.25 -12.14
N ARG DB 52 -124.41 -43.23 -11.52
CA ARG DB 52 -123.53 -44.38 -11.53
C ARG DB 52 -123.03 -44.65 -10.12
N LYS DB 53 -123.11 -45.92 -9.73
CA LYS DB 53 -122.67 -46.38 -8.43
C LYS DB 53 -121.23 -46.85 -8.51
N ALA DB 54 -120.58 -46.98 -7.36
CA ALA DB 54 -119.17 -47.36 -7.32
C ALA DB 54 -118.89 -48.08 -6.02
N ILE DB 55 -118.03 -49.09 -6.09
CA ILE DB 55 -117.71 -49.94 -4.95
C ILE DB 55 -116.20 -50.10 -4.86
N ILE DB 56 -115.65 -49.86 -3.67
CA ILE DB 56 -114.21 -49.99 -3.42
C ILE DB 56 -114.01 -51.09 -2.41
N ILE DB 57 -112.85 -51.74 -2.47
CA ILE DB 57 -112.51 -52.85 -1.59
C ILE DB 57 -111.20 -52.52 -0.91
N PHE DB 58 -111.16 -52.63 0.42
CA PHE DB 58 -109.92 -52.49 1.15
C PHE DB 58 -109.29 -53.84 1.42
N VAL DB 59 -107.99 -53.95 1.16
CA VAL DB 59 -107.26 -55.20 1.33
C VAL DB 59 -106.04 -54.94 2.23
N PRO DB 60 -105.57 -55.93 2.97
CA PRO DB 60 -104.35 -55.74 3.77
C PRO DB 60 -103.17 -55.38 2.88
N VAL DB 61 -102.28 -54.53 3.42
CA VAL DB 61 -101.08 -54.15 2.67
C VAL DB 61 -100.21 -55.35 2.31
N PRO DB 62 -99.92 -56.30 3.21
CA PRO DB 62 -99.11 -57.44 2.80
C PRO DB 62 -99.81 -58.34 1.79
N GLN DB 63 -101.14 -58.28 1.73
CA GLN DB 63 -101.92 -59.14 0.87
C GLN DB 63 -102.14 -58.57 -0.52
N LEU DB 64 -101.78 -57.31 -0.75
CA LEU DB 64 -102.11 -56.68 -2.03
C LEU DB 64 -101.33 -57.31 -3.17
N LYS DB 65 -100.06 -57.65 -2.96
CA LYS DB 65 -99.28 -58.26 -4.04
C LYS DB 65 -99.88 -59.60 -4.43
N SER DB 66 -100.58 -60.25 -3.50
CA SER DB 66 -101.31 -61.47 -3.85
C SER DB 66 -102.55 -61.16 -4.66
N PHE DB 67 -103.06 -59.93 -4.59
CA PHE DB 67 -104.27 -59.57 -5.32
C PHE DB 67 -103.98 -59.05 -6.72
N GLN DB 68 -102.89 -58.32 -6.91
CA GLN DB 68 -102.58 -57.78 -8.23
C GLN DB 68 -102.43 -58.87 -9.27
N LYS DB 69 -102.10 -60.09 -8.85
CA LYS DB 69 -101.95 -61.20 -9.77
C LYS DB 69 -103.25 -61.93 -10.05
N ILE DB 70 -104.34 -61.54 -9.39
CA ILE DB 70 -105.62 -62.23 -9.52
C ILE DB 70 -106.72 -61.22 -9.79
N GLN DB 71 -106.37 -59.93 -9.83
CA GLN DB 71 -107.39 -58.89 -9.84
C GLN DB 71 -108.11 -58.83 -11.17
N VAL DB 72 -107.39 -59.07 -12.28
CA VAL DB 72 -108.00 -59.08 -13.59
C VAL DB 72 -109.09 -60.16 -13.67
N ARG DB 73 -108.84 -61.30 -13.04
CA ARG DB 73 -109.87 -62.33 -12.98
C ARG DB 73 -110.83 -62.07 -11.84
N LEU DB 74 -110.47 -61.21 -10.90
CA LEU DB 74 -111.41 -60.87 -9.83
C LEU DB 74 -112.45 -59.87 -10.28
N VAL DB 75 -112.04 -58.79 -10.95
CA VAL DB 75 -112.98 -57.70 -11.22
C VAL DB 75 -114.03 -58.13 -12.24
N ARG DB 76 -113.70 -59.07 -13.12
CA ARG DB 76 -114.64 -59.39 -14.18
C ARG DB 76 -115.82 -60.20 -13.67
N GLU DB 77 -115.54 -61.24 -12.89
CA GLU DB 77 -116.62 -62.06 -12.34
C GLU DB 77 -117.44 -61.34 -11.28
N LEU DB 78 -116.97 -60.22 -10.76
CA LEU DB 78 -117.80 -59.41 -9.87
C LEU DB 78 -118.58 -58.34 -10.60
N GLU DB 79 -118.08 -57.83 -11.73
CA GLU DB 79 -118.89 -56.97 -12.58
C GLU DB 79 -120.08 -57.71 -13.16
N LYS DB 80 -120.06 -59.04 -13.13
CA LYS DB 80 -121.25 -59.85 -13.37
C LYS DB 80 -122.24 -59.77 -12.21
N LYS DB 81 -121.76 -59.50 -10.99
CA LYS DB 81 -122.59 -59.48 -9.80
C LYS DB 81 -123.16 -58.11 -9.49
N PHE DB 82 -122.47 -57.05 -9.92
CA PHE DB 82 -122.80 -55.67 -9.58
C PHE DB 82 -122.87 -54.84 -10.85
N SER DB 83 -123.64 -55.31 -11.83
CA SER DB 83 -123.69 -54.78 -13.18
C SER DB 83 -123.52 -53.26 -13.27
N GLY DB 84 -124.30 -52.51 -12.50
CA GLY DB 84 -124.21 -51.07 -12.56
C GLY DB 84 -123.18 -50.47 -11.62
N LYS DB 85 -122.12 -51.21 -11.33
CA LYS DB 85 -121.15 -50.78 -10.35
C LYS DB 85 -119.75 -51.18 -10.82
N HIS DB 86 -118.78 -50.34 -10.50
CA HIS DB 86 -117.37 -50.60 -10.77
C HIS DB 86 -116.65 -50.95 -9.48
N VAL DB 87 -115.94 -52.07 -9.48
CA VAL DB 87 -115.21 -52.53 -8.31
C VAL DB 87 -113.74 -52.18 -8.48
N VAL DB 88 -113.10 -51.82 -7.37
CA VAL DB 88 -111.67 -51.52 -7.36
C VAL DB 88 -111.09 -52.01 -6.04
N PHE DB 89 -109.83 -52.43 -6.08
CA PHE DB 89 -109.14 -52.94 -4.90
C PHE DB 89 -108.14 -51.91 -4.39
N ILE DB 90 -108.16 -51.66 -3.08
CA ILE DB 90 -107.36 -50.62 -2.44
C ILE DB 90 -106.64 -51.20 -1.23
N ALA DB 91 -105.37 -50.84 -1.07
CA ALA DB 91 -104.61 -51.26 0.10
C ALA DB 91 -105.11 -50.52 1.34
N GLN DB 92 -105.23 -51.25 2.45
CA GLN DB 92 -105.63 -50.65 3.72
C GLN DB 92 -104.36 -50.14 4.41
N ARG DB 93 -103.98 -48.90 4.10
CA ARG DB 93 -102.73 -48.32 4.58
C ARG DB 93 -103.02 -47.37 5.72
N ARG DB 94 -102.34 -47.57 6.84
CA ARG DB 94 -102.50 -46.68 7.98
C ARG DB 94 -101.62 -45.45 7.81
N ILE DB 95 -102.16 -44.29 8.12
CA ILE DB 95 -101.39 -43.05 8.16
C ILE DB 95 -101.19 -42.66 9.62
N LEU DB 96 -100.05 -42.09 9.92
CA LEU DB 96 -99.84 -41.56 11.25
C LEU DB 96 -99.69 -40.05 11.19
N PRO DB 97 -100.27 -39.32 12.14
CA PRO DB 97 -100.12 -37.87 12.14
C PRO DB 97 -98.66 -37.47 12.38
N LYS DB 98 -98.30 -36.32 11.84
CA LYS DB 98 -96.95 -35.83 12.01
C LYS DB 98 -96.72 -35.45 13.46
N PRO DB 99 -95.61 -35.85 14.07
CA PRO DB 99 -95.40 -35.57 15.49
C PRO DB 99 -95.23 -34.09 15.76
N THR DB 100 -96.19 -33.51 16.48
CA THR DB 100 -96.17 -32.10 16.82
C THR DB 100 -95.37 -31.91 18.11
N ARG DB 101 -95.42 -30.71 18.69
CA ARG DB 101 -94.67 -30.44 19.90
C ARG DB 101 -95.38 -30.98 21.15
N LYS DB 102 -96.71 -30.93 21.17
CA LYS DB 102 -97.44 -31.28 22.38
C LYS DB 102 -97.54 -32.79 22.54
N SER DB 103 -97.42 -33.54 21.45
CA SER DB 103 -97.43 -35.00 21.52
C SER DB 103 -96.67 -35.62 20.36
N LYS DB 108 -92.48 -43.01 22.11
CA LYS DB 108 -93.09 -43.15 20.78
C LYS DB 108 -92.03 -43.34 19.72
N GLN DB 109 -92.21 -44.35 18.87
CA GLN DB 109 -91.23 -44.70 17.86
C GLN DB 109 -91.25 -43.67 16.73
N LYS DB 110 -90.29 -43.77 15.82
CA LYS DB 110 -90.20 -42.84 14.72
C LYS DB 110 -91.23 -43.19 13.66
N ARG DB 111 -91.94 -42.17 13.18
CA ARG DB 111 -92.97 -42.37 12.17
C ARG DB 111 -92.32 -42.71 10.85
N PRO DB 112 -92.44 -43.94 10.35
CA PRO DB 112 -91.73 -44.30 9.12
C PRO DB 112 -92.30 -43.55 7.93
N ARG DB 113 -91.48 -43.35 6.93
CA ARG DB 113 -91.88 -42.54 5.78
C ARG DB 113 -92.78 -43.27 4.83
N SER DB 114 -93.26 -44.46 5.17
CA SER DB 114 -94.32 -45.10 4.41
C SER DB 114 -95.70 -44.82 4.98
N ARG DB 115 -95.78 -44.60 6.29
CA ARG DB 115 -97.03 -44.27 6.96
C ARG DB 115 -97.35 -42.79 6.89
N THR DB 116 -96.50 -41.99 6.27
CA THR DB 116 -96.79 -40.57 6.12
C THR DB 116 -97.82 -40.35 5.03
N LEU DB 117 -98.51 -39.21 5.11
CA LEU DB 117 -99.66 -38.96 4.24
C LEU DB 117 -99.27 -38.99 2.77
N THR DB 118 -98.25 -38.22 2.39
CA THR DB 118 -97.93 -38.09 0.97
C THR DB 118 -97.49 -39.42 0.37
N ALA DB 119 -96.84 -40.28 1.16
CA ALA DB 119 -96.45 -41.58 0.66
C ALA DB 119 -97.63 -42.55 0.62
N VAL DB 120 -98.74 -42.21 1.28
CA VAL DB 120 -99.93 -43.05 1.22
C VAL DB 120 -100.81 -42.66 0.04
N HIS DB 121 -101.00 -41.36 -0.17
CA HIS DB 121 -101.89 -40.89 -1.22
C HIS DB 121 -101.37 -41.28 -2.60
N ASP DB 122 -100.07 -41.13 -2.83
CA ASP DB 122 -99.52 -41.51 -4.12
C ASP DB 122 -99.51 -43.01 -4.32
N ALA DB 123 -99.57 -43.80 -3.25
CA ALA DB 123 -99.70 -45.24 -3.38
C ALA DB 123 -101.14 -45.67 -3.59
N ILE DB 124 -102.09 -44.96 -2.97
CA ILE DB 124 -103.49 -45.16 -3.26
C ILE DB 124 -103.75 -44.95 -4.75
N LEU DB 125 -103.20 -43.86 -5.30
CA LEU DB 125 -103.31 -43.57 -6.72
C LEU DB 125 -102.65 -44.64 -7.58
N GLU DB 126 -101.64 -45.33 -7.05
CA GLU DB 126 -100.95 -46.36 -7.79
C GLU DB 126 -101.74 -47.66 -7.83
N ASP DB 127 -102.60 -47.91 -6.84
CA ASP DB 127 -103.38 -49.14 -6.80
C ASP DB 127 -104.78 -48.98 -7.40
N LEU DB 128 -105.23 -47.75 -7.62
CA LEU DB 128 -106.51 -47.56 -8.31
C LEU DB 128 -106.44 -48.13 -9.73
N VAL DB 129 -105.55 -47.60 -10.56
CA VAL DB 129 -105.39 -48.15 -11.89
C VAL DB 129 -104.35 -49.27 -11.86
N PHE DB 130 -104.80 -50.48 -11.58
CA PHE DB 130 -103.92 -51.63 -11.39
C PHE DB 130 -103.28 -52.16 -12.67
N PRO DB 131 -103.98 -52.27 -13.82
CA PRO DB 131 -103.33 -52.93 -14.96
C PRO DB 131 -102.31 -52.01 -15.61
N SER DB 132 -102.66 -50.74 -15.72
CA SER DB 132 -101.82 -49.72 -16.32
C SER DB 132 -101.08 -48.98 -15.22
N GLU DB 133 -99.77 -48.99 -15.32
CA GLU DB 133 -98.94 -48.27 -14.36
C GLU DB 133 -98.87 -46.80 -14.76
N ILE DB 134 -98.83 -45.93 -13.74
CA ILE DB 134 -98.70 -44.50 -13.99
C ILE DB 134 -97.36 -44.21 -14.61
N VAL DB 135 -97.33 -43.30 -15.59
CA VAL DB 135 -96.11 -42.89 -16.25
C VAL DB 135 -95.74 -41.44 -16.00
N GLY DB 136 -96.60 -40.67 -15.34
CA GLY DB 136 -96.26 -39.30 -15.02
C GLY DB 136 -97.39 -38.64 -14.26
N LYS DB 137 -97.04 -37.57 -13.55
CA LYS DB 137 -98.00 -36.78 -12.80
C LYS DB 137 -97.78 -35.31 -13.10
N ARG DB 138 -98.86 -34.54 -13.09
CA ARG DB 138 -98.82 -33.11 -13.26
C ARG DB 138 -99.75 -32.50 -12.24
N ILE DB 139 -99.22 -31.64 -11.36
CA ILE DB 139 -100.04 -30.98 -10.35
C ILE DB 139 -100.33 -29.59 -10.89
N ARG DB 140 -101.46 -29.46 -11.57
CA ARG DB 140 -101.87 -28.17 -12.12
C ARG DB 140 -102.57 -27.38 -11.02
N VAL DB 141 -101.92 -26.34 -10.53
CA VAL DB 141 -102.56 -25.45 -9.57
C VAL DB 141 -103.61 -24.63 -10.28
N LYS DB 142 -104.70 -24.31 -9.58
CA LYS DB 142 -105.71 -23.41 -10.08
C LYS DB 142 -105.66 -22.09 -9.31
N LEU DB 143 -106.20 -21.04 -9.92
CA LEU DB 143 -106.04 -19.71 -9.36
C LEU DB 143 -106.86 -19.55 -8.08
N ASP DB 144 -107.95 -20.32 -7.94
CA ASP DB 144 -108.71 -20.35 -6.69
C ASP DB 144 -107.89 -20.90 -5.53
N GLY DB 145 -106.70 -21.42 -5.79
CA GLY DB 145 -105.82 -21.94 -4.77
C GLY DB 145 -105.77 -23.45 -4.75
N SER DB 146 -106.85 -24.10 -5.18
CA SER DB 146 -106.88 -25.55 -5.17
C SER DB 146 -106.04 -26.11 -6.31
N ARG DB 147 -105.58 -27.34 -6.12
CA ARG DB 147 -104.76 -28.03 -7.09
C ARG DB 147 -105.64 -28.90 -7.99
N LEU DB 148 -104.99 -29.55 -8.95
CA LEU DB 148 -105.67 -30.48 -9.84
C LEU DB 148 -104.60 -31.43 -10.37
N ILE DB 149 -104.55 -32.64 -9.81
CA ILE DB 149 -103.56 -33.60 -10.23
C ILE DB 149 -103.94 -34.21 -11.57
N LYS DB 150 -102.99 -34.22 -12.49
CA LYS DB 150 -103.17 -34.84 -13.79
C LYS DB 150 -102.28 -36.09 -13.83
N VAL DB 151 -102.91 -37.25 -13.97
CA VAL DB 151 -102.18 -38.52 -14.03
C VAL DB 151 -102.06 -38.93 -15.49
N HIS DB 152 -100.85 -39.29 -15.89
CA HIS DB 152 -100.63 -39.81 -17.23
C HIS DB 152 -100.57 -41.33 -17.19
N LEU DB 153 -101.37 -41.97 -18.04
CA LEU DB 153 -101.38 -43.43 -18.14
C LEU DB 153 -100.90 -43.83 -19.52
N ASP DB 154 -100.36 -45.04 -19.61
CA ASP DB 154 -99.76 -45.52 -20.85
C ASP DB 154 -100.84 -45.69 -21.93
N LYS DB 155 -100.43 -45.56 -23.19
CA LYS DB 155 -101.34 -45.86 -24.29
C LYS DB 155 -101.82 -47.30 -24.26
N ALA DB 156 -101.07 -48.19 -23.62
CA ALA DB 156 -101.51 -49.57 -23.46
C ALA DB 156 -102.64 -49.65 -22.45
N GLN DB 157 -103.62 -50.51 -22.73
CA GLN DB 157 -104.76 -50.77 -21.85
C GLN DB 157 -105.56 -49.48 -21.60
N GLN DB 158 -105.97 -48.86 -22.69
CA GLN DB 158 -106.85 -47.70 -22.59
C GLN DB 158 -108.30 -48.09 -22.39
N ASN DB 159 -108.89 -48.77 -23.37
CA ASN DB 159 -110.30 -49.10 -23.39
C ASN DB 159 -110.71 -49.87 -22.15
N ASN DB 160 -109.82 -50.71 -21.64
CA ASN DB 160 -110.08 -51.41 -20.39
C ASN DB 160 -110.31 -50.44 -19.25
N VAL DB 161 -109.59 -49.32 -19.25
CA VAL DB 161 -109.62 -48.37 -18.15
C VAL DB 161 -110.26 -47.03 -18.51
N GLU DB 162 -110.40 -46.72 -19.80
CA GLU DB 162 -110.96 -45.43 -20.17
C GLU DB 162 -112.41 -45.30 -19.72
N HIS DB 163 -113.11 -46.42 -19.61
CA HIS DB 163 -114.46 -46.44 -19.08
C HIS DB 163 -114.47 -46.53 -17.56
N LYS DB 164 -113.31 -46.33 -16.92
CA LYS DB 164 -113.23 -46.25 -15.48
C LYS DB 164 -112.63 -44.94 -15.00
N VAL DB 165 -112.26 -44.04 -15.91
CA VAL DB 165 -111.62 -42.79 -15.51
C VAL DB 165 -112.60 -41.91 -14.75
N GLU DB 166 -113.88 -41.96 -15.14
CA GLU DB 166 -114.90 -41.22 -14.40
C GLU DB 166 -115.10 -41.78 -13.01
N THR DB 167 -114.88 -43.09 -12.84
CA THR DB 167 -114.99 -43.70 -11.53
C THR DB 167 -113.77 -43.40 -10.68
N PHE DB 168 -112.58 -43.45 -11.29
CA PHE DB 168 -111.35 -43.20 -10.55
C PHE DB 168 -111.34 -41.80 -9.94
N SER DB 169 -111.91 -40.82 -10.64
CA SER DB 169 -111.87 -39.45 -10.15
C SER DB 169 -112.70 -39.26 -8.90
N GLY DB 170 -113.71 -40.09 -8.69
CA GLY DB 170 -114.58 -39.92 -7.55
C GLY DB 170 -114.11 -40.65 -6.31
N VAL DB 171 -113.53 -41.84 -6.52
CA VAL DB 171 -113.05 -42.63 -5.39
C VAL DB 171 -111.81 -41.98 -4.79
N TYR DB 172 -110.93 -41.44 -5.63
CA TYR DB 172 -109.79 -40.68 -5.12
C TYR DB 172 -110.24 -39.40 -4.43
N LYS DB 173 -111.44 -38.91 -4.78
CA LYS DB 173 -112.00 -37.75 -4.10
C LYS DB 173 -112.66 -38.12 -2.78
N LYS DB 174 -113.23 -39.31 -2.68
CA LYS DB 174 -113.85 -39.74 -1.43
C LYS DB 174 -112.84 -40.25 -0.42
N LEU DB 175 -111.71 -40.78 -0.88
CA LEU DB 175 -110.67 -41.30 0.01
C LEU DB 175 -109.71 -40.21 0.46
N THR DB 176 -109.28 -39.35 -0.45
CA THR DB 176 -108.33 -38.29 -0.15
C THR DB 176 -108.95 -36.91 -0.16
N GLY DB 177 -109.78 -36.60 -1.15
CA GLY DB 177 -110.34 -35.27 -1.27
C GLY DB 177 -109.53 -34.39 -2.19
N LYS DB 178 -109.10 -34.94 -3.32
CA LYS DB 178 -108.22 -34.26 -4.25
C LYS DB 178 -108.77 -34.38 -5.66
N ASP DB 179 -108.85 -33.25 -6.36
CA ASP DB 179 -109.36 -33.23 -7.73
C ASP DB 179 -108.31 -33.84 -8.66
N VAL DB 180 -108.64 -34.96 -9.29
CA VAL DB 180 -107.72 -35.66 -10.17
C VAL DB 180 -108.41 -35.95 -11.50
N ASN DB 181 -107.66 -35.80 -12.59
CA ASN DB 181 -108.11 -36.16 -13.93
C ASN DB 181 -107.01 -36.91 -14.65
N PHE DB 182 -107.40 -37.85 -15.50
CA PHE DB 182 -106.47 -38.76 -16.14
C PHE DB 182 -106.39 -38.47 -17.63
N GLU DB 183 -105.18 -38.49 -18.15
CA GLU DB 183 -104.89 -38.22 -19.56
C GLU DB 183 -104.11 -39.40 -20.12
N PHE DB 184 -103.87 -39.38 -21.43
CA PHE DB 184 -103.13 -40.46 -22.10
C PHE DB 184 -102.15 -39.88 -23.11
N PRO DB 185 -100.90 -39.69 -22.72
CA PRO DB 185 -99.89 -39.19 -23.64
C PRO DB 185 -99.39 -40.31 -24.56
N GLU DB 186 -98.84 -39.89 -25.70
CA GLU DB 186 -98.12 -40.80 -26.58
C GLU DB 186 -96.73 -40.23 -26.84
N PHE DB 187 -96.41 -39.14 -26.16
CA PHE DB 187 -95.12 -38.48 -26.35
C PHE DB 187 -93.96 -39.35 -25.90
N GLN DB 188 -94.19 -40.19 -24.88
CA GLN DB 188 -93.16 -41.04 -24.29
C GLN DB 188 -93.33 -42.49 -24.70
N LEU DB 189 -94.55 -43.00 -24.67
CA LEU DB 189 -94.82 -44.41 -24.88
C LEU DB 189 -96.29 -44.63 -25.23
N GLY EB 1 -52.80 -6.72 57.21
CA GLY EB 1 -52.37 -8.00 57.73
C GLY EB 1 -52.68 -9.11 56.75
N ILE EB 2 -52.47 -10.35 57.18
CA ILE EB 2 -52.73 -11.48 56.31
C ILE EB 2 -54.20 -11.50 55.93
N SER EB 3 -54.47 -11.44 54.64
CA SER EB 3 -55.83 -11.37 54.14
C SER EB 3 -56.14 -12.64 53.35
N ARG EB 4 -57.43 -12.97 53.29
CA ARG EB 4 -57.90 -14.14 52.58
C ARG EB 4 -58.87 -13.68 51.49
N ASP EB 5 -58.29 -13.26 50.38
CA ASP EB 5 -59.04 -12.66 49.28
C ASP EB 5 -58.90 -13.51 48.03
N ASN EB 6 -59.77 -13.26 47.07
CA ASN EB 6 -59.72 -13.99 45.81
C ASN EB 6 -58.98 -13.23 44.72
N TRP EB 7 -58.90 -11.91 44.83
CA TRP EB 7 -58.36 -11.10 43.75
C TRP EB 7 -56.85 -11.02 43.75
N HIS EB 8 -56.19 -11.53 44.78
CA HIS EB 8 -54.73 -11.47 44.78
C HIS EB 8 -54.10 -12.59 43.99
N LYS EB 9 -54.89 -13.48 43.41
CA LYS EB 9 -54.35 -14.63 42.71
C LYS EB 9 -54.88 -14.67 41.29
N ARG EB 10 -54.31 -15.58 40.48
CA ARG EB 10 -54.51 -15.56 39.05
C ARG EB 10 -55.93 -15.95 38.67
N ARG EB 11 -56.28 -15.65 37.43
CA ARG EB 11 -57.60 -15.97 36.90
C ARG EB 11 -57.62 -17.42 36.43
N LYS EB 12 -58.78 -17.87 35.96
CA LYS EB 12 -58.90 -19.25 35.48
C LYS EB 12 -58.02 -19.49 34.27
N THR EB 13 -57.89 -18.51 33.40
CA THR EB 13 -57.06 -18.66 32.21
C THR EB 13 -55.58 -18.63 32.55
N GLY EB 14 -55.21 -18.08 33.69
CA GLY EB 14 -53.82 -17.87 34.03
C GLY EB 14 -53.38 -16.44 33.98
N GLY EB 15 -54.22 -15.52 33.50
CA GLY EB 15 -53.85 -14.13 33.49
C GLY EB 15 -53.78 -13.55 34.90
N LYS EB 16 -52.97 -12.53 35.04
CA LYS EB 16 -52.74 -11.91 36.34
C LYS EB 16 -53.77 -10.82 36.56
N ARG EB 17 -54.42 -10.84 37.72
CA ARG EB 17 -55.31 -9.75 38.09
C ARG EB 17 -54.50 -8.53 38.50
N LYS EB 18 -55.13 -7.37 38.40
CA LYS EB 18 -54.54 -6.14 38.91
C LYS EB 18 -55.45 -5.59 40.01
N PRO EB 19 -54.96 -5.41 41.22
CA PRO EB 19 -55.83 -5.01 42.32
C PRO EB 19 -56.38 -3.61 42.11
N TYR EB 20 -57.70 -3.48 42.26
CA TYR EB 20 -58.36 -2.19 42.08
C TYR EB 20 -58.71 -1.53 43.40
N HIS EB 21 -58.54 -2.21 44.53
CA HIS EB 21 -58.76 -1.60 45.82
C HIS EB 21 -57.82 -2.22 46.83
N LYS EB 22 -57.36 -1.42 47.78
CA LYS EB 22 -56.44 -1.91 48.79
C LYS EB 22 -57.12 -2.94 49.69
N LYS EB 23 -56.33 -3.52 50.59
CA LYS EB 23 -56.83 -4.57 51.47
C LYS EB 23 -57.99 -4.06 52.32
N ARG EB 24 -59.05 -4.85 52.38
CA ARG EB 24 -60.24 -4.50 53.11
C ARG EB 24 -60.26 -5.17 54.47
N LYS EB 25 -61.07 -4.60 55.36
CA LYS EB 25 -61.12 -5.10 56.73
C LYS EB 25 -61.87 -6.41 56.82
N TYR EB 26 -62.93 -6.58 56.03
CA TYR EB 26 -63.72 -7.79 56.13
C TYR EB 26 -63.03 -8.99 55.52
N GLU EB 27 -61.94 -8.80 54.77
CA GLU EB 27 -61.17 -9.90 54.21
C GLU EB 27 -60.02 -10.30 55.13
N LEU EB 28 -60.21 -10.12 56.44
CA LEU EB 28 -59.16 -10.32 57.42
C LEU EB 28 -58.86 -11.80 57.59
N GLY EB 29 -57.61 -12.08 57.98
CA GLY EB 29 -57.21 -13.40 58.43
C GLY EB 29 -56.35 -13.27 59.66
N ARG EB 30 -56.45 -14.22 60.59
CA ARG EB 30 -55.71 -14.17 61.83
C ARG EB 30 -54.65 -15.25 61.88
N PRO EB 31 -53.64 -15.11 62.75
CA PRO EB 31 -52.70 -16.21 62.94
C PRO EB 31 -53.40 -17.43 63.51
N ALA EB 32 -52.89 -18.60 63.14
CA ALA EB 32 -53.51 -19.84 63.58
C ALA EB 32 -53.34 -20.02 65.07
N ALA EB 33 -54.29 -20.75 65.67
CA ALA EB 33 -54.23 -20.99 67.11
C ALA EB 33 -53.12 -21.98 67.45
N ASN EB 34 -53.08 -23.11 66.75
CA ASN EB 34 -52.13 -24.18 67.00
C ASN EB 34 -52.18 -24.62 68.47
N THR EB 35 -53.36 -25.05 68.89
CA THR EB 35 -53.54 -25.40 70.29
C THR EB 35 -52.78 -26.69 70.61
N LYS EB 36 -52.28 -26.76 71.82
CA LYS EB 36 -51.48 -27.88 72.28
C LYS EB 36 -52.19 -28.57 73.43
N ILE EB 37 -51.51 -29.53 74.05
CA ILE EB 37 -52.03 -30.24 75.21
C ILE EB 37 -51.37 -29.68 76.45
N GLY EB 38 -52.19 -29.37 77.46
CA GLY EB 38 -51.69 -28.82 78.69
C GLY EB 38 -52.78 -28.12 79.47
N PRO EB 39 -52.40 -27.37 80.50
CA PRO EB 39 -53.41 -26.65 81.30
C PRO EB 39 -54.17 -25.65 80.45
N ARG EB 40 -55.46 -25.52 80.73
CA ARG EB 40 -56.36 -24.74 79.89
C ARG EB 40 -55.91 -23.29 79.79
N ARG EB 41 -55.76 -22.82 78.55
CA ARG EB 41 -55.41 -21.43 78.27
C ARG EB 41 -56.16 -21.02 77.01
N ILE EB 42 -57.15 -20.15 77.16
CA ILE EB 42 -58.03 -19.73 76.08
C ILE EB 42 -58.07 -18.22 76.02
N HIS EB 43 -57.78 -17.66 74.85
CA HIS EB 43 -57.87 -16.24 74.60
C HIS EB 43 -59.07 -15.98 73.70
N THR EB 44 -59.96 -15.11 74.14
CA THR EB 44 -61.11 -14.74 73.32
C THR EB 44 -60.74 -13.56 72.43
N VAL EB 45 -61.20 -13.61 71.19
CA VAL EB 45 -60.94 -12.54 70.23
C VAL EB 45 -62.28 -11.98 69.75
N ARG EB 46 -62.33 -10.67 69.57
CA ARG EB 46 -63.50 -10.05 68.97
C ARG EB 46 -63.47 -10.22 67.46
N VAL EB 47 -64.63 -10.55 66.89
CA VAL EB 47 -64.76 -10.87 65.48
C VAL EB 47 -65.83 -9.99 64.87
N ARG EB 48 -66.11 -10.22 63.60
CA ARG EB 48 -67.06 -9.42 62.83
C ARG EB 48 -68.43 -9.45 63.49
N GLY EB 49 -68.96 -8.28 63.82
CA GLY EB 49 -70.26 -8.17 64.44
C GLY EB 49 -70.24 -8.06 65.96
N GLY EB 50 -69.08 -7.80 66.56
CA GLY EB 50 -69.01 -7.69 68.00
C GLY EB 50 -69.22 -8.99 68.73
N ASN EB 51 -68.91 -10.11 68.11
CA ASN EB 51 -69.02 -11.41 68.74
C ASN EB 51 -67.63 -11.89 69.18
N LYS EB 52 -67.56 -13.12 69.66
CA LYS EB 52 -66.31 -13.65 70.19
C LYS EB 52 -66.03 -15.03 69.63
N LYS EB 53 -64.77 -15.27 69.29
CA LYS EB 53 -64.26 -16.61 69.03
C LYS EB 53 -63.30 -16.96 70.15
N TYR EB 54 -63.22 -18.24 70.48
CA TYR EB 54 -62.41 -18.71 71.59
C TYR EB 54 -61.18 -19.41 71.06
N ARG EB 55 -60.04 -18.74 71.13
CA ARG EB 55 -58.77 -19.31 70.68
C ARG EB 55 -58.22 -20.20 71.78
N ALA EB 56 -58.59 -21.47 71.74
CA ALA EB 56 -57.93 -22.43 72.61
C ALA EB 56 -56.45 -22.49 72.24
N LEU EB 57 -55.59 -22.24 73.22
CA LEU EB 57 -54.16 -22.38 73.02
C LEU EB 57 -53.58 -23.62 73.68
N ARG EB 58 -54.12 -24.03 74.82
CA ARG EB 58 -53.71 -25.27 75.46
C ARG EB 58 -54.94 -25.90 76.07
N LEU EB 59 -55.16 -27.18 75.79
CA LEU EB 59 -56.32 -27.90 76.29
C LEU EB 59 -55.90 -29.25 76.84
N ASP EB 60 -56.54 -29.66 77.93
CA ASP EB 60 -56.26 -30.94 78.55
C ASP EB 60 -57.48 -31.85 78.61
N VAL EB 61 -58.66 -31.31 78.81
CA VAL EB 61 -59.87 -32.11 78.93
C VAL EB 61 -60.75 -31.87 77.72
N GLY EB 62 -61.62 -32.84 77.46
CA GLY EB 62 -62.53 -32.75 76.34
C GLY EB 62 -63.74 -33.63 76.51
N ASN EB 63 -64.90 -33.16 76.03
CA ASN EB 63 -66.15 -33.89 76.20
C ASN EB 63 -66.32 -34.83 75.01
N PHE EB 64 -65.86 -36.06 75.19
CA PHE EB 64 -65.95 -37.08 74.16
C PHE EB 64 -67.13 -38.00 74.39
N SER EB 65 -67.64 -38.56 73.31
CA SER EB 65 -68.85 -39.36 73.35
C SER EB 65 -68.56 -40.78 72.87
N TRP EB 66 -69.30 -41.72 73.43
CA TRP EB 66 -69.22 -43.13 73.07
C TRP EB 66 -70.50 -43.46 72.32
N GLY EB 67 -70.40 -43.57 71.01
CA GLY EB 67 -71.56 -43.72 70.14
C GLY EB 67 -72.46 -44.88 70.44
N SER EB 68 -71.93 -46.10 70.41
CA SER EB 68 -72.75 -47.28 70.59
C SER EB 68 -73.43 -47.28 71.96
N GLU EB 69 -72.71 -46.86 72.99
CA GLU EB 69 -73.23 -46.87 74.34
C GLU EB 69 -74.09 -45.65 74.65
N CYS EB 70 -74.15 -44.67 73.75
CA CYS EB 70 -74.90 -43.45 73.95
C CYS EB 70 -74.48 -42.76 75.25
N CYS EB 71 -73.18 -42.76 75.49
CA CYS EB 71 -72.61 -42.19 76.70
C CYS EB 71 -71.54 -41.19 76.33
N THR EB 72 -71.37 -40.19 77.19
CA THR EB 72 -70.31 -39.20 77.02
C THR EB 72 -69.90 -38.65 78.37
N ARG EB 73 -68.61 -38.53 78.57
CA ARG EB 73 -68.04 -38.00 79.80
C ARG EB 73 -66.86 -37.10 79.46
N LYS EB 74 -66.69 -36.04 80.25
CA LYS EB 74 -65.57 -35.13 80.05
C LYS EB 74 -64.32 -35.80 80.61
N THR EB 75 -63.51 -36.35 79.72
CA THR EB 75 -62.26 -37.00 80.08
C THR EB 75 -61.09 -36.10 79.73
N ARG EB 76 -59.89 -36.58 80.03
CA ARG EB 76 -58.66 -35.84 79.77
C ARG EB 76 -57.95 -36.43 78.56
N ILE EB 77 -57.45 -35.56 77.69
CA ILE EB 77 -56.74 -35.99 76.49
C ILE EB 77 -55.32 -36.38 76.86
N ILE EB 78 -54.82 -37.42 76.22
CA ILE EB 78 -53.51 -37.98 76.53
C ILE EB 78 -52.47 -37.61 75.49
N ASP EB 79 -52.68 -38.04 74.25
CA ASP EB 79 -51.69 -37.83 73.19
C ASP EB 79 -52.40 -37.66 71.86
N VAL EB 80 -51.65 -37.25 70.85
CA VAL EB 80 -52.14 -37.12 69.49
C VAL EB 80 -51.41 -38.16 68.65
N VAL EB 81 -52.16 -39.05 68.01
CA VAL EB 81 -51.55 -40.23 67.42
C VAL EB 81 -51.51 -40.15 65.90
N TYR EB 82 -52.51 -39.50 65.29
CA TYR EB 82 -52.63 -39.50 63.85
C TYR EB 82 -53.28 -38.21 63.37
N ASN EB 83 -52.86 -37.76 62.19
CA ASN EB 83 -53.44 -36.57 61.58
C ASN EB 83 -53.38 -36.77 60.07
N ALA EB 84 -54.55 -36.74 59.42
CA ALA EB 84 -54.61 -37.00 58.00
C ALA EB 84 -53.96 -35.88 57.20
N SER EB 85 -54.18 -34.64 57.63
CA SER EB 85 -53.72 -33.46 56.89
C SER EB 85 -52.21 -33.38 56.84
N ASN EB 86 -51.58 -33.23 57.99
CA ASN EB 86 -50.16 -32.95 58.07
C ASN EB 86 -49.50 -33.87 59.08
N ASN EB 87 -48.45 -34.57 58.65
CA ASN EB 87 -47.72 -35.48 59.51
C ASN EB 87 -46.95 -34.75 60.59
N GLU EB 88 -46.76 -33.45 60.47
CA GLU EB 88 -46.00 -32.69 61.45
C GLU EB 88 -46.85 -32.20 62.61
N LEU EB 89 -48.15 -32.42 62.56
CA LEU EB 89 -49.04 -32.01 63.63
C LEU EB 89 -49.16 -33.05 64.73
N VAL EB 90 -48.68 -34.26 64.51
CA VAL EB 90 -48.63 -35.26 65.57
C VAL EB 90 -47.30 -35.21 66.28
N ARG EB 91 -46.23 -34.84 65.58
CA ARG EB 91 -44.94 -34.64 66.23
C ARG EB 91 -45.02 -33.49 67.22
N THR EB 92 -45.28 -32.29 66.74
CA THR EB 92 -45.66 -31.17 67.60
C THR EB 92 -47.13 -31.37 67.90
N LYS EB 93 -47.41 -31.97 69.05
CA LYS EB 93 -48.77 -32.38 69.39
C LYS EB 93 -49.72 -31.20 69.37
N THR EB 94 -50.59 -31.16 68.36
CA THR EB 94 -51.53 -30.07 68.15
C THR EB 94 -52.91 -30.64 67.88
N LEU EB 95 -53.91 -30.08 68.54
CA LEU EB 95 -55.28 -30.54 68.42
C LEU EB 95 -56.00 -29.69 67.38
N VAL EB 96 -56.40 -30.32 66.28
CA VAL EB 96 -57.29 -29.69 65.32
C VAL EB 96 -58.36 -30.70 64.96
N LYS EB 97 -59.43 -30.20 64.34
CA LYS EB 97 -60.58 -31.03 64.01
C LYS EB 97 -60.14 -32.26 63.21
N ASN EB 98 -60.81 -33.38 63.47
CA ASN EB 98 -60.52 -34.65 62.82
C ASN EB 98 -59.09 -35.09 63.09
N CYS EB 99 -58.75 -35.28 64.37
CA CYS EB 99 -57.45 -35.79 64.76
C CYS EB 99 -57.64 -36.95 65.73
N ILE EB 100 -56.84 -38.00 65.56
CA ILE EB 100 -56.92 -39.20 66.38
C ILE EB 100 -56.13 -38.93 67.66
N VAL EB 101 -56.83 -38.80 68.77
CA VAL EB 101 -56.20 -38.56 70.06
C VAL EB 101 -56.40 -39.77 70.95
N LEU EB 102 -55.68 -39.78 72.06
CA LEU EB 102 -55.87 -40.77 73.11
C LEU EB 102 -56.49 -40.08 74.31
N ILE EB 103 -57.49 -40.74 74.91
CA ILE EB 103 -58.14 -40.23 76.10
C ILE EB 103 -58.16 -41.35 77.14
N ASP EB 104 -58.30 -40.94 78.40
CA ASP EB 104 -58.34 -41.92 79.47
C ASP EB 104 -59.64 -42.70 79.43
N SER EB 105 -59.56 -43.99 79.74
CA SER EB 105 -60.73 -44.85 79.70
C SER EB 105 -61.54 -44.84 80.99
N THR EB 106 -60.94 -44.38 82.09
CA THR EB 106 -61.60 -44.51 83.40
C THR EB 106 -62.96 -43.84 83.48
N PRO EB 107 -63.22 -42.65 82.92
CA PRO EB 107 -64.58 -42.11 83.01
C PRO EB 107 -65.61 -42.92 82.25
N TYR EB 108 -65.16 -43.83 81.38
CA TYR EB 108 -66.07 -44.72 80.68
C TYR EB 108 -66.13 -46.11 81.28
N ARG EB 109 -64.98 -46.66 81.69
CA ARG EB 109 -64.99 -47.97 82.33
C ARG EB 109 -65.84 -47.95 83.59
N GLN EB 110 -65.74 -46.89 84.39
CA GLN EB 110 -66.55 -46.81 85.60
C GLN EB 110 -68.02 -46.63 85.29
N TRP EB 111 -68.36 -46.17 84.07
CA TRP EB 111 -69.76 -46.10 83.68
C TRP EB 111 -70.27 -47.46 83.22
N TYR EB 112 -69.51 -48.12 82.35
CA TYR EB 112 -69.90 -49.43 81.86
C TYR EB 112 -69.95 -50.46 82.97
N GLU EB 113 -69.19 -50.26 84.04
CA GLU EB 113 -69.21 -51.16 85.19
C GLU EB 113 -70.21 -50.70 86.23
N SER EB 114 -70.99 -49.68 85.93
CA SER EB 114 -72.04 -49.20 86.81
C SER EB 114 -73.37 -49.39 86.12
N HIS EB 115 -73.34 -49.50 84.80
CA HIS EB 115 -74.54 -49.78 84.01
C HIS EB 115 -74.68 -51.27 83.73
N TYR EB 116 -73.56 -51.97 83.55
CA TYR EB 116 -73.56 -53.41 83.31
C TYR EB 116 -72.88 -54.20 84.41
N ALA EB 117 -71.99 -53.57 85.18
CA ALA EB 117 -71.27 -54.19 86.29
C ALA EB 117 -70.62 -55.50 85.87
N LEU EB 118 -69.64 -55.38 84.98
CA LEU EB 118 -68.90 -56.52 84.46
C LEU EB 118 -67.41 -56.23 84.55
N PRO EB 119 -66.57 -57.26 84.48
CA PRO EB 119 -65.12 -57.02 84.55
C PRO EB 119 -64.55 -56.42 83.27
N LEU EB 120 -64.68 -55.10 83.13
CA LEU EB 120 -64.12 -54.38 82.00
C LEU EB 120 -62.69 -53.99 82.32
N GLY EB 121 -61.76 -54.40 81.48
CA GLY EB 121 -60.36 -54.21 81.80
C GLY EB 121 -59.97 -55.20 82.89
N ARG EB 122 -59.13 -54.73 83.82
CA ARG EB 122 -58.78 -55.51 85.00
C ARG EB 122 -58.18 -56.86 84.64
N LYS EB 123 -56.98 -56.85 84.05
CA LYS EB 123 -56.29 -58.07 83.66
C LYS EB 123 -56.23 -59.07 84.82
N LYS EB 124 -56.51 -60.34 84.51
CA LYS EB 124 -56.67 -61.36 85.55
C LYS EB 124 -55.40 -61.54 86.36
N GLY EB 125 -55.57 -61.77 87.66
CA GLY EB 125 -54.45 -62.00 88.56
C GLY EB 125 -54.39 -60.99 89.67
N ALA EB 126 -55.11 -59.89 89.50
CA ALA EB 126 -55.13 -58.81 90.48
C ALA EB 126 -56.57 -58.35 90.65
N LYS EB 127 -56.97 -58.04 91.88
CA LYS EB 127 -58.34 -57.71 92.19
C LYS EB 127 -58.39 -56.33 92.84
N LEU EB 128 -59.58 -55.71 92.79
CA LEU EB 128 -59.79 -54.39 93.39
C LEU EB 128 -59.51 -54.39 94.89
N THR EB 129 -58.64 -53.48 95.33
CA THR EB 129 -58.33 -53.34 96.74
C THR EB 129 -59.29 -52.43 97.52
N PRO EB 130 -59.72 -51.26 97.00
CA PRO EB 130 -60.60 -50.41 97.82
C PRO EB 130 -61.98 -51.01 98.06
N GLU EB 131 -62.43 -51.94 97.22
CA GLU EB 131 -63.69 -52.66 97.34
C GLU EB 131 -64.93 -51.82 96.99
N GLU EB 132 -64.74 -50.59 96.48
CA GLU EB 132 -65.88 -49.80 96.04
C GLU EB 132 -66.52 -50.36 94.77
N GLU EB 133 -65.72 -50.74 93.78
CA GLU EB 133 -66.31 -51.35 92.59
C GLU EB 133 -66.89 -52.73 92.90
N GLU EB 134 -66.40 -53.36 93.98
CA GLU EB 134 -67.07 -54.56 94.47
C GLU EB 134 -68.49 -54.24 94.95
N ILE EB 135 -68.68 -53.05 95.51
CA ILE EB 135 -70.04 -52.62 95.86
C ILE EB 135 -70.89 -52.53 94.61
N LEU EB 136 -70.27 -52.22 93.47
CA LEU EB 136 -71.00 -52.17 92.20
C LEU EB 136 -71.30 -53.54 91.63
N ASN EB 137 -70.73 -54.61 92.20
CA ASN EB 137 -70.92 -55.94 91.61
C ASN EB 137 -72.09 -56.68 92.25
N LYS EB 138 -72.35 -56.44 93.53
CA LYS EB 138 -73.30 -57.26 94.27
C LYS EB 138 -74.36 -56.46 95.02
N LYS EB 139 -75.08 -57.15 95.91
CA LYS EB 139 -76.11 -56.60 96.82
C LYS EB 139 -77.19 -55.82 96.07
N ARG EB 140 -77.67 -56.40 94.98
CA ARG EB 140 -78.81 -55.86 94.26
C ARG EB 140 -80.09 -56.55 94.74
N SER EB 141 -81.20 -55.84 94.62
CA SER EB 141 -82.49 -56.42 94.93
C SER EB 141 -82.88 -57.42 93.85
N LYS EB 142 -83.76 -58.35 94.21
CA LYS EB 142 -84.17 -59.37 93.25
C LYS EB 142 -85.00 -58.76 92.13
N LYS EB 143 -85.80 -57.75 92.45
CA LYS EB 143 -86.59 -57.09 91.41
C LYS EB 143 -85.70 -56.32 90.44
N ILE EB 144 -84.69 -55.63 90.96
CA ILE EB 144 -83.81 -54.88 90.08
C ILE EB 144 -82.81 -55.79 89.37
N GLN EB 145 -82.60 -57.00 89.88
CA GLN EB 145 -81.66 -57.92 89.26
C GLN EB 145 -82.10 -58.31 87.86
N LYS EB 146 -83.39 -58.57 87.68
CA LYS EB 146 -83.89 -59.09 86.39
C LYS EB 146 -83.85 -58.02 85.32
N LYS EB 147 -83.95 -56.74 85.70
CA LYS EB 147 -83.77 -55.71 84.68
C LYS EB 147 -82.30 -55.43 84.45
N TYR EB 148 -81.47 -55.69 85.46
CA TYR EB 148 -80.03 -55.50 85.30
C TYR EB 148 -79.38 -56.63 84.51
N ASP EB 149 -79.74 -57.89 84.79
CA ASP EB 149 -79.07 -58.99 84.10
C ASP EB 149 -79.54 -59.12 82.65
N GLU EB 150 -80.71 -58.57 82.31
CA GLU EB 150 -81.07 -58.49 80.90
C GLU EB 150 -80.29 -57.44 80.14
N ARG EB 151 -79.50 -56.62 80.83
CA ARG EB 151 -78.53 -55.78 80.15
C ARG EB 151 -77.33 -56.59 79.64
N LYS EB 152 -77.21 -57.85 80.05
CA LYS EB 152 -76.19 -58.73 79.49
C LYS EB 152 -76.50 -59.14 78.05
N LYS EB 153 -77.69 -58.82 77.55
CA LYS EB 153 -78.01 -59.12 76.16
C LYS EB 153 -77.11 -58.33 75.22
N ASN EB 154 -76.72 -57.12 75.61
CA ASN EB 154 -75.91 -56.24 74.79
C ASN EB 154 -74.67 -55.77 75.54
N ALA EB 155 -74.18 -56.56 76.47
CA ALA EB 155 -73.03 -56.19 77.26
C ALA EB 155 -71.72 -56.40 76.54
N LYS EB 156 -71.75 -57.07 75.38
CA LYS EB 156 -70.54 -57.31 74.63
C LYS EB 156 -70.06 -56.04 73.96
N ILE EB 157 -68.74 -55.92 73.84
CA ILE EB 157 -68.11 -54.85 73.08
C ILE EB 157 -67.05 -55.47 72.19
N SER EB 158 -66.62 -54.72 71.18
CA SER EB 158 -65.66 -55.24 70.22
C SER EB 158 -64.38 -55.67 70.90
N SER EB 159 -63.77 -56.73 70.37
CA SER EB 159 -62.46 -57.16 70.84
C SER EB 159 -61.44 -56.04 70.69
N LEU EB 160 -61.47 -55.33 69.56
CA LEU EB 160 -60.58 -54.21 69.37
C LEU EB 160 -60.85 -53.10 70.38
N LEU EB 161 -62.11 -52.94 70.79
CA LEU EB 161 -62.46 -51.86 71.69
C LEU EB 161 -62.07 -52.18 73.13
N GLU EB 162 -62.26 -53.42 73.55
CA GLU EB 162 -61.89 -53.79 74.91
C GLU EB 162 -60.39 -53.89 75.08
N GLU EB 163 -59.67 -54.17 73.99
CA GLU EB 163 -58.22 -54.33 74.08
C GLU EB 163 -57.57 -53.04 74.57
N GLN EB 164 -58.02 -51.90 74.04
CA GLN EB 164 -57.48 -50.63 74.51
C GLN EB 164 -58.04 -50.22 75.87
N PHE EB 165 -59.05 -50.92 76.37
CA PHE EB 165 -59.46 -50.73 77.76
C PHE EB 165 -58.47 -51.35 78.73
N GLN EB 166 -57.66 -52.30 78.26
CA GLN EB 166 -56.58 -52.82 79.09
C GLN EB 166 -55.57 -51.72 79.41
N GLN EB 167 -55.13 -50.99 78.39
CA GLN EB 167 -54.19 -49.90 78.60
C GLN EB 167 -54.84 -48.71 79.28
N GLY EB 168 -56.16 -48.58 79.23
CA GLY EB 168 -56.83 -47.44 79.79
C GLY EB 168 -56.85 -46.22 78.89
N LYS EB 169 -56.38 -46.34 77.66
CA LYS EB 169 -56.37 -45.25 76.70
C LYS EB 169 -57.25 -45.62 75.51
N LEU EB 170 -58.24 -44.79 75.21
CA LEU EB 170 -59.09 -44.99 74.05
C LEU EB 170 -58.71 -44.04 72.92
N LEU EB 171 -58.85 -44.52 71.69
CA LEU EB 171 -58.63 -43.69 70.51
C LEU EB 171 -59.90 -42.91 70.20
N ALA EB 172 -59.81 -41.60 70.26
CA ALA EB 172 -60.94 -40.73 69.98
C ALA EB 172 -60.58 -39.77 68.86
N CYS EB 173 -61.61 -39.30 68.17
CA CYS EB 173 -61.46 -38.35 67.08
C CYS EB 173 -62.06 -37.01 67.48
N ILE EB 174 -61.35 -35.94 67.20
CA ILE EB 174 -61.84 -34.60 67.53
C ILE EB 174 -62.88 -34.19 66.51
N ALA EB 175 -63.98 -33.62 66.99
CA ALA EB 175 -65.06 -33.17 66.12
C ALA EB 175 -65.30 -31.67 66.16
N SER EB 176 -64.91 -30.99 67.22
CA SER EB 176 -65.06 -29.55 67.31
C SER EB 176 -63.77 -28.89 66.87
N ARG EB 177 -63.89 -27.69 66.31
CA ARG EB 177 -62.74 -26.91 65.90
C ARG EB 177 -62.23 -26.09 67.08
N PRO EB 178 -61.14 -26.52 67.71
CA PRO EB 178 -60.76 -25.89 68.99
C PRO EB 178 -60.26 -24.47 68.83
N GLY EB 179 -59.64 -24.14 67.71
CA GLY EB 179 -59.18 -22.78 67.49
C GLY EB 179 -60.32 -21.81 67.26
N GLN EB 180 -61.54 -22.33 67.21
CA GLN EB 180 -62.72 -21.50 67.03
C GLN EB 180 -63.66 -21.58 68.22
N CYS EB 181 -63.98 -22.78 68.70
CA CYS EB 181 -64.95 -22.95 69.76
C CYS EB 181 -64.34 -22.95 71.14
N GLY EB 182 -63.02 -23.06 71.26
CA GLY EB 182 -62.38 -23.18 72.55
C GLY EB 182 -62.49 -24.55 73.18
N ARG EB 183 -63.46 -25.36 72.79
CA ARG EB 183 -63.61 -26.72 73.28
C ARG EB 183 -62.92 -27.69 72.33
N ALA EB 184 -62.60 -28.87 72.88
CA ALA EB 184 -62.04 -29.96 72.09
C ALA EB 184 -62.91 -31.19 72.34
N ASP EB 185 -63.99 -31.30 71.58
CA ASP EB 185 -64.95 -32.38 71.75
C ASP EB 185 -64.79 -33.39 70.63
N GLY EB 186 -65.50 -34.51 70.77
CA GLY EB 186 -65.43 -35.53 69.74
C GLY EB 186 -66.12 -36.80 70.17
N TYR EB 187 -65.73 -37.90 69.54
CA TYR EB 187 -66.35 -39.19 69.78
C TYR EB 187 -65.27 -40.25 69.88
N VAL EB 188 -65.66 -41.47 70.23
CA VAL EB 188 -64.75 -42.60 70.37
C VAL EB 188 -64.79 -43.41 69.09
N LEU EB 189 -63.62 -43.73 68.56
CA LEU EB 189 -63.55 -44.54 67.35
C LEU EB 189 -64.08 -45.94 67.61
N GLU EB 190 -64.82 -46.47 66.65
CA GLU EB 190 -65.42 -47.80 66.76
C GLU EB 190 -65.48 -48.44 65.40
N GLY EB 191 -65.65 -49.76 65.39
CA GLY EB 191 -65.91 -50.53 64.20
C GLY EB 191 -64.91 -50.34 63.08
N LYS EB 192 -65.41 -50.04 61.88
CA LYS EB 192 -64.55 -49.94 60.72
C LYS EB 192 -63.62 -48.74 60.84
N GLU EB 193 -64.14 -47.61 61.30
CA GLU EB 193 -63.33 -46.41 61.43
C GLU EB 193 -62.18 -46.62 62.40
N LEU EB 194 -62.45 -47.28 63.53
CA LEU EB 194 -61.38 -47.61 64.45
C LEU EB 194 -60.40 -48.59 63.82
N GLU EB 195 -60.92 -49.60 63.14
CA GLU EB 195 -60.06 -50.58 62.48
C GLU EB 195 -59.26 -49.95 61.36
N PHE EB 196 -59.78 -48.89 60.74
CA PHE EB 196 -59.05 -48.22 59.67
C PHE EB 196 -57.84 -47.48 60.21
N TYR EB 197 -58.03 -46.67 61.26
CA TYR EB 197 -56.93 -45.87 61.77
C TYR EB 197 -55.86 -46.73 62.41
N LEU EB 198 -56.23 -47.87 62.98
CA LEU EB 198 -55.22 -48.80 63.47
C LEU EB 198 -54.32 -49.29 62.35
N ARG EB 199 -54.89 -49.53 61.17
CA ARG EB 199 -54.07 -49.90 60.02
C ARG EB 199 -53.15 -48.77 59.61
N LYS EB 200 -53.61 -47.53 59.72
CA LYS EB 200 -52.77 -46.39 59.38
C LYS EB 200 -51.76 -46.10 60.49
N ILE EB 201 -52.05 -46.50 61.71
CA ILE EB 201 -51.13 -46.22 62.80
C ILE EB 201 -50.01 -47.23 62.85
N LYS EB 202 -50.31 -48.53 62.72
CA LYS EB 202 -49.27 -49.53 62.75
C LYS EB 202 -48.38 -49.45 61.52
N ALA EB 203 -48.95 -49.07 60.37
CA ALA EB 203 -48.15 -48.93 59.16
C ALA EB 203 -47.12 -47.80 59.30
N ARG EB 204 -47.33 -46.89 60.23
CA ARG EB 204 -46.34 -45.85 60.51
C ARG EB 204 -45.13 -46.41 61.26
N LYS EB 205 -45.31 -47.49 62.01
CA LYS EB 205 -44.20 -48.06 62.76
C LYS EB 205 -43.16 -48.67 61.83
N GLY EB 206 -43.57 -49.64 61.01
CA GLY EB 206 -42.66 -50.26 60.07
C GLY EB 206 -41.59 -51.12 60.72
N PRO FB 1 -74.22 18.65 44.13
CA PRO FB 1 -75.67 18.51 43.99
C PRO FB 1 -76.40 19.81 44.35
N VAL FB 2 -77.21 20.30 43.41
CA VAL FB 2 -77.96 21.53 43.58
C VAL FB 2 -79.40 21.25 43.19
N ALA FB 3 -80.31 22.05 43.71
CA ALA FB 3 -81.74 21.92 43.43
C ALA FB 3 -82.09 22.91 42.32
N ARG FB 4 -82.01 22.45 41.07
CA ARG FB 4 -82.33 23.28 39.92
C ARG FB 4 -82.60 22.36 38.73
N SER FB 5 -82.92 22.96 37.59
CA SER FB 5 -83.50 22.21 36.47
C SER FB 5 -82.45 21.68 35.49
N TRP FB 6 -81.70 22.57 34.86
CA TRP FB 6 -80.80 22.28 33.74
C TRP FB 6 -81.53 21.70 32.54
N VAL FB 7 -82.80 22.05 32.33
CA VAL FB 7 -83.58 21.55 31.21
C VAL FB 7 -83.80 22.73 30.27
N CYS FB 8 -82.95 22.85 29.25
CA CYS FB 8 -82.97 23.97 28.32
C CYS FB 8 -83.07 23.42 26.90
N ARG FB 9 -83.99 23.96 26.11
CA ARG FB 9 -84.16 23.58 24.72
C ARG FB 9 -83.97 24.81 23.84
N LYS FB 10 -83.48 24.60 22.63
CA LYS FB 10 -83.48 25.66 21.63
C LYS FB 10 -84.81 25.66 20.89
N THR FB 11 -85.25 26.83 20.45
CA THR FB 11 -86.56 26.98 19.84
C THR FB 11 -86.53 27.09 18.33
N TYR FB 12 -85.35 27.03 17.72
CA TYR FB 12 -85.24 27.25 16.29
C TYR FB 12 -84.09 26.43 15.74
N VAL FB 13 -83.99 26.40 14.42
CA VAL FB 13 -82.88 25.75 13.72
C VAL FB 13 -82.49 26.63 12.53
N THR FB 14 -81.21 26.94 12.43
CA THR FB 14 -80.73 27.71 11.29
C THR FB 14 -80.81 26.86 10.02
N PRO FB 15 -81.13 27.47 8.88
CA PRO FB 15 -81.26 26.70 7.66
C PRO FB 15 -79.91 26.20 7.17
N ARG FB 16 -79.95 25.16 6.36
CA ARG FB 16 -78.71 24.55 5.85
C ARG FB 16 -77.97 25.51 4.94
N ARG FB 17 -78.59 25.93 3.86
CA ARG FB 17 -77.96 26.86 2.93
C ARG FB 17 -78.08 28.28 3.47
N PRO FB 18 -76.98 28.97 3.68
CA PRO FB 18 -77.05 30.28 4.32
C PRO FB 18 -77.42 31.40 3.37
N PHE FB 19 -77.15 31.22 2.08
CA PHE FB 19 -77.33 32.28 1.10
C PHE FB 19 -78.10 31.78 -0.11
N GLU FB 20 -79.18 31.05 0.14
CA GLU FB 20 -80.13 30.70 -0.90
C GLU FB 20 -81.08 31.88 -1.07
N LYS FB 21 -80.91 32.62 -2.17
CA LYS FB 21 -81.62 33.90 -2.31
C LYS FB 21 -83.11 33.68 -2.46
N SER FB 22 -83.50 32.57 -3.07
CA SER FB 22 -84.92 32.21 -3.10
C SER FB 22 -85.45 32.04 -1.69
N ARG FB 23 -84.72 31.30 -0.85
CA ARG FB 23 -85.15 31.15 0.53
C ARG FB 23 -85.14 32.47 1.28
N LEU FB 24 -84.26 33.39 0.89
CA LEU FB 24 -84.17 34.67 1.59
C LEU FB 24 -85.38 35.55 1.35
N ASP FB 25 -86.20 35.27 0.34
CA ASP FB 25 -87.28 36.19 0.05
C ASP FB 25 -88.59 35.84 0.73
N GLN FB 26 -89.00 34.56 0.74
CA GLN FB 26 -90.25 34.25 1.43
C GLN FB 26 -90.09 34.47 2.93
N GLU FB 27 -88.88 34.26 3.45
CA GLU FB 27 -88.61 34.66 4.83
C GLU FB 27 -88.72 36.17 4.98
N LEU FB 28 -88.31 36.93 3.97
CA LEU FB 28 -88.45 38.38 4.06
C LEU FB 28 -89.90 38.81 3.86
N LYS FB 29 -90.67 38.06 3.09
CA LYS FB 29 -92.08 38.38 2.96
C LYS FB 29 -92.80 38.23 4.29
N LEU FB 30 -92.54 37.13 4.99
CA LEU FB 30 -93.23 36.90 6.26
C LEU FB 30 -92.82 37.92 7.32
N ILE FB 31 -91.56 38.38 7.29
CA ILE FB 31 -91.13 39.37 8.27
C ILE FB 31 -91.87 40.68 8.07
N GLY FB 32 -91.85 41.21 6.84
CA GLY FB 32 -92.50 42.48 6.59
C GLY FB 32 -94.00 42.39 6.67
N GLU FB 33 -94.58 41.26 6.25
CA GLU FB 33 -96.03 41.17 6.22
C GLU FB 33 -96.60 40.96 7.61
N TYR FB 34 -95.89 40.24 8.47
CA TYR FB 34 -96.35 40.00 9.82
C TYR FB 34 -95.63 40.84 10.86
N GLY FB 35 -94.81 41.79 10.42
CA GLY FB 35 -94.10 42.68 11.31
C GLY FB 35 -93.23 41.96 12.33
N LEU FB 36 -92.32 41.12 11.86
CA LEU FB 36 -91.44 40.37 12.73
C LEU FB 36 -90.17 41.19 12.99
N ARG FB 37 -89.27 40.68 13.81
CA ARG FB 37 -88.08 41.45 14.17
C ARG FB 37 -86.79 40.91 13.57
N ASN FB 38 -86.70 39.60 13.32
CA ASN FB 38 -85.50 39.04 12.73
C ASN FB 38 -85.86 37.69 12.10
N LYS FB 39 -84.86 37.09 11.45
CA LYS FB 39 -85.07 35.78 10.84
C LYS FB 39 -85.24 34.70 11.89
N ARG FB 40 -84.88 34.99 13.15
CA ARG FB 40 -84.96 33.95 14.18
C ARG FB 40 -86.40 33.52 14.42
N GLU FB 41 -87.29 34.48 14.67
CA GLU FB 41 -88.64 34.11 15.04
C GLU FB 41 -89.44 33.51 13.90
N VAL FB 42 -89.05 33.76 12.65
CA VAL FB 42 -89.71 33.05 11.56
C VAL FB 42 -89.13 31.64 11.42
N TRP FB 43 -87.86 31.46 11.79
CA TRP FB 43 -87.35 30.11 11.95
C TRP FB 43 -87.93 29.41 13.15
N ARG FB 44 -88.32 30.17 14.18
CA ARG FB 44 -88.89 29.55 15.37
C ARG FB 44 -90.22 28.89 15.07
N VAL FB 45 -91.12 29.62 14.41
CA VAL FB 45 -92.42 29.07 14.07
C VAL FB 45 -92.27 27.92 13.08
N LYS FB 46 -91.26 27.98 12.21
CA LYS FB 46 -90.99 26.85 11.33
C LYS FB 46 -90.53 25.64 12.12
N PHE FB 47 -89.79 25.85 13.20
CA PHE FB 47 -89.40 24.75 14.05
C PHE FB 47 -90.58 24.23 14.86
N THR FB 48 -91.46 25.13 15.29
CA THR FB 48 -92.70 24.71 15.93
C THR FB 48 -93.57 23.87 15.01
N LEU FB 49 -93.61 24.20 13.73
CA LEU FB 49 -94.41 23.42 12.78
C LEU FB 49 -93.70 22.14 12.41
N ALA FB 50 -92.36 22.14 12.44
CA ALA FB 50 -91.61 20.96 12.07
C ALA FB 50 -91.92 19.79 12.99
N LYS FB 51 -92.01 20.04 14.30
CA LYS FB 51 -92.36 18.98 15.24
C LYS FB 51 -93.73 18.42 14.95
N ILE FB 52 -94.73 19.30 14.86
CA ILE FB 52 -96.12 18.87 14.72
C ILE FB 52 -96.28 18.00 13.48
N ARG FB 53 -95.56 18.33 12.41
CA ARG FB 53 -95.60 17.49 11.23
C ARG FB 53 -94.99 16.13 11.51
N LYS FB 54 -93.76 16.10 12.04
CA LYS FB 54 -93.12 14.82 12.27
C LYS FB 54 -93.77 14.06 13.43
N ALA FB 55 -94.37 14.78 14.39
CA ALA FB 55 -95.16 14.11 15.40
C ALA FB 55 -96.45 13.55 14.82
N ALA FB 56 -96.93 14.12 13.72
CA ALA FB 56 -98.07 13.56 13.03
C ALA FB 56 -97.69 12.43 12.09
N ARG FB 57 -96.52 12.54 11.44
CA ARG FB 57 -96.05 11.46 10.60
C ARG FB 57 -95.89 10.17 11.39
N GLU FB 58 -95.26 10.26 12.56
CA GLU FB 58 -94.99 9.08 13.38
C GLU FB 58 -96.27 8.35 13.77
N LEU FB 59 -97.40 9.05 13.84
CA LEU FB 59 -98.68 8.40 14.08
C LEU FB 59 -99.28 7.84 12.81
N LEU FB 60 -99.00 8.48 11.67
CA LEU FB 60 -99.47 7.96 10.40
C LEU FB 60 -98.84 6.62 10.06
N THR FB 61 -97.69 6.29 10.65
CA THR FB 61 -97.07 5.01 10.35
C THR FB 61 -97.78 3.86 11.05
N LEU FB 62 -98.27 4.08 12.27
CA LEU FB 62 -98.98 3.04 13.00
C LEU FB 62 -100.37 2.81 12.42
N ASP FB 63 -100.88 1.60 12.65
CA ASP FB 63 -102.19 1.22 12.14
C ASP FB 63 -103.30 1.97 12.85
N GLU FB 64 -104.47 1.96 12.23
CA GLU FB 64 -105.67 2.44 12.90
C GLU FB 64 -106.10 1.40 13.94
N LYS FB 65 -106.98 1.83 14.85
CA LYS FB 65 -107.40 1.09 16.03
C LYS FB 65 -106.27 0.88 17.02
N ASP FB 66 -105.13 1.52 16.78
CA ASP FB 66 -104.04 1.48 17.73
C ASP FB 66 -104.32 2.45 18.86
N PRO FB 67 -104.40 1.98 20.11
CA PRO FB 67 -104.72 2.90 21.22
C PRO FB 67 -103.74 4.06 21.35
N ARG FB 68 -102.49 3.85 20.98
CA ARG FB 68 -101.52 4.95 21.01
C ARG FB 68 -101.87 6.00 19.96
N ARG FB 69 -102.18 5.56 18.74
CA ARG FB 69 -102.59 6.52 17.71
C ARG FB 69 -103.93 7.15 18.03
N LEU FB 70 -104.86 6.37 18.59
CA LEU FB 70 -106.19 6.89 18.87
C LEU FB 70 -106.16 7.94 19.96
N PHE FB 71 -105.39 7.72 21.02
CA PHE FB 71 -105.32 8.71 22.08
C PHE FB 71 -104.51 9.92 21.64
N GLU FB 72 -103.28 9.69 21.20
CA GLU FB 72 -102.43 10.78 20.79
C GLU FB 72 -102.96 11.49 19.55
N GLY FB 73 -103.82 10.81 18.77
CA GLY FB 73 -104.34 11.43 17.56
C GLY FB 73 -105.19 12.65 17.84
N ASN FB 74 -106.33 12.46 18.49
CA ASN FB 74 -107.20 13.60 18.77
C ASN FB 74 -106.60 14.53 19.81
N ALA FB 75 -105.68 14.05 20.66
CA ALA FB 75 -105.03 14.92 21.61
C ALA FB 75 -104.22 16.00 20.91
N LEU FB 76 -103.63 15.67 19.77
CA LEU FB 76 -102.90 16.68 19.00
C LEU FB 76 -103.86 17.60 18.26
N LEU FB 77 -104.95 17.03 17.74
CA LEU FB 77 -106.01 17.81 17.13
C LEU FB 77 -106.72 18.72 18.12
N ARG FB 78 -106.71 18.36 19.40
CA ARG FB 78 -107.29 19.23 20.42
C ARG FB 78 -106.57 20.56 20.46
N ARG FB 79 -105.25 20.54 20.47
CA ARG FB 79 -104.49 21.78 20.62
C ARG FB 79 -104.53 22.61 19.35
N LEU FB 80 -104.48 21.98 18.18
CA LEU FB 80 -104.48 22.75 16.94
C LEU FB 80 -105.82 23.44 16.71
N VAL FB 81 -106.90 22.84 17.16
CA VAL FB 81 -108.20 23.49 17.03
C VAL FB 81 -108.39 24.58 18.08
N ARG FB 82 -107.93 24.34 19.31
CA ARG FB 82 -108.10 25.32 20.36
C ARG FB 82 -107.25 26.58 20.16
N ILE FB 83 -106.36 26.57 19.18
CA ILE FB 83 -105.61 27.77 18.81
C ILE FB 83 -106.07 28.33 17.48
N GLY FB 84 -107.14 27.78 16.91
CA GLY FB 84 -107.74 28.34 15.72
C GLY FB 84 -106.86 28.31 14.49
N VAL FB 85 -105.99 27.31 14.37
CA VAL FB 85 -105.21 27.11 13.17
C VAL FB 85 -105.82 26.02 12.29
N LEU FB 86 -106.41 25.00 12.90
CA LEU FB 86 -107.19 24.01 12.19
C LEU FB 86 -108.66 24.23 12.50
N ASP FB 87 -109.51 24.05 11.49
CA ASP FB 87 -110.95 24.17 11.69
C ASP FB 87 -111.50 22.88 12.27
N GLU FB 88 -112.52 23.01 13.11
CA GLU FB 88 -113.05 21.84 13.81
C GLU FB 88 -113.65 20.83 12.85
N GLY FB 89 -114.15 21.28 11.70
CA GLY FB 89 -114.71 20.36 10.73
C GLY FB 89 -113.69 19.54 9.97
N LYS FB 90 -112.43 19.91 10.02
CA LYS FB 90 -111.35 19.21 9.33
C LYS FB 90 -110.50 18.39 10.30
N MET FB 91 -111.06 18.00 11.43
CA MET FB 91 -110.26 17.34 12.46
C MET FB 91 -110.01 15.89 12.05
N LYS FB 92 -108.90 15.67 11.35
CA LYS FB 92 -108.44 14.33 11.05
C LYS FB 92 -106.94 14.40 10.77
N LEU FB 93 -106.22 13.39 11.25
CA LEU FB 93 -104.77 13.47 11.39
C LEU FB 93 -104.05 13.74 10.09
N ASP FB 94 -104.65 13.41 8.95
CA ASP FB 94 -103.99 13.58 7.66
C ASP FB 94 -104.08 15.00 7.14
N TYR FB 95 -104.87 15.86 7.77
CA TYR FB 95 -104.98 17.25 7.36
C TYR FB 95 -103.95 18.16 8.00
N ILE FB 96 -103.21 17.67 9.00
CA ILE FB 96 -102.18 18.51 9.60
C ILE FB 96 -100.99 18.64 8.65
N LEU FB 97 -100.75 17.63 7.83
CA LEU FB 97 -99.61 17.68 6.92
C LEU FB 97 -99.78 18.77 5.88
N GLY FB 98 -101.01 19.03 5.45
CA GLY FB 98 -101.28 20.10 4.52
C GLY FB 98 -101.30 21.48 5.13
N LEU FB 99 -101.04 21.61 6.42
CA LEU FB 99 -101.04 22.89 7.08
C LEU FB 99 -99.68 23.56 6.89
N LYS FB 100 -99.70 24.84 6.50
CA LYS FB 100 -98.49 25.57 6.18
C LYS FB 100 -98.18 26.60 7.28
N ILE FB 101 -97.10 27.37 7.07
CA ILE FB 101 -96.49 28.14 8.14
C ILE FB 101 -97.20 29.46 8.46
N GLU FB 102 -97.80 30.13 7.47
CA GLU FB 102 -98.40 31.42 7.78
C GLU FB 102 -99.73 31.28 8.50
N ASP FB 103 -100.29 30.06 8.54
CA ASP FB 103 -101.46 29.83 9.37
C ASP FB 103 -101.17 30.03 10.86
N PHE FB 104 -99.96 29.71 11.29
CA PHE FB 104 -99.59 29.93 12.69
C PHE FB 104 -99.38 31.40 13.00
N LEU FB 105 -98.71 32.14 12.12
CA LEU FB 105 -98.48 33.55 12.39
C LEU FB 105 -99.77 34.34 12.42
N GLU FB 106 -100.82 33.85 11.77
CA GLU FB 106 -102.13 34.48 11.86
C GLU FB 106 -102.64 34.50 13.29
N ARG FB 107 -102.35 33.44 14.05
CA ARG FB 107 -102.80 33.34 15.43
C ARG FB 107 -101.93 34.11 16.41
N ARG FB 108 -100.83 34.70 15.94
CA ARG FB 108 -99.99 35.51 16.81
C ARG FB 108 -100.74 36.75 17.25
N LEU FB 109 -100.67 37.07 18.54
CA LEU FB 109 -101.43 38.18 19.11
C LEU FB 109 -101.16 39.49 18.40
N GLN FB 110 -99.92 39.71 17.95
CA GLN FB 110 -99.59 40.93 17.24
C GLN FB 110 -100.48 41.10 16.01
N THR FB 111 -100.68 40.02 15.26
CA THR FB 111 -101.55 40.10 14.09
C THR FB 111 -103.01 40.28 14.51
N GLN FB 112 -103.41 39.68 15.62
CA GLN FB 112 -104.80 39.81 16.05
C GLN FB 112 -105.12 41.23 16.49
N VAL FB 113 -104.12 41.98 16.96
CA VAL FB 113 -104.34 43.39 17.24
C VAL FB 113 -104.62 44.13 15.95
N PHE FB 114 -103.88 43.83 14.89
CA PHE FB 114 -104.12 44.47 13.60
C PHE FB 114 -105.35 43.91 12.93
N LYS FB 115 -105.68 42.64 13.17
CA LYS FB 115 -106.84 42.04 12.52
C LYS FB 115 -108.14 42.57 13.09
N LEU FB 116 -108.17 42.89 14.39
CA LEU FB 116 -109.38 43.39 15.01
C LEU FB 116 -109.58 44.88 14.84
N GLY FB 117 -108.67 45.57 14.15
CA GLY FB 117 -108.83 46.99 13.93
C GLY FB 117 -108.49 47.84 15.12
N LEU FB 118 -107.67 47.35 16.04
CA LEU FB 118 -107.26 48.11 17.22
C LEU FB 118 -105.93 48.80 17.02
N ALA FB 119 -105.30 48.62 15.86
CA ALA FB 119 -103.99 49.20 15.59
C ALA FB 119 -103.98 49.74 14.16
N LYS FB 120 -103.26 50.84 13.98
CA LYS FB 120 -103.16 51.45 12.67
C LYS FB 120 -102.38 50.58 11.69
N SER FB 121 -101.41 49.81 12.17
CA SER FB 121 -100.54 49.04 11.32
C SER FB 121 -100.08 47.78 12.05
N ILE FB 122 -99.64 46.80 11.27
CA ILE FB 122 -99.05 45.60 11.84
C ILE FB 122 -97.80 45.96 12.63
N HIS FB 123 -97.11 47.04 12.25
CA HIS FB 123 -96.01 47.55 13.05
C HIS FB 123 -96.50 48.40 14.21
N HIS FB 124 -97.62 49.10 14.05
CA HIS FB 124 -98.21 49.82 15.17
C HIS FB 124 -98.77 48.85 16.21
N ALA FB 125 -99.12 47.64 15.79
CA ALA FB 125 -99.61 46.66 16.74
C ALA FB 125 -98.52 46.23 17.71
N ARG FB 126 -97.28 46.12 17.23
CA ARG FB 126 -96.20 45.62 18.07
C ARG FB 126 -95.79 46.60 19.16
N VAL FB 127 -95.90 47.91 18.90
CA VAL FB 127 -95.52 48.87 19.93
C VAL FB 127 -96.61 48.98 20.99
N LEU FB 128 -97.86 48.67 20.62
CA LEU FB 128 -98.93 48.68 21.61
C LEU FB 128 -98.74 47.57 22.64
N ILE FB 129 -98.24 46.41 22.21
CA ILE FB 129 -98.02 45.32 23.14
C ILE FB 129 -96.77 45.55 23.97
N ARG FB 130 -95.72 46.08 23.36
CA ARG FB 130 -94.47 46.35 24.07
C ARG FB 130 -94.61 47.51 25.06
N GLN FB 131 -95.69 48.27 24.99
CA GLN FB 131 -95.91 49.38 25.91
C GLN FB 131 -97.05 49.12 26.88
N ARG FB 132 -97.50 47.87 27.00
CA ARG FB 132 -98.47 47.45 28.00
C ARG FB 132 -99.77 48.26 27.88
N HIS FB 133 -100.41 48.11 26.73
CA HIS FB 133 -101.64 48.83 26.44
C HIS FB 133 -102.86 47.94 26.28
N ILE FB 134 -102.70 46.69 25.87
CA ILE FB 134 -103.83 45.81 25.63
C ILE FB 134 -103.80 44.70 26.65
N ARG FB 135 -104.90 43.96 26.72
CA ARG FB 135 -105.04 42.87 27.69
C ARG FB 135 -105.89 41.78 27.08
N VAL FB 136 -105.69 40.57 27.59
CA VAL FB 136 -106.45 39.39 27.18
C VAL FB 136 -107.09 38.81 28.43
N ARG FB 137 -108.41 38.96 28.56
CA ARG FB 137 -109.15 38.46 29.72
C ARG FB 137 -108.58 39.01 31.02
N LYS FB 138 -108.55 40.33 31.13
CA LYS FB 138 -108.15 41.02 32.36
C LYS FB 138 -106.70 40.73 32.72
N GLN FB 139 -105.87 40.47 31.71
CA GLN FB 139 -104.46 40.18 31.92
C GLN FB 139 -103.66 40.96 30.88
N VAL FB 140 -102.93 41.96 31.33
CA VAL FB 140 -102.11 42.76 30.43
C VAL FB 140 -100.98 41.90 29.89
N VAL FB 141 -100.95 41.73 28.56
CA VAL FB 141 -99.94 40.91 27.91
C VAL FB 141 -98.87 41.83 27.35
N ASN FB 142 -97.61 41.49 27.58
CA ASN FB 142 -96.49 42.30 27.15
C ASN FB 142 -95.72 41.66 25.99
N ILE FB 143 -96.30 40.66 25.33
CA ILE FB 143 -95.54 39.86 24.37
C ILE FB 143 -96.32 39.68 23.08
N PRO FB 144 -95.76 40.10 21.94
CA PRO FB 144 -96.49 39.99 20.68
C PRO FB 144 -96.62 38.57 20.18
N SER FB 145 -95.65 37.71 20.45
CA SER FB 145 -95.73 36.32 20.00
C SER FB 145 -96.69 35.48 20.83
N PHE FB 146 -97.46 36.10 21.72
CA PHE FB 146 -98.52 35.41 22.45
C PHE FB 146 -99.45 34.72 21.47
N ILE FB 147 -99.54 33.39 21.54
CA ILE FB 147 -100.45 32.64 20.67
C ILE FB 147 -101.83 32.67 21.32
N VAL FB 148 -102.73 33.47 20.77
CA VAL FB 148 -104.07 33.57 21.33
C VAL FB 148 -104.85 32.31 21.00
N ARG FB 149 -105.62 31.83 21.97
CA ARG FB 149 -106.44 30.67 21.73
C ARG FB 149 -107.72 31.06 20.99
N LEU FB 150 -108.42 30.04 20.49
CA LEU FB 150 -109.64 30.30 19.74
C LEU FB 150 -110.72 30.90 20.62
N ASP FB 151 -110.83 30.42 21.86
CA ASP FB 151 -111.85 30.93 22.76
C ASP FB 151 -111.49 32.25 23.40
N SER FB 152 -110.19 32.55 23.54
CA SER FB 152 -109.75 33.82 24.09
C SER FB 152 -109.55 34.87 23.01
N GLN FB 153 -110.12 34.65 21.83
CA GLN FB 153 -109.97 35.54 20.69
C GLN FB 153 -110.82 36.79 20.84
N LYS FB 154 -112.06 36.64 21.27
CA LYS FB 154 -112.99 37.76 21.35
C LYS FB 154 -112.78 38.63 22.58
N HIS FB 155 -111.87 38.27 23.48
CA HIS FB 155 -111.65 39.03 24.70
C HIS FB 155 -110.38 39.86 24.65
N ILE FB 156 -110.03 40.39 23.48
CA ILE FB 156 -108.85 41.23 23.31
C ILE FB 156 -109.30 42.67 23.19
N ASP FB 157 -108.81 43.51 24.08
CA ASP FB 157 -109.11 44.95 24.06
C ASP FB 157 -108.04 45.64 24.92
N PHE FB 158 -108.14 46.96 25.02
CA PHE FB 158 -107.11 47.73 25.73
C PHE FB 158 -107.24 47.51 27.23
N SER FB 159 -106.10 47.57 27.91
CA SER FB 159 -106.13 47.51 29.37
C SER FB 159 -106.77 48.78 29.93
N LEU FB 160 -107.42 48.64 31.08
CA LEU FB 160 -108.12 49.77 31.68
C LEU FB 160 -107.14 50.84 32.14
N ARG FB 161 -105.90 50.47 32.40
CA ARG FB 161 -104.85 51.42 32.74
C ARG FB 161 -104.08 51.68 31.45
N SER FB 162 -104.62 52.57 30.63
CA SER FB 162 -104.00 52.95 29.37
C SER FB 162 -104.68 54.19 28.82
N PRO FB 163 -103.93 55.19 28.36
CA PRO FB 163 -104.58 56.35 27.73
C PRO FB 163 -105.34 55.97 26.49
N TYR FB 164 -104.88 54.94 25.76
CA TYR FB 164 -105.66 54.41 24.65
C TYR FB 164 -106.93 53.74 25.13
N GLY FB 165 -106.98 53.30 26.37
CA GLY FB 165 -108.20 52.80 26.96
C GLY FB 165 -108.81 53.82 27.90
N GLY FB 166 -109.51 53.35 28.93
CA GLY FB 166 -110.13 54.27 29.86
C GLY FB 166 -109.24 54.57 31.05
N GLY FB 167 -108.04 55.08 30.79
CA GLY FB 167 -107.09 55.34 31.86
C GLY FB 167 -106.51 56.74 31.84
N ARG FB 168 -105.50 56.96 32.68
CA ARG FB 168 -104.85 58.25 32.75
C ARG FB 168 -104.09 58.54 31.46
N PRO FB 169 -103.89 59.81 31.13
CA PRO FB 169 -103.06 60.16 29.97
C PRO FB 169 -101.61 59.78 30.22
N GLY FB 170 -100.85 59.69 29.14
CA GLY FB 170 -99.47 59.29 29.20
C GLY FB 170 -98.57 60.36 29.79
N ARG FB 171 -97.26 60.14 29.60
CA ARG FB 171 -96.28 61.11 30.07
C ARG FB 171 -96.24 62.34 29.17
N VAL FB 172 -96.40 62.13 27.86
CA VAL FB 172 -96.40 63.26 26.93
C VAL FB 172 -97.64 64.12 27.13
N LYS FB 173 -98.80 63.50 27.26
CA LYS FB 173 -100.04 64.27 27.40
C LYS FB 173 -100.06 65.07 28.70
N ARG FB 174 -99.55 64.50 29.79
CA ARG FB 174 -99.47 65.23 31.04
C ARG FB 174 -98.38 66.29 31.03
N LYS FB 175 -97.44 66.22 30.09
CA LYS FB 175 -96.45 67.27 29.93
C LYS FB 175 -96.92 68.35 28.97
N ASN FB 176 -97.74 67.99 27.97
CA ASN FB 176 -98.32 68.99 27.08
C ASN FB 176 -99.41 69.80 27.76
N ALA FB 177 -99.92 69.31 28.89
CA ALA FB 177 -100.91 70.04 29.66
C ALA FB 177 -100.30 70.87 30.77
N LYS FB 178 -99.14 70.44 31.31
CA LYS FB 178 -98.54 71.18 32.42
C LYS FB 178 -98.07 72.56 31.95
N LYS FB 179 -97.28 72.60 30.88
CA LYS FB 179 -96.83 73.88 30.33
C LYS FB 179 -97.90 74.57 29.50
N GLY FB 180 -98.99 73.87 29.17
CA GLY FB 180 -100.06 74.50 28.42
C GLY FB 180 -100.82 75.53 29.23
N GLN FB 181 -101.15 75.19 30.48
CA GLN FB 181 -101.79 76.14 31.38
C GLN FB 181 -100.78 76.84 32.29
N GLY FB 182 -99.60 76.25 32.49
CA GLY FB 182 -98.56 76.95 33.22
C GLY FB 182 -98.00 78.12 32.46
N GLY FB 183 -97.91 78.01 31.13
CA GLY FB 183 -97.58 79.16 30.31
C GLY FB 183 -98.71 80.14 30.20
N ALA FB 184 -99.95 79.68 30.40
CA ALA FB 184 -101.13 80.54 30.40
C ALA FB 184 -101.55 80.95 31.81
N GLY FB 185 -100.94 80.39 32.84
CA GLY FB 185 -101.26 80.73 34.21
C GLY FB 185 -100.50 79.89 35.23
N MET GB 1 -53.94 89.32 -28.50
CA MET GB 1 -54.84 89.56 -29.62
C MET GB 1 -54.99 91.07 -29.82
N LEU GB 2 -53.89 91.79 -29.57
CA LEU GB 2 -53.88 93.24 -29.67
C LEU GB 2 -53.74 93.64 -31.14
N MET GB 3 -54.75 93.28 -31.92
CA MET GB 3 -54.82 93.65 -33.32
C MET GB 3 -55.87 94.73 -33.54
N PRO GB 4 -55.64 95.67 -34.48
CA PRO GB 4 -56.51 96.85 -34.63
C PRO GB 4 -58.00 96.57 -34.68
N LYS GB 5 -58.76 97.38 -33.96
CA LYS GB 5 -60.20 97.24 -33.90
C LYS GB 5 -60.86 97.45 -35.25
N LYS GB 6 -60.23 98.20 -36.16
CA LYS GB 6 -60.79 98.39 -37.49
C LYS GB 6 -60.90 97.08 -38.26
N ASN GB 7 -60.21 96.03 -37.81
CA ASN GB 7 -60.32 94.71 -38.43
C ASN GB 7 -61.44 93.88 -37.83
N ARG GB 8 -61.92 94.22 -36.63
CA ARG GB 8 -63.02 93.48 -36.02
C ARG GB 8 -64.34 93.88 -36.68
N ILE GB 9 -64.63 95.18 -36.68
CA ILE GB 9 -65.88 95.73 -37.19
C ILE GB 9 -66.13 95.25 -38.62
N ALA GB 10 -65.06 95.16 -39.40
CA ALA GB 10 -65.20 94.72 -40.79
C ALA GB 10 -65.59 93.24 -40.88
N ILE GB 11 -64.99 92.38 -40.07
CA ILE GB 11 -65.23 90.96 -40.24
C ILE GB 11 -66.53 90.52 -39.60
N TYR GB 12 -66.98 91.21 -38.54
CA TYR GB 12 -68.28 90.88 -37.97
C TYR GB 12 -69.41 91.20 -38.95
N GLU GB 13 -69.32 92.32 -39.66
CA GLU GB 13 -70.33 92.61 -40.67
C GLU GB 13 -70.09 91.84 -41.94
N LEU GB 14 -68.84 91.47 -42.22
CA LEU GB 14 -68.57 90.37 -43.14
C LEU GB 14 -69.20 89.07 -42.67
N LEU GB 15 -69.27 88.88 -41.35
CA LEU GB 15 -69.98 87.73 -40.79
C LEU GB 15 -71.49 87.95 -40.78
N PHE GB 16 -71.96 89.19 -40.86
CA PHE GB 16 -73.39 89.43 -40.86
C PHE GB 16 -73.99 89.38 -42.26
N LYS GB 17 -73.37 90.07 -43.23
CA LYS GB 17 -73.92 90.10 -44.59
C LYS GB 17 -74.04 88.71 -45.18
N GLU GB 18 -73.23 87.77 -44.71
CA GLU GB 18 -73.27 86.39 -45.15
C GLU GB 18 -73.24 85.53 -43.90
N GLY GB 19 -74.24 84.67 -43.76
CA GLY GB 19 -74.40 83.84 -42.57
C GLY GB 19 -73.18 83.04 -42.14
N VAL GB 20 -72.24 82.81 -43.04
CA VAL GB 20 -71.08 81.99 -42.73
C VAL GB 20 -69.94 82.38 -43.66
N MET GB 21 -68.75 82.50 -43.09
CA MET GB 21 -67.57 82.78 -43.89
C MET GB 21 -66.52 81.71 -43.64
N VAL GB 22 -65.84 81.33 -44.71
CA VAL GB 22 -64.83 80.28 -44.66
C VAL GB 22 -63.46 80.91 -44.39
N ALA GB 23 -62.52 80.09 -43.92
CA ALA GB 23 -61.14 80.51 -43.75
C ALA GB 23 -60.23 79.29 -43.69
N LYS GB 24 -59.31 79.16 -44.64
CA LYS GB 24 -58.43 78.00 -44.64
C LYS GB 24 -57.43 78.13 -43.52
N LYS GB 25 -57.11 77.01 -42.89
CA LYS GB 25 -56.24 77.01 -41.72
C LYS GB 25 -54.80 77.30 -42.15
N ASP GB 26 -54.40 78.55 -42.05
CA ASP GB 26 -53.06 78.95 -42.51
C ASP GB 26 -52.68 80.23 -41.75
N VAL GB 27 -51.85 80.08 -40.72
CA VAL GB 27 -51.42 81.22 -39.92
C VAL GB 27 -50.41 82.08 -40.67
N HIS GB 28 -49.78 81.53 -41.69
CA HIS GB 28 -48.81 82.29 -42.49
C HIS GB 28 -49.47 82.81 -43.77
N MET GB 29 -50.56 83.56 -43.61
CA MET GB 29 -51.31 84.05 -44.76
C MET GB 29 -51.77 85.47 -44.48
N PRO GB 30 -51.04 86.47 -44.97
CA PRO GB 30 -51.46 87.86 -44.75
C PRO GB 30 -52.76 88.24 -45.46
N LYS GB 31 -53.24 87.39 -46.36
CA LYS GB 31 -54.34 87.73 -47.25
C LYS GB 31 -55.58 86.89 -46.93
N HIS GB 32 -56.63 87.07 -47.73
CA HIS GB 32 -57.82 86.24 -47.70
C HIS GB 32 -58.33 86.02 -49.12
N PRO GB 33 -58.73 84.79 -49.45
CA PRO GB 33 -59.36 84.58 -50.77
C PRO GB 33 -60.70 85.29 -50.90
N GLU GB 34 -61.33 85.66 -49.79
CA GLU GB 34 -62.57 86.40 -49.81
C GLU GB 34 -62.39 87.86 -49.42
N LEU GB 35 -61.63 88.12 -48.36
CA LEU GB 35 -61.42 89.48 -47.87
C LEU GB 35 -60.10 90.02 -48.40
N ALA GB 36 -60.06 90.17 -49.73
CA ALA GB 36 -58.86 90.58 -50.44
C ALA GB 36 -58.78 92.08 -50.67
N ASP GB 37 -59.73 92.84 -50.13
CA ASP GB 37 -59.72 94.29 -50.33
C ASP GB 37 -58.73 94.99 -49.40
N LYS GB 38 -58.47 94.43 -48.23
CA LYS GB 38 -57.58 95.01 -47.24
C LYS GB 38 -56.68 93.94 -46.64
N ASN GB 39 -55.74 94.37 -45.81
CA ASN GB 39 -54.76 93.47 -45.20
C ASN GB 39 -55.42 92.34 -44.43
N VAL GB 40 -56.05 92.65 -43.30
CA VAL GB 40 -56.81 91.73 -42.43
C VAL GB 40 -56.09 90.40 -42.28
N PRO GB 41 -55.01 90.33 -41.50
CA PRO GB 41 -54.23 89.09 -41.39
C PRO GB 41 -55.08 87.90 -40.97
N ASN GB 42 -54.90 86.79 -41.69
CA ASN GB 42 -55.76 85.62 -41.52
C ASN GB 42 -55.66 85.03 -40.12
N LEU GB 43 -54.45 84.99 -39.54
CA LEU GB 43 -54.29 84.35 -38.25
C LEU GB 43 -55.08 85.06 -37.16
N HIS GB 44 -55.38 86.34 -37.38
CA HIS GB 44 -56.23 87.07 -36.44
C HIS GB 44 -57.70 86.71 -36.64
N VAL GB 45 -58.11 86.43 -37.87
CA VAL GB 45 -59.52 86.21 -38.15
C VAL GB 45 -60.02 84.91 -37.56
N MET GB 46 -59.28 83.81 -37.74
CA MET GB 46 -59.74 82.55 -37.19
C MET GB 46 -59.76 82.57 -35.67
N LYS GB 47 -58.70 83.07 -35.04
CA LYS GB 47 -58.68 83.20 -33.59
C LYS GB 47 -59.44 84.43 -33.11
N ALA GB 48 -60.10 85.16 -34.02
CA ALA GB 48 -61.18 86.05 -33.61
C ALA GB 48 -62.48 85.27 -33.47
N MET GB 49 -62.81 84.45 -34.47
CA MET GB 49 -64.06 83.71 -34.46
C MET GB 49 -64.03 82.50 -33.54
N GLN GB 50 -62.85 82.01 -33.14
CA GLN GB 50 -62.85 81.01 -32.10
C GLN GB 50 -63.22 81.60 -30.75
N SER GB 51 -63.09 82.92 -30.60
CA SER GB 51 -63.64 83.62 -29.46
C SER GB 51 -65.14 83.87 -29.60
N LEU GB 52 -65.73 83.49 -30.74
CA LEU GB 52 -67.17 83.53 -30.92
C LEU GB 52 -67.85 82.26 -30.44
N LYS GB 53 -67.22 81.11 -30.63
CA LYS GB 53 -67.81 79.84 -30.19
C LYS GB 53 -67.41 79.51 -28.75
N SER GB 54 -66.24 79.99 -28.32
CA SER GB 54 -65.87 79.84 -26.92
C SER GB 54 -66.92 80.47 -26.02
N ARG GB 55 -67.54 81.56 -26.48
CA ARG GB 55 -68.74 82.08 -25.85
C ARG GB 55 -70.00 81.38 -26.35
N GLY GB 56 -69.98 80.89 -27.59
CA GLY GB 56 -71.10 80.15 -28.12
C GLY GB 56 -71.98 80.92 -29.09
N TYR GB 57 -71.37 81.68 -29.99
CA TYR GB 57 -72.11 82.41 -31.00
C TYR GB 57 -72.07 81.78 -32.38
N VAL GB 58 -71.17 80.84 -32.65
CA VAL GB 58 -70.98 80.29 -33.99
C VAL GB 58 -70.80 78.78 -33.90
N LYS GB 59 -70.87 78.12 -35.06
CA LYS GB 59 -70.64 76.69 -35.18
C LYS GB 59 -69.24 76.43 -35.76
N GLU GB 60 -68.94 75.16 -36.01
CA GLU GB 60 -67.66 74.80 -36.61
C GLU GB 60 -67.81 73.54 -37.45
N GLN GB 61 -66.96 73.44 -38.47
CA GLN GB 61 -66.88 72.27 -39.34
C GLN GB 61 -65.56 72.34 -40.09
N PHE GB 62 -64.99 71.19 -40.43
CA PHE GB 62 -63.69 71.12 -41.07
C PHE GB 62 -63.76 70.35 -42.38
N ALA GB 63 -63.01 70.81 -43.37
CA ALA GB 63 -63.00 70.25 -44.73
C ALA GB 63 -61.57 70.05 -45.21
N TRP GB 64 -60.78 69.42 -44.34
CA TRP GB 64 -59.36 69.05 -44.49
C TRP GB 64 -58.39 70.21 -44.40
N ARG GB 65 -58.84 71.43 -44.70
CA ARG GB 65 -57.98 72.61 -44.52
C ARG GB 65 -58.80 73.83 -44.18
N HIS GB 66 -60.05 73.65 -43.78
CA HIS GB 66 -61.01 74.75 -43.85
C HIS GB 66 -61.87 74.79 -42.61
N PHE GB 67 -62.22 76.01 -42.19
CA PHE GB 67 -63.15 76.23 -41.10
C PHE GB 67 -64.47 76.71 -41.68
N TYR GB 68 -65.56 76.45 -40.97
CA TYR GB 68 -66.87 76.96 -41.32
C TYR GB 68 -67.55 77.49 -40.05
N TRP GB 69 -67.80 78.79 -40.02
CA TRP GB 69 -68.38 79.43 -38.85
C TRP GB 69 -69.83 79.78 -39.14
N TYR GB 70 -70.73 78.89 -38.72
CA TYR GB 70 -72.16 79.15 -38.81
C TYR GB 70 -72.58 79.82 -37.51
N LEU GB 71 -72.85 81.13 -37.57
CA LEU GB 71 -73.29 81.82 -36.38
C LEU GB 71 -74.70 81.40 -36.02
N THR GB 72 -74.99 81.35 -34.73
CA THR GB 72 -76.29 80.87 -34.28
C THR GB 72 -77.28 82.01 -34.19
N ASN GB 73 -78.51 81.66 -33.81
CA ASN GB 73 -79.54 82.67 -33.56
C ASN GB 73 -79.16 83.57 -32.40
N GLU GB 74 -78.44 83.03 -31.41
CA GLU GB 74 -77.91 83.85 -30.34
C GLU GB 74 -76.71 84.68 -30.80
N GLY GB 75 -76.22 84.44 -32.02
CA GLY GB 75 -75.11 85.22 -32.53
C GLY GB 75 -75.57 86.46 -33.26
N ILE GB 76 -76.65 86.35 -34.04
CA ILE GB 76 -77.13 87.50 -34.81
C ILE GB 76 -77.56 88.62 -33.86
N GLN GB 77 -78.18 88.25 -32.73
CA GLN GB 77 -78.54 89.23 -31.73
C GLN GB 77 -77.32 89.90 -31.12
N TYR GB 78 -76.17 89.20 -31.10
CA TYR GB 78 -74.94 89.83 -30.64
C TYR GB 78 -74.44 90.85 -31.64
N LEU GB 79 -74.81 90.70 -32.91
CA LEU GB 79 -74.40 91.68 -33.92
C LEU GB 79 -75.23 92.95 -33.85
N ARG GB 80 -76.48 92.85 -33.38
CA ARG GB 80 -77.36 94.02 -33.36
C ARG GB 80 -76.93 95.03 -32.30
N ASP GB 81 -76.34 94.58 -31.20
CA ASP GB 81 -75.94 95.50 -30.14
C ASP GB 81 -74.46 95.83 -30.18
N TYR GB 82 -73.62 94.91 -30.66
CA TYR GB 82 -72.19 95.15 -30.64
C TYR GB 82 -71.75 96.09 -31.75
N LEU GB 83 -72.32 95.97 -32.95
CA LEU GB 83 -72.10 96.95 -33.99
C LEU GB 83 -73.27 97.91 -34.19
N HIS GB 84 -74.31 97.79 -33.37
CA HIS GB 84 -75.40 98.77 -33.30
C HIS GB 84 -76.23 98.81 -34.59
N LEU GB 85 -76.61 97.61 -35.10
CA LEU GB 85 -77.44 97.77 -36.30
C LEU GB 85 -78.90 97.48 -35.99
N PRO GB 86 -79.81 98.08 -36.77
CA PRO GB 86 -81.25 97.95 -36.48
C PRO GB 86 -81.72 96.50 -36.52
N PRO GB 87 -82.84 96.19 -35.85
CA PRO GB 87 -83.38 94.83 -35.89
C PRO GB 87 -84.09 94.47 -37.19
N GLU GB 88 -83.98 95.30 -38.23
CA GLU GB 88 -84.66 95.06 -39.50
C GLU GB 88 -83.91 94.09 -40.40
N ILE GB 89 -82.58 94.13 -40.34
CA ILE GB 89 -81.74 93.43 -41.31
C ILE GB 89 -81.38 92.05 -40.77
N VAL GB 90 -81.37 91.06 -41.66
CA VAL GB 90 -80.97 89.70 -41.31
C VAL GB 90 -79.95 89.23 -42.34
N PRO GB 91 -79.14 88.20 -42.04
CA PRO GB 91 -78.18 87.71 -43.04
C PRO GB 91 -78.83 87.19 -44.32
N ALA GB 92 -78.02 87.01 -45.36
CA ALA GB 92 -78.53 86.56 -46.65
C ALA GB 92 -79.10 85.15 -46.58
N THR GB 93 -78.69 84.35 -45.60
CA THR GB 93 -79.24 83.02 -45.37
C THR GB 93 -80.54 83.06 -44.58
N LEU GB 94 -80.93 84.21 -44.05
CA LEU GB 94 -82.23 84.40 -43.44
C LEU GB 94 -83.23 85.05 -44.39
N ARG GB 95 -82.80 85.42 -45.59
CA ARG GB 95 -83.68 86.00 -46.59
C ARG GB 95 -83.77 85.05 -47.78
N ARG GB 96 -84.99 84.80 -48.25
CA ARG GB 96 -85.20 83.93 -49.39
C ARG GB 96 -85.70 84.71 -50.59
N ASP HB 1 -61.04 -49.99 46.47
CA ASP HB 1 -62.36 -49.39 46.40
C ASP HB 1 -62.37 -47.97 46.99
N ILE HB 2 -63.02 -47.78 48.14
CA ILE HB 2 -63.12 -46.45 48.74
C ILE HB 2 -62.19 -46.42 49.95
N GLN HB 3 -62.10 -45.26 50.60
CA GLN HB 3 -61.13 -44.99 51.65
C GLN HB 3 -59.70 -45.16 51.12
N THR HB 4 -59.41 -44.33 50.13
CA THR HB 4 -58.08 -44.25 49.52
C THR HB 4 -57.37 -42.96 49.89
N GLU HB 5 -57.78 -42.32 50.99
CA GLU HB 5 -57.17 -41.09 51.44
C GLU HB 5 -56.65 -41.28 52.85
N ARG HB 6 -55.97 -40.24 53.35
CA ARG HB 6 -55.41 -40.30 54.69
C ARG HB 6 -56.51 -40.35 55.75
N ALA HB 7 -57.58 -39.59 55.54
CA ALA HB 7 -58.69 -39.61 56.48
C ALA HB 7 -59.69 -40.69 56.11
N TYR HB 8 -60.38 -41.19 57.12
CA TYR HB 8 -61.44 -42.17 56.93
C TYR HB 8 -62.67 -41.43 56.45
N GLN HB 9 -63.02 -41.61 55.19
CA GLN HB 9 -64.16 -40.90 54.63
C GLN HB 9 -65.43 -41.72 54.77
N LYS HB 10 -66.51 -41.04 55.12
CA LYS HB 10 -67.79 -41.67 55.42
C LYS HB 10 -68.85 -40.58 55.28
N GLN HB 11 -70.09 -41.02 55.11
CA GLN HB 11 -71.19 -40.07 55.03
C GLN HB 11 -71.43 -39.49 56.41
N PRO HB 12 -71.33 -38.17 56.59
CA PRO HB 12 -71.27 -37.60 57.94
C PRO HB 12 -72.56 -37.74 58.74
N THR HB 13 -73.66 -38.16 58.13
CA THR HB 13 -74.91 -38.21 58.87
C THR HB 13 -75.19 -39.59 59.45
N ILE HB 14 -75.00 -40.64 58.67
CA ILE HB 14 -75.33 -41.99 59.12
C ILE HB 14 -74.30 -42.44 60.15
N PHE HB 15 -74.75 -43.24 61.11
CA PHE HB 15 -73.94 -43.71 62.22
C PHE HB 15 -73.74 -45.21 62.06
N GLN HB 16 -72.50 -45.63 61.83
CA GLN HB 16 -72.20 -46.99 61.43
C GLN HB 16 -71.58 -47.82 62.56
N ASN HB 17 -71.82 -47.44 63.80
CA ASN HB 17 -71.23 -48.16 64.93
C ASN HB 17 -72.29 -48.47 65.97
N LYS HB 18 -73.45 -48.93 65.51
CA LYS HB 18 -74.47 -49.43 66.41
C LYS HB 18 -74.18 -50.90 66.72
N LYS HB 19 -74.45 -51.29 67.97
CA LYS HB 19 -74.14 -52.64 68.40
C LYS HB 19 -75.01 -53.66 67.66
N ARG HB 20 -74.37 -54.69 67.12
CA ARG HB 20 -75.04 -55.77 66.42
C ARG HB 20 -75.18 -56.97 67.34
N VAL HB 21 -76.09 -57.88 66.96
CA VAL HB 21 -76.45 -59.10 67.69
C VAL HB 21 -76.51 -58.90 69.20
N LYS HB 30 -75.06 -54.94 56.01
CA LYS HB 30 -74.52 -53.84 55.21
C LYS HB 30 -74.83 -52.49 55.84
N LEU HB 31 -74.71 -51.42 55.06
CA LEU HB 31 -74.71 -50.09 55.64
C LEU HB 31 -75.86 -49.25 55.09
N PRO HB 32 -76.53 -48.49 55.95
CA PRO HB 32 -77.65 -47.64 55.49
C PRO HB 32 -77.18 -46.34 54.84
N ARG HB 33 -76.96 -46.40 53.53
CA ARG HB 33 -76.52 -45.24 52.76
C ARG HB 33 -77.48 -44.07 52.91
N TYR HB 34 -76.93 -42.86 52.92
CA TYR HB 34 -77.71 -41.64 52.94
C TYR HB 34 -77.82 -41.07 51.53
N TYR HB 35 -79.02 -40.66 51.17
CA TYR HB 35 -79.26 -40.05 49.86
C TYR HB 35 -80.52 -39.23 49.97
N LYS HB 36 -80.55 -38.06 49.35
CA LYS HB 36 -81.68 -37.16 49.45
C LYS HB 36 -82.31 -36.92 48.09
N ASN HB 37 -83.57 -36.49 48.10
CA ASN HB 37 -84.19 -35.97 46.90
C ASN HB 37 -83.60 -34.60 46.59
N ILE HB 38 -83.40 -34.35 45.31
CA ILE HB 38 -82.69 -33.14 44.90
C ILE HB 38 -83.71 -32.07 44.51
N GLY HB 39 -84.89 -32.50 44.06
CA GLY HB 39 -85.94 -31.58 43.70
C GLY HB 39 -85.98 -31.31 42.21
N LEU HB 40 -86.92 -30.44 41.84
CA LEU HB 40 -87.10 -30.01 40.44
C LEU HB 40 -87.30 -31.22 39.52
N GLY HB 41 -87.95 -32.25 40.03
CA GLY HB 41 -88.26 -33.42 39.23
C GLY HB 41 -87.06 -34.19 38.72
N PHE HB 42 -85.87 -33.95 39.25
CA PHE HB 42 -84.70 -34.70 38.84
C PHE HB 42 -84.67 -36.02 39.60
N LYS HB 43 -84.80 -37.12 38.88
CA LYS HB 43 -84.82 -38.44 39.50
C LYS HB 43 -83.43 -38.79 40.00
N THR HB 44 -83.33 -39.11 41.28
CA THR HB 44 -82.07 -39.59 41.84
C THR HB 44 -81.67 -40.88 41.12
N PRO HB 45 -80.46 -40.95 40.58
CA PRO HB 45 -80.08 -42.14 39.80
C PRO HB 45 -79.97 -43.37 40.69
N LYS HB 46 -80.13 -44.54 40.07
CA LYS HB 46 -80.15 -45.79 40.80
C LYS HB 46 -78.84 -46.02 41.55
N GLU HB 47 -77.71 -45.71 40.92
CA GLU HB 47 -76.42 -45.98 41.51
C GLU HB 47 -76.10 -45.04 42.66
N ALA HB 48 -76.75 -43.89 42.75
CA ALA HB 48 -76.57 -43.02 43.90
C ALA HB 48 -77.19 -43.58 45.17
N ILE HB 49 -78.03 -44.59 45.04
CA ILE HB 49 -78.65 -45.24 46.19
C ILE HB 49 -78.02 -46.60 46.48
N GLU HB 50 -77.69 -47.35 45.44
CA GLU HB 50 -77.11 -48.67 45.61
C GLU HB 50 -75.59 -48.65 45.65
N GLY HB 51 -74.96 -47.67 45.02
CA GLY HB 51 -73.52 -47.62 45.01
C GLY HB 51 -72.96 -47.23 46.36
N THR HB 52 -71.68 -47.53 46.56
CA THR HB 52 -71.03 -47.32 47.84
C THR HB 52 -70.01 -46.20 47.84
N TYR HB 53 -69.93 -45.40 46.79
CA TYR HB 53 -68.99 -44.30 46.75
C TYR HB 53 -69.31 -43.29 47.86
N ILE HB 54 -68.34 -42.43 48.14
CA ILE HB 54 -68.51 -41.40 49.16
C ILE HB 54 -67.93 -40.10 48.64
N ASP HB 55 -68.81 -39.16 48.29
CA ASP HB 55 -68.39 -37.84 47.83
C ASP HB 55 -69.20 -36.78 48.54
N LYS HB 56 -68.50 -35.81 49.14
CA LYS HB 56 -69.17 -34.77 49.89
C LYS HB 56 -69.83 -33.74 49.00
N LYS HB 57 -69.47 -33.68 47.73
CA LYS HB 57 -69.98 -32.69 46.81
C LYS HB 57 -71.00 -33.25 45.83
N CYS HB 58 -71.38 -34.51 45.98
CA CYS HB 58 -72.41 -35.08 45.14
C CYS HB 58 -73.76 -34.47 45.51
N PRO HB 59 -74.57 -34.04 44.54
CA PRO HB 59 -75.87 -33.45 44.87
C PRO HB 59 -76.84 -34.43 45.49
N PHE HB 60 -76.62 -35.72 45.36
CA PHE HB 60 -77.52 -36.71 45.92
C PHE HB 60 -77.06 -37.25 47.25
N THR HB 61 -75.75 -37.42 47.44
CA THR HB 61 -75.20 -38.04 48.64
C THR HB 61 -74.27 -37.10 49.40
N GLY HB 62 -74.30 -35.80 49.08
CA GLY HB 62 -73.44 -34.83 49.73
C GLY HB 62 -74.24 -33.65 50.26
N ASN HB 63 -73.50 -32.72 50.86
CA ASN HB 63 -74.09 -31.52 51.46
C ASN HB 63 -74.09 -30.34 50.51
N VAL HB 64 -74.65 -30.47 49.31
CA VAL HB 64 -74.81 -29.34 48.41
C VAL HB 64 -76.29 -29.20 48.07
N SER HB 65 -76.77 -27.97 48.05
CA SER HB 65 -78.16 -27.67 47.71
C SER HB 65 -78.20 -27.02 46.33
N ILE HB 66 -78.91 -27.65 45.41
CA ILE HB 66 -79.03 -27.12 44.06
C ILE HB 66 -80.03 -25.98 44.06
N ARG HB 67 -79.64 -24.85 43.50
CA ARG HB 67 -80.47 -23.65 43.50
C ARG HB 67 -80.00 -22.75 42.37
N GLY HB 68 -80.64 -21.60 42.24
CA GLY HB 68 -80.24 -20.67 41.21
C GLY HB 68 -80.64 -21.15 39.83
N ARG HB 69 -79.68 -21.21 38.93
CA ARG HB 69 -79.94 -21.52 37.53
C ARG HB 69 -79.72 -23.01 37.25
N ILE HB 70 -80.28 -23.46 36.13
CA ILE HB 70 -80.08 -24.81 35.61
C ILE HB 70 -79.72 -24.65 34.14
N LEU HB 71 -78.47 -24.94 33.80
CA LEU HB 71 -77.98 -24.78 32.45
C LEU HB 71 -77.78 -26.15 31.81
N SER HB 72 -77.20 -26.13 30.61
CA SER HB 72 -76.88 -27.35 29.89
C SER HB 72 -75.65 -27.10 29.03
N GLY HB 73 -74.92 -28.16 28.76
CA GLY HB 73 -73.73 -28.05 27.95
C GLY HB 73 -73.36 -29.39 27.37
N VAL HB 74 -72.14 -29.47 26.84
CA VAL HB 74 -71.62 -30.68 26.23
C VAL HB 74 -70.22 -30.94 26.77
N VAL HB 75 -69.94 -32.20 27.11
CA VAL HB 75 -68.67 -32.54 27.74
C VAL HB 75 -67.55 -32.42 26.73
N THR HB 76 -66.42 -31.89 27.17
CA THR HB 76 -65.26 -31.81 26.29
C THR HB 76 -64.03 -32.48 26.86
N LYS HB 77 -63.81 -32.40 28.17
CA LYS HB 77 -62.64 -32.99 28.78
C LYS HB 77 -63.01 -33.68 30.08
N MET HB 78 -62.25 -34.73 30.40
CA MET HB 78 -62.46 -35.44 31.64
C MET HB 78 -61.16 -35.80 32.34
N LYS HB 79 -60.03 -35.21 31.94
CA LYS HB 79 -58.76 -35.57 32.55
C LYS HB 79 -58.71 -35.17 34.02
N MET HB 80 -59.50 -34.20 34.43
CA MET HB 80 -59.58 -33.82 35.83
C MET HB 80 -60.38 -34.86 36.61
N GLN HB 81 -60.02 -35.07 37.86
CA GLN HB 81 -60.66 -36.10 38.67
C GLN HB 81 -61.84 -35.53 39.42
N ARG HB 82 -62.97 -36.26 39.34
CA ARG HB 82 -64.23 -35.90 39.98
C ARG HB 82 -64.83 -34.64 39.37
N THR HB 83 -64.17 -34.08 38.35
CA THR HB 83 -64.59 -32.83 37.74
C THR HB 83 -64.36 -32.94 36.24
N ILE HB 84 -65.34 -32.44 35.48
CA ILE HB 84 -65.20 -32.35 34.03
C ILE HB 84 -65.44 -30.90 33.63
N VAL HB 85 -65.18 -30.58 32.36
CA VAL HB 85 -65.41 -29.24 31.86
C VAL HB 85 -66.32 -29.33 30.63
N ILE HB 86 -67.43 -28.63 30.67
CA ILE HB 86 -68.39 -28.65 29.60
C ILE HB 86 -68.23 -27.38 28.77
N ARG HB 87 -68.88 -27.35 27.61
CA ARG HB 87 -68.74 -26.24 26.66
C ARG HB 87 -70.13 -25.73 26.34
N ARG HB 88 -70.41 -24.48 26.69
CA ARG HB 88 -71.69 -23.86 26.37
C ARG HB 88 -71.53 -23.01 25.12
N ASP HB 89 -72.22 -23.39 24.05
CA ASP HB 89 -72.21 -22.67 22.79
C ASP HB 89 -73.43 -21.76 22.73
N TYR HB 90 -73.24 -20.53 22.26
CA TYR HB 90 -74.34 -19.61 22.13
C TYR HB 90 -74.02 -18.61 21.03
N LEU HB 91 -75.02 -17.81 20.67
CA LEU HB 91 -74.89 -16.85 19.58
C LEU HB 91 -75.11 -15.45 20.13
N HIS HB 92 -74.08 -14.61 20.05
CA HIS HB 92 -74.18 -13.24 20.48
C HIS HB 92 -74.63 -12.37 19.32
N TYR HB 93 -75.60 -11.51 19.56
CA TYR HB 93 -76.21 -10.69 18.52
C TYR HB 93 -75.57 -9.31 18.54
N ILE HB 94 -75.05 -8.88 17.39
CA ILE HB 94 -74.44 -7.56 17.25
C ILE HB 94 -75.44 -6.67 16.51
N ARG HB 95 -75.65 -5.47 17.04
CA ARG HB 95 -76.77 -4.65 16.57
C ARG HB 95 -76.52 -4.10 15.18
N LYS HB 96 -75.32 -3.55 14.93
CA LYS HB 96 -75.02 -2.88 13.68
C LYS HB 96 -75.20 -3.81 12.50
N TYR HB 97 -74.34 -4.82 12.41
CA TYR HB 97 -74.55 -5.89 11.45
C TYR HB 97 -75.60 -6.82 12.01
N ASN HB 98 -76.80 -6.82 11.45
CA ASN HB 98 -77.87 -7.55 12.11
C ASN HB 98 -77.65 -9.05 11.98
N ARG HB 99 -76.57 -9.54 12.59
CA ARG HB 99 -76.12 -10.90 12.46
C ARG HB 99 -75.77 -11.43 13.84
N PHE HB 100 -75.24 -12.64 13.89
CA PHE HB 100 -74.82 -13.27 15.13
C PHE HB 100 -73.36 -13.67 15.02
N GLU HB 101 -72.83 -14.19 16.12
CA GLU HB 101 -71.48 -14.74 16.11
C GLU HB 101 -71.44 -15.88 17.11
N LYS HB 102 -70.88 -17.01 16.70
CA LYS HB 102 -70.72 -18.11 17.65
C LYS HB 102 -69.76 -17.69 18.75
N ARG HB 103 -70.21 -17.88 19.98
CA ARG HB 103 -69.36 -17.71 21.15
C ARG HB 103 -69.50 -18.95 22.00
N HIS HB 104 -68.48 -19.21 22.81
CA HIS HB 104 -68.50 -20.37 23.68
C HIS HB 104 -67.94 -19.99 25.03
N LYS HB 105 -68.45 -20.66 26.06
CA LYS HB 105 -68.03 -20.48 27.45
C LYS HB 105 -67.88 -21.89 28.02
N ASN HB 106 -66.65 -22.29 28.29
CA ASN HB 106 -66.44 -23.58 28.94
C ASN HB 106 -66.33 -23.38 30.45
N MET HB 107 -67.14 -24.12 31.19
CA MET HB 107 -67.14 -24.06 32.65
C MET HB 107 -66.81 -25.43 33.22
N SER HB 108 -66.28 -25.43 34.44
CA SER HB 108 -65.93 -26.65 35.13
C SER HB 108 -67.06 -27.06 36.06
N VAL HB 109 -67.56 -28.27 35.88
CA VAL HB 109 -68.67 -28.78 36.67
C VAL HB 109 -68.20 -30.01 37.44
N HIS HB 110 -68.75 -30.21 38.62
CA HIS HB 110 -68.41 -31.38 39.42
C HIS HB 110 -69.24 -32.56 38.99
N LEU HB 111 -68.58 -33.64 38.61
CA LEU HB 111 -69.25 -34.85 38.15
C LEU HB 111 -69.20 -35.88 39.28
N SER HB 112 -70.30 -36.03 39.99
CA SER HB 112 -70.36 -37.03 41.05
C SER HB 112 -70.24 -38.42 40.43
N PRO HB 113 -69.53 -39.34 41.09
CA PRO HB 113 -69.27 -40.64 40.46
C PRO HB 113 -70.50 -41.52 40.33
N CYS HB 114 -71.69 -40.99 40.68
CA CYS HB 114 -72.92 -41.72 40.42
C CYS HB 114 -73.17 -41.91 38.94
N PHE HB 115 -72.59 -41.05 38.10
CA PHE HB 115 -72.69 -41.19 36.65
C PHE HB 115 -71.43 -41.92 36.19
N ARG HB 116 -71.50 -43.24 36.18
CA ARG HB 116 -70.35 -44.07 35.85
C ARG HB 116 -69.86 -43.82 34.43
N ASP HB 117 -70.71 -44.12 33.45
CA ASP HB 117 -70.30 -44.10 32.05
C ASP HB 117 -70.82 -42.84 31.38
N VAL HB 118 -69.90 -41.91 31.11
CA VAL HB 118 -70.20 -40.67 30.40
C VAL HB 118 -68.92 -40.26 29.67
N GLN HB 119 -69.04 -39.99 28.37
CA GLN HB 119 -67.89 -39.77 27.51
C GLN HB 119 -67.87 -38.33 26.99
N ILE HB 120 -66.86 -38.04 26.18
CA ILE HB 120 -66.74 -36.73 25.53
C ILE HB 120 -67.80 -36.62 24.45
N GLY HB 121 -68.65 -35.61 24.55
CA GLY HB 121 -69.72 -35.40 23.61
C GLY HB 121 -71.11 -35.55 24.19
N ASP HB 122 -71.23 -36.11 25.39
CA ASP HB 122 -72.54 -36.27 26.00
C ASP HB 122 -73.05 -34.93 26.53
N ILE HB 123 -74.38 -34.77 26.50
CA ILE HB 123 -75.00 -33.52 26.88
C ILE HB 123 -75.46 -33.65 28.33
N VAL HB 124 -74.91 -32.85 29.20
CA VAL HB 124 -75.25 -32.90 30.62
C VAL HB 124 -76.08 -31.69 30.99
N THR HB 125 -76.93 -31.85 31.98
CA THR HB 125 -77.71 -30.75 32.55
C THR HB 125 -77.12 -30.42 33.91
N VAL HB 126 -76.61 -29.21 34.06
CA VAL HB 126 -75.92 -28.82 35.27
C VAL HB 126 -76.84 -27.93 36.09
N GLY HB 127 -76.49 -27.77 37.37
CA GLY HB 127 -77.26 -26.93 38.26
C GLY HB 127 -76.36 -26.13 39.17
N GLU HB 128 -76.69 -24.85 39.35
CA GLU HB 128 -75.86 -23.99 40.17
C GLU HB 128 -75.96 -24.40 41.64
N CYS HB 129 -74.87 -24.20 42.36
CA CYS HB 129 -74.82 -24.43 43.79
C CYS HB 129 -73.77 -23.48 44.36
N ARG HB 130 -73.47 -23.65 45.64
CA ARG HB 130 -72.47 -22.81 46.27
C ARG HB 130 -71.11 -23.10 45.64
N PRO HB 131 -70.17 -22.17 45.75
CA PRO HB 131 -68.84 -22.41 45.17
C PRO HB 131 -68.15 -23.63 45.75
N LEU HB 132 -67.89 -24.63 44.91
CA LEU HB 132 -67.21 -25.84 45.35
C LEU HB 132 -65.70 -25.67 45.31
N SER HB 133 -65.18 -24.85 44.42
CA SER HB 133 -63.74 -24.61 44.35
C SER HB 133 -63.49 -23.22 43.80
N LYS HB 134 -62.28 -22.97 43.32
CA LYS HB 134 -61.95 -21.67 42.76
C LYS HB 134 -62.73 -21.37 41.50
N THR HB 135 -63.02 -22.39 40.69
CA THR HB 135 -63.72 -22.14 39.42
C THR HB 135 -65.03 -22.90 39.34
N VAL HB 136 -65.16 -24.00 40.08
CA VAL HB 136 -66.34 -24.83 39.97
C VAL HB 136 -67.49 -24.20 40.75
N ARG HB 137 -68.62 -23.99 40.09
CA ARG HB 137 -69.81 -23.50 40.77
C ARG HB 137 -71.06 -24.27 40.35
N PHE HB 138 -70.93 -25.35 39.61
CA PHE HB 138 -72.07 -26.09 39.11
C PHE HB 138 -71.88 -27.57 39.41
N ASN HB 139 -72.98 -28.31 39.33
CA ASN HB 139 -72.97 -29.74 39.60
C ASN HB 139 -73.76 -30.44 38.52
N VAL HB 140 -73.28 -31.61 38.10
CA VAL HB 140 -73.97 -32.36 37.06
C VAL HB 140 -75.20 -33.02 37.65
N LEU HB 141 -76.37 -32.71 37.06
CA LEU HB 141 -77.64 -33.25 37.54
C LEU HB 141 -78.12 -34.44 36.74
N LYS HB 142 -78.02 -34.40 35.42
CA LYS HB 142 -78.42 -35.55 34.61
C LYS HB 142 -77.55 -35.58 33.37
N VAL HB 143 -77.43 -36.78 32.80
CA VAL HB 143 -76.55 -37.01 31.65
C VAL HB 143 -77.40 -37.62 30.55
N THR HB 144 -77.59 -36.88 29.46
CA THR HB 144 -78.23 -37.40 28.27
C THR HB 144 -77.15 -37.91 27.33
N LYS HB 145 -77.21 -39.19 26.97
CA LYS HB 145 -76.21 -39.77 26.11
C LYS HB 145 -76.22 -39.08 24.75
N ALA HB 146 -75.04 -39.03 24.13
CA ALA HB 146 -74.88 -38.32 22.87
C ALA HB 146 -75.73 -38.96 21.78
N ALA HB 147 -75.81 -38.25 20.64
CA ALA HB 147 -76.58 -38.72 19.50
C ALA HB 147 -76.05 -40.06 19.01
N GLY HB 148 -76.95 -41.03 18.86
CA GLY HB 148 -76.52 -42.37 18.51
C GLY HB 148 -75.66 -42.93 19.62
N THR HB 149 -74.43 -43.32 19.29
CA THR HB 149 -73.45 -43.82 20.24
C THR HB 149 -74.03 -44.92 21.12
N LYS HB 150 -74.70 -45.87 20.45
CA LYS HB 150 -75.22 -47.03 21.16
C LYS HB 150 -74.19 -48.15 21.25
N LYS HB 151 -73.23 -48.18 20.32
CA LYS HB 151 -72.14 -49.15 20.34
C LYS HB 151 -71.35 -49.05 21.64
N VAL IB 1 -80.14 120.38 -20.22
CA VAL IB 1 -80.36 120.03 -21.62
C VAL IB 1 -79.56 118.76 -21.94
N ASN IB 2 -78.70 118.36 -21.00
CA ASN IB 2 -77.88 117.16 -21.18
C ASN IB 2 -78.72 115.89 -21.33
N THR IB 3 -79.99 115.92 -20.92
CA THR IB 3 -80.86 114.78 -21.08
C THR IB 3 -81.21 114.48 -22.53
N ALA IB 4 -81.11 115.48 -23.42
CA ALA IB 4 -81.21 115.24 -24.85
C ALA IB 4 -79.89 114.78 -25.45
N LEU IB 5 -78.76 115.10 -24.80
CA LEU IB 5 -77.44 114.69 -25.24
C LEU IB 5 -77.18 113.21 -25.01
N GLN IB 6 -77.99 112.56 -24.18
CA GLN IB 6 -77.74 111.18 -23.78
C GLN IB 6 -77.73 110.23 -24.97
N GLU IB 7 -78.61 110.48 -25.94
CA GLU IB 7 -78.64 109.63 -27.13
C GLU IB 7 -77.54 109.98 -28.12
N VAL IB 8 -77.34 111.27 -28.44
CA VAL IB 8 -76.22 111.64 -29.30
C VAL IB 8 -74.89 111.32 -28.62
N LEU IB 9 -74.90 111.16 -27.30
CA LEU IB 9 -73.71 110.63 -26.62
C LEU IB 9 -73.38 109.25 -27.14
N LYS IB 10 -74.35 108.33 -27.13
CA LYS IB 10 -74.10 106.98 -27.65
C LYS IB 10 -74.16 106.95 -29.17
N THR IB 11 -74.89 107.89 -29.78
CA THR IB 11 -74.79 108.03 -31.23
C THR IB 11 -73.38 108.45 -31.66
N ALA IB 12 -72.60 109.05 -30.76
CA ALA IB 12 -71.17 109.24 -31.02
C ALA IB 12 -70.41 107.93 -30.86
N LEU IB 13 -71.01 106.93 -30.21
CA LEU IB 13 -70.46 105.58 -30.14
C LEU IB 13 -70.92 104.71 -31.30
N ILE IB 14 -72.05 105.03 -31.93
CA ILE IB 14 -72.59 104.19 -33.00
C ILE IB 14 -71.60 104.10 -34.15
N HIS IB 15 -71.14 105.26 -34.64
CA HIS IB 15 -70.03 105.28 -35.59
C HIS IB 15 -68.69 105.42 -34.89
N ASP IB 16 -68.68 105.53 -33.57
CA ASP IB 16 -67.47 105.62 -32.75
C ASP IB 16 -66.56 106.75 -33.24
N GLY IB 17 -67.14 107.90 -33.59
CA GLY IB 17 -66.32 109.02 -34.01
C GLY IB 17 -65.60 109.72 -32.89
N LEU IB 18 -66.16 109.68 -31.68
CA LEU IB 18 -65.58 110.37 -30.53
C LEU IB 18 -64.17 109.86 -30.27
N ALA IB 19 -63.28 110.78 -29.89
CA ALA IB 19 -61.95 110.44 -29.40
C ALA IB 19 -61.87 110.85 -27.93
N ARG IB 20 -62.30 109.96 -27.06
CA ARG IB 20 -62.29 110.27 -25.63
C ARG IB 20 -60.89 110.07 -25.08
N GLY IB 21 -60.71 110.49 -23.83
CA GLY IB 21 -59.42 110.36 -23.18
C GLY IB 21 -58.44 111.42 -23.66
N ILE IB 22 -57.56 111.83 -22.74
CA ILE IB 22 -56.73 113.01 -22.99
C ILE IB 22 -55.58 112.73 -23.95
N ARG IB 23 -55.28 111.46 -24.25
CA ARG IB 23 -54.28 111.19 -25.28
C ARG IB 23 -54.72 111.74 -26.63
N GLU IB 24 -55.92 111.37 -27.08
CA GLU IB 24 -56.48 111.88 -28.32
C GLU IB 24 -57.43 113.05 -28.11
N ALA IB 25 -57.58 113.54 -26.88
CA ALA IB 25 -58.16 114.86 -26.67
C ALA IB 25 -57.20 115.97 -27.05
N ALA IB 26 -55.92 115.65 -27.24
CA ALA IB 26 -54.95 116.56 -27.83
C ALA IB 26 -54.74 116.31 -29.31
N LYS IB 27 -55.44 115.32 -29.87
CA LYS IB 27 -55.31 115.00 -31.29
C LYS IB 27 -56.50 115.47 -32.11
N ALA IB 28 -57.72 115.33 -31.59
CA ALA IB 28 -58.92 115.60 -32.37
C ALA IB 28 -59.15 117.10 -32.55
N LEU IB 29 -58.85 117.90 -31.52
CA LEU IB 29 -59.15 119.32 -31.58
C LEU IB 29 -58.25 120.04 -32.59
N ASP IB 30 -56.95 119.78 -32.53
CA ASP IB 30 -56.01 120.45 -33.43
C ASP IB 30 -56.20 120.00 -34.86
N LYS IB 31 -56.81 118.82 -35.05
CA LYS IB 31 -57.14 118.31 -36.37
C LYS IB 31 -58.39 118.99 -36.93
N ARG IB 32 -59.05 119.83 -36.14
CA ARG IB 32 -60.20 120.63 -36.55
C ARG IB 32 -61.36 119.75 -37.02
N GLN IB 33 -61.76 118.82 -36.16
CA GLN IB 33 -62.95 118.02 -36.34
C GLN IB 33 -63.67 117.81 -35.03
N ALA IB 34 -63.62 118.80 -34.14
CA ALA IB 34 -64.16 118.68 -32.79
C ALA IB 34 -65.30 119.67 -32.61
N HIS IB 35 -66.36 119.25 -31.93
CA HIS IB 35 -67.57 120.06 -31.83
C HIS IB 35 -67.96 120.44 -30.41
N LEU IB 36 -67.71 119.59 -29.43
CA LEU IB 36 -68.18 119.82 -28.06
C LEU IB 36 -67.36 118.99 -27.09
N CYS IB 37 -67.06 119.57 -25.93
CA CYS IB 37 -66.18 118.95 -24.96
C CYS IB 37 -66.83 119.01 -23.58
N VAL IB 38 -66.86 117.87 -22.90
CA VAL IB 38 -67.38 117.78 -21.54
C VAL IB 38 -66.19 117.64 -20.61
N LEU IB 39 -66.34 118.09 -19.37
CA LEU IB 39 -65.23 118.09 -18.42
C LEU IB 39 -65.75 117.75 -17.03
N ALA IB 40 -64.95 116.97 -16.29
CA ALA IB 40 -65.28 116.69 -14.90
C ALA IB 40 -64.82 117.84 -14.01
N SER IB 41 -65.57 118.06 -12.93
CA SER IB 41 -65.23 119.13 -12.00
C SER IB 41 -65.20 118.61 -10.57
N ASN IB 42 -65.00 119.51 -9.60
CA ASN IB 42 -64.86 119.22 -8.18
C ASN IB 42 -64.00 117.97 -7.90
N CYS IB 43 -62.81 117.93 -8.48
CA CYS IB 43 -61.90 116.81 -8.31
C CYS IB 43 -60.59 117.32 -7.71
N ASP IB 44 -59.72 116.38 -7.33
CA ASP IB 44 -58.39 116.72 -6.81
C ASP IB 44 -57.41 116.92 -7.95
N GLU IB 45 -57.76 117.85 -8.84
CA GLU IB 45 -56.99 118.13 -10.06
C GLU IB 45 -56.69 119.61 -10.10
N PRO IB 46 -55.72 120.09 -9.30
CA PRO IB 46 -55.42 121.53 -9.25
C PRO IB 46 -54.87 122.07 -10.56
N MET IB 47 -53.82 121.42 -11.07
CA MET IB 47 -53.16 121.81 -12.30
C MET IB 47 -53.81 121.20 -13.54
N TYR IB 48 -54.67 120.20 -13.37
CA TYR IB 48 -55.24 119.50 -14.52
C TYR IB 48 -56.39 120.29 -15.15
N VAL IB 49 -57.21 120.93 -14.32
CA VAL IB 49 -58.42 121.60 -14.80
C VAL IB 49 -58.13 122.79 -15.71
N LYS IB 50 -56.97 123.42 -15.53
CA LYS IB 50 -56.71 124.65 -16.28
C LYS IB 50 -56.10 124.34 -17.65
N LEU IB 51 -55.60 123.12 -17.85
CA LEU IB 51 -55.06 122.73 -19.14
C LEU IB 51 -56.17 122.52 -20.16
N VAL IB 52 -57.22 121.81 -19.78
CA VAL IB 52 -58.28 121.41 -20.71
C VAL IB 52 -59.04 122.61 -21.25
N GLU IB 53 -59.49 123.51 -20.38
CA GLU IB 53 -60.31 124.64 -20.85
C GLU IB 53 -59.50 125.73 -21.54
N ALA IB 54 -58.17 125.61 -21.56
CA ALA IB 54 -57.30 126.59 -22.21
C ALA IB 54 -57.10 126.29 -23.69
N LEU IB 55 -56.88 125.03 -24.04
CA LEU IB 55 -56.87 124.64 -25.44
C LEU IB 55 -58.28 124.60 -26.01
N CYS IB 56 -59.26 124.32 -25.15
CA CYS IB 56 -60.66 124.44 -25.55
C CYS IB 56 -61.12 125.88 -25.68
N ALA IB 57 -60.25 126.86 -25.41
CA ALA IB 57 -60.59 128.28 -25.53
C ALA IB 57 -59.95 128.91 -26.76
N GLU IB 58 -59.68 128.11 -27.78
CA GLU IB 58 -58.92 128.56 -28.94
C GLU IB 58 -59.79 128.80 -30.17
N HIS IB 59 -60.56 127.80 -30.61
CA HIS IB 59 -61.16 127.86 -31.96
C HIS IB 59 -62.51 127.18 -31.96
N GLN IB 60 -63.58 127.95 -31.74
CA GLN IB 60 -64.95 127.47 -31.84
C GLN IB 60 -65.11 126.16 -31.07
N ILE IB 61 -64.88 126.18 -29.77
CA ILE IB 61 -64.94 124.97 -28.96
C ILE IB 61 -65.92 125.23 -27.83
N ASN IB 62 -67.13 124.70 -27.96
CA ASN IB 62 -68.15 124.87 -26.93
C ASN IB 62 -68.04 123.72 -25.92
N LEU IB 63 -68.31 124.05 -24.66
CA LEU IB 63 -68.21 123.08 -23.58
C LEU IB 63 -69.43 123.13 -22.69
N ILE IB 64 -69.72 121.99 -22.05
CA ILE IB 64 -70.63 121.90 -20.91
C ILE IB 64 -69.98 121.01 -19.86
N LYS IB 65 -69.63 121.60 -18.72
CA LYS IB 65 -68.86 120.90 -17.69
C LYS IB 65 -69.81 120.14 -16.76
N VAL IB 66 -69.78 118.81 -16.81
CA VAL IB 66 -70.57 118.02 -15.87
C VAL IB 66 -69.90 118.05 -14.50
N ASP IB 67 -70.66 117.65 -13.48
CA ASP IB 67 -70.27 117.86 -12.10
C ASP IB 67 -69.06 117.03 -11.66
N ASP IB 68 -69.20 115.70 -11.59
CA ASP IB 68 -68.26 114.89 -10.83
C ASP IB 68 -67.29 114.16 -11.78
N ASN IB 69 -66.43 113.32 -11.20
CA ASN IB 69 -65.42 112.55 -11.92
C ASN IB 69 -65.90 111.16 -12.31
N LYS IB 70 -66.48 110.40 -11.39
CA LYS IB 70 -67.00 109.09 -11.74
C LYS IB 70 -68.32 109.20 -12.47
N LYS IB 71 -69.04 110.30 -12.30
CA LYS IB 71 -70.28 110.58 -13.01
C LYS IB 71 -70.06 111.09 -14.42
N LEU IB 72 -68.81 111.20 -14.87
CA LEU IB 72 -68.54 111.39 -16.28
C LEU IB 72 -68.46 110.06 -17.00
N GLY IB 73 -67.90 109.06 -16.33
CA GLY IB 73 -67.84 107.70 -16.82
C GLY IB 73 -69.08 106.87 -16.55
N GLU IB 74 -70.23 107.50 -16.32
CA GLU IB 74 -71.47 106.76 -16.08
C GLU IB 74 -72.25 106.47 -17.35
N TRP IB 75 -72.53 107.49 -18.16
CA TRP IB 75 -73.45 107.37 -19.26
C TRP IB 75 -72.79 106.89 -20.54
N VAL IB 76 -71.48 107.06 -20.66
CA VAL IB 76 -70.76 106.72 -21.88
C VAL IB 76 -70.50 105.21 -21.99
N GLY IB 77 -70.32 104.54 -20.86
CA GLY IB 77 -70.21 103.09 -20.85
C GLY IB 77 -68.90 102.52 -21.37
N LEU IB 78 -67.84 102.63 -20.58
CA LEU IB 78 -66.55 102.10 -21.00
C LEU IB 78 -66.43 100.59 -20.77
N CYS IB 79 -66.84 100.12 -19.59
CA CYS IB 79 -66.72 98.71 -19.23
C CYS IB 79 -68.08 98.22 -18.70
N LYS IB 80 -68.92 97.73 -19.60
CA LYS IB 80 -70.31 97.41 -19.26
C LYS IB 80 -70.55 95.90 -19.33
N ILE IB 81 -70.76 95.28 -18.16
CA ILE IB 81 -71.29 93.93 -18.06
C ILE IB 81 -72.49 93.97 -17.12
N ASP IB 82 -73.46 93.08 -17.36
CA ASP IB 82 -74.73 93.06 -16.64
C ASP IB 82 -75.46 94.41 -16.81
N ARG IB 83 -75.75 94.74 -18.07
CA ARG IB 83 -76.34 96.04 -18.40
C ARG IB 83 -77.76 96.22 -17.89
N GLU IB 84 -78.54 95.13 -17.83
CA GLU IB 84 -79.95 95.23 -17.44
C GLU IB 84 -80.05 95.45 -15.93
N GLY IB 85 -79.93 96.71 -15.54
CA GLY IB 85 -79.96 97.07 -14.13
C GLY IB 85 -78.74 97.87 -13.70
N LYS IB 86 -77.94 97.30 -12.80
CA LYS IB 86 -76.79 97.98 -12.25
C LYS IB 86 -75.54 97.66 -13.07
N PRO IB 87 -74.80 98.68 -13.53
CA PRO IB 87 -73.46 98.43 -14.07
C PRO IB 87 -72.51 98.03 -12.96
N ARG IB 88 -71.87 96.88 -13.13
CA ARG IB 88 -71.07 96.31 -12.04
C ARG IB 88 -69.83 97.16 -11.77
N LYS IB 89 -69.18 97.66 -12.82
CA LYS IB 89 -67.91 98.35 -12.68
C LYS IB 89 -67.93 99.62 -13.50
N VAL IB 90 -67.53 100.73 -12.88
CA VAL IB 90 -67.53 102.04 -13.51
C VAL IB 90 -66.22 102.75 -13.18
N VAL IB 91 -65.54 103.24 -14.21
CA VAL IB 91 -64.32 104.00 -14.05
C VAL IB 91 -64.66 105.48 -13.93
N GLY IB 92 -63.69 106.27 -13.46
CA GLY IB 92 -63.83 107.71 -13.39
C GLY IB 92 -63.05 108.44 -14.47
N CYS IB 93 -63.74 108.90 -15.51
CA CYS IB 93 -63.12 109.67 -16.58
C CYS IB 93 -63.32 111.16 -16.34
N SER IB 94 -62.44 111.97 -16.95
CA SER IB 94 -62.48 113.41 -16.75
C SER IB 94 -62.42 114.24 -18.02
N CYS IB 95 -62.34 113.62 -19.21
CA CYS IB 95 -62.26 114.37 -20.45
C CYS IB 95 -62.77 113.54 -21.61
N VAL IB 96 -63.81 114.04 -22.29
CA VAL IB 96 -64.38 113.39 -23.47
C VAL IB 96 -64.75 114.47 -24.48
N VAL IB 97 -64.03 114.52 -25.60
CA VAL IB 97 -64.38 115.36 -26.74
C VAL IB 97 -65.21 114.54 -27.73
N VAL IB 98 -66.35 115.09 -28.14
CA VAL IB 98 -67.29 114.38 -28.98
C VAL IB 98 -67.32 115.03 -30.37
N LYS IB 99 -67.37 114.18 -31.41
CA LYS IB 99 -67.60 114.62 -32.79
C LYS IB 99 -68.78 113.81 -33.37
N GLY JB 1 -69.17 -29.13 -10.57
CA GLY JB 1 -67.98 -29.55 -11.27
C GLY JB 1 -67.13 -30.49 -10.44
N ARG JB 2 -66.19 -31.17 -11.09
CA ARG JB 2 -65.31 -32.08 -10.37
C ARG JB 2 -64.55 -31.33 -9.28
N MET JB 3 -64.40 -31.98 -8.13
CA MET JB 3 -63.86 -31.28 -6.98
C MET JB 3 -62.35 -31.27 -6.93
N HIS JB 4 -61.69 -31.98 -7.82
CA HIS JB 4 -60.24 -31.99 -7.91
C HIS JB 4 -59.79 -31.88 -9.36
N ALA JB 5 -60.52 -31.08 -10.14
CA ALA JB 5 -60.26 -30.89 -11.56
C ALA JB 5 -61.15 -29.75 -12.04
N PRO JB 6 -60.75 -29.03 -13.11
CA PRO JB 6 -61.59 -27.95 -13.62
C PRO JB 6 -62.73 -28.39 -14.52
N GLY JB 7 -62.95 -29.70 -14.66
CA GLY JB 7 -63.98 -30.19 -15.56
C GLY JB 7 -65.36 -29.99 -14.97
N LYS JB 8 -66.29 -29.52 -15.81
CA LYS JB 8 -67.68 -29.32 -15.42
C LYS JB 8 -68.60 -30.24 -16.20
N GLY JB 9 -68.17 -31.47 -16.43
CA GLY JB 9 -68.91 -32.39 -17.25
C GLY JB 9 -70.24 -32.76 -16.64
N LEU JB 10 -71.16 -33.17 -17.51
CA LEU JB 10 -72.50 -33.60 -17.15
C LEU JB 10 -72.75 -34.93 -17.83
N SER JB 11 -72.35 -36.03 -17.18
CA SER JB 11 -72.52 -37.35 -17.73
C SER JB 11 -72.74 -38.33 -16.58
N GLN JB 12 -73.92 -38.91 -16.54
CA GLN JB 12 -74.26 -39.88 -15.51
C GLN JB 12 -75.48 -40.66 -15.96
N SER JB 13 -75.87 -41.63 -15.15
CA SER JB 13 -77.04 -42.43 -15.47
C SER JB 13 -78.31 -41.64 -15.20
N ALA JB 14 -79.41 -42.12 -15.78
CA ALA JB 14 -80.73 -41.50 -15.59
C ALA JB 14 -81.77 -42.61 -15.54
N LEU JB 15 -82.10 -43.06 -14.35
CA LEU JB 15 -83.10 -44.10 -14.21
C LEU JB 15 -84.46 -43.57 -14.64
N PRO JB 16 -85.30 -44.38 -15.28
CA PRO JB 16 -86.59 -43.89 -15.78
C PRO JB 16 -87.54 -43.55 -14.65
N TYR JB 17 -88.68 -42.97 -15.04
CA TYR JB 17 -89.67 -42.56 -14.06
C TYR JB 17 -90.32 -43.76 -13.38
N ARG JB 18 -90.73 -44.75 -14.17
CA ARG JB 18 -91.45 -45.88 -13.61
C ARG JB 18 -90.53 -46.73 -12.73
N ARG JB 19 -90.95 -46.94 -11.49
CA ARG JB 19 -90.18 -47.71 -10.53
C ARG JB 19 -90.62 -49.16 -10.44
N SER JB 20 -91.40 -49.62 -11.41
CA SER JB 20 -91.91 -50.97 -11.38
C SER JB 20 -90.87 -51.95 -11.91
N VAL JB 21 -91.03 -53.21 -11.52
CA VAL JB 21 -90.20 -54.27 -12.10
C VAL JB 21 -90.50 -54.39 -13.59
N PRO JB 22 -89.50 -54.60 -14.44
CA PRO JB 22 -89.78 -54.76 -15.87
C PRO JB 22 -90.68 -55.94 -16.15
N THR JB 23 -91.49 -55.81 -17.20
CA THR JB 23 -92.42 -56.86 -17.58
C THR JB 23 -91.72 -58.07 -18.19
N TRP JB 24 -90.48 -57.90 -18.66
CA TRP JB 24 -89.72 -59.00 -19.22
C TRP JB 24 -88.97 -59.80 -18.17
N LEU JB 25 -88.67 -59.19 -17.03
CA LEU JB 25 -87.82 -59.81 -16.05
C LEU JB 25 -88.57 -60.90 -15.30
N LYS JB 26 -88.00 -62.11 -15.31
CA LYS JB 26 -88.66 -63.28 -14.73
C LYS JB 26 -87.98 -63.76 -13.46
N LEU JB 27 -87.04 -63.00 -12.91
CA LEU JB 27 -86.34 -63.40 -11.69
C LEU JB 27 -87.07 -62.86 -10.47
N THR JB 28 -87.32 -63.73 -9.51
CA THR JB 28 -88.00 -63.32 -8.29
C THR JB 28 -87.05 -62.55 -7.39
N SER JB 29 -87.63 -61.92 -6.36
CA SER JB 29 -86.84 -61.17 -5.39
C SER JB 29 -85.85 -62.07 -4.68
N ASP JB 30 -86.17 -63.36 -4.54
CA ASP JB 30 -85.23 -64.29 -3.94
C ASP JB 30 -84.07 -64.58 -4.87
N ASP JB 31 -84.36 -65.15 -6.04
CA ASP JB 31 -83.32 -65.69 -6.91
C ASP JB 31 -82.30 -64.64 -7.31
N VAL JB 32 -82.73 -63.38 -7.42
CA VAL JB 32 -81.76 -62.32 -7.70
C VAL JB 32 -80.78 -62.19 -6.55
N LYS JB 33 -81.25 -62.35 -5.32
CA LYS JB 33 -80.37 -62.21 -4.16
C LYS JB 33 -79.32 -63.31 -4.12
N GLU JB 34 -79.72 -64.55 -4.39
CA GLU JB 34 -78.71 -65.61 -4.45
C GLU JB 34 -77.76 -65.42 -5.62
N GLN JB 35 -78.20 -64.75 -6.67
CA GLN JB 35 -77.23 -64.35 -7.68
C GLN JB 35 -76.24 -63.34 -7.12
N ILE JB 36 -76.72 -62.34 -6.40
CA ILE JB 36 -75.81 -61.41 -5.74
C ILE JB 36 -74.93 -62.15 -4.75
N TYR JB 37 -75.49 -63.14 -4.06
CA TYR JB 37 -74.70 -63.89 -3.09
C TYR JB 37 -73.55 -64.64 -3.75
N LYS JB 38 -73.79 -65.22 -4.93
CA LYS JB 38 -72.73 -65.98 -5.58
C LYS JB 38 -71.61 -65.08 -6.07
N LEU JB 39 -71.97 -63.98 -6.74
CA LEU JB 39 -70.94 -63.06 -7.24
C LEU JB 39 -70.17 -62.44 -6.09
N ALA JB 40 -70.83 -62.16 -4.97
CA ALA JB 40 -70.14 -61.59 -3.84
C ALA JB 40 -69.13 -62.56 -3.23
N LYS JB 41 -69.41 -63.86 -3.30
CA LYS JB 41 -68.49 -64.82 -2.69
C LYS JB 41 -67.25 -65.02 -3.55
N LYS JB 42 -67.40 -65.00 -4.87
CA LYS JB 42 -66.23 -65.11 -5.74
C LYS JB 42 -65.43 -63.82 -5.81
N GLY JB 43 -65.82 -62.80 -5.05
CA GLY JB 43 -65.01 -61.60 -4.95
C GLY JB 43 -65.43 -60.58 -5.98
N LEU JB 44 -66.19 -59.57 -5.54
CA LEU JB 44 -66.76 -58.61 -6.48
C LEU JB 44 -67.31 -57.43 -5.69
N THR JB 45 -66.97 -56.21 -6.07
CA THR JB 45 -67.44 -55.06 -5.31
C THR JB 45 -68.86 -54.70 -5.71
N PRO JB 46 -69.70 -54.25 -4.75
CA PRO JB 46 -71.12 -53.98 -5.04
C PRO JB 46 -71.39 -53.17 -6.28
N SER JB 47 -70.44 -52.32 -6.66
CA SER JB 47 -70.57 -51.58 -7.91
C SER JB 47 -70.67 -52.52 -9.10
N GLN JB 48 -69.78 -53.51 -9.17
CA GLN JB 48 -69.69 -54.32 -10.37
C GLN JB 48 -70.58 -55.55 -10.29
N ILE JB 49 -71.20 -55.81 -9.14
CA ILE JB 49 -72.33 -56.75 -9.15
C ILE JB 49 -73.47 -56.17 -9.96
N GLY JB 50 -73.74 -54.88 -9.79
CA GLY JB 50 -74.86 -54.27 -10.49
C GLY JB 50 -74.71 -54.30 -11.99
N VAL JB 51 -73.50 -54.12 -12.49
CA VAL JB 51 -73.30 -54.05 -13.94
C VAL JB 51 -73.46 -55.44 -14.53
N ILE JB 52 -72.85 -56.44 -13.90
CA ILE JB 52 -72.93 -57.82 -14.39
C ILE JB 52 -74.38 -58.25 -14.36
N LEU JB 53 -75.14 -57.71 -13.40
CA LEU JB 53 -76.53 -58.13 -13.25
C LEU JB 53 -77.43 -57.53 -14.33
N ARG JB 54 -77.17 -56.29 -14.74
CA ARG JB 54 -78.05 -55.67 -15.74
C ARG JB 54 -77.60 -55.90 -17.17
N ASP JB 55 -76.59 -56.73 -17.40
CA ASP JB 55 -76.19 -57.10 -18.76
C ASP JB 55 -76.52 -58.57 -19.06
N SER JB 56 -76.19 -59.47 -18.15
CA SER JB 56 -76.47 -60.88 -18.37
C SER JB 56 -77.91 -61.24 -18.00
N HIS JB 57 -78.37 -60.75 -16.85
CA HIS JB 57 -79.68 -61.13 -16.34
C HIS JB 57 -80.75 -60.09 -16.62
N GLY JB 58 -80.36 -58.87 -16.94
CA GLY JB 58 -81.32 -57.86 -17.32
C GLY JB 58 -82.20 -57.38 -16.18
N VAL JB 59 -81.60 -57.03 -15.05
CA VAL JB 59 -82.31 -56.40 -13.95
C VAL JB 59 -82.06 -54.90 -14.02
N ALA JB 60 -83.12 -54.12 -14.16
CA ALA JB 60 -82.98 -52.67 -14.30
C ALA JB 60 -82.29 -52.07 -13.08
N GLN JB 61 -82.94 -52.18 -11.93
CA GLN JB 61 -82.37 -51.79 -10.65
C GLN JB 61 -82.72 -52.85 -9.64
N VAL JB 62 -81.73 -53.29 -8.86
CA VAL JB 62 -82.03 -54.26 -7.83
C VAL JB 62 -82.92 -53.65 -6.76
N ARG JB 63 -82.88 -52.33 -6.61
CA ARG JB 63 -83.70 -51.68 -5.59
C ARG JB 63 -85.18 -51.78 -5.93
N PHE JB 64 -85.51 -52.16 -7.16
CA PHE JB 64 -86.90 -52.30 -7.55
C PHE JB 64 -87.37 -53.75 -7.53
N VAL JB 65 -86.54 -54.68 -7.98
CA VAL JB 65 -86.94 -56.08 -7.97
C VAL JB 65 -87.09 -56.57 -6.54
N THR JB 66 -86.13 -56.26 -5.68
CA THR JB 66 -86.30 -56.43 -4.25
C THR JB 66 -86.53 -55.06 -3.62
N GLY JB 67 -86.55 -55.00 -2.30
CA GLY JB 67 -86.82 -53.76 -1.62
C GLY JB 67 -85.58 -53.08 -1.10
N ASN JB 68 -84.42 -53.70 -1.27
CA ASN JB 68 -83.17 -53.19 -0.74
C ASN JB 68 -82.20 -52.98 -1.90
N LYS JB 69 -81.05 -52.39 -1.59
CA LYS JB 69 -79.98 -52.20 -2.54
C LYS JB 69 -78.83 -53.16 -2.23
N ILE JB 70 -77.92 -53.28 -3.20
CA ILE JB 70 -76.89 -54.30 -3.21
C ILE JB 70 -76.10 -54.34 -1.90
N LEU JB 71 -75.51 -53.21 -1.52
CA LEU JB 71 -74.68 -53.20 -0.32
C LEU JB 71 -75.50 -53.54 0.92
N ARG JB 72 -76.73 -53.03 1.00
CA ARG JB 72 -77.63 -53.38 2.09
C ARG JB 72 -78.00 -54.86 2.04
N ILE JB 73 -77.97 -55.48 0.87
CA ILE JB 73 -78.24 -56.91 0.79
C ILE JB 73 -77.07 -57.71 1.30
N LEU JB 74 -75.84 -57.32 0.94
CA LEU JB 74 -74.67 -58.06 1.37
C LEU JB 74 -74.41 -57.91 2.86
N LYS JB 75 -74.59 -56.71 3.41
CA LYS JB 75 -74.29 -56.52 4.82
C LYS JB 75 -75.26 -57.28 5.70
N SER JB 76 -76.52 -57.39 5.29
CA SER JB 76 -77.48 -58.19 6.03
C SER JB 76 -77.12 -59.67 6.02
N LYS JB 77 -76.36 -60.11 5.03
CA LYS JB 77 -75.85 -61.47 5.00
C LYS JB 77 -74.44 -61.56 5.56
N GLY JB 78 -73.80 -60.43 5.84
CA GLY JB 78 -72.46 -60.43 6.37
C GLY JB 78 -71.37 -60.62 5.35
N LEU JB 79 -71.67 -60.49 4.07
CA LEU JB 79 -70.70 -60.69 3.01
C LEU JB 79 -70.06 -59.39 2.53
N ALA JB 80 -70.47 -58.25 3.07
CA ALA JB 80 -69.93 -56.99 2.61
C ALA JB 80 -68.46 -56.87 3.01
N PRO JB 81 -67.65 -56.21 2.19
CA PRO JB 81 -66.29 -55.88 2.62
C PRO JB 81 -66.34 -54.93 3.80
N ASP JB 82 -65.28 -54.97 4.61
CA ASP JB 82 -65.29 -54.24 5.87
C ASP JB 82 -65.25 -52.74 5.65
N LEU JB 83 -64.25 -52.27 4.91
CA LEU JB 83 -64.12 -50.86 4.58
C LEU JB 83 -64.72 -50.60 3.22
N PRO JB 84 -65.36 -49.44 3.04
CA PRO JB 84 -66.16 -49.21 1.83
C PRO JB 84 -65.37 -49.29 0.54
N GLU JB 85 -66.07 -49.58 -0.56
CA GLU JB 85 -65.38 -49.85 -1.82
C GLU JB 85 -64.78 -48.58 -2.42
N ASP JB 86 -65.49 -47.45 -2.32
CA ASP JB 86 -64.94 -46.21 -2.85
C ASP JB 86 -63.73 -45.75 -2.07
N LEU JB 87 -63.68 -46.06 -0.78
CA LEU JB 87 -62.47 -45.78 -0.01
C LEU JB 87 -61.39 -46.81 -0.30
N TYR JB 88 -61.78 -48.06 -0.55
CA TYR JB 88 -60.81 -49.06 -0.96
C TYR JB 88 -60.13 -48.67 -2.27
N HIS JB 89 -60.92 -48.23 -3.23
CA HIS JB 89 -60.36 -47.90 -4.55
C HIS JB 89 -59.49 -46.66 -4.51
N LEU JB 90 -59.70 -45.77 -3.55
CA LEU JB 90 -58.82 -44.61 -3.45
C LEU JB 90 -57.49 -44.99 -2.83
N ILE JB 91 -57.49 -45.83 -1.79
CA ILE JB 91 -56.24 -46.30 -1.22
C ILE JB 91 -55.49 -47.14 -2.23
N LYS JB 92 -56.20 -47.99 -2.97
CA LYS JB 92 -55.57 -48.79 -4.01
C LYS JB 92 -54.90 -47.91 -5.05
N LYS JB 93 -55.52 -46.78 -5.37
CA LYS JB 93 -54.93 -45.85 -6.32
C LYS JB 93 -53.76 -45.09 -5.72
N ALA JB 94 -53.86 -44.70 -4.45
CA ALA JB 94 -52.76 -43.98 -3.82
C ALA JB 94 -51.55 -44.87 -3.64
N VAL JB 95 -51.77 -46.16 -3.35
CA VAL JB 95 -50.65 -47.08 -3.21
C VAL JB 95 -49.94 -47.24 -4.54
N ALA JB 96 -50.69 -47.30 -5.64
CA ALA JB 96 -50.06 -47.44 -6.95
C ALA JB 96 -49.25 -46.21 -7.32
N VAL JB 97 -49.80 -45.02 -7.09
CA VAL JB 97 -49.10 -43.80 -7.47
C VAL JB 97 -47.93 -43.54 -6.53
N ARG JB 98 -48.00 -44.05 -5.30
CA ARG JB 98 -46.85 -43.95 -4.42
C ARG JB 98 -45.75 -44.92 -4.79
N LYS JB 99 -46.11 -46.10 -5.30
CA LYS JB 99 -45.11 -47.05 -5.75
C LYS JB 99 -44.46 -46.58 -7.04
N HIS JB 100 -45.22 -45.93 -7.92
CA HIS JB 100 -44.61 -45.32 -9.10
C HIS JB 100 -43.66 -44.21 -8.70
N LEU JB 101 -43.94 -43.51 -7.60
CA LEU JB 101 -43.20 -42.33 -7.22
C LEU JB 101 -41.86 -42.63 -6.58
N GLU JB 102 -41.69 -43.80 -5.97
CA GLU JB 102 -40.44 -44.08 -5.28
C GLU JB 102 -39.29 -44.21 -6.26
N ARG JB 103 -39.53 -44.80 -7.43
CA ARG JB 103 -38.49 -44.82 -8.45
C ARG JB 103 -38.43 -43.50 -9.19
N ASN JB 104 -39.56 -43.06 -9.74
CA ASN JB 104 -39.61 -41.86 -10.56
C ASN JB 104 -39.90 -40.68 -9.64
N ARG JB 105 -38.86 -40.19 -8.99
CA ARG JB 105 -39.03 -39.09 -8.04
C ARG JB 105 -38.96 -37.73 -8.71
N LYS JB 106 -38.54 -37.66 -9.97
CA LYS JB 106 -38.59 -36.40 -10.70
C LYS JB 106 -39.97 -36.11 -11.27
N ASP JB 107 -40.92 -37.02 -11.11
CA ASP JB 107 -42.28 -36.84 -11.61
C ASP JB 107 -43.04 -35.94 -10.64
N LYS JB 108 -42.89 -34.63 -10.83
CA LYS JB 108 -43.60 -33.68 -9.99
C LYS JB 108 -45.10 -33.77 -10.19
N ASP JB 109 -45.55 -34.21 -11.37
CA ASP JB 109 -46.97 -34.33 -11.61
C ASP JB 109 -47.55 -35.47 -10.77
N ALA JB 110 -46.87 -36.60 -10.72
CA ALA JB 110 -47.31 -37.70 -9.88
C ALA JB 110 -47.35 -37.28 -8.41
N LYS JB 111 -46.37 -36.49 -7.98
CA LYS JB 111 -46.39 -35.96 -6.63
C LYS JB 111 -47.61 -35.08 -6.41
N PHE JB 112 -47.99 -34.32 -7.43
CA PHE JB 112 -49.17 -33.47 -7.31
C PHE JB 112 -50.44 -34.29 -7.26
N ARG JB 113 -50.52 -35.33 -8.10
CA ARG JB 113 -51.70 -36.19 -8.09
C ARG JB 113 -51.83 -36.93 -6.77
N LEU JB 114 -50.70 -37.26 -6.15
CA LEU JB 114 -50.75 -37.96 -4.87
C LEU JB 114 -51.45 -37.13 -3.81
N ILE JB 115 -51.15 -35.84 -3.75
CA ILE JB 115 -51.81 -34.97 -2.78
C ILE JB 115 -53.30 -34.89 -3.05
N LEU JB 116 -53.68 -34.83 -4.32
CA LEU JB 116 -55.10 -34.80 -4.64
C LEU JB 116 -55.80 -36.08 -4.21
N ILE JB 117 -55.15 -37.22 -4.43
CA ILE JB 117 -55.76 -38.50 -4.08
C ILE JB 117 -55.86 -38.64 -2.57
N GLU JB 118 -54.77 -38.35 -1.87
CA GLU JB 118 -54.80 -38.46 -0.41
C GLU JB 118 -55.81 -37.50 0.20
N SER JB 119 -55.96 -36.32 -0.39
CA SER JB 119 -56.95 -35.38 0.11
C SER JB 119 -58.36 -35.95 -0.02
N ARG JB 120 -58.61 -36.72 -1.06
CA ARG JB 120 -59.90 -37.37 -1.20
C ARG JB 120 -60.07 -38.51 -0.21
N ILE JB 121 -58.98 -39.14 0.21
CA ILE JB 121 -59.08 -40.22 1.17
C ILE JB 121 -59.47 -39.69 2.54
N HIS JB 122 -58.79 -38.63 2.99
CA HIS JB 122 -59.11 -38.05 4.27
C HIS JB 122 -60.49 -37.39 4.27
N ARG JB 123 -61.02 -37.08 3.09
CA ARG JB 123 -62.38 -36.55 3.04
C ARG JB 123 -63.41 -37.65 3.23
N LEU JB 124 -63.24 -38.79 2.55
CA LEU JB 124 -64.15 -39.90 2.77
C LEU JB 124 -63.97 -40.52 4.15
N ALA JB 125 -62.75 -40.53 4.66
CA ALA JB 125 -62.52 -41.13 5.97
C ALA JB 125 -63.33 -40.42 7.04
N ARG JB 126 -63.25 -39.09 7.08
CA ARG JB 126 -63.98 -38.36 8.10
C ARG JB 126 -65.47 -38.35 7.83
N TYR JB 127 -65.90 -38.69 6.61
CA TYR JB 127 -67.32 -38.92 6.39
C TYR JB 127 -67.75 -40.27 6.92
N TYR JB 128 -67.03 -41.32 6.56
CA TYR JB 128 -67.32 -42.66 7.01
C TYR JB 128 -67.12 -42.83 8.51
N LYS JB 129 -66.53 -41.84 9.18
CA LYS JB 129 -66.43 -41.87 10.64
C LYS JB 129 -67.68 -41.29 11.29
N THR JB 130 -68.20 -40.20 10.75
CA THR JB 130 -69.45 -39.64 11.28
C THR JB 130 -70.62 -40.60 11.08
N LYS JB 131 -70.64 -41.31 9.95
CA LYS JB 131 -71.64 -42.35 9.76
C LYS JB 131 -71.33 -43.62 10.52
N ARG JB 132 -70.26 -43.62 11.32
CA ARG JB 132 -69.90 -44.72 12.19
C ARG JB 132 -69.69 -46.01 11.42
N VAL JB 133 -69.27 -45.89 10.16
CA VAL JB 133 -68.91 -47.05 9.36
C VAL JB 133 -67.48 -47.50 9.65
N LEU JB 134 -66.60 -46.57 10.01
CA LEU JB 134 -65.23 -46.86 10.38
C LEU JB 134 -65.03 -46.60 11.87
N PRO JB 135 -64.15 -47.34 12.52
CA PRO JB 135 -63.83 -47.05 13.91
C PRO JB 135 -63.30 -45.64 14.05
N PRO JB 136 -63.68 -44.92 15.10
CA PRO JB 136 -63.32 -43.50 15.20
C PRO JB 136 -61.81 -43.26 15.23
N ASN JB 137 -61.02 -44.28 15.53
CA ASN JB 137 -59.58 -44.17 15.53
C ASN JB 137 -58.95 -44.64 14.23
N TRP JB 138 -59.75 -45.04 13.25
CA TRP JB 138 -59.22 -45.48 11.97
C TRP JB 138 -58.46 -44.34 11.31
N LYS JB 139 -57.33 -44.69 10.68
CA LYS JB 139 -56.51 -43.67 10.05
C LYS JB 139 -55.72 -44.29 8.92
N TYR JB 140 -55.85 -43.72 7.73
CA TYR JB 140 -55.02 -44.11 6.60
C TYR JB 140 -53.60 -43.62 6.82
N GLU JB 141 -52.66 -44.55 6.98
CA GLU JB 141 -51.25 -44.20 7.09
C GLU JB 141 -50.57 -44.80 5.87
N SER JB 142 -49.92 -43.94 5.08
CA SER JB 142 -49.29 -44.31 3.82
C SER JB 142 -48.44 -45.57 3.92
N SER JB 143 -47.78 -45.74 5.06
CA SER JB 143 -46.90 -46.89 5.23
C SER JB 143 -47.67 -48.19 5.23
N THR JB 144 -48.60 -48.35 6.16
CA THR JB 144 -49.32 -49.60 6.35
C THR JB 144 -50.49 -49.76 5.40
N ALA JB 145 -50.64 -48.85 4.44
CA ALA JB 145 -51.78 -48.91 3.54
C ALA JB 145 -51.64 -50.00 2.49
N SER JB 146 -50.41 -50.35 2.11
CA SER JB 146 -50.22 -51.31 1.03
C SER JB 146 -50.66 -52.71 1.43
N ALA JB 147 -50.74 -53.00 2.73
CA ALA JB 147 -51.26 -54.30 3.17
C ALA JB 147 -52.72 -54.47 2.77
N LEU JB 148 -53.46 -53.37 2.70
CA LEU JB 148 -54.83 -53.38 2.22
C LEU JB 148 -54.81 -53.10 0.73
N VAL JB 149 -54.95 -54.15 -0.08
CA VAL JB 149 -54.75 -54.04 -1.52
C VAL JB 149 -55.75 -53.07 -2.13
N SER KB 1 -5.89 -29.76 -70.76
CA SER KB 1 -6.71 -28.90 -71.60
C SER KB 1 -7.19 -29.63 -72.84
N LEU KB 2 -7.35 -30.94 -72.73
CA LEU KB 2 -7.73 -31.78 -73.86
C LEU KB 2 -8.97 -32.58 -73.49
N GLY KB 3 -10.11 -32.22 -74.09
CA GLY KB 3 -11.32 -32.99 -73.93
C GLY KB 3 -11.50 -33.96 -75.08
N PRO KB 4 -11.28 -35.25 -74.82
CA PRO KB 4 -11.29 -36.24 -75.92
C PRO KB 4 -12.67 -36.49 -76.51
N GLN KB 5 -13.72 -35.94 -75.93
CA GLN KB 5 -15.07 -36.11 -76.46
C GLN KB 5 -15.25 -35.32 -77.75
N VAL KB 6 -16.01 -35.88 -78.68
CA VAL KB 6 -16.35 -35.16 -79.91
C VAL KB 6 -17.44 -34.13 -79.60
N ALA KB 7 -17.27 -32.93 -80.13
CA ALA KB 7 -18.11 -31.81 -79.71
C ALA KB 7 -19.53 -31.95 -80.25
N GLU KB 8 -19.69 -32.03 -81.57
CA GLU KB 8 -21.02 -32.06 -82.16
C GLU KB 8 -21.76 -33.35 -81.87
N GLY KB 9 -21.08 -34.37 -81.35
CA GLY KB 9 -21.75 -35.59 -80.94
C GLY KB 9 -22.68 -35.33 -79.77
N GLU KB 10 -22.11 -35.00 -78.62
CA GLU KB 10 -22.88 -34.61 -77.45
C GLU KB 10 -22.06 -33.69 -76.57
N ASN KB 11 -22.61 -33.41 -75.40
CA ASN KB 11 -22.10 -32.33 -74.55
C ASN KB 11 -21.33 -32.88 -73.36
N VAL KB 12 -20.25 -32.17 -73.00
CA VAL KB 12 -19.49 -32.49 -71.79
C VAL KB 12 -20.02 -31.64 -70.65
N PHE KB 13 -20.39 -32.29 -69.56
CA PHE KB 13 -21.05 -31.61 -68.45
C PHE KB 13 -20.08 -31.25 -67.34
N GLY KB 14 -20.43 -30.20 -66.62
CA GLY KB 14 -19.76 -29.83 -65.39
C GLY KB 14 -20.80 -29.39 -64.38
N VAL KB 15 -20.38 -28.75 -63.29
CA VAL KB 15 -21.32 -28.26 -62.30
C VAL KB 15 -20.72 -27.07 -61.58
N CYS KB 16 -21.48 -25.99 -61.48
CA CYS KB 16 -21.03 -24.76 -60.83
C CYS KB 16 -21.86 -24.53 -59.58
N HIS KB 17 -21.19 -24.31 -58.46
CA HIS KB 17 -21.85 -24.00 -57.21
C HIS KB 17 -21.91 -22.49 -57.08
N ILE KB 18 -23.09 -21.93 -57.24
CA ILE KB 18 -23.30 -20.50 -57.06
C ILE KB 18 -23.65 -20.27 -55.60
N PHE KB 19 -22.73 -19.67 -54.86
CA PHE KB 19 -22.96 -19.31 -53.48
C PHE KB 19 -23.09 -17.80 -53.41
N ALA KB 20 -24.31 -17.32 -53.21
CA ALA KB 20 -24.59 -15.90 -53.18
C ALA KB 20 -24.99 -15.50 -51.77
N SER KB 21 -24.06 -14.91 -51.03
CA SER KB 21 -24.36 -14.35 -49.73
C SER KB 21 -24.87 -12.93 -49.92
N PHE KB 22 -24.95 -12.16 -48.85
CA PHE KB 22 -25.27 -10.74 -48.95
C PHE KB 22 -24.03 -9.87 -48.87
N ASN KB 23 -22.85 -10.47 -48.89
CA ASN KB 23 -21.63 -9.68 -48.91
C ASN KB 23 -20.64 -10.14 -49.97
N ASP KB 24 -20.92 -11.20 -50.73
CA ASP KB 24 -20.01 -11.69 -51.74
C ASP KB 24 -20.75 -12.68 -52.62
N THR KB 25 -20.16 -12.99 -53.76
CA THR KB 25 -20.69 -13.97 -54.68
C THR KB 25 -19.60 -14.96 -55.04
N PHE KB 26 -19.98 -16.22 -55.15
CA PHE KB 26 -19.04 -17.29 -55.48
C PHE KB 26 -19.54 -18.00 -56.73
N VAL KB 27 -18.63 -18.25 -57.66
CA VAL KB 27 -18.89 -19.07 -58.82
C VAL KB 27 -17.79 -20.13 -58.83
N HIS KB 28 -18.17 -21.37 -58.58
CA HIS KB 28 -17.22 -22.45 -58.37
C HIS KB 28 -17.59 -23.61 -59.27
N VAL KB 29 -16.91 -23.74 -60.40
CA VAL KB 29 -17.16 -24.83 -61.34
C VAL KB 29 -16.28 -26.01 -60.98
N THR KB 30 -16.90 -27.15 -60.71
CA THR KB 30 -16.21 -28.37 -60.37
C THR KB 30 -16.69 -29.49 -61.27
N ASP KB 31 -16.05 -30.65 -61.17
CA ASP KB 31 -16.46 -31.80 -61.94
C ASP KB 31 -17.73 -32.40 -61.33
N LEU KB 32 -18.28 -33.41 -62.01
CA LEU KB 32 -19.53 -34.02 -61.58
C LEU KB 32 -19.45 -34.56 -60.16
N SER KB 33 -18.26 -34.94 -59.70
CA SER KB 33 -18.12 -35.39 -58.32
C SER KB 33 -18.04 -34.23 -57.35
N GLY KB 34 -17.48 -33.10 -57.78
CA GLY KB 34 -17.24 -31.98 -56.92
C GLY KB 34 -15.91 -32.02 -56.21
N LYS KB 35 -15.27 -33.19 -56.16
CA LYS KB 35 -13.97 -33.33 -55.54
C LYS KB 35 -12.88 -32.59 -56.29
N GLU KB 36 -13.06 -32.38 -57.58
CA GLU KB 36 -12.03 -31.80 -58.44
C GLU KB 36 -12.61 -30.57 -59.11
N THR KB 37 -12.11 -29.40 -58.72
CA THR KB 37 -12.62 -28.14 -59.23
C THR KB 37 -11.85 -27.68 -60.46
N ILE KB 38 -12.54 -26.91 -61.30
CA ILE KB 38 -11.98 -26.38 -62.53
C ILE KB 38 -11.59 -24.93 -62.32
N CYS KB 39 -12.55 -24.08 -62.01
CA CYS KB 39 -12.29 -22.68 -61.75
C CYS KB 39 -13.18 -22.17 -60.63
N ARG KB 40 -12.70 -21.16 -59.92
CA ARG KB 40 -13.49 -20.58 -58.84
C ARG KB 40 -13.09 -19.12 -58.72
N VAL KB 41 -13.96 -18.24 -59.16
CA VAL KB 41 -13.75 -16.80 -59.07
C VAL KB 41 -14.88 -16.18 -58.28
N THR KB 42 -14.55 -15.33 -57.34
CA THR KB 42 -15.53 -14.69 -56.48
C THR KB 42 -15.86 -13.30 -57.00
N GLY KB 43 -16.88 -12.70 -56.40
CA GLY KB 43 -17.20 -11.34 -56.75
C GLY KB 43 -16.25 -10.31 -56.18
N GLY KB 44 -15.50 -10.65 -55.15
CA GLY KB 44 -14.57 -9.74 -54.54
C GLY KB 44 -13.25 -9.63 -55.24
N MET KB 45 -12.91 -10.57 -56.10
CA MET KB 45 -11.70 -10.49 -56.91
C MET KB 45 -11.96 -9.83 -58.25
N LYS KB 46 -13.03 -9.06 -58.37
CA LYS KB 46 -13.37 -8.39 -59.61
C LYS KB 46 -13.76 -6.94 -59.43
N VAL KB 47 -13.81 -6.45 -58.20
CA VAL KB 47 -14.20 -5.07 -57.92
C VAL KB 47 -13.39 -4.57 -56.74
N LYS KB 48 -12.99 -3.30 -56.80
CA LYS KB 48 -12.08 -2.72 -55.82
C LYS KB 48 -12.85 -1.95 -54.76
N ALA KB 49 -13.85 -2.63 -54.18
CA ALA KB 49 -14.65 -2.06 -53.10
C ALA KB 49 -15.40 -3.14 -52.36
N ASP KB 50 -15.32 -3.14 -51.03
CA ASP KB 50 -16.00 -4.17 -50.24
C ASP KB 50 -17.51 -4.07 -50.37
N ARG KB 51 -18.06 -2.86 -50.51
CA ARG KB 51 -19.51 -2.70 -50.39
C ARG KB 51 -20.26 -3.34 -51.54
N ASP KB 52 -19.61 -3.54 -52.69
CA ASP KB 52 -20.26 -4.10 -53.85
C ASP KB 52 -19.59 -5.39 -54.29
N GLU KB 53 -19.05 -6.14 -53.33
CA GLU KB 53 -18.57 -7.48 -53.64
C GLU KB 53 -19.72 -8.38 -54.04
N SER KB 54 -20.92 -8.09 -53.57
CA SER KB 54 -22.10 -8.88 -53.89
C SER KB 54 -23.04 -8.18 -54.85
N SER KB 55 -22.64 -7.04 -55.39
CA SER KB 55 -23.48 -6.35 -56.36
C SER KB 55 -23.71 -7.24 -57.57
N PRO KB 56 -24.87 -7.13 -58.20
CA PRO KB 56 -25.18 -8.03 -59.33
C PRO KB 56 -24.27 -7.83 -60.52
N TYR KB 57 -23.67 -6.65 -60.67
CA TYR KB 57 -22.71 -6.45 -61.75
C TYR KB 57 -21.42 -7.21 -61.46
N ALA KB 58 -20.93 -7.11 -60.21
CA ALA KB 58 -19.72 -7.80 -59.83
C ALA KB 58 -19.81 -9.30 -60.04
N ALA KB 59 -21.01 -9.88 -59.98
CA ALA KB 59 -21.20 -11.27 -60.29
C ALA KB 59 -21.43 -11.51 -61.77
N MET KB 60 -21.78 -10.48 -62.54
CA MET KB 60 -21.97 -10.64 -63.97
C MET KB 60 -20.65 -10.77 -64.71
N LEU KB 61 -19.62 -10.07 -64.28
CA LEU KB 61 -18.31 -10.21 -64.92
C LEU KB 61 -17.41 -11.17 -64.17
N ALA KB 62 -17.88 -11.73 -63.06
CA ALA KB 62 -17.22 -12.88 -62.47
C ALA KB 62 -17.69 -14.18 -63.06
N ALA KB 63 -18.88 -14.21 -63.67
CA ALA KB 63 -19.34 -15.39 -64.37
C ALA KB 63 -18.90 -15.41 -65.82
N GLN KB 64 -18.72 -14.25 -66.44
CA GLN KB 64 -18.11 -14.19 -67.75
C GLN KB 64 -16.65 -14.60 -67.73
N ASP KB 65 -16.01 -14.50 -66.58
CA ASP KB 65 -14.62 -14.92 -66.46
C ASP KB 65 -14.53 -16.44 -66.34
N VAL KB 66 -15.30 -17.03 -65.43
CA VAL KB 66 -15.25 -18.46 -65.26
C VAL KB 66 -15.76 -19.20 -66.49
N ALA KB 67 -16.74 -18.64 -67.20
CA ALA KB 67 -17.21 -19.28 -68.42
C ALA KB 67 -16.15 -19.23 -69.50
N GLN KB 68 -15.41 -18.13 -69.58
CA GLN KB 68 -14.29 -18.06 -70.51
C GLN KB 68 -13.19 -19.04 -70.13
N ARG KB 69 -12.98 -19.25 -68.83
CA ARG KB 69 -11.98 -20.20 -68.36
C ARG KB 69 -12.46 -21.64 -68.45
N CYS KB 70 -13.76 -21.87 -68.31
CA CYS KB 70 -14.33 -23.19 -68.36
C CYS KB 70 -14.56 -23.65 -69.79
N LYS KB 71 -14.37 -22.78 -70.78
CA LYS KB 71 -14.58 -23.11 -72.18
C LYS KB 71 -13.44 -23.93 -72.76
N GLU KB 72 -12.22 -23.38 -72.73
CA GLU KB 72 -11.10 -24.04 -73.38
C GLU KB 72 -10.67 -25.30 -72.63
N LEU KB 73 -11.02 -25.42 -71.35
CA LEU KB 73 -10.66 -26.62 -70.62
C LEU KB 73 -11.49 -27.82 -71.07
N GLY KB 74 -12.65 -27.56 -71.65
CA GLY KB 74 -13.35 -28.63 -72.34
C GLY KB 74 -14.78 -28.87 -71.90
N ILE KB 75 -15.30 -27.99 -71.06
CA ILE KB 75 -16.65 -28.14 -70.53
C ILE KB 75 -17.58 -27.24 -71.32
N THR KB 76 -18.77 -27.75 -71.64
CA THR KB 76 -19.76 -27.00 -72.40
C THR KB 76 -21.09 -26.85 -71.67
N ALA KB 77 -21.52 -27.85 -70.91
CA ALA KB 77 -22.76 -27.79 -70.16
C ALA KB 77 -22.47 -27.64 -68.69
N LEU KB 78 -23.47 -27.19 -67.94
CA LEU KB 78 -23.29 -26.94 -66.52
C LEU KB 78 -24.56 -27.28 -65.76
N HIS KB 79 -24.41 -28.02 -64.67
CA HIS KB 79 -25.46 -28.14 -63.68
C HIS KB 79 -25.30 -27.02 -62.67
N ILE KB 80 -26.42 -26.42 -62.29
CA ILE KB 80 -26.41 -25.24 -61.44
C ILE KB 80 -26.89 -25.64 -60.05
N LYS KB 81 -26.22 -25.14 -59.02
CA LYS KB 81 -26.61 -25.44 -57.65
C LYS KB 81 -26.56 -24.14 -56.85
N LEU KB 82 -27.71 -23.47 -56.76
CA LEU KB 82 -27.81 -22.26 -55.97
C LEU KB 82 -27.68 -22.57 -54.48
N ARG KB 83 -27.12 -21.61 -53.74
CA ARG KB 83 -26.91 -21.80 -52.32
C ARG KB 83 -26.87 -20.46 -51.63
N ALA KB 84 -27.75 -20.24 -50.67
CA ALA KB 84 -27.71 -19.07 -49.82
C ALA KB 84 -26.78 -19.33 -48.65
N THR KB 85 -26.66 -18.35 -47.75
CA THR KB 85 -25.78 -18.53 -46.61
C THR KB 85 -26.25 -19.66 -45.71
N GLY KB 86 -27.55 -19.92 -45.67
CA GLY KB 86 -28.06 -21.11 -45.01
C GLY KB 86 -27.78 -21.15 -43.52
N GLY KB 87 -27.87 -22.36 -42.98
CA GLY KB 87 -27.73 -22.52 -41.54
C GLY KB 87 -28.83 -21.80 -40.82
N ASN KB 88 -28.53 -21.30 -39.63
CA ASN KB 88 -29.49 -20.47 -38.93
C ASN KB 88 -29.61 -19.08 -39.52
N ARG KB 89 -28.71 -18.71 -40.43
CA ARG KB 89 -28.74 -17.40 -41.06
C ARG KB 89 -29.72 -17.42 -42.22
N THR KB 90 -29.61 -16.43 -43.10
CA THR KB 90 -30.61 -16.18 -44.13
C THR KB 90 -30.75 -17.37 -45.06
N LYS KB 91 -31.92 -17.50 -45.67
CA LYS KB 91 -32.20 -18.58 -46.60
C LYS KB 91 -32.44 -18.13 -48.02
N THR KB 92 -32.65 -16.85 -48.27
CA THR KB 92 -32.84 -16.37 -49.62
C THR KB 92 -31.50 -16.02 -50.25
N PRO KB 93 -31.27 -16.33 -51.52
CA PRO KB 93 -29.98 -16.01 -52.14
C PRO KB 93 -29.79 -14.50 -52.26
N GLY KB 94 -28.52 -14.09 -52.25
CA GLY KB 94 -28.18 -12.69 -52.32
C GLY KB 94 -28.52 -12.04 -53.64
N PRO KB 95 -28.17 -10.75 -53.77
CA PRO KB 95 -28.51 -10.04 -55.01
C PRO KB 95 -27.71 -10.52 -56.21
N GLY KB 96 -26.47 -10.94 -56.02
CA GLY KB 96 -25.67 -11.36 -57.14
C GLY KB 96 -25.91 -12.80 -57.53
N ALA KB 97 -27.07 -13.34 -57.15
CA ALA KB 97 -27.41 -14.73 -57.45
C ALA KB 97 -27.97 -14.91 -58.84
N GLN KB 98 -28.89 -14.05 -59.26
CA GLN KB 98 -29.52 -14.24 -60.55
C GLN KB 98 -28.65 -13.71 -61.68
N SER KB 99 -28.01 -12.56 -61.49
CA SER KB 99 -27.14 -12.01 -62.51
C SER KB 99 -25.92 -12.87 -62.78
N ALA KB 100 -25.66 -13.87 -61.94
CA ALA KB 100 -24.53 -14.77 -62.18
C ALA KB 100 -24.88 -15.77 -63.27
N LEU KB 101 -25.88 -16.61 -63.03
CA LEU KB 101 -26.19 -17.65 -63.99
C LEU KB 101 -26.83 -17.10 -65.26
N ARG KB 102 -27.38 -15.89 -65.20
CA ARG KB 102 -27.80 -15.26 -66.44
C ARG KB 102 -26.61 -14.85 -67.28
N ALA KB 103 -25.50 -14.48 -66.64
CA ALA KB 103 -24.31 -14.10 -67.38
C ALA KB 103 -23.69 -15.30 -68.09
N LEU KB 104 -23.44 -16.39 -67.34
CA LEU KB 104 -22.82 -17.55 -67.95
C LEU KB 104 -23.73 -18.20 -69.00
N ALA KB 105 -25.04 -18.01 -68.87
CA ALA KB 105 -25.93 -18.42 -69.96
C ALA KB 105 -25.72 -17.55 -71.19
N ARG KB 106 -25.65 -16.23 -71.01
CA ARG KB 106 -25.32 -15.33 -72.09
C ARG KB 106 -23.88 -15.46 -72.56
N SER KB 107 -23.06 -16.21 -71.82
CA SER KB 107 -21.68 -16.40 -72.20
C SER KB 107 -21.48 -17.62 -73.09
N GLY KB 108 -22.54 -18.33 -73.43
CA GLY KB 108 -22.45 -19.45 -74.34
C GLY KB 108 -22.25 -20.80 -73.70
N MET KB 109 -22.58 -20.95 -72.42
CA MET KB 109 -22.43 -22.22 -71.71
C MET KB 109 -23.80 -22.88 -71.62
N LYS KB 110 -23.85 -24.18 -71.88
CA LYS KB 110 -25.12 -24.90 -71.78
C LYS KB 110 -25.49 -25.13 -70.32
N ILE KB 111 -26.80 -25.26 -70.08
CA ILE KB 111 -27.35 -25.36 -68.74
C ILE KB 111 -28.00 -26.74 -68.58
N GLY KB 112 -27.79 -27.35 -67.43
CA GLY KB 112 -28.40 -28.63 -67.13
C GLY KB 112 -29.50 -28.54 -66.11
N ARG KB 113 -29.25 -29.10 -64.93
CA ARG KB 113 -30.22 -29.09 -63.84
C ARG KB 113 -29.89 -27.96 -62.86
N ILE KB 114 -30.94 -27.26 -62.43
CA ILE KB 114 -30.81 -26.17 -61.47
C ILE KB 114 -31.48 -26.58 -60.18
N GLU KB 115 -30.84 -26.30 -59.06
CA GLU KB 115 -31.30 -26.79 -57.77
C GLU KB 115 -30.80 -25.87 -56.67
N ASP KB 116 -31.62 -25.73 -55.63
CA ASP KB 116 -31.20 -25.05 -54.40
C ASP KB 116 -30.64 -26.09 -53.45
N VAL KB 117 -29.39 -25.89 -53.03
CA VAL KB 117 -28.76 -26.80 -52.08
C VAL KB 117 -28.40 -26.04 -50.82
N THR KB 118 -29.22 -25.07 -50.48
CA THR KB 118 -29.01 -24.29 -49.28
C THR KB 118 -28.98 -25.21 -48.06
N PRO KB 119 -27.99 -25.09 -47.18
CA PRO KB 119 -27.94 -25.96 -46.01
C PRO KB 119 -29.03 -25.65 -45.00
N ILE KB 120 -30.23 -26.17 -45.26
CA ILE KB 120 -31.37 -25.96 -44.38
C ILE KB 120 -31.20 -26.81 -43.14
N PRO KB 121 -31.06 -26.21 -41.96
CA PRO KB 121 -30.91 -27.01 -40.75
C PRO KB 121 -32.23 -27.68 -40.40
N SER KB 122 -32.13 -28.90 -39.89
CA SER KB 122 -33.30 -29.49 -39.27
C SER KB 122 -33.74 -28.67 -38.08
N ASP KB 123 -32.88 -28.49 -37.09
CA ASP KB 123 -33.21 -27.66 -35.94
C ASP KB 123 -31.96 -26.96 -35.44
N SER KB 124 -31.87 -25.66 -35.67
CA SER KB 124 -30.60 -24.96 -35.61
C SER KB 124 -30.13 -24.78 -34.18
N THR KB 125 -28.87 -24.36 -34.05
CA THR KB 125 -28.36 -23.86 -32.78
C THR KB 125 -28.84 -22.43 -32.63
N ARG KB 126 -28.41 -21.74 -31.58
CA ARG KB 126 -28.93 -20.40 -31.34
C ARG KB 126 -28.36 -19.44 -32.37
N ARG KB 127 -29.25 -18.78 -33.11
CA ARG KB 127 -28.82 -17.83 -34.12
C ARG KB 127 -28.13 -16.62 -33.49
N LYS KB 128 -27.11 -16.12 -34.17
CA LYS KB 128 -26.36 -14.99 -33.66
C LYS KB 128 -27.24 -13.75 -33.59
N GLY KB 129 -27.06 -12.96 -32.54
CA GLY KB 129 -27.85 -11.76 -32.34
C GLY KB 129 -28.52 -11.92 -31.00
N GLY KB 130 -28.82 -10.79 -30.37
CA GLY KB 130 -29.44 -10.84 -29.07
C GLY KB 130 -30.85 -11.39 -29.11
N ARG KB 131 -31.49 -11.43 -27.94
CA ARG KB 131 -32.91 -11.73 -27.90
C ARG KB 131 -33.70 -10.63 -28.57
N ARG KB 132 -33.24 -9.39 -28.43
CA ARG KB 132 -33.91 -8.23 -29.00
C ARG KB 132 -33.53 -7.99 -30.44
N GLY KB 133 -32.72 -8.85 -31.02
CA GLY KB 133 -32.39 -8.74 -32.43
C GLY KB 133 -31.29 -7.73 -32.69
N ARG KB 134 -31.19 -7.36 -33.96
CA ARG KB 134 -30.15 -6.45 -34.43
C ARG KB 134 -30.68 -5.02 -34.41
N ARG KB 135 -30.89 -4.52 -33.20
CA ARG KB 135 -31.48 -3.20 -33.01
C ARG KB 135 -30.52 -2.11 -33.42
N PHE LB 1 8.08 83.65 -45.75
CA PHE LB 1 9.03 84.75 -45.86
C PHE LB 1 8.65 85.71 -46.98
N ARG LB 2 8.55 85.18 -48.19
CA ARG LB 2 8.23 86.01 -49.34
C ARG LB 2 6.81 86.56 -49.23
N LYS LB 3 6.54 87.63 -49.97
CA LYS LB 3 5.21 88.21 -50.08
C LYS LB 3 4.18 87.16 -50.44
N PHE LB 4 2.96 87.32 -49.94
CA PHE LB 4 1.85 86.49 -50.37
C PHE LB 4 1.30 87.04 -51.68
N THR LB 5 1.06 86.15 -52.64
CA THR LB 5 0.57 86.55 -53.94
C THR LB 5 -0.58 85.63 -54.34
N TYR LB 6 -1.69 86.25 -54.71
CA TYR LB 6 -2.94 85.54 -55.03
C TYR LB 6 -3.14 85.60 -56.54
N ARG LB 7 -2.85 84.49 -57.22
CA ARG LB 7 -2.90 84.39 -58.67
C ARG LB 7 -1.89 85.30 -59.36
N GLY LB 8 -0.99 85.90 -58.59
CA GLY LB 8 0.00 86.78 -59.20
C GLY LB 8 -0.16 88.24 -58.84
N VAL LB 9 -0.90 88.53 -57.77
CA VAL LB 9 -1.03 89.89 -57.26
C VAL LB 9 -0.92 89.84 -55.74
N ASP LB 10 -0.16 90.77 -55.17
CA ASP LB 10 0.13 90.76 -53.76
C ASP LB 10 -0.98 91.41 -52.95
N LEU LB 11 -0.88 91.26 -51.63
CA LEU LB 11 -1.99 91.58 -50.73
C LEU LB 11 -2.39 93.04 -50.80
N ASP LB 12 -1.40 93.94 -50.81
CA ASP LB 12 -1.72 95.37 -50.73
C ASP LB 12 -2.44 95.86 -51.98
N GLN LB 13 -2.27 95.17 -53.10
CA GLN LB 13 -2.97 95.58 -54.32
C GLN LB 13 -4.39 95.04 -54.39
N LEU LB 14 -4.68 93.96 -53.66
CA LEU LB 14 -6.05 93.46 -53.57
C LEU LB 14 -6.96 94.47 -52.89
N LEU LB 15 -6.51 95.02 -51.75
CA LEU LB 15 -7.42 95.79 -50.91
C LEU LB 15 -7.90 97.06 -51.63
N ASP LB 16 -7.03 97.70 -52.40
CA ASP LB 16 -7.42 98.89 -53.18
C ASP LB 16 -7.85 98.45 -54.58
N MET LB 17 -8.96 97.73 -54.62
CA MET LB 17 -9.46 97.17 -55.87
C MET LB 17 -10.95 96.93 -55.74
N SER LB 18 -11.70 97.29 -56.78
CA SER LB 18 -13.14 97.09 -56.76
C SER LB 18 -13.47 95.61 -56.96
N TYR LB 19 -14.75 95.27 -56.87
CA TYR LB 19 -15.17 93.89 -56.96
C TYR LB 19 -15.41 93.42 -58.39
N GLU LB 20 -15.68 94.33 -59.31
CA GLU LB 20 -16.02 93.94 -60.68
C GLU LB 20 -14.86 93.21 -61.35
N GLN LB 21 -13.63 93.52 -60.97
CA GLN LB 21 -12.50 92.72 -61.40
C GLN LB 21 -12.08 91.69 -60.34
N LEU LB 22 -12.66 91.76 -59.15
CA LEU LB 22 -12.35 90.76 -58.14
C LEU LB 22 -13.05 89.43 -58.41
N MET LB 23 -14.18 89.46 -59.12
CA MET LB 23 -14.84 88.21 -59.48
C MET LB 23 -13.92 87.32 -60.33
N GLN LB 24 -13.48 87.84 -61.46
CA GLN LB 24 -12.63 87.03 -62.34
C GLN LB 24 -11.25 86.83 -61.80
N LEU LB 25 -10.97 87.28 -60.58
CA LEU LB 25 -9.68 87.01 -59.95
C LEU LB 25 -9.56 85.58 -59.46
N TYR LB 26 -10.66 84.95 -59.05
CA TYR LB 26 -10.57 83.61 -58.46
C TYR LB 26 -11.86 82.84 -58.75
N SER LB 27 -12.04 81.76 -57.99
CA SER LB 27 -12.88 80.60 -58.33
C SER LB 27 -14.29 80.90 -58.80
N ALA LB 28 -14.85 79.97 -59.56
CA ALA LB 28 -16.19 80.13 -60.13
C ALA LB 28 -17.27 80.21 -59.05
N ARG LB 29 -17.19 79.35 -58.04
CA ARG LB 29 -18.18 79.37 -56.98
C ARG LB 29 -18.20 80.72 -56.27
N GLN LB 30 -17.04 81.33 -56.06
CA GLN LB 30 -16.97 82.60 -55.36
C GLN LB 30 -17.46 83.74 -56.23
N ARG LB 31 -17.05 83.80 -57.49
CA ARG LB 31 -17.48 84.90 -58.35
C ARG LB 31 -18.97 84.85 -58.65
N ARG LB 32 -19.59 83.67 -58.68
CA ARG LB 32 -21.03 83.60 -58.80
C ARG LB 32 -21.72 83.99 -57.51
N ARG LB 33 -21.06 83.78 -56.37
CA ARG LB 33 -21.60 84.23 -55.10
C ARG LB 33 -21.67 85.75 -55.05
N LEU LB 34 -20.64 86.42 -55.56
CA LEU LB 34 -20.64 87.88 -55.57
C LEU LB 34 -21.45 88.43 -56.74
N SER LB 35 -21.44 87.76 -57.88
CA SER LB 35 -22.26 88.20 -59.00
C SER LB 35 -23.74 88.09 -58.67
N ARG LB 36 -24.11 87.17 -57.79
CA ARG LB 36 -25.49 87.06 -57.33
C ARG LB 36 -25.82 88.10 -56.27
N GLY LB 37 -24.82 88.67 -55.63
CA GLY LB 37 -25.02 89.77 -54.72
C GLY LB 37 -24.95 89.32 -53.27
N LEU LB 38 -24.71 90.29 -52.39
CA LEU LB 38 -24.66 90.06 -50.96
C LEU LB 38 -26.00 90.42 -50.33
N ARG LB 39 -26.08 90.28 -49.01
CA ARG LB 39 -27.29 90.58 -48.26
C ARG LB 39 -26.95 91.55 -47.14
N ARG LB 40 -27.95 92.34 -46.74
CA ARG LB 40 -27.72 93.30 -45.67
C ARG LB 40 -27.37 92.63 -44.35
N LYS LB 41 -27.80 91.38 -44.16
CA LYS LB 41 -27.33 90.60 -43.02
C LYS LB 41 -25.84 90.33 -43.10
N GLN LB 42 -25.26 90.40 -44.29
CA GLN LB 42 -23.84 90.19 -44.51
C GLN LB 42 -23.05 91.48 -44.59
N HIS LB 43 -23.64 92.53 -45.18
CA HIS LB 43 -23.01 93.83 -45.13
C HIS LB 43 -22.87 94.32 -43.70
N SER LB 44 -23.86 94.04 -42.87
CA SER LB 44 -23.80 94.38 -41.45
C SER LB 44 -22.67 93.68 -40.72
N LEU LB 45 -22.12 92.60 -41.29
CA LEU LB 45 -20.95 91.99 -40.69
C LEU LB 45 -19.68 92.74 -41.06
N LEU LB 46 -19.58 93.20 -42.31
CA LEU LB 46 -18.38 93.89 -42.76
C LEU LB 46 -18.14 95.16 -41.95
N LYS LB 47 -19.19 95.97 -41.75
CA LYS LB 47 -19.02 97.18 -40.95
C LYS LB 47 -18.61 96.84 -39.53
N ARG LB 48 -19.04 95.70 -39.01
CA ARG LB 48 -18.63 95.27 -37.69
C ARG LB 48 -17.17 94.87 -37.63
N LEU LB 49 -16.53 94.69 -38.79
CA LEU LB 49 -15.09 94.43 -38.84
C LEU LB 49 -14.27 95.70 -38.81
N ARG LB 50 -14.67 96.71 -39.60
CA ARG LB 50 -14.01 98.01 -39.52
C ARG LB 50 -14.27 98.68 -38.19
N LYS LB 51 -15.47 98.52 -37.64
CA LYS LB 51 -15.74 98.97 -36.29
C LYS LB 51 -14.83 98.29 -35.29
N ALA LB 52 -14.45 97.03 -35.54
CA ALA LB 52 -13.55 96.31 -34.66
C ALA LB 52 -12.09 96.51 -35.01
N LYS LB 53 -11.79 97.10 -36.16
CA LYS LB 53 -10.42 97.23 -36.63
C LYS LB 53 -9.82 98.60 -36.37
N LYS LB 54 -10.56 99.67 -36.59
CA LYS LB 54 -10.04 100.98 -36.24
C LYS LB 54 -9.98 101.17 -34.74
N GLU LB 55 -10.79 100.45 -33.98
CA GLU LB 55 -10.74 100.50 -32.52
C GLU LB 55 -9.60 99.69 -31.94
N ALA LB 56 -8.71 99.17 -32.79
CA ALA LB 56 -7.56 98.42 -32.32
C ALA LB 56 -6.35 99.32 -32.28
N PRO LB 57 -5.65 99.40 -31.16
CA PRO LB 57 -4.35 100.08 -31.14
C PRO LB 57 -3.42 99.45 -32.17
N PRO LB 58 -2.53 100.24 -32.78
CA PRO LB 58 -1.83 99.76 -33.98
C PRO LB 58 -0.95 98.55 -33.75
N MET LB 59 -0.51 98.29 -32.53
CA MET LB 59 0.31 97.13 -32.24
C MET LB 59 -0.46 95.96 -31.67
N GLU LB 60 -1.76 96.11 -31.46
CA GLU LB 60 -2.61 95.04 -30.98
C GLU LB 60 -3.49 94.57 -32.12
N LYS LB 61 -3.70 93.25 -32.19
CA LYS LB 61 -4.63 92.71 -33.15
C LYS LB 61 -6.07 92.95 -32.66
N PRO LB 62 -7.00 93.15 -33.59
CA PRO LB 62 -8.30 93.74 -33.22
C PRO LB 62 -9.15 92.84 -32.32
N GLU LB 63 -10.34 93.36 -32.03
CA GLU LB 63 -11.27 92.70 -31.14
C GLU LB 63 -11.91 91.49 -31.82
N VAL LB 64 -12.40 90.57 -31.00
CA VAL LB 64 -13.10 89.39 -31.49
C VAL LB 64 -14.51 89.80 -31.90
N VAL LB 65 -14.94 89.35 -33.07
CA VAL LB 65 -16.30 89.53 -33.54
C VAL LB 65 -16.91 88.16 -33.82
N LYS LB 66 -18.15 87.97 -33.38
CA LYS LB 66 -18.81 86.68 -33.50
C LYS LB 66 -19.88 86.72 -34.58
N THR LB 67 -20.16 85.54 -35.15
CA THR LB 67 -21.14 85.44 -36.23
C THR LB 67 -21.62 84.01 -36.44
N HIS LB 68 -22.82 83.87 -36.97
CA HIS LB 68 -23.37 82.59 -37.39
C HIS LB 68 -23.17 82.35 -38.87
N LEU LB 69 -22.48 83.25 -39.55
CA LEU LB 69 -22.36 83.22 -41.01
C LEU LB 69 -21.14 82.39 -41.39
N ARG LB 70 -21.37 81.07 -41.49
CA ARG LB 70 -20.37 80.18 -42.05
C ARG LB 70 -20.26 80.27 -43.55
N ASP LB 71 -21.19 80.98 -44.21
CA ASP LB 71 -21.27 81.01 -45.66
C ASP LB 71 -20.71 82.30 -46.25
N MET LB 72 -19.73 82.90 -45.60
CA MET LB 72 -19.12 84.15 -46.07
C MET LB 72 -17.77 83.89 -46.70
N ILE LB 73 -17.49 84.59 -47.80
CA ILE LB 73 -16.23 84.46 -48.51
C ILE LB 73 -15.19 85.31 -47.79
N ILE LB 74 -13.99 84.78 -47.64
CA ILE LB 74 -12.87 85.58 -47.15
C ILE LB 74 -12.40 86.49 -48.27
N LEU LB 75 -12.81 87.74 -48.24
CA LEU LB 75 -12.32 88.72 -49.18
C LEU LB 75 -11.22 89.55 -48.53
N PRO LB 76 -10.32 90.13 -49.34
CA PRO LB 76 -9.07 90.66 -48.78
C PRO LB 76 -9.24 91.78 -47.77
N GLU LB 77 -10.45 92.30 -47.55
CA GLU LB 77 -10.63 93.31 -46.52
C GLU LB 77 -10.67 92.69 -45.13
N MET LB 78 -11.19 91.48 -45.02
CA MET LB 78 -11.34 90.86 -43.71
C MET LB 78 -10.01 90.37 -43.13
N VAL LB 79 -8.91 90.52 -43.86
CA VAL LB 79 -7.60 90.10 -43.35
C VAL LB 79 -7.29 90.79 -42.03
N GLY LB 80 -6.72 90.04 -41.09
CA GLY LB 80 -6.36 90.59 -39.80
C GLY LB 80 -7.57 90.83 -38.92
N SER LB 81 -8.31 89.77 -38.62
CA SER LB 81 -9.55 89.89 -37.88
C SER LB 81 -9.78 88.63 -37.06
N MET LB 82 -10.34 88.80 -35.87
CA MET LB 82 -10.64 87.68 -34.98
C MET LB 82 -12.14 87.40 -35.06
N VAL LB 83 -12.50 86.49 -35.95
CA VAL LB 83 -13.90 86.16 -36.11
C VAL LB 83 -14.22 84.94 -35.26
N GLY LB 84 -15.32 85.03 -34.52
CA GLY LB 84 -15.82 83.91 -33.76
C GLY LB 84 -16.81 83.10 -34.55
N VAL LB 85 -16.33 82.33 -35.52
CA VAL LB 85 -17.24 81.56 -36.36
C VAL LB 85 -17.97 80.54 -35.51
N TYR LB 86 -19.27 80.45 -35.71
CA TYR LB 86 -20.10 79.54 -34.93
C TYR LB 86 -20.04 78.13 -35.51
N ASN LB 87 -19.85 77.15 -34.62
CA ASN LB 87 -19.90 75.75 -34.99
C ASN LB 87 -21.33 75.22 -35.02
N GLY LB 88 -22.16 75.73 -34.11
CA GLY LB 88 -23.47 75.19 -33.88
C GLY LB 88 -23.62 74.99 -32.39
N LYS LB 89 -22.49 74.98 -31.71
CA LYS LB 89 -22.47 74.86 -30.25
C LYS LB 89 -21.69 76.00 -29.62
N THR LB 90 -20.56 76.36 -30.21
CA THR LB 90 -19.67 77.38 -29.68
C THR LB 90 -19.08 78.20 -30.81
N PHE LB 91 -18.46 79.32 -30.44
CA PHE LB 91 -17.75 80.17 -31.37
C PHE LB 91 -16.25 79.95 -31.22
N ASN LB 92 -15.63 79.37 -32.24
CA ASN LB 92 -14.19 79.13 -32.22
C ASN LB 92 -13.50 80.28 -32.94
N GLN LB 93 -12.67 81.00 -32.20
CA GLN LB 93 -11.93 82.14 -32.75
C GLN LB 93 -10.83 81.64 -33.68
N VAL LB 94 -10.82 82.14 -34.90
CA VAL LB 94 -9.74 81.92 -35.85
C VAL LB 94 -9.34 83.27 -36.43
N GLU LB 95 -8.03 83.46 -36.64
CA GLU LB 95 -7.49 84.72 -37.16
C GLU LB 95 -7.30 84.55 -38.67
N ILE LB 96 -7.90 85.45 -39.44
CA ILE LB 96 -7.79 85.37 -40.90
C ILE LB 96 -6.35 85.70 -41.31
N LYS LB 97 -5.72 84.79 -42.03
CA LYS LB 97 -4.45 85.05 -42.68
C LYS LB 97 -4.69 85.27 -44.17
N PRO LB 98 -3.76 85.96 -44.85
CA PRO LB 98 -4.00 86.30 -46.27
C PRO LB 98 -4.14 85.07 -47.16
N GLU LB 99 -3.72 83.91 -46.66
CA GLU LB 99 -3.81 82.68 -47.42
C GLU LB 99 -5.21 82.08 -47.41
N MET LB 100 -6.14 82.66 -46.65
CA MET LB 100 -7.50 82.13 -46.55
C MET LB 100 -8.44 82.82 -47.52
N ILE LB 101 -7.93 83.67 -48.40
CA ILE LB 101 -8.76 84.44 -49.31
C ILE LB 101 -9.34 83.51 -50.36
N GLY LB 102 -10.64 83.61 -50.58
CA GLY LB 102 -11.31 82.76 -51.54
C GLY LB 102 -11.94 81.52 -50.94
N HIS LB 103 -12.07 81.45 -49.63
CA HIS LB 103 -12.68 80.32 -48.94
C HIS LB 103 -13.84 80.80 -48.09
N TYR LB 104 -14.49 79.85 -47.42
CA TYR LB 104 -15.59 80.14 -46.51
C TYR LB 104 -15.09 80.10 -45.06
N LEU LB 105 -15.75 80.89 -44.22
CA LEU LB 105 -15.44 80.86 -42.80
C LEU LB 105 -15.79 79.52 -42.16
N GLY LB 106 -16.80 78.84 -42.68
CA GLY LB 106 -17.18 77.55 -42.12
C GLY LB 106 -16.12 76.50 -42.28
N GLU LB 107 -15.18 76.70 -43.22
CA GLU LB 107 -14.14 75.71 -43.44
C GLU LB 107 -13.19 75.61 -42.27
N PHE LB 108 -12.97 76.70 -41.55
CA PHE LB 108 -12.03 76.71 -40.45
C PHE LB 108 -12.69 76.47 -39.10
N SER LB 109 -14.01 76.49 -39.04
CA SER LB 109 -14.75 76.14 -37.83
C SER LB 109 -15.26 74.72 -38.01
N ILE LB 110 -14.49 73.76 -37.51
CA ILE LB 110 -14.88 72.36 -37.61
C ILE LB 110 -16.16 72.15 -36.80
N THR LB 111 -17.07 71.36 -37.36
CA THR LB 111 -18.37 71.14 -36.74
C THR LB 111 -18.41 69.93 -35.83
N TYR LB 112 -17.57 68.93 -36.10
CA TYR LB 112 -17.57 67.68 -35.37
C TYR LB 112 -16.19 67.45 -34.78
N LYS LB 113 -16.14 66.75 -33.65
CA LYS LB 113 -14.74 66.47 -33.39
C LYS LB 113 -14.34 65.13 -34.02
N PRO LB 114 -13.10 65.00 -34.47
CA PRO LB 114 -12.67 63.74 -35.10
C PRO LB 114 -12.80 62.57 -34.14
N VAL LB 115 -13.12 61.40 -34.69
CA VAL LB 115 -13.41 60.23 -33.88
C VAL LB 115 -12.12 59.47 -33.60
N LYS LB 116 -12.06 58.82 -32.45
CA LYS LB 116 -10.97 57.92 -32.08
C LYS LB 116 -11.58 56.76 -31.31
N HIS LB 117 -11.49 55.56 -31.89
CA HIS LB 117 -12.30 54.45 -31.40
C HIS LB 117 -11.68 53.80 -30.16
N GLY LB 118 -10.36 53.73 -30.09
CA GLY LB 118 -9.73 53.07 -28.96
C GLY LB 118 -9.46 54.02 -27.81
N ARG LB 119 -9.17 53.44 -26.64
CA ARG LB 119 -8.78 54.17 -25.43
C ARG LB 119 -9.78 55.27 -25.07
N PRO LB 120 -10.93 54.90 -24.48
CA PRO LB 120 -12.08 55.75 -24.17
C PRO LB 120 -11.73 57.09 -23.52
N GLY MB 1 -53.64 50.97 -117.40
CA GLY MB 1 -54.75 50.03 -117.43
C GLY MB 1 -55.35 49.78 -116.07
N PRO MB 2 -55.66 48.51 -115.78
CA PRO MB 2 -56.23 48.17 -114.47
C PRO MB 2 -55.20 48.33 -113.35
N LEU MB 3 -55.67 48.83 -112.21
CA LEU MB 3 -54.83 49.08 -111.05
C LEU MB 3 -54.89 47.87 -110.14
N GLN MB 4 -53.95 46.94 -110.32
CA GLN MB 4 -53.94 45.71 -109.55
C GLN MB 4 -53.02 45.86 -108.34
N SER MB 5 -53.44 46.73 -107.43
CA SER MB 5 -52.65 47.09 -106.26
C SER MB 5 -53.14 46.32 -105.05
N VAL MB 6 -52.22 45.65 -104.35
CA VAL MB 6 -52.51 44.97 -103.09
C VAL MB 6 -51.61 45.57 -102.02
N GLN MB 7 -52.22 46.02 -100.92
CA GLN MB 7 -51.50 46.65 -99.82
C GLN MB 7 -51.61 45.77 -98.58
N VAL MB 8 -50.63 44.91 -98.38
CA VAL MB 8 -50.67 43.85 -97.37
C VAL MB 8 -49.66 44.17 -96.28
N PHE MB 9 -50.10 44.08 -95.03
CA PHE MB 9 -49.26 44.33 -93.87
C PHE MB 9 -48.62 43.05 -93.36
N GLY MB 10 -47.51 43.22 -92.63
CA GLY MB 10 -46.88 42.14 -91.91
C GLY MB 10 -46.41 42.61 -90.55
N ARG MB 11 -46.87 41.95 -89.48
CA ARG MB 11 -46.52 42.39 -88.14
C ARG MB 11 -45.43 41.53 -87.54
N LYS MB 12 -44.83 42.06 -86.48
CA LYS MB 12 -43.83 41.36 -85.67
C LYS MB 12 -43.99 41.88 -84.26
N LYS MB 13 -42.97 41.70 -83.41
CA LYS MB 13 -43.03 42.13 -82.01
C LYS MB 13 -43.69 43.49 -81.88
N THR MB 14 -43.13 44.51 -82.51
CA THR MB 14 -43.81 45.79 -82.61
C THR MB 14 -43.66 46.33 -84.03
N ALA MB 15 -42.72 45.77 -84.78
CA ALA MB 15 -42.47 46.22 -86.15
C ALA MB 15 -43.60 45.78 -87.06
N THR MB 16 -44.14 46.72 -87.82
CA THR MB 16 -45.22 46.47 -88.77
C THR MB 16 -44.74 46.87 -90.15
N ALA MB 17 -44.72 45.92 -91.08
CA ALA MB 17 -44.29 46.14 -92.44
C ALA MB 17 -45.49 45.96 -93.36
N VAL MB 18 -45.92 47.04 -94.00
CA VAL MB 18 -47.02 46.99 -94.96
C VAL MB 18 -46.45 47.16 -96.35
N ALA MB 19 -46.57 46.11 -97.16
CA ALA MB 19 -46.13 46.12 -98.53
C ALA MB 19 -47.21 46.70 -99.43
N HIS MB 20 -46.81 47.05 -100.65
CA HIS MB 20 -47.71 47.66 -101.62
C HIS MB 20 -47.40 47.06 -102.99
N CYS MB 21 -48.16 46.03 -103.36
CA CYS MB 21 -48.00 45.43 -104.68
C CYS MB 21 -48.73 46.27 -105.73
N LYS MB 22 -48.39 46.00 -106.99
CA LYS MB 22 -49.08 46.54 -108.15
C LYS MB 22 -48.53 45.81 -109.37
N ARG MB 23 -49.16 46.03 -110.52
CA ARG MB 23 -48.71 45.41 -111.76
C ARG MB 23 -47.58 46.24 -112.34
N GLY MB 24 -46.36 45.91 -111.93
CA GLY MB 24 -45.16 46.53 -112.44
C GLY MB 24 -44.15 45.48 -112.86
N ASN MB 25 -42.90 45.92 -112.98
CA ASN MB 25 -41.80 45.00 -113.28
C ASN MB 25 -41.18 44.54 -111.97
N GLY MB 26 -40.12 43.74 -112.06
CA GLY MB 26 -39.52 43.15 -110.89
C GLY MB 26 -38.59 44.06 -110.11
N LEU MB 27 -39.15 45.02 -109.39
CA LEU MB 27 -38.37 45.82 -108.45
C LEU MB 27 -39.03 45.78 -107.08
N ILE MB 28 -38.21 45.63 -106.05
CA ILE MB 28 -38.67 45.56 -104.66
C ILE MB 28 -37.75 46.42 -103.80
N LYS MB 29 -38.33 47.37 -103.10
CA LYS MB 29 -37.55 48.28 -102.27
C LYS MB 29 -38.37 48.69 -101.05
N VAL MB 30 -37.71 48.65 -99.90
CA VAL MB 30 -38.31 49.06 -98.62
C VAL MB 30 -37.79 50.45 -98.29
N ASN MB 31 -38.72 51.36 -98.01
CA ASN MB 31 -38.44 52.77 -97.70
C ASN MB 31 -37.68 53.48 -98.81
N GLY MB 32 -37.70 52.94 -100.04
CA GLY MB 32 -37.04 53.55 -101.17
C GLY MB 32 -35.71 52.90 -101.52
N ARG MB 33 -35.05 52.33 -100.55
CA ARG MB 33 -33.77 51.70 -100.88
C ARG MB 33 -33.98 50.23 -101.20
N PRO MB 34 -33.13 49.63 -102.02
CA PRO MB 34 -33.38 48.26 -102.50
C PRO MB 34 -33.33 47.24 -101.38
N LEU MB 35 -33.68 46.01 -101.73
CA LEU MB 35 -33.80 44.95 -100.73
C LEU MB 35 -32.45 44.44 -100.26
N GLU MB 36 -31.53 44.17 -101.18
CA GLU MB 36 -30.27 43.54 -100.79
C GLU MB 36 -29.39 44.47 -99.98
N MET MB 37 -29.56 45.78 -100.10
CA MET MB 37 -28.73 46.75 -99.41
C MET MB 37 -29.48 47.25 -98.18
N ILE MB 38 -29.63 46.37 -97.20
CA ILE MB 38 -30.35 46.67 -95.97
C ILE MB 38 -29.53 46.17 -94.79
N GLU MB 39 -29.33 47.03 -93.80
CA GLU MB 39 -28.62 46.66 -92.59
C GLU MB 39 -29.60 46.16 -91.53
N PRO MB 40 -29.20 45.17 -90.71
CA PRO MB 40 -27.89 44.51 -90.74
C PRO MB 40 -27.72 43.58 -91.93
N ARG MB 41 -26.52 43.56 -92.49
CA ARG MB 41 -26.23 42.74 -93.64
C ARG MB 41 -25.94 41.29 -93.28
N THR MB 42 -26.08 40.94 -92.01
CA THR MB 42 -25.99 39.55 -91.62
C THR MB 42 -27.28 38.81 -91.93
N LEU MB 43 -28.41 39.51 -91.94
CA LEU MB 43 -29.69 38.91 -92.31
C LEU MB 43 -29.97 39.12 -93.79
N GLN MB 44 -29.01 38.78 -94.66
CA GLN MB 44 -29.21 39.07 -96.07
C GLN MB 44 -30.13 38.04 -96.70
N TYR MB 45 -29.82 36.75 -96.53
CA TYR MB 45 -30.68 35.71 -97.07
C TYR MB 45 -32.05 35.70 -96.41
N LYS MB 46 -32.20 36.36 -95.26
CA LYS MB 46 -33.49 36.40 -94.60
C LYS MB 46 -34.54 37.13 -95.43
N LEU MB 47 -34.22 38.30 -95.97
CA LEU MB 47 -35.12 39.01 -96.85
C LEU MB 47 -35.14 38.41 -98.25
N LEU MB 48 -34.24 37.48 -98.54
CA LEU MB 48 -34.26 36.79 -99.81
C LEU MB 48 -35.02 35.47 -99.77
N GLU MB 49 -35.60 35.12 -98.62
CA GLU MB 49 -36.37 33.87 -98.53
C GLU MB 49 -37.50 33.80 -99.55
N PRO MB 50 -38.39 34.79 -99.66
CA PRO MB 50 -39.45 34.68 -100.68
C PRO MB 50 -38.93 34.71 -102.10
N VAL MB 51 -37.79 35.34 -102.36
CA VAL MB 51 -37.28 35.45 -103.72
C VAL MB 51 -36.49 34.22 -104.13
N LEU MB 52 -35.82 33.58 -103.16
CA LEU MB 52 -35.08 32.37 -103.49
C LEU MB 52 -36.00 31.17 -103.63
N LEU MB 53 -36.91 30.97 -102.67
CA LEU MB 53 -37.77 29.79 -102.71
C LEU MB 53 -38.80 29.84 -103.83
N LEU MB 54 -39.10 31.02 -104.36
CA LEU MB 54 -40.08 31.15 -105.41
C LEU MB 54 -39.49 31.52 -106.76
N GLY MB 55 -38.23 31.91 -106.82
CA GLY MB 55 -37.63 32.32 -108.06
C GLY MB 55 -37.99 33.76 -108.42
N LYS MB 56 -37.20 34.31 -109.33
CA LYS MB 56 -37.36 35.71 -109.71
C LYS MB 56 -38.58 35.94 -110.59
N GLU MB 57 -38.99 34.91 -111.35
CA GLU MB 57 -40.08 35.10 -112.31
C GLU MB 57 -41.42 35.33 -111.62
N ARG MB 58 -41.58 34.82 -110.40
CA ARG MB 58 -42.81 35.09 -109.66
C ARG MB 58 -42.95 36.56 -109.30
N PHE MB 59 -41.84 37.28 -109.21
CA PHE MB 59 -41.86 38.71 -108.94
C PHE MB 59 -41.61 39.54 -110.19
N ALA MB 60 -41.50 38.88 -111.35
CA ALA MB 60 -41.19 39.60 -112.58
C ALA MB 60 -42.28 40.61 -112.91
N GLY MB 61 -43.54 40.21 -112.78
CA GLY MB 61 -44.64 41.10 -113.12
C GLY MB 61 -45.29 41.78 -111.94
N VAL MB 62 -44.57 41.82 -110.81
CA VAL MB 62 -45.10 42.40 -109.57
C VAL MB 62 -43.98 43.23 -108.93
N ASP MB 63 -44.25 44.49 -108.67
CA ASP MB 63 -43.34 45.33 -107.91
C ASP MB 63 -43.94 45.61 -106.53
N ILE MB 64 -43.06 45.78 -105.55
CA ILE MB 64 -43.47 45.94 -104.16
C ILE MB 64 -42.70 47.09 -103.54
N ARG MB 65 -43.42 48.00 -102.88
CA ARG MB 65 -42.83 49.02 -102.03
C ARG MB 65 -43.29 48.77 -100.61
N VAL MB 66 -42.35 48.73 -99.67
CA VAL MB 66 -42.63 48.41 -98.28
C VAL MB 66 -42.24 49.59 -97.40
N ARG MB 67 -43.16 50.04 -96.57
CA ARG MB 67 -42.89 51.03 -95.55
C ARG MB 67 -42.95 50.34 -94.19
N VAL MB 68 -41.92 50.53 -93.38
CA VAL MB 68 -41.85 49.89 -92.07
C VAL MB 68 -41.80 50.97 -91.00
N LYS MB 69 -42.26 50.62 -89.81
CA LYS MB 69 -42.31 51.55 -88.70
C LYS MB 69 -42.41 50.74 -87.41
N GLY MB 70 -41.71 51.22 -86.38
CA GLY MB 70 -41.78 50.59 -85.08
C GLY MB 70 -40.88 49.38 -84.95
N GLY MB 71 -40.92 48.80 -83.76
CA GLY MB 71 -40.12 47.64 -83.44
C GLY MB 71 -38.64 48.00 -83.34
N GLY MB 72 -37.81 46.97 -83.49
CA GLY MB 72 -36.38 47.14 -83.50
C GLY MB 72 -35.80 46.74 -84.83
N HIS MB 73 -34.49 46.56 -84.91
CA HIS MB 73 -33.87 46.24 -86.19
C HIS MB 73 -34.37 44.92 -86.75
N VAL MB 74 -34.05 43.80 -86.08
CA VAL MB 74 -34.36 42.50 -86.66
C VAL MB 74 -35.85 42.27 -86.72
N ALA MB 75 -36.62 42.94 -85.85
CA ALA MB 75 -38.06 42.85 -85.94
C ALA MB 75 -38.56 43.38 -87.27
N GLN MB 76 -37.95 44.48 -87.74
CA GLN MB 76 -38.29 44.99 -89.05
C GLN MB 76 -37.92 44.01 -90.16
N ILE MB 77 -36.75 43.37 -90.04
CA ILE MB 77 -36.35 42.39 -91.04
C ILE MB 77 -37.33 41.22 -91.05
N TYR MB 78 -37.70 40.72 -89.88
CA TYR MB 78 -38.66 39.63 -89.83
C TYR MB 78 -40.05 40.06 -90.24
N ALA MB 79 -40.37 41.35 -90.09
CA ALA MB 79 -41.66 41.84 -90.58
C ALA MB 79 -41.67 41.95 -92.10
N ILE MB 80 -40.59 42.49 -92.69
CA ILE MB 80 -40.52 42.58 -94.14
C ILE MB 80 -40.55 41.21 -94.81
N ARG MB 81 -40.05 40.18 -94.15
CA ARG MB 81 -40.07 38.84 -94.72
C ARG MB 81 -41.48 38.37 -94.96
N GLN MB 82 -42.31 38.38 -93.92
CA GLN MB 82 -43.69 37.95 -94.02
C GLN MB 82 -44.63 39.10 -94.35
N SER MB 83 -44.09 40.23 -94.80
CA SER MB 83 -44.92 41.25 -95.43
C SER MB 83 -44.95 41.11 -96.94
N ILE MB 84 -43.80 40.87 -97.57
CA ILE MB 84 -43.77 40.72 -99.02
C ILE MB 84 -44.16 39.31 -99.44
N SER MB 85 -44.00 38.32 -98.57
CA SER MB 85 -44.50 36.98 -98.88
C SER MB 85 -46.01 36.92 -98.77
N LYS MB 86 -46.58 37.55 -97.74
CA LYS MB 86 -48.03 37.66 -97.66
C LYS MB 86 -48.60 38.54 -98.77
N ALA MB 87 -47.85 39.55 -99.21
CA ALA MB 87 -48.36 40.41 -100.28
C ALA MB 87 -48.39 39.69 -101.61
N LEU MB 88 -47.39 38.85 -101.87
CA LEU MB 88 -47.36 38.15 -103.15
C LEU MB 88 -48.47 37.11 -103.25
N VAL MB 89 -48.71 36.36 -102.18
CA VAL MB 89 -49.79 35.39 -102.22
C VAL MB 89 -51.14 36.11 -102.26
N ALA MB 90 -51.24 37.27 -101.60
CA ALA MB 90 -52.44 38.07 -101.70
C ALA MB 90 -52.61 38.68 -103.08
N TYR MB 91 -51.52 38.81 -103.85
CA TYR MB 91 -51.67 39.23 -105.23
C TYR MB 91 -52.23 38.09 -106.08
N TYR MB 92 -51.80 36.86 -105.83
CA TYR MB 92 -52.18 35.73 -106.67
C TYR MB 92 -53.55 35.17 -106.34
N GLN MB 93 -54.32 35.80 -105.47
CA GLN MB 93 -55.68 35.39 -105.16
C GLN MB 93 -56.71 36.41 -105.58
N LYS MB 94 -56.34 37.68 -105.68
CA LYS MB 94 -57.26 38.69 -106.15
C LYS MB 94 -57.30 38.79 -107.66
N TYR MB 95 -56.21 38.41 -108.35
CA TYR MB 95 -56.11 38.64 -109.78
C TYR MB 95 -55.86 37.40 -110.61
N VAL MB 96 -55.22 36.36 -110.07
CA VAL MB 96 -55.02 35.12 -110.80
C VAL MB 96 -55.53 33.95 -109.97
N ASP MB 97 -55.44 32.76 -110.55
CA ASP MB 97 -55.97 31.56 -109.93
C ASP MB 97 -55.21 31.21 -108.65
N GLU MB 98 -55.94 30.62 -107.70
CA GLU MB 98 -55.33 30.07 -106.51
C GLU MB 98 -54.57 28.78 -106.77
N ALA MB 99 -54.82 28.14 -107.93
CA ALA MB 99 -54.07 26.95 -108.29
C ALA MB 99 -52.57 27.21 -108.27
N SER MB 100 -52.15 28.41 -108.66
CA SER MB 100 -50.78 28.82 -108.47
C SER MB 100 -50.50 29.28 -107.04
N LYS MB 101 -51.47 29.94 -106.40
CA LYS MB 101 -51.26 30.43 -105.05
C LYS MB 101 -51.12 29.31 -104.03
N LYS MB 102 -51.96 28.28 -104.12
CA LYS MB 102 -51.82 27.17 -103.20
C LYS MB 102 -50.51 26.42 -103.40
N GLU MB 103 -49.95 26.46 -104.61
CA GLU MB 103 -48.67 25.84 -104.90
C GLU MB 103 -47.49 26.71 -104.55
N ILE MB 104 -47.71 27.97 -104.17
CA ILE MB 104 -46.61 28.80 -103.69
C ILE MB 104 -46.65 28.99 -102.19
N LYS MB 105 -47.81 28.88 -101.55
CA LYS MB 105 -47.81 29.01 -100.10
C LYS MB 105 -47.29 27.73 -99.45
N ASP MB 106 -47.57 26.58 -100.05
CA ASP MB 106 -47.06 25.33 -99.48
C ASP MB 106 -45.53 25.31 -99.51
N ILE MB 107 -44.92 26.03 -100.45
CA ILE MB 107 -43.47 26.15 -100.46
C ILE MB 107 -42.99 26.93 -99.26
N LEU MB 108 -43.76 27.92 -98.82
CA LEU MB 108 -43.36 28.76 -97.71
C LEU MB 108 -43.62 28.12 -96.35
N ILE MB 109 -44.81 27.55 -96.17
CA ILE MB 109 -45.15 26.92 -94.89
C ILE MB 109 -44.27 25.71 -94.64
N GLN MB 110 -43.90 25.01 -95.72
CA GLN MB 110 -42.96 23.90 -95.58
C GLN MB 110 -41.57 24.40 -95.22
N TYR MB 111 -41.21 25.62 -95.62
CA TYR MB 111 -39.91 26.19 -95.26
C TYR MB 111 -39.96 26.76 -93.84
N ASP MB 112 -40.86 27.71 -93.61
CA ASP MB 112 -41.02 28.29 -92.28
C ASP MB 112 -42.41 28.90 -92.18
N ARG MB 113 -43.14 28.53 -91.14
CA ARG MB 113 -44.51 28.99 -90.95
C ARG MB 113 -44.62 30.50 -90.74
N THR MB 114 -43.53 31.15 -90.33
CA THR MB 114 -43.59 32.57 -90.03
C THR MB 114 -43.70 33.43 -91.28
N LEU MB 115 -43.43 32.86 -92.46
CA LEU MB 115 -43.58 33.64 -93.69
C LEU MB 115 -45.01 34.08 -93.94
N LEU MB 116 -45.98 33.40 -93.34
CA LEU MB 116 -47.39 33.74 -93.54
C LEU MB 116 -48.10 34.14 -92.26
N VAL MB 117 -48.00 33.35 -91.19
CA VAL MB 117 -48.70 33.67 -89.96
C VAL MB 117 -47.77 34.46 -89.04
N ALA MB 118 -48.31 35.51 -88.42
CA ALA MB 118 -47.51 36.31 -87.51
C ALA MB 118 -47.23 35.54 -86.21
N ASP MB 119 -46.17 35.95 -85.52
CA ASP MB 119 -45.85 35.37 -84.23
C ASP MB 119 -46.54 36.17 -83.13
N PRO MB 120 -47.44 35.57 -82.35
CA PRO MB 120 -48.16 36.34 -81.33
C PRO MB 120 -47.42 36.39 -80.00
N ARG MB 121 -46.15 36.77 -80.02
CA ARG MB 121 -45.35 36.89 -78.81
C ARG MB 121 -45.04 38.36 -78.58
N ARG MB 122 -45.43 38.88 -77.41
CA ARG MB 122 -45.11 40.24 -77.02
C ARG MB 122 -44.44 40.26 -75.65
N CYS MB 123 -43.83 41.39 -75.34
CA CYS MB 123 -43.11 41.56 -74.08
C CYS MB 123 -44.12 41.63 -72.93
N GLU MB 124 -44.02 40.68 -72.00
CA GLU MB 124 -44.93 40.69 -70.86
C GLU MB 124 -44.62 41.86 -69.94
N SER MB 125 -45.63 42.27 -69.19
CA SER MB 125 -45.49 43.41 -68.30
C SER MB 125 -44.61 43.04 -67.11
N LYS MB 126 -43.93 44.04 -66.57
CA LYS MB 126 -43.11 43.85 -65.39
C LYS MB 126 -43.97 43.92 -64.15
N LYS MB 127 -43.72 43.02 -63.21
CA LYS MB 127 -44.41 43.03 -61.93
C LYS MB 127 -43.49 43.60 -60.86
N PHE MB 128 -44.08 44.32 -59.91
CA PHE MB 128 -43.30 44.89 -58.84
C PHE MB 128 -42.68 43.78 -57.99
N GLY MB 129 -41.60 44.11 -57.30
CA GLY MB 129 -40.87 43.13 -56.54
C GLY MB 129 -39.77 42.43 -57.31
N GLY MB 130 -39.52 42.84 -58.55
CA GLY MB 130 -38.49 42.25 -59.35
C GLY MB 130 -38.13 43.12 -60.53
N PRO MB 131 -37.00 42.83 -61.16
CA PRO MB 131 -36.57 43.63 -62.31
C PRO MB 131 -37.26 43.26 -63.62
N GLY MB 132 -37.95 42.13 -63.67
CA GLY MB 132 -38.57 41.71 -64.91
C GLY MB 132 -39.97 41.16 -64.72
N ALA MB 133 -40.46 40.43 -65.72
CA ALA MB 133 -41.80 39.86 -65.61
C ALA MB 133 -41.82 38.65 -64.69
N ARG MB 134 -40.73 37.89 -64.65
CA ARG MB 134 -40.64 36.71 -63.81
C ARG MB 134 -39.61 36.85 -62.71
N ALA MB 135 -38.48 37.47 -63.00
CA ALA MB 135 -37.39 37.57 -62.03
C ALA MB 135 -37.80 38.42 -60.84
N ARG MB 136 -37.34 38.03 -59.66
CA ARG MB 136 -37.59 38.78 -58.44
C ARG MB 136 -36.29 39.33 -57.90
N TYR MB 137 -36.39 40.20 -56.91
CA TYR MB 137 -35.21 40.74 -56.26
C TYR MB 137 -34.64 39.71 -55.29
N GLN MB 138 -33.35 39.83 -55.02
CA GLN MB 138 -32.67 38.85 -54.19
C GLN MB 138 -33.16 38.90 -52.75
N LYS MB 139 -33.84 37.84 -52.33
CA LYS MB 139 -34.31 37.76 -50.95
C LYS MB 139 -33.15 37.43 -50.02
N SER MB 140 -33.10 38.10 -48.88
CA SER MB 140 -32.04 37.91 -47.90
C SER MB 140 -32.65 37.52 -46.56
N TYR MB 141 -32.01 36.57 -45.89
CA TYR MB 141 -32.46 36.14 -44.57
C TYR MB 141 -31.54 36.70 -43.50
N ARG MB 142 -32.00 36.62 -42.26
CA ARG MB 142 -31.30 37.16 -41.09
C ARG MB 142 -31.00 38.64 -41.26
N GLY NB 1 -56.45 21.02 -67.48
CA GLY NB 1 -57.46 21.07 -66.45
C GLY NB 1 -58.75 21.70 -66.91
N ARG NB 2 -59.36 21.08 -67.93
CA ARG NB 2 -60.61 21.59 -68.50
C ARG NB 2 -61.79 20.78 -67.96
N VAL NB 3 -62.09 21.01 -66.67
CA VAL NB 3 -63.17 20.32 -65.98
C VAL NB 3 -64.29 21.32 -65.75
N ARG NB 4 -65.49 20.96 -66.19
CA ARG NB 4 -66.63 21.85 -66.07
C ARG NB 4 -67.12 21.91 -64.64
N THR NB 5 -67.39 23.11 -64.14
CA THR NB 5 -67.95 23.26 -62.82
C THR NB 5 -69.42 22.87 -62.83
N LYS NB 6 -70.05 22.88 -61.65
CA LYS NB 6 -71.44 22.46 -61.60
C LYS NB 6 -72.34 23.47 -62.29
N THR NB 7 -72.11 24.77 -62.09
CA THR NB 7 -72.97 25.78 -62.69
C THR NB 7 -72.98 25.70 -64.21
N VAL NB 8 -71.92 25.17 -64.81
CA VAL NB 8 -71.97 24.84 -66.21
C VAL NB 8 -72.74 23.55 -66.44
N LYS NB 9 -72.49 22.52 -65.63
CA LYS NB 9 -73.19 21.26 -65.80
C LYS NB 9 -74.65 21.37 -65.41
N LYS NB 10 -74.94 22.09 -64.33
CA LYS NB 10 -76.33 22.26 -63.89
C LYS NB 10 -77.17 22.93 -64.97
N ALA NB 11 -76.69 24.05 -65.51
CA ALA NB 11 -77.43 24.74 -66.55
C ALA NB 11 -77.47 23.97 -67.86
N ALA NB 12 -76.48 23.12 -68.11
CA ALA NB 12 -76.48 22.35 -69.35
C ALA NB 12 -77.50 21.23 -69.32
N ARG NB 13 -77.80 20.69 -68.13
CA ARG NB 13 -78.81 19.64 -68.06
C ARG NB 13 -80.22 20.24 -68.15
N VAL NB 14 -80.41 21.44 -67.62
CA VAL NB 14 -81.74 22.03 -67.57
C VAL NB 14 -82.27 22.31 -68.97
N ILE NB 15 -81.44 22.83 -69.86
CA ILE NB 15 -81.91 23.13 -71.20
C ILE NB 15 -82.16 21.83 -71.98
N ILE NB 16 -81.36 20.80 -71.74
CA ILE NB 16 -81.57 19.55 -72.45
C ILE NB 16 -82.87 18.89 -72.01
N GLU NB 17 -83.20 18.96 -70.72
CA GLU NB 17 -84.46 18.41 -70.26
C GLU NB 17 -85.63 19.33 -70.59
N LYS NB 18 -85.40 20.45 -71.25
CA LYS NB 18 -86.46 21.36 -71.62
C LYS NB 18 -86.51 21.66 -73.10
N TYR NB 19 -85.37 21.64 -73.79
CA TYR NB 19 -85.35 21.95 -75.21
C TYR NB 19 -84.62 20.86 -75.98
N TYR NB 20 -84.88 19.60 -75.63
CA TYR NB 20 -84.21 18.48 -76.27
C TYR NB 20 -84.43 18.43 -77.77
N THR NB 21 -85.51 19.04 -78.26
CA THR NB 21 -85.80 18.99 -79.68
C THR NB 21 -85.18 20.16 -80.45
N ARG NB 22 -85.15 21.35 -79.88
CA ARG NB 22 -84.62 22.49 -80.61
C ARG NB 22 -83.11 22.45 -80.74
N LEU NB 23 -82.39 22.02 -79.71
CA LEU NB 23 -80.94 21.94 -79.81
C LEU NB 23 -80.53 20.74 -80.65
N GLY NB 24 -79.37 20.87 -81.30
CA GLY NB 24 -78.90 19.84 -82.20
C GLY NB 24 -77.68 19.11 -81.69
N ASN NB 25 -76.75 18.83 -82.59
CA ASN NB 25 -75.55 18.09 -82.23
C ASN NB 25 -74.26 18.86 -82.43
N ASP NB 26 -74.19 19.70 -83.46
CA ASP NB 26 -72.97 20.48 -83.70
C ASP NB 26 -72.94 21.68 -82.77
N PHE NB 27 -71.72 22.08 -82.40
CA PHE NB 27 -71.51 23.10 -81.39
C PHE NB 27 -72.14 24.44 -81.75
N HIS NB 28 -72.14 24.79 -83.03
CA HIS NB 28 -72.39 26.18 -83.40
C HIS NB 28 -73.86 26.54 -83.35
N THR NB 29 -74.73 25.66 -83.85
CA THR NB 29 -76.14 26.03 -83.88
C THR NB 29 -76.72 26.03 -82.48
N ASN NB 30 -76.42 25.00 -81.68
CA ASN NB 30 -76.99 24.95 -80.34
C ASN NB 30 -76.25 25.91 -79.42
N LYS NB 31 -75.12 26.45 -79.88
CA LYS NB 31 -74.60 27.67 -79.27
C LYS NB 31 -75.58 28.82 -79.48
N ARG NB 32 -76.12 28.93 -80.70
CA ARG NB 32 -77.06 30.00 -81.01
C ARG NB 32 -78.41 29.81 -80.35
N VAL NB 33 -78.80 28.58 -79.99
CA VAL NB 33 -80.09 28.40 -79.34
C VAL NB 33 -80.01 28.85 -77.88
N CYS NB 34 -78.83 28.75 -77.28
CA CYS NB 34 -78.69 28.99 -75.86
C CYS NB 34 -78.94 30.43 -75.44
N GLU NB 35 -78.54 31.43 -76.24
CA GLU NB 35 -78.78 32.80 -75.79
C GLU NB 35 -80.26 33.18 -75.88
N GLU NB 36 -81.03 32.41 -76.63
CA GLU NB 36 -82.46 32.65 -76.77
C GLU NB 36 -83.28 31.93 -75.73
N ILE NB 37 -82.86 30.73 -75.32
CA ILE NB 37 -83.59 29.95 -74.32
C ILE NB 37 -82.98 30.08 -72.93
N ALA NB 38 -81.94 30.89 -72.78
CA ALA NB 38 -81.33 31.12 -71.46
C ALA NB 38 -80.48 32.39 -71.53
N ILE NB 39 -80.80 33.36 -70.68
CA ILE NB 39 -80.05 34.62 -70.66
C ILE NB 39 -78.75 34.35 -69.90
N ILE NB 40 -77.66 34.24 -70.65
CA ILE NB 40 -76.34 34.01 -70.09
C ILE NB 40 -75.59 35.33 -70.04
N PRO NB 41 -74.99 35.69 -68.90
CA PRO NB 41 -74.39 37.03 -68.79
C PRO NB 41 -73.07 37.19 -69.53
N SER NB 42 -72.34 36.12 -69.79
CA SER NB 42 -71.04 36.22 -70.43
C SER NB 42 -71.01 35.39 -71.70
N LYS NB 43 -69.97 35.62 -72.51
CA LYS NB 43 -69.84 34.88 -73.76
C LYS NB 43 -69.15 33.54 -73.54
N LYS NB 44 -68.20 33.48 -72.61
CA LYS NB 44 -67.50 32.23 -72.37
C LYS NB 44 -68.44 31.18 -71.78
N LEU NB 45 -69.28 31.58 -70.83
CA LEU NB 45 -70.31 30.66 -70.34
C LEU NB 45 -71.24 30.22 -71.46
N ARG NB 46 -71.57 31.13 -72.38
CA ARG NB 46 -72.39 30.75 -73.52
C ARG NB 46 -71.73 29.64 -74.32
N ASN NB 47 -70.40 29.64 -74.40
CA ASN NB 47 -69.69 28.58 -75.09
C ASN NB 47 -69.38 27.41 -74.17
N LYS NB 48 -69.13 27.69 -72.89
CA LYS NB 48 -68.91 26.62 -71.92
C LYS NB 48 -70.15 25.74 -71.80
N ILE NB 49 -71.31 26.36 -71.65
CA ILE NB 49 -72.55 25.61 -71.53
C ILE NB 49 -72.85 24.88 -72.83
N ALA NB 50 -72.78 25.60 -73.96
CA ALA NB 50 -73.02 24.97 -75.25
C ALA NB 50 -72.02 23.87 -75.53
N GLY NB 51 -70.80 23.98 -75.00
CA GLY NB 51 -69.82 22.93 -75.22
C GLY NB 51 -70.20 21.64 -74.53
N TYR NB 52 -70.96 21.71 -73.45
CA TYR NB 52 -71.31 20.50 -72.72
C TYR NB 52 -72.56 19.84 -73.27
N VAL NB 53 -73.54 20.61 -73.73
CA VAL NB 53 -74.76 20.01 -74.25
C VAL NB 53 -74.47 19.24 -75.53
N THR NB 54 -73.50 19.71 -76.31
CA THR NB 54 -73.06 18.94 -77.47
C THR NB 54 -72.45 17.63 -77.04
N HIS NB 55 -71.68 17.64 -75.95
CA HIS NB 55 -71.09 16.41 -75.45
C HIS NB 55 -72.14 15.46 -74.91
N LEU NB 56 -73.25 15.98 -74.41
CA LEU NB 56 -74.28 15.13 -73.85
C LEU NB 56 -75.15 14.49 -74.93
N MET NB 57 -75.15 15.05 -76.15
CA MET NB 57 -75.91 14.42 -77.23
C MET NB 57 -75.32 13.07 -77.60
N LYS NB 58 -74.03 13.03 -77.95
CA LYS NB 58 -73.42 11.75 -78.26
C LYS NB 58 -73.31 10.85 -77.04
N ARG NB 59 -73.84 11.25 -75.89
CA ARG NB 59 -74.14 10.33 -74.80
C ARG NB 59 -75.59 9.90 -74.80
N ILE NB 60 -76.48 10.64 -75.46
CA ILE NB 60 -77.90 10.33 -75.45
C ILE NB 60 -78.27 9.34 -76.56
N GLN NB 61 -77.76 9.55 -77.78
CA GLN NB 61 -78.00 8.57 -78.83
C GLN NB 61 -77.30 7.25 -78.57
N ARG NB 62 -76.30 7.22 -77.69
CA ARG NB 62 -75.68 5.97 -77.31
C ARG NB 62 -76.41 5.26 -76.19
N GLY NB 63 -77.47 5.87 -75.65
CA GLY NB 63 -78.22 5.29 -74.56
C GLY NB 63 -78.68 6.36 -73.59
N PRO NB 64 -79.29 5.95 -72.49
CA PRO NB 64 -79.76 6.94 -71.50
C PRO NB 64 -78.65 7.33 -70.54
N VAL NB 65 -78.71 8.59 -70.11
CA VAL NB 65 -77.84 9.08 -69.06
C VAL NB 65 -78.69 9.26 -67.82
N ARG NB 66 -78.08 9.06 -66.65
CA ARG NB 66 -78.86 8.83 -65.44
C ARG NB 66 -79.70 10.04 -65.05
N GLY NB 67 -79.06 11.16 -64.75
CA GLY NB 67 -79.85 12.31 -64.35
C GLY NB 67 -80.28 13.15 -65.53
N ILE NB 68 -81.46 12.85 -66.06
CA ILE NB 68 -82.08 13.61 -67.15
C ILE NB 68 -83.51 13.12 -67.29
N SER NB 69 -84.39 13.95 -67.82
CA SER NB 69 -85.78 13.57 -68.09
C SER NB 69 -86.12 13.92 -69.53
N ILE NB 70 -85.87 13.00 -70.45
CA ILE NB 70 -86.13 13.21 -71.87
C ILE NB 70 -87.44 12.51 -72.22
N LYS NB 71 -88.48 13.30 -72.51
CA LYS NB 71 -89.83 12.79 -72.72
C LYS NB 71 -89.92 11.79 -73.86
N LEU NB 72 -88.82 11.49 -74.55
CA LEU NB 72 -88.87 10.48 -75.59
C LEU NB 72 -88.46 9.10 -75.08
N GLN NB 73 -87.44 9.02 -74.23
CA GLN NB 73 -86.90 7.72 -73.88
C GLN NB 73 -87.48 7.15 -72.58
N GLU NB 74 -88.02 7.98 -71.69
CA GLU NB 74 -88.75 7.37 -70.58
C GLU NB 74 -90.10 6.81 -71.03
N GLU NB 75 -90.60 7.23 -72.20
CA GLU NB 75 -91.71 6.52 -72.84
C GLU NB 75 -91.24 5.28 -73.56
N GLU NB 76 -90.01 5.28 -74.08
CA GLU NB 76 -89.37 4.03 -74.44
C GLU NB 76 -89.30 3.09 -73.24
N ARG NB 77 -89.11 3.64 -72.05
CA ARG NB 77 -89.16 2.83 -70.84
C ARG NB 77 -90.59 2.38 -70.55
N GLU NB 78 -91.56 3.29 -70.69
CA GLU NB 78 -92.93 2.97 -70.29
C GLU NB 78 -93.56 1.92 -71.19
N ARG NB 79 -93.28 1.96 -72.49
CA ARG NB 79 -93.80 0.90 -73.35
C ARG NB 79 -93.14 -0.44 -73.04
N ARG NB 80 -91.90 -0.43 -72.57
CA ARG NB 80 -91.27 -1.64 -72.04
C ARG NB 80 -91.72 -1.96 -70.63
N ASP NB 81 -92.45 -1.05 -69.99
CA ASP NB 81 -92.88 -1.21 -68.61
C ASP NB 81 -94.27 -1.85 -68.51
N ASN NB 82 -94.97 -1.99 -69.64
CA ASN NB 82 -96.28 -2.61 -69.65
C ASN NB 82 -96.37 -3.74 -70.67
N TYR NB 83 -95.24 -4.18 -71.23
CA TYR NB 83 -95.23 -5.31 -72.15
C TYR NB 83 -95.70 -6.58 -71.45
N VAL NB 84 -96.56 -7.33 -72.13
CA VAL NB 84 -97.10 -8.57 -71.59
C VAL NB 84 -97.03 -9.65 -72.67
N PRO NB 85 -96.32 -10.74 -72.42
CA PRO NB 85 -96.21 -11.81 -73.43
C PRO NB 85 -97.54 -12.50 -73.65
N GLU NB 86 -97.60 -13.29 -74.73
CA GLU NB 86 -98.84 -13.94 -75.11
C GLU NB 86 -99.23 -15.04 -74.13
N VAL NB 87 -98.23 -15.69 -73.51
CA VAL NB 87 -98.45 -16.76 -72.57
C VAL NB 87 -97.70 -16.42 -71.30
N SER NB 88 -98.09 -17.08 -70.21
CA SER NB 88 -97.47 -16.76 -68.93
C SER NB 88 -96.20 -17.59 -68.74
N ALA NB 89 -95.35 -17.10 -67.85
CA ALA NB 89 -94.20 -17.89 -67.42
C ALA NB 89 -94.64 -18.78 -66.26
N LEU NB 90 -95.94 -18.78 -65.98
CA LEU NB 90 -96.53 -19.62 -64.96
C LEU NB 90 -97.33 -20.77 -65.56
N ASP NB 91 -97.82 -20.60 -66.79
CA ASP NB 91 -98.63 -21.61 -67.46
C ASP NB 91 -97.75 -22.75 -67.97
N GLN NB 92 -97.16 -23.50 -67.06
CA GLN NB 92 -96.43 -24.71 -67.41
C GLN NB 92 -97.20 -25.95 -66.95
N GLU NB 93 -97.20 -26.96 -67.81
CA GLU NB 93 -97.50 -28.33 -67.40
C GLU NB 93 -96.23 -29.13 -67.19
N ILE NB 94 -95.08 -28.45 -67.14
CA ILE NB 94 -93.80 -29.12 -67.07
C ILE NB 94 -93.10 -28.66 -65.81
N ILE NB 95 -93.87 -28.34 -64.78
CA ILE NB 95 -93.28 -27.83 -63.55
C ILE NB 95 -92.53 -28.95 -62.84
N GLU NB 96 -91.20 -28.88 -62.89
CA GLU NB 96 -90.39 -29.88 -62.22
C GLU NB 96 -90.53 -29.72 -60.71
N VAL NB 97 -91.25 -30.62 -60.08
CA VAL NB 97 -91.44 -30.60 -58.64
C VAL NB 97 -90.63 -31.75 -58.07
N ASP NB 98 -90.06 -31.53 -56.90
CA ASP NB 98 -89.17 -32.54 -56.36
C ASP NB 98 -89.91 -33.49 -55.43
N PRO NB 99 -89.39 -34.70 -55.22
CA PRO NB 99 -90.14 -35.68 -54.42
C PRO NB 99 -90.47 -35.22 -53.02
N ASP NB 100 -89.71 -34.28 -52.45
CA ASP NB 100 -89.94 -33.94 -51.06
C ASP NB 100 -90.95 -32.80 -50.91
N THR NB 101 -91.19 -32.02 -51.96
CA THR NB 101 -92.17 -30.94 -51.88
C THR NB 101 -93.61 -31.42 -51.85
N LYS NB 102 -93.99 -32.42 -52.67
CA LYS NB 102 -95.41 -32.71 -52.84
C LYS NB 102 -96.03 -33.28 -51.57
N GLU NB 103 -95.23 -33.88 -50.69
CA GLU NB 103 -95.81 -34.27 -49.41
C GLU NB 103 -96.26 -33.08 -48.60
N MET NB 104 -95.59 -31.93 -48.73
CA MET NB 104 -96.14 -30.70 -48.19
C MET NB 104 -97.47 -30.36 -48.87
N LEU NB 105 -97.56 -30.60 -50.18
CA LEU NB 105 -98.83 -30.44 -50.87
C LEU NB 105 -99.80 -31.55 -50.48
N LYS NB 106 -99.28 -32.77 -50.30
CA LYS NB 106 -100.10 -33.86 -49.80
C LYS NB 106 -100.54 -33.56 -48.36
N LEU NB 107 -99.71 -32.84 -47.61
CA LEU NB 107 -100.14 -32.33 -46.31
C LEU NB 107 -101.24 -31.30 -46.44
N LEU NB 108 -101.45 -30.75 -47.62
CA LEU NB 108 -102.61 -29.95 -47.92
C LEU NB 108 -103.61 -30.80 -48.70
N ASP NB 109 -104.75 -30.20 -49.05
CA ASP NB 109 -105.73 -30.90 -49.87
C ASP NB 109 -105.34 -30.88 -51.34
N PHE NB 110 -104.58 -29.87 -51.76
CA PHE NB 110 -103.99 -29.81 -53.09
C PHE NB 110 -102.80 -30.76 -53.09
N GLY NB 111 -103.05 -32.05 -52.90
CA GLY NB 111 -101.98 -33.01 -52.84
C GLY NB 111 -101.73 -33.69 -54.16
N SER NB 112 -102.80 -34.12 -54.83
CA SER NB 112 -102.70 -34.77 -56.12
C SER NB 112 -103.32 -33.86 -57.18
N LEU NB 113 -102.49 -33.40 -58.11
CA LEU NB 113 -102.94 -32.61 -59.23
C LEU NB 113 -102.63 -33.38 -60.51
N SER NB 114 -102.81 -32.73 -61.66
CA SER NB 114 -102.55 -33.33 -62.96
C SER NB 114 -101.21 -32.92 -63.55
N ASN NB 115 -100.98 -31.62 -63.69
CA ASN NB 115 -99.79 -31.09 -64.34
C ASN NB 115 -98.66 -30.80 -63.36
N LEU NB 116 -98.25 -31.80 -62.59
CA LEU NB 116 -97.03 -31.75 -61.77
C LEU NB 116 -96.21 -32.99 -62.09
N GLN NB 117 -94.95 -32.80 -62.48
CA GLN NB 117 -94.05 -33.89 -62.82
C GLN NB 117 -92.98 -34.03 -61.75
N VAL NB 118 -92.97 -35.16 -61.06
CA VAL NB 118 -91.99 -35.41 -60.01
C VAL NB 118 -90.62 -35.63 -60.64
N THR NB 119 -89.59 -35.19 -59.95
CA THR NB 119 -88.21 -35.34 -60.36
C THR NB 119 -87.53 -36.40 -59.51
N GLN NB 120 -86.21 -36.49 -59.64
CA GLN NB 120 -85.43 -37.36 -58.77
C GLN NB 120 -84.58 -36.52 -57.83
N PRO NB 121 -84.45 -36.92 -56.57
CA PRO NB 121 -83.59 -36.17 -55.65
C PRO NB 121 -82.11 -36.51 -55.90
N THR NB 122 -81.32 -35.47 -56.18
CA THR NB 122 -79.91 -35.69 -56.44
C THR NB 122 -79.20 -36.18 -55.17
N VAL NB 123 -78.77 -37.44 -55.21
CA VAL NB 123 -78.28 -38.09 -54.00
C VAL NB 123 -76.91 -37.54 -53.65
N GLY NB 124 -76.58 -37.58 -52.35
CA GLY NB 124 -75.31 -37.09 -51.89
C GLY NB 124 -75.40 -35.64 -51.49
N MET NB 125 -75.40 -35.37 -50.18
CA MET NB 125 -75.47 -34.00 -49.72
C MET NB 125 -74.19 -33.26 -50.10
N ASN NB 126 -74.31 -32.35 -51.06
CA ASN NB 126 -73.18 -31.54 -51.48
C ASN NB 126 -73.66 -30.14 -51.86
N PHE NB 127 -73.70 -29.24 -50.88
CA PHE NB 127 -74.16 -27.88 -51.12
C PHE NB 127 -73.29 -26.81 -50.48
N LYS NB 128 -72.48 -27.13 -49.48
CA LYS NB 128 -71.67 -26.13 -48.82
C LYS NB 128 -70.39 -25.86 -49.61
N THR NB 129 -69.93 -24.63 -49.56
CA THR NB 129 -68.65 -24.29 -50.18
C THR NB 129 -67.51 -24.70 -49.25
N PRO NB 130 -66.36 -25.09 -49.79
CA PRO NB 130 -65.23 -25.49 -48.93
C PRO NB 130 -64.76 -24.39 -48.00
N ARG NB 131 -64.55 -24.74 -46.73
CA ARG NB 131 -64.14 -23.76 -45.74
C ARG NB 131 -62.72 -23.30 -46.01
N GLY NB 132 -62.46 -22.02 -45.78
CA GLY NB 132 -61.14 -21.46 -46.03
C GLY NB 132 -60.81 -21.36 -47.50
N SER OB 1 10.67 49.13 -93.16
CA SER OB 1 9.27 49.27 -92.85
C SER OB 1 8.88 48.40 -91.67
N LEU OB 2 8.17 47.29 -91.95
CA LEU OB 2 7.86 46.34 -90.89
C LEU OB 2 9.12 45.65 -90.39
N VAL OB 3 10.16 45.62 -91.20
CA VAL OB 3 11.47 45.22 -90.69
C VAL OB 3 11.99 46.31 -89.76
N ILE OB 4 12.84 45.91 -88.82
CA ILE OB 4 13.15 46.77 -87.69
C ILE OB 4 14.17 47.81 -88.14
N PRO OB 5 14.01 49.07 -87.75
CA PRO OB 5 14.89 50.14 -88.25
C PRO OB 5 16.30 50.09 -87.69
N GLU OB 6 17.04 51.17 -87.89
CA GLU OB 6 18.24 51.43 -87.10
C GLU OB 6 17.91 52.54 -86.11
N LYS OB 7 18.92 53.03 -85.39
CA LYS OB 7 18.76 54.16 -84.47
C LYS OB 7 17.63 53.95 -83.48
N PHE OB 8 17.74 52.94 -82.62
CA PHE OB 8 16.64 52.66 -81.71
C PHE OB 8 16.78 53.39 -80.39
N GLN OB 9 15.64 53.57 -79.74
CA GLN OB 9 15.58 53.95 -78.33
C GLN OB 9 14.43 53.14 -77.74
N HIS OB 10 14.77 51.98 -77.17
CA HIS OB 10 13.75 51.20 -76.49
C HIS OB 10 13.21 51.92 -75.28
N ILE OB 11 14.07 52.66 -74.58
CA ILE OB 11 13.67 53.49 -73.45
C ILE OB 11 14.19 54.89 -73.68
N LEU OB 12 13.30 55.82 -74.03
CA LEU OB 12 13.67 57.22 -74.19
C LEU OB 12 13.55 57.90 -72.83
N ARG OB 13 14.68 58.16 -72.19
CA ARG OB 13 14.67 58.81 -70.88
C ARG OB 13 14.25 60.26 -71.09
N VAL OB 14 12.95 60.52 -70.92
CA VAL OB 14 12.35 61.82 -71.18
C VAL OB 14 11.74 62.34 -69.89
N LEU OB 15 12.06 63.59 -69.54
CA LEU OB 15 11.55 64.22 -68.33
C LEU OB 15 11.77 63.34 -67.11
N ASN OB 16 13.02 62.92 -66.92
CA ASN OB 16 13.48 62.07 -65.82
C ASN OB 16 12.57 60.87 -65.57
N THR OB 17 11.92 60.38 -66.63
CA THR OB 17 11.05 59.22 -66.55
C THR OB 17 11.29 58.33 -67.76
N ASN OB 18 11.32 57.02 -67.54
CA ASN OB 18 11.45 56.10 -68.66
C ASN OB 18 10.20 56.16 -69.51
N ILE OB 19 10.36 55.80 -70.79
CA ILE OB 19 9.25 55.73 -71.73
C ILE OB 19 9.53 54.54 -72.65
N ASP OB 20 8.59 53.60 -72.69
CA ASP OB 20 8.76 52.41 -73.52
C ASP OB 20 8.80 52.79 -75.00
N GLY OB 21 9.53 51.99 -75.75
CA GLY OB 21 9.64 52.21 -77.18
C GLY OB 21 8.82 51.22 -77.97
N ARG OB 22 8.45 50.10 -77.35
CA ARG OB 22 7.57 49.13 -78.00
C ARG OB 22 6.15 49.66 -78.10
N ARG OB 23 5.80 50.68 -77.34
CA ARG OB 23 4.46 51.23 -77.34
C ARG OB 23 4.32 52.28 -78.43
N LYS OB 24 3.07 52.53 -78.83
CA LYS OB 24 2.81 53.55 -79.82
C LYS OB 24 3.06 54.92 -79.24
N ILE OB 25 3.47 55.85 -80.12
CA ILE OB 25 3.94 57.15 -79.66
C ILE OB 25 2.84 57.91 -78.93
N ALA OB 26 1.59 57.77 -79.38
CA ALA OB 26 0.51 58.51 -78.75
C ALA OB 26 0.26 58.06 -77.33
N PHE OB 27 0.64 56.82 -76.99
CA PHE OB 27 0.41 56.30 -75.67
C PHE OB 27 1.69 56.12 -74.86
N ALA OB 28 2.86 56.22 -75.48
CA ALA OB 28 4.10 56.14 -74.73
C ALA OB 28 4.33 57.39 -73.90
N ILE OB 29 3.87 58.54 -74.39
CA ILE OB 29 4.03 59.77 -73.64
C ILE OB 29 3.17 59.78 -72.38
N THR OB 30 2.08 59.03 -72.36
CA THR OB 30 1.22 58.97 -71.19
C THR OB 30 1.94 58.42 -69.97
N ALA OB 31 3.06 57.73 -70.16
CA ALA OB 31 3.85 57.25 -69.03
C ALA OB 31 4.38 58.40 -68.19
N ILE OB 32 4.40 59.60 -68.72
CA ILE OB 32 4.78 60.79 -67.98
C ILE OB 32 3.57 61.27 -67.18
N LYS OB 33 3.78 61.59 -65.91
CA LYS OB 33 2.71 62.16 -65.13
C LYS OB 33 2.43 63.58 -65.58
N GLY OB 34 1.16 63.98 -65.51
CA GLY OB 34 0.75 65.27 -66.01
C GLY OB 34 0.29 65.28 -67.44
N VAL OB 35 0.46 64.18 -68.17
CA VAL OB 35 -0.04 64.05 -69.53
C VAL OB 35 -0.81 62.73 -69.63
N GLY OB 36 -2.06 62.82 -70.05
CA GLY OB 36 -2.88 61.63 -70.19
C GLY OB 36 -3.14 61.30 -71.64
N ARG OB 37 -4.12 60.43 -71.90
CA ARG OB 37 -4.40 60.01 -73.26
C ARG OB 37 -5.03 61.12 -74.09
N ARG OB 38 -5.53 62.16 -73.45
CA ARG OB 38 -6.12 63.29 -74.17
C ARG OB 38 -5.08 64.35 -74.50
N TYR OB 39 -4.39 64.86 -73.47
CA TYR OB 39 -3.40 65.90 -73.68
C TYR OB 39 -2.21 65.42 -74.52
N ALA OB 40 -1.98 64.11 -74.59
CA ALA OB 40 -0.88 63.63 -75.41
C ALA OB 40 -1.18 63.75 -76.89
N HIS OB 41 -2.45 63.63 -77.27
CA HIS OB 41 -2.79 63.67 -78.69
C HIS OB 41 -2.71 65.07 -79.26
N VAL OB 42 -3.12 66.08 -78.49
CA VAL OB 42 -3.05 67.45 -79.01
C VAL OB 42 -1.61 67.88 -79.22
N VAL OB 43 -0.69 67.39 -78.40
CA VAL OB 43 0.71 67.72 -78.60
C VAL OB 43 1.23 67.07 -79.88
N LEU OB 44 0.98 65.77 -80.05
CA LEU OB 44 1.39 65.09 -81.26
C LEU OB 44 0.60 65.53 -82.48
N ARG OB 45 -0.43 66.34 -82.30
CA ARG OB 45 -1.07 67.04 -83.41
C ARG OB 45 -0.55 68.46 -83.59
N LYS OB 46 -0.09 69.10 -82.52
CA LYS OB 46 0.58 70.39 -82.67
C LYS OB 46 1.88 70.23 -83.42
N ALA OB 47 2.72 69.30 -83.02
CA ALA OB 47 3.87 68.89 -83.80
C ALA OB 47 3.40 67.85 -84.80
N ASP OB 48 3.56 68.14 -86.09
CA ASP OB 48 3.00 67.28 -87.11
C ASP OB 48 3.82 65.99 -87.19
N ILE OB 49 3.55 65.07 -86.29
CA ILE OB 49 4.22 63.77 -86.27
C ILE OB 49 3.17 62.69 -86.44
N ASP OB 50 3.51 61.66 -87.20
CA ASP OB 50 2.54 60.65 -87.61
C ASP OB 50 2.39 59.62 -86.51
N LEU OB 51 1.15 59.34 -86.12
CA LEU OB 51 0.85 58.48 -84.99
C LEU OB 51 0.90 57.00 -85.33
N THR OB 52 1.22 56.65 -86.58
CA THR OB 52 1.24 55.24 -86.95
C THR OB 52 2.54 54.56 -86.54
N LYS OB 53 3.47 55.28 -85.93
CA LYS OB 53 4.77 54.73 -85.56
C LYS OB 53 4.84 54.49 -84.06
N ARG OB 54 5.62 53.49 -83.69
CA ARG OB 54 5.91 53.24 -82.29
C ARG OB 54 6.93 54.27 -81.82
N ALA OB 55 7.13 54.34 -80.51
CA ALA OB 55 8.03 55.31 -79.91
C ALA OB 55 9.49 54.92 -80.04
N GLY OB 56 9.82 53.95 -80.88
CA GLY OB 56 11.19 53.53 -81.05
C GLY OB 56 11.66 53.59 -82.49
N GLU OB 57 10.95 54.35 -83.32
CA GLU OB 57 11.36 54.56 -84.70
C GLU OB 57 11.46 56.04 -85.00
N LEU OB 58 10.76 56.87 -84.21
CA LEU OB 58 10.82 58.30 -84.43
C LEU OB 58 12.22 58.81 -84.17
N THR OB 59 12.65 59.80 -84.97
CA THR OB 59 13.98 60.34 -84.83
C THR OB 59 14.08 61.21 -83.59
N GLU OB 60 15.23 61.14 -82.92
CA GLU OB 60 15.43 61.87 -81.68
C GLU OB 60 15.55 63.36 -81.90
N ASP OB 61 15.82 63.79 -83.14
CA ASP OB 61 15.98 65.22 -83.41
C ASP OB 61 14.69 66.00 -83.21
N GLU OB 62 13.54 65.32 -83.17
CA GLU OB 62 12.26 65.95 -82.98
C GLU OB 62 11.54 65.54 -81.71
N VAL OB 63 12.09 64.61 -80.93
CA VAL OB 63 11.46 64.29 -79.66
C VAL OB 63 11.54 65.48 -78.70
N GLU OB 64 12.59 66.29 -78.81
CA GLU OB 64 12.61 67.52 -78.01
C GLU OB 64 11.61 68.53 -78.56
N ARG OB 65 11.36 68.51 -79.87
CA ARG OB 65 10.31 69.34 -80.42
C ARG OB 65 8.97 69.00 -79.78
N VAL OB 66 8.76 67.74 -79.41
CA VAL OB 66 7.62 67.36 -78.61
C VAL OB 66 7.75 67.88 -77.19
N ILE OB 67 8.96 67.84 -76.63
CA ILE OB 67 9.15 68.25 -75.25
C ILE OB 67 8.90 69.74 -75.08
N THR OB 68 9.40 70.58 -75.98
CA THR OB 68 9.18 72.02 -75.86
C THR OB 68 7.71 72.38 -75.90
N ILE OB 69 6.86 71.52 -76.46
CA ILE OB 69 5.43 71.76 -76.38
C ILE OB 69 4.86 71.35 -75.04
N MET OB 70 5.43 70.33 -74.39
CA MET OB 70 5.07 69.96 -73.03
C MET OB 70 5.35 71.12 -72.10
N GLN OB 71 6.59 71.62 -72.15
CA GLN OB 71 6.97 72.72 -71.26
C GLN OB 71 6.29 74.02 -71.63
N ASN OB 72 6.12 74.29 -72.91
CA ASN OB 72 5.54 75.56 -73.37
C ASN OB 72 4.37 75.30 -74.29
N PRO OB 73 3.16 75.09 -73.77
CA PRO OB 73 2.02 74.82 -74.65
C PRO OB 73 1.33 76.09 -75.13
N ARG OB 74 1.54 77.21 -74.43
CA ARG OB 74 0.80 78.42 -74.74
C ARG OB 74 1.09 78.93 -76.15
N GLN OB 75 2.36 79.14 -76.47
CA GLN OB 75 2.70 79.69 -77.77
C GLN OB 75 2.46 78.72 -78.91
N TYR OB 76 2.17 77.46 -78.59
CA TYR OB 76 1.85 76.45 -79.60
C TYR OB 76 0.35 76.33 -79.84
N LYS OB 77 -0.39 77.41 -79.60
CA LYS OB 77 -1.81 77.49 -79.85
C LYS OB 77 -2.59 76.37 -79.18
N ILE OB 78 -2.31 76.13 -77.90
CA ILE OB 78 -3.05 75.15 -77.10
C ILE OB 78 -3.95 75.91 -76.14
N PRO OB 79 -5.25 75.59 -76.09
CA PRO OB 79 -6.17 76.37 -75.26
C PRO OB 79 -5.86 76.33 -73.79
N ASP OB 80 -6.45 77.24 -73.02
CA ASP OB 80 -6.26 77.24 -71.57
C ASP OB 80 -6.98 76.10 -70.89
N TRP OB 81 -8.08 75.61 -71.46
CA TRP OB 81 -8.86 74.58 -70.79
C TRP OB 81 -8.30 73.18 -71.01
N PHE OB 82 -7.11 73.03 -71.55
CA PHE OB 82 -6.42 71.75 -71.59
C PHE OB 82 -5.44 71.57 -70.45
N LEU OB 83 -5.15 72.62 -69.71
CA LEU OB 83 -4.03 72.60 -68.78
C LEU OB 83 -4.46 72.03 -67.43
N ASN OB 84 -3.62 71.15 -66.88
CA ASN OB 84 -3.93 70.55 -65.60
C ASN OB 84 -3.76 71.54 -64.45
N ARG OB 85 -3.11 72.67 -64.70
CA ARG OB 85 -2.92 73.73 -63.71
C ARG OB 85 -3.34 75.04 -64.35
N GLN OB 86 -4.61 75.39 -64.21
CA GLN OB 86 -5.12 76.66 -64.71
C GLN OB 86 -5.26 77.64 -63.56
N LYS OB 87 -4.82 78.88 -63.79
CA LYS OB 87 -4.93 79.96 -62.82
C LYS OB 87 -4.35 79.56 -61.47
N ASP OB 88 -3.04 79.34 -61.40
CA ASP OB 88 -2.36 78.98 -60.17
C ASP OB 88 -2.69 79.96 -59.05
N VAL OB 89 -2.61 79.49 -57.81
CA VAL OB 89 -3.00 80.34 -56.68
C VAL OB 89 -1.91 81.34 -56.34
N LYS OB 90 -0.68 81.11 -56.78
CA LYS OB 90 0.41 82.02 -56.47
C LYS OB 90 0.68 82.94 -57.66
N ASP OB 91 0.97 82.35 -58.82
CA ASP OB 91 1.38 83.11 -59.99
C ASP OB 91 0.27 83.26 -61.02
N GLY OB 92 -0.81 82.49 -60.89
CA GLY OB 92 -1.94 82.56 -61.80
C GLY OB 92 -1.58 82.39 -63.26
N LYS OB 93 -0.55 81.59 -63.55
CA LYS OB 93 -0.10 81.35 -64.91
C LYS OB 93 -0.62 80.00 -65.38
N TYR OB 94 -1.29 80.00 -66.51
CA TYR OB 94 -1.90 78.81 -67.08
C TYR OB 94 -0.81 77.94 -67.66
N SER OB 95 -0.38 76.94 -66.90
CA SER OB 95 0.73 76.08 -67.27
C SER OB 95 0.35 74.62 -67.11
N GLN OB 96 1.08 73.75 -67.80
CA GLN OB 96 0.93 72.31 -67.69
C GLN OB 96 2.12 71.77 -66.92
N VAL OB 97 1.86 70.97 -65.89
CA VAL OB 97 2.89 70.51 -64.98
C VAL OB 97 3.19 69.04 -65.25
N LEU OB 98 4.48 68.68 -65.26
CA LEU OB 98 4.92 67.44 -65.89
C LEU OB 98 5.78 66.59 -64.95
N ALA OB 99 5.13 65.75 -64.14
CA ALA OB 99 5.69 64.50 -63.64
C ALA OB 99 6.81 64.63 -62.61
N ASN OB 100 7.37 65.83 -62.47
CA ASN OB 100 8.25 66.09 -61.34
C ASN OB 100 7.74 67.31 -60.57
N GLY OB 101 7.44 68.38 -61.30
CA GLY OB 101 6.69 69.47 -60.71
C GLY OB 101 5.31 69.05 -60.26
N LEU OB 102 4.73 68.06 -60.92
CA LEU OB 102 3.37 67.63 -60.61
C LEU OB 102 3.24 67.24 -59.15
N ASP OB 103 4.09 66.31 -58.70
CA ASP OB 103 3.98 65.84 -57.32
C ASP OB 103 4.46 66.88 -56.31
N ASN OB 104 5.40 67.76 -56.67
CA ASN OB 104 5.76 68.79 -55.70
C ASN OB 104 4.69 69.88 -55.65
N LYS OB 105 4.13 70.25 -56.79
CA LYS OB 105 2.94 71.09 -56.76
C LYS OB 105 1.75 70.41 -56.11
N LEU OB 106 1.85 69.12 -55.82
CA LEU OB 106 0.76 68.39 -55.20
C LEU OB 106 0.86 68.41 -53.68
N ARG OB 107 2.05 68.56 -53.12
CA ARG OB 107 2.15 68.70 -51.67
C ARG OB 107 2.32 70.15 -51.23
N GLU OB 108 2.28 71.10 -52.17
CA GLU OB 108 2.21 72.51 -51.81
C GLU OB 108 0.78 72.92 -51.47
N ASP OB 109 -0.16 72.65 -52.37
CA ASP OB 109 -1.56 72.94 -52.08
C ASP OB 109 -2.08 72.11 -50.91
N LEU OB 110 -1.54 70.91 -50.70
CA LEU OB 110 -1.98 70.12 -49.55
C LEU OB 110 -1.51 70.73 -48.25
N GLU OB 111 -0.26 71.18 -48.19
CA GLU OB 111 0.25 71.82 -46.98
C GLU OB 111 -0.25 73.24 -46.83
N ARG OB 112 -0.62 73.89 -47.94
CA ARG OB 112 -1.23 75.22 -47.85
C ARG OB 112 -2.60 75.17 -47.18
N LEU OB 113 -3.37 74.12 -47.44
CA LEU OB 113 -4.66 73.95 -46.78
C LEU OB 113 -4.51 73.48 -45.34
N LYS OB 114 -3.32 73.00 -44.96
CA LYS OB 114 -3.12 72.57 -43.59
C LYS OB 114 -2.67 73.71 -42.68
N LYS OB 115 -1.76 74.56 -43.15
CA LYS OB 115 -1.34 75.69 -42.33
C LYS OB 115 -2.50 76.63 -42.05
N ILE OB 116 -3.38 76.84 -43.04
CA ILE OB 116 -4.58 77.64 -42.82
C ILE OB 116 -5.62 76.90 -42.00
N ARG OB 117 -5.37 75.63 -41.66
CA ARG OB 117 -6.27 74.83 -40.83
C ARG OB 117 -7.66 74.73 -41.44
N ALA OB 118 -7.72 74.59 -42.75
CA ALA OB 118 -8.98 74.36 -43.43
C ALA OB 118 -9.44 72.93 -43.19
N HIS OB 119 -10.76 72.75 -43.13
CA HIS OB 119 -11.30 71.42 -42.93
C HIS OB 119 -10.87 70.47 -44.04
N ARG OB 120 -10.86 70.95 -45.29
CA ARG OB 120 -10.44 70.11 -46.39
C ARG OB 120 -8.98 69.71 -46.26
N GLY OB 121 -8.16 70.57 -45.67
CA GLY OB 121 -6.77 70.24 -45.48
C GLY OB 121 -6.50 69.28 -44.35
N LEU OB 122 -7.30 69.33 -43.29
CA LEU OB 122 -7.11 68.41 -42.18
C LEU OB 122 -7.55 67.01 -42.56
N ARG OB 123 -8.55 66.88 -43.42
CA ARG OB 123 -8.96 65.55 -43.88
C ARG OB 123 -7.85 64.81 -44.58
N HIS OB 124 -6.96 65.52 -45.27
CA HIS OB 124 -5.77 64.88 -45.81
C HIS OB 124 -4.76 64.55 -44.74
N PHE OB 125 -4.67 65.40 -43.70
CA PHE OB 125 -3.74 65.15 -42.62
C PHE OB 125 -4.13 63.91 -41.83
N TRP OB 126 -5.41 63.57 -41.82
CA TRP OB 126 -5.88 62.42 -41.07
C TRP OB 126 -6.04 61.17 -41.92
N GLY OB 127 -6.04 61.30 -43.24
CA GLY OB 127 -6.12 60.15 -44.10
C GLY OB 127 -7.55 59.72 -44.36
N LEU OB 128 -8.44 60.68 -44.45
CA LEU OB 128 -9.85 60.43 -44.69
C LEU OB 128 -10.26 60.94 -46.06
N ARG OB 129 -11.47 60.57 -46.46
CA ARG OB 129 -12.03 61.03 -47.71
C ARG OB 129 -12.34 62.52 -47.60
N VAL OB 130 -11.96 63.29 -48.61
CA VAL OB 130 -12.07 64.75 -48.52
C VAL OB 130 -13.24 65.28 -49.32
N ARG OB 131 -13.66 64.59 -50.38
CA ARG OB 131 -14.71 65.11 -51.24
C ARG OB 131 -16.09 64.79 -50.68
N GLY OB 132 -16.17 64.38 -49.42
CA GLY OB 132 -17.44 64.22 -48.75
C GLY OB 132 -18.11 62.90 -49.02
N GLN OB 133 -17.37 61.80 -48.90
CA GLN OB 133 -17.92 60.47 -49.05
C GLN OB 133 -18.30 59.91 -47.69
N HIS OB 134 -19.27 59.01 -47.69
CA HIS OB 134 -19.64 58.30 -46.48
C HIS OB 134 -18.53 57.34 -46.08
N THR OB 135 -17.85 57.62 -44.98
CA THR OB 135 -16.77 56.77 -44.52
C THR OB 135 -17.23 55.63 -43.63
N LYS OB 136 -18.54 55.51 -43.41
CA LYS OB 136 -19.03 54.51 -42.47
C LYS OB 136 -18.84 53.09 -42.99
N THR OB 137 -19.00 52.88 -44.29
CA THR OB 137 -19.00 51.54 -44.83
C THR OB 137 -17.83 51.22 -45.74
N THR OB 138 -17.31 52.19 -46.48
CA THR OB 138 -16.23 51.95 -47.41
C THR OB 138 -14.93 52.52 -46.87
N GLY OB 139 -13.86 52.31 -47.63
CA GLY OB 139 -12.55 52.77 -47.22
C GLY OB 139 -12.03 52.00 -46.03
N ARG OB 140 -11.73 50.73 -46.24
CA ARG OB 140 -11.22 49.86 -45.19
C ARG OB 140 -9.83 49.31 -45.44
N ARG OB 141 -9.36 49.33 -46.69
CA ARG OB 141 -8.14 48.62 -47.07
C ARG OB 141 -6.91 49.13 -46.31
N GLY OB 142 -6.52 50.38 -46.52
CA GLY OB 142 -5.36 50.92 -45.81
C GLY OB 142 -5.62 51.08 -44.32
N ARG OB 143 -6.89 51.07 -43.93
CA ARG OB 143 -7.30 51.31 -42.57
C ARG OB 143 -7.34 49.97 -41.83
N THR OB 144 -6.23 49.23 -41.96
CA THR OB 144 -6.05 47.90 -41.41
C THR OB 144 -7.22 46.96 -41.75
N GLY PB 1 -29.72 55.81 -114.40
CA GLY PB 1 -29.44 56.81 -113.39
C GLY PB 1 -29.83 56.36 -112.00
N VAL PB 2 -29.11 56.86 -111.00
CA VAL PB 2 -29.29 56.42 -109.62
C VAL PB 2 -29.32 57.63 -108.70
N THR PB 3 -30.03 57.49 -107.60
CA THR PB 3 -30.01 58.44 -106.51
C THR PB 3 -29.12 57.90 -105.39
N VAL PB 4 -29.12 58.56 -104.24
CA VAL PB 4 -28.20 58.14 -103.18
C VAL PB 4 -28.70 56.94 -102.41
N LYS PB 5 -30.00 56.62 -102.46
CA LYS PB 5 -30.54 55.59 -101.59
C LYS PB 5 -30.22 54.18 -102.05
N ASP PB 6 -29.91 53.97 -103.32
CA ASP PB 6 -29.54 52.64 -103.78
C ASP PB 6 -28.06 52.37 -103.63
N VAL PB 7 -27.32 53.27 -102.98
CA VAL PB 7 -25.90 53.10 -102.73
C VAL PB 7 -25.68 52.97 -101.25
N ASN PB 8 -24.79 52.07 -100.85
CA ASN PB 8 -24.49 51.87 -99.44
C ASN PB 8 -23.89 53.14 -98.86
N GLN PB 9 -24.55 53.66 -97.83
CA GLN PB 9 -24.08 54.86 -97.15
C GLN PB 9 -22.69 54.68 -96.54
N GLN PB 10 -22.26 53.45 -96.30
CA GLN PB 10 -20.92 53.24 -95.77
C GLN PB 10 -19.86 53.77 -96.73
N GLU PB 11 -19.89 53.33 -97.99
CA GLU PB 11 -18.96 53.84 -98.98
C GLU PB 11 -19.48 55.09 -99.67
N PHE PB 12 -20.60 55.65 -99.19
CA PHE PB 12 -21.12 56.87 -99.74
C PHE PB 12 -20.74 58.11 -98.93
N VAL PB 13 -20.46 57.95 -97.64
CA VAL PB 13 -20.08 59.11 -96.83
C VAL PB 13 -18.68 59.57 -97.21
N ARG PB 14 -17.71 58.66 -97.18
CA ARG PB 14 -16.34 59.03 -97.49
C ARG PB 14 -16.10 59.23 -98.97
N ALA PB 15 -17.03 58.79 -99.83
CA ALA PB 15 -16.96 59.16 -101.23
C ALA PB 15 -17.29 60.64 -101.41
N LEU PB 16 -18.27 61.14 -100.67
CA LEU PB 16 -18.56 62.55 -100.68
C LEU PB 16 -17.50 63.36 -99.95
N ALA PB 17 -16.86 62.77 -98.94
CA ALA PB 17 -15.75 63.45 -98.29
C ALA PB 17 -14.56 63.59 -99.23
N ALA PB 18 -14.39 62.64 -100.16
CA ALA PB 18 -13.38 62.80 -101.19
C ALA PB 18 -13.70 63.94 -102.13
N PHE PB 19 -14.99 64.19 -102.39
CA PHE PB 19 -15.38 65.37 -103.15
C PHE PB 19 -15.10 66.66 -102.40
N LEU PB 20 -15.11 66.62 -101.06
CA LEU PB 20 -14.79 67.77 -100.26
C LEU PB 20 -13.29 67.98 -100.10
N LYS PB 21 -12.48 67.13 -100.72
CA LYS PB 21 -11.04 67.35 -100.80
C LYS PB 21 -10.69 68.20 -102.01
N LYS PB 22 -11.31 67.91 -103.15
CA LYS PB 22 -11.08 68.67 -104.37
C LYS PB 22 -11.56 70.10 -104.25
N SER PB 23 -12.56 70.35 -103.41
CA SER PB 23 -13.09 71.70 -103.24
C SER PB 23 -12.17 72.54 -102.37
N GLY PB 24 -11.97 72.12 -101.11
CA GLY PB 24 -11.19 72.89 -100.18
C GLY PB 24 -11.77 74.27 -99.96
N LYS PB 25 -13.08 74.36 -99.76
CA LYS PB 25 -13.75 75.65 -99.66
C LYS PB 25 -14.61 75.68 -98.40
N LEU PB 26 -14.31 74.80 -97.45
CA LEU PB 26 -15.26 74.43 -96.42
C LEU PB 26 -15.22 75.33 -95.19
N LYS PB 27 -14.32 76.31 -95.15
CA LYS PB 27 -14.24 77.23 -94.01
C LYS PB 27 -14.12 76.43 -92.71
N VAL PB 28 -13.07 75.63 -92.60
CA VAL PB 28 -12.86 74.80 -91.42
C VAL PB 28 -12.35 75.66 -90.27
N PRO PB 29 -12.83 75.46 -89.04
CA PRO PB 29 -12.26 76.19 -87.91
C PRO PB 29 -10.87 75.67 -87.55
N GLU PB 30 -10.18 76.41 -86.68
CA GLU PB 30 -8.83 76.04 -86.26
C GLU PB 30 -8.81 75.15 -85.04
N TRP PB 31 -9.87 75.15 -84.22
CA TRP PB 31 -9.91 74.29 -83.05
C TRP PB 31 -10.34 72.88 -83.44
N VAL PB 32 -10.32 72.57 -84.74
CA VAL PB 32 -10.82 71.27 -85.20
C VAL PB 32 -9.93 70.13 -84.74
N ASP PB 33 -8.62 70.25 -84.89
CA ASP PB 33 -7.70 69.18 -84.54
C ASP PB 33 -7.38 69.13 -83.06
N THR PB 34 -8.11 69.88 -82.25
CA THR PB 34 -7.87 69.87 -80.81
C THR PB 34 -9.18 69.85 -80.01
N VAL PB 35 -10.20 69.21 -80.56
CA VAL PB 35 -11.51 69.20 -79.93
C VAL PB 35 -12.02 67.77 -79.83
N LYS PB 36 -12.86 67.53 -78.82
CA LYS PB 36 -13.49 66.24 -78.58
C LYS PB 36 -14.96 66.35 -79.00
N LEU PB 37 -15.37 65.49 -79.94
CA LEU PB 37 -16.63 65.69 -80.65
C LEU PB 37 -17.86 65.64 -79.77
N ALA PB 38 -17.76 65.10 -78.57
CA ALA PB 38 -18.91 65.03 -77.68
C ALA PB 38 -18.43 64.90 -76.25
N LYS PB 39 -19.27 65.32 -75.32
CA LYS PB 39 -18.94 65.17 -73.90
C LYS PB 39 -18.86 63.70 -73.52
N HIS PB 40 -19.58 62.83 -74.23
CA HIS PB 40 -19.53 61.41 -73.94
C HIS PB 40 -18.36 60.70 -74.59
N LYS PB 41 -17.63 61.36 -75.47
CA LYS PB 41 -16.39 60.81 -75.97
C LYS PB 41 -15.29 61.06 -74.96
N GLU PB 42 -14.17 60.37 -75.14
CA GLU PB 42 -13.01 60.61 -74.29
C GLU PB 42 -11.76 60.96 -75.08
N LEU PB 43 -11.69 60.58 -76.35
CA LEU PB 43 -10.58 60.95 -77.20
C LEU PB 43 -11.09 61.69 -78.42
N ALA PB 44 -10.20 62.45 -79.04
CA ALA PB 44 -10.48 63.05 -80.32
C ALA PB 44 -10.52 61.96 -81.40
N PRO PB 45 -11.17 62.23 -82.54
CA PRO PB 45 -11.22 61.21 -83.60
C PRO PB 45 -9.83 60.81 -84.08
N TYR PB 46 -9.69 59.52 -84.42
CA TYR PB 46 -8.43 59.03 -84.93
C TYR PB 46 -8.09 59.67 -86.27
N ASP PB 47 -8.95 59.51 -87.26
CA ASP PB 47 -8.68 60.10 -88.57
C ASP PB 47 -8.82 61.61 -88.46
N GLU PB 48 -7.77 62.32 -88.88
CA GLU PB 48 -7.63 63.72 -88.48
C GLU PB 48 -8.57 64.63 -89.24
N ASN PB 49 -8.74 64.40 -90.54
CA ASN PB 49 -9.67 65.24 -91.29
C ASN PB 49 -11.11 64.77 -91.10
N TRP PB 50 -11.49 64.58 -89.84
CA TRP PB 50 -12.85 64.12 -89.53
C TRP PB 50 -13.88 65.16 -89.92
N PHE PB 51 -13.50 66.44 -89.90
CA PHE PB 51 -14.43 67.50 -90.24
C PHE PB 51 -15.01 67.31 -91.64
N TYR PB 52 -14.21 66.75 -92.54
CA TYR PB 52 -14.70 66.52 -93.90
C TYR PB 52 -15.57 65.28 -93.98
N THR PB 53 -15.45 64.37 -93.02
CA THR PB 53 -16.24 63.15 -93.07
C THR PB 53 -17.64 63.37 -92.49
N ARG PB 54 -17.74 64.09 -91.38
CA ARG PB 54 -19.06 64.30 -90.80
C ARG PB 54 -19.83 65.39 -91.53
N ALA PB 55 -19.14 66.43 -92.02
CA ALA PB 55 -19.82 67.40 -92.87
C ALA PB 55 -20.40 66.71 -94.10
N ALA PB 56 -19.76 65.63 -94.56
CA ALA PB 56 -20.36 64.78 -95.56
C ALA PB 56 -21.55 64.01 -95.02
N SER PB 57 -21.49 63.59 -93.75
CA SER PB 57 -22.58 62.83 -93.16
C SER PB 57 -23.77 63.71 -92.80
N THR PB 58 -23.53 64.93 -92.33
CA THR PB 58 -24.63 65.84 -92.09
C THR PB 58 -25.31 66.24 -93.40
N ALA PB 59 -24.56 66.22 -94.50
CA ALA PB 59 -25.16 66.54 -95.79
C ALA PB 59 -26.19 65.48 -96.18
N ARG PB 60 -25.79 64.22 -96.16
CA ARG PB 60 -26.72 63.16 -96.57
C ARG PB 60 -27.84 62.99 -95.56
N HIS PB 61 -27.59 63.30 -94.29
CA HIS PB 61 -28.66 63.24 -93.31
C HIS PB 61 -29.71 64.31 -93.57
N LEU PB 62 -29.32 65.43 -94.17
CA LEU PB 62 -30.28 66.42 -94.60
C LEU PB 62 -30.99 66.01 -95.88
N TYR PB 63 -30.44 65.05 -96.62
CA TYR PB 63 -31.07 64.60 -97.84
C TYR PB 63 -32.33 63.80 -97.56
N LEU PB 64 -32.26 62.88 -96.59
CA LEU PB 64 -33.37 61.97 -96.36
C LEU PB 64 -34.48 62.61 -95.54
N ARG PB 65 -34.14 63.60 -94.72
CA ARG PB 65 -35.16 64.38 -94.03
C ARG PB 65 -34.58 65.74 -93.70
N GLY PB 66 -35.20 66.79 -94.25
CA GLY PB 66 -34.69 68.14 -94.08
C GLY PB 66 -35.28 68.84 -92.88
N GLY PB 67 -35.02 70.15 -92.82
CA GLY PB 67 -35.54 70.95 -91.73
C GLY PB 67 -34.90 70.66 -90.39
N ALA PB 68 -33.79 69.93 -90.36
CA ALA PB 68 -33.12 69.58 -89.11
C ALA PB 68 -32.24 70.73 -88.65
N GLY PB 69 -32.43 71.13 -87.39
CA GLY PB 69 -31.63 72.16 -86.79
C GLY PB 69 -30.47 71.60 -85.99
N VAL PB 70 -29.67 72.50 -85.42
CA VAL PB 70 -28.46 72.07 -84.74
C VAL PB 70 -28.80 71.21 -83.52
N GLY PB 71 -29.99 71.41 -82.95
CA GLY PB 71 -30.43 70.52 -81.90
C GLY PB 71 -30.64 69.10 -82.37
N SER PB 72 -31.09 68.93 -83.61
CA SER PB 72 -31.35 67.60 -84.13
C SER PB 72 -30.06 66.82 -84.34
N MET PB 73 -29.01 67.46 -84.85
CA MET PB 73 -27.75 66.74 -85.07
C MET PB 73 -27.06 66.38 -83.77
N THR PB 74 -27.25 67.17 -82.71
CA THR PB 74 -26.76 66.73 -81.42
C THR PB 74 -27.44 65.45 -80.97
N LYS PB 75 -28.64 65.16 -81.48
CA LYS PB 75 -29.28 63.88 -81.25
C LYS PB 75 -28.80 62.83 -82.24
N ILE PB 76 -28.50 63.25 -83.47
CA ILE PB 76 -27.99 62.31 -84.46
C ILE PB 76 -26.68 61.69 -84.00
N TYR PB 77 -25.73 62.52 -83.59
CA TYR PB 77 -24.39 62.06 -83.26
C TYR PB 77 -24.20 61.86 -81.77
N GLY PB 78 -25.26 61.53 -81.04
CA GLY PB 78 -25.16 61.18 -79.65
C GLY PB 78 -24.95 59.68 -79.46
N GLY PB 79 -24.60 59.32 -78.24
CA GLY PB 79 -24.34 57.93 -77.94
C GLY PB 79 -24.21 57.71 -76.44
N ARG PB 80 -23.79 56.51 -76.09
CA ARG PB 80 -23.65 56.15 -74.68
C ARG PB 80 -22.61 57.02 -74.00
N GLN PB 81 -22.98 57.58 -72.85
CA GLN PB 81 -22.05 58.30 -72.00
C GLN PB 81 -21.65 57.34 -70.89
N ARG PB 82 -20.52 56.68 -71.08
CA ARG PB 82 -20.03 55.69 -70.12
C ARG PB 82 -19.62 56.41 -68.85
N ASN PB 83 -20.50 56.41 -67.86
CA ASN PB 83 -20.39 57.25 -66.68
C ASN PB 83 -19.41 56.76 -65.66
N GLY PB 84 -18.53 55.82 -65.98
CA GLY PB 84 -17.61 55.32 -64.98
C GLY PB 84 -18.25 54.31 -64.07
N VAL PB 85 -18.39 54.65 -62.78
CA VAL PB 85 -18.91 53.68 -61.83
C VAL PB 85 -20.43 53.66 -61.84
N MET PB 86 -21.07 54.67 -62.39
CA MET PB 86 -22.51 54.76 -62.49
C MET PB 86 -22.98 54.27 -63.84
N PRO PB 87 -24.26 53.90 -63.98
CA PRO PB 87 -24.73 53.37 -65.26
C PRO PB 87 -24.69 54.41 -66.36
N SER PB 88 -24.41 53.93 -67.57
CA SER PB 88 -24.26 54.82 -68.72
C SER PB 88 -25.63 55.25 -69.22
N HIS PB 89 -25.68 56.45 -69.79
CA HIS PB 89 -26.89 57.02 -70.35
C HIS PB 89 -26.60 57.58 -71.74
N PHE PB 90 -27.65 57.80 -72.50
CA PHE PB 90 -27.52 58.50 -73.76
C PHE PB 90 -27.26 59.97 -73.50
N SER PB 91 -26.39 60.57 -74.32
CA SER PB 91 -26.10 61.99 -74.21
C SER PB 91 -25.91 62.57 -75.59
N ARG PB 92 -26.35 63.81 -75.76
CA ARG PB 92 -26.28 64.47 -77.06
C ARG PB 92 -24.83 64.77 -77.44
N GLY PB 93 -24.62 65.03 -78.73
CA GLY PB 93 -23.34 65.46 -79.22
C GLY PB 93 -23.09 66.92 -78.94
N SER PB 94 -21.93 67.41 -79.38
CA SER PB 94 -21.58 68.80 -79.20
C SER PB 94 -22.32 69.69 -80.21
N LYS PB 95 -22.66 70.89 -79.77
CA LYS PB 95 -23.42 71.83 -80.60
C LYS PB 95 -22.52 72.57 -81.57
N SER PB 96 -21.44 73.17 -81.06
CA SER PB 96 -20.56 73.99 -81.88
C SER PB 96 -20.02 73.19 -83.06
N VAL PB 97 -19.60 71.95 -82.83
CA VAL PB 97 -19.09 71.13 -83.91
C VAL PB 97 -20.18 70.87 -84.95
N ALA PB 98 -21.44 70.87 -84.53
CA ALA PB 98 -22.52 70.74 -85.49
C ALA PB 98 -22.94 72.09 -86.05
N ARG PB 99 -22.85 73.14 -85.23
CA ARG PB 99 -23.21 74.47 -85.71
C ARG PB 99 -22.25 74.95 -86.78
N ARG PB 100 -20.99 74.52 -86.74
CA ARG PB 100 -20.02 74.99 -87.73
C ARG PB 100 -20.20 74.30 -89.08
N VAL PB 101 -20.49 73.00 -89.09
CA VAL PB 101 -20.52 72.28 -90.36
C VAL PB 101 -21.71 72.74 -91.21
N LEU PB 102 -22.86 72.99 -90.58
CA LEU PB 102 -23.97 73.50 -91.38
C LEU PB 102 -23.79 74.97 -91.71
N GLN PB 103 -23.08 75.71 -90.86
CA GLN PB 103 -22.63 77.04 -91.27
C GLN PB 103 -21.59 76.95 -92.37
N ALA PB 104 -20.85 75.85 -92.44
CA ALA PB 104 -19.86 75.66 -93.49
C ALA PB 104 -20.49 75.29 -94.81
N LEU PB 105 -21.48 74.40 -94.79
CA LEU PB 105 -22.15 74.02 -96.03
C LEU PB 105 -23.15 75.09 -96.47
N GLU PB 106 -23.38 76.11 -95.65
CA GLU PB 106 -23.98 77.33 -96.15
C GLU PB 106 -22.93 78.32 -96.64
N GLY PB 107 -21.69 78.17 -96.21
CA GLY PB 107 -20.60 78.97 -96.73
C GLY PB 107 -20.43 78.74 -98.22
N LEU PB 108 -20.18 77.50 -98.61
CA LEU PB 108 -20.24 77.08 -100.00
C LEU PB 108 -21.64 76.50 -100.19
N LYS PB 109 -22.46 77.16 -101.01
CA LYS PB 109 -23.88 76.86 -101.06
C LYS PB 109 -24.17 75.42 -101.44
N MET PB 110 -24.68 74.66 -100.47
CA MET PB 110 -25.11 73.28 -100.66
C MET PB 110 -26.40 73.09 -99.87
N VAL PB 111 -26.70 74.02 -98.98
CA VAL PB 111 -27.79 73.91 -98.04
C VAL PB 111 -28.21 75.32 -97.64
N GLU PB 112 -29.49 75.48 -97.32
CA GLU PB 112 -30.02 76.77 -96.94
C GLU PB 112 -30.92 76.63 -95.72
N LYS PB 113 -31.27 77.78 -95.13
CA LYS PB 113 -32.19 77.82 -94.00
C LYS PB 113 -33.59 77.56 -94.51
N ASP PB 114 -34.13 76.38 -94.19
CA ASP PB 114 -35.51 76.04 -94.49
C ASP PB 114 -36.45 76.98 -93.74
N GLN PB 115 -37.68 77.14 -94.23
CA GLN PB 115 -38.70 77.80 -93.44
C GLN PB 115 -39.03 76.95 -92.22
N ASP PB 116 -39.70 77.58 -91.26
CA ASP PB 116 -40.04 76.95 -89.97
C ASP PB 116 -38.78 76.48 -89.25
N GLY PB 117 -37.67 77.20 -89.44
CA GLY PB 117 -36.40 76.76 -88.90
C GLY PB 117 -35.87 75.54 -89.62
N GLY PB 118 -34.64 75.18 -89.30
CA GLY PB 118 -34.02 74.01 -89.88
C GLY PB 118 -33.18 74.32 -91.09
N ARG PB 119 -32.65 73.26 -91.69
CA ARG PB 119 -31.71 73.37 -92.80
C ARG PB 119 -32.05 72.30 -93.82
N LYS PB 120 -32.44 72.72 -95.01
CA LYS PB 120 -32.64 71.81 -96.13
C LYS PB 120 -31.66 72.15 -97.24
N LEU PB 121 -31.25 71.13 -98.00
CA LEU PB 121 -30.24 71.32 -99.02
C LEU PB 121 -30.86 71.85 -100.32
N THR PB 122 -30.18 72.80 -100.94
CA THR PB 122 -30.65 73.41 -102.18
C THR PB 122 -30.72 72.38 -103.30
N PRO PB 123 -31.60 72.60 -104.29
CA PRO PB 123 -31.65 71.69 -105.45
C PRO PB 123 -30.32 71.49 -106.15
N GLN PB 124 -29.45 72.49 -106.18
CA GLN PB 124 -28.13 72.26 -106.76
C GLN PB 124 -27.26 71.41 -105.84
N GLY PB 125 -27.46 71.50 -104.53
CA GLY PB 125 -26.77 70.63 -103.60
C GLY PB 125 -27.23 69.19 -103.65
N GLN PB 126 -28.38 68.94 -104.26
CA GLN PB 126 -28.87 67.59 -104.49
C GLN PB 126 -28.51 67.07 -105.88
N ARG PB 127 -28.23 67.97 -106.83
CA ARG PB 127 -27.78 67.55 -108.15
C ARG PB 127 -26.42 66.87 -108.10
N ASP PB 128 -25.47 67.48 -107.40
CA ASP PB 128 -24.12 66.93 -107.34
C ASP PB 128 -24.03 65.70 -106.44
N LEU PB 129 -24.91 65.58 -105.45
CA LEU PB 129 -24.85 64.44 -104.55
C LEU PB 129 -25.22 63.14 -105.24
N ASP PB 130 -25.97 63.21 -106.34
CA ASP PB 130 -26.17 62.04 -107.17
C ASP PB 130 -24.98 61.77 -108.08
N ARG PB 131 -24.20 62.81 -108.41
CA ARG PB 131 -22.99 62.59 -109.19
C ARG PB 131 -21.97 61.79 -108.41
N ILE PB 132 -21.99 61.87 -107.08
CA ILE PB 132 -21.16 61.00 -106.25
C ILE PB 132 -21.76 59.61 -106.12
N ALA PB 133 -23.09 59.49 -106.12
CA ALA PB 133 -23.70 58.17 -106.09
C ALA PB 133 -23.64 57.48 -107.43
N GLY PB 134 -23.56 58.23 -108.53
CA GLY PB 134 -23.47 57.61 -109.83
C GLY PB 134 -22.14 56.96 -110.10
N GLN PB 135 -21.05 57.54 -109.59
CA GLN PB 135 -19.73 56.98 -109.85
C GLN PB 135 -19.47 55.73 -109.03
N VAL PB 136 -19.94 55.70 -107.78
CA VAL PB 136 -19.81 54.48 -106.97
C VAL PB 136 -20.77 53.41 -107.46
N ALA PB 137 -21.95 53.80 -107.94
CA ALA PB 137 -22.83 52.84 -108.59
C ALA PB 137 -22.19 52.31 -109.88
N ALA PB 138 -21.37 53.12 -110.53
CA ALA PB 138 -20.58 52.64 -111.65
C ALA PB 138 -19.32 51.92 -111.20
N ALA PB 139 -18.87 52.16 -109.96
CA ALA PB 139 -17.70 51.46 -109.46
C ALA PB 139 -17.97 49.99 -109.21
N LYS PB 140 -19.19 49.62 -108.83
CA LYS PB 140 -19.54 48.23 -108.59
C LYS PB 140 -19.88 47.49 -109.87
N LYS PB 141 -20.02 48.20 -110.98
CA LYS PB 141 -20.43 47.58 -112.23
C LYS PB 141 -19.25 46.95 -112.97
N HIS QB 1 -69.16 78.35 -90.10
CA HIS QB 1 -70.03 77.18 -90.10
C HIS QB 1 -69.29 75.95 -89.57
N ARG QB 2 -68.01 75.86 -89.89
CA ARG QB 2 -67.20 74.72 -89.44
C ARG QB 2 -66.97 74.83 -87.94
N ILE QB 3 -67.84 74.20 -87.16
CA ILE QB 3 -67.76 74.21 -85.71
C ILE QB 3 -67.30 72.85 -85.24
N ARG QB 4 -66.56 72.81 -84.15
CA ARG QB 4 -66.08 71.56 -83.57
C ARG QB 4 -66.72 71.33 -82.20
N ILE QB 5 -67.16 70.10 -81.96
CA ILE QB 5 -67.71 69.69 -80.67
C ILE QB 5 -66.83 68.60 -80.09
N THR QB 6 -66.36 68.81 -78.86
CA THR QB 6 -65.54 67.83 -78.17
C THR QB 6 -66.39 67.11 -77.13
N LEU QB 7 -66.27 65.79 -77.06
CA LEU QB 7 -66.96 65.00 -76.04
C LEU QB 7 -65.90 64.20 -75.29
N THR QB 8 -65.62 64.63 -74.07
CA THR QB 8 -64.71 63.92 -73.17
C THR QB 8 -65.51 63.34 -72.02
N SER QB 9 -65.17 62.13 -71.61
CA SER QB 9 -65.90 61.45 -70.55
C SER QB 9 -65.04 60.37 -69.92
N ARG QB 10 -65.28 60.14 -68.63
CA ARG QB 10 -64.59 59.07 -67.93
C ARG QB 10 -65.18 57.71 -68.25
N ASN QB 11 -66.51 57.62 -68.32
CA ASN QB 11 -67.16 56.36 -68.63
C ASN QB 11 -67.29 56.24 -70.14
N VAL QB 12 -67.24 55.01 -70.65
CA VAL QB 12 -67.19 54.79 -72.09
C VAL QB 12 -68.59 54.81 -72.69
N LYS QB 13 -69.49 53.96 -72.17
CA LYS QB 13 -70.83 53.88 -72.75
C LYS QB 13 -71.62 55.15 -72.50
N SER QB 14 -71.45 55.78 -71.34
CA SER QB 14 -72.10 57.07 -71.12
C SER QB 14 -71.60 58.12 -72.09
N LEU QB 15 -70.39 57.97 -72.60
CA LEU QB 15 -69.92 58.77 -73.72
C LEU QB 15 -70.49 58.29 -75.03
N GLU QB 16 -70.57 56.96 -75.22
CA GLU QB 16 -71.04 56.41 -76.47
C GLU QB 16 -72.49 56.77 -76.75
N LYS QB 17 -73.32 56.85 -75.71
CA LYS QB 17 -74.71 57.20 -75.92
C LYS QB 17 -74.87 58.69 -76.15
N VAL QB 18 -73.95 59.52 -75.66
CA VAL QB 18 -73.96 60.94 -76.01
C VAL QB 18 -73.32 61.16 -77.39
N CYS QB 19 -72.23 60.47 -77.67
CA CYS QB 19 -71.63 60.55 -79.00
C CYS QB 19 -72.58 60.09 -80.08
N ALA QB 20 -73.57 59.26 -79.75
CA ALA QB 20 -74.62 58.90 -80.69
C ALA QB 20 -75.87 59.77 -80.53
N ASP QB 21 -76.00 60.50 -79.42
CA ASP QB 21 -77.16 61.36 -79.21
C ASP QB 21 -77.07 62.61 -80.09
N LEU QB 22 -75.89 63.23 -80.14
CA LEU QB 22 -75.70 64.38 -81.02
C LEU QB 22 -75.96 64.02 -82.47
N ILE QB 23 -75.76 62.74 -82.81
CA ILE QB 23 -76.05 62.27 -84.16
C ILE QB 23 -77.55 62.15 -84.38
N ARG QB 24 -78.32 61.85 -83.34
CA ARG QB 24 -79.77 61.76 -83.50
C ARG QB 24 -80.39 63.10 -83.84
N GLY QB 25 -79.81 64.19 -83.34
CA GLY QB 25 -80.33 65.51 -83.58
C GLY QB 25 -79.77 66.15 -84.83
N ALA QB 26 -78.62 65.67 -85.30
CA ALA QB 26 -77.99 66.28 -86.45
C ALA QB 26 -78.55 65.76 -87.76
N LYS QB 27 -78.71 64.44 -87.90
CA LYS QB 27 -79.44 63.90 -89.04
C LYS QB 27 -80.93 64.21 -88.95
N GLU QB 28 -81.42 64.55 -87.76
CA GLU QB 28 -82.74 65.17 -87.66
C GLU QB 28 -82.80 66.46 -88.44
N LYS QB 29 -81.73 67.24 -88.42
CA LYS QB 29 -81.65 68.50 -89.15
C LYS QB 29 -81.25 68.31 -90.61
N ASN QB 30 -80.94 67.08 -91.01
CA ASN QB 30 -80.57 66.74 -92.39
C ASN QB 30 -79.45 67.62 -92.91
N LEU QB 31 -78.29 67.57 -92.27
CA LEU QB 31 -77.12 68.30 -92.75
C LEU QB 31 -75.92 67.38 -92.66
N LYS QB 32 -74.84 67.77 -93.34
CA LYS QB 32 -73.67 66.91 -93.46
C LYS QB 32 -72.93 66.78 -92.13
N VAL QB 33 -72.77 65.54 -91.65
CA VAL QB 33 -72.26 65.27 -90.31
C VAL QB 33 -70.88 64.64 -90.41
N LYS QB 34 -69.98 65.06 -89.53
CA LYS QB 34 -68.70 64.41 -89.38
C LYS QB 34 -68.85 63.20 -88.46
N GLY QB 35 -68.23 62.09 -88.87
CA GLY QB 35 -68.23 60.88 -88.07
C GLY QB 35 -67.51 61.08 -86.76
N PRO QB 36 -67.96 60.38 -85.72
CA PRO QB 36 -67.32 60.52 -84.40
C PRO QB 36 -65.87 60.07 -84.46
N VAL QB 37 -64.97 61.04 -84.28
CA VAL QB 37 -63.53 60.80 -84.38
C VAL QB 37 -63.05 60.24 -83.05
N ARG QB 38 -62.71 58.95 -83.04
CA ARG QB 38 -62.20 58.31 -81.84
C ARG QB 38 -60.75 58.71 -81.65
N MET QB 39 -60.48 59.50 -80.63
CA MET QB 39 -59.14 59.88 -80.24
C MET QB 39 -58.50 58.79 -79.40
N PRO QB 40 -57.18 58.70 -79.41
CA PRO QB 40 -56.51 57.74 -78.52
C PRO QB 40 -56.74 58.10 -77.06
N THR QB 41 -57.15 57.12 -76.28
CA THR QB 41 -57.48 57.34 -74.88
C THR QB 41 -56.23 57.56 -74.05
N LYS QB 42 -56.38 58.34 -72.99
CA LYS QB 42 -55.29 58.60 -72.05
C LYS QB 42 -55.61 57.94 -70.73
N THR QB 43 -54.65 57.19 -70.19
CA THR QB 43 -54.78 56.55 -68.89
C THR QB 43 -53.82 57.21 -67.91
N LEU QB 44 -54.30 57.49 -66.72
CA LEU QB 44 -53.51 58.15 -65.69
C LEU QB 44 -53.04 57.09 -64.69
N ARG QB 45 -51.75 56.80 -64.69
CA ARG QB 45 -51.18 55.74 -63.86
C ARG QB 45 -50.70 56.34 -62.54
N ILE QB 46 -51.12 55.73 -61.44
CA ILE QB 46 -50.63 56.08 -60.11
C ILE QB 46 -50.36 54.78 -59.38
N THR QB 47 -49.10 54.52 -59.05
CA THR QB 47 -48.71 53.35 -58.28
C THR QB 47 -48.12 53.81 -56.96
N THR QB 48 -48.63 53.24 -55.87
CA THR QB 48 -48.16 53.60 -54.55
C THR QB 48 -48.10 52.36 -53.68
N ARG QB 49 -47.38 52.46 -52.58
CA ARG QB 49 -47.28 51.37 -51.62
C ARG QB 49 -48.60 51.21 -50.91
N LYS QB 50 -49.08 49.97 -50.80
CA LYS QB 50 -50.32 49.72 -50.07
C LYS QB 50 -50.21 50.10 -48.61
N THR QB 51 -49.02 50.06 -48.05
CA THR QB 51 -48.87 50.19 -46.61
C THR QB 51 -48.82 51.65 -46.20
N PRO QB 52 -49.52 52.03 -45.13
CA PRO QB 52 -49.33 53.38 -44.58
C PRO QB 52 -47.94 53.60 -44.04
N CYS QB 53 -47.38 52.61 -43.35
CA CYS QB 53 -46.02 52.64 -42.85
C CYS QB 53 -45.11 51.95 -43.86
N GLY QB 54 -43.88 51.68 -43.47
CA GLY QB 54 -42.95 51.08 -44.40
C GLY QB 54 -42.60 49.64 -44.07
N GLU QB 55 -43.55 48.88 -43.53
CA GLU QB 55 -43.29 47.51 -43.11
C GLU QB 55 -44.14 46.53 -43.87
N GLY QB 56 -43.78 45.25 -43.76
CA GLY QB 56 -44.39 44.21 -44.55
C GLY QB 56 -43.72 44.07 -45.90
N SER QB 57 -44.14 43.03 -46.62
CA SER QB 57 -43.64 42.85 -47.97
C SER QB 57 -44.05 44.03 -48.85
N LYS QB 58 -43.17 44.40 -49.77
CA LYS QB 58 -43.38 45.58 -50.59
C LYS QB 58 -44.39 45.27 -51.67
N THR QB 59 -45.61 45.79 -51.52
CA THR QB 59 -46.67 45.62 -52.49
C THR QB 59 -47.17 46.98 -52.93
N TRP QB 60 -47.69 47.04 -54.15
CA TRP QB 60 -48.05 48.30 -54.78
C TRP QB 60 -49.48 48.24 -55.30
N ASP QB 61 -49.93 49.38 -55.84
CA ASP QB 61 -51.25 49.50 -56.44
C ASP QB 61 -51.11 49.93 -57.90
N ARG QB 62 -52.24 49.92 -58.59
CA ARG QB 62 -52.31 50.25 -60.00
C ARG QB 62 -53.47 51.19 -60.28
N PHE QB 63 -53.60 52.25 -59.50
CA PHE QB 63 -54.71 53.17 -59.70
C PHE QB 63 -54.63 53.82 -61.08
N GLN QB 64 -55.70 53.66 -61.85
CA GLN QB 64 -55.78 54.20 -63.19
C GLN QB 64 -57.03 55.06 -63.32
N MET QB 65 -57.03 55.91 -64.34
CA MET QB 65 -58.23 56.60 -64.74
C MET QB 65 -58.18 56.80 -66.26
N ARG QB 66 -58.70 55.83 -67.01
CA ARG QB 66 -58.69 55.92 -68.46
C ARG QB 66 -59.72 56.93 -68.93
N ILE QB 67 -59.26 57.99 -69.58
CA ILE QB 67 -60.13 59.07 -70.05
C ILE QB 67 -60.33 58.91 -71.55
N HIS QB 68 -61.55 59.17 -72.01
CA HIS QB 68 -61.89 59.01 -73.41
C HIS QB 68 -62.30 60.36 -73.99
N LYS QB 69 -62.09 60.49 -75.30
CA LYS QB 69 -62.37 61.74 -75.98
C LYS QB 69 -62.80 61.47 -77.42
N ARG QB 70 -63.90 62.09 -77.82
CA ARG QB 70 -64.39 61.97 -79.19
C ARG QB 70 -64.63 63.35 -79.77
N LEU QB 71 -64.46 63.47 -81.07
CA LEU QB 71 -64.63 64.73 -81.77
C LEU QB 71 -65.70 64.57 -82.85
N ILE QB 72 -66.62 65.53 -82.91
CA ILE QB 72 -67.61 65.63 -83.97
C ILE QB 72 -67.71 67.09 -84.37
N ASP QB 73 -67.48 67.38 -85.65
CA ASP QB 73 -67.53 68.74 -86.15
C ASP QB 73 -68.64 68.86 -87.19
N LEU QB 74 -69.33 70.01 -87.18
CA LEU QB 74 -70.54 70.19 -87.96
C LEU QB 74 -70.43 71.46 -88.79
N HIS QB 75 -71.08 71.47 -89.96
CA HIS QB 75 -71.18 72.66 -90.79
C HIS QB 75 -72.54 73.31 -90.54
N SER QB 76 -72.60 74.10 -89.47
CA SER QB 76 -73.89 74.66 -89.07
C SER QB 76 -73.69 76.01 -88.38
N PRO QB 77 -74.64 76.94 -88.55
CA PRO QB 77 -74.63 78.17 -87.74
C PRO QB 77 -74.87 77.90 -86.26
N SER QB 78 -74.79 78.95 -85.44
CA SER QB 78 -74.69 78.78 -84.00
C SER QB 78 -76.00 78.40 -83.32
N GLU QB 79 -77.15 78.86 -83.84
CA GLU QB 79 -78.41 78.60 -83.14
C GLU QB 79 -78.89 77.17 -83.35
N ILE QB 80 -78.53 76.55 -84.48
CA ILE QB 80 -78.87 75.15 -84.68
C ILE QB 80 -78.11 74.28 -83.69
N VAL QB 81 -76.96 74.76 -83.22
CA VAL QB 81 -76.16 73.98 -82.27
C VAL QB 81 -76.80 74.00 -80.89
N LYS QB 82 -77.04 75.19 -80.36
CA LYS QB 82 -77.31 75.34 -78.93
C LYS QB 82 -78.71 74.85 -78.57
N GLN QB 83 -79.50 74.47 -79.58
CA GLN QB 83 -80.71 73.71 -79.30
C GLN QB 83 -80.44 72.23 -79.16
N ILE QB 84 -79.43 71.71 -79.86
CA ILE QB 84 -79.10 70.30 -79.78
C ILE QB 84 -78.24 70.02 -78.55
N THR QB 85 -77.33 70.95 -78.22
CA THR QB 85 -76.42 70.75 -77.10
C THR QB 85 -77.15 70.58 -75.78
N SER QB 86 -78.35 71.14 -75.63
CA SER QB 86 -79.03 71.14 -74.35
C SER QB 86 -79.96 69.96 -74.16
N ILE QB 87 -79.85 68.91 -74.98
CA ILE QB 87 -80.77 67.77 -74.92
C ILE QB 87 -80.04 66.55 -74.37
N SER QB 88 -80.58 65.99 -73.28
CA SER QB 88 -80.17 64.70 -72.74
C SER QB 88 -78.66 64.57 -72.57
N ILE QB 89 -78.08 65.36 -71.67
CA ILE QB 89 -76.66 65.30 -71.40
C ILE QB 89 -76.47 64.73 -70.00
N GLU QB 90 -75.56 63.77 -69.87
CA GLU QB 90 -75.31 63.07 -68.62
C GLU QB 90 -74.16 63.73 -67.90
N PRO QB 91 -74.21 63.85 -66.57
CA PRO QB 91 -73.13 64.50 -65.83
C PRO QB 91 -71.74 63.93 -66.08
N GLY QB 92 -71.62 62.64 -66.38
CA GLY QB 92 -70.31 62.04 -66.57
C GLY QB 92 -69.60 62.49 -67.83
N VAL QB 93 -70.28 63.18 -68.73
CA VAL QB 93 -69.73 63.59 -70.02
C VAL QB 93 -69.56 65.11 -70.02
N GLU QB 94 -68.43 65.57 -70.54
CA GLU QB 94 -68.14 67.00 -70.66
C GLU QB 94 -68.05 67.35 -72.14
N VAL QB 95 -68.91 68.28 -72.56
CA VAL QB 95 -68.98 68.74 -73.95
C VAL QB 95 -68.22 70.05 -74.07
N GLU QB 96 -67.48 70.20 -75.16
CA GLU QB 96 -66.72 71.41 -75.46
C GLU QB 96 -67.09 71.82 -76.89
N VAL QB 97 -67.89 72.88 -77.01
CA VAL QB 97 -68.29 73.37 -78.32
C VAL QB 97 -67.29 74.43 -78.78
N THR QB 98 -66.73 74.23 -79.96
CA THR QB 98 -65.80 75.18 -80.55
C THR QB 98 -66.47 75.77 -81.79
N ILE QB 99 -66.72 77.07 -81.75
CA ILE QB 99 -67.43 77.72 -82.86
C ILE QB 99 -66.51 77.81 -84.08
N ALA QB 100 -65.22 78.01 -83.85
CA ALA QB 100 -64.28 78.16 -84.95
C ALA QB 100 -63.54 76.86 -85.22
N MET RB 1 -106.05 6.48 -12.29
CA MET RB 1 -105.86 6.31 -10.86
C MET RB 1 -107.02 6.89 -10.09
N GLN RB 2 -107.30 6.32 -8.92
CA GLN RB 2 -108.42 6.73 -8.09
C GLN RB 2 -107.91 7.50 -6.89
N ASN RB 3 -108.84 8.12 -6.17
CA ASN RB 3 -108.64 8.56 -4.81
C ASN RB 3 -109.74 7.95 -3.95
N ASP RB 4 -109.73 8.26 -2.64
CA ASP RB 4 -110.69 7.65 -1.73
C ASP RB 4 -112.12 8.06 -2.05
N ALA RB 5 -112.30 9.28 -2.56
CA ALA RB 5 -113.63 9.70 -3.00
C ALA RB 5 -114.12 8.90 -4.19
N GLY RB 6 -113.21 8.29 -4.94
CA GLY RB 6 -113.60 7.48 -6.07
C GLY RB 6 -113.56 8.25 -7.36
N GLU RB 7 -112.48 8.96 -7.60
CA GLU RB 7 -112.38 9.86 -8.74
C GLU RB 7 -111.15 9.53 -9.55
N PHE RB 8 -111.33 9.45 -10.87
CA PHE RB 8 -110.21 9.29 -11.77
C PHE RB 8 -109.42 10.59 -11.82
N VAL RB 9 -108.14 10.52 -11.48
CA VAL RB 9 -107.37 11.71 -11.14
C VAL RB 9 -106.18 11.92 -12.08
N ASP RB 10 -105.67 10.86 -12.69
CA ASP RB 10 -104.63 11.03 -13.70
C ASP RB 10 -105.17 11.83 -14.88
N LEU RB 11 -104.30 12.45 -15.67
CA LEU RB 11 -104.79 13.20 -16.82
C LEU RB 11 -105.03 12.32 -18.03
N TYR RB 12 -104.31 11.21 -18.15
CA TYR RB 12 -104.52 10.30 -19.27
C TYR RB 12 -104.01 8.93 -18.89
N VAL RB 13 -104.62 7.91 -19.48
CA VAL RB 13 -104.23 6.52 -19.25
C VAL RB 13 -103.43 6.04 -20.45
N PRO RB 14 -102.21 5.55 -20.24
CA PRO RB 14 -101.39 5.15 -21.38
C PRO RB 14 -101.82 3.82 -21.95
N ARG RB 15 -101.39 3.55 -23.17
CA ARG RB 15 -101.66 2.27 -23.81
C ARG RB 15 -100.85 1.17 -23.14
N LYS RB 16 -101.04 -0.07 -23.59
CA LYS RB 16 -100.30 -1.19 -23.05
C LYS RB 16 -100.09 -2.18 -24.17
N CYS RB 17 -98.85 -2.62 -24.36
CA CYS RB 17 -98.51 -3.49 -25.49
C CYS RB 17 -99.37 -4.73 -25.47
N SER RB 18 -99.96 -5.03 -26.63
CA SER RB 18 -100.87 -6.16 -26.77
C SER RB 18 -100.15 -7.50 -26.64
N ALA RB 19 -98.83 -7.51 -26.58
CA ALA RB 19 -98.06 -8.74 -26.47
C ALA RB 19 -97.40 -8.88 -25.11
N SER RB 20 -96.66 -7.87 -24.67
CA SER RB 20 -95.93 -7.97 -23.42
C SER RB 20 -96.64 -7.32 -22.24
N ASN RB 21 -97.78 -6.68 -22.46
CA ASN RB 21 -98.54 -5.98 -21.42
C ASN RB 21 -97.70 -4.91 -20.72
N ARG RB 22 -96.67 -4.41 -21.37
CA ARG RB 22 -95.87 -3.32 -20.84
C ARG RB 22 -96.46 -2.01 -21.32
N ILE RB 23 -96.52 -1.02 -20.43
CA ILE RB 23 -97.04 0.29 -20.81
C ILE RB 23 -96.19 0.88 -21.91
N ILE RB 24 -96.82 1.26 -23.01
CA ILE RB 24 -96.13 1.94 -24.09
C ILE RB 24 -95.96 3.40 -23.70
N GLY RB 25 -94.71 3.84 -23.53
CA GLY RB 25 -94.44 5.18 -23.06
C GLY RB 25 -94.85 6.24 -24.07
N ALA RB 26 -94.96 7.47 -23.56
CA ALA RB 26 -95.37 8.59 -24.38
C ALA RB 26 -94.34 8.94 -25.45
N LYS RB 27 -93.08 8.54 -25.27
CA LYS RB 27 -92.03 8.83 -26.23
C LYS RB 27 -91.50 7.57 -26.91
N ASP RB 28 -92.30 6.51 -26.93
CA ASP RB 28 -91.91 5.27 -27.60
C ASP RB 28 -92.29 5.35 -29.08
N HIS RB 29 -91.50 6.13 -29.81
CA HIS RB 29 -91.79 6.42 -31.20
C HIS RB 29 -91.66 5.20 -32.11
N ALA RB 30 -91.27 4.04 -31.58
CA ALA RB 30 -91.18 2.83 -32.37
C ALA RB 30 -92.39 1.93 -32.17
N SER RB 31 -93.36 2.37 -31.38
CA SER RB 31 -94.58 1.59 -31.19
C SER RB 31 -95.49 1.76 -32.40
N ILE RB 32 -96.43 0.83 -32.55
CA ILE RB 32 -97.33 0.81 -33.70
C ILE RB 32 -98.76 0.62 -33.22
N GLN RB 33 -99.70 1.03 -34.06
CA GLN RB 33 -101.12 0.94 -33.78
C GLN RB 33 -101.80 0.21 -34.93
N MET RB 34 -101.27 -0.96 -35.28
CA MET RB 34 -101.74 -1.67 -36.47
C MET RB 34 -103.22 -2.01 -36.35
N ASN RB 35 -103.89 -1.98 -37.50
CA ASN RB 35 -105.33 -2.24 -37.57
C ASN RB 35 -105.53 -3.38 -38.57
N VAL RB 36 -105.96 -4.53 -38.08
CA VAL RB 36 -106.26 -5.67 -38.94
C VAL RB 36 -107.74 -5.60 -39.27
N ALA RB 37 -108.07 -5.67 -40.56
CA ALA RB 37 -109.45 -5.58 -40.99
C ALA RB 37 -110.07 -6.97 -41.02
N GLU RB 38 -111.27 -7.07 -40.46
CA GLU RB 38 -112.02 -8.31 -40.56
C GLU RB 38 -112.89 -8.28 -41.82
N VAL RB 39 -113.39 -9.45 -42.18
CA VAL RB 39 -114.07 -9.64 -43.46
C VAL RB 39 -115.30 -10.51 -43.23
N ASP RB 40 -116.45 -10.06 -43.73
CA ASP RB 40 -117.64 -10.89 -43.64
C ASP RB 40 -117.49 -12.13 -44.53
N LYS RB 41 -117.78 -13.31 -43.95
CA LYS RB 41 -117.33 -14.57 -44.54
C LYS RB 41 -118.00 -14.85 -45.88
N VAL RB 42 -119.30 -14.59 -45.99
CA VAL RB 42 -120.05 -15.07 -47.15
C VAL RB 42 -119.62 -14.33 -48.42
N THR RB 43 -119.52 -13.01 -48.35
CA THR RB 43 -119.22 -12.24 -49.55
C THR RB 43 -117.74 -11.90 -49.67
N GLY RB 44 -117.02 -11.83 -48.57
CA GLY RB 44 -115.58 -11.59 -48.63
C GLY RB 44 -115.22 -10.15 -48.95
N ARG RB 45 -115.96 -9.19 -48.43
CA ARG RB 45 -115.65 -7.79 -48.61
C ARG RB 45 -115.24 -7.16 -47.29
N PHE RB 46 -114.87 -5.88 -47.35
CA PHE RB 46 -114.46 -5.16 -46.16
C PHE RB 46 -115.67 -4.66 -45.38
N ASN RB 47 -115.75 -5.04 -44.11
CA ASN RB 47 -116.94 -4.77 -43.30
C ASN RB 47 -116.96 -3.32 -42.81
N GLY RB 48 -115.87 -2.88 -42.21
CA GLY RB 48 -115.77 -1.49 -41.82
C GLY RB 48 -115.13 -1.20 -40.48
N GLN RB 49 -115.25 -2.07 -39.49
CA GLN RB 49 -114.50 -1.86 -38.26
C GLN RB 49 -113.20 -2.66 -38.32
N PHE RB 50 -112.47 -2.67 -37.21
CA PHE RB 50 -111.11 -3.19 -37.21
C PHE RB 50 -110.90 -4.11 -36.01
N LYS RB 51 -109.68 -4.64 -35.92
CA LYS RB 51 -109.26 -5.50 -34.84
C LYS RB 51 -107.92 -4.98 -34.32
N THR RB 52 -107.90 -3.68 -34.00
CA THR RB 52 -106.68 -2.97 -33.66
C THR RB 52 -105.85 -3.68 -32.59
N TYR RB 53 -104.53 -3.55 -32.72
CA TYR RB 53 -103.56 -4.06 -31.78
C TYR RB 53 -102.59 -2.93 -31.43
N ALA RB 54 -101.59 -3.25 -30.62
CA ALA RB 54 -100.57 -2.27 -30.26
C ALA RB 54 -99.33 -3.04 -29.82
N ILE RB 55 -98.20 -2.75 -30.46
CA ILE RB 55 -96.94 -3.42 -30.17
C ILE RB 55 -95.96 -2.38 -29.62
N CYS RB 56 -95.27 -2.74 -28.55
CA CYS RB 56 -94.25 -1.86 -28.00
C CYS RB 56 -93.01 -1.91 -28.87
N GLY RB 57 -92.23 -0.82 -28.84
CA GLY RB 57 -91.05 -0.74 -29.66
C GLY RB 57 -89.99 -1.77 -29.32
N ALA RB 58 -90.03 -2.33 -28.11
CA ALA RB 58 -88.94 -3.19 -27.65
C ALA RB 58 -88.93 -4.51 -28.40
N ILE RB 59 -90.07 -5.19 -28.47
CA ILE RB 59 -90.12 -6.50 -29.14
C ILE RB 59 -89.94 -6.33 -30.64
N ARG RB 60 -90.44 -5.22 -31.19
CA ARG RB 60 -90.13 -4.90 -32.58
C ARG RB 60 -88.63 -4.83 -32.79
N ARG RB 61 -87.94 -4.08 -31.94
CA ARG RB 61 -86.50 -4.03 -31.98
C ARG RB 61 -85.87 -5.38 -31.67
N MET RB 62 -86.59 -6.29 -31.02
CA MET RB 62 -86.06 -7.60 -30.72
C MET RB 62 -86.34 -8.62 -31.82
N GLY RB 63 -87.55 -8.60 -32.39
CA GLY RB 63 -87.83 -9.46 -33.53
C GLY RB 63 -89.06 -10.34 -33.39
N GLU RB 64 -89.88 -10.07 -32.38
CA GLU RB 64 -91.09 -10.87 -32.17
C GLU RB 64 -92.35 -10.09 -32.48
N SER RB 65 -92.24 -8.96 -33.18
CA SER RB 65 -93.44 -8.21 -33.52
C SER RB 65 -94.31 -8.97 -34.50
N ASP RB 66 -93.70 -9.70 -35.43
CA ASP RB 66 -94.48 -10.47 -36.40
C ASP RB 66 -95.01 -11.76 -35.81
N ASP RB 67 -94.27 -12.37 -34.88
CA ASP RB 67 -94.77 -13.57 -34.22
C ASP RB 67 -95.86 -13.23 -33.22
N SER RB 68 -95.73 -12.08 -32.54
CA SER RB 68 -96.79 -11.65 -31.65
C SER RB 68 -98.06 -11.33 -32.42
N ILE RB 69 -97.93 -10.59 -33.52
CA ILE RB 69 -99.10 -10.27 -34.33
C ILE RB 69 -99.76 -11.54 -34.81
N LEU RB 70 -98.96 -12.54 -35.19
CA LEU RB 70 -99.52 -13.82 -35.63
C LEU RB 70 -100.29 -14.50 -34.52
N ARG RB 71 -99.75 -14.49 -33.30
CA ARG RB 71 -100.44 -15.13 -32.19
C ARG RB 71 -101.71 -14.39 -31.81
N LEU RB 72 -101.71 -13.06 -31.93
CA LEU RB 72 -102.92 -12.31 -31.67
C LEU RB 72 -103.98 -12.54 -32.73
N ALA RB 73 -103.58 -12.74 -33.98
CA ALA RB 73 -104.55 -13.07 -35.02
C ALA RB 73 -105.18 -14.43 -34.75
N LYS RB 74 -104.39 -15.38 -34.24
CA LYS RB 74 -104.94 -16.68 -33.90
C LYS RB 74 -105.89 -16.60 -32.71
N ALA RB 75 -105.59 -15.74 -31.75
CA ALA RB 75 -106.46 -15.62 -30.58
C ALA RB 75 -107.80 -15.00 -30.94
N ASP RB 76 -107.84 -14.17 -31.98
CA ASP RB 76 -109.08 -13.56 -32.42
C ASP RB 76 -109.71 -14.26 -33.61
N GLY RB 77 -109.08 -15.29 -34.15
CA GLY RB 77 -109.65 -16.04 -35.24
C GLY RB 77 -109.42 -15.46 -36.61
N ILE RB 78 -108.56 -14.45 -36.75
CA ILE RB 78 -108.27 -13.91 -38.07
C ILE RB 78 -107.46 -14.89 -38.88
N VAL RB 79 -106.41 -15.43 -38.29
CA VAL RB 79 -105.60 -16.44 -38.95
C VAL RB 79 -106.16 -17.81 -38.59
N SER RB 80 -106.26 -18.68 -39.58
CA SER RB 80 -106.78 -20.03 -39.37
C SER RB 80 -105.97 -20.75 -38.30
N LYS RB 81 -106.67 -21.34 -37.34
CA LYS RB 81 -106.00 -22.10 -36.29
C LYS RB 81 -105.24 -23.29 -36.85
N ASN RB 82 -105.66 -23.79 -38.02
CA ASN RB 82 -104.85 -24.78 -38.72
C ASN RB 82 -103.49 -24.21 -39.10
N PHE RB 83 -103.49 -23.05 -39.75
CA PHE RB 83 -102.28 -22.32 -40.11
C PHE RB 83 -101.27 -23.21 -40.84
N VAL SB 1 -71.98 -24.01 -5.23
CA VAL SB 1 -73.11 -24.89 -5.52
C VAL SB 1 -74.42 -24.16 -5.29
N ARG SB 2 -75.53 -24.86 -5.48
CA ARG SB 2 -76.84 -24.28 -5.24
C ARG SB 2 -77.14 -24.24 -3.76
N MET SB 3 -76.86 -23.12 -3.10
CA MET SB 3 -77.13 -23.01 -1.67
C MET SB 3 -78.59 -22.66 -1.43
N ASN SB 4 -79.03 -21.53 -1.96
CA ASN SB 4 -80.40 -21.08 -1.79
C ASN SB 4 -81.21 -21.46 -3.01
N VAL SB 5 -82.30 -22.19 -2.79
CA VAL SB 5 -83.11 -22.68 -3.90
C VAL SB 5 -84.18 -21.68 -4.29
N LEU SB 6 -84.69 -20.93 -3.32
CA LEU SB 6 -85.68 -19.89 -3.63
C LEU SB 6 -85.05 -18.76 -4.43
N ALA SB 7 -83.76 -18.51 -4.25
CA ALA SB 7 -83.09 -17.45 -4.98
C ALA SB 7 -82.97 -17.80 -6.46
N ASP SB 8 -82.62 -19.04 -6.78
CA ASP SB 8 -82.54 -19.45 -8.17
C ASP SB 8 -83.89 -19.40 -8.86
N ALA SB 9 -84.96 -19.67 -8.12
CA ALA SB 9 -86.29 -19.64 -8.73
C ALA SB 9 -86.73 -18.22 -9.03
N LEU SB 10 -86.51 -17.29 -8.11
CA LEU SB 10 -86.99 -15.94 -8.33
C LEU SB 10 -86.20 -15.21 -9.40
N LYS SB 11 -84.87 -15.33 -9.37
CA LYS SB 11 -84.05 -14.68 -10.37
C LYS SB 11 -84.33 -15.21 -11.77
N SER SB 12 -84.72 -16.47 -11.90
CA SER SB 12 -85.07 -17.00 -13.20
C SER SB 12 -86.37 -16.40 -13.72
N ILE SB 13 -87.41 -16.40 -12.90
CA ILE SB 13 -88.68 -15.84 -13.34
C ILE SB 13 -88.61 -14.32 -13.39
N ASN SB 14 -87.63 -13.70 -12.74
CA ASN SB 14 -87.43 -12.28 -12.92
C ASN SB 14 -86.67 -11.98 -14.19
N ASN SB 15 -85.74 -12.85 -14.58
CA ASN SB 15 -85.05 -12.68 -15.85
C ASN SB 15 -86.00 -12.91 -17.02
N ALA SB 16 -86.80 -13.97 -16.94
CA ALA SB 16 -87.71 -14.31 -18.04
C ALA SB 16 -88.82 -13.28 -18.20
N GLU SB 17 -89.11 -12.50 -17.17
CA GLU SB 17 -90.11 -11.46 -17.31
C GLU SB 17 -89.55 -10.24 -18.02
N LYS SB 18 -88.33 -9.84 -17.67
CA LYS SB 18 -87.68 -8.74 -18.38
C LYS SB 18 -87.54 -9.04 -19.86
N ARG SB 19 -87.31 -10.30 -20.21
CA ARG SB 19 -87.25 -10.68 -21.61
C ARG SB 19 -88.63 -10.75 -22.22
N GLY SB 20 -89.65 -11.04 -21.42
CA GLY SB 20 -91.01 -11.10 -21.90
C GLY SB 20 -91.52 -12.47 -22.25
N LYS SB 21 -90.97 -13.53 -21.66
CA LYS SB 21 -91.44 -14.87 -21.95
C LYS SB 21 -92.86 -15.05 -21.41
N ARG SB 22 -93.62 -15.94 -22.05
CA ARG SB 22 -94.98 -16.17 -21.60
C ARG SB 22 -95.01 -17.11 -20.41
N GLN SB 23 -94.15 -18.11 -20.39
CA GLN SB 23 -94.07 -19.02 -19.25
C GLN SB 23 -92.64 -19.50 -19.08
N VAL SB 24 -92.20 -19.55 -17.83
CA VAL SB 24 -90.84 -19.87 -17.49
C VAL SB 24 -90.79 -21.19 -16.73
N LEU SB 25 -89.67 -21.90 -16.87
CA LEU SB 25 -89.43 -23.17 -16.20
C LEU SB 25 -88.34 -22.98 -15.16
N ILE SB 26 -88.60 -23.43 -13.94
CA ILE SB 26 -87.61 -23.38 -12.87
C ILE SB 26 -87.27 -24.81 -12.48
N ARG SB 27 -85.98 -25.08 -12.26
CA ARG SB 27 -85.51 -26.46 -12.22
C ARG SB 27 -85.89 -27.16 -10.92
N PRO SB 28 -85.48 -26.70 -9.73
CA PRO SB 28 -85.91 -27.40 -8.53
C PRO SB 28 -87.20 -26.81 -7.97
N CYS SB 29 -88.05 -27.67 -7.43
CA CYS SB 29 -89.29 -27.23 -6.78
C CYS SB 29 -89.17 -27.59 -5.30
N SER SB 30 -89.35 -26.60 -4.44
CA SER SB 30 -89.38 -26.83 -3.00
C SER SB 30 -90.72 -26.39 -2.45
N LYS SB 31 -91.00 -26.86 -1.23
CA LYS SB 31 -92.25 -26.52 -0.57
C LYS SB 31 -92.38 -25.02 -0.37
N VAL SB 32 -91.27 -24.33 -0.11
CA VAL SB 32 -91.34 -22.89 0.09
C VAL SB 32 -91.58 -22.16 -1.21
N ILE SB 33 -91.13 -22.72 -2.33
CA ILE SB 33 -91.33 -22.05 -3.62
C ILE SB 33 -92.81 -22.02 -3.98
N VAL SB 34 -93.48 -23.18 -3.92
CA VAL SB 34 -94.89 -23.24 -4.29
C VAL SB 34 -95.71 -22.41 -3.32
N ARG SB 35 -95.28 -22.34 -2.06
CA ARG SB 35 -95.95 -21.45 -1.12
C ARG SB 35 -95.65 -19.99 -1.44
N PHE SB 36 -94.52 -19.71 -2.06
CA PHE SB 36 -94.19 -18.35 -2.46
C PHE SB 36 -94.95 -17.93 -3.71
N LEU SB 37 -95.09 -18.84 -4.67
CA LEU SB 37 -95.79 -18.51 -5.90
C LEU SB 37 -97.26 -18.25 -5.66
N THR SB 38 -97.88 -18.97 -4.73
CA THR SB 38 -99.28 -18.72 -4.45
C THR SB 38 -99.52 -17.36 -3.85
N VAL SB 39 -98.59 -16.85 -3.05
CA VAL SB 39 -98.76 -15.49 -2.54
C VAL SB 39 -98.72 -14.48 -3.68
N MET SB 40 -97.91 -14.75 -4.70
CA MET SB 40 -97.90 -13.89 -5.87
C MET SB 40 -99.10 -14.14 -6.76
N MET SB 41 -99.58 -15.38 -6.83
CA MET SB 41 -100.72 -15.67 -7.68
C MET SB 41 -102.01 -15.12 -7.09
N LYS SB 42 -102.13 -15.14 -5.76
CA LYS SB 42 -103.32 -14.58 -5.12
C LYS SB 42 -103.39 -13.07 -5.21
N HIS SB 43 -102.34 -12.41 -5.71
CA HIS SB 43 -102.39 -10.98 -5.92
C HIS SB 43 -102.42 -10.61 -7.39
N GLY SB 44 -102.40 -11.58 -8.29
CA GLY SB 44 -102.49 -11.32 -9.71
C GLY SB 44 -101.17 -11.04 -10.39
N TYR SB 45 -100.05 -11.21 -9.69
CA TYR SB 45 -98.77 -10.86 -10.28
C TYR SB 45 -98.24 -11.93 -11.22
N ILE SB 46 -98.65 -13.19 -11.04
CA ILE SB 46 -98.29 -14.26 -11.96
C ILE SB 46 -99.57 -14.95 -12.40
N GLY SB 47 -99.42 -15.88 -13.34
CA GLY SB 47 -100.54 -16.64 -13.86
C GLY SB 47 -100.66 -17.99 -13.21
N GLU SB 48 -101.32 -18.89 -13.94
CA GLU SB 48 -101.49 -20.26 -13.48
C GLU SB 48 -100.19 -21.02 -13.65
N PHE SB 49 -99.68 -21.60 -12.56
CA PHE SB 49 -98.47 -22.38 -12.64
C PHE SB 49 -98.75 -23.85 -12.35
N GLU SB 50 -97.82 -24.69 -12.76
CA GLU SB 50 -98.01 -26.13 -12.73
C GLU SB 50 -96.72 -26.79 -12.26
N ILE SB 51 -96.87 -27.84 -11.46
CA ILE SB 51 -95.74 -28.57 -10.90
C ILE SB 51 -95.63 -29.91 -11.63
N ILE SB 52 -94.50 -30.13 -12.29
CA ILE SB 52 -94.26 -31.38 -13.03
C ILE SB 52 -93.57 -32.30 -12.03
N ASP SB 53 -94.37 -32.98 -11.22
CA ASP SB 53 -93.82 -33.72 -10.09
C ASP SB 53 -93.36 -35.09 -10.58
N ASP SB 54 -92.08 -35.20 -10.88
CA ASP SB 54 -91.45 -36.47 -11.14
C ASP SB 54 -91.00 -37.07 -9.80
N HIS SB 55 -90.17 -38.11 -9.84
CA HIS SB 55 -89.69 -38.76 -8.64
C HIS SB 55 -88.45 -38.10 -8.07
N ARG SB 56 -88.21 -36.83 -8.41
CA ARG SB 56 -87.07 -36.08 -7.90
C ARG SB 56 -87.57 -34.72 -7.46
N ALA SB 57 -86.65 -33.79 -7.20
CA ALA SB 57 -87.05 -32.41 -6.96
C ALA SB 57 -87.71 -31.90 -8.24
N GLY SB 58 -89.04 -31.76 -8.20
CA GLY SB 58 -89.81 -31.48 -9.39
C GLY SB 58 -89.51 -30.14 -10.05
N LYS SB 59 -90.14 -29.91 -11.20
CA LYS SB 59 -89.99 -28.67 -11.95
C LYS SB 59 -91.33 -27.95 -12.00
N ILE SB 60 -91.27 -26.63 -12.05
CA ILE SB 60 -92.47 -25.79 -12.09
C ILE SB 60 -92.44 -24.97 -13.36
N VAL SB 61 -93.57 -24.91 -14.05
CA VAL SB 61 -93.73 -24.05 -15.21
C VAL SB 61 -94.76 -22.99 -14.85
N VAL SB 62 -94.32 -21.75 -14.72
CA VAL SB 62 -95.14 -20.64 -14.25
C VAL SB 62 -95.55 -19.80 -15.45
N ASN SB 63 -96.85 -19.69 -15.67
CA ASN SB 63 -97.34 -18.76 -16.67
C ASN SB 63 -97.15 -17.34 -16.20
N LEU SB 64 -96.52 -16.52 -17.03
CA LEU SB 64 -96.18 -15.16 -16.66
C LEU SB 64 -97.08 -14.16 -17.38
N THR SB 65 -97.57 -13.19 -16.62
CA THR SB 65 -98.27 -12.05 -17.15
C THR SB 65 -97.27 -10.91 -17.28
N GLY SB 66 -97.73 -9.74 -17.69
CA GLY SB 66 -96.84 -8.62 -17.79
C GLY SB 66 -96.91 -7.72 -16.59
N ARG SB 67 -97.32 -8.29 -15.46
CA ARG SB 67 -97.65 -7.51 -14.27
C ARG SB 67 -96.55 -7.49 -13.23
N LEU SB 68 -95.46 -8.22 -13.44
CA LEU SB 68 -94.42 -8.35 -12.44
C LEU SB 68 -93.25 -7.43 -12.75
N ASN SB 69 -92.99 -6.48 -11.86
CA ASN SB 69 -91.84 -5.61 -12.01
C ASN SB 69 -90.56 -6.29 -11.55
N LYS SB 70 -90.55 -6.80 -10.32
CA LYS SB 70 -89.41 -7.53 -9.81
C LYS SB 70 -89.86 -8.37 -8.63
N CYS SB 71 -89.33 -9.58 -8.54
CA CYS SB 71 -89.58 -10.48 -7.42
C CYS SB 71 -88.23 -10.89 -6.86
N GLY SB 72 -87.70 -10.08 -5.96
CA GLY SB 72 -86.42 -10.36 -5.35
C GLY SB 72 -86.53 -11.29 -4.16
N VAL SB 73 -85.37 -11.71 -3.67
CA VAL SB 73 -85.27 -12.54 -2.48
C VAL SB 73 -84.25 -11.92 -1.55
N ILE SB 74 -84.57 -11.88 -0.26
CA ILE SB 74 -83.66 -11.33 0.74
C ILE SB 74 -82.92 -12.49 1.38
N SER SB 75 -81.60 -12.50 1.25
CA SER SB 75 -80.79 -13.51 1.88
C SER SB 75 -79.75 -12.84 2.75
N PRO SB 76 -79.54 -13.33 3.98
CA PRO SB 76 -80.23 -14.47 4.58
C PRO SB 76 -81.61 -14.10 5.08
N ARG SB 77 -82.34 -15.07 5.62
CA ARG SB 77 -83.69 -14.82 6.09
C ARG SB 77 -83.59 -14.17 7.46
N PHE SB 78 -83.57 -12.84 7.47
CA PHE SB 78 -83.51 -12.11 8.73
C PHE SB 78 -84.80 -12.29 9.52
N ASP SB 79 -84.68 -12.17 10.83
CA ASP SB 79 -85.84 -12.18 11.71
C ASP SB 79 -86.47 -10.80 11.71
N VAL SB 80 -87.80 -10.76 11.64
CA VAL SB 80 -88.53 -9.50 11.59
C VAL SB 80 -89.50 -9.43 12.76
N GLN SB 81 -89.40 -8.37 13.53
CA GLN SB 81 -90.40 -8.02 14.54
C GLN SB 81 -91.54 -7.29 13.86
N LEU SB 82 -92.62 -7.08 14.60
CA LEU SB 82 -93.65 -6.17 14.14
C LEU SB 82 -93.29 -4.71 14.35
N LYS SB 83 -92.20 -4.45 15.07
CA LYS SB 83 -91.76 -3.07 15.28
C LYS SB 83 -90.90 -2.57 14.15
N ASP SB 84 -90.13 -3.46 13.52
CA ASP SB 84 -89.26 -3.07 12.42
C ASP SB 84 -89.77 -3.52 11.07
N LEU SB 85 -90.97 -4.12 11.01
CA LEU SB 85 -91.52 -4.51 9.72
C LEU SB 85 -91.90 -3.30 8.90
N GLU SB 86 -92.31 -2.21 9.56
CA GLU SB 86 -92.57 -0.98 8.83
C GLU SB 86 -91.28 -0.41 8.24
N LYS SB 87 -90.16 -0.55 8.96
CA LYS SB 87 -88.91 -0.02 8.45
C LYS SB 87 -88.35 -0.86 7.32
N TRP SB 88 -88.72 -2.14 7.23
CA TRP SB 88 -88.30 -2.93 6.09
C TRP SB 88 -89.05 -2.52 4.84
N GLN SB 89 -90.38 -2.49 4.90
CA GLN SB 89 -91.19 -2.10 3.77
C GLN SB 89 -91.08 -0.61 3.46
N ASN SB 90 -90.27 0.12 4.22
CA ASN SB 90 -89.96 1.50 3.91
C ASN SB 90 -88.81 1.64 2.94
N ASN SB 91 -87.87 0.69 2.94
CA ASN SB 91 -86.73 0.73 2.04
C ASN SB 91 -86.63 -0.53 1.20
N LEU SB 92 -87.72 -1.25 1.02
CA LEU SB 92 -87.69 -2.46 0.20
C LEU SB 92 -88.80 -2.42 -0.83
N LEU SB 93 -89.90 -1.81 -0.49
CA LEU SB 93 -91.05 -1.66 -1.36
C LEU SB 93 -91.00 -0.33 -2.10
N PRO SB 94 -91.54 -0.28 -3.33
CA PRO SB 94 -91.50 0.96 -4.10
C PRO SB 94 -92.29 2.07 -3.46
N SER SB 95 -93.56 1.82 -3.18
CA SER SB 95 -94.42 2.82 -2.56
C SER SB 95 -95.25 2.14 -1.50
N ARG SB 96 -96.03 2.93 -0.77
CA ARG SB 96 -96.91 2.42 0.26
C ARG SB 96 -98.23 1.90 -0.31
N GLN SB 97 -98.44 2.05 -1.62
CA GLN SB 97 -99.69 1.62 -2.21
C GLN SB 97 -99.66 0.15 -2.60
N PHE SB 98 -98.57 -0.28 -3.23
CA PHE SB 98 -98.48 -1.65 -3.70
C PHE SB 98 -97.16 -2.28 -3.30
N GLY SB 99 -96.89 -3.48 -3.81
CA GLY SB 99 -95.71 -4.22 -3.39
C GLY SB 99 -95.97 -5.00 -2.12
N PHE SB 100 -95.37 -6.18 -2.00
CA PHE SB 100 -95.57 -7.01 -0.83
C PHE SB 100 -94.24 -7.61 -0.39
N ILE SB 101 -94.07 -7.75 0.92
CA ILE SB 101 -92.92 -8.44 1.48
C ILE SB 101 -93.39 -9.81 1.98
N VAL SB 102 -92.96 -10.86 1.30
CA VAL SB 102 -93.34 -12.22 1.71
C VAL SB 102 -92.42 -12.65 2.84
N LEU SB 103 -92.99 -13.00 3.97
CA LEU SB 103 -92.23 -13.45 5.11
C LEU SB 103 -92.94 -14.64 5.77
N THR SB 104 -92.15 -15.61 6.21
CA THR SB 104 -92.72 -16.80 6.84
C THR SB 104 -92.89 -16.58 8.34
N THR SB 105 -94.04 -17.00 8.85
CA THR SB 105 -94.35 -16.97 10.27
C THR SB 105 -94.75 -18.37 10.70
N SER SB 106 -94.97 -18.54 11.99
CA SER SB 106 -95.47 -19.82 12.49
C SER SB 106 -96.84 -20.13 11.92
N ALA SB 107 -97.60 -19.09 11.57
CA ALA SB 107 -98.90 -19.29 10.95
C ALA SB 107 -98.80 -19.75 9.50
N GLY SB 108 -97.62 -19.66 8.88
CA GLY SB 108 -97.44 -20.05 7.51
C GLY SB 108 -96.65 -19.00 6.76
N ILE SB 109 -96.82 -18.99 5.44
CA ILE SB 109 -96.14 -18.05 4.55
C ILE SB 109 -97.19 -17.10 3.97
N MET SB 110 -97.00 -15.80 4.20
CA MET SB 110 -97.94 -14.82 3.70
C MET SB 110 -97.21 -13.49 3.52
N ASP SB 111 -97.93 -12.54 2.93
CA ASP SB 111 -97.39 -11.20 2.73
C ASP SB 111 -97.35 -10.44 4.05
N HIS SB 112 -96.83 -9.22 4.01
CA HIS SB 112 -96.63 -8.45 5.21
C HIS SB 112 -97.91 -7.86 5.77
N GLU SB 113 -98.95 -7.70 4.95
CA GLU SB 113 -100.19 -7.17 5.48
C GLU SB 113 -100.98 -8.23 6.23
N GLU SB 114 -100.96 -9.47 5.73
CA GLU SB 114 -101.56 -10.55 6.48
C GLU SB 114 -100.80 -10.80 7.78
N ALA SB 115 -99.49 -10.52 7.79
CA ALA SB 115 -98.73 -10.60 9.03
C ALA SB 115 -99.12 -9.50 9.99
N ARG SB 116 -99.69 -8.40 9.48
CA ARG SB 116 -100.24 -7.38 10.35
C ARG SB 116 -101.55 -7.82 10.99
N ARG SB 117 -102.40 -8.49 10.21
CA ARG SB 117 -103.68 -8.93 10.74
C ARG SB 117 -103.50 -10.04 11.77
N LYS SB 118 -102.71 -11.05 11.46
CA LYS SB 118 -102.46 -12.13 12.40
C LYS SB 118 -101.51 -11.74 13.51
N HIS SB 119 -100.92 -10.54 13.43
CA HIS SB 119 -100.17 -9.93 14.53
C HIS SB 119 -99.00 -10.80 14.96
N THR SB 120 -98.29 -11.36 14.00
CA THR SB 120 -97.10 -12.15 14.29
C THR SB 120 -96.11 -12.00 13.15
N GLY SB 121 -94.85 -11.81 13.51
CA GLY SB 121 -93.77 -11.69 12.55
C GLY SB 121 -93.07 -13.00 12.31
N GLY SB 122 -91.89 -12.91 11.71
CA GLY SB 122 -91.12 -14.10 11.42
C GLY SB 122 -89.98 -13.78 10.47
N LYS SB 123 -89.40 -14.84 9.93
CA LYS SB 123 -88.30 -14.70 9.00
C LYS SB 123 -88.80 -14.16 7.66
N ILE SB 124 -88.00 -13.32 7.04
CA ILE SB 124 -88.35 -12.70 5.77
C ILE SB 124 -87.82 -13.54 4.62
N LEU SB 125 -88.65 -13.77 3.61
CA LEU SB 125 -88.27 -14.57 2.46
C LEU SB 125 -87.87 -13.71 1.27
N GLY SB 126 -88.77 -12.84 0.83
CA GLY SB 126 -88.51 -12.03 -0.33
C GLY SB 126 -89.51 -10.93 -0.46
N PHE SB 127 -89.68 -10.46 -1.68
CA PHE SB 127 -90.57 -9.33 -1.95
C PHE SB 127 -90.87 -9.33 -3.44
N PHE SB 128 -92.04 -8.81 -3.79
CA PHE SB 128 -92.41 -8.72 -5.19
C PHE SB 128 -93.27 -7.49 -5.39
N PHE SB 129 -93.06 -6.83 -6.52
CA PHE SB 129 -93.88 -5.69 -6.90
C PHE SB 129 -93.90 -5.54 -8.42
N GLY TB 1 -71.29 -5.13 1.39
CA GLY TB 1 -70.70 -6.30 2.02
C GLY TB 1 -70.59 -7.47 1.07
N LYS TB 2 -69.58 -8.32 1.29
CA LYS TB 2 -69.39 -9.48 0.43
C LYS TB 2 -70.03 -10.73 1.00
N CYS TB 3 -69.71 -11.10 2.23
CA CYS TB 3 -70.30 -12.26 2.86
C CYS TB 3 -71.55 -11.84 3.62
N ARG TB 4 -72.69 -12.44 3.25
CA ARG TB 4 -73.94 -12.09 3.88
C ARG TB 4 -74.46 -13.24 4.70
N GLY TB 5 -73.60 -13.90 5.44
CA GLY TB 5 -74.04 -14.97 6.30
C GLY TB 5 -74.88 -14.45 7.44
N LEU TB 6 -75.70 -15.33 7.99
CA LEU TB 6 -76.51 -14.94 9.13
C LEU TB 6 -75.69 -14.77 10.39
N ARG TB 7 -74.56 -15.46 10.50
CA ARG TB 7 -73.72 -15.38 11.69
C ARG TB 7 -72.28 -15.10 11.31
N THR TB 8 -72.09 -14.16 10.39
CA THR TB 8 -70.78 -13.67 10.02
C THR TB 8 -70.51 -12.29 10.62
N ALA TB 9 -70.97 -12.07 11.85
CA ALA TB 9 -70.80 -10.76 12.45
C ALA TB 9 -69.34 -10.49 12.80
N ARG TB 10 -68.67 -11.45 13.45
CA ARG TB 10 -67.27 -11.21 13.79
C ARG TB 10 -66.39 -11.17 12.56
N LYS TB 11 -66.85 -11.72 11.44
CA LYS TB 11 -66.07 -11.61 10.22
C LYS TB 11 -66.27 -10.25 9.58
N LEU TB 12 -67.50 -9.73 9.61
CA LEU TB 12 -67.74 -8.41 9.08
C LEU TB 12 -67.19 -7.32 9.98
N ARG TB 13 -67.35 -7.47 11.30
CA ARG TB 13 -66.91 -6.43 12.21
C ARG TB 13 -65.40 -6.34 12.28
N SER TB 14 -64.71 -7.47 12.27
CA SER TB 14 -63.26 -7.45 12.31
C SER TB 14 -62.69 -6.88 11.02
N HIS TB 15 -63.43 -7.00 9.91
CA HIS TB 15 -62.98 -6.42 8.66
C HIS TB 15 -62.97 -4.90 8.72
N ARG TB 16 -64.10 -4.29 9.08
CA ARG TB 16 -64.14 -2.84 9.20
C ARG TB 16 -63.17 -2.36 10.26
N ARG TB 17 -63.03 -3.11 11.34
CA ARG TB 17 -62.04 -2.75 12.34
C ARG TB 17 -60.64 -2.77 11.75
N ASP TB 18 -60.42 -3.57 10.71
CA ASP TB 18 -59.13 -3.63 10.06
C ASP TB 18 -59.02 -2.57 8.97
N GLN TB 19 -60.04 -2.49 8.11
CA GLN TB 19 -59.96 -1.60 6.97
C GLN TB 19 -60.05 -0.13 7.35
N LYS TB 20 -60.54 0.16 8.56
CA LYS TB 20 -60.61 1.55 8.99
C LYS TB 20 -59.25 2.20 9.02
N TRP TB 21 -58.20 1.43 9.29
CA TRP TB 21 -56.86 2.00 9.39
C TRP TB 21 -56.33 2.47 8.05
N HIS TB 22 -56.93 2.03 6.96
CA HIS TB 22 -56.52 2.53 5.66
C HIS TB 22 -57.18 3.86 5.31
N ASP TB 23 -58.00 4.39 6.20
CA ASP TB 23 -58.56 5.73 6.01
C ASP TB 23 -57.61 6.75 6.62
N LYS TB 24 -57.16 7.69 5.79
CA LYS TB 24 -56.11 8.61 6.21
C LYS TB 24 -56.55 9.49 7.37
N GLN TB 25 -57.79 9.97 7.34
CA GLN TB 25 -58.27 10.82 8.42
C GLN TB 25 -58.40 10.03 9.72
N TYR TB 26 -58.81 8.77 9.64
CA TYR TB 26 -59.00 7.96 10.84
C TYR TB 26 -57.67 7.57 11.46
N LYS TB 27 -56.68 7.25 10.63
CA LYS TB 27 -55.42 6.77 11.15
C LYS TB 27 -54.65 7.82 11.92
N LYS TB 28 -54.77 9.09 11.54
CA LYS TB 28 -54.06 10.11 12.31
C LYS TB 28 -54.75 10.42 13.62
N ALA TB 29 -56.06 10.22 13.69
CA ALA TB 29 -56.81 10.51 14.90
C ALA TB 29 -56.69 9.42 15.95
N HIS TB 30 -56.29 8.21 15.56
CA HIS TB 30 -56.20 7.12 16.51
C HIS TB 30 -54.79 6.54 16.55
N LEU TB 31 -53.80 7.40 16.47
CA LEU TB 31 -52.41 7.03 16.69
C LEU TB 31 -51.68 8.24 17.26
N GLY TB 32 -50.76 7.99 18.17
CA GLY TB 32 -50.06 9.08 18.83
C GLY TB 32 -49.18 9.87 17.88
N THR TB 33 -48.75 9.25 16.78
CA THR TB 33 -47.79 9.87 15.88
C THR TB 33 -48.26 11.26 15.43
N ALA TB 34 -49.53 11.38 15.09
CA ALA TB 34 -50.05 12.69 14.71
C ALA TB 34 -50.14 13.61 15.91
N LEU TB 35 -50.50 13.08 17.07
CA LEU TB 35 -50.63 13.90 18.27
C LEU TB 35 -49.30 14.27 18.87
N LYS TB 36 -48.29 13.39 18.81
CA LYS TB 36 -46.97 13.76 19.31
C LYS TB 36 -46.28 14.73 18.39
N ALA TB 37 -46.44 14.57 17.08
CA ALA TB 37 -45.83 15.49 16.14
C ALA TB 37 -46.46 16.87 16.19
N ASN TB 38 -47.67 16.98 16.69
CA ASN TB 38 -48.34 18.26 16.83
C ASN TB 38 -47.64 19.10 17.90
N PRO TB 39 -47.06 20.25 17.57
CA PRO TB 39 -46.43 21.07 18.60
C PRO TB 39 -47.41 21.55 19.66
N PHE TB 40 -48.66 21.75 19.28
CA PHE TB 40 -49.66 22.18 20.25
C PHE TB 40 -50.02 21.04 21.19
N GLY TB 41 -50.15 19.84 20.66
CA GLY TB 41 -50.53 18.70 21.47
C GLY TB 41 -52.02 18.60 21.66
N GLY TB 42 -52.77 18.84 20.59
CA GLY TB 42 -54.21 18.79 20.65
C GLY TB 42 -54.88 20.03 21.18
N ALA TB 43 -54.11 21.04 21.58
CA ALA TB 43 -54.67 22.30 22.05
C ALA TB 43 -55.01 23.19 20.86
N SER TB 44 -56.05 24.00 21.02
CA SER TB 44 -56.47 24.89 19.94
C SER TB 44 -55.52 26.06 19.77
N HIS TB 45 -54.95 26.56 20.87
CA HIS TB 45 -54.02 27.67 20.84
C HIS TB 45 -52.81 27.30 21.69
N ALA TB 46 -51.84 28.22 21.74
CA ALA TB 46 -50.66 28.04 22.56
C ALA TB 46 -49.91 29.35 22.73
N LYS TB 47 -49.26 29.55 23.87
CA LYS TB 47 -48.42 30.71 24.09
C LYS TB 47 -46.97 30.32 23.88
N GLY TB 48 -46.19 31.23 23.31
CA GLY TB 48 -44.78 30.99 23.11
C GLY TB 48 -44.02 32.30 23.16
N ILE TB 49 -42.72 32.20 23.01
CA ILE TB 49 -41.83 33.36 23.02
C ILE TB 49 -41.32 33.57 21.61
N VAL TB 50 -41.52 34.77 21.08
CA VAL TB 50 -40.94 35.13 19.80
C VAL TB 50 -39.47 35.45 20.02
N LEU TB 51 -38.60 34.86 19.20
CA LEU TB 51 -37.18 35.05 19.35
C LEU TB 51 -36.50 35.62 18.12
N GLU TB 52 -37.19 35.71 16.99
CA GLU TB 52 -36.68 36.39 15.80
C GLU TB 52 -37.84 36.61 14.85
N LYS TB 53 -37.67 37.56 13.94
CA LYS TB 53 -38.68 37.90 12.94
C LYS TB 53 -38.12 37.52 11.58
N VAL TB 54 -38.68 36.49 10.97
CA VAL TB 54 -38.17 35.95 9.72
C VAL TB 54 -39.16 36.21 8.60
N GLY TB 55 -38.64 36.50 7.42
CA GLY TB 55 -39.49 36.70 6.25
C GLY TB 55 -39.47 35.50 5.34
N VAL TB 56 -40.64 34.95 5.06
CA VAL TB 56 -40.79 33.75 4.24
C VAL TB 56 -41.21 34.14 2.83
N GLU TB 57 -40.63 33.47 1.85
CA GLU TB 57 -40.94 33.70 0.45
C GLU TB 57 -42.19 32.93 0.04
N ALA TB 58 -42.87 33.45 -0.98
CA ALA TB 58 -44.00 32.75 -1.57
C ALA TB 58 -43.51 31.81 -2.66
N LYS TB 59 -44.39 31.00 -3.25
CA LYS TB 59 -43.89 29.91 -4.09
C LYS TB 59 -44.22 30.01 -5.57
N GLN TB 60 -45.50 30.00 -5.89
CA GLN TB 60 -45.99 29.91 -7.26
C GLN TB 60 -46.04 31.35 -7.77
N PRO TB 61 -46.47 31.65 -9.03
CA PRO TB 61 -46.41 33.04 -9.54
C PRO TB 61 -46.87 34.11 -8.56
N ASN TB 62 -47.65 33.71 -7.57
CA ASN TB 62 -47.95 34.56 -6.42
C ASN TB 62 -46.63 34.80 -5.71
N SER TB 63 -46.02 35.94 -5.98
CA SER TB 63 -44.70 36.26 -5.46
C SER TB 63 -44.76 37.41 -4.47
N ALA TB 64 -44.22 37.17 -3.28
CA ALA TB 64 -44.17 38.17 -2.20
C ALA TB 64 -43.27 37.68 -1.08
N ILE TB 65 -43.08 38.50 -0.06
CA ILE TB 65 -42.32 38.12 1.13
C ILE TB 65 -43.28 38.13 2.31
N ARG TB 66 -43.61 36.95 2.81
CA ARG TB 66 -44.57 36.81 3.89
C ARG TB 66 -43.86 37.02 5.22
N LYS TB 67 -44.43 37.86 6.08
CA LYS TB 67 -43.80 38.20 7.35
C LYS TB 67 -44.22 37.21 8.43
N CYS TB 68 -43.25 36.54 9.04
CA CYS TB 68 -43.50 35.54 10.07
C CYS TB 68 -42.53 35.73 11.23
N VAL TB 69 -42.75 34.96 12.28
CA VAL TB 69 -41.91 34.98 13.48
C VAL TB 69 -41.61 33.55 13.88
N ARG TB 70 -40.44 33.36 14.49
CA ARG TB 70 -40.00 32.04 14.96
C ARG TB 70 -40.29 31.96 16.45
N VAL TB 71 -41.39 31.31 16.78
CA VAL TB 71 -41.88 31.24 18.16
C VAL TB 71 -41.39 29.96 18.81
N GLN TB 72 -41.08 30.05 20.11
CA GLN TB 72 -40.73 28.90 20.93
C GLN TB 72 -41.80 28.71 22.00
N LEU TB 73 -42.58 27.65 21.88
CA LEU TB 73 -43.68 27.37 22.80
C LEU TB 73 -43.15 27.18 24.21
N ILE TB 74 -43.95 27.54 25.21
CA ILE TB 74 -43.50 27.48 26.60
C ILE TB 74 -43.99 26.23 27.31
N LYS TB 75 -44.97 25.52 26.77
CA LYS TB 75 -45.42 24.28 27.37
C LYS TB 75 -44.55 23.11 26.98
N ASN TB 76 -44.12 23.04 25.73
CA ASN TB 76 -43.27 21.96 25.24
C ASN TB 76 -41.82 22.37 25.13
N GLY TB 77 -41.55 23.58 24.66
CA GLY TB 77 -40.20 23.98 24.32
C GLY TB 77 -39.85 23.76 22.86
N LYS TB 78 -40.84 23.54 22.01
CA LYS TB 78 -40.60 23.39 20.58
C LYS TB 78 -40.66 24.74 19.89
N LYS TB 79 -40.05 24.80 18.71
CA LYS TB 79 -39.97 26.04 17.95
C LYS TB 79 -40.81 25.92 16.68
N ILE TB 80 -41.73 26.85 16.50
CA ILE TB 80 -42.63 26.86 15.35
C ILE TB 80 -42.55 28.23 14.70
N THR TB 81 -42.97 28.32 13.44
CA THR TB 81 -42.93 29.56 12.68
C THR TB 81 -44.35 30.08 12.53
N ALA TB 82 -44.73 30.98 13.43
CA ALA TB 82 -46.04 31.60 13.34
C ALA TB 82 -46.04 32.69 12.28
N PHE TB 83 -47.21 32.95 11.72
CA PHE TB 83 -47.37 33.93 10.65
C PHE TB 83 -48.11 35.14 11.20
N VAL TB 84 -47.44 36.29 11.18
CA VAL TB 84 -48.08 37.54 11.59
C VAL TB 84 -49.16 37.87 10.56
N PRO TB 85 -50.42 37.79 10.93
CA PRO TB 85 -51.49 37.76 9.93
C PRO TB 85 -51.60 39.00 9.04
N ASN TB 86 -51.81 40.17 9.63
CA ASN TB 86 -52.36 41.26 8.83
C ASN TB 86 -51.28 42.29 8.49
N ASP TB 87 -51.68 43.27 7.69
CA ASP TB 87 -50.73 44.16 7.05
C ASP TB 87 -50.09 45.13 8.06
N GLY TB 88 -48.78 45.27 7.96
CA GLY TB 88 -48.06 46.18 8.85
C GLY TB 88 -48.17 45.81 10.31
N CYS TB 89 -48.39 44.53 10.60
CA CYS TB 89 -48.52 44.08 11.98
C CYS TB 89 -47.21 43.56 12.54
N LEU TB 90 -46.15 43.52 11.74
CA LEU TB 90 -44.85 43.12 12.25
C LEU TB 90 -44.23 44.17 13.15
N ASN TB 91 -44.62 45.44 12.99
CA ASN TB 91 -44.06 46.49 13.82
C ASN TB 91 -44.66 46.51 15.23
N PHE TB 92 -45.82 45.89 15.43
CA PHE TB 92 -46.31 45.69 16.79
C PHE TB 92 -45.45 44.69 17.51
N ILE TB 93 -45.20 43.54 16.88
CA ILE TB 93 -44.42 42.48 17.51
C ILE TB 93 -42.95 42.91 17.62
N GLU TB 94 -42.34 42.57 18.75
CA GLU TB 94 -40.92 42.79 18.95
C GLU TB 94 -40.30 41.45 19.31
N GLU TB 95 -39.05 41.47 19.77
CA GLU TB 95 -38.39 40.25 20.20
C GLU TB 95 -38.65 40.02 21.68
N ASN TB 96 -38.74 38.74 22.05
CA ASN TB 96 -38.99 38.32 23.44
C ASN TB 96 -40.31 38.86 23.96
N ASP TB 97 -41.37 38.65 23.19
CA ASP TB 97 -42.73 38.97 23.60
C ASP TB 97 -43.56 37.70 23.53
N GLU TB 98 -44.22 37.36 24.63
CA GLU TB 98 -45.07 36.18 24.60
C GLU TB 98 -46.33 36.47 23.81
N VAL TB 99 -46.68 35.55 22.92
CA VAL TB 99 -47.74 35.77 21.95
C VAL TB 99 -48.61 34.53 21.87
N LEU TB 100 -49.92 34.74 21.78
CA LEU TB 100 -50.87 33.65 21.64
C LEU TB 100 -50.93 33.27 20.18
N VAL TB 101 -50.54 32.05 19.86
CA VAL TB 101 -50.55 31.57 18.50
C VAL TB 101 -51.68 30.57 18.32
N ALA TB 102 -52.25 30.54 17.12
CA ALA TB 102 -53.37 29.65 16.84
C ALA TB 102 -53.10 28.95 15.51
N GLY TB 103 -53.86 27.89 15.28
CA GLY TB 103 -53.81 27.23 14.00
C GLY TB 103 -54.22 28.15 12.87
N PHE TB 104 -53.92 27.74 11.65
CA PHE TB 104 -54.26 28.60 10.53
C PHE TB 104 -55.66 28.33 10.00
N GLY TB 105 -56.08 27.08 9.97
CA GLY TB 105 -57.43 26.78 9.53
C GLY TB 105 -57.55 25.49 8.75
N ARG TB 106 -56.43 24.98 8.24
CA ARG TB 106 -56.44 23.72 7.53
C ARG TB 106 -56.01 22.56 8.40
N LYS TB 107 -55.86 22.77 9.71
CA LYS TB 107 -55.68 21.72 10.70
C LYS TB 107 -54.44 20.88 10.41
N GLY TB 108 -53.30 21.55 10.53
CA GLY TB 108 -52.03 20.88 10.31
C GLY TB 108 -51.70 20.75 8.85
N HIS TB 109 -51.77 21.86 8.11
CA HIS TB 109 -51.52 21.84 6.68
C HIS TB 109 -51.16 23.25 6.26
N ALA TB 110 -50.02 23.38 5.58
CA ALA TB 110 -49.59 24.66 5.04
C ALA TB 110 -50.67 25.23 4.15
N VAL TB 111 -50.87 26.54 4.24
CA VAL TB 111 -52.05 27.20 3.67
C VAL TB 111 -51.64 28.10 2.51
N GLY TB 112 -52.07 27.71 1.32
CA GLY TB 112 -51.94 28.57 0.16
C GLY TB 112 -50.52 29.03 -0.11
N ASP TB 113 -50.32 30.33 0.02
CA ASP TB 113 -49.08 30.97 -0.41
C ASP TB 113 -47.87 30.46 0.37
N ILE TB 114 -47.94 30.48 1.70
CA ILE TB 114 -46.76 30.32 2.53
C ILE TB 114 -46.33 28.85 2.53
N PRO TB 115 -45.06 28.56 2.34
CA PRO TB 115 -44.60 27.16 2.42
C PRO TB 115 -44.23 26.73 3.83
N GLY TB 116 -44.88 25.68 4.32
CA GLY TB 116 -44.55 25.11 5.60
C GLY TB 116 -44.75 26.02 6.79
N VAL TB 117 -45.91 26.68 6.85
CA VAL TB 117 -46.27 27.48 8.01
C VAL TB 117 -47.72 27.18 8.38
N ARG TB 118 -47.95 26.78 9.62
CA ARG TB 118 -49.24 26.26 10.03
C ARG TB 118 -49.79 26.99 11.23
N PHE TB 119 -49.26 28.18 11.52
CA PHE TB 119 -49.63 28.89 12.72
C PHE TB 119 -49.67 30.39 12.45
N LYS TB 120 -50.63 31.07 13.08
CA LYS TB 120 -50.75 32.51 12.97
C LYS TB 120 -50.91 33.11 14.35
N VAL TB 121 -50.39 34.32 14.51
CA VAL TB 121 -50.50 35.05 15.77
C VAL TB 121 -51.88 35.68 15.87
N VAL TB 122 -52.46 35.63 17.07
CA VAL TB 122 -53.73 36.29 17.33
C VAL TB 122 -53.60 37.39 18.38
N LYS TB 123 -52.78 37.17 19.41
CA LYS TB 123 -52.59 38.16 20.47
C LYS TB 123 -51.11 38.34 20.74
N VAL TB 124 -50.74 39.54 21.16
CA VAL TB 124 -49.36 39.88 21.45
C VAL TB 124 -49.34 40.60 22.80
N ALA TB 125 -48.57 40.08 23.74
CA ALA TB 125 -48.46 40.67 25.08
C ALA TB 125 -49.84 40.84 25.71
N ASN TB 126 -50.68 39.82 25.58
CA ASN TB 126 -52.00 39.77 26.19
C ASN TB 126 -52.88 40.95 25.74
N VAL TB 127 -52.71 41.42 24.51
CA VAL TB 127 -53.68 42.30 23.87
C VAL TB 127 -53.88 41.79 22.45
N SER TB 128 -55.14 41.74 22.01
CA SER TB 128 -55.46 41.18 20.71
C SER TB 128 -54.75 41.96 19.61
N LEU TB 129 -54.18 41.23 18.67
CA LEU TB 129 -53.47 41.87 17.58
C LEU TB 129 -54.44 42.62 16.67
N LEU TB 130 -55.69 42.16 16.60
CA LEU TB 130 -56.69 42.89 15.83
C LEU TB 130 -56.99 44.25 16.44
N ALA TB 131 -57.02 44.33 17.78
CA ALA TB 131 -57.22 45.61 18.42
C ALA TB 131 -56.06 46.56 18.15
N LEU TB 132 -54.83 46.03 18.07
CA LEU TB 132 -53.71 46.86 17.69
C LEU TB 132 -53.84 47.33 16.26
N TYR TB 133 -54.40 46.48 15.39
CA TYR TB 133 -54.55 46.83 13.98
C TYR TB 133 -55.63 47.88 13.78
N LYS TB 134 -56.72 47.80 14.54
CA LYS TB 134 -57.79 48.78 14.44
C LYS TB 134 -57.49 50.04 15.25
N GLY TB 135 -56.45 50.02 16.06
CA GLY TB 135 -56.17 51.14 16.94
C GLY TB 135 -57.07 51.22 18.16
N LYS TB 136 -57.86 50.18 18.43
CA LYS TB 136 -58.67 50.18 19.64
C LYS TB 136 -57.81 50.20 20.89
N LYS TB 137 -56.67 49.51 20.86
CA LYS TB 137 -55.73 49.48 21.96
C LYS TB 137 -54.33 49.64 21.40
N GLU TB 138 -53.39 50.03 22.26
CA GLU TB 138 -52.01 50.21 21.87
C GLU TB 138 -51.08 49.54 22.88
N ARG TB 139 -49.84 49.30 22.45
CA ARG TB 139 -48.92 48.50 23.23
C ARG TB 139 -48.48 49.24 24.48
N PRO TB 140 -48.63 48.66 25.66
CA PRO TB 140 -48.22 49.35 26.89
C PRO TB 140 -46.73 49.18 27.15
N ARG TB 141 -46.00 50.28 27.12
CA ARG TB 141 -44.59 50.29 27.52
C ARG TB 141 -44.25 51.59 28.24
N THR UB 1 -111.36 50.27 49.05
CA THR UB 1 -111.21 50.00 47.62
C THR UB 1 -110.60 48.62 47.39
N VAL UB 2 -109.78 48.17 48.32
CA VAL UB 2 -109.18 46.83 48.24
C VAL UB 2 -110.20 45.82 48.71
N THR UB 3 -110.35 44.73 47.96
CA THR UB 3 -111.25 43.63 48.30
C THR UB 3 -110.43 42.37 48.55
N ILE UB 4 -110.89 41.55 49.51
CA ILE UB 4 -110.18 40.33 49.89
C ILE UB 4 -111.12 39.16 49.70
N ARG UB 5 -110.65 38.13 49.00
CA ARG UB 5 -111.37 36.86 48.93
C ARG UB 5 -110.57 35.78 49.64
N THR UB 6 -111.28 34.79 50.15
CA THR UB 6 -110.66 33.66 50.83
C THR UB 6 -110.73 32.42 49.96
N ARG UB 7 -109.62 31.69 49.89
CA ARG UB 7 -109.55 30.49 49.08
C ARG UB 7 -108.78 29.43 49.84
N LYS UB 8 -109.11 28.16 49.57
CA LYS UB 8 -108.42 27.01 50.15
C LYS UB 8 -108.40 27.10 51.68
N PHE UB 9 -109.50 27.58 52.24
CA PHE UB 9 -109.59 27.82 53.67
C PHE UB 9 -109.83 26.51 54.40
N MET UB 10 -109.08 26.28 55.48
CA MET UB 10 -109.28 25.09 56.28
C MET UB 10 -108.67 25.33 57.65
N THR UB 11 -109.34 24.82 58.67
CA THR UB 11 -108.89 24.96 60.04
C THR UB 11 -107.92 23.85 60.40
N ASN UB 12 -107.09 24.11 61.40
CA ASN UB 12 -106.09 23.16 61.87
C ASN UB 12 -106.31 22.91 63.35
N ARG UB 13 -106.97 21.79 63.68
CA ARG UB 13 -107.04 21.36 65.06
C ARG UB 13 -105.70 20.85 65.56
N LEU UB 14 -104.85 20.36 64.66
CA LEU UB 14 -103.53 19.88 65.00
C LEU UB 14 -102.54 21.00 65.29
N LEU UB 15 -102.86 22.24 64.93
CA LEU UB 15 -101.98 23.36 65.18
C LEU UB 15 -102.68 24.53 65.83
N GLN UB 16 -103.98 24.43 66.09
CA GLN UB 16 -104.76 25.51 66.70
C GLN UB 16 -104.62 26.80 65.89
N ARG UB 17 -104.98 26.69 64.62
CA ARG UB 17 -104.93 27.81 63.69
C ARG UB 17 -105.93 27.51 62.58
N LYS UB 18 -106.25 28.53 61.79
CA LYS UB 18 -106.94 28.36 60.53
C LYS UB 18 -106.09 29.02 59.45
N GLN UB 19 -106.06 28.40 58.28
CA GLN UB 19 -105.13 28.83 57.25
C GLN UB 19 -105.85 28.93 55.92
N MET UB 20 -105.48 29.93 55.12
CA MET UB 20 -106.13 30.17 53.85
C MET UB 20 -105.19 31.03 53.00
N VAL UB 21 -105.34 30.91 51.69
CA VAL UB 21 -104.57 31.71 50.76
C VAL UB 21 -105.35 32.99 50.45
N ILE UB 22 -104.67 34.13 50.57
CA ILE UB 22 -105.31 35.43 50.38
C ILE UB 22 -104.98 35.97 48.99
N ASP UB 23 -105.98 36.53 48.32
CA ASP UB 23 -105.78 37.31 47.10
C ASP UB 23 -106.46 38.66 47.28
N VAL UB 24 -105.69 39.73 47.13
CA VAL UB 24 -106.18 41.10 47.29
C VAL UB 24 -106.31 41.73 45.92
N LEU UB 25 -107.36 42.53 45.74
CA LEU UB 25 -107.61 43.25 44.50
C LEU UB 25 -107.33 44.73 44.76
N HIS UB 26 -106.20 45.21 44.28
CA HIS UB 26 -105.78 46.60 44.50
C HIS UB 26 -105.48 47.27 43.16
N PRO UB 27 -106.49 47.46 42.31
CA PRO UB 27 -106.22 47.97 40.96
C PRO UB 27 -105.82 49.44 41.00
N GLY UB 28 -104.68 49.74 40.38
CA GLY UB 28 -104.23 51.10 40.21
C GLY UB 28 -103.28 51.59 41.28
N LYS UB 29 -103.17 50.89 42.41
CA LYS UB 29 -102.32 51.34 43.49
C LYS UB 29 -101.32 50.24 43.83
N ALA UB 30 -100.36 50.58 44.68
CA ALA UB 30 -99.30 49.66 45.04
C ALA UB 30 -99.88 48.44 45.76
N THR UB 31 -99.08 47.38 45.81
CA THR UB 31 -99.49 46.20 46.53
C THR UB 31 -99.58 46.51 48.02
N VAL UB 32 -100.70 46.16 48.63
CA VAL UB 32 -101.03 46.64 49.98
C VAL UB 32 -99.98 46.12 50.97
N PRO UB 33 -99.44 46.97 51.84
CA PRO UB 33 -98.47 46.49 52.83
C PRO UB 33 -99.09 45.54 53.84
N LYS UB 34 -98.26 44.59 54.31
CA LYS UB 34 -98.76 43.43 55.05
C LYS UB 34 -99.45 43.81 56.35
N THR UB 35 -98.99 44.87 57.01
CA THR UB 35 -99.61 45.25 58.28
C THR UB 35 -101.07 45.63 58.09
N GLU UB 36 -101.43 46.13 56.91
CA GLU UB 36 -102.80 46.55 56.67
C GLU UB 36 -103.73 45.37 56.43
N ILE UB 37 -103.26 44.31 55.76
CA ILE UB 37 -104.10 43.13 55.56
C ILE UB 37 -104.53 42.57 56.90
N ARG UB 38 -103.71 42.73 57.94
CA ARG UB 38 -104.00 42.12 59.23
C ARG UB 38 -105.35 42.57 59.77
N GLU UB 39 -105.56 43.88 59.88
CA GLU UB 39 -106.84 44.35 60.42
C GLU UB 39 -107.99 44.10 59.47
N LYS UB 40 -107.75 44.14 58.15
CA LYS UB 40 -108.82 43.86 57.21
C LYS UB 40 -109.35 42.44 57.34
N LEU UB 41 -108.46 41.48 57.57
CA LEU UB 41 -108.90 40.14 57.92
C LEU UB 41 -109.47 40.06 59.34
N ALA UB 42 -108.98 40.91 60.24
CA ALA UB 42 -109.57 40.97 61.57
C ALA UB 42 -111.01 41.44 61.50
N LYS UB 43 -111.30 42.41 60.64
CA LYS UB 43 -112.68 42.77 60.37
C LYS UB 43 -113.40 41.65 59.64
N MET UB 44 -112.68 40.76 58.97
CA MET UB 44 -113.32 39.71 58.18
C MET UB 44 -113.70 38.52 59.04
N TYR UB 45 -112.82 38.10 59.95
CA TYR UB 45 -113.05 36.91 60.73
C TYR UB 45 -113.37 37.19 62.19
N LYS UB 46 -113.57 38.46 62.55
CA LYS UB 46 -114.01 38.85 63.90
C LYS UB 46 -112.96 38.44 64.94
N THR UB 47 -111.72 38.84 64.70
CA THR UB 47 -110.60 38.49 65.56
C THR UB 47 -109.79 39.75 65.85
N THR UB 48 -108.66 39.57 66.51
CA THR UB 48 -107.67 40.62 66.74
C THR UB 48 -106.58 40.57 65.69
N PRO UB 49 -106.10 41.73 65.22
CA PRO UB 49 -105.11 41.72 64.14
C PRO UB 49 -103.75 41.19 64.54
N ASP UB 50 -103.45 41.10 65.84
CA ASP UB 50 -102.10 40.72 66.24
C ASP UB 50 -101.88 39.21 66.14
N VAL UB 51 -102.95 38.42 66.07
CA VAL UB 51 -102.83 36.97 65.89
C VAL UB 51 -102.94 36.59 64.42
N ILE UB 52 -102.71 37.54 63.53
CA ILE UB 52 -102.87 37.33 62.10
C ILE UB 52 -101.48 37.36 61.50
N PHE UB 53 -101.05 36.23 60.98
CA PHE UB 53 -99.72 36.06 60.40
C PHE UB 53 -99.89 35.80 58.90
N VAL UB 54 -99.67 36.83 58.12
CA VAL UB 54 -99.74 36.75 56.67
C VAL UB 54 -98.34 36.94 56.12
N PHE UB 55 -98.09 36.38 54.95
CA PHE UB 55 -96.77 36.44 54.30
C PHE UB 55 -96.94 35.95 52.86
N GLY UB 56 -95.83 35.88 52.14
CA GLY UB 56 -95.83 35.29 50.81
C GLY UB 56 -96.70 36.01 49.80
N PHE UB 57 -96.58 37.32 49.73
CA PHE UB 57 -97.36 38.10 48.79
C PHE UB 57 -96.53 38.41 47.55
N ARG UB 58 -97.14 38.22 46.38
CA ARG UB 58 -96.43 38.44 45.13
C ARG UB 58 -97.46 38.79 44.07
N THR UB 59 -97.48 40.05 43.64
CA THR UB 59 -98.46 40.51 42.68
C THR UB 59 -98.19 39.92 41.31
N HIS UB 60 -99.28 39.70 40.56
CA HIS UB 60 -99.16 39.20 39.20
C HIS UB 60 -98.66 40.30 38.27
N PHE UB 61 -98.15 39.89 37.12
CA PHE UB 61 -97.71 40.86 36.13
C PHE UB 61 -98.90 41.66 35.62
N GLY UB 62 -98.74 42.98 35.58
CA GLY UB 62 -99.79 43.89 35.16
C GLY UB 62 -100.49 44.56 36.33
N GLY UB 63 -100.31 44.04 37.53
CA GLY UB 63 -100.88 44.65 38.72
C GLY UB 63 -102.34 44.30 38.90
N GLY UB 64 -102.90 44.81 40.00
CA GLY UB 64 -104.29 44.63 40.32
C GLY UB 64 -104.57 43.49 41.28
N LYS UB 65 -103.76 42.44 41.24
CA LYS UB 65 -104.00 41.25 42.06
C LYS UB 65 -102.69 40.79 42.68
N THR UB 66 -102.74 40.47 43.96
CA THR UB 66 -101.60 39.95 44.70
C THR UB 66 -102.06 38.77 45.53
N THR UB 67 -101.45 37.61 45.29
CA THR UB 67 -101.79 36.39 46.01
C THR UB 67 -100.86 36.25 47.21
N GLY UB 68 -101.42 36.18 48.40
CA GLY UB 68 -100.66 35.99 49.61
C GLY UB 68 -101.18 34.80 50.41
N PHE UB 69 -100.46 34.52 51.50
CA PHE UB 69 -100.76 33.40 52.36
C PHE UB 69 -100.82 33.90 53.80
N GLY UB 70 -101.81 33.43 54.54
CA GLY UB 70 -102.02 33.93 55.89
C GLY UB 70 -102.44 32.85 56.86
N MET UB 71 -102.03 33.04 58.11
CA MET UB 71 -102.42 32.19 59.23
C MET UB 71 -103.21 33.01 60.24
N ILE UB 72 -104.21 32.37 60.83
CA ILE UB 72 -105.01 32.98 61.88
C ILE UB 72 -105.05 31.99 63.03
N TYR UB 73 -104.56 32.41 64.20
CA TYR UB 73 -104.42 31.49 65.32
C TYR UB 73 -105.60 31.60 66.28
N ASP UB 74 -105.73 30.59 67.13
CA ASP UB 74 -106.78 30.61 68.14
C ASP UB 74 -106.45 31.60 69.25
N SER UB 75 -105.18 31.73 69.61
CA SER UB 75 -104.78 32.64 70.68
C SER UB 75 -103.32 33.01 70.51
N LEU UB 76 -102.89 34.00 71.28
CA LEU UB 76 -101.54 34.52 71.18
C LEU UB 76 -100.50 33.59 71.79
N ASP UB 77 -100.89 32.77 72.75
CA ASP UB 77 -99.96 31.78 73.30
C ASP UB 77 -99.59 30.74 72.26
N TYR UB 78 -100.53 30.38 71.39
CA TYR UB 78 -100.20 29.51 70.27
C TYR UB 78 -99.32 30.22 69.25
N ALA UB 79 -99.67 31.45 68.91
CA ALA UB 79 -98.93 32.20 67.89
C ALA UB 79 -97.45 32.38 68.25
N LYS UB 80 -97.08 32.19 69.51
CA LYS UB 80 -95.68 32.14 69.90
C LYS UB 80 -95.20 30.72 70.17
N LYS UB 81 -96.12 29.76 70.28
CA LYS UB 81 -95.70 28.38 70.51
C LYS UB 81 -95.30 27.70 69.21
N ASN UB 82 -96.19 27.70 68.22
CA ASN UB 82 -95.91 27.08 66.93
C ASN UB 82 -95.89 28.18 65.86
N GLU UB 83 -94.71 28.76 65.66
CA GLU UB 83 -94.52 29.79 64.65
C GLU UB 83 -93.04 29.95 64.39
N PRO UB 84 -92.61 30.10 63.14
CA PRO UB 84 -91.21 30.45 62.89
C PRO UB 84 -90.88 31.79 63.53
N LYS UB 85 -89.87 31.78 64.39
CA LYS UB 85 -89.55 32.97 65.17
C LYS UB 85 -89.16 34.14 64.29
N HIS UB 86 -88.71 33.89 63.07
CA HIS UB 86 -88.44 35.00 62.17
C HIS UB 86 -89.73 35.73 61.80
N ARG UB 87 -90.84 35.01 61.68
CA ARG UB 87 -92.10 35.66 61.42
C ARG UB 87 -92.63 36.40 62.63
N LEU UB 88 -92.25 35.97 63.84
CA LEU UB 88 -92.58 36.73 65.03
C LEU UB 88 -91.82 38.05 65.07
N ALA UB 89 -90.55 38.04 64.68
CA ALA UB 89 -89.75 39.26 64.65
C ALA UB 89 -90.27 40.27 63.63
N ARG UB 90 -91.14 39.84 62.71
CA ARG UB 90 -91.82 40.79 61.85
C ARG UB 90 -92.75 41.70 62.64
N HIS UB 91 -93.18 41.26 63.83
CA HIS UB 91 -94.08 42.04 64.66
C HIS UB 91 -93.40 42.62 65.89
N GLY UB 92 -92.08 42.53 65.99
CA GLY UB 92 -91.36 43.15 67.06
C GLY UB 92 -91.48 42.48 68.41
N LEU UB 93 -92.13 41.32 68.47
CA LEU UB 93 -92.27 40.60 69.73
C LEU UB 93 -91.12 39.62 69.97
N TYR UB 94 -90.32 39.34 68.96
CA TYR UB 94 -89.13 38.51 69.10
C TYR UB 94 -87.95 39.21 68.44
N GLU UB 95 -86.78 39.09 69.05
CA GLU UB 95 -85.56 39.71 68.53
C GLU UB 95 -84.41 38.75 68.80
N LYS UB 96 -83.78 38.26 67.74
CA LYS UB 96 -82.73 37.26 67.87
C LYS UB 96 -81.43 37.94 68.29
N LYS UB 97 -80.47 37.14 68.78
CA LYS UB 97 -79.20 37.66 69.25
C LYS UB 97 -78.38 38.22 68.11
N LYS UB 98 -77.43 39.10 68.46
CA LYS UB 98 -76.68 39.89 67.50
C LYS UB 98 -75.29 39.30 67.22
N THR UB 99 -75.16 37.98 67.32
CA THR UB 99 -73.90 37.31 67.04
C THR UB 99 -73.92 36.77 65.61
N SER UB 100 -73.01 37.27 64.77
CA SER UB 100 -72.89 36.76 63.42
C SER UB 100 -72.51 35.30 63.44
N ARG UB 101 -73.00 34.56 62.44
CA ARG UB 101 -72.72 33.13 62.35
C ARG UB 101 -71.23 32.83 62.31
N LYS UB 102 -70.42 33.76 61.81
CA LYS UB 102 -68.97 33.56 61.82
C LYS UB 102 -68.41 33.62 63.24
N GLN UB 103 -68.75 34.66 63.99
CA GLN UB 103 -68.16 34.87 65.31
C GLN UB 103 -68.49 33.74 66.27
N ARG UB 104 -69.64 33.08 66.12
CA ARG UB 104 -69.96 31.96 66.97
C ARG UB 104 -69.05 30.76 66.74
N LYS UB 105 -68.42 30.66 65.58
CA LYS UB 105 -67.56 29.53 65.29
C LYS UB 105 -66.13 29.72 65.74
N GLU UB 106 -65.59 30.94 65.64
CA GLU UB 106 -64.27 31.19 66.20
C GLU UB 106 -64.29 31.00 67.71
N ARG UB 107 -65.37 31.47 68.36
CA ARG UB 107 -65.52 31.26 69.77
C ARG UB 107 -65.79 29.79 70.11
N LYS UB 108 -66.38 29.04 69.19
CA LYS UB 108 -66.67 27.64 69.44
C LYS UB 108 -65.38 26.82 69.58
N ASN UB 109 -64.50 26.93 68.60
CA ASN UB 109 -63.29 26.12 68.63
C ASN UB 109 -62.20 26.71 69.51
N ARG UB 110 -62.26 28.01 69.81
CA ARG UB 110 -61.32 28.56 70.78
C ARG UB 110 -61.56 28.01 72.17
N MET UB 111 -62.80 27.63 72.47
CA MET UB 111 -63.08 26.90 73.70
C MET UB 111 -62.69 25.43 73.61
N LYS UB 112 -62.48 24.90 72.40
CA LYS UB 112 -62.00 23.54 72.27
C LYS UB 112 -60.53 23.42 72.63
N LYS UB 113 -59.82 24.54 72.68
CA LYS UB 113 -58.40 24.50 73.04
C LYS UB 113 -58.21 24.23 74.52
N VAL UB 114 -59.14 24.68 75.35
CA VAL UB 114 -59.03 24.55 76.81
C VAL UB 114 -59.93 23.44 77.29
N ARG UB 115 -59.57 22.82 78.41
CA ARG UB 115 -60.29 21.70 78.99
C ARG UB 115 -60.66 22.05 80.42
N GLY UB 116 -61.95 22.09 80.71
CA GLY UB 116 -62.43 22.28 82.06
C GLY UB 116 -63.27 23.54 82.16
N THR UB 117 -63.27 24.13 83.36
CA THR UB 117 -64.08 25.31 83.61
C THR UB 117 -63.55 26.54 82.88
N ALA UB 118 -62.32 26.49 82.38
CA ALA UB 118 -61.72 27.65 81.74
C ALA UB 118 -62.27 27.86 80.35
N LYS UB 119 -63.32 27.11 80.00
CA LYS UB 119 -63.97 27.27 78.71
C LYS UB 119 -64.74 28.57 78.63
N ALA UB 120 -65.33 29.01 79.74
CA ALA UB 120 -66.05 30.27 79.75
C ALA UB 120 -65.13 31.48 79.76
N ASN UB 121 -63.83 31.27 80.01
CA ASN UB 121 -62.92 32.41 80.09
C ASN UB 121 -62.41 32.84 78.73
N VAL UB 122 -62.29 31.90 77.79
CA VAL UB 122 -61.77 32.23 76.47
C VAL UB 122 -62.76 33.13 75.73
N GLY UB 123 -64.05 32.84 75.85
CA GLY UB 123 -65.05 33.66 75.21
C GLY UB 123 -65.09 35.06 75.77
N ALA UB 124 -64.69 36.04 74.97
CA ALA UB 124 -64.64 37.44 75.37
C ALA UB 124 -63.79 37.64 76.62
N ARG VB 1 2.71 35.49 -63.89
CA ARG VB 1 3.06 34.14 -64.36
C ARG VB 1 4.20 34.23 -65.38
N ASP VB 2 3.97 33.65 -66.56
CA ASP VB 2 4.91 33.74 -67.69
C ASP VB 2 4.39 34.78 -68.68
N LYS VB 3 4.98 35.97 -68.67
CA LYS VB 3 4.54 37.09 -69.49
C LYS VB 3 5.13 36.95 -70.88
N LEU VB 4 4.27 37.03 -71.89
CA LEU VB 4 4.69 36.90 -73.29
C LEU VB 4 5.30 38.22 -73.73
N ASN VB 5 6.57 38.18 -74.13
CA ASN VB 5 7.25 39.36 -74.65
C ASN VB 5 7.33 39.19 -76.16
N ASN VB 6 6.24 39.57 -76.84
CA ASN VB 6 6.16 39.41 -78.28
C ASN VB 6 7.05 40.44 -78.97
N LEU VB 7 7.17 40.30 -80.29
CA LEU VB 7 8.02 41.17 -81.09
C LEU VB 7 7.17 42.22 -81.77
N VAL VB 8 7.57 43.49 -81.63
CA VAL VB 8 6.78 44.59 -82.19
C VAL VB 8 7.17 44.85 -83.64
N LEU VB 9 8.43 44.63 -84.00
CA LEU VB 9 8.90 44.81 -85.37
C LEU VB 9 9.82 43.67 -85.76
N PHE VB 10 9.81 43.32 -87.04
CA PHE VB 10 10.63 42.21 -87.51
C PHE VB 10 12.10 42.59 -87.56
N ASP VB 11 12.93 41.75 -86.97
CA ASP VB 11 14.33 41.70 -87.36
C ASP VB 11 14.42 40.81 -88.59
N LYS VB 12 15.54 40.86 -89.31
CA LYS VB 12 15.60 40.18 -90.59
C LYS VB 12 15.55 38.67 -90.44
N ALA VB 13 15.79 38.14 -89.24
CA ALA VB 13 15.65 36.71 -89.02
C ALA VB 13 14.19 36.28 -89.12
N THR VB 14 13.31 36.92 -88.36
CA THR VB 14 11.89 36.59 -88.43
C THR VB 14 11.29 37.00 -89.77
N TYR VB 15 11.64 38.20 -90.25
CA TYR VB 15 11.15 38.65 -91.55
C TYR VB 15 11.51 37.66 -92.63
N ASP VB 16 12.65 36.99 -92.50
CA ASP VB 16 12.98 35.88 -93.40
C ASP VB 16 11.99 34.75 -93.23
N LYS VB 17 11.67 34.40 -91.98
CA LYS VB 17 10.77 33.30 -91.70
C LYS VB 17 9.32 33.65 -91.99
N LEU VB 18 9.06 34.87 -92.44
CA LEU VB 18 7.72 35.24 -92.85
C LEU VB 18 7.53 35.21 -94.36
N CYS VB 19 8.45 35.79 -95.13
CA CYS VB 19 8.33 35.76 -96.57
C CYS VB 19 8.52 34.37 -97.15
N LYS VB 20 8.86 33.39 -96.31
CA LYS VB 20 9.14 32.03 -96.76
C LYS VB 20 8.16 31.02 -96.19
N GLU VB 21 7.86 31.08 -94.90
CA GLU VB 21 7.13 29.99 -94.26
C GLU VB 21 5.62 30.17 -94.37
N VAL VB 22 5.12 31.38 -94.12
CA VAL VB 22 3.67 31.54 -93.90
C VAL VB 22 2.83 31.34 -95.15
N PRO VB 23 3.30 31.68 -96.39
CA PRO VB 23 2.38 31.52 -97.53
C PRO VB 23 2.05 30.07 -97.84
N ASN VB 24 2.71 29.14 -97.16
CA ASN VB 24 2.40 27.72 -97.31
C ASN VB 24 1.45 27.19 -96.25
N TYR VB 25 1.18 27.95 -95.20
CA TYR VB 25 0.20 27.51 -94.22
C TYR VB 25 -1.20 27.52 -94.81
N LYS VB 26 -1.97 26.50 -94.48
CA LYS VB 26 -3.32 26.40 -95.01
C LYS VB 26 -4.26 27.46 -94.44
N LEU VB 27 -3.95 28.00 -93.27
CA LEU VB 27 -4.75 29.03 -92.64
C LEU VB 27 -3.81 30.14 -92.16
N ILE VB 28 -4.06 31.36 -92.62
CA ILE VB 28 -3.31 32.53 -92.17
C ILE VB 28 -4.30 33.48 -91.52
N THR VB 29 -4.16 33.66 -90.21
CA THR VB 29 -4.87 34.65 -89.43
C THR VB 29 -3.84 35.46 -88.66
N PRO VB 30 -4.14 36.71 -88.32
CA PRO VB 30 -3.21 37.48 -87.46
C PRO VB 30 -3.03 36.85 -86.11
N ALA VB 31 -3.86 35.89 -85.72
CA ALA VB 31 -3.69 35.16 -84.48
C ALA VB 31 -2.74 33.98 -84.64
N VAL VB 32 -2.94 33.16 -85.68
CA VAL VB 32 -2.12 31.97 -85.85
C VAL VB 32 -0.67 32.33 -86.16
N VAL VB 33 -0.43 33.49 -86.77
CA VAL VB 33 0.94 33.88 -87.04
C VAL VB 33 1.57 34.52 -85.81
N SER VB 34 0.79 35.30 -85.05
CA SER VB 34 1.34 35.98 -83.89
C SER VB 34 1.71 35.01 -82.78
N GLU VB 35 1.05 33.85 -82.73
CA GLU VB 35 1.41 32.84 -81.74
C GLU VB 35 2.54 31.95 -82.20
N ARG VB 36 2.86 31.95 -83.50
CA ARG VB 36 3.92 31.13 -84.04
C ARG VB 36 5.21 31.91 -84.28
N LEU VB 37 5.10 33.20 -84.59
CA LEU VB 37 6.27 34.04 -84.72
C LEU VB 37 6.57 34.85 -83.47
N LYS VB 38 5.71 34.78 -82.45
CA LYS VB 38 5.89 35.50 -81.20
C LYS VB 38 5.99 37.01 -81.45
N ILE VB 39 5.03 37.53 -82.20
CA ILE VB 39 4.93 38.95 -82.49
C ILE VB 39 3.56 39.45 -82.05
N ARG VB 40 3.43 40.76 -81.95
CA ARG VB 40 2.16 41.34 -81.55
C ARG VB 40 1.12 41.15 -82.65
N GLY VB 41 -0.12 41.48 -82.33
CA GLY VB 41 -1.20 41.34 -83.29
C GLY VB 41 -1.24 42.46 -84.30
N SER VB 42 -0.85 43.67 -83.90
CA SER VB 42 -0.82 44.78 -84.85
C SER VB 42 0.23 44.55 -85.91
N LEU VB 43 1.43 44.14 -85.51
CA LEU VB 43 2.45 43.77 -86.48
C LEU VB 43 2.02 42.57 -87.31
N ALA VB 44 1.29 41.63 -86.71
CA ALA VB 44 0.77 40.51 -87.47
C ALA VB 44 -0.26 40.98 -88.49
N ARG VB 45 -1.17 41.85 -88.09
CA ARG VB 45 -2.12 42.43 -89.03
C ARG VB 45 -1.40 43.21 -90.12
N ALA VB 46 -0.42 44.04 -89.72
CA ALA VB 46 0.34 44.80 -90.69
C ALA VB 46 1.18 43.92 -91.61
N ALA VB 47 1.53 42.71 -91.18
CA ALA VB 47 2.39 41.84 -91.97
C ALA VB 47 1.61 40.98 -92.95
N LEU VB 48 0.32 41.24 -93.14
CA LEU VB 48 -0.47 40.48 -94.09
C LEU VB 48 -1.04 41.34 -95.21
N GLN VB 49 -0.91 42.66 -95.13
CA GLN VB 49 -1.37 43.51 -96.22
C GLN VB 49 -0.36 43.52 -97.36
N GLU VB 50 0.93 43.52 -97.05
CA GLU VB 50 1.92 43.46 -98.12
C GLU VB 50 1.94 42.09 -98.78
N LEU VB 51 1.72 41.03 -98.00
CA LEU VB 51 1.62 39.71 -98.60
C LEU VB 51 0.38 39.60 -99.47
N LEU VB 52 -0.67 40.32 -99.10
CA LEU VB 52 -1.80 40.49 -99.99
C LEU VB 52 -1.47 41.42 -101.15
N SER VB 53 -0.56 42.37 -100.95
CA SER VB 53 -0.14 43.24 -102.04
C SER VB 53 0.83 42.52 -102.97
N LYS VB 54 1.80 41.80 -102.40
CA LYS VB 54 2.66 40.95 -103.22
C LYS VB 54 1.91 39.74 -103.76
N GLY VB 55 0.72 39.46 -103.25
CA GLY VB 55 -0.10 38.39 -103.79
C GLY VB 55 0.35 37.00 -103.43
N LEU VB 56 1.08 36.85 -102.32
CA LEU VB 56 1.52 35.54 -101.87
C LEU VB 56 0.55 34.89 -100.90
N ILE VB 57 -0.57 35.56 -100.59
CA ILE VB 57 -1.64 34.99 -99.80
C ILE VB 57 -2.96 35.35 -100.46
N LYS VB 58 -3.98 34.55 -100.21
CA LYS VB 58 -5.32 34.78 -100.74
C LYS VB 58 -6.25 35.17 -99.61
N LEU VB 59 -6.86 36.34 -99.71
CA LEU VB 59 -7.84 36.79 -98.74
C LEU VB 59 -9.16 36.09 -98.99
N VAL VB 60 -9.57 35.24 -98.06
CA VAL VB 60 -10.82 34.51 -98.20
C VAL VB 60 -11.99 35.24 -97.54
N SER VB 61 -11.77 35.91 -96.42
CA SER VB 61 -12.80 36.72 -95.77
C SER VB 61 -12.12 37.62 -94.76
N LYS VB 62 -12.39 38.92 -94.84
CA LYS VB 62 -11.95 39.87 -93.84
C LYS VB 62 -13.18 40.49 -93.18
N HIS VB 63 -13.10 40.70 -91.87
CA HIS VB 63 -14.19 41.29 -91.12
C HIS VB 63 -13.59 42.19 -90.06
N ARG VB 64 -14.43 43.07 -89.50
CA ARG VB 64 -14.00 43.91 -88.39
C ARG VB 64 -13.38 43.08 -87.28
N ALA VB 65 -13.96 41.93 -86.98
CA ALA VB 65 -13.47 41.10 -85.90
C ALA VB 65 -12.57 39.96 -86.37
N GLN VB 66 -12.64 39.58 -87.64
CA GLN VB 66 -11.89 38.43 -88.11
C GLN VB 66 -11.43 38.63 -89.54
N VAL VB 67 -10.14 38.50 -89.77
CA VAL VB 67 -9.56 38.56 -91.10
C VAL VB 67 -8.80 37.26 -91.37
N ILE VB 68 -9.09 36.63 -92.50
CA ILE VB 68 -8.61 35.28 -92.79
C ILE VB 68 -7.88 35.26 -94.12
N TYR VB 69 -6.81 34.47 -94.18
CA TYR VB 69 -6.04 34.26 -95.40
C TYR VB 69 -5.70 32.78 -95.54
N THR VB 70 -5.31 32.40 -96.75
CA THR VB 70 -4.89 31.03 -97.03
C THR VB 70 -3.77 31.07 -98.05
N ARG VB 71 -3.44 29.89 -98.59
CA ARG VB 71 -2.42 29.79 -99.63
C ARG VB 71 -2.93 30.36 -100.94
N ASN VB 72 -2.02 30.49 -101.90
CA ASN VB 72 -2.42 30.84 -103.25
C ASN VB 72 -2.86 29.60 -104.01
N THR VB 73 -3.21 29.80 -105.27
CA THR VB 73 -3.48 28.68 -106.14
C THR VB 73 -2.28 27.75 -106.19
N LYS VB 74 -2.54 26.45 -106.07
CA LYS VB 74 -1.45 25.47 -106.11
C LYS VB 74 -0.97 25.23 -107.54
N GLY VB 75 -1.80 25.51 -108.54
CA GLY VB 75 -1.42 25.34 -109.91
C GLY VB 75 -0.72 26.56 -110.49
N THR WB 1 -55.66 1.53 -22.67
CA THR WB 1 -56.68 1.16 -23.64
C THR WB 1 -56.25 -0.08 -24.42
N LYS WB 2 -57.01 -1.15 -24.28
CA LYS WB 2 -56.71 -2.38 -25.00
C LYS WB 2 -56.94 -2.16 -26.49
N LYS WB 3 -55.90 -2.42 -27.29
CA LYS WB 3 -55.96 -2.13 -28.71
C LYS WB 3 -56.57 -3.27 -29.50
N ARG WB 4 -55.96 -4.45 -29.44
CA ARG WB 4 -56.53 -5.63 -30.08
C ARG WB 4 -57.21 -6.49 -29.02
N ARG WB 5 -58.28 -7.17 -29.41
CA ARG WB 5 -58.91 -8.09 -28.49
C ARG WB 5 -58.03 -9.31 -28.25
N ASN WB 6 -57.40 -9.82 -29.29
CA ASN WB 6 -56.53 -10.98 -29.17
C ASN WB 6 -55.10 -10.62 -28.84
N ASN WB 7 -54.86 -9.39 -28.35
CA ASN WB 7 -53.53 -8.94 -27.94
C ASN WB 7 -52.52 -9.03 -29.09
N GLY WB 8 -53.01 -8.99 -30.33
CA GLY WB 8 -52.10 -9.07 -31.46
C GLY WB 8 -51.38 -10.39 -31.60
N ARG WB 9 -51.98 -11.48 -31.13
CA ARG WB 9 -51.35 -12.79 -31.24
C ARG WB 9 -52.43 -13.86 -31.24
N ALA WB 10 -52.09 -15.03 -31.75
CA ALA WB 10 -53.06 -16.10 -31.90
C ALA WB 10 -53.17 -16.99 -30.67
N LYS WB 11 -52.36 -16.78 -29.64
CA LYS WB 11 -52.44 -17.59 -28.44
C LYS WB 11 -53.76 -17.34 -27.72
N LYS WB 12 -54.56 -18.40 -27.56
CA LYS WB 12 -55.84 -18.23 -26.88
C LYS WB 12 -55.98 -19.13 -25.66
N GLY WB 13 -55.55 -20.38 -25.75
CA GLY WB 13 -55.68 -21.31 -24.64
C GLY WB 13 -54.40 -21.94 -24.16
N ARG WB 14 -53.24 -21.42 -24.55
CA ARG WB 14 -51.97 -22.10 -24.29
C ARG WB 14 -51.38 -21.69 -22.95
N GLY WB 15 -51.01 -20.43 -22.82
CA GLY WB 15 -50.18 -19.97 -21.74
C GLY WB 15 -48.73 -19.75 -22.14
N HIS WB 16 -48.20 -20.56 -23.04
CA HIS WB 16 -46.85 -20.36 -23.52
C HIS WB 16 -46.65 -21.07 -24.84
N VAL WB 17 -46.02 -20.38 -25.78
CA VAL WB 17 -45.65 -20.96 -27.06
C VAL WB 17 -44.18 -20.68 -27.31
N GLN WB 18 -43.56 -21.52 -28.13
CA GLN WB 18 -42.14 -21.38 -28.36
C GLN WB 18 -41.86 -20.20 -29.28
N PRO WB 19 -40.81 -19.44 -29.04
CA PRO WB 19 -40.51 -18.30 -29.89
C PRO WB 19 -39.71 -18.70 -31.12
N ILE WB 20 -39.69 -17.80 -32.10
CA ILE WB 20 -38.88 -17.97 -33.30
C ILE WB 20 -38.05 -16.73 -33.49
N ARG WB 21 -37.05 -16.82 -34.35
CA ARG WB 21 -36.21 -15.70 -34.67
C ARG WB 21 -36.72 -15.00 -35.92
N CYS WB 22 -36.69 -13.66 -35.89
CA CYS WB 22 -37.04 -12.90 -37.07
C CYS WB 22 -36.04 -13.17 -38.18
N THR WB 23 -36.40 -12.82 -39.41
CA THR WB 23 -35.50 -13.08 -40.52
C THR WB 23 -34.57 -11.90 -40.74
N ASN WB 24 -35.09 -10.67 -40.67
CA ASN WB 24 -34.24 -9.51 -40.89
C ASN WB 24 -33.33 -9.27 -39.69
N CYS WB 25 -33.91 -8.97 -38.55
CA CYS WB 25 -33.19 -8.99 -37.30
C CYS WB 25 -33.19 -10.42 -36.77
N ALA WB 26 -32.72 -10.62 -35.55
CA ALA WB 26 -32.78 -11.94 -34.94
C ALA WB 26 -33.76 -11.94 -33.77
N ARG WB 27 -34.72 -11.03 -33.78
CA ARG WB 27 -35.64 -10.85 -32.67
C ARG WB 27 -36.36 -12.14 -32.33
N CYS WB 28 -36.49 -12.41 -31.04
CA CYS WB 28 -37.28 -13.54 -30.56
C CYS WB 28 -38.73 -13.08 -30.44
N VAL WB 29 -39.58 -13.62 -31.30
CA VAL WB 29 -41.00 -13.31 -31.30
C VAL WB 29 -41.77 -14.61 -31.10
N PRO WB 30 -42.84 -14.61 -30.32
CA PRO WB 30 -43.67 -15.81 -30.20
C PRO WB 30 -44.21 -16.24 -31.56
N LYS WB 31 -44.23 -17.54 -31.79
CA LYS WB 31 -44.55 -18.06 -33.12
C LYS WB 31 -45.93 -17.60 -33.59
N ASP WB 32 -46.89 -17.52 -32.66
CA ASP WB 32 -48.23 -17.09 -33.06
C ASP WB 32 -48.35 -15.59 -33.19
N LYS WB 33 -47.32 -14.83 -32.81
CA LYS WB 33 -47.36 -13.38 -32.97
C LYS WB 33 -46.68 -12.92 -34.24
N ALA WB 34 -45.62 -13.61 -34.67
CA ALA WB 34 -44.84 -13.18 -35.81
C ALA WB 34 -45.70 -13.10 -37.07
N ILE WB 35 -45.37 -12.14 -37.93
CA ILE WB 35 -46.01 -12.00 -39.23
C ILE WB 35 -45.29 -12.96 -40.16
N LYS WB 36 -45.96 -14.05 -40.51
CA LYS WB 36 -45.37 -15.07 -41.35
C LYS WB 36 -45.72 -14.80 -42.81
N LYS WB 37 -44.74 -14.97 -43.69
CA LYS WB 37 -44.91 -14.71 -45.12
C LYS WB 37 -44.30 -15.89 -45.87
N PHE WB 38 -45.11 -16.58 -46.65
CA PHE WB 38 -44.66 -17.75 -47.38
C PHE WB 38 -44.55 -17.42 -48.85
N VAL WB 39 -43.33 -17.36 -49.37
CA VAL WB 39 -43.07 -16.88 -50.72
C VAL WB 39 -42.72 -18.06 -51.61
N ILE WB 40 -43.37 -18.12 -52.77
CA ILE WB 40 -43.11 -19.11 -53.79
C ILE WB 40 -42.67 -18.36 -55.03
N ARG WB 41 -41.42 -18.56 -55.44
CA ARG WB 41 -40.87 -17.83 -56.56
C ARG WB 41 -39.97 -18.75 -57.35
N ASN WB 42 -39.89 -18.50 -58.65
CA ASN WB 42 -38.88 -19.18 -59.44
C ASN WB 42 -37.52 -18.59 -59.11
N ILE WB 43 -36.48 -19.34 -59.48
CA ILE WB 43 -35.13 -18.82 -59.29
C ILE WB 43 -34.83 -17.71 -60.29
N VAL WB 44 -35.62 -17.62 -61.36
CA VAL WB 44 -35.46 -16.61 -62.40
C VAL WB 44 -36.83 -16.02 -62.71
N GLU WB 45 -36.90 -14.69 -62.82
CA GLU WB 45 -38.22 -14.10 -63.00
C GLU WB 45 -38.61 -13.78 -64.44
N ALA WB 46 -37.95 -12.81 -65.04
CA ALA WB 46 -38.27 -12.49 -66.43
C ALA WB 46 -37.04 -12.32 -67.30
N ALA WB 47 -35.99 -11.67 -66.78
CA ALA WB 47 -34.82 -11.40 -67.59
C ALA WB 47 -34.06 -12.69 -67.89
N ALA WB 48 -33.96 -13.56 -66.90
CA ALA WB 48 -33.25 -14.82 -67.11
C ALA WB 48 -34.16 -15.92 -67.63
N VAL WB 49 -35.44 -15.91 -67.25
CA VAL WB 49 -36.31 -17.06 -67.51
C VAL WB 49 -36.40 -17.37 -68.98
N ARG WB 50 -36.10 -16.41 -69.85
CA ARG WB 50 -36.15 -16.66 -71.28
C ARG WB 50 -34.84 -17.25 -71.79
N ASP WB 51 -33.73 -16.55 -71.59
CA ASP WB 51 -32.46 -17.02 -72.14
C ASP WB 51 -31.91 -18.25 -71.41
N ILE WB 52 -32.40 -18.55 -70.21
CA ILE WB 52 -32.09 -19.84 -69.61
C ILE WB 52 -32.79 -20.99 -70.34
N SER WB 53 -33.94 -20.71 -70.97
CA SER WB 53 -34.73 -21.78 -71.57
C SER WB 53 -33.98 -22.47 -72.71
N GLU WB 54 -33.48 -21.70 -73.67
CA GLU WB 54 -32.76 -22.31 -74.78
C GLU WB 54 -31.34 -22.69 -74.42
N ALA WB 55 -30.79 -22.11 -73.36
CA ALA WB 55 -29.49 -22.55 -72.87
C ALA WB 55 -29.54 -23.91 -72.20
N SER WB 56 -30.73 -24.39 -71.87
CA SER WB 56 -30.88 -25.69 -71.24
C SER WB 56 -30.70 -26.80 -72.27
N VAL WB 57 -29.90 -27.80 -71.93
CA VAL WB 57 -29.77 -28.97 -72.79
C VAL WB 57 -31.11 -29.69 -72.90
N PHE WB 58 -31.83 -29.80 -71.79
CA PHE WB 58 -33.18 -30.34 -71.84
C PHE WB 58 -34.13 -29.22 -72.22
N ASP WB 59 -34.68 -29.28 -73.43
CA ASP WB 59 -35.69 -28.31 -73.83
C ASP WB 59 -37.04 -28.72 -73.25
N ALA WB 60 -37.87 -27.71 -72.96
CA ALA WB 60 -39.10 -27.87 -72.19
C ALA WB 60 -38.80 -28.48 -70.82
N TYR WB 61 -37.98 -27.75 -70.07
CA TYR WB 61 -37.53 -28.15 -68.75
C TYR WB 61 -38.11 -27.16 -67.73
N VAL WB 62 -39.02 -27.65 -66.89
CA VAL WB 62 -39.68 -26.78 -65.92
C VAL WB 62 -38.67 -26.31 -64.89
N LEU WB 63 -38.63 -25.01 -64.67
CA LEU WB 63 -37.67 -24.44 -63.75
C LEU WB 63 -38.14 -24.66 -62.32
N PRO WB 64 -37.25 -25.03 -61.40
CA PRO WB 64 -37.68 -25.27 -60.02
C PRO WB 64 -37.98 -23.97 -59.31
N LYS WB 65 -38.93 -24.05 -58.38
CA LYS WB 65 -39.31 -22.90 -57.58
C LYS WB 65 -38.48 -22.85 -56.30
N LEU WB 66 -38.57 -21.71 -55.61
CA LEU WB 66 -37.86 -21.50 -54.37
C LEU WB 66 -38.88 -21.29 -53.25
N TYR WB 67 -38.85 -22.18 -52.27
CA TYR WB 67 -39.80 -22.16 -51.16
C TYR WB 67 -39.09 -21.63 -49.93
N VAL WB 68 -39.50 -20.44 -49.47
CA VAL WB 68 -38.94 -19.81 -48.29
C VAL WB 68 -40.09 -19.36 -47.41
N LYS WB 69 -39.97 -19.56 -46.11
CA LYS WB 69 -40.98 -19.14 -45.15
C LYS WB 69 -40.38 -18.05 -44.27
N LEU WB 70 -40.84 -16.82 -44.46
CA LEU WB 70 -40.29 -15.70 -43.73
C LEU WB 70 -41.04 -15.47 -42.42
N HIS WB 71 -40.28 -15.14 -41.37
CA HIS WB 71 -40.82 -14.86 -40.04
C HIS WB 71 -40.38 -13.44 -39.69
N TYR WB 72 -41.30 -12.50 -39.75
CA TYR WB 72 -40.99 -11.12 -39.42
C TYR WB 72 -41.45 -10.79 -38.01
N CYS WB 73 -40.70 -9.90 -37.37
CA CYS WB 73 -41.17 -9.26 -36.15
C CYS WB 73 -42.05 -8.07 -36.54
N VAL WB 74 -42.75 -7.52 -35.55
CA VAL WB 74 -43.69 -6.44 -35.85
C VAL WB 74 -42.96 -5.23 -36.40
N SER WB 75 -41.79 -4.91 -35.83
CA SER WB 75 -41.05 -3.76 -36.31
C SER WB 75 -40.53 -3.99 -37.72
N CYS WB 76 -39.99 -5.17 -38.00
CA CYS WB 76 -39.46 -5.42 -39.33
C CYS WB 76 -40.57 -5.52 -40.36
N ALA WB 77 -41.69 -6.16 -40.00
CA ALA WB 77 -42.78 -6.31 -40.95
C ALA WB 77 -43.36 -4.97 -41.35
N ILE WB 78 -43.33 -4.01 -40.42
CA ILE WB 78 -43.83 -2.68 -40.73
C ILE WB 78 -42.82 -1.89 -41.54
N HIS WB 79 -41.56 -1.89 -41.13
CA HIS WB 79 -40.55 -1.11 -41.84
C HIS WB 79 -40.34 -1.67 -43.25
N SER WB 80 -40.48 -2.97 -43.40
CA SER WB 80 -40.43 -3.58 -44.72
C SER WB 80 -41.72 -3.39 -45.49
N LYS WB 81 -42.69 -2.69 -44.90
CA LYS WB 81 -43.95 -2.36 -45.54
C LYS WB 81 -44.72 -3.60 -45.96
N VAL WB 82 -44.54 -4.69 -45.21
CA VAL WB 82 -45.33 -5.89 -45.46
C VAL WB 82 -46.73 -5.73 -44.89
N VAL WB 83 -46.86 -5.07 -43.74
CA VAL WB 83 -48.15 -4.71 -43.18
C VAL WB 83 -48.08 -3.23 -42.81
N ARG WB 84 -49.24 -2.60 -42.76
CA ARG WB 84 -49.31 -1.19 -42.42
C ARG WB 84 -50.47 -0.95 -41.46
N ASN WB 85 -50.36 0.12 -40.68
CA ASN WB 85 -51.40 0.43 -39.72
C ASN WB 85 -52.70 0.76 -40.43
N ARG WB 86 -53.81 0.37 -39.80
CA ARG WB 86 -55.14 0.55 -40.36
C ARG WB 86 -55.99 1.33 -39.38
N SER WB 87 -57.13 1.82 -39.87
CA SER WB 87 -58.05 2.53 -39.01
C SER WB 87 -58.68 1.58 -38.00
N ARG WB 88 -59.27 2.16 -36.95
CA ARG WB 88 -59.76 1.38 -35.82
C ARG WB 88 -60.68 0.25 -36.25
N GLU WB 89 -61.59 0.53 -37.18
CA GLU WB 89 -62.52 -0.47 -37.66
C GLU WB 89 -61.96 -1.29 -38.80
N ALA WB 90 -60.95 -0.79 -39.50
CA ALA WB 90 -60.26 -1.61 -40.49
C ALA WB 90 -59.31 -2.60 -39.84
N ARG WB 91 -58.94 -2.37 -38.58
CA ARG WB 91 -58.10 -3.34 -37.87
C ARG WB 91 -58.82 -4.66 -37.71
N LYS WB 92 -60.13 -4.60 -37.45
CA LYS WB 92 -60.88 -5.81 -37.10
C LYS WB 92 -60.94 -6.80 -38.24
N ASP WB 93 -61.00 -6.32 -39.47
CA ASP WB 93 -61.04 -7.20 -40.63
C ASP WB 93 -59.74 -7.97 -40.75
N ARG WB 94 -59.85 -9.28 -40.88
CA ARG WB 94 -58.67 -10.15 -40.94
C ARG WB 94 -58.74 -11.09 -42.11
N THR WB 95 -59.16 -10.60 -43.26
CA THR WB 95 -59.01 -11.43 -44.45
C THR WB 95 -57.77 -10.97 -45.21
N PRO WB 96 -57.01 -11.87 -45.81
CA PRO WB 96 -55.81 -11.46 -46.52
C PRO WB 96 -56.14 -10.56 -47.69
N PRO WB 97 -55.20 -9.72 -48.12
CA PRO WB 97 -55.45 -8.84 -49.26
C PRO WB 97 -55.76 -9.62 -50.51
N PRO WB 98 -56.45 -9.02 -51.48
CA PRO WB 98 -56.87 -9.76 -52.67
C PRO WB 98 -55.69 -10.26 -53.49
N ARG WB 99 -55.86 -11.42 -54.11
CA ARG WB 99 -54.80 -12.10 -54.84
C ARG WB 99 -55.24 -12.26 -56.29
N PHE WB 100 -54.64 -11.48 -57.19
CA PHE WB 100 -54.88 -11.63 -58.62
C PHE WB 100 -53.61 -11.65 -59.47
N ARG WB 101 -52.52 -11.07 -58.99
CA ARG WB 101 -51.23 -11.13 -59.67
C ARG WB 101 -50.12 -10.65 -58.73
N PRO XB 1 -88.55 -16.40 -30.34
CA PRO XB 1 -89.95 -16.59 -29.92
C PRO XB 1 -90.13 -16.41 -28.42
N LEU XB 2 -91.32 -15.99 -28.00
CA LEU XB 2 -91.62 -15.78 -26.59
C LEU XB 2 -92.61 -16.82 -26.11
N ALA XB 3 -93.77 -16.95 -26.74
CA ALA XB 3 -94.76 -17.92 -26.31
C ALA XB 3 -94.40 -19.30 -26.82
N LYS XB 4 -94.08 -20.21 -25.90
CA LYS XB 4 -93.95 -21.62 -26.19
C LYS XB 4 -94.90 -22.38 -25.27
N ASP XB 5 -94.92 -23.70 -25.43
CA ASP XB 5 -95.75 -24.56 -24.60
C ASP XB 5 -94.85 -25.64 -24.00
N LEU XB 6 -94.16 -25.28 -22.92
CA LEU XB 6 -93.27 -26.20 -22.24
C LEU XB 6 -94.03 -27.30 -21.50
N LEU XB 7 -95.33 -27.13 -21.29
CA LEU XB 7 -96.12 -28.18 -20.69
C LEU XB 7 -96.28 -29.36 -21.65
N HIS XB 8 -96.34 -29.06 -22.95
CA HIS XB 8 -96.57 -30.07 -23.98
C HIS XB 8 -95.49 -29.96 -25.06
N PRO XB 9 -94.27 -30.38 -24.75
CA PRO XB 9 -93.22 -30.34 -25.77
C PRO XB 9 -93.47 -31.37 -26.84
N SER XB 10 -93.20 -30.99 -28.07
CA SER XB 10 -93.34 -31.90 -29.18
C SER XB 10 -92.32 -33.03 -29.07
N PRO XB 11 -92.69 -34.25 -29.42
CA PRO XB 11 -91.78 -35.39 -29.21
C PRO XB 11 -90.57 -35.38 -30.12
N GLU XB 12 -90.67 -34.78 -31.30
CA GLU XB 12 -89.54 -34.75 -32.22
C GLU XB 12 -88.36 -34.00 -31.59
N GLU XB 13 -88.65 -32.95 -30.81
CA GLU XB 13 -87.60 -32.22 -30.15
C GLU XB 13 -87.31 -32.76 -28.76
N GLU XB 14 -88.24 -33.48 -28.16
CA GLU XB 14 -88.00 -34.01 -26.82
C GLU XB 14 -86.94 -35.10 -26.86
N LYS XB 15 -86.93 -35.91 -27.91
CA LYS XB 15 -85.90 -36.90 -28.07
C LYS XB 15 -84.55 -36.28 -28.43
N ARG XB 16 -84.54 -35.04 -28.91
CA ARG XB 16 -83.28 -34.38 -29.21
C ARG XB 16 -82.55 -33.96 -27.94
N LYS XB 17 -83.27 -33.45 -26.95
CA LYS XB 17 -82.66 -32.89 -25.77
C LYS XB 17 -81.89 -33.95 -24.99
N HIS XB 18 -80.92 -33.48 -24.21
CA HIS XB 18 -80.11 -34.37 -23.38
C HIS XB 18 -80.98 -35.08 -22.36
N LYS XB 19 -80.57 -36.31 -22.00
CA LYS XB 19 -81.38 -37.17 -21.16
C LYS XB 19 -81.75 -36.49 -19.85
N LYS XB 20 -80.84 -35.70 -19.28
CA LYS XB 20 -81.13 -35.00 -18.04
C LYS XB 20 -81.87 -33.70 -18.27
N LYS XB 21 -81.70 -33.08 -19.43
CA LYS XB 21 -82.32 -31.79 -19.69
C LYS XB 21 -83.75 -31.92 -20.21
N ARG XB 22 -84.25 -33.13 -20.43
CA ARG XB 22 -85.63 -33.31 -20.83
C ARG XB 22 -86.56 -32.82 -19.73
N LEU XB 23 -87.84 -32.67 -20.08
CA LEU XB 23 -88.82 -32.21 -19.12
C LEU XB 23 -88.95 -33.21 -17.97
N VAL XB 24 -88.96 -34.50 -18.28
CA VAL XB 24 -88.94 -35.55 -17.28
C VAL XB 24 -87.79 -36.47 -17.67
N GLN XB 25 -86.81 -36.61 -16.78
CA GLN XB 25 -85.62 -37.41 -17.01
C GLN XB 25 -85.99 -38.83 -17.44
N SER XB 26 -85.42 -39.27 -18.56
CA SER XB 26 -85.68 -40.58 -19.11
C SER XB 26 -84.43 -41.08 -19.82
N PRO XB 27 -84.12 -42.37 -19.71
CA PRO XB 27 -82.89 -42.89 -20.31
C PRO XB 27 -83.01 -43.02 -21.81
N ASN XB 28 -81.85 -43.14 -22.46
CA ASN XB 28 -81.76 -43.38 -23.88
C ASN XB 28 -81.46 -44.84 -24.22
N SER XB 29 -81.15 -45.65 -23.22
CA SER XB 29 -80.82 -47.04 -23.46
C SER XB 29 -82.07 -47.92 -23.31
N TYR XB 30 -81.87 -49.22 -23.54
CA TYR XB 30 -82.97 -50.18 -23.54
C TYR XB 30 -82.37 -51.57 -23.41
N PHE XB 31 -83.23 -52.58 -23.54
CA PHE XB 31 -82.80 -53.96 -23.41
C PHE XB 31 -83.14 -54.73 -24.67
N MET XB 32 -82.61 -55.94 -24.77
CA MET XB 32 -82.69 -56.73 -25.99
C MET XB 32 -83.10 -58.15 -25.64
N ASP XB 33 -83.76 -58.80 -26.59
CA ASP XB 33 -83.93 -60.26 -26.57
C ASP XB 33 -83.10 -60.83 -27.72
N VAL XB 34 -81.85 -61.16 -27.41
CA VAL XB 34 -80.90 -61.57 -28.44
C VAL XB 34 -80.93 -63.08 -28.56
N LYS XB 35 -80.93 -63.58 -29.80
CA LYS XB 35 -80.83 -65.00 -30.10
C LYS XB 35 -79.73 -65.20 -31.14
N CYS XB 36 -78.61 -65.78 -30.72
CA CYS XB 36 -77.53 -66.08 -31.63
C CYS XB 36 -77.94 -67.21 -32.56
N PRO XB 37 -77.31 -67.30 -33.75
CA PRO XB 37 -77.69 -68.36 -34.69
C PRO XB 37 -77.23 -69.74 -34.26
N GLY XB 38 -76.14 -69.84 -33.51
CA GLY XB 38 -75.66 -71.15 -33.10
C GLY XB 38 -76.61 -71.86 -32.16
N CYS XB 39 -77.38 -71.11 -31.38
CA CYS XB 39 -78.31 -71.69 -30.42
C CYS XB 39 -79.73 -71.19 -30.62
N TYR XB 40 -80.62 -71.50 -29.68
CA TYR XB 40 -82.03 -71.12 -29.76
C TYR XB 40 -82.48 -70.28 -28.57
N LYS XB 41 -81.84 -70.44 -27.42
CA LYS XB 41 -82.22 -69.74 -26.21
C LYS XB 41 -82.11 -68.22 -26.41
N ILE XB 42 -82.91 -67.49 -25.65
CA ILE XB 42 -82.97 -66.03 -25.74
C ILE XB 42 -82.39 -65.45 -24.46
N THR XB 43 -81.46 -64.52 -24.60
CA THR XB 43 -80.82 -63.84 -23.49
C THR XB 43 -81.22 -62.38 -23.47
N THR XB 44 -81.25 -61.79 -22.28
CA THR XB 44 -81.57 -60.38 -22.13
C THR XB 44 -80.27 -59.59 -21.92
N VAL XB 45 -79.96 -58.70 -22.86
CA VAL XB 45 -78.73 -57.95 -22.81
C VAL XB 45 -79.07 -56.46 -22.82
N PHE XB 46 -78.15 -55.65 -22.33
CA PHE XB 46 -78.35 -54.21 -22.19
C PHE XB 46 -77.76 -53.48 -23.39
N SER XB 47 -78.38 -52.36 -23.77
CA SER XB 47 -77.96 -51.62 -24.95
C SER XB 47 -76.49 -51.20 -24.86
N HIS XB 48 -76.05 -50.81 -23.68
CA HIS XB 48 -74.70 -50.32 -23.45
C HIS XB 48 -74.00 -51.23 -22.48
N ALA XB 49 -74.09 -52.54 -22.73
CA ALA XB 49 -73.67 -53.61 -21.84
C ALA XB 49 -72.34 -53.36 -21.14
N GLN XB 50 -71.36 -52.84 -21.88
CA GLN XB 50 -70.03 -52.48 -21.35
C GLN XB 50 -69.30 -53.66 -20.72
N THR XB 51 -69.83 -54.89 -20.84
CA THR XB 51 -69.08 -56.07 -20.46
C THR XB 51 -69.37 -57.17 -21.46
N VAL XB 52 -68.33 -57.92 -21.81
CA VAL XB 52 -68.47 -58.98 -22.80
C VAL XB 52 -69.34 -60.09 -22.24
N VAL XB 53 -70.31 -60.54 -23.03
CA VAL XB 53 -71.25 -61.58 -22.63
C VAL XB 53 -71.18 -62.74 -23.62
N LEU XB 54 -71.30 -63.95 -23.10
CA LEU XB 54 -71.22 -65.17 -23.91
C LEU XB 54 -72.55 -65.91 -23.88
N CYS XB 55 -72.85 -66.60 -24.98
CA CYS XB 55 -74.04 -67.43 -25.03
C CYS XB 55 -73.87 -68.68 -24.18
N VAL XB 56 -74.99 -69.35 -23.91
CA VAL XB 56 -74.95 -70.61 -23.17
C VAL XB 56 -74.14 -71.62 -23.95
N GLY XB 57 -73.51 -72.55 -23.25
CA GLY XB 57 -72.67 -73.55 -23.89
C GLY XB 57 -71.39 -73.01 -24.48
N CYS XB 58 -71.02 -71.76 -24.16
CA CYS XB 58 -69.86 -71.10 -24.76
C CYS XB 58 -69.95 -71.15 -26.29
N SER XB 59 -71.18 -71.01 -26.79
CA SER XB 59 -71.46 -71.08 -28.21
C SER XB 59 -70.71 -69.99 -28.96
N THR XB 60 -71.02 -68.73 -28.64
CA THR XB 60 -70.32 -67.61 -29.25
C THR XB 60 -70.48 -66.37 -28.40
N VAL XB 61 -69.76 -65.32 -28.80
CA VAL XB 61 -69.87 -64.03 -28.14
C VAL XB 61 -71.08 -63.27 -28.71
N LEU XB 62 -71.60 -62.34 -27.92
CA LEU XB 62 -72.77 -61.57 -28.32
C LEU XB 62 -72.47 -60.08 -28.47
N CYS XB 63 -71.73 -59.52 -27.53
CA CYS XB 63 -71.55 -58.08 -27.44
C CYS XB 63 -70.07 -57.76 -27.28
N GLN XB 64 -69.68 -56.62 -27.84
CA GLN XB 64 -68.38 -56.03 -27.64
C GLN XB 64 -68.54 -54.67 -27.00
N PRO XB 65 -68.00 -54.45 -25.81
CA PRO XB 65 -68.13 -53.14 -25.17
C PRO XB 65 -67.37 -52.07 -25.95
N THR XB 66 -68.02 -50.92 -26.14
CA THR XB 66 -67.43 -49.80 -26.86
C THR XB 66 -67.71 -48.53 -26.06
N GLY XB 67 -67.49 -47.39 -26.71
CA GLY XB 67 -67.75 -46.13 -26.03
C GLY XB 67 -69.21 -45.87 -25.77
N GLY XB 68 -70.08 -46.35 -26.65
CA GLY XB 68 -71.50 -46.15 -26.47
C GLY XB 68 -72.26 -47.45 -26.45
N LYS XB 69 -73.20 -47.62 -27.39
CA LYS XB 69 -73.93 -48.87 -27.52
C LYS XB 69 -72.97 -50.01 -27.82
N ALA XB 70 -73.20 -51.16 -27.19
CA ALA XB 70 -72.39 -52.33 -27.46
C ALA XB 70 -72.59 -52.79 -28.89
N ARG XB 71 -71.54 -53.37 -29.47
CA ARG XB 71 -71.58 -53.85 -30.84
C ARG XB 71 -72.09 -55.29 -30.85
N LEU XB 72 -73.30 -55.49 -31.39
CA LEU XB 72 -73.87 -56.82 -31.47
C LEU XB 72 -73.18 -57.64 -32.56
N THR XB 73 -73.04 -58.93 -32.31
CA THR XB 73 -72.42 -59.80 -33.30
C THR XB 73 -73.36 -60.03 -34.47
N GLU XB 74 -72.85 -59.77 -35.67
CA GLU XB 74 -73.64 -59.97 -36.87
C GLU XB 74 -74.06 -61.43 -36.99
N GLY XB 75 -75.35 -61.64 -37.22
CA GLY XB 75 -75.91 -62.98 -37.32
C GLY XB 75 -76.84 -63.34 -36.20
N CYS XB 76 -76.89 -62.54 -35.14
CA CYS XB 76 -77.75 -62.80 -34.00
C CYS XB 76 -78.99 -61.92 -34.10
N SER XB 77 -80.16 -62.53 -33.87
CA SER XB 77 -81.43 -61.82 -33.96
C SER XB 77 -81.78 -61.21 -32.62
N PHE XB 78 -82.05 -59.90 -32.60
CA PHE XB 78 -82.30 -59.16 -31.38
C PHE XB 78 -83.60 -58.38 -31.53
N ARG XB 79 -84.40 -58.36 -30.46
CA ARG XB 79 -85.68 -57.66 -30.46
C ARG XB 79 -85.68 -56.68 -29.30
N ARG XB 80 -85.65 -55.38 -29.60
CA ARG XB 80 -85.73 -54.37 -28.56
C ARG XB 80 -87.08 -54.46 -27.84
N LYS XB 81 -87.04 -54.37 -26.51
CA LYS XB 81 -88.23 -54.46 -25.69
C LYS XB 81 -88.30 -53.23 -24.78
N GLN XB 82 -89.41 -53.12 -24.06
CA GLN XB 82 -89.58 -52.05 -23.09
C GLN XB 82 -90.57 -52.51 -22.03
N HIS XB 83 -90.50 -51.86 -20.87
CA HIS XB 83 -91.45 -52.18 -19.79
C HIS XB 83 -92.38 -50.99 -19.54
N GLN YB 1 -15.66 -6.44 -74.71
CA GLN YB 1 -17.10 -6.24 -74.57
C GLN YB 1 -17.65 -5.30 -75.63
N PRO YB 2 -18.67 -5.74 -76.35
CA PRO YB 2 -19.22 -4.95 -77.44
C PRO YB 2 -20.38 -4.08 -76.99
N ILE YB 3 -20.50 -2.92 -77.64
CA ILE YB 3 -21.64 -2.04 -77.43
C ILE YB 3 -22.79 -2.52 -78.31
N LYS YB 4 -24.01 -2.30 -77.86
CA LYS YB 4 -25.18 -2.74 -78.59
C LYS YB 4 -26.17 -1.60 -78.74
N LEU YB 5 -27.01 -1.71 -79.76
CA LEU YB 5 -28.06 -0.73 -80.03
C LEU YB 5 -29.39 -1.27 -79.53
N ALA YB 6 -30.17 -0.41 -78.89
CA ALA YB 6 -31.41 -0.81 -78.25
C ALA YB 6 -32.52 0.18 -78.61
N ARG YB 7 -33.64 -0.33 -79.11
CA ARG YB 7 -34.76 0.49 -79.54
C ARG YB 7 -35.84 0.48 -78.48
N VAL YB 8 -36.23 1.66 -78.00
CA VAL YB 8 -37.24 1.75 -76.95
C VAL YB 8 -38.59 1.29 -77.49
N THR YB 9 -39.34 0.56 -76.66
CA THR YB 9 -40.66 0.08 -77.01
C THR YB 9 -41.78 0.71 -76.22
N LYS YB 10 -41.55 1.05 -74.96
CA LYS YB 10 -42.55 1.75 -74.16
C LYS YB 10 -41.88 2.34 -72.93
N VAL YB 11 -42.23 3.57 -72.62
CA VAL YB 11 -41.71 4.26 -71.44
C VAL YB 11 -42.53 3.81 -70.24
N LEU YB 12 -41.83 3.50 -69.15
CA LEU YB 12 -42.47 2.91 -67.98
C LEU YB 12 -42.83 3.95 -66.94
N GLY YB 13 -41.86 4.73 -66.48
CA GLY YB 13 -42.15 5.75 -65.49
C GLY YB 13 -40.87 6.44 -65.07
N ARG YB 14 -41.06 7.55 -64.37
CA ARG YB 14 -39.93 8.33 -63.88
C ARG YB 14 -39.43 7.79 -62.56
N THR YB 15 -38.12 7.82 -62.38
CA THR YB 15 -37.51 7.29 -61.18
C THR YB 15 -36.31 8.15 -60.80
N GLY YB 16 -35.55 7.68 -59.83
CA GLY YB 16 -34.46 8.46 -59.29
C GLY YB 16 -34.92 9.31 -58.11
N SER YB 17 -33.94 9.71 -57.30
CA SER YB 17 -34.26 10.43 -56.07
C SER YB 17 -34.96 11.75 -56.36
N GLN YB 18 -34.43 12.51 -57.31
CA GLN YB 18 -35.07 13.75 -57.73
C GLN YB 18 -36.02 13.54 -58.91
N GLY YB 19 -36.37 12.30 -59.21
CA GLY YB 19 -37.19 12.04 -60.38
C GLY YB 19 -36.49 12.43 -61.66
N GLN YB 20 -35.20 12.14 -61.75
CA GLN YB 20 -34.39 12.56 -62.87
C GLN YB 20 -34.24 11.49 -63.95
N CYS YB 21 -34.35 10.22 -63.58
CA CYS YB 21 -34.14 9.13 -64.53
C CYS YB 21 -35.49 8.57 -64.98
N THR YB 22 -35.45 7.89 -66.10
CA THR YB 22 -36.65 7.34 -66.73
C THR YB 22 -36.45 5.85 -66.96
N GLN YB 23 -37.41 5.04 -66.53
CA GLN YB 23 -37.37 3.62 -66.82
C GLN YB 23 -38.07 3.34 -68.14
N VAL YB 24 -37.44 2.53 -68.98
CA VAL YB 24 -37.96 2.23 -70.32
C VAL YB 24 -37.84 0.74 -70.58
N ARG YB 25 -38.82 0.20 -71.30
CA ARG YB 25 -38.79 -1.18 -71.77
C ARG YB 25 -38.16 -1.19 -73.14
N VAL YB 26 -36.85 -1.39 -73.20
CA VAL YB 26 -36.10 -1.18 -74.43
C VAL YB 26 -35.75 -2.54 -75.04
N GLU YB 27 -35.70 -2.58 -76.36
CA GLU YB 27 -35.48 -3.80 -77.12
C GLU YB 27 -34.29 -3.63 -78.05
N PHE YB 28 -33.54 -4.71 -78.23
CA PHE YB 28 -32.29 -4.69 -78.96
C PHE YB 28 -32.57 -4.75 -80.46
N MET YB 29 -32.06 -3.76 -81.19
CA MET YB 29 -32.20 -3.78 -82.64
C MET YB 29 -31.50 -4.96 -83.29
N ASP YB 30 -30.53 -5.56 -82.61
CA ASP YB 30 -29.81 -6.68 -83.20
C ASP YB 30 -30.68 -7.93 -83.24
N ASP YB 31 -31.48 -8.14 -82.18
CA ASP YB 31 -32.40 -9.27 -82.15
C ASP YB 31 -33.54 -8.85 -81.24
N THR YB 32 -34.75 -8.76 -81.79
CA THR YB 32 -35.88 -8.22 -81.04
C THR YB 32 -36.31 -9.13 -79.91
N SER YB 33 -35.97 -10.42 -79.97
CA SER YB 33 -36.42 -11.35 -78.95
C SER YB 33 -35.88 -10.99 -77.59
N ARG YB 34 -34.56 -10.88 -77.47
CA ARG YB 34 -33.94 -10.49 -76.22
C ARG YB 34 -34.26 -9.02 -75.95
N SER YB 35 -35.00 -8.77 -74.87
CA SER YB 35 -35.46 -7.44 -74.53
C SER YB 35 -35.22 -7.21 -73.05
N ILE YB 36 -34.84 -5.98 -72.70
CA ILE YB 36 -34.33 -5.67 -71.37
C ILE YB 36 -35.07 -4.44 -70.84
N ILE YB 37 -34.93 -4.19 -69.55
CA ILE YB 37 -35.37 -2.95 -68.93
C ILE YB 37 -34.12 -2.19 -68.51
N ARG YB 38 -34.19 -0.87 -68.58
CA ARG YB 38 -32.98 -0.07 -68.46
C ARG YB 38 -33.33 1.34 -68.05
N ASN YB 39 -32.59 1.88 -67.08
CA ASN YB 39 -32.78 3.26 -66.66
C ASN YB 39 -31.97 4.20 -67.54
N VAL YB 40 -32.56 5.34 -67.90
CA VAL YB 40 -31.96 6.28 -68.85
C VAL YB 40 -32.04 7.69 -68.27
N LYS YB 41 -31.07 8.51 -68.63
CA LYS YB 41 -31.12 9.93 -68.31
C LYS YB 41 -31.58 10.74 -69.51
N GLY YB 42 -32.07 11.94 -69.24
CA GLY YB 42 -32.51 12.83 -70.29
C GLY YB 42 -33.90 12.49 -70.79
N PRO YB 43 -34.48 13.42 -71.57
CA PRO YB 43 -35.84 13.18 -72.08
C PRO YB 43 -35.84 12.14 -73.18
N VAL YB 44 -36.82 11.23 -73.12
CA VAL YB 44 -36.91 10.10 -74.02
C VAL YB 44 -38.29 10.06 -74.64
N ARG YB 45 -38.35 9.93 -75.96
CA ARG YB 45 -39.59 9.72 -76.68
C ARG YB 45 -39.85 8.22 -76.77
N GLU YB 46 -40.79 7.82 -77.63
CA GLU YB 46 -41.06 6.41 -77.90
C GLU YB 46 -40.63 6.11 -79.32
N GLY YB 47 -39.59 5.32 -79.46
CA GLY YB 47 -39.15 4.90 -80.78
C GLY YB 47 -37.74 5.36 -81.11
N ASP YB 48 -37.04 5.87 -80.11
CA ASP YB 48 -35.66 6.28 -80.28
C ASP YB 48 -34.74 5.20 -79.74
N VAL YB 49 -33.51 5.19 -80.24
CA VAL YB 49 -32.61 4.09 -80.02
C VAL YB 49 -31.45 4.53 -79.14
N LEU YB 50 -30.92 3.58 -78.37
CA LEU YB 50 -29.88 3.82 -77.39
C LEU YB 50 -28.60 3.09 -77.77
N THR YB 51 -27.53 3.42 -77.06
CA THR YB 51 -26.22 2.80 -77.27
C THR YB 51 -25.77 2.27 -75.92
N LEU YB 52 -26.13 1.02 -75.62
CA LEU YB 52 -25.77 0.41 -74.36
C LEU YB 52 -24.29 0.04 -74.39
N LEU YB 53 -23.54 0.49 -73.39
CA LEU YB 53 -22.14 0.10 -73.34
C LEU YB 53 -21.99 -1.33 -72.84
N GLU YB 54 -23.01 -1.88 -72.19
CA GLU YB 54 -23.09 -3.32 -71.96
C GLU YB 54 -24.54 -3.72 -71.87
N SER YB 55 -24.88 -4.86 -72.47
CA SER YB 55 -26.24 -5.34 -72.50
C SER YB 55 -26.65 -6.07 -71.23
N GLU YB 56 -25.70 -6.60 -70.48
CA GLU YB 56 -26.02 -7.56 -69.43
C GLU YB 56 -26.52 -6.91 -68.15
N ARG YB 57 -26.70 -5.60 -68.13
CA ARG YB 57 -27.17 -4.89 -66.95
C ARG YB 57 -28.66 -4.65 -67.08
N GLU YB 58 -29.43 -5.23 -66.17
CA GLU YB 58 -30.87 -5.04 -66.11
C GLU YB 58 -31.20 -4.13 -64.93
N ALA YB 59 -31.98 -3.09 -65.18
CA ALA YB 59 -32.33 -2.14 -64.13
C ALA YB 59 -33.53 -2.64 -63.34
N ARG YB 60 -33.44 -2.56 -62.02
CA ARG YB 60 -34.48 -3.10 -61.18
C ARG YB 60 -35.80 -2.37 -61.40
N ARG YB 61 -36.87 -3.15 -61.53
CA ARG YB 61 -38.19 -2.59 -61.79
C ARG YB 61 -38.73 -1.91 -60.54
N LEU YB 62 -39.18 -0.68 -60.69
CA LEU YB 62 -39.69 0.10 -59.56
C LEU YB 62 -41.08 -0.36 -59.15
N GLY ZB 1 -38.05 94.19 -35.10
CA GLY ZB 1 -39.35 93.68 -35.51
C GLY ZB 1 -39.43 92.17 -35.46
N HIS ZB 2 -40.57 91.65 -34.98
CA HIS ZB 2 -40.74 90.21 -34.85
C HIS ZB 2 -41.29 89.56 -36.11
N GLN ZB 3 -41.91 90.34 -37.01
CA GLN ZB 3 -42.45 89.79 -38.24
C GLN ZB 3 -41.38 89.52 -39.30
N GLN ZB 4 -40.15 89.97 -39.09
CA GLN ZB 4 -39.08 89.76 -40.04
C GLN ZB 4 -38.31 88.46 -39.79
N LEU ZB 5 -38.62 87.77 -38.70
CA LEU ZB 5 -38.04 86.45 -38.45
C LEU ZB 5 -39.13 85.43 -38.15
N TYR ZB 6 -40.36 85.70 -38.56
CA TYR ZB 6 -41.47 84.79 -38.35
C TYR ZB 6 -41.83 84.00 -39.60
N TRP ZB 7 -41.84 84.64 -40.76
CA TRP ZB 7 -42.09 83.93 -42.01
C TRP ZB 7 -41.19 84.42 -43.15
N SER ZB 8 -40.12 85.16 -42.84
CA SER ZB 8 -39.35 85.82 -43.88
C SER ZB 8 -38.42 84.88 -44.63
N HIS ZB 9 -38.33 83.60 -44.23
CA HIS ZB 9 -37.45 82.70 -44.96
C HIS ZB 9 -38.20 82.12 -46.15
N PRO ZB 10 -37.67 82.25 -47.37
CA PRO ZB 10 -38.46 81.92 -48.58
C PRO ZB 10 -38.91 80.46 -48.60
N ARG ZB 11 -40.20 80.28 -48.88
CA ARG ZB 11 -40.83 78.97 -49.01
C ARG ZB 11 -41.44 78.79 -50.39
N LYS ZB 12 -40.69 79.19 -51.42
CA LYS ZB 12 -41.16 79.06 -52.80
C LYS ZB 12 -40.69 77.76 -53.44
N PHE ZB 13 -40.09 76.87 -52.65
CA PHE ZB 13 -39.58 75.59 -53.14
C PHE ZB 13 -39.19 74.72 -51.95
N GLY ZB 14 -38.66 73.54 -52.22
CA GLY ZB 14 -38.25 72.65 -51.15
C GLY ZB 14 -39.42 71.92 -50.52
N GLN ZB 15 -39.12 70.90 -49.72
CA GLN ZB 15 -40.15 70.06 -49.12
C GLN ZB 15 -40.97 70.81 -48.07
N GLY ZB 16 -40.45 71.90 -47.52
CA GLY ZB 16 -41.23 72.69 -46.58
C GLY ZB 16 -42.24 73.61 -47.20
N SER ZB 17 -42.34 73.64 -48.53
CA SER ZB 17 -43.24 74.54 -49.23
C SER ZB 17 -44.55 73.88 -49.62
N ARG ZB 18 -44.51 72.63 -50.07
CA ARG ZB 18 -45.70 71.90 -50.45
C ARG ZB 18 -46.19 71.08 -49.27
N SER ZB 19 -47.49 70.79 -49.26
CA SER ZB 19 -48.09 70.04 -48.16
C SER ZB 19 -49.34 69.33 -48.66
N CYS ZB 20 -49.67 68.22 -48.02
CA CYS ZB 20 -50.88 67.50 -48.37
C CYS ZB 20 -52.10 68.35 -48.08
N ARG ZB 21 -53.09 68.26 -48.95
CA ARG ZB 21 -54.31 69.03 -48.80
C ARG ZB 21 -55.26 68.40 -47.80
N VAL ZB 22 -54.95 67.22 -47.29
CA VAL ZB 22 -55.80 66.56 -46.30
C VAL ZB 22 -54.95 66.24 -45.07
N CYS ZB 23 -53.91 65.43 -45.27
CA CYS ZB 23 -53.04 65.00 -44.20
C CYS ZB 23 -52.16 66.13 -43.65
N SER ZB 24 -51.91 67.16 -44.46
CA SER ZB 24 -51.14 68.34 -44.06
C SER ZB 24 -49.71 68.01 -43.65
N ASN ZB 25 -49.20 66.85 -44.05
CA ASN ZB 25 -47.80 66.53 -43.80
C ASN ZB 25 -47.01 66.60 -45.11
N ARG ZB 26 -45.71 66.41 -44.99
CA ARG ZB 26 -44.78 66.65 -46.09
C ARG ZB 26 -44.09 65.38 -46.55
N HIS ZB 27 -44.71 64.22 -46.36
CA HIS ZB 27 -44.09 62.95 -46.68
C HIS ZB 27 -45.05 62.09 -47.47
N GLY ZB 28 -44.55 61.47 -48.54
CA GLY ZB 28 -45.40 60.69 -49.41
C GLY ZB 28 -46.36 61.50 -50.23
N LEU ZB 29 -46.04 62.75 -50.53
CA LEU ZB 29 -46.96 63.61 -51.25
C LEU ZB 29 -46.98 63.24 -52.72
N ILE ZB 30 -48.17 63.26 -53.31
CA ILE ZB 30 -48.33 63.00 -54.74
C ILE ZB 30 -48.49 64.33 -55.46
N ARG ZB 31 -47.40 64.89 -55.95
CA ARG ZB 31 -47.47 66.15 -56.68
C ARG ZB 31 -47.86 65.94 -58.13
N LYS ZB 32 -47.92 64.69 -58.60
CA LYS ZB 32 -48.34 64.39 -59.95
C LYS ZB 32 -49.80 64.80 -60.17
N TYR ZB 33 -50.10 65.26 -61.38
CA TYR ZB 33 -51.43 65.68 -61.81
C TYR ZB 33 -52.01 66.79 -60.95
N GLY ZB 34 -51.18 67.50 -60.18
CA GLY ZB 34 -51.68 68.56 -59.34
C GLY ZB 34 -52.49 68.10 -58.16
N LEU ZB 35 -52.30 66.85 -57.73
CA LEU ZB 35 -53.03 66.34 -56.59
C LEU ZB 35 -52.63 67.05 -55.31
N ASN ZB 36 -51.33 67.11 -55.01
CA ASN ZB 36 -50.81 67.67 -53.77
C ASN ZB 36 -51.50 67.04 -52.56
N MET ZB 37 -51.68 65.73 -52.64
CA MET ZB 37 -52.26 64.94 -51.58
C MET ZB 37 -51.32 63.79 -51.27
N CYS ZB 38 -51.07 63.55 -49.99
CA CYS ZB 38 -50.09 62.53 -49.63
C CYS ZB 38 -50.60 61.15 -50.02
N ARG ZB 39 -49.66 60.22 -50.21
CA ARG ZB 39 -49.99 58.89 -50.69
C ARG ZB 39 -50.93 58.15 -49.76
N GLN ZB 40 -50.93 58.49 -48.47
CA GLN ZB 40 -51.79 57.79 -47.52
C GLN ZB 40 -53.19 58.39 -47.50
N CYS ZB 41 -53.29 59.71 -47.38
CA CYS ZB 41 -54.56 60.38 -47.59
C CYS ZB 41 -55.11 60.15 -48.99
N PHE ZB 42 -54.26 59.76 -49.95
CA PHE ZB 42 -54.77 59.48 -51.29
C PHE ZB 42 -55.50 58.16 -51.36
N ARG ZB 43 -55.10 57.17 -50.55
CA ARG ZB 43 -55.60 55.82 -50.73
C ARG ZB 43 -57.09 55.72 -50.39
N GLN ZB 44 -57.50 56.30 -49.25
CA GLN ZB 44 -58.92 56.20 -48.90
C GLN ZB 44 -59.77 57.09 -49.78
N TYR ZB 45 -59.20 58.15 -50.34
CA TYR ZB 45 -59.89 58.98 -51.31
C TYR ZB 45 -59.57 58.58 -52.73
N ALA ZB 46 -58.98 57.42 -52.95
CA ALA ZB 46 -58.59 57.03 -54.30
C ALA ZB 46 -59.80 56.91 -55.21
N LYS ZB 47 -60.90 56.37 -54.69
CA LYS ZB 47 -62.00 56.01 -55.58
C LYS ZB 47 -62.97 57.16 -55.80
N ASP ZB 48 -63.24 57.97 -54.78
CA ASP ZB 48 -64.20 59.05 -54.98
C ASP ZB 48 -63.63 60.14 -55.87
N ILE ZB 49 -62.31 60.34 -55.83
CA ILE ZB 49 -61.67 61.13 -56.88
C ILE ZB 49 -61.90 60.51 -58.24
N GLY ZB 50 -61.85 59.19 -58.33
CA GLY ZB 50 -62.19 58.49 -59.56
C GLY ZB 50 -61.17 57.48 -60.03
N PHE ZB 51 -60.02 57.35 -59.38
CA PHE ZB 51 -59.07 56.33 -59.80
C PHE ZB 51 -59.61 54.95 -59.47
N ILE ZB 52 -59.31 53.98 -60.34
CA ILE ZB 52 -59.82 52.62 -60.20
C ILE ZB 52 -58.65 51.66 -60.18
N LYS ZB 53 -58.74 50.65 -59.32
CA LYS ZB 53 -57.72 49.60 -59.25
C LYS ZB 53 -58.09 48.52 -60.27
N LEU ZB 54 -58.07 48.94 -61.54
CA LEU ZB 54 -58.65 48.17 -62.62
C LEU ZB 54 -57.90 46.87 -62.85
N ASP ZB 55 -56.63 46.99 -63.25
CA ASP ZB 55 -55.78 45.84 -63.46
C ASP ZB 55 -54.67 45.85 -62.42
N SER AC 1 -35.38 41.17 2.55
CA SER AC 1 -35.51 41.83 3.86
C SER AC 1 -36.97 42.08 4.21
N LEU AC 2 -37.19 42.57 5.43
CA LEU AC 2 -38.52 42.88 5.93
C LEU AC 2 -38.61 44.33 6.39
N ALA AC 3 -37.84 45.21 5.75
CA ALA AC 3 -37.86 46.63 6.08
C ALA AC 3 -39.06 47.36 5.49
N ARG AC 4 -39.59 46.89 4.37
CA ARG AC 4 -40.75 47.52 3.75
C ARG AC 4 -42.04 46.99 4.35
N VAL AC 5 -42.15 47.00 5.66
CA VAL AC 5 -43.32 46.47 6.34
C VAL AC 5 -44.34 47.59 6.52
N GLY AC 6 -45.61 47.27 6.33
CA GLY AC 6 -46.65 48.29 6.43
C GLY AC 6 -46.49 49.43 5.45
N LYS AC 7 -45.86 49.18 4.31
CA LYS AC 7 -45.61 50.23 3.34
C LYS AC 7 -46.90 50.89 2.87
N VAL AC 8 -47.84 50.08 2.39
CA VAL AC 8 -49.04 50.63 1.75
C VAL AC 8 -49.92 51.33 2.78
N ARG AC 9 -50.24 50.64 3.87
CA ARG AC 9 -51.10 51.24 4.89
C ARG AC 9 -50.49 52.51 5.48
N GLY AC 10 -49.18 52.66 5.41
CA GLY AC 10 -48.56 53.87 5.92
C GLY AC 10 -48.62 55.01 4.95
N GLN AC 11 -48.64 54.70 3.65
CA GLN AC 11 -48.67 55.73 2.61
C GLN AC 11 -50.04 55.88 1.97
N THR AC 12 -51.07 55.20 2.50
CA THR AC 12 -52.42 55.44 2.02
C THR AC 12 -52.94 56.73 2.62
N LEU AC 13 -53.36 57.64 1.74
CA LEU AC 13 -53.88 58.94 2.18
C LEU AC 13 -55.06 58.76 3.13
N LYS AC 14 -55.12 59.65 4.13
CA LYS AC 14 -56.18 59.60 5.11
C LYS AC 14 -57.38 60.40 4.62
N VAL AC 15 -58.57 59.85 4.78
CA VAL AC 15 -59.80 60.57 4.50
C VAL AC 15 -60.72 60.34 5.69
N ALA AC 16 -61.08 61.42 6.37
CA ALA AC 16 -61.92 61.31 7.56
C ALA AC 16 -63.29 60.79 7.18
N LYS AC 17 -63.78 59.83 7.96
CA LYS AC 17 -65.10 59.27 7.71
C LYS AC 17 -66.16 60.34 7.95
N GLN AC 18 -66.92 60.65 6.91
CA GLN AC 18 -67.93 61.69 7.04
C GLN AC 18 -69.14 61.16 7.82
N GLU AC 19 -69.70 62.04 8.65
CA GLU AC 19 -70.78 61.63 9.53
C GLU AC 19 -72.07 61.48 8.75
N LYS AC 20 -72.85 60.46 9.11
CA LYS AC 20 -74.10 60.17 8.45
C LYS AC 20 -75.12 59.71 9.49
N LYS AC 21 -76.39 59.96 9.20
CA LYS AC 21 -77.45 59.67 10.16
C LYS AC 21 -77.61 58.17 10.35
N LYS AC 22 -77.92 57.77 11.58
CA LYS AC 22 -77.92 56.37 11.94
C LYS AC 22 -79.06 55.62 11.26
N LYS AC 23 -78.78 54.40 10.82
CA LYS AC 23 -79.80 53.57 10.22
C LYS AC 23 -80.76 53.05 11.28
N ARG AC 24 -82.02 52.91 10.90
CA ARG AC 24 -83.02 52.28 11.76
C ARG AC 24 -82.61 50.82 11.98
N THR AC 25 -82.49 50.42 13.24
CA THR AC 25 -82.12 49.06 13.57
C THR AC 25 -83.35 48.27 14.03
N GLY AC 26 -83.14 47.01 14.36
CA GLY AC 26 -84.23 46.19 14.88
C GLY AC 26 -85.22 45.82 13.79
N ARG AC 27 -86.47 45.63 14.20
CA ARG AC 27 -87.52 45.30 13.24
C ARG AC 27 -87.80 46.43 12.27
N ALA AC 28 -87.43 47.66 12.61
CA ALA AC 28 -87.56 48.76 11.67
C ALA AC 28 -86.58 48.65 10.52
N LYS AC 29 -85.41 48.05 10.75
CA LYS AC 29 -84.49 47.79 9.66
C LYS AC 29 -85.09 46.82 8.67
N ARG AC 30 -85.86 45.84 9.14
CA ARG AC 30 -86.53 44.91 8.26
C ARG AC 30 -87.78 45.51 7.63
N ARG AC 31 -88.41 46.48 8.30
CA ARG AC 31 -89.52 47.18 7.66
C ARG AC 31 -89.04 48.03 6.51
N MET AC 32 -87.96 48.79 6.72
CA MET AC 32 -87.34 49.53 5.62
C MET AC 32 -86.85 48.59 4.53
N GLN AC 33 -86.40 47.39 4.92
CA GLN AC 33 -85.88 46.44 3.95
C GLN AC 33 -86.99 45.83 3.12
N TYR AC 34 -88.08 45.43 3.77
CA TYR AC 34 -89.17 44.77 3.07
C TYR AC 34 -89.81 45.70 2.05
N ASN AC 35 -89.90 46.98 2.37
CA ASN AC 35 -90.55 47.94 1.49
C ASN AC 35 -89.80 48.10 0.18
N ARG AC 36 -88.51 48.42 0.24
CA ARG AC 36 -87.77 48.72 -0.98
C ARG AC 36 -87.27 47.45 -1.66
N ARG AC 37 -87.91 46.32 -1.37
CA ARG AC 37 -87.65 45.08 -2.10
C ARG AC 37 -88.89 44.49 -2.74
N PHE AC 38 -90.08 44.69 -2.18
CA PHE AC 38 -91.27 44.03 -2.70
C PHE AC 38 -92.35 45.02 -3.16
N VAL AC 39 -92.71 45.97 -2.30
CA VAL AC 39 -93.90 46.75 -2.57
C VAL AC 39 -93.63 47.89 -3.54
N ASN AC 40 -92.44 48.49 -3.48
CA ASN AC 40 -92.13 49.65 -4.32
C ASN AC 40 -91.47 49.29 -5.64
N VAL AC 41 -91.53 48.02 -6.05
CA VAL AC 41 -90.88 47.60 -7.29
C VAL AC 41 -91.70 48.10 -8.47
N VAL AC 42 -91.03 48.30 -9.60
CA VAL AC 42 -91.68 48.75 -10.82
C VAL AC 42 -91.38 47.77 -11.96
N PRO AC 43 -92.38 47.32 -12.72
CA PRO AC 43 -92.12 46.37 -13.81
C PRO AC 43 -91.43 46.99 -15.01
N THR AC 44 -90.15 46.64 -15.20
CA THR AC 44 -89.34 47.16 -16.29
C THR AC 44 -88.74 46.00 -17.08
N PHE AC 45 -88.74 46.13 -18.40
CA PHE AC 45 -88.12 45.11 -19.23
C PHE AC 45 -86.60 45.18 -19.12
N GLY AC 46 -85.97 44.01 -19.09
CA GLY AC 46 -84.54 43.90 -18.91
C GLY AC 46 -84.19 43.38 -17.53
N LYS AC 47 -82.94 42.93 -17.41
CA LYS AC 47 -82.49 42.29 -16.19
C LYS AC 47 -82.31 43.32 -15.07
N LYS AC 48 -82.85 43.00 -13.90
CA LYS AC 48 -82.86 43.94 -12.78
C LYS AC 48 -81.45 44.09 -12.24
N LYS AC 49 -80.89 45.28 -12.40
CA LYS AC 49 -79.52 45.53 -11.99
C LYS AC 49 -79.43 45.57 -10.48
N GLY AC 50 -78.30 45.09 -9.94
CA GLY AC 50 -78.14 44.87 -8.53
C GLY AC 50 -78.37 46.09 -7.65
N PRO AC 51 -78.59 45.86 -6.36
CA PRO AC 51 -78.90 46.97 -5.44
C PRO AC 51 -77.78 47.97 -5.27
N ASN AC 52 -76.54 47.49 -5.12
CA ASN AC 52 -75.38 48.38 -5.02
C ASN AC 52 -74.77 48.68 -6.38
N ALA AC 53 -75.37 48.16 -7.44
CA ALA AC 53 -74.74 48.27 -8.76
C ALA AC 53 -74.78 49.71 -9.25
N ASN AC 54 -73.66 50.15 -9.82
CA ASN AC 54 -73.55 51.50 -10.35
C ASN AC 54 -72.50 51.48 -11.45
N SER AC 55 -72.90 51.82 -12.67
CA SER AC 55 -71.98 51.81 -13.80
C SER AC 55 -71.65 53.22 -14.26
#